data_9OXJ
#
_entry.id   9OXJ
#
_entity_poly.entity_id   1
_entity_poly.type   'polypeptide(L)'
_entity_poly.pdbx_seq_one_letter_code
;AITVNTNVTSMKAQKNLNTSNSGLSTSMERLSSGLRINSAKDDAAGLAISNRLNSQVRGLEVGMRNANDAISIAQIAEGA
MQEQTNMLQRMRDLTIQSENGANSTADLVSIKAEMDQLATEIDSIGNSTAFGNTKLLTGTFSAGKVFQVGHQEGEDIKVT
VKASNKTSLSVGALNNATSANRASSLAKIDAAIKTIDSQRADLGAVQNRLAHNISNSANTQANVADAKSRIVDVDFAKET
SAMTKYQVLQQTGSAMLAQANQLPQVALSLLG
;
_entity_poly.pdbx_strand_id   A,B,C,D,E,F,G,H,I,J,K,L,M,N,O,P,Q,R,S,T,U,V,W,X,Y,Z,a,b,c,d,e,f,g,h,i,j,k,l,m,n,o,p,q,r,s
#
# COMPACT_ATOMS: atom_id res chain seq x y z
N ALA A 1 -3.46 55.50 49.03
CA ALA A 1 -2.67 54.35 48.64
C ALA A 1 -2.28 54.43 47.16
N ILE A 2 -1.91 55.62 46.71
CA ILE A 2 -1.48 55.81 45.33
C ILE A 2 -0.02 56.23 45.32
N THR A 3 0.87 55.28 45.09
CA THR A 3 2.30 55.54 45.16
C THR A 3 2.94 55.41 43.79
N VAL A 4 4.09 56.07 43.62
CA VAL A 4 4.81 56.04 42.36
C VAL A 4 6.27 55.64 42.60
N ASN A 5 6.56 55.07 43.77
CA ASN A 5 7.91 54.61 44.07
C ASN A 5 8.03 53.09 44.18
N THR A 6 6.98 52.41 44.63
CA THR A 6 7.00 50.96 44.72
C THR A 6 5.73 50.38 44.12
N ASN A 7 5.87 49.31 43.35
CA ASN A 7 4.75 48.59 42.73
C ASN A 7 4.79 47.16 43.25
N VAL A 8 4.16 46.93 44.40
CA VAL A 8 4.14 45.59 44.99
C VAL A 8 3.29 44.65 44.14
N THR A 9 2.30 45.17 43.44
CA THR A 9 1.53 44.34 42.52
C THR A 9 2.44 43.73 41.46
N SER A 10 3.39 44.52 40.96
CA SER A 10 4.36 44.00 40.00
C SER A 10 5.26 42.95 40.64
N MET A 11 5.68 43.19 41.88
CA MET A 11 6.57 42.25 42.56
C MET A 11 5.92 40.88 42.71
N LYS A 12 4.65 40.84 43.12
CA LYS A 12 3.95 39.57 43.23
C LYS A 12 3.73 38.95 41.85
N ALA A 13 3.41 39.78 40.86
CA ALA A 13 3.19 39.27 39.50
C ALA A 13 4.46 38.68 38.93
N GLN A 14 5.61 39.30 39.20
CA GLN A 14 6.88 38.79 38.66
C GLN A 14 7.19 37.39 39.19
N LYS A 15 6.94 37.17 40.48
CA LYS A 15 7.25 35.88 41.08
C LYS A 15 6.43 34.76 40.46
N ASN A 16 5.14 35.02 40.20
CA ASN A 16 4.28 34.00 39.63
C ASN A 16 4.74 33.63 38.22
N LEU A 17 5.17 34.61 37.44
CA LEU A 17 5.67 34.32 36.10
C LEU A 17 6.94 33.47 36.14
N ASN A 18 7.82 33.74 37.09
CA ASN A 18 9.04 32.96 37.21
C ASN A 18 8.74 31.51 37.53
N THR A 19 7.78 31.26 38.42
CA THR A 19 7.41 29.90 38.77
C THR A 19 6.83 29.15 37.58
N SER A 20 5.96 29.79 36.81
CA SER A 20 5.37 29.16 35.64
C SER A 20 6.39 28.90 34.54
N ASN A 21 7.37 29.78 34.38
CA ASN A 21 8.41 29.57 33.39
C ASN A 21 9.34 28.42 33.77
N SER A 22 9.68 28.31 35.05
CA SER A 22 10.55 27.23 35.50
C SER A 22 9.89 25.87 35.36
N GLY A 23 8.59 25.79 35.63
CA GLY A 23 7.86 24.54 35.46
C GLY A 23 7.76 24.11 34.01
N LEU A 24 7.61 25.07 33.12
CA LEU A 24 7.58 24.76 31.69
C LEU A 24 8.93 24.21 31.22
N SER A 25 10.02 24.81 31.71
CA SER A 25 11.35 24.38 31.30
C SER A 25 11.63 22.95 31.73
N THR A 26 11.32 22.62 32.99
CA THR A 26 11.64 21.29 33.50
C THR A 26 10.81 20.21 32.82
N SER A 27 9.62 20.55 32.33
CA SER A 27 8.80 19.56 31.64
C SER A 27 9.35 19.23 30.26
N MET A 28 9.96 20.21 29.58
CA MET A 28 10.48 19.96 28.24
C MET A 28 11.67 19.01 28.28
N GLU A 29 12.58 19.19 29.25
CA GLU A 29 13.76 18.33 29.30
C GLU A 29 13.41 16.90 29.70
N ARG A 30 12.41 16.72 30.55
CA ARG A 30 11.92 15.37 30.82
C ARG A 30 11.32 14.73 29.58
N LEU A 31 10.60 15.50 28.77
CA LEU A 31 10.05 14.99 27.54
C LEU A 31 11.09 14.78 26.45
N SER A 32 12.15 15.60 26.43
CA SER A 32 13.14 15.49 25.37
C SER A 32 14.06 14.29 25.55
N SER A 33 14.21 13.80 26.78
CA SER A 33 15.06 12.65 27.05
C SER A 33 14.23 11.41 27.35
N GLY A 34 13.24 11.50 28.22
CA GLY A 34 12.40 10.37 28.53
C GLY A 34 12.66 9.80 29.91
N LEU A 35 13.30 10.60 30.77
CA LEU A 35 13.65 10.16 32.11
C LEU A 35 13.08 11.14 33.13
N ARG A 36 12.40 10.60 34.14
CA ARG A 36 11.91 11.42 35.23
C ARG A 36 13.04 11.92 36.12
N ILE A 37 13.96 11.04 36.50
CA ILE A 37 15.09 11.41 37.33
C ILE A 37 16.26 11.81 36.44
N ASN A 38 16.26 13.05 35.98
CA ASN A 38 17.37 13.56 35.19
C ASN A 38 18.55 13.89 36.10
N SER A 39 18.30 14.69 37.13
CA SER A 39 19.32 15.05 38.10
C SER A 39 18.91 14.59 39.49
N ALA A 40 19.71 14.96 40.48
CA ALA A 40 19.42 14.65 41.87
C ALA A 40 18.39 15.59 42.48
N LYS A 41 17.82 16.51 41.70
CA LYS A 41 16.71 17.30 42.19
C LYS A 41 15.59 16.40 42.66
N ASP A 42 15.28 15.38 41.85
CA ASP A 42 14.18 14.46 42.05
C ASP A 42 14.51 13.39 43.07
N ASP A 43 13.77 12.28 43.05
CA ASP A 43 13.89 11.25 44.07
C ASP A 43 15.35 10.89 44.34
N ALA A 44 15.82 11.21 45.54
CA ALA A 44 17.18 10.88 45.91
C ALA A 44 17.35 9.37 46.06
N ALA A 45 16.35 8.70 46.61
CA ALA A 45 16.39 7.25 46.74
C ALA A 45 16.17 6.54 45.43
N GLY A 46 15.44 7.16 44.50
CA GLY A 46 15.14 6.50 43.24
C GLY A 46 16.38 6.24 42.42
N LEU A 47 17.28 7.22 42.34
CA LEU A 47 18.48 7.06 41.52
C LEU A 47 19.42 6.01 42.12
N ALA A 48 19.47 5.95 43.45
CA ALA A 48 20.31 4.94 44.11
C ALA A 48 19.79 3.54 43.80
N ILE A 49 18.48 3.35 43.90
CA ILE A 49 17.89 2.05 43.60
C ILE A 49 18.09 1.70 42.13
N SER A 50 17.91 2.67 41.24
CA SER A 50 18.02 2.42 39.81
C SER A 50 19.43 1.99 39.43
N ASN A 51 20.44 2.51 40.13
CA ASN A 51 21.82 2.14 39.83
C ASN A 51 22.07 0.66 40.06
N ARG A 52 21.56 0.11 41.18
CA ARG A 52 21.69 -1.31 41.41
C ARG A 52 20.85 -2.14 40.43
N LEU A 53 19.66 -1.67 40.10
CA LEU A 53 18.87 -2.35 39.08
C LEU A 53 19.56 -2.30 37.72
N ASN A 54 20.21 -1.19 37.40
CA ASN A 54 20.97 -1.11 36.17
C ASN A 54 22.11 -2.11 36.15
N SER A 55 22.78 -2.29 37.30
CA SER A 55 23.84 -3.28 37.39
C SER A 55 23.32 -4.69 37.16
N GLN A 56 22.15 -5.01 37.69
CA GLN A 56 21.58 -6.35 37.49
C GLN A 56 21.24 -6.59 36.03
N VAL A 57 20.64 -5.60 35.36
CA VAL A 57 20.24 -5.77 33.97
C VAL A 57 21.46 -5.98 33.09
N ARG A 58 22.46 -5.10 33.22
CA ARG A 58 23.67 -5.24 32.43
C ARG A 58 24.51 -6.42 32.91
N GLY A 59 24.48 -6.70 34.22
CA GLY A 59 25.21 -7.84 34.73
C GLY A 59 24.71 -9.15 34.16
N LEU A 60 23.38 -9.31 34.08
CA LEU A 60 22.83 -10.53 33.49
C LEU A 60 23.18 -10.66 32.01
N GLU A 61 23.16 -9.54 31.28
CA GLU A 61 23.42 -9.61 29.84
C GLU A 61 24.81 -10.14 29.54
N VAL A 62 25.80 -9.70 30.32
CA VAL A 62 27.14 -10.27 30.17
C VAL A 62 27.16 -11.71 30.65
N GLY A 63 26.38 -12.02 31.69
CA GLY A 63 26.32 -13.38 32.19
C GLY A 63 25.70 -14.33 31.18
N MET A 64 24.73 -13.85 30.40
CA MET A 64 24.14 -14.68 29.35
C MET A 64 25.19 -15.10 28.33
N ARG A 65 25.98 -14.15 27.84
CA ARG A 65 27.03 -14.48 26.89
C ARG A 65 28.10 -15.35 27.52
N ASN A 66 28.30 -15.22 28.84
CA ASN A 66 29.26 -16.05 29.53
C ASN A 66 28.89 -17.53 29.47
N ALA A 67 27.60 -17.84 29.58
CA ALA A 67 27.12 -19.21 29.54
C ALA A 67 26.99 -19.76 28.12
N ASN A 68 26.67 -18.92 27.14
CA ASN A 68 26.68 -19.36 25.75
C ASN A 68 28.07 -19.84 25.33
N ASP A 69 29.12 -19.24 25.86
CA ASP A 69 30.48 -19.69 25.62
C ASP A 69 30.73 -21.08 26.21
N ALA A 70 30.22 -21.35 27.42
CA ALA A 70 30.42 -22.65 28.03
C ALA A 70 29.71 -23.75 27.25
N ILE A 71 28.56 -23.43 26.66
CA ILE A 71 27.79 -24.40 25.88
C ILE A 71 28.62 -24.82 24.68
N SER A 72 29.25 -23.86 24.01
CA SER A 72 30.04 -24.16 22.82
C SER A 72 31.23 -25.05 23.14
N ILE A 73 31.91 -24.80 24.26
CA ILE A 73 33.04 -25.65 24.63
C ILE A 73 32.59 -27.08 24.86
N ALA A 74 31.51 -27.27 25.61
CA ALA A 74 30.98 -28.61 25.84
C ALA A 74 30.49 -29.25 24.55
N GLN A 75 30.03 -28.43 23.60
CA GLN A 75 29.55 -28.96 22.34
C GLN A 75 30.68 -29.55 21.51
N ILE A 76 31.84 -28.88 21.48
CA ILE A 76 32.95 -29.34 20.66
C ILE A 76 33.56 -30.61 21.25
N ALA A 77 33.74 -30.65 22.56
CA ALA A 77 34.35 -31.83 23.19
C ALA A 77 33.47 -33.06 22.99
N GLU A 78 32.16 -32.90 23.11
CA GLU A 78 31.24 -34.01 22.90
C GLU A 78 31.33 -34.53 21.48
N GLY A 79 31.43 -33.63 20.50
CA GLY A 79 31.50 -34.06 19.12
C GLY A 79 32.73 -34.90 18.82
N ALA A 80 33.87 -34.53 19.39
CA ALA A 80 35.10 -35.27 19.14
C ALA A 80 35.07 -36.66 19.76
N MET A 81 34.45 -36.82 20.93
CA MET A 81 34.41 -38.12 21.58
C MET A 81 33.54 -39.11 20.81
N GLN A 82 32.60 -38.61 20.02
CA GLN A 82 31.78 -39.51 19.21
C GLN A 82 32.64 -40.26 18.19
N GLU A 83 33.58 -39.56 17.56
CA GLU A 83 34.40 -40.21 16.55
C GLU A 83 35.39 -41.19 17.18
N GLN A 84 35.84 -40.92 18.41
CA GLN A 84 36.68 -41.89 19.11
C GLN A 84 35.91 -43.16 19.42
N THR A 85 34.61 -43.03 19.69
CA THR A 85 33.79 -44.21 19.98
C THR A 85 33.64 -45.10 18.75
N ASN A 86 33.43 -44.52 17.57
CA ASN A 86 33.27 -45.33 16.37
C ASN A 86 34.53 -46.10 16.02
N MET A 87 35.71 -45.48 16.13
CA MET A 87 36.95 -46.19 15.84
C MET A 87 37.24 -47.28 16.86
N LEU A 88 36.86 -47.07 18.12
CA LEU A 88 37.05 -48.12 19.12
C LEU A 88 36.17 -49.33 18.81
N GLN A 89 34.97 -49.10 18.26
CA GLN A 89 34.11 -50.23 17.90
C GLN A 89 34.73 -51.05 16.78
N ARG A 90 35.38 -50.40 15.81
CA ARG A 90 36.05 -51.13 14.75
C ARG A 90 37.21 -51.96 15.27
N MET A 91 37.91 -51.48 16.31
CA MET A 91 38.97 -52.28 16.93
C MET A 91 38.41 -53.54 17.58
N ARG A 92 37.20 -53.48 18.13
CA ARG A 92 36.58 -54.67 18.69
C ARG A 92 36.33 -55.73 17.63
N ASP A 93 35.86 -55.33 16.46
CA ASP A 93 35.61 -56.30 15.39
C ASP A 93 36.90 -56.95 14.92
N LEU A 94 37.97 -56.18 14.78
CA LEU A 94 39.25 -56.75 14.36
C LEU A 94 39.79 -57.76 15.36
N THR A 95 39.67 -57.48 16.66
CA THR A 95 40.05 -58.45 17.67
C THR A 95 39.22 -59.73 17.60
N ILE A 96 37.92 -59.60 17.38
CA ILE A 96 37.08 -60.78 17.18
C ILE A 96 37.47 -61.48 15.88
N GLN A 97 37.71 -60.72 14.81
CA GLN A 97 38.12 -61.30 13.54
C GLN A 97 39.50 -61.95 13.62
N SER A 98 40.36 -61.48 14.51
CA SER A 98 41.71 -62.00 14.62
C SER A 98 41.79 -63.30 15.40
N GLU A 99 40.67 -63.97 15.64
CA GLU A 99 40.65 -65.14 16.50
C GLU A 99 40.33 -66.40 15.68
N ASN A 100 40.30 -66.29 14.35
CA ASN A 100 40.12 -67.45 13.51
C ASN A 100 41.27 -68.44 13.67
N GLY A 101 40.95 -69.72 13.56
CA GLY A 101 41.97 -70.74 13.55
C GLY A 101 42.46 -71.05 12.15
N ALA A 102 41.86 -70.40 11.15
CA ALA A 102 42.29 -70.57 9.76
C ALA A 102 43.22 -69.46 9.31
N ASN A 103 43.55 -68.52 10.19
CA ASN A 103 44.48 -67.45 9.85
C ASN A 103 45.89 -68.01 9.86
N SER A 104 46.87 -67.15 9.65
CA SER A 104 48.27 -67.55 9.71
C SER A 104 49.05 -66.42 10.37
N THR A 105 50.35 -66.66 10.56
CA THR A 105 51.20 -65.65 11.20
C THR A 105 51.23 -64.37 10.36
N ALA A 106 51.31 -64.50 9.04
CA ALA A 106 51.28 -63.33 8.17
C ALA A 106 49.94 -62.63 8.17
N ASP A 107 48.85 -63.37 8.37
CA ASP A 107 47.53 -62.76 8.39
C ASP A 107 47.32 -61.90 9.63
N LEU A 108 47.82 -62.36 10.78
CA LEU A 108 47.67 -61.60 12.01
C LEU A 108 48.42 -60.28 11.96
N VAL A 109 49.55 -60.25 11.25
CA VAL A 109 50.32 -59.03 11.12
C VAL A 109 49.54 -57.96 10.37
N SER A 110 48.85 -58.35 9.29
CA SER A 110 48.06 -57.38 8.52
C SER A 110 46.95 -56.77 9.35
N ILE A 111 46.29 -57.57 10.19
CA ILE A 111 45.24 -57.03 11.04
C ILE A 111 45.81 -56.04 12.05
N LYS A 112 46.99 -56.35 12.60
CA LYS A 112 47.61 -55.43 13.54
C LYS A 112 48.00 -54.12 12.89
N ALA A 113 48.46 -54.16 11.65
CA ALA A 113 48.81 -52.95 10.91
C ALA A 113 47.62 -52.01 10.73
N GLU A 114 46.40 -52.53 10.80
CA GLU A 114 45.19 -51.73 10.78
C GLU A 114 44.84 -51.20 12.16
N MET A 115 44.86 -52.05 13.17
CA MET A 115 44.63 -51.60 14.54
C MET A 115 45.61 -50.52 14.95
N ASP A 116 46.86 -50.64 14.48
CA ASP A 116 47.90 -49.71 14.90
C ASP A 116 47.60 -48.29 14.42
N GLN A 117 47.13 -48.13 13.18
CA GLN A 117 46.82 -46.80 12.68
C GLN A 117 45.56 -46.20 13.28
N LEU A 118 44.57 -47.03 13.63
CA LEU A 118 43.38 -46.50 14.30
C LEU A 118 43.71 -45.91 15.66
N ALA A 119 44.61 -46.53 16.41
CA ALA A 119 45.03 -45.98 17.68
C ALA A 119 45.80 -44.67 17.53
N THR A 120 46.47 -44.48 16.40
CA THR A 120 47.18 -43.22 16.16
C THR A 120 46.21 -42.04 16.04
N GLU A 121 45.06 -42.24 15.41
CA GLU A 121 44.09 -41.14 15.31
C GLU A 121 43.43 -40.82 16.63
N ILE A 122 43.19 -41.82 17.48
CA ILE A 122 42.66 -41.52 18.81
C ILE A 122 43.60 -40.58 19.54
N ASP A 123 44.91 -40.79 19.36
CA ASP A 123 45.88 -39.80 19.79
C ASP A 123 45.72 -38.48 19.05
N SER A 124 45.50 -38.54 17.73
CA SER A 124 45.50 -37.31 16.93
C SER A 124 44.30 -36.44 17.23
N ILE A 125 43.12 -37.02 17.43
CA ILE A 125 41.96 -36.21 17.80
C ILE A 125 42.16 -35.60 19.18
N GLY A 126 42.70 -36.37 20.11
CA GLY A 126 42.92 -35.88 21.47
C GLY A 126 43.82 -34.67 21.53
N ASN A 127 44.84 -34.63 20.67
CA ASN A 127 45.79 -33.54 20.67
C ASN A 127 45.40 -32.39 19.74
N SER A 128 44.27 -32.49 19.04
CA SER A 128 43.92 -31.49 18.05
C SER A 128 42.70 -30.68 18.45
N THR A 129 41.70 -31.33 19.04
CA THR A 129 40.43 -30.68 19.38
C THR A 129 40.66 -29.43 20.21
N ALA A 130 40.31 -28.28 19.67
CA ALA A 130 40.63 -27.01 20.31
C ALA A 130 39.52 -26.01 20.04
N PHE A 131 39.45 -25.00 20.90
CA PHE A 131 38.52 -23.88 20.78
C PHE A 131 39.33 -22.67 20.36
N GLY A 132 39.52 -22.51 19.05
CA GLY A 132 40.35 -21.44 18.54
C GLY A 132 41.81 -21.75 18.73
N ASN A 133 42.31 -21.69 19.97
CA ASN A 133 43.70 -22.03 20.22
C ASN A 133 43.90 -22.79 21.52
N THR A 134 42.84 -23.15 22.25
CA THR A 134 42.97 -23.83 23.53
C THR A 134 42.57 -25.29 23.35
N LYS A 135 43.49 -26.20 23.65
CA LYS A 135 43.24 -27.62 23.53
C LYS A 135 42.34 -28.08 24.68
N LEU A 136 41.27 -28.80 24.36
CA LEU A 136 40.26 -29.14 25.35
C LEU A 136 40.33 -30.57 25.88
N LEU A 137 41.10 -31.45 25.24
CA LEU A 137 41.11 -32.85 25.63
C LEU A 137 42.48 -33.31 26.12
N THR A 138 43.36 -32.37 26.48
CA THR A 138 44.70 -32.73 26.90
C THR A 138 44.95 -32.43 28.38
N GLY A 139 43.90 -32.31 29.18
CA GLY A 139 44.01 -32.24 30.61
C GLY A 139 44.02 -30.85 31.19
N THR A 140 43.96 -29.81 30.37
CA THR A 140 43.91 -28.46 30.92
C THR A 140 42.54 -28.18 31.51
N PHE A 141 41.57 -29.04 31.22
CA PHE A 141 40.26 -28.98 31.87
C PHE A 141 40.06 -30.15 32.82
N SER A 142 41.15 -30.75 33.30
CA SER A 142 41.07 -31.81 34.28
C SER A 142 40.47 -31.34 35.60
N ALA A 143 40.87 -30.17 36.08
CA ALA A 143 40.27 -29.53 37.25
C ALA A 143 39.37 -28.43 36.71
N GLY A 144 38.06 -28.68 36.75
CA GLY A 144 37.07 -27.86 36.07
C GLY A 144 37.29 -26.37 36.09
N LYS A 145 37.20 -25.74 34.92
CA LYS A 145 37.30 -24.30 34.83
C LYS A 145 35.96 -23.65 35.19
N VAL A 146 35.98 -22.34 35.36
CA VAL A 146 34.87 -21.63 35.97
C VAL A 146 34.32 -20.58 35.02
N PHE A 147 33.00 -20.55 34.89
CA PHE A 147 32.29 -19.50 34.17
C PHE A 147 31.28 -18.86 35.12
N GLN A 148 31.18 -17.53 35.07
CA GLN A 148 30.25 -16.79 35.94
C GLN A 148 29.01 -16.43 35.14
N VAL A 149 27.85 -16.86 35.63
CA VAL A 149 26.60 -16.69 34.91
C VAL A 149 25.64 -15.73 35.62
N GLY A 150 26.04 -15.19 36.76
CA GLY A 150 25.25 -14.21 37.48
C GLY A 150 25.95 -12.86 37.47
N HIS A 151 25.38 -11.93 38.23
CA HIS A 151 25.97 -10.60 38.34
C HIS A 151 26.69 -10.36 39.66
N GLN A 152 26.82 -11.38 40.50
CA GLN A 152 27.51 -11.25 41.77
C GLN A 152 28.49 -12.41 41.95
N GLU A 153 29.39 -12.25 42.91
CA GLU A 153 30.38 -13.28 43.19
C GLU A 153 29.69 -14.56 43.66
N GLY A 154 30.25 -15.70 43.26
CA GLY A 154 29.76 -16.99 43.69
C GLY A 154 28.73 -17.62 42.78
N GLU A 155 28.28 -16.92 41.74
CA GLU A 155 27.33 -17.48 40.78
C GLU A 155 28.12 -18.06 39.62
N ASP A 156 28.72 -19.23 39.84
CA ASP A 156 29.62 -19.81 38.86
C ASP A 156 29.18 -21.23 38.49
N ILE A 157 29.60 -21.63 37.30
CA ILE A 157 29.39 -22.98 36.79
C ILE A 157 30.75 -23.58 36.43
N LYS A 158 30.93 -24.85 36.75
CA LYS A 158 32.21 -25.53 36.56
C LYS A 158 32.06 -26.62 35.51
N VAL A 159 32.96 -26.60 34.52
CA VAL A 159 32.98 -27.59 33.45
C VAL A 159 34.28 -28.36 33.54
N THR A 160 34.18 -29.68 33.70
CA THR A 160 35.35 -30.55 33.84
C THR A 160 35.40 -31.52 32.66
N VAL A 161 36.54 -31.54 31.97
CA VAL A 161 36.77 -32.47 30.86
C VAL A 161 38.06 -33.21 31.16
N LYS A 162 37.96 -34.52 31.41
CA LYS A 162 39.14 -35.30 31.70
C LYS A 162 39.90 -35.61 30.40
N ALA A 163 41.20 -35.84 30.54
CA ALA A 163 42.03 -36.11 29.38
C ALA A 163 41.63 -37.43 28.73
N SER A 164 41.55 -37.42 27.40
CA SER A 164 41.15 -38.60 26.65
C SER A 164 42.04 -38.73 25.42
N ASN A 165 43.01 -39.63 25.48
CA ASN A 165 43.91 -39.93 24.37
C ASN A 165 44.35 -41.39 24.54
N LYS A 166 45.26 -41.83 23.67
CA LYS A 166 45.56 -43.26 23.62
C LYS A 166 46.28 -43.75 24.87
N THR A 167 47.22 -42.98 25.41
CA THR A 167 47.87 -43.40 26.64
C THR A 167 46.90 -43.34 27.82
N SER A 168 45.99 -42.37 27.81
CA SER A 168 45.03 -42.24 28.90
C SER A 168 44.07 -43.43 28.94
N LEU A 169 43.58 -43.86 27.78
CA LEU A 169 42.59 -44.93 27.70
C LEU A 169 43.22 -46.32 27.75
N SER A 170 44.49 -46.41 28.13
CA SER A 170 45.20 -47.67 28.27
C SER A 170 45.18 -48.47 26.95
N VAL A 171 45.49 -47.75 25.87
CA VAL A 171 45.73 -48.38 24.58
C VAL A 171 47.02 -47.83 24.01
N GLY A 172 47.59 -48.52 23.02
CA GLY A 172 48.86 -48.11 22.48
C GLY A 172 49.79 -49.30 22.35
N ALA A 173 49.55 -50.32 23.16
CA ALA A 173 50.25 -51.59 23.07
C ALA A 173 49.20 -52.69 23.05
N LEU A 174 48.73 -53.05 21.85
CA LEU A 174 47.72 -54.09 21.69
C LEU A 174 48.23 -55.11 20.68
N ASN A 175 48.52 -56.31 21.15
CA ASN A 175 48.95 -57.40 20.29
C ASN A 175 47.84 -58.44 20.17
N ASN A 176 47.95 -59.30 19.15
CA ASN A 176 46.97 -60.35 18.92
C ASN A 176 47.63 -61.66 18.49
N ALA A 177 48.83 -61.95 18.97
CA ALA A 177 49.53 -63.17 18.57
C ALA A 177 49.10 -64.36 19.41
N THR A 178 49.33 -64.31 20.72
CA THR A 178 49.06 -65.44 21.59
C THR A 178 47.60 -65.46 22.05
N SER A 179 47.20 -66.55 22.71
CA SER A 179 45.84 -66.63 23.25
C SER A 179 45.62 -65.58 24.33
N ALA A 180 46.60 -65.40 25.22
CA ALA A 180 46.45 -64.45 26.31
C ALA A 180 46.46 -63.02 25.80
N ASN A 181 47.15 -62.77 24.69
CA ASN A 181 47.26 -61.41 24.17
C ASN A 181 45.90 -60.88 23.73
N ARG A 182 45.11 -61.70 23.03
CA ARG A 182 43.81 -61.25 22.57
C ARG A 182 42.82 -61.06 23.71
N ALA A 183 42.87 -61.93 24.72
CA ALA A 183 41.95 -61.79 25.85
C ALA A 183 42.19 -60.51 26.62
N SER A 184 43.46 -60.14 26.82
CA SER A 184 43.77 -58.91 27.53
C SER A 184 43.38 -57.69 26.70
N SER A 185 43.55 -57.75 25.39
CA SER A 185 43.22 -56.62 24.53
C SER A 185 41.72 -56.34 24.54
N LEU A 186 40.90 -57.39 24.54
CA LEU A 186 39.45 -57.19 24.48
C LEU A 186 38.92 -56.48 25.72
N ALA A 187 39.46 -56.80 26.90
CA ALA A 187 38.97 -56.18 28.13
C ALA A 187 39.28 -54.68 28.15
N LYS A 188 40.46 -54.29 27.67
CA LYS A 188 40.84 -52.88 27.73
C LYS A 188 39.99 -52.03 26.80
N ILE A 189 39.64 -52.55 25.63
CA ILE A 189 38.78 -51.80 24.72
C ILE A 189 37.40 -51.61 25.34
N ASP A 190 36.85 -52.66 25.96
CA ASP A 190 35.54 -52.53 26.60
C ASP A 190 35.57 -51.49 27.72
N ALA A 191 36.64 -51.50 28.52
CA ALA A 191 36.78 -50.49 29.56
C ALA A 191 36.94 -49.09 28.96
N ALA A 192 37.54 -49.00 27.76
CA ALA A 192 37.70 -47.70 27.12
C ALA A 192 36.35 -47.10 26.74
N ILE A 193 35.44 -47.90 26.20
CA ILE A 193 34.14 -47.37 25.81
C ILE A 193 33.36 -46.90 27.03
N LYS A 194 33.47 -47.62 28.15
CA LYS A 194 32.77 -47.21 29.36
C LYS A 194 33.26 -45.85 29.85
N THR A 195 34.57 -45.62 29.81
CA THR A 195 35.11 -44.36 30.30
C THR A 195 34.63 -43.18 29.46
N ILE A 196 34.63 -43.34 28.14
CA ILE A 196 34.13 -42.28 27.26
C ILE A 196 32.65 -42.05 27.48
N ASP A 197 31.89 -43.14 27.67
CA ASP A 197 30.45 -43.01 27.86
C ASP A 197 30.12 -42.18 29.09
N SER A 198 30.83 -42.42 30.20
CA SER A 198 30.59 -41.64 31.41
C SER A 198 30.96 -40.19 31.21
N GLN A 199 32.01 -39.92 30.44
CA GLN A 199 32.43 -38.54 30.18
C GLN A 199 31.38 -37.79 29.39
N ARG A 200 30.78 -38.44 28.39
CA ARG A 200 29.74 -37.78 27.60
C ARG A 200 28.52 -37.45 28.44
N ALA A 201 28.14 -38.35 29.34
CA ALA A 201 26.99 -38.10 30.22
C ALA A 201 27.25 -36.89 31.12
N ASP A 202 28.47 -36.77 31.63
CA ASP A 202 28.80 -35.63 32.48
C ASP A 202 28.71 -34.31 31.72
N LEU A 203 29.17 -34.28 30.47
CA LEU A 203 29.10 -33.06 29.68
C LEU A 203 27.68 -32.74 29.26
N GLY A 204 26.86 -33.76 28.99
CA GLY A 204 25.48 -33.51 28.64
C GLY A 204 24.68 -32.92 29.77
N ALA A 205 24.94 -33.35 31.00
CA ALA A 205 24.21 -32.83 32.15
C ALA A 205 24.49 -31.35 32.35
N VAL A 206 25.73 -30.92 32.14
CA VAL A 206 26.08 -29.52 32.35
C VAL A 206 25.35 -28.63 31.35
N GLN A 207 25.29 -29.05 30.09
CA GLN A 207 24.64 -28.20 29.09
C GLN A 207 23.12 -28.28 29.19
N ASN A 208 22.57 -29.37 29.70
CA ASN A 208 21.17 -29.34 30.14
C ASN A 208 21.01 -28.37 31.31
N ARG A 209 21.98 -28.37 32.23
CA ARG A 209 21.95 -27.44 33.33
C ARG A 209 22.07 -25.99 32.86
N LEU A 210 22.98 -25.71 31.92
CA LEU A 210 23.17 -24.34 31.47
C LEU A 210 21.97 -23.79 30.71
N ALA A 211 21.24 -24.65 30.00
CA ALA A 211 20.09 -24.18 29.25
C ALA A 211 19.02 -23.58 30.16
N HIS A 212 18.86 -24.15 31.36
CA HIS A 212 17.84 -23.65 32.28
C HIS A 212 18.23 -22.32 32.90
N ASN A 213 19.53 -22.05 33.06
CA ASN A 213 19.97 -20.75 33.55
C ASN A 213 19.60 -19.64 32.57
N ILE A 214 19.80 -19.87 31.27
CA ILE A 214 19.53 -18.84 30.28
C ILE A 214 18.05 -18.48 30.27
N SER A 215 17.17 -19.49 30.31
CA SER A 215 15.74 -19.22 30.32
C SER A 215 15.34 -18.45 31.57
N ASN A 216 15.90 -18.84 32.72
CA ASN A 216 15.60 -18.11 33.96
C ASN A 216 16.14 -16.69 33.91
N SER A 217 17.36 -16.51 33.39
CA SER A 217 17.93 -15.17 33.31
C SER A 217 17.17 -14.29 32.33
N ALA A 218 16.66 -14.86 31.23
CA ALA A 218 15.86 -14.07 30.30
C ALA A 218 14.57 -13.59 30.96
N ASN A 219 13.92 -14.45 31.74
CA ASN A 219 12.70 -14.05 32.42
C ASN A 219 12.97 -12.96 33.45
N THR A 220 13.98 -13.14 34.30
CA THR A 220 14.23 -12.18 35.36
C THR A 220 14.69 -10.84 34.80
N GLN A 221 15.32 -10.83 33.63
CA GLN A 221 15.73 -9.57 33.02
C GLN A 221 14.53 -8.71 32.67
N ALA A 222 13.48 -9.33 32.13
CA ALA A 222 12.29 -8.58 31.74
C ALA A 222 11.60 -7.95 32.94
N ASN A 223 11.46 -8.71 34.03
CA ASN A 223 10.79 -8.20 35.21
C ASN A 223 11.56 -7.07 35.88
N VAL A 224 12.89 -7.14 35.90
CA VAL A 224 13.68 -6.04 36.45
C VAL A 224 13.54 -4.80 35.59
N ALA A 225 13.44 -4.96 34.27
CA ALA A 225 13.20 -3.82 33.39
C ALA A 225 11.87 -3.16 33.71
N ASP A 226 10.84 -3.96 34.04
CA ASP A 226 9.58 -3.39 34.52
C ASP A 226 9.80 -2.54 35.75
N ALA A 227 10.49 -3.07 36.76
CA ALA A 227 10.66 -2.35 38.02
C ALA A 227 11.46 -1.07 37.80
N LYS A 228 12.48 -1.12 36.96
CA LYS A 228 13.35 0.03 36.75
C LYS A 228 12.65 1.16 35.99
N SER A 229 11.73 0.84 35.08
CA SER A 229 11.07 1.89 34.31
C SER A 229 10.04 2.65 35.14
N ARG A 230 9.39 2.00 36.09
CA ARG A 230 8.39 2.69 36.90
C ARG A 230 9.01 3.79 37.75
N ILE A 231 10.32 3.72 37.98
CA ILE A 231 10.99 4.65 38.88
C ILE A 231 11.57 5.83 38.12
N VAL A 232 12.22 5.60 36.98
CA VAL A 232 12.99 6.64 36.31
C VAL A 232 12.35 7.18 35.04
N ASP A 233 11.32 6.53 34.52
CA ASP A 233 10.77 6.88 33.23
C ASP A 233 9.52 7.74 33.39
N VAL A 234 9.32 8.64 32.44
CA VAL A 234 8.19 9.56 32.47
C VAL A 234 6.97 8.90 31.85
N ASP A 235 5.79 9.34 32.28
CA ASP A 235 4.53 8.99 31.63
C ASP A 235 4.10 10.19 30.81
N PHE A 236 4.05 10.01 29.49
CA PHE A 236 3.76 11.14 28.61
C PHE A 236 2.38 11.70 28.85
N ALA A 237 1.42 10.87 29.25
CA ALA A 237 0.09 11.36 29.58
C ALA A 237 0.17 12.35 30.72
N LYS A 238 0.94 12.00 31.76
CA LYS A 238 1.16 12.92 32.86
C LYS A 238 1.93 14.15 32.43
N GLU A 239 2.98 13.97 31.63
CA GLU A 239 3.87 15.07 31.31
C GLU A 239 3.26 16.04 30.30
N THR A 240 2.54 15.51 29.30
CA THR A 240 1.97 16.38 28.28
C THR A 240 0.93 17.31 28.89
N SER A 241 0.11 16.80 29.80
CA SER A 241 -0.89 17.65 30.45
C SER A 241 -0.22 18.77 31.23
N ALA A 242 0.87 18.47 31.95
CA ALA A 242 1.56 19.50 32.71
C ALA A 242 2.17 20.55 31.79
N MET A 243 2.75 20.12 30.67
CA MET A 243 3.37 21.06 29.74
C MET A 243 2.36 22.04 29.17
N THR A 244 1.22 21.52 28.69
CA THR A 244 0.13 22.39 28.26
C THR A 244 -0.43 23.17 29.43
N LYS A 245 -0.32 22.63 30.64
CA LYS A 245 -0.90 23.27 31.81
C LYS A 245 -0.20 24.60 32.08
N TYR A 246 1.13 24.61 31.97
CA TYR A 246 1.96 25.78 32.24
C TYR A 246 2.01 26.77 31.09
N GLN A 247 1.77 26.33 29.85
CA GLN A 247 1.75 27.24 28.72
C GLN A 247 0.67 28.30 28.89
N VAL A 248 -0.52 27.87 29.35
CA VAL A 248 -1.60 28.82 29.57
C VAL A 248 -1.23 29.79 30.69
N LEU A 249 -0.63 29.28 31.76
CA LEU A 249 -0.26 30.12 32.89
C LEU A 249 0.77 31.17 32.49
N GLN A 250 1.64 30.85 31.53
CA GLN A 250 2.64 31.81 31.07
C GLN A 250 1.99 33.00 30.37
N GLN A 251 1.08 32.73 29.44
CA GLN A 251 0.39 33.82 28.74
C GLN A 251 -0.51 34.60 29.69
N THR A 252 -1.12 33.93 30.66
CA THR A 252 -1.88 34.64 31.68
C THR A 252 -0.96 35.53 32.51
N GLY A 253 0.21 35.01 32.90
CA GLY A 253 1.12 35.81 33.69
C GLY A 253 1.67 37.02 32.96
N SER A 254 1.95 36.86 31.66
CA SER A 254 2.48 37.98 30.88
C SER A 254 1.47 39.11 30.72
N ALA A 255 0.21 38.77 30.46
CA ALA A 255 -0.82 39.81 30.35
C ALA A 255 -1.06 40.52 31.67
N MET A 256 -1.06 39.77 32.78
CA MET A 256 -1.25 40.41 34.08
C MET A 256 -0.09 41.32 34.43
N LEU A 257 1.15 40.89 34.15
CA LEU A 257 2.31 41.71 34.47
C LEU A 257 2.37 42.98 33.63
N ALA A 258 2.09 42.86 32.33
CA ALA A 258 2.12 44.04 31.48
C ALA A 258 1.06 45.06 31.90
N GLN A 259 -0.12 44.58 32.27
CA GLN A 259 -1.19 45.49 32.67
C GLN A 259 -0.97 46.05 34.06
N ALA A 260 -0.30 45.29 34.94
CA ALA A 260 -0.02 45.78 36.28
C ALA A 260 1.08 46.84 36.25
N ASN A 261 1.90 46.86 35.20
CA ASN A 261 2.98 47.82 35.13
C ASN A 261 2.48 49.24 34.91
N GLN A 262 1.34 49.42 34.26
CA GLN A 262 0.81 50.75 34.00
C GLN A 262 -0.24 51.19 35.01
N LEU A 263 -0.26 50.57 36.19
CA LEU A 263 -1.03 51.05 37.32
C LEU A 263 -0.63 52.45 37.78
N PRO A 264 0.66 52.78 37.91
CA PRO A 264 1.02 54.11 38.43
C PRO A 264 0.67 55.26 37.52
N GLN A 265 0.21 55.02 36.30
CA GLN A 265 -0.18 56.12 35.42
C GLN A 265 -1.44 56.84 35.89
N VAL A 266 -2.14 56.30 36.89
CA VAL A 266 -3.26 57.02 37.48
C VAL A 266 -2.79 58.33 38.09
N ALA A 267 -1.57 58.36 38.63
CA ALA A 267 -1.05 59.57 39.26
C ALA A 267 -0.95 60.74 38.28
N LEU A 268 -0.81 60.48 36.99
CA LEU A 268 -0.78 61.54 36.00
C LEU A 268 -2.13 62.18 35.76
N SER A 269 -3.23 61.49 36.09
CA SER A 269 -4.55 62.07 35.90
C SER A 269 -4.81 63.20 36.89
N LEU A 270 -4.26 63.10 38.10
CA LEU A 270 -4.51 64.10 39.14
C LEU A 270 -3.51 65.24 39.02
N LEU A 271 -3.47 65.82 37.82
CA LEU A 271 -2.70 67.03 37.55
C LEU A 271 -1.24 66.83 37.92
N GLY A 272 -0.55 65.97 37.17
CA GLY A 272 0.88 65.75 37.36
C GLY A 272 1.27 65.22 38.72
N ALA B 1 -8.50 106.40 65.75
CA ALA B 1 -7.70 105.24 65.38
C ALA B 1 -7.29 105.32 63.92
N ILE B 2 -6.90 106.51 63.47
CA ILE B 2 -6.44 106.71 62.10
C ILE B 2 -4.97 107.12 62.12
N THR B 3 -4.08 106.16 61.91
CA THR B 3 -2.66 106.42 62.01
C THR B 3 -1.98 106.29 60.65
N VAL B 4 -0.84 106.95 60.51
CA VAL B 4 -0.08 106.92 59.28
C VAL B 4 1.36 106.51 59.54
N ASN B 5 1.62 105.93 60.72
CA ASN B 5 2.97 105.47 61.05
C ASN B 5 3.08 103.96 61.16
N THR B 6 2.03 103.26 61.59
CA THR B 6 2.03 101.81 61.67
C THR B 6 0.78 101.25 61.04
N ASN B 7 0.93 100.17 60.28
CA ASN B 7 -0.17 99.46 59.64
C ASN B 7 -0.16 98.02 60.15
N VAL B 8 -0.82 97.79 61.28
CA VAL B 8 -0.85 96.46 61.86
C VAL B 8 -1.68 95.52 61.02
N THR B 9 -2.66 96.04 60.29
CA THR B 9 -3.41 95.21 59.35
C THR B 9 -2.48 94.61 58.32
N SER B 10 -1.52 95.39 57.82
CA SER B 10 -0.53 94.87 56.90
C SER B 10 0.36 93.82 57.55
N MET B 11 0.75 94.06 58.81
CA MET B 11 1.62 93.11 59.50
C MET B 11 0.96 91.75 59.63
N LYS B 12 -0.31 91.71 60.03
CA LYS B 12 -1.02 90.45 60.10
C LYS B 12 -1.21 89.83 58.72
N ALA B 13 -1.51 90.66 57.72
CA ALA B 13 -1.70 90.15 56.37
C ALA B 13 -0.41 89.55 55.82
N GLN B 14 0.73 90.16 56.12
CA GLN B 14 2.01 89.65 55.61
C GLN B 14 2.29 88.25 56.14
N LYS B 15 2.02 88.03 57.44
CA LYS B 15 2.31 86.73 58.04
C LYS B 15 1.50 85.62 57.40
N ASN B 16 0.23 85.90 57.11
CA ASN B 16 -0.63 84.87 56.51
C ASN B 16 -0.15 84.50 55.12
N LEU B 17 0.31 85.48 54.35
CA LEU B 17 0.83 85.19 53.02
C LEU B 17 2.09 84.34 53.08
N ASN B 18 2.96 84.60 54.06
CA ASN B 18 4.18 83.81 54.20
C ASN B 18 3.86 82.36 54.52
N THR B 19 2.87 82.13 55.39
CA THR B 19 2.51 80.75 55.73
C THR B 19 1.94 80.01 54.52
N SER B 20 1.09 80.67 53.73
CA SER B 20 0.53 80.02 52.55
C SER B 20 1.57 79.77 51.47
N ASN B 21 2.56 80.64 51.33
CA ASN B 21 3.62 80.43 50.37
C ASN B 21 4.54 79.29 50.77
N SER B 22 4.84 79.16 52.07
CA SER B 22 5.70 78.08 52.52
C SER B 22 5.04 76.71 52.37
N GLY B 23 3.73 76.64 52.61
CA GLY B 23 3.01 75.41 52.43
C GLY B 23 2.94 74.97 50.98
N LEU B 24 2.80 75.93 50.07
CA LEU B 24 2.81 75.62 48.64
C LEU B 24 4.16 75.07 48.21
N SER B 25 5.25 75.66 48.72
CA SER B 25 6.58 75.23 48.34
C SER B 25 6.86 73.80 48.78
N THR B 26 6.51 73.47 50.02
CA THR B 26 6.82 72.14 50.54
C THR B 26 6.00 71.07 49.84
N SER B 27 4.82 71.41 49.34
CA SER B 27 4.02 70.42 48.62
C SER B 27 4.60 70.09 47.25
N MET B 28 5.22 71.07 46.59
CA MET B 28 5.77 70.82 45.27
C MET B 28 6.96 69.86 45.32
N GLU B 29 7.84 70.03 46.31
CA GLU B 29 9.02 69.17 46.39
C GLU B 29 8.65 67.74 46.77
N ARG B 30 7.63 67.56 47.61
CA ARG B 30 7.14 66.22 47.87
C ARG B 30 6.56 65.58 46.62
N LEU B 31 5.86 66.36 45.79
CA LEU B 31 5.33 65.84 44.54
C LEU B 31 6.41 65.63 43.48
N SER B 32 7.46 66.45 43.48
CA SER B 32 8.48 66.33 42.44
C SER B 32 9.39 65.14 42.65
N SER B 33 9.51 64.65 43.88
CA SER B 33 10.34 63.49 44.17
C SER B 33 9.51 62.24 44.45
N GLY B 34 8.50 62.34 45.30
CA GLY B 34 7.65 61.22 45.60
C GLY B 34 7.87 60.64 46.97
N LEU B 35 8.49 61.44 47.84
CA LEU B 35 8.81 61.01 49.20
C LEU B 35 8.22 61.98 50.20
N ARG B 36 7.52 61.45 51.19
CA ARG B 36 7.01 62.27 52.28
C ARG B 36 8.12 62.76 53.19
N ILE B 37 9.03 61.87 53.58
CA ILE B 37 10.15 62.24 54.44
C ILE B 37 11.33 62.64 53.58
N ASN B 38 11.36 63.89 53.12
CA ASN B 38 12.49 64.39 52.35
C ASN B 38 13.64 64.71 53.29
N SER B 39 13.37 65.51 54.32
CA SER B 39 14.36 65.87 55.31
C SER B 39 13.92 65.41 56.69
N ALA B 40 14.71 65.78 57.70
CA ALA B 40 14.39 65.46 59.09
C ALA B 40 13.35 66.41 59.68
N LYS B 41 12.80 67.33 58.87
CA LYS B 41 11.67 68.12 59.35
C LYS B 41 10.54 67.21 59.79
N ASP B 42 10.25 66.20 58.98
CA ASP B 42 9.13 65.29 59.14
C ASP B 42 9.45 64.22 60.17
N ASP B 43 8.70 63.12 60.14
CA ASP B 43 8.79 62.08 61.16
C ASP B 43 10.24 61.72 61.46
N ALA B 44 10.68 62.04 62.67
CA ALA B 44 12.05 61.70 63.08
C ALA B 44 12.20 60.20 63.22
N ALA B 45 11.18 59.53 63.75
CA ALA B 45 11.22 58.08 63.89
C ALA B 45 11.01 57.36 62.57
N GLY B 46 10.31 57.99 61.62
CA GLY B 46 10.04 57.33 60.35
C GLY B 46 11.31 57.06 59.56
N LEU B 47 12.21 58.04 59.50
CA LEU B 47 13.42 57.88 58.72
C LEU B 47 14.34 56.83 59.33
N ALA B 48 14.37 56.76 60.66
CA ALA B 48 15.18 55.75 61.33
C ALA B 48 14.67 54.35 61.02
N ILE B 49 13.34 54.16 61.08
CA ILE B 49 12.76 52.86 60.77
C ILE B 49 13.00 52.51 59.30
N SER B 50 12.84 53.50 58.41
CA SER B 50 12.99 53.24 56.98
C SER B 50 14.41 52.81 56.64
N ASN B 51 15.39 53.31 57.37
CA ASN B 51 16.78 52.95 57.10
C ASN B 51 17.01 51.46 57.33
N ARG B 52 16.49 50.93 58.43
CA ARG B 52 16.60 49.49 58.66
C ARG B 52 15.79 48.68 57.68
N LEU B 53 14.60 49.14 57.31
CA LEU B 53 13.83 48.46 56.26
C LEU B 53 14.55 48.51 54.92
N ASN B 54 15.20 49.62 54.62
CA ASN B 54 16.00 49.70 53.41
C ASN B 54 17.14 48.71 53.43
N SER B 55 17.78 48.52 54.59
CA SER B 55 18.84 47.52 54.69
C SER B 55 18.32 46.11 54.45
N GLN B 56 17.12 45.80 54.95
CA GLN B 56 16.57 44.47 54.74
C GLN B 56 16.25 44.22 53.27
N VAL B 57 15.67 45.21 52.60
CA VAL B 57 15.30 45.04 51.19
C VAL B 57 16.55 44.83 50.34
N ARG B 58 17.54 45.71 50.50
CA ARG B 58 18.78 45.57 49.73
C ARG B 58 19.59 44.38 50.23
N GLY B 59 19.54 44.10 51.54
CA GLY B 59 20.25 42.95 52.06
C GLY B 59 19.75 41.64 51.48
N LEU B 60 18.43 41.49 51.36
CA LEU B 60 17.89 40.28 50.77
C LEU B 60 18.27 40.15 49.31
N GLU B 61 18.27 41.26 48.57
CA GLU B 61 18.55 41.20 47.14
C GLU B 61 19.95 40.66 46.88
N VAL B 62 20.94 41.10 47.66
CA VAL B 62 22.27 40.52 47.56
C VAL B 62 22.27 39.08 48.03
N GLY B 63 21.47 38.78 49.06
CA GLY B 63 21.38 37.41 49.54
C GLY B 63 20.79 36.46 48.53
N MET B 64 19.85 36.94 47.72
CA MET B 64 19.28 36.11 46.66
C MET B 64 20.35 35.70 45.66
N ARG B 65 21.15 36.65 45.18
CA ARG B 65 22.22 36.31 44.26
C ARG B 65 23.28 35.44 44.92
N ASN B 66 23.45 35.57 46.24
CA ASN B 66 24.39 34.74 46.94
C ASN B 66 24.01 33.26 46.87
N ALA B 67 22.71 32.95 46.96
CA ALA B 67 22.23 31.58 46.90
C ALA B 67 22.14 31.03 45.49
N ASN B 68 21.83 31.87 44.50
CA ASN B 68 21.88 31.43 43.11
C ASN B 68 23.27 30.95 42.72
N ASP B 69 24.32 31.55 43.28
CA ASP B 69 25.68 31.09 43.07
C ASP B 69 25.91 29.70 43.66
N ALA B 70 25.37 29.44 44.85
CA ALA B 70 25.55 28.13 45.47
C ALA B 70 24.85 27.03 44.67
N ILE B 71 23.72 27.36 44.06
CA ILE B 71 22.97 26.40 43.27
C ILE B 71 23.82 25.96 42.07
N SER B 72 24.47 26.93 41.43
CA SER B 72 25.27 26.63 40.25
C SER B 72 26.47 25.74 40.60
N ILE B 73 27.12 25.98 41.73
CA ILE B 73 28.24 25.13 42.14
C ILE B 73 27.77 23.70 42.36
N ALA B 74 26.68 23.51 43.08
CA ALA B 74 26.15 22.17 43.29
C ALA B 74 25.68 21.54 41.99
N GLN B 75 25.24 22.36 41.03
CA GLN B 75 24.78 21.82 39.75
C GLN B 75 25.94 21.24 38.96
N ILE B 76 27.10 21.90 38.96
CA ILE B 76 28.22 21.43 38.16
C ILE B 76 28.81 20.16 38.76
N ALA B 77 28.97 20.12 40.08
CA ALA B 77 29.55 18.93 40.72
C ALA B 77 28.68 17.71 40.50
N GLU B 78 27.36 17.89 40.59
CA GLU B 78 26.45 16.78 40.36
C GLU B 78 26.55 16.25 38.93
N GLY B 79 26.69 17.15 37.96
CA GLY B 79 26.79 16.71 36.58
C GLY B 79 28.02 15.88 36.31
N ALA B 80 29.15 16.24 36.91
CA ALA B 80 30.38 15.50 36.69
C ALA B 80 30.33 14.10 37.30
N MET B 81 29.69 13.95 38.46
CA MET B 81 29.63 12.65 39.11
C MET B 81 28.78 11.66 38.32
N GLN B 82 27.84 12.16 37.50
CA GLN B 82 27.05 11.27 36.68
C GLN B 82 27.92 10.52 35.67
N GLU B 83 28.88 11.22 35.06
CA GLU B 83 29.73 10.57 34.08
C GLU B 83 30.70 9.58 34.73
N GLN B 84 31.12 9.84 35.96
CA GLN B 84 31.94 8.88 36.68
C GLN B 84 31.16 7.60 36.97
N THR B 85 29.85 7.74 37.23
CA THR B 85 29.03 6.56 37.49
C THR B 85 28.90 5.67 36.25
N ASN B 86 28.71 6.25 35.07
CA ASN B 86 28.58 5.44 33.87
C ASN B 86 29.85 4.68 33.54
N MET B 87 31.02 5.29 33.68
CA MET B 87 32.26 4.57 33.41
C MET B 87 32.53 3.48 34.45
N LEU B 88 32.12 3.69 35.70
CA LEU B 88 32.28 2.64 36.69
C LEU B 88 31.41 1.44 36.37
N GLN B 89 30.22 1.66 35.80
CA GLN B 89 29.37 0.55 35.41
C GLN B 89 30.02 -0.28 34.31
N ARG B 90 30.68 0.37 33.35
CA ARG B 90 31.38 -0.36 32.31
C ARG B 90 32.53 -1.19 32.85
N MET B 91 33.20 -0.72 33.91
CA MET B 91 34.23 -1.53 34.55
C MET B 91 33.66 -2.79 35.18
N ARG B 92 32.43 -2.72 35.71
CA ARG B 92 31.80 -3.91 36.25
C ARG B 92 31.58 -4.97 35.19
N ASP B 93 31.13 -4.57 34.00
CA ASP B 93 30.90 -5.52 32.93
C ASP B 93 32.20 -6.18 32.48
N LEU B 94 33.28 -5.42 32.38
CA LEU B 94 34.56 -5.98 31.99
C LEU B 94 35.08 -7.00 32.99
N THR B 95 34.92 -6.72 34.29
CA THR B 95 35.28 -7.70 35.31
C THR B 95 34.45 -8.97 35.22
N ILE B 96 33.14 -8.84 34.98
CA ILE B 96 32.32 -10.01 34.75
C ILE B 96 32.74 -10.72 33.46
N GLN B 97 33.00 -9.95 32.40
CA GLN B 97 33.44 -10.54 31.14
C GLN B 97 34.80 -11.19 31.24
N SER B 98 35.65 -10.72 32.16
CA SER B 98 37.00 -11.26 32.30
C SER B 98 37.06 -12.56 33.09
N GLU B 99 35.93 -13.23 33.29
CA GLU B 99 35.88 -14.39 34.15
C GLU B 99 35.58 -15.65 33.33
N ASN B 100 35.58 -15.53 31.99
CA ASN B 100 35.41 -16.70 31.14
C ASN B 100 36.55 -17.68 31.33
N GLY B 101 36.23 -18.97 31.22
CA GLY B 101 37.25 -20.00 31.23
C GLY B 101 37.77 -20.30 29.84
N ALA B 102 37.19 -19.65 28.82
CA ALA B 102 37.65 -19.82 27.46
C ALA B 102 38.59 -18.71 27.02
N ASN B 103 38.91 -17.79 27.90
CA ASN B 103 39.85 -16.72 27.59
C ASN B 103 41.27 -17.28 27.62
N SER B 104 42.25 -16.42 27.44
CA SER B 104 43.64 -16.83 27.54
C SER B 104 44.42 -15.71 28.21
N THR B 105 45.71 -15.95 28.43
CA THR B 105 46.54 -14.94 29.08
C THR B 105 46.60 -13.66 28.25
N ALA B 106 46.71 -13.79 26.93
CA ALA B 106 46.71 -12.62 26.06
C ALA B 106 45.37 -11.92 26.04
N ASP B 107 44.27 -12.64 26.21
CA ASP B 107 42.94 -12.03 26.20
C ASP B 107 42.72 -11.17 27.43
N LEU B 108 43.19 -11.64 28.59
CA LEU B 108 43.01 -10.87 29.82
C LEU B 108 43.78 -9.56 29.79
N VAL B 109 44.92 -9.54 29.10
CA VAL B 109 45.69 -8.31 29.00
C VAL B 109 44.94 -7.24 28.21
N SER B 110 44.27 -7.62 27.12
CA SER B 110 43.51 -6.66 26.34
C SER B 110 42.37 -6.05 27.15
N ILE B 111 41.69 -6.84 27.98
CA ILE B 111 40.62 -6.29 28.79
C ILE B 111 41.18 -5.31 29.82
N LYS B 112 42.34 -5.62 30.40
CA LYS B 112 42.94 -4.70 31.36
C LYS B 112 43.34 -3.39 30.71
N ALA B 113 43.84 -3.44 29.48
CA ALA B 113 44.21 -2.22 28.75
C ALA B 113 43.03 -1.29 28.55
N GLU B 114 41.81 -1.80 28.59
CA GLU B 114 40.60 -0.99 28.54
C GLU B 114 40.22 -0.46 29.91
N MET B 115 40.22 -1.31 30.93
CA MET B 115 39.94 -0.86 32.29
C MET B 115 40.94 0.21 32.72
N ASP B 116 42.19 0.09 32.28
CA ASP B 116 43.22 1.02 32.72
C ASP B 116 42.94 2.44 32.24
N GLN B 117 42.49 2.59 31.00
CA GLN B 117 42.21 3.93 30.48
C GLN B 117 40.93 4.53 31.05
N LEU B 118 39.93 3.71 31.37
CA LEU B 118 38.73 4.24 32.01
C LEU B 118 39.02 4.83 33.39
N ALA B 119 39.91 4.21 34.16
CA ALA B 119 40.31 4.76 35.45
C ALA B 119 41.08 6.05 35.31
N THR B 120 41.78 6.24 34.19
CA THR B 120 42.49 7.50 33.97
C THR B 120 41.54 8.69 33.84
N GLU B 121 40.40 8.50 33.17
CA GLU B 121 39.44 9.59 33.05
C GLU B 121 38.74 9.92 34.36
N ILE B 122 38.48 8.92 35.20
CA ILE B 122 37.91 9.23 36.51
C ILE B 122 38.85 10.15 37.27
N ASP B 123 40.17 9.94 37.12
CA ASP B 123 41.14 10.93 37.58
C ASP B 123 41.00 12.25 36.83
N SER B 124 40.81 12.20 35.51
CA SER B 124 40.83 13.41 34.70
C SER B 124 39.62 14.31 34.98
N ILE B 125 38.43 13.72 35.15
CA ILE B 125 37.27 14.53 35.50
C ILE B 125 37.44 15.15 36.88
N GLY B 126 37.96 14.37 37.83
CA GLY B 126 38.15 14.86 39.18
C GLY B 126 39.06 16.06 39.27
N ASN B 127 40.09 16.10 38.44
CA ASN B 127 41.05 17.20 38.46
C ASN B 127 40.68 18.34 37.51
N SER B 128 39.57 18.24 36.79
CA SER B 128 39.24 19.24 35.79
C SER B 128 38.01 20.07 36.16
N THR B 129 36.99 19.41 36.72
CA THR B 129 35.72 20.07 37.03
C THR B 129 35.94 21.32 37.87
N ALA B 130 35.60 22.47 37.32
CA ALA B 130 35.91 23.73 37.97
C ALA B 130 34.82 24.75 37.69
N PHE B 131 34.73 25.76 38.55
CA PHE B 131 33.80 26.87 38.40
C PHE B 131 34.63 28.08 38.00
N GLY B 132 34.85 28.23 36.70
CA GLY B 132 35.69 29.30 36.21
C GLY B 132 37.16 28.99 36.43
N ASN B 133 37.61 29.06 37.68
CA ASN B 133 39.01 28.71 37.95
C ASN B 133 39.18 27.95 39.26
N THR B 134 38.10 27.59 39.96
CA THR B 134 38.20 26.91 41.25
C THR B 134 37.79 25.45 41.07
N LYS B 135 38.71 24.54 41.39
CA LYS B 135 38.46 23.10 41.27
C LYS B 135 37.52 22.67 42.39
N LEU B 136 36.47 21.93 42.05
CA LEU B 136 35.43 21.61 43.02
C LEU B 136 35.48 20.18 43.54
N LEU B 137 36.26 19.29 42.93
CA LEU B 137 36.26 17.89 43.31
C LEU B 137 37.62 17.42 43.82
N THR B 138 38.49 18.36 44.20
CA THR B 138 39.82 18.00 44.66
C THR B 138 40.03 18.30 46.14
N GLY B 139 38.96 18.42 46.91
CA GLY B 139 39.06 18.48 48.35
C GLY B 139 39.05 19.89 48.94
N THR B 140 39.01 20.92 48.11
CA THR B 140 38.95 22.27 48.66
C THR B 140 37.56 22.55 49.22
N PHE B 141 36.60 21.69 48.92
CA PHE B 141 35.28 21.76 49.52
C PHE B 141 35.05 20.59 50.47
N SER B 142 36.13 19.99 50.98
CA SER B 142 36.02 18.93 51.96
C SER B 142 35.40 19.40 53.26
N ALA B 143 35.79 20.57 53.75
CA ALA B 143 35.17 21.21 54.90
C ALA B 143 34.28 22.32 54.34
N GLY B 144 32.97 22.07 54.36
CA GLY B 144 32.00 22.89 53.66
C GLY B 144 32.22 24.38 53.69
N LYS B 145 32.17 25.01 52.51
CA LYS B 145 32.27 26.45 52.42
C LYS B 145 30.93 27.10 52.76
N VAL B 146 30.95 28.41 52.93
CA VAL B 146 29.82 29.13 53.52
C VAL B 146 29.31 30.19 52.55
N PHE B 147 27.98 30.22 52.38
CA PHE B 147 27.29 31.27 51.66
C PHE B 147 26.27 31.91 52.58
N GLN B 148 26.16 33.24 52.53
CA GLN B 148 25.23 33.98 53.37
C GLN B 148 24.01 34.36 52.56
N VAL B 149 22.83 33.92 53.02
CA VAL B 149 21.59 34.09 52.27
C VAL B 149 20.63 35.07 52.96
N GLY B 150 21.01 35.61 54.11
CA GLY B 150 20.21 36.59 54.81
C GLY B 150 20.90 37.93 54.81
N HIS B 151 20.33 38.87 55.57
CA HIS B 151 20.92 40.19 55.68
C HIS B 151 21.61 40.43 57.02
N GLN B 152 21.71 39.41 57.87
CA GLN B 152 22.38 39.53 59.15
C GLN B 152 23.35 38.37 59.34
N GLU B 153 24.22 38.52 60.33
CA GLU B 153 25.19 37.49 60.63
C GLU B 153 24.50 36.21 61.08
N GLY B 154 25.07 35.08 60.70
CA GLY B 154 24.56 33.79 61.11
C GLY B 154 23.55 33.16 60.18
N GLU B 155 23.12 33.86 59.13
CA GLU B 155 22.19 33.31 58.15
C GLU B 155 23.01 32.72 57.00
N ASP B 156 23.60 31.55 57.24
CA ASP B 156 24.53 30.96 56.29
C ASP B 156 24.10 29.56 55.90
N ILE B 157 24.52 29.14 54.71
CA ILE B 157 24.33 27.80 54.20
C ILE B 157 25.69 27.20 53.87
N LYS B 158 25.86 25.92 54.21
CA LYS B 158 27.13 25.24 54.04
C LYS B 158 27.02 24.16 52.98
N VAL B 159 27.93 24.17 52.02
CA VAL B 159 27.97 23.18 50.95
C VAL B 159 29.27 22.40 51.06
N THR B 160 29.16 21.08 51.22
CA THR B 160 30.32 20.21 51.38
C THR B 160 30.40 19.24 50.22
N VAL B 161 31.54 19.21 49.55
CA VAL B 161 31.80 18.29 48.44
C VAL B 161 33.09 17.54 48.76
N LYS B 162 32.97 16.24 49.02
CA LYS B 162 34.15 15.44 49.33
C LYS B 162 34.92 15.14 48.06
N ALA B 163 36.22 14.90 48.21
CA ALA B 163 37.08 14.63 47.07
C ALA B 163 36.69 13.32 46.42
N SER B 164 36.64 13.32 45.08
CA SER B 164 36.25 12.14 44.32
C SER B 164 37.17 12.00 43.11
N ASN B 165 38.13 11.10 43.20
CA ASN B 165 39.06 10.80 42.11
C ASN B 165 39.48 9.34 42.28
N LYS B 166 40.42 8.90 41.43
CA LYS B 166 40.71 7.47 41.39
C LYS B 166 41.40 6.97 42.65
N THR B 167 42.34 7.75 43.22
CA THR B 167 42.95 7.32 44.47
C THR B 167 41.96 7.38 45.62
N SER B 168 41.05 8.35 45.59
CA SER B 168 40.06 8.49 46.66
C SER B 168 39.11 7.30 46.68
N LEU B 169 38.64 6.87 45.50
CA LEU B 169 37.64 5.81 45.40
C LEU B 169 38.26 4.42 45.47
N SER B 170 39.52 4.32 45.87
CA SER B 170 40.23 3.05 46.03
C SER B 170 40.24 2.26 44.71
N VAL B 171 40.57 2.97 43.63
CA VAL B 171 40.83 2.34 42.34
C VAL B 171 42.15 2.89 41.81
N GLY B 172 42.73 2.20 40.84
CA GLY B 172 44.02 2.60 40.32
C GLY B 172 44.95 1.42 40.22
N ALA B 173 44.68 0.39 41.02
CA ALA B 173 45.38 -0.89 40.94
C ALA B 173 44.33 -1.98 40.89
N LEU B 174 43.88 -2.33 39.69
CA LEU B 174 42.87 -3.37 39.50
C LEU B 174 43.40 -4.39 38.50
N ASN B 175 43.68 -5.59 38.98
CA ASN B 175 44.12 -6.69 38.13
C ASN B 175 43.02 -7.72 37.99
N ASN B 176 43.15 -8.57 36.97
CA ASN B 176 42.17 -9.63 36.72
C ASN B 176 42.83 -10.94 36.30
N ALA B 177 44.03 -11.23 36.81
CA ALA B 177 44.73 -12.45 36.43
C ALA B 177 44.27 -13.64 37.25
N THR B 178 44.46 -13.59 38.56
CA THR B 178 44.17 -14.73 39.43
C THR B 178 42.71 -14.74 39.86
N SER B 179 42.28 -15.83 40.51
CA SER B 179 40.92 -15.90 41.01
C SER B 179 40.68 -14.85 42.09
N ALA B 180 41.63 -14.68 43.00
CA ALA B 180 41.45 -13.73 44.09
C ALA B 180 41.48 -12.29 43.58
N ASN B 181 42.21 -12.05 42.49
CA ASN B 181 42.33 -10.68 41.97
C ASN B 181 40.98 -10.15 41.49
N ARG B 182 40.22 -10.97 40.79
CA ARG B 182 38.92 -10.51 40.29
C ARG B 182 37.91 -10.32 41.41
N ALA B 183 37.93 -11.19 42.42
CA ALA B 183 36.99 -11.06 43.52
C ALA B 183 37.22 -9.76 44.30
N SER B 184 38.48 -9.41 44.53
CA SER B 184 38.78 -8.17 45.25
C SER B 184 38.40 -6.95 44.41
N SER B 185 38.61 -7.02 43.10
CA SER B 185 38.30 -5.88 42.24
C SER B 185 36.80 -5.59 42.22
N LEU B 186 35.98 -6.64 42.19
CA LEU B 186 34.53 -6.45 42.11
C LEU B 186 33.99 -5.73 43.33
N ALA B 187 34.48 -6.05 44.52
CA ALA B 187 33.98 -5.43 45.74
C ALA B 187 34.28 -3.94 45.77
N LYS B 188 35.48 -3.54 45.31
CA LYS B 188 35.87 -2.14 45.39
C LYS B 188 35.04 -1.28 44.44
N ILE B 189 34.72 -1.80 43.26
CA ILE B 189 33.87 -1.05 42.34
C ILE B 189 32.48 -0.86 42.91
N ASP B 190 31.92 -1.90 43.53
CA ASP B 190 30.60 -1.77 44.15
C ASP B 190 30.61 -0.74 45.27
N ALA B 191 31.66 -0.74 46.09
CA ALA B 191 31.77 0.28 47.13
C ALA B 191 31.96 1.66 46.53
N ALA B 192 32.57 1.76 45.35
CA ALA B 192 32.76 3.05 44.71
C ALA B 192 31.43 3.67 44.30
N ILE B 193 30.52 2.86 43.74
CA ILE B 193 29.22 3.39 43.32
C ILE B 193 28.42 3.86 44.53
N LYS B 194 28.51 3.15 45.65
CA LYS B 194 27.78 3.57 46.84
C LYS B 194 28.27 4.92 47.34
N THR B 195 29.58 5.15 47.33
CA THR B 195 30.10 6.41 47.84
C THR B 195 29.66 7.58 46.99
N ILE B 196 29.68 7.43 45.66
CA ILE B 196 29.21 8.49 44.78
C ILE B 196 27.72 8.73 44.96
N ASP B 197 26.96 7.64 45.14
CA ASP B 197 25.51 7.77 45.30
C ASP B 197 25.16 8.60 46.51
N SER B 198 25.84 8.36 47.64
CA SER B 198 25.58 9.13 48.85
C SER B 198 25.96 10.60 48.66
N GLN B 199 27.03 10.85 47.90
CA GLN B 199 27.46 12.22 47.66
C GLN B 199 26.42 12.99 46.84
N ARG B 200 25.84 12.34 45.84
CA ARG B 200 24.83 13.00 45.02
C ARG B 200 23.59 13.34 45.83
N ALA B 201 23.18 12.44 46.73
CA ALA B 201 22.03 12.70 47.57
C ALA B 201 22.26 13.90 48.48
N ASP B 202 23.47 14.02 49.02
CA ASP B 202 23.79 15.16 49.87
C ASP B 202 23.72 16.47 49.11
N LEU B 203 24.21 16.50 47.88
CA LEU B 203 24.16 17.72 47.09
C LEU B 203 22.75 18.05 46.63
N GLY B 204 21.93 17.03 46.34
CA GLY B 204 20.56 17.29 45.96
C GLY B 204 19.73 17.88 47.08
N ALA B 205 19.97 17.45 48.32
CA ALA B 205 19.21 17.97 49.45
C ALA B 205 19.49 19.45 49.67
N VAL B 206 20.74 19.87 49.48
CA VAL B 206 21.10 21.28 49.70
C VAL B 206 20.39 22.16 48.69
N GLN B 207 20.36 21.76 47.41
CA GLN B 207 19.73 22.60 46.40
C GLN B 207 18.21 22.54 46.47
N ASN B 208 17.64 21.44 46.96
CA ASN B 208 16.23 21.48 47.37
C ASN B 208 16.05 22.44 48.54
N ARG B 209 17.00 22.44 49.47
CA ARG B 209 16.95 23.38 50.58
C ARG B 209 17.08 24.82 50.11
N LEU B 210 18.01 25.09 49.20
CA LEU B 210 18.22 26.47 48.75
C LEU B 210 17.05 27.02 47.97
N ALA B 211 16.32 26.17 47.23
CA ALA B 211 15.19 26.64 46.46
C ALA B 211 14.10 27.24 47.35
N HIS B 212 13.91 26.68 48.53
CA HIS B 212 12.88 27.17 49.43
C HIS B 212 13.27 28.51 50.07
N ASN B 213 14.56 28.76 50.26
CA ASN B 213 14.99 30.07 50.75
C ASN B 213 14.65 31.18 49.77
N ILE B 214 14.88 30.95 48.48
CA ILE B 214 14.62 31.97 47.48
C ILE B 214 13.15 32.34 47.44
N SER B 215 12.28 31.34 47.46
CA SER B 215 10.84 31.61 47.43
C SER B 215 10.42 32.38 48.68
N ASN B 216 10.93 31.99 49.84
CA ASN B 216 10.62 32.72 51.07
C ASN B 216 11.17 34.14 51.03
N SER B 217 12.39 34.32 50.54
CA SER B 217 12.97 35.66 50.47
C SER B 217 12.24 36.55 49.47
N ALA B 218 11.75 35.97 48.37
CA ALA B 218 10.98 36.77 47.42
C ALA B 218 9.67 37.25 48.04
N ASN B 219 9.01 36.39 48.82
CA ASN B 219 7.77 36.79 49.47
C ASN B 219 8.02 37.88 50.50
N THR B 220 9.01 37.69 51.38
CA THR B 220 9.24 38.66 52.44
C THR B 220 9.71 39.99 51.90
N GLN B 221 10.37 40.00 50.74
CA GLN B 221 10.80 41.26 50.14
C GLN B 221 9.61 42.13 49.76
N ALA B 222 8.57 41.52 49.20
CA ALA B 222 7.39 42.27 48.78
C ALA B 222 6.68 42.89 49.97
N ASN B 223 6.52 42.13 51.05
CA ASN B 223 5.82 42.65 52.22
C ASN B 223 6.58 43.77 52.91
N VAL B 224 7.92 43.70 52.96
CA VAL B 224 8.69 44.80 53.52
C VAL B 224 8.57 46.05 52.66
N ALA B 225 8.49 45.87 51.34
CA ALA B 225 8.28 47.02 50.46
C ALA B 225 6.95 47.69 50.75
N ASP B 226 5.91 46.90 51.05
CA ASP B 226 4.64 47.46 51.50
C ASP B 226 4.84 48.32 52.74
N ALA B 227 5.50 47.78 53.76
CA ALA B 227 5.66 48.49 55.02
C ALA B 227 6.46 49.77 54.84
N LYS B 228 7.49 49.72 54.01
CA LYS B 228 8.36 50.88 53.82
C LYS B 228 7.70 52.01 53.04
N SER B 229 6.79 51.68 52.12
CA SER B 229 6.16 52.73 51.34
C SER B 229 5.12 53.51 52.14
N ARG B 230 4.44 52.85 53.08
CA ARG B 230 3.42 53.55 53.86
C ARG B 230 4.03 54.64 54.73
N ILE B 231 5.33 54.56 54.99
CA ILE B 231 5.98 55.50 55.89
C ILE B 231 6.58 56.68 55.15
N VAL B 232 7.27 56.44 54.02
CA VAL B 232 8.06 57.48 53.37
C VAL B 232 7.44 58.02 52.09
N ASP B 233 6.42 57.37 51.55
CA ASP B 233 5.90 57.73 50.24
C ASP B 233 4.66 58.60 50.39
N VAL B 234 4.48 59.51 49.42
CA VAL B 234 3.34 60.42 49.44
C VAL B 234 2.14 59.76 48.79
N ASP B 235 0.95 60.21 49.19
CA ASP B 235 -0.29 59.86 48.52
C ASP B 235 -0.70 61.06 47.68
N PHE B 236 -0.73 60.88 46.35
CA PHE B 236 -0.99 62.01 45.48
C PHE B 236 -2.38 62.59 45.68
N ALA B 237 -3.34 61.75 46.06
CA ALA B 237 -4.68 62.24 46.36
C ALA B 237 -4.62 63.24 47.51
N LYS B 238 -3.87 62.89 48.56
CA LYS B 238 -3.69 63.81 49.67
C LYS B 238 -2.89 65.04 49.25
N GLU B 239 -1.82 64.84 48.48
CA GLU B 239 -0.92 65.96 48.18
C GLU B 239 -1.52 66.91 47.15
N THR B 240 -2.20 66.39 46.14
CA THR B 240 -2.76 67.27 45.11
C THR B 240 -3.80 68.20 45.68
N SER B 241 -4.64 67.69 46.59
CA SER B 241 -5.65 68.54 47.22
C SER B 241 -5.00 69.67 48.01
N ALA B 242 -3.94 69.35 48.75
CA ALA B 242 -3.25 70.38 49.53
C ALA B 242 -2.61 71.43 48.62
N MET B 243 -2.01 71.00 47.51
CA MET B 243 -1.37 71.94 46.60
C MET B 243 -2.37 72.92 46.00
N THR B 244 -3.49 72.41 45.50
CA THR B 244 -4.56 73.28 45.05
C THR B 244 -5.15 74.08 46.21
N LYS B 245 -5.07 73.53 47.42
CA LYS B 245 -5.67 74.18 48.57
C LYS B 245 -4.97 75.49 48.87
N TYR B 246 -3.64 75.49 48.77
CA TYR B 246 -2.82 76.67 49.08
C TYR B 246 -2.74 77.65 47.92
N GLN B 247 -2.96 77.21 46.68
CA GLN B 247 -2.94 78.13 45.55
C GLN B 247 -4.02 79.19 45.70
N VAL B 248 -5.22 78.78 46.12
CA VAL B 248 -6.31 79.72 46.33
C VAL B 248 -5.96 80.69 47.45
N LEU B 249 -5.38 80.16 48.54
CA LEU B 249 -5.03 81.02 49.67
C LEU B 249 -3.99 82.06 49.30
N GLN B 250 -3.10 81.74 48.34
CA GLN B 250 -2.09 82.70 47.92
C GLN B 250 -2.73 83.88 47.21
N GLN B 251 -3.62 83.62 46.26
CA GLN B 251 -4.28 84.70 45.55
C GLN B 251 -5.19 85.50 46.47
N THR B 252 -5.84 84.82 47.43
CA THR B 252 -6.61 85.53 48.44
C THR B 252 -5.71 86.42 49.29
N GLY B 253 -4.56 85.90 49.70
CA GLY B 253 -3.65 86.69 50.52
C GLY B 253 -3.08 87.90 49.79
N SER B 254 -2.78 87.75 48.49
CA SER B 254 -2.22 88.87 47.73
C SER B 254 -3.23 89.99 47.55
N ALA B 255 -4.49 89.67 47.26
CA ALA B 255 -5.50 90.70 47.12
C ALA B 255 -5.76 91.41 48.44
N MET B 256 -5.79 90.67 49.56
CA MET B 256 -6.01 91.30 50.85
C MET B 256 -4.85 92.21 51.23
N LEU B 257 -3.61 91.77 50.97
CA LEU B 257 -2.46 92.59 51.33
C LEU B 257 -2.38 93.85 50.48
N ALA B 258 -2.63 93.75 49.18
CA ALA B 258 -2.57 94.94 48.32
C ALA B 258 -3.64 95.95 48.73
N GLN B 259 -4.83 95.47 49.07
CA GLN B 259 -5.91 96.38 49.44
C GLN B 259 -5.71 96.94 50.84
N ALA B 260 -5.07 96.18 51.73
CA ALA B 260 -4.81 96.67 53.08
C ALA B 260 -3.71 97.72 53.08
N ASN B 261 -2.86 97.73 52.05
CA ASN B 261 -1.78 98.70 51.99
C ASN B 261 -2.27 100.12 51.76
N GLN B 262 -3.39 100.30 51.10
CA GLN B 262 -3.92 101.64 50.82
C GLN B 262 -4.98 102.07 51.81
N LEU B 263 -5.03 101.45 52.99
CA LEU B 263 -5.83 101.94 54.09
C LEU B 263 -5.43 103.35 54.56
N PRO B 264 -4.14 103.66 54.73
CA PRO B 264 -3.79 104.99 55.25
C PRO B 264 -4.12 106.16 54.34
N GLN B 265 -4.55 105.91 53.11
CA GLN B 265 -4.92 107.01 52.22
C GLN B 265 -6.18 107.74 52.67
N VAL B 266 -6.91 107.20 53.64
CA VAL B 266 -8.04 107.92 54.21
C VAL B 266 -7.58 109.23 54.83
N ALA B 267 -6.37 109.25 55.40
CA ALA B 267 -5.85 110.46 56.04
C ALA B 267 -5.72 111.63 55.07
N LEU B 268 -5.56 111.37 53.78
CA LEU B 268 -5.50 112.44 52.79
C LEU B 268 -6.85 113.08 52.53
N SER B 269 -7.95 112.38 52.83
CA SER B 269 -9.26 112.97 52.61
C SER B 269 -9.56 114.10 53.59
N LEU B 270 -9.03 114.00 54.81
CA LEU B 270 -9.31 115.01 55.85
C LEU B 270 -8.30 116.15 55.75
N LEU B 271 -8.23 116.72 54.55
CA LEU B 271 -7.44 117.93 54.30
C LEU B 271 -5.99 117.72 54.70
N GLY B 272 -5.29 116.86 53.97
CA GLY B 272 -3.87 116.64 54.19
C GLY B 272 -3.50 116.10 55.56
N ALA C 1 -13.72 156.92 82.52
CA ALA C 1 -12.91 155.76 82.17
C ALA C 1 -12.46 155.84 80.72
N ILE C 2 -12.06 157.03 80.29
CA ILE C 2 -11.56 157.23 78.93
C ILE C 2 -10.10 157.64 78.99
N THR C 3 -9.21 156.68 78.80
CA THR C 3 -7.78 156.93 78.93
C THR C 3 -7.08 156.80 77.59
N VAL C 4 -5.92 157.46 77.49
CA VAL C 4 -5.14 157.43 76.26
C VAL C 4 -3.70 157.02 76.56
N ASN C 5 -3.46 156.44 77.74
CA ASN C 5 -2.14 155.96 78.10
C ASN C 5 -2.03 154.45 78.21
N THR C 6 -3.10 153.76 78.61
CA THR C 6 -3.09 152.30 78.69
C THR C 6 -4.34 151.75 78.03
N ASN C 7 -4.17 150.68 77.26
CA ASN C 7 -5.26 149.97 76.59
C ASN C 7 -5.27 148.54 77.09
N VAL C 8 -5.95 148.30 78.21
CA VAL C 8 -6.01 146.97 78.80
C VAL C 8 -6.81 146.03 77.92
N THR C 9 -7.77 146.56 77.16
CA THR C 9 -8.51 145.74 76.21
C THR C 9 -7.55 145.13 75.19
N SER C 10 -6.57 145.91 74.72
CA SER C 10 -5.56 145.39 73.82
C SER C 10 -4.71 144.34 74.50
N MET C 11 -4.34 144.57 75.76
CA MET C 11 -3.49 143.62 76.48
C MET C 11 -4.15 142.25 76.59
N LYS C 12 -5.44 142.22 76.94
CA LYS C 12 -6.15 140.96 77.00
C LYS C 12 -6.32 140.34 75.61
N ALA C 13 -6.59 141.18 74.61
CA ALA C 13 -6.74 140.67 73.24
C ALA C 13 -5.45 140.08 72.72
N GLN C 14 -4.30 140.69 73.05
CA GLN C 14 -3.02 140.17 72.57
C GLN C 14 -2.75 138.77 73.11
N LYS C 15 -3.06 138.55 74.39
CA LYS C 15 -2.78 137.25 75.00
C LYS C 15 -3.59 136.14 74.33
N ASN C 16 -4.84 136.42 74.01
CA ASN C 16 -5.69 135.40 73.40
C ASN C 16 -5.17 135.03 72.01
N LEU C 17 -4.69 136.02 71.25
CA LEU C 17 -4.14 135.73 69.93
C LEU C 17 -2.88 134.87 70.02
N ASN C 18 -2.04 135.13 71.03
CA ASN C 18 -0.83 134.34 71.19
C ASN C 18 -1.16 132.89 71.49
N THR C 19 -2.17 132.64 72.34
CA THR C 19 -2.55 131.28 72.67
C THR C 19 -3.09 130.54 71.44
N SER C 20 -3.91 131.20 70.63
CA SER C 20 -4.46 130.56 69.45
C SER C 20 -3.39 130.31 68.39
N ASN C 21 -2.40 131.18 68.28
CA ASN C 21 -1.31 130.97 67.33
C ASN C 21 -0.40 129.82 67.75
N SER C 22 -0.12 129.69 69.05
CA SER C 22 0.72 128.60 69.53
C SER C 22 0.05 127.25 69.35
N GLY C 23 -1.26 127.17 69.56
CA GLY C 23 -1.99 125.94 69.35
C GLY C 23 -2.01 125.51 67.90
N LEU C 24 -2.13 126.48 67.00
CA LEU C 24 -2.09 126.17 65.57
C LEU C 24 -0.73 125.61 65.17
N SER C 25 0.34 126.20 65.71
CA SER C 25 1.68 125.77 65.35
C SER C 25 1.94 124.33 65.80
N THR C 26 1.57 124.00 67.03
CA THR C 26 1.86 122.67 67.55
C THR C 26 1.05 121.59 66.83
N SER C 27 -0.11 121.95 66.29
CA SER C 27 -0.91 120.96 65.56
C SER C 27 -0.29 120.64 64.20
N MET C 28 0.35 121.62 63.56
CA MET C 28 0.94 121.37 62.25
C MET C 28 2.12 120.42 62.33
N GLU C 29 2.98 120.57 63.34
CA GLU C 29 4.15 119.70 63.44
C GLU C 29 3.78 118.28 63.81
N ARG C 30 2.73 118.11 64.62
CA ARG C 30 2.22 116.76 64.87
C ARG C 30 1.67 116.13 63.60
N LEU C 31 1.00 116.91 62.76
CA LEU C 31 0.49 116.40 61.48
C LEU C 31 1.60 116.19 60.46
N SER C 32 2.66 117.00 60.48
CA SER C 32 3.69 116.89 59.47
C SER C 32 4.60 115.69 59.70
N SER C 33 4.69 115.19 60.92
CA SER C 33 5.51 114.03 61.24
C SER C 33 4.66 112.79 61.48
N GLY C 34 3.64 112.89 62.31
CA GLY C 34 2.77 111.76 62.58
C GLY C 34 2.97 111.19 63.96
N LEU C 35 3.56 111.97 64.85
CA LEU C 35 3.85 111.54 66.20
C LEU C 35 3.23 112.51 67.20
N ARG C 36 2.51 111.96 68.17
CA ARG C 36 1.97 112.79 69.25
C ARG C 36 3.07 113.28 70.18
N ILE C 37 3.96 112.38 70.60
CA ILE C 37 5.05 112.75 71.49
C ILE C 37 6.27 113.14 70.66
N ASN C 38 6.30 114.39 70.21
CA ASN C 38 7.45 114.89 69.47
C ASN C 38 8.59 115.20 70.44
N SER C 39 8.30 116.00 71.46
CA SER C 39 9.27 116.35 72.48
C SER C 39 8.79 115.89 73.85
N ALA C 40 9.55 116.24 74.87
CA ALA C 40 9.20 115.93 76.24
C ALA C 40 8.15 116.88 76.82
N LYS C 41 7.62 117.80 76.00
CA LYS C 41 6.49 118.60 76.45
C LYS C 41 5.34 117.69 76.86
N ASP C 42 5.07 116.68 76.05
CA ASP C 42 3.94 115.78 76.18
C ASP C 42 4.22 114.70 77.21
N ASP C 43 3.47 113.60 77.15
CA ASP C 43 3.54 112.56 78.16
C ASP C 43 4.99 112.19 78.50
N ALA C 44 5.39 112.50 79.72
CA ALA C 44 6.74 112.15 80.17
C ALA C 44 6.90 110.65 80.31
N ALA C 45 5.86 109.98 80.81
CA ALA C 45 5.89 108.53 80.94
C ALA C 45 5.71 107.83 79.62
N GLY C 46 5.03 108.45 78.66
CA GLY C 46 4.79 107.80 77.37
C GLY C 46 6.08 107.54 76.60
N LEU C 47 6.98 108.52 76.58
CA LEU C 47 8.21 108.35 75.82
C LEU C 47 9.11 107.30 76.46
N ALA C 48 9.12 107.22 77.78
CA ALA C 48 9.90 106.20 78.47
C ALA C 48 9.39 104.80 78.14
N ILE C 49 8.07 104.62 78.17
CA ILE C 49 7.49 103.32 77.83
C ILE C 49 7.76 102.99 76.37
N SER C 50 7.62 103.97 75.48
CA SER C 50 7.80 103.72 74.06
C SER C 50 9.22 103.28 73.74
N ASN C 51 10.20 103.79 74.50
CA ASN C 51 11.60 103.42 74.26
C ASN C 51 11.82 101.93 74.50
N ARG C 52 11.26 101.39 75.58
CA ARG C 52 11.37 99.95 75.81
C ARG C 52 10.57 99.14 74.80
N LEU C 53 9.39 99.61 74.40
CA LEU C 53 8.65 98.94 73.34
C LEU C 53 9.40 98.99 72.02
N ASN C 54 10.07 100.11 71.74
CA ASN C 54 10.89 100.19 70.54
C ASN C 54 12.04 99.19 70.58
N SER C 55 12.64 98.99 71.75
CA SER C 55 13.70 98.00 71.89
C SER C 55 13.18 96.59 71.62
N GLN C 56 11.97 96.27 72.10
CA GLN C 56 11.42 94.94 71.87
C GLN C 56 11.13 94.70 70.39
N VAL C 57 10.57 95.70 69.70
CA VAL C 57 10.23 95.54 68.29
C VAL C 57 11.50 95.33 67.47
N ARG C 58 12.49 96.20 67.66
CA ARG C 58 13.74 96.05 66.92
C ARG C 58 14.55 94.87 67.43
N GLY C 59 14.45 94.58 68.73
CA GLY C 59 15.16 93.43 69.27
C GLY C 59 14.67 92.12 68.68
N LEU C 60 13.35 91.98 68.52
CA LEU C 60 12.82 90.76 67.91
C LEU C 60 13.23 90.64 66.45
N GLU C 61 13.25 91.76 65.72
CA GLU C 61 13.58 91.70 64.29
C GLU C 61 14.98 91.16 64.07
N VAL C 62 15.94 91.59 64.88
CA VAL C 62 17.28 91.02 64.80
C VAL C 62 17.26 89.56 65.27
N GLY C 63 16.44 89.27 66.28
CA GLY C 63 16.33 87.90 66.76
C GLY C 63 15.76 86.94 65.72
N MET C 64 14.84 87.45 64.90
CA MET C 64 14.29 86.62 63.82
C MET C 64 15.38 86.20 62.84
N ARG C 65 16.20 87.16 62.39
CA ARG C 65 17.30 86.82 61.49
C ARG C 65 18.33 85.94 62.18
N ASN C 66 18.46 86.07 63.49
CA ASN C 66 19.40 85.21 64.23
C ASN C 66 19.01 83.74 64.14
N ALA C 67 17.71 83.44 64.19
CA ALA C 67 17.23 82.07 64.12
C ALA C 67 17.17 81.53 62.70
N ASN C 68 16.89 82.38 61.71
CA ASN C 68 16.97 81.94 60.31
C ASN C 68 18.36 81.46 59.95
N ASP C 69 19.40 82.05 60.54
CA ASP C 69 20.76 81.59 60.37
C ASP C 69 20.98 80.20 60.95
N ALA C 70 20.41 79.93 62.13
CA ALA C 70 20.57 78.61 62.74
C ALA C 70 19.89 77.53 61.93
N ILE C 71 18.76 77.86 61.29
CA ILE C 71 18.04 76.90 60.47
C ILE C 71 18.91 76.48 59.30
N SER C 72 19.58 77.44 58.67
CA SER C 72 20.41 77.14 57.51
C SER C 72 21.59 76.23 57.89
N ILE C 73 22.22 76.48 59.04
CA ILE C 73 23.33 75.62 59.46
C ILE C 73 22.85 74.19 59.67
N ALA C 74 21.73 74.00 60.37
CA ALA C 74 21.20 72.67 60.56
C ALA C 74 20.75 72.04 59.24
N GLN C 75 20.34 72.86 58.28
CA GLN C 75 19.92 72.34 56.98
C GLN C 75 21.09 71.75 56.21
N ILE C 76 22.24 72.42 56.24
CA ILE C 76 23.39 71.94 55.47
C ILE C 76 23.97 70.66 56.08
N ALA C 77 24.09 70.61 57.41
CA ALA C 77 24.65 69.44 58.05
C ALA C 77 23.78 68.21 57.80
N GLU C 78 22.46 68.39 57.87
CA GLU C 78 21.55 67.27 57.61
C GLU C 78 21.69 66.76 56.19
N GLY C 79 21.85 67.66 55.22
CA GLY C 79 21.99 67.24 53.84
C GLY C 79 23.22 66.40 53.60
N ALA C 80 24.33 66.76 54.23
CA ALA C 80 25.58 66.01 54.03
C ALA C 80 25.50 64.61 54.64
N MET C 81 24.83 64.46 55.78
CA MET C 81 24.75 63.15 56.41
C MET C 81 23.91 62.17 55.60
N GLN C 82 23.00 62.68 54.77
CA GLN C 82 22.23 61.79 53.92
C GLN C 82 23.12 61.05 52.93
N GLU C 83 24.10 61.74 52.35
CA GLU C 83 24.97 61.09 51.39
C GLU C 83 25.91 60.09 52.06
N GLN C 84 26.30 60.35 53.30
CA GLN C 84 27.11 59.38 54.03
C GLN C 84 26.31 58.11 54.31
N THR C 85 25.00 58.24 54.52
CA THR C 85 24.17 57.08 54.76
C THR C 85 24.06 56.19 53.52
N ASN C 86 23.91 56.77 52.34
CA ASN C 86 23.80 55.97 51.12
C ASN C 86 25.08 55.19 50.82
N MET C 87 26.24 55.81 50.99
CA MET C 87 27.48 55.09 50.75
C MET C 87 27.73 54.00 51.78
N LEU C 88 27.30 54.20 53.04
CA LEU C 88 27.42 53.14 54.03
C LEU C 88 26.55 51.94 53.68
N GLN C 89 25.39 52.18 53.08
CA GLN C 89 24.53 51.06 52.65
C GLN C 89 25.20 50.24 51.57
N ARG C 90 25.91 50.89 50.63
CA ARG C 90 26.62 50.16 49.60
C ARG C 90 27.75 49.32 50.18
N MET C 91 28.39 49.79 51.25
CA MET C 91 29.42 48.98 51.91
C MET C 91 28.83 47.72 52.52
N ARG C 92 27.58 47.79 53.02
CA ARG C 92 26.93 46.60 53.55
C ARG C 92 26.74 45.54 52.47
N ASP C 93 26.32 45.95 51.27
CA ASP C 93 26.11 44.99 50.19
C ASP C 93 27.41 44.34 49.77
N LEU C 94 28.50 45.11 49.71
CA LEU C 94 29.79 44.52 49.34
C LEU C 94 30.28 43.51 50.36
N THR C 95 30.09 43.78 51.65
CA THR C 95 30.43 42.79 52.67
C THR C 95 29.59 41.54 52.56
N ILE C 96 28.29 41.67 52.28
CA ILE C 96 27.47 40.49 52.03
C ILE C 96 27.91 39.80 50.75
N GLN C 97 28.20 40.56 49.69
CA GLN C 97 28.67 39.98 48.44
C GLN C 97 30.04 39.32 48.58
N SER C 98 30.86 39.78 49.51
CA SER C 98 32.21 39.26 49.69
C SER C 98 32.24 37.95 50.47
N GLU C 99 31.10 37.28 50.64
CA GLU C 99 31.03 36.12 51.50
C GLU C 99 30.75 34.86 50.66
N ASN C 100 30.78 34.98 49.33
CA ASN C 100 30.63 33.81 48.47
C ASN C 100 31.75 32.82 48.69
N GLY C 101 31.44 31.54 48.55
CA GLY C 101 32.46 30.52 48.59
C GLY C 101 33.00 30.21 47.21
N ALA C 102 32.45 30.86 46.19
CA ALA C 102 32.95 30.71 44.82
C ALA C 102 33.91 31.81 44.42
N ASN C 103 34.20 32.74 45.32
CA ASN C 103 35.15 33.80 45.02
C ASN C 103 36.56 33.23 45.10
N SER C 104 37.55 34.09 44.94
CA SER C 104 38.94 33.68 45.06
C SER C 104 39.71 34.79 45.76
N THR C 105 40.99 34.54 46.01
CA THR C 105 41.81 35.55 46.69
C THR C 105 41.90 36.83 45.87
N ALA C 106 42.03 36.70 44.55
CA ALA C 106 42.06 37.88 43.68
C ALA C 106 40.72 38.59 43.63
N ASP C 107 39.62 37.86 43.77
CA ASP C 107 38.29 38.48 43.73
C ASP C 107 38.04 39.33 44.96
N LEU C 108 38.49 38.87 46.13
CA LEU C 108 38.27 39.62 47.35
C LEU C 108 39.05 40.93 47.35
N VAL C 109 40.21 40.96 46.69
CA VAL C 109 40.99 42.18 46.61
C VAL C 109 40.25 43.26 45.82
N SER C 110 39.62 42.88 44.71
CA SER C 110 38.87 43.85 43.91
C SER C 110 37.71 44.46 44.69
N ILE C 111 37.02 43.67 45.50
CA ILE C 111 35.93 44.22 46.30
C ILE C 111 36.46 45.19 47.34
N LYS C 112 37.61 44.87 47.94
CA LYS C 112 38.19 45.78 48.92
C LYS C 112 38.61 47.10 48.29
N ALA C 113 39.14 47.05 47.06
CA ALA C 113 39.53 48.27 46.37
C ALA C 113 38.35 49.21 46.13
N GLU C 114 37.13 48.70 46.13
CA GLU C 114 35.93 49.51 46.05
C GLU C 114 35.52 50.05 47.43
N MET C 115 35.49 49.19 48.44
CA MET C 115 35.19 49.63 49.79
C MET C 115 36.17 50.70 50.24
N ASP C 116 37.43 50.58 49.85
CA ASP C 116 38.45 51.50 50.31
C ASP C 116 38.19 52.92 49.83
N GLN C 117 37.77 53.08 48.57
CA GLN C 117 37.50 54.42 48.07
C GLN C 117 36.22 55.02 48.60
N LEU C 118 35.21 54.21 48.90
CA LEU C 118 33.99 54.74 49.51
C LEU C 118 34.26 55.32 50.89
N ALA C 119 35.12 54.69 51.68
CA ALA C 119 35.49 55.24 52.98
C ALA C 119 36.27 56.54 52.87
N THR C 120 37.00 56.73 51.77
CA THR C 120 37.72 57.98 51.57
C THR C 120 36.77 59.17 51.42
N GLU C 121 35.65 58.99 50.73
CA GLU C 121 34.70 60.08 50.59
C GLU C 121 33.96 60.41 51.88
N ILE C 122 33.68 59.41 52.71
CA ILE C 122 33.09 59.70 54.01
C ILE C 122 34.01 60.63 54.79
N ASP C 123 35.32 60.42 54.68
CA ASP C 123 36.28 61.40 55.16
C ASP C 123 36.17 62.72 54.41
N SER C 124 36.01 62.67 53.09
CA SER C 124 36.05 63.89 52.29
C SER C 124 34.84 64.79 52.54
N ILE C 125 33.64 64.21 52.68
CA ILE C 125 32.49 65.03 53.00
C ILE C 125 32.62 65.63 54.39
N GLY C 126 33.11 64.85 55.35
CA GLY C 126 33.27 65.32 56.71
C GLY C 126 34.18 66.53 56.83
N ASN C 127 35.24 66.57 56.02
CA ASN C 127 36.20 67.66 56.07
C ASN C 127 35.85 68.81 55.12
N SER C 128 34.76 68.72 54.37
CA SER C 128 34.46 69.73 53.36
C SER C 128 33.22 70.55 53.71
N THR C 129 32.19 69.90 54.25
CA THR C 129 30.92 70.56 54.52
C THR C 129 31.12 71.80 55.38
N ALA C 130 30.79 72.96 54.82
CA ALA C 130 31.09 74.22 55.49
C ALA C 130 30.01 75.24 55.18
N PHE C 131 29.91 76.25 56.04
CA PHE C 131 28.98 77.36 55.88
C PHE C 131 29.83 78.57 55.50
N GLY C 132 30.07 78.73 54.20
CA GLY C 132 30.94 79.79 53.74
C GLY C 132 32.39 79.48 54.00
N ASN C 133 32.82 79.54 55.26
CA ASN C 133 34.21 79.18 55.56
C ASN C 133 34.34 78.42 56.87
N THR C 134 33.25 78.06 57.54
CA THR C 134 33.31 77.38 58.83
C THR C 134 32.90 75.92 58.64
N LYS C 135 33.80 75.00 58.97
CA LYS C 135 33.56 73.57 58.84
C LYS C 135 32.60 73.13 59.93
N LEU C 136 31.53 72.41 59.56
CA LEU C 136 30.48 72.07 60.50
C LEU C 136 30.51 70.64 61.02
N LEU C 137 31.31 69.76 60.42
CA LEU C 137 31.29 68.35 60.80
C LEU C 137 32.63 67.88 61.35
N THR C 138 33.49 68.81 61.75
CA THR C 138 34.82 68.44 62.24
C THR C 138 35.00 68.74 63.73
N GLY C 139 33.90 68.86 64.47
CA GLY C 139 33.96 68.92 65.91
C GLY C 139 33.95 70.30 66.50
N THR C 140 33.94 71.35 65.69
CA THR C 140 33.87 72.70 66.24
C THR C 140 32.47 72.99 66.76
N PHE C 141 31.50 72.13 66.43
CA PHE C 141 30.17 72.20 67.01
C PHE C 141 29.92 71.03 67.95
N SER C 142 30.99 70.42 68.47
CA SER C 142 30.85 69.34 69.45
C SER C 142 30.19 69.81 70.74
N ALA C 143 30.58 70.98 71.23
CA ALA C 143 29.93 71.63 72.38
C ALA C 143 29.06 72.73 71.81
N GLY C 144 27.75 72.49 71.79
CA GLY C 144 26.80 73.32 71.07
C GLY C 144 27.02 74.80 71.11
N LYS C 145 27.00 75.44 69.94
CA LYS C 145 27.11 76.89 69.86
C LYS C 145 25.76 77.54 70.15
N VAL C 146 25.78 78.85 70.34
CA VAL C 146 24.64 79.57 70.90
C VAL C 146 24.16 80.63 69.92
N PHE C 147 22.84 80.67 69.72
CA PHE C 147 22.16 81.73 68.98
C PHE C 147 21.12 82.37 69.89
N GLN C 148 21.02 83.70 69.84
CA GLN C 148 20.08 84.44 70.67
C GLN C 148 18.86 84.82 69.82
N VAL C 149 17.68 84.38 70.25
CA VAL C 149 16.47 84.57 69.47
C VAL C 149 15.50 85.53 70.14
N GLY C 150 15.84 86.07 71.30
CA GLY C 150 15.02 87.04 71.99
C GLY C 150 15.73 88.39 72.01
N HIS C 151 15.13 89.33 72.76
CA HIS C 151 15.73 90.65 72.89
C HIS C 151 16.38 90.88 74.24
N GLN C 152 16.46 89.86 75.10
CA GLN C 152 17.10 89.97 76.39
C GLN C 152 18.06 88.81 76.61
N GLU C 153 18.91 88.95 77.62
CA GLU C 153 19.87 87.91 77.93
C GLU C 153 19.17 86.63 78.36
N GLY C 154 19.73 85.50 77.99
CA GLY C 154 19.21 84.21 78.38
C GLY C 154 18.22 83.59 77.43
N GLU C 155 17.83 84.30 76.37
CA GLU C 155 16.92 83.76 75.36
C GLU C 155 17.75 83.17 74.24
N ASP C 156 18.34 82.00 74.48
CA ASP C 156 19.29 81.41 73.55
C ASP C 156 18.86 80.00 73.14
N ILE C 157 19.32 79.59 71.97
CA ILE C 157 19.13 78.25 71.45
C ILE C 157 20.50 77.65 71.15
N LYS C 158 20.66 76.37 71.48
CA LYS C 158 21.93 75.69 71.34
C LYS C 158 21.83 74.60 70.28
N VAL C 159 22.77 74.62 69.33
CA VAL C 159 22.84 73.64 68.26
C VAL C 159 24.12 72.85 68.41
N THR C 160 24.01 71.53 68.55
CA THR C 160 25.16 70.66 68.75
C THR C 160 25.26 69.69 67.56
N VAL C 161 26.44 69.66 66.93
CA VAL C 161 26.72 68.74 65.83
C VAL C 161 27.99 67.98 66.18
N LYS C 162 27.86 66.69 66.43
CA LYS C 162 29.02 65.88 66.76
C LYS C 162 29.83 65.58 65.50
N ALA C 163 31.13 65.34 65.69
CA ALA C 163 32.01 65.08 64.57
C ALA C 163 31.63 63.76 63.90
N SER C 164 31.62 63.77 62.57
CA SER C 164 31.24 62.59 61.78
C SER C 164 32.19 62.47 60.60
N ASN C 165 33.15 61.56 60.71
CA ASN C 165 34.09 61.25 59.64
C ASN C 165 34.52 59.80 59.82
N LYS C 166 35.47 59.35 58.99
CA LYS C 166 35.76 57.92 58.94
C LYS C 166 36.41 57.42 60.23
N THR C 167 37.33 58.19 60.81
CA THR C 167 37.92 57.75 62.08
C THR C 167 36.90 57.81 63.20
N SER C 168 36.00 58.80 63.17
CA SER C 168 34.98 58.92 64.20
C SER C 168 34.02 57.74 64.19
N LEU C 169 33.57 57.32 63.01
CA LEU C 169 32.58 56.25 62.88
C LEU C 169 33.19 54.86 62.95
N SER C 170 34.45 54.76 63.39
CA SER C 170 35.14 53.49 63.56
C SER C 170 35.19 52.71 62.23
N VAL C 171 35.54 53.42 61.17
CA VAL C 171 35.84 52.79 59.88
C VAL C 171 37.17 53.34 59.38
N GLY C 172 37.77 52.66 58.42
CA GLY C 172 39.07 53.05 57.94
C GLY C 172 40.00 51.86 57.84
N ALA C 173 39.71 50.83 58.64
CA ALA C 173 40.40 49.55 58.57
C ALA C 173 39.35 48.46 58.50
N LEU C 174 38.94 48.11 57.29
CA LEU C 174 37.93 47.09 57.07
C LEU C 174 38.47 46.07 56.08
N ASN C 175 38.73 44.86 56.55
CA ASN C 175 39.20 43.77 55.71
C ASN C 175 38.10 42.75 55.54
N ASN C 176 38.25 41.89 54.52
CA ASN C 176 37.27 40.84 54.24
C ASN C 176 37.93 39.53 53.84
N ALA C 177 39.11 39.23 54.37
CA ALA C 177 39.83 38.01 53.99
C ALA C 177 39.34 36.82 54.80
N THR C 178 39.51 36.86 56.13
CA THR C 178 39.18 35.72 56.97
C THR C 178 37.72 35.72 57.36
N SER C 179 37.28 34.62 58.00
CA SER C 179 35.90 34.56 58.47
C SER C 179 35.63 35.60 59.54
N ALA C 180 36.56 35.77 60.49
CA ALA C 180 36.37 36.71 61.58
C ALA C 180 36.41 38.15 61.07
N ASN C 181 37.16 38.39 60.00
CA ASN C 181 37.30 39.75 59.49
C ASN C 181 35.97 40.31 58.99
N ARG C 182 35.20 39.49 58.25
CA ARG C 182 33.93 39.96 57.72
C ARG C 182 32.89 40.14 58.83
N ALA C 183 32.88 39.27 59.83
CA ALA C 183 31.92 39.40 60.91
C ALA C 183 32.14 40.68 61.69
N SER C 184 33.40 41.04 61.97
CA SER C 184 33.68 42.27 62.69
C SER C 184 33.32 43.49 61.85
N SER C 185 33.57 43.44 60.54
CA SER C 185 33.28 44.57 59.68
C SER C 185 31.79 44.87 59.62
N LEU C 186 30.96 43.82 59.58
CA LEU C 186 29.52 44.03 59.45
C LEU C 186 28.94 44.73 60.67
N ALA C 187 29.41 44.40 61.87
CA ALA C 187 28.88 45.04 63.08
C ALA C 187 29.19 46.53 63.12
N LYS C 188 30.39 46.91 62.70
CA LYS C 188 30.78 48.32 62.79
C LYS C 188 29.98 49.18 61.82
N ILE C 189 29.68 48.66 60.64
CA ILE C 189 28.87 49.42 59.69
C ILE C 189 27.46 49.62 60.23
N ASP C 190 26.88 48.58 60.83
CA ASP C 190 25.54 48.70 61.41
C ASP C 190 25.54 49.74 62.53
N ALA C 191 26.57 49.72 63.39
CA ALA C 191 26.66 50.73 64.43
C ALA C 191 26.86 52.12 63.84
N ALA C 192 27.51 52.22 62.69
CA ALA C 192 27.71 53.52 62.05
C ALA C 192 26.38 54.14 61.62
N ILE C 193 25.49 53.34 61.02
CA ILE C 193 24.21 53.87 60.58
C ILE C 193 23.39 54.34 61.77
N LYS C 194 23.43 53.63 62.89
CA LYS C 194 22.69 54.04 64.06
C LYS C 194 23.16 55.39 64.58
N THR C 195 24.47 55.61 64.61
CA THR C 195 25.00 56.87 65.13
C THR C 195 24.56 58.05 64.27
N ILE C 196 24.62 57.90 62.94
CA ILE C 196 24.18 58.97 62.06
C ILE C 196 22.69 59.21 62.21
N ASP C 197 21.92 58.12 62.36
CA ASP C 197 20.46 58.26 62.48
C ASP C 197 20.08 59.08 63.70
N SER C 198 20.74 58.84 64.84
CA SER C 198 20.44 59.61 66.04
C SER C 198 20.84 61.07 65.87
N GLN C 199 21.93 61.33 65.14
CA GLN C 199 22.36 62.70 64.91
C GLN C 199 21.35 63.47 64.08
N ARG C 200 20.80 62.83 63.05
CA ARG C 200 19.81 63.50 62.21
C ARG C 200 18.55 63.83 63.00
N ALA C 201 18.12 62.92 63.88
CA ALA C 201 16.94 63.18 64.69
C ALA C 201 17.16 64.38 65.60
N ASP C 202 18.36 64.50 66.19
CA ASP C 202 18.65 65.63 67.05
C ASP C 202 18.60 66.95 66.29
N LEU C 203 19.13 66.98 65.07
CA LEU C 203 19.10 68.21 64.29
C LEU C 203 17.69 68.54 63.80
N GLY C 204 16.89 67.53 63.48
CA GLY C 204 15.53 67.79 63.07
C GLY C 204 14.68 68.39 64.17
N ALA C 205 14.88 67.94 65.41
CA ALA C 205 14.10 68.46 66.53
C ALA C 205 14.38 69.94 66.75
N VAL C 206 15.63 70.36 66.60
CA VAL C 206 15.99 71.76 66.82
C VAL C 206 15.31 72.66 65.80
N GLN C 207 15.30 72.25 64.53
CA GLN C 207 14.70 73.11 63.52
C GLN C 207 13.18 73.04 63.54
N ASN C 208 12.60 71.94 64.02
CA ASN C 208 11.18 71.99 64.39
C ASN C 208 10.98 72.94 65.55
N ARG C 209 11.91 72.93 66.51
CA ARG C 209 11.83 73.87 67.63
C ARG C 209 11.97 75.31 67.17
N LEU C 210 12.93 75.59 66.27
CA LEU C 210 13.16 76.96 65.84
C LEU C 210 12.00 77.53 65.02
N ALA C 211 11.29 76.68 64.28
CA ALA C 211 10.18 77.17 63.47
C ALA C 211 9.08 77.75 64.34
N HIS C 212 8.85 77.19 65.52
CA HIS C 212 7.80 77.69 66.39
C HIS C 212 8.17 79.02 67.04
N ASN C 213 9.47 79.27 67.27
CA ASN C 213 9.89 80.56 67.78
C ASN C 213 9.57 81.69 66.79
N ILE C 214 9.83 81.45 65.51
CA ILE C 214 9.60 82.49 64.50
C ILE C 214 8.13 82.86 64.43
N SER C 215 7.26 81.86 64.42
CA SER C 215 5.82 82.14 64.36
C SER C 215 5.37 82.91 65.60
N ASN C 216 5.86 82.51 66.77
CA ASN C 216 5.52 83.24 67.99
C ASN C 216 6.07 84.65 67.99
N SER C 217 7.31 84.83 67.52
CA SER C 217 7.89 86.16 67.47
C SER C 217 7.19 87.06 66.46
N ALA C 218 6.73 86.50 65.35
CA ALA C 218 5.98 87.29 64.38
C ALA C 218 4.66 87.78 64.97
N ASN C 219 3.97 86.91 65.72
CA ASN C 219 2.72 87.32 66.36
C ASN C 219 2.95 88.40 67.39
N THR C 220 3.92 88.21 68.29
CA THR C 220 4.12 89.16 69.36
C THR C 220 4.62 90.51 68.83
N GLN C 221 5.30 90.52 67.70
CA GLN C 221 5.76 91.78 67.12
C GLN C 221 4.57 92.65 66.70
N ALA C 222 3.55 92.04 66.11
CA ALA C 222 2.38 92.81 65.67
C ALA C 222 1.64 93.42 66.85
N ASN C 223 1.45 92.65 67.92
CA ASN C 223 0.73 93.18 69.08
C ASN C 223 1.48 94.30 69.78
N VAL C 224 2.81 94.22 69.87
CA VAL C 224 3.57 95.30 70.46
C VAL C 224 3.48 96.56 69.59
N ALA C 225 3.43 96.39 68.28
CA ALA C 225 3.24 97.54 67.39
C ALA C 225 1.90 98.22 67.66
N ASP C 226 0.86 97.43 67.93
CA ASP C 226 -0.42 98.00 68.36
C ASP C 226 -0.25 98.85 69.60
N ALA C 227 0.38 98.30 70.64
CA ALA C 227 0.51 99.01 71.90
C ALA C 227 1.31 100.28 71.74
N LYS C 228 2.38 100.23 70.94
CA LYS C 228 3.26 101.38 70.77
C LYS C 228 2.61 102.52 69.98
N SER C 229 1.72 102.20 69.04
CA SER C 229 1.12 103.26 68.24
C SER C 229 0.06 104.03 69.03
N ARG C 230 -0.65 103.38 69.95
CA ARG C 230 -1.68 104.08 70.71
C ARG C 230 -1.09 105.15 71.59
N ILE C 231 0.21 105.07 71.88
CA ILE C 231 0.84 106.00 72.81
C ILE C 231 1.46 107.19 72.09
N VAL C 232 2.17 106.95 70.98
CA VAL C 232 2.98 107.99 70.35
C VAL C 232 2.39 108.54 69.06
N ASP C 233 1.38 107.90 68.49
CA ASP C 233 0.90 108.26 67.17
C ASP C 233 -0.34 109.13 67.28
N VAL C 234 -0.51 110.04 66.31
CA VAL C 234 -1.62 110.96 66.31
C VAL C 234 -2.82 110.32 65.63
N ASP C 235 -4.01 110.76 66.01
CA ASP C 235 -5.24 110.43 65.29
C ASP C 235 -5.62 111.63 64.46
N PHE C 236 -5.61 111.45 63.13
CA PHE C 236 -5.85 112.59 62.25
C PHE C 236 -7.25 113.16 62.43
N ALA C 237 -8.23 112.33 62.78
CA ALA C 237 -9.56 112.83 63.04
C ALA C 237 -9.52 113.82 64.20
N LYS C 238 -8.81 113.46 65.26
CA LYS C 238 -8.64 114.38 66.38
C LYS C 238 -7.84 115.61 65.99
N GLU C 239 -6.75 115.42 65.24
CA GLU C 239 -5.84 116.52 64.97
C GLU C 239 -6.41 117.49 63.94
N THR C 240 -7.07 116.97 62.90
CA THR C 240 -7.60 117.85 61.87
C THR C 240 -8.66 118.78 62.42
N SER C 241 -9.52 118.27 63.30
CA SER C 241 -10.54 119.12 63.90
C SER C 241 -9.90 120.23 64.72
N ALA C 242 -8.86 119.92 65.48
CA ALA C 242 -8.19 120.95 66.28
C ALA C 242 -7.52 122.00 65.40
N MET C 243 -6.90 121.57 64.30
CA MET C 243 -6.23 122.51 63.41
C MET C 243 -7.21 123.50 62.79
N THR C 244 -8.33 122.99 62.27
CA THR C 244 -9.38 123.87 61.79
C THR C 244 -10.00 124.66 62.93
N LYS C 245 -9.95 124.10 64.15
CA LYS C 245 -10.58 124.75 65.29
C LYS C 245 -9.88 126.07 65.60
N TYR C 246 -8.55 126.07 65.54
CA TYR C 246 -7.72 127.23 65.86
C TYR C 246 -7.62 128.23 64.72
N GLN C 247 -7.80 127.79 63.47
CA GLN C 247 -7.76 128.71 62.35
C GLN C 247 -8.84 129.77 62.47
N VAL C 248 -10.04 129.37 62.86
CA VAL C 248 -11.14 130.31 63.06
C VAL C 248 -10.81 131.27 64.19
N LEU C 249 -10.26 130.75 65.29
CA LEU C 249 -9.93 131.59 66.43
C LEU C 249 -8.88 132.63 66.08
N GLN C 250 -7.98 132.31 65.16
CA GLN C 250 -6.95 133.26 64.76
C GLN C 250 -7.56 134.45 64.04
N GLN C 251 -8.43 134.20 63.06
CA GLN C 251 -9.08 135.29 62.34
C GLN C 251 -10.01 136.08 63.24
N THR C 252 -10.67 135.40 64.19
CA THR C 252 -11.47 136.11 65.17
C THR C 252 -10.59 136.99 66.05
N GLY C 253 -9.45 136.47 66.49
CA GLY C 253 -8.56 137.26 67.33
C GLY C 253 -7.96 138.46 66.62
N SER C 254 -7.63 138.32 65.34
CA SER C 254 -7.05 139.43 64.60
C SER C 254 -8.05 140.56 64.39
N ALA C 255 -9.31 140.25 64.06
CA ALA C 255 -10.31 141.29 63.92
C ALA C 255 -10.61 141.99 65.23
N MET C 256 -10.66 141.25 66.33
CA MET C 256 -10.91 141.87 67.62
C MET C 256 -9.76 142.77 68.04
N LEU C 257 -8.52 142.33 67.81
CA LEU C 257 -7.37 143.14 68.20
C LEU C 257 -7.26 144.41 67.36
N ALA C 258 -7.48 144.32 66.05
CA ALA C 258 -7.41 145.50 65.20
C ALA C 258 -8.47 146.52 65.59
N GLN C 259 -9.68 146.04 65.89
CA GLN C 259 -10.76 146.96 66.24
C GLN C 259 -10.59 147.51 67.65
N ALA C 260 -9.98 146.74 68.55
CA ALA C 260 -9.75 147.23 69.90
C ALA C 260 -8.65 148.27 69.94
N ASN C 261 -7.78 148.29 68.93
CA ASN C 261 -6.69 149.25 68.91
C ASN C 261 -7.16 150.67 68.67
N GLN C 262 -8.28 150.86 67.97
CA GLN C 262 -8.79 152.20 67.69
C GLN C 262 -9.87 152.64 68.66
N LEU C 263 -9.95 152.01 69.83
CA LEU C 263 -10.78 152.49 70.93
C LEU C 263 -10.38 153.90 71.40
N PRO C 264 -9.09 154.20 71.60
CA PRO C 264 -8.75 155.53 72.15
C PRO C 264 -9.05 156.70 71.22
N GLN C 265 -9.47 156.46 69.98
CA GLN C 265 -9.81 157.57 69.09
C GLN C 265 -11.07 158.30 69.50
N VAL C 266 -11.83 157.76 70.47
CA VAL C 266 -12.97 158.48 71.01
C VAL C 266 -12.52 159.79 71.65
N ALA C 267 -11.32 159.81 72.24
CA ALA C 267 -10.82 161.00 72.90
C ALA C 267 -10.66 162.18 71.94
N LEU C 268 -10.47 161.92 70.65
CA LEU C 268 -10.39 163.00 69.67
C LEU C 268 -11.73 163.65 69.37
N SER C 269 -12.83 162.95 69.64
CA SER C 269 -14.14 163.55 69.40
C SER C 269 -14.45 164.67 70.38
N LEU C 270 -13.96 164.56 71.62
CA LEU C 270 -14.25 165.57 72.64
C LEU C 270 -13.23 166.69 72.58
N LEU C 271 -13.13 167.29 71.38
CA LEU C 271 -12.34 168.49 71.16
C LEU C 271 -10.90 168.27 71.59
N GLY C 272 -10.18 167.41 70.88
CA GLY C 272 -8.77 167.18 71.13
C GLY C 272 -8.44 166.64 72.50
N ALA D 1 1.27 4.89 32.31
CA ALA D 1 2.07 3.74 31.91
C ALA D 1 2.43 3.81 30.44
N ILE D 2 2.78 5.02 29.97
CA ILE D 2 3.19 5.21 28.58
C ILE D 2 4.65 5.64 28.55
N THR D 3 5.54 4.69 28.31
CA THR D 3 6.97 4.96 28.35
C THR D 3 7.59 4.83 26.97
N VAL D 4 8.72 5.49 26.79
CA VAL D 4 9.44 5.48 25.51
C VAL D 4 10.89 5.08 25.73
N ASN D 5 11.20 4.52 26.89
CA ASN D 5 12.56 4.07 27.18
C ASN D 5 12.69 2.56 27.29
N THR D 6 11.66 1.85 27.75
CA THR D 6 11.69 0.40 27.84
C THR D 6 10.42 -0.18 27.25
N ASN D 7 10.55 -1.26 26.49
CA ASN D 7 9.42 -1.97 25.91
C ASN D 7 9.47 -3.41 26.41
N VAL D 8 8.86 -3.64 27.57
CA VAL D 8 8.86 -4.98 28.16
C VAL D 8 8.02 -5.94 27.34
N THR D 9 7.01 -5.41 26.65
CA THR D 9 6.23 -6.26 25.75
C THR D 9 7.12 -6.86 24.67
N SER D 10 8.05 -6.07 24.14
CA SER D 10 9.02 -6.58 23.18
C SER D 10 9.94 -7.62 23.81
N MET D 11 10.37 -7.37 25.05
CA MET D 11 11.28 -8.31 25.71
C MET D 11 10.64 -9.68 25.87
N LYS D 12 9.38 -9.73 26.30
CA LYS D 12 8.69 -11.00 26.41
C LYS D 12 8.45 -11.62 25.04
N ALA D 13 8.11 -10.80 24.06
CA ALA D 13 7.88 -11.31 22.71
C ALA D 13 9.15 -11.91 22.11
N GLN D 14 10.29 -11.27 22.36
CA GLN D 14 11.54 -11.78 21.80
C GLN D 14 11.87 -13.17 22.33
N LYS D 15 11.65 -13.39 23.63
CA LYS D 15 11.98 -14.68 24.22
C LYS D 15 11.16 -15.80 23.62
N ASN D 16 9.86 -15.55 23.38
CA ASN D 16 9.01 -16.57 22.81
C ASN D 16 9.44 -16.95 21.40
N LEU D 17 9.85 -15.96 20.62
CA LEU D 17 10.33 -16.25 19.27
C LEU D 17 11.60 -17.09 19.28
N ASN D 18 12.49 -16.81 20.23
CA ASN D 18 13.73 -17.59 20.32
C ASN D 18 13.44 -19.04 20.65
N THR D 19 12.49 -19.28 21.56
CA THR D 19 12.14 -20.66 21.91
C THR D 19 11.55 -21.41 20.73
N SER D 20 10.66 -20.77 19.97
CA SER D 20 10.05 -21.43 18.83
C SER D 20 11.05 -21.67 17.70
N ASN D 21 12.04 -20.78 17.53
CA ASN D 21 13.06 -20.98 16.52
C ASN D 21 14.01 -22.12 16.89
N SER D 22 14.36 -22.24 18.17
CA SER D 22 15.25 -23.32 18.59
C SER D 22 14.59 -24.68 18.47
N GLY D 23 13.30 -24.77 18.76
CA GLY D 23 12.58 -26.02 18.61
C GLY D 23 12.46 -26.46 17.17
N LEU D 24 12.28 -25.49 16.26
CA LEU D 24 12.23 -25.81 14.84
C LEU D 24 13.58 -26.35 14.36
N SER D 25 14.67 -25.75 14.82
CA SER D 25 16.00 -26.16 14.38
C SER D 25 16.30 -27.59 14.81
N THR D 26 16.00 -27.92 16.08
CA THR D 26 16.34 -29.24 16.59
C THR D 26 15.51 -30.34 15.92
N SER D 27 14.31 -30.00 15.46
CA SER D 27 13.49 -30.99 14.78
C SER D 27 14.02 -31.32 13.39
N MET D 28 14.61 -30.35 12.70
CA MET D 28 15.11 -30.59 11.36
C MET D 28 16.31 -31.53 11.37
N GLU D 29 17.23 -31.36 12.33
CA GLU D 29 18.41 -32.20 12.36
C GLU D 29 18.08 -33.62 12.76
N ARG D 30 17.10 -33.81 13.64
CA ARG D 30 16.63 -35.17 13.91
C ARG D 30 16.01 -35.81 12.69
N LEU D 31 15.27 -35.04 11.89
CA LEU D 31 14.70 -35.57 10.66
C LEU D 31 15.73 -35.77 9.56
N SER D 32 16.77 -34.94 9.52
CA SER D 32 17.75 -35.04 8.44
C SER D 32 18.68 -36.23 8.61
N SER D 33 18.86 -36.73 9.83
CA SER D 33 19.72 -37.87 10.10
C SER D 33 18.89 -39.13 10.40
N GLY D 34 17.92 -39.03 11.30
CA GLY D 34 17.09 -40.17 11.63
C GLY D 34 17.39 -40.73 13.00
N LEU D 35 18.03 -39.93 13.85
CA LEU D 35 18.40 -40.36 15.19
C LEU D 35 17.84 -39.38 16.21
N ARG D 36 17.19 -39.93 17.23
CA ARG D 36 16.70 -39.11 18.33
C ARG D 36 17.86 -38.61 19.19
N ILE D 37 18.78 -39.48 19.56
CA ILE D 37 19.92 -39.10 20.37
C ILE D 37 21.08 -38.69 19.47
N ASN D 38 21.06 -37.44 19.00
CA ASN D 38 22.16 -36.93 18.20
C ASN D 38 23.35 -36.60 19.09
N SER D 39 23.11 -35.80 20.12
CA SER D 39 24.14 -35.43 21.07
C SER D 39 23.75 -35.89 22.47
N ALA D 40 24.58 -35.51 23.44
CA ALA D 40 24.31 -35.82 24.84
C ALA D 40 23.28 -34.88 25.47
N LYS D 41 22.69 -33.98 24.68
CA LYS D 41 21.59 -33.18 25.20
C LYS D 41 20.47 -34.10 25.69
N ASP D 42 20.17 -35.12 24.90
CA ASP D 42 19.06 -36.04 25.10
C ASP D 42 19.42 -37.11 26.13
N ASP D 43 18.68 -38.22 26.12
CA ASP D 43 18.83 -39.25 27.13
C ASP D 43 20.30 -39.60 27.38
N ALA D 44 20.78 -39.28 28.57
CA ALA D 44 22.15 -39.61 28.93
C ALA D 44 22.34 -41.11 29.07
N ALA D 45 21.35 -41.79 29.64
CA ALA D 45 21.41 -43.23 29.78
C ALA D 45 21.16 -43.95 28.46
N GLY D 46 20.41 -43.33 27.55
CA GLY D 46 20.10 -44.00 26.29
C GLY D 46 21.33 -44.26 25.45
N LEU D 47 22.22 -43.26 25.35
CA LEU D 47 23.41 -43.42 24.52
C LEU D 47 24.36 -44.45 25.11
N ALA D 48 24.44 -44.52 26.43
CA ALA D 48 25.29 -45.53 27.08
C ALA D 48 24.78 -46.93 26.78
N ILE D 49 23.46 -47.13 26.90
CA ILE D 49 22.88 -48.43 26.60
C ILE D 49 23.06 -48.78 25.14
N SER D 50 22.86 -47.80 24.25
CA SER D 50 22.95 -48.06 22.82
C SER D 50 24.35 -48.48 22.42
N ASN D 51 25.37 -47.97 23.11
CA ASN D 51 26.75 -48.31 22.78
C ASN D 51 27.01 -49.79 23.01
N ARG D 52 26.53 -50.34 24.13
CA ARG D 52 26.66 -51.78 24.36
C ARG D 52 25.83 -52.60 23.41
N LEU D 53 24.62 -52.15 23.08
CA LEU D 53 23.83 -52.84 22.08
C LEU D 53 24.49 -52.79 20.72
N ASN D 54 25.11 -51.66 20.38
CA ASN D 54 25.86 -51.57 19.13
C ASN D 54 27.02 -52.57 19.11
N SER D 55 27.70 -52.74 20.24
CA SER D 55 28.76 -53.73 20.32
C SER D 55 28.26 -55.14 20.09
N GLN D 56 27.09 -55.47 20.65
CA GLN D 56 26.54 -56.81 20.45
C GLN D 56 26.17 -57.06 19.00
N VAL D 57 25.55 -56.07 18.35
CA VAL D 57 25.13 -56.25 16.96
C VAL D 57 26.34 -56.45 16.06
N ARG D 58 27.33 -55.56 16.18
CA ARG D 58 28.54 -55.70 15.37
C ARG D 58 29.39 -56.87 15.83
N GLY D 59 29.39 -57.15 17.14
CA GLY D 59 30.13 -58.28 17.63
C GLY D 59 29.62 -59.60 17.08
N LEU D 60 28.30 -59.77 17.02
CA LEU D 60 27.75 -60.99 16.45
C LEU D 60 28.07 -61.12 14.96
N GLU D 61 28.03 -60.01 14.22
CA GLU D 61 28.26 -60.07 12.78
C GLU D 61 29.66 -60.60 12.47
N VAL D 62 30.66 -60.15 13.21
CA VAL D 62 32.00 -60.70 13.06
C VAL D 62 32.03 -62.14 13.54
N GLY D 63 31.27 -62.45 14.60
CA GLY D 63 31.23 -63.82 15.08
C GLY D 63 30.60 -64.78 14.09
N MET D 64 29.61 -64.30 13.33
CA MET D 64 29.02 -65.14 12.29
C MET D 64 30.05 -65.55 11.25
N ARG D 65 30.83 -64.59 10.75
CA ARG D 65 31.87 -64.92 9.78
C ARG D 65 32.96 -65.79 10.40
N ASN D 66 33.17 -65.65 11.70
CA ASN D 66 34.15 -66.48 12.38
C ASN D 66 33.78 -67.95 12.33
N ALA D 67 32.50 -68.27 12.47
CA ALA D 67 32.03 -69.65 12.43
C ALA D 67 31.88 -70.20 11.02
N ASN D 68 31.54 -69.37 10.04
CA ASN D 68 31.54 -69.81 8.66
C ASN D 68 32.91 -70.27 8.20
N ASP D 69 33.97 -69.66 8.73
CA ASP D 69 35.33 -70.11 8.46
C ASP D 69 35.60 -71.49 9.05
N ALA D 70 35.11 -71.76 10.26
CA ALA D 70 35.33 -73.08 10.88
C ALA D 70 34.62 -74.17 10.11
N ILE D 71 33.45 -73.86 9.54
CA ILE D 71 32.68 -74.83 8.78
C ILE D 71 33.49 -75.26 7.55
N SER D 72 34.10 -74.29 6.88
CA SER D 72 34.87 -74.58 5.67
C SER D 72 36.07 -75.47 5.97
N ILE D 73 36.77 -75.21 7.08
CA ILE D 73 37.91 -76.05 7.44
C ILE D 73 37.47 -77.49 7.69
N ALA D 74 36.41 -77.69 8.45
CA ALA D 74 35.90 -79.03 8.69
C ALA D 74 35.39 -79.67 7.41
N GLN D 75 34.90 -78.86 6.46
CA GLN D 75 34.40 -79.40 5.21
C GLN D 75 35.53 -79.98 4.36
N ILE D 76 36.68 -79.29 4.31
CA ILE D 76 37.78 -79.75 3.48
C ILE D 76 38.41 -81.02 4.05
N ALA D 77 38.62 -81.06 5.37
CA ALA D 77 39.24 -82.23 5.98
C ALA D 77 38.36 -83.47 5.81
N GLU D 78 37.05 -83.31 5.95
CA GLU D 78 36.14 -84.43 5.75
C GLU D 78 36.20 -84.96 4.32
N GLY D 79 36.29 -84.05 3.35
CA GLY D 79 36.35 -84.49 1.96
C GLY D 79 37.57 -85.31 1.64
N ALA D 80 38.72 -84.94 2.21
CA ALA D 80 39.95 -85.67 1.93
C ALA D 80 39.93 -87.06 2.55
N MET D 81 39.33 -87.21 3.73
CA MET D 81 39.32 -88.52 4.38
C MET D 81 38.44 -89.52 3.64
N GLN D 82 37.47 -89.03 2.85
CA GLN D 82 36.66 -89.94 2.06
C GLN D 82 37.50 -90.67 1.02
N GLU D 83 38.42 -89.97 0.37
CA GLU D 83 39.24 -90.61 -0.64
C GLU D 83 40.24 -91.59 -0.02
N GLN D 84 40.71 -91.31 1.20
CA GLN D 84 41.57 -92.28 1.87
C GLN D 84 40.81 -93.55 2.21
N THR D 85 39.52 -93.44 2.50
CA THR D 85 38.71 -94.62 2.80
C THR D 85 38.55 -95.51 1.57
N ASN D 86 38.31 -94.93 0.39
CA ASN D 86 38.14 -95.75 -0.80
C ASN D 86 39.40 -96.50 -1.17
N MET D 87 40.57 -95.88 -1.08
CA MET D 87 41.81 -96.58 -1.39
C MET D 87 42.12 -97.66 -0.37
N LEU D 88 41.77 -97.46 0.90
CA LEU D 88 41.97 -98.50 1.89
C LEU D 88 41.10 -99.71 1.60
N GLN D 89 39.90 -99.50 1.07
CA GLN D 89 39.04 -100.63 0.71
C GLN D 89 39.65 -101.45 -0.41
N ARG D 90 40.27 -100.80 -1.38
CA ARG D 90 40.93 -101.53 -2.46
C ARG D 90 42.12 -102.35 -1.96
N MET D 91 42.82 -101.87 -0.93
CA MET D 91 43.88 -102.66 -0.33
C MET D 91 43.35 -103.93 0.34
N ARG D 92 42.14 -103.87 0.91
CA ARG D 92 41.55 -105.07 1.48
C ARG D 92 41.30 -106.12 0.42
N ASP D 93 40.80 -105.73 -0.75
CA ASP D 93 40.54 -106.70 -1.80
C ASP D 93 41.82 -107.34 -2.30
N LEU D 94 42.90 -106.56 -2.44
CA LEU D 94 44.16 -107.12 -2.89
C LEU D 94 44.73 -108.13 -1.89
N THR D 95 44.62 -107.85 -0.60
CA THR D 95 45.03 -108.82 0.42
C THR D 95 44.20 -110.09 0.36
N ILE D 96 42.89 -109.98 0.16
CA ILE D 96 42.07 -111.17 -0.03
C ILE D 96 42.44 -111.87 -1.34
N GLN D 97 42.66 -111.10 -2.41
CA GLN D 97 43.05 -111.69 -3.68
C GLN D 97 44.44 -112.32 -3.63
N SER D 98 45.31 -111.85 -2.75
CA SER D 98 46.66 -112.36 -2.66
C SER D 98 46.76 -113.66 -1.87
N GLU D 99 45.65 -114.34 -1.63
CA GLU D 99 45.66 -115.51 -0.76
C GLU D 99 45.33 -116.77 -1.57
N ASN D 100 45.28 -116.65 -2.90
CA ASN D 100 45.09 -117.82 -3.75
C ASN D 100 46.24 -118.80 -3.59
N GLY D 101 45.93 -120.09 -3.70
CA GLY D 101 46.96 -121.10 -3.73
C GLY D 101 47.43 -121.41 -5.14
N ALA D 102 46.81 -120.77 -6.13
CA ALA D 102 47.22 -120.93 -7.51
C ALA D 102 48.13 -119.82 -7.99
N ASN D 103 48.48 -118.87 -7.12
CA ASN D 103 49.39 -117.80 -7.47
C ASN D 103 50.81 -118.35 -7.48
N SER D 104 51.78 -117.48 -7.71
CA SER D 104 53.18 -117.87 -7.66
C SER D 104 53.96 -116.74 -7.03
N THR D 105 55.26 -116.97 -6.86
CA THR D 105 56.11 -115.96 -6.24
C THR D 105 56.13 -114.67 -7.07
N ALA D 106 56.18 -114.81 -8.40
CA ALA D 106 56.15 -113.65 -9.26
C ALA D 106 54.79 -112.94 -9.24
N ASP D 107 53.70 -113.69 -9.02
CA ASP D 107 52.38 -113.09 -8.98
C ASP D 107 52.20 -112.24 -7.74
N LEU D 108 52.71 -112.68 -6.60
CA LEU D 108 52.57 -111.93 -5.37
C LEU D 108 53.33 -110.61 -5.43
N VAL D 109 54.44 -110.57 -6.17
CA VAL D 109 55.20 -109.34 -6.30
C VAL D 109 54.39 -108.28 -7.05
N SER D 110 53.69 -108.66 -8.12
CA SER D 110 52.89 -107.71 -8.87
C SER D 110 51.78 -107.11 -8.03
N ILE D 111 51.14 -107.91 -7.17
CA ILE D 111 50.10 -107.37 -6.31
C ILE D 111 50.68 -106.38 -5.31
N LYS D 112 51.87 -106.68 -4.78
CA LYS D 112 52.49 -105.75 -3.84
C LYS D 112 52.86 -104.44 -4.51
N ALA D 113 53.31 -104.48 -5.76
CA ALA D 113 53.64 -103.26 -6.50
C ALA D 113 52.44 -102.34 -6.66
N GLU D 114 51.23 -102.87 -6.57
CA GLU D 114 50.00 -102.07 -6.57
C GLU D 114 49.69 -101.53 -5.19
N MET D 115 49.73 -102.39 -4.17
CA MET D 115 49.50 -101.94 -2.80
C MET D 115 50.49 -100.85 -2.42
N ASP D 116 51.73 -100.96 -2.90
CA ASP D 116 52.77 -100.02 -2.50
C ASP D 116 52.45 -98.61 -2.97
N GLN D 117 51.96 -98.46 -4.20
CA GLN D 117 51.64 -97.14 -4.70
C GLN D 117 50.37 -96.55 -4.09
N LEU D 118 49.40 -97.37 -3.73
CA LEU D 118 48.23 -96.85 -3.03
C LEU D 118 48.56 -96.25 -1.68
N ALA D 119 49.48 -96.87 -0.95
CA ALA D 119 49.93 -96.31 0.33
C ALA D 119 50.68 -95.00 0.16
N THR D 120 51.33 -94.80 -0.99
CA THR D 120 52.03 -93.54 -1.24
C THR D 120 51.06 -92.38 -1.33
N GLU D 121 49.90 -92.58 -1.96
CA GLU D 121 48.91 -91.49 -2.04
C GLU D 121 48.26 -91.17 -0.71
N ILE D 122 48.04 -92.17 0.15
CA ILE D 122 47.53 -91.86 1.48
C ILE D 122 48.49 -90.92 2.20
N ASP D 123 49.80 -91.12 2.00
CA ASP D 123 50.77 -90.13 2.42
C ASP D 123 50.59 -88.81 1.67
N SER D 124 50.35 -88.86 0.35
CA SER D 124 50.32 -87.65 -0.44
C SER D 124 49.12 -86.77 -0.13
N ILE D 125 47.94 -87.36 0.10
CA ILE D 125 46.79 -86.56 0.49
C ILE D 125 47.01 -85.95 1.86
N GLY D 126 47.57 -86.71 2.78
CA GLY D 126 47.81 -86.23 4.13
C GLY D 126 48.71 -85.01 4.18
N ASN D 127 49.70 -84.96 3.31
CA ASN D 127 50.66 -83.85 3.28
C ASN D 127 50.24 -82.72 2.36
N SER D 128 49.10 -82.83 1.68
CA SER D 128 48.72 -81.83 0.69
C SER D 128 47.50 -81.03 1.11
N THR D 129 46.51 -81.69 1.71
CA THR D 129 45.25 -81.04 2.07
C THR D 129 45.49 -79.80 2.90
N ALA D 130 45.11 -78.64 2.36
CA ALA D 130 45.44 -77.37 2.99
C ALA D 130 44.31 -76.38 2.75
N PHE D 131 44.26 -75.36 3.61
CA PHE D 131 43.31 -74.26 3.49
C PHE D 131 44.11 -73.04 3.06
N GLY D 132 44.28 -72.88 1.76
CA GLY D 132 45.09 -71.82 1.23
C GLY D 132 46.57 -72.11 1.39
N ASN D 133 47.07 -72.03 2.62
CA ASN D 133 48.48 -72.37 2.84
C ASN D 133 48.70 -73.12 4.16
N THR D 134 47.66 -73.49 4.89
CA THR D 134 47.81 -74.17 6.17
C THR D 134 47.41 -75.63 6.01
N LYS D 135 48.34 -76.54 6.29
CA LYS D 135 48.11 -77.97 6.18
C LYS D 135 47.23 -78.41 7.35
N LEU D 136 46.16 -79.16 7.04
CA LEU D 136 45.16 -79.49 8.05
C LEU D 136 45.26 -80.92 8.58
N LEU D 137 46.02 -81.80 7.93
CA LEU D 137 46.05 -83.20 8.32
C LEU D 137 47.43 -83.65 8.78
N THR D 138 48.30 -82.71 9.13
CA THR D 138 49.66 -83.05 9.53
C THR D 138 49.93 -82.74 11.00
N GLY D 139 48.88 -82.63 11.81
CA GLY D 139 49.02 -82.57 13.25
C GLY D 139 49.04 -81.17 13.84
N THR D 140 48.95 -80.14 13.01
CA THR D 140 48.90 -78.78 13.56
C THR D 140 47.53 -78.51 14.16
N PHE D 141 46.56 -79.38 13.90
CA PHE D 141 45.27 -79.32 14.56
C PHE D 141 45.09 -80.50 15.52
N SER D 142 46.20 -81.09 15.98
CA SER D 142 46.13 -82.15 16.97
C SER D 142 45.55 -81.68 18.30
N ALA D 143 45.95 -80.50 18.76
CA ALA D 143 45.37 -79.86 19.94
C ALA D 143 44.45 -78.77 19.41
N GLY D 144 43.14 -79.03 19.48
CA GLY D 144 42.14 -78.23 18.82
C GLY D 144 42.35 -76.73 18.83
N LYS D 145 42.23 -76.10 17.67
CA LYS D 145 42.33 -74.66 17.57
C LYS D 145 40.99 -74.03 17.95
N VAL D 146 41.00 -72.71 18.13
CA VAL D 146 39.89 -72.01 18.75
C VAL D 146 39.33 -70.96 17.79
N PHE D 147 38.00 -70.94 17.68
CA PHE D 147 37.27 -69.89 16.98
C PHE D 147 36.28 -69.27 17.94
N GLN D 148 36.16 -67.94 17.89
CA GLN D 148 35.25 -67.20 18.77
C GLN D 148 33.99 -66.84 18.00
N VAL D 149 32.84 -67.29 18.51
CA VAL D 149 31.57 -67.12 17.81
C VAL D 149 30.63 -66.17 18.53
N GLY D 150 31.04 -65.63 19.67
CA GLY D 150 30.26 -64.65 20.40
C GLY D 150 30.94 -63.30 20.37
N HIS D 151 30.38 -62.36 21.14
CA HIS D 151 30.96 -61.04 21.24
C HIS D 151 31.69 -60.79 22.54
N GLN D 152 31.85 -61.79 23.39
CA GLN D 152 32.57 -61.67 24.64
C GLN D 152 33.54 -62.82 24.81
N GLU D 153 34.46 -62.66 25.75
CA GLU D 153 35.46 -63.68 26.02
C GLU D 153 34.79 -64.97 26.51
N GLY D 154 35.36 -66.10 26.10
CA GLY D 154 34.88 -67.39 26.53
C GLY D 154 33.83 -68.03 25.65
N GLU D 155 33.37 -67.34 24.61
CA GLU D 155 32.41 -67.90 23.66
C GLU D 155 33.18 -68.47 22.49
N ASP D 156 33.79 -69.64 22.70
CA ASP D 156 34.69 -70.22 21.72
C ASP D 156 34.26 -71.63 21.35
N ILE D 157 34.64 -72.05 20.15
CA ILE D 157 34.44 -73.39 19.65
C ILE D 157 35.80 -73.98 19.27
N LYS D 158 35.99 -75.25 19.59
CA LYS D 158 37.27 -75.92 19.39
C LYS D 158 37.12 -77.01 18.33
N VAL D 159 38.00 -76.99 17.33
CA VAL D 159 38.00 -77.98 16.26
C VAL D 159 39.31 -78.75 16.33
N THR D 160 39.23 -80.06 16.49
CA THR D 160 40.40 -80.92 16.61
C THR D 160 40.44 -81.90 15.44
N VAL D 161 41.57 -81.92 14.73
CA VAL D 161 41.78 -82.84 13.63
C VAL D 161 43.09 -83.58 13.90
N LYS D 162 42.99 -84.88 14.16
CA LYS D 162 44.19 -85.65 14.42
C LYS D 162 44.93 -85.96 13.12
N ALA D 163 46.23 -86.18 13.23
CA ALA D 163 47.04 -86.45 12.05
C ALA D 163 46.65 -87.77 11.41
N SER D 164 46.55 -87.77 10.08
CA SER D 164 46.14 -88.95 9.34
C SER D 164 47.01 -89.08 8.10
N ASN D 165 47.99 -89.97 8.15
CA ASN D 165 48.87 -90.27 7.02
C ASN D 165 49.32 -91.72 7.18
N LYS D 166 50.22 -92.16 6.30
CA LYS D 166 50.53 -93.58 6.24
C LYS D 166 51.27 -94.06 7.49
N THR D 167 52.22 -93.28 8.01
CA THR D 167 52.89 -93.70 9.24
C THR D 167 51.94 -93.65 10.43
N SER D 168 51.03 -92.68 10.44
CA SER D 168 50.07 -92.56 11.53
C SER D 168 49.13 -93.76 11.60
N LEU D 169 48.62 -94.19 10.45
CA LEU D 169 47.64 -95.26 10.38
C LEU D 169 48.28 -96.65 10.42
N SER D 170 49.55 -96.73 10.79
CA SER D 170 50.27 -98.00 10.91
C SER D 170 50.25 -98.78 9.60
N VAL D 171 50.52 -98.07 8.50
CA VAL D 171 50.75 -98.70 7.21
C VAL D 171 52.03 -98.14 6.62
N GLY D 172 52.58 -98.83 5.63
CA GLY D 172 53.85 -98.42 5.07
C GLY D 172 54.78 -99.59 4.92
N ALA D 173 54.56 -100.62 5.73
CA ALA D 173 55.27 -101.89 5.63
C ALA D 173 54.22 -103.00 5.63
N LEU D 174 53.74 -103.36 4.45
CA LEU D 174 52.72 -104.39 4.29
C LEU D 174 53.22 -105.41 3.28
N ASN D 175 53.53 -106.62 3.75
CA ASN D 175 53.96 -107.70 2.88
C ASN D 175 52.86 -108.75 2.78
N ASN D 176 52.96 -109.60 1.77
CA ASN D 176 51.98 -110.67 1.55
C ASN D 176 52.64 -111.97 1.12
N ALA D 177 53.86 -112.25 1.57
CA ALA D 177 54.55 -113.47 1.17
C ALA D 177 54.15 -114.66 2.01
N THR D 178 54.39 -114.61 3.31
CA THR D 178 54.14 -115.75 4.19
C THR D 178 52.69 -115.78 4.68
N SER D 179 52.31 -116.86 5.34
CA SER D 179 50.97 -116.95 5.91
C SER D 179 50.75 -115.91 6.99
N ALA D 180 51.74 -115.72 7.86
CA ALA D 180 51.60 -114.76 8.95
C ALA D 180 51.59 -113.34 8.44
N ASN D 181 52.28 -113.08 7.33
CA ASN D 181 52.35 -111.72 6.80
C ASN D 181 50.99 -111.20 6.38
N ARG D 182 50.20 -112.03 5.70
CA ARG D 182 48.88 -111.58 5.24
C ARG D 182 47.92 -111.40 6.41
N ALA D 183 47.98 -112.27 7.42
CA ALA D 183 47.08 -112.14 8.56
C ALA D 183 47.33 -110.85 9.32
N SER D 184 48.59 -110.48 9.51
CA SER D 184 48.90 -109.24 10.21
C SER D 184 48.49 -108.02 9.39
N SER D 185 48.65 -108.08 8.06
CA SER D 185 48.29 -106.96 7.22
C SER D 185 46.79 -106.68 7.25
N LEU D 186 45.98 -107.73 7.26
CA LEU D 186 44.53 -107.56 7.23
C LEU D 186 44.02 -106.85 8.47
N ALA D 187 44.56 -107.17 9.64
CA ALA D 187 44.10 -106.53 10.87
C ALA D 187 44.40 -105.05 10.89
N LYS D 188 45.57 -104.64 10.39
CA LYS D 188 45.94 -103.22 10.46
C LYS D 188 45.07 -102.38 9.53
N ILE D 189 44.70 -102.91 8.37
CA ILE D 189 43.82 -102.17 7.47
C ILE D 189 42.45 -101.98 8.10
N ASP D 190 41.92 -103.04 8.74
CA ASP D 190 40.63 -102.92 9.40
C ASP D 190 40.67 -101.88 10.52
N ALA D 191 41.75 -101.88 11.30
CA ALA D 191 41.90 -100.85 12.34
C ALA D 191 42.04 -99.47 11.73
N ALA D 192 42.62 -99.37 10.54
CA ALA D 192 42.76 -98.07 9.88
C ALA D 192 41.41 -97.47 9.52
N ILE D 193 40.48 -98.29 9.00
CA ILE D 193 39.17 -97.77 8.63
C ILE D 193 38.42 -97.31 9.86
N LYS D 194 38.54 -98.01 10.98
CA LYS D 194 37.85 -97.60 12.20
C LYS D 194 38.34 -96.24 12.68
N THR D 195 39.65 -96.01 12.62
CA THR D 195 40.20 -94.74 13.10
C THR D 195 39.69 -93.57 12.26
N ILE D 196 39.67 -93.73 10.93
CA ILE D 196 39.17 -92.67 10.07
C ILE D 196 37.67 -92.45 10.32
N ASP D 197 36.93 -93.54 10.53
CA ASP D 197 35.50 -93.43 10.73
C ASP D 197 35.18 -92.60 11.97
N SER D 198 35.90 -92.84 13.06
CA SER D 198 35.67 -92.06 14.28
C SER D 198 36.04 -90.59 14.07
N GLN D 199 37.07 -90.33 13.28
CA GLN D 199 37.48 -88.95 13.01
C GLN D 199 36.40 -88.19 12.24
N ARG D 200 35.79 -88.85 11.26
CA ARG D 200 34.74 -88.21 10.48
C ARG D 200 33.53 -87.88 11.33
N ALA D 201 33.17 -88.78 12.25
CA ALA D 201 32.04 -88.53 13.14
C ALA D 201 32.30 -87.33 14.03
N ASP D 202 33.53 -87.19 14.52
CA ASP D 202 33.87 -86.04 15.37
C ASP D 202 33.74 -84.74 14.60
N LEU D 203 34.20 -84.71 13.35
CA LEU D 203 34.10 -83.49 12.56
C LEU D 203 32.67 -83.17 12.17
N GLY D 204 31.86 -84.20 11.91
CA GLY D 204 30.47 -83.96 11.58
C GLY D 204 29.68 -83.37 12.72
N ALA D 205 29.96 -83.80 13.96
CA ALA D 205 29.25 -83.28 15.11
C ALA D 205 29.52 -81.80 15.31
N VAL D 206 30.75 -81.36 15.08
CA VAL D 206 31.10 -79.96 15.27
C VAL D 206 30.35 -79.08 14.29
N GLN D 207 30.27 -79.49 13.03
CA GLN D 207 29.60 -78.65 12.03
C GLN D 207 28.08 -78.73 12.16
N ASN D 208 27.55 -79.84 12.68
CA ASN D 208 26.16 -79.81 13.15
C ASN D 208 26.01 -78.85 14.31
N ARG D 209 26.99 -78.84 15.21
CA ARG D 209 26.98 -77.90 16.33
C ARG D 209 27.07 -76.46 15.84
N LEU D 210 27.97 -76.17 14.90
CA LEU D 210 28.15 -74.80 14.43
C LEU D 210 26.93 -74.26 13.70
N ALA D 211 26.19 -75.12 13.00
CA ALA D 211 25.03 -74.66 12.26
C ALA D 211 23.97 -74.07 13.19
N HIS D 212 23.83 -74.64 14.39
CA HIS D 212 22.82 -74.14 15.32
C HIS D 212 23.21 -72.80 15.94
N ASN D 213 24.52 -72.54 16.08
CA ASN D 213 24.96 -71.23 16.56
C ASN D 213 24.56 -70.12 15.59
N ILE D 214 24.74 -70.36 14.29
CA ILE D 214 24.44 -69.33 13.29
C ILE D 214 22.96 -68.98 13.31
N SER D 215 22.10 -70.00 13.36
CA SER D 215 20.66 -69.74 13.39
C SER D 215 20.28 -68.97 14.65
N ASN D 216 20.85 -69.35 15.80
CA ASN D 216 20.58 -68.63 17.03
C ASN D 216 21.10 -67.20 16.98
N SER D 217 22.31 -67.01 16.44
CA SER D 217 22.87 -65.66 16.34
C SER D 217 22.09 -64.79 15.37
N ALA D 218 21.57 -65.36 14.29
CA ALA D 218 20.75 -64.58 13.36
C ALA D 218 19.46 -64.11 14.03
N ASN D 219 18.84 -64.98 14.84
CA ASN D 219 17.63 -64.58 15.54
C ASN D 219 17.90 -63.49 16.56
N THR D 220 18.93 -63.67 17.39
CA THR D 220 19.19 -62.70 18.45
C THR D 220 19.62 -61.35 17.88
N GLN D 221 20.24 -61.35 16.71
CA GLN D 221 20.63 -60.08 16.09
C GLN D 221 19.42 -59.23 15.75
N ALA D 222 18.36 -59.86 15.23
CA ALA D 222 17.16 -59.11 14.86
C ALA D 222 16.49 -58.49 16.07
N ASN D 223 16.38 -59.25 17.17
CA ASN D 223 15.72 -58.74 18.35
C ASN D 223 16.50 -57.60 19.01
N VAL D 224 17.83 -57.67 19.00
CA VAL D 224 18.61 -56.55 19.54
C VAL D 224 18.45 -55.31 18.68
N ALA D 225 18.33 -55.49 17.37
CA ALA D 225 18.06 -54.35 16.49
C ALA D 225 16.74 -53.69 16.83
N ASP D 226 15.72 -54.50 17.17
CA ASP D 226 14.47 -53.94 17.68
C ASP D 226 14.70 -53.08 18.90
N ALA D 227 15.41 -53.61 19.90
CA ALA D 227 15.60 -52.89 21.14
C ALA D 227 16.38 -51.60 20.93
N LYS D 228 17.39 -51.64 20.07
CA LYS D 228 18.24 -50.48 19.84
C LYS D 228 17.54 -49.37 19.09
N SER D 229 16.59 -49.69 18.20
CA SER D 229 15.91 -48.65 17.44
C SER D 229 14.90 -47.89 18.28
N ARG D 230 14.27 -48.55 19.24
CA ARG D 230 13.27 -47.86 20.07
C ARG D 230 13.90 -46.76 20.91
N ILE D 231 15.22 -46.83 21.12
CA ILE D 231 15.89 -45.88 22.00
C ILE D 231 16.46 -44.69 21.23
N VAL D 232 17.09 -44.94 20.08
CA VAL D 232 17.85 -43.88 19.40
C VAL D 232 17.17 -43.35 18.14
N ASP D 233 16.14 -44.01 17.64
CA ASP D 233 15.56 -43.67 16.35
C ASP D 233 14.32 -42.80 16.54
N VAL D 234 14.09 -41.91 15.58
CA VAL D 234 12.96 -41.00 15.63
C VAL D 234 11.73 -41.67 15.03
N ASP D 235 10.55 -41.24 15.48
CA ASP D 235 9.29 -41.60 14.86
C ASP D 235 8.83 -40.40 14.03
N PHE D 236 8.76 -40.58 12.71
CA PHE D 236 8.46 -39.45 11.84
C PHE D 236 7.07 -38.90 12.11
N ALA D 237 6.13 -39.74 12.52
CA ALA D 237 4.80 -39.26 12.87
C ALA D 237 4.89 -38.27 14.01
N LYS D 238 5.69 -38.61 15.02
CA LYS D 238 5.91 -37.69 16.14
C LYS D 238 6.67 -36.44 15.68
N GLU D 239 7.71 -36.63 14.87
CA GLU D 239 8.59 -35.51 14.54
C GLU D 239 7.94 -34.56 13.53
N THR D 240 7.22 -35.09 12.55
CA THR D 240 6.63 -34.23 11.53
C THR D 240 5.58 -33.30 12.15
N SER D 241 4.79 -33.82 13.08
CA SER D 241 3.80 -32.98 13.74
C SER D 241 4.47 -31.85 14.51
N ALA D 242 5.56 -32.14 15.21
CA ALA D 242 6.27 -31.11 15.96
C ALA D 242 6.86 -30.06 15.03
N MET D 243 7.42 -30.48 13.91
CA MET D 243 8.03 -29.54 12.97
C MET D 243 6.98 -28.57 12.40
N THR D 244 5.85 -29.10 11.95
CA THR D 244 4.75 -28.23 11.53
C THR D 244 4.20 -27.45 12.71
N LYS D 245 4.33 -27.99 13.92
CA LYS D 245 3.77 -27.35 15.10
C LYS D 245 4.47 -26.01 15.36
N TYR D 246 5.79 -26.00 15.21
CA TYR D 246 6.62 -24.83 15.48
C TYR D 246 6.65 -23.83 14.32
N GLN D 247 6.38 -24.29 13.09
CA GLN D 247 6.34 -23.36 11.97
C GLN D 247 5.26 -22.32 12.15
N VAL D 248 4.08 -22.75 12.62
CA VAL D 248 2.98 -21.81 12.87
C VAL D 248 3.38 -20.84 13.98
N LEU D 249 4.00 -21.34 15.04
CA LEU D 249 4.39 -20.48 16.16
C LEU D 249 5.40 -19.44 15.74
N GLN D 250 6.26 -19.75 14.76
CA GLN D 250 7.23 -18.78 14.30
C GLN D 250 6.56 -17.61 13.60
N GLN D 251 5.63 -17.88 12.69
CA GLN D 251 4.94 -16.80 12.00
C GLN D 251 4.05 -16.02 12.96
N THR D 252 3.45 -16.70 13.94
CA THR D 252 2.71 -15.99 14.97
C THR D 252 3.63 -15.09 15.79
N GLY D 253 4.81 -15.60 16.16
CA GLY D 253 5.74 -14.80 16.94
C GLY D 253 6.26 -13.59 16.19
N SER D 254 6.52 -13.73 14.89
CA SER D 254 7.03 -12.62 14.10
C SER D 254 6.01 -11.50 13.95
N ALA D 255 4.74 -11.84 13.71
CA ALA D 255 3.72 -10.81 13.61
C ALA D 255 3.50 -10.11 14.94
N MET D 256 3.52 -10.85 16.05
CA MET D 256 3.34 -10.22 17.35
C MET D 256 4.50 -9.30 17.69
N LEU D 257 5.73 -9.72 17.38
CA LEU D 257 6.89 -8.89 17.69
C LEU D 257 6.94 -7.63 16.84
N ALA D 258 6.63 -7.73 15.55
CA ALA D 258 6.64 -6.55 14.69
C ALA D 258 5.59 -5.55 15.13
N GLN D 259 4.40 -6.03 15.52
CA GLN D 259 3.34 -5.13 15.93
C GLN D 259 3.58 -4.57 17.33
N ALA D 260 4.26 -5.32 18.19
CA ALA D 260 4.57 -4.82 19.52
C ALA D 260 5.66 -3.76 19.48
N ASN D 261 6.46 -3.75 18.42
CA ASN D 261 7.54 -2.77 18.32
C ASN D 261 7.03 -1.35 18.11
N GLN D 262 5.88 -1.19 17.48
CA GLN D 262 5.33 0.14 17.22
C GLN D 262 4.30 0.57 18.26
N LEU D 263 4.30 -0.05 19.43
CA LEU D 263 3.54 0.43 20.58
C LEU D 263 3.94 1.84 21.02
N PRO D 264 5.24 2.17 21.13
CA PRO D 264 5.59 3.50 21.65
C PRO D 264 5.21 4.67 20.74
N GLN D 265 4.73 4.41 19.53
CA GLN D 265 4.32 5.50 18.65
C GLN D 265 3.07 6.22 19.14
N VAL D 266 2.39 5.68 20.16
CA VAL D 266 1.27 6.39 20.76
C VAL D 266 1.74 7.71 21.36
N ALA D 267 2.97 7.74 21.89
CA ALA D 267 3.50 8.95 22.49
C ALA D 267 3.58 10.13 21.53
N LEU D 268 3.70 9.86 20.23
CA LEU D 268 3.70 10.93 19.24
C LEU D 268 2.34 11.56 19.02
N SER D 269 1.25 10.86 19.36
CA SER D 269 -0.07 11.43 19.19
C SER D 269 -0.33 12.56 20.19
N LEU D 270 0.23 12.46 21.39
CA LEU D 270 -0.01 13.46 22.43
C LEU D 270 0.99 14.61 22.30
N LEU D 271 1.01 15.19 21.09
CA LEU D 271 1.76 16.41 20.82
C LEU D 271 3.24 16.21 21.16
N GLY D 272 3.92 15.35 20.40
CA GLY D 272 5.34 15.16 20.56
C GLY D 272 5.78 14.62 21.92
N ALA E 1 -12.23 -23.25 20.26
CA ALA E 1 -11.53 -24.51 20.22
C ALA E 1 -10.46 -24.51 19.13
N ILE E 2 -9.75 -23.39 19.01
CA ILE E 2 -8.67 -23.28 18.04
C ILE E 2 -7.35 -23.11 18.78
N THR E 3 -6.61 -24.21 18.92
CA THR E 3 -5.38 -24.19 19.70
C THR E 3 -4.17 -24.43 18.81
N VAL E 4 -3.02 -23.98 19.28
CA VAL E 4 -1.76 -24.13 18.53
C VAL E 4 -0.70 -24.77 19.41
N ASN E 5 -1.11 -25.38 20.51
CA ASN E 5 -0.18 -26.06 21.40
C ASN E 5 -0.36 -27.57 21.43
N THR E 6 -1.58 -28.08 21.26
CA THR E 6 -1.81 -29.53 21.22
C THR E 6 -2.70 -29.86 20.03
N ASN E 7 -2.36 -30.95 19.35
CA ASN E 7 -3.13 -31.46 18.21
C ASN E 7 -3.56 -32.89 18.55
N VAL E 8 -4.71 -33.01 19.22
CA VAL E 8 -5.21 -34.31 19.61
C VAL E 8 -5.65 -35.11 18.40
N THR E 9 -6.09 -34.41 17.34
CA THR E 9 -6.42 -35.11 16.10
C THR E 9 -5.21 -35.86 15.57
N SER E 10 -4.03 -35.25 15.65
CA SER E 10 -2.80 -35.93 15.25
C SER E 10 -2.50 -37.11 16.17
N MET E 11 -2.72 -36.94 17.47
CA MET E 11 -2.43 -38.02 18.41
C MET E 11 -3.26 -39.26 18.11
N LYS E 12 -4.56 -39.08 17.85
CA LYS E 12 -5.39 -40.21 17.49
C LYS E 12 -5.01 -40.78 16.14
N ALA E 13 -4.67 -39.91 15.19
CA ALA E 13 -4.26 -40.39 13.87
C ALA E 13 -2.98 -41.20 13.93
N GLN E 14 -2.03 -40.77 14.78
CA GLN E 14 -0.76 -41.49 14.88
C GLN E 14 -0.97 -42.92 15.37
N LYS E 15 -1.84 -43.09 16.36
CA LYS E 15 -2.06 -44.42 16.93
C LYS E 15 -2.63 -45.38 15.89
N ASN E 16 -3.57 -44.90 15.06
CA ASN E 16 -4.17 -45.76 14.05
C ASN E 16 -3.14 -46.21 13.02
N LEU E 17 -2.24 -45.31 12.63
CA LEU E 17 -1.20 -45.69 11.69
C LEU E 17 -0.26 -46.74 12.26
N ASN E 18 0.07 -46.63 13.55
CA ASN E 18 0.95 -47.61 14.18
C ASN E 18 0.31 -48.99 14.19
N THR E 19 -0.99 -49.06 14.48
CA THR E 19 -1.68 -50.34 14.49
C THR E 19 -1.71 -50.98 13.11
N SER E 20 -1.98 -50.20 12.07
CA SER E 20 -2.00 -50.74 10.72
C SER E 20 -0.62 -51.16 10.23
N ASN E 21 0.43 -50.46 10.64
CA ASN E 21 1.78 -50.84 10.27
C ASN E 21 2.22 -52.13 10.95
N SER E 22 1.85 -52.30 12.22
CA SER E 22 2.23 -53.51 12.95
C SER E 22 1.52 -54.74 12.39
N GLY E 23 0.26 -54.60 11.99
CA GLY E 23 -0.46 -55.69 11.39
C GLY E 23 0.10 -56.12 10.05
N LEU E 24 0.56 -55.13 9.26
CA LEU E 24 1.18 -55.44 7.99
C LEU E 24 2.49 -56.22 8.19
N SER E 25 3.27 -55.81 9.19
CA SER E 25 4.56 -56.46 9.44
C SER E 25 4.38 -57.92 9.84
N THR E 26 3.43 -58.18 10.76
CA THR E 26 3.26 -59.55 11.24
C THR E 26 2.73 -60.48 10.16
N SER E 27 1.98 -59.94 9.19
CA SER E 27 1.48 -60.77 8.10
C SER E 27 2.59 -61.20 7.15
N MET E 28 3.59 -60.33 6.93
CA MET E 28 4.66 -60.67 6.00
C MET E 28 5.52 -61.80 6.53
N GLU E 29 5.85 -61.79 7.83
CA GLU E 29 6.70 -62.84 8.37
C GLU E 29 6.00 -64.18 8.43
N ARG E 30 4.69 -64.19 8.67
CA ARG E 30 3.93 -65.43 8.56
C ARG E 30 3.94 -65.97 7.14
N LEU E 31 3.83 -65.08 6.14
CA LEU E 31 3.89 -65.50 4.76
C LEU E 31 5.29 -65.89 4.31
N SER E 32 6.33 -65.26 4.86
CA SER E 32 7.69 -65.53 4.41
C SER E 32 8.20 -66.87 4.92
N SER E 33 7.66 -67.37 6.02
CA SER E 33 8.07 -68.66 6.58
C SER E 33 7.04 -69.74 6.32
N GLY E 34 5.77 -69.47 6.62
CA GLY E 34 4.72 -70.44 6.39
C GLY E 34 4.19 -71.05 7.66
N LEU E 35 4.42 -70.38 8.78
CA LEU E 35 4.00 -70.86 10.08
C LEU E 35 3.15 -69.80 10.78
N ARG E 36 2.00 -70.22 11.28
CA ARG E 36 1.16 -69.32 12.06
C ARG E 36 1.77 -69.01 13.42
N ILE E 37 2.23 -70.05 14.13
CA ILE E 37 2.86 -69.87 15.43
C ILE E 37 4.35 -69.68 15.26
N ASN E 38 4.76 -68.46 14.96
CA ASN E 38 6.19 -68.14 14.86
C ASN E 38 6.79 -68.03 16.25
N SER E 39 6.19 -67.19 17.09
CA SER E 39 6.64 -67.00 18.46
C SER E 39 5.52 -67.39 19.44
N ALA E 40 5.78 -67.16 20.71
CA ALA E 40 4.81 -67.42 21.76
C ALA E 40 3.77 -66.31 21.87
N LYS E 41 3.80 -65.31 20.98
CA LYS E 41 2.72 -64.34 20.94
C LYS E 41 1.39 -65.05 20.73
N ASP E 42 1.38 -66.00 19.79
CA ASP E 42 0.19 -66.71 19.34
C ASP E 42 -0.19 -67.81 20.31
N ASP E 43 -0.98 -68.78 19.84
CA ASP E 43 -1.52 -69.82 20.70
C ASP E 43 -0.46 -70.42 21.60
N ALA E 44 -0.61 -70.18 22.91
CA ALA E 44 0.33 -70.74 23.87
C ALA E 44 0.18 -72.26 23.95
N ALA E 45 -1.05 -72.74 23.90
CA ALA E 45 -1.30 -74.18 23.91
C ALA E 45 -0.96 -74.85 22.59
N GLY E 46 -1.03 -74.11 21.48
CA GLY E 46 -0.75 -74.71 20.19
C GLY E 46 0.67 -75.19 20.05
N LEU E 47 1.63 -74.38 20.51
CA LEU E 47 3.04 -74.73 20.37
C LEU E 47 3.39 -75.92 21.26
N ALA E 48 2.77 -75.99 22.44
CA ALA E 48 3.01 -77.14 23.32
C ALA E 48 2.51 -78.43 22.69
N ILE E 49 1.31 -78.39 22.12
CA ILE E 49 0.75 -79.58 21.46
C ILE E 49 1.61 -79.95 20.25
N SER E 50 2.03 -78.96 19.48
CA SER E 50 2.79 -79.22 18.27
C SER E 50 4.13 -79.89 18.59
N ASN E 51 4.72 -79.56 19.74
CA ASN E 51 6.00 -80.15 20.11
C ASN E 51 5.87 -81.65 20.31
N ARG E 52 4.81 -82.10 20.98
CA ARG E 52 4.58 -83.54 21.12
C ARG E 52 4.24 -84.20 19.81
N LEU E 53 3.44 -83.55 18.96
CA LEU E 53 3.17 -84.08 17.63
C LEU E 53 4.43 -84.16 16.80
N ASN E 54 5.32 -83.15 16.92
CA ASN E 54 6.60 -83.21 16.23
C ASN E 54 7.42 -84.39 16.70
N SER E 55 7.40 -84.69 18.00
CA SER E 55 8.12 -85.84 18.51
C SER E 55 7.58 -87.14 17.94
N GLN E 56 6.27 -87.26 17.80
CA GLN E 56 5.68 -88.48 17.25
C GLN E 56 6.07 -88.66 15.79
N VAL E 57 6.03 -87.58 15.00
CA VAL E 57 6.36 -87.68 13.58
C VAL E 57 7.80 -88.10 13.39
N ARG E 58 8.72 -87.40 14.06
CA ARG E 58 10.14 -87.75 13.95
C ARG E 58 10.43 -89.06 14.68
N GLY E 59 9.73 -89.33 15.78
CA GLY E 59 9.93 -90.58 16.49
C GLY E 59 9.58 -91.78 15.64
N LEU E 60 8.47 -91.71 14.90
CA LEU E 60 8.10 -92.82 14.03
C LEU E 60 9.10 -93.01 12.90
N GLU E 61 9.62 -91.90 12.35
CA GLU E 61 10.54 -92.02 11.22
C GLU E 61 11.79 -92.78 11.60
N VAL E 62 12.34 -92.52 12.78
CA VAL E 62 13.47 -93.30 13.26
C VAL E 62 13.03 -94.72 13.56
N GLY E 63 11.80 -94.89 14.07
CA GLY E 63 11.30 -96.22 14.34
C GLY E 63 11.12 -97.06 13.10
N MET E 64 10.76 -96.42 11.99
CA MET E 64 10.64 -97.14 10.72
C MET E 64 11.99 -97.73 10.30
N ARG E 65 13.05 -96.92 10.34
CA ARG E 65 14.36 -97.44 10.00
C ARG E 65 14.84 -98.47 11.00
N ASN E 66 14.38 -98.38 12.24
CA ASN E 66 14.74 -99.37 13.25
C ASN E 66 14.23 -100.75 12.88
N ALA E 67 13.02 -100.83 12.34
CA ALA E 67 12.43 -102.11 11.95
C ALA E 67 12.94 -102.63 10.61
N ASN E 68 13.26 -101.74 9.67
CA ASN E 68 13.90 -102.19 8.43
C ASN E 68 15.22 -102.89 8.69
N ASP E 69 15.96 -102.48 9.72
CA ASP E 69 17.16 -103.16 10.14
C ASP E 69 16.88 -104.56 10.65
N ALA E 70 15.82 -104.75 11.43
CA ALA E 70 15.49 -106.07 11.96
C ALA E 70 15.10 -107.02 10.84
N ILE E 71 14.45 -106.51 9.80
CA ILE E 71 14.04 -107.34 8.67
C ILE E 71 15.27 -107.90 7.98
N SER E 72 16.29 -107.05 7.79
CA SER E 72 17.50 -107.49 7.11
C SER E 72 18.24 -108.57 7.90
N ILE E 73 18.31 -108.44 9.22
CA ILE E 73 18.96 -109.47 10.03
C ILE E 73 18.25 -110.80 9.89
N ALA E 74 16.92 -110.81 10.00
CA ALA E 74 16.16 -112.04 9.83
C ALA E 74 16.28 -112.58 8.41
N GLN E 75 16.47 -111.70 7.43
CA GLN E 75 16.60 -112.14 6.05
C GLN E 75 17.90 -112.92 5.83
N ILE E 76 19.00 -112.45 6.43
CA ILE E 76 20.28 -113.10 6.22
C ILE E 76 20.33 -114.45 6.91
N ALA E 77 19.83 -114.53 8.15
CA ALA E 77 19.87 -115.78 8.88
C ALA E 77 19.03 -116.85 8.19
N GLU E 78 17.87 -116.46 7.67
CA GLU E 78 17.02 -117.40 6.95
C GLU E 78 17.72 -117.94 5.70
N GLY E 79 18.42 -117.06 4.98
CA GLY E 79 19.11 -117.50 3.78
C GLY E 79 20.17 -118.54 4.04
N ALA E 80 20.92 -118.37 5.14
CA ALA E 80 22.00 -119.31 5.45
C ALA E 80 21.45 -120.67 5.86
N MET E 81 20.32 -120.71 6.56
CA MET E 81 19.78 -121.99 7.00
C MET E 81 19.26 -122.82 5.82
N GLN E 82 18.92 -122.18 4.71
CA GLN E 82 18.48 -122.93 3.54
C GLN E 82 19.61 -123.80 3.00
N GLU E 83 20.83 -123.27 2.97
CA GLU E 83 21.95 -124.05 2.45
C GLU E 83 22.32 -125.19 3.39
N GLN E 84 22.15 -125.00 4.70
CA GLN E 84 22.38 -126.10 5.63
C GLN E 84 21.37 -127.21 5.42
N THR E 85 20.14 -126.87 5.04
CA THR E 85 19.13 -127.89 4.80
C THR E 85 19.46 -128.75 3.58
N ASN E 86 19.95 -128.14 2.50
CA ASN E 86 20.29 -128.92 1.31
C ASN E 86 21.43 -129.88 1.55
N MET E 87 22.48 -129.47 2.27
CA MET E 87 23.58 -130.39 2.55
C MET E 87 23.16 -131.51 3.50
N LEU E 88 22.25 -131.24 4.43
CA LEU E 88 21.75 -132.30 5.29
C LEU E 88 20.96 -133.34 4.50
N GLN E 89 20.24 -132.92 3.47
CA GLN E 89 19.53 -133.87 2.64
C GLN E 89 20.49 -134.80 1.90
N ARG E 90 21.62 -134.26 1.43
CA ARG E 90 22.61 -135.10 0.76
C ARG E 90 23.23 -136.12 1.72
N MET E 91 23.38 -135.76 3.00
CA MET E 91 23.86 -136.73 3.98
C MET E 91 22.87 -137.88 4.17
N ARG E 92 21.57 -137.60 4.07
CA ARG E 92 20.59 -138.68 4.16
C ARG E 92 20.75 -139.69 3.03
N ASP E 93 20.97 -139.20 1.80
CA ASP E 93 21.14 -140.11 0.67
C ASP E 93 22.38 -140.98 0.83
N LEU E 94 23.49 -140.40 1.31
CA LEU E 94 24.70 -141.18 1.51
C LEU E 94 24.52 -142.27 2.57
N THR E 95 23.82 -141.97 3.65
CA THR E 95 23.50 -142.99 4.64
C THR E 95 22.64 -144.10 4.07
N ILE E 96 21.64 -143.76 3.26
CA ILE E 96 20.86 -144.78 2.57
C ILE E 96 21.72 -145.54 1.57
N GLN E 97 22.56 -144.83 0.82
CA GLN E 97 23.46 -145.48 -0.13
C GLN E 97 24.51 -146.35 0.56
N SER E 98 24.87 -146.03 1.79
CA SER E 98 25.90 -146.78 2.51
C SER E 98 25.38 -148.07 3.11
N GLU E 99 24.21 -148.55 2.72
CA GLU E 99 23.59 -149.69 3.36
C GLU E 99 23.54 -150.88 2.39
N ASN E 100 24.18 -150.76 1.23
CA ASN E 100 24.26 -151.88 0.30
C ASN E 100 25.03 -153.05 0.92
N GLY E 101 24.61 -154.26 0.57
CA GLY E 101 25.34 -155.45 0.97
C GLY E 101 26.41 -155.83 -0.04
N ALA E 102 26.48 -155.09 -1.15
CA ALA E 102 27.50 -155.33 -2.16
C ALA E 102 28.69 -154.40 -2.00
N ASN E 103 28.69 -153.53 -1.00
CA ASN E 103 29.80 -152.63 -0.76
C ASN E 103 30.94 -153.42 -0.11
N SER E 104 32.00 -152.74 0.26
CA SER E 104 33.10 -153.37 0.96
C SER E 104 33.63 -152.40 2.00
N THR E 105 34.61 -152.85 2.78
CA THR E 105 35.17 -152.01 3.82
C THR E 105 35.80 -150.76 3.23
N ALA E 106 36.50 -150.90 2.10
CA ALA E 106 37.09 -149.75 1.44
C ALA E 106 36.04 -148.82 0.85
N ASP E 107 34.90 -149.36 0.42
CA ASP E 107 33.84 -148.53 -0.16
C ASP E 107 33.18 -147.65 0.90
N LEU E 108 32.97 -148.18 2.10
CA LEU E 108 32.34 -147.41 3.15
C LEU E 108 33.23 -146.24 3.59
N VAL E 109 34.54 -146.41 3.52
CA VAL E 109 35.45 -145.32 3.89
C VAL E 109 35.32 -144.15 2.94
N SER E 110 35.20 -144.40 1.63
CA SER E 110 35.05 -143.33 0.67
C SER E 110 33.77 -142.54 0.89
N ILE E 111 32.67 -143.21 1.24
CA ILE E 111 31.42 -142.49 1.51
C ILE E 111 31.57 -141.62 2.75
N LYS E 112 32.27 -142.12 3.78
CA LYS E 112 32.46 -141.32 4.98
C LYS E 112 33.31 -140.09 4.71
N ALA E 113 34.32 -140.22 3.84
CA ALA E 113 35.16 -139.08 3.48
C ALA E 113 34.37 -137.96 2.83
N GLU E 114 33.21 -138.26 2.25
CA GLU E 114 32.30 -137.26 1.70
C GLU E 114 31.42 -136.67 2.78
N MET E 115 30.80 -137.52 3.61
CA MET E 115 29.98 -137.03 4.71
C MET E 115 30.79 -136.14 5.63
N ASP E 116 32.08 -136.46 5.83
CA ASP E 116 32.90 -135.72 6.78
C ASP E 116 33.09 -134.28 6.34
N GLN E 117 33.31 -134.04 5.04
CA GLN E 117 33.50 -132.68 4.56
C GLN E 117 32.21 -131.88 4.51
N LEU E 118 31.07 -132.52 4.27
CA LEU E 118 29.81 -131.80 4.32
C LEU E 118 29.50 -131.27 5.71
N ALA E 119 29.81 -132.02 6.75
CA ALA E 119 29.63 -131.56 8.12
C ALA E 119 30.56 -130.40 8.46
N THR E 120 31.73 -130.33 7.82
CA THR E 120 32.63 -129.21 8.06
C THR E 120 32.04 -127.89 7.60
N GLU E 121 31.33 -127.88 6.46
CA GLU E 121 30.71 -126.64 5.99
C GLU E 121 29.53 -126.21 6.84
N ILE E 122 28.77 -127.15 7.39
CA ILE E 122 27.70 -126.76 8.30
C ILE E 122 28.29 -126.00 9.49
N ASP E 123 29.47 -126.42 9.94
CA ASP E 123 30.24 -125.62 10.88
C ASP E 123 30.67 -124.29 10.26
N SER E 124 31.12 -124.30 9.00
CA SER E 124 31.69 -123.11 8.41
C SER E 124 30.65 -122.02 8.15
N ILE E 125 29.45 -122.40 7.72
CA ILE E 125 28.40 -121.41 7.54
C ILE E 125 27.98 -120.83 8.89
N GLY E 126 27.86 -121.68 9.90
CA GLY E 126 27.46 -121.25 11.22
C GLY E 126 28.38 -120.21 11.82
N ASN E 127 29.69 -120.34 11.57
CA ASN E 127 30.67 -119.42 12.12
C ASN E 127 30.96 -118.23 11.22
N SER E 128 30.32 -118.15 10.05
CA SER E 128 30.65 -117.09 9.10
C SER E 128 29.53 -116.09 8.92
N THR E 129 28.28 -116.56 8.89
CA THR E 129 27.14 -115.70 8.62
C THR E 129 27.12 -114.51 9.56
N ALA E 130 27.24 -113.30 9.02
CA ALA E 130 27.39 -112.11 9.84
C ALA E 130 26.72 -110.94 9.15
N PHE E 131 26.39 -109.93 9.95
CA PHE E 131 25.82 -108.67 9.48
C PHE E 131 26.90 -107.62 9.60
N GLY E 132 27.73 -107.50 8.58
CA GLY E 132 28.85 -106.59 8.63
C GLY E 132 29.98 -107.14 9.48
N ASN E 133 29.79 -107.15 10.80
CA ASN E 133 30.82 -107.74 11.66
C ASN E 133 30.23 -108.51 12.84
N THR E 134 28.91 -108.69 12.92
CA THR E 134 28.29 -109.37 14.04
C THR E 134 27.81 -110.74 13.57
N LYS E 135 28.31 -111.80 14.20
CA LYS E 135 27.95 -113.17 13.86
C LYS E 135 26.54 -113.44 14.38
N LEU E 136 25.68 -113.98 13.53
CA LEU E 136 24.27 -114.14 13.87
C LEU E 136 23.86 -115.56 14.24
N LEU E 137 24.70 -116.56 13.99
CA LEU E 137 24.30 -117.95 14.22
C LEU E 137 25.18 -118.63 15.27
N THR E 138 25.89 -117.86 16.08
CA THR E 138 26.78 -118.44 17.07
C THR E 138 26.30 -118.18 18.50
N GLY E 139 25.02 -117.89 18.69
CA GLY E 139 24.43 -117.84 20.00
C GLY E 139 24.36 -116.46 20.64
N THR E 140 24.87 -115.43 19.98
CA THR E 140 24.75 -114.09 20.54
C THR E 140 23.32 -113.58 20.41
N PHE E 141 22.51 -114.26 19.62
CA PHE E 141 21.08 -113.97 19.56
C PHE E 141 20.27 -115.10 20.18
N SER E 142 20.88 -115.87 21.07
CA SER E 142 20.15 -116.91 21.80
C SER E 142 19.06 -116.34 22.70
N ALA E 143 19.34 -115.25 23.41
CA ALA E 143 18.35 -114.51 24.18
C ALA E 143 18.01 -113.28 23.37
N GLY E 144 16.83 -113.30 22.75
CA GLY E 144 16.44 -112.33 21.74
C GLY E 144 16.84 -110.89 22.00
N LYS E 145 17.43 -110.27 20.99
CA LYS E 145 17.78 -108.86 21.08
C LYS E 145 16.55 -108.00 20.79
N VAL E 146 16.68 -106.70 21.07
CA VAL E 146 15.53 -105.81 21.12
C VAL E 146 15.70 -104.68 20.10
N PHE E 147 14.63 -104.43 19.34
CA PHE E 147 14.52 -103.27 18.47
C PHE E 147 13.30 -102.47 18.86
N GLN E 148 13.42 -101.14 18.87
CA GLN E 148 12.32 -100.26 19.24
C GLN E 148 11.69 -99.68 17.98
N VAL E 149 10.40 -99.91 17.80
CA VAL E 149 9.70 -99.53 16.57
C VAL E 149 8.69 -98.42 16.81
N GLY E 150 8.55 -97.95 18.05
CA GLY E 150 7.66 -96.86 18.37
C GLY E 150 8.46 -95.64 18.81
N HIS E 151 7.74 -94.62 19.27
CA HIS E 151 8.39 -93.42 19.77
C HIS E 151 8.39 -93.30 21.28
N GLN E 152 7.93 -94.32 21.99
CA GLN E 152 7.92 -94.32 23.45
C GLN E 152 8.50 -95.63 23.97
N GLU E 153 8.81 -95.62 25.26
CA GLU E 153 9.37 -96.81 25.90
C GLU E 153 8.36 -97.95 25.87
N GLY E 154 8.87 -99.17 25.70
CA GLY E 154 8.04 -100.35 25.72
C GLY E 154 7.51 -100.80 24.38
N GLU E 155 7.74 -100.03 23.31
CA GLU E 155 7.32 -100.42 21.97
C GLU E 155 8.49 -101.13 21.29
N ASP E 156 8.72 -102.38 21.68
CA ASP E 156 9.88 -103.12 21.23
C ASP E 156 9.49 -104.44 20.57
N ILE E 157 10.36 -104.91 19.70
CA ILE E 157 10.23 -106.21 19.04
C ILE E 157 11.49 -107.02 19.34
N LYS E 158 11.29 -108.31 19.61
CA LYS E 158 12.38 -109.19 20.01
C LYS E 158 12.62 -110.24 18.94
N VAL E 159 13.87 -110.38 18.50
CA VAL E 159 14.26 -111.36 17.50
C VAL E 159 15.23 -112.35 18.15
N THR E 160 14.86 -113.63 18.13
CA THR E 160 15.67 -114.68 18.75
C THR E 160 16.14 -115.65 17.67
N VAL E 161 17.46 -115.87 17.61
CA VAL E 161 18.06 -116.82 16.69
C VAL E 161 18.91 -117.78 17.51
N LYS E 162 18.51 -119.03 17.57
CA LYS E 162 19.26 -120.01 18.33
C LYS E 162 20.50 -120.44 17.55
N ALA E 163 21.52 -120.90 18.28
CA ALA E 163 22.76 -121.30 17.65
C ALA E 163 22.55 -122.53 16.78
N SER E 164 23.13 -122.53 15.59
CA SER E 164 22.99 -123.62 14.64
C SER E 164 24.33 -123.90 14.00
N ASN E 165 24.99 -124.95 14.44
CA ASN E 165 26.27 -125.41 13.89
C ASN E 165 26.34 -126.91 14.12
N LYS E 166 27.49 -127.51 13.78
CA LYS E 166 27.56 -128.96 13.76
C LYS E 166 27.49 -129.56 15.16
N THR E 167 28.14 -128.97 16.15
CA THR E 167 28.02 -129.50 17.50
C THR E 167 26.62 -129.27 18.06
N SER E 168 25.99 -128.15 17.69
CA SER E 168 24.65 -127.86 18.18
C SER E 168 23.64 -128.88 17.65
N LEU E 169 23.71 -129.21 16.37
CA LEU E 169 22.75 -130.09 15.73
C LEU E 169 23.05 -131.57 15.96
N SER E 170 23.93 -131.88 16.90
CA SER E 170 24.30 -133.25 17.25
C SER E 170 24.81 -134.03 16.05
N VAL E 171 25.72 -133.38 15.31
CA VAL E 171 26.46 -134.04 14.24
C VAL E 171 27.94 -133.72 14.43
N GLY E 172 28.80 -134.49 13.79
CA GLY E 172 30.23 -134.31 13.97
C GLY E 172 30.91 -135.63 14.21
N ALA E 173 30.14 -136.60 14.72
CA ALA E 173 30.60 -137.98 14.86
C ALA E 173 29.54 -138.88 14.24
N LEU E 174 29.69 -139.16 12.95
CA LEU E 174 28.74 -140.00 12.22
C LEU E 174 29.52 -141.10 11.51
N ASN E 175 29.35 -142.34 11.96
CA ASN E 175 29.99 -143.48 11.34
C ASN E 175 28.95 -144.31 10.61
N ASN E 176 29.42 -145.18 9.71
CA ASN E 176 28.54 -146.05 8.94
C ASN E 176 29.11 -147.45 8.77
N ALA E 177 29.87 -147.94 9.76
CA ALA E 177 30.48 -149.26 9.65
C ALA E 177 29.51 -150.37 10.06
N THR E 178 29.08 -150.35 11.32
CA THR E 178 28.24 -151.42 11.84
C THR E 178 26.76 -151.19 11.54
N SER E 179 25.93 -152.20 11.83
CA SER E 179 24.49 -152.04 11.63
C SER E 179 23.93 -150.96 12.55
N ALA E 180 24.35 -150.96 13.81
CA ALA E 180 23.82 -149.99 14.77
C ALA E 180 24.29 -148.58 14.45
N ASN E 181 25.48 -148.45 13.84
CA ASN E 181 26.03 -147.14 13.55
C ASN E 181 25.16 -146.37 12.55
N ARG E 182 24.71 -147.06 11.50
CA ARG E 182 23.89 -146.38 10.49
C ARG E 182 22.51 -146.03 11.03
N ALA E 183 21.92 -146.90 11.85
CA ALA E 183 20.60 -146.61 12.40
C ALA E 183 20.62 -145.38 13.30
N SER E 184 21.66 -145.24 14.12
CA SER E 184 21.76 -144.07 14.99
C SER E 184 22.00 -142.80 14.18
N SER E 185 22.80 -142.90 13.11
CA SER E 185 23.10 -141.72 12.31
C SER E 185 21.86 -141.19 11.61
N LEU E 186 21.00 -142.08 11.12
CA LEU E 186 19.82 -141.65 10.38
C LEU E 186 18.86 -140.86 11.26
N ALA E 187 18.68 -141.27 12.52
CA ALA E 187 17.76 -140.55 13.40
C ALA E 187 18.23 -139.14 13.69
N LYS E 188 19.54 -138.95 13.88
CA LYS E 188 20.04 -137.63 14.24
C LYS E 188 19.91 -136.64 13.09
N ILE E 189 20.10 -137.11 11.85
CA ILE E 189 19.92 -136.22 10.71
C ILE E 189 18.46 -135.79 10.59
N ASP E 190 17.53 -136.72 10.78
CA ASP E 190 16.12 -136.39 10.71
C ASP E 190 15.75 -135.37 11.79
N ALA E 191 16.27 -135.55 13.00
CA ALA E 191 16.04 -134.58 14.06
C ALA E 191 16.67 -133.24 13.73
N ALA E 192 17.78 -133.24 13.00
CA ALA E 192 18.43 -131.99 12.61
C ALA E 192 17.56 -131.16 11.69
N ILE E 193 16.92 -131.81 10.70
CA ILE E 193 16.07 -131.07 9.77
C ILE E 193 14.88 -130.46 10.49
N LYS E 194 14.31 -131.19 11.46
CA LYS E 194 13.18 -130.66 12.21
C LYS E 194 13.55 -129.41 12.98
N THR E 195 14.73 -129.40 13.61
CA THR E 195 15.14 -128.25 14.41
C THR E 195 15.32 -127.01 13.53
N ILE E 196 15.95 -127.17 12.37
CA ILE E 196 16.12 -126.04 11.46
C ILE E 196 14.77 -125.56 10.94
N ASP E 197 13.87 -126.50 10.65
CA ASP E 197 12.56 -126.13 10.13
C ASP E 197 11.79 -125.25 11.11
N SER E 198 11.82 -125.61 12.40
CA SER E 198 11.12 -124.80 13.39
C SER E 198 11.76 -123.43 13.52
N GLN E 199 13.09 -123.35 13.38
CA GLN E 199 13.78 -122.06 13.48
C GLN E 199 13.37 -121.13 12.34
N ARG E 200 13.24 -121.68 11.13
CA ARG E 200 12.86 -120.86 9.98
C ARG E 200 11.45 -120.32 10.16
N ALA E 201 10.53 -121.14 10.69
CA ALA E 201 9.16 -120.70 10.91
C ALA E 201 9.12 -119.56 11.90
N ASP E 202 9.93 -119.64 12.96
CA ASP E 202 9.97 -118.57 13.96
C ASP E 202 10.46 -117.25 13.35
N LEU E 203 11.47 -117.31 12.51
CA LEU E 203 11.99 -116.09 11.88
C LEU E 203 11.02 -115.53 10.85
N GLY E 204 10.31 -116.40 10.13
CA GLY E 204 9.33 -115.92 9.17
C GLY E 204 8.17 -115.20 9.83
N ALA E 205 7.72 -115.67 10.99
CA ALA E 205 6.61 -115.03 11.68
C ALA E 205 6.97 -113.62 12.11
N VAL E 206 8.20 -113.40 12.57
CA VAL E 206 8.61 -112.09 13.04
C VAL E 206 8.61 -111.09 11.89
N GLN E 207 9.12 -111.48 10.72
CA GLN E 207 9.17 -110.54 9.61
C GLN E 207 7.82 -110.35 8.94
N ASN E 208 6.93 -111.34 9.03
CA ASN E 208 5.52 -111.07 8.74
C ASN E 208 4.95 -110.09 9.76
N ARG E 209 5.33 -110.25 11.02
CA ARG E 209 4.90 -109.33 12.06
C ARG E 209 5.44 -107.92 11.81
N LEU E 210 6.73 -107.80 11.47
CA LEU E 210 7.33 -106.49 11.29
C LEU E 210 6.75 -105.74 10.09
N ALA E 211 6.34 -106.46 9.04
CA ALA E 211 5.80 -105.80 7.86
C ALA E 211 4.53 -105.03 8.19
N HIS E 212 3.71 -105.55 9.10
CA HIS E 212 2.46 -104.89 9.44
C HIS E 212 2.69 -103.64 10.29
N ASN E 213 3.76 -103.60 11.09
CA ASN E 213 4.09 -102.40 11.84
C ASN E 213 4.43 -101.24 10.90
N ILE E 214 5.20 -101.50 9.84
CA ILE E 214 5.61 -100.45 8.93
C ILE E 214 4.40 -99.84 8.24
N SER E 215 3.48 -100.69 7.76
CA SER E 215 2.29 -100.18 7.10
C SER E 215 1.45 -99.35 8.06
N ASN E 216 1.28 -99.82 9.29
CA ASN E 216 0.54 -99.05 10.28
C ASN E 216 1.24 -97.75 10.62
N SER E 217 2.57 -97.77 10.78
CA SER E 217 3.30 -96.56 11.09
C SER E 217 3.26 -95.55 9.95
N ALA E 218 3.28 -96.03 8.71
CA ALA E 218 3.18 -95.11 7.57
C ALA E 218 1.81 -94.43 7.54
N ASN E 219 0.74 -95.17 7.85
CA ASN E 219 -0.58 -94.56 7.88
C ASN E 219 -0.69 -93.53 8.99
N THR E 220 -0.27 -93.88 10.20
CA THR E 220 -0.44 -92.98 11.33
C THR E 220 0.42 -91.73 11.18
N GLN E 221 1.55 -91.83 10.47
CA GLN E 221 2.39 -90.66 10.25
C GLN E 221 1.66 -89.61 9.42
N ALA E 222 0.93 -90.04 8.39
CA ALA E 222 0.23 -89.09 7.54
C ALA E 222 -0.87 -88.37 8.31
N ASN E 223 -1.63 -89.09 9.12
CA ASN E 223 -2.73 -88.46 9.86
C ASN E 223 -2.21 -87.48 10.92
N VAL E 224 -1.10 -87.78 11.57
CA VAL E 224 -0.54 -86.82 12.53
C VAL E 224 -0.04 -85.57 11.81
N ALA E 225 0.50 -85.73 10.59
CA ALA E 225 0.89 -84.56 9.82
C ALA E 225 -0.31 -83.68 9.51
N ASP E 226 -1.47 -84.28 9.22
CA ASP E 226 -2.69 -83.51 9.08
C ASP E 226 -2.99 -82.70 10.33
N ALA E 227 -2.97 -83.36 11.49
CA ALA E 227 -3.34 -82.68 12.73
C ALA E 227 -2.37 -81.55 13.04
N LYS E 228 -1.08 -81.77 12.80
CA LYS E 228 -0.06 -80.78 13.13
C LYS E 228 -0.11 -79.56 12.22
N SER E 229 -0.51 -79.72 10.96
CA SER E 229 -0.53 -78.57 10.06
C SER E 229 -1.70 -77.64 10.34
N ARG E 230 -2.83 -78.17 10.81
CA ARG E 230 -3.98 -77.32 11.07
C ARG E 230 -3.71 -76.35 12.21
N ILE E 231 -2.71 -76.64 13.04
CA ILE E 231 -2.44 -75.83 14.22
C ILE E 231 -1.39 -74.76 13.93
N VAL E 232 -0.30 -75.12 13.25
CA VAL E 232 0.84 -74.21 13.13
C VAL E 232 0.99 -73.57 11.76
N ASP E 233 0.27 -74.05 10.75
CA ASP E 233 0.49 -73.60 9.38
C ASP E 233 -0.53 -72.54 9.00
N VAL E 234 -0.09 -71.62 8.14
CA VAL E 234 -0.95 -70.52 7.70
C VAL E 234 -1.79 -70.96 6.51
N ASP E 235 -2.94 -70.34 6.35
CA ASP E 235 -3.76 -70.46 5.14
C ASP E 235 -3.53 -69.21 4.31
N PHE E 236 -2.95 -69.37 3.13
CA PHE E 236 -2.60 -68.21 2.31
C PHE E 236 -3.83 -67.42 1.89
N ALA E 237 -4.96 -68.09 1.72
CA ALA E 237 -6.19 -67.37 1.39
C ALA E 237 -6.54 -66.41 2.51
N LYS E 238 -6.43 -66.87 3.75
CA LYS E 238 -6.66 -66.00 4.90
C LYS E 238 -5.60 -64.92 5.00
N GLU E 239 -4.33 -65.29 4.80
CA GLU E 239 -3.24 -64.35 5.05
C GLU E 239 -3.14 -63.29 3.95
N THR E 240 -3.33 -63.70 2.69
CA THR E 240 -3.19 -62.75 1.59
C THR E 240 -4.24 -61.65 1.69
N SER E 241 -5.47 -62.01 2.05
CA SER E 241 -6.52 -61.01 2.21
C SER E 241 -6.17 -60.00 3.29
N ALA E 242 -5.64 -60.49 4.42
CA ALA E 242 -5.26 -59.59 5.51
C ALA E 242 -4.12 -58.66 5.10
N MET E 243 -3.14 -59.19 4.36
CA MET E 243 -2.01 -58.37 3.93
C MET E 243 -2.46 -57.24 3.02
N THR E 244 -3.27 -57.55 2.02
CA THR E 244 -3.86 -56.50 1.19
C THR E 244 -4.80 -55.63 2.00
N LYS E 245 -5.38 -56.19 3.06
CA LYS E 245 -6.36 -55.45 3.85
C LYS E 245 -5.69 -54.27 4.53
N TYR E 246 -4.49 -54.48 5.08
CA TYR E 246 -3.75 -53.47 5.82
C TYR E 246 -2.99 -52.50 4.92
N GLN E 247 -2.65 -52.91 3.69
CA GLN E 247 -1.97 -52.00 2.78
C GLN E 247 -2.83 -50.77 2.49
N VAL E 248 -4.12 -50.99 2.26
CA VAL E 248 -5.03 -49.87 2.02
C VAL E 248 -5.12 -48.98 3.25
N LEU E 249 -5.21 -49.59 4.44
CA LEU E 249 -5.31 -48.81 5.67
C LEU E 249 -4.08 -47.96 5.91
N GLN E 250 -2.90 -48.42 5.46
CA GLN E 250 -1.69 -47.65 5.63
C GLN E 250 -1.72 -46.36 4.80
N GLN E 251 -2.09 -46.48 3.53
CA GLN E 251 -2.17 -45.29 2.69
C GLN E 251 -3.29 -44.37 3.13
N THR E 252 -4.39 -44.92 3.63
CA THR E 252 -5.44 -44.10 4.20
C THR E 252 -4.93 -43.38 5.44
N GLY E 253 -4.20 -44.07 6.31
CA GLY E 253 -3.68 -43.45 7.51
C GLY E 253 -2.67 -42.36 7.23
N SER E 254 -1.82 -42.55 6.23
CA SER E 254 -0.81 -41.55 5.91
C SER E 254 -1.43 -40.26 5.36
N ALA E 255 -2.43 -40.38 4.49
CA ALA E 255 -3.09 -39.18 3.99
C ALA E 255 -3.84 -38.44 5.08
N MET E 256 -4.51 -39.17 5.99
CA MET E 256 -5.21 -38.52 7.08
C MET E 256 -4.26 -37.81 8.02
N LEU E 257 -3.13 -38.45 8.34
CA LEU E 257 -2.18 -37.83 9.26
C LEU E 257 -1.52 -36.60 8.66
N ALA E 258 -1.12 -36.66 7.38
CA ALA E 258 -0.51 -35.50 6.75
C ALA E 258 -1.47 -34.33 6.70
N GLN E 259 -2.74 -34.60 6.40
CA GLN E 259 -3.72 -33.52 6.30
C GLN E 259 -4.13 -33.00 7.68
N ALA E 260 -4.10 -33.86 8.69
CA ALA E 260 -4.45 -33.42 10.04
C ALA E 260 -3.33 -32.57 10.64
N ASN E 261 -2.11 -32.70 10.13
CA ASN E 261 -1.00 -31.93 10.67
C ASN E 261 -1.10 -30.45 10.35
N GLN E 262 -1.75 -30.07 9.24
CA GLN E 262 -1.87 -28.67 8.87
C GLN E 262 -3.21 -28.07 9.28
N LEU E 263 -3.89 -28.67 10.24
CA LEU E 263 -5.05 -28.06 10.89
C LEU E 263 -4.71 -26.74 11.60
N PRO E 264 -3.62 -26.64 12.37
CA PRO E 264 -3.38 -25.40 13.11
C PRO E 264 -3.05 -24.20 12.24
N GLN E 265 -2.89 -24.36 10.93
CA GLN E 265 -2.63 -23.22 10.07
C GLN E 265 -3.82 -22.29 9.93
N VAL E 266 -4.99 -22.69 10.41
CA VAL E 266 -6.14 -21.80 10.44
C VAL E 266 -5.85 -20.58 11.31
N ALA E 267 -5.06 -20.77 12.37
CA ALA E 267 -4.74 -19.67 13.28
C ALA E 267 -4.00 -18.53 12.58
N LEU E 268 -3.28 -18.81 11.49
CA LEU E 268 -2.61 -17.77 10.74
C LEU E 268 -3.55 -16.90 9.93
N SER E 269 -4.75 -17.40 9.62
CA SER E 269 -5.71 -16.60 8.86
C SER E 269 -6.26 -15.46 9.69
N LEU E 270 -6.40 -15.63 11.00
CA LEU E 270 -6.98 -14.60 11.86
C LEU E 270 -5.89 -13.65 12.34
N LEU E 271 -5.17 -13.09 11.37
CA LEU E 271 -4.20 -12.03 11.61
C LEU E 271 -3.15 -12.48 12.62
N GLY E 272 -2.33 -13.44 12.23
CA GLY E 272 -1.23 -13.90 13.07
C GLY E 272 -1.64 -14.49 14.41
N ALA F 1 -17.01 27.71 36.73
CA ALA F 1 -16.31 26.44 36.70
C ALA F 1 -15.22 26.43 35.63
N ILE F 2 -14.50 27.55 35.52
CA ILE F 2 -13.39 27.66 34.58
C ILE F 2 -12.09 27.82 35.34
N THR F 3 -11.37 26.71 35.50
CA THR F 3 -10.15 26.72 36.30
C THR F 3 -8.92 26.47 35.43
N VAL F 4 -7.78 26.92 35.92
CA VAL F 4 -6.52 26.76 35.20
C VAL F 4 -5.47 26.11 36.10
N ASN F 5 -5.91 25.50 37.20
CA ASN F 5 -5.00 24.81 38.10
C ASN F 5 -5.18 23.30 38.13
N THR F 6 -6.40 22.80 37.93
CA THR F 6 -6.65 21.37 37.89
C THR F 6 -7.51 21.03 36.68
N ASN F 7 -7.17 19.94 36.00
CA ASN F 7 -7.91 19.43 34.84
C ASN F 7 -8.36 18.02 35.17
N VAL F 8 -9.52 17.90 35.82
CA VAL F 8 -10.03 16.61 36.20
C VAL F 8 -10.47 15.81 34.98
N THR F 9 -10.87 16.50 33.92
CA THR F 9 -11.17 15.81 32.67
C THR F 9 -9.96 15.06 32.16
N SER F 10 -8.78 15.66 32.26
CA SER F 10 -7.55 14.98 31.89
C SER F 10 -7.28 13.79 32.80
N MET F 11 -7.52 13.95 34.11
CA MET F 11 -7.26 12.87 35.05
C MET F 11 -8.09 11.64 34.73
N LYS F 12 -9.38 11.83 34.45
CA LYS F 12 -10.22 10.70 34.07
C LYS F 12 -9.80 10.13 32.72
N ALA F 13 -9.44 11.00 31.78
CA ALA F 13 -9.01 10.53 30.46
C ALA F 13 -7.73 9.71 30.55
N GLN F 14 -6.80 10.12 31.42
CA GLN F 14 -5.54 9.40 31.54
C GLN F 14 -5.77 7.97 32.03
N LYS F 15 -6.67 7.80 33.00
CA LYS F 15 -6.91 6.47 33.57
C LYS F 15 -7.45 5.52 32.52
N ASN F 16 -8.36 6.00 31.67
CA ASN F 16 -8.96 5.15 30.66
C ASN F 16 -7.92 4.69 29.64
N LEU F 17 -6.99 5.59 29.28
CA LEU F 17 -5.94 5.21 28.34
C LEU F 17 -5.02 4.15 28.94
N ASN F 18 -4.72 4.27 30.23
CA ASN F 18 -3.86 3.27 30.87
C ASN F 18 -4.51 1.90 30.87
N THR F 19 -5.81 1.83 31.14
CA THR F 19 -6.50 0.55 31.13
C THR F 19 -6.51 -0.08 29.75
N SER F 20 -6.75 0.71 28.71
CA SER F 20 -6.75 0.18 27.36
C SER F 20 -5.37 -0.26 26.89
N ASN F 21 -4.32 0.43 27.33
CA ASN F 21 -2.96 0.03 26.98
C ASN F 21 -2.54 -1.25 27.68
N SER F 22 -2.94 -1.43 28.93
CA SER F 22 -2.59 -2.64 29.67
C SER F 22 -3.30 -3.87 29.09
N GLY F 23 -4.55 -3.71 28.66
CA GLY F 23 -5.26 -4.80 28.05
C GLY F 23 -4.67 -5.22 26.71
N LEU F 24 -4.19 -4.25 25.94
CA LEU F 24 -3.55 -4.56 24.67
C LEU F 24 -2.26 -5.34 24.90
N SER F 25 -1.48 -4.94 25.92
CA SER F 25 -0.21 -5.59 26.20
C SER F 25 -0.41 -7.06 26.59
N THR F 26 -1.37 -7.32 27.48
CA THR F 26 -1.56 -8.68 27.97
C THR F 26 -2.08 -9.60 26.87
N SER F 27 -2.80 -9.05 25.89
CA SER F 27 -3.28 -9.88 24.79
C SER F 27 -2.17 -10.31 23.87
N MET F 28 -1.15 -9.46 23.66
CA MET F 28 -0.07 -9.80 22.76
C MET F 28 0.78 -10.95 23.30
N GLU F 29 1.07 -10.94 24.60
CA GLU F 29 1.92 -11.98 25.16
C GLU F 29 1.21 -13.33 25.20
N ARG F 30 -0.11 -13.32 25.42
CA ARG F 30 -0.87 -14.57 25.30
C ARG F 30 -0.85 -15.09 23.87
N LEU F 31 -0.92 -14.21 22.88
CA LEU F 31 -0.84 -14.62 21.48
C LEU F 31 0.57 -15.01 21.06
N SER F 32 1.60 -14.40 21.64
CA SER F 32 2.97 -14.68 21.22
C SER F 32 3.47 -16.02 21.74
N SER F 33 2.89 -16.53 22.84
CA SER F 33 3.28 -17.81 23.39
C SER F 33 2.25 -18.89 23.12
N GLY F 34 0.97 -18.61 23.38
CA GLY F 34 -0.07 -19.58 23.13
C GLY F 34 -0.63 -20.18 24.39
N LEU F 35 -0.41 -19.51 25.51
CA LEU F 35 -0.87 -19.99 26.81
C LEU F 35 -1.72 -18.93 27.48
N ARG F 36 -2.89 -19.34 27.97
CA ARG F 36 -3.74 -18.44 28.73
C ARG F 36 -3.15 -18.14 30.10
N ILE F 37 -2.71 -19.17 30.82
CA ILE F 37 -2.12 -19.00 32.14
C ILE F 37 -0.61 -18.82 32.00
N ASN F 38 -0.18 -17.60 31.71
CA ASN F 38 1.24 -17.30 31.63
C ASN F 38 1.82 -17.18 33.04
N SER F 39 1.20 -16.34 33.86
CA SER F 39 1.62 -16.16 35.25
C SER F 39 0.49 -16.54 36.19
N ALA F 40 0.74 -16.31 37.48
CA ALA F 40 -0.27 -16.57 38.51
C ALA F 40 -1.31 -15.46 38.59
N LYS F 41 -1.25 -14.46 37.71
CA LYS F 41 -2.32 -13.48 37.64
C LYS F 41 -3.65 -14.17 37.41
N ASP F 42 -3.65 -15.12 36.47
CA ASP F 42 -4.84 -15.83 35.99
C ASP F 42 -5.23 -16.93 36.95
N ASP F 43 -6.02 -17.89 36.47
CA ASP F 43 -6.60 -18.93 37.31
C ASP F 43 -5.55 -19.54 38.24
N ALA F 44 -5.72 -19.30 39.54
CA ALA F 44 -4.81 -19.87 40.53
C ALA F 44 -4.98 -21.38 40.60
N ALA F 45 -6.20 -21.87 40.51
CA ALA F 45 -6.46 -23.30 40.52
C ALA F 45 -6.10 -23.97 39.21
N GLY F 46 -6.14 -23.22 38.10
CA GLY F 46 -5.84 -23.83 36.81
C GLY F 46 -4.41 -24.31 36.71
N LEU F 47 -3.47 -23.50 37.17
CA LEU F 47 -2.06 -23.87 37.06
C LEU F 47 -1.74 -25.06 37.96
N ALA F 48 -2.38 -25.14 39.13
CA ALA F 48 -2.16 -26.28 40.01
C ALA F 48 -2.66 -27.57 39.37
N ILE F 49 -3.84 -27.52 38.78
CA ILE F 49 -4.39 -28.70 38.11
C ILE F 49 -3.52 -29.08 36.91
N SER F 50 -3.07 -28.08 36.15
CA SER F 50 -2.28 -28.36 34.95
C SER F 50 -0.96 -29.03 35.30
N ASN F 51 -0.40 -28.71 36.46
CA ASN F 51 0.87 -29.31 36.85
C ASN F 51 0.74 -30.82 37.05
N ARG F 52 -0.35 -31.25 37.70
CA ARG F 52 -0.58 -32.69 37.84
C ARG F 52 -0.91 -33.35 36.52
N LEU F 53 -1.68 -32.68 35.65
CA LEU F 53 -1.93 -33.22 34.32
C LEU F 53 -0.65 -33.30 33.52
N ASN F 54 0.23 -32.31 33.67
CA ASN F 54 1.53 -32.37 32.99
C ASN F 54 2.35 -33.55 33.47
N SER F 55 2.29 -33.85 34.77
CA SER F 55 3.00 -35.01 35.30
C SER F 55 2.46 -36.30 34.71
N GLN F 56 1.14 -36.41 34.55
CA GLN F 56 0.57 -37.63 33.99
C GLN F 56 0.98 -37.81 32.53
N VAL F 57 0.96 -36.73 31.75
CA VAL F 57 1.31 -36.84 30.33
C VAL F 57 2.76 -37.26 30.17
N ARG F 58 3.67 -36.56 30.86
CA ARG F 58 5.08 -36.93 30.78
C ARG F 58 5.36 -38.23 31.51
N GLY F 59 4.63 -38.50 32.59
CA GLY F 59 4.81 -39.75 33.30
C GLY F 59 4.47 -40.96 32.44
N LEU F 60 3.38 -40.87 31.69
CA LEU F 60 3.01 -41.98 30.81
C LEU F 60 4.04 -42.17 29.70
N GLU F 61 4.58 -41.07 29.15
CA GLU F 61 5.51 -41.19 28.04
C GLU F 61 6.76 -41.95 28.44
N VAL F 62 7.28 -41.70 29.64
CA VAL F 62 8.40 -42.49 30.14
C VAL F 62 7.93 -43.92 30.44
N GLY F 63 6.71 -44.08 30.92
CA GLY F 63 6.19 -45.40 31.18
C GLY F 63 6.03 -46.24 29.93
N MET F 64 5.69 -45.59 28.80
CA MET F 64 5.60 -46.32 27.54
C MET F 64 6.95 -46.91 27.15
N ARG F 65 8.01 -46.11 27.21
CA ARG F 65 9.33 -46.64 26.89
C ARG F 65 9.78 -47.68 27.90
N ASN F 66 9.30 -47.58 29.13
CA ASN F 66 9.63 -48.57 30.14
C ASN F 66 9.12 -49.95 29.78
N ALA F 67 7.92 -50.03 29.20
CA ALA F 67 7.33 -51.30 28.80
C ALA F 67 7.86 -51.82 27.47
N ASN F 68 8.21 -50.93 26.54
CA ASN F 68 8.87 -51.38 25.31
C ASN F 68 10.18 -52.10 25.60
N ASP F 69 10.89 -51.69 26.65
CA ASP F 69 12.09 -52.37 27.08
C ASP F 69 11.79 -53.78 27.58
N ALA F 70 10.71 -53.96 28.34
CA ALA F 70 10.37 -55.27 28.85
C ALA F 70 9.99 -56.22 27.73
N ILE F 71 9.37 -55.71 26.68
CA ILE F 71 8.97 -56.53 25.55
C ILE F 71 10.21 -57.09 24.88
N SER F 72 11.23 -56.26 24.71
CA SER F 72 12.46 -56.70 24.05
C SER F 72 13.17 -57.79 24.85
N ILE F 73 13.22 -57.66 26.18
CA ILE F 73 13.85 -58.69 27.00
C ILE F 73 13.13 -60.02 26.85
N ALA F 74 11.80 -60.01 26.93
CA ALA F 74 11.04 -61.25 26.74
C ALA F 74 11.18 -61.79 25.33
N GLN F 75 11.40 -60.91 24.35
CA GLN F 75 11.55 -61.35 22.97
C GLN F 75 12.85 -62.13 22.78
N ILE F 76 13.94 -61.67 23.39
CA ILE F 76 15.23 -62.33 23.21
C ILE F 76 15.26 -63.68 23.91
N ALA F 77 14.73 -63.76 25.13
CA ALA F 77 14.75 -65.01 25.87
C ALA F 77 13.91 -66.07 25.15
N GLU F 78 12.76 -65.67 24.61
CA GLU F 78 11.92 -66.61 23.87
C GLU F 78 12.64 -67.15 22.64
N GLY F 79 13.37 -66.28 21.93
CA GLY F 79 14.07 -66.72 20.74
C GLY F 79 15.13 -67.76 21.03
N ALA F 80 15.86 -67.60 22.13
CA ALA F 80 16.91 -68.54 22.47
C ALA F 80 16.36 -69.91 22.86
N MET F 81 15.21 -69.94 23.54
CA MET F 81 14.65 -71.22 23.97
C MET F 81 14.15 -72.04 22.79
N GLN F 82 13.84 -71.40 21.67
CA GLN F 82 13.42 -72.14 20.48
C GLN F 82 14.55 -73.02 19.96
N GLU F 83 15.78 -72.50 19.96
CA GLU F 83 16.89 -73.29 19.46
C GLU F 83 17.24 -74.43 20.41
N GLN F 84 17.04 -74.24 21.71
CA GLN F 84 17.26 -75.34 22.65
C GLN F 84 16.24 -76.45 22.42
N THR F 85 15.02 -76.10 22.01
CA THR F 85 14.01 -77.11 21.74
C THR F 85 14.37 -77.97 20.54
N ASN F 86 14.88 -77.36 19.47
CA ASN F 86 15.23 -78.13 18.28
C ASN F 86 16.36 -79.11 18.55
N MET F 87 17.39 -78.71 19.27
CA MET F 87 18.48 -79.63 19.59
C MET F 87 18.04 -80.74 20.52
N LEU F 88 17.11 -80.48 21.44
CA LEU F 88 16.60 -81.54 22.29
C LEU F 88 15.82 -82.57 21.48
N GLN F 89 15.13 -82.14 20.44
CA GLN F 89 14.42 -83.09 19.58
C GLN F 89 15.39 -84.02 18.86
N ARG F 90 16.53 -83.49 18.42
CA ARG F 90 17.53 -84.34 17.78
C ARG F 90 18.11 -85.36 18.74
N MET F 91 18.24 -85.01 20.02
CA MET F 91 18.70 -85.98 21.01
C MET F 91 17.71 -87.12 21.18
N ARG F 92 16.40 -86.84 21.05
CA ARG F 92 15.42 -87.91 21.12
C ARG F 92 15.59 -88.91 19.99
N ASP F 93 15.85 -88.43 18.78
CA ASP F 93 16.03 -89.34 17.65
C ASP F 93 17.26 -90.21 17.83
N LEU F 94 18.36 -89.64 18.34
CA LEU F 94 19.56 -90.43 18.56
C LEU F 94 19.35 -91.51 19.60
N THR F 95 18.63 -91.22 20.68
CA THR F 95 18.29 -92.25 21.66
C THR F 95 17.43 -93.35 21.07
N ILE F 96 16.45 -93.00 20.23
CA ILE F 96 15.67 -94.01 19.54
C ILE F 96 16.56 -94.77 18.56
N GLN F 97 17.42 -94.07 17.82
CA GLN F 97 18.33 -94.72 16.89
C GLN F 97 19.36 -95.60 17.59
N SER F 98 19.70 -95.29 18.84
CA SER F 98 20.71 -96.03 19.57
C SER F 98 20.17 -97.33 20.16
N GLU F 99 19.00 -97.80 19.74
CA GLU F 99 18.36 -98.93 20.37
C GLU F 99 18.32 -100.12 19.40
N ASN F 100 18.99 -100.01 18.25
CA ASN F 100 19.09 -101.12 17.33
C ASN F 100 19.82 -102.29 17.95
N GLY F 101 19.41 -103.51 17.59
CA GLY F 101 20.13 -104.69 18.00
C GLY F 101 21.21 -105.09 17.01
N ALA F 102 21.31 -104.35 15.91
CA ALA F 102 22.35 -104.59 14.93
C ALA F 102 23.54 -103.66 15.10
N ASN F 103 23.52 -102.79 16.10
CA ASN F 103 24.64 -101.91 16.37
C ASN F 103 25.75 -102.71 17.04
N SER F 104 26.82 -102.04 17.43
CA SER F 104 27.91 -102.67 18.16
C SER F 104 28.41 -101.71 19.21
N THR F 105 29.37 -102.17 20.01
CA THR F 105 29.92 -101.32 21.06
C THR F 105 30.57 -100.07 20.47
N ALA F 106 31.29 -100.22 19.37
CA ALA F 106 31.89 -99.07 18.71
C ALA F 106 30.86 -98.14 18.10
N ASP F 107 29.73 -98.67 17.65
CA ASP F 107 28.69 -97.84 17.06
C ASP F 107 28.01 -96.95 18.10
N LEU F 108 27.78 -97.49 19.30
CA LEU F 108 27.13 -96.71 20.34
C LEU F 108 28.01 -95.54 20.79
N VAL F 109 29.33 -95.72 20.75
CA VAL F 109 30.24 -94.64 21.15
C VAL F 109 30.13 -93.46 20.19
N SER F 110 30.05 -93.72 18.88
CA SER F 110 29.91 -92.64 17.91
C SER F 110 28.63 -91.84 18.12
N ILE F 111 27.52 -92.50 18.44
CA ILE F 111 26.28 -91.79 18.68
C ILE F 111 26.41 -90.92 19.93
N LYS F 112 27.08 -91.42 20.97
CA LYS F 112 27.25 -90.62 22.18
C LYS F 112 28.12 -89.40 21.92
N ALA F 113 29.14 -89.52 21.07
CA ALA F 113 29.99 -88.39 20.74
C ALA F 113 29.22 -87.26 20.06
N GLU F 114 28.08 -87.56 19.46
CA GLU F 114 27.19 -86.56 18.90
C GLU F 114 26.28 -85.97 19.96
N MET F 115 25.65 -86.81 20.77
CA MET F 115 24.81 -86.32 21.86
C MET F 115 25.61 -85.43 22.81
N ASP F 116 26.88 -85.77 23.02
CA ASP F 116 27.70 -85.03 23.98
C ASP F 116 27.89 -83.59 23.55
N GLN F 117 28.15 -83.36 22.26
CA GLN F 117 28.35 -81.99 21.79
C GLN F 117 27.07 -81.18 21.72
N LEU F 118 25.93 -81.81 21.46
CA LEU F 118 24.67 -81.08 21.48
C LEU F 118 24.34 -80.55 22.86
N ALA F 119 24.63 -81.32 23.91
CA ALA F 119 24.42 -80.84 25.27
C ALA F 119 25.35 -79.69 25.64
N THR F 120 26.53 -79.63 25.02
CA THR F 120 27.43 -78.52 25.27
C THR F 120 26.86 -77.19 24.80
N GLU F 121 26.18 -77.18 23.65
CA GLU F 121 25.58 -75.93 23.17
C GLU F 121 24.39 -75.49 24.00
N ILE F 122 23.60 -76.42 24.53
CA ILE F 122 22.52 -76.04 25.43
C ILE F 122 23.09 -75.28 26.61
N ASP F 123 24.25 -75.71 27.10
CA ASP F 123 25.01 -74.91 28.05
C ASP F 123 25.46 -73.59 27.45
N SER F 124 25.93 -73.61 26.19
CA SER F 124 26.53 -72.41 25.61
C SER F 124 25.50 -71.33 25.35
N ILE F 125 24.30 -71.69 24.87
CA ILE F 125 23.26 -70.68 24.68
C ILE F 125 22.82 -70.11 26.02
N GLY F 126 22.68 -70.97 27.03
CA GLY F 126 22.25 -70.52 28.34
C GLY F 126 23.17 -69.49 28.97
N ASN F 127 24.47 -69.63 28.74
CA ASN F 127 25.45 -68.72 29.31
C ASN F 127 25.77 -67.53 28.41
N SER F 128 25.16 -67.44 27.24
CA SER F 128 25.52 -66.39 26.29
C SER F 128 24.40 -65.37 26.09
N THR F 129 23.15 -65.84 26.03
CA THR F 129 22.01 -64.97 25.74
C THR F 129 21.97 -63.78 26.69
N ALA F 130 22.13 -62.58 26.15
CA ALA F 130 22.27 -61.39 26.97
C ALA F 130 21.61 -60.20 26.27
N PHE F 131 21.27 -59.20 27.07
CA PHE F 131 20.72 -57.94 26.58
C PHE F 131 21.81 -56.89 26.74
N GLY F 132 22.66 -56.78 25.73
CA GLY F 132 23.78 -55.88 25.80
C GLY F 132 24.89 -56.43 26.67
N ASN F 133 24.67 -56.45 27.99
CA ASN F 133 25.69 -57.04 28.87
C ASN F 133 25.07 -57.81 30.04
N THR F 134 23.75 -57.98 30.09
CA THR F 134 23.10 -58.67 31.20
C THR F 134 22.62 -60.03 30.72
N LYS F 135 23.10 -61.09 31.36
CA LYS F 135 22.74 -62.46 31.01
C LYS F 135 21.32 -62.73 31.50
N LEU F 136 20.47 -63.26 30.63
CA LEU F 136 19.06 -63.41 30.93
C LEU F 136 18.63 -64.82 31.30
N LEU F 137 19.47 -65.83 31.06
CA LEU F 137 19.06 -67.22 31.28
C LEU F 137 19.90 -67.91 32.35
N THR F 138 20.60 -67.13 33.18
CA THR F 138 21.47 -67.72 34.19
C THR F 138 20.97 -67.46 35.60
N GLY F 139 19.69 -67.16 35.77
CA GLY F 139 19.07 -67.11 37.07
C GLY F 139 18.99 -65.74 37.70
N THR F 140 19.53 -64.70 37.05
CA THR F 140 19.41 -63.37 37.62
C THR F 140 17.98 -62.84 37.46
N PHE F 141 17.17 -63.53 36.65
CA PHE F 141 15.75 -63.23 36.56
C PHE F 141 14.92 -64.34 37.16
N SER F 142 15.51 -65.13 38.07
CA SER F 142 14.76 -66.15 38.79
C SER F 142 13.66 -65.58 39.67
N ALA F 143 13.93 -64.50 40.38
CA ALA F 143 12.94 -63.75 41.13
C ALA F 143 12.61 -62.51 40.32
N GLY F 144 11.45 -62.53 39.67
CA GLY F 144 11.08 -61.55 38.67
C GLY F 144 11.49 -60.12 38.92
N LYS F 145 12.10 -59.49 37.93
CA LYS F 145 12.46 -58.09 38.03
C LYS F 145 11.24 -57.22 37.71
N VAL F 146 11.36 -55.92 37.99
CA VAL F 146 10.23 -55.02 38.02
C VAL F 146 10.41 -53.89 37.01
N PHE F 147 9.37 -53.64 36.24
CA PHE F 147 9.29 -52.48 35.35
C PHE F 147 8.06 -51.67 35.72
N GLN F 148 8.19 -50.35 35.74
CA GLN F 148 7.09 -49.45 36.09
C GLN F 148 6.49 -48.87 34.82
N VAL F 149 5.19 -49.10 34.61
CA VAL F 149 4.52 -48.70 33.37
C VAL F 149 3.51 -47.59 33.59
N GLY F 150 3.35 -47.12 34.82
CA GLY F 150 2.46 -46.02 35.13
C GLY F 150 3.26 -44.82 35.59
N HIS F 151 2.54 -43.79 36.04
CA HIS F 151 3.19 -42.59 36.54
C HIS F 151 3.16 -42.48 38.06
N GLN F 152 2.68 -43.50 38.76
CA GLN F 152 2.64 -43.49 40.21
C GLN F 152 3.20 -44.80 40.75
N GLU F 153 3.49 -44.81 42.05
CA GLU F 153 4.02 -46.00 42.69
C GLU F 153 3.01 -47.13 42.64
N GLY F 154 3.51 -48.36 42.49
CA GLY F 154 2.68 -49.53 42.49
C GLY F 154 2.18 -49.98 41.13
N GLU F 155 2.43 -49.21 40.08
CA GLU F 155 2.03 -49.59 38.71
C GLU F 155 3.21 -50.31 38.07
N ASP F 156 3.42 -51.56 38.46
CA ASP F 156 4.59 -52.30 38.02
C ASP F 156 4.20 -53.61 37.37
N ILE F 157 5.09 -54.10 36.50
CA ILE F 157 4.97 -55.39 35.85
C ILE F 157 6.21 -56.20 36.16
N LYS F 158 6.00 -57.50 36.43
CA LYS F 158 7.08 -58.39 36.84
C LYS F 158 7.33 -59.43 35.77
N VAL F 159 8.58 -59.58 35.38
CA VAL F 159 8.99 -60.56 34.38
C VAL F 159 9.94 -61.56 35.03
N THR F 160 9.57 -62.84 35.01
CA THR F 160 10.35 -63.89 35.64
C THR F 160 10.84 -64.86 34.58
N VAL F 161 12.15 -65.09 34.55
CA VAL F 161 12.78 -66.05 33.63
C VAL F 161 13.60 -67.01 34.47
N LYS F 162 13.18 -68.27 34.52
CA LYS F 162 13.93 -69.25 35.29
C LYS F 162 15.17 -69.68 34.53
N ALA F 163 16.17 -70.14 35.29
CA ALA F 163 17.43 -70.57 34.68
C ALA F 163 17.22 -71.80 33.80
N SER F 164 17.83 -71.78 32.62
CA SER F 164 17.70 -72.87 31.67
C SER F 164 19.05 -73.17 31.05
N ASN F 165 19.70 -74.22 31.52
CA ASN F 165 20.98 -74.67 30.98
C ASN F 165 21.05 -76.18 31.22
N LYS F 166 22.19 -76.79 30.90
CA LYS F 166 22.25 -78.25 30.87
C LYS F 166 22.15 -78.86 32.27
N THR F 167 22.79 -78.26 33.28
CA THR F 167 22.64 -78.78 34.63
C THR F 167 21.23 -78.55 35.15
N SER F 168 20.61 -77.43 34.77
CA SER F 168 19.26 -77.13 35.23
C SER F 168 18.26 -78.14 34.69
N LEU F 169 18.36 -78.48 33.40
CA LEU F 169 17.40 -79.35 32.74
C LEU F 169 17.69 -80.82 32.98
N SER F 170 18.56 -81.14 33.94
CA SER F 170 18.89 -82.52 34.30
C SER F 170 19.43 -83.29 33.10
N VAL F 171 20.35 -82.65 32.38
CA VAL F 171 21.12 -83.32 31.33
C VAL F 171 22.59 -83.00 31.54
N GLY F 172 23.46 -83.78 30.92
CA GLY F 172 24.88 -83.61 31.14
C GLY F 172 25.56 -84.94 31.39
N ALA F 173 24.77 -85.90 31.88
CA ALA F 173 25.21 -87.28 32.02
C ALA F 173 24.17 -88.18 31.38
N LEU F 174 24.33 -88.45 30.09
CA LEU F 174 23.40 -89.29 29.35
C LEU F 174 24.18 -90.39 28.65
N ASN F 175 24.01 -91.62 29.09
CA ASN F 175 24.65 -92.77 28.48
C ASN F 175 23.61 -93.60 27.73
N ASN F 176 24.09 -94.47 26.84
CA ASN F 176 23.22 -95.33 26.05
C ASN F 176 23.78 -96.74 25.89
N ALA F 177 24.52 -97.24 26.89
CA ALA F 177 25.13 -98.56 26.79
C ALA F 177 24.15 -99.66 27.19
N THR F 178 23.68 -99.64 28.43
CA THR F 178 22.84 -100.70 28.95
C THR F 178 21.37 -100.47 28.61
N SER F 179 20.52 -101.46 28.88
CA SER F 179 19.09 -101.30 28.65
C SER F 179 18.51 -100.22 29.56
N ALA F 180 18.91 -100.22 30.83
CA ALA F 180 18.37 -99.25 31.78
C ALA F 180 18.85 -97.84 31.47
N ASN F 181 20.06 -97.73 30.89
CA ASN F 181 20.62 -96.41 30.61
C ASN F 181 19.78 -95.65 29.60
N ARG F 182 19.34 -96.32 28.54
CA ARG F 182 18.54 -95.64 27.51
C ARG F 182 17.15 -95.28 28.02
N ALA F 183 16.54 -96.14 28.83
CA ALA F 183 15.21 -95.85 29.35
C ALA F 183 15.22 -94.61 30.25
N SER F 184 16.25 -94.48 31.09
CA SER F 184 16.34 -93.32 31.96
C SER F 184 16.61 -92.05 31.17
N SER F 185 17.42 -92.15 30.11
CA SER F 185 17.75 -90.97 29.31
C SER F 185 16.52 -90.43 28.58
N LEU F 186 15.67 -91.32 28.08
CA LEU F 186 14.50 -90.87 27.33
C LEU F 186 13.54 -90.08 28.19
N ALA F 187 13.33 -90.50 29.44
CA ALA F 187 12.40 -89.78 30.30
C ALA F 187 12.87 -88.36 30.60
N LYS F 188 14.18 -88.19 30.82
CA LYS F 188 14.68 -86.86 31.20
C LYS F 188 14.57 -85.88 30.05
N ILE F 189 14.79 -86.33 28.81
CA ILE F 189 14.64 -85.45 27.66
C ILE F 189 13.19 -85.02 27.51
N ASP F 190 12.24 -85.94 27.68
CA ASP F 190 10.83 -85.59 27.60
C ASP F 190 10.45 -84.58 28.66
N ALA F 191 10.94 -84.76 29.88
CA ALA F 191 10.69 -83.78 30.94
C ALA F 191 11.34 -82.44 30.62
N ALA F 192 12.47 -82.46 29.91
CA ALA F 192 13.13 -81.21 29.55
C ALA F 192 12.28 -80.38 28.59
N ILE F 193 11.66 -81.02 27.60
CA ILE F 193 10.83 -80.27 26.65
C ILE F 193 9.62 -79.67 27.36
N LYS F 194 9.04 -80.39 28.31
CA LYS F 194 7.89 -79.85 29.03
C LYS F 194 8.26 -78.60 29.81
N THR F 195 9.43 -78.60 30.47
CA THR F 195 9.83 -77.45 31.27
C THR F 195 10.03 -76.22 30.41
N ILE F 196 10.69 -76.38 29.25
CA ILE F 196 10.88 -75.24 28.35
C ILE F 196 9.54 -74.76 27.81
N ASP F 197 8.64 -75.69 27.50
CA ASP F 197 7.34 -75.32 26.95
C ASP F 197 6.56 -74.44 27.92
N SER F 198 6.56 -74.79 29.20
CA SER F 198 5.86 -73.98 30.19
C SER F 198 6.50 -72.60 30.33
N GLN F 199 7.83 -72.54 30.21
CA GLN F 199 8.52 -71.26 30.33
C GLN F 199 8.14 -70.33 29.18
N ARG F 200 8.04 -70.87 27.96
CA ARG F 200 7.68 -70.04 26.82
C ARG F 200 6.27 -69.50 26.97
N ALA F 201 5.34 -70.31 27.47
CA ALA F 201 3.97 -69.86 27.66
C ALA F 201 3.91 -68.72 28.67
N ASP F 202 4.71 -68.81 29.74
CA ASP F 202 4.73 -67.74 30.73
C ASP F 202 5.23 -66.43 30.14
N LEU F 203 6.27 -66.49 29.31
CA LEU F 203 6.80 -65.28 28.70
C LEU F 203 5.86 -64.70 27.66
N GLY F 204 5.15 -65.57 26.92
CA GLY F 204 4.20 -65.08 25.94
C GLY F 204 3.03 -64.35 26.57
N ALA F 205 2.56 -64.83 27.72
CA ALA F 205 1.43 -64.18 28.39
C ALA F 205 1.80 -62.77 28.84
N VAL F 206 3.02 -62.57 29.32
CA VAL F 206 3.43 -61.25 29.80
C VAL F 206 3.44 -60.25 28.65
N GLN F 207 3.99 -60.65 27.49
CA GLN F 207 4.08 -59.70 26.38
C GLN F 207 2.72 -59.51 25.70
N ASN F 208 1.83 -60.49 25.76
CA ASN F 208 0.43 -60.21 25.44
C ASN F 208 -0.15 -59.23 26.44
N ARG F 209 0.20 -59.39 27.72
CA ARG F 209 -0.25 -58.47 28.75
C ARG F 209 0.31 -57.07 28.52
N LEU F 210 1.60 -56.95 28.20
CA LEU F 210 2.21 -55.64 28.03
C LEU F 210 1.67 -54.89 26.82
N ALA F 211 1.28 -55.61 25.76
CA ALA F 211 0.76 -54.93 24.58
C ALA F 211 -0.51 -54.16 24.88
N HIS F 212 -1.35 -54.69 25.77
CA HIS F 212 -2.61 -54.01 26.10
C HIS F 212 -2.39 -52.76 26.95
N ASN F 213 -1.33 -52.74 27.76
CA ASN F 213 -1.00 -51.53 28.52
C ASN F 213 -0.65 -50.38 27.59
N ILE F 214 0.15 -50.65 26.55
CA ILE F 214 0.58 -49.59 25.65
C ILE F 214 -0.61 -48.97 24.93
N SER F 215 -1.52 -49.81 24.43
CA SER F 215 -2.70 -49.29 23.75
C SER F 215 -3.56 -48.45 24.69
N ASN F 216 -3.74 -48.94 25.92
CA ASN F 216 -4.51 -48.16 26.90
C ASN F 216 -3.81 -46.86 27.26
N SER F 217 -2.49 -46.90 27.44
CA SER F 217 -1.75 -45.68 27.77
C SER F 217 -1.76 -44.67 26.62
N ALA F 218 -1.71 -45.15 25.38
CA ALA F 218 -1.80 -44.24 24.24
C ALA F 218 -3.15 -43.54 24.19
N ASN F 219 -4.23 -44.27 24.48
CA ASN F 219 -5.56 -43.65 24.49
C ASN F 219 -5.68 -42.62 25.59
N THR F 220 -5.28 -42.99 26.81
CA THR F 220 -5.46 -42.08 27.94
C THR F 220 -4.60 -40.83 27.81
N GLN F 221 -3.45 -40.95 27.12
CA GLN F 221 -2.60 -39.78 26.91
C GLN F 221 -3.31 -38.72 26.07
N ALA F 222 -4.02 -39.14 25.03
CA ALA F 222 -4.70 -38.20 24.16
C ALA F 222 -5.81 -37.46 24.91
N ASN F 223 -6.60 -38.19 25.71
CA ASN F 223 -7.70 -37.55 26.43
C ASN F 223 -7.20 -36.58 27.50
N VAL F 224 -6.10 -36.88 28.18
CA VAL F 224 -5.55 -35.93 29.14
C VAL F 224 -5.03 -34.69 28.44
N ALA F 225 -4.47 -34.84 27.24
CA ALA F 225 -4.06 -33.67 26.47
C ALA F 225 -5.24 -32.78 26.12
N ASP F 226 -6.39 -33.38 25.82
CA ASP F 226 -7.62 -32.61 25.65
C ASP F 226 -7.93 -31.79 26.90
N ALA F 227 -7.95 -32.45 28.06
CA ALA F 227 -8.33 -31.77 29.29
C ALA F 227 -7.35 -30.65 29.63
N LYS F 228 -6.07 -30.88 29.40
CA LYS F 228 -5.06 -29.90 29.76
C LYS F 228 -5.08 -28.66 28.86
N SER F 229 -5.45 -28.83 27.59
CA SER F 229 -5.45 -27.67 26.68
C SER F 229 -6.61 -26.74 26.94
N ARG F 230 -7.76 -27.26 27.38
CA ARG F 230 -8.92 -26.40 27.63
C ARG F 230 -8.65 -25.44 28.78
N ILE F 231 -7.67 -25.74 29.62
CA ILE F 231 -7.42 -24.93 30.81
C ILE F 231 -6.36 -23.87 30.55
N VAL F 232 -5.26 -24.22 29.88
CA VAL F 232 -4.11 -23.34 29.79
C VAL F 232 -3.93 -22.69 28.42
N ASP F 233 -4.63 -23.15 27.39
CA ASP F 233 -4.39 -22.71 26.03
C ASP F 233 -5.38 -21.64 25.63
N VAL F 234 -4.93 -20.72 24.78
CA VAL F 234 -5.76 -19.62 24.32
C VAL F 234 -6.59 -20.05 23.12
N ASP F 235 -7.73 -19.41 22.93
CA ASP F 235 -8.51 -19.54 21.72
C ASP F 235 -8.28 -18.29 20.89
N PHE F 236 -7.68 -18.45 19.71
CA PHE F 236 -7.29 -17.29 18.92
C PHE F 236 -8.50 -16.49 18.47
N ALA F 237 -9.64 -17.15 18.27
CA ALA F 237 -10.86 -16.43 17.92
C ALA F 237 -11.22 -15.46 19.03
N LYS F 238 -11.15 -15.94 20.28
CA LYS F 238 -11.39 -15.06 21.42
C LYS F 238 -10.33 -13.98 21.54
N GLU F 239 -9.06 -14.36 21.37
CA GLU F 239 -7.97 -13.43 21.64
C GLU F 239 -7.84 -12.38 20.54
N THR F 240 -8.00 -12.77 19.28
CA THR F 240 -7.84 -11.82 18.19
C THR F 240 -8.89 -10.72 18.26
N SER F 241 -10.12 -11.07 18.60
CA SER F 241 -11.17 -10.06 18.73
C SER F 241 -10.83 -9.08 19.84
N ALA F 242 -10.32 -9.56 20.97
CA ALA F 242 -9.97 -8.67 22.06
C ALA F 242 -8.82 -7.75 21.68
N MET F 243 -7.83 -8.28 20.96
CA MET F 243 -6.68 -7.46 20.56
C MET F 243 -7.09 -6.32 19.64
N THR F 244 -7.89 -6.62 18.62
CA THR F 244 -8.46 -5.58 17.78
C THR F 244 -9.41 -4.70 18.57
N LYS F 245 -10.02 -5.25 19.62
CA LYS F 245 -11.01 -4.51 20.39
C LYS F 245 -10.34 -3.33 21.09
N TYR F 246 -9.15 -3.56 21.66
CA TYR F 246 -8.42 -2.55 22.42
C TYR F 246 -7.64 -1.60 21.53
N GLN F 247 -7.29 -1.99 20.32
CA GLN F 247 -6.58 -1.09 19.42
C GLN F 247 -7.42 0.14 19.11
N VAL F 248 -8.71 -0.06 18.86
CA VAL F 248 -9.62 1.06 18.60
C VAL F 248 -9.71 1.95 19.83
N LEU F 249 -9.83 1.34 21.01
CA LEU F 249 -9.96 2.12 22.24
C LEU F 249 -8.72 2.96 22.50
N GLN F 250 -7.55 2.49 22.08
CA GLN F 250 -6.32 3.26 22.28
C GLN F 250 -6.34 4.55 21.45
N GLN F 251 -6.67 4.43 20.17
CA GLN F 251 -6.73 5.62 19.32
C GLN F 251 -7.85 6.55 19.75
N THR F 252 -8.97 6.00 20.21
CA THR F 252 -10.02 6.84 20.78
C THR F 252 -9.54 7.55 22.03
N GLY F 253 -8.82 6.85 22.91
CA GLY F 253 -8.33 7.46 24.12
C GLY F 253 -7.31 8.55 23.87
N SER F 254 -6.43 8.36 22.88
CA SER F 254 -5.41 9.36 22.57
C SER F 254 -6.01 10.64 22.02
N ALA F 255 -7.00 10.54 21.13
CA ALA F 255 -7.64 11.74 20.62
C ALA F 255 -8.42 12.49 21.70
N MET F 256 -9.10 11.76 22.59
CA MET F 256 -9.83 12.41 23.67
C MET F 256 -8.88 13.11 24.63
N LEU F 257 -7.76 12.47 24.97
CA LEU F 257 -6.82 13.07 25.91
C LEU F 257 -6.14 14.30 25.32
N ALA F 258 -5.73 14.24 24.05
CA ALA F 258 -5.09 15.39 23.44
C ALA F 258 -6.05 16.58 23.37
N GLN F 259 -7.31 16.32 23.05
CA GLN F 259 -8.28 17.40 22.92
C GLN F 259 -8.71 17.92 24.28
N ALA F 260 -8.71 17.05 25.30
CA ALA F 260 -9.08 17.50 26.64
C ALA F 260 -7.98 18.34 27.27
N ASN F 261 -6.74 18.20 26.78
CA ASN F 261 -5.64 18.96 27.34
C ASN F 261 -5.73 20.45 27.03
N GLN F 262 -6.34 20.83 25.92
CA GLN F 262 -6.46 22.23 25.53
C GLN F 262 -7.79 22.84 25.92
N LEU F 263 -8.50 22.24 26.86
CA LEU F 263 -9.67 22.87 27.49
C LEU F 263 -9.34 24.17 28.20
N PRO F 264 -8.26 24.26 29.01
CA PRO F 264 -8.02 25.50 29.74
C PRO F 264 -7.68 26.71 28.89
N GLN F 265 -7.48 26.54 27.58
CA GLN F 265 -7.19 27.69 26.72
C GLN F 265 -8.38 28.63 26.56
N VAL F 266 -9.57 28.23 27.03
CA VAL F 266 -10.71 29.14 27.03
C VAL F 266 -10.42 30.34 27.91
N ALA F 267 -9.66 30.16 28.99
CA ALA F 267 -9.34 31.26 29.90
C ALA F 267 -8.59 32.39 29.22
N LEU F 268 -7.85 32.10 28.14
CA LEU F 268 -7.16 33.14 27.41
C LEU F 268 -8.09 34.01 26.58
N SER F 269 -9.28 33.52 26.25
CA SER F 269 -10.21 34.33 25.48
C SER F 269 -10.77 35.48 26.29
N LEU F 270 -10.94 35.29 27.59
CA LEU F 270 -11.53 36.32 28.45
C LEU F 270 -10.45 37.27 28.95
N LEU F 271 -9.70 37.84 27.99
CA LEU F 271 -8.73 38.89 28.26
C LEU F 271 -7.72 38.42 29.29
N GLY F 272 -6.89 37.46 28.92
CA GLY F 272 -5.80 37.00 29.77
C GLY F 272 -6.24 36.41 31.09
N ALA G 1 -21.88 78.57 53.15
CA ALA G 1 -21.19 77.29 53.12
C ALA G 1 -20.08 77.28 52.08
N ILE G 2 -19.35 78.40 51.99
CA ILE G 2 -18.23 78.50 51.06
C ILE G 2 -16.93 78.65 51.84
N THR G 3 -16.22 77.54 52.02
CA THR G 3 -15.02 77.55 52.85
C THR G 3 -13.78 77.29 51.99
N VAL G 4 -12.64 77.73 52.52
CA VAL G 4 -11.37 77.57 51.82
C VAL G 4 -10.35 76.91 52.73
N ASN G 5 -10.80 76.30 53.82
CA ASN G 5 -9.91 75.61 54.75
C ASN G 5 -10.10 74.10 54.76
N THR G 6 -11.32 73.60 54.54
CA THR G 6 -11.58 72.17 54.49
C THR G 6 -12.41 71.84 53.27
N ASN G 7 -12.06 70.75 52.59
CA ASN G 7 -12.79 70.25 51.42
C ASN G 7 -13.25 68.84 51.74
N VAL G 8 -14.42 68.73 52.37
CA VAL G 8 -14.95 67.42 52.74
C VAL G 8 -15.36 66.64 51.51
N THR G 9 -15.75 67.33 50.44
CA THR G 9 -16.03 66.65 49.19
C THR G 9 -14.81 65.88 48.69
N SER G 10 -13.63 66.48 48.83
CA SER G 10 -12.39 65.78 48.47
C SER G 10 -12.15 64.60 49.39
N MET G 11 -12.41 64.77 50.69
CA MET G 11 -12.18 63.68 51.64
C MET G 11 -13.01 62.46 51.31
N LYS G 12 -14.29 62.65 50.99
CA LYS G 12 -15.14 61.53 50.60
C LYS G 12 -14.69 60.95 49.26
N ALA G 13 -14.31 61.82 48.33
CA ALA G 13 -13.86 61.35 47.03
C ALA G 13 -12.57 60.53 47.13
N GLN G 14 -11.66 60.94 48.02
CA GLN G 14 -10.41 60.20 48.16
C GLN G 14 -10.65 58.77 48.65
N LYS G 15 -11.57 58.61 49.60
CA LYS G 15 -11.83 57.28 50.16
C LYS G 15 -12.36 56.33 49.09
N ASN G 16 -13.25 56.82 48.24
CA ASN G 16 -13.83 55.98 47.21
C ASN G 16 -12.77 55.51 46.21
N LEU G 17 -11.84 56.40 45.86
CA LEU G 17 -10.77 56.02 44.95
C LEU G 17 -9.87 54.96 45.56
N ASN G 18 -9.59 55.07 46.86
CA ASN G 18 -8.75 54.08 47.52
C ASN G 18 -9.40 52.70 47.50
N THR G 19 -10.71 52.64 47.74
CA THR G 19 -11.41 51.36 47.72
C THR G 19 -11.39 50.73 46.35
N SER G 20 -11.61 51.52 45.29
CA SER G 20 -11.59 50.98 43.94
C SER G 20 -10.21 50.54 43.51
N ASN G 21 -9.15 51.23 43.96
CA ASN G 21 -7.79 50.84 43.64
C ASN G 21 -7.40 49.54 44.34
N SER G 22 -7.81 49.37 45.59
CA SER G 22 -7.49 48.15 46.33
C SER G 22 -8.18 46.94 45.75
N GLY G 23 -9.42 47.09 45.29
CA GLY G 23 -10.14 46.00 44.66
C GLY G 23 -9.52 45.58 43.34
N LEU G 24 -9.03 46.56 42.57
CA LEU G 24 -8.35 46.24 41.33
C LEU G 24 -7.07 45.46 41.58
N SER G 25 -6.31 45.84 42.60
CA SER G 25 -5.06 45.18 42.90
C SER G 25 -5.27 43.73 43.29
N THR G 26 -6.24 43.47 44.17
CA THR G 26 -6.46 42.11 44.64
C THR G 26 -6.96 41.19 43.54
N SER G 27 -7.65 41.74 42.55
CA SER G 27 -8.12 40.91 41.44
C SER G 27 -6.98 40.48 40.53
N MET G 28 -5.97 41.33 40.35
CA MET G 28 -4.86 40.98 39.46
C MET G 28 -4.03 39.83 40.02
N GLU G 29 -3.77 39.84 41.33
CA GLU G 29 -2.94 38.78 41.90
C GLU G 29 -3.66 37.45 41.93
N ARG G 30 -4.98 37.46 42.12
CA ARG G 30 -5.74 36.22 41.98
C ARG G 30 -5.69 35.69 40.56
N LEU G 31 -5.75 36.58 39.57
CA LEU G 31 -5.64 36.16 38.17
C LEU G 31 -4.22 35.76 37.78
N SER G 32 -3.20 36.38 38.38
CA SER G 32 -1.83 36.09 37.98
C SER G 32 -1.34 34.74 38.51
N SER G 33 -1.94 34.24 39.58
CA SER G 33 -1.56 32.96 40.15
C SER G 33 -2.60 31.88 39.86
N GLY G 34 -3.88 32.16 40.10
CA GLY G 34 -4.92 31.20 39.83
C GLY G 34 -5.51 30.60 41.08
N LEU G 35 -5.31 31.27 42.21
CA LEU G 35 -5.80 30.79 43.50
C LEU G 35 -6.65 31.87 44.15
N ARG G 36 -7.84 31.46 44.61
CA ARG G 36 -8.68 32.37 45.36
C ARG G 36 -8.13 32.65 46.75
N ILE G 37 -7.70 31.62 47.47
CA ILE G 37 -7.14 31.79 48.80
C ILE G 37 -5.63 31.96 48.68
N ASN G 38 -5.18 33.18 48.40
CA ASN G 38 -3.76 33.47 48.35
C ASN G 38 -3.20 33.58 49.77
N SER G 39 -3.83 34.42 50.59
CA SER G 39 -3.43 34.60 51.97
C SER G 39 -4.59 34.23 52.90
N ALA G 40 -4.37 34.45 54.19
CA ALA G 40 -5.40 34.20 55.20
C ALA G 40 -6.43 35.32 55.28
N LYS G 41 -6.35 36.32 54.39
CA LYS G 41 -7.42 37.30 54.31
C LYS G 41 -8.74 36.62 54.04
N ASP G 42 -8.74 35.67 53.11
CA ASP G 42 -9.91 34.97 52.60
C ASP G 42 -10.34 33.87 53.56
N ASP G 43 -11.11 32.91 53.05
CA ASP G 43 -11.71 31.88 53.89
C ASP G 43 -10.69 31.26 54.84
N ALA G 44 -10.88 31.50 56.13
CA ALA G 44 -9.99 30.93 57.13
C ALA G 44 -10.16 29.42 57.21
N ALA G 45 -11.39 28.94 57.10
CA ALA G 45 -11.65 27.50 57.10
C ALA G 45 -11.27 26.83 55.80
N GLY G 46 -11.29 27.58 54.68
CA GLY G 46 -10.97 26.97 53.39
C GLY G 46 -9.54 26.48 53.32
N LEU G 47 -8.60 27.29 53.80
CA LEU G 47 -7.19 26.91 53.72
C LEU G 47 -6.89 25.72 54.63
N ALA G 48 -7.55 25.65 55.78
CA ALA G 48 -7.36 24.51 56.67
C ALA G 48 -7.85 23.22 56.02
N ILE G 49 -9.03 23.27 55.40
CA ILE G 49 -9.57 22.09 54.72
C ILE G 49 -8.68 21.71 53.54
N SER G 50 -8.21 22.70 52.79
CA SER G 50 -7.40 22.43 51.60
C SER G 50 -6.09 21.74 51.97
N ASN G 51 -5.55 22.07 53.15
CA ASN G 51 -4.29 21.46 53.57
C ASN G 51 -4.43 19.95 53.75
N ARG G 52 -5.52 19.53 54.39
CA ARG G 52 -5.77 18.09 54.53
C ARG G 52 -6.08 17.43 53.19
N LEU G 53 -6.83 18.10 52.32
CA LEU G 53 -7.05 17.56 50.98
C LEU G 53 -5.76 17.49 50.19
N ASN G 54 -4.88 18.47 50.35
CA ASN G 54 -3.57 18.41 49.71
C ASN G 54 -2.77 17.21 50.21
N SER G 55 -2.85 16.92 51.50
CA SER G 55 -2.16 15.75 52.05
C SER G 55 -2.70 14.46 51.45
N GLN G 56 -4.01 14.36 51.26
CA GLN G 56 -4.58 13.15 50.68
C GLN G 56 -4.14 12.96 49.23
N VAL G 57 -4.13 14.04 48.45
CA VAL G 57 -3.76 13.94 47.04
C VAL G 57 -2.30 13.51 46.91
N ARG G 58 -1.41 14.20 47.62
CA ARG G 58 0.00 13.83 47.56
C ARG G 58 0.26 12.52 48.29
N GLY G 59 -0.49 12.25 49.37
CA GLY G 59 -0.33 11.00 50.08
C GLY G 59 -0.66 9.80 49.21
N LEU G 60 -1.75 9.89 48.43
CA LEU G 60 -2.09 8.79 47.55
C LEU G 60 -1.05 8.59 46.46
N GLU G 61 -0.49 9.69 45.93
CA GLU G 61 0.46 9.57 44.83
C GLU G 61 1.70 8.79 45.25
N VAL G 62 2.20 9.05 46.46
CA VAL G 62 3.30 8.24 46.98
C VAL G 62 2.83 6.82 47.27
N GLY G 63 1.59 6.67 47.73
CA GLY G 63 1.06 5.34 47.98
C GLY G 63 0.93 4.51 46.72
N MET G 64 0.61 5.16 45.59
CA MET G 64 0.53 4.44 44.33
C MET G 64 1.88 3.84 43.96
N ARG G 65 2.95 4.63 44.03
CA ARG G 65 4.27 4.10 43.75
C ARG G 65 4.70 3.06 44.76
N ASN G 66 4.20 3.16 46.00
CA ASN G 66 4.51 2.17 47.01
C ASN G 66 4.00 0.78 46.62
N ALA G 67 2.81 0.71 46.02
CA ALA G 67 2.22 -0.55 45.61
C ALA G 67 2.77 -1.08 44.30
N ASN G 68 3.14 -0.19 43.36
CA ASN G 68 3.82 -0.65 42.15
C ASN G 68 5.13 -1.36 42.46
N ASP G 69 5.82 -0.96 43.52
CA ASP G 69 7.00 -1.65 43.98
C ASP G 69 6.69 -3.06 44.48
N ALA G 70 5.59 -3.23 45.21
CA ALA G 70 5.23 -4.54 45.72
C ALA G 70 4.87 -5.50 44.59
N ILE G 71 4.27 -4.98 43.53
CA ILE G 71 3.89 -5.80 42.38
C ILE G 71 5.15 -6.37 41.74
N SER G 72 6.17 -5.54 41.60
CA SER G 72 7.41 -5.99 40.96
C SER G 72 8.10 -7.07 41.77
N ILE G 73 8.12 -6.94 43.10
CA ILE G 73 8.74 -7.98 43.92
C ILE G 73 8.02 -9.30 43.76
N ALA G 74 6.68 -9.30 43.82
CA ALA G 74 5.91 -10.52 43.61
C ALA G 74 6.09 -11.06 42.21
N GLN G 75 6.32 -10.18 41.24
CA GLN G 75 6.50 -10.62 39.86
C GLN G 75 7.79 -11.41 39.69
N ILE G 76 8.88 -10.95 40.32
CA ILE G 76 10.17 -11.62 40.16
C ILE G 76 10.17 -12.97 40.85
N ALA G 77 9.63 -13.05 42.07
CA ALA G 77 9.61 -14.31 42.81
C ALA G 77 8.80 -15.36 42.07
N GLU G 78 7.65 -14.95 41.51
CA GLU G 78 6.83 -15.88 40.76
C GLU G 78 7.57 -16.42 39.54
N GLY G 79 8.31 -15.56 38.84
CA GLY G 79 9.04 -16.00 37.67
C GLY G 79 10.08 -17.05 37.97
N ALA G 80 10.79 -16.90 39.09
CA ALA G 80 11.83 -17.84 39.44
C ALA G 80 11.26 -19.21 39.82
N MET G 81 10.10 -19.24 40.49
CA MET G 81 9.53 -20.51 40.90
C MET G 81 9.05 -21.33 39.71
N GLN G 82 8.75 -20.68 38.58
CA GLN G 82 8.35 -21.42 37.39
C GLN G 82 9.49 -22.30 36.90
N GLU G 83 10.72 -21.79 36.92
CA GLU G 83 11.85 -22.59 36.44
C GLU G 83 12.18 -23.73 37.39
N GLN G 84 11.95 -23.54 38.69
CA GLN G 84 12.14 -24.63 39.63
C GLN G 84 11.13 -25.75 39.38
N THR G 85 9.91 -25.39 38.95
CA THR G 85 8.90 -26.39 38.66
C THR G 85 9.28 -27.25 37.46
N ASN G 86 9.81 -26.65 36.40
CA ASN G 86 10.18 -27.42 35.22
C ASN G 86 11.31 -28.41 35.51
N MET G 87 12.33 -28.01 36.26
CA MET G 87 13.40 -28.94 36.60
C MET G 87 12.94 -30.05 37.52
N LEU G 88 11.99 -29.77 38.41
CA LEU G 88 11.45 -30.83 39.25
C LEU G 88 10.69 -31.86 38.43
N GLN G 89 10.01 -31.43 37.37
CA GLN G 89 9.32 -32.37 36.50
C GLN G 89 10.30 -33.31 35.80
N ARG G 90 11.45 -32.79 35.38
CA ARG G 90 12.45 -33.63 34.76
C ARG G 90 13.02 -34.65 35.74
N MET G 91 13.13 -34.32 37.01
CA MET G 91 13.56 -35.28 38.01
C MET G 91 12.56 -36.42 38.16
N ARG G 92 11.26 -36.14 38.01
CA ARG G 92 10.27 -37.20 38.06
C ARG G 92 10.46 -38.19 36.93
N ASP G 93 10.74 -37.72 35.72
CA ASP G 93 10.94 -38.63 34.60
C ASP G 93 12.17 -39.51 34.80
N LEU G 94 13.25 -38.95 35.33
CA LEU G 94 14.46 -39.74 35.57
C LEU G 94 14.21 -40.83 36.61
N THR G 95 13.47 -40.52 37.67
CA THR G 95 13.12 -41.55 38.64
C THR G 95 12.25 -42.64 38.04
N ILE G 96 11.29 -42.29 37.19
CA ILE G 96 10.53 -43.30 36.48
C ILE G 96 11.43 -44.07 35.51
N GLN G 97 12.31 -43.37 34.79
CA GLN G 97 13.22 -44.03 33.88
C GLN G 97 14.24 -44.91 34.60
N SER G 98 14.55 -44.59 35.85
CA SER G 98 15.54 -45.35 36.60
C SER G 98 14.99 -46.64 37.18
N GLU G 99 13.83 -47.10 36.73
CA GLU G 99 13.18 -48.24 37.36
C GLU G 99 13.15 -49.42 36.38
N ASN G 100 13.84 -49.31 35.24
CA ASN G 100 13.95 -50.43 34.31
C ASN G 100 14.66 -51.61 34.96
N GLY G 101 14.25 -52.81 34.59
CA GLY G 101 14.95 -54.00 35.02
C GLY G 101 16.06 -54.40 34.06
N ALA G 102 16.18 -53.66 32.95
CA ALA G 102 17.23 -53.91 31.98
C ALA G 102 18.43 -52.99 32.18
N ASN G 103 18.38 -52.12 33.18
CA ASN G 103 19.50 -51.25 33.47
C ASN G 103 20.61 -52.05 34.17
N SER G 104 21.67 -51.37 34.57
CA SER G 104 22.74 -52.02 35.31
C SER G 104 23.23 -51.06 36.38
N THR G 105 24.17 -51.52 37.19
CA THR G 105 24.70 -50.69 38.26
C THR G 105 25.37 -49.44 37.69
N ALA G 106 26.11 -49.59 36.59
CA ALA G 106 26.74 -48.44 35.95
C ALA G 106 25.72 -47.50 35.31
N ASP G 107 24.59 -48.02 34.85
CA ASP G 107 23.56 -47.19 34.23
C ASP G 107 22.88 -46.30 35.26
N LEU G 108 22.62 -46.84 36.46
CA LEU G 108 21.95 -46.05 37.50
C LEU G 108 22.83 -44.90 37.97
N VAL G 109 24.15 -45.08 37.95
CA VAL G 109 25.05 -44.00 38.35
C VAL G 109 24.96 -42.82 37.39
N SER G 110 24.90 -43.08 36.09
CA SER G 110 24.79 -41.99 35.12
C SER G 110 23.52 -41.19 35.30
N ILE G 111 22.40 -41.84 35.60
CA ILE G 111 21.16 -41.12 35.83
C ILE G 111 21.26 -40.26 37.07
N LYS G 112 21.91 -40.76 38.13
CA LYS G 112 22.07 -39.96 39.34
C LYS G 112 22.95 -38.75 39.09
N ALA G 113 23.99 -38.88 38.27
CA ALA G 113 24.84 -37.75 37.95
C ALA G 113 24.10 -36.62 37.26
N GLU G 114 22.96 -36.91 36.63
CA GLU G 114 22.08 -35.91 36.06
C GLU G 114 21.16 -35.30 37.11
N MET G 115 20.50 -36.15 37.90
CA MET G 115 19.65 -35.66 38.99
C MET G 115 20.44 -34.76 39.93
N ASP G 116 21.70 -35.12 40.18
CA ASP G 116 22.50 -34.39 41.15
C ASP G 116 22.72 -32.94 40.72
N GLN G 117 23.00 -32.71 39.43
CA GLN G 117 23.22 -31.34 38.97
C GLN G 117 21.94 -30.52 38.88
N LEU G 118 20.81 -31.14 38.59
CA LEU G 118 19.54 -30.41 38.59
C LEU G 118 19.19 -29.88 39.97
N ALA G 119 19.45 -30.65 41.03
CA ALA G 119 19.22 -30.18 42.39
C ALA G 119 20.15 -29.04 42.76
N THR G 120 21.34 -28.98 42.16
CA THR G 120 22.25 -27.87 42.44
C THR G 120 21.69 -26.54 41.96
N GLU G 121 21.03 -26.52 40.80
CA GLU G 121 20.44 -25.28 40.31
C GLU G 121 19.24 -24.82 41.12
N ILE G 122 18.44 -25.76 41.63
CA ILE G 122 17.34 -25.36 42.50
C ILE G 122 17.89 -24.61 43.70
N ASP G 123 19.05 -25.05 44.21
CA ASP G 123 19.79 -24.25 45.18
C ASP G 123 20.27 -22.92 44.58
N SER G 124 20.76 -22.95 43.33
CA SER G 124 21.37 -21.75 42.77
C SER G 124 20.34 -20.66 42.48
N ILE G 125 19.17 -21.02 41.99
CA ILE G 125 18.12 -20.02 41.78
C ILE G 125 17.67 -19.45 43.10
N GLY G 126 17.51 -20.29 44.12
CA GLY G 126 17.06 -19.86 45.42
C GLY G 126 17.96 -18.83 46.06
N ASN G 127 19.27 -18.97 45.86
CA ASN G 127 20.24 -18.07 46.45
C ASN G 127 20.59 -16.88 45.55
N SER G 128 19.99 -16.78 44.37
CA SER G 128 20.38 -15.73 43.43
C SER G 128 19.27 -14.71 43.21
N THR G 129 18.01 -15.17 43.13
CA THR G 129 16.89 -14.30 42.82
C THR G 129 16.84 -13.11 43.76
N ALA G 130 17.00 -11.91 43.22
CA ALA G 130 17.14 -10.72 44.05
C ALA G 130 16.50 -9.53 43.34
N PHE G 131 16.16 -8.52 44.13
CA PHE G 131 15.62 -7.26 43.65
C PHE G 131 16.71 -6.21 43.82
N GLY G 132 17.58 -6.11 42.82
CA GLY G 132 18.70 -5.20 42.92
C GLY G 132 19.79 -5.77 43.81
N ASN G 133 19.55 -5.78 45.12
CA ASN G 133 20.54 -6.39 46.02
C ASN G 133 19.90 -7.15 47.17
N THR G 134 18.58 -7.32 47.20
CA THR G 134 17.91 -8.00 48.30
C THR G 134 17.42 -9.35 47.81
N LYS G 135 17.89 -10.42 48.45
CA LYS G 135 17.53 -11.79 48.10
C LYS G 135 16.10 -12.05 48.56
N LEU G 136 15.27 -12.58 47.68
CA LEU G 136 13.84 -12.72 47.96
C LEU G 136 13.40 -14.13 48.31
N LEU G 137 14.24 -15.14 48.09
CA LEU G 137 13.82 -16.53 48.30
C LEU G 137 14.64 -17.22 49.38
N THR G 138 15.33 -16.46 50.22
CA THR G 138 16.18 -17.05 51.25
C THR G 138 15.65 -16.79 52.66
N GLY G 139 14.37 -16.47 52.80
CA GLY G 139 13.72 -16.43 54.09
C GLY G 139 13.64 -15.05 54.72
N THR G 140 14.19 -14.03 54.08
CA THR G 140 14.07 -12.68 54.65
C THR G 140 12.66 -12.16 54.46
N PHE G 141 11.86 -12.83 53.64
CA PHE G 141 10.44 -12.53 53.51
C PHE G 141 9.58 -13.64 54.11
N SER G 142 10.16 -14.42 55.03
CA SER G 142 9.40 -15.45 55.72
C SER G 142 8.28 -14.88 56.58
N ALA G 143 8.54 -13.79 57.30
CA ALA G 143 7.53 -13.04 58.04
C ALA G 143 7.23 -11.80 57.21
N GLY G 144 6.07 -11.81 56.55
CA GLY G 144 5.73 -10.84 55.54
C GLY G 144 6.14 -9.40 55.80
N LYS G 145 6.78 -8.78 54.83
CA LYS G 145 7.14 -7.38 54.93
C LYS G 145 5.93 -6.50 54.60
N VAL G 146 6.07 -5.21 54.88
CA VAL G 146 4.92 -4.30 54.88
C VAL G 146 5.13 -3.17 53.88
N PHE G 147 4.10 -2.90 53.08
CA PHE G 147 4.04 -1.75 52.20
C PHE G 147 2.81 -0.94 52.55
N GLN G 148 2.95 0.39 52.57
CA GLN G 148 1.85 1.29 52.90
C GLN G 148 1.28 1.88 51.61
N VAL G 149 -0.02 1.65 51.38
CA VAL G 149 -0.66 2.05 50.14
C VAL G 149 -1.68 3.17 50.33
N GLY G 150 -1.86 3.63 51.57
CA GLY G 150 -2.75 4.74 51.85
C GLY G 150 -1.95 5.94 52.32
N HIS G 151 -2.67 6.97 52.77
CA HIS G 151 -2.03 8.16 53.29
C HIS G 151 -2.08 8.29 54.80
N GLN G 152 -2.58 7.27 55.49
CA GLN G 152 -2.64 7.27 56.95
C GLN G 152 -2.10 5.95 57.49
N GLU G 153 -1.84 5.95 58.79
CA GLU G 153 -1.32 4.76 59.44
C GLU G 153 -2.34 3.62 59.38
N GLY G 154 -1.83 2.40 59.23
CA GLY G 154 -2.69 1.23 59.21
C GLY G 154 -3.16 0.79 57.84
N GLU G 155 -2.88 1.56 56.80
CA GLU G 155 -3.25 1.18 55.44
C GLU G 155 -2.07 0.45 54.80
N ASP G 156 -1.87 -0.80 55.20
CA ASP G 156 -0.70 -1.55 54.79
C ASP G 156 -1.09 -2.86 54.11
N ILE G 157 -0.18 -3.34 53.27
CA ILE G 157 -0.30 -4.63 52.61
C ILE G 157 0.93 -5.47 52.95
N LYS G 158 0.71 -6.75 53.21
CA LYS G 158 1.78 -7.65 53.64
C LYS G 158 2.04 -8.70 52.58
N VAL G 159 3.31 -8.85 52.20
CA VAL G 159 3.73 -9.83 51.21
C VAL G 159 4.65 -10.83 51.88
N THR G 160 4.29 -12.10 51.85
CA THR G 160 5.05 -13.17 52.50
C THR G 160 5.56 -14.14 51.44
N VAL G 161 6.87 -14.38 51.44
CA VAL G 161 7.50 -15.33 50.53
C VAL G 161 8.31 -16.29 51.39
N LYS G 162 7.88 -17.56 51.43
CA LYS G 162 8.60 -18.55 52.21
C LYS G 162 9.86 -18.99 51.47
N ALA G 163 10.84 -19.45 52.24
CA ALA G 163 12.11 -19.87 51.67
C ALA G 163 11.91 -21.10 50.79
N SER G 164 12.54 -21.09 49.62
CA SER G 164 12.42 -22.18 48.66
C SER G 164 13.79 -22.47 48.06
N ASN G 165 14.42 -23.54 48.54
CA ASN G 165 15.71 -24.00 48.03
C ASN G 165 15.77 -25.51 48.26
N LYS G 166 16.91 -26.12 47.96
CA LYS G 166 16.97 -27.57 47.94
C LYS G 166 16.83 -28.18 49.34
N THR G 167 17.45 -27.59 50.35
CA THR G 167 17.28 -28.12 51.71
C THR G 167 15.87 -27.88 52.21
N SER G 168 15.26 -26.75 51.81
CA SER G 168 13.91 -26.45 52.25
C SER G 168 12.90 -27.44 51.68
N LEU G 169 13.02 -27.78 50.40
CA LEU G 169 12.07 -28.65 49.73
C LEU G 169 12.36 -30.13 49.96
N SER G 170 13.19 -30.46 50.94
CA SER G 170 13.52 -31.83 51.31
C SER G 170 14.08 -32.61 50.12
N VAL G 171 15.02 -31.97 49.41
CA VAL G 171 15.79 -32.64 48.37
C VAL G 171 17.27 -32.33 48.61
N GLY G 172 18.15 -33.12 48.01
CA GLY G 172 19.57 -32.95 48.25
C GLY G 172 20.23 -34.28 48.51
N ALA G 173 19.43 -35.24 48.98
CA ALA G 173 19.87 -36.63 49.14
C ALA G 173 18.83 -37.51 48.48
N LEU G 174 19.01 -37.79 47.20
CA LEU G 174 18.09 -38.62 46.44
C LEU G 174 18.88 -39.72 45.74
N ASN G 175 18.69 -40.96 46.18
CA ASN G 175 19.34 -42.11 45.58
C ASN G 175 18.31 -42.94 44.81
N ASN G 176 18.81 -43.80 43.93
CA ASN G 176 17.94 -44.66 43.12
C ASN G 176 18.50 -46.07 42.98
N ALA G 177 19.22 -46.57 43.99
CA ALA G 177 19.82 -47.90 43.90
C ALA G 177 18.83 -48.99 44.28
N THR G 178 18.34 -48.97 45.51
CA THR G 178 17.48 -50.03 46.01
C THR G 178 16.02 -49.79 45.65
N SER G 179 15.16 -50.78 45.90
CA SER G 179 13.74 -50.61 45.64
C SER G 179 13.14 -49.53 46.54
N ALA G 180 13.52 -49.53 47.83
CA ALA G 180 12.96 -48.56 48.76
C ALA G 180 13.47 -47.16 48.46
N ASN G 181 14.67 -47.04 47.90
CA ASN G 181 15.25 -45.73 47.64
C ASN G 181 14.43 -44.96 46.61
N ARG G 182 14.01 -45.63 45.53
CA ARG G 182 13.23 -44.95 44.50
C ARG G 182 11.84 -44.58 44.98
N ALA G 183 11.21 -45.44 45.78
CA ALA G 183 9.87 -45.14 46.28
C ALA G 183 9.88 -43.91 47.18
N SER G 184 10.88 -43.78 48.04
CA SER G 184 10.96 -42.62 48.91
C SER G 184 11.25 -41.35 48.12
N SER G 185 12.09 -41.46 47.08
CA SER G 185 12.43 -40.28 46.29
C SER G 185 11.23 -39.73 45.54
N LEU G 186 10.37 -40.62 45.02
CA LEU G 186 9.22 -40.17 44.24
C LEU G 186 8.24 -39.37 45.08
N ALA G 187 8.02 -39.78 46.34
CA ALA G 187 7.07 -39.06 47.19
C ALA G 187 7.54 -37.65 47.50
N LYS G 188 8.85 -37.48 47.74
CA LYS G 188 9.35 -36.16 48.12
C LYS G 188 9.27 -35.17 46.97
N ILE G 189 9.50 -35.63 45.73
CA ILE G 189 9.38 -34.74 44.58
C ILE G 189 7.93 -34.29 44.40
N ASP G 190 6.98 -35.23 44.56
CA ASP G 190 5.58 -34.86 44.45
C ASP G 190 5.17 -33.85 45.51
N ALA G 191 5.65 -34.04 46.74
CA ALA G 191 5.38 -33.06 47.78
C ALA G 191 6.04 -31.73 47.49
N ALA G 192 7.18 -31.74 46.79
CA ALA G 192 7.86 -30.50 46.44
C ALA G 192 7.03 -29.66 45.47
N ILE G 193 6.43 -30.29 44.47
CA ILE G 193 5.62 -29.55 43.51
C ILE G 193 4.41 -28.93 44.18
N LYS G 194 3.80 -29.65 45.13
CA LYS G 194 2.64 -29.11 45.83
C LYS G 194 3.00 -27.86 46.63
N THR G 195 4.15 -27.87 47.30
CA THR G 195 4.55 -26.72 48.11
C THR G 195 4.78 -25.49 47.25
N ILE G 196 5.45 -25.65 46.11
CA ILE G 196 5.66 -24.52 45.21
C ILE G 196 4.33 -24.03 44.65
N ASP G 197 3.43 -24.96 44.31
CA ASP G 197 2.15 -24.57 43.75
C ASP G 197 1.35 -23.69 44.69
N SER G 198 1.33 -24.04 45.98
CA SER G 198 0.60 -23.23 46.95
C SER G 198 1.26 -21.86 47.11
N GLN G 199 2.59 -21.80 47.02
CA GLN G 199 3.28 -20.52 47.15
C GLN G 199 2.93 -19.59 45.99
N ARG G 200 2.85 -20.13 44.78
CA ARG G 200 2.51 -19.30 43.63
C ARG G 200 1.10 -18.74 43.74
N ALA G 201 0.16 -19.56 44.23
CA ALA G 201 -1.21 -19.10 44.40
C ALA G 201 -1.29 -17.96 45.40
N ASP G 202 -0.52 -18.05 46.49
CA ASP G 202 -0.51 -16.98 47.49
C ASP G 202 0.02 -15.68 46.91
N LEU G 203 1.07 -15.74 46.09
CA LEU G 203 1.62 -14.53 45.50
C LEU G 203 0.70 -13.95 44.43
N GLY G 204 0.01 -14.81 43.69
CA GLY G 204 -0.92 -14.32 42.69
C GLY G 204 -2.10 -13.58 43.29
N ALA G 205 -2.59 -14.06 44.44
CA ALA G 205 -3.73 -13.41 45.08
C ALA G 205 -3.38 -12.00 45.54
N VAL G 206 -2.16 -11.81 46.04
CA VAL G 206 -1.75 -10.49 46.53
C VAL G 206 -1.70 -9.48 45.38
N GLN G 207 -1.15 -9.88 44.23
CA GLN G 207 -1.04 -8.94 43.13
C GLN G 207 -2.37 -8.74 42.42
N ASN G 208 -3.28 -9.72 42.46
CA ASN G 208 -4.66 -9.43 42.12
C ASN G 208 -5.26 -8.44 43.12
N ARG G 209 -4.93 -8.62 44.40
CA ARG G 209 -5.39 -7.69 45.42
C ARG G 209 -4.82 -6.28 45.20
N LEU G 210 -3.52 -6.18 44.90
CA LEU G 210 -2.91 -4.87 44.75
C LEU G 210 -3.42 -4.12 43.52
N ALA G 211 -3.80 -4.83 42.47
CA ALA G 211 -4.29 -4.15 41.26
C ALA G 211 -5.57 -3.38 41.54
N HIS G 212 -6.42 -3.89 42.43
CA HIS G 212 -7.68 -3.22 42.72
C HIS G 212 -7.47 -1.97 43.58
N ASN G 213 -6.42 -1.96 44.42
CA ASN G 213 -6.11 -0.74 45.17
C ASN G 213 -5.73 0.41 44.26
N ILE G 214 -4.92 0.13 43.24
CA ILE G 214 -4.46 1.19 42.34
C ILE G 214 -5.64 1.81 41.60
N SER G 215 -6.55 0.99 41.08
CA SER G 215 -7.71 1.50 40.38
C SER G 215 -8.58 2.34 41.31
N ASN G 216 -8.79 1.86 42.54
CA ASN G 216 -9.57 2.63 43.50
C ASN G 216 -8.87 3.94 43.87
N SER G 217 -7.55 3.90 44.08
CA SER G 217 -6.82 5.11 44.41
C SER G 217 -6.79 6.12 43.27
N ALA G 218 -6.73 5.64 42.03
CA ALA G 218 -6.79 6.55 40.89
C ALA G 218 -8.14 7.26 40.81
N ASN G 219 -9.23 6.53 41.08
CA ASN G 219 -10.54 7.15 41.07
C ASN G 219 -10.69 8.18 42.17
N THR G 220 -10.32 7.82 43.41
CA THR G 220 -10.52 8.73 44.53
C THR G 220 -9.64 9.96 44.41
N GLN G 221 -8.48 9.85 43.74
CA GLN G 221 -7.63 11.01 43.55
C GLN G 221 -8.31 12.08 42.70
N ALA G 222 -9.01 11.65 41.64
CA ALA G 222 -9.66 12.61 40.76
C ALA G 222 -10.79 13.35 41.49
N ASN G 223 -11.59 12.63 42.27
CA ASN G 223 -12.69 13.26 42.97
C ASN G 223 -12.21 14.24 44.04
N VAL G 224 -11.13 13.93 44.75
CA VAL G 224 -10.59 14.88 45.73
C VAL G 224 -10.06 16.12 45.03
N ALA G 225 -9.48 15.97 43.85
CA ALA G 225 -9.04 17.12 43.08
C ALA G 225 -10.21 18.03 42.72
N ASP G 226 -11.37 17.43 42.39
CA ASP G 226 -12.58 18.21 42.20
C ASP G 226 -12.91 19.02 43.45
N ALA G 227 -12.95 18.37 44.60
CA ALA G 227 -13.35 19.05 45.82
C ALA G 227 -12.38 20.17 46.17
N LYS G 228 -11.09 19.94 45.98
CA LYS G 228 -10.08 20.91 46.36
C LYS G 228 -10.08 22.14 45.45
N SER G 229 -10.42 21.99 44.18
CA SER G 229 -10.40 23.13 43.27
C SER G 229 -11.57 24.08 43.52
N ARG G 230 -12.73 23.56 43.93
CA ARG G 230 -13.88 24.42 44.16
C ARG G 230 -13.64 25.38 45.31
N ILE G 231 -12.67 25.08 46.18
CA ILE G 231 -12.43 25.88 47.37
C ILE G 231 -11.37 26.95 47.13
N VAL G 232 -10.26 26.58 46.47
CA VAL G 232 -9.10 27.47 46.41
C VAL G 232 -8.89 28.10 45.04
N ASP G 233 -9.58 27.65 44.01
CA ASP G 233 -9.30 28.09 42.64
C ASP G 233 -10.29 29.17 42.23
N VAL G 234 -9.82 30.08 41.39
CA VAL G 234 -10.64 31.19 40.92
C VAL G 234 -11.44 30.75 39.70
N ASP G 235 -12.57 31.40 39.49
CA ASP G 235 -13.34 31.29 38.26
C ASP G 235 -13.08 32.54 37.44
N PHE G 236 -12.45 32.37 36.27
CA PHE G 236 -12.05 33.53 35.48
C PHE G 236 -13.26 34.34 35.02
N ALA G 237 -14.39 33.68 34.79
CA ALA G 237 -15.60 34.41 34.43
C ALA G 237 -15.98 35.38 35.54
N LYS G 238 -15.92 34.90 36.78
CA LYS G 238 -16.19 35.77 37.91
C LYS G 238 -15.12 36.85 38.05
N GLU G 239 -13.85 36.47 37.90
CA GLU G 239 -12.76 37.39 38.20
C GLU G 239 -12.60 38.45 37.11
N THR G 240 -12.75 38.05 35.84
CA THR G 240 -12.56 39.00 34.75
C THR G 240 -13.61 40.11 34.81
N SER G 241 -14.85 39.76 35.12
CA SER G 241 -15.89 40.77 35.23
C SER G 241 -15.57 41.77 36.34
N ALA G 242 -15.08 41.27 37.48
CA ALA G 242 -14.75 42.17 38.58
C ALA G 242 -13.58 43.09 38.22
N MET G 243 -12.58 42.54 37.53
CA MET G 243 -11.42 43.36 37.15
C MET G 243 -11.82 44.49 36.22
N THR G 244 -12.59 44.19 35.18
CA THR G 244 -13.14 45.25 34.34
C THR G 244 -14.10 46.14 35.11
N LYS G 245 -14.74 45.58 36.15
CA LYS G 245 -15.74 46.32 36.89
C LYS G 245 -15.08 47.50 37.61
N TYR G 246 -13.90 47.27 38.21
CA TYR G 246 -13.18 48.27 38.97
C TYR G 246 -12.37 49.23 38.11
N GLN G 247 -12.00 48.83 36.89
CA GLN G 247 -11.27 49.73 36.01
C GLN G 247 -12.10 50.96 35.69
N VAL G 248 -13.39 50.77 35.42
CA VAL G 248 -14.27 51.89 35.14
C VAL G 248 -14.40 52.78 36.37
N LEU G 249 -14.54 52.17 37.55
CA LEU G 249 -14.69 52.95 38.77
C LEU G 249 -13.44 53.78 39.06
N GLN G 250 -12.27 53.32 38.66
CA GLN G 250 -11.04 54.07 38.88
C GLN G 250 -11.04 55.36 38.05
N GLN G 251 -11.36 55.25 36.76
CA GLN G 251 -11.39 56.44 35.92
C GLN G 251 -12.51 57.38 36.32
N THR G 252 -13.65 56.83 36.77
CA THR G 252 -14.70 57.67 37.32
C THR G 252 -14.24 58.38 38.58
N GLY G 253 -13.55 57.68 39.47
CA GLY G 253 -13.07 58.29 40.70
C GLY G 253 -12.03 59.38 40.45
N SER G 254 -11.15 59.17 39.48
CA SER G 254 -10.11 60.16 39.19
C SER G 254 -10.70 61.46 38.63
N ALA G 255 -11.67 61.36 37.73
CA ALA G 255 -12.30 62.56 37.20
C ALA G 255 -13.09 63.30 38.27
N MET G 256 -13.78 62.59 39.14
CA MET G 256 -14.53 63.24 40.21
C MET G 256 -13.60 63.94 41.19
N LEU G 257 -12.49 63.29 41.55
CA LEU G 257 -11.56 63.88 42.50
C LEU G 257 -10.87 65.11 41.94
N ALA G 258 -10.44 65.05 40.68
CA ALA G 258 -9.78 66.21 40.07
C ALA G 258 -10.72 67.39 39.99
N GLN G 259 -11.98 67.14 39.63
CA GLN G 259 -12.95 68.22 39.49
C GLN G 259 -13.41 68.74 40.85
N ALA G 260 -13.43 67.88 41.87
CA ALA G 260 -13.81 68.33 43.20
C ALA G 260 -12.73 69.16 43.86
N ASN G 261 -11.48 69.02 43.38
CA ASN G 261 -10.38 69.77 43.97
C ASN G 261 -10.46 71.27 43.65
N GLN G 262 -11.05 71.64 42.53
CA GLN G 262 -11.15 73.04 42.14
C GLN G 262 -12.48 73.66 42.51
N LEU G 263 -13.23 73.07 43.44
CA LEU G 263 -14.39 73.69 44.05
C LEU G 263 -14.06 75.00 44.77
N PRO G 264 -13.01 75.09 45.58
CA PRO G 264 -12.78 76.33 46.33
C PRO G 264 -12.41 77.53 45.47
N GLN G 265 -12.20 77.36 44.18
CA GLN G 265 -11.89 78.51 43.33
C GLN G 265 -13.06 79.45 43.14
N VAL G 266 -14.26 79.06 43.58
CA VAL G 266 -15.40 79.97 43.57
C VAL G 266 -15.12 81.17 44.45
N ALA G 267 -14.38 80.98 45.54
CA ALA G 267 -14.08 82.08 46.46
C ALA G 267 -13.30 83.21 45.80
N LEU G 268 -12.55 82.92 44.74
CA LEU G 268 -11.83 83.95 44.02
C LEU G 268 -12.74 84.83 43.17
N SER G 269 -13.93 84.34 42.81
CA SER G 269 -14.85 85.15 42.02
C SER G 269 -15.41 86.32 42.82
N LEU G 270 -15.61 86.12 44.14
CA LEU G 270 -16.21 87.16 44.97
C LEU G 270 -15.13 88.10 45.50
N LEU G 271 -14.37 88.67 44.56
CA LEU G 271 -13.40 89.71 44.83
C LEU G 271 -12.40 89.24 45.89
N GLY G 272 -11.57 88.27 45.53
CA GLY G 272 -10.50 87.80 46.41
C GLY G 272 -10.97 87.21 47.72
N ALA H 1 -26.81 129.35 69.44
CA ALA H 1 -26.13 128.07 69.43
C ALA H 1 -25.00 128.06 68.42
N ILE H 2 -24.25 129.17 68.35
CA ILE H 2 -23.10 129.26 67.45
C ILE H 2 -21.84 129.41 68.27
N THR H 3 -21.13 128.30 68.47
CA THR H 3 -19.96 128.29 69.32
C THR H 3 -18.69 128.03 68.51
N VAL H 4 -17.56 128.47 69.05
CA VAL H 4 -16.27 128.30 68.40
C VAL H 4 -15.29 127.63 69.33
N ASN H 5 -15.77 127.02 70.41
CA ASN H 5 -14.91 126.32 71.35
C ASN H 5 -15.11 124.81 71.36
N THR H 6 -16.32 124.33 71.11
CA THR H 6 -16.59 122.89 71.05
C THR H 6 -17.39 122.57 69.80
N ASN H 7 -17.02 121.48 69.13
CA ASN H 7 -17.72 120.99 67.94
C ASN H 7 -18.20 119.57 68.24
N VAL H 8 -19.38 119.48 68.84
CA VAL H 8 -19.93 118.17 69.19
C VAL H 8 -20.32 117.39 67.96
N THR H 9 -20.67 118.08 66.87
CA THR H 9 -20.93 117.41 65.60
C THR H 9 -19.70 116.63 65.15
N SER H 10 -18.51 117.23 65.32
CA SER H 10 -17.27 116.53 64.99
C SER H 10 -17.05 115.34 65.92
N MET H 11 -17.36 115.50 67.21
CA MET H 11 -17.15 114.42 68.16
C MET H 11 -17.98 113.19 67.80
N LYS H 12 -19.25 113.40 67.45
CA LYS H 12 -20.09 112.28 67.04
C LYS H 12 -19.61 111.70 65.70
N ALA H 13 -19.19 112.58 64.79
CA ALA H 13 -18.71 112.10 63.49
C ALA H 13 -17.44 111.27 63.64
N GLN H 14 -16.55 111.67 64.54
CA GLN H 14 -15.31 110.93 64.73
C GLN H 14 -15.57 109.51 65.21
N LYS H 15 -16.51 109.35 66.13
CA LYS H 15 -16.80 108.02 66.67
C LYS H 15 -17.31 107.07 65.59
N ASN H 16 -18.18 107.58 64.71
CA ASN H 16 -18.73 106.72 63.66
C ASN H 16 -17.65 106.27 62.70
N LEU H 17 -16.69 107.15 62.38
CA LEU H 17 -15.61 106.76 61.49
C LEU H 17 -14.72 105.69 62.13
N ASN H 18 -14.48 105.80 63.44
CA ASN H 18 -13.66 104.80 64.11
C ASN H 18 -14.32 103.43 64.08
N THR H 19 -15.63 103.38 64.28
CA THR H 19 -16.34 102.10 64.24
C THR H 19 -16.29 101.47 62.86
N SER H 20 -16.48 102.26 61.81
CA SER H 20 -16.42 101.73 60.45
C SER H 20 -15.02 101.29 60.05
N ASN H 21 -13.99 101.97 60.54
CA ASN H 21 -12.61 101.56 60.26
C ASN H 21 -12.25 100.26 60.96
N SER H 22 -12.70 100.09 62.21
CA SER H 22 -12.39 98.87 62.94
C SER H 22 -13.09 97.66 62.34
N GLY H 23 -14.31 97.83 61.85
CA GLY H 23 -15.01 96.74 61.20
C GLY H 23 -14.36 96.32 59.90
N LEU H 24 -13.85 97.29 59.15
CA LEU H 24 -13.13 96.98 57.92
C LEU H 24 -11.86 96.19 58.20
N SER H 25 -11.14 96.57 59.25
CA SER H 25 -9.89 95.90 59.58
C SER H 25 -10.12 94.45 59.96
N THR H 26 -11.12 94.19 60.81
CA THR H 26 -11.35 92.82 61.27
C THR H 26 -11.83 91.92 60.16
N SER H 27 -12.49 92.47 59.14
CA SER H 27 -12.94 91.65 58.02
C SER H 27 -11.77 91.21 57.14
N MET H 28 -10.75 92.05 56.99
CA MET H 28 -9.62 91.70 56.13
C MET H 28 -8.82 90.55 56.71
N GLU H 29 -8.58 90.55 58.03
CA GLU H 29 -7.78 89.49 58.62
C GLU H 29 -8.51 88.15 58.63
N ARG H 30 -9.83 88.17 58.78
CA ARG H 30 -10.59 86.94 58.61
C ARG H 30 -10.51 86.42 57.19
N LEU H 31 -10.54 87.30 56.20
CA LEU H 31 -10.39 86.89 54.82
C LEU H 31 -8.97 86.48 54.47
N SER H 32 -7.96 87.10 55.08
CA SER H 32 -6.58 86.80 54.72
C SER H 32 -6.12 85.45 55.26
N SER H 33 -6.75 84.95 56.33
CA SER H 33 -6.39 83.66 56.90
C SER H 33 -7.43 82.59 56.56
N GLY H 34 -8.70 82.88 56.78
CA GLY H 34 -9.75 81.93 56.48
C GLY H 34 -10.37 81.33 57.71
N LEU H 35 -10.20 82.00 58.85
CA LEU H 35 -10.72 81.52 60.11
C LEU H 35 -11.59 82.58 60.76
N ARG H 36 -12.79 82.19 61.18
CA ARG H 36 -13.65 83.09 61.90
C ARG H 36 -13.13 83.37 63.31
N ILE H 37 -12.73 82.33 64.03
CA ILE H 37 -12.20 82.50 65.38
C ILE H 37 -10.69 82.66 65.31
N ASN H 38 -10.23 83.89 65.04
CA ASN H 38 -8.81 84.18 65.03
C ASN H 38 -8.30 84.28 66.46
N SER H 39 -8.93 85.11 67.27
CA SER H 39 -8.58 85.29 68.67
C SER H 39 -9.76 84.92 69.56
N ALA H 40 -9.57 85.14 70.86
CA ALA H 40 -10.62 84.90 71.83
C ALA H 40 -11.65 86.02 71.88
N LYS H 41 -11.54 87.01 71.00
CA LYS H 41 -12.60 88.01 70.90
C LYS H 41 -13.93 87.33 70.59
N ASP H 42 -13.90 86.37 69.66
CA ASP H 42 -15.06 85.69 69.12
C ASP H 42 -15.52 84.59 70.06
N ASP H 43 -16.29 83.64 69.53
CA ASP H 43 -16.91 82.60 70.34
C ASP H 43 -15.92 81.98 71.32
N ALA H 44 -16.15 82.22 72.61
CA ALA H 44 -15.28 81.64 73.63
C ALA H 44 -15.47 80.12 73.70
N ALA H 45 -16.70 79.66 73.55
CA ALA H 45 -16.97 78.22 73.55
C ALA H 45 -16.55 77.55 72.25
N GLY H 46 -16.54 78.30 71.14
CA GLY H 46 -16.19 77.70 69.86
C GLY H 46 -14.75 77.20 69.82
N LEU H 47 -13.82 78.00 70.34
CA LEU H 47 -12.42 77.62 70.30
C LEU H 47 -12.15 76.42 71.20
N ALA H 48 -12.83 76.35 72.34
CA ALA H 48 -12.67 75.21 73.23
C ALA H 48 -13.15 73.92 72.56
N ILE H 49 -14.32 73.98 71.91
CA ILE H 49 -14.84 72.81 71.20
C ILE H 49 -13.93 72.42 70.05
N SER H 50 -13.43 73.41 69.32
CA SER H 50 -12.59 73.13 68.16
C SER H 50 -11.30 72.44 68.56
N ASN H 51 -10.78 72.76 69.75
CA ASN H 51 -9.53 72.15 70.20
C ASN H 51 -9.70 70.65 70.38
N ARG H 52 -10.81 70.22 70.98
CA ARG H 52 -11.06 68.78 71.11
C ARG H 52 -11.35 68.12 69.77
N LEU H 53 -12.07 68.80 68.88
CA LEU H 53 -12.25 68.28 67.54
C LEU H 53 -10.94 68.19 66.78
N ASN H 54 -10.06 69.16 66.97
CA ASN H 54 -8.74 69.09 66.35
C ASN H 54 -7.95 67.90 66.88
N SER H 55 -8.07 67.60 68.17
CA SER H 55 -7.40 66.43 68.73
C SER H 55 -7.92 65.14 68.12
N GLN H 56 -9.23 65.04 67.89
CA GLN H 56 -9.80 63.84 67.29
C GLN H 56 -9.31 63.66 65.85
N VAL H 57 -9.28 64.74 65.07
CA VAL H 57 -8.87 64.63 63.67
C VAL H 57 -7.42 64.20 63.58
N ARG H 58 -6.53 64.88 64.32
CA ARG H 58 -5.13 64.50 64.30
C ARG H 58 -4.90 63.19 65.03
N GLY H 59 -5.68 62.93 66.08
CA GLY H 59 -5.54 61.68 66.80
C GLY H 59 -5.85 60.48 65.92
N LEU H 60 -6.91 60.57 65.11
CA LEU H 60 -7.25 59.48 64.22
C LEU H 60 -6.17 59.27 63.15
N GLU H 61 -5.60 60.37 62.63
CA GLU H 61 -4.61 60.25 61.57
C GLU H 61 -3.39 59.46 62.03
N VAL H 62 -2.92 59.71 63.24
CA VAL H 62 -1.84 58.90 63.80
C VAL H 62 -2.33 57.49 64.07
N GLY H 63 -3.59 57.34 64.49
CA GLY H 63 -4.13 56.01 64.72
C GLY H 63 -4.23 55.18 63.46
N MET H 64 -4.52 55.84 62.33
CA MET H 64 -4.56 55.12 61.05
C MET H 64 -3.20 54.51 60.73
N ARG H 65 -2.13 55.30 60.84
CA ARG H 65 -0.80 54.77 60.58
C ARG H 65 -0.41 53.71 61.60
N ASN H 66 -0.95 53.82 62.82
CA ASN H 66 -0.67 52.82 63.84
C ASN H 66 -1.18 51.44 63.44
N ALA H 67 -2.36 51.38 62.81
CA ALA H 67 -2.94 50.12 62.37
C ALA H 67 -2.35 49.60 61.07
N ASN H 68 -1.95 50.47 60.16
CA ASN H 68 -1.24 50.03 58.96
C ASN H 68 0.06 49.30 59.30
N ASP H 69 0.72 49.70 60.38
CA ASP H 69 1.89 49.00 60.88
C ASP H 69 1.56 47.59 61.36
N ALA H 70 0.43 47.43 62.07
CA ALA H 70 0.06 46.11 62.57
C ALA H 70 -0.28 45.16 61.42
N ILE H 71 -0.85 45.69 60.34
CA ILE H 71 -1.20 44.88 59.18
C ILE H 71 0.06 44.30 58.58
N SER H 72 1.10 45.13 58.46
CA SER H 72 2.35 44.67 57.86
C SER H 72 3.02 43.58 58.68
N ILE H 73 3.01 43.70 60.01
CA ILE H 73 3.58 42.66 60.85
C ILE H 73 2.86 41.34 60.66
N ALA H 74 1.53 41.36 60.69
CA ALA H 74 0.76 40.13 60.46
C ALA H 74 0.96 39.60 59.05
N GLN H 75 1.24 40.48 58.08
CA GLN H 75 1.45 40.04 56.71
C GLN H 75 2.74 39.25 56.58
N ILE H 76 3.82 39.69 57.25
CA ILE H 76 5.10 39.02 57.11
C ILE H 76 5.08 37.67 57.81
N ALA H 77 4.51 37.60 59.01
CA ALA H 77 4.47 36.34 59.75
C ALA H 77 3.66 35.28 58.99
N GLU H 78 2.54 35.70 58.40
CA GLU H 78 1.73 34.77 57.62
C GLU H 78 2.49 34.24 56.41
N GLY H 79 3.26 35.10 55.75
CA GLY H 79 4.01 34.65 54.58
C GLY H 79 5.04 33.60 54.92
N ALA H 80 5.73 33.75 56.06
CA ALA H 80 6.76 32.79 56.44
C ALA H 80 6.16 31.43 56.79
N MET H 81 4.99 31.41 57.43
CA MET H 81 4.40 30.13 57.82
C MET H 81 3.95 29.32 56.62
N GLN H 82 3.68 29.97 55.49
CA GLN H 82 3.32 29.24 54.28
C GLN H 82 4.46 28.35 53.81
N GLU H 83 5.69 28.86 53.87
CA GLU H 83 6.82 28.05 53.42
C GLU H 83 7.12 26.91 54.38
N GLN H 84 6.87 27.10 55.67
CA GLN H 84 7.02 26.00 56.61
C GLN H 84 6.01 24.89 56.34
N THR H 85 4.81 25.26 55.87
CA THR H 85 3.80 24.26 55.56
C THR H 85 4.20 23.40 54.36
N ASN H 86 4.77 24.01 53.31
CA ASN H 86 5.17 23.23 52.15
C ASN H 86 6.28 22.24 52.46
N MET H 87 7.28 22.63 53.24
CA MET H 87 8.34 21.69 53.60
C MET H 87 7.85 20.58 54.51
N LEU H 88 6.88 20.87 55.38
CA LEU H 88 6.31 19.80 56.20
C LEU H 88 5.56 18.78 55.36
N GLN H 89 4.93 19.22 54.28
CA GLN H 89 4.24 18.28 53.40
C GLN H 89 5.24 17.34 52.71
N ARG H 90 6.40 17.86 52.32
CA ARG H 90 7.42 17.00 51.72
C ARG H 90 7.96 15.97 52.72
N MET H 91 8.03 16.33 54.00
CA MET H 91 8.43 15.34 55.01
C MET H 91 7.42 14.22 55.13
N ARG H 92 6.13 14.51 54.94
CA ARG H 92 5.12 13.45 54.96
C ARG H 92 5.34 12.45 53.84
N ASP H 93 5.65 12.92 52.63
CA ASP H 93 5.88 12.02 51.52
C ASP H 93 7.10 11.13 51.75
N LEU H 94 8.17 11.69 52.31
CA LEU H 94 9.36 10.90 52.58
C LEU H 94 9.09 9.81 53.61
N THR H 95 8.33 10.11 54.65
CA THR H 95 7.93 9.08 55.61
C THR H 95 7.09 7.99 54.98
N ILE H 96 6.15 8.35 54.11
CA ILE H 96 5.40 7.35 53.37
C ILE H 96 6.31 6.58 52.43
N GLN H 97 7.22 7.28 51.73
CA GLN H 97 8.16 6.62 50.84
C GLN H 97 9.15 5.72 51.59
N SER H 98 9.43 6.03 52.85
CA SER H 98 10.40 5.27 53.62
C SER H 98 9.83 3.98 54.19
N GLU H 99 8.67 3.53 53.71
CA GLU H 99 7.99 2.39 54.31
C GLU H 99 7.99 1.21 53.33
N ASN H 100 8.71 1.32 52.22
CA ASN H 100 8.83 0.20 51.29
C ASN H 100 9.52 -0.97 51.96
N GLY H 101 9.12 -2.18 51.57
CA GLY H 101 9.81 -3.37 52.00
C GLY H 101 10.93 -3.78 51.07
N ALA H 102 11.09 -3.04 49.98
CA ALA H 102 12.17 -3.29 49.04
C ALA H 102 13.36 -2.38 49.26
N ASN H 103 13.29 -1.51 50.27
CA ASN H 103 14.41 -0.64 50.59
C ASN H 103 15.49 -1.45 51.31
N SER H 104 16.55 -0.79 51.75
CA SER H 104 17.58 -1.44 52.52
C SER H 104 18.05 -0.48 53.60
N THR H 105 18.98 -0.95 54.44
CA THR H 105 19.47 -0.11 55.52
C THR H 105 20.16 1.13 54.97
N ALA H 106 20.93 0.97 53.90
CA ALA H 106 21.58 2.13 53.27
C ALA H 106 20.59 3.07 52.61
N ASP H 107 19.46 2.55 52.11
CA ASP H 107 18.47 3.39 51.47
C ASP H 107 17.75 4.29 52.49
N LEU H 108 17.46 3.75 53.67
CA LEU H 108 16.77 4.53 54.69
C LEU H 108 17.64 5.68 55.19
N VAL H 109 18.97 5.49 55.20
CA VAL H 109 19.86 6.56 55.64
C VAL H 109 19.80 7.75 54.69
N SER H 110 19.78 7.49 53.37
CA SER H 110 19.70 8.57 52.40
C SER H 110 18.42 9.39 52.55
N ILE H 111 17.29 8.74 52.83
CA ILE H 111 16.05 9.47 53.01
C ILE H 111 16.13 10.33 54.27
N LYS H 112 16.74 9.82 55.33
CA LYS H 112 16.87 10.61 56.54
C LYS H 112 17.76 11.83 56.33
N ALA H 113 18.82 11.68 55.54
CA ALA H 113 19.69 12.81 55.24
C ALA H 113 18.97 13.96 54.54
N GLU H 114 17.86 13.67 53.88
CA GLU H 114 17.00 14.69 53.29
C GLU H 114 16.05 15.29 54.31
N MET H 115 15.37 14.44 55.08
CA MET H 115 14.48 14.94 56.14
C MET H 115 15.25 15.82 57.12
N ASP H 116 16.50 15.46 57.39
CA ASP H 116 17.29 16.19 58.39
C ASP H 116 17.52 17.64 57.97
N GLN H 117 17.84 17.87 56.70
CA GLN H 117 18.08 19.23 56.24
C GLN H 117 16.81 20.06 56.11
N LEU H 118 15.68 19.44 55.79
CA LEU H 118 14.42 20.18 55.76
C LEU H 118 14.04 20.71 57.13
N ALA H 119 14.27 19.94 58.19
CA ALA H 119 13.99 20.41 59.54
C ALA H 119 14.92 21.54 59.95
N THR H 120 16.12 21.60 59.39
CA THR H 120 17.04 22.70 59.69
C THR H 120 16.50 24.04 59.19
N GLU H 121 15.86 24.06 58.01
CA GLU H 121 15.31 25.31 57.52
C GLU H 121 14.08 25.77 58.29
N ILE H 122 13.26 24.83 58.77
CA ILE H 122 12.14 25.23 59.62
C ILE H 122 12.66 25.99 60.84
N ASP H 123 13.81 25.54 61.37
CA ASP H 123 14.52 26.33 62.36
C ASP H 123 15.02 27.65 61.78
N SER H 124 15.55 27.63 60.56
CA SER H 124 16.18 28.82 60.01
C SER H 124 15.17 29.92 59.69
N ILE H 125 13.99 29.56 59.16
CA ILE H 125 12.98 30.58 58.94
C ILE H 125 12.47 31.15 60.24
N GLY H 126 12.29 30.30 61.25
CA GLY H 126 11.80 30.74 62.54
C GLY H 126 12.70 31.76 63.21
N ASN H 127 14.00 31.60 63.04
CA ASN H 127 14.97 32.50 63.67
C ASN H 127 15.34 33.69 62.78
N SER H 128 14.78 33.80 61.59
CA SER H 128 15.19 34.85 60.66
C SER H 128 14.10 35.88 60.41
N THR H 129 12.85 35.42 60.29
CA THR H 129 11.74 36.30 59.95
C THR H 129 11.67 37.49 60.90
N ALA H 130 11.85 38.69 60.36
CA ALA H 130 11.97 39.87 61.20
C ALA H 130 11.36 41.07 60.48
N PHE H 131 11.00 42.07 61.26
CA PHE H 131 10.47 43.35 60.76
C PHE H 131 11.57 44.38 60.97
N GLY H 132 12.46 44.49 59.99
CA GLY H 132 13.59 45.38 60.12
C GLY H 132 14.65 44.81 61.04
N ASN H 133 14.38 44.80 62.35
CA ASN H 133 15.34 44.19 63.27
C ASN H 133 14.67 43.42 64.40
N THR H 134 13.34 43.27 64.40
CA THR H 134 12.63 42.58 65.47
C THR H 134 12.16 41.23 64.97
N LYS H 135 12.60 40.16 65.62
CA LYS H 135 12.24 38.80 65.26
C LYS H 135 10.80 38.54 65.67
N LEU H 136 9.98 38.02 64.76
CA LEU H 136 8.56 37.88 65.01
C LEU H 136 8.10 36.48 65.35
N LEU H 137 8.93 35.46 65.15
CA LEU H 137 8.50 34.08 65.34
C LEU H 137 9.30 33.38 66.45
N THR H 138 9.96 34.13 67.31
CA THR H 138 10.78 33.54 68.36
C THR H 138 10.22 33.79 69.75
N GLY H 139 8.94 34.12 69.86
CA GLY H 139 8.25 34.17 71.14
C GLY H 139 8.16 35.54 71.76
N THR H 140 8.73 36.56 71.14
CA THR H 140 8.61 37.91 71.70
C THR H 140 7.20 38.44 71.48
N PHE H 141 6.41 37.77 70.63
CA PHE H 141 5.00 38.08 70.48
C PHE H 141 4.13 36.97 71.05
N SER H 142 4.67 36.18 71.97
CA SER H 142 3.88 35.16 72.64
C SER H 142 2.75 35.74 73.47
N ALA H 143 3.00 36.82 74.20
CA ALA H 143 1.97 37.58 74.91
C ALA H 143 1.70 38.82 74.08
N GLY H 144 0.56 38.81 73.40
CA GLY H 144 0.25 39.79 72.37
C GLY H 144 0.66 41.22 72.65
N LYS H 145 1.33 41.85 71.69
CA LYS H 145 1.70 43.25 71.81
C LYS H 145 0.50 44.13 71.44
N VAL H 146 0.63 45.43 71.73
CA VAL H 146 -0.51 46.33 71.71
C VAL H 146 -0.25 47.46 70.71
N PHE H 147 -1.26 47.73 69.89
CA PHE H 147 -1.29 48.90 69.01
C PHE H 147 -2.53 49.72 69.32
N GLN H 148 -2.38 51.05 69.36
CA GLN H 148 -3.49 51.94 69.66
C GLN H 148 -4.02 52.54 68.36
N VAL H 149 -5.31 52.33 68.09
CA VAL H 149 -5.91 52.72 66.83
C VAL H 149 -6.94 53.86 67.00
N GLY H 150 -7.15 54.31 68.23
CA GLY H 150 -8.04 55.43 68.50
C GLY H 150 -7.25 56.62 68.99
N HIS H 151 -7.98 57.66 69.42
CA HIS H 151 -7.34 58.84 69.95
C HIS H 151 -7.44 58.96 71.47
N GLN H 152 -7.97 57.94 72.14
CA GLN H 152 -8.06 57.93 73.59
C GLN H 152 -7.55 56.62 74.14
N GLU H 153 -7.31 56.61 75.46
CA GLU H 153 -6.82 55.41 76.12
C GLU H 153 -7.84 54.29 76.02
N GLY H 154 -7.34 53.06 75.88
CA GLY H 154 -8.20 51.89 75.84
C GLY H 154 -8.64 51.47 74.46
N GLU H 155 -8.32 52.22 73.43
CA GLU H 155 -8.66 51.86 72.05
C GLU H 155 -7.47 51.13 71.45
N ASP H 156 -7.29 49.86 71.84
CA ASP H 156 -6.10 49.11 71.47
C ASP H 156 -6.48 47.81 70.78
N ILE H 157 -5.55 47.32 69.96
CA ILE H 157 -5.66 46.03 69.29
C ILE H 157 -4.44 45.20 69.67
N LYS H 158 -4.67 43.92 69.91
CA LYS H 158 -3.63 43.00 70.38
C LYS H 158 -3.34 41.96 69.32
N VAL H 159 -2.07 41.80 68.98
CA VAL H 159 -1.62 40.82 68.00
C VAL H 159 -0.72 39.82 68.70
N THR H 160 -1.10 38.54 68.64
CA THR H 160 -0.35 37.47 69.31
C THR H 160 0.18 36.50 68.26
N VAL H 161 1.48 36.26 68.30
CA VAL H 161 2.14 35.30 67.40
C VAL H 161 2.91 34.33 68.27
N LYS H 162 2.48 33.08 68.31
CA LYS H 162 3.17 32.08 69.11
C LYS H 162 4.45 31.63 68.40
N ALA H 163 5.40 31.16 69.20
CA ALA H 163 6.69 30.74 68.65
C ALA H 163 6.50 29.51 67.76
N SER H 164 7.17 29.51 66.61
CA SER H 164 7.07 28.43 65.65
C SER H 164 8.45 28.13 65.09
N ASN H 165 9.07 27.06 65.58
CA ASN H 165 10.36 26.60 65.11
C ASN H 165 10.40 25.09 65.34
N LYS H 166 11.56 24.47 65.07
CA LYS H 166 11.61 23.02 65.04
C LYS H 166 11.42 22.40 66.43
N THR H 167 12.03 23.00 67.47
CA THR H 167 11.81 22.46 68.81
C THR H 167 10.39 22.71 69.28
N SER H 168 9.79 23.84 68.87
CA SER H 168 8.43 24.14 69.27
C SER H 168 7.43 23.15 68.68
N LEU H 169 7.60 22.82 67.39
CA LEU H 169 6.66 21.96 66.69
C LEU H 169 6.93 20.48 66.94
N SER H 170 7.74 20.14 67.93
CA SER H 170 8.04 18.77 68.30
C SER H 170 8.63 17.99 67.12
N VAL H 171 9.60 18.62 66.45
CA VAL H 171 10.39 17.95 65.44
C VAL H 171 11.86 18.25 65.71
N GLY H 172 12.75 17.47 65.13
CA GLY H 172 14.17 17.62 65.41
C GLY H 172 14.81 16.28 65.68
N ALA H 173 14.00 15.33 66.14
CA ALA H 173 14.42 13.95 66.31
C ALA H 173 13.40 13.06 65.61
N LEU H 174 13.61 12.79 64.32
CA LEU H 174 12.71 11.96 63.54
C LEU H 174 13.51 10.86 62.87
N ASN H 175 13.30 9.62 63.31
CA ASN H 175 13.96 8.47 62.71
C ASN H 175 12.95 7.65 61.92
N ASN H 176 13.47 6.79 61.04
CA ASN H 176 12.62 5.93 60.22
C ASN H 176 13.18 4.52 60.08
N ALA H 177 13.86 4.01 61.11
CA ALA H 177 14.46 2.68 61.04
C ALA H 177 13.45 1.59 61.38
N THR H 178 12.93 1.62 62.60
CA THR H 178 12.04 0.56 63.07
C THR H 178 10.60 0.81 62.67
N SER H 179 9.73 -0.18 62.91
CA SER H 179 8.31 0.00 62.61
C SER H 179 7.71 1.08 63.50
N ALA H 180 8.04 1.08 64.78
CA ALA H 180 7.46 2.05 65.70
C ALA H 180 7.98 3.45 65.42
N ASN H 181 9.21 3.55 64.90
CA ASN H 181 9.80 4.87 64.65
C ASN H 181 9.01 5.64 63.60
N ARG H 182 8.61 4.97 62.52
CA ARG H 182 7.87 5.67 61.46
C ARG H 182 6.47 6.04 61.90
N ALA H 183 5.81 5.18 62.69
CA ALA H 183 4.47 5.49 63.15
C ALA H 183 4.45 6.72 64.05
N SER H 184 5.43 6.84 64.93
CA SER H 184 5.50 8.00 65.82
C SER H 184 5.81 9.27 65.03
N SER H 185 6.67 9.16 64.03
CA SER H 185 7.05 10.33 63.23
C SER H 185 5.86 10.89 62.46
N LEU H 186 5.03 10.01 61.92
CA LEU H 186 3.90 10.47 61.10
C LEU H 186 2.90 11.28 61.92
N ALA H 187 2.64 10.86 63.17
CA ALA H 187 1.67 11.59 64.00
C ALA H 187 2.14 12.99 64.31
N LYS H 188 3.44 13.16 64.60
CA LYS H 188 3.93 14.46 65.00
C LYS H 188 3.89 15.46 63.84
N ILE H 189 4.16 15.00 62.62
CA ILE H 189 4.07 15.89 61.47
C ILE H 189 2.63 16.35 61.25
N ASP H 190 1.67 15.43 61.37
CA ASP H 190 0.27 15.79 61.22
C ASP H 190 -0.15 16.81 62.28
N ALA H 191 0.28 16.61 63.52
CA ALA H 191 -0.01 17.59 64.56
C ALA H 191 0.67 18.93 64.28
N ALA H 192 1.83 18.90 63.61
CA ALA H 192 2.53 20.15 63.29
C ALA H 192 1.72 20.98 62.30
N ILE H 193 1.15 20.36 61.29
CA ILE H 193 0.37 21.12 60.30
C ILE H 193 -0.87 21.73 60.94
N LYS H 194 -1.50 21.02 61.87
CA LYS H 194 -2.67 21.56 62.55
C LYS H 194 -2.33 22.81 63.35
N THR H 195 -1.19 22.79 64.05
CA THR H 195 -0.82 23.93 64.88
C THR H 195 -0.56 25.17 64.03
N ILE H 196 0.14 25.00 62.91
CA ILE H 196 0.39 26.14 62.01
C ILE H 196 -0.92 26.64 61.41
N ASP H 197 -1.81 25.71 61.06
CA ASP H 197 -3.08 26.10 60.45
C ASP H 197 -3.89 26.98 61.39
N SER H 198 -3.96 26.63 62.66
CA SER H 198 -4.69 27.45 63.63
C SER H 198 -4.05 28.81 63.81
N GLN H 199 -2.72 28.87 63.75
CA GLN H 199 -2.02 30.14 63.89
C GLN H 199 -2.33 31.07 62.74
N ARG H 200 -2.39 30.54 61.52
CA ARG H 200 -2.69 31.38 60.36
C ARG H 200 -4.09 31.93 60.44
N ALA H 201 -5.05 31.12 60.90
CA ALA H 201 -6.42 31.59 61.03
C ALA H 201 -6.53 32.73 62.04
N ASP H 202 -5.78 32.64 63.14
CA ASP H 202 -5.80 33.70 64.13
C ASP H 202 -5.25 35.00 63.58
N LEU H 203 -4.17 34.93 62.80
CA LEU H 203 -3.61 36.14 62.21
C LEU H 203 -4.49 36.72 61.12
N GLY H 204 -5.16 35.87 60.36
CA GLY H 204 -6.08 36.38 59.34
C GLY H 204 -7.26 37.11 59.91
N ALA H 205 -7.79 36.65 61.04
CA ALA H 205 -8.94 37.30 61.66
C ALA H 205 -8.58 38.70 62.12
N VAL H 206 -7.38 38.89 62.66
CA VAL H 206 -6.98 40.20 63.16
C VAL H 206 -6.90 41.21 62.02
N GLN H 207 -6.32 40.81 60.89
CA GLN H 207 -6.17 41.75 59.78
C GLN H 207 -7.47 41.96 59.04
N ASN H 208 -8.39 40.98 59.06
CA ASN H 208 -9.76 41.29 58.68
C ASN H 208 -10.38 42.27 59.66
N ARG H 209 -10.09 42.10 60.94
CA ARG H 209 -10.58 43.03 61.95
C ARG H 209 -9.99 44.42 61.76
N LEU H 210 -8.69 44.52 61.49
CA LEU H 210 -8.06 45.83 61.36
C LEU H 210 -8.54 46.58 60.13
N ALA H 211 -8.88 45.88 59.06
CA ALA H 211 -9.34 46.56 57.85
C ALA H 211 -10.62 47.35 58.09
N HIS H 212 -11.51 46.83 58.95
CA HIS H 212 -12.76 47.52 59.22
C HIS H 212 -12.57 48.76 60.08
N ASN H 213 -11.55 48.77 60.94
CA ASN H 213 -11.25 49.97 61.71
C ASN H 213 -10.84 51.12 60.81
N ILE H 214 -10.00 50.85 59.81
CA ILE H 214 -9.52 51.90 58.93
C ILE H 214 -10.67 52.53 58.16
N SER H 215 -11.56 51.71 57.62
CA SER H 215 -12.71 52.24 56.88
C SER H 215 -13.60 53.08 57.79
N ASN H 216 -13.84 52.61 59.00
CA ASN H 216 -14.64 53.38 59.95
C ASN H 216 -13.94 54.67 60.34
N SER H 217 -12.63 54.63 60.58
CA SER H 217 -11.91 55.82 60.95
C SER H 217 -11.85 56.84 59.81
N ALA H 218 -11.76 56.37 58.56
CA ALA H 218 -11.77 57.27 57.43
C ALA H 218 -13.12 57.99 57.32
N ASN H 219 -14.21 57.27 57.56
CA ASN H 219 -15.53 57.90 57.50
C ASN H 219 -15.70 58.93 58.61
N THR H 220 -15.36 58.56 59.84
CA THR H 220 -15.58 59.47 60.97
C THR H 220 -14.70 60.70 60.88
N GLN H 221 -13.53 60.58 60.24
CA GLN H 221 -12.66 61.74 60.08
C GLN H 221 -13.31 62.81 59.22
N ALA H 222 -13.98 62.39 58.14
CA ALA H 222 -14.62 63.35 57.24
C ALA H 222 -15.75 64.10 57.94
N ASN H 223 -16.57 63.38 58.69
CA ASN H 223 -17.69 64.02 59.37
C ASN H 223 -17.24 64.99 60.46
N VAL H 224 -16.17 64.67 61.19
CA VAL H 224 -15.66 65.61 62.18
C VAL H 224 -15.10 66.86 61.51
N ALA H 225 -14.49 66.70 60.32
CA ALA H 225 -14.02 67.86 59.58
C ALA H 225 -15.19 68.77 59.19
N ASP H 226 -16.33 68.18 58.83
CA ASP H 226 -17.54 68.97 58.61
C ASP H 226 -17.91 69.78 59.84
N ALA H 227 -17.97 69.12 61.00
CA ALA H 227 -18.40 69.81 62.21
C ALA H 227 -17.44 70.92 62.59
N LYS H 228 -16.14 70.68 62.43
CA LYS H 228 -15.14 71.65 62.84
C LYS H 228 -15.10 72.87 61.95
N SER H 229 -15.42 72.72 60.65
CA SER H 229 -15.36 73.88 59.76
C SER H 229 -16.53 74.83 59.97
N ARG H 230 -17.70 74.31 60.35
CA ARG H 230 -18.86 75.18 60.55
C ARG H 230 -18.64 76.14 61.71
N ILE H 231 -17.71 75.83 62.59
CA ILE H 231 -17.49 76.63 63.80
C ILE H 231 -16.41 77.68 63.59
N VAL H 232 -15.28 77.32 62.97
CA VAL H 232 -14.12 78.19 62.93
C VAL H 232 -13.87 78.84 61.58
N ASP H 233 -14.54 78.38 60.52
CA ASP H 233 -14.22 78.83 59.17
C ASP H 233 -15.19 79.91 58.73
N VAL H 234 -14.69 80.82 57.90
CA VAL H 234 -15.49 81.94 57.41
C VAL H 234 -16.25 81.52 56.17
N ASP H 235 -17.39 82.16 55.94
CA ASP H 235 -18.13 82.05 54.68
C ASP H 235 -17.83 83.31 53.87
N PHE H 236 -17.17 83.13 52.72
CA PHE H 236 -16.75 84.29 51.94
C PHE H 236 -17.93 85.11 51.45
N ALA H 237 -19.06 84.47 51.19
CA ALA H 237 -20.26 85.20 50.79
C ALA H 237 -20.67 86.17 51.89
N LYS H 238 -20.65 85.69 53.14
CA LYS H 238 -20.94 86.56 54.26
C LYS H 238 -19.87 87.62 54.44
N GLU H 239 -18.59 87.24 54.32
CA GLU H 239 -17.51 88.16 54.65
C GLU H 239 -17.31 89.21 53.56
N THR H 240 -17.42 88.82 52.29
CA THR H 240 -17.20 89.78 51.21
C THR H 240 -18.25 90.89 51.24
N SER H 241 -19.50 90.54 51.52
CA SER H 241 -20.53 91.57 51.61
C SER H 241 -20.24 92.56 52.73
N ALA H 242 -19.79 92.06 53.89
CA ALA H 242 -19.47 92.94 54.99
C ALA H 242 -18.30 93.86 54.66
N MET H 243 -17.28 93.32 53.99
CA MET H 243 -16.10 94.12 53.65
C MET H 243 -16.47 95.26 52.71
N THR H 244 -17.22 94.97 51.65
CA THR H 244 -17.73 96.03 50.80
C THR H 244 -18.72 96.92 51.54
N LYS H 245 -19.38 96.36 52.56
CA LYS H 245 -20.39 97.11 53.29
C LYS H 245 -19.75 98.29 54.02
N TYR H 246 -18.60 98.04 54.65
CA TYR H 246 -17.89 99.03 55.44
C TYR H 246 -17.05 99.99 54.59
N GLN H 247 -16.65 99.60 53.39
CA GLN H 247 -15.89 100.49 52.53
C GLN H 247 -16.71 101.73 52.18
N VAL H 248 -17.99 101.54 51.88
CA VAL H 248 -18.86 102.67 51.58
C VAL H 248 -19.02 103.56 52.81
N LEU H 249 -19.19 102.95 53.98
CA LEU H 249 -19.37 103.73 55.20
C LEU H 249 -18.13 104.56 55.52
N GLN H 250 -16.94 104.08 55.16
CA GLN H 250 -15.72 104.84 55.42
C GLN H 250 -15.68 106.11 54.60
N GLN H 251 -15.97 106.01 53.29
CA GLN H 251 -15.97 107.20 52.45
C GLN H 251 -17.11 108.15 52.83
N THR H 252 -18.25 107.60 53.24
CA THR H 252 -19.31 108.45 53.76
C THR H 252 -18.88 109.15 55.04
N GLY H 253 -18.22 108.44 55.94
CA GLY H 253 -17.77 109.05 57.17
C GLY H 253 -16.72 110.13 56.97
N SER H 254 -15.82 109.93 56.02
CA SER H 254 -14.77 110.91 55.77
C SER H 254 -15.33 112.20 55.20
N ALA H 255 -16.27 112.12 54.26
CA ALA H 255 -16.88 113.33 53.73
C ALA H 255 -17.69 114.07 54.77
N MET H 256 -18.42 113.35 55.62
CA MET H 256 -19.20 114.01 56.67
C MET H 256 -18.29 114.70 57.68
N LEU H 257 -17.19 114.04 58.07
CA LEU H 257 -16.29 114.63 59.04
C LEU H 257 -15.57 115.86 58.50
N ALA H 258 -15.10 115.80 57.25
CA ALA H 258 -14.42 116.95 56.66
C ALA H 258 -15.36 118.14 56.56
N GLN H 259 -16.62 117.89 56.17
CA GLN H 259 -17.56 118.99 56.01
C GLN H 259 -18.05 119.50 57.36
N ALA H 260 -18.11 118.64 58.37
CA ALA H 260 -18.53 119.09 59.69
C ALA H 260 -17.46 119.92 60.37
N ASN H 261 -16.20 119.76 59.94
CA ASN H 261 -15.11 120.52 60.55
C ASN H 261 -15.17 122.00 60.25
N GLN H 262 -15.73 122.39 59.10
CA GLN H 262 -15.82 123.79 58.72
C GLN H 262 -17.16 124.42 59.05
N LEU H 263 -17.93 123.82 59.96
CA LEU H 263 -19.10 124.46 60.53
C LEU H 263 -18.79 125.76 61.26
N PRO H 264 -17.75 125.83 62.11
CA PRO H 264 -17.53 127.07 62.87
C PRO H 264 -17.14 128.28 62.03
N GLN H 265 -16.89 128.11 60.73
CA GLN H 265 -16.55 129.26 59.89
C GLN H 265 -17.73 130.20 59.69
N VAL H 266 -18.93 129.82 60.09
CA VAL H 266 -20.07 130.74 60.04
C VAL H 266 -19.81 131.94 60.93
N ALA H 267 -19.10 131.74 62.05
CA ALA H 267 -18.81 132.83 62.98
C ALA H 267 -18.01 133.97 62.33
N LEU H 268 -17.23 133.67 61.30
CA LEU H 268 -16.49 134.71 60.59
C LEU H 268 -17.37 135.58 59.72
N SER H 269 -18.55 135.10 59.34
CA SER H 269 -19.44 135.92 58.52
C SER H 269 -20.03 137.08 59.32
N LEU H 270 -20.26 136.90 60.61
CA LEU H 270 -20.88 137.93 61.45
C LEU H 270 -19.81 138.87 62.00
N LEU H 271 -19.02 139.42 61.08
CA LEU H 271 -18.05 140.47 61.39
C LEU H 271 -17.08 139.99 62.47
N GLY H 272 -16.24 139.02 62.13
CA GLY H 272 -15.21 138.54 63.03
C GLY H 272 -15.71 137.94 64.33
N ALA I 1 -26.46 2.50 16.87
CA ALA I 1 -26.04 1.12 17.07
C ALA I 1 -24.59 0.93 16.70
N ILE I 2 -23.74 1.89 17.06
CA ILE I 2 -22.31 1.80 16.80
C ILE I 2 -21.56 1.73 18.12
N THR I 3 -21.20 0.51 18.53
CA THR I 3 -20.58 0.31 19.82
C THR I 3 -19.13 -0.15 19.66
N VAL I 4 -18.33 0.09 20.71
CA VAL I 4 -16.93 -0.30 20.69
C VAL I 4 -16.60 -1.12 21.92
N ASN I 5 -17.62 -1.64 22.60
CA ASN I 5 -17.40 -2.47 23.78
C ASN I 5 -17.80 -3.93 23.58
N THR I 6 -18.81 -4.21 22.76
CA THR I 6 -19.23 -5.57 22.47
C THR I 6 -19.40 -5.76 20.98
N ASN I 7 -18.93 -6.89 20.47
CA ASN I 7 -19.06 -7.25 19.06
C ASN I 7 -19.82 -8.57 18.99
N VAL I 8 -21.15 -8.48 18.97
CA VAL I 8 -21.98 -9.67 18.92
C VAL I 8 -21.86 -10.37 17.59
N THR I 9 -21.56 -9.63 16.53
CA THR I 9 -21.30 -10.25 15.24
C THR I 9 -20.12 -11.22 15.34
N SER I 10 -19.07 -10.83 16.06
CA SER I 10 -17.95 -11.72 16.30
C SER I 10 -18.36 -12.94 17.12
N MET I 11 -19.21 -12.73 18.13
CA MET I 11 -19.62 -13.83 18.99
C MET I 11 -20.36 -14.90 18.19
N LYS I 12 -21.28 -14.49 17.32
CA LYS I 12 -21.98 -15.46 16.48
C LYS I 12 -21.03 -16.09 15.48
N ALA I 13 -20.11 -15.31 14.92
CA ALA I 13 -19.16 -15.85 13.95
C ALA I 13 -18.24 -16.88 14.60
N GLN I 14 -17.82 -16.63 15.85
CA GLN I 14 -16.93 -17.57 16.52
C GLN I 14 -17.58 -18.93 16.70
N LYS I 15 -18.87 -18.93 17.09
CA LYS I 15 -19.56 -20.20 17.33
C LYS I 15 -19.65 -21.04 16.07
N ASN I 16 -19.92 -20.40 14.93
CA ASN I 16 -20.04 -21.15 13.69
C ASN I 16 -18.71 -21.78 13.29
N LEU I 17 -17.60 -21.07 13.50
CA LEU I 17 -16.29 -21.63 13.20
C LEU I 17 -15.98 -22.82 14.07
N ASN I 18 -16.36 -22.77 15.35
CA ASN I 18 -16.11 -23.90 16.24
C ASN I 18 -16.87 -25.14 15.81
N THR I 19 -18.12 -24.96 15.38
CA THR I 19 -18.91 -26.10 14.92
C THR I 19 -18.31 -26.74 13.68
N SER I 20 -17.86 -25.92 12.71
CA SER I 20 -17.27 -26.45 11.50
C SER I 20 -15.93 -27.13 11.76
N ASN I 21 -15.15 -26.63 12.71
CA ASN I 21 -13.88 -27.26 13.05
C ASN I 21 -14.07 -28.59 13.75
N SER I 22 -15.07 -28.70 14.63
CA SER I 22 -15.33 -29.95 15.32
C SER I 22 -15.83 -31.03 14.38
N GLY I 23 -16.64 -30.66 13.39
CA GLY I 23 -17.12 -31.61 12.41
C GLY I 23 -16.01 -32.14 11.52
N LEU I 24 -15.06 -31.26 11.17
CA LEU I 24 -13.91 -31.68 10.38
C LEU I 24 -13.06 -32.68 11.16
N SER I 25 -12.86 -32.42 12.45
CA SER I 25 -12.01 -33.29 13.26
C SER I 25 -12.61 -34.69 13.38
N THR I 26 -13.92 -34.77 13.65
CA THR I 26 -14.54 -36.08 13.85
C THR I 26 -14.56 -36.90 12.57
N SER I 27 -14.58 -36.24 11.42
CA SER I 27 -14.58 -36.97 10.15
C SER I 27 -13.22 -37.60 9.86
N MET I 28 -12.14 -36.94 10.27
CA MET I 28 -10.81 -37.47 10.00
C MET I 28 -10.53 -38.74 10.79
N GLU I 29 -10.94 -38.78 12.07
CA GLU I 29 -10.67 -39.96 12.88
C GLU I 29 -11.50 -41.15 12.44
N ARG I 30 -12.73 -40.91 11.98
CA ARG I 30 -13.50 -42.01 11.38
C ARG I 30 -12.84 -42.53 10.12
N LEU I 31 -12.28 -41.65 9.30
CA LEU I 31 -11.56 -42.08 8.10
C LEU I 31 -10.21 -42.72 8.41
N SER I 32 -9.54 -42.29 9.48
CA SER I 32 -8.21 -42.81 9.76
C SER I 32 -8.25 -44.22 10.34
N SER I 33 -9.37 -44.61 10.96
CA SER I 33 -9.52 -45.93 11.52
C SER I 33 -10.42 -46.82 10.68
N GLY I 34 -11.59 -46.32 10.31
CA GLY I 34 -12.51 -47.08 9.47
C GLY I 34 -13.72 -47.57 10.24
N LEU I 35 -13.99 -46.95 11.38
CA LEU I 35 -15.10 -47.33 12.22
C LEU I 35 -16.01 -46.14 12.47
N ARG I 36 -17.30 -46.33 12.27
CA ARG I 36 -18.27 -45.29 12.59
C ARG I 36 -18.42 -45.10 14.10
N ILE I 37 -18.56 -46.20 14.84
CA ILE I 37 -18.70 -46.12 16.28
C ILE I 37 -17.32 -46.22 16.93
N ASN I 38 -16.62 -45.08 17.00
CA ASN I 38 -15.33 -45.04 17.67
C ASN I 38 -15.53 -45.03 19.17
N SER I 39 -16.33 -44.09 19.66
CA SER I 39 -16.65 -43.99 21.08
C SER I 39 -18.15 -44.15 21.30
N ALA I 40 -18.56 -43.97 22.54
CA ALA I 40 -19.97 -44.04 22.91
C ALA I 40 -20.73 -42.76 22.57
N LYS I 41 -20.07 -41.79 21.92
CA LYS I 41 -20.80 -40.63 21.41
C LYS I 41 -21.92 -41.08 20.49
N ASP I 42 -21.60 -42.02 19.60
CA ASP I 42 -22.47 -42.51 18.54
C ASP I 42 -23.46 -43.52 19.07
N ASP I 43 -24.03 -44.33 18.18
CA ASP I 43 -25.11 -45.25 18.53
C ASP I 43 -24.78 -46.03 19.80
N ALA I 44 -25.54 -45.76 20.86
CA ALA I 44 -25.36 -46.47 22.11
C ALA I 44 -25.76 -47.94 21.97
N ALA I 45 -26.84 -48.19 21.24
CA ALA I 45 -27.29 -49.55 21.00
C ALA I 45 -26.41 -50.28 19.99
N GLY I 46 -25.78 -49.56 19.07
CA GLY I 46 -24.98 -50.20 18.05
C GLY I 46 -23.77 -50.93 18.63
N LEU I 47 -23.09 -50.30 19.58
CA LEU I 47 -21.89 -50.91 20.14
C LEU I 47 -22.25 -52.14 20.98
N ALA I 48 -23.39 -52.09 21.67
CA ALA I 48 -23.83 -53.25 22.44
C ALA I 48 -24.13 -54.43 21.53
N ILE I 49 -24.83 -54.19 20.43
CA ILE I 49 -25.14 -55.25 19.47
C ILE I 49 -23.85 -55.78 18.84
N SER I 50 -22.94 -54.88 18.49
CA SER I 50 -21.71 -55.30 17.82
C SER I 50 -20.87 -56.19 18.73
N ASN I 51 -20.91 -55.97 20.04
CA ASN I 51 -20.14 -56.78 20.96
C ASN I 51 -20.58 -58.24 20.92
N ARG I 52 -21.89 -58.48 20.92
CA ARG I 52 -22.38 -59.84 20.80
C ARG I 52 -22.10 -60.44 19.43
N LEU I 53 -22.22 -59.66 18.37
CA LEU I 53 -21.83 -60.15 17.05
C LEU I 53 -20.35 -60.45 16.97
N ASN I 54 -19.52 -59.64 17.63
CA ASN I 54 -18.10 -59.92 17.69
C ASN I 54 -17.83 -61.23 18.41
N SER I 55 -18.57 -61.51 19.48
CA SER I 55 -18.43 -62.77 20.18
C SER I 55 -18.78 -63.96 19.30
N GLN I 56 -19.84 -63.83 18.49
CA GLN I 56 -20.23 -64.93 17.61
C GLN I 56 -19.17 -65.19 16.55
N VAL I 57 -18.62 -64.12 15.96
CA VAL I 57 -17.63 -64.29 14.89
C VAL I 57 -16.38 -64.96 15.44
N ARG I 58 -15.85 -64.44 16.56
CA ARG I 58 -14.66 -65.04 17.15
C ARG I 58 -15.00 -66.37 17.81
N GLY I 59 -16.20 -66.50 18.35
CA GLY I 59 -16.60 -67.77 18.95
C GLY I 59 -16.65 -68.90 17.94
N LEU I 60 -17.19 -68.63 16.75
CA LEU I 60 -17.21 -69.66 15.71
C LEU I 60 -15.81 -70.03 15.26
N GLU I 61 -14.92 -69.04 15.13
CA GLU I 61 -13.57 -69.33 14.63
C GLU I 61 -12.84 -70.30 15.54
N VAL I 62 -12.95 -70.13 16.85
CA VAL I 62 -12.39 -71.11 17.77
C VAL I 62 -13.14 -72.43 17.67
N GLY I 63 -14.45 -72.37 17.46
CA GLY I 63 -15.24 -73.59 17.32
C GLY I 63 -14.86 -74.39 16.09
N MET I 64 -14.49 -73.70 15.01
CA MET I 64 -14.04 -74.39 13.80
C MET I 64 -12.79 -75.22 14.08
N ARG I 65 -11.79 -74.62 14.74
CA ARG I 65 -10.59 -75.36 15.07
C ARG I 65 -10.87 -76.46 16.08
N ASN I 66 -11.90 -76.27 16.91
CA ASN I 66 -12.27 -77.31 17.86
C ASN I 66 -12.74 -78.58 17.17
N ALA I 67 -13.48 -78.45 16.07
CA ALA I 67 -13.97 -79.60 15.31
C ALA I 67 -12.93 -80.21 14.40
N ASN I 68 -12.02 -79.40 13.84
CA ASN I 68 -10.92 -79.97 13.07
C ASN I 68 -10.05 -80.89 13.90
N ASP I 69 -9.92 -80.61 15.20
CA ASP I 69 -9.23 -81.50 16.12
C ASP I 69 -9.95 -82.83 16.29
N ALA I 70 -11.28 -82.80 16.38
CA ALA I 70 -12.04 -84.04 16.54
C ALA I 70 -11.93 -84.92 15.30
N ILE I 71 -11.85 -84.31 14.13
CA ILE I 71 -11.74 -85.05 12.88
C ILE I 71 -10.44 -85.83 12.88
N SER I 72 -9.35 -85.18 13.30
CA SER I 72 -8.05 -85.84 13.31
C SER I 72 -8.01 -87.03 14.26
N ILE I 73 -8.63 -86.90 15.45
CA ILE I 73 -8.66 -88.03 16.37
C ILE I 73 -9.40 -89.22 15.77
N ALA I 74 -10.57 -88.97 15.18
CA ALA I 74 -11.31 -90.04 14.53
C ALA I 74 -10.56 -90.61 13.34
N GLN I 75 -9.76 -89.78 12.68
CA GLN I 75 -8.99 -90.26 11.52
C GLN I 75 -7.91 -91.25 11.93
N ILE I 76 -7.23 -90.99 13.05
CA ILE I 76 -6.14 -91.87 13.48
C ILE I 76 -6.68 -93.20 13.97
N ALA I 77 -7.75 -93.17 14.76
CA ALA I 77 -8.31 -94.42 15.30
C ALA I 77 -8.82 -95.32 14.18
N GLU I 78 -9.45 -94.72 13.17
CA GLU I 78 -9.94 -95.50 12.03
C GLU I 78 -8.79 -96.15 11.28
N GLY I 79 -7.68 -95.43 11.10
CA GLY I 79 -6.55 -95.99 10.38
C GLY I 79 -5.96 -97.21 11.07
N ALA I 80 -5.88 -97.17 12.41
CA ALA I 80 -5.30 -98.29 13.14
C ALA I 80 -6.18 -99.53 13.08
N MET I 81 -7.50 -99.36 13.10
CA MET I 81 -8.39 -100.52 13.08
C MET I 81 -8.34 -101.23 11.74
N GLN I 82 -7.95 -100.54 10.67
CA GLN I 82 -7.82 -101.21 9.38
C GLN I 82 -6.73 -102.28 9.42
N GLU I 83 -5.60 -101.99 10.07
CA GLU I 83 -4.53 -102.96 10.13
C GLU I 83 -4.88 -104.14 11.02
N GLN I 84 -5.68 -103.92 12.06
CA GLN I 84 -6.14 -105.03 12.88
C GLN I 84 -7.06 -105.95 12.08
N THR I 85 -7.84 -105.38 11.15
CA THR I 85 -8.72 -106.21 10.33
C THR I 85 -7.94 -107.11 9.39
N ASN I 86 -6.87 -106.61 8.77
CA ASN I 86 -6.09 -107.44 7.86
C ASN I 86 -5.41 -108.61 8.57
N MET I 87 -4.84 -108.39 9.75
CA MET I 87 -4.22 -109.48 10.48
C MET I 87 -5.24 -110.50 10.97
N LEU I 88 -6.45 -110.06 11.33
CA LEU I 88 -7.48 -111.01 11.71
C LEU I 88 -7.89 -111.90 10.54
N GLN I 89 -7.88 -111.36 9.32
CA GLN I 89 -8.20 -112.18 8.15
C GLN I 89 -7.16 -113.26 7.94
N ARG I 90 -5.88 -112.94 8.15
CA ARG I 90 -4.84 -113.95 8.04
C ARG I 90 -4.99 -115.06 9.06
N MET I 91 -5.47 -114.73 10.27
CA MET I 91 -5.73 -115.77 11.26
C MET I 91 -6.83 -116.71 10.82
N ARG I 92 -7.83 -116.21 10.09
CA ARG I 92 -8.88 -117.09 9.56
C ARG I 92 -8.31 -118.10 8.59
N ASP I 93 -7.40 -117.68 7.70
CA ASP I 93 -6.82 -118.61 6.75
C ASP I 93 -6.00 -119.69 7.44
N LEU I 94 -5.23 -119.32 8.47
CA LEU I 94 -4.44 -120.30 9.19
C LEU I 94 -5.31 -121.34 9.90
N THR I 95 -6.43 -120.91 10.50
CA THR I 95 -7.37 -121.85 11.08
C THR I 95 -7.97 -122.79 10.05
N ILE I 96 -8.33 -122.28 8.88
CA ILE I 96 -8.79 -123.14 7.80
C ILE I 96 -7.66 -124.05 7.32
N GLN I 97 -6.45 -123.52 7.18
CA GLN I 97 -5.31 -124.32 6.77
C GLN I 97 -4.93 -125.36 7.81
N SER I 98 -5.22 -125.11 9.08
CA SER I 98 -4.85 -126.03 10.15
C SER I 98 -5.80 -127.20 10.28
N GLU I 99 -6.65 -127.45 9.31
CA GLU I 99 -7.69 -128.46 9.43
C GLU I 99 -7.41 -129.63 8.47
N ASN I 100 -6.25 -129.63 7.82
CA ASN I 100 -5.88 -130.76 6.97
C ASN I 100 -5.75 -132.04 7.78
N GLY I 101 -6.10 -133.16 7.16
CA GLY I 101 -5.88 -134.45 7.77
C GLY I 101 -4.53 -135.03 7.42
N ALA I 102 -3.77 -134.33 6.58
CA ALA I 102 -2.43 -134.74 6.22
C ALA I 102 -1.36 -134.05 7.04
N ASN I 103 -1.75 -133.19 7.98
CA ASN I 103 -0.80 -132.51 8.84
C ASN I 103 -0.32 -133.50 9.90
N SER I 104 0.50 -133.02 10.83
CA SER I 104 0.95 -133.84 11.93
C SER I 104 1.00 -132.97 13.19
N THR I 105 1.35 -133.59 14.31
CA THR I 105 1.41 -132.85 15.56
C THR I 105 2.45 -131.73 15.49
N ALA I 106 3.60 -132.02 14.88
CA ALA I 106 4.62 -130.98 14.72
C ALA I 106 4.20 -129.89 13.75
N ASP I 107 3.38 -130.22 12.75
CA ASP I 107 2.92 -129.21 11.80
C ASP I 107 1.97 -128.22 12.44
N LEU I 108 1.08 -128.70 13.31
CA LEU I 108 0.12 -127.81 13.96
C LEU I 108 0.82 -126.83 14.88
N VAL I 109 1.93 -127.24 15.49
CA VAL I 109 2.66 -126.32 16.37
C VAL I 109 3.24 -125.16 15.59
N SER I 110 3.79 -125.39 14.40
CA SER I 110 4.33 -124.31 13.60
C SER I 110 3.27 -123.29 13.20
N ILE I 111 2.06 -123.75 12.88
CA ILE I 111 0.99 -122.83 12.53
C ILE I 111 0.59 -121.99 13.73
N LYS I 112 0.56 -122.59 14.93
CA LYS I 112 0.23 -121.84 16.12
C LYS I 112 1.28 -120.79 16.44
N ALA I 113 2.56 -121.11 16.21
CA ALA I 113 3.63 -120.14 16.44
C ALA I 113 3.49 -118.90 15.57
N GLU I 114 2.78 -118.99 14.45
CA GLU I 114 2.45 -117.84 13.61
C GLU I 114 1.24 -117.09 14.13
N MET I 115 0.16 -117.81 14.44
CA MET I 115 -1.02 -117.18 15.01
C MET I 115 -0.68 -116.43 16.30
N ASP I 116 0.23 -117.00 17.09
CA ASP I 116 0.56 -116.41 18.38
C ASP I 116 1.16 -115.03 18.24
N GLN I 117 2.07 -114.84 17.27
CA GLN I 117 2.69 -113.54 17.09
C GLN I 117 1.77 -112.51 16.46
N LEU I 118 0.83 -112.93 15.61
CA LEU I 118 -0.14 -112.00 15.06
C LEU I 118 -1.03 -111.41 16.13
N ALA I 119 -1.44 -112.21 17.11
CA ALA I 119 -2.23 -111.71 18.23
C ALA I 119 -1.46 -110.74 19.11
N THR I 120 -0.13 -110.88 19.16
CA THR I 120 0.69 -109.95 19.94
C THR I 120 0.65 -108.54 19.35
N GLU I 121 0.64 -108.41 18.02
CA GLU I 121 0.57 -107.08 17.43
C GLU I 121 -0.80 -106.43 17.58
N ILE I 122 -1.87 -107.21 17.56
CA ILE I 122 -3.18 -106.64 17.83
C ILE I 122 -3.18 -105.99 19.21
N ASP I 123 -2.50 -106.62 20.17
CA ASP I 123 -2.22 -105.96 21.43
C ASP I 123 -1.32 -104.74 21.25
N SER I 124 -0.29 -104.85 20.41
CA SER I 124 0.69 -103.78 20.29
C SER I 124 0.12 -102.52 19.64
N ILE I 125 -0.71 -102.68 18.62
CA ILE I 125 -1.35 -101.51 18.02
C ILE I 125 -2.32 -100.86 19.01
N GLY I 126 -3.07 -101.67 19.74
CA GLY I 126 -4.03 -101.16 20.69
C GLY I 126 -3.41 -100.30 21.77
N ASN I 127 -2.20 -100.67 22.22
CA ASN I 127 -1.52 -99.95 23.28
C ASN I 127 -0.61 -98.84 22.76
N SER I 128 -0.53 -98.63 21.45
CA SER I 128 0.41 -97.67 20.90
C SER I 128 -0.28 -96.47 20.26
N THR I 129 -1.37 -96.72 19.55
CA THR I 129 -2.07 -95.67 18.81
C THR I 129 -2.39 -94.48 19.71
N ALA I 130 -1.80 -93.32 19.42
CA ALA I 130 -1.92 -92.17 20.30
C ALA I 130 -1.93 -90.90 19.48
N PHE I 131 -2.46 -89.84 20.08
CA PHE I 131 -2.50 -88.51 19.50
C PHE I 131 -1.49 -87.66 20.26
N GLY I 132 -0.24 -87.70 19.82
CA GLY I 132 0.81 -87.01 20.52
C GLY I 132 1.23 -87.76 21.77
N ASN I 133 0.37 -87.72 22.80
CA ASN I 133 0.70 -88.48 24.01
C ASN I 133 -0.53 -89.13 24.64
N THR I 134 -1.71 -89.07 24.03
CA THR I 134 -2.92 -89.62 24.59
C THR I 134 -3.30 -90.88 23.83
N LYS I 135 -3.37 -92.00 24.53
CA LYS I 135 -3.72 -93.29 23.93
C LYS I 135 -5.21 -93.30 23.62
N LEU I 136 -5.58 -93.68 22.40
CA LEU I 136 -6.96 -93.57 21.96
C LEU I 136 -7.72 -94.89 21.93
N LEU I 137 -7.05 -96.03 22.06
CA LEU I 137 -7.71 -97.33 21.93
C LEU I 137 -7.64 -98.14 23.21
N THR I 138 -7.35 -97.51 24.34
CA THR I 138 -7.20 -98.24 25.60
C THR I 138 -8.31 -97.89 26.59
N GLY I 139 -9.43 -97.36 26.13
CA GLY I 139 -10.62 -97.20 26.95
C GLY I 139 -10.78 -95.83 27.57
N THR I 140 -9.84 -94.92 27.36
CA THR I 140 -10.03 -93.58 27.90
C THR I 140 -11.07 -92.81 27.10
N PHE I 141 -11.45 -93.34 25.94
CA PHE I 141 -12.57 -92.79 25.19
C PHE I 141 -13.76 -93.74 25.20
N SER I 142 -13.84 -94.61 26.21
CA SER I 142 -14.99 -95.49 26.36
C SER I 142 -16.27 -94.73 26.62
N ALA I 143 -16.24 -93.71 27.46
CA ALA I 143 -17.36 -92.80 27.69
C ALA I 143 -17.02 -91.53 26.92
N GLY I 144 -17.69 -91.34 25.79
CA GLY I 144 -17.35 -90.32 24.82
C GLY I 144 -16.91 -88.98 25.36
N LYS I 145 -15.79 -88.47 24.87
CA LYS I 145 -15.32 -87.15 25.25
C LYS I 145 -16.06 -86.09 24.45
N VAL I 146 -15.89 -84.82 24.87
CA VAL I 146 -16.75 -83.74 24.40
C VAL I 146 -15.89 -82.67 23.73
N PHE I 147 -16.35 -82.23 22.55
CA PHE I 147 -15.80 -81.08 21.85
C PHE I 147 -16.90 -80.06 21.62
N GLN I 148 -16.60 -78.78 21.82
CA GLN I 148 -17.57 -77.71 21.66
C GLN I 148 -17.35 -77.04 20.30
N VAL I 149 -18.37 -77.03 19.47
CA VAL I 149 -18.26 -76.53 18.10
C VAL I 149 -19.06 -75.26 17.88
N GLY I 150 -19.75 -74.76 18.91
CA GLY I 150 -20.49 -73.52 18.82
C GLY I 150 -19.86 -72.47 19.71
N HIS I 151 -20.54 -71.34 19.84
CA HIS I 151 -20.06 -70.27 20.70
C HIS I 151 -20.82 -70.15 22.00
N GLN I 152 -21.75 -71.05 22.28
CA GLN I 152 -22.51 -71.04 23.52
C GLN I 152 -22.51 -72.43 24.15
N GLU I 153 -22.92 -72.48 25.41
CA GLU I 153 -22.97 -73.75 26.12
C GLU I 153 -23.99 -74.68 25.49
N GLY I 154 -23.67 -75.97 25.49
CA GLY I 154 -24.56 -76.99 24.98
C GLY I 154 -24.37 -77.34 23.52
N GLU I 155 -23.50 -76.63 22.80
CA GLU I 155 -23.22 -76.94 21.40
C GLU I 155 -21.99 -77.85 21.35
N ASP I 156 -22.20 -79.12 21.69
CA ASP I 156 -21.11 -80.07 21.84
C ASP I 156 -21.31 -81.29 20.96
N ILE I 157 -20.19 -81.93 20.62
CA ILE I 157 -20.16 -83.18 19.87
C ILE I 157 -19.40 -84.20 20.70
N LYS I 158 -19.90 -85.43 20.71
CA LYS I 158 -19.34 -86.50 21.53
C LYS I 158 -18.75 -87.58 20.64
N VAL I 159 -17.51 -87.95 20.91
CA VAL I 159 -16.80 -88.98 20.17
C VAL I 159 -16.49 -90.14 21.12
N THR I 160 -16.98 -91.32 20.81
CA THR I 160 -16.79 -92.50 21.64
C THR I 160 -15.99 -93.55 20.89
N VAL I 161 -14.90 -94.01 21.50
CA VAL I 161 -14.06 -95.06 20.93
C VAL I 161 -13.92 -96.14 21.99
N LYS I 162 -14.49 -97.31 21.71
CA LYS I 162 -14.41 -98.41 22.66
C LYS I 162 -13.04 -99.06 22.59
N ALA I 163 -12.64 -99.69 23.69
CA ALA I 163 -11.33 -100.32 23.76
C ALA I 163 -11.26 -101.50 22.79
N SER I 164 -10.14 -101.59 22.08
CA SER I 164 -9.93 -102.66 21.10
C SER I 164 -8.52 -103.18 21.21
N ASN I 165 -8.37 -104.33 21.84
CA ASN I 165 -7.09 -105.01 21.99
C ASN I 165 -7.38 -106.51 22.09
N LYS I 166 -6.34 -107.30 22.33
CA LYS I 166 -6.49 -108.74 22.21
C LYS I 166 -7.38 -109.32 23.31
N THR I 167 -7.26 -108.84 24.55
CA THR I 167 -8.15 -109.33 25.60
C THR I 167 -9.58 -108.85 25.38
N SER I 168 -9.74 -107.64 24.84
CA SER I 168 -11.07 -107.11 24.59
C SER I 168 -11.80 -107.92 23.53
N LEU I 169 -11.12 -108.27 22.44
CA LEU I 169 -11.73 -108.97 21.31
C LEU I 169 -11.84 -110.47 21.54
N SER I 170 -11.63 -110.93 22.77
CA SER I 170 -11.74 -112.34 23.13
C SER I 170 -10.80 -113.20 22.30
N VAL I 171 -9.55 -112.74 22.19
CA VAL I 171 -8.47 -113.53 21.61
C VAL I 171 -7.28 -113.48 22.55
N GLY I 172 -6.35 -114.40 22.38
CA GLY I 172 -5.22 -114.49 23.28
C GLY I 172 -4.98 -115.91 23.72
N ALA I 173 -6.04 -116.72 23.67
CA ALA I 173 -5.95 -118.15 23.90
C ALA I 173 -6.66 -118.86 22.75
N LEU I 174 -5.91 -119.16 21.70
CA LEU I 174 -6.46 -119.83 20.52
C LEU I 174 -5.60 -121.04 20.21
N ASN I 175 -6.17 -122.24 20.40
CA ASN I 175 -5.49 -123.48 20.08
C ASN I 175 -6.12 -124.11 18.85
N ASN I 176 -5.40 -125.06 18.25
CA ASN I 176 -5.87 -125.75 17.06
C ASN I 176 -5.54 -127.24 17.09
N ALA I 177 -5.49 -127.85 18.27
CA ALA I 177 -5.13 -129.26 18.37
C ALA I 177 -6.33 -130.17 18.12
N THR I 178 -7.35 -130.06 18.98
CA THR I 178 -8.49 -130.97 18.90
C THR I 178 -9.53 -130.47 17.91
N SER I 179 -10.54 -131.30 17.63
CA SER I 179 -11.62 -130.89 16.74
C SER I 179 -12.40 -129.72 17.33
N ALA I 180 -12.71 -129.79 18.62
CA ALA I 180 -13.50 -128.73 19.25
C ALA I 180 -12.71 -127.43 19.35
N ASN I 181 -11.38 -127.54 19.46
CA ASN I 181 -10.56 -126.34 19.61
C ASN I 181 -10.63 -125.44 18.38
N ARG I 182 -10.58 -126.03 17.19
CA ARG I 182 -10.63 -125.22 15.97
C ARG I 182 -12.02 -124.63 15.75
N ALA I 183 -13.08 -125.36 16.07
CA ALA I 183 -14.43 -124.83 15.88
C ALA I 183 -14.68 -123.62 16.76
N SER I 184 -14.22 -123.67 18.02
CA SER I 184 -14.40 -122.53 18.91
C SER I 184 -13.56 -121.33 18.47
N SER I 185 -12.36 -121.58 17.96
CA SER I 185 -11.50 -120.49 17.52
C SER I 185 -12.08 -119.74 16.34
N LEU I 186 -12.69 -120.46 15.40
CA LEU I 186 -13.24 -119.82 14.21
C LEU I 186 -14.37 -118.86 14.54
N ALA I 187 -15.24 -119.22 15.48
CA ALA I 187 -16.36 -118.36 15.83
C ALA I 187 -15.90 -117.05 16.45
N LYS I 188 -14.87 -117.10 17.30
CA LYS I 188 -14.43 -115.89 17.99
C LYS I 188 -13.78 -114.91 17.02
N ILE I 189 -13.05 -115.40 16.02
CA ILE I 189 -12.46 -114.50 15.03
C ILE I 189 -13.55 -113.82 14.21
N ASP I 190 -14.58 -114.57 13.82
CA ASP I 190 -15.67 -113.97 13.07
C ASP I 190 -16.39 -112.90 13.88
N ALA I 191 -16.61 -113.16 15.17
CA ALA I 191 -17.21 -112.16 16.04
C ALA I 191 -16.29 -110.95 16.21
N ALA I 192 -14.97 -111.17 16.15
CA ALA I 192 -14.03 -110.06 16.27
C ALA I 192 -14.14 -109.09 15.10
N ILE I 193 -14.27 -109.62 13.88
CA ILE I 193 -14.38 -108.74 12.72
C ILE I 193 -15.67 -107.93 12.78
N LYS I 194 -16.76 -108.53 13.24
CA LYS I 194 -18.01 -107.79 13.35
C LYS I 194 -17.90 -106.62 14.32
N THR I 195 -17.25 -106.84 15.45
CA THR I 195 -17.12 -105.77 16.45
C THR I 195 -16.32 -104.60 15.91
N ILE I 196 -15.22 -104.87 15.22
CA ILE I 196 -14.42 -103.79 14.64
C ILE I 196 -15.21 -103.08 13.54
N ASP I 197 -15.97 -103.84 12.75
CA ASP I 197 -16.73 -103.25 11.66
C ASP I 197 -17.75 -102.24 12.18
N SER I 198 -18.45 -102.59 13.26
CA SER I 198 -19.42 -101.65 13.83
C SER I 198 -18.73 -100.42 14.40
N GLN I 199 -17.54 -100.59 14.96
CA GLN I 199 -16.81 -99.45 15.51
C GLN I 199 -16.41 -98.47 14.42
N ARG I 200 -15.96 -98.98 13.27
CA ARG I 200 -15.56 -98.11 12.18
C ARG I 200 -16.76 -97.33 11.64
N ALA I 201 -17.92 -97.97 11.55
CA ALA I 201 -19.11 -97.27 11.07
C ALA I 201 -19.50 -96.14 12.01
N ASP I 202 -19.37 -96.36 13.32
CA ASP I 202 -19.70 -95.31 14.27
C ASP I 202 -18.76 -94.12 14.14
N LEU I 203 -17.47 -94.36 13.93
CA LEU I 203 -16.53 -93.26 13.78
C LEU I 203 -16.71 -92.53 12.45
N GLY I 204 -17.06 -93.26 11.39
CA GLY I 204 -17.32 -92.62 10.12
C GLY I 204 -18.51 -91.69 10.14
N ALA I 205 -19.57 -92.07 10.86
CA ALA I 205 -20.75 -91.23 10.93
C ALA I 205 -20.46 -89.91 11.61
N VAL I 206 -19.63 -89.92 12.65
CA VAL I 206 -19.33 -88.70 13.38
C VAL I 206 -18.57 -87.72 12.49
N GLN I 207 -17.59 -88.21 11.73
CA GLN I 207 -16.82 -87.30 10.89
C GLN I 207 -17.58 -86.87 9.64
N ASN I 208 -18.53 -87.68 9.17
CA ASN I 208 -19.52 -87.16 8.22
C ASN I 208 -20.36 -86.08 8.89
N ARG I 209 -20.72 -86.31 10.15
CA ARG I 209 -21.48 -85.31 10.89
C ARG I 209 -20.68 -84.04 11.09
N LEU I 210 -19.41 -84.15 11.47
CA LEU I 210 -18.59 -82.96 11.74
C LEU I 210 -18.33 -82.13 10.49
N ALA I 211 -18.24 -82.78 9.33
CA ALA I 211 -17.98 -82.03 8.09
C ALA I 211 -19.10 -81.04 7.79
N HIS I 212 -20.34 -81.40 8.10
CA HIS I 212 -21.46 -80.52 7.82
C HIS I 212 -21.52 -79.33 8.77
N ASN I 213 -21.03 -79.49 10.00
CA ASN I 213 -20.94 -78.35 10.92
C ASN I 213 -20.00 -77.28 10.40
N ILE I 214 -18.84 -77.69 9.87
CA ILE I 214 -17.85 -76.73 9.40
C ILE I 214 -18.41 -75.92 8.23
N SER I 215 -19.06 -76.58 7.29
CA SER I 215 -19.63 -75.86 6.15
C SER I 215 -20.71 -74.89 6.61
N ASN I 216 -21.56 -75.32 7.54
CA ASN I 216 -22.58 -74.43 8.07
C ASN I 216 -21.97 -73.27 8.84
N SER I 217 -20.95 -73.53 9.64
CA SER I 217 -20.30 -72.47 10.40
C SER I 217 -19.57 -71.48 9.50
N ALA I 218 -18.98 -71.96 8.40
CA ALA I 218 -18.34 -71.05 7.45
C ALA I 218 -19.35 -70.13 6.80
N ASN I 219 -20.53 -70.65 6.44
CA ASN I 219 -21.56 -69.81 5.85
C ASN I 219 -22.06 -68.77 6.84
N THR I 220 -22.41 -69.19 8.06
CA THR I 220 -22.98 -68.26 9.01
C THR I 220 -21.99 -67.19 9.44
N GLN I 221 -20.69 -67.51 9.40
CA GLN I 221 -19.68 -66.51 9.75
C GLN I 221 -19.70 -65.35 8.77
N ALA I 222 -19.84 -65.64 7.48
CA ALA I 222 -19.83 -64.59 6.46
C ALA I 222 -21.03 -63.66 6.62
N ASN I 223 -22.22 -64.24 6.86
CA ASN I 223 -23.42 -63.42 6.99
C ASN I 223 -23.38 -62.54 8.24
N VAL I 224 -22.84 -63.03 9.35
CA VAL I 224 -22.71 -62.20 10.54
C VAL I 224 -21.72 -61.06 10.29
N ALA I 225 -20.67 -61.31 9.52
CA ALA I 225 -19.75 -60.24 9.16
C ALA I 225 -20.45 -59.16 8.36
N ASP I 226 -21.36 -59.55 7.47
CA ASP I 226 -22.20 -58.57 6.78
C ASP I 226 -22.97 -57.71 7.77
N ALA I 227 -23.67 -58.35 8.71
CA ALA I 227 -24.50 -57.60 9.63
C ALA I 227 -23.68 -56.67 10.51
N LYS I 228 -22.51 -57.13 10.94
CA LYS I 228 -21.67 -56.34 11.84
C LYS I 228 -21.05 -55.12 11.16
N SER I 229 -20.75 -55.22 9.86
CA SER I 229 -20.11 -54.09 9.18
C SER I 229 -21.09 -52.96 8.90
N ARG I 230 -22.37 -53.28 8.66
CA ARG I 230 -23.34 -52.23 8.38
C ARG I 230 -23.54 -51.32 9.59
N ILE I 231 -23.19 -51.79 10.77
CA ILE I 231 -23.44 -51.03 11.99
C ILE I 231 -22.25 -50.17 12.39
N VAL I 232 -21.04 -50.71 12.33
CA VAL I 232 -19.87 -50.05 12.90
C VAL I 232 -18.93 -49.46 11.87
N ASP I 233 -19.08 -49.79 10.59
CA ASP I 233 -18.11 -49.40 9.57
C ASP I 233 -18.60 -48.17 8.82
N VAL I 234 -17.64 -47.34 8.39
CA VAL I 234 -17.95 -46.12 7.68
C VAL I 234 -18.10 -46.41 6.19
N ASP I 235 -18.89 -45.58 5.52
CA ASP I 235 -18.96 -45.56 4.06
C ASP I 235 -18.14 -44.37 3.58
N PHE I 236 -17.06 -44.65 2.85
CA PHE I 236 -16.16 -43.58 2.45
C PHE I 236 -16.84 -42.58 1.53
N ALA I 237 -17.81 -43.02 0.74
CA ALA I 237 -18.56 -42.10 -0.12
C ALA I 237 -19.27 -41.08 0.76
N LYS I 238 -19.91 -41.55 1.82
CA LYS I 238 -20.56 -40.65 2.76
C LYS I 238 -19.55 -39.78 3.48
N GLU I 239 -18.45 -40.37 3.94
CA GLU I 239 -17.52 -39.65 4.79
C GLU I 239 -16.68 -38.64 4.00
N THR I 240 -16.25 -39.00 2.80
CA THR I 240 -15.42 -38.10 2.02
C THR I 240 -16.17 -36.83 1.65
N SER I 241 -17.44 -36.95 1.30
CA SER I 241 -18.24 -35.78 0.99
C SER I 241 -18.36 -34.85 2.19
N ALA I 242 -18.58 -35.42 3.38
CA ALA I 242 -18.68 -34.60 4.58
C ALA I 242 -17.37 -33.90 4.90
N MET I 243 -16.25 -34.60 4.73
CA MET I 243 -14.95 -34.00 5.03
C MET I 243 -14.67 -32.81 4.11
N THR I 244 -14.87 -32.98 2.81
CA THR I 244 -14.77 -31.85 1.89
C THR I 244 -15.84 -30.81 2.18
N LYS I 245 -16.97 -31.24 2.73
CA LYS I 245 -18.09 -30.33 2.97
C LYS I 245 -17.70 -29.29 4.01
N TYR I 246 -17.00 -29.72 5.07
CA TYR I 246 -16.61 -28.85 6.17
C TYR I 246 -15.36 -28.06 5.89
N GLN I 247 -14.49 -28.52 4.97
CA GLN I 247 -13.31 -27.75 4.63
C GLN I 247 -13.68 -26.40 4.05
N VAL I 248 -14.68 -26.36 3.18
CA VAL I 248 -15.14 -25.11 2.60
C VAL I 248 -15.71 -24.20 3.68
N LEU I 249 -16.50 -24.78 4.60
CA LEU I 249 -17.11 -23.99 5.66
C LEU I 249 -16.05 -23.38 6.57
N GLN I 250 -14.92 -24.05 6.75
CA GLN I 250 -13.86 -23.50 7.60
C GLN I 250 -13.27 -22.25 6.99
N GLN I 251 -12.92 -22.29 5.71
CA GLN I 251 -12.35 -21.12 5.05
C GLN I 251 -13.37 -20.00 4.94
N THR I 252 -14.65 -20.35 4.74
CA THR I 252 -15.69 -19.34 4.78
C THR I 252 -15.81 -18.71 6.16
N GLY I 253 -15.75 -19.53 7.22
CA GLY I 253 -15.85 -19.01 8.56
C GLY I 253 -14.68 -18.12 8.94
N SER I 254 -13.47 -18.46 8.50
CA SER I 254 -12.30 -17.66 8.84
C SER I 254 -12.33 -16.30 8.17
N ALA I 255 -12.74 -16.22 6.91
CA ALA I 255 -12.85 -14.93 6.24
C ALA I 255 -13.92 -14.07 6.86
N MET I 256 -15.06 -14.65 7.22
CA MET I 256 -16.12 -13.87 7.84
C MET I 256 -15.70 -13.35 9.22
N LEU I 257 -15.02 -14.19 10.00
CA LEU I 257 -14.61 -13.75 11.33
C LEU I 257 -13.54 -12.66 11.27
N ALA I 258 -12.57 -12.79 10.37
CA ALA I 258 -11.53 -11.77 10.26
C ALA I 258 -12.12 -10.44 9.82
N GLN I 259 -13.07 -10.48 8.89
CA GLN I 259 -13.67 -9.24 8.40
C GLN I 259 -14.64 -8.65 9.42
N ALA I 260 -15.29 -9.49 10.21
CA ALA I 260 -16.21 -8.99 11.23
C ALA I 260 -15.46 -8.35 12.39
N ASN I 261 -14.19 -8.71 12.56
CA ASN I 261 -13.41 -8.15 13.66
C ASN I 261 -13.10 -6.67 13.48
N GLN I 262 -13.00 -6.20 12.25
CA GLN I 262 -12.69 -4.80 11.98
C GLN I 262 -13.93 -3.96 11.70
N LEU I 263 -15.11 -4.42 12.11
CA LEU I 263 -16.31 -3.60 12.13
C LEU I 263 -16.18 -2.37 13.02
N PRO I 264 -15.67 -2.47 14.26
CA PRO I 264 -15.64 -1.28 15.12
C PRO I 264 -14.73 -0.16 14.66
N GLN I 265 -13.93 -0.36 13.61
CA GLN I 265 -13.08 0.71 13.11
C GLN I 265 -13.86 1.84 12.47
N VAL I 266 -15.16 1.66 12.23
CA VAL I 266 -15.99 2.76 11.75
C VAL I 266 -16.02 3.90 12.75
N ALA I 267 -15.94 3.58 14.05
CA ALA I 267 -15.96 4.61 15.08
C ALA I 267 -14.80 5.59 14.97
N LEU I 268 -13.67 5.17 14.39
CA LEU I 268 -12.56 6.08 14.19
C LEU I 268 -12.79 7.09 13.08
N SER I 269 -13.71 6.82 12.16
CA SER I 269 -13.99 7.77 11.10
C SER I 269 -14.69 9.01 11.63
N LEU I 270 -15.53 8.86 12.65
CA LEU I 270 -16.30 9.98 13.18
C LEU I 270 -15.49 10.72 14.25
N LEU I 271 -14.29 11.14 13.83
CA LEU I 271 -13.44 12.00 14.63
C LEU I 271 -13.16 11.38 15.99
N GLY I 272 -12.41 10.28 16.00
CA GLY I 272 -12.00 9.63 17.23
C GLY I 272 -13.14 9.14 18.11
N ALA J 1 -31.07 53.49 33.09
CA ALA J 1 -30.67 52.11 33.31
C ALA J 1 -29.20 51.91 32.96
N ILE J 2 -28.36 52.87 33.35
CA ILE J 2 -26.93 52.77 33.11
C ILE J 2 -26.20 52.68 34.45
N THR J 3 -25.86 51.48 34.87
CA THR J 3 -25.26 51.27 36.18
C THR J 3 -23.82 50.80 36.04
N VAL J 4 -23.04 51.02 37.10
CA VAL J 4 -21.64 50.64 37.12
C VAL J 4 -21.34 49.81 38.36
N ASN J 5 -22.37 49.30 39.02
CA ASN J 5 -22.19 48.46 40.20
C ASN J 5 -22.60 47.01 39.98
N THR J 6 -23.60 46.73 39.14
CA THR J 6 -24.00 45.37 38.85
C THR J 6 -24.15 45.19 37.34
N ASN J 7 -23.67 44.05 36.84
CA ASN J 7 -23.78 43.69 35.42
C ASN J 7 -24.55 42.38 35.34
N VAL J 8 -25.86 42.48 35.29
CA VAL J 8 -26.71 41.29 35.23
C VAL J 8 -26.56 40.59 33.89
N THR J 9 -26.23 41.33 32.84
CA THR J 9 -25.94 40.71 31.55
C THR J 9 -24.77 39.74 31.67
N SER J 10 -23.75 40.12 32.44
CA SER J 10 -22.63 39.22 32.69
C SER J 10 -23.07 38.00 33.49
N MET J 11 -23.92 38.23 34.49
CA MET J 11 -24.37 37.12 35.33
C MET J 11 -25.10 36.06 34.53
N LYS J 12 -25.99 36.48 33.64
CA LYS J 12 -26.68 35.52 32.78
C LYS J 12 -25.72 34.87 31.79
N ALA J 13 -24.78 35.65 31.25
CA ALA J 13 -23.82 35.11 30.31
C ALA J 13 -22.91 34.07 30.98
N GLN J 14 -22.52 34.30 32.23
CA GLN J 14 -21.65 33.37 32.93
C GLN J 14 -22.32 32.01 33.09
N LYS J 15 -23.61 32.01 33.44
CA LYS J 15 -24.31 30.76 33.67
C LYS J 15 -24.38 29.91 32.41
N ASN J 16 -24.61 30.55 31.27
CA ASN J 16 -24.72 29.81 30.01
C ASN J 16 -23.39 29.17 29.65
N LEU J 17 -22.28 29.88 29.89
CA LEU J 17 -20.96 29.31 29.61
C LEU J 17 -20.67 28.10 30.49
N ASN J 18 -21.09 28.17 31.76
CA ASN J 18 -20.85 27.04 32.66
C ASN J 18 -21.61 25.80 32.20
N THR J 19 -22.86 25.98 31.75
CA THR J 19 -23.64 24.84 31.27
C THR J 19 -23.02 24.22 30.03
N SER J 20 -22.55 25.03 29.09
CA SER J 20 -21.93 24.49 27.89
C SER J 20 -20.59 23.81 28.17
N ASN J 21 -19.84 24.31 29.14
CA ASN J 21 -18.57 23.68 29.51
C ASN J 21 -18.79 22.33 30.20
N SER J 22 -19.81 22.24 31.06
CA SER J 22 -20.09 20.98 31.75
C SER J 22 -20.58 19.90 30.79
N GLY J 23 -21.37 20.28 29.79
CA GLY J 23 -21.83 19.34 28.79
C GLY J 23 -20.70 18.81 27.92
N LEU J 24 -19.74 19.68 27.60
CA LEU J 24 -18.58 19.25 26.83
C LEU J 24 -17.74 18.24 27.62
N SER J 25 -17.57 18.50 28.92
CA SER J 25 -16.75 17.63 29.75
C SER J 25 -17.36 16.23 29.85
N THR J 26 -18.67 16.15 30.09
CA THR J 26 -19.30 14.85 30.28
C THR J 26 -19.30 14.03 29.00
N SER J 27 -19.30 14.70 27.84
CA SER J 27 -19.27 13.96 26.58
C SER J 27 -17.90 13.33 26.33
N MET J 28 -16.83 13.99 26.75
CA MET J 28 -15.49 13.44 26.51
C MET J 28 -15.25 12.17 27.31
N GLU J 29 -15.68 12.14 28.57
CA GLU J 29 -15.44 10.95 29.39
C GLU J 29 -16.27 9.76 28.93
N ARG J 30 -17.48 10.00 28.44
CA ARG J 30 -18.24 8.92 27.82
C ARG J 30 -17.56 8.39 26.57
N LEU J 31 -16.97 9.28 25.77
CA LEU J 31 -16.24 8.84 24.59
C LEU J 31 -14.90 8.20 24.93
N SER J 32 -14.24 8.62 26.00
CA SER J 32 -12.92 8.09 26.32
C SER J 32 -12.99 6.68 26.90
N SER J 33 -14.12 6.30 27.48
CA SER J 33 -14.29 4.96 28.05
C SER J 33 -15.18 4.10 27.18
N GLY J 34 -16.35 4.59 26.78
CA GLY J 34 -17.23 3.84 25.93
C GLY J 34 -18.47 3.35 26.67
N LEU J 35 -18.76 3.98 27.80
CA LEU J 35 -19.90 3.60 28.62
C LEU J 35 -20.80 4.80 28.86
N ARG J 36 -22.09 4.61 28.62
CA ARG J 36 -23.06 5.65 28.92
C ARG J 36 -23.24 5.85 30.42
N ILE J 37 -23.40 4.75 31.16
CA ILE J 37 -23.57 4.82 32.60
C ILE J 37 -22.22 4.73 33.28
N ASN J 38 -21.51 5.84 33.37
CA ASN J 38 -20.23 5.89 34.07
C ASN J 38 -20.46 5.90 35.57
N SER J 39 -21.28 6.84 36.03
CA SER J 39 -21.63 6.95 37.44
C SER J 39 -23.13 6.79 37.63
N ALA J 40 -23.57 6.97 38.87
CA ALA J 40 -24.98 6.91 39.20
C ALA J 40 -25.73 8.19 38.84
N LYS J 41 -25.06 9.15 38.21
CA LYS J 41 -25.77 10.32 37.69
C LYS J 41 -26.85 9.88 36.74
N ASP J 42 -26.53 8.94 35.86
CA ASP J 42 -27.37 8.46 34.78
C ASP J 42 -28.39 7.45 35.29
N ASP J 43 -28.94 6.65 34.38
CA ASP J 43 -30.03 5.74 34.71
C ASP J 43 -29.73 4.96 35.98
N ALA J 44 -30.53 5.22 37.02
CA ALA J 44 -30.36 4.51 38.28
C ALA J 44 -30.78 3.04 38.13
N ALA J 45 -31.84 2.79 37.37
CA ALA J 45 -32.29 1.43 37.12
C ALA J 45 -31.40 0.71 36.12
N GLY J 46 -30.74 1.43 35.23
CA GLY J 46 -29.91 0.78 34.22
C GLY J 46 -28.73 0.05 34.82
N LEU J 47 -28.06 0.67 35.79
CA LEU J 47 -26.88 0.05 36.39
C LEU J 47 -27.26 -1.18 37.21
N ALA J 48 -28.42 -1.12 37.87
CA ALA J 48 -28.89 -2.29 38.63
C ALA J 48 -29.17 -3.46 37.71
N ILE J 49 -29.85 -3.20 36.59
CA ILE J 49 -30.13 -4.27 35.64
C ILE J 49 -28.85 -4.81 35.03
N SER J 50 -27.91 -3.91 34.70
CA SER J 50 -26.67 -4.34 34.06
C SER J 50 -25.85 -5.24 34.98
N ASN J 51 -25.94 -5.01 36.29
CA ASN J 51 -25.18 -5.83 37.23
C ASN J 51 -25.63 -7.28 37.18
N ARG J 52 -26.94 -7.52 37.14
CA ARG J 52 -27.44 -8.88 37.02
C ARG J 52 -27.13 -9.48 35.65
N LEU J 53 -27.22 -8.69 34.58
CA LEU J 53 -26.81 -9.18 33.27
C LEU J 53 -25.33 -9.50 33.23
N ASN J 54 -24.51 -8.68 33.90
CA ASN J 54 -23.09 -8.98 33.99
C ASN J 54 -22.84 -10.29 34.72
N SER J 55 -23.62 -10.56 35.77
CA SER J 55 -23.48 -11.82 36.48
C SER J 55 -23.84 -13.01 35.59
N GLN J 56 -24.87 -12.88 34.76
CA GLN J 56 -25.24 -13.97 33.86
C GLN J 56 -24.16 -14.24 32.82
N VAL J 57 -23.60 -13.18 32.25
CA VAL J 57 -22.58 -13.34 31.21
C VAL J 57 -21.34 -14.03 31.78
N ARG J 58 -20.83 -13.50 32.91
CA ARG J 58 -19.67 -14.12 33.53
C ARG J 58 -20.03 -15.45 34.18
N GLY J 59 -21.25 -15.57 34.69
CA GLY J 59 -21.66 -16.84 35.27
C GLY J 59 -21.68 -17.97 34.26
N LEU J 60 -22.20 -17.69 33.06
CA LEU J 60 -22.21 -18.71 32.02
C LEU J 60 -20.81 -19.09 31.60
N GLU J 61 -19.90 -18.12 31.50
CA GLU J 61 -18.55 -18.40 31.03
C GLU J 61 -17.84 -19.39 31.94
N VAL J 62 -17.98 -19.22 33.26
CA VAL J 62 -17.44 -20.20 34.19
C VAL J 62 -18.21 -21.52 34.07
N GLY J 63 -19.51 -21.45 33.83
CA GLY J 63 -20.30 -22.66 33.68
C GLY J 63 -19.90 -23.45 32.44
N MET J 64 -19.50 -22.76 31.38
CA MET J 64 -19.02 -23.46 30.19
C MET J 64 -17.79 -24.30 30.48
N ARG J 65 -16.80 -23.71 31.16
CA ARG J 65 -15.61 -24.46 31.53
C ARG J 65 -15.93 -25.56 32.52
N ASN J 66 -16.97 -25.37 33.34
CA ASN J 66 -17.37 -26.40 34.28
C ASN J 66 -17.82 -27.66 33.57
N ALA J 67 -18.53 -27.53 32.46
CA ALA J 67 -19.02 -28.66 31.69
C ALA J 67 -17.97 -29.28 30.79
N ASN J 68 -17.04 -28.49 30.26
CA ASN J 68 -15.93 -29.05 29.51
C ASN J 68 -15.08 -29.99 30.36
N ASP J 69 -14.97 -29.71 31.66
CA ASP J 69 -14.30 -30.61 32.60
C ASP J 69 -15.04 -31.93 32.74
N ALA J 70 -16.37 -31.90 32.81
CA ALA J 70 -17.14 -33.13 32.95
C ALA J 70 -17.02 -34.01 31.72
N ILE J 71 -16.91 -33.39 30.53
CA ILE J 71 -16.77 -34.13 29.29
C ILE J 71 -15.47 -34.93 29.32
N SER J 72 -14.39 -34.28 29.78
CA SER J 72 -13.09 -34.94 29.80
C SER J 72 -13.09 -36.14 30.76
N ILE J 73 -13.73 -36.02 31.92
CA ILE J 73 -13.79 -37.14 32.84
C ILE J 73 -14.52 -38.32 32.23
N ALA J 74 -15.68 -38.06 31.61
CA ALA J 74 -16.41 -39.14 30.95
C ALA J 74 -15.63 -39.70 29.77
N GLN J 75 -14.81 -38.89 29.13
CA GLN J 75 -14.02 -39.35 27.99
C GLN J 75 -12.96 -40.36 28.43
N ILE J 76 -12.30 -40.10 29.56
CA ILE J 76 -11.22 -40.99 30.00
C ILE J 76 -11.78 -42.32 30.48
N ALA J 77 -12.87 -42.28 31.26
CA ALA J 77 -13.45 -43.52 31.77
C ALA J 77 -13.93 -44.42 30.63
N GLU J 78 -14.55 -43.82 29.62
CA GLU J 78 -15.02 -44.59 28.47
C GLU J 78 -13.85 -45.26 27.74
N GLY J 79 -12.74 -44.53 27.60
CA GLY J 79 -11.59 -45.11 26.90
C GLY J 79 -11.03 -46.33 27.60
N ALA J 80 -10.96 -46.28 28.94
CA ALA J 80 -10.40 -47.41 29.67
C ALA J 80 -11.30 -48.65 29.60
N MET J 81 -12.62 -48.47 29.59
CA MET J 81 -13.51 -49.62 29.54
C MET J 81 -13.44 -50.35 28.20
N GLN J 82 -13.01 -49.65 27.15
CA GLN J 82 -12.86 -50.32 25.85
C GLN J 82 -11.79 -51.39 25.91
N GLU J 83 -10.67 -51.10 26.59
CA GLU J 83 -9.60 -52.09 26.67
C GLU J 83 -9.98 -53.27 27.56
N GLN J 84 -10.80 -53.04 28.58
CA GLN J 84 -11.29 -54.14 29.38
C GLN J 84 -12.19 -55.06 28.56
N THR J 85 -12.95 -54.50 27.62
CA THR J 85 -13.81 -55.30 26.78
C THR J 85 -13.02 -56.22 25.86
N ASN J 86 -11.93 -55.71 25.26
CA ASN J 86 -11.14 -56.55 24.37
C ASN J 86 -10.48 -57.72 25.08
N MET J 87 -9.94 -57.51 26.28
CA MET J 87 -9.34 -58.61 27.02
C MET J 87 -10.37 -59.62 27.49
N LEU J 88 -11.59 -59.18 27.81
CA LEU J 88 -12.64 -60.13 28.17
C LEU J 88 -13.02 -61.00 27.00
N GLN J 89 -12.98 -60.46 25.78
CA GLN J 89 -13.28 -61.27 24.60
C GLN J 89 -12.24 -62.37 24.40
N ARG J 90 -10.98 -62.06 24.66
CA ARG J 90 -9.93 -63.07 24.56
C ARG J 90 -10.10 -64.18 25.59
N MET J 91 -10.61 -63.85 26.78
CA MET J 91 -10.90 -64.89 27.77
C MET J 91 -12.00 -65.83 27.29
N ARG J 92 -12.98 -65.31 26.54
CA ARG J 92 -14.02 -66.18 25.99
C ARG J 92 -13.44 -67.21 25.03
N ASP J 93 -12.51 -66.79 24.17
CA ASP J 93 -11.91 -67.72 23.22
C ASP J 93 -11.11 -68.80 23.93
N LEU J 94 -10.37 -68.44 24.97
CA LEU J 94 -9.60 -69.43 25.72
C LEU J 94 -10.49 -70.46 26.40
N THR J 95 -11.62 -70.02 26.97
CA THR J 95 -12.57 -70.96 27.54
C THR J 95 -13.16 -71.89 26.49
N ILE J 96 -13.49 -71.37 25.30
CA ILE J 96 -13.92 -72.23 24.22
C ILE J 96 -12.80 -73.15 23.77
N GLN J 97 -11.58 -72.62 23.65
CA GLN J 97 -10.44 -73.44 23.27
C GLN J 97 -10.09 -74.48 24.31
N SER J 98 -10.40 -74.22 25.58
CA SER J 98 -10.05 -75.15 26.66
C SER J 98 -11.02 -76.31 26.77
N GLU J 99 -11.85 -76.57 25.76
CA GLU J 99 -12.90 -77.57 25.87
C GLU J 99 -12.61 -78.73 24.91
N ASN J 100 -11.42 -78.74 24.29
CA ASN J 100 -11.04 -79.87 23.45
C ASN J 100 -10.94 -81.15 24.26
N GLY J 101 -11.28 -82.27 23.62
CA GLY J 101 -11.08 -83.56 24.24
C GLY J 101 -9.73 -84.15 23.91
N ALA J 102 -8.95 -83.45 23.10
CA ALA J 102 -7.60 -83.88 22.77
C ALA J 102 -6.55 -83.19 23.62
N ASN J 103 -6.96 -82.33 24.54
CA ASN J 103 -6.02 -81.65 25.43
C ASN J 103 -5.56 -82.64 26.49
N SER J 104 -4.76 -82.17 27.44
CA SER J 104 -4.34 -83.00 28.56
C SER J 104 -4.32 -82.13 29.81
N THR J 105 -4.00 -82.76 30.94
CA THR J 105 -3.96 -82.02 32.20
C THR J 105 -2.92 -80.91 32.15
N ALA J 106 -1.75 -81.19 31.56
CA ALA J 106 -0.72 -80.17 31.43
C ALA J 106 -1.12 -79.06 30.46
N ASP J 107 -1.92 -79.39 29.43
CA ASP J 107 -2.34 -78.39 28.47
C ASP J 107 -3.31 -77.38 29.09
N LEU J 108 -4.22 -77.87 29.94
CA LEU J 108 -5.18 -76.97 30.57
C LEU J 108 -4.50 -75.99 31.52
N VAL J 109 -3.41 -76.40 32.15
CA VAL J 109 -2.69 -75.51 33.05
C VAL J 109 -2.09 -74.33 32.28
N SER J 110 -1.52 -74.58 31.10
CA SER J 110 -0.95 -73.49 30.30
C SER J 110 -2.00 -72.47 29.89
N ILE J 111 -3.20 -72.92 29.54
CA ILE J 111 -4.26 -71.99 29.17
C ILE J 111 -4.67 -71.15 30.37
N LYS J 112 -4.73 -71.75 31.55
CA LYS J 112 -5.09 -70.99 32.75
C LYS J 112 -4.03 -69.95 33.09
N ALA J 113 -2.75 -70.27 32.88
CA ALA J 113 -1.69 -69.32 33.13
C ALA J 113 -1.80 -68.07 32.27
N GLU J 114 -2.49 -68.16 31.14
CA GLU J 114 -2.78 -67.01 30.30
C GLU J 114 -4.01 -66.26 30.78
N MET J 115 -5.10 -66.97 31.07
CA MET J 115 -6.29 -66.33 31.61
C MET J 115 -5.97 -65.59 32.91
N ASP J 116 -5.08 -66.16 33.72
CA ASP J 116 -4.78 -65.58 35.02
C ASP J 116 -4.16 -64.19 34.89
N GLN J 117 -3.24 -64.02 33.94
CA GLN J 117 -2.59 -62.72 33.77
C GLN J 117 -3.50 -61.69 33.13
N LEU J 118 -4.42 -62.10 32.26
CA LEU J 118 -5.38 -61.16 31.69
C LEU J 118 -6.30 -60.57 32.75
N ALA J 119 -6.73 -61.37 33.72
CA ALA J 119 -7.54 -60.85 34.81
C ALA J 119 -6.77 -59.90 35.70
N THR J 120 -5.45 -60.05 35.79
CA THR J 120 -4.65 -59.12 36.58
C THR J 120 -4.67 -57.71 36.01
N GLU J 121 -4.64 -57.58 34.68
CA GLU J 121 -4.69 -56.25 34.08
C GLU J 121 -6.06 -55.59 34.20
N ILE J 122 -7.13 -56.36 34.16
CA ILE J 122 -8.45 -55.78 34.40
C ILE J 122 -8.47 -55.13 35.78
N ASP J 123 -7.82 -55.77 36.75
CA ASP J 123 -7.56 -55.11 38.03
C ASP J 123 -6.65 -53.89 37.86
N SER J 124 -5.61 -54.01 37.04
CA SER J 124 -4.62 -52.94 36.96
C SER J 124 -5.17 -51.69 36.29
N ILE J 125 -5.98 -51.84 35.25
CA ILE J 125 -6.60 -50.67 34.64
C ILE J 125 -7.57 -50.01 35.61
N GLY J 126 -8.36 -50.81 36.32
CA GLY J 126 -9.33 -50.29 37.25
C GLY J 126 -8.73 -49.45 38.34
N ASN J 127 -7.54 -49.83 38.82
CA ASN J 127 -6.87 -49.11 39.89
C ASN J 127 -5.95 -47.99 39.40
N SER J 128 -5.83 -47.80 38.08
CA SER J 128 -4.87 -46.84 37.57
C SER J 128 -5.54 -45.63 36.91
N THR J 129 -6.63 -45.86 36.18
CA THR J 129 -7.29 -44.81 35.42
C THR J 129 -7.63 -43.62 36.31
N ALA J 130 -7.03 -42.47 36.04
CA ALA J 130 -7.16 -41.33 36.93
C ALA J 130 -7.15 -40.05 36.10
N PHE J 131 -7.69 -38.99 36.69
CA PHE J 131 -7.70 -37.65 36.11
C PHE J 131 -6.71 -36.82 36.91
N GLY J 132 -5.45 -36.87 36.49
CA GLY J 132 -4.40 -36.19 37.21
C GLY J 132 -4.02 -36.93 38.47
N ASN J 133 -4.89 -36.90 39.48
CA ASN J 133 -4.61 -37.66 40.70
C ASN J 133 -5.85 -38.30 41.30
N THR J 134 -7.01 -38.22 40.66
CA THR J 134 -8.25 -38.78 41.20
C THR J 134 -8.61 -40.03 40.42
N LYS J 135 -8.70 -41.15 41.12
CA LYS J 135 -9.05 -42.44 40.51
C LYS J 135 -10.54 -42.44 40.17
N LEU J 136 -10.87 -42.82 38.94
CA LEU J 136 -12.24 -42.70 38.46
C LEU J 136 -13.01 -44.02 38.42
N LEU J 137 -12.35 -45.16 38.56
CA LEU J 137 -13.01 -46.44 38.41
C LEU J 137 -12.98 -47.27 39.69
N THR J 138 -12.71 -46.64 40.83
CA THR J 138 -12.60 -47.37 42.09
C THR J 138 -13.72 -47.01 43.06
N GLY J 139 -14.83 -46.48 42.57
CA GLY J 139 -16.03 -46.31 43.36
C GLY J 139 -16.21 -44.95 43.98
N THR J 140 -15.26 -44.03 43.79
CA THR J 140 -15.44 -42.69 44.34
C THR J 140 -16.46 -41.92 43.51
N PHE J 141 -16.82 -42.44 42.35
CA PHE J 141 -17.91 -41.89 41.57
C PHE J 141 -19.12 -42.84 41.55
N SER J 142 -19.22 -43.70 42.55
CA SER J 142 -20.38 -44.58 42.68
C SER J 142 -21.66 -43.82 42.92
N ALA J 143 -21.64 -42.79 43.76
CA ALA J 143 -22.76 -41.87 43.96
C ALA J 143 -22.40 -40.60 43.20
N GLY J 144 -23.05 -40.41 42.06
CA GLY J 144 -22.68 -39.39 41.10
C GLY J 144 -22.24 -38.05 41.65
N LYS J 145 -21.11 -37.55 41.19
CA LYS J 145 -20.64 -36.24 41.57
C LYS J 145 -21.35 -35.15 40.76
N VAL J 146 -21.18 -33.91 41.19
CA VAL J 146 -22.02 -32.81 40.71
C VAL J 146 -21.16 -31.75 40.05
N PHE J 147 -21.58 -31.30 38.86
CA PHE J 147 -21.00 -30.16 38.18
C PHE J 147 -22.10 -29.13 37.93
N GLN J 148 -21.79 -27.85 38.13
CA GLN J 148 -22.75 -26.77 37.95
C GLN J 148 -22.49 -26.10 36.61
N VAL J 149 -23.50 -26.08 35.75
CA VAL J 149 -23.36 -25.59 34.38
C VAL J 149 -24.14 -24.30 34.14
N GLY J 150 -24.86 -23.81 35.15
CA GLY J 150 -25.58 -22.56 35.06
C GLY J 150 -24.96 -21.53 35.97
N HIS J 151 -25.64 -20.38 36.08
CA HIS J 151 -25.17 -19.31 36.95
C HIS J 151 -25.97 -19.19 38.24
N GLN J 152 -26.91 -20.10 38.50
CA GLN J 152 -27.69 -20.08 39.71
C GLN J 152 -27.71 -21.47 40.33
N GLU J 153 -28.15 -21.53 41.59
CA GLU J 153 -28.23 -22.78 42.30
C GLU J 153 -29.23 -23.71 41.64
N GLY J 154 -28.92 -25.01 41.65
CA GLY J 154 -29.81 -26.01 41.11
C GLY J 154 -29.59 -26.36 39.66
N GLU J 155 -28.70 -25.66 38.97
CA GLU J 155 -28.38 -25.97 37.57
C GLU J 155 -27.17 -26.90 37.55
N ASP J 156 -27.40 -28.16 37.88
CA ASP J 156 -26.31 -29.11 38.05
C ASP J 156 -26.50 -30.33 37.16
N ILE J 157 -25.38 -30.97 36.85
CA ILE J 157 -25.33 -32.22 36.10
C ILE J 157 -24.59 -33.26 36.94
N LYS J 158 -25.12 -34.48 36.94
CA LYS J 158 -24.58 -35.56 37.77
C LYS J 158 -23.97 -36.63 36.89
N VAL J 159 -22.73 -37.01 37.19
CA VAL J 159 -22.01 -38.06 36.46
C VAL J 159 -21.73 -39.21 37.42
N THR J 160 -22.22 -40.40 37.09
CA THR J 160 -22.07 -41.57 37.93
C THR J 160 -21.25 -42.62 37.20
N VAL J 161 -20.18 -43.09 37.83
CA VAL J 161 -19.32 -44.14 37.28
C VAL J 161 -19.22 -45.23 38.33
N LYS J 162 -19.80 -46.39 38.05
CA LYS J 162 -19.74 -47.49 38.99
C LYS J 162 -18.37 -48.15 38.95
N ALA J 163 -17.99 -48.78 40.06
CA ALA J 163 -16.69 -49.42 40.16
C ALA J 163 -16.60 -50.60 39.19
N SER J 164 -15.47 -50.71 38.50
CA SER J 164 -15.26 -51.76 37.52
C SER J 164 -13.84 -52.29 37.66
N ASN J 165 -13.71 -53.45 38.30
CA ASN J 165 -12.43 -54.13 38.47
C ASN J 165 -12.73 -55.63 38.56
N LYS J 166 -11.71 -56.43 38.82
CA LYS J 166 -11.87 -57.88 38.70
C LYS J 166 -12.79 -58.44 39.78
N THR J 167 -12.68 -57.97 41.03
CA THR J 167 -13.61 -58.46 42.05
C THR J 167 -15.02 -57.96 41.80
N SER J 168 -15.16 -56.75 41.26
CA SER J 168 -16.48 -56.21 40.97
C SER J 168 -17.20 -57.01 39.90
N LEU J 169 -16.50 -57.37 38.83
CA LEU J 169 -17.09 -58.06 37.70
C LEU J 169 -17.20 -59.57 37.91
N SER J 170 -17.04 -60.03 39.14
CA SER J 170 -17.16 -61.44 39.51
C SER J 170 -16.20 -62.31 38.69
N VAL J 171 -14.95 -61.85 38.60
CA VAL J 171 -13.87 -62.65 38.05
C VAL J 171 -12.70 -62.61 39.02
N GLY J 172 -11.77 -63.54 38.86
CA GLY J 172 -10.66 -63.63 39.80
C GLY J 172 -10.44 -65.06 40.23
N ALA J 173 -11.50 -65.86 40.16
CA ALA J 173 -11.42 -67.30 40.39
C ALA J 173 -12.10 -67.99 39.22
N LEU J 174 -11.34 -68.29 38.18
CA LEU J 174 -11.85 -68.95 36.99
C LEU J 174 -11.00 -70.18 36.70
N ASN J 175 -11.58 -71.36 36.87
CA ASN J 175 -10.91 -72.61 36.58
C ASN J 175 -11.51 -73.24 35.33
N ASN J 176 -10.78 -74.18 34.73
CA ASN J 176 -11.23 -74.88 33.54
C ASN J 176 -10.90 -76.36 33.57
N ALA J 177 -10.89 -76.98 34.75
CA ALA J 177 -10.53 -78.39 34.86
C ALA J 177 -11.74 -79.29 34.60
N THR J 178 -12.77 -79.18 35.41
CA THR J 178 -13.93 -80.08 35.32
C THR J 178 -14.94 -79.58 34.30
N SER J 179 -15.95 -80.39 33.99
CA SER J 179 -17.00 -79.98 33.08
C SER J 179 -17.79 -78.81 33.65
N ALA J 180 -18.13 -78.87 34.95
CA ALA J 180 -18.92 -77.82 35.55
C ALA J 180 -18.12 -76.52 35.67
N ASN J 181 -16.80 -76.63 35.80
CA ASN J 181 -15.98 -75.43 35.99
C ASN J 181 -16.02 -74.54 34.75
N ARG J 182 -15.95 -75.13 33.56
CA ARG J 182 -15.96 -74.32 32.34
C ARG J 182 -17.34 -73.71 32.09
N ALA J 183 -18.41 -74.44 32.39
CA ALA J 183 -19.75 -73.90 32.17
C ALA J 183 -20.02 -72.70 33.05
N SER J 184 -19.59 -72.75 34.31
CA SER J 184 -19.78 -71.61 35.21
C SER J 184 -18.93 -70.42 34.78
N SER J 185 -17.71 -70.67 34.30
CA SER J 185 -16.83 -69.58 33.89
C SER J 185 -17.39 -68.82 32.69
N LEU J 186 -17.98 -69.55 31.74
CA LEU J 186 -18.50 -68.90 30.54
C LEU J 186 -19.64 -67.93 30.84
N ALA J 187 -20.53 -68.30 31.77
CA ALA J 187 -21.65 -67.43 32.09
C ALA J 187 -21.18 -66.11 32.71
N LYS J 188 -20.18 -66.17 33.59
CA LYS J 188 -19.75 -64.97 34.28
C LYS J 188 -19.08 -63.98 33.34
N ILE J 189 -18.32 -64.48 32.36
CA ILE J 189 -17.71 -63.59 31.38
C ILE J 189 -18.77 -62.90 30.54
N ASP J 190 -19.80 -63.64 30.12
CA ASP J 190 -20.88 -63.03 29.35
C ASP J 190 -21.59 -61.96 30.15
N ALA J 191 -21.86 -62.22 31.43
CA ALA J 191 -22.46 -61.21 32.28
C ALA J 191 -21.54 -60.01 32.47
N ALA J 192 -20.22 -60.24 32.45
CA ALA J 192 -19.29 -59.14 32.59
C ALA J 192 -19.37 -58.17 31.42
N ILE J 193 -19.46 -58.69 30.20
CA ILE J 193 -19.54 -57.81 29.03
C ILE J 193 -20.83 -56.99 29.06
N LYS J 194 -21.93 -57.59 29.51
CA LYS J 194 -23.18 -56.85 29.59
C LYS J 194 -23.08 -55.68 30.56
N THR J 195 -22.45 -55.89 31.71
CA THR J 195 -22.35 -54.83 32.71
C THR J 195 -21.53 -53.66 32.19
N ILE J 196 -20.42 -53.94 31.52
CA ILE J 196 -19.59 -52.86 30.96
C ILE J 196 -20.36 -52.15 29.86
N ASP J 197 -21.09 -52.90 29.04
CA ASP J 197 -21.83 -52.30 27.94
C ASP J 197 -22.86 -51.29 28.44
N SER J 198 -23.58 -51.63 29.50
CA SER J 198 -24.56 -50.70 30.05
C SER J 198 -23.88 -49.47 30.64
N GLN J 199 -22.70 -49.64 31.23
CA GLN J 199 -21.98 -48.51 31.79
C GLN J 199 -21.55 -47.54 30.71
N ARG J 200 -21.09 -48.05 29.57
CA ARG J 200 -20.66 -47.18 28.49
C ARG J 200 -21.83 -46.38 27.93
N ALA J 201 -22.99 -47.02 27.80
CA ALA J 201 -24.16 -46.32 27.31
C ALA J 201 -24.57 -45.18 28.23
N ASP J 202 -24.48 -45.40 29.54
CA ASP J 202 -24.81 -44.35 30.49
C ASP J 202 -23.87 -43.17 30.38
N LEU J 203 -22.58 -43.41 30.20
CA LEU J 203 -21.63 -42.32 30.07
C LEU J 203 -21.78 -41.60 28.73
N GLY J 204 -22.11 -42.32 27.67
CA GLY J 204 -22.33 -41.66 26.40
C GLY J 204 -23.52 -40.73 26.39
N ALA J 205 -24.59 -41.11 27.09
CA ALA J 205 -25.78 -40.26 27.14
C ALA J 205 -25.48 -38.94 27.82
N VAL J 206 -24.68 -38.96 28.89
CA VAL J 206 -24.39 -37.74 29.62
C VAL J 206 -23.60 -36.76 28.75
N GLN J 207 -22.61 -37.26 28.01
CA GLN J 207 -21.81 -36.36 27.18
C GLN J 207 -22.54 -35.91 25.92
N ASN J 208 -23.48 -36.72 25.42
CA ASN J 208 -24.44 -36.19 24.47
C ASN J 208 -25.31 -35.11 25.11
N ARG J 209 -25.70 -35.34 26.36
CA ARG J 209 -26.47 -34.34 27.09
C ARG J 209 -25.66 -33.07 27.31
N LEU J 210 -24.39 -33.19 27.71
CA LEU J 210 -23.59 -32.00 28.00
C LEU J 210 -23.29 -31.18 26.77
N ALA J 211 -23.18 -31.82 25.60
CA ALA J 211 -22.88 -31.07 24.38
C ALA J 211 -23.98 -30.08 24.05
N HIS J 212 -25.24 -30.43 24.33
CA HIS J 212 -26.35 -29.54 24.02
C HIS J 212 -26.41 -28.35 24.97
N ASN J 213 -25.96 -28.52 26.22
CA ASN J 213 -25.89 -27.38 27.14
C ASN J 213 -24.92 -26.31 26.64
N ILE J 214 -23.75 -26.74 26.14
CA ILE J 214 -22.75 -25.78 25.68
C ILE J 214 -23.28 -24.95 24.51
N SER J 215 -23.91 -25.61 23.54
CA SER J 215 -24.46 -24.89 22.40
C SER J 215 -25.53 -23.91 22.84
N ASN J 216 -26.41 -24.35 23.75
CA ASN J 216 -27.44 -23.45 24.26
C ASN J 216 -26.83 -22.28 25.04
N SER J 217 -25.83 -22.56 25.87
CA SER J 217 -25.20 -21.50 26.64
C SER J 217 -24.44 -20.51 25.76
N ALA J 218 -23.83 -20.99 24.68
CA ALA J 218 -23.16 -20.09 23.74
C ALA J 218 -24.16 -19.15 23.07
N ASN J 219 -25.32 -19.68 22.69
CA ASN J 219 -26.34 -18.84 22.07
C ASN J 219 -26.86 -17.79 23.04
N THR J 220 -27.23 -18.22 24.26
CA THR J 220 -27.83 -17.28 25.20
C THR J 220 -26.83 -16.22 25.65
N GLN J 221 -25.53 -16.53 25.64
CA GLN J 221 -24.53 -15.55 26.02
C GLN J 221 -24.51 -14.38 25.04
N ALA J 222 -24.63 -14.67 23.74
CA ALA J 222 -24.60 -13.62 22.73
C ALA J 222 -25.80 -12.69 22.86
N ASN J 223 -26.99 -13.26 23.07
CA ASN J 223 -28.19 -12.43 23.18
C ASN J 223 -28.18 -11.55 24.43
N VAL J 224 -27.66 -12.05 25.54
CA VAL J 224 -27.55 -11.21 26.74
C VAL J 224 -26.56 -10.09 26.52
N ALA J 225 -25.48 -10.34 25.77
CA ALA J 225 -24.54 -9.28 25.44
C ALA J 225 -25.23 -8.19 24.62
N ASP J 226 -26.13 -8.57 23.71
CA ASP J 226 -26.94 -7.58 23.01
C ASP J 226 -27.73 -6.72 23.98
N ALA J 227 -28.45 -7.36 24.90
CA ALA J 227 -29.30 -6.61 25.81
C ALA J 227 -28.48 -5.68 26.71
N LYS J 228 -27.33 -6.15 27.16
CA LYS J 228 -26.51 -5.37 28.08
C LYS J 228 -25.86 -4.15 27.41
N SER J 229 -25.53 -4.25 26.11
CA SER J 229 -24.87 -3.12 25.46
C SER J 229 -25.85 -1.99 25.16
N ARG J 230 -27.12 -2.29 24.89
CA ARG J 230 -28.07 -1.24 24.59
C ARG J 230 -28.30 -0.33 25.79
N ILE J 231 -27.98 -0.80 26.98
CA ILE J 231 -28.25 -0.04 28.20
C ILE J 231 -27.07 0.81 28.62
N VAL J 232 -25.85 0.25 28.58
CA VAL J 232 -24.69 0.91 29.18
C VAL J 232 -23.73 1.50 28.17
N ASP J 233 -23.85 1.18 26.89
CA ASP J 233 -22.87 1.55 25.90
C ASP J 233 -23.31 2.79 25.14
N VAL J 234 -22.35 3.60 24.73
CA VAL J 234 -22.64 4.84 24.01
C VAL J 234 -22.75 4.55 22.53
N ASP J 235 -23.52 5.39 21.83
CA ASP J 235 -23.56 5.41 20.38
C ASP J 235 -22.73 6.59 19.92
N PHE J 236 -21.63 6.30 19.21
CA PHE J 236 -20.72 7.37 18.83
C PHE J 236 -21.37 8.38 17.90
N ALA J 237 -22.32 7.95 17.08
CA ALA J 237 -23.04 8.87 16.22
C ALA J 237 -23.78 9.90 17.07
N LYS J 238 -24.44 9.42 18.13
CA LYS J 238 -25.11 10.33 19.05
C LYS J 238 -24.10 11.19 19.80
N GLU J 239 -23.02 10.60 20.28
CA GLU J 239 -22.10 11.32 21.15
C GLU J 239 -21.24 12.32 20.38
N THR J 240 -20.78 11.95 19.18
CA THR J 240 -19.93 12.86 18.43
C THR J 240 -20.66 14.13 18.05
N SER J 241 -21.93 14.01 17.67
CA SER J 241 -22.72 15.19 17.33
C SER J 241 -22.86 16.11 18.54
N ALA J 242 -23.11 15.55 19.72
CA ALA J 242 -23.24 16.37 20.92
C ALA J 242 -21.92 17.06 21.27
N MET J 243 -20.80 16.35 21.13
CA MET J 243 -19.50 16.95 21.45
C MET J 243 -19.20 18.13 20.55
N THR J 244 -19.37 17.97 19.24
CA THR J 244 -19.24 19.10 18.33
C THR J 244 -20.32 20.14 18.58
N LYS J 245 -21.46 19.72 19.11
CA LYS J 245 -22.58 20.63 19.34
C LYS J 245 -22.20 21.67 20.38
N TYR J 246 -21.54 21.23 21.45
CA TYR J 246 -21.16 22.09 22.57
C TYR J 246 -19.90 22.89 22.32
N GLN J 247 -19.02 22.42 21.42
CA GLN J 247 -17.82 23.19 21.10
C GLN J 247 -18.17 24.54 20.51
N VAL J 248 -19.15 24.58 19.62
CA VAL J 248 -19.59 25.84 19.04
C VAL J 248 -20.18 26.75 20.11
N LEU J 249 -20.99 26.18 21.00
CA LEU J 249 -21.62 26.96 22.05
C LEU J 249 -20.59 27.57 23.00
N GLN J 250 -19.46 26.89 23.20
CA GLN J 250 -18.42 27.43 24.07
C GLN J 250 -17.79 28.68 23.48
N GLN J 251 -17.42 28.64 22.20
CA GLN J 251 -16.84 29.81 21.55
C GLN J 251 -17.85 30.93 21.42
N THR J 252 -19.12 30.60 21.20
CA THR J 252 -20.16 31.61 21.21
C THR J 252 -20.30 32.24 22.59
N GLY J 253 -20.28 31.41 23.64
CA GLY J 253 -20.40 31.94 24.98
C GLY J 253 -19.24 32.82 25.40
N SER J 254 -18.02 32.46 24.99
CA SER J 254 -16.85 33.26 25.34
C SER J 254 -16.85 34.62 24.69
N ALA J 255 -17.23 34.71 23.40
CA ALA J 255 -17.32 35.99 22.74
C ALA J 255 -18.40 36.87 23.33
N MET J 256 -19.56 36.28 23.67
CA MET J 256 -20.63 37.07 24.28
C MET J 256 -20.24 37.58 25.65
N LEU J 257 -19.57 36.75 26.46
CA LEU J 257 -19.18 37.18 27.79
C LEU J 257 -18.12 38.26 27.76
N ALA J 258 -17.12 38.12 26.89
CA ALA J 258 -16.08 39.14 26.80
C ALA J 258 -16.65 40.48 26.35
N GLN J 259 -17.58 40.46 25.39
CA GLN J 259 -18.16 41.69 24.90
C GLN J 259 -19.16 42.28 25.89
N ALA J 260 -19.83 41.44 26.67
CA ALA J 260 -20.76 41.96 27.66
C ALA J 260 -20.04 42.58 28.84
N ASN J 261 -18.77 42.22 29.04
CA ASN J 261 -18.02 42.77 30.16
C ASN J 261 -17.70 44.25 29.99
N GLN J 262 -17.57 44.73 28.76
CA GLN J 262 -17.24 46.11 28.50
C GLN J 262 -18.46 46.97 28.20
N LEU J 263 -19.65 46.51 28.58
CA LEU J 263 -20.85 47.33 28.57
C LEU J 263 -20.74 48.57 29.47
N PRO J 264 -20.24 48.46 30.71
CA PRO J 264 -20.23 49.65 31.58
C PRO J 264 -19.30 50.77 31.14
N GLN J 265 -18.48 50.56 30.11
CA GLN J 265 -17.61 51.63 29.63
C GLN J 265 -18.38 52.77 28.97
N VAL J 266 -19.67 52.59 28.71
CA VAL J 266 -20.50 53.70 28.21
C VAL J 266 -20.52 54.84 29.21
N ALA J 267 -20.48 54.52 30.51
CA ALA J 267 -20.51 55.54 31.55
C ALA J 267 -19.35 56.52 31.46
N LEU J 268 -18.22 56.10 30.90
CA LEU J 268 -17.08 56.99 30.73
C LEU J 268 -17.28 58.00 29.61
N SER J 269 -18.20 57.74 28.68
CA SER J 269 -18.43 58.69 27.60
C SER J 269 -19.16 59.94 28.12
N LEU J 270 -20.01 59.79 29.13
CA LEU J 270 -20.78 60.92 29.65
C LEU J 270 -19.99 61.66 30.72
N LEU J 271 -18.78 62.08 30.34
CA LEU J 271 -17.93 62.93 31.16
C LEU J 271 -17.70 62.29 32.52
N GLY J 272 -16.96 61.19 32.54
CA GLY J 272 -16.58 60.54 33.79
C GLY J 272 -17.73 60.05 34.64
N ALA K 1 -35.62 104.45 49.12
CA ALA K 1 -35.24 103.06 49.35
C ALA K 1 -33.75 102.86 49.04
N ILE K 2 -32.92 103.80 49.44
CA ILE K 2 -31.48 103.70 49.23
C ILE K 2 -30.79 103.62 50.59
N THR K 3 -30.46 102.40 51.01
CA THR K 3 -29.89 102.18 52.33
C THR K 3 -28.45 101.70 52.23
N VAL K 4 -27.69 101.93 53.29
CA VAL K 4 -26.29 101.54 53.34
C VAL K 4 -26.02 100.71 54.58
N ASN K 5 -27.07 100.20 55.22
CA ASN K 5 -26.91 99.36 56.40
C ASN K 5 -27.32 97.92 56.19
N THR K 6 -28.31 97.65 55.33
CA THR K 6 -28.73 96.28 55.02
C THR K 6 -28.83 96.10 53.51
N ASN K 7 -28.36 94.96 53.02
CA ASN K 7 -28.43 94.60 51.61
C ASN K 7 -29.21 93.30 51.51
N VAL K 8 -30.54 93.40 51.43
CA VAL K 8 -31.39 92.22 51.36
C VAL K 8 -31.21 91.52 50.02
N THR K 9 -30.85 92.26 48.98
CA THR K 9 -30.54 91.63 47.70
C THR K 9 -29.39 90.65 47.85
N SER K 10 -28.37 91.04 48.62
CA SER K 10 -27.26 90.12 48.90
C SER K 10 -27.72 88.91 49.70
N MET K 11 -28.60 89.13 50.68
CA MET K 11 -29.07 88.03 51.52
C MET K 11 -29.79 86.97 50.69
N LYS K 12 -30.67 87.40 49.78
CA LYS K 12 -31.34 86.44 48.90
C LYS K 12 -30.36 85.79 47.94
N ALA K 13 -29.40 86.57 47.42
CA ALA K 13 -28.43 86.01 46.50
C ALA K 13 -27.55 84.98 47.18
N GLN K 14 -27.18 85.21 48.44
CA GLN K 14 -26.32 84.26 49.15
C GLN K 14 -27.01 82.92 49.31
N LYS K 15 -28.30 82.93 49.63
CA LYS K 15 -29.01 81.66 49.85
C LYS K 15 -29.06 80.82 48.59
N ASN K 16 -29.28 81.46 47.44
CA ASN K 16 -29.36 80.73 46.18
C ASN K 16 -28.02 80.08 45.84
N LEU K 17 -26.92 80.78 46.11
CA LEU K 17 -25.60 80.20 45.85
C LEU K 17 -25.34 78.99 46.74
N ASN K 18 -25.76 79.06 48.00
CA ASN K 18 -25.56 77.93 48.91
C ASN K 18 -26.33 76.70 48.43
N THR K 19 -27.56 76.89 47.95
CA THR K 19 -28.34 75.75 47.46
C THR K 19 -27.70 75.12 46.23
N SER K 20 -27.20 75.93 45.30
CA SER K 20 -26.56 75.39 44.11
C SER K 20 -25.24 74.70 44.42
N ASN K 21 -24.49 75.19 45.41
CA ASN K 21 -23.25 74.55 45.81
C ASN K 21 -23.49 73.21 46.48
N SER K 22 -24.53 73.12 47.32
CA SER K 22 -24.82 71.87 48.01
C SER K 22 -25.29 70.80 47.04
N GLY K 23 -26.06 71.17 46.03
CA GLY K 23 -26.51 70.23 45.02
C GLY K 23 -25.37 69.69 44.18
N LEU K 24 -24.40 70.56 43.87
CA LEU K 24 -23.23 70.12 43.12
C LEU K 24 -22.41 69.12 43.94
N SER K 25 -22.26 69.37 45.23
CA SER K 25 -21.46 68.48 46.08
C SER K 25 -22.08 67.10 46.17
N THR K 26 -23.40 67.03 46.39
CA THR K 26 -24.04 65.73 46.56
C THR K 26 -24.02 64.91 45.28
N SER K 27 -24.00 65.57 44.13
CA SER K 27 -23.94 64.84 42.86
C SER K 27 -22.58 64.20 42.63
N MET K 28 -21.51 64.85 43.09
CA MET K 28 -20.17 64.31 42.87
C MET K 28 -19.95 63.03 43.67
N GLU K 29 -20.41 62.99 44.93
CA GLU K 29 -20.18 61.81 45.74
C GLU K 29 -21.01 60.63 45.27
N ARG K 30 -22.22 60.88 44.76
CA ARG K 30 -22.98 59.79 44.13
C ARG K 30 -22.27 59.25 42.89
N LEU K 31 -21.66 60.14 42.10
CA LEU K 31 -20.91 59.70 40.93
C LEU K 31 -19.58 59.04 41.30
N SER K 32 -18.94 59.47 42.39
CA SER K 32 -17.63 58.93 42.73
C SER K 32 -17.71 57.52 43.31
N SER K 33 -18.86 57.15 43.87
CA SER K 33 -19.05 55.81 44.43
C SER K 33 -19.93 54.94 43.55
N GLY K 34 -21.08 55.45 43.13
CA GLY K 34 -21.96 54.71 42.26
C GLY K 34 -23.20 54.23 42.97
N LEU K 35 -23.52 54.86 44.10
CA LEU K 35 -24.68 54.48 44.89
C LEU K 35 -25.57 55.69 45.10
N ARG K 36 -26.87 55.51 44.85
CA ARG K 36 -27.83 56.57 45.13
C ARG K 36 -28.04 56.75 46.63
N ILE K 37 -28.23 55.66 47.36
CA ILE K 37 -28.43 55.73 48.81
C ILE K 37 -27.08 55.63 49.50
N ASN K 38 -26.36 56.74 49.60
CA ASN K 38 -25.10 56.78 50.32
C ASN K 38 -25.36 56.79 51.82
N SER K 39 -26.19 57.73 52.28
CA SER K 39 -26.55 57.85 53.68
C SER K 39 -28.06 57.69 53.83
N ALA K 40 -28.52 57.88 55.07
CA ALA K 40 -29.95 57.83 55.37
C ALA K 40 -30.67 59.12 55.00
N LYS K 41 -29.98 60.08 54.38
CA LYS K 41 -30.67 61.24 53.85
C LYS K 41 -31.75 60.80 52.88
N ASP K 42 -31.41 59.86 52.01
CA ASP K 42 -32.24 59.40 50.90
C ASP K 42 -33.27 58.39 51.40
N ASP K 43 -33.81 57.59 50.47
CA ASP K 43 -34.91 56.69 50.78
C ASP K 43 -34.65 55.90 52.06
N ALA K 44 -35.45 56.18 53.09
CA ALA K 44 -35.33 55.45 54.35
C ALA K 44 -35.74 54.00 54.19
N ALA K 45 -36.80 53.76 53.41
CA ALA K 45 -37.24 52.40 53.15
C ALA K 45 -36.34 51.67 52.17
N GLY K 46 -35.66 52.39 51.29
CA GLY K 46 -34.82 51.73 50.31
C GLY K 46 -33.66 50.98 50.93
N LEU K 47 -32.99 51.61 51.91
CA LEU K 47 -31.84 50.98 52.53
C LEU K 47 -32.25 49.76 53.34
N ALA K 48 -33.41 49.82 53.98
CA ALA K 48 -33.90 48.67 54.73
C ALA K 48 -34.18 47.49 53.81
N ILE K 49 -34.82 47.75 52.67
CA ILE K 49 -35.10 46.69 51.71
C ILE K 49 -33.80 46.14 51.13
N SER K 50 -32.86 47.03 50.82
CA SER K 50 -31.60 46.59 50.21
C SER K 50 -30.81 45.69 51.14
N ASN K 51 -30.91 45.92 52.45
CA ASN K 51 -30.18 45.10 53.40
C ASN K 51 -30.64 43.64 53.35
N ARG K 52 -31.95 43.41 53.29
CA ARG K 52 -32.45 42.06 53.14
C ARG K 52 -32.13 41.45 51.79
N LEU K 53 -32.19 42.24 50.72
CA LEU K 53 -31.76 41.75 49.42
C LEU K 53 -30.28 41.43 49.40
N ASN K 54 -29.47 42.24 50.09
CA ASN K 54 -28.05 41.93 50.21
C ASN K 54 -27.82 40.62 50.94
N SER K 55 -28.62 40.35 51.98
CA SER K 55 -28.51 39.08 52.69
C SER K 55 -28.85 37.90 51.79
N GLN K 56 -29.87 38.04 50.94
CA GLN K 56 -30.23 36.94 50.04
C GLN K 56 -29.14 36.67 49.02
N VAL K 57 -28.55 37.73 48.46
CA VAL K 57 -27.52 37.55 47.43
C VAL K 57 -26.30 36.86 48.03
N ARG K 58 -25.81 37.39 49.17
CA ARG K 58 -24.66 36.77 49.81
C ARG K 58 -25.04 35.43 50.46
N GLY K 59 -26.27 35.32 50.95
CA GLY K 59 -26.70 34.06 51.53
C GLY K 59 -26.71 32.93 50.51
N LEU K 60 -27.20 33.22 49.30
CA LEU K 60 -27.20 32.19 48.26
C LEU K 60 -25.78 31.80 47.86
N GLU K 61 -24.87 32.77 47.78
CA GLU K 61 -23.52 32.48 47.34
C GLU K 61 -22.83 31.49 48.27
N VAL K 62 -23.00 31.66 49.58
CA VAL K 62 -22.48 30.66 50.52
C VAL K 62 -23.25 29.36 50.39
N GLY K 63 -24.55 29.44 50.13
CA GLY K 63 -25.34 28.23 49.94
C GLY K 63 -24.93 27.43 48.73
N MET K 64 -24.50 28.12 47.66
CA MET K 64 -24.01 27.42 46.49
C MET K 64 -22.78 26.58 46.81
N ARG K 65 -21.81 27.16 47.51
CA ARG K 65 -20.62 26.40 47.90
C ARG K 65 -20.96 25.30 48.88
N ASN K 66 -22.02 25.50 49.68
CA ASN K 66 -22.45 24.47 50.61
C ASN K 66 -22.89 23.21 49.89
N ALA K 67 -23.59 23.35 48.76
CA ALA K 67 -24.07 22.21 47.99
C ALA K 67 -22.99 21.58 47.12
N ASN K 68 -22.06 22.38 46.60
CA ASN K 68 -20.93 21.80 45.88
C ASN K 68 -20.11 20.87 46.74
N ASP K 69 -20.02 21.14 48.04
CA ASP K 69 -19.38 20.24 48.99
C ASP K 69 -20.12 18.92 49.12
N ALA K 70 -21.46 18.97 49.16
CA ALA K 70 -22.24 17.74 49.29
C ALA K 70 -22.09 16.86 48.06
N ILE K 71 -21.95 17.47 46.88
CA ILE K 71 -21.80 16.73 45.64
C ILE K 71 -20.50 15.93 45.69
N SER K 72 -19.44 16.57 46.17
CA SER K 72 -18.14 15.90 46.23
C SER K 72 -18.16 14.70 47.18
N ILE K 73 -18.82 14.84 48.33
CA ILE K 73 -18.90 13.71 49.25
C ILE K 73 -19.63 12.54 48.62
N ALA K 74 -20.78 12.79 47.98
CA ALA K 74 -21.50 11.73 47.31
C ALA K 74 -20.71 11.15 46.14
N GLN K 75 -19.87 11.97 45.51
CA GLN K 75 -19.06 11.50 44.39
C GLN K 75 -18.01 10.48 44.85
N ILE K 76 -17.37 10.73 45.99
CA ILE K 76 -16.31 9.84 46.46
C ILE K 76 -16.89 8.52 46.93
N ALA K 77 -17.99 8.55 47.68
CA ALA K 77 -18.58 7.32 48.19
C ALA K 77 -19.06 6.43 47.04
N GLU K 78 -19.65 7.04 46.02
CA GLU K 78 -20.09 6.26 44.86
C GLU K 78 -18.93 5.60 44.15
N GLY K 79 -17.80 6.31 44.02
CA GLY K 79 -16.65 5.72 43.36
C GLY K 79 -16.10 4.51 44.07
N ALA K 80 -16.07 4.54 45.40
CA ALA K 80 -15.53 3.42 46.15
C ALA K 80 -16.42 2.18 46.06
N MET K 81 -17.75 2.37 46.02
CA MET K 81 -18.64 1.23 45.96
C MET K 81 -18.55 0.50 44.62
N GLN K 82 -18.11 1.19 43.57
CA GLN K 82 -17.93 0.53 42.28
C GLN K 82 -16.85 -0.56 42.36
N GLU K 83 -15.76 -0.27 43.07
CA GLU K 83 -14.69 -1.26 43.16
C GLU K 83 -15.10 -2.44 44.05
N GLN K 84 -15.94 -2.21 45.05
CA GLN K 84 -16.44 -3.31 45.85
C GLN K 84 -17.34 -4.22 45.01
N THR K 85 -18.07 -3.65 44.05
CA THR K 85 -18.93 -4.45 43.19
C THR K 85 -18.12 -5.38 42.29
N ASN K 86 -17.02 -4.89 41.71
CA ASN K 86 -16.21 -5.72 40.83
C ASN K 86 -15.58 -6.90 41.56
N MET K 87 -15.05 -6.69 42.78
CA MET K 87 -14.48 -7.79 43.52
C MET K 87 -15.53 -8.80 43.97
N LEU K 88 -16.74 -8.34 44.27
CA LEU K 88 -17.81 -9.28 44.62
C LEU K 88 -18.17 -10.16 43.43
N GLN K 89 -18.11 -9.62 42.21
CA GLN K 89 -18.39 -10.44 41.03
C GLN K 89 -17.36 -11.53 40.85
N ARG K 90 -16.09 -11.23 41.13
CA ARG K 90 -15.05 -12.25 41.04
C ARG K 90 -15.25 -13.36 42.07
N MET K 91 -15.78 -13.03 43.26
CA MET K 91 -16.10 -14.05 44.24
C MET K 91 -17.19 -14.99 43.75
N ARG K 92 -18.15 -14.47 42.97
CA ARG K 92 -19.18 -15.33 42.40
C ARG K 92 -18.59 -16.36 41.46
N ASP K 93 -17.64 -15.95 40.61
CA ASP K 93 -17.03 -16.89 39.68
C ASP K 93 -16.25 -17.97 40.41
N LEU K 94 -15.53 -17.61 41.46
CA LEU K 94 -14.78 -18.61 42.21
C LEU K 94 -15.69 -19.63 42.88
N THR K 95 -16.82 -19.19 43.43
CA THR K 95 -17.80 -20.12 43.98
C THR K 95 -18.37 -21.05 42.92
N ILE K 96 -18.67 -20.53 41.73
CA ILE K 96 -19.10 -21.39 40.63
C ILE K 96 -17.97 -22.31 40.21
N GLN K 97 -16.74 -21.79 40.12
CA GLN K 97 -15.60 -22.61 39.75
C GLN K 97 -15.27 -23.66 40.80
N SER K 98 -15.61 -23.41 42.07
CA SER K 98 -15.29 -24.32 43.15
C SER K 98 -16.27 -25.49 43.24
N GLU K 99 -17.08 -25.73 42.22
CA GLU K 99 -18.13 -26.72 42.31
C GLU K 99 -17.83 -27.88 41.35
N ASN K 100 -16.64 -27.92 40.75
CA ASN K 100 -16.24 -29.03 39.92
C ASN K 100 -16.16 -30.32 40.74
N GLY K 101 -16.50 -31.44 40.09
CA GLY K 101 -16.33 -32.73 40.71
C GLY K 101 -14.96 -33.32 40.42
N ALA K 102 -14.17 -32.64 39.61
CA ALA K 102 -12.82 -33.07 39.32
C ALA K 102 -11.77 -32.39 40.18
N ASN K 103 -12.19 -31.52 41.09
CA ASN K 103 -11.27 -30.86 42.00
C ASN K 103 -10.84 -31.85 43.08
N SER K 104 -10.06 -31.37 44.04
CA SER K 104 -9.66 -32.21 45.17
C SER K 104 -9.67 -31.34 46.41
N THR K 105 -9.37 -31.96 47.56
CA THR K 105 -9.35 -31.23 48.81
C THR K 105 -8.30 -30.12 48.78
N ALA K 106 -7.12 -30.42 48.21
CA ALA K 106 -6.08 -29.41 48.10
C ALA K 106 -6.46 -28.30 47.13
N ASP K 107 -7.24 -28.61 46.09
CA ASP K 107 -7.64 -27.61 45.11
C ASP K 107 -8.61 -26.60 45.72
N LEU K 108 -9.54 -27.07 46.55
CA LEU K 108 -10.51 -26.18 47.16
C LEU K 108 -9.84 -25.20 48.12
N VAL K 109 -8.76 -25.62 48.77
CA VAL K 109 -8.05 -24.73 49.68
C VAL K 109 -7.43 -23.55 48.92
N SER K 110 -6.84 -23.81 47.76
CA SER K 110 -6.25 -22.73 46.97
C SER K 110 -7.28 -21.70 46.54
N ILE K 111 -8.48 -22.14 46.16
CA ILE K 111 -9.52 -21.20 45.77
C ILE K 111 -9.95 -20.35 46.97
N LYS K 112 -10.05 -20.97 48.15
CA LYS K 112 -10.42 -20.21 49.33
C LYS K 112 -9.36 -19.17 49.69
N ALA K 113 -8.08 -19.49 49.52
CA ALA K 113 -7.02 -18.54 49.79
C ALA K 113 -7.11 -17.29 48.92
N GLU K 114 -7.77 -17.39 47.78
CA GLU K 114 -8.04 -16.23 46.93
C GLU K 114 -9.27 -15.47 47.39
N MET K 115 -10.37 -16.17 47.66
CA MET K 115 -11.57 -15.53 48.17
C MET K 115 -11.28 -14.79 49.48
N ASP K 116 -10.40 -15.36 50.31
CA ASP K 116 -10.12 -14.79 51.61
C ASP K 116 -9.49 -13.41 51.50
N GLN K 117 -8.54 -13.23 50.57
CA GLN K 117 -7.89 -11.93 50.41
C GLN K 117 -8.79 -10.90 49.74
N LEU K 118 -9.69 -11.31 48.85
CA LEU K 118 -10.62 -10.36 48.26
C LEU K 118 -11.56 -9.77 49.30
N ALA K 119 -12.01 -10.56 50.27
CA ALA K 119 -12.85 -10.05 51.35
C ALA K 119 -12.09 -9.09 52.25
N THR K 120 -10.77 -9.25 52.37
CA THR K 120 -9.98 -8.33 53.17
C THR K 120 -9.98 -6.91 52.59
N GLU K 121 -9.92 -6.79 51.27
CA GLU K 121 -9.96 -5.45 50.66
C GLU K 121 -11.32 -4.79 50.77
N ILE K 122 -12.40 -5.55 50.70
CA ILE K 122 -13.71 -4.96 50.92
C ILE K 122 -13.77 -4.31 52.30
N ASP K 123 -13.13 -4.95 53.28
CA ASP K 123 -12.89 -4.30 54.56
C ASP K 123 -11.98 -3.09 54.41
N SER K 124 -10.92 -3.21 53.62
CA SER K 124 -9.91 -2.15 53.55
C SER K 124 -10.45 -0.89 52.87
N ILE K 125 -11.24 -1.04 51.81
CA ILE K 125 -11.83 0.14 51.19
C ILE K 125 -12.83 0.80 52.13
N GLY K 126 -13.62 0.00 52.83
CA GLY K 126 -14.62 0.53 53.75
C GLY K 126 -14.02 1.37 54.86
N ASN K 127 -12.86 0.99 55.35
CA ASN K 127 -12.21 1.70 56.44
C ASN K 127 -11.27 2.80 55.97
N SER K 128 -11.12 3.00 54.66
CA SER K 128 -10.14 3.96 54.14
C SER K 128 -10.79 5.16 53.48
N THR K 129 -11.86 4.93 52.72
CA THR K 129 -12.51 6.00 51.96
C THR K 129 -12.86 7.19 52.84
N ALA K 130 -12.25 8.34 52.58
CA ALA K 130 -12.38 9.49 53.46
C ALA K 130 -12.35 10.76 52.64
N PHE K 131 -12.90 11.82 53.22
CA PHE K 131 -12.90 13.16 52.63
C PHE K 131 -11.90 13.98 53.45
N GLY K 132 -10.63 13.94 53.05
CA GLY K 132 -9.60 14.61 53.80
C GLY K 132 -9.25 13.85 55.07
N ASN K 133 -10.15 13.90 56.05
CA ASN K 133 -9.88 13.14 57.28
C ASN K 133 -11.14 12.50 57.86
N THR K 134 -12.29 12.59 57.19
CA THR K 134 -13.53 12.04 57.71
C THR K 134 -13.90 10.79 56.92
N LYS K 135 -14.01 9.66 57.63
CA LYS K 135 -14.35 8.39 57.01
C LYS K 135 -15.82 8.39 56.63
N LEU K 136 -16.15 8.02 55.40
CA LEU K 136 -17.51 8.14 54.90
C LEU K 136 -18.27 6.83 54.84
N LEU K 137 -17.63 5.68 54.99
CA LEU K 137 -18.30 4.40 54.83
C LEU K 137 -18.30 3.58 56.12
N THR K 138 -18.04 4.21 57.26
CA THR K 138 -17.96 3.47 58.52
C THR K 138 -19.10 3.84 59.47
N GLY K 139 -20.20 4.38 58.95
CA GLY K 139 -21.41 4.55 59.72
C GLY K 139 -21.59 5.92 60.34
N THR K 140 -20.64 6.84 60.17
CA THR K 140 -20.81 8.18 60.71
C THR K 140 -21.82 8.95 59.87
N PHE K 141 -22.17 8.42 58.69
CA PHE K 141 -23.23 8.99 57.89
C PHE K 141 -24.44 8.05 57.85
N SER K 142 -24.57 7.19 58.85
CA SER K 142 -25.74 6.31 58.96
C SER K 142 -27.02 7.09 59.17
N ALA K 143 -27.00 8.11 60.01
CA ALA K 143 -28.12 9.04 60.18
C ALA K 143 -27.74 10.31 59.44
N GLY K 144 -28.37 10.50 58.28
CA GLY K 144 -27.97 11.52 57.33
C GLY K 144 -27.54 12.86 57.90
N LYS K 145 -26.39 13.35 57.44
CA LYS K 145 -25.92 14.66 57.85
C LYS K 145 -26.61 15.75 57.03
N VAL K 146 -26.45 16.99 57.45
CA VAL K 146 -27.26 18.09 56.95
C VAL K 146 -26.38 19.15 56.30
N PHE K 147 -26.78 19.60 55.12
CA PHE K 147 -26.18 20.74 54.44
C PHE K 147 -27.26 21.77 54.17
N GLN K 148 -26.95 23.05 54.39
CA GLN K 148 -27.90 24.13 54.18
C GLN K 148 -27.62 24.81 52.84
N VAL K 149 -28.61 24.82 51.96
CA VAL K 149 -28.43 25.32 50.59
C VAL K 149 -29.21 26.61 50.35
N GLY K 150 -29.93 27.11 51.34
CA GLY K 150 -30.65 28.36 51.23
C GLY K 150 -30.04 29.41 52.15
N HIS K 151 -30.72 30.54 52.24
CA HIS K 151 -30.26 31.61 53.13
C HIS K 151 -31.08 31.74 54.39
N GLN K 152 -32.02 30.83 54.63
CA GLN K 152 -32.83 30.85 55.84
C GLN K 152 -32.88 29.47 56.46
N GLU K 153 -33.34 29.43 57.70
CA GLU K 153 -33.44 28.16 58.43
C GLU K 153 -34.43 27.24 57.73
N GLY K 154 -34.13 25.94 57.75
CA GLY K 154 -35.01 24.94 57.21
C GLY K 154 -34.77 24.58 55.76
N GLU K 155 -33.86 25.29 55.07
CA GLU K 155 -33.52 24.97 53.69
C GLU K 155 -32.32 24.04 53.69
N ASP K 156 -32.55 22.77 54.02
CA ASP K 156 -31.48 21.82 54.21
C ASP K 156 -31.65 20.60 53.32
N ILE K 157 -30.53 19.95 53.02
CA ILE K 157 -30.49 18.70 52.28
C ILE K 157 -29.76 17.66 53.14
N LYS K 158 -30.29 16.44 53.12
CA LYS K 158 -29.77 15.37 53.96
C LYS K 158 -29.16 14.28 53.10
N VAL K 159 -27.92 13.90 53.42
CA VAL K 159 -27.21 12.85 52.71
C VAL K 159 -26.94 11.70 53.66
N THR K 160 -27.45 10.51 53.34
CA THR K 160 -27.31 9.33 54.18
C THR K 160 -26.48 8.27 53.45
N VAL K 161 -25.42 7.81 54.11
CA VAL K 161 -24.57 6.74 53.58
C VAL K 161 -24.50 5.65 54.64
N LYS K 162 -25.07 4.50 54.33
CA LYS K 162 -25.04 3.40 55.28
C LYS K 162 -23.68 2.73 55.27
N ALA K 163 -23.33 2.09 56.39
CA ALA K 163 -22.03 1.45 56.51
C ALA K 163 -21.93 0.27 55.55
N SER K 164 -20.78 0.16 54.88
CA SER K 164 -20.55 -0.90 53.90
C SER K 164 -19.15 -1.45 54.07
N ASN K 165 -19.04 -2.60 54.72
CA ASN K 165 -17.76 -3.30 54.91
C ASN K 165 -18.08 -4.78 54.99
N LYS K 166 -17.06 -5.60 55.28
CA LYS K 166 -17.24 -7.04 55.15
C LYS K 166 -18.17 -7.60 56.22
N THR K 167 -18.10 -7.13 57.46
CA THR K 167 -19.04 -7.60 58.47
C THR K 167 -20.44 -7.11 58.19
N SER K 168 -20.57 -5.89 57.64
CA SER K 168 -21.88 -5.34 57.33
C SER K 168 -22.58 -6.14 56.25
N LEU K 169 -21.85 -6.50 55.19
CA LEU K 169 -22.43 -7.19 54.04
C LEU K 169 -22.56 -8.70 54.25
N SER K 170 -22.42 -9.16 55.49
CA SER K 170 -22.56 -10.57 55.85
C SER K 170 -21.58 -11.44 55.06
N VAL K 171 -20.33 -10.99 55.00
CA VAL K 171 -19.25 -11.80 54.45
C VAL K 171 -18.10 -11.77 55.44
N GLY K 172 -17.17 -12.70 55.32
CA GLY K 172 -16.08 -12.80 56.27
C GLY K 172 -15.88 -14.23 56.71
N ALA K 173 -16.94 -15.02 56.62
CA ALA K 173 -16.88 -16.46 56.85
C ALA K 173 -17.55 -17.15 55.67
N LEU K 174 -16.75 -17.45 54.64
CA LEU K 174 -17.26 -18.12 53.45
C LEU K 174 -16.41 -19.35 53.17
N ASN K 175 -17.00 -20.53 53.33
CA ASN K 175 -16.32 -21.78 53.05
C ASN K 175 -16.91 -22.40 51.79
N ASN K 176 -16.16 -23.35 51.22
CA ASN K 176 -16.60 -24.05 50.01
C ASN K 176 -16.29 -25.53 50.05
N ALA K 177 -16.29 -26.14 51.23
CA ALA K 177 -15.96 -27.56 51.35
C ALA K 177 -17.15 -28.46 51.05
N THR K 178 -18.21 -28.34 51.86
CA THR K 178 -19.36 -29.23 51.73
C THR K 178 -20.35 -28.72 50.69
N SER K 179 -21.36 -29.54 50.38
CA SER K 179 -22.39 -29.10 49.44
C SER K 179 -23.18 -27.93 49.99
N ALA K 180 -23.55 -28.00 51.28
CA ALA K 180 -24.34 -26.93 51.88
C ALA K 180 -23.54 -25.64 52.01
N ASN K 181 -22.23 -25.76 52.17
CA ASN K 181 -21.40 -24.57 52.36
C ASN K 181 -21.41 -23.68 51.13
N ARG K 182 -21.32 -24.27 49.93
CA ARG K 182 -21.31 -23.46 48.72
C ARG K 182 -22.67 -22.84 48.44
N ALA K 183 -23.75 -23.56 48.72
CA ALA K 183 -25.08 -23.02 48.48
C ALA K 183 -25.36 -21.81 49.36
N SER K 184 -24.95 -21.86 50.62
CA SER K 184 -25.16 -20.72 51.51
C SER K 184 -24.29 -19.53 51.09
N SER K 185 -23.07 -19.80 50.64
CA SER K 185 -22.17 -18.71 50.25
C SER K 185 -22.71 -17.95 49.04
N LEU K 186 -23.29 -18.67 48.07
CA LEU K 186 -23.77 -18.02 46.86
C LEU K 186 -24.90 -17.05 47.14
N ALA K 187 -25.82 -17.40 48.05
CA ALA K 187 -26.94 -16.53 48.35
C ALA K 187 -26.48 -15.22 48.99
N LYS K 188 -25.50 -15.29 49.89
CA LYS K 188 -25.06 -14.08 50.59
C LYS K 188 -24.37 -13.10 49.66
N ILE K 189 -23.60 -13.60 48.68
CA ILE K 189 -22.96 -12.72 47.72
C ILE K 189 -24.01 -12.02 46.87
N ASP K 190 -25.03 -12.75 46.42
CA ASP K 190 -26.08 -12.14 45.63
C ASP K 190 -26.81 -11.06 46.42
N ALA K 191 -27.10 -11.33 47.69
CA ALA K 191 -27.72 -10.31 48.53
C ALA K 191 -26.79 -9.12 48.75
N ALA K 192 -25.48 -9.35 48.73
CA ALA K 192 -24.53 -8.25 48.90
C ALA K 192 -24.59 -7.28 47.73
N ILE K 193 -24.67 -7.80 46.50
CA ILE K 193 -24.71 -6.93 45.34
C ILE K 193 -25.99 -6.09 45.34
N LYS K 194 -27.10 -6.69 45.77
CA LYS K 194 -28.36 -5.94 45.81
C LYS K 194 -28.28 -4.78 46.79
N THR K 195 -27.67 -4.99 47.95
CA THR K 195 -27.58 -3.93 48.95
C THR K 195 -26.74 -2.76 48.46
N ILE K 196 -25.61 -3.05 47.81
CA ILE K 196 -24.77 -1.98 47.26
C ILE K 196 -25.51 -1.26 46.14
N ASP K 197 -26.24 -2.01 45.31
CA ASP K 197 -26.95 -1.40 44.19
C ASP K 197 -27.97 -0.38 44.67
N SER K 198 -28.73 -0.72 45.72
CA SER K 198 -29.71 0.22 46.26
C SER K 198 -29.03 1.45 46.85
N GLN K 199 -27.87 1.27 47.46
CA GLN K 199 -27.14 2.39 48.04
C GLN K 199 -26.69 3.36 46.97
N ARG K 200 -26.20 2.85 45.84
CA ARG K 200 -25.75 3.71 44.76
C ARG K 200 -26.90 4.51 44.18
N ALA K 201 -28.07 3.88 44.03
CA ALA K 201 -29.23 4.59 43.51
C ALA K 201 -29.64 5.73 44.44
N ASP K 202 -29.58 5.51 45.75
CA ASP K 202 -29.93 6.56 46.69
C ASP K 202 -28.98 7.75 46.59
N LEU K 203 -27.68 7.49 46.44
CA LEU K 203 -26.72 8.58 46.32
C LEU K 203 -26.83 9.30 44.99
N GLY K 204 -27.16 8.58 43.91
CA GLY K 204 -27.34 9.23 42.64
C GLY K 204 -28.53 10.18 42.61
N ALA K 205 -29.62 9.80 43.28
CA ALA K 205 -30.80 10.65 43.31
C ALA K 205 -30.52 11.98 44.00
N VAL K 206 -29.73 11.96 45.08
CA VAL K 206 -29.44 13.17 45.83
C VAL K 206 -28.64 14.14 44.96
N GLN K 207 -27.63 13.64 44.24
CA GLN K 207 -26.82 14.54 43.44
C GLN K 207 -27.52 14.99 42.17
N ASN K 208 -28.46 14.18 41.65
CA ASN K 208 -29.40 14.72 40.67
C ASN K 208 -30.26 15.80 41.29
N ARG K 209 -30.68 15.58 42.54
CA ARG K 209 -31.45 16.58 43.25
C ARG K 209 -30.65 17.85 43.48
N LEU K 210 -29.38 17.72 43.91
CA LEU K 210 -28.58 18.90 44.22
C LEU K 210 -28.25 19.72 42.99
N ALA K 211 -28.12 19.09 41.81
CA ALA K 211 -27.80 19.82 40.61
C ALA K 211 -28.89 20.83 40.26
N HIS K 212 -30.15 20.49 40.51
CA HIS K 212 -31.25 21.38 40.18
C HIS K 212 -31.33 22.57 41.13
N ASN K 213 -30.88 22.41 42.38
CA ASN K 213 -30.83 23.55 43.30
C ASN K 213 -29.85 24.60 42.82
N ILE K 214 -28.68 24.17 42.35
CA ILE K 214 -27.66 25.13 41.91
C ILE K 214 -28.15 25.95 40.74
N SER K 215 -28.77 25.29 39.75
CA SER K 215 -29.29 26.02 38.59
C SER K 215 -30.37 27.00 39.01
N ASN K 216 -31.27 26.58 39.91
CA ASN K 216 -32.30 27.48 40.39
C ASN K 216 -31.71 28.64 41.19
N SER K 217 -30.72 28.36 42.04
CA SER K 217 -30.10 29.41 42.82
C SER K 217 -29.32 30.40 41.96
N ALA K 218 -28.69 29.91 40.89
CA ALA K 218 -27.99 30.81 39.97
C ALA K 218 -28.97 31.75 39.27
N ASN K 219 -30.13 31.24 38.87
CA ASN K 219 -31.13 32.09 38.22
C ASN K 219 -31.67 33.14 39.19
N THR K 220 -32.06 32.72 40.39
CA THR K 220 -32.67 33.65 41.32
C THR K 220 -31.67 34.71 41.80
N GLN K 221 -30.38 34.39 41.82
CA GLN K 221 -29.38 35.37 42.20
C GLN K 221 -29.34 36.52 41.23
N ALA K 222 -29.43 36.24 39.93
CA ALA K 222 -29.37 37.29 38.92
C ALA K 222 -30.56 38.23 39.03
N ASN K 223 -31.76 37.67 39.21
CA ASN K 223 -32.95 38.50 39.30
C ASN K 223 -32.97 39.38 40.54
N VAL K 224 -32.48 38.88 41.68
CA VAL K 224 -32.39 39.72 42.87
C VAL K 224 -31.38 40.84 42.67
N ALA K 225 -30.29 40.57 41.94
CA ALA K 225 -29.34 41.63 41.62
C ALA K 225 -29.99 42.73 40.79
N ASP K 226 -30.88 42.35 39.87
CA ASP K 226 -31.67 43.34 39.14
C ASP K 226 -32.47 44.20 40.10
N ALA K 227 -33.22 43.58 41.01
CA ALA K 227 -34.08 44.33 41.91
C ALA K 227 -33.28 45.25 42.81
N LYS K 228 -32.13 44.78 43.29
CA LYS K 228 -31.34 45.56 44.23
C LYS K 228 -30.66 46.76 43.57
N SER K 229 -30.31 46.68 42.29
CA SER K 229 -29.64 47.79 41.63
C SER K 229 -30.59 48.93 41.32
N ARG K 230 -31.86 48.63 41.02
CA ARG K 230 -32.80 49.70 40.70
C ARG K 230 -33.05 50.61 41.90
N ILE K 231 -32.75 50.13 43.10
CA ILE K 231 -33.04 50.89 44.32
C ILE K 231 -31.86 51.73 44.76
N VAL K 232 -30.65 51.17 44.75
CA VAL K 232 -29.50 51.83 45.37
C VAL K 232 -28.51 52.41 44.37
N ASP K 233 -28.61 52.08 43.10
CA ASP K 233 -27.60 52.46 42.12
C ASP K 233 -28.03 53.70 41.35
N VAL K 234 -27.06 54.51 40.96
CA VAL K 234 -27.31 55.74 40.23
C VAL K 234 -27.41 55.45 38.74
N ASP K 235 -28.16 56.30 38.04
CA ASP K 235 -28.17 56.31 36.58
C ASP K 235 -27.32 57.49 36.14
N PHE K 236 -26.21 57.20 35.45
CA PHE K 236 -25.28 58.25 35.09
C PHE K 236 -25.91 59.27 34.15
N ALA K 237 -26.85 58.85 33.30
CA ALA K 237 -27.55 59.77 32.43
C ALA K 237 -28.29 60.80 33.27
N LYS K 238 -28.98 60.33 34.31
CA LYS K 238 -29.66 61.24 35.23
C LYS K 238 -28.66 62.10 35.98
N GLU K 239 -27.59 61.50 36.49
CA GLU K 239 -26.68 62.21 37.38
C GLU K 239 -25.81 63.21 36.63
N THR K 240 -25.32 62.83 35.44
CA THR K 240 -24.45 63.74 34.71
C THR K 240 -25.17 65.01 34.31
N SER K 241 -26.44 64.89 33.90
CA SER K 241 -27.21 66.08 33.55
C SER K 241 -27.36 67.01 34.75
N ALA K 242 -27.64 66.45 35.93
CA ALA K 242 -27.79 67.27 37.12
C ALA K 242 -26.48 67.95 37.50
N MET K 243 -25.36 67.24 37.38
CA MET K 243 -24.06 67.82 37.73
C MET K 243 -23.73 69.01 36.83
N THR K 244 -23.88 68.85 35.52
CA THR K 244 -23.72 69.97 34.61
C THR K 244 -24.79 71.03 34.85
N LYS K 245 -25.96 70.61 35.36
CA LYS K 245 -27.07 71.52 35.55
C LYS K 245 -26.71 72.57 36.60
N TYR K 246 -26.07 72.13 37.69
CA TYR K 246 -25.71 72.98 38.82
C TYR K 246 -24.43 73.77 38.58
N GLN K 247 -23.54 73.30 37.70
CA GLN K 247 -22.33 74.05 37.41
C GLN K 247 -22.66 75.41 36.82
N VAL K 248 -23.62 75.46 35.90
CA VAL K 248 -24.04 76.72 35.32
C VAL K 248 -24.65 77.63 36.38
N LEU K 249 -25.48 77.06 37.25
CA LEU K 249 -26.12 77.86 38.29
C LEU K 249 -25.11 78.46 39.25
N GLN K 250 -23.98 77.77 39.47
CA GLN K 250 -22.95 78.30 40.37
C GLN K 250 -22.32 79.55 39.78
N GLN K 251 -21.92 79.50 38.51
CA GLN K 251 -21.31 80.67 37.87
C GLN K 251 -22.32 81.80 37.73
N THR K 252 -23.59 81.47 37.48
CA THR K 252 -24.62 82.50 37.47
C THR K 252 -24.79 83.12 38.85
N GLY K 253 -24.78 82.30 39.90
CA GLY K 253 -24.93 82.83 41.24
C GLY K 253 -23.77 83.70 41.68
N SER K 254 -22.55 83.34 41.29
CA SER K 254 -21.38 84.12 41.67
C SER K 254 -21.37 85.49 41.01
N ALA K 255 -21.72 85.57 39.73
CA ALA K 255 -21.77 86.86 39.06
C ALA K 255 -22.88 87.74 39.62
N MET K 256 -24.04 87.17 39.94
CA MET K 256 -25.11 87.96 40.53
C MET K 256 -24.74 88.47 41.91
N LEU K 257 -24.10 87.63 42.73
CA LEU K 257 -23.74 88.06 44.07
C LEU K 257 -22.66 89.13 44.05
N ALA K 258 -21.65 88.99 43.20
CA ALA K 258 -20.59 90.00 43.13
C ALA K 258 -21.15 91.34 42.67
N GLN K 259 -22.06 91.32 41.71
CA GLN K 259 -22.62 92.56 41.19
C GLN K 259 -23.63 93.16 42.16
N ALA K 260 -24.33 92.32 42.93
CA ALA K 260 -25.28 92.84 43.90
C ALA K 260 -24.57 93.47 45.10
N ASN K 261 -23.31 93.09 45.33
CA ASN K 261 -22.58 93.64 46.46
C ASN K 261 -22.25 95.12 46.29
N GLN K 262 -22.09 95.59 45.06
CA GLN K 262 -21.75 96.98 44.81
C GLN K 262 -22.96 97.85 44.49
N LEU K 263 -24.16 97.40 44.84
CA LEU K 263 -25.35 98.23 44.81
C LEU K 263 -25.25 99.46 45.72
N PRO K 264 -24.78 99.35 46.96
CA PRO K 264 -24.78 100.53 47.84
C PRO K 264 -23.84 101.65 47.40
N GLN K 265 -23.00 101.44 46.39
CA GLN K 265 -22.12 102.50 45.93
C GLN K 265 -22.86 103.64 45.25
N VAL K 266 -24.15 103.48 44.98
CA VAL K 266 -24.95 104.57 44.46
C VAL K 266 -24.99 105.72 45.46
N ALA K 267 -24.98 105.40 46.76
CA ALA K 267 -25.03 106.43 47.79
C ALA K 267 -23.85 107.39 47.73
N LEU K 268 -22.71 106.97 47.19
CA LEU K 268 -21.57 107.85 47.04
C LEU K 268 -21.74 108.87 45.92
N SER K 269 -22.63 108.61 44.96
CA SER K 269 -22.86 109.57 43.90
C SER K 269 -23.57 110.81 44.39
N LEU K 270 -24.45 110.68 45.38
CA LEU K 270 -25.23 111.81 45.88
C LEU K 270 -24.45 112.54 46.97
N LEU K 271 -23.23 112.94 46.61
CA LEU K 271 -22.40 113.80 47.45
C LEU K 271 -22.19 113.17 48.82
N GLY K 272 -21.45 112.06 48.86
CA GLY K 272 -21.10 111.41 50.11
C GLY K 272 -22.28 110.92 50.94
N ALA L 1 -40.38 155.34 64.90
CA ALA L 1 -40.01 153.96 65.14
C ALA L 1 -38.53 153.74 64.86
N ILE L 2 -37.70 154.69 65.28
CA ILE L 2 -36.25 154.58 65.12
C ILE L 2 -35.60 154.49 66.48
N THR L 3 -35.28 153.28 66.91
CA THR L 3 -34.75 153.07 68.25
C THR L 3 -33.31 152.57 68.19
N VAL L 4 -32.58 152.80 69.27
CA VAL L 4 -31.18 152.41 69.36
C VAL L 4 -30.95 151.57 70.61
N ASN L 5 -32.02 151.07 71.22
CA ASN L 5 -31.89 150.24 72.41
C ASN L 5 -32.31 148.79 72.19
N THR L 6 -33.26 148.53 71.29
CA THR L 6 -33.68 147.17 70.99
C THR L 6 -33.75 146.98 69.48
N ASN L 7 -33.27 145.84 69.00
CA ASN L 7 -33.31 145.47 67.59
C ASN L 7 -34.08 144.17 67.47
N VAL L 8 -35.40 144.29 67.36
CA VAL L 8 -36.25 143.11 67.26
C VAL L 8 -36.05 142.40 65.93
N THR L 9 -35.66 143.15 64.89
CA THR L 9 -35.32 142.51 63.62
C THR L 9 -34.17 141.52 63.81
N SER L 10 -33.18 141.89 64.61
CA SER L 10 -32.08 140.98 64.91
C SER L 10 -32.57 139.78 65.70
N MET L 11 -33.47 140.00 66.66
CA MET L 11 -33.97 138.91 67.48
C MET L 11 -34.67 137.85 66.63
N LYS L 12 -35.52 138.27 65.71
CA LYS L 12 -36.17 137.32 64.82
C LYS L 12 -35.17 136.66 63.88
N ALA L 13 -34.20 137.43 63.39
CA ALA L 13 -33.20 136.88 62.49
C ALA L 13 -32.34 135.84 63.19
N GLN L 14 -32.01 136.07 64.47
CA GLN L 14 -31.17 135.13 65.21
C GLN L 14 -31.87 133.78 65.34
N LYS L 15 -33.16 133.78 65.64
CA LYS L 15 -33.89 132.54 65.83
C LYS L 15 -33.91 131.70 64.57
N ASN L 16 -34.09 132.33 63.42
CA ASN L 16 -34.14 131.59 62.16
C ASN L 16 -32.80 130.94 61.86
N LEU L 17 -31.70 131.63 62.15
CA LEU L 17 -30.37 131.05 61.92
C LEU L 17 -30.14 129.85 62.83
N ASN L 18 -30.61 129.92 64.08
CA ASN L 18 -30.43 128.79 64.99
C ASN L 18 -31.19 127.56 64.49
N THR L 19 -32.40 127.75 63.98
CA THR L 19 -33.17 126.62 63.47
C THR L 19 -32.50 125.98 62.27
N SER L 20 -31.98 126.78 61.34
CA SER L 20 -31.31 126.24 60.17
C SER L 20 -30.00 125.55 60.51
N ASN L 21 -29.28 126.04 61.53
CA ASN L 21 -28.05 125.39 61.95
C ASN L 21 -28.31 124.06 62.63
N SER L 22 -29.37 123.98 63.45
CA SER L 22 -29.69 122.73 64.12
C SER L 22 -30.14 121.65 63.13
N GLY L 23 -30.88 122.03 62.10
CA GLY L 23 -31.31 121.08 61.09
C GLY L 23 -30.15 120.55 60.28
N LEU L 24 -29.16 121.41 60.00
CA LEU L 24 -27.98 120.96 59.29
C LEU L 24 -27.18 119.95 60.11
N SER L 25 -27.07 120.21 61.42
CA SER L 25 -26.30 119.32 62.29
C SER L 25 -26.93 117.94 62.36
N THR L 26 -28.24 117.87 62.54
CA THR L 26 -28.90 116.57 62.71
C THR L 26 -28.85 115.76 61.42
N SER L 27 -28.79 116.41 60.27
CA SER L 27 -28.70 115.68 59.01
C SER L 27 -27.34 115.03 58.82
N MET L 28 -26.27 115.68 59.29
CA MET L 28 -24.94 115.12 59.12
C MET L 28 -24.74 113.85 59.92
N GLU L 29 -25.23 113.82 61.17
CA GLU L 29 -25.04 112.64 61.99
C GLU L 29 -25.86 111.46 61.50
N ARG L 30 -27.05 111.70 60.95
CA ARG L 30 -27.78 110.63 60.31
C ARG L 30 -27.05 110.09 59.09
N LEU L 31 -26.42 110.97 58.31
CA LEU L 31 -25.64 110.52 57.17
C LEU L 31 -24.32 109.87 57.56
N SER L 32 -23.71 110.29 58.67
CA SER L 32 -22.41 109.75 59.06
C SER L 32 -22.52 108.34 59.63
N SER L 33 -23.68 107.97 60.16
CA SER L 33 -23.89 106.64 60.73
C SER L 33 -24.75 105.77 59.82
N GLY L 34 -25.89 106.28 59.37
CA GLY L 34 -26.74 105.53 58.47
C GLY L 34 -28.01 105.07 59.16
N LEU L 35 -28.36 105.70 60.27
CA LEU L 35 -29.53 105.33 61.04
C LEU L 35 -30.43 106.54 61.23
N ARG L 36 -31.71 106.36 60.94
CA ARG L 36 -32.68 107.42 61.18
C ARG L 36 -32.94 107.62 62.67
N ILE L 37 -33.14 106.53 63.41
CA ILE L 37 -33.38 106.61 64.85
C ILE L 37 -32.05 106.49 65.58
N ASN L 38 -31.33 107.61 65.69
CA ASN L 38 -30.09 107.63 66.46
C ASN L 38 -30.39 107.65 67.95
N SER L 39 -31.22 108.59 68.37
CA SER L 39 -31.63 108.71 69.76
C SER L 39 -33.13 108.57 69.89
N ALA L 40 -33.63 108.76 71.10
CA ALA L 40 -35.06 108.71 71.37
C ALA L 40 -35.77 110.01 70.98
N LYS L 41 -35.06 110.96 70.38
CA LYS L 41 -35.74 112.13 69.82
C LYS L 41 -36.79 111.70 68.82
N ASP L 42 -36.42 110.75 67.95
CA ASP L 42 -37.22 110.28 66.84
C ASP L 42 -38.28 109.29 67.31
N ASP L 43 -38.80 108.48 66.37
CA ASP L 43 -39.91 107.58 66.65
C ASP L 43 -39.68 106.80 67.94
N ALA L 44 -40.51 107.08 68.95
CA ALA L 44 -40.42 106.36 70.20
C ALA L 44 -40.84 104.91 70.04
N ALA L 45 -41.87 104.67 69.23
CA ALA L 45 -42.32 103.30 68.97
C ALA L 45 -41.39 102.56 68.01
N GLY L 46 -40.69 103.29 67.15
CA GLY L 46 -39.82 102.62 66.18
C GLY L 46 -38.67 101.88 66.84
N LEU L 47 -38.04 102.50 67.83
CA LEU L 47 -36.90 101.86 68.49
C LEU L 47 -37.34 100.65 69.29
N ALA L 48 -38.52 100.71 69.90
CA ALA L 48 -39.03 99.57 70.63
C ALA L 48 -39.29 98.38 69.70
N ILE L 49 -39.90 98.65 68.55
CA ILE L 49 -40.16 97.58 67.59
C ILE L 49 -38.85 97.03 67.05
N SER L 50 -37.90 97.91 66.76
CA SER L 50 -36.63 97.48 66.18
C SER L 50 -35.86 96.57 67.13
N ASN L 51 -36.00 96.80 68.44
CA ASN L 51 -35.29 95.97 69.41
C ASN L 51 -35.76 94.53 69.35
N ARG L 52 -37.07 94.30 69.25
CA ARG L 52 -37.57 92.95 69.10
C ARG L 52 -37.21 92.35 67.75
N LEU L 53 -37.24 93.13 66.68
CA LEU L 53 -36.79 92.63 65.39
C LEU L 53 -35.30 92.30 65.42
N ASN L 54 -34.50 93.11 66.12
CA ASN L 54 -33.09 92.80 66.28
C ASN L 54 -32.89 91.49 67.03
N SER L 55 -33.71 91.22 68.04
CA SER L 55 -33.63 89.96 68.75
C SER L 55 -33.95 88.77 67.85
N GLN L 56 -34.94 88.92 66.97
CA GLN L 56 -35.29 87.82 66.07
C GLN L 56 -34.17 87.55 65.07
N VAL L 57 -33.57 88.60 64.52
CA VAL L 57 -32.50 88.41 63.53
C VAL L 57 -31.30 87.72 64.16
N ARG L 58 -30.84 88.24 65.30
CA ARG L 58 -29.71 87.62 65.98
C ARG L 58 -30.11 86.30 66.61
N GLY L 59 -31.35 86.18 67.08
CA GLY L 59 -31.81 84.92 67.64
C GLY L 59 -31.80 83.80 66.64
N LEU L 60 -32.26 84.08 65.41
CA LEU L 60 -32.23 83.05 64.37
C LEU L 60 -30.81 82.65 64.01
N GLU L 61 -29.89 83.62 63.96
CA GLU L 61 -28.52 83.32 63.54
C GLU L 61 -27.86 82.34 64.49
N VAL L 62 -28.06 82.50 65.80
CA VAL L 62 -27.57 81.52 66.76
C VAL L 62 -28.35 80.21 66.61
N GLY L 63 -29.65 80.29 66.31
CA GLY L 63 -30.43 79.09 66.11
C GLY L 63 -29.98 78.29 64.91
N MET L 64 -29.53 78.96 63.86
CA MET L 64 -29.01 78.26 62.69
C MET L 64 -27.79 77.42 63.05
N ARG L 65 -26.83 78.00 63.77
CA ARG L 65 -25.66 77.24 64.19
C ARG L 65 -26.04 76.14 65.17
N ASN L 66 -27.12 76.34 65.94
CA ASN L 66 -27.57 75.32 66.86
C ASN L 66 -28.01 74.06 66.13
N ALA L 67 -28.67 74.20 64.98
CA ALA L 67 -29.13 73.06 64.20
C ALA L 67 -28.03 72.43 63.35
N ASN L 68 -27.07 73.21 62.86
CA ASN L 68 -25.94 72.64 62.17
C ASN L 68 -25.14 71.70 63.06
N ASP L 69 -25.09 71.97 64.35
CA ASP L 69 -24.48 71.08 65.32
C ASP L 69 -25.23 69.76 65.44
N ALA L 70 -26.56 69.81 65.44
CA ALA L 70 -27.35 68.58 65.55
C ALA L 70 -27.17 67.70 64.32
N ILE L 71 -27.01 68.32 63.15
CA ILE L 71 -26.82 67.57 61.91
C ILE L 71 -25.53 66.77 62.00
N SER L 72 -24.47 67.40 62.51
CA SER L 72 -23.19 66.72 62.60
C SER L 72 -23.22 65.53 63.56
N ILE L 73 -23.92 65.66 64.69
CA ILE L 73 -24.03 64.55 65.62
C ILE L 73 -24.75 63.37 64.97
N ALA L 74 -25.88 63.63 64.29
CA ALA L 74 -26.59 62.57 63.60
C ALA L 74 -25.77 61.99 62.45
N GLN L 75 -24.90 62.80 61.86
CA GLN L 75 -24.07 62.32 60.76
C GLN L 75 -23.04 61.30 61.24
N ILE L 76 -22.43 61.56 62.40
CA ILE L 76 -21.39 60.66 62.90
C ILE L 76 -21.98 59.34 63.35
N ALA L 77 -23.11 59.38 64.07
CA ALA L 77 -23.71 58.15 64.56
C ALA L 77 -24.15 57.26 63.41
N GLU L 78 -24.72 57.86 62.36
CA GLU L 78 -25.14 57.09 61.20
C GLU L 78 -23.95 56.42 60.52
N GLY L 79 -22.83 57.12 60.42
CA GLY L 79 -21.65 56.55 59.79
C GLY L 79 -21.13 55.32 60.51
N ALA L 80 -21.13 55.35 61.85
CA ALA L 80 -20.62 54.22 62.62
C ALA L 80 -21.52 53.01 62.49
N MET L 81 -22.84 53.19 62.43
CA MET L 81 -23.74 52.05 62.34
C MET L 81 -23.61 51.32 61.01
N GLN L 82 -23.14 52.01 59.97
CA GLN L 82 -22.92 51.34 58.69
C GLN L 82 -21.86 50.25 58.81
N GLU L 83 -20.78 50.54 59.53
CA GLU L 83 -19.72 49.54 59.66
C GLU L 83 -20.15 48.37 60.53
N GLN L 84 -21.03 48.61 61.51
CA GLN L 84 -21.56 47.50 62.30
C GLN L 84 -22.43 46.59 61.44
N THR L 85 -23.14 47.17 60.46
CA THR L 85 -23.97 46.37 59.58
C THR L 85 -23.14 45.44 58.70
N ASN L 86 -22.02 45.92 58.15
CA ASN L 86 -21.20 45.08 57.29
C ASN L 86 -20.58 43.91 58.04
N MET L 87 -20.10 44.11 59.26
CA MET L 87 -19.55 43.01 60.04
C MET L 87 -20.60 42.01 60.46
N LEU L 88 -21.83 42.46 60.72
CA LEU L 88 -22.90 41.53 61.04
C LEU L 88 -23.25 40.65 59.84
N GLN L 89 -23.15 41.20 58.63
CA GLN L 89 -23.40 40.38 57.45
C GLN L 89 -22.37 39.28 57.30
N ARG L 90 -21.10 39.58 57.61
CA ARG L 90 -20.07 38.55 57.55
C ARG L 90 -20.30 37.45 58.58
N MET L 91 -20.86 37.79 59.74
CA MET L 91 -21.20 36.75 60.72
C MET L 91 -22.29 35.83 60.20
N ARG L 92 -23.23 36.34 59.40
CA ARG L 92 -24.25 35.49 58.80
C ARG L 92 -23.64 34.46 57.87
N ASP L 93 -22.66 34.86 57.05
CA ASP L 93 -22.03 33.92 56.14
C ASP L 93 -21.28 32.83 56.89
N LEU L 94 -20.58 33.19 57.97
CA LEU L 94 -19.85 32.20 58.74
C LEU L 94 -20.79 31.18 59.38
N THR L 95 -21.93 31.62 59.89
CA THR L 95 -22.93 30.69 60.42
C THR L 95 -23.47 29.77 59.35
N ILE L 96 -23.74 30.29 58.16
CA ILE L 96 -24.15 29.43 57.05
C ILE L 96 -23.00 28.50 56.65
N GLN L 97 -21.77 29.02 56.59
CA GLN L 97 -20.63 28.19 56.26
C GLN L 97 -20.32 27.15 57.32
N SER L 98 -20.70 27.41 58.58
CA SER L 98 -20.41 26.48 59.66
C SER L 98 -21.39 25.32 59.74
N GLU L 99 -22.18 25.08 58.70
CA GLU L 99 -23.24 24.09 58.76
C GLU L 99 -22.92 22.92 57.81
N ASN L 100 -21.71 22.89 57.25
CA ASN L 100 -21.29 21.77 56.42
C ASN L 100 -21.25 20.48 57.23
N GLY L 101 -21.57 19.37 56.60
CA GLY L 101 -21.42 18.08 57.22
C GLY L 101 -20.06 17.47 56.96
N ALA L 102 -19.23 18.16 56.18
CA ALA L 102 -17.87 17.71 55.91
C ALA L 102 -16.85 18.40 56.81
N ASN L 103 -17.29 19.28 57.70
CA ASN L 103 -16.39 19.93 58.63
C ASN L 103 -16.00 18.94 59.73
N SER L 104 -15.23 19.41 60.71
CA SER L 104 -14.87 18.58 61.85
C SER L 104 -14.90 19.46 63.09
N THR L 105 -14.63 18.83 64.24
CA THR L 105 -14.65 19.56 65.50
C THR L 105 -13.59 20.66 65.49
N ALA L 106 -12.40 20.37 64.96
CA ALA L 106 -11.36 21.38 64.87
C ALA L 106 -11.70 22.48 63.87
N ASP L 107 -12.46 22.17 62.82
CA ASP L 107 -12.83 23.18 61.84
C ASP L 107 -13.81 24.19 62.41
N LEU L 108 -14.76 23.71 63.22
CA LEU L 108 -15.74 24.61 63.80
C LEU L 108 -15.10 25.59 64.78
N VAL L 109 -14.03 25.17 65.46
CA VAL L 109 -13.35 26.07 66.38
C VAL L 109 -12.70 27.24 65.65
N SER L 110 -12.08 26.98 64.50
CA SER L 110 -11.46 28.06 63.72
C SER L 110 -12.48 29.08 63.27
N ILE L 111 -13.68 28.64 62.85
CA ILE L 111 -14.70 29.59 62.43
C ILE L 111 -15.16 30.44 63.61
N LYS L 112 -15.29 29.82 64.80
CA LYS L 112 -15.69 30.60 65.98
C LYS L 112 -14.64 31.63 66.36
N ALA L 113 -13.35 31.29 66.21
CA ALA L 113 -12.30 32.24 66.52
C ALA L 113 -12.35 33.49 65.64
N GLU L 114 -12.99 33.40 64.48
CA GLU L 114 -13.23 34.55 63.62
C GLU L 114 -14.46 35.32 64.05
N MET L 115 -15.58 34.62 64.29
CA MET L 115 -16.79 35.28 64.77
C MET L 115 -16.52 36.01 66.09
N ASP L 116 -15.67 35.44 66.94
CA ASP L 116 -15.43 36.02 68.25
C ASP L 116 -14.79 37.39 68.15
N GLN L 117 -13.82 37.56 67.24
CA GLN L 117 -13.16 38.85 67.10
C GLN L 117 -14.03 39.90 66.41
N LEU L 118 -14.91 39.49 65.49
CA LEU L 118 -15.82 40.44 64.88
C LEU L 118 -16.78 41.04 65.89
N ALA L 119 -17.27 40.24 66.85
CA ALA L 119 -18.13 40.77 67.90
C ALA L 119 -17.39 41.72 68.83
N THR L 120 -16.07 41.56 68.98
CA THR L 120 -15.30 42.47 69.81
C THR L 120 -15.28 43.88 69.22
N GLU L 121 -15.18 44.02 67.89
CA GLU L 121 -15.21 45.35 67.29
C GLU L 121 -16.56 46.02 67.35
N ILE L 122 -17.65 45.25 67.26
CA ILE L 122 -18.96 45.85 67.44
C ILE L 122 -19.04 46.50 68.82
N ASP L 123 -18.44 45.86 69.82
CA ASP L 123 -18.23 46.51 71.10
C ASP L 123 -17.31 47.72 70.98
N SER L 124 -16.23 47.60 70.21
CA SER L 124 -15.23 48.65 70.17
C SER L 124 -15.74 49.92 69.48
N ILE L 125 -16.50 49.77 68.39
CA ILE L 125 -17.07 50.95 67.75
C ILE L 125 -18.09 51.61 68.67
N GLY L 126 -18.91 50.82 69.36
CA GLY L 126 -19.92 51.35 70.24
C GLY L 126 -19.35 52.20 71.36
N ASN L 127 -18.20 51.80 71.88
CA ASN L 127 -17.58 52.53 72.99
C ASN L 127 -16.62 53.62 72.54
N SER L 128 -16.44 53.81 71.23
CA SER L 128 -15.44 54.76 70.75
C SER L 128 -16.06 55.98 70.07
N THR L 129 -17.12 55.75 69.28
CA THR L 129 -17.74 56.81 68.50
C THR L 129 -18.11 58.00 69.37
N ALA L 130 -17.49 59.15 69.12
CA ALA L 130 -17.64 60.30 69.99
C ALA L 130 -17.58 61.57 69.18
N PHE L 131 -18.14 62.64 69.74
CA PHE L 131 -18.12 63.97 69.15
C PHE L 131 -17.14 64.80 69.98
N GLY L 132 -15.86 64.73 69.63
CA GLY L 132 -14.85 65.41 70.40
C GLY L 132 -14.54 64.67 71.68
N ASN L 133 -15.46 64.71 72.64
CA ASN L 133 -15.23 63.95 73.88
C ASN L 133 -16.51 63.32 74.42
N THR L 134 -17.63 63.41 73.73
CA THR L 134 -18.89 62.87 74.21
C THR L 134 -19.24 61.61 73.42
N LYS L 135 -19.37 60.49 74.12
CA LYS L 135 -19.70 59.22 73.49
C LYS L 135 -21.17 59.22 73.09
N LEU L 136 -21.46 58.84 71.84
CA LEU L 136 -22.81 58.98 71.31
C LEU L 136 -23.59 57.67 71.23
N LEU L 137 -22.94 56.52 71.40
CA LEU L 137 -23.62 55.24 71.22
C LEU L 137 -23.65 54.42 72.50
N THR L 138 -23.42 55.05 73.66
CA THR L 138 -23.38 54.32 74.92
C THR L 138 -24.54 54.69 75.83
N GLY L 139 -25.62 55.23 75.29
CA GLY L 139 -26.85 55.41 76.03
C GLY L 139 -27.04 56.78 76.63
N THR L 140 -26.07 57.69 76.49
CA THR L 140 -26.26 59.03 77.03
C THR L 140 -27.25 59.81 76.16
N PHE L 141 -27.56 59.29 74.98
CA PHE L 141 -28.62 59.85 74.14
C PHE L 141 -29.82 58.92 74.08
N SER L 142 -29.97 58.05 75.08
CA SER L 142 -31.14 57.19 75.15
C SER L 142 -32.43 57.97 75.32
N ALA L 143 -32.44 59.00 76.17
CA ALA L 143 -33.56 59.93 76.31
C ALA L 143 -33.15 61.19 75.58
N GLY L 144 -33.73 61.38 74.39
CA GLY L 144 -33.31 62.41 73.45
C GLY L 144 -32.89 63.73 74.02
N LYS L 145 -31.73 64.22 73.60
CA LYS L 145 -31.27 65.53 74.02
C LYS L 145 -31.94 66.61 73.17
N VAL L 146 -31.77 67.87 73.61
CA VAL L 146 -32.57 68.97 73.08
C VAL L 146 -31.66 70.02 72.46
N PHE L 147 -32.04 70.47 71.26
CA PHE L 147 -31.42 71.61 70.59
C PHE L 147 -32.49 72.64 70.30
N GLN L 148 -32.17 73.92 70.51
CA GLN L 148 -33.12 75.01 70.29
C GLN L 148 -32.79 75.68 68.95
N VAL L 149 -33.77 75.70 68.04
CA VAL L 149 -33.55 76.19 66.69
C VAL L 149 -34.31 77.48 66.41
N GLY L 150 -35.06 77.99 67.38
CA GLY L 150 -35.77 79.24 67.25
C GLY L 150 -35.18 80.28 68.18
N HIS L 151 -35.86 81.43 68.26
CA HIS L 151 -35.42 82.49 69.16
C HIS L 151 -36.27 82.63 70.40
N GLN L 152 -37.22 81.73 70.62
CA GLN L 152 -38.06 81.76 71.81
C GLN L 152 -38.13 80.37 72.42
N GLU L 153 -38.62 80.32 73.66
CA GLU L 153 -38.74 79.06 74.37
C GLU L 153 -39.73 78.14 73.66
N GLY L 154 -39.43 76.84 73.69
CA GLY L 154 -40.31 75.85 73.12
C GLY L 154 -40.03 75.49 71.68
N GLU L 155 -39.09 76.19 71.02
CA GLU L 155 -38.71 75.87 69.64
C GLU L 155 -37.52 74.93 69.68
N ASP L 156 -37.77 73.66 70.00
CA ASP L 156 -36.70 72.71 70.23
C ASP L 156 -36.85 71.49 69.33
N ILE L 157 -35.73 70.84 69.07
CA ILE L 157 -35.67 69.58 68.33
C ILE L 157 -34.98 68.54 69.20
N LYS L 158 -35.51 67.32 69.18
CA LYS L 158 -35.02 66.25 70.03
C LYS L 158 -34.38 65.15 69.19
N VAL L 159 -33.17 64.77 69.54
CA VAL L 159 -32.43 63.72 68.85
C VAL L 159 -32.20 62.57 69.82
N THR L 160 -32.69 61.38 69.47
CA THR L 160 -32.58 60.20 70.32
C THR L 160 -31.74 59.14 69.62
N VAL L 161 -30.70 58.66 70.30
CA VAL L 161 -29.84 57.60 69.80
C VAL L 161 -29.80 56.52 70.86
N LYS L 162 -30.37 55.36 70.55
CA LYS L 162 -30.37 54.27 71.50
C LYS L 162 -29.00 53.59 71.51
N ALA L 163 -28.69 52.96 72.64
CA ALA L 163 -27.40 52.30 72.80
C ALA L 163 -27.27 51.12 71.85
N SER L 164 -26.12 51.01 71.21
CA SER L 164 -25.87 49.94 70.24
C SER L 164 -24.47 49.40 70.45
N ASN L 165 -24.37 48.25 71.09
CA ASN L 165 -23.11 47.55 71.32
C ASN L 165 -23.44 46.05 71.41
N LYS L 166 -22.42 45.24 71.72
CA LYS L 166 -22.60 43.80 71.58
C LYS L 166 -23.57 43.24 72.62
N THR L 167 -23.52 43.72 73.87
CA THR L 167 -24.49 43.24 74.85
C THR L 167 -25.89 43.75 74.53
N SER L 168 -25.99 44.96 73.99
CA SER L 168 -27.30 45.52 73.64
C SER L 168 -27.98 44.71 72.54
N LEU L 169 -27.22 44.35 71.51
CA LEU L 169 -27.77 43.66 70.34
C LEU L 169 -27.91 42.16 70.56
N SER L 170 -27.81 41.70 71.79
CA SER L 170 -27.95 40.28 72.15
C SER L 170 -26.97 39.41 71.37
N VAL L 171 -25.71 39.85 71.36
CA VAL L 171 -24.61 39.05 70.84
C VAL L 171 -23.49 39.08 71.87
N GLY L 172 -22.56 38.13 71.77
CA GLY L 172 -21.50 38.04 72.74
C GLY L 172 -21.31 36.61 73.20
N ALA L 173 -22.37 35.82 73.07
CA ALA L 173 -22.33 34.38 73.31
C ALA L 173 -22.96 33.69 72.12
N LEU L 174 -22.15 33.38 71.11
CA LEU L 174 -22.63 32.72 69.90
C LEU L 174 -21.77 31.48 69.65
N ASN L 175 -22.38 30.31 69.79
CA ASN L 175 -21.70 29.05 69.53
C ASN L 175 -22.24 28.43 68.26
N ASN L 176 -21.50 27.48 67.70
CA ASN L 176 -21.91 26.78 66.48
C ASN L 176 -21.59 25.29 66.54
N ALA L 177 -21.63 24.67 67.72
CA ALA L 177 -21.30 23.27 67.84
C ALA L 177 -22.50 22.37 67.52
N THR L 178 -23.57 22.50 68.30
CA THR L 178 -24.73 21.62 68.14
C THR L 178 -25.68 22.12 67.08
N SER L 179 -26.68 21.31 66.74
CA SER L 179 -27.70 21.73 65.78
C SER L 179 -28.50 22.92 66.31
N ALA L 180 -28.89 22.86 67.58
CA ALA L 180 -29.71 23.92 68.15
C ALA L 180 -28.90 25.21 68.30
N ASN L 181 -27.58 25.09 68.50
CA ASN L 181 -26.76 26.27 68.72
C ASN L 181 -26.74 27.17 67.48
N ARG L 182 -26.61 26.58 66.29
CA ARG L 182 -26.57 27.38 65.08
C ARG L 182 -27.92 28.01 64.76
N ALA L 183 -29.02 27.28 65.01
CA ALA L 183 -30.34 27.84 64.73
C ALA L 183 -30.63 29.06 65.60
N SER L 184 -30.26 28.99 66.88
CA SER L 184 -30.48 30.13 67.76
C SER L 184 -29.61 31.32 67.37
N SER L 185 -28.37 31.05 66.94
CA SER L 185 -27.46 32.13 66.58
C SER L 185 -27.95 32.89 65.35
N LEU L 186 -28.51 32.18 64.37
CA LEU L 186 -28.96 32.82 63.14
C LEU L 186 -30.10 33.80 63.40
N ALA L 187 -31.04 33.45 64.28
CA ALA L 187 -32.16 34.33 64.55
C ALA L 187 -31.72 35.63 65.19
N LYS L 188 -30.75 35.57 66.11
CA LYS L 188 -30.34 36.77 66.83
C LYS L 188 -29.61 37.75 65.91
N ILE L 189 -28.83 37.25 64.97
CA ILE L 189 -28.15 38.13 64.02
C ILE L 189 -29.17 38.84 63.13
N ASP L 190 -30.19 38.10 62.66
CA ASP L 190 -31.22 38.71 61.84
C ASP L 190 -31.97 39.80 62.61
N ALA L 191 -32.29 39.54 63.88
CA ALA L 191 -32.92 40.55 64.70
C ALA L 191 -32.00 41.74 64.93
N ALA L 192 -30.69 41.50 64.96
CA ALA L 192 -29.73 42.59 65.15
C ALA L 192 -29.75 43.57 63.98
N ILE L 193 -29.81 43.05 62.75
CA ILE L 193 -29.82 43.93 61.58
C ILE L 193 -31.09 44.75 61.55
N LYS L 194 -32.22 44.17 61.94
CA LYS L 194 -33.47 44.92 61.96
C LYS L 194 -33.41 46.09 62.93
N THR L 195 -32.83 45.87 64.12
CA THR L 195 -32.77 46.94 65.11
C THR L 195 -31.91 48.10 64.63
N ILE L 196 -30.76 47.81 64.02
CA ILE L 196 -29.91 48.87 63.49
C ILE L 196 -30.62 49.59 62.35
N ASP L 197 -31.32 48.84 61.51
CA ASP L 197 -32.01 49.46 60.36
C ASP L 197 -33.04 50.48 60.82
N SER L 198 -33.82 50.15 61.84
CA SER L 198 -34.82 51.08 62.35
C SER L 198 -34.15 52.31 62.96
N GLN L 199 -33.00 52.13 63.61
CA GLN L 199 -32.28 53.25 64.20
C GLN L 199 -31.79 54.22 63.14
N ARG L 200 -31.28 53.70 62.03
CA ARG L 200 -30.80 54.57 60.96
C ARG L 200 -31.93 55.37 60.35
N ALA L 201 -33.10 54.75 60.17
CA ALA L 201 -34.24 55.46 59.61
C ALA L 201 -34.68 56.60 60.52
N ASP L 202 -34.65 56.37 61.84
CA ASP L 202 -35.02 57.44 62.78
C ASP L 202 -34.06 58.61 62.70
N LEU L 203 -32.76 58.35 62.58
CA LEU L 203 -31.80 59.44 62.49
C LEU L 203 -31.87 60.16 61.15
N GLY L 204 -32.17 59.44 60.07
CA GLY L 204 -32.31 60.09 58.78
C GLY L 204 -33.49 61.03 58.73
N ALA L 205 -34.61 60.66 59.37
CA ALA L 205 -35.78 61.53 59.36
C ALA L 205 -35.51 62.85 60.06
N VAL L 206 -34.75 62.82 61.16
CA VAL L 206 -34.48 64.04 61.90
C VAL L 206 -33.65 65.01 61.06
N GLN L 207 -32.63 64.50 60.37
CA GLN L 207 -31.78 65.39 59.58
C GLN L 207 -32.46 65.84 58.30
N ASN L 208 -33.38 65.04 57.76
CA ASN L 208 -34.29 65.57 56.75
C ASN L 208 -35.17 66.66 57.35
N ARG L 209 -35.63 66.45 58.58
CA ARG L 209 -36.41 67.46 59.28
C ARG L 209 -35.61 68.72 59.53
N LEU L 210 -34.35 68.59 59.99
CA LEU L 210 -33.56 69.76 60.32
C LEU L 210 -33.19 70.58 59.09
N ALA L 211 -33.03 69.93 57.93
CA ALA L 211 -32.68 70.67 56.73
C ALA L 211 -33.75 71.68 56.34
N HIS L 212 -35.02 71.35 56.57
CA HIS L 212 -36.10 72.24 56.20
C HIS L 212 -36.21 73.43 57.15
N ASN L 213 -35.80 73.27 58.42
CA ASN L 213 -35.76 74.41 59.33
C ASN L 213 -34.77 75.47 58.88
N ILE L 214 -33.58 75.03 58.44
CA ILE L 214 -32.55 75.98 58.03
C ILE L 214 -33.01 76.80 56.83
N SER L 215 -33.61 76.15 55.84
CA SER L 215 -34.09 76.87 54.66
C SER L 215 -35.17 77.86 55.05
N ASN L 216 -36.10 77.44 55.92
CA ASN L 216 -37.14 78.36 56.38
C ASN L 216 -36.56 79.50 57.19
N SER L 217 -35.59 79.22 58.06
CA SER L 217 -34.99 80.28 58.87
C SER L 217 -34.19 81.26 58.01
N ALA L 218 -33.53 80.76 56.95
CA ALA L 218 -32.81 81.66 56.06
C ALA L 218 -33.77 82.60 55.34
N ASN L 219 -34.91 82.09 54.90
CA ASN L 219 -35.89 82.94 54.24
C ASN L 219 -36.45 84.00 55.19
N THR L 220 -36.88 83.58 56.39
CA THR L 220 -37.50 84.52 57.30
C THR L 220 -36.53 85.58 57.79
N GLN L 221 -35.23 85.25 57.84
CA GLN L 221 -34.24 86.23 58.26
C GLN L 221 -34.16 87.38 57.27
N ALA L 222 -34.22 87.10 55.98
CA ALA L 222 -34.13 88.14 54.97
C ALA L 222 -35.33 89.08 55.04
N ASN L 223 -36.54 88.53 55.20
CA ASN L 223 -37.72 89.38 55.25
C ASN L 223 -37.77 90.25 56.50
N VAL L 224 -37.31 89.76 57.64
CA VAL L 224 -37.24 90.59 58.84
C VAL L 224 -36.23 91.71 58.66
N ALA L 225 -35.13 91.44 57.96
CA ALA L 225 -34.16 92.49 57.67
C ALA L 225 -34.79 93.58 56.82
N ASP L 226 -35.65 93.21 55.87
CA ASP L 226 -36.42 94.20 55.13
C ASP L 226 -37.24 95.08 56.05
N ALA L 227 -38.01 94.45 56.95
CA ALA L 227 -38.90 95.21 57.82
C ALA L 227 -38.12 96.12 58.75
N LYS L 228 -36.98 95.65 59.26
CA LYS L 228 -36.20 96.43 60.20
C LYS L 228 -35.52 97.63 59.56
N SER L 229 -35.13 97.53 58.30
CA SER L 229 -34.42 98.65 57.66
C SER L 229 -35.37 99.80 57.32
N ARG L 230 -36.63 99.50 56.99
CA ARG L 230 -37.56 100.57 56.64
C ARG L 230 -37.84 101.48 57.83
N ILE L 231 -37.57 101.00 59.05
CA ILE L 231 -37.89 101.77 60.24
C ILE L 231 -36.71 102.60 60.72
N VAL L 232 -35.51 102.04 60.74
CA VAL L 232 -34.38 102.70 61.39
C VAL L 232 -33.35 103.27 60.41
N ASP L 233 -33.42 102.93 59.14
CA ASP L 233 -32.39 103.31 58.19
C ASP L 233 -32.80 104.55 57.41
N VAL L 234 -31.80 105.35 57.04
CA VAL L 234 -32.05 106.59 56.31
C VAL L 234 -32.10 106.30 54.82
N ASP L 235 -32.83 107.14 54.09
CA ASP L 235 -32.79 107.16 52.64
C ASP L 235 -31.93 108.33 52.21
N PHE L 236 -30.81 108.03 51.55
CA PHE L 236 -29.86 109.09 51.21
C PHE L 236 -30.46 110.10 50.25
N ALA L 237 -31.38 109.67 49.39
CA ALA L 237 -32.05 110.61 48.50
C ALA L 237 -32.81 111.64 49.31
N LYS L 238 -33.53 111.17 50.33
CA LYS L 238 -34.24 112.10 51.22
C LYS L 238 -33.26 112.95 52.02
N GLU L 239 -32.19 112.34 52.54
CA GLU L 239 -31.31 113.05 53.46
C GLU L 239 -30.41 114.04 52.73
N THR L 240 -29.90 113.67 51.56
CA THR L 240 -29.00 114.56 50.84
C THR L 240 -29.71 115.84 50.42
N SER L 241 -30.96 115.73 49.98
CA SER L 241 -31.72 116.92 49.61
C SER L 241 -31.90 117.85 50.81
N ALA L 242 -32.20 117.29 51.98
CA ALA L 242 -32.38 118.12 53.17
C ALA L 242 -31.08 118.80 53.58
N MET L 243 -29.96 118.08 53.48
CA MET L 243 -28.68 118.65 53.87
C MET L 243 -28.31 119.83 52.98
N THR L 244 -28.43 119.68 51.67
CA THR L 244 -28.24 120.80 50.76
C THR L 244 -29.32 121.86 50.97
N LYS L 245 -30.49 121.44 51.44
CA LYS L 245 -31.61 122.37 51.61
C LYS L 245 -31.27 123.41 52.67
N TYR L 246 -30.66 122.96 53.77
CA TYR L 246 -30.33 123.82 54.90
C TYR L 246 -29.04 124.61 54.70
N GLN L 247 -28.13 124.13 53.84
CA GLN L 247 -26.91 124.87 53.59
C GLN L 247 -27.22 126.24 52.99
N VAL L 248 -28.16 126.28 52.04
CA VAL L 248 -28.56 127.54 51.43
C VAL L 248 -29.19 128.46 52.48
N LEU L 249 -30.04 127.90 53.33
CA LEU L 249 -30.71 128.70 54.35
C LEU L 249 -29.72 129.30 55.34
N GLN L 250 -28.61 128.60 55.59
CA GLN L 250 -27.60 129.13 56.52
C GLN L 250 -26.94 130.38 55.95
N GLN L 251 -26.51 130.32 54.69
CA GLN L 251 -25.88 131.48 54.07
C GLN L 251 -26.88 132.62 53.89
N THR L 252 -28.14 132.30 53.61
CA THR L 252 -29.17 133.33 53.58
C THR L 252 -29.36 133.96 54.94
N GLY L 253 -29.39 133.13 56.00
CA GLY L 253 -29.58 133.66 57.34
C GLY L 253 -28.43 134.54 57.80
N SER L 254 -27.20 134.16 57.44
CA SER L 254 -26.03 134.95 57.85
C SER L 254 -26.00 136.32 57.19
N ALA L 255 -26.32 136.39 55.90
CA ALA L 255 -26.36 137.69 55.22
C ALA L 255 -27.46 138.58 55.77
N MET L 256 -28.63 138.00 56.06
CA MET L 256 -29.72 138.79 56.60
C MET L 256 -29.39 139.31 58.00
N LEU L 257 -28.77 138.48 58.83
CA LEU L 257 -28.44 138.90 60.18
C LEU L 257 -27.36 139.97 60.20
N ALA L 258 -26.32 139.82 59.37
CA ALA L 258 -25.27 140.83 59.33
C ALA L 258 -25.80 142.17 58.85
N GLN L 259 -26.69 142.15 57.86
CA GLN L 259 -27.23 143.39 57.33
C GLN L 259 -28.27 144.00 58.26
N ALA L 260 -28.98 143.17 59.02
CA ALA L 260 -29.96 143.69 59.96
C ALA L 260 -29.28 144.31 61.18
N ASN L 261 -28.03 143.94 61.45
CA ASN L 261 -27.32 144.48 62.60
C ASN L 261 -26.98 145.95 62.43
N GLN L 262 -26.79 146.43 61.20
CA GLN L 262 -26.43 147.82 60.96
C GLN L 262 -27.64 148.68 60.60
N LEU L 263 -28.84 148.24 60.94
CA LEU L 263 -30.03 149.07 60.86
C LEU L 263 -29.95 150.31 61.76
N PRO L 264 -29.51 150.20 63.02
CA PRO L 264 -29.53 151.39 63.90
C PRO L 264 -28.57 152.49 63.49
N GLN L 265 -27.72 152.28 62.50
CA GLN L 265 -26.81 153.34 62.07
C GLN L 265 -27.53 154.48 61.36
N VAL L 266 -28.81 154.32 61.05
CA VAL L 266 -29.59 155.43 60.50
C VAL L 266 -29.66 156.57 61.51
N ALA L 267 -29.68 156.26 62.80
CA ALA L 267 -29.76 157.28 63.84
C ALA L 267 -28.58 158.24 63.80
N LEU L 268 -27.42 157.81 63.30
CA LEU L 268 -26.27 158.69 63.18
C LEU L 268 -26.41 159.71 62.06
N SER L 269 -27.27 159.44 61.08
CA SER L 269 -27.46 160.41 59.99
C SER L 269 -28.19 161.66 60.47
N LEU L 270 -29.09 161.53 61.45
CA LEU L 270 -29.88 162.66 61.92
C LEU L 270 -29.12 163.39 63.03
N LEU L 271 -27.90 163.79 62.69
CA LEU L 271 -27.08 164.64 63.55
C LEU L 271 -26.92 164.00 64.94
N GLY L 272 -26.18 162.90 64.98
CA GLY L 272 -25.87 162.25 66.25
C GLY L 272 -27.07 161.76 67.05
N ALA M 1 -28.27 -20.72 -7.10
CA ALA M 1 -28.23 -22.16 -6.84
C ALA M 1 -26.84 -22.61 -6.46
N ILE M 2 -26.15 -21.81 -5.64
CA ILE M 2 -24.82 -22.15 -5.16
C ILE M 2 -24.87 -22.36 -3.65
N THR M 3 -24.95 -23.61 -3.23
CA THR M 3 -25.10 -23.92 -1.81
C THR M 3 -23.86 -24.64 -1.28
N VAL M 4 -23.67 -24.53 0.03
CA VAL M 4 -22.54 -25.16 0.69
C VAL M 4 -23.01 -26.02 1.85
N ASN M 5 -24.29 -26.35 1.89
CA ASN M 5 -24.84 -27.21 2.93
C ASN M 5 -25.30 -28.57 2.43
N THR M 6 -25.79 -28.66 1.20
CA THR M 6 -26.20 -29.94 0.63
C THR M 6 -25.62 -30.09 -0.77
N ASN M 7 -25.13 -31.30 -1.07
CA ASN M 7 -24.60 -31.64 -2.39
C ASN M 7 -25.41 -32.79 -2.94
N VAL M 8 -26.51 -32.46 -3.61
CA VAL M 8 -27.39 -33.49 -4.17
C VAL M 8 -26.71 -34.21 -5.32
N THR M 9 -25.80 -33.53 -6.03
CA THR M 9 -25.03 -34.19 -7.06
C THR M 9 -24.23 -35.36 -6.47
N SER M 10 -23.65 -35.16 -5.29
CA SER M 10 -22.94 -36.24 -4.61
C SER M 10 -23.90 -37.36 -4.21
N MET M 11 -25.10 -36.99 -3.73
CA MET M 11 -26.06 -38.01 -3.30
C MET M 11 -26.45 -38.93 -4.45
N LYS M 12 -26.73 -38.37 -5.62
CA LYS M 12 -27.04 -39.19 -6.78
C LYS M 12 -25.83 -39.99 -7.23
N ALA M 13 -24.65 -39.38 -7.18
CA ALA M 13 -23.44 -40.09 -7.59
C ALA M 13 -23.13 -41.26 -6.66
N GLN M 14 -23.37 -41.10 -5.36
CA GLN M 14 -23.10 -42.17 -4.41
C GLN M 14 -23.96 -43.39 -4.71
N LYS M 15 -25.24 -43.17 -5.02
CA LYS M 15 -26.15 -44.29 -5.25
C LYS M 15 -25.72 -45.11 -6.46
N ASN M 16 -25.28 -44.44 -7.52
CA ASN M 16 -24.86 -45.15 -8.72
C ASN M 16 -23.63 -46.01 -8.46
N LEU M 17 -22.70 -45.50 -7.66
CA LEU M 17 -21.51 -46.29 -7.32
C LEU M 17 -21.88 -47.52 -6.51
N ASN M 18 -22.83 -47.40 -5.59
CA ASN M 18 -23.25 -48.54 -4.79
C ASN M 18 -23.86 -49.63 -5.67
N THR M 19 -24.68 -49.24 -6.64
CA THR M 19 -25.29 -50.23 -7.52
C THR M 19 -24.26 -50.95 -8.36
N SER M 20 -23.26 -50.23 -8.89
CA SER M 20 -22.23 -50.87 -9.69
C SER M 20 -21.32 -51.76 -8.87
N ASN M 21 -21.07 -51.41 -7.61
CA ASN M 21 -20.26 -52.26 -6.73
C ASN M 21 -20.99 -53.54 -6.35
N SER M 22 -22.29 -53.45 -6.10
CA SER M 22 -23.05 -54.64 -5.73
C SER M 22 -23.16 -55.61 -6.89
N GLY M 23 -23.31 -55.12 -8.11
CA GLY M 23 -23.36 -55.97 -9.29
C GLY M 23 -22.05 -56.68 -9.54
N LEU M 24 -20.93 -55.99 -9.29
CA LEU M 24 -19.62 -56.61 -9.45
C LEU M 24 -19.44 -57.74 -8.44
N SER M 25 -19.89 -57.52 -7.20
CA SER M 25 -19.72 -58.53 -6.15
C SER M 25 -20.50 -59.79 -6.48
N THR M 26 -21.76 -59.64 -6.90
CA THR M 26 -22.59 -60.82 -7.14
C THR M 26 -22.09 -61.63 -8.34
N SER M 27 -21.42 -60.97 -9.29
CA SER M 27 -20.89 -61.70 -10.44
C SER M 27 -19.69 -62.55 -10.06
N MET M 28 -18.87 -62.10 -9.11
CA MET M 28 -17.69 -62.86 -8.73
C MET M 28 -18.05 -64.16 -8.03
N GLU M 29 -19.05 -64.11 -7.13
CA GLU M 29 -19.41 -65.32 -6.40
C GLU M 29 -20.08 -66.35 -7.30
N ARG M 30 -20.86 -65.90 -8.29
CA ARG M 30 -21.37 -66.84 -9.28
C ARG M 30 -20.26 -67.48 -10.08
N LEU M 31 -19.22 -66.72 -10.43
CA LEU M 31 -18.08 -67.27 -11.15
C LEU M 31 -17.19 -68.14 -10.27
N SER M 32 -17.08 -67.82 -8.97
CA SER M 32 -16.19 -68.58 -8.11
C SER M 32 -16.73 -69.96 -7.75
N SER M 33 -18.05 -70.14 -7.81
CA SER M 33 -18.67 -71.42 -7.51
C SER M 33 -19.14 -72.13 -8.77
N GLY M 34 -19.88 -71.44 -9.63
CA GLY M 34 -20.35 -72.02 -10.87
C GLY M 34 -21.84 -72.29 -10.86
N LEU M 35 -22.55 -71.62 -9.96
CA LEU M 35 -23.99 -71.80 -9.82
C LEU M 35 -24.69 -70.46 -9.94
N ARG M 36 -25.72 -70.43 -10.78
CA ARG M 36 -26.54 -69.22 -10.90
C ARG M 36 -27.40 -69.01 -9.66
N ILE M 37 -28.06 -70.06 -9.18
CA ILE M 37 -28.90 -69.96 -7.99
C ILE M 37 -28.07 -70.29 -6.76
N ASN M 38 -27.33 -69.30 -6.26
CA ASN M 38 -26.57 -69.49 -5.03
C ASN M 38 -27.50 -69.44 -3.83
N SER M 39 -28.29 -68.38 -3.73
CA SER M 39 -29.25 -68.20 -2.65
C SER M 39 -30.66 -68.10 -3.22
N ALA M 40 -31.61 -67.84 -2.33
CA ALA M 40 -33.00 -67.66 -2.72
C ALA M 40 -33.28 -66.27 -3.28
N LYS M 41 -32.25 -65.43 -3.44
CA LYS M 41 -32.43 -64.17 -4.13
C LYS M 41 -32.98 -64.42 -5.53
N ASP M 42 -32.41 -65.40 -6.22
CA ASP M 42 -32.68 -65.73 -7.60
C ASP M 42 -33.96 -66.54 -7.73
N ASP M 43 -34.11 -67.24 -8.85
CA ASP M 43 -35.34 -67.95 -9.16
C ASP M 43 -35.83 -68.77 -7.98
N ALA M 44 -36.97 -68.37 -7.42
CA ALA M 44 -37.55 -69.10 -6.30
C ALA M 44 -38.05 -70.47 -6.76
N ALA M 45 -38.64 -70.53 -7.95
CA ALA M 45 -39.10 -71.79 -8.50
C ALA M 45 -37.97 -72.67 -9.00
N GLY M 46 -36.86 -72.07 -9.41
CA GLY M 46 -35.75 -72.86 -9.95
C GLY M 46 -35.14 -73.78 -8.91
N LEU M 47 -34.94 -73.28 -7.69
CA LEU M 47 -34.31 -74.09 -6.66
C LEU M 47 -35.21 -75.24 -6.23
N ALA M 48 -36.53 -74.99 -6.20
CA ALA M 48 -37.47 -76.04 -5.86
C ALA M 48 -37.45 -77.16 -6.90
N ILE M 49 -37.45 -76.79 -8.18
CA ILE M 49 -37.39 -77.79 -9.24
C ILE M 49 -36.07 -78.54 -9.19
N SER M 50 -34.97 -77.82 -8.96
CA SER M 50 -33.66 -78.45 -8.96
C SER M 50 -33.53 -79.48 -7.84
N ASN M 51 -34.20 -79.24 -6.71
CA ASN M 51 -34.13 -80.18 -5.60
C ASN M 51 -34.71 -81.53 -5.98
N ARG M 52 -35.86 -81.53 -6.67
CA ARG M 52 -36.43 -82.79 -7.12
C ARG M 52 -35.59 -83.44 -8.22
N LEU M 53 -35.03 -82.64 -9.12
CA LEU M 53 -34.12 -83.20 -10.12
C LEU M 53 -32.87 -83.77 -9.47
N ASN M 54 -32.36 -83.11 -8.42
CA ASN M 54 -31.23 -83.63 -7.68
C ASN M 54 -31.57 -84.97 -7.05
N SER M 55 -32.79 -85.11 -6.52
CA SER M 55 -33.21 -86.38 -5.95
C SER M 55 -33.25 -87.48 -6.99
N GLN M 56 -33.72 -87.18 -8.20
CA GLN M 56 -33.78 -88.19 -9.25
C GLN M 56 -32.39 -88.63 -9.67
N VAL M 57 -31.45 -87.68 -9.81
CA VAL M 57 -30.10 -88.03 -10.24
C VAL M 57 -29.42 -88.92 -9.20
N ARG M 58 -29.45 -88.49 -7.94
CA ARG M 58 -28.84 -89.29 -6.89
C ARG M 58 -29.66 -90.54 -6.60
N GLY M 59 -30.98 -90.46 -6.75
CA GLY M 59 -31.81 -91.63 -6.54
C GLY M 59 -31.52 -92.74 -7.53
N LEU M 60 -31.33 -92.37 -8.81
CA LEU M 60 -30.98 -93.38 -9.81
C LEU M 60 -29.62 -94.00 -9.53
N GLU M 61 -28.66 -93.19 -9.10
CA GLU M 61 -27.30 -93.70 -8.89
C GLU M 61 -27.28 -94.80 -7.83
N VAL M 62 -28.03 -94.61 -6.74
CA VAL M 62 -28.16 -95.67 -5.75
C VAL M 62 -28.95 -96.84 -6.32
N GLY M 63 -29.95 -96.53 -7.16
CA GLY M 63 -30.73 -97.60 -7.77
C GLY M 63 -29.91 -98.45 -8.72
N MET M 64 -28.94 -97.84 -9.41
CA MET M 64 -28.07 -98.61 -10.28
C MET M 64 -27.27 -99.65 -9.49
N ARG M 65 -26.66 -99.23 -8.38
CA ARG M 65 -25.92 -100.18 -7.56
C ARG M 65 -26.85 -101.20 -6.93
N ASN M 66 -28.10 -100.84 -6.69
CA ASN M 66 -29.07 -101.78 -6.15
C ASN M 66 -29.30 -102.96 -7.10
N ALA M 67 -29.36 -102.70 -8.40
CA ALA M 67 -29.57 -103.74 -9.39
C ALA M 67 -28.32 -104.53 -9.72
N ASN M 68 -27.14 -103.90 -9.69
CA ASN M 68 -25.90 -104.65 -9.85
C ASN M 68 -25.73 -105.71 -8.78
N ASP M 69 -26.23 -105.46 -7.57
CA ASP M 69 -26.24 -106.45 -6.51
C ASP M 69 -27.15 -107.64 -6.84
N ALA M 70 -28.32 -107.37 -7.42
CA ALA M 70 -29.24 -108.45 -7.77
C ALA M 70 -28.66 -109.35 -8.86
N ILE M 71 -27.90 -108.76 -9.79
CA ILE M 71 -27.29 -109.51 -10.87
C ILE M 71 -26.30 -110.50 -10.30
N SER M 72 -25.51 -110.06 -9.32
CA SER M 72 -24.50 -110.94 -8.73
C SER M 72 -25.13 -112.11 -8.00
N ILE M 73 -26.23 -111.88 -7.27
CA ILE M 73 -26.91 -112.98 -6.58
C ILE M 73 -27.41 -114.02 -7.57
N ALA M 74 -28.07 -113.57 -8.64
CA ALA M 74 -28.54 -114.50 -9.66
C ALA M 74 -27.39 -115.20 -10.37
N GLN M 75 -26.24 -114.53 -10.46
CA GLN M 75 -25.08 -115.13 -11.11
C GLN M 75 -24.52 -116.29 -10.32
N ILE M 76 -24.47 -116.16 -8.99
CA ILE M 76 -23.89 -117.21 -8.16
C ILE M 76 -24.81 -118.43 -8.12
N ALA M 77 -26.11 -118.21 -7.96
CA ALA M 77 -27.05 -119.33 -7.89
C ALA M 77 -27.06 -120.13 -9.19
N GLU M 78 -26.99 -119.43 -10.32
CA GLU M 78 -26.95 -120.11 -11.62
C GLU M 78 -25.70 -120.96 -11.74
N GLY M 79 -24.56 -120.45 -11.28
CA GLY M 79 -23.33 -121.21 -11.39
C GLY M 79 -23.35 -122.50 -10.61
N ALA M 80 -23.95 -122.48 -9.42
CA ALA M 80 -24.00 -123.68 -8.59
C ALA M 80 -24.91 -124.74 -9.18
N MET M 81 -26.01 -124.34 -9.82
CA MET M 81 -26.93 -125.32 -10.38
C MET M 81 -26.33 -126.05 -11.57
N GLN M 82 -25.35 -125.44 -12.23
CA GLN M 82 -24.69 -126.12 -13.35
C GLN M 82 -23.95 -127.36 -12.87
N GLU M 83 -23.28 -127.27 -11.71
CA GLU M 83 -22.55 -128.43 -11.22
C GLU M 83 -23.48 -129.52 -10.73
N GLN M 84 -24.65 -129.16 -10.20
CA GLN M 84 -25.63 -130.17 -9.82
C GLN M 84 -26.15 -130.91 -11.05
N THR M 85 -26.25 -130.23 -12.19
CA THR M 85 -26.71 -130.88 -13.41
C THR M 85 -25.72 -131.92 -13.91
N ASN M 86 -24.42 -131.61 -13.86
CA ASN M 86 -23.42 -132.57 -14.34
C ASN M 86 -23.38 -133.83 -13.50
N MET M 87 -23.46 -133.72 -12.17
CA MET M 87 -23.48 -134.90 -11.32
C MET M 87 -24.75 -135.72 -11.50
N LEU M 88 -25.88 -135.08 -11.76
CA LEU M 88 -27.10 -135.83 -12.03
C LEU M 88 -27.00 -136.62 -13.31
N GLN M 89 -26.29 -136.10 -14.32
CA GLN M 89 -26.10 -136.85 -15.55
C GLN M 89 -25.27 -138.10 -15.32
N ARG M 90 -24.25 -138.01 -14.46
CA ARG M 90 -23.46 -139.19 -14.14
C ARG M 90 -24.27 -140.25 -13.41
N MET M 91 -25.24 -139.84 -12.59
CA MET M 91 -26.12 -140.81 -11.95
C MET M 91 -26.98 -141.55 -12.97
N ARG M 92 -27.38 -140.88 -14.05
CA ARG M 92 -28.14 -141.55 -15.10
C ARG M 92 -27.33 -142.66 -15.75
N ASP M 93 -26.05 -142.41 -16.03
CA ASP M 93 -25.21 -143.44 -16.64
C ASP M 93 -25.03 -144.64 -15.73
N LEU M 94 -24.84 -144.41 -14.42
CA LEU M 94 -24.69 -145.51 -13.49
C LEU M 94 -25.94 -146.37 -13.41
N THR M 95 -27.12 -145.75 -13.42
CA THR M 95 -28.36 -146.51 -13.45
C THR M 95 -28.50 -147.33 -14.73
N ILE M 96 -28.13 -146.76 -15.88
CA ILE M 96 -28.11 -147.54 -17.11
C ILE M 96 -27.06 -148.63 -17.04
N GLN M 97 -25.87 -148.32 -16.51
CA GLN M 97 -24.82 -149.31 -16.36
C GLN M 97 -25.18 -150.41 -15.37
N SER M 98 -26.03 -150.10 -14.40
CA SER M 98 -26.40 -151.07 -13.37
C SER M 98 -27.46 -152.06 -13.82
N GLU M 99 -27.72 -152.16 -15.12
CA GLU M 99 -28.82 -152.96 -15.62
C GLU M 99 -28.28 -154.16 -16.41
N ASN M 100 -26.97 -154.37 -16.39
CA ASN M 100 -26.39 -155.55 -17.03
C ASN M 100 -26.90 -156.83 -16.38
N GLY M 101 -27.05 -157.87 -17.20
CA GLY M 101 -27.38 -159.18 -16.67
C GLY M 101 -26.14 -160.00 -16.35
N ALA M 102 -24.96 -159.43 -16.64
CA ALA M 102 -23.71 -160.09 -16.31
C ALA M 102 -23.12 -159.59 -15.01
N ASN M 103 -23.78 -158.67 -14.32
CA ASN M 103 -23.30 -158.17 -13.05
C ASN M 103 -23.58 -159.22 -11.98
N SER M 104 -23.28 -158.89 -10.73
CA SER M 104 -23.58 -159.78 -9.61
C SER M 104 -24.03 -158.92 -8.44
N THR M 105 -24.41 -159.60 -7.36
CA THR M 105 -24.87 -158.88 -6.18
C THR M 105 -23.78 -157.97 -5.63
N ALA M 106 -22.54 -158.44 -5.60
CA ALA M 106 -21.44 -157.62 -5.14
C ALA M 106 -21.14 -156.46 -6.10
N ASP M 107 -21.39 -156.64 -7.39
CA ASP M 107 -21.13 -155.58 -8.36
C ASP M 107 -22.12 -154.43 -8.19
N LEU M 108 -23.38 -154.74 -7.93
CA LEU M 108 -24.39 -153.71 -7.77
C LEU M 108 -24.11 -152.85 -6.54
N VAL M 109 -23.53 -153.44 -5.49
CA VAL M 109 -23.21 -152.68 -4.29
C VAL M 109 -22.15 -151.62 -4.56
N SER M 110 -21.12 -151.97 -5.35
CA SER M 110 -20.09 -151.00 -5.68
C SER M 110 -20.63 -149.81 -6.45
N ILE M 111 -21.56 -150.05 -7.38
CA ILE M 111 -22.15 -148.94 -8.13
C ILE M 111 -22.97 -148.05 -7.21
N LYS M 112 -23.69 -148.64 -6.25
CA LYS M 112 -24.46 -147.83 -5.32
C LYS M 112 -23.55 -146.98 -4.43
N ALA M 113 -22.41 -147.52 -4.03
CA ALA M 113 -21.47 -146.76 -3.21
C ALA M 113 -20.96 -145.51 -3.91
N GLU M 114 -21.01 -145.48 -5.24
CA GLU M 114 -20.69 -144.30 -6.03
C GLU M 114 -21.86 -143.34 -6.12
N MET M 115 -23.04 -143.86 -6.45
CA MET M 115 -24.25 -143.03 -6.49
C MET M 115 -24.49 -142.35 -5.15
N ASP M 116 -24.19 -143.06 -4.06
CA ASP M 116 -24.49 -142.54 -2.73
C ASP M 116 -23.68 -141.28 -2.43
N GLN M 117 -22.39 -141.27 -2.80
CA GLN M 117 -21.57 -140.10 -2.54
C GLN M 117 -21.88 -138.93 -3.45
N LEU M 118 -22.30 -139.18 -4.69
CA LEU M 118 -22.71 -138.08 -5.56
C LEU M 118 -23.93 -137.35 -5.03
N ALA M 119 -24.89 -138.06 -4.46
CA ALA M 119 -26.04 -137.41 -3.85
C ALA M 119 -25.67 -136.60 -2.62
N THR M 120 -24.60 -136.98 -1.92
CA THR M 120 -24.16 -136.20 -0.77
C THR M 120 -23.68 -134.81 -1.16
N GLU M 121 -22.98 -134.69 -2.30
CA GLU M 121 -22.54 -133.37 -2.74
C GLU M 121 -23.68 -132.49 -3.23
N ILE M 122 -24.71 -133.06 -3.85
CA ILE M 122 -25.86 -132.26 -4.22
C ILE M 122 -26.47 -131.62 -2.97
N ASP M 123 -26.47 -132.36 -1.85
CA ASP M 123 -26.76 -131.75 -0.57
C ASP M 123 -25.72 -130.72 -0.17
N SER M 124 -24.44 -131.00 -0.40
CA SER M 124 -23.39 -130.12 0.09
C SER M 124 -23.35 -128.80 -0.65
N ILE M 125 -23.56 -128.80 -1.96
CA ILE M 125 -23.61 -127.54 -2.70
C ILE M 125 -24.83 -126.72 -2.27
N GLY M 126 -25.97 -127.38 -2.09
CA GLY M 126 -27.18 -126.71 -1.69
C GLY M 126 -27.07 -125.97 -0.37
N ASN M 127 -26.33 -126.55 0.57
CA ASN M 127 -26.17 -125.95 1.89
C ASN M 127 -24.97 -125.02 2.00
N SER M 128 -24.20 -124.85 0.92
CA SER M 128 -22.98 -124.06 1.00
C SER M 128 -23.06 -122.77 0.21
N THR M 129 -23.67 -122.81 -0.97
CA THR M 129 -23.71 -121.66 -1.86
C THR M 129 -24.26 -120.43 -1.14
N ALA M 130 -23.44 -119.39 -0.99
CA ALA M 130 -23.81 -118.24 -0.19
C ALA M 130 -23.21 -116.99 -0.80
N PHE M 131 -23.80 -115.85 -0.45
CA PHE M 131 -23.33 -114.53 -0.86
C PHE M 131 -22.73 -113.88 0.38
N GLY M 132 -21.45 -114.15 0.61
CA GLY M 132 -20.80 -113.65 1.81
C GLY M 132 -21.19 -114.46 3.03
N ASN M 133 -22.44 -114.27 3.49
CA ASN M 133 -22.89 -115.06 4.63
C ASN M 133 -24.34 -115.49 4.51
N THR M 134 -25.03 -115.21 3.40
CA THR M 134 -26.43 -115.54 3.24
C THR M 134 -26.56 -116.71 2.27
N LYS M 135 -27.15 -117.80 2.74
CA LYS M 135 -27.33 -119.01 1.94
C LYS M 135 -28.46 -118.76 0.93
N LEU M 136 -28.21 -119.08 -0.34
CA LEU M 136 -29.14 -118.72 -1.40
C LEU M 136 -29.98 -119.88 -1.91
N LEU M 137 -29.65 -121.13 -1.57
CA LEU M 137 -30.35 -122.28 -2.13
C LEU M 137 -31.06 -123.10 -1.06
N THR M 138 -31.28 -122.52 0.12
CA THR M 138 -31.91 -123.26 1.21
C THR M 138 -33.29 -122.72 1.56
N GLY M 139 -33.93 -121.99 0.64
CA GLY M 139 -35.32 -121.63 0.78
C GLY M 139 -35.57 -120.25 1.34
N THR M 140 -34.53 -119.52 1.71
CA THR M 140 -34.74 -118.17 2.21
C THR M 140 -35.11 -117.23 1.06
N PHE M 141 -34.94 -117.68 -0.18
CA PHE M 141 -35.41 -116.95 -1.34
C PHE M 141 -36.57 -117.67 -2.00
N SER M 142 -37.28 -118.51 -1.24
CA SER M 142 -38.48 -119.17 -1.76
C SER M 142 -39.59 -118.20 -2.10
N ALA M 143 -39.82 -117.19 -1.27
CA ALA M 143 -40.74 -116.10 -1.56
C ALA M 143 -39.87 -114.91 -1.94
N GLY M 144 -39.84 -114.60 -3.24
CA GLY M 144 -38.90 -113.66 -3.81
C GLY M 144 -38.60 -112.42 -3.00
N LYS M 145 -37.32 -112.12 -2.83
CA LYS M 145 -36.91 -110.90 -2.15
C LYS M 145 -36.97 -109.72 -3.12
N VAL M 146 -36.84 -108.53 -2.57
CA VAL M 146 -37.16 -107.30 -3.29
C VAL M 146 -35.93 -106.40 -3.37
N PHE M 147 -35.66 -105.89 -4.56
CA PHE M 147 -34.66 -104.86 -4.79
C PHE M 147 -35.33 -103.66 -5.45
N GLN M 148 -34.97 -102.45 -5.02
CA GLN M 148 -35.54 -101.23 -5.56
C GLN M 148 -34.57 -100.61 -6.55
N VAL M 149 -35.01 -100.42 -7.78
CA VAL M 149 -34.14 -99.95 -8.86
C VAL M 149 -34.52 -98.56 -9.34
N GLY M 150 -35.55 -97.95 -8.76
CA GLY M 150 -35.94 -96.59 -9.09
C GLY M 150 -35.69 -95.67 -7.90
N HIS M 151 -36.16 -94.43 -8.04
CA HIS M 151 -36.01 -93.46 -6.97
C HIS M 151 -37.31 -93.20 -6.21
N GLN M 152 -38.37 -93.94 -6.50
CA GLN M 152 -39.65 -93.78 -5.82
C GLN M 152 -40.18 -95.15 -5.40
N GLU M 153 -41.17 -95.12 -4.52
CA GLU M 153 -41.77 -96.35 -4.04
C GLU M 153 -42.45 -97.10 -5.17
N GLY M 154 -42.39 -98.42 -5.12
CA GLY M 154 -43.04 -99.26 -6.11
C GLY M 154 -42.20 -99.65 -7.29
N GLU M 155 -40.98 -99.11 -7.42
CA GLU M 155 -40.08 -99.47 -8.52
C GLU M 155 -39.17 -100.59 -8.03
N ASP M 156 -39.72 -101.80 -7.95
CA ASP M 156 -39.00 -102.92 -7.36
C ASP M 156 -38.92 -104.09 -8.33
N ILE M 157 -37.89 -104.91 -8.12
CA ILE M 157 -37.69 -106.15 -8.86
C ILE M 157 -37.61 -107.30 -7.85
N LYS M 158 -38.25 -108.42 -8.20
CA LYS M 158 -38.34 -109.56 -7.31
C LYS M 158 -37.56 -110.74 -7.88
N VAL M 159 -36.69 -111.32 -7.05
CA VAL M 159 -35.88 -112.47 -7.44
C VAL M 159 -36.27 -113.65 -6.56
N THR M 160 -36.72 -114.74 -7.18
CA THR M 160 -37.17 -115.92 -6.46
C THR M 160 -36.26 -117.09 -6.81
N VAL M 161 -35.71 -117.74 -5.78
CA VAL M 161 -34.87 -118.92 -5.94
C VAL M 161 -35.46 -120.02 -5.07
N LYS M 162 -36.00 -121.06 -5.69
CA LYS M 162 -36.57 -122.15 -4.92
C LYS M 162 -35.46 -123.04 -4.36
N ALA M 163 -35.78 -123.72 -3.26
CA ALA M 163 -34.80 -124.58 -2.61
C ALA M 163 -34.44 -125.75 -3.51
N SER M 164 -33.14 -126.05 -3.57
CA SER M 164 -32.63 -127.13 -4.41
C SER M 164 -31.57 -127.90 -3.66
N ASN M 165 -31.94 -129.06 -3.13
CA ASN M 165 -31.03 -129.95 -2.43
C ASN M 165 -31.56 -131.37 -2.62
N LYS M 166 -30.92 -132.35 -1.96
CA LYS M 166 -31.22 -133.74 -2.27
C LYS M 166 -32.62 -134.14 -1.81
N THR M 167 -33.07 -133.69 -0.64
CA THR M 167 -34.42 -134.00 -0.22
C THR M 167 -35.45 -133.28 -1.08
N SER M 168 -35.12 -132.06 -1.52
CA SER M 168 -36.05 -131.30 -2.36
C SER M 168 -36.26 -131.97 -3.71
N LEU M 169 -35.18 -132.45 -4.33
CA LEU M 169 -35.25 -133.02 -5.66
C LEU M 169 -35.68 -134.49 -5.65
N SER M 170 -36.21 -134.97 -4.54
CA SER M 170 -36.69 -136.34 -4.40
C SER M 170 -35.60 -137.36 -4.73
N VAL M 171 -34.42 -137.12 -4.16
CA VAL M 171 -33.34 -138.09 -4.20
C VAL M 171 -32.79 -138.26 -2.79
N GLY M 172 -32.05 -139.33 -2.55
CA GLY M 172 -31.57 -139.61 -1.22
C GLY M 172 -31.81 -141.05 -0.85
N ALA M 173 -32.80 -141.67 -1.48
CA ALA M 173 -33.07 -143.09 -1.36
C ALA M 173 -33.20 -143.65 -2.77
N LEU M 174 -32.07 -144.09 -3.34
CA LEU M 174 -32.04 -144.65 -4.68
C LEU M 174 -31.36 -146.00 -4.64
N ASN M 175 -32.12 -147.07 -4.86
CA ASN M 175 -31.57 -148.41 -4.90
C ASN M 175 -31.58 -148.93 -6.33
N ASN M 176 -30.81 -149.99 -6.57
CA ASN M 176 -30.72 -150.59 -7.89
C ASN M 176 -30.67 -152.12 -7.83
N ALA M 177 -31.32 -152.73 -6.84
CA ALA M 177 -31.29 -154.18 -6.70
C ALA M 177 -32.33 -154.86 -7.58
N THR M 178 -33.60 -154.57 -7.35
CA THR M 178 -34.68 -155.26 -8.06
C THR M 178 -34.98 -154.59 -9.39
N SER M 179 -35.83 -155.23 -10.20
CA SER M 179 -36.23 -154.63 -11.48
C SER M 179 -37.01 -153.34 -11.26
N ALA M 180 -37.93 -153.35 -10.30
CA ALA M 180 -38.75 -152.17 -10.05
C ALA M 180 -37.94 -151.03 -9.47
N ASN M 181 -36.88 -151.36 -8.71
CA ASN M 181 -36.07 -150.33 -8.07
C ASN M 181 -35.38 -149.44 -9.10
N ARG M 182 -34.82 -150.03 -10.15
CA ARG M 182 -34.13 -149.23 -11.16
C ARG M 182 -35.09 -148.40 -11.98
N ALA M 183 -36.28 -148.93 -12.29
CA ALA M 183 -37.24 -148.17 -13.08
C ALA M 183 -37.72 -146.94 -12.34
N SER M 184 -37.97 -147.06 -11.03
CA SER M 184 -38.39 -145.90 -10.25
C SER M 184 -37.28 -144.88 -10.12
N SER M 185 -36.03 -145.34 -9.98
CA SER M 185 -34.91 -144.41 -9.82
C SER M 185 -34.70 -143.57 -11.08
N LEU M 186 -34.85 -144.18 -12.26
CA LEU M 186 -34.62 -143.47 -13.50
C LEU M 186 -35.60 -142.31 -13.70
N ALA M 187 -36.87 -142.51 -13.34
CA ALA M 187 -37.86 -141.47 -13.52
C ALA M 187 -37.57 -140.25 -12.65
N LYS M 188 -37.13 -140.49 -11.40
CA LYS M 188 -36.92 -139.37 -10.48
C LYS M 188 -35.74 -138.52 -10.91
N ILE M 189 -34.69 -139.14 -11.45
CA ILE M 189 -33.54 -138.37 -11.94
C ILE M 189 -33.95 -137.50 -13.12
N ASP M 190 -34.74 -138.05 -14.05
CA ASP M 190 -35.20 -137.27 -15.19
C ASP M 190 -36.06 -136.09 -14.74
N ALA M 191 -36.94 -136.31 -13.76
CA ALA M 191 -37.73 -135.21 -13.23
C ALA M 191 -36.84 -134.19 -12.52
N ALA M 192 -35.72 -134.63 -11.93
CA ALA M 192 -34.82 -133.71 -11.26
C ALA M 192 -34.17 -132.74 -12.24
N ILE M 193 -33.75 -133.24 -13.40
CA ILE M 193 -33.12 -132.36 -14.38
C ILE M 193 -34.11 -131.33 -14.90
N LYS M 194 -35.37 -131.72 -15.09
CA LYS M 194 -36.37 -130.78 -15.57
C LYS M 194 -36.59 -129.65 -14.57
N THR M 195 -36.63 -129.97 -13.28
CA THR M 195 -36.88 -128.94 -12.27
C THR M 195 -35.74 -127.93 -12.24
N ILE M 196 -34.49 -128.39 -12.30
CA ILE M 196 -33.36 -127.48 -12.32
C ILE M 196 -33.37 -126.64 -13.58
N ASP M 197 -33.72 -127.25 -14.71
CA ASP M 197 -33.73 -126.54 -15.99
C ASP M 197 -34.70 -125.36 -15.95
N SER M 198 -35.89 -125.57 -15.40
CA SER M 198 -36.86 -124.49 -15.31
C SER M 198 -36.38 -123.39 -14.37
N GLN M 199 -35.68 -123.77 -13.31
CA GLN M 199 -35.16 -122.78 -12.37
C GLN M 199 -34.11 -121.88 -13.03
N ARG M 200 -33.23 -122.48 -13.85
CA ARG M 200 -32.20 -121.69 -14.52
C ARG M 200 -32.83 -120.71 -15.50
N ALA M 201 -33.86 -121.13 -16.21
CA ALA M 201 -34.53 -120.24 -17.16
C ALA M 201 -35.15 -119.05 -16.44
N ASP M 202 -35.75 -119.29 -15.27
CA ASP M 202 -36.34 -118.19 -14.52
C ASP M 202 -35.30 -117.18 -14.07
N LEU M 203 -34.13 -117.66 -13.62
CA LEU M 203 -33.08 -116.74 -13.19
C LEU M 203 -32.45 -116.00 -14.37
N GLY M 204 -32.33 -116.65 -15.52
CA GLY M 204 -31.80 -115.98 -16.69
C GLY M 204 -32.68 -114.85 -17.19
N ALA M 205 -34.00 -115.04 -17.12
CA ALA M 205 -34.92 -114.00 -17.58
C ALA M 205 -34.81 -112.75 -16.72
N VAL M 206 -34.63 -112.91 -15.41
CA VAL M 206 -34.55 -111.76 -14.52
C VAL M 206 -33.31 -110.93 -14.83
N GLN M 207 -32.17 -111.59 -15.05
CA GLN M 207 -30.95 -110.83 -15.30
C GLN M 207 -30.90 -110.28 -16.72
N ASN M 208 -31.59 -110.91 -17.68
CA ASN M 208 -31.87 -110.22 -18.93
C ASN M 208 -32.75 -109.01 -18.69
N ARG M 209 -33.74 -109.15 -17.81
CA ARG M 209 -34.61 -108.04 -17.45
C ARG M 209 -33.82 -106.92 -16.77
N LEU M 210 -32.94 -107.27 -15.82
CA LEU M 210 -32.22 -106.25 -15.09
C LEU M 210 -31.23 -105.48 -15.95
N ALA M 211 -30.67 -106.13 -16.97
CA ALA M 211 -29.71 -105.44 -17.83
C ALA M 211 -30.35 -104.27 -18.57
N HIS M 212 -31.62 -104.41 -18.95
CA HIS M 212 -32.28 -103.34 -19.68
C HIS M 212 -32.63 -102.16 -18.78
N ASN M 213 -32.85 -102.39 -17.49
CA ASN M 213 -33.08 -101.29 -16.56
C ASN M 213 -31.84 -100.41 -16.44
N ILE M 214 -30.66 -101.02 -16.36
CA ILE M 214 -29.44 -100.25 -16.19
C ILE M 214 -29.20 -99.36 -17.39
N SER M 215 -29.37 -99.89 -18.60
CA SER M 215 -29.17 -99.09 -19.80
C SER M 215 -30.16 -97.94 -19.85
N ASN M 216 -31.43 -98.21 -19.51
CA ASN M 216 -32.42 -97.14 -19.48
C ASN M 216 -32.11 -96.11 -18.42
N SER M 217 -31.69 -96.56 -17.23
CA SER M 217 -31.36 -95.61 -16.16
C SER M 217 -30.13 -94.78 -16.49
N ALA M 218 -29.16 -95.35 -17.19
CA ALA M 218 -27.99 -94.58 -17.61
C ALA M 218 -28.37 -93.49 -18.60
N ASN M 219 -29.28 -93.80 -19.53
CA ASN M 219 -29.72 -92.80 -20.49
C ASN M 219 -30.49 -91.68 -19.80
N THR M 220 -31.46 -92.03 -18.95
CA THR M 220 -32.29 -91.00 -18.34
C THR M 220 -31.49 -90.13 -17.38
N GLN M 221 -30.42 -90.67 -16.79
CA GLN M 221 -29.58 -89.87 -15.91
C GLN M 221 -28.92 -88.72 -16.66
N ALA M 222 -28.43 -88.99 -17.87
CA ALA M 222 -27.75 -87.96 -18.64
C ALA M 222 -28.71 -86.84 -19.03
N ASN M 223 -29.93 -87.19 -19.45
CA ASN M 223 -30.89 -86.17 -19.87
C ASN M 223 -31.36 -85.31 -18.70
N VAL M 224 -31.53 -85.89 -17.51
CA VAL M 224 -31.89 -85.07 -16.36
C VAL M 224 -30.75 -84.14 -15.97
N ALA M 225 -29.51 -84.58 -16.14
CA ALA M 225 -28.38 -83.69 -15.89
C ALA M 225 -28.39 -82.50 -16.84
N ASP M 226 -28.78 -82.72 -18.10
CA ASP M 226 -28.99 -81.61 -19.02
C ASP M 226 -30.02 -80.62 -18.47
N ALA M 227 -31.18 -81.13 -18.07
CA ALA M 227 -32.25 -80.25 -17.62
C ALA M 227 -31.84 -79.47 -16.38
N LYS M 228 -31.14 -80.12 -15.45
CA LYS M 228 -30.75 -79.49 -14.20
C LYS M 228 -29.70 -78.42 -14.37
N SER M 229 -28.80 -78.56 -15.35
CA SER M 229 -27.74 -77.57 -15.52
C SER M 229 -28.26 -76.28 -16.15
N ARG M 230 -29.28 -76.37 -17.02
CA ARG M 230 -29.79 -75.16 -17.66
C ARG M 230 -30.43 -74.23 -16.64
N ILE M 231 -30.80 -74.75 -15.47
CA ILE M 231 -31.52 -73.95 -14.48
C ILE M 231 -30.57 -73.32 -13.47
N VAL M 232 -29.59 -74.07 -12.97
CA VAL M 232 -28.80 -73.62 -11.85
C VAL M 232 -27.37 -73.21 -12.21
N ASP M 233 -26.91 -73.52 -13.42
CA ASP M 233 -25.52 -73.31 -13.78
C ASP M 233 -25.36 -72.01 -14.56
N VAL M 234 -24.20 -71.38 -14.39
CA VAL M 234 -23.91 -70.11 -15.05
C VAL M 234 -23.34 -70.37 -16.43
N ASP M 235 -23.53 -69.42 -17.33
CA ASP M 235 -22.87 -69.39 -18.62
C ASP M 235 -21.74 -68.38 -18.52
N PHE M 236 -20.50 -68.84 -18.65
CA PHE M 236 -19.36 -67.95 -18.45
C PHE M 236 -19.33 -66.83 -19.49
N ALA M 237 -19.80 -67.11 -20.70
CA ALA M 237 -19.87 -66.07 -21.72
C ALA M 237 -20.77 -64.93 -21.24
N LYS M 238 -21.92 -65.29 -20.68
CA LYS M 238 -22.81 -64.28 -20.11
C LYS M 238 -22.17 -63.60 -18.91
N GLU M 239 -21.56 -64.38 -18.02
CA GLU M 239 -21.08 -63.83 -16.75
C GLU M 239 -19.83 -62.99 -16.93
N THR M 240 -18.91 -63.42 -17.79
CA THR M 240 -17.66 -62.68 -17.97
C THR M 240 -17.92 -61.30 -18.54
N SER M 241 -18.85 -61.20 -19.50
CA SER M 241 -19.19 -59.90 -20.06
C SER M 241 -19.75 -58.96 -19.00
N ALA M 242 -20.62 -59.48 -18.13
CA ALA M 242 -21.20 -58.65 -17.08
C ALA M 242 -20.14 -58.20 -16.10
N MET M 243 -19.20 -59.08 -15.74
CA MET M 243 -18.15 -58.73 -14.79
C MET M 243 -17.27 -57.61 -15.33
N THR M 244 -16.81 -57.73 -16.57
CA THR M 244 -16.09 -56.64 -17.20
C THR M 244 -16.98 -55.43 -17.41
N LYS M 245 -18.29 -55.66 -17.53
CA LYS M 245 -19.21 -54.56 -17.79
C LYS M 245 -19.25 -53.60 -16.62
N TYR M 246 -19.26 -54.15 -15.40
CA TYR M 246 -19.35 -53.37 -14.17
C TYR M 246 -18.02 -52.79 -13.72
N GLN M 247 -16.89 -53.40 -14.12
CA GLN M 247 -15.59 -52.87 -13.76
C GLN M 247 -15.40 -51.47 -14.33
N VAL M 248 -15.81 -51.26 -15.58
CA VAL M 248 -15.72 -49.94 -16.20
C VAL M 248 -16.61 -48.95 -15.46
N LEU M 249 -17.83 -49.37 -15.12
CA LEU M 249 -18.76 -48.49 -14.44
C LEU M 249 -18.23 -48.06 -13.07
N GLN M 250 -17.47 -48.93 -12.40
CA GLN M 250 -16.91 -48.58 -11.10
C GLN M 250 -15.89 -47.45 -11.22
N GLN M 251 -14.96 -47.56 -12.16
CA GLN M 251 -13.97 -46.51 -12.35
C GLN M 251 -14.62 -45.23 -12.85
N THR M 252 -15.64 -45.34 -13.69
CA THR M 252 -16.40 -44.16 -14.09
C THR M 252 -17.09 -43.53 -12.89
N GLY M 253 -17.71 -44.34 -12.03
CA GLY M 253 -18.38 -43.79 -10.87
C GLY M 253 -17.45 -43.13 -9.88
N SER M 254 -16.26 -43.69 -9.69
CA SER M 254 -15.31 -43.11 -8.76
C SER M 254 -14.78 -41.75 -9.22
N ALA M 255 -14.48 -41.62 -10.51
CA ALA M 255 -14.03 -40.33 -11.02
C ALA M 255 -15.12 -39.28 -10.95
N MET M 256 -16.37 -39.66 -11.26
CA MET M 256 -17.46 -38.71 -11.18
C MET M 256 -17.72 -38.26 -9.75
N LEU M 257 -17.67 -39.20 -8.80
CA LEU M 257 -17.92 -38.84 -7.40
C LEU M 257 -16.81 -37.96 -6.83
N ALA M 258 -15.55 -38.27 -7.13
CA ALA M 258 -14.46 -37.44 -6.62
C ALA M 258 -14.53 -36.03 -7.18
N GLN M 259 -14.88 -35.90 -8.46
CA GLN M 259 -14.95 -34.57 -9.07
C GLN M 259 -16.19 -33.82 -8.63
N ALA M 260 -17.28 -34.53 -8.34
CA ALA M 260 -18.49 -33.87 -7.88
C ALA M 260 -18.34 -33.37 -6.45
N ASN M 261 -17.40 -33.95 -5.69
CA ASN M 261 -17.22 -33.53 -4.31
C ASN M 261 -16.63 -32.14 -4.19
N GLN M 262 -15.85 -31.69 -5.16
CA GLN M 262 -15.23 -30.37 -5.11
C GLN M 262 -16.02 -29.32 -5.89
N LEU M 263 -17.29 -29.57 -6.16
CA LEU M 263 -18.20 -28.55 -6.68
C LEU M 263 -18.35 -27.36 -5.74
N PRO M 264 -18.55 -27.54 -4.42
CA PRO M 264 -18.79 -26.38 -3.56
C PRO M 264 -17.60 -25.43 -3.41
N GLN M 265 -16.43 -25.77 -3.94
CA GLN M 265 -15.29 -24.87 -3.85
C GLN M 265 -15.45 -23.63 -4.70
N VAL M 266 -16.47 -23.58 -5.56
CA VAL M 266 -16.76 -22.35 -6.29
C VAL M 266 -17.10 -21.22 -5.34
N ALA M 267 -17.74 -21.54 -4.21
CA ALA M 267 -18.13 -20.52 -3.23
C ALA M 267 -16.93 -19.77 -2.67
N LEU M 268 -15.75 -20.37 -2.65
CA LEU M 268 -14.55 -19.69 -2.18
C LEU M 268 -14.04 -18.65 -3.17
N SER M 269 -14.40 -18.76 -4.45
CA SER M 269 -13.95 -17.77 -5.42
C SER M 269 -14.62 -16.43 -5.21
N LEU M 270 -15.88 -16.42 -4.75
CA LEU M 270 -16.63 -15.18 -4.58
C LEU M 270 -16.35 -14.59 -3.20
N LEU M 271 -15.06 -14.39 -2.92
CA LEU M 271 -14.61 -13.69 -1.73
C LEU M 271 -15.16 -14.36 -0.47
N GLY M 272 -14.70 -15.57 -0.19
CA GLY M 272 -15.07 -16.27 1.03
C GLY M 272 -16.55 -16.56 1.17
N ALA N 1 -32.55 30.38 9.01
CA ALA N 1 -32.53 28.94 9.28
C ALA N 1 -31.14 28.49 9.69
N ILE N 2 -30.48 29.28 10.53
CA ILE N 2 -29.15 28.93 11.03
C ILE N 2 -29.23 28.72 12.54
N THR N 3 -29.33 27.47 12.97
CA THR N 3 -29.52 27.16 14.37
C THR N 3 -28.30 26.44 14.93
N VAL N 4 -28.13 26.53 16.25
CA VAL N 4 -27.02 25.90 16.94
C VAL N 4 -27.52 25.04 18.08
N ASN N 5 -28.81 24.72 18.09
CA ASN N 5 -29.38 23.87 19.12
C ASN N 5 -29.83 22.51 18.61
N THR N 6 -30.30 22.41 17.37
CA THR N 6 -30.71 21.15 16.79
C THR N 6 -30.09 20.99 15.40
N ASN N 7 -29.62 19.78 15.10
CA ASN N 7 -29.04 19.44 13.81
C ASN N 7 -29.85 18.29 13.24
N VAL N 8 -30.94 18.63 12.54
CA VAL N 8 -31.80 17.60 11.97
C VAL N 8 -31.11 16.87 10.82
N THR N 9 -30.19 17.55 10.14
CA THR N 9 -29.38 16.88 9.12
C THR N 9 -28.61 15.72 9.73
N SER N 10 -28.05 15.91 10.93
CA SER N 10 -27.38 14.83 11.62
C SER N 10 -28.35 13.72 12.00
N MET N 11 -29.55 14.08 12.45
CA MET N 11 -30.52 13.08 12.86
C MET N 11 -30.89 12.16 11.70
N LYS N 12 -31.14 12.73 10.52
CA LYS N 12 -31.44 11.90 9.36
C LYS N 12 -30.22 11.10 8.93
N ALA N 13 -29.03 11.70 9.01
CA ALA N 13 -27.82 10.99 8.62
C ALA N 13 -27.55 9.81 9.56
N GLN N 14 -27.82 9.98 10.86
CA GLN N 14 -27.57 8.89 11.81
C GLN N 14 -28.43 7.68 11.50
N LYS N 15 -29.70 7.91 11.16
CA LYS N 15 -30.61 6.80 10.90
C LYS N 15 -30.15 5.97 9.70
N ASN N 16 -29.69 6.64 8.65
CA ASN N 16 -29.25 5.93 7.45
C ASN N 16 -28.03 5.06 7.75
N LEU N 17 -27.11 5.56 8.57
CA LEU N 17 -25.93 4.77 8.93
C LEU N 17 -26.32 3.54 9.73
N ASN N 18 -27.30 3.68 10.63
CA ASN N 18 -27.74 2.52 11.42
C ASN N 18 -28.34 1.44 10.54
N THR N 19 -29.14 1.84 9.55
CA THR N 19 -29.74 0.85 8.65
C THR N 19 -28.68 0.12 7.83
N SER N 20 -27.68 0.84 7.32
CA SER N 20 -26.63 0.21 6.55
C SER N 20 -25.74 -0.71 7.39
N ASN N 21 -25.52 -0.35 8.65
CA ASN N 21 -24.74 -1.20 9.54
C ASN N 21 -25.47 -2.48 9.91
N SER N 22 -26.78 -2.39 10.14
CA SER N 22 -27.56 -3.57 10.48
C SER N 22 -27.65 -4.55 9.32
N GLY N 23 -27.76 -4.04 8.09
CA GLY N 23 -27.79 -4.89 6.92
C GLY N 23 -26.48 -5.62 6.69
N LEU N 24 -25.37 -4.93 6.97
CA LEU N 24 -24.06 -5.56 6.84
C LEU N 24 -23.91 -6.69 7.86
N SER N 25 -24.38 -6.47 9.08
CA SER N 25 -24.24 -7.48 10.13
C SER N 25 -25.02 -8.74 9.80
N THR N 26 -26.26 -8.58 9.34
CA THR N 26 -27.09 -9.76 9.08
C THR N 26 -26.58 -10.56 7.89
N SER N 27 -25.89 -9.91 6.96
CA SER N 27 -25.34 -10.64 5.82
C SER N 27 -24.14 -11.51 6.23
N MET N 28 -23.35 -11.05 7.19
CA MET N 28 -22.18 -11.82 7.60
C MET N 28 -22.56 -13.11 8.30
N GLU N 29 -23.57 -13.07 9.17
CA GLU N 29 -23.97 -14.27 9.89
C GLU N 29 -24.62 -15.30 8.97
N ARG N 30 -25.37 -14.85 7.97
CA ARG N 30 -25.87 -15.78 6.96
C ARG N 30 -24.74 -16.42 6.19
N LEU N 31 -23.70 -15.67 5.86
CA LEU N 31 -22.54 -16.22 5.18
C LEU N 31 -21.68 -17.10 6.07
N SER N 32 -21.60 -16.79 7.36
CA SER N 32 -20.72 -17.55 8.25
C SER N 32 -21.29 -18.92 8.59
N SER N 33 -22.61 -19.10 8.50
CA SER N 33 -23.23 -20.37 8.79
C SER N 33 -23.69 -21.08 7.52
N GLY N 34 -24.39 -20.38 6.64
CA GLY N 34 -24.84 -20.96 5.39
C GLY N 34 -26.33 -21.22 5.37
N LEU N 35 -27.07 -20.55 6.26
CA LEU N 35 -28.50 -20.72 6.37
C LEU N 35 -29.20 -19.38 6.22
N ARG N 36 -30.21 -19.33 5.36
CA ARG N 36 -31.01 -18.13 5.24
C ARG N 36 -31.90 -17.91 6.45
N ILE N 37 -32.58 -18.96 6.91
CA ILE N 37 -33.44 -18.86 8.08
C ILE N 37 -32.64 -19.19 9.34
N ASN N 38 -31.92 -18.20 9.85
CA ASN N 38 -31.18 -18.39 11.10
C ASN N 38 -32.14 -18.34 12.28
N SER N 39 -32.91 -17.27 12.36
CA SER N 39 -33.91 -17.10 13.42
C SER N 39 -35.30 -16.99 12.81
N ALA N 40 -36.27 -16.73 13.68
CA ALA N 40 -37.65 -16.54 13.26
C ALA N 40 -37.91 -15.15 12.70
N LYS N 41 -36.86 -14.31 12.57
CA LYS N 41 -37.02 -13.04 11.87
C LYS N 41 -37.54 -13.29 10.46
N ASP N 42 -36.96 -14.28 9.78
CA ASP N 42 -37.20 -14.60 8.39
C ASP N 42 -38.48 -15.41 8.24
N ASP N 43 -38.62 -16.11 7.11
CA ASP N 43 -39.84 -16.81 6.77
C ASP N 43 -40.36 -17.62 7.94
N ALA N 44 -41.52 -17.22 8.48
CA ALA N 44 -42.13 -17.95 9.58
C ALA N 44 -42.62 -19.31 9.11
N ALA N 45 -43.18 -19.38 7.91
CA ALA N 45 -43.64 -20.64 7.35
C ALA N 45 -42.51 -21.51 6.87
N GLY N 46 -41.38 -20.92 6.49
CA GLY N 46 -40.27 -21.71 5.98
C GLY N 46 -39.68 -22.64 7.02
N LEU N 47 -39.50 -22.14 8.25
CA LEU N 47 -38.90 -22.96 9.29
C LEU N 47 -39.83 -24.09 9.70
N ALA N 48 -41.14 -23.84 9.69
CA ALA N 48 -42.09 -24.89 10.02
C ALA N 48 -42.06 -26.00 8.98
N ILE N 49 -42.03 -25.63 7.70
CA ILE N 49 -41.95 -26.63 6.64
C ILE N 49 -40.63 -27.39 6.71
N SER N 50 -39.54 -26.68 6.98
CA SER N 50 -38.23 -27.32 7.01
C SER N 50 -38.13 -28.35 8.12
N ASN N 51 -38.83 -28.11 9.23
CA ASN N 51 -38.78 -29.04 10.35
C ASN N 51 -39.37 -30.40 9.95
N ARG N 52 -40.50 -30.39 9.26
CA ARG N 52 -41.07 -31.65 8.77
C ARG N 52 -40.20 -32.29 7.70
N LEU N 53 -39.62 -31.50 6.80
CA LEU N 53 -38.69 -32.06 5.83
C LEU N 53 -37.46 -32.63 6.51
N ASN N 54 -36.98 -31.98 7.56
CA ASN N 54 -35.86 -32.52 8.32
C ASN N 54 -36.22 -33.85 8.96
N SER N 55 -37.45 -33.98 9.46
CA SER N 55 -37.89 -35.25 10.02
C SER N 55 -37.91 -36.35 8.98
N GLN N 56 -38.35 -36.04 7.76
CA GLN N 56 -38.40 -37.05 6.71
C GLN N 56 -36.99 -37.50 6.32
N VAL N 57 -36.06 -36.56 6.19
CA VAL N 57 -34.70 -36.92 5.79
C VAL N 57 -34.04 -37.80 6.84
N ARG N 58 -34.10 -37.38 8.11
CA ARG N 58 -33.52 -38.19 9.18
C ARG N 58 -34.35 -39.43 9.44
N GLY N 59 -35.67 -39.34 9.27
CA GLY N 59 -36.52 -40.50 9.46
C GLY N 59 -36.20 -41.61 8.47
N LEU N 60 -35.99 -41.26 7.21
CA LEU N 60 -35.62 -42.27 6.21
C LEU N 60 -34.27 -42.88 6.51
N GLU N 61 -33.30 -42.09 6.97
CA GLU N 61 -31.97 -42.60 7.20
C GLU N 61 -31.98 -43.70 8.27
N VAL N 62 -32.74 -43.50 9.33
CA VAL N 62 -32.90 -44.57 10.32
C VAL N 62 -33.69 -45.73 9.73
N GLY N 63 -34.67 -45.43 8.87
CA GLY N 63 -35.44 -46.48 8.24
C GLY N 63 -34.61 -47.34 7.32
N MET N 64 -33.61 -46.73 6.65
CA MET N 64 -32.72 -47.51 5.80
C MET N 64 -31.96 -48.55 6.60
N ARG N 65 -31.36 -48.14 7.72
CA ARG N 65 -30.65 -49.09 8.57
C ARG N 65 -31.60 -50.11 9.17
N ASN N 66 -32.85 -49.74 9.38
CA ASN N 66 -33.84 -50.68 9.90
C ASN N 66 -34.06 -51.85 8.94
N ALA N 67 -34.09 -51.59 7.64
CA ALA N 67 -34.28 -52.62 6.64
C ALA N 67 -33.02 -53.42 6.34
N ASN N 68 -31.85 -52.80 6.40
CA ASN N 68 -30.62 -53.56 6.27
C ASN N 68 -30.47 -54.62 7.34
N ASP N 69 -30.99 -54.37 8.54
CA ASP N 69 -31.04 -55.37 9.60
C ASP N 69 -31.94 -56.54 9.24
N ALA N 70 -33.09 -56.27 8.64
CA ALA N 70 -34.01 -57.35 8.28
C ALA N 70 -33.41 -58.24 7.19
N ILE N 71 -32.63 -57.66 6.29
CA ILE N 71 -32.00 -58.41 5.22
C ILE N 71 -31.03 -59.42 5.81
N SER N 72 -30.25 -58.98 6.80
CA SER N 72 -29.26 -59.86 7.42
C SER N 72 -29.92 -61.03 8.14
N ILE N 73 -31.04 -60.79 8.83
CA ILE N 73 -31.73 -61.88 9.51
C ILE N 73 -32.22 -62.91 8.51
N ALA N 74 -32.85 -62.47 7.43
CA ALA N 74 -33.30 -63.40 6.40
C ALA N 74 -32.14 -64.09 5.71
N GLN N 75 -30.98 -63.43 5.64
CA GLN N 75 -29.81 -64.04 5.01
C GLN N 75 -29.29 -65.21 5.83
N ILE N 76 -29.25 -65.07 7.16
CA ILE N 76 -28.70 -66.14 7.99
C ILE N 76 -29.62 -67.35 8.02
N ALA N 77 -30.94 -67.12 8.14
CA ALA N 77 -31.88 -68.23 8.20
C ALA N 77 -31.86 -69.03 6.90
N GLU N 78 -31.77 -68.33 5.76
CA GLU N 78 -31.71 -69.01 4.48
C GLU N 78 -30.46 -69.88 4.37
N GLY N 79 -29.32 -69.37 4.85
CA GLY N 79 -28.09 -70.13 4.78
C GLY N 79 -28.14 -71.42 5.55
N ALA N 80 -28.76 -71.40 6.74
CA ALA N 80 -28.83 -72.60 7.56
C ALA N 80 -29.74 -73.66 6.93
N MET N 81 -30.83 -73.25 6.29
CA MET N 81 -31.75 -74.23 5.70
C MET N 81 -31.12 -74.95 4.52
N GLN N 82 -30.12 -74.35 3.88
CA GLN N 82 -29.44 -75.04 2.79
C GLN N 82 -28.72 -76.29 3.28
N GLU N 83 -28.07 -76.20 4.45
CA GLU N 83 -27.35 -77.36 4.96
C GLU N 83 -28.31 -78.45 5.43
N GLN N 84 -29.49 -78.08 5.93
CA GLN N 84 -30.48 -79.08 6.28
C GLN N 84 -30.98 -79.82 5.05
N THR N 85 -31.05 -79.13 3.91
CA THR N 85 -31.49 -79.77 2.68
C THR N 85 -30.48 -80.82 2.19
N ASN N 86 -29.19 -80.52 2.26
CA ASN N 86 -28.19 -81.49 1.81
C ASN N 86 -28.17 -82.75 2.66
N MET N 87 -28.29 -82.64 3.99
CA MET N 87 -28.32 -83.83 4.83
C MET N 87 -29.59 -84.64 4.62
N LEU N 88 -30.72 -83.98 4.34
CA LEU N 88 -31.94 -84.73 4.04
C LEU N 88 -31.80 -85.53 2.76
N GLN N 89 -31.07 -85.00 1.77
CA GLN N 89 -30.86 -85.75 0.54
C GLN N 89 -30.04 -87.01 0.80
N ARG N 90 -29.05 -86.93 1.67
CA ARG N 90 -28.26 -88.11 2.01
C ARG N 90 -29.10 -89.17 2.73
N MET N 91 -30.08 -88.76 3.52
CA MET N 91 -30.99 -89.72 4.14
C MET N 91 -31.84 -90.45 3.11
N ARG N 92 -32.20 -89.77 2.02
CA ARG N 92 -32.94 -90.44 0.95
C ARG N 92 -32.12 -91.56 0.32
N ASP N 93 -30.83 -91.32 0.06
CA ASP N 93 -29.98 -92.34 -0.52
C ASP N 93 -29.83 -93.55 0.39
N LEU N 94 -29.67 -93.32 1.70
CA LEU N 94 -29.55 -94.43 2.63
C LEU N 94 -30.81 -95.28 2.68
N THR N 95 -31.99 -94.65 2.65
CA THR N 95 -33.23 -95.41 2.58
C THR N 95 -33.34 -96.22 1.30
N ILE N 96 -32.94 -95.66 0.17
CA ILE N 96 -32.90 -96.43 -1.07
C ILE N 96 -31.85 -97.53 -0.97
N GLN N 97 -30.68 -97.22 -0.42
CA GLN N 97 -29.64 -98.23 -0.26
C GLN N 97 -30.03 -99.32 0.73
N SER N 98 -30.90 -99.01 1.69
CA SER N 98 -31.29 -99.98 2.71
C SER N 98 -32.34 -100.95 2.23
N GLU N 99 -32.59 -101.05 0.92
CA GLU N 99 -33.67 -101.85 0.41
C GLU N 99 -33.12 -103.05 -0.38
N ASN N 100 -31.82 -103.28 -0.33
CA ASN N 100 -31.23 -104.45 -0.96
C ASN N 100 -31.76 -105.72 -0.33
N GLY N 101 -31.90 -106.77 -1.13
CA GLY N 101 -32.24 -108.07 -0.62
C GLY N 101 -31.02 -108.90 -0.28
N ALA N 102 -29.84 -108.35 -0.53
CA ALA N 102 -28.59 -109.01 -0.17
C ALA N 102 -28.01 -108.52 1.13
N ASN N 103 -28.69 -107.59 1.80
CA ASN N 103 -28.25 -107.09 3.10
C ASN N 103 -28.56 -108.14 4.16
N SER N 104 -28.28 -107.82 5.42
CA SER N 104 -28.61 -108.70 6.51
C SER N 104 -29.09 -107.85 7.68
N THR N 105 -29.49 -108.52 8.76
CA THR N 105 -29.97 -107.79 9.93
C THR N 105 -28.90 -106.89 10.50
N ALA N 106 -27.65 -107.38 10.55
CA ALA N 106 -26.55 -106.55 11.03
C ALA N 106 -26.23 -105.40 10.09
N ASP N 107 -26.44 -105.58 8.79
CA ASP N 107 -26.16 -104.52 7.84
C ASP N 107 -27.14 -103.37 7.97
N LEU N 108 -28.42 -103.67 8.21
CA LEU N 108 -29.42 -102.62 8.35
C LEU N 108 -29.17 -101.77 9.59
N VAL N 109 -28.61 -102.37 10.65
CA VAL N 109 -28.32 -101.61 11.85
C VAL N 109 -27.24 -100.56 11.60
N SER N 110 -26.20 -100.90 10.84
CA SER N 110 -25.15 -99.95 10.53
C SER N 110 -25.67 -98.76 9.74
N ILE N 111 -26.58 -98.99 8.80
CA ILE N 111 -27.15 -97.88 8.04
C ILE N 111 -27.98 -96.98 8.94
N LYS N 112 -28.73 -97.57 9.88
CA LYS N 112 -29.51 -96.75 10.80
C LYS N 112 -28.63 -95.91 11.71
N ALA N 113 -27.49 -96.46 12.14
CA ALA N 113 -26.56 -95.70 12.98
C ALA N 113 -26.03 -94.46 12.28
N GLU N 114 -26.06 -94.43 10.96
CA GLU N 114 -25.70 -93.25 10.18
C GLU N 114 -26.87 -92.28 10.06
N MET N 115 -28.05 -92.79 9.70
CA MET N 115 -29.24 -91.94 9.63
C MET N 115 -29.51 -91.27 10.97
N ASP N 116 -29.24 -91.98 12.07
CA ASP N 116 -29.57 -91.46 13.39
C ASP N 116 -28.76 -90.21 13.71
N GLN N 117 -27.47 -90.20 13.37
CA GLN N 117 -26.64 -89.03 13.65
C GLN N 117 -26.92 -87.86 12.73
N LEU N 118 -27.33 -88.11 11.48
CA LEU N 118 -27.70 -87.01 10.61
C LEU N 118 -28.93 -86.27 11.11
N ALA N 119 -29.91 -86.97 11.66
CA ALA N 119 -31.08 -86.33 12.24
C ALA N 119 -30.72 -85.52 13.48
N THR N 120 -29.67 -85.90 14.20
CA THR N 120 -29.24 -85.13 15.37
C THR N 120 -28.76 -83.73 14.97
N GLU N 121 -28.03 -83.61 13.86
CA GLU N 121 -27.58 -82.30 13.43
C GLU N 121 -28.69 -81.41 12.92
N ILE N 122 -29.71 -81.99 12.27
CA ILE N 122 -30.85 -81.17 11.88
C ILE N 122 -31.48 -80.53 13.12
N ASP N 123 -31.51 -81.27 14.23
CA ASP N 123 -31.83 -80.66 15.51
C ASP N 123 -30.79 -79.63 15.92
N SER N 124 -29.50 -79.93 15.73
CA SER N 124 -28.45 -79.06 16.25
C SER N 124 -28.40 -77.72 15.50
N ILE N 125 -28.58 -77.72 14.18
CA ILE N 125 -28.61 -76.47 13.46
C ILE N 125 -29.83 -75.64 13.86
N GLY N 126 -30.98 -76.30 14.02
CA GLY N 126 -32.20 -75.61 14.39
C GLY N 126 -32.10 -74.89 15.71
N ASN N 127 -31.40 -75.46 16.66
CA ASN N 127 -31.26 -74.87 17.98
C ASN N 127 -30.06 -73.95 18.12
N SER N 128 -29.27 -73.77 17.06
CA SER N 128 -28.03 -73.00 17.17
C SER N 128 -28.08 -71.70 16.38
N THR N 129 -28.68 -71.74 15.18
CA THR N 129 -28.69 -70.58 14.29
C THR N 129 -29.25 -69.35 15.00
N ALA N 130 -28.43 -68.32 15.17
CA ALA N 130 -28.81 -67.17 15.96
C ALA N 130 -28.18 -65.92 15.36
N PHE N 131 -28.77 -64.78 15.70
CA PHE N 131 -28.30 -63.46 15.30
C PHE N 131 -27.71 -62.82 16.56
N GLY N 132 -26.44 -63.08 16.82
CA GLY N 132 -25.82 -62.60 18.03
C GLY N 132 -26.25 -63.40 19.24
N ASN N 133 -27.49 -63.20 19.68
CA ASN N 133 -27.98 -64.01 20.81
C ASN N 133 -29.44 -64.41 20.65
N THR N 134 -30.08 -64.14 19.52
CA THR N 134 -31.49 -64.45 19.33
C THR N 134 -31.61 -65.63 18.37
N LYS N 135 -32.21 -66.72 18.83
CA LYS N 135 -32.39 -67.92 18.01
C LYS N 135 -33.48 -67.66 16.99
N LEU N 136 -33.21 -67.97 15.72
CA LEU N 136 -34.11 -67.62 14.64
C LEU N 136 -34.95 -68.77 14.11
N LEU N 137 -34.63 -70.02 14.45
CA LEU N 137 -35.32 -71.17 13.88
C LEU N 137 -36.06 -71.98 14.93
N THR N 138 -36.31 -71.40 16.11
CA THR N 138 -36.97 -72.14 17.18
C THR N 138 -38.36 -71.59 17.49
N GLY N 139 -38.97 -70.87 16.56
CA GLY N 139 -40.35 -70.49 16.67
C GLY N 139 -40.61 -69.11 17.24
N THR N 140 -39.57 -68.38 17.63
CA THR N 140 -39.79 -67.03 18.12
C THR N 140 -40.13 -66.08 16.96
N PHE N 141 -39.93 -66.55 15.73
CA PHE N 141 -40.37 -65.81 14.55
C PHE N 141 -41.53 -66.53 13.88
N SER N 142 -42.26 -67.36 14.61
CA SER N 142 -43.44 -68.02 14.07
C SER N 142 -44.54 -67.03 13.69
N ALA N 143 -44.79 -66.03 14.53
CA ALA N 143 -45.69 -64.93 14.22
C ALA N 143 -44.81 -63.74 13.86
N GLY N 144 -44.75 -63.44 12.57
CA GLY N 144 -43.78 -62.50 12.01
C GLY N 144 -43.50 -61.26 12.82
N LYS N 145 -42.22 -60.97 13.02
CA LYS N 145 -41.82 -59.76 13.71
C LYS N 145 -41.85 -58.57 12.75
N VAL N 146 -41.73 -57.37 13.31
CA VAL N 146 -42.03 -56.15 12.56
C VAL N 146 -40.78 -55.25 12.53
N PHE N 147 -40.49 -54.75 11.33
CA PHE N 147 -39.47 -53.72 11.12
C PHE N 147 -40.11 -52.52 10.45
N GLN N 148 -39.76 -51.32 10.91
CA GLN N 148 -40.31 -50.09 10.35
C GLN N 148 -39.32 -49.47 9.39
N VAL N 149 -39.73 -49.28 8.14
CA VAL N 149 -38.85 -48.81 7.08
C VAL N 149 -39.20 -47.42 6.59
N GLY N 150 -40.23 -46.80 7.15
CA GLY N 150 -40.61 -45.45 6.82
C GLY N 150 -40.38 -44.53 8.00
N HIS N 151 -40.84 -43.28 7.86
CA HIS N 151 -40.72 -42.31 8.93
C HIS N 151 -42.03 -42.05 9.65
N GLN N 152 -43.09 -42.77 9.34
CA GLN N 152 -44.37 -42.62 9.99
C GLN N 152 -44.92 -43.98 10.40
N GLU N 153 -45.93 -43.95 11.27
CA GLU N 153 -46.55 -45.18 11.74
C GLU N 153 -47.21 -45.92 10.57
N GLY N 154 -47.16 -47.24 10.63
CA GLY N 154 -47.79 -48.08 9.64
C GLY N 154 -46.92 -48.46 8.46
N GLU N 155 -45.71 -47.94 8.37
CA GLU N 155 -44.79 -48.29 7.29
C GLU N 155 -43.89 -49.42 7.80
N ASP N 156 -44.44 -50.63 7.86
CA ASP N 156 -43.75 -51.76 8.47
C ASP N 156 -43.65 -52.92 7.50
N ILE N 157 -42.64 -53.76 7.73
CA ILE N 157 -42.42 -55.00 7.00
C ILE N 157 -42.37 -56.14 8.00
N LYS N 158 -43.01 -57.25 7.64
CA LYS N 158 -43.12 -58.40 8.53
C LYS N 158 -42.34 -59.58 7.97
N VAL N 159 -41.49 -60.17 8.82
CA VAL N 159 -40.68 -61.32 8.45
C VAL N 159 -41.10 -62.49 9.32
N THR N 160 -41.53 -63.58 8.69
CA THR N 160 -42.01 -64.77 9.39
C THR N 160 -41.11 -65.95 9.07
N VAL N 161 -40.58 -66.59 10.11
CA VAL N 161 -39.75 -67.79 9.97
C VAL N 161 -40.36 -68.87 10.83
N LYS N 162 -40.88 -69.91 10.20
CA LYS N 162 -41.48 -71.01 10.95
C LYS N 162 -40.40 -71.90 11.54
N ALA N 163 -40.74 -72.58 12.63
CA ALA N 163 -39.78 -73.45 13.30
C ALA N 163 -39.40 -74.61 12.41
N SER N 164 -38.11 -74.92 12.37
CA SER N 164 -37.59 -76.00 11.54
C SER N 164 -36.54 -76.78 12.32
N ASN N 165 -36.93 -77.93 12.83
CA ASN N 165 -36.04 -78.84 13.55
C ASN N 165 -36.58 -80.25 13.35
N LYS N 166 -35.96 -81.22 14.02
CA LYS N 166 -36.26 -82.62 13.70
C LYS N 166 -37.67 -83.02 14.13
N THR N 167 -38.13 -82.56 15.30
CA THR N 167 -39.51 -82.87 15.68
C THR N 167 -40.51 -82.14 14.81
N SER N 168 -40.17 -80.92 14.37
CA SER N 168 -41.06 -80.15 13.52
C SER N 168 -41.26 -80.83 12.16
N LEU N 169 -40.17 -81.30 11.56
CA LEU N 169 -40.20 -81.88 10.22
C LEU N 169 -40.64 -83.34 10.22
N SER N 170 -41.19 -83.83 11.33
CA SER N 170 -41.70 -85.19 11.45
C SER N 170 -40.61 -86.22 11.16
N VAL N 171 -39.44 -85.99 11.74
CA VAL N 171 -38.35 -86.97 11.73
C VAL N 171 -37.85 -87.13 13.15
N GLY N 172 -37.12 -88.21 13.41
CA GLY N 172 -36.67 -88.49 14.76
C GLY N 172 -36.92 -89.94 15.12
N ALA N 173 -37.91 -90.53 14.46
CA ALA N 173 -38.18 -91.97 14.57
C ALA N 173 -38.28 -92.53 13.16
N LEU N 174 -37.15 -92.97 12.61
CA LEU N 174 -37.09 -93.53 11.27
C LEU N 174 -36.40 -94.88 11.34
N ASN N 175 -37.17 -95.95 11.10
CA ASN N 175 -36.64 -97.29 11.06
C ASN N 175 -36.61 -97.81 9.63
N ASN N 176 -35.84 -98.87 9.41
CA ASN N 176 -35.73 -99.47 8.09
C ASN N 176 -35.70 -101.00 8.15
N ALA N 177 -36.37 -101.61 9.12
CA ALA N 177 -36.35 -103.06 9.27
C ALA N 177 -37.37 -103.73 8.37
N THR N 178 -38.65 -103.44 8.56
CA THR N 178 -39.71 -104.11 7.83
C THR N 178 -39.98 -103.44 6.48
N SER N 179 -40.81 -104.08 5.66
CA SER N 179 -41.18 -103.48 4.38
C SER N 179 -41.96 -102.19 4.58
N ALA N 180 -42.90 -102.18 5.52
CA ALA N 180 -43.73 -101.01 5.75
C ALA N 180 -42.92 -99.87 6.36
N ASN N 181 -41.88 -100.21 7.12
CA ASN N 181 -41.08 -99.18 7.78
C ASN N 181 -40.35 -98.30 6.78
N ARG N 182 -39.78 -98.89 5.74
CA ARG N 182 -39.06 -98.09 4.75
C ARG N 182 -40.00 -97.25 3.91
N ALA N 183 -41.17 -97.78 3.56
CA ALA N 183 -42.12 -97.02 2.75
C ALA N 183 -42.60 -95.78 3.48
N SER N 184 -42.88 -95.90 4.79
CA SER N 184 -43.33 -94.75 5.56
C SER N 184 -42.21 -93.72 5.71
N SER N 185 -40.97 -94.19 5.88
CA SER N 185 -39.84 -93.27 6.07
C SER N 185 -39.60 -92.44 4.82
N LEU N 186 -39.73 -93.04 3.63
CA LEU N 186 -39.45 -92.32 2.40
C LEU N 186 -40.43 -91.17 2.18
N ALA N 187 -41.71 -91.36 2.51
CA ALA N 187 -42.69 -90.30 2.30
C ALA N 187 -42.41 -89.10 3.19
N LYS N 188 -42.02 -89.33 4.44
CA LYS N 188 -41.81 -88.22 5.36
C LYS N 188 -40.61 -87.37 4.97
N ILE N 189 -39.55 -87.99 4.45
CA ILE N 189 -38.40 -87.23 3.98
C ILE N 189 -38.77 -86.36 2.79
N ASP N 190 -39.54 -86.91 1.86
CA ASP N 190 -39.97 -86.12 0.71
C ASP N 190 -40.83 -84.94 1.14
N ALA N 191 -41.73 -85.15 2.09
CA ALA N 191 -42.53 -84.05 2.60
C ALA N 191 -41.66 -83.03 3.34
N ALA N 192 -40.56 -83.49 3.95
CA ALA N 192 -39.66 -82.57 4.64
C ALA N 192 -38.99 -81.60 3.68
N ILE N 193 -38.53 -82.09 2.52
CA ILE N 193 -37.88 -81.22 1.55
C ILE N 193 -38.85 -80.19 1.01
N LYS N 194 -40.11 -80.58 0.80
CA LYS N 194 -41.09 -79.62 0.30
C LYS N 194 -41.33 -78.49 1.29
N THR N 195 -41.41 -78.81 2.58
CA THR N 195 -41.66 -77.78 3.58
C THR N 195 -40.52 -76.78 3.64
N ILE N 196 -39.27 -77.25 3.61
CA ILE N 196 -38.13 -76.34 3.61
C ILE N 196 -38.11 -75.50 2.35
N ASP N 197 -38.44 -76.11 1.22
CA ASP N 197 -38.42 -75.40 -0.06
C ASP N 197 -39.38 -74.22 -0.04
N SER N 198 -40.59 -74.42 0.48
CA SER N 198 -41.55 -73.33 0.55
C SER N 198 -41.09 -72.24 1.50
N GLN N 199 -40.41 -72.62 2.58
CA GLN N 199 -39.90 -71.63 3.53
C GLN N 199 -38.84 -70.74 2.89
N ARG N 200 -37.95 -71.34 2.10
CA ARG N 200 -36.90 -70.56 1.45
C ARG N 200 -37.49 -69.58 0.46
N ALA N 201 -38.52 -69.99 -0.29
CA ALA N 201 -39.16 -69.10 -1.24
C ALA N 201 -39.79 -67.90 -0.54
N ASP N 202 -40.42 -68.13 0.62
CA ASP N 202 -41.01 -67.04 1.36
C ASP N 202 -39.97 -66.03 1.83
N LEU N 203 -38.82 -66.51 2.30
CA LEU N 203 -37.77 -65.60 2.76
C LEU N 203 -37.12 -64.86 1.60
N GLY N 204 -36.98 -65.52 0.45
CA GLY N 204 -36.41 -64.85 -0.71
C GLY N 204 -37.28 -63.72 -1.22
N ALA N 205 -38.60 -63.90 -1.19
CA ALA N 205 -39.50 -62.86 -1.67
C ALA N 205 -39.40 -61.60 -0.81
N VAL N 206 -39.26 -61.77 0.51
CA VAL N 206 -39.18 -60.61 1.40
C VAL N 206 -37.93 -59.79 1.11
N GLN N 207 -36.80 -60.46 0.93
CA GLN N 207 -35.56 -59.71 0.70
C GLN N 207 -35.48 -59.15 -0.72
N ASN N 208 -36.15 -59.78 -1.68
CA ASN N 208 -36.40 -59.09 -2.94
C ASN N 208 -37.28 -57.88 -2.73
N ARG N 209 -38.29 -58.02 -1.87
CA ARG N 209 -39.15 -56.90 -1.53
C ARG N 209 -38.38 -55.79 -0.82
N LEU N 210 -37.53 -56.13 0.14
CA LEU N 210 -36.81 -55.12 0.90
C LEU N 210 -35.80 -54.36 0.05
N ALA N 211 -35.22 -55.01 -0.96
CA ALA N 211 -34.23 -54.33 -1.80
C ALA N 211 -34.85 -53.16 -2.55
N HIS N 212 -36.11 -53.28 -2.96
CA HIS N 212 -36.77 -52.21 -3.70
C HIS N 212 -37.11 -51.02 -2.80
N ASN N 213 -37.38 -51.26 -1.52
CA ASN N 213 -37.61 -50.15 -0.59
C ASN N 213 -36.37 -49.28 -0.45
N ILE N 214 -35.20 -49.90 -0.34
CA ILE N 214 -33.97 -49.13 -0.14
C ILE N 214 -33.70 -48.24 -1.34
N SER N 215 -33.85 -48.77 -2.55
CA SER N 215 -33.62 -47.98 -3.75
C SER N 215 -34.60 -46.82 -3.82
N ASN N 216 -35.87 -47.09 -3.51
CA ASN N 216 -36.87 -46.01 -3.51
C ASN N 216 -36.58 -44.97 -2.43
N SER N 217 -36.18 -45.43 -1.24
CA SER N 217 -35.86 -44.49 -0.16
C SER N 217 -34.63 -43.66 -0.46
N ALA N 218 -33.63 -44.24 -1.14
CA ALA N 218 -32.46 -43.47 -1.52
C ALA N 218 -32.81 -42.38 -2.52
N ASN N 219 -33.69 -42.69 -3.48
CA ASN N 219 -34.12 -41.68 -4.45
C ASN N 219 -34.89 -40.56 -3.78
N THR N 220 -35.88 -40.91 -2.94
CA THR N 220 -36.72 -39.87 -2.35
C THR N 220 -35.94 -39.01 -1.37
N GLN N 221 -34.89 -39.55 -0.75
CA GLN N 221 -34.07 -38.75 0.14
C GLN N 221 -33.38 -37.62 -0.59
N ALA N 222 -32.86 -37.88 -1.80
CA ALA N 222 -32.17 -36.85 -2.56
C ALA N 222 -33.12 -35.73 -2.96
N ASN N 223 -34.32 -36.07 -3.42
CA ASN N 223 -35.26 -35.04 -3.85
C ASN N 223 -35.75 -34.18 -2.69
N VAL N 224 -35.95 -34.76 -1.51
CA VAL N 224 -36.34 -33.95 -0.36
C VAL N 224 -35.20 -33.02 0.05
N ALA N 225 -33.96 -33.46 -0.09
CA ALA N 225 -32.82 -32.59 0.18
C ALA N 225 -32.81 -31.39 -0.76
N ASP N 226 -33.17 -31.62 -2.03
CA ASP N 226 -33.36 -30.49 -2.95
C ASP N 226 -34.39 -29.50 -2.44
N ALA N 227 -35.56 -30.00 -2.05
CA ALA N 227 -36.64 -29.11 -1.63
C ALA N 227 -36.26 -28.34 -0.37
N LYS N 228 -35.57 -29.00 0.57
CA LYS N 228 -35.22 -28.37 1.83
C LYS N 228 -34.14 -27.31 1.68
N SER N 229 -33.23 -27.45 0.72
CA SER N 229 -32.17 -26.46 0.57
C SER N 229 -32.66 -25.18 -0.06
N ARG N 230 -33.65 -25.26 -0.96
CA ARG N 230 -34.15 -24.04 -1.60
C ARG N 230 -34.81 -23.11 -0.60
N ILE N 231 -35.21 -23.63 0.55
CA ILE N 231 -35.94 -22.83 1.53
C ILE N 231 -35.01 -22.20 2.57
N VAL N 232 -34.05 -22.97 3.09
CA VAL N 232 -33.27 -22.51 4.23
C VAL N 232 -31.85 -22.11 3.90
N ASP N 233 -31.35 -22.41 2.69
CA ASP N 233 -29.95 -22.22 2.36
C ASP N 233 -29.77 -20.92 1.59
N VAL N 234 -28.62 -20.30 1.79
CA VAL N 234 -28.30 -19.03 1.14
C VAL N 234 -27.70 -19.29 -0.23
N ASP N 235 -27.87 -18.33 -1.13
CA ASP N 235 -27.17 -18.32 -2.41
C ASP N 235 -26.04 -17.30 -2.30
N PHE N 236 -24.80 -17.77 -2.38
CA PHE N 236 -23.66 -16.89 -2.16
C PHE N 236 -23.60 -15.78 -3.20
N ALA N 237 -24.06 -16.05 -4.42
CA ALA N 237 -24.09 -15.01 -5.44
C ALA N 237 -24.98 -13.87 -4.98
N LYS N 238 -26.16 -14.21 -4.44
CA LYS N 238 -27.05 -13.20 -3.90
C LYS N 238 -26.44 -12.52 -2.67
N GLU N 239 -25.85 -13.31 -1.78
CA GLU N 239 -25.41 -12.76 -0.50
C GLU N 239 -24.14 -11.93 -0.65
N THR N 240 -23.20 -12.37 -1.48
CA THR N 240 -21.95 -11.64 -1.63
C THR N 240 -22.19 -10.25 -2.22
N SER N 241 -23.09 -10.15 -3.20
CA SER N 241 -23.41 -8.84 -3.76
C SER N 241 -23.99 -7.91 -2.72
N ALA N 242 -24.88 -8.42 -1.87
CA ALA N 242 -25.48 -7.59 -0.83
C ALA N 242 -24.43 -7.14 0.19
N MET N 243 -23.51 -8.03 0.55
CA MET N 243 -22.49 -7.68 1.54
C MET N 243 -21.58 -6.57 1.02
N THR N 244 -21.10 -6.70 -0.22
CA THR N 244 -20.35 -5.61 -0.83
C THR N 244 -21.23 -4.40 -1.06
N LYS N 245 -22.54 -4.61 -1.21
CA LYS N 245 -23.45 -3.51 -1.50
C LYS N 245 -23.51 -2.55 -0.32
N TYR N 246 -23.56 -3.09 0.90
CA TYR N 246 -23.66 -2.31 2.13
C TYR N 246 -22.33 -1.75 2.61
N GLN N 247 -21.21 -2.37 2.23
CA GLN N 247 -19.91 -1.83 2.63
C GLN N 247 -19.70 -0.44 2.06
N VAL N 248 -20.08 -0.23 0.81
CA VAL N 248 -19.96 1.09 0.19
C VAL N 248 -20.87 2.09 0.90
N LEU N 249 -22.10 1.67 1.21
CA LEU N 249 -23.04 2.56 1.89
C LEU N 249 -22.55 2.98 3.26
N GLN N 250 -21.79 2.11 3.94
CA GLN N 250 -21.27 2.46 5.26
C GLN N 250 -20.25 3.58 5.16
N GLN N 251 -19.29 3.47 4.23
CA GLN N 251 -18.29 4.51 4.07
C GLN N 251 -18.91 5.80 3.56
N THR N 252 -19.93 5.69 2.70
CA THR N 252 -20.66 6.88 2.28
C THR N 252 -21.37 7.52 3.46
N GLY N 253 -22.01 6.70 4.31
CA GLY N 253 -22.72 7.25 5.45
C GLY N 253 -21.80 7.91 6.46
N SER N 254 -20.61 7.34 6.69
CA SER N 254 -19.68 7.92 7.64
C SER N 254 -19.14 9.27 7.19
N ALA N 255 -18.81 9.41 5.91
CA ALA N 255 -18.34 10.69 5.40
C ALA N 255 -19.43 11.74 5.45
N MET N 256 -20.67 11.37 5.12
CA MET N 256 -21.76 12.34 5.17
C MET N 256 -22.04 12.78 6.60
N LEU N 257 -22.02 11.84 7.55
CA LEU N 257 -22.29 12.20 8.93
C LEU N 257 -21.20 13.07 9.54
N ALA N 258 -19.93 12.76 9.26
CA ALA N 258 -18.85 13.58 9.79
C ALA N 258 -18.91 14.99 9.24
N GLN N 259 -19.22 15.12 7.95
CA GLN N 259 -19.27 16.45 7.34
C GLN N 259 -20.51 17.21 7.75
N ALA N 260 -21.61 16.51 8.01
CA ALA N 260 -22.83 17.18 8.45
C ALA N 260 -22.72 17.67 9.89
N ASN N 261 -21.80 17.09 10.66
CA ASN N 261 -21.64 17.50 12.06
C ASN N 261 -21.05 18.90 12.18
N GLN N 262 -20.24 19.34 11.23
CA GLN N 262 -19.62 20.65 11.29
C GLN N 262 -20.38 21.71 10.49
N LEU N 263 -21.65 21.47 10.20
CA LEU N 263 -22.53 22.50 9.66
C LEU N 263 -22.71 23.69 10.60
N PRO N 264 -22.93 23.50 11.91
CA PRO N 264 -23.18 24.67 12.77
C PRO N 264 -21.99 25.60 12.94
N GLN N 265 -20.81 25.25 12.45
CA GLN N 265 -19.66 26.14 12.56
C GLN N 265 -19.80 27.40 11.71
N VAL N 266 -20.80 27.45 10.83
CA VAL N 266 -21.07 28.68 10.08
C VAL N 266 -21.42 29.82 11.03
N ALA N 267 -22.10 29.50 12.15
CA ALA N 267 -22.49 30.51 13.11
C ALA N 267 -21.31 31.26 13.70
N LEU N 268 -20.12 30.65 13.75
CA LEU N 268 -18.94 31.33 14.24
C LEU N 268 -18.39 32.36 13.27
N SER N 269 -18.73 32.26 11.99
CA SER N 269 -18.25 33.24 11.02
C SER N 269 -18.92 34.60 11.22
N LEU N 270 -20.19 34.61 11.65
CA LEU N 270 -20.93 35.85 11.81
C LEU N 270 -20.68 36.44 13.20
N LEU N 271 -19.40 36.63 13.50
CA LEU N 271 -18.96 37.33 14.70
C LEU N 271 -19.55 36.67 15.95
N GLY N 272 -19.11 35.45 16.24
CA GLY N 272 -19.51 34.75 17.44
C GLY N 272 -20.99 34.47 17.56
N ALA O 1 -36.80 81.40 25.12
CA ALA O 1 -36.79 79.96 25.38
C ALA O 1 -35.42 79.50 25.83
N ILE O 2 -34.77 80.29 26.66
CA ILE O 2 -33.45 79.93 27.20
C ILE O 2 -33.56 79.73 28.70
N THR O 3 -33.69 78.48 29.12
CA THR O 3 -33.90 78.17 30.52
C THR O 3 -32.70 77.44 31.12
N VAL O 4 -32.56 77.53 32.43
CA VAL O 4 -31.45 76.89 33.13
C VAL O 4 -31.98 76.03 34.28
N ASN O 5 -33.28 75.71 34.26
CA ASN O 5 -33.86 74.86 35.28
C ASN O 5 -34.33 73.51 34.76
N THR O 6 -34.77 73.42 33.50
CA THR O 6 -35.17 72.16 32.91
C THR O 6 -34.53 72.00 31.54
N ASN O 7 -34.05 70.79 31.25
CA ASN O 7 -33.45 70.44 29.97
C ASN O 7 -34.27 69.30 29.38
N VAL O 8 -35.34 69.64 28.67
CA VAL O 8 -36.20 68.63 28.06
C VAL O 8 -35.49 67.89 26.94
N THR O 9 -34.54 68.57 26.28
CA THR O 9 -33.73 67.89 25.28
C THR O 9 -32.98 66.73 25.89
N SER O 10 -32.44 66.91 27.10
CA SER O 10 -31.78 65.83 27.81
C SER O 10 -32.77 64.72 28.17
N MET O 11 -33.98 65.09 28.60
CA MET O 11 -34.96 64.09 28.98
C MET O 11 -35.31 63.18 27.81
N LYS O 12 -35.53 63.74 26.64
CA LYS O 12 -35.82 62.92 25.46
C LYS O 12 -34.60 62.11 25.06
N ALA O 13 -33.41 62.71 25.16
CA ALA O 13 -32.19 61.99 24.80
C ALA O 13 -31.94 60.80 25.73
N GLN O 14 -32.24 60.98 27.03
CA GLN O 14 -32.01 59.89 27.98
C GLN O 14 -32.88 58.68 27.66
N LYS O 15 -34.14 58.92 27.29
CA LYS O 15 -35.05 57.81 27.01
C LYS O 15 -34.58 56.98 25.83
N ASN O 16 -34.09 57.65 24.79
CA ASN O 16 -33.64 56.94 23.60
C ASN O 16 -32.43 56.06 23.91
N LEU O 17 -31.52 56.56 24.75
CA LEU O 17 -30.36 55.76 25.13
C LEU O 17 -30.77 54.53 25.93
N ASN O 18 -31.76 54.67 26.81
CA ASN O 18 -32.22 53.53 27.59
C ASN O 18 -32.81 52.44 26.69
N THR O 19 -33.59 52.85 25.68
CA THR O 19 -34.17 51.87 24.77
C THR O 19 -33.11 51.12 23.98
N SER O 20 -32.09 51.84 23.49
CA SER O 20 -31.02 51.20 22.73
C SER O 20 -30.16 50.28 23.59
N ASN O 21 -29.96 50.63 24.87
CA ASN O 21 -29.20 49.79 25.77
C ASN O 21 -29.95 48.51 26.12
N SER O 22 -31.27 48.61 26.32
CA SER O 22 -32.06 47.43 26.65
C SER O 22 -32.14 46.46 25.49
N GLY O 23 -32.23 46.96 24.26
CA GLY O 23 -32.23 46.11 23.09
C GLY O 23 -30.93 45.38 22.88
N LEU O 24 -29.81 46.06 23.17
CA LEU O 24 -28.51 45.42 23.07
C LEU O 24 -28.38 44.28 24.08
N SER O 25 -28.86 44.51 25.31
CA SER O 25 -28.76 43.50 26.36
C SER O 25 -29.53 42.25 26.01
N THR O 26 -30.77 42.41 25.53
CA THR O 26 -31.60 41.25 25.25
C THR O 26 -31.07 40.43 24.08
N SER O 27 -30.36 41.08 23.15
CA SER O 27 -29.79 40.34 22.03
C SER O 27 -28.61 39.48 22.45
N MET O 28 -27.83 39.92 23.43
CA MET O 28 -26.67 39.15 23.85
C MET O 28 -27.09 37.85 24.54
N GLU O 29 -28.11 37.91 25.40
CA GLU O 29 -28.52 36.70 26.11
C GLU O 29 -29.17 35.68 25.19
N ARG O 30 -29.89 36.14 24.16
CA ARG O 30 -30.38 35.22 23.15
C ARG O 30 -29.25 34.56 22.39
N LEU O 31 -28.19 35.32 22.09
CA LEU O 31 -27.02 34.74 21.42
C LEU O 31 -26.18 33.87 22.33
N SER O 32 -26.12 34.18 23.63
CA SER O 32 -25.27 33.41 24.54
C SER O 32 -25.85 32.04 24.86
N SER O 33 -27.16 31.88 24.74
CA SER O 33 -27.81 30.59 25.02
C SER O 33 -28.24 29.90 23.74
N GLY O 34 -28.93 30.60 22.85
CA GLY O 34 -29.36 30.01 21.60
C GLY O 34 -30.85 29.77 21.55
N LEU O 35 -31.59 30.45 22.42
CA LEU O 35 -33.03 30.28 22.50
C LEU O 35 -33.71 31.63 22.35
N ARG O 36 -34.71 31.68 21.47
CA ARG O 36 -35.50 32.89 21.32
C ARG O 36 -36.42 33.12 22.52
N ILE O 37 -37.11 32.07 22.98
CA ILE O 37 -37.99 32.18 24.13
C ILE O 37 -37.22 31.84 25.39
N ASN O 38 -36.49 32.81 25.93
CA ASN O 38 -35.78 32.62 27.18
C ASN O 38 -36.76 32.68 28.34
N SER O 39 -37.53 33.76 28.41
CA SER O 39 -38.54 33.94 29.44
C SER O 39 -39.92 34.06 28.82
N ALA O 40 -40.92 34.32 29.67
CA ALA O 40 -42.28 34.52 29.23
C ALA O 40 -42.52 35.92 28.65
N LYS O 41 -41.47 36.75 28.54
CA LYS O 41 -41.61 38.01 27.84
C LYS O 41 -42.10 37.77 26.43
N ASP O 42 -41.51 36.78 25.76
CA ASP O 42 -41.73 36.46 24.36
C ASP O 42 -43.01 35.66 24.19
N ASP O 43 -43.13 34.97 23.06
CA ASP O 43 -44.36 34.27 22.69
C ASP O 43 -44.90 33.45 23.85
N ALA O 44 -46.06 33.87 24.36
CA ALA O 44 -46.69 33.13 25.45
C ALA O 44 -47.19 31.78 24.98
N ALA O 45 -47.73 31.72 23.76
CA ALA O 45 -48.19 30.47 23.20
C ALA O 45 -47.05 29.58 22.74
N GLY O 46 -45.90 30.17 22.38
CA GLY O 46 -44.79 29.38 21.88
C GLY O 46 -44.23 28.43 22.94
N LEU O 47 -44.07 28.94 24.16
CA LEU O 47 -43.49 28.11 25.22
C LEU O 47 -44.44 26.99 25.61
N ALA O 48 -45.75 27.25 25.59
CA ALA O 48 -46.71 26.20 25.89
C ALA O 48 -46.67 25.09 24.85
N ILE O 49 -46.61 25.46 23.57
CA ILE O 49 -46.52 24.46 22.51
C ILE O 49 -45.20 23.69 22.61
N SER O 50 -44.11 24.39 22.89
CA SER O 50 -42.80 23.76 22.95
C SER O 50 -42.74 22.72 24.07
N ASN O 51 -43.46 22.96 25.16
CA ASN O 51 -43.44 22.03 26.28
C ASN O 51 -44.03 20.67 25.88
N ARG O 52 -45.15 20.69 25.15
CA ARG O 52 -45.70 19.43 24.66
C ARG O 52 -44.83 18.79 23.60
N LEU O 53 -44.23 19.57 22.71
CA LEU O 53 -43.27 19.01 21.77
C LEU O 53 -42.06 18.43 22.46
N ASN O 54 -41.60 19.08 23.53
CA ASN O 54 -40.50 18.53 24.31
C ASN O 54 -40.88 17.20 24.93
N SER O 55 -42.12 17.08 25.41
CA SER O 55 -42.58 15.81 25.96
C SER O 55 -42.59 14.71 24.92
N GLN O 56 -43.00 15.03 23.69
CA GLN O 56 -43.03 14.02 22.64
C GLN O 56 -41.62 13.55 22.27
N VAL O 57 -40.68 14.49 22.17
CA VAL O 57 -39.32 14.13 21.79
C VAL O 57 -38.69 13.24 22.85
N ARG O 58 -38.77 13.67 24.12
CA ARG O 58 -38.21 12.85 25.20
C ARG O 58 -39.06 11.61 25.44
N GLY O 59 -40.37 11.71 25.25
CA GLY O 59 -41.22 10.55 25.42
C GLY O 59 -40.90 9.44 24.44
N LEU O 60 -40.66 9.80 23.17
CA LEU O 60 -40.28 8.79 22.19
C LEU O 60 -38.94 8.16 22.51
N GLU O 61 -37.98 8.95 22.98
CA GLU O 61 -36.65 8.43 23.25
C GLU O 61 -36.68 7.33 24.31
N VAL O 62 -37.46 7.52 25.37
CA VAL O 62 -37.66 6.47 26.35
C VAL O 62 -38.43 5.32 25.74
N GLY O 63 -39.40 5.61 24.87
CA GLY O 63 -40.16 4.57 24.23
C GLY O 63 -39.31 3.71 23.31
N MET O 64 -38.31 4.31 22.66
CA MET O 64 -37.41 3.53 21.83
C MET O 64 -36.66 2.48 22.64
N ARG O 65 -36.09 2.88 23.78
CA ARG O 65 -35.40 1.93 24.64
C ARG O 65 -36.36 0.91 25.22
N ASN O 66 -37.62 1.29 25.40
CA ASN O 66 -38.62 0.36 25.90
C ASN O 66 -38.83 -0.80 24.95
N ALA O 67 -38.83 -0.54 23.64
CA ALA O 67 -39.02 -1.58 22.64
C ALA O 67 -37.76 -2.39 22.36
N ASN O 68 -36.58 -1.78 22.45
CA ASN O 68 -35.34 -2.54 22.33
C ASN O 68 -35.23 -3.61 23.41
N ASP O 69 -35.77 -3.36 24.59
CA ASP O 69 -35.84 -4.34 25.65
C ASP O 69 -36.75 -5.51 25.28
N ALA O 70 -37.89 -5.24 24.66
CA ALA O 70 -38.81 -6.31 24.27
C ALA O 70 -38.20 -7.20 23.20
N ILE O 71 -37.39 -6.62 22.31
CA ILE O 71 -36.74 -7.37 21.24
C ILE O 71 -35.79 -8.40 21.86
N SER O 72 -35.03 -7.96 22.87
CA SER O 72 -34.06 -8.84 23.50
C SER O 72 -34.74 -10.02 24.20
N ILE O 73 -35.86 -9.77 24.89
CA ILE O 73 -36.57 -10.86 25.54
C ILE O 73 -37.05 -11.89 24.53
N ALA O 74 -37.66 -11.43 23.44
CA ALA O 74 -38.10 -12.35 22.40
C ALA O 74 -36.93 -13.06 21.73
N GLN O 75 -35.77 -12.41 21.69
CA GLN O 75 -34.59 -13.02 21.08
C GLN O 75 -34.09 -14.20 21.91
N ILE O 76 -34.08 -14.07 23.23
CA ILE O 76 -33.55 -15.13 24.09
C ILE O 76 -34.48 -16.33 24.09
N ALA O 77 -35.79 -16.10 24.19
CA ALA O 77 -36.74 -17.21 24.22
C ALA O 77 -36.70 -18.01 22.92
N GLU O 78 -36.59 -17.31 21.79
CA GLU O 78 -36.50 -17.99 20.51
C GLU O 78 -35.25 -18.86 20.42
N GLY O 79 -34.13 -18.35 20.93
CA GLY O 79 -32.90 -19.13 20.87
C GLY O 79 -32.98 -20.42 21.65
N ALA O 80 -33.62 -20.40 22.82
CA ALA O 80 -33.71 -21.59 23.63
C ALA O 80 -34.61 -22.65 22.99
N MET O 81 -35.70 -22.23 22.33
CA MET O 81 -36.60 -23.20 21.73
C MET O 81 -35.96 -23.93 20.55
N GLN O 82 -34.94 -23.33 19.93
CA GLN O 82 -34.24 -24.02 18.86
C GLN O 82 -33.54 -25.27 19.36
N GLU O 83 -32.92 -25.20 20.54
CA GLU O 83 -32.22 -26.35 21.06
C GLU O 83 -33.18 -27.44 21.52
N GLN O 84 -34.37 -27.06 21.99
CA GLN O 84 -35.38 -28.06 22.33
C GLN O 84 -35.85 -28.80 21.08
N THR O 85 -35.90 -28.10 19.94
CA THR O 85 -36.32 -28.75 18.70
C THR O 85 -35.31 -29.79 18.24
N ASN O 86 -34.01 -29.50 18.34
CA ASN O 86 -33.01 -30.47 17.91
C ASN O 86 -33.02 -31.74 18.75
N MET O 87 -33.15 -31.63 20.07
CA MET O 87 -33.21 -32.82 20.90
C MET O 87 -34.48 -33.62 20.68
N LEU O 88 -35.61 -32.96 20.38
CA LEU O 88 -36.82 -33.69 20.06
C LEU O 88 -36.67 -34.49 18.77
N GLN O 89 -35.92 -33.97 17.80
CA GLN O 89 -35.68 -34.72 16.57
C GLN O 89 -34.88 -35.99 16.84
N ARG O 90 -33.90 -35.92 17.74
CA ARG O 90 -33.13 -37.10 18.09
C ARG O 90 -33.99 -38.16 18.78
N MET O 91 -34.99 -37.74 19.56
CA MET O 91 -35.90 -38.69 20.17
C MET O 91 -36.74 -39.42 19.12
N ARG O 92 -37.08 -38.73 18.01
CA ARG O 92 -37.79 -39.41 16.93
C ARG O 92 -36.98 -40.52 16.32
N ASP O 93 -35.69 -40.29 16.09
CA ASP O 93 -34.83 -41.33 15.51
C ASP O 93 -34.71 -42.53 16.43
N LEU O 94 -34.57 -42.30 17.74
CA LEU O 94 -34.47 -43.41 18.67
C LEU O 94 -35.74 -44.25 18.70
N THR O 95 -36.91 -43.62 18.66
CA THR O 95 -38.16 -44.37 18.56
C THR O 95 -38.25 -45.18 17.28
N ILE O 96 -37.82 -44.62 16.15
CA ILE O 96 -37.77 -45.39 14.92
C ILE O 96 -36.73 -46.50 15.03
N GLN O 97 -35.56 -46.20 15.60
CA GLN O 97 -34.53 -47.21 15.79
C GLN O 97 -34.95 -48.29 16.77
N SER O 98 -35.82 -47.98 17.71
CA SER O 98 -36.24 -48.95 18.72
C SER O 98 -37.30 -49.92 18.22
N GLU O 99 -37.51 -50.01 16.91
CA GLU O 99 -38.60 -50.80 16.37
C GLU O 99 -38.04 -52.01 15.59
N ASN O 100 -36.74 -52.24 15.67
CA ASN O 100 -36.15 -53.43 15.05
C ASN O 100 -36.69 -54.70 15.67
N GLY O 101 -36.83 -55.73 14.85
CA GLY O 101 -37.18 -57.04 15.36
C GLY O 101 -35.97 -57.87 15.73
N ALA O 102 -34.78 -57.32 15.50
CA ALA O 102 -33.55 -58.00 15.88
C ALA O 102 -33.00 -57.50 17.20
N ASN O 103 -33.68 -56.58 17.85
CA ASN O 103 -33.26 -56.09 19.15
C ASN O 103 -33.59 -57.14 20.21
N SER O 104 -33.34 -56.81 21.47
CA SER O 104 -33.69 -57.69 22.57
C SER O 104 -34.19 -56.84 23.72
N THR O 105 -34.61 -57.50 24.79
CA THR O 105 -35.12 -56.78 25.95
C THR O 105 -34.04 -55.89 26.55
N ALA O 106 -32.81 -56.38 26.62
CA ALA O 106 -31.70 -55.57 27.13
C ALA O 106 -31.36 -54.41 26.20
N ASP O 107 -31.55 -54.59 24.89
CA ASP O 107 -31.25 -53.53 23.94
C ASP O 107 -32.22 -52.36 24.06
N LEU O 108 -33.51 -52.67 24.27
CA LEU O 108 -34.50 -51.61 24.40
C LEU O 108 -34.27 -50.76 25.65
N VAL O 109 -33.73 -51.36 26.71
CA VAL O 109 -33.46 -50.61 27.92
C VAL O 109 -32.38 -49.57 27.69
N SER O 110 -31.32 -49.92 26.95
CA SER O 110 -30.26 -48.96 26.66
C SER O 110 -30.76 -47.76 25.86
N ILE O 111 -31.65 -47.99 24.90
CA ILE O 111 -32.19 -46.88 24.13
C ILE O 111 -33.04 -45.98 25.02
N LYS O 112 -33.81 -46.56 25.95
CA LYS O 112 -34.60 -45.74 26.85
C LYS O 112 -33.73 -44.90 27.78
N ALA O 113 -32.61 -45.46 28.23
CA ALA O 113 -31.69 -44.71 29.08
C ALA O 113 -31.14 -43.47 28.40
N GLU O 114 -31.14 -43.43 27.07
CA GLU O 114 -30.76 -42.25 26.30
C GLU O 114 -31.92 -41.29 26.16
N MET O 115 -33.09 -41.79 25.77
CA MET O 115 -34.28 -40.94 25.68
C MET O 115 -34.57 -40.26 27.02
N ASP O 116 -34.33 -40.98 28.12
CA ASP O 116 -34.67 -40.45 29.44
C ASP O 116 -33.87 -39.21 29.78
N GLN O 117 -32.57 -39.21 29.45
CA GLN O 117 -31.74 -38.05 29.75
C GLN O 117 -32.00 -36.87 28.83
N LEU O 118 -32.38 -37.11 27.57
CA LEU O 118 -32.73 -36.02 26.69
C LEU O 118 -33.95 -35.26 27.17
N ALA O 119 -34.95 -35.97 27.71
CA ALA O 119 -36.12 -35.31 28.27
C ALA O 119 -35.79 -34.50 29.52
N THR O 120 -34.75 -34.89 30.26
CA THR O 120 -34.35 -34.13 31.43
C THR O 120 -33.84 -32.74 31.05
N GLU O 121 -33.10 -32.62 29.94
CA GLU O 121 -32.63 -31.30 29.53
C GLU O 121 -33.72 -30.40 28.99
N ILE O 122 -34.74 -30.97 28.33
CA ILE O 122 -35.86 -30.15 27.91
C ILE O 122 -36.50 -29.51 29.13
N ASP O 123 -36.57 -30.25 30.25
CA ASP O 123 -36.90 -29.64 31.53
C ASP O 123 -35.87 -28.62 31.97
N SER O 124 -34.58 -28.92 31.78
CA SER O 124 -33.54 -28.05 32.32
C SER O 124 -33.46 -26.73 31.59
N ILE O 125 -33.62 -26.73 30.27
CA ILE O 125 -33.62 -25.46 29.53
C ILE O 125 -34.84 -24.64 29.92
N GLY O 126 -36.00 -25.28 30.05
CA GLY O 126 -37.22 -24.59 30.39
C GLY O 126 -37.15 -23.86 31.72
N ASN O 127 -36.46 -24.45 32.69
CA ASN O 127 -36.35 -23.85 34.02
C ASN O 127 -35.14 -22.93 34.17
N SER O 128 -34.33 -22.77 33.13
CA SER O 128 -33.10 -22.00 33.26
C SER O 128 -33.13 -20.70 32.47
N THR O 129 -33.68 -20.74 31.27
CA THR O 129 -33.68 -19.58 30.38
C THR O 129 -34.25 -18.35 31.08
N ALA O 130 -33.42 -17.32 31.25
CA ALA O 130 -33.81 -16.17 32.05
C ALA O 130 -33.17 -14.92 31.47
N PHE O 131 -33.76 -13.78 31.79
CA PHE O 131 -33.26 -12.46 31.40
C PHE O 131 -32.70 -11.82 32.66
N GLY O 132 -31.43 -12.10 32.96
CA GLY O 132 -30.83 -11.62 34.18
C GLY O 132 -31.29 -12.42 35.37
N ASN O 133 -32.54 -12.22 35.79
CA ASN O 133 -33.05 -13.01 36.92
C ASN O 133 -34.51 -13.41 36.72
N THR O 134 -35.14 -13.13 35.59
CA THR O 134 -36.54 -13.44 35.37
C THR O 134 -36.64 -14.61 34.40
N LYS O 135 -37.27 -15.70 34.85
CA LYS O 135 -37.44 -16.90 34.03
C LYS O 135 -38.51 -16.64 32.98
N LEU O 136 -38.21 -16.94 31.72
CA LEU O 136 -39.08 -16.58 30.62
C LEU O 136 -39.92 -17.73 30.07
N LEU O 137 -39.62 -18.98 30.43
CA LEU O 137 -40.30 -20.12 29.84
C LEU O 137 -41.08 -20.93 30.87
N THR O 138 -41.34 -20.35 32.04
CA THR O 138 -42.03 -21.09 33.11
C THR O 138 -43.41 -20.52 33.39
N GLY O 139 -44.00 -19.80 32.45
CA GLY O 139 -45.40 -19.41 32.53
C GLY O 139 -45.65 -18.03 33.09
N THR O 140 -44.61 -17.31 33.51
CA THR O 140 -44.83 -15.96 34.00
C THR O 140 -45.15 -15.02 32.84
N PHE O 141 -44.91 -15.47 31.61
CA PHE O 141 -45.34 -14.74 30.42
C PHE O 141 -46.48 -15.44 29.71
N SER O 142 -47.23 -16.27 30.44
CA SER O 142 -48.41 -16.92 29.88
C SER O 142 -49.49 -15.93 29.48
N ALA O 143 -49.74 -14.93 30.30
CA ALA O 143 -50.65 -13.82 29.98
C ALA O 143 -49.75 -12.64 29.64
N GLY O 144 -49.66 -12.33 28.35
CA GLY O 144 -48.69 -11.40 27.82
C GLY O 144 -48.39 -10.17 28.64
N LYS O 145 -47.12 -9.88 28.86
CA LYS O 145 -46.73 -8.68 29.56
C LYS O 145 -46.73 -7.49 28.59
N VAL O 146 -46.62 -6.28 29.15
CA VAL O 146 -46.89 -5.06 28.41
C VAL O 146 -45.65 -4.18 28.39
N PHE O 147 -45.32 -3.67 27.21
CA PHE O 147 -44.30 -2.65 27.02
C PHE O 147 -44.92 -1.44 26.34
N GLN O 148 -44.56 -0.24 26.79
CA GLN O 148 -45.11 1.00 26.24
C GLN O 148 -44.08 1.61 25.28
N VAL O 149 -44.47 1.80 24.03
CA VAL O 149 -43.56 2.25 22.99
C VAL O 149 -43.89 3.65 22.50
N GLY O 150 -44.94 4.28 23.04
CA GLY O 150 -45.30 5.64 22.69
C GLY O 150 -45.09 6.55 23.88
N HIS O 151 -45.53 7.80 23.74
CA HIS O 151 -45.43 8.76 24.82
C HIS O 151 -46.74 9.04 25.51
N GLN O 152 -47.81 8.32 25.17
CA GLN O 152 -49.11 8.49 25.81
C GLN O 152 -49.67 7.13 26.20
N GLU O 153 -50.69 7.17 27.05
CA GLU O 153 -51.33 5.94 27.50
C GLU O 153 -51.98 5.21 26.34
N GLY O 154 -51.93 3.88 26.38
CA GLY O 154 -52.55 3.05 25.38
C GLY O 154 -51.66 2.65 24.22
N GLU O 155 -50.44 3.18 24.15
CA GLU O 155 -49.50 2.81 23.10
C GLU O 155 -48.62 1.68 23.61
N ASP O 156 -49.18 0.48 23.66
CA ASP O 156 -48.51 -0.65 24.29
C ASP O 156 -48.39 -1.82 23.32
N ILE O 157 -47.40 -2.66 23.56
CA ILE O 157 -47.18 -3.90 22.84
C ILE O 157 -47.15 -5.05 23.84
N LYS O 158 -47.78 -6.16 23.46
CA LYS O 158 -47.93 -7.31 24.35
C LYS O 158 -47.14 -8.48 23.81
N VAL O 159 -46.31 -9.08 24.67
CA VAL O 159 -45.50 -10.24 24.32
C VAL O 159 -45.94 -11.42 25.18
N THR O 160 -46.37 -12.50 24.54
CA THR O 160 -46.87 -13.67 25.23
C THR O 160 -45.97 -14.86 24.92
N VAL O 161 -45.47 -15.52 25.97
CA VAL O 161 -44.63 -16.71 25.84
C VAL O 161 -45.28 -17.79 26.70
N LYS O 162 -45.79 -18.84 26.05
CA LYS O 162 -46.41 -19.92 26.79
C LYS O 162 -45.35 -20.82 27.39
N ALA O 163 -45.71 -21.50 28.47
CA ALA O 163 -44.77 -22.37 29.17
C ALA O 163 -44.38 -23.54 28.29
N SER O 164 -43.09 -23.86 28.27
CA SER O 164 -42.56 -24.94 27.45
C SER O 164 -41.53 -25.73 28.25
N ASN O 165 -41.94 -26.88 28.75
CA ASN O 165 -41.07 -27.79 29.49
C ASN O 165 -41.61 -29.20 29.28
N LYS O 166 -41.01 -30.18 29.96
CA LYS O 166 -41.31 -31.56 29.63
C LYS O 166 -42.73 -31.95 30.04
N THR O 167 -43.23 -31.50 31.19
CA THR O 167 -44.61 -31.80 31.56
C THR O 167 -45.58 -31.06 30.66
N SER O 168 -45.23 -29.86 30.23
CA SER O 168 -46.10 -29.07 29.35
C SER O 168 -46.27 -29.75 28.00
N LEU O 169 -45.18 -30.23 27.42
CA LEU O 169 -45.20 -30.80 26.08
C LEU O 169 -45.64 -32.26 26.07
N SER O 170 -46.21 -32.74 27.16
CA SER O 170 -46.72 -34.10 27.28
C SER O 170 -45.63 -35.14 26.99
N VAL O 171 -44.48 -34.91 27.61
CA VAL O 171 -43.40 -35.90 27.62
C VAL O 171 -42.92 -36.07 29.05
N GLY O 172 -42.21 -37.15 29.32
CA GLY O 172 -41.77 -37.44 30.67
C GLY O 172 -42.05 -38.88 31.03
N ALA O 173 -43.02 -39.48 30.34
CA ALA O 173 -43.31 -40.90 30.45
C ALA O 173 -43.39 -41.47 29.04
N LEU O 174 -42.25 -41.91 28.52
CA LEU O 174 -42.17 -42.47 27.18
C LEU O 174 -41.49 -43.82 27.25
N ASN O 175 -42.26 -44.88 27.00
CA ASN O 175 -41.73 -46.24 26.97
C ASN O 175 -41.69 -46.75 25.54
N ASN O 176 -40.92 -47.83 25.33
CA ASN O 176 -40.79 -48.43 24.02
C ASN O 176 -40.76 -49.95 24.07
N ALA O 177 -41.46 -50.55 25.04
CA ALA O 177 -41.45 -52.00 25.18
C ALA O 177 -42.46 -52.68 24.25
N THR O 178 -43.74 -52.37 24.42
CA THR O 178 -44.79 -53.04 23.67
C THR O 178 -45.03 -52.36 22.33
N SER O 179 -45.85 -52.99 21.48
CA SER O 179 -46.19 -52.39 20.19
C SER O 179 -46.96 -51.09 20.38
N ALA O 180 -47.93 -51.09 21.31
CA ALA O 180 -48.75 -49.90 21.52
C ALA O 180 -47.93 -48.78 22.14
N ASN O 181 -46.91 -49.12 22.93
CA ASN O 181 -46.12 -48.09 23.61
C ASN O 181 -45.38 -47.21 22.62
N ARG O 182 -44.78 -47.81 21.58
CA ARG O 182 -44.04 -47.02 20.61
C ARG O 182 -44.96 -46.17 19.75
N ALA O 183 -46.13 -46.70 19.38
CA ALA O 183 -47.06 -45.92 18.56
C ALA O 183 -47.54 -44.68 19.29
N SER O 184 -47.85 -44.80 20.58
CA SER O 184 -48.29 -43.65 21.35
C SER O 184 -47.18 -42.63 21.52
N SER O 185 -45.94 -43.11 21.72
CA SER O 185 -44.82 -42.19 21.92
C SER O 185 -44.54 -41.36 20.68
N LEU O 186 -44.66 -41.96 19.49
CA LEU O 186 -44.36 -41.24 18.27
C LEU O 186 -45.32 -40.08 18.03
N ALA O 187 -46.60 -40.26 18.32
CA ALA O 187 -47.58 -39.20 18.10
C ALA O 187 -47.31 -38.00 19.00
N LYS O 188 -46.93 -38.23 20.26
CA LYS O 188 -46.74 -37.13 21.18
C LYS O 188 -45.52 -36.29 20.81
N ILE O 189 -44.46 -36.92 20.31
CA ILE O 189 -43.30 -36.16 19.88
C ILE O 189 -43.64 -35.28 18.67
N ASP O 190 -44.40 -35.83 17.72
CA ASP O 190 -44.81 -35.05 16.56
C ASP O 190 -45.66 -33.85 16.98
N ALA O 191 -46.58 -34.06 17.92
CA ALA O 191 -47.37 -32.95 18.42
C ALA O 191 -46.51 -31.94 19.17
N ALA O 192 -45.43 -32.40 19.80
CA ALA O 192 -44.54 -31.49 20.50
C ALA O 192 -43.84 -30.52 19.55
N ILE O 193 -43.37 -31.03 18.41
CA ILE O 193 -42.69 -30.15 17.46
C ILE O 193 -43.65 -29.11 16.89
N LYS O 194 -44.90 -29.49 16.65
CA LYS O 194 -45.87 -28.53 16.14
C LYS O 194 -46.12 -27.40 17.13
N THR O 195 -46.22 -27.72 18.42
CA THR O 195 -46.50 -26.69 19.42
C THR O 195 -45.35 -25.69 19.50
N ILE O 196 -44.10 -26.17 19.49
CA ILE O 196 -42.95 -25.27 19.52
C ILE O 196 -42.90 -24.43 18.25
N ASP O 197 -43.22 -25.04 17.10
CA ASP O 197 -43.17 -24.33 15.84
C ASP O 197 -44.12 -23.14 15.83
N SER O 198 -45.35 -23.33 16.34
CA SER O 198 -46.31 -22.23 16.39
C SER O 198 -45.84 -21.15 17.35
N GLN O 199 -45.19 -21.54 18.44
CA GLN O 199 -44.70 -20.55 19.41
C GLN O 199 -43.61 -19.67 18.79
N ARG O 200 -42.71 -20.27 18.01
CA ARG O 200 -41.65 -19.50 17.38
C ARG O 200 -42.21 -18.51 16.37
N ALA O 201 -43.23 -18.92 15.62
CA ALA O 201 -43.85 -18.01 14.65
C ALA O 201 -44.49 -16.82 15.34
N ASP O 202 -45.13 -17.05 16.49
CA ASP O 202 -45.74 -15.95 17.22
C ASP O 202 -44.70 -14.95 17.71
N LEU O 203 -43.56 -15.44 18.20
CA LEU O 203 -42.51 -14.54 18.68
C LEU O 203 -41.83 -13.80 17.53
N GLY O 204 -41.68 -14.46 16.38
CA GLY O 204 -41.08 -13.79 15.24
C GLY O 204 -41.93 -12.65 14.71
N ALA O 205 -43.25 -12.82 14.72
CA ALA O 205 -44.14 -11.78 14.22
C ALA O 205 -44.05 -10.52 15.08
N VAL O 206 -43.93 -10.69 16.40
CA VAL O 206 -43.87 -9.53 17.30
C VAL O 206 -42.60 -8.72 17.04
N GLN O 207 -41.47 -9.39 16.87
CA GLN O 207 -40.22 -8.66 16.66
C GLN O 207 -40.11 -8.09 15.25
N ASN O 208 -40.77 -8.72 14.27
CA ASN O 208 -40.99 -8.03 13.00
C ASN O 208 -41.88 -6.81 13.21
N ARG O 209 -42.89 -6.95 14.06
CA ARG O 209 -43.76 -5.82 14.38
C ARG O 209 -42.99 -4.71 15.09
N LEU O 210 -42.16 -5.07 16.07
CA LEU O 210 -41.45 -4.05 16.85
C LEU O 210 -40.42 -3.30 16.01
N ALA O 211 -39.82 -3.95 15.02
CA ALA O 211 -38.81 -3.28 14.20
C ALA O 211 -39.42 -2.10 13.44
N HIS O 212 -40.67 -2.22 13.01
CA HIS O 212 -41.30 -1.15 12.25
C HIS O 212 -41.66 0.04 13.14
N ASN O 213 -41.94 -0.19 14.43
CA ASN O 213 -42.19 0.91 15.35
C ASN O 213 -40.95 1.78 15.51
N ILE O 214 -39.78 1.16 15.64
CA ILE O 214 -38.55 1.91 15.86
C ILE O 214 -38.25 2.81 14.67
N SER O 215 -38.39 2.27 13.45
CA SER O 215 -38.13 3.07 12.26
C SER O 215 -39.11 4.24 12.17
N ASN O 216 -40.38 3.98 12.46
CA ASN O 216 -41.37 5.05 12.45
C ASN O 216 -41.08 6.09 13.53
N SER O 217 -40.72 5.64 14.73
CA SER O 217 -40.42 6.56 15.81
C SER O 217 -39.17 7.39 15.53
N ALA O 218 -38.17 6.80 14.88
CA ALA O 218 -36.98 7.56 14.51
C ALA O 218 -37.32 8.66 13.51
N ASN O 219 -38.18 8.36 12.54
CA ASN O 219 -38.57 9.37 11.56
C ASN O 219 -39.35 10.50 12.23
N THR O 220 -40.36 10.15 13.03
CA THR O 220 -41.21 11.19 13.62
C THR O 220 -40.44 12.06 14.60
N GLN O 221 -39.40 11.50 15.24
CA GLN O 221 -38.59 12.29 16.16
C GLN O 221 -37.88 13.43 15.44
N ALA O 222 -37.34 13.16 14.25
CA ALA O 222 -36.63 14.19 13.49
C ALA O 222 -37.56 15.31 13.08
N ASN O 223 -38.76 14.98 12.59
CA ASN O 223 -39.68 16.01 12.15
C ASN O 223 -40.18 16.88 13.29
N VAL O 224 -40.41 16.30 14.48
CA VAL O 224 -40.82 17.11 15.62
C VAL O 224 -39.68 18.03 16.05
N ALA O 225 -38.44 17.58 15.94
CA ALA O 225 -37.31 18.46 16.23
C ALA O 225 -37.27 19.65 15.28
N ASP O 226 -37.62 19.43 14.00
CA ASP O 226 -37.77 20.55 13.08
C ASP O 226 -38.80 21.54 13.59
N ALA O 227 -39.99 21.06 13.94
CA ALA O 227 -41.06 21.95 14.35
C ALA O 227 -40.70 22.72 15.61
N LYS O 228 -40.04 22.05 16.56
CA LYS O 228 -39.71 22.68 17.82
C LYS O 228 -38.63 23.75 17.70
N SER O 229 -37.69 23.58 16.76
CA SER O 229 -36.62 24.57 16.63
C SER O 229 -37.10 25.86 15.98
N ARG O 230 -38.07 25.78 15.08
CA ARG O 230 -38.55 27.00 14.43
C ARG O 230 -39.21 27.94 15.41
N ILE O 231 -39.64 27.43 16.56
CA ILE O 231 -40.39 28.23 17.52
C ILE O 231 -39.48 28.85 18.57
N VAL O 232 -38.53 28.08 19.12
CA VAL O 232 -37.77 28.52 20.28
C VAL O 232 -36.33 28.92 19.96
N ASP O 233 -35.82 28.61 18.78
CA ASP O 233 -34.42 28.80 18.48
C ASP O 233 -34.21 30.10 17.71
N VAL O 234 -33.06 30.71 17.93
CA VAL O 234 -32.72 31.98 17.28
C VAL O 234 -32.09 31.72 15.92
N ASP O 235 -32.24 32.67 15.02
CA ASP O 235 -31.52 32.69 13.76
C ASP O 235 -30.38 33.70 13.89
N PHE O 236 -29.14 33.21 13.82
CA PHE O 236 -28.01 34.09 14.07
C PHE O 236 -27.91 35.20 13.04
N ALA O 237 -28.34 34.94 11.80
CA ALA O 237 -28.36 35.97 10.79
C ALA O 237 -29.26 37.12 11.23
N LYS O 238 -30.44 36.78 11.74
CA LYS O 238 -31.34 37.80 12.27
C LYS O 238 -30.75 38.48 13.50
N GLU O 239 -30.18 37.69 14.42
CA GLU O 239 -29.75 38.23 15.70
C GLU O 239 -28.47 39.06 15.58
N THR O 240 -27.52 38.60 14.75
CA THR O 240 -26.26 39.34 14.63
C THR O 240 -26.50 40.73 14.05
N SER O 241 -27.37 40.83 13.05
CA SER O 241 -27.67 42.14 12.48
C SER O 241 -28.27 43.07 13.52
N ALA O 242 -29.18 42.57 14.35
CA ALA O 242 -29.79 43.40 15.38
C ALA O 242 -28.76 43.85 16.41
N MET O 243 -27.85 42.95 16.80
CA MET O 243 -26.84 43.29 17.80
C MET O 243 -25.93 44.40 17.30
N THR O 244 -25.41 44.27 16.07
CA THR O 244 -24.65 45.35 15.47
C THR O 244 -25.52 46.57 15.23
N LYS O 245 -26.82 46.37 15.05
CA LYS O 245 -27.73 47.47 14.75
C LYS O 245 -27.80 48.42 15.93
N TYR O 246 -27.87 47.88 17.15
CA TYR O 246 -27.99 48.66 18.37
C TYR O 246 -26.67 49.22 18.88
N GLN O 247 -25.55 48.60 18.52
CA GLN O 247 -24.25 49.13 18.94
C GLN O 247 -24.03 50.52 18.39
N VAL O 248 -24.38 50.73 17.12
CA VAL O 248 -24.24 52.05 16.51
C VAL O 248 -25.16 53.04 17.20
N LEU O 249 -26.39 52.63 17.49
CA LEU O 249 -27.34 53.53 18.14
C LEU O 249 -26.87 53.95 19.53
N GLN O 250 -26.13 53.08 20.22
CA GLN O 250 -25.63 53.42 21.55
C GLN O 250 -24.60 54.54 21.47
N GLN O 251 -23.62 54.41 20.57
CA GLN O 251 -22.62 55.45 20.43
C GLN O 251 -23.23 56.74 19.90
N THR O 252 -24.22 56.64 19.02
CA THR O 252 -24.94 57.83 18.59
C THR O 252 -25.67 58.47 19.75
N GLY O 253 -26.33 57.67 20.59
CA GLY O 253 -27.06 58.22 21.72
C GLY O 253 -26.15 58.88 22.75
N SER O 254 -24.97 58.29 22.99
CA SER O 254 -24.05 58.86 23.96
C SER O 254 -23.50 60.21 23.53
N ALA O 255 -23.14 60.35 22.25
CA ALA O 255 -22.65 61.63 21.76
C ALA O 255 -23.74 62.70 21.78
N MET O 256 -24.98 62.33 21.43
CA MET O 256 -26.06 63.30 21.46
C MET O 256 -26.37 63.74 22.89
N LEU O 257 -26.37 62.81 23.83
CA LEU O 257 -26.67 63.16 25.22
C LEU O 257 -25.58 64.03 25.83
N ALA O 258 -24.31 63.71 25.59
CA ALA O 258 -23.23 64.52 26.14
C ALA O 258 -23.27 65.94 25.58
N GLN O 259 -23.55 66.07 24.30
CA GLN O 259 -23.58 67.39 23.68
C GLN O 259 -24.83 68.16 24.06
N ALA O 260 -25.94 67.47 24.31
CA ALA O 260 -27.16 68.14 24.72
C ALA O 260 -27.07 68.64 26.16
N ASN O 261 -26.17 68.05 26.95
CA ASN O 261 -26.04 68.46 28.35
C ASN O 261 -25.44 69.86 28.49
N GLN O 262 -24.61 70.29 27.55
CA GLN O 262 -23.99 71.60 27.64
C GLN O 262 -24.71 72.66 26.82
N LEU O 263 -25.98 72.43 26.50
CA LEU O 263 -26.86 73.46 25.95
C LEU O 263 -27.04 74.65 26.88
N PRO O 264 -27.28 74.47 28.19
CA PRO O 264 -27.55 75.63 29.05
C PRO O 264 -26.36 76.56 29.25
N GLN O 265 -25.17 76.21 28.76
CA GLN O 265 -24.02 77.09 28.91
C GLN O 265 -24.13 78.35 28.05
N VAL O 266 -25.12 78.41 27.15
CA VAL O 266 -25.36 79.64 26.40
C VAL O 266 -25.73 80.78 27.35
N ALA O 267 -26.42 80.46 28.44
CA ALA O 267 -26.83 81.48 29.40
C ALA O 267 -25.65 82.22 30.02
N LEU O 268 -24.48 81.60 30.08
CA LEU O 268 -23.29 82.27 30.60
C LEU O 268 -22.73 83.30 29.64
N SER O 269 -23.04 83.20 28.35
CA SER O 269 -22.53 84.19 27.39
C SER O 269 -23.20 85.53 27.59
N LEU O 270 -24.47 85.55 27.99
CA LEU O 270 -25.20 86.80 28.13
C LEU O 270 -24.98 87.39 29.53
N LEU O 271 -23.71 87.58 29.86
CA LEU O 271 -23.29 88.27 31.07
C LEU O 271 -23.91 87.60 32.30
N GLY O 272 -23.47 86.39 32.59
CA GLY O 272 -23.91 85.69 33.79
C GLY O 272 -25.39 85.42 33.88
N ALA P 1 -40.97 132.39 41.03
CA ALA P 1 -40.98 130.96 41.29
C ALA P 1 -39.62 130.49 41.77
N ILE P 2 -38.98 131.27 42.63
CA ILE P 2 -37.69 130.90 43.19
C ILE P 2 -37.83 130.70 44.69
N THR P 3 -37.96 129.45 45.11
CA THR P 3 -38.22 129.14 46.51
C THR P 3 -37.03 128.40 47.13
N VAL P 4 -36.92 128.49 48.45
CA VAL P 4 -35.84 127.85 49.17
C VAL P 4 -36.40 126.99 50.30
N ASN P 5 -37.69 126.69 50.25
CA ASN P 5 -38.32 125.85 51.27
C ASN P 5 -38.77 124.50 50.73
N THR P 6 -39.18 124.41 49.47
CA THR P 6 -39.58 123.14 48.87
C THR P 6 -38.92 122.98 47.51
N ASN P 7 -38.44 121.76 47.24
CA ASN P 7 -37.82 121.41 45.97
C ASN P 7 -38.63 120.26 45.36
N VAL P 8 -39.68 120.62 44.62
CA VAL P 8 -40.52 119.61 44.01
C VAL P 8 -39.79 118.88 42.89
N THR P 9 -38.83 119.54 42.26
CA THR P 9 -38.00 118.86 41.28
C THR P 9 -37.26 117.68 41.91
N SER P 10 -36.76 117.87 43.13
CA SER P 10 -36.13 116.78 43.85
C SER P 10 -37.13 115.68 44.18
N MET P 11 -38.34 116.07 44.59
CA MET P 11 -39.35 115.07 44.96
C MET P 11 -39.67 114.15 43.78
N LYS P 12 -39.87 114.73 42.59
CA LYS P 12 -40.13 113.91 41.42
C LYS P 12 -38.90 113.09 41.05
N ALA P 13 -37.71 113.67 41.17
CA ALA P 13 -36.49 112.94 40.85
C ALA P 13 -36.28 111.76 41.78
N GLN P 14 -36.59 111.93 43.06
CA GLN P 14 -36.41 110.85 44.02
C GLN P 14 -37.27 109.65 43.69
N LYS P 15 -38.52 109.89 43.29
CA LYS P 15 -39.43 108.79 42.99
C LYS P 15 -38.94 107.96 41.82
N ASN P 16 -38.41 108.62 40.78
CA ASN P 16 -37.94 107.90 39.61
C ASN P 16 -36.74 107.03 39.95
N LEU P 17 -35.86 107.51 40.81
CA LEU P 17 -34.70 106.71 41.22
C LEU P 17 -35.14 105.47 42.01
N ASN P 18 -36.16 105.62 42.86
CA ASN P 18 -36.65 104.48 43.64
C ASN P 18 -37.22 103.40 42.73
N THR P 19 -37.97 103.82 41.70
CA THR P 19 -38.54 102.84 40.77
C THR P 19 -37.47 102.09 40.01
N SER P 20 -36.43 102.79 39.54
CA SER P 20 -35.35 102.14 38.81
C SER P 20 -34.52 101.23 39.69
N ASN P 21 -34.34 101.57 40.97
CA ASN P 21 -33.62 100.72 41.89
C ASN P 21 -34.38 99.45 42.22
N SER P 22 -35.70 99.55 42.39
CA SER P 22 -36.51 98.38 42.70
C SER P 22 -36.56 97.41 41.54
N GLY P 23 -36.62 97.91 40.31
CA GLY P 23 -36.61 97.06 39.14
C GLY P 23 -35.29 96.32 38.96
N LEU P 24 -34.19 96.99 39.29
CA LEU P 24 -32.89 96.34 39.22
C LEU P 24 -32.79 95.22 40.23
N SER P 25 -33.30 95.44 41.44
CA SER P 25 -33.22 94.44 42.50
C SER P 25 -34.01 93.18 42.13
N THR P 26 -35.23 93.35 41.62
CA THR P 26 -36.06 92.20 41.32
C THR P 26 -35.51 91.38 40.16
N SER P 27 -34.77 92.02 39.25
CA SER P 27 -34.18 91.28 38.15
C SER P 27 -33.03 90.40 38.60
N MET P 28 -32.25 90.85 39.59
CA MET P 28 -31.11 90.06 40.05
C MET P 28 -31.56 88.77 40.73
N GLU P 29 -32.61 88.83 41.55
CA GLU P 29 -33.03 87.63 42.26
C GLU P 29 -33.67 86.61 41.32
N ARG P 30 -34.36 87.08 40.28
CA ARG P 30 -34.83 86.16 39.27
C ARG P 30 -33.68 85.49 38.53
N LEU P 31 -32.62 86.23 38.25
CA LEU P 31 -31.44 85.66 37.61
C LEU P 31 -30.63 84.78 38.55
N SER P 32 -30.59 85.08 39.84
CA SER P 32 -29.78 84.32 40.76
C SER P 32 -30.37 82.95 41.08
N SER P 33 -31.68 82.79 40.93
CA SER P 33 -32.35 81.52 41.19
C SER P 33 -32.75 80.82 39.90
N GLY P 34 -33.41 81.53 38.99
CA GLY P 34 -33.81 80.95 37.74
C GLY P 34 -35.30 80.71 37.66
N LEU P 35 -36.06 81.39 38.51
CA LEU P 35 -37.51 81.24 38.55
C LEU P 35 -38.17 82.60 38.38
N ARG P 36 -39.14 82.65 37.47
CA ARG P 36 -39.93 83.87 37.31
C ARG P 36 -40.87 84.09 38.49
N ILE P 37 -41.58 83.07 38.92
CA ILE P 37 -42.49 83.18 40.06
C ILE P 37 -41.75 82.83 41.34
N ASN P 38 -41.03 83.81 41.90
CA ASN P 38 -40.35 83.61 43.16
C ASN P 38 -41.36 83.67 44.30
N SER P 39 -42.13 84.76 44.35
CA SER P 39 -43.15 84.94 45.36
C SER P 39 -44.52 85.07 44.70
N ALA P 40 -45.53 85.34 45.53
CA ALA P 40 -46.88 85.56 45.05
C ALA P 40 -47.09 86.95 44.47
N LYS P 41 -46.03 87.77 44.39
CA LYS P 41 -46.15 89.04 43.69
C LYS P 41 -46.61 88.80 42.26
N ASP P 42 -46.02 87.81 41.60
CA ASP P 42 -46.21 87.49 40.20
C ASP P 42 -47.48 86.69 39.99
N ASP P 43 -47.58 86.00 38.86
CA ASP P 43 -48.80 85.31 38.47
C ASP P 43 -49.38 84.50 39.62
N ALA P 44 -50.55 84.92 40.10
CA ALA P 44 -51.21 84.20 41.17
C ALA P 44 -51.72 82.85 40.69
N ALA P 45 -52.22 82.79 39.46
CA ALA P 45 -52.67 81.53 38.89
C ALA P 45 -51.53 80.64 38.46
N GLY P 46 -50.38 81.23 38.13
CA GLY P 46 -49.26 80.42 37.66
C GLY P 46 -48.73 79.48 38.72
N LEU P 47 -48.60 79.98 39.95
CA LEU P 47 -48.05 79.15 41.03
C LEU P 47 -49.01 78.03 41.40
N ALA P 48 -50.31 78.31 41.34
CA ALA P 48 -51.29 77.27 41.62
C ALA P 48 -51.23 76.14 40.59
N ILE P 49 -51.13 76.52 39.30
CA ILE P 49 -51.03 75.52 38.25
C ILE P 49 -49.73 74.74 38.38
N SER P 50 -48.64 75.44 38.68
CA SER P 50 -47.34 74.78 38.78
C SER P 50 -47.31 73.75 39.90
N ASN P 51 -48.04 74.00 40.97
CA ASN P 51 -48.05 73.06 42.09
C ASN P 51 -48.65 71.73 41.67
N ARG P 52 -49.75 71.75 40.92
CA ARG P 52 -50.31 70.49 40.42
C ARG P 52 -49.42 69.83 39.38
N LEU P 53 -48.78 70.61 38.51
CA LEU P 53 -47.81 70.05 37.58
C LEU P 53 -46.62 69.45 38.30
N ASN P 54 -46.17 70.11 39.39
CA ASN P 54 -45.10 69.55 40.20
C ASN P 54 -45.51 68.22 40.81
N SER P 55 -46.76 68.10 41.26
CA SER P 55 -47.24 66.85 41.80
C SER P 55 -47.24 65.75 40.75
N GLN P 56 -47.62 66.06 39.52
CA GLN P 56 -47.63 65.05 38.47
C GLN P 56 -46.21 64.57 38.13
N VAL P 57 -45.26 65.50 38.06
CA VAL P 57 -43.89 65.14 37.71
C VAL P 57 -43.29 64.24 38.79
N ARG P 58 -43.40 64.66 40.04
CA ARG P 58 -42.88 63.85 41.14
C ARG P 58 -43.74 62.62 41.37
N GLY P 59 -45.05 62.73 41.14
CA GLY P 59 -45.91 61.57 41.29
C GLY P 59 -45.57 60.46 40.32
N LEU P 60 -45.29 60.81 39.06
CA LEU P 60 -44.91 59.81 38.09
C LEU P 60 -43.58 59.16 38.45
N GLU P 61 -42.62 59.95 38.94
CA GLU P 61 -41.30 59.41 39.24
C GLU P 61 -41.37 58.32 40.30
N VAL P 62 -42.17 58.52 41.34
CA VAL P 62 -42.39 57.47 42.31
C VAL P 62 -43.17 56.31 41.69
N GLY P 63 -44.11 56.63 40.79
CA GLY P 63 -44.87 55.58 40.12
C GLY P 63 -44.00 54.71 39.23
N MET P 64 -42.98 55.31 38.61
CA MET P 64 -42.06 54.52 37.79
C MET P 64 -41.34 53.47 38.63
N ARG P 65 -40.80 53.87 39.78
CA ARG P 65 -40.13 52.91 40.66
C ARG P 65 -41.12 51.90 41.22
N ASN P 66 -42.38 52.29 41.37
CA ASN P 66 -43.39 51.37 41.85
C ASN P 66 -43.59 50.20 40.89
N ALA P 67 -43.55 50.45 39.58
CA ALA P 67 -43.73 49.42 38.58
C ALA P 67 -42.46 48.60 38.33
N ASN P 68 -41.29 49.21 38.44
CA ASN P 68 -40.05 48.43 38.35
C ASN P 68 -39.97 47.37 39.44
N ASP P 69 -40.54 47.63 40.61
CA ASP P 69 -40.64 46.64 41.67
C ASP P 69 -41.55 45.48 41.28
N ALA P 70 -42.68 45.76 40.62
CA ALA P 70 -43.59 44.70 40.22
C ALA P 70 -42.95 43.80 39.16
N ILE P 71 -42.13 44.37 38.29
CA ILE P 71 -41.47 43.60 37.24
C ILE P 71 -40.54 42.59 37.89
N SER P 72 -39.79 43.02 38.91
CA SER P 72 -38.84 42.12 39.56
C SER P 72 -39.55 40.96 40.25
N ILE P 73 -40.69 41.21 40.91
CA ILE P 73 -41.42 40.13 41.55
C ILE P 73 -41.88 39.10 40.52
N ALA P 74 -42.47 39.56 39.42
CA ALA P 74 -42.88 38.64 38.37
C ALA P 74 -41.70 37.92 37.73
N GLN P 75 -40.53 38.58 37.71
CA GLN P 75 -39.34 37.96 37.13
C GLN P 75 -38.87 36.77 37.98
N ILE P 76 -38.89 36.90 39.30
CA ILE P 76 -38.39 35.84 40.16
C ILE P 76 -39.33 34.64 40.14
N ALA P 77 -40.65 34.88 40.21
CA ALA P 77 -41.61 33.78 40.23
C ALA P 77 -41.53 32.99 38.93
N GLU P 78 -41.39 33.68 37.80
CA GLU P 78 -41.28 33.00 36.52
C GLU P 78 -40.04 32.12 36.46
N GLY P 79 -38.93 32.62 36.99
CA GLY P 79 -37.70 31.83 36.98
C GLY P 79 -37.81 30.54 37.75
N ALA P 80 -38.47 30.57 38.90
CA ALA P 80 -38.60 29.38 39.72
C ALA P 80 -39.49 28.33 39.06
N MET P 81 -40.55 28.75 38.37
CA MET P 81 -41.45 27.78 37.74
C MET P 81 -40.78 27.05 36.60
N GLN P 82 -39.74 27.64 35.99
CA GLN P 82 -39.03 26.94 34.93
C GLN P 82 -38.35 25.69 35.46
N GLU P 83 -37.75 25.77 36.64
CA GLU P 83 -37.07 24.60 37.19
C GLU P 83 -38.05 23.52 37.62
N GLN P 84 -39.25 23.91 38.05
CA GLN P 84 -40.27 22.92 38.37
C GLN P 84 -40.72 22.19 37.12
N THR P 85 -40.74 22.88 35.98
CA THR P 85 -41.13 22.23 34.73
C THR P 85 -40.12 21.18 34.30
N ASN P 86 -38.82 21.46 34.41
CA ASN P 86 -37.82 20.48 34.01
C ASN P 86 -37.86 19.21 34.86
N MET P 87 -38.02 19.34 36.17
CA MET P 87 -38.11 18.14 37.01
C MET P 87 -39.39 17.35 36.76
N LEU P 88 -40.49 18.02 36.42
CA LEU P 88 -41.70 17.30 36.07
C LEU P 88 -41.53 16.48 34.80
N GLN P 89 -40.75 17.00 33.84
CA GLN P 89 -40.49 16.25 32.62
C GLN P 89 -39.71 14.98 32.90
N ARG P 90 -38.75 15.05 33.83
CA ARG P 90 -38.00 13.85 34.19
C ARG P 90 -38.88 12.81 34.87
N MET P 91 -39.89 13.24 35.63
CA MET P 91 -40.83 12.29 36.21
C MET P 91 -41.64 11.57 35.14
N ARG P 92 -41.95 12.24 34.03
CA ARG P 92 -42.65 11.59 32.94
C ARG P 92 -41.82 10.46 32.33
N ASP P 93 -40.51 10.69 32.15
CA ASP P 93 -39.67 9.65 31.59
C ASP P 93 -39.57 8.44 32.51
N LEU P 94 -39.46 8.67 33.82
CA LEU P 94 -39.39 7.56 34.77
C LEU P 94 -40.67 6.73 34.76
N THR P 95 -41.83 7.37 34.68
CA THR P 95 -43.08 6.63 34.56
C THR P 95 -43.15 5.82 33.27
N ILE P 96 -42.70 6.38 32.16
CA ILE P 96 -42.62 5.60 30.92
C ILE P 96 -41.58 4.49 31.06
N GLN P 97 -40.42 4.78 31.66
CA GLN P 97 -39.41 3.76 31.88
C GLN P 97 -39.86 2.67 32.84
N SER P 98 -40.76 2.99 33.77
CA SER P 98 -41.21 2.03 34.77
C SER P 98 -42.26 1.07 34.24
N GLU P 99 -42.43 0.97 32.93
CA GLU P 99 -43.52 0.19 32.37
C GLU P 99 -42.95 -1.02 31.60
N ASN P 100 -41.65 -1.25 31.71
CA ASN P 100 -41.06 -2.44 31.10
C ASN P 100 -41.63 -3.71 31.71
N GLY P 101 -41.75 -4.75 30.89
CA GLY P 101 -42.13 -6.06 31.40
C GLY P 101 -40.93 -6.89 31.79
N ALA P 102 -39.73 -6.36 31.59
CA ALA P 102 -38.50 -7.04 31.99
C ALA P 102 -37.99 -6.55 33.34
N ASN P 103 -38.68 -5.61 33.97
CA ASN P 103 -38.29 -5.12 35.28
C ASN P 103 -38.64 -6.17 36.33
N SER P 104 -38.42 -5.84 37.59
CA SER P 104 -38.82 -6.73 38.68
C SER P 104 -39.33 -5.87 39.82
N THR P 105 -39.78 -6.53 40.89
CA THR P 105 -40.31 -5.80 42.04
C THR P 105 -39.24 -4.91 42.66
N ALA P 106 -38.01 -5.41 42.75
CA ALA P 106 -36.92 -4.61 43.28
C ALA P 106 -36.54 -3.46 42.36
N ASP P 107 -36.70 -3.63 41.05
CA ASP P 107 -36.37 -2.58 40.10
C ASP P 107 -37.34 -1.40 40.20
N LEU P 108 -38.63 -1.70 40.39
CA LEU P 108 -39.61 -0.63 40.49
C LEU P 108 -39.41 0.21 41.74
N VAL P 109 -38.91 -0.40 42.82
CA VAL P 109 -38.65 0.37 44.03
C VAL P 109 -37.56 1.40 43.83
N SER P 110 -36.48 1.04 43.11
CA SER P 110 -35.40 1.98 42.85
C SER P 110 -35.88 3.18 42.04
N ILE P 111 -36.75 2.96 41.06
CA ILE P 111 -37.27 4.08 40.27
C ILE P 111 -38.12 4.99 41.14
N LYS P 112 -38.92 4.42 42.05
CA LYS P 112 -39.73 5.24 42.93
C LYS P 112 -38.88 6.07 43.88
N ALA P 113 -37.77 5.51 44.35
CA ALA P 113 -36.87 6.25 45.23
C ALA P 113 -36.29 7.48 44.56
N GLU P 114 -36.26 7.52 43.23
CA GLU P 114 -35.86 8.69 42.47
C GLU P 114 -37.00 9.68 42.30
N MET P 115 -38.18 9.19 41.89
CA MET P 115 -39.35 10.03 41.78
C MET P 115 -39.66 10.71 43.10
N ASP P 116 -39.46 10.00 44.20
CA ASP P 116 -39.82 10.53 45.52
C ASP P 116 -39.01 11.77 45.87
N GLN P 117 -37.71 11.76 45.58
CA GLN P 117 -36.88 12.91 45.89
C GLN P 117 -37.11 14.09 44.96
N LEU P 118 -37.46 13.85 43.70
CA LEU P 118 -37.79 14.96 42.81
C LEU P 118 -39.02 15.71 43.26
N ALA P 119 -40.03 15.01 43.77
CA ALA P 119 -41.21 15.68 44.31
C ALA P 119 -40.90 16.49 45.56
N THR P 120 -39.89 16.09 46.32
CA THR P 120 -39.51 16.86 47.50
C THR P 120 -38.98 18.24 47.14
N GLU P 121 -38.21 18.36 46.05
CA GLU P 121 -37.71 19.66 45.64
C GLU P 121 -38.80 20.57 45.08
N ILE P 122 -39.79 20.01 44.40
CA ILE P 122 -40.91 20.83 43.95
C ILE P 122 -41.58 21.48 45.16
N ASP P 123 -41.66 20.75 46.27
CA ASP P 123 -42.03 21.36 47.54
C ASP P 123 -41.00 22.38 48.00
N SER P 124 -39.71 22.06 47.85
CA SER P 124 -38.67 22.93 48.41
C SER P 124 -38.56 24.25 47.68
N ILE P 125 -38.69 24.25 46.35
CA ILE P 125 -38.67 25.51 45.62
C ILE P 125 -39.90 26.35 45.97
N GLY P 126 -41.06 25.71 46.08
CA GLY P 126 -42.28 26.41 46.40
C GLY P 126 -42.24 27.14 47.72
N ASN P 127 -41.57 26.55 48.71
CA ASN P 127 -41.49 27.14 50.03
C ASN P 127 -40.28 28.05 50.21
N SER P 128 -39.45 28.22 49.20
CA SER P 128 -38.21 28.98 49.36
C SER P 128 -38.21 30.27 48.57
N THR P 129 -38.75 30.24 47.34
CA THR P 129 -38.71 31.40 46.46
C THR P 129 -39.28 32.64 47.14
N ALA P 130 -38.45 33.65 47.34
CA ALA P 130 -38.85 34.81 48.12
C ALA P 130 -38.18 36.06 47.55
N PHE P 131 -38.77 37.20 47.87
CA PHE P 131 -38.26 38.51 47.49
C PHE P 131 -37.72 39.15 48.77
N GLY P 132 -36.47 38.86 49.08
CA GLY P 132 -35.88 39.34 50.31
C GLY P 132 -36.38 38.55 51.50
N ASN P 133 -37.64 38.76 51.89
CA ASN P 133 -38.19 37.97 53.00
C ASN P 133 -39.64 37.57 52.78
N THR P 134 -40.24 37.86 51.62
CA THR P 134 -41.64 37.56 51.37
C THR P 134 -41.73 36.39 50.40
N LYS P 135 -42.37 35.31 50.83
CA LYS P 135 -42.53 34.11 50.02
C LYS P 135 -43.57 34.38 48.94
N LEU P 136 -43.24 34.07 47.69
CA LEU P 136 -44.10 34.44 46.57
C LEU P 136 -44.92 33.29 46.00
N LEU P 137 -44.64 32.04 46.37
CA LEU P 137 -45.32 30.90 45.76
C LEU P 137 -46.12 30.10 46.77
N THR P 138 -46.41 30.68 47.94
CA THR P 138 -47.12 29.95 48.99
C THR P 138 -48.51 30.52 49.24
N GLY P 139 -49.07 31.25 48.28
CA GLY P 139 -50.47 31.64 48.33
C GLY P 139 -50.72 33.03 48.88
N THR P 140 -49.69 33.75 49.32
CA THR P 140 -49.91 35.10 49.80
C THR P 140 -50.19 36.04 48.63
N PHE P 141 -49.94 35.59 47.42
CA PHE P 141 -50.32 36.33 46.22
C PHE P 141 -51.46 35.63 45.49
N SER P 142 -52.23 34.81 46.19
CA SER P 142 -53.40 34.16 45.60
C SER P 142 -54.46 35.16 45.18
N ALA P 143 -54.74 36.17 46.00
CA ALA P 143 -55.61 37.29 45.66
C ALA P 143 -54.70 38.45 45.33
N GLY P 144 -54.58 38.76 44.05
CA GLY P 144 -53.58 39.68 43.53
C GLY P 144 -53.31 40.91 44.36
N LYS P 145 -52.04 41.19 44.61
CA LYS P 145 -51.65 42.39 45.32
C LYS P 145 -51.63 43.58 44.35
N VAL P 146 -51.51 44.78 44.91
CA VAL P 146 -51.76 46.00 44.17
C VAL P 146 -50.51 46.89 44.17
N PHE P 147 -50.15 47.39 42.99
CA PHE P 147 -49.11 48.39 42.83
C PHE P 147 -49.72 49.61 42.14
N GLN P 148 -49.36 50.81 42.60
CA GLN P 148 -49.88 52.05 42.02
C GLN P 148 -48.83 52.65 41.10
N VAL P 149 -49.19 52.85 39.83
CA VAL P 149 -48.25 53.29 38.81
C VAL P 149 -48.56 54.70 38.31
N GLY P 150 -49.61 55.33 38.83
CA GLY P 150 -49.95 56.68 38.48
C GLY P 150 -49.76 57.60 39.68
N HIS P 151 -50.20 58.86 39.51
CA HIS P 151 -50.11 59.82 40.59
C HIS P 151 -51.45 60.11 41.26
N GLN P 152 -52.51 59.39 40.89
CA GLN P 152 -53.81 59.57 41.50
C GLN P 152 -54.40 58.22 41.87
N GLU P 153 -55.44 58.26 42.70
CA GLU P 153 -56.10 57.04 43.13
C GLU P 153 -56.72 56.31 41.96
N GLY P 154 -56.68 54.98 42.01
CA GLY P 154 -57.29 54.16 40.99
C GLY P 154 -56.38 53.75 39.86
N GLU P 155 -55.14 54.27 39.81
CA GLU P 155 -54.18 53.90 38.77
C GLU P 155 -53.32 52.76 39.32
N ASP P 156 -53.90 51.56 39.36
CA ASP P 156 -53.25 50.42 39.99
C ASP P 156 -53.12 49.25 39.03
N ILE P 157 -52.13 48.41 39.30
CA ILE P 157 -51.90 47.16 38.58
C ILE P 157 -51.91 46.02 39.59
N LYS P 158 -52.53 44.91 39.20
CA LYS P 158 -52.71 43.76 40.08
C LYS P 158 -51.92 42.58 39.56
N VAL P 159 -51.12 41.98 40.43
CA VAL P 159 -50.31 40.82 40.10
C VAL P 159 -50.78 39.64 40.96
N THR P 160 -51.20 38.57 40.31
CA THR P 160 -51.73 37.39 40.99
C THR P 160 -50.82 36.20 40.71
N VAL P 161 -50.35 35.54 41.77
CA VAL P 161 -49.53 34.34 41.66
C VAL P 161 -50.19 33.26 42.49
N LYS P 162 -50.71 32.22 41.84
CA LYS P 162 -51.35 31.14 42.56
C LYS P 162 -50.30 30.24 43.20
N ALA P 163 -50.70 29.57 44.27
CA ALA P 163 -49.79 28.69 44.99
C ALA P 163 -49.39 27.51 44.12
N SER P 164 -48.10 27.18 44.13
CA SER P 164 -47.55 26.10 43.32
C SER P 164 -46.55 25.31 44.15
N ASN P 165 -46.98 24.15 44.64
CA ASN P 165 -46.13 23.24 45.40
C ASN P 165 -46.67 21.83 45.17
N LYS P 166 -46.10 20.85 45.87
CA LYS P 166 -46.41 19.46 45.55
C LYS P 166 -47.84 19.09 45.91
N THR P 167 -48.36 19.55 47.05
CA THR P 167 -49.74 19.26 47.39
C THR P 167 -50.69 20.00 46.46
N SER P 168 -50.31 21.21 46.05
CA SER P 168 -51.17 21.98 45.15
C SER P 168 -51.31 21.32 43.79
N LEU P 169 -50.20 20.82 43.24
CA LEU P 169 -50.19 20.25 41.90
C LEU P 169 -50.65 18.80 41.87
N SER P 170 -51.25 18.32 42.97
CA SER P 170 -51.78 16.96 43.06
C SER P 170 -50.69 15.92 42.81
N VAL P 171 -49.55 16.13 43.45
CA VAL P 171 -48.48 15.15 43.48
C VAL P 171 -48.03 14.97 44.93
N GLY P 172 -47.33 13.88 45.20
CA GLY P 172 -46.94 13.59 46.57
C GLY P 172 -47.22 12.15 46.93
N ALA P 173 -48.19 11.57 46.22
CA ALA P 173 -48.49 10.15 46.32
C ALA P 173 -48.53 9.58 44.91
N LEU P 174 -47.39 9.12 44.42
CA LEU P 174 -47.28 8.57 43.08
C LEU P 174 -46.62 7.20 43.17
N ASN P 175 -47.38 6.15 42.90
CA ASN P 175 -46.87 4.79 42.88
C ASN P 175 -46.80 4.27 41.46
N ASN P 176 -46.03 3.21 41.26
CA ASN P 176 -45.87 2.59 39.95
C ASN P 176 -45.85 1.07 40.02
N ALA P 177 -46.58 0.47 40.96
CA ALA P 177 -46.59 -0.97 41.10
C ALA P 177 -47.58 -1.64 40.15
N THR P 178 -48.86 -1.33 40.30
CA THR P 178 -49.90 -1.99 39.52
C THR P 178 -50.10 -1.31 38.17
N SER P 179 -50.90 -1.94 37.31
CA SER P 179 -51.21 -1.34 36.01
C SER P 179 -51.97 -0.03 36.18
N ALA P 180 -52.96 -0.02 37.08
CA ALA P 180 -53.78 1.18 37.27
C ALA P 180 -52.97 2.30 37.92
N ASN P 181 -51.97 1.94 38.72
CA ASN P 181 -51.19 2.96 39.42
C ASN P 181 -50.42 3.84 38.44
N ARG P 182 -49.80 3.23 37.43
CA ARG P 182 -49.03 4.02 36.47
C ARG P 182 -49.93 4.87 35.59
N ALA P 183 -51.09 4.36 35.20
CA ALA P 183 -51.99 5.14 34.35
C ALA P 183 -52.49 6.38 35.06
N SER P 184 -52.82 6.26 36.35
CA SER P 184 -53.28 7.43 37.11
C SER P 184 -52.16 8.44 37.30
N SER P 185 -50.93 7.95 37.53
CA SER P 185 -49.81 8.86 37.76
C SER P 185 -49.49 9.69 36.52
N LEU P 186 -49.59 9.08 35.33
CA LEU P 186 -49.25 9.80 34.11
C LEU P 186 -50.20 10.96 33.85
N ALA P 187 -51.49 10.79 34.12
CA ALA P 187 -52.45 11.86 33.88
C ALA P 187 -52.19 13.06 34.77
N LYS P 188 -51.84 12.83 36.04
CA LYS P 188 -51.67 13.94 36.97
C LYS P 188 -50.45 14.76 36.62
N ILE P 189 -49.37 14.13 36.16
CA ILE P 189 -48.19 14.88 35.75
C ILE P 189 -48.50 15.75 34.53
N ASP P 190 -49.24 15.21 33.56
CA ASP P 190 -49.61 16.00 32.39
C ASP P 190 -50.46 17.19 32.79
N ALA P 191 -51.41 16.99 33.70
CA ALA P 191 -52.22 18.12 34.19
C ALA P 191 -51.36 19.12 34.96
N ALA P 192 -50.29 18.65 35.61
CA ALA P 192 -49.41 19.56 36.34
C ALA P 192 -48.69 20.51 35.40
N ILE P 193 -48.19 20.01 34.27
CA ILE P 193 -47.49 20.87 33.33
C ILE P 193 -48.42 21.93 32.75
N LYS P 194 -49.67 21.55 32.48
CA LYS P 194 -50.62 22.51 31.95
C LYS P 194 -50.88 23.65 32.92
N THR P 195 -51.03 23.33 34.21
CA THR P 195 -51.30 24.37 35.20
C THR P 195 -50.15 25.36 35.31
N ILE P 196 -48.92 24.87 35.33
CA ILE P 196 -47.76 25.76 35.38
C ILE P 196 -47.68 26.59 34.12
N ASP P 197 -47.97 25.99 32.97
CA ASP P 197 -47.88 26.71 31.71
C ASP P 197 -48.82 27.90 31.67
N SER P 198 -50.06 27.71 32.15
CA SER P 198 -51.02 28.81 32.18
C SER P 198 -50.57 29.91 33.14
N GLN P 199 -49.94 29.51 34.25
CA GLN P 199 -49.46 30.50 35.22
C GLN P 199 -48.36 31.36 34.64
N ARG P 200 -47.44 30.76 33.88
CA ARG P 200 -46.36 31.52 33.27
C ARG P 200 -46.89 32.52 32.26
N ALA P 201 -47.90 32.11 31.47
CA ALA P 201 -48.48 33.02 30.49
C ALA P 201 -49.13 34.21 31.16
N ASP P 202 -49.81 34.00 32.29
CA ASP P 202 -50.42 35.11 33.01
C ASP P 202 -49.39 36.09 33.53
N LEU P 203 -48.26 35.60 34.04
CA LEU P 203 -47.23 36.49 34.55
C LEU P 203 -46.51 37.22 33.41
N GLY P 204 -46.33 36.56 32.27
CA GLY P 204 -45.70 37.22 31.13
C GLY P 204 -46.53 38.37 30.59
N ALA P 205 -47.86 38.21 30.56
CA ALA P 205 -48.72 39.26 30.06
C ALA P 205 -48.65 40.51 30.91
N VAL P 206 -48.56 40.35 32.23
CA VAL P 206 -48.51 41.51 33.12
C VAL P 206 -47.24 42.31 32.90
N GLN P 207 -46.10 41.63 32.76
CA GLN P 207 -44.84 42.35 32.58
C GLN P 207 -44.69 42.91 31.17
N ASN P 208 -45.33 42.29 30.18
CA ASN P 208 -45.51 42.99 28.90
C ASN P 208 -46.39 44.20 29.08
N ARG P 209 -47.44 44.08 29.91
CA ARG P 209 -48.30 45.21 30.21
C ARG P 209 -47.55 46.31 30.94
N LEU P 210 -46.74 45.95 31.94
CA LEU P 210 -46.04 46.97 32.73
C LEU P 210 -44.99 47.71 31.92
N ALA P 211 -44.37 47.05 30.94
CA ALA P 211 -43.34 47.71 30.14
C ALA P 211 -43.91 48.90 29.38
N HIS P 212 -45.15 48.79 28.91
CA HIS P 212 -45.76 49.87 28.13
C HIS P 212 -46.13 51.06 29.01
N ASN P 213 -46.45 50.82 30.29
CA ASN P 213 -46.70 51.93 31.20
C ASN P 213 -45.46 52.79 31.40
N ILE P 214 -44.30 52.16 31.57
CA ILE P 214 -43.07 52.91 31.81
C ILE P 214 -42.74 53.80 30.62
N SER P 215 -42.85 53.26 29.41
CA SER P 215 -42.56 54.06 28.22
C SER P 215 -43.53 55.23 28.10
N ASN P 216 -44.81 54.98 28.36
CA ASN P 216 -45.79 56.07 28.33
C ASN P 216 -45.52 57.09 29.42
N SER P 217 -45.19 56.64 30.63
CA SER P 217 -44.91 57.57 31.71
C SER P 217 -43.65 58.39 31.46
N ALA P 218 -42.64 57.80 30.83
CA ALA P 218 -41.43 58.55 30.49
C ALA P 218 -41.73 59.64 29.48
N ASN P 219 -42.58 59.34 28.49
CA ASN P 219 -42.94 60.36 27.50
C ASN P 219 -43.72 61.49 28.15
N THR P 220 -44.76 61.16 28.93
CA THR P 220 -45.60 62.20 29.49
C THR P 220 -44.86 63.06 30.50
N GLN P 221 -43.84 62.50 31.15
CA GLN P 221 -43.05 63.29 32.10
C GLN P 221 -42.31 64.42 31.39
N ALA P 222 -41.75 64.15 30.21
CA ALA P 222 -41.01 65.16 29.48
C ALA P 222 -41.92 66.30 29.04
N ASN P 223 -43.10 65.97 28.53
CA ASN P 223 -44.01 67.01 28.06
C ASN P 223 -44.54 67.88 29.19
N VAL P 224 -44.80 67.30 30.36
CA VAL P 224 -45.22 68.12 31.50
C VAL P 224 -44.10 69.04 31.95
N ALA P 225 -42.85 68.58 31.87
CA ALA P 225 -41.71 69.44 32.19
C ALA P 225 -41.66 70.63 31.24
N ASP P 226 -41.97 70.42 29.96
CA ASP P 226 -42.09 71.53 29.03
C ASP P 226 -43.13 72.54 29.51
N ALA P 227 -44.33 72.05 29.84
CA ALA P 227 -45.41 72.96 30.22
C ALA P 227 -45.06 73.72 31.49
N LYS P 228 -44.43 73.06 32.45
CA LYS P 228 -44.13 73.69 33.73
C LYS P 228 -43.03 74.74 33.63
N SER P 229 -42.08 74.57 32.71
CA SER P 229 -40.99 75.54 32.60
C SER P 229 -41.45 76.84 31.95
N ARG P 230 -42.40 76.78 31.01
CA ARG P 230 -42.85 78.00 30.34
C ARG P 230 -43.54 78.94 31.32
N ILE P 231 -43.99 78.42 32.46
CA ILE P 231 -44.76 79.23 33.40
C ILE P 231 -43.88 79.85 34.47
N VAL P 232 -42.94 79.08 35.04
CA VAL P 232 -42.21 79.52 36.22
C VAL P 232 -40.75 79.91 35.93
N ASP P 233 -40.22 79.59 34.76
CA ASP P 233 -38.81 79.77 34.49
C ASP P 233 -38.57 81.06 33.72
N VAL P 234 -37.42 81.67 33.97
CA VAL P 234 -37.06 82.94 33.33
C VAL P 234 -36.40 82.66 32.00
N ASP P 235 -36.52 83.61 31.09
CA ASP P 235 -35.76 83.62 29.84
C ASP P 235 -34.63 84.62 30.01
N PHE P 236 -33.40 84.14 29.97
CA PHE P 236 -32.26 85.01 30.24
C PHE P 236 -32.12 86.11 29.21
N ALA P 237 -32.54 85.86 27.97
CA ALA P 237 -32.52 86.89 26.95
C ALA P 237 -33.42 88.04 27.36
N LYS P 238 -34.62 87.71 27.86
CA LYS P 238 -35.52 88.74 28.36
C LYS P 238 -34.95 89.41 29.61
N GLU P 239 -34.41 88.62 30.53
CA GLU P 239 -34.00 89.16 31.82
C GLU P 239 -32.72 89.97 31.73
N THR P 240 -31.76 89.52 30.93
CA THR P 240 -30.49 90.24 30.84
C THR P 240 -30.69 91.63 30.24
N SER P 241 -31.55 91.74 29.23
CA SER P 241 -31.82 93.04 28.64
C SER P 241 -32.43 93.98 29.67
N ALA P 242 -33.38 93.49 30.48
CA ALA P 242 -34.00 94.33 31.49
C ALA P 242 -32.99 94.77 32.55
N MET P 243 -32.10 93.87 32.97
CA MET P 243 -31.11 94.20 33.98
C MET P 243 -30.17 95.30 33.50
N THR P 244 -29.63 95.16 32.29
CA THR P 244 -28.85 96.24 31.71
C THR P 244 -29.71 97.47 31.44
N LYS P 245 -31.01 97.27 31.24
CA LYS P 245 -31.89 98.38 30.91
C LYS P 245 -31.98 99.34 32.09
N TYR P 246 -32.09 98.80 33.30
CA TYR P 246 -32.24 99.59 34.52
C TYR P 246 -30.93 100.13 35.06
N GLN P 247 -29.80 99.50 34.73
CA GLN P 247 -28.51 100.01 35.17
C GLN P 247 -28.25 101.40 34.63
N VAL P 248 -28.58 101.62 33.35
CA VAL P 248 -28.41 102.94 32.75
C VAL P 248 -29.34 103.94 33.42
N LEU P 249 -30.59 103.54 33.68
CA LEU P 249 -31.54 104.45 34.31
C LEU P 249 -31.10 104.86 35.71
N GLN P 250 -30.39 103.99 36.41
CA GLN P 250 -29.92 104.33 37.75
C GLN P 250 -28.88 105.43 37.70
N GLN P 251 -27.88 105.30 36.82
CA GLN P 251 -26.86 106.33 36.70
C GLN P 251 -27.45 107.63 36.16
N THR P 252 -28.42 107.53 35.26
CA THR P 252 -29.12 108.73 34.81
C THR P 252 -29.88 109.39 35.96
N GLY P 253 -30.56 108.58 36.77
CA GLY P 253 -31.31 109.13 37.89
C GLY P 253 -30.43 109.79 38.93
N SER P 254 -29.26 109.20 39.21
CA SER P 254 -28.36 109.76 40.21
C SER P 254 -27.78 111.10 39.77
N ALA P 255 -27.39 111.24 38.51
CA ALA P 255 -26.88 112.51 38.03
C ALA P 255 -27.96 113.59 38.02
N MET P 256 -29.19 113.23 37.64
CA MET P 256 -30.27 114.21 37.65
C MET P 256 -30.62 114.66 39.06
N LEU P 257 -30.64 113.72 40.02
CA LEU P 257 -30.97 114.08 41.39
C LEU P 257 -29.89 114.94 42.03
N ALA P 258 -28.62 114.61 41.82
CA ALA P 258 -27.54 115.41 42.39
C ALA P 258 -27.56 116.82 41.84
N GLN P 259 -27.81 116.96 40.54
CA GLN P 259 -27.82 118.29 39.92
C GLN P 259 -29.08 119.07 40.27
N ALA P 260 -30.19 118.37 40.50
CA ALA P 260 -31.42 119.07 40.87
C ALA P 260 -31.35 119.56 42.32
N ASN P 261 -30.48 118.96 43.14
CA ASN P 261 -30.38 119.38 44.53
C ASN P 261 -29.77 120.76 44.69
N GLN P 262 -28.92 121.19 43.76
CA GLN P 262 -28.28 122.50 43.85
C GLN P 262 -28.99 123.57 43.03
N LEU P 263 -30.26 123.34 42.68
CA LEU P 263 -31.10 124.38 42.11
C LEU P 263 -31.29 125.57 43.03
N PRO P 264 -31.57 125.39 44.33
CA PRO P 264 -31.85 126.56 45.18
C PRO P 264 -30.66 127.48 45.41
N GLN P 265 -29.46 127.12 44.96
CA GLN P 265 -28.31 127.99 45.12
C GLN P 265 -28.39 129.25 44.27
N VAL P 266 -29.36 129.31 43.34
CA VAL P 266 -29.56 130.55 42.59
C VAL P 266 -29.95 131.69 43.52
N ALA P 267 -30.67 131.38 44.60
CA ALA P 267 -31.10 132.40 45.55
C ALA P 267 -29.93 133.13 46.19
N LEU P 268 -28.76 132.50 46.29
CA LEU P 268 -27.58 133.17 46.83
C LEU P 268 -26.98 134.20 45.89
N SER P 269 -27.27 134.09 44.58
CA SER P 269 -26.73 135.07 43.65
C SER P 269 -27.39 136.43 43.81
N LEU P 270 -28.67 136.45 44.18
CA LEU P 270 -29.40 137.71 44.31
C LEU P 270 -29.21 138.30 45.71
N LEU P 271 -27.94 138.47 46.07
CA LEU P 271 -27.55 139.17 47.30
C LEU P 271 -28.19 138.51 48.51
N GLY P 272 -27.78 137.29 48.81
CA GLY P 272 -28.24 136.59 50.01
C GLY P 272 -29.74 136.33 50.06
N ALA Q 1 -25.24 7.77 -14.55
CA ALA Q 1 -25.58 6.35 -14.44
C ALA Q 1 -24.68 5.66 -13.43
N ILE Q 2 -24.42 6.33 -12.31
CA ILE Q 2 -23.61 5.76 -11.25
C ILE Q 2 -24.47 5.58 -10.01
N THR Q 3 -24.97 4.36 -9.80
CA THR Q 3 -25.89 4.09 -8.70
C THR Q 3 -25.25 3.17 -7.67
N VAL Q 4 -25.77 3.24 -6.46
CA VAL Q 4 -25.26 2.42 -5.36
C VAL Q 4 -26.40 1.67 -4.69
N ASN Q 5 -27.54 1.58 -5.36
CA ASN Q 5 -28.69 0.85 -4.83
C ASN Q 5 -29.02 -0.41 -5.61
N THR Q 6 -28.79 -0.43 -6.93
CA THR Q 6 -29.04 -1.60 -7.74
C THR Q 6 -27.85 -1.88 -8.64
N ASN Q 7 -27.47 -3.15 -8.76
CA ASN Q 7 -26.38 -3.59 -9.62
C ASN Q 7 -26.96 -4.59 -10.63
N VAL Q 8 -27.47 -4.07 -11.73
CA VAL Q 8 -28.07 -4.93 -12.75
C VAL Q 8 -27.02 -5.76 -13.45
N THR Q 9 -25.77 -5.27 -13.51
CA THR Q 9 -24.69 -6.07 -14.05
C THR Q 9 -24.52 -7.34 -13.24
N SER Q 10 -24.63 -7.25 -11.92
CA SER Q 10 -24.56 -8.43 -11.07
C SER Q 10 -25.75 -9.36 -11.33
N MET Q 11 -26.94 -8.78 -11.51
CA MET Q 11 -28.13 -9.60 -11.73
C MET Q 11 -28.00 -10.45 -13.00
N LYS Q 12 -27.52 -9.84 -14.08
CA LYS Q 12 -27.31 -10.61 -15.30
C LYS Q 12 -26.19 -11.62 -15.13
N ALA Q 13 -25.12 -11.24 -14.43
CA ALA Q 13 -24.00 -12.15 -14.20
C ALA Q 13 -24.43 -13.35 -13.37
N GLN Q 14 -25.29 -13.14 -12.38
CA GLN Q 14 -25.74 -14.24 -11.52
C GLN Q 14 -26.49 -15.28 -12.32
N LYS Q 15 -27.37 -14.83 -13.24
CA LYS Q 15 -28.17 -15.77 -14.01
C LYS Q 15 -27.30 -16.66 -14.88
N ASN Q 16 -26.27 -16.09 -15.49
CA ASN Q 16 -25.40 -16.87 -16.36
C ASN Q 16 -24.65 -17.94 -15.58
N LEU Q 17 -24.21 -17.61 -14.37
CA LEU Q 17 -23.52 -18.59 -13.54
C LEU Q 17 -24.44 -19.74 -13.14
N ASN Q 18 -25.71 -19.43 -12.86
CA ASN Q 18 -26.66 -20.48 -12.49
C ASN Q 18 -26.89 -21.45 -13.65
N THR Q 19 -26.99 -20.92 -14.87
CA THR Q 19 -27.19 -21.78 -16.03
C THR Q 19 -25.99 -22.69 -16.27
N SER Q 20 -24.78 -22.16 -16.14
CA SER Q 20 -23.59 -22.98 -16.33
C SER Q 20 -23.41 -24.03 -15.24
N ASN Q 21 -23.81 -23.71 -14.01
CA ASN Q 21 -23.73 -24.69 -12.92
C ASN Q 21 -24.74 -25.81 -13.08
N SER Q 22 -25.94 -25.49 -13.55
CA SER Q 22 -26.96 -26.52 -13.73
C SER Q 22 -26.60 -27.46 -14.87
N GLY Q 23 -25.99 -26.95 -15.94
CA GLY Q 23 -25.56 -27.79 -17.03
C GLY Q 23 -24.44 -28.73 -16.64
N LEU Q 24 -23.53 -28.25 -15.78
CA LEU Q 24 -22.45 -29.10 -15.29
C LEU Q 24 -23.01 -30.24 -14.44
N SER Q 25 -23.99 -29.93 -13.60
CA SER Q 25 -24.56 -30.95 -12.71
C SER Q 25 -25.24 -32.06 -13.50
N THR Q 26 -26.05 -31.68 -14.50
CA THR Q 26 -26.81 -32.69 -15.25
C THR Q 26 -25.88 -33.57 -16.08
N SER Q 27 -24.73 -33.07 -16.49
CA SER Q 27 -23.79 -33.88 -17.24
C SER Q 27 -23.13 -34.94 -16.38
N MET Q 28 -22.86 -34.63 -15.11
CA MET Q 28 -22.20 -35.59 -14.24
C MET Q 28 -23.08 -36.80 -13.95
N GLU Q 29 -24.37 -36.57 -13.70
CA GLU Q 29 -25.26 -37.69 -13.37
C GLU Q 29 -25.50 -38.59 -14.58
N ARG Q 30 -25.56 -38.01 -15.78
CA ARG Q 30 -25.61 -38.84 -16.98
C ARG Q 30 -24.37 -39.68 -17.14
N LEU Q 31 -23.20 -39.12 -16.83
CA LEU Q 31 -21.95 -39.87 -16.90
C LEU Q 31 -21.81 -40.88 -15.76
N SER Q 32 -22.35 -40.59 -14.58
CA SER Q 32 -22.18 -41.48 -13.45
C SER Q 32 -23.04 -42.73 -13.55
N SER Q 33 -24.13 -42.68 -14.31
CA SER Q 33 -25.02 -43.82 -14.49
C SER Q 33 -24.86 -44.44 -15.87
N GLY Q 34 -24.91 -43.63 -16.91
CA GLY Q 34 -24.74 -44.13 -18.26
C GLY Q 34 -26.04 -44.12 -19.05
N LEU Q 35 -27.00 -43.33 -18.60
CA LEU Q 35 -28.30 -43.25 -19.24
C LEU Q 35 -28.61 -41.80 -19.59
N ARG Q 36 -29.02 -41.58 -20.84
CA ARG Q 36 -29.46 -40.26 -21.25
C ARG Q 36 -30.80 -39.88 -20.63
N ILE Q 37 -31.77 -40.79 -20.66
CA ILE Q 37 -33.08 -40.54 -20.07
C ILE Q 37 -33.09 -41.00 -18.63
N ASN Q 38 -32.58 -40.16 -17.72
CA ASN Q 38 -32.62 -40.47 -16.30
C ASN Q 38 -34.02 -40.25 -15.75
N SER Q 39 -34.56 -39.05 -15.99
CA SER Q 39 -35.91 -38.71 -15.56
C SER Q 39 -36.77 -38.35 -16.76
N ALA Q 40 -37.99 -37.92 -16.48
CA ALA Q 40 -38.92 -37.49 -17.52
C ALA Q 40 -38.62 -36.08 -18.01
N LYS Q 41 -37.55 -35.44 -17.53
CA LYS Q 41 -37.15 -34.17 -18.10
C LYS Q 41 -36.90 -34.33 -19.60
N ASP Q 42 -36.22 -35.41 -19.97
CA ASP Q 42 -35.76 -35.68 -21.32
C ASP Q 42 -36.90 -36.25 -22.17
N ASP Q 43 -36.54 -36.91 -23.27
CA ASP Q 43 -37.52 -37.40 -24.23
C ASP Q 43 -38.68 -38.11 -23.55
N ALA Q 44 -39.86 -37.50 -23.63
CA ALA Q 44 -41.05 -38.11 -23.06
C ALA Q 44 -41.44 -39.37 -23.82
N ALA Q 45 -41.32 -39.33 -25.14
CA ALA Q 45 -41.62 -40.50 -25.96
C ALA Q 45 -40.54 -41.56 -25.88
N GLY Q 46 -39.30 -41.17 -25.60
CA GLY Q 46 -38.22 -42.14 -25.55
C GLY Q 46 -38.41 -43.17 -24.44
N LEU Q 47 -38.79 -42.70 -23.25
CA LEU Q 47 -38.94 -43.60 -22.12
C LEU Q 47 -40.11 -44.56 -22.33
N ALA Q 48 -41.18 -44.07 -22.96
CA ALA Q 48 -42.32 -44.95 -23.25
C ALA Q 48 -41.93 -46.05 -24.23
N ILE Q 49 -41.19 -45.70 -25.28
CA ILE Q 49 -40.74 -46.70 -26.25
C ILE Q 49 -39.78 -47.68 -25.59
N SER Q 50 -38.88 -47.17 -24.75
CA SER Q 50 -37.87 -48.03 -24.13
C SER Q 50 -38.52 -49.05 -23.20
N ASN Q 51 -39.64 -48.69 -22.57
CA ASN Q 51 -40.31 -49.62 -21.67
C ASN Q 51 -40.81 -50.84 -22.42
N ARG Q 52 -41.42 -50.64 -23.60
CA ARG Q 52 -41.85 -51.78 -24.40
C ARG Q 52 -40.67 -52.57 -24.96
N LEU Q 53 -39.60 -51.90 -25.37
CA LEU Q 53 -38.40 -52.62 -25.78
C LEU Q 53 -37.79 -53.40 -24.63
N ASN Q 54 -37.82 -52.83 -23.42
CA ASN Q 54 -37.34 -53.56 -22.26
C ASN Q 54 -38.17 -54.81 -22.01
N SER Q 55 -39.48 -54.72 -22.21
CA SER Q 55 -40.35 -55.89 -22.05
C SER Q 55 -40.00 -56.97 -23.05
N GLN Q 56 -39.71 -56.59 -24.30
CA GLN Q 56 -39.36 -57.58 -25.32
C GLN Q 56 -38.04 -58.28 -24.98
N VAL Q 57 -37.04 -57.52 -24.54
CA VAL Q 57 -35.75 -58.10 -24.23
C VAL Q 57 -35.86 -59.09 -23.08
N ARG Q 58 -36.48 -58.66 -21.98
CA ARG Q 58 -36.66 -59.54 -20.85
C ARG Q 58 -37.69 -60.63 -21.14
N GLY Q 59 -38.70 -60.30 -21.94
CA GLY Q 59 -39.69 -61.30 -22.30
C GLY Q 59 -39.10 -62.45 -23.09
N LEU Q 60 -38.21 -62.14 -24.04
CA LEU Q 60 -37.56 -63.20 -24.80
C LEU Q 60 -36.66 -64.04 -23.92
N GLU Q 61 -35.95 -63.43 -22.98
CA GLU Q 61 -35.01 -64.17 -22.15
C GLU Q 61 -35.73 -65.25 -21.33
N VAL Q 62 -36.90 -64.92 -20.78
CA VAL Q 62 -37.69 -65.93 -20.10
C VAL Q 62 -38.24 -66.94 -21.10
N GLY Q 63 -38.59 -66.47 -22.30
CA GLY Q 63 -39.08 -67.38 -23.33
C GLY Q 63 -38.04 -68.37 -23.78
N MET Q 64 -36.77 -67.95 -23.81
CA MET Q 64 -35.69 -68.87 -24.16
C MET Q 64 -35.61 -70.03 -23.17
N ARG Q 65 -35.62 -69.73 -21.88
CA ARG Q 65 -35.59 -70.78 -20.87
C ARG Q 65 -36.86 -71.63 -20.91
N ASN Q 66 -37.97 -71.03 -21.33
CA ASN Q 66 -39.21 -71.78 -21.46
C ASN Q 66 -39.10 -72.90 -22.49
N ALA Q 67 -38.41 -72.65 -23.60
CA ALA Q 67 -38.23 -73.64 -24.65
C ALA Q 67 -37.13 -74.65 -24.36
N ASN Q 68 -36.07 -74.24 -23.66
CA ASN Q 68 -35.07 -75.21 -23.22
C ASN Q 68 -35.66 -76.27 -22.32
N ASP Q 69 -36.67 -75.93 -21.53
CA ASP Q 69 -37.40 -76.90 -20.72
C ASP Q 69 -38.17 -77.89 -21.58
N ALA Q 70 -38.80 -77.42 -22.66
CA ALA Q 70 -39.56 -78.32 -23.52
C ALA Q 70 -38.63 -79.31 -24.23
N ILE Q 71 -37.42 -78.88 -24.57
CA ILE Q 71 -36.46 -79.74 -25.25
C ILE Q 71 -36.09 -80.89 -24.33
N SER Q 72 -35.87 -80.60 -23.05
CA SER Q 72 -35.48 -81.64 -22.11
C SER Q 72 -36.58 -82.67 -21.91
N ILE Q 73 -37.84 -82.24 -21.85
CA ILE Q 73 -38.95 -83.19 -21.71
C ILE Q 73 -39.01 -84.13 -22.91
N ALA Q 74 -38.92 -83.58 -24.12
CA ALA Q 74 -38.92 -84.41 -25.32
C ALA Q 74 -37.70 -85.31 -25.38
N GLN Q 75 -36.58 -84.85 -24.80
CA GLN Q 75 -35.37 -85.66 -24.81
C GLN Q 75 -35.51 -86.91 -23.95
N ILE Q 76 -36.13 -86.77 -22.78
CA ILE Q 76 -36.27 -87.91 -21.87
C ILE Q 76 -37.24 -88.94 -22.42
N ALA Q 77 -38.38 -88.49 -22.94
CA ALA Q 77 -39.37 -89.42 -23.47
C ALA Q 77 -38.82 -90.21 -24.64
N GLU Q 78 -38.06 -89.54 -25.51
CA GLU Q 78 -37.46 -90.22 -26.65
C GLU Q 78 -36.48 -91.30 -26.19
N GLY Q 79 -35.69 -91.00 -25.16
CA GLY Q 79 -34.72 -91.96 -24.68
C GLY Q 79 -35.36 -93.22 -24.15
N ALA Q 80 -36.48 -93.09 -23.44
CA ALA Q 80 -37.15 -94.26 -22.88
C ALA Q 80 -37.76 -95.14 -23.95
N MET Q 81 -38.29 -94.54 -25.02
CA MET Q 81 -38.91 -95.35 -26.06
C MET Q 81 -37.89 -96.18 -26.83
N GLN Q 82 -36.63 -95.76 -26.83
CA GLN Q 82 -35.60 -96.56 -27.49
C GLN Q 82 -35.44 -97.91 -26.81
N GLU Q 83 -35.46 -97.94 -25.48
CA GLU Q 83 -35.30 -99.20 -24.78
C GLU Q 83 -36.51 -100.10 -24.94
N GLN Q 84 -37.71 -99.53 -25.08
CA GLN Q 84 -38.88 -100.34 -25.36
C GLN Q 84 -38.78 -100.99 -26.74
N THR Q 85 -38.16 -100.30 -27.69
CA THR Q 85 -38.00 -100.87 -29.03
C THR Q 85 -37.07 -102.07 -29.02
N ASN Q 86 -35.96 -102.01 -28.29
CA ASN Q 86 -35.04 -103.14 -28.26
C ASN Q 86 -35.65 -104.38 -27.64
N MET Q 87 -36.40 -104.24 -26.55
CA MET Q 87 -37.03 -105.40 -25.94
C MET Q 87 -38.14 -105.98 -26.81
N LEU Q 88 -38.84 -105.14 -27.57
CA LEU Q 88 -39.84 -105.65 -28.50
C LEU Q 88 -39.20 -106.47 -29.61
N GLN Q 89 -38.00 -106.09 -30.04
CA GLN Q 89 -37.30 -106.87 -31.06
C GLN Q 89 -36.94 -108.25 -30.55
N ARG Q 90 -36.52 -108.34 -29.29
CA ARG Q 90 -36.21 -109.64 -28.71
C ARG Q 90 -37.45 -110.53 -28.61
N MET Q 91 -38.62 -109.95 -28.38
CA MET Q 91 -39.85 -110.74 -28.38
C MET Q 91 -40.16 -111.31 -29.75
N ARG Q 92 -39.80 -110.59 -30.82
CA ARG Q 92 -39.99 -111.12 -32.16
C ARG Q 92 -39.15 -112.36 -32.39
N ASP Q 93 -37.89 -112.35 -31.94
CA ASP Q 93 -37.04 -113.51 -32.12
C ASP Q 93 -37.56 -114.72 -31.36
N LEU Q 94 -38.04 -114.52 -30.14
CA LEU Q 94 -38.59 -115.63 -29.37
C LEU Q 94 -39.81 -116.25 -30.02
N THR Q 95 -40.70 -115.42 -30.58
CA THR Q 95 -41.83 -115.94 -31.33
C THR Q 95 -41.41 -116.73 -32.56
N ILE Q 96 -40.40 -116.25 -33.29
CA ILE Q 96 -39.86 -117.02 -34.39
C ILE Q 96 -39.19 -118.29 -33.89
N GLN Q 97 -38.42 -118.19 -32.80
CA GLN Q 97 -37.78 -119.37 -32.22
C GLN Q 97 -38.78 -120.36 -31.67
N SER Q 98 -39.96 -119.90 -31.24
CA SER Q 98 -40.96 -120.78 -30.64
C SER Q 98 -41.76 -121.56 -31.67
N GLU Q 99 -41.31 -121.63 -32.92
CA GLU Q 99 -42.10 -122.22 -33.99
C GLU Q 99 -41.42 -123.50 -34.48
N ASN Q 100 -40.36 -123.95 -33.81
CA ASN Q 100 -39.73 -125.22 -34.17
C ASN Q 100 -40.69 -126.38 -34.00
N GLY Q 101 -40.56 -127.38 -34.85
CA GLY Q 101 -41.31 -128.60 -34.70
C GLY Q 101 -40.57 -129.62 -33.85
N ALA Q 102 -39.35 -129.30 -33.44
CA ALA Q 102 -38.58 -130.17 -32.56
C ALA Q 102 -38.69 -129.78 -31.10
N ASN Q 103 -39.46 -128.74 -30.79
CA ASN Q 103 -39.66 -128.32 -29.41
C ASN Q 103 -40.63 -129.30 -28.74
N SER Q 104 -40.98 -129.02 -27.49
CA SER Q 104 -41.95 -129.83 -26.78
C SER Q 104 -42.82 -128.90 -25.95
N THR Q 105 -43.81 -129.49 -25.27
CA THR Q 105 -44.71 -128.69 -24.45
C THR Q 105 -43.94 -127.98 -23.33
N ALA Q 106 -42.99 -128.68 -22.71
CA ALA Q 106 -42.17 -128.07 -21.67
C ALA Q 106 -41.24 -126.99 -22.22
N ASP Q 107 -40.79 -127.14 -23.47
CA ASP Q 107 -39.91 -126.14 -24.06
C ASP Q 107 -40.63 -124.82 -24.33
N LEU Q 108 -41.88 -124.91 -24.78
CA LEU Q 108 -42.64 -123.70 -25.07
C LEU Q 108 -42.93 -122.91 -23.81
N VAL Q 109 -43.09 -123.59 -22.68
CA VAL Q 109 -43.34 -122.89 -21.42
C VAL Q 109 -42.13 -122.05 -21.01
N SER Q 110 -40.91 -122.57 -21.17
CA SER Q 110 -39.72 -121.81 -20.83
C SER Q 110 -39.58 -120.54 -21.67
N ILE Q 111 -39.91 -120.61 -22.96
CA ILE Q 111 -39.84 -119.43 -23.79
C ILE Q 111 -40.86 -118.40 -23.36
N LYS Q 112 -42.06 -118.84 -22.97
CA LYS Q 112 -43.06 -117.90 -22.51
C LYS Q 112 -42.65 -117.23 -21.20
N ALA Q 113 -41.99 -117.96 -20.31
CA ALA Q 113 -41.51 -117.37 -19.06
C ALA Q 113 -40.51 -116.25 -19.29
N GLU Q 114 -39.85 -116.21 -20.45
CA GLU Q 114 -38.98 -115.11 -20.83
C GLU Q 114 -39.76 -113.96 -21.43
N MET Q 115 -40.66 -114.25 -22.38
CA MET Q 115 -41.51 -113.22 -22.96
C MET Q 115 -42.31 -112.51 -21.89
N ASP Q 116 -42.76 -113.24 -20.88
CA ASP Q 116 -43.62 -112.67 -19.84
C ASP Q 116 -42.90 -111.58 -19.06
N GLN Q 117 -41.63 -111.81 -18.70
CA GLN Q 117 -40.89 -110.80 -17.95
C GLN Q 117 -40.49 -109.59 -18.78
N LEU Q 118 -40.23 -109.77 -20.08
CA LEU Q 118 -39.94 -108.63 -20.93
C LEU Q 118 -41.12 -107.68 -21.04
N ALA Q 119 -42.34 -108.20 -21.11
CA ALA Q 119 -43.52 -107.36 -21.14
C ALA Q 119 -43.73 -106.61 -19.84
N THR Q 120 -43.26 -107.18 -18.71
CA THR Q 120 -43.37 -106.49 -17.43
C THR Q 120 -42.55 -105.20 -17.41
N GLU Q 121 -41.35 -105.21 -18.00
CA GLU Q 121 -40.54 -104.00 -18.02
C GLU Q 121 -41.10 -102.93 -18.94
N ILE Q 122 -41.72 -103.32 -20.06
CA ILE Q 122 -42.36 -102.32 -20.90
C ILE Q 122 -43.42 -101.57 -20.09
N ASP Q 123 -44.12 -102.29 -19.21
CA ASP Q 123 -44.96 -101.63 -18.22
C ASP Q 123 -44.12 -100.80 -17.25
N SER Q 124 -42.98 -101.32 -16.80
CA SER Q 124 -42.22 -100.64 -15.75
C SER Q 124 -41.59 -99.35 -16.25
N ILE Q 125 -41.08 -99.32 -17.48
CA ILE Q 125 -40.54 -98.08 -18.02
C ILE Q 125 -41.65 -97.05 -18.21
N GLY Q 126 -42.80 -97.49 -18.70
CA GLY Q 126 -43.92 -96.61 -18.94
C GLY Q 126 -44.40 -95.90 -17.69
N ASN Q 127 -44.37 -96.59 -16.55
CA ASN Q 127 -44.84 -96.02 -15.30
C ASN Q 127 -43.75 -95.33 -14.50
N SER Q 128 -42.51 -95.29 -15.00
CA SER Q 128 -41.41 -94.75 -14.22
C SER Q 128 -40.85 -93.46 -14.82
N THR Q 129 -40.75 -93.41 -16.15
CA THR Q 129 -40.13 -92.27 -16.82
C THR Q 129 -40.77 -90.95 -16.39
N ALA Q 130 -40.00 -90.09 -15.74
CA ALA Q 130 -40.56 -88.89 -15.15
C ALA Q 130 -39.53 -87.77 -15.24
N PHE Q 131 -40.03 -86.54 -15.15
CA PHE Q 131 -39.21 -85.32 -15.14
C PHE Q 131 -39.26 -84.78 -13.71
N GLY Q 132 -38.36 -85.28 -12.87
CA GLY Q 132 -38.36 -84.91 -11.47
C GLY Q 132 -39.47 -85.62 -10.71
N ASN Q 133 -40.72 -85.20 -10.95
CA ASN Q 133 -41.83 -85.90 -10.28
C ASN Q 133 -43.05 -86.04 -11.19
N THR Q 134 -42.98 -85.66 -12.46
CA THR Q 134 -44.13 -85.73 -13.35
C THR Q 134 -43.91 -86.86 -14.34
N LYS Q 135 -44.82 -87.83 -14.35
CA LYS Q 135 -44.75 -88.98 -15.24
C LYS Q 135 -45.11 -88.54 -16.65
N LEU Q 136 -44.29 -88.90 -17.62
CA LEU Q 136 -44.44 -88.39 -18.98
C LEU Q 136 -45.06 -89.39 -19.96
N LEU Q 137 -45.16 -90.67 -19.61
CA LEU Q 137 -45.63 -91.67 -20.54
C LEU Q 137 -46.92 -92.34 -20.08
N THR Q 138 -47.64 -91.73 -19.14
CA THR Q 138 -48.85 -92.33 -18.61
C THR Q 138 -50.10 -91.55 -18.99
N GLY Q 139 -50.03 -90.74 -20.04
CA GLY Q 139 -51.21 -90.12 -20.61
C GLY Q 139 -51.50 -88.71 -20.13
N THR Q 140 -50.71 -88.17 -19.21
CA THR Q 140 -50.94 -86.80 -18.78
C THR Q 140 -50.50 -85.82 -19.85
N PHE Q 141 -49.77 -86.32 -20.86
CA PHE Q 141 -49.44 -85.52 -22.03
C PHE Q 141 -50.17 -86.02 -23.26
N SER Q 142 -51.30 -86.71 -23.06
CA SER Q 142 -52.13 -87.15 -24.18
C SER Q 142 -52.71 -85.99 -24.96
N ALA Q 143 -53.19 -84.95 -24.28
CA ALA Q 143 -53.63 -83.71 -24.90
C ALA Q 143 -52.52 -82.70 -24.68
N GLY Q 144 -51.77 -82.42 -25.73
CA GLY Q 144 -50.53 -81.66 -25.64
C GLY Q 144 -50.50 -80.49 -24.70
N LYS Q 145 -49.47 -80.43 -23.85
CA LYS Q 145 -49.30 -79.31 -22.95
C LYS Q 145 -48.66 -78.13 -23.70
N VAL Q 146 -48.66 -76.97 -23.06
CA VAL Q 146 -48.34 -75.72 -23.73
C VAL Q 146 -47.14 -75.06 -23.08
N PHE Q 147 -46.20 -74.62 -23.91
CA PHE Q 147 -45.07 -73.78 -23.49
C PHE Q 147 -45.09 -72.49 -24.28
N GLN Q 148 -44.84 -71.37 -23.62
CA GLN Q 148 -44.84 -70.05 -24.26
C GLN Q 148 -43.40 -69.63 -24.54
N VAL Q 149 -43.10 -69.38 -25.81
CA VAL Q 149 -41.74 -69.08 -26.23
C VAL Q 149 -41.58 -67.64 -26.71
N GLY Q 150 -42.64 -66.85 -26.69
CA GLY Q 150 -42.59 -65.45 -27.05
C GLY Q 150 -42.85 -64.58 -25.84
N HIS Q 151 -42.98 -63.28 -26.08
CA HIS Q 151 -43.27 -62.35 -25.01
C HIS Q 151 -44.70 -61.85 -25.03
N GLN Q 152 -45.55 -62.39 -25.89
CA GLN Q 152 -46.95 -62.00 -25.95
C GLN Q 152 -47.83 -63.24 -25.99
N GLU Q 153 -49.12 -63.02 -25.75
CA GLU Q 153 -50.08 -64.12 -25.77
C GLU Q 153 -50.16 -64.74 -27.16
N GLY Q 154 -50.35 -66.06 -27.20
CA GLY Q 154 -50.50 -66.76 -28.44
C GLY Q 154 -49.23 -67.31 -29.06
N GLU Q 155 -48.07 -67.00 -28.49
CA GLU Q 155 -46.80 -67.52 -28.98
C GLU Q 155 -46.47 -68.79 -28.19
N ASP Q 156 -47.16 -69.88 -28.52
CA ASP Q 156 -47.05 -71.11 -27.75
C ASP Q 156 -46.65 -72.28 -28.63
N ILE Q 157 -46.03 -73.27 -28.00
CA ILE Q 157 -45.67 -74.53 -28.63
C ILE Q 157 -46.32 -75.66 -27.84
N LYS Q 158 -46.83 -76.66 -28.57
CA LYS Q 158 -47.57 -77.76 -27.96
C LYS Q 158 -46.79 -79.06 -28.14
N VAL Q 159 -46.61 -79.78 -27.05
CA VAL Q 159 -45.90 -81.06 -27.05
C VAL Q 159 -46.88 -82.14 -26.61
N THR Q 160 -47.10 -83.13 -27.47
CA THR Q 160 -48.03 -84.22 -27.21
C THR Q 160 -47.29 -85.54 -27.13
N VAL Q 161 -47.47 -86.26 -26.03
CA VAL Q 161 -46.87 -87.59 -25.84
C VAL Q 161 -48.00 -88.54 -25.50
N LYS Q 162 -48.29 -89.48 -26.39
CA LYS Q 162 -49.33 -90.45 -26.15
C LYS Q 162 -48.85 -91.51 -25.17
N ALA Q 163 -49.81 -92.12 -24.46
CA ALA Q 163 -49.46 -93.13 -23.48
C ALA Q 163 -48.87 -94.36 -24.16
N SER Q 164 -47.80 -94.89 -23.57
CA SER Q 164 -47.10 -96.05 -24.12
C SER Q 164 -46.73 -96.99 -22.99
N ASN Q 165 -47.49 -98.06 -22.84
CA ASN Q 165 -47.25 -99.11 -21.86
C ASN Q 165 -47.81 -100.41 -22.41
N LYS Q 166 -47.78 -101.47 -21.61
CA LYS Q 166 -48.09 -102.78 -22.15
C LYS Q 166 -49.57 -102.93 -22.53
N THR Q 167 -50.48 -102.40 -21.72
CA THR Q 167 -51.89 -102.46 -22.09
C THR Q 167 -52.18 -101.57 -23.30
N SER Q 168 -51.48 -100.43 -23.39
CA SER Q 168 -51.70 -99.52 -24.52
C SER Q 168 -51.27 -100.15 -25.84
N LEU Q 169 -50.11 -100.81 -25.85
CA LEU Q 169 -49.55 -101.37 -27.07
C LEU Q 169 -50.15 -102.74 -27.42
N SER Q 170 -51.25 -103.11 -26.78
CA SER Q 170 -51.95 -104.37 -27.04
C SER Q 170 -51.03 -105.57 -26.84
N VAL Q 171 -50.30 -105.55 -25.73
CA VAL Q 171 -49.53 -106.71 -25.29
C VAL Q 171 -49.85 -106.96 -23.82
N GLY Q 172 -49.53 -108.15 -23.33
CA GLY Q 172 -49.87 -108.49 -21.97
C GLY Q 172 -50.49 -109.86 -21.91
N ALA Q 173 -51.08 -110.29 -23.02
CA ALA Q 173 -51.59 -111.65 -23.19
C ALA Q 173 -51.04 -112.19 -24.50
N LEU Q 174 -49.88 -112.82 -24.44
CA LEU Q 174 -49.23 -113.39 -25.62
C LEU Q 174 -48.90 -114.85 -25.33
N ASN Q 175 -49.58 -115.76 -26.02
CA ASN Q 175 -49.32 -117.18 -25.90
C ASN Q 175 -48.66 -117.69 -27.16
N ASN Q 176 -48.05 -118.88 -27.06
CA ASN Q 176 -47.38 -119.49 -28.20
C ASN Q 176 -47.61 -121.00 -28.26
N ALA Q 177 -48.77 -121.47 -27.80
CA ALA Q 177 -49.04 -122.91 -27.80
C ALA Q 177 -49.56 -123.39 -29.15
N THR Q 178 -50.70 -122.88 -29.59
CA THR Q 178 -51.32 -123.36 -30.81
C THR Q 178 -50.77 -122.66 -32.04
N SER Q 179 -51.16 -123.14 -33.23
CA SER Q 179 -50.72 -122.48 -34.46
C SER Q 179 -51.29 -121.07 -34.56
N ALA Q 180 -52.57 -120.91 -34.23
CA ALA Q 180 -53.20 -119.59 -34.35
C ALA Q 180 -52.64 -118.63 -33.32
N ASN Q 181 -52.20 -119.14 -32.16
CA ASN Q 181 -51.71 -118.26 -31.10
C ASN Q 181 -50.45 -117.52 -31.53
N ARG Q 182 -49.52 -118.21 -32.19
CA ARG Q 182 -48.29 -117.56 -32.61
C ARG Q 182 -48.52 -116.56 -33.74
N ALA Q 183 -49.42 -116.88 -34.67
CA ALA Q 183 -49.70 -115.97 -35.77
C ALA Q 183 -50.29 -114.65 -35.27
N SER Q 184 -51.21 -114.72 -34.30
CA SER Q 184 -51.80 -113.51 -33.76
C SER Q 184 -50.77 -112.70 -32.98
N SER Q 185 -49.88 -113.37 -32.26
CA SER Q 185 -48.88 -112.66 -31.46
C SER Q 185 -47.91 -111.89 -32.34
N LEU Q 186 -47.52 -112.47 -33.47
CA LEU Q 186 -46.55 -111.81 -34.34
C LEU Q 186 -47.08 -110.50 -34.91
N ALA Q 187 -48.36 -110.47 -35.29
CA ALA Q 187 -48.92 -109.26 -35.87
C ALA Q 187 -48.95 -108.11 -34.85
N LYS Q 188 -49.29 -108.42 -33.60
CA LYS Q 188 -49.42 -107.35 -32.61
C LYS Q 188 -48.06 -106.73 -32.28
N ILE Q 189 -47.00 -107.53 -32.24
CA ILE Q 189 -45.67 -106.98 -32.00
C ILE Q 189 -45.25 -106.07 -33.14
N ASP Q 190 -45.51 -106.47 -34.38
CA ASP Q 190 -45.17 -105.63 -35.52
C ASP Q 190 -45.93 -104.31 -35.47
N ALA Q 191 -47.22 -104.35 -35.13
CA ALA Q 191 -47.98 -103.13 -34.97
C ALA Q 191 -47.46 -102.28 -33.82
N ALA Q 192 -46.90 -102.92 -32.80
CA ALA Q 192 -46.36 -102.17 -31.67
C ALA Q 192 -45.15 -101.34 -32.08
N ILE Q 193 -44.26 -101.91 -32.89
CA ILE Q 193 -43.08 -101.17 -33.31
C ILE Q 193 -43.47 -99.98 -34.18
N LYS Q 194 -44.48 -100.14 -35.03
CA LYS Q 194 -44.92 -99.03 -35.87
C LYS Q 194 -45.45 -97.88 -35.03
N THR Q 195 -46.22 -98.17 -33.99
CA THR Q 195 -46.78 -97.11 -33.17
C THR Q 195 -45.70 -96.32 -32.45
N ILE Q 196 -44.70 -97.01 -31.90
CA ILE Q 196 -43.59 -96.31 -31.24
C ILE Q 196 -42.80 -95.49 -32.25
N ASP Q 197 -42.60 -96.04 -33.45
CA ASP Q 197 -41.83 -95.34 -34.47
C ASP Q 197 -42.47 -94.01 -34.84
N SER Q 198 -43.79 -94.00 -35.01
CA SER Q 198 -44.48 -92.76 -35.34
C SER Q 198 -44.38 -91.75 -34.19
N GLN Q 199 -44.42 -92.25 -32.95
CA GLN Q 199 -44.33 -91.36 -31.80
C GLN Q 199 -42.96 -90.68 -31.73
N ARG Q 200 -41.90 -91.43 -32.02
CA ARG Q 200 -40.57 -90.85 -32.00
C ARG Q 200 -40.41 -89.78 -33.06
N ALA Q 201 -40.96 -90.00 -34.25
CA ALA Q 201 -40.88 -89.02 -35.31
C ALA Q 201 -41.59 -87.72 -34.92
N ASP Q 202 -42.74 -87.84 -34.26
CA ASP Q 202 -43.47 -86.66 -33.82
C ASP Q 202 -42.67 -85.85 -32.80
N LEU Q 203 -42.00 -86.52 -31.86
CA LEU Q 203 -41.21 -85.81 -30.88
C LEU Q 203 -39.95 -85.20 -31.48
N GLY Q 204 -39.35 -85.87 -32.46
CA GLY Q 204 -38.18 -85.32 -33.11
C GLY Q 204 -38.48 -84.06 -33.88
N ALA Q 205 -39.64 -83.99 -34.53
CA ALA Q 205 -40.00 -82.81 -35.31
C ALA Q 205 -40.16 -81.59 -34.41
N VAL Q 206 -40.73 -81.77 -33.23
CA VAL Q 206 -40.95 -80.65 -32.32
C VAL Q 206 -39.62 -80.06 -31.87
N GLN Q 207 -38.65 -80.91 -31.51
CA GLN Q 207 -37.38 -80.40 -31.03
C GLN Q 207 -36.51 -79.88 -32.16
N ASN Q 208 -36.68 -80.38 -33.39
CA ASN Q 208 -36.14 -79.66 -34.54
C ASN Q 208 -36.82 -78.30 -34.68
N ARG Q 209 -38.14 -78.27 -34.45
CA ARG Q 209 -38.87 -77.01 -34.51
C ARG Q 209 -38.40 -76.05 -33.42
N LEU Q 210 -38.22 -76.54 -32.18
CA LEU Q 210 -37.84 -75.66 -31.09
C LEU Q 210 -36.43 -75.09 -31.25
N ALA Q 211 -35.52 -75.84 -31.88
CA ALA Q 211 -34.17 -75.35 -32.05
C ALA Q 211 -34.13 -74.08 -32.90
N HIS Q 212 -35.00 -73.99 -33.89
CA HIS Q 212 -35.02 -72.82 -34.77
C HIS Q 212 -35.59 -71.59 -34.08
N ASN Q 213 -36.50 -71.78 -33.12
CA ASN Q 213 -36.99 -70.64 -32.34
C ASN Q 213 -35.88 -69.99 -31.52
N ILE Q 214 -35.04 -70.81 -30.89
CA ILE Q 214 -33.98 -70.28 -30.04
C ILE Q 214 -33.01 -69.44 -30.86
N SER Q 215 -32.60 -69.96 -32.03
CA SER Q 215 -31.68 -69.21 -32.87
C SER Q 215 -32.30 -67.90 -33.33
N ASN Q 216 -33.58 -67.93 -33.72
CA ASN Q 216 -34.26 -66.70 -34.12
C ASN Q 216 -34.39 -65.74 -32.95
N SER Q 217 -34.73 -66.24 -31.77
CA SER Q 217 -34.87 -65.37 -30.61
C SER Q 217 -33.54 -64.77 -30.18
N ALA Q 218 -32.44 -65.52 -30.31
CA ALA Q 218 -31.14 -64.97 -29.98
C ALA Q 218 -30.76 -63.84 -30.93
N ASN Q 219 -31.07 -63.99 -32.22
CA ASN Q 219 -30.78 -62.92 -33.18
C ASN Q 219 -31.61 -61.68 -32.88
N THR Q 220 -32.92 -61.84 -32.70
CA THR Q 220 -33.78 -60.68 -32.52
C THR Q 220 -33.48 -59.96 -31.21
N GLN Q 221 -32.98 -60.68 -30.21
CA GLN Q 221 -32.62 -60.03 -28.94
C GLN Q 221 -31.49 -59.04 -29.14
N ALA Q 222 -30.49 -59.40 -29.94
CA ALA Q 222 -29.35 -58.51 -30.16
C ALA Q 222 -29.77 -57.24 -30.87
N ASN Q 223 -30.61 -57.36 -31.91
CA ASN Q 223 -31.04 -56.19 -32.66
C ASN Q 223 -31.90 -55.25 -31.83
N VAL Q 224 -32.76 -55.78 -30.97
CA VAL Q 224 -33.56 -54.92 -30.09
C VAL Q 224 -32.66 -54.19 -29.09
N ALA Q 225 -31.60 -54.86 -28.63
CA ALA Q 225 -30.64 -54.19 -27.75
C ALA Q 225 -29.97 -53.01 -28.46
N ASP Q 226 -29.67 -53.17 -29.75
CA ASP Q 226 -29.18 -52.05 -30.54
C ASP Q 226 -30.17 -50.89 -30.53
N ALA Q 227 -31.43 -51.17 -30.82
CA ALA Q 227 -32.42 -50.10 -30.92
C ALA Q 227 -32.62 -49.41 -29.58
N LYS Q 228 -32.61 -50.18 -28.49
CA LYS Q 228 -32.86 -49.61 -27.17
C LYS Q 228 -31.71 -48.75 -26.67
N SER Q 229 -30.46 -49.06 -27.05
CA SER Q 229 -29.34 -48.27 -26.55
C SER Q 229 -29.25 -46.92 -27.25
N ARG Q 230 -29.64 -46.83 -28.51
CA ARG Q 230 -29.54 -45.55 -29.22
C ARG Q 230 -30.47 -44.51 -28.60
N ILE Q 231 -31.47 -44.94 -27.85
CA ILE Q 231 -32.47 -44.02 -27.31
C ILE Q 231 -32.12 -43.57 -25.90
N VAL Q 232 -31.68 -44.49 -25.04
CA VAL Q 232 -31.53 -44.18 -23.61
C VAL Q 232 -30.09 -44.03 -23.17
N ASP Q 233 -29.11 -44.42 -23.98
CA ASP Q 233 -27.73 -44.48 -23.53
C ASP Q 233 -26.98 -43.24 -24.00
N VAL Q 234 -26.01 -42.82 -23.19
CA VAL Q 234 -25.22 -41.63 -23.50
C VAL Q 234 -24.04 -42.01 -24.40
N ASP Q 235 -23.58 -41.04 -25.18
CA ASP Q 235 -22.34 -41.14 -25.92
C ASP Q 235 -21.29 -40.34 -25.17
N PHE Q 236 -20.26 -41.03 -24.66
CA PHE Q 236 -19.28 -40.35 -23.83
C PHE Q 236 -18.52 -39.28 -24.59
N ALA Q 237 -18.34 -39.47 -25.90
CA ALA Q 237 -17.68 -38.44 -26.70
C ALA Q 237 -18.51 -37.16 -26.66
N LYS Q 238 -19.83 -37.29 -26.82
CA LYS Q 238 -20.70 -36.14 -26.70
C LYS Q 238 -20.71 -35.57 -25.28
N GLU Q 239 -20.78 -36.44 -24.28
CA GLU Q 239 -20.96 -35.98 -22.91
C GLU Q 239 -19.69 -35.38 -22.34
N THR Q 240 -18.54 -35.99 -22.62
CA THR Q 240 -17.29 -35.49 -22.06
C THR Q 240 -16.98 -34.08 -22.56
N SER Q 241 -17.24 -33.83 -23.85
CA SER Q 241 -17.02 -32.48 -24.38
C SER Q 241 -17.90 -31.47 -23.69
N ALA Q 242 -19.16 -31.81 -23.46
CA ALA Q 242 -20.06 -30.88 -22.78
C ALA Q 242 -19.63 -30.62 -21.34
N MET Q 243 -19.18 -31.65 -20.64
CA MET Q 243 -18.75 -31.48 -19.26
C MET Q 243 -17.55 -30.55 -19.16
N THR Q 244 -16.53 -30.76 -19.99
CA THR Q 244 -15.42 -29.84 -20.05
C THR Q 244 -15.86 -28.48 -20.58
N LYS Q 245 -16.92 -28.46 -21.38
CA LYS Q 245 -17.38 -27.23 -21.99
C LYS Q 245 -17.88 -26.26 -20.92
N TYR Q 246 -18.63 -26.78 -19.94
CA TYR Q 246 -19.22 -25.99 -18.87
C TYR Q 246 -18.25 -25.67 -17.74
N GLN Q 247 -17.20 -26.47 -17.57
CA GLN Q 247 -16.23 -26.18 -16.53
C GLN Q 247 -15.55 -24.85 -16.78
N VAL Q 248 -15.19 -24.57 -18.04
CA VAL Q 248 -14.58 -23.30 -18.39
C VAL Q 248 -15.55 -22.16 -18.15
N LEU Q 249 -16.83 -22.35 -18.53
CA LEU Q 249 -17.82 -21.30 -18.35
C LEU Q 249 -18.04 -20.98 -16.88
N GLN Q 250 -17.88 -21.96 -15.99
CA GLN Q 250 -18.05 -21.71 -14.56
C GLN Q 250 -16.97 -20.78 -14.04
N GLN Q 251 -15.70 -21.07 -14.37
CA GLN Q 251 -14.61 -20.21 -13.91
C GLN Q 251 -14.68 -18.84 -14.56
N THR Q 252 -15.12 -18.78 -15.81
CA THR Q 252 -15.35 -17.48 -16.44
C THR Q 252 -16.46 -16.72 -15.73
N GLY Q 253 -17.55 -17.40 -15.38
CA GLY Q 253 -18.65 -16.74 -14.71
C GLY Q 253 -18.28 -16.25 -13.32
N SER Q 254 -17.48 -17.01 -12.59
CA SER Q 254 -17.08 -16.61 -11.24
C SER Q 254 -16.19 -15.37 -11.25
N ALA Q 255 -15.23 -15.30 -12.17
CA ALA Q 255 -14.38 -14.12 -12.25
C ALA Q 255 -15.17 -12.89 -12.67
N MET Q 256 -16.10 -13.04 -13.61
CA MET Q 256 -16.91 -11.90 -14.03
C MET Q 256 -17.81 -11.40 -12.90
N LEU Q 257 -18.42 -12.32 -12.15
CA LEU Q 257 -19.30 -11.92 -11.07
C LEU Q 257 -18.54 -11.25 -9.93
N ALA Q 258 -17.37 -11.79 -9.55
CA ALA Q 258 -16.60 -11.17 -8.49
C ALA Q 258 -16.15 -9.77 -8.87
N GLN Q 259 -15.74 -9.59 -10.12
CA GLN Q 259 -15.27 -8.29 -10.56
C GLN Q 259 -16.42 -7.31 -10.77
N ALA Q 260 -17.59 -7.81 -11.14
CA ALA Q 260 -18.74 -6.93 -11.33
C ALA Q 260 -19.29 -6.46 -9.99
N ASN Q 261 -19.00 -7.19 -8.91
CA ASN Q 261 -19.52 -6.81 -7.59
C ASN Q 261 -18.86 -5.54 -7.07
N GLN Q 262 -17.63 -5.25 -7.45
CA GLN Q 262 -16.93 -4.06 -6.96
C GLN Q 262 -17.01 -2.89 -7.94
N LEU Q 263 -17.97 -2.91 -8.85
CA LEU Q 263 -18.29 -1.74 -9.67
C LEU Q 263 -18.73 -0.53 -8.85
N PRO Q 264 -19.62 -0.68 -7.85
CA PRO Q 264 -20.09 0.52 -7.12
C PRO Q 264 -19.02 1.23 -6.31
N GLN Q 265 -17.82 0.67 -6.17
CA GLN Q 265 -16.77 1.36 -5.42
C GLN Q 265 -16.26 2.61 -6.12
N VAL Q 266 -16.65 2.84 -7.37
CA VAL Q 266 -16.32 4.09 -8.04
C VAL Q 266 -16.93 5.27 -7.29
N ALA Q 267 -18.11 5.08 -6.70
CA ALA Q 267 -18.78 6.16 -5.98
C ALA Q 267 -17.96 6.69 -4.81
N LEU Q 268 -17.07 5.87 -4.24
CA LEU Q 268 -16.22 6.33 -3.16
C LEU Q 268 -15.10 7.25 -3.63
N SER Q 269 -14.75 7.21 -4.91
CA SER Q 269 -13.71 8.08 -5.42
C SER Q 269 -14.17 9.53 -5.47
N LEU Q 270 -15.45 9.77 -5.73
CA LEU Q 270 -15.97 11.13 -5.86
C LEU Q 270 -16.38 11.67 -4.49
N LEU Q 271 -15.42 11.63 -3.58
CA LEU Q 271 -15.55 12.25 -2.26
C LEU Q 271 -16.78 11.70 -1.53
N GLY Q 272 -16.74 10.43 -1.17
CA GLY Q 272 -17.80 9.81 -0.39
C GLY Q 272 -19.16 9.80 -1.06
N ALA R 1 -29.21 58.84 1.72
CA ALA R 1 -29.55 57.43 1.82
C ALA R 1 -28.68 56.72 2.85
N ILE R 2 -28.44 57.40 3.98
CA ILE R 2 -27.64 56.81 5.07
C ILE R 2 -28.54 56.63 6.28
N THR R 3 -29.04 55.42 6.48
CA THR R 3 -29.99 55.15 7.55
C THR R 3 -29.38 54.23 8.60
N VAL R 4 -29.92 54.30 9.81
CA VAL R 4 -29.43 53.47 10.91
C VAL R 4 -30.59 52.72 11.55
N ASN R 5 -31.73 52.64 10.86
CA ASN R 5 -32.87 51.92 11.38
C ASN R 5 -33.21 50.66 10.57
N THR R 6 -32.95 50.65 9.27
CA THR R 6 -33.19 49.47 8.44
C THR R 6 -31.98 49.20 7.57
N ASN R 7 -31.62 47.92 7.46
CA ASN R 7 -30.51 47.47 6.61
C ASN R 7 -31.07 46.49 5.61
N VAL R 8 -31.57 47.01 4.48
CA VAL R 8 -32.15 46.16 3.44
C VAL R 8 -31.08 45.32 2.77
N THR R 9 -29.84 45.81 2.73
CA THR R 9 -28.74 44.99 2.22
C THR R 9 -28.60 43.72 3.02
N SER R 10 -28.73 43.81 4.35
CA SER R 10 -28.70 42.63 5.19
C SER R 10 -29.88 41.71 4.91
N MET R 11 -31.07 42.29 4.71
CA MET R 11 -32.26 41.48 4.46
C MET R 11 -32.10 40.64 3.20
N LYS R 12 -31.60 41.24 2.12
CA LYS R 12 -31.36 40.48 0.90
C LYS R 12 -30.25 39.45 1.09
N ALA R 13 -29.21 39.84 1.83
CA ALA R 13 -28.10 38.91 2.07
C ALA R 13 -28.55 37.71 2.89
N GLN R 14 -29.43 37.93 3.87
CA GLN R 14 -29.89 36.83 4.71
C GLN R 14 -30.65 35.79 3.89
N LYS R 15 -31.49 36.24 2.97
CA LYS R 15 -32.29 35.32 2.17
C LYS R 15 -31.41 34.42 1.31
N ASN R 16 -30.36 34.98 0.73
CA ASN R 16 -29.49 34.20 -0.13
C ASN R 16 -28.76 33.12 0.67
N LEU R 17 -28.33 33.45 1.89
CA LEU R 17 -27.66 32.46 2.72
C LEU R 17 -28.60 31.33 3.10
N ASN R 18 -29.87 31.64 3.37
CA ASN R 18 -30.83 30.59 3.71
C ASN R 18 -31.05 29.64 2.56
N THR R 19 -31.13 30.16 1.33
CA THR R 19 -31.31 29.30 0.17
C THR R 19 -30.12 28.38 -0.04
N SER R 20 -28.89 28.90 0.10
CA SER R 20 -27.71 28.08 -0.07
C SER R 20 -27.56 27.03 1.02
N ASN R 21 -27.97 27.34 2.25
CA ASN R 21 -27.92 26.38 3.33
C ASN R 21 -28.93 25.26 3.14
N SER R 22 -30.13 25.59 2.67
CA SER R 22 -31.15 24.56 2.45
C SER R 22 -30.77 23.61 1.32
N GLY R 23 -30.15 24.13 0.27
CA GLY R 23 -29.69 23.29 -0.82
C GLY R 23 -28.58 22.34 -0.41
N LEU R 24 -27.69 22.81 0.47
CA LEU R 24 -26.63 21.95 0.98
C LEU R 24 -27.21 20.82 1.82
N SER R 25 -28.21 21.12 2.64
CA SER R 25 -28.81 20.12 3.52
C SER R 25 -29.48 19.01 2.70
N THR R 26 -30.27 19.39 1.69
CA THR R 26 -31.00 18.39 0.93
C THR R 26 -30.07 17.50 0.12
N SER R 27 -28.90 18.01 -0.27
CA SER R 27 -27.97 17.18 -1.01
C SER R 27 -27.32 16.12 -0.13
N MET R 28 -27.08 16.42 1.14
CA MET R 28 -26.43 15.45 2.03
C MET R 28 -27.33 14.26 2.30
N GLU R 29 -28.62 14.49 2.52
CA GLU R 29 -29.52 13.38 2.83
C GLU R 29 -29.75 12.48 1.62
N ARG R 30 -29.78 13.07 0.41
CA ARG R 30 -29.83 12.23 -0.79
C ARG R 30 -28.57 11.39 -0.92
N LEU R 31 -27.41 11.93 -0.59
CA LEU R 31 -26.17 11.18 -0.63
C LEU R 31 -26.06 10.17 0.50
N SER R 32 -26.61 10.47 1.67
CA SER R 32 -26.47 9.57 2.80
C SER R 32 -27.34 8.32 2.68
N SER R 33 -28.42 8.38 1.91
CA SER R 33 -29.30 7.24 1.70
C SER R 33 -29.12 6.62 0.33
N GLY R 34 -29.14 7.44 -0.72
CA GLY R 34 -28.95 6.94 -2.07
C GLY R 34 -30.23 6.96 -2.87
N LEU R 35 -31.20 7.75 -2.43
CA LEU R 35 -32.48 7.85 -3.10
C LEU R 35 -32.78 9.29 -3.46
N ARG R 36 -33.17 9.51 -4.71
CA ARG R 36 -33.59 10.84 -5.13
C ARG R 36 -34.93 11.23 -4.53
N ILE R 37 -35.91 10.33 -4.59
CA ILE R 37 -37.23 10.59 -4.03
C ILE R 37 -37.27 10.12 -2.58
N ASN R 38 -36.78 10.96 -1.66
CA ASN R 38 -36.84 10.65 -0.24
C ASN R 38 -38.26 10.88 0.27
N SER R 39 -38.78 12.07 0.03
CA SER R 39 -40.13 12.43 0.44
C SER R 39 -40.97 12.79 -0.78
N ALA R 40 -42.20 13.23 -0.53
CA ALA R 40 -43.09 13.67 -1.58
C ALA R 40 -42.79 15.08 -2.06
N LYS R 41 -41.72 15.71 -1.56
CA LYS R 41 -41.29 16.97 -2.12
C LYS R 41 -41.03 16.82 -3.61
N ASP R 42 -40.33 15.74 -3.97
CA ASP R 42 -39.86 15.46 -5.32
C ASP R 42 -40.98 14.89 -6.19
N ASP R 43 -40.61 14.24 -7.28
CA ASP R 43 -41.57 13.76 -8.27
C ASP R 43 -42.75 13.06 -7.60
N ALA R 44 -43.93 13.67 -7.71
CA ALA R 44 -45.14 13.07 -7.15
C ALA R 44 -45.52 11.82 -7.94
N ALA R 45 -45.36 11.85 -9.26
CA ALA R 45 -45.66 10.69 -10.08
C ALA R 45 -44.59 9.62 -9.97
N GLY R 46 -43.35 10.00 -9.67
CA GLY R 46 -42.28 9.02 -9.61
C GLY R 46 -42.49 8.00 -8.50
N LEU R 47 -42.90 8.46 -7.32
CA LEU R 47 -43.07 7.56 -6.19
C LEU R 47 -44.25 6.61 -6.42
N ALA R 48 -45.30 7.10 -7.08
CA ALA R 48 -46.43 6.24 -7.39
C ALA R 48 -46.03 5.14 -8.36
N ILE R 49 -45.27 5.49 -9.40
CA ILE R 49 -44.81 4.49 -10.36
C ILE R 49 -43.87 3.50 -9.68
N SER R 50 -42.98 4.00 -8.83
CA SER R 50 -42.00 3.14 -8.18
C SER R 50 -42.66 2.12 -7.28
N ASN R 51 -43.79 2.48 -6.67
CA ASN R 51 -44.49 1.55 -5.78
C ASN R 51 -44.98 0.34 -6.54
N ARG R 52 -45.57 0.54 -7.73
CA ARG R 52 -45.98 -0.60 -8.54
C ARG R 52 -44.81 -1.39 -9.07
N LEU R 53 -43.72 -0.73 -9.46
CA LEU R 53 -42.52 -1.45 -9.85
C LEU R 53 -41.93 -2.24 -8.70
N ASN R 54 -41.99 -1.67 -7.48
CA ASN R 54 -41.53 -2.41 -6.31
C ASN R 54 -42.37 -3.65 -6.08
N SER R 55 -43.69 -3.55 -6.30
CA SER R 55 -44.56 -4.71 -6.16
C SER R 55 -44.20 -5.80 -7.17
N GLN R 56 -43.88 -5.42 -8.41
CA GLN R 56 -43.52 -6.41 -9.42
C GLN R 56 -42.21 -7.11 -9.06
N VAL R 57 -41.22 -6.36 -8.59
CA VAL R 57 -39.92 -6.95 -8.27
C VAL R 57 -40.07 -7.93 -7.11
N ARG R 58 -40.71 -7.51 -6.03
CA ARG R 58 -40.92 -8.40 -4.89
C ARG R 58 -41.95 -9.47 -5.22
N GLY R 59 -42.95 -9.13 -6.03
CA GLY R 59 -43.93 -10.13 -6.41
C GLY R 59 -43.32 -11.28 -7.19
N LEU R 60 -42.43 -10.98 -8.12
CA LEU R 60 -41.76 -12.04 -8.88
C LEU R 60 -40.89 -12.89 -7.98
N GLU R 61 -40.19 -12.28 -7.02
CA GLU R 61 -39.27 -13.03 -6.17
C GLU R 61 -40.01 -14.11 -5.37
N VAL R 62 -41.19 -13.77 -4.84
CA VAL R 62 -42.00 -14.78 -4.18
C VAL R 62 -42.53 -15.78 -5.20
N GLY R 63 -42.86 -15.31 -6.40
CA GLY R 63 -43.34 -16.21 -7.44
C GLY R 63 -42.28 -17.21 -7.88
N MET R 64 -41.02 -16.80 -7.88
CA MET R 64 -39.94 -17.72 -8.21
C MET R 64 -39.88 -18.88 -7.23
N ARG R 65 -39.92 -18.58 -5.93
CA ARG R 65 -39.91 -19.64 -4.93
C ARG R 65 -41.18 -20.47 -5.00
N ASN R 66 -42.29 -19.87 -5.44
CA ASN R 66 -43.52 -20.62 -5.58
C ASN R 66 -43.40 -21.73 -6.61
N ALA R 67 -42.69 -21.48 -7.71
CA ALA R 67 -42.50 -22.47 -8.76
C ALA R 67 -41.42 -23.49 -8.45
N ASN R 68 -40.37 -23.09 -7.72
CA ASN R 68 -39.38 -24.05 -7.27
C ASN R 68 -39.99 -25.12 -6.38
N ASP R 69 -41.02 -24.78 -5.61
CA ASP R 69 -41.76 -25.74 -4.82
C ASP R 69 -42.52 -26.73 -5.69
N ALA R 70 -43.13 -26.26 -6.78
CA ALA R 70 -43.87 -27.15 -7.66
C ALA R 70 -42.94 -28.14 -8.36
N ILE R 71 -41.73 -27.72 -8.67
CA ILE R 71 -40.75 -28.58 -9.33
C ILE R 71 -40.41 -29.74 -8.40
N SER R 72 -40.21 -29.45 -7.13
CA SER R 72 -39.85 -30.49 -6.17
C SER R 72 -40.96 -31.52 -6.00
N ILE R 73 -42.21 -31.08 -5.96
CA ILE R 73 -43.33 -32.02 -5.84
C ILE R 73 -43.37 -32.96 -7.05
N ALA R 74 -43.26 -32.41 -8.25
CA ALA R 74 -43.25 -33.24 -9.45
C ALA R 74 -42.03 -34.15 -9.49
N GLN R 75 -40.91 -33.70 -8.90
CA GLN R 75 -39.71 -34.51 -8.88
C GLN R 75 -39.88 -35.76 -8.02
N ILE R 76 -40.52 -35.62 -6.87
CA ILE R 76 -40.67 -36.77 -5.96
C ILE R 76 -41.65 -37.79 -6.54
N ALA R 77 -42.77 -37.32 -7.08
CA ALA R 77 -43.76 -38.25 -7.63
C ALA R 77 -43.19 -39.03 -8.79
N GLU R 78 -42.42 -38.37 -9.65
CA GLU R 78 -41.79 -39.07 -10.78
C GLU R 78 -40.82 -40.14 -10.30
N GLY R 79 -40.05 -39.85 -9.25
CA GLY R 79 -39.10 -40.82 -8.75
C GLY R 79 -39.76 -42.08 -8.23
N ALA R 80 -40.89 -41.93 -7.54
CA ALA R 80 -41.58 -43.10 -6.99
C ALA R 80 -42.17 -43.98 -8.08
N MET R 81 -42.68 -43.38 -9.16
CA MET R 81 -43.29 -44.18 -10.22
C MET R 81 -42.26 -45.01 -10.97
N GLN R 82 -40.99 -44.60 -10.95
CA GLN R 82 -39.96 -45.40 -11.59
C GLN R 82 -39.82 -46.76 -10.91
N GLU R 83 -39.87 -46.79 -9.58
CA GLU R 83 -39.72 -48.05 -8.87
C GLU R 83 -40.93 -48.95 -9.06
N GLN R 84 -42.12 -48.36 -9.21
CA GLN R 84 -43.30 -49.17 -9.52
C GLN R 84 -43.18 -49.82 -10.89
N THR R 85 -42.54 -49.13 -11.84
CA THR R 85 -42.36 -49.70 -13.17
C THR R 85 -41.44 -50.91 -13.15
N ASN R 86 -40.33 -50.85 -12.40
CA ASN R 86 -39.41 -51.98 -12.35
C ASN R 86 -40.05 -53.23 -11.74
N MET R 87 -40.82 -53.09 -10.66
CA MET R 87 -41.47 -54.24 -10.08
C MET R 87 -42.56 -54.81 -10.97
N LEU R 88 -43.25 -53.96 -11.74
CA LEU R 88 -44.24 -54.47 -12.68
C LEU R 88 -43.57 -55.29 -13.78
N GLN R 89 -42.37 -54.92 -14.20
CA GLN R 89 -41.66 -55.70 -15.21
C GLN R 89 -41.31 -57.08 -14.69
N ARG R 90 -40.92 -57.18 -13.41
CA ARG R 90 -40.63 -58.48 -12.83
C ARG R 90 -41.87 -59.36 -12.75
N MET R 91 -43.05 -58.78 -12.55
CA MET R 91 -44.28 -59.56 -12.57
C MET R 91 -44.56 -60.12 -13.96
N ARG R 92 -44.18 -59.40 -15.02
CA ARG R 92 -44.35 -59.93 -16.36
C ARG R 92 -43.51 -61.18 -16.58
N ASP R 93 -42.26 -61.18 -16.11
CA ASP R 93 -41.40 -62.34 -16.26
C ASP R 93 -41.95 -63.55 -15.52
N LEU R 94 -42.47 -63.35 -14.30
CA LEU R 94 -43.02 -64.46 -13.54
C LEU R 94 -44.24 -65.06 -14.23
N THR R 95 -45.11 -64.23 -14.80
CA THR R 95 -46.23 -64.74 -15.58
C THR R 95 -45.79 -65.53 -16.80
N ILE R 96 -44.76 -65.05 -17.50
CA ILE R 96 -44.21 -65.83 -18.61
C ILE R 96 -43.56 -67.10 -18.09
N GLN R 97 -42.81 -67.02 -16.98
CA GLN R 97 -42.18 -68.19 -16.39
C GLN R 97 -43.21 -69.18 -15.86
N SER R 98 -44.38 -68.71 -15.46
CA SER R 98 -45.39 -69.59 -14.88
C SER R 98 -46.18 -70.37 -15.93
N GLU R 99 -45.71 -70.43 -17.17
CA GLU R 99 -46.49 -71.01 -18.24
C GLU R 99 -45.80 -72.29 -18.74
N ASN R 100 -44.77 -72.76 -18.04
CA ASN R 100 -44.13 -74.03 -18.38
C ASN R 100 -45.11 -75.18 -18.23
N GLY R 101 -44.96 -76.18 -19.10
CA GLY R 101 -45.73 -77.40 -18.95
C GLY R 101 -45.01 -78.43 -18.10
N ALA R 102 -43.80 -78.11 -17.65
CA ALA R 102 -43.05 -78.99 -16.76
C ALA R 102 -43.18 -78.60 -15.31
N ASN R 103 -43.95 -77.56 -15.01
CA ASN R 103 -44.17 -77.14 -13.63
C ASN R 103 -45.16 -78.11 -12.98
N SER R 104 -45.54 -77.83 -11.74
CA SER R 104 -46.53 -78.64 -11.05
C SER R 104 -47.41 -77.70 -10.23
N THR R 105 -48.41 -78.29 -9.58
CA THR R 105 -49.32 -77.49 -8.77
C THR R 105 -48.58 -76.79 -7.63
N ALA R 106 -47.63 -77.49 -7.00
CA ALA R 106 -46.83 -76.88 -5.94
C ALA R 106 -45.89 -75.81 -6.48
N ASP R 107 -45.42 -75.96 -7.71
CA ASP R 107 -44.51 -74.97 -8.28
C ASP R 107 -45.22 -73.65 -8.56
N LEU R 108 -46.46 -73.71 -9.05
CA LEU R 108 -47.21 -72.51 -9.35
C LEU R 108 -47.52 -71.71 -8.09
N VAL R 109 -47.70 -72.39 -6.96
CA VAL R 109 -47.97 -71.70 -5.71
C VAL R 109 -46.77 -70.86 -5.27
N SER R 110 -45.55 -71.39 -5.41
CA SER R 110 -44.36 -70.64 -5.04
C SER R 110 -44.20 -69.37 -5.87
N ILE R 111 -44.50 -69.45 -7.18
CA ILE R 111 -44.40 -68.26 -8.01
C ILE R 111 -45.43 -67.21 -7.59
N LYS R 112 -46.64 -67.65 -7.23
CA LYS R 112 -47.64 -66.70 -6.78
C LYS R 112 -47.26 -66.04 -5.47
N ALA R 113 -46.62 -66.78 -4.57
CA ALA R 113 -46.16 -66.20 -3.31
C ALA R 113 -45.15 -65.07 -3.51
N GLU R 114 -44.47 -65.04 -4.65
CA GLU R 114 -43.58 -63.95 -5.02
C GLU R 114 -44.34 -62.79 -5.64
N MET R 115 -45.23 -63.08 -6.60
CA MET R 115 -46.05 -62.03 -7.20
C MET R 115 -46.87 -61.32 -6.14
N ASP R 116 -47.34 -62.06 -5.13
CA ASP R 116 -48.22 -61.48 -4.12
C ASP R 116 -47.51 -60.40 -3.32
N GLN R 117 -46.25 -60.62 -2.95
CA GLN R 117 -45.52 -59.63 -2.17
C GLN R 117 -45.09 -58.42 -3.00
N LEU R 118 -44.81 -58.60 -4.28
CA LEU R 118 -44.50 -57.46 -5.12
C LEU R 118 -45.66 -56.50 -5.26
N ALA R 119 -46.89 -57.01 -5.36
CA ALA R 119 -48.07 -56.17 -5.41
C ALA R 119 -48.30 -55.42 -4.10
N THR R 120 -47.85 -55.99 -2.97
CA THR R 120 -47.98 -55.30 -1.70
C THR R 120 -47.15 -54.03 -1.64
N GLU R 121 -45.95 -54.04 -2.22
CA GLU R 121 -45.12 -52.83 -2.22
C GLU R 121 -45.65 -51.75 -3.15
N ILE R 122 -46.25 -52.14 -4.28
CA ILE R 122 -46.88 -51.13 -5.13
C ILE R 122 -47.94 -50.38 -4.34
N ASP R 123 -48.67 -51.10 -3.48
CA ASP R 123 -49.52 -50.44 -2.50
C ASP R 123 -48.70 -49.61 -1.52
N SER R 124 -47.58 -50.13 -1.05
CA SER R 124 -46.83 -49.47 0.02
C SER R 124 -46.18 -48.17 -0.47
N ILE R 125 -45.64 -48.15 -1.68
CA ILE R 125 -45.08 -46.91 -2.21
C ILE R 125 -46.18 -45.87 -2.42
N GLY R 126 -47.33 -46.31 -2.93
CA GLY R 126 -48.44 -45.42 -3.19
C GLY R 126 -48.93 -44.70 -1.95
N ASN R 127 -48.94 -45.39 -0.82
CA ASN R 127 -49.43 -44.83 0.43
C ASN R 127 -48.34 -44.14 1.25
N SER R 128 -47.10 -44.12 0.77
CA SER R 128 -46.00 -43.58 1.57
C SER R 128 -45.43 -42.30 0.99
N THR R 129 -45.30 -42.24 -0.34
CA THR R 129 -44.67 -41.10 -0.99
C THR R 129 -45.31 -39.79 -0.57
N ALA R 130 -44.54 -38.93 0.09
CA ALA R 130 -45.09 -37.72 0.67
C ALA R 130 -44.06 -36.61 0.61
N PHE R 131 -44.56 -35.38 0.69
CA PHE R 131 -43.74 -34.17 0.72
C PHE R 131 -43.81 -33.63 2.14
N GLY R 132 -42.93 -34.13 3.00
CA GLY R 132 -42.96 -33.76 4.40
C GLY R 132 -44.08 -34.46 5.13
N ASN R 133 -45.32 -34.04 4.88
CA ASN R 133 -46.45 -34.74 5.52
C ASN R 133 -47.65 -34.87 4.60
N THR R 134 -47.56 -34.49 3.32
CA THR R 134 -48.68 -34.54 2.40
C THR R 134 -48.45 -35.69 1.42
N LYS R 135 -49.38 -36.64 1.39
CA LYS R 135 -49.29 -37.79 0.51
C LYS R 135 -49.62 -37.34 -0.91
N LEU R 136 -48.78 -37.71 -1.87
CA LEU R 136 -48.91 -37.20 -3.23
C LEU R 136 -49.52 -38.19 -4.22
N LEU R 137 -49.63 -39.46 -3.88
CA LEU R 137 -50.09 -40.48 -4.83
C LEU R 137 -51.39 -41.13 -4.39
N THR R 138 -52.12 -40.51 -3.46
CA THR R 138 -53.34 -41.11 -2.95
C THR R 138 -54.59 -40.32 -3.36
N GLY R 139 -54.50 -39.51 -4.40
CA GLY R 139 -55.65 -38.88 -4.99
C GLY R 139 -55.94 -37.48 -4.52
N THR R 140 -55.17 -36.94 -3.58
CA THR R 140 -55.40 -35.57 -3.15
C THR R 140 -54.92 -34.59 -4.22
N PHE R 141 -54.18 -35.08 -5.21
CA PHE R 141 -53.83 -34.28 -6.37
C PHE R 141 -54.55 -34.78 -7.62
N SER R 142 -55.67 -35.46 -7.44
CA SER R 142 -56.48 -35.89 -8.57
C SER R 142 -57.05 -34.73 -9.37
N ALA R 143 -57.53 -33.69 -8.69
CA ALA R 143 -57.96 -32.45 -9.33
C ALA R 143 -56.85 -31.44 -9.07
N GLY R 144 -56.07 -31.16 -10.11
CA GLY R 144 -54.82 -30.43 -10.01
C GLY R 144 -54.81 -29.25 -9.05
N LYS R 145 -53.80 -29.20 -8.18
CA LYS R 145 -53.64 -28.08 -7.29
C LYS R 145 -52.97 -26.91 -8.02
N VAL R 146 -52.97 -25.74 -7.37
CA VAL R 146 -52.63 -24.49 -8.03
C VAL R 146 -51.44 -23.84 -7.36
N PHE R 147 -50.48 -23.41 -8.17
CA PHE R 147 -49.37 -22.58 -7.72
C PHE R 147 -49.37 -21.29 -8.52
N GLN R 148 -49.11 -20.17 -7.85
CA GLN R 148 -49.10 -18.85 -8.49
C GLN R 148 -47.65 -18.43 -8.74
N VAL R 149 -47.32 -18.18 -10.00
CA VAL R 149 -45.95 -17.89 -10.40
C VAL R 149 -45.76 -16.45 -10.86
N GLY R 150 -46.82 -15.66 -10.87
CA GLY R 150 -46.75 -14.25 -11.23
C GLY R 150 -47.03 -13.39 -10.02
N HIS R 151 -47.15 -12.08 -10.26
CA HIS R 151 -47.46 -11.15 -9.20
C HIS R 151 -48.89 -10.64 -9.23
N GLN R 152 -49.73 -11.17 -10.12
CA GLN R 152 -51.12 -10.77 -10.20
C GLN R 152 -52.01 -12.01 -10.27
N GLU R 153 -53.30 -11.79 -10.05
CA GLU R 153 -54.26 -12.88 -10.08
C GLU R 153 -54.32 -13.49 -11.48
N GLY R 154 -54.51 -14.81 -11.53
CA GLY R 154 -54.66 -15.51 -12.77
C GLY R 154 -53.37 -16.07 -13.36
N GLU R 155 -52.22 -15.77 -12.77
CA GLU R 155 -50.95 -16.30 -13.24
C GLU R 155 -50.63 -17.57 -12.45
N ASP R 156 -51.32 -18.65 -12.79
CA ASP R 156 -51.24 -19.88 -12.02
C ASP R 156 -50.83 -21.06 -12.90
N ILE R 157 -50.23 -22.05 -12.26
CA ILE R 157 -49.87 -23.32 -12.88
C ILE R 157 -50.54 -24.45 -12.11
N LYS R 158 -51.05 -25.43 -12.84
CA LYS R 158 -51.80 -26.53 -12.25
C LYS R 158 -51.03 -27.83 -12.42
N VAL R 159 -50.86 -28.56 -11.33
CA VAL R 159 -50.17 -29.84 -11.31
C VAL R 159 -51.16 -30.93 -10.90
N THR R 160 -51.37 -31.91 -11.77
CA THR R 160 -52.32 -32.98 -11.52
C THR R 160 -51.58 -34.31 -11.44
N VAL R 161 -51.79 -35.04 -10.34
CA VAL R 161 -51.20 -36.37 -10.13
C VAL R 161 -52.35 -37.31 -9.82
N LYS R 162 -52.61 -38.25 -10.72
CA LYS R 162 -53.68 -39.21 -10.50
C LYS R 162 -53.22 -40.29 -9.51
N ALA R 163 -54.18 -40.89 -8.83
CA ALA R 163 -53.88 -41.91 -7.83
C ALA R 163 -53.28 -43.13 -8.49
N SER R 164 -52.22 -43.67 -7.89
CA SER R 164 -51.52 -44.83 -8.43
C SER R 164 -51.17 -45.78 -7.30
N ASN R 165 -51.95 -46.84 -7.17
CA ASN R 165 -51.73 -47.89 -6.17
C ASN R 165 -52.29 -49.18 -6.75
N LYS R 166 -52.28 -50.25 -5.94
CA LYS R 166 -52.59 -51.57 -6.50
C LYS R 166 -54.06 -51.70 -6.90
N THR R 167 -54.99 -51.16 -6.11
CA THR R 167 -56.39 -51.21 -6.52
C THR R 167 -56.65 -50.31 -7.72
N SER R 168 -55.94 -49.18 -7.80
CA SER R 168 -56.12 -48.27 -8.92
C SER R 168 -55.67 -48.90 -10.24
N LEU R 169 -54.52 -49.58 -10.23
CA LEU R 169 -53.95 -50.15 -11.44
C LEU R 169 -54.54 -51.49 -11.80
N SER R 170 -55.66 -51.86 -11.19
CA SER R 170 -56.36 -53.12 -11.46
C SER R 170 -55.45 -54.32 -11.25
N VAL R 171 -54.75 -54.31 -10.12
CA VAL R 171 -53.99 -55.47 -9.66
C VAL R 171 -54.33 -55.72 -8.20
N GLY R 172 -54.03 -56.91 -7.71
CA GLY R 172 -54.40 -57.26 -6.36
C GLY R 172 -55.03 -58.63 -6.32
N ALA R 173 -55.61 -59.04 -7.44
CA ALA R 173 -56.12 -60.40 -7.61
C ALA R 173 -55.56 -60.94 -8.91
N LEU R 174 -54.39 -61.59 -8.83
CA LEU R 174 -53.73 -62.15 -10.00
C LEU R 174 -53.40 -63.61 -9.71
N ASN R 175 -54.08 -64.52 -10.41
CA ASN R 175 -53.84 -65.94 -10.28
C ASN R 175 -53.15 -66.45 -11.54
N ASN R 176 -52.55 -67.64 -11.43
CA ASN R 176 -51.85 -68.26 -12.55
C ASN R 176 -52.10 -69.77 -12.62
N ALA R 177 -53.27 -70.24 -12.19
CA ALA R 177 -53.56 -71.67 -12.19
C ALA R 177 -54.05 -72.15 -13.55
N THR R 178 -55.17 -71.63 -14.01
CA THR R 178 -55.79 -72.11 -15.25
C THR R 178 -55.20 -71.40 -16.47
N SER R 179 -55.56 -71.87 -17.67
CA SER R 179 -55.10 -71.23 -18.89
C SER R 179 -55.65 -69.82 -19.00
N ALA R 180 -56.94 -69.64 -18.69
CA ALA R 180 -57.56 -68.33 -18.82
C ALA R 180 -57.01 -67.36 -17.77
N ASN R 181 -56.61 -67.87 -16.61
CA ASN R 181 -56.12 -67.00 -15.54
C ASN R 181 -54.86 -66.27 -15.95
N ARG R 182 -53.92 -66.96 -16.59
CA ARG R 182 -52.67 -66.32 -16.98
C ARG R 182 -52.88 -65.33 -18.12
N ALA R 183 -53.77 -65.63 -19.06
CA ALA R 183 -54.02 -64.72 -20.17
C ALA R 183 -54.61 -63.40 -19.68
N SER R 184 -55.54 -63.47 -18.73
CA SER R 184 -56.14 -62.25 -18.19
C SER R 184 -55.12 -61.44 -17.39
N SER R 185 -54.25 -62.12 -16.64
CA SER R 185 -53.26 -61.43 -15.84
C SER R 185 -52.26 -60.65 -16.69
N LEU R 186 -51.86 -61.23 -17.82
CA LEU R 186 -50.87 -60.58 -18.66
C LEU R 186 -51.38 -59.27 -19.24
N ALA R 187 -52.65 -59.23 -19.65
CA ALA R 187 -53.20 -58.01 -20.23
C ALA R 187 -53.24 -56.87 -19.23
N LYS R 188 -53.60 -57.17 -17.97
CA LYS R 188 -53.73 -56.10 -16.98
C LYS R 188 -52.39 -55.49 -16.63
N ILE R 189 -51.33 -56.30 -16.58
CA ILE R 189 -50.01 -55.76 -16.30
C ILE R 189 -49.55 -54.84 -17.43
N ASP R 190 -49.79 -55.25 -18.68
CA ASP R 190 -49.43 -54.40 -19.81
C ASP R 190 -50.18 -53.08 -19.78
N ALA R 191 -51.48 -53.12 -19.46
CA ALA R 191 -52.23 -51.88 -19.31
C ALA R 191 -51.72 -51.04 -18.16
N ALA R 192 -51.20 -51.69 -17.11
CA ALA R 192 -50.66 -50.95 -15.97
C ALA R 192 -49.45 -50.12 -16.36
N ILE R 193 -48.54 -50.70 -17.15
CA ILE R 193 -47.35 -49.96 -17.56
C ILE R 193 -47.71 -48.77 -18.42
N LYS R 194 -48.71 -48.92 -19.30
CA LYS R 194 -49.13 -47.81 -20.14
C LYS R 194 -49.67 -46.65 -19.32
N THR R 195 -50.45 -46.94 -18.29
CA THR R 195 -51.03 -45.87 -17.47
C THR R 195 -49.95 -45.09 -16.74
N ILE R 196 -48.96 -45.79 -16.17
CA ILE R 196 -47.87 -45.10 -15.49
C ILE R 196 -47.06 -44.29 -16.48
N ASP R 197 -46.84 -44.84 -17.67
CA ASP R 197 -46.04 -44.14 -18.67
C ASP R 197 -46.67 -42.80 -19.06
N SER R 198 -47.98 -42.78 -19.26
CA SER R 198 -48.66 -41.54 -19.59
C SER R 198 -48.58 -40.55 -18.44
N GLN R 199 -48.65 -41.03 -17.21
CA GLN R 199 -48.57 -40.15 -16.05
C GLN R 199 -47.20 -39.47 -15.96
N ARG R 200 -46.13 -40.22 -16.23
CA ARG R 200 -44.80 -39.66 -16.17
C ARG R 200 -44.61 -38.59 -17.23
N ALA R 201 -45.15 -38.81 -18.43
CA ALA R 201 -45.04 -37.82 -19.49
C ALA R 201 -45.75 -36.53 -19.11
N ASP R 202 -46.91 -36.64 -18.48
CA ASP R 202 -47.64 -35.44 -18.05
C ASP R 202 -46.86 -34.64 -17.01
N LEU R 203 -46.21 -35.32 -16.06
CA LEU R 203 -45.43 -34.62 -15.06
C LEU R 203 -44.16 -34.01 -15.64
N GLY R 204 -43.54 -34.69 -16.61
CA GLY R 204 -42.35 -34.14 -17.23
C GLY R 204 -42.63 -32.87 -18.02
N ALA R 205 -43.78 -32.80 -18.69
CA ALA R 205 -44.12 -31.63 -19.46
C ALA R 205 -44.29 -30.40 -18.57
N VAL R 206 -44.89 -30.58 -17.39
CA VAL R 206 -45.11 -29.45 -16.49
C VAL R 206 -43.78 -28.88 -16.01
N GLN R 207 -42.83 -29.74 -15.64
CA GLN R 207 -41.57 -29.24 -15.13
C GLN R 207 -40.67 -28.71 -16.24
N ASN R 208 -40.82 -29.21 -17.47
CA ASN R 208 -40.26 -28.49 -18.61
C ASN R 208 -40.92 -27.13 -18.77
N ARG R 209 -42.24 -27.09 -18.56
CA ARG R 209 -42.97 -25.83 -18.62
C ARG R 209 -42.51 -24.87 -17.53
N LEU R 210 -42.36 -25.36 -16.30
CA LEU R 210 -41.99 -24.48 -15.19
C LEU R 210 -40.59 -23.93 -15.32
N ALA R 211 -39.67 -24.68 -15.94
CA ALA R 211 -38.31 -24.20 -16.08
C ALA R 211 -38.24 -22.93 -16.92
N HIS R 212 -39.10 -22.83 -17.94
CA HIS R 212 -39.08 -21.66 -18.82
C HIS R 212 -39.67 -20.43 -18.13
N ASN R 213 -40.60 -20.60 -17.18
CA ASN R 213 -41.10 -19.47 -16.42
C ASN R 213 -40.00 -18.83 -15.58
N ILE R 214 -39.18 -19.65 -14.93
CA ILE R 214 -38.13 -19.12 -14.06
C ILE R 214 -37.13 -18.30 -14.86
N SER R 215 -36.70 -18.81 -16.02
CA SER R 215 -35.76 -18.07 -16.85
C SER R 215 -36.37 -16.76 -17.31
N ASN R 216 -37.63 -16.78 -17.73
CA ASN R 216 -38.30 -15.55 -18.14
C ASN R 216 -38.45 -14.58 -16.97
N SER R 217 -38.81 -15.09 -15.79
CA SER R 217 -38.98 -14.21 -14.64
C SER R 217 -37.65 -13.63 -14.18
N ALA R 218 -36.56 -14.39 -14.29
CA ALA R 218 -35.25 -13.84 -13.94
C ALA R 218 -34.85 -12.71 -14.88
N ASN R 219 -35.14 -12.86 -16.17
CA ASN R 219 -34.81 -11.79 -17.12
C ASN R 219 -35.64 -10.55 -16.84
N THR R 220 -36.95 -10.70 -16.68
CA THR R 220 -37.82 -9.54 -16.51
C THR R 220 -37.54 -8.81 -15.20
N GLN R 221 -37.06 -9.54 -14.19
CA GLN R 221 -36.73 -8.90 -12.92
C GLN R 221 -35.58 -7.91 -13.09
N ALA R 222 -34.56 -8.28 -13.87
CA ALA R 222 -33.42 -7.39 -14.06
C ALA R 222 -33.82 -6.12 -14.79
N ASN R 223 -34.64 -6.23 -15.83
CA ASN R 223 -35.04 -5.06 -16.59
C ASN R 223 -35.91 -4.12 -15.79
N VAL R 224 -36.80 -4.64 -14.93
CA VAL R 224 -37.60 -3.77 -14.08
C VAL R 224 -36.72 -3.05 -13.06
N ALA R 225 -35.68 -3.73 -12.57
CA ALA R 225 -34.73 -3.07 -11.68
C ALA R 225 -34.03 -1.89 -12.37
N ASP R 226 -33.71 -2.05 -13.66
CA ASP R 226 -33.20 -0.93 -14.45
C ASP R 226 -34.18 0.23 -14.44
N ALA R 227 -35.45 -0.03 -14.76
CA ALA R 227 -36.42 1.04 -14.88
C ALA R 227 -36.64 1.72 -13.54
N LYS R 228 -36.66 0.96 -12.45
CA LYS R 228 -36.93 1.52 -11.13
C LYS R 228 -35.78 2.38 -10.61
N SER R 229 -34.54 2.06 -10.96
CA SER R 229 -33.42 2.84 -10.45
C SER R 229 -33.30 4.19 -11.14
N ARG R 230 -33.67 4.29 -12.42
CA ARG R 230 -33.56 5.57 -13.10
C ARG R 230 -34.48 6.61 -12.51
N ILE R 231 -35.51 6.18 -11.78
CA ILE R 231 -36.51 7.10 -11.26
C ILE R 231 -36.18 7.56 -9.84
N VAL R 232 -35.76 6.63 -8.97
CA VAL R 232 -35.64 6.94 -7.54
C VAL R 232 -34.20 7.09 -7.06
N ASP R 233 -33.22 6.68 -7.86
CA ASP R 233 -31.84 6.62 -7.39
C ASP R 233 -31.07 7.85 -7.84
N VAL R 234 -30.11 8.27 -7.02
CA VAL R 234 -29.31 9.45 -7.30
C VAL R 234 -28.13 9.08 -8.17
N ASP R 235 -27.65 10.04 -8.95
CA ASP R 235 -26.38 9.92 -9.67
C ASP R 235 -25.35 10.72 -8.89
N PHE R 236 -24.34 10.03 -8.37
CA PHE R 236 -23.36 10.69 -7.51
C PHE R 236 -22.58 11.76 -8.26
N ALA R 237 -22.37 11.57 -9.56
CA ALA R 237 -21.71 12.60 -10.35
C ALA R 237 -22.51 13.88 -10.33
N LYS R 238 -23.83 13.77 -10.50
CA LYS R 238 -24.71 14.92 -10.41
C LYS R 238 -24.73 15.49 -8.99
N GLU R 239 -24.83 14.61 -8.00
CA GLU R 239 -25.04 15.07 -6.62
C GLU R 239 -23.77 15.66 -6.03
N THR R 240 -22.61 15.05 -6.29
CA THR R 240 -21.37 15.54 -5.70
C THR R 240 -21.05 16.94 -6.20
N SER R 241 -21.28 17.21 -7.49
CA SER R 241 -21.03 18.54 -8.01
C SER R 241 -21.93 19.57 -7.34
N ALA R 242 -23.20 19.24 -7.12
CA ALA R 242 -24.11 20.18 -6.47
C ALA R 242 -23.70 20.44 -5.02
N MET R 243 -23.26 19.38 -4.31
CA MET R 243 -22.86 19.55 -2.93
C MET R 243 -21.66 20.48 -2.79
N THR R 244 -20.62 20.26 -3.61
CA THR R 244 -19.51 21.19 -3.65
C THR R 244 -19.93 22.54 -4.18
N LYS R 245 -20.98 22.57 -5.01
CA LYS R 245 -21.42 23.81 -5.62
C LYS R 245 -21.93 24.77 -4.56
N TYR R 246 -22.70 24.25 -3.59
CA TYR R 246 -23.31 25.05 -2.54
C TYR R 246 -22.37 25.36 -1.39
N GLN R 247 -21.32 24.55 -1.19
CA GLN R 247 -20.36 24.84 -0.13
C GLN R 247 -19.67 26.17 -0.37
N VAL R 248 -19.29 26.44 -1.63
CA VAL R 248 -18.66 27.71 -1.97
C VAL R 248 -19.63 28.86 -1.73
N LEU R 249 -20.90 28.66 -2.14
CA LEU R 249 -21.89 29.72 -1.98
C LEU R 249 -22.14 30.05 -0.51
N GLN R 250 -22.00 29.07 0.37
CA GLN R 250 -22.20 29.31 1.80
C GLN R 250 -21.11 30.23 2.35
N GLN R 251 -19.84 29.93 2.04
CA GLN R 251 -18.76 30.79 2.52
C GLN R 251 -18.81 32.17 1.88
N THR R 252 -19.22 32.24 0.61
CA THR R 252 -19.43 33.53 -0.01
C THR R 252 -20.55 34.31 0.67
N GLY R 253 -21.65 33.62 1.00
CA GLY R 253 -22.76 34.29 1.66
C GLY R 253 -22.41 34.78 3.05
N SER R 254 -21.62 34.00 3.80
CA SER R 254 -21.26 34.40 5.15
C SER R 254 -20.36 35.63 5.16
N ALA R 255 -19.38 35.71 4.26
CA ALA R 255 -18.52 36.88 4.19
C ALA R 255 -19.29 38.12 3.76
N MET R 256 -20.22 37.97 2.80
CA MET R 256 -21.01 39.11 2.37
C MET R 256 -21.93 39.61 3.48
N LEU R 257 -22.54 38.69 4.23
CA LEU R 257 -23.45 39.11 5.29
C LEU R 257 -22.71 39.77 6.44
N ALA R 258 -21.56 39.23 6.84
CA ALA R 258 -20.80 39.83 7.92
C ALA R 258 -20.33 41.23 7.55
N GLN R 259 -19.90 41.41 6.30
CA GLN R 259 -19.40 42.72 5.88
C GLN R 259 -20.55 43.70 5.66
N ALA R 260 -21.72 43.21 5.26
CA ALA R 260 -22.86 44.09 5.06
C ALA R 260 -23.43 44.56 6.38
N ASN R 261 -23.16 43.83 7.47
CA ASN R 261 -23.70 44.21 8.77
C ASN R 261 -23.05 45.47 9.31
N GLN R 262 -21.80 45.76 8.96
CA GLN R 262 -21.11 46.94 9.45
C GLN R 262 -21.16 48.11 8.48
N LEU R 263 -22.11 48.10 7.55
CA LEU R 263 -22.41 49.27 6.72
C LEU R 263 -22.86 50.48 7.54
N PRO R 264 -23.76 50.35 8.53
CA PRO R 264 -24.24 51.54 9.23
C PRO R 264 -23.18 52.24 10.08
N GLN R 265 -21.99 51.69 10.24
CA GLN R 265 -20.95 52.36 11.00
C GLN R 265 -20.42 53.61 10.32
N VAL R 266 -20.78 53.84 9.06
CA VAL R 266 -20.42 55.09 8.40
C VAL R 266 -21.04 56.28 9.13
N ALA R 267 -22.24 56.09 9.71
CA ALA R 267 -22.91 57.17 10.41
C ALA R 267 -22.11 57.69 11.60
N LEU R 268 -21.25 56.87 12.19
CA LEU R 268 -20.41 57.33 13.29
C LEU R 268 -19.28 58.24 12.83
N SER R 269 -18.90 58.19 11.56
CA SER R 269 -17.84 59.06 11.07
C SER R 269 -18.29 60.52 11.02
N LEU R 270 -19.58 60.76 10.74
CA LEU R 270 -20.08 62.13 10.60
C LEU R 270 -20.51 62.67 11.96
N LEU R 271 -19.56 62.62 12.89
CA LEU R 271 -19.73 63.24 14.22
C LEU R 271 -20.98 62.70 14.91
N GLY R 272 -20.94 61.42 15.27
CA GLY R 272 -22.02 60.82 16.03
C GLY R 272 -23.37 60.81 15.33
N ALA S 1 -32.96 109.82 17.84
CA ALA S 1 -33.32 108.42 17.94
C ALA S 1 -32.48 107.70 18.98
N ILE S 2 -32.25 108.37 20.11
CA ILE S 2 -31.49 107.78 21.21
C ILE S 2 -32.40 107.61 22.41
N THR S 3 -32.92 106.40 22.60
CA THR S 3 -33.88 106.14 23.66
C THR S 3 -33.30 105.21 24.71
N VAL S 4 -33.87 105.29 25.91
CA VAL S 4 -33.41 104.47 27.02
C VAL S 4 -34.59 103.72 27.65
N ASN S 5 -35.72 103.65 26.93
CA ASN S 5 -36.88 102.93 27.42
C ASN S 5 -37.21 101.68 26.61
N THR S 6 -36.93 101.66 25.31
CA THR S 6 -37.15 100.49 24.48
C THR S 6 -35.93 100.21 23.63
N ASN S 7 -35.58 98.93 23.53
CA ASN S 7 -34.46 98.47 22.70
C ASN S 7 -35.01 97.48 21.68
N VAL S 8 -35.47 98.01 20.55
CA VAL S 8 -36.04 97.17 19.51
C VAL S 8 -34.96 96.31 18.85
N THR S 9 -33.72 96.80 18.84
CA THR S 9 -32.63 95.98 18.34
C THR S 9 -32.50 94.70 19.16
N SER S 10 -32.66 94.79 20.48
CA SER S 10 -32.65 93.61 21.32
C SER S 10 -33.84 92.70 21.01
N MET S 11 -35.01 93.29 20.79
CA MET S 11 -36.21 92.50 20.52
C MET S 11 -36.04 91.65 19.26
N LYS S 12 -35.51 92.24 18.19
CA LYS S 12 -35.26 91.48 16.97
C LYS S 12 -34.16 90.45 17.19
N ALA S 13 -33.12 90.82 17.94
CA ALA S 13 -32.03 89.89 18.20
C ALA S 13 -32.50 88.70 19.01
N GLN S 14 -33.39 88.92 19.98
CA GLN S 14 -33.89 87.82 20.81
C GLN S 14 -34.63 86.79 19.97
N LYS S 15 -35.46 87.25 19.04
CA LYS S 15 -36.25 86.32 18.22
C LYS S 15 -35.36 85.42 17.39
N ASN S 16 -34.30 85.97 16.82
CA ASN S 16 -33.40 85.18 15.97
C ASN S 16 -32.70 84.11 16.79
N LEU S 17 -32.30 84.42 18.02
CA LEU S 17 -31.66 83.44 18.86
C LEU S 17 -32.62 82.30 19.22
N ASN S 18 -33.88 82.62 19.47
CA ASN S 18 -34.87 81.59 19.80
C ASN S 18 -35.06 80.64 18.62
N THR S 19 -35.11 81.16 17.41
CA THR S 19 -35.28 80.31 16.24
C THR S 19 -34.09 79.37 16.04
N SER S 20 -32.87 79.89 16.22
CA SER S 20 -31.69 79.06 16.07
C SER S 20 -31.56 78.01 17.16
N ASN S 21 -32.01 78.32 18.38
CA ASN S 21 -31.98 77.35 19.46
C ASN S 21 -33.00 76.24 19.26
N SER S 22 -34.19 76.58 18.76
CA SER S 22 -35.21 75.56 18.52
C SER S 22 -34.82 74.61 17.40
N GLY S 23 -34.16 75.12 16.36
CA GLY S 23 -33.70 74.27 15.27
C GLY S 23 -32.60 73.32 15.72
N LEU S 24 -31.72 73.79 16.61
CA LEU S 24 -30.68 72.91 17.13
C LEU S 24 -31.28 71.78 17.96
N SER S 25 -32.30 72.10 18.76
CA SER S 25 -32.92 71.10 19.63
C SER S 25 -33.59 70.00 18.81
N THR S 26 -34.34 70.39 17.78
CA THR S 26 -35.08 69.39 17.01
C THR S 26 -34.14 68.49 16.21
N SER S 27 -32.96 68.99 15.85
CA SER S 27 -32.01 68.16 15.12
C SER S 27 -31.39 67.09 16.01
N MET S 28 -31.18 67.39 17.29
CA MET S 28 -30.56 66.42 18.19
C MET S 28 -31.47 65.22 18.44
N GLU S 29 -32.77 65.47 18.64
CA GLU S 29 -33.67 64.37 18.93
C GLU S 29 -33.89 63.48 17.70
N ARG S 30 -33.89 64.05 16.51
CA ARG S 30 -33.92 63.23 15.31
C ARG S 30 -32.67 62.37 15.19
N LEU S 31 -31.50 62.91 15.54
CA LEU S 31 -30.28 62.14 15.53
C LEU S 31 -30.19 61.13 16.66
N SER S 32 -30.77 61.43 17.82
CA SER S 32 -30.66 60.53 18.96
C SER S 32 -31.53 59.30 18.82
N SER S 33 -32.60 59.36 18.02
CA SER S 33 -33.48 58.23 17.81
C SER S 33 -33.28 57.61 16.44
N GLY S 34 -33.27 58.42 15.38
CA GLY S 34 -33.06 57.92 14.04
C GLY S 34 -34.33 57.95 13.21
N LEU S 35 -35.30 58.76 13.63
CA LEU S 35 -36.57 58.86 12.94
C LEU S 35 -36.84 60.32 12.57
N ARG S 36 -37.20 60.54 11.32
CA ARG S 36 -37.61 61.87 10.89
C ARG S 36 -38.97 62.27 11.46
N ILE S 37 -39.95 61.37 11.39
CA ILE S 37 -41.28 61.65 11.93
C ILE S 37 -41.34 61.18 13.37
N ASN S 38 -40.87 62.00 14.29
CA ASN S 38 -40.96 61.70 15.70
C ASN S 38 -42.37 61.95 16.20
N SER S 39 -42.89 63.14 15.95
CA SER S 39 -44.24 63.50 16.33
C SER S 39 -45.05 63.87 15.09
N ALA S 40 -46.29 64.33 15.33
CA ALA S 40 -47.16 64.78 14.25
C ALA S 40 -46.83 66.17 13.78
N LYS S 41 -45.77 66.80 14.30
CA LYS S 41 -45.32 68.06 13.74
C LYS S 41 -45.02 67.91 12.27
N ASP S 42 -44.33 66.82 11.92
CA ASP S 42 -43.84 66.54 10.58
C ASP S 42 -44.95 65.98 9.69
N ASP S 43 -44.55 65.32 8.61
CA ASP S 43 -45.50 64.86 7.60
C ASP S 43 -46.71 64.16 8.23
N ALA S 44 -47.87 64.78 8.11
CA ALA S 44 -49.09 64.19 8.64
C ALA S 44 -49.47 62.95 7.86
N ALA S 45 -49.29 62.99 6.53
CA ALA S 45 -49.58 61.82 5.70
C ALA S 45 -48.52 60.74 5.82
N GLY S 46 -47.28 61.11 6.16
CA GLY S 46 -46.22 60.11 6.25
C GLY S 46 -46.46 59.10 7.35
N LEU S 47 -46.89 59.57 8.52
CA LEU S 47 -47.09 58.66 9.63
C LEU S 47 -48.27 57.73 9.39
N ALA S 48 -49.31 58.22 8.71
CA ALA S 48 -50.44 57.37 8.37
C ALA S 48 -50.04 56.27 7.41
N ILE S 49 -49.26 56.61 6.39
CA ILE S 49 -48.78 55.61 5.44
C ILE S 49 -47.86 54.61 6.13
N SER S 50 -46.98 55.10 7.01
CA SER S 50 -46.02 54.24 7.67
C SER S 50 -46.72 53.21 8.56
N ASN S 51 -47.85 53.59 9.14
CA ASN S 51 -48.57 52.67 10.02
C ASN S 51 -49.06 51.46 9.25
N ARG S 52 -49.61 51.67 8.06
CA ARG S 52 -50.03 50.53 7.23
C ARG S 52 -48.85 49.73 6.73
N LEU S 53 -47.75 50.38 6.36
CA LEU S 53 -46.54 49.65 5.98
C LEU S 53 -45.99 48.86 7.15
N ASN S 54 -46.06 49.42 8.36
CA ASN S 54 -45.63 48.69 9.55
C ASN S 54 -46.50 47.45 9.75
N SER S 55 -47.80 47.56 9.51
CA SER S 55 -48.68 46.41 9.63
C SER S 55 -48.32 45.31 8.63
N GLN S 56 -47.97 45.69 7.40
CA GLN S 56 -47.59 44.70 6.41
C GLN S 56 -46.31 43.99 6.79
N VAL S 57 -45.31 44.74 7.26
CA VAL S 57 -44.03 44.12 7.62
C VAL S 57 -44.20 43.14 8.77
N ARG S 58 -44.86 43.58 9.84
CA ARG S 58 -45.10 42.69 10.97
C ARG S 58 -46.13 41.63 10.63
N GLY S 59 -47.11 41.97 9.80
CA GLY S 59 -48.09 40.98 9.40
C GLY S 59 -47.48 39.83 8.62
N LEU S 60 -46.56 40.13 7.70
CA LEU S 60 -45.90 39.06 6.97
C LEU S 60 -45.04 38.19 7.89
N GLU S 61 -44.36 38.80 8.85
CA GLU S 61 -43.47 38.03 9.72
C GLU S 61 -44.23 36.97 10.51
N VAL S 62 -45.41 37.32 11.02
CA VAL S 62 -46.25 36.32 11.66
C VAL S 62 -46.77 35.32 10.63
N GLY S 63 -47.07 35.79 9.42
CA GLY S 63 -47.53 34.90 8.38
C GLY S 63 -46.48 33.89 7.96
N MET S 64 -45.21 34.29 7.98
CA MET S 64 -44.14 33.36 7.67
C MET S 64 -44.11 32.19 8.66
N ARG S 65 -44.16 32.50 9.96
CA ARG S 65 -44.19 31.43 10.96
C ARG S 65 -45.47 30.62 10.86
N ASN S 66 -46.55 31.22 10.39
CA ASN S 66 -47.80 30.49 10.23
C ASN S 66 -47.65 29.38 9.20
N ALA S 67 -46.93 29.62 8.12
CA ALA S 67 -46.72 28.63 7.07
C ALA S 67 -45.65 27.61 7.41
N ASN S 68 -44.62 28.00 8.16
CA ASN S 68 -43.64 27.02 8.62
C ASN S 68 -44.29 25.96 9.50
N ASP S 69 -45.32 26.31 10.26
CA ASP S 69 -46.09 25.36 11.03
C ASP S 69 -46.84 24.36 10.13
N ALA S 70 -47.43 24.85 9.03
CA ALA S 70 -48.16 23.96 8.14
C ALA S 70 -47.23 22.96 7.46
N ILE S 71 -45.99 23.38 7.18
CA ILE S 71 -45.01 22.51 6.54
C ILE S 71 -44.71 21.34 7.47
N SER S 72 -44.53 21.63 8.75
CA SER S 72 -44.19 20.59 9.71
C SER S 72 -45.31 19.57 9.86
N ILE S 73 -46.57 20.02 9.87
CA ILE S 73 -47.69 19.08 9.96
C ILE S 73 -47.71 18.16 8.76
N ALA S 74 -47.58 18.70 7.56
CA ALA S 74 -47.54 17.87 6.36
C ALA S 74 -46.33 16.95 6.34
N GLN S 75 -45.23 17.39 6.96
CA GLN S 75 -44.03 16.57 7.00
C GLN S 75 -44.23 15.32 7.86
N ILE S 76 -44.89 15.46 8.99
CA ILE S 76 -45.07 14.33 9.90
C ILE S 76 -46.04 13.31 9.30
N ALA S 77 -47.15 13.78 8.74
CA ALA S 77 -48.14 12.86 8.17
C ALA S 77 -47.55 12.07 7.02
N GLU S 78 -46.75 12.73 6.18
CA GLU S 78 -46.11 12.04 5.07
C GLU S 78 -45.16 10.95 5.56
N GLY S 79 -44.41 11.23 6.62
CA GLY S 79 -43.48 10.26 7.14
C GLY S 79 -44.16 9.00 7.64
N ALA S 80 -45.30 9.16 8.31
CA ALA S 80 -46.00 8.00 8.85
C ALA S 80 -46.59 7.12 7.74
N MET S 81 -47.07 7.72 6.66
CA MET S 81 -47.67 6.93 5.59
C MET S 81 -46.64 6.09 4.86
N GLN S 82 -45.36 6.48 4.90
CA GLN S 82 -44.32 5.68 4.28
C GLN S 82 -44.20 4.32 4.97
N GLU S 83 -44.28 4.29 6.30
CA GLU S 83 -44.16 3.02 7.00
C GLU S 83 -45.37 2.14 6.79
N GLN S 84 -46.56 2.73 6.61
CA GLN S 84 -47.73 1.93 6.29
C GLN S 84 -47.59 1.29 4.91
N THR S 85 -46.93 1.97 3.98
CA THR S 85 -46.73 1.41 2.65
C THR S 85 -45.81 0.18 2.69
N ASN S 86 -44.73 0.24 3.47
CA ASN S 86 -43.81 -0.91 3.53
C ASN S 86 -44.48 -2.14 4.12
N MET S 87 -45.26 -2.00 5.19
CA MET S 87 -45.93 -3.15 5.76
C MET S 87 -47.02 -3.71 4.84
N LEU S 88 -47.68 -2.85 4.07
CA LEU S 88 -48.64 -3.36 3.10
C LEU S 88 -47.97 -4.18 2.01
N GLN S 89 -46.75 -3.81 1.62
CA GLN S 89 -46.03 -4.60 0.63
C GLN S 89 -45.71 -5.99 1.15
N ARG S 90 -45.35 -6.09 2.43
CA ARG S 90 -45.07 -7.39 3.03
C ARG S 90 -46.33 -8.26 3.07
N MET S 91 -47.50 -7.66 3.26
CA MET S 91 -48.74 -8.44 3.21
C MET S 91 -48.99 -9.00 1.82
N ARG S 92 -48.59 -8.29 0.77
CA ARG S 92 -48.74 -8.82 -0.58
C ARG S 92 -47.90 -10.06 -0.78
N ASP S 93 -46.67 -10.07 -0.28
CA ASP S 93 -45.82 -11.25 -0.43
C ASP S 93 -46.38 -12.45 0.31
N LEU S 94 -46.91 -12.24 1.51
CA LEU S 94 -47.51 -13.34 2.26
C LEU S 94 -48.71 -13.94 1.55
N THR S 95 -49.56 -13.11 0.96
CA THR S 95 -50.68 -13.62 0.17
C THR S 95 -50.21 -14.40 -1.05
N ILE S 96 -49.17 -13.93 -1.74
CA ILE S 96 -48.60 -14.71 -2.82
C ILE S 96 -47.97 -15.99 -2.29
N GLN S 97 -47.25 -15.90 -1.17
CA GLN S 97 -46.64 -17.09 -0.58
C GLN S 97 -47.68 -18.08 -0.06
N SER S 98 -48.86 -17.60 0.32
CA SER S 98 -49.89 -18.46 0.88
C SER S 98 -50.67 -19.23 -0.18
N GLU S 99 -50.17 -19.29 -1.42
CA GLU S 99 -50.93 -19.87 -2.51
C GLU S 99 -50.24 -21.16 -2.98
N ASN S 100 -49.22 -21.64 -2.27
CA ASN S 100 -48.60 -22.90 -2.60
C ASN S 100 -49.58 -24.05 -2.47
N GLY S 101 -49.43 -25.06 -3.33
CA GLY S 101 -50.21 -26.27 -3.20
C GLY S 101 -49.53 -27.30 -2.33
N ALA S 102 -48.31 -27.00 -1.86
CA ALA S 102 -47.59 -27.87 -0.97
C ALA S 102 -47.75 -27.48 0.49
N ASN S 103 -48.51 -26.44 0.77
CA ASN S 103 -48.76 -26.03 2.15
C ASN S 103 -49.76 -26.99 2.78
N SER S 104 -50.16 -26.70 4.01
CA SER S 104 -51.17 -27.50 4.67
C SER S 104 -52.05 -26.56 5.48
N THR S 105 -53.08 -27.14 6.11
CA THR S 105 -54.00 -26.33 6.90
C THR S 105 -53.27 -25.64 8.05
N ALA S 106 -52.35 -26.35 8.70
CA ALA S 106 -51.57 -25.75 9.78
C ALA S 106 -50.60 -24.68 9.26
N ASP S 107 -50.11 -24.82 8.04
CA ASP S 107 -49.18 -23.85 7.49
C ASP S 107 -49.88 -22.52 7.19
N LEU S 108 -51.11 -22.58 6.69
CA LEU S 108 -51.83 -21.37 6.37
C LEU S 108 -52.16 -20.57 7.62
N VAL S 109 -52.37 -21.24 8.76
CA VAL S 109 -52.66 -20.55 10.00
C VAL S 109 -51.46 -19.72 10.46
N SER S 110 -50.25 -20.27 10.34
CA SER S 110 -49.06 -19.53 10.73
C SER S 110 -48.87 -18.26 9.90
N ILE S 111 -49.14 -18.33 8.60
CA ILE S 111 -49.03 -17.13 7.76
C ILE S 111 -50.05 -16.09 8.17
N LYS S 112 -51.27 -16.52 8.50
CA LYS S 112 -52.28 -15.56 8.93
C LYS S 112 -51.90 -14.90 10.25
N ALA S 113 -51.29 -15.63 11.17
CA ALA S 113 -50.85 -15.06 12.44
C ALA S 113 -49.83 -13.95 12.25
N GLU S 114 -49.13 -13.93 11.13
CA GLU S 114 -48.22 -12.84 10.78
C GLU S 114 -48.96 -11.67 10.14
N MET S 115 -49.83 -11.95 9.16
CA MET S 115 -50.64 -10.90 8.55
C MET S 115 -51.47 -10.18 9.59
N ASP S 116 -51.97 -10.92 10.59
CA ASP S 116 -52.86 -10.33 11.58
C ASP S 116 -52.15 -9.26 12.40
N GLN S 117 -50.91 -9.50 12.80
CA GLN S 117 -50.18 -8.50 13.59
C GLN S 117 -49.73 -7.31 12.77
N LEU S 118 -49.42 -7.48 11.48
CA LEU S 118 -49.08 -6.34 10.65
C LEU S 118 -50.24 -5.38 10.49
N ALA S 119 -51.46 -5.88 10.36
CA ALA S 119 -52.64 -5.02 10.30
C ALA S 119 -52.89 -4.27 11.60
N THR S 120 -52.47 -4.84 12.73
CA THR S 120 -52.62 -4.15 14.01
C THR S 120 -51.77 -2.88 14.08
N GLU S 121 -50.55 -2.91 13.53
CA GLU S 121 -49.73 -1.71 13.54
C GLU S 121 -50.23 -0.63 12.60
N ILE S 122 -50.81 -1.00 11.46
CA ILE S 122 -51.41 0.00 10.60
C ILE S 122 -52.49 0.76 11.37
N ASP S 123 -53.24 0.06 12.22
CA ASP S 123 -54.10 0.72 13.19
C ASP S 123 -53.30 1.54 14.18
N SER S 124 -52.18 1.01 14.67
CA SER S 124 -51.44 1.67 15.75
C SER S 124 -50.78 2.96 15.28
N ILE S 125 -50.22 2.97 14.08
CA ILE S 125 -49.65 4.21 13.56
C ILE S 125 -50.73 5.25 13.34
N GLY S 126 -51.87 4.83 12.79
CA GLY S 126 -52.96 5.74 12.51
C GLY S 126 -53.48 6.45 13.74
N ASN S 127 -53.51 5.76 14.88
CA ASN S 127 -54.02 6.33 16.11
C ASN S 127 -52.94 7.01 16.95
N SER S 128 -51.69 7.02 16.50
CA SER S 128 -50.61 7.55 17.33
C SER S 128 -50.01 8.82 16.75
N THR S 129 -49.85 8.89 15.43
CA THR S 129 -49.20 10.02 14.78
C THR S 129 -49.84 11.34 15.19
N ALA S 130 -49.07 12.19 15.87
CA ALA S 130 -49.63 13.40 16.45
C ALA S 130 -48.59 14.51 16.40
N PHE S 131 -49.07 15.74 16.47
CA PHE S 131 -48.25 16.95 16.52
C PHE S 131 -48.34 17.47 17.94
N GLY S 132 -47.48 16.97 18.81
CA GLY S 132 -47.53 17.34 20.22
C GLY S 132 -48.67 16.66 20.92
N ASN S 133 -49.91 17.08 20.65
CA ASN S 133 -51.06 16.40 21.26
C ASN S 133 -52.24 16.28 20.31
N THR S 134 -52.12 16.66 19.06
CA THR S 134 -53.23 16.60 18.11
C THR S 134 -52.99 15.46 17.13
N LYS S 135 -53.92 14.51 17.08
CA LYS S 135 -53.82 13.37 16.19
C LYS S 135 -54.12 13.81 14.77
N LEU S 136 -53.26 13.44 13.83
CA LEU S 136 -53.37 13.95 12.47
C LEU S 136 -53.95 12.97 11.46
N LEU S 137 -54.09 11.69 11.80
CA LEU S 137 -54.53 10.69 10.85
C LEU S 137 -55.85 10.04 11.26
N THR S 138 -56.60 10.67 12.17
CA THR S 138 -57.84 10.08 12.65
C THR S 138 -59.06 10.89 12.23
N GLY S 139 -58.94 11.70 11.19
CA GLY S 139 -60.09 12.34 10.57
C GLY S 139 -60.38 13.74 11.04
N THR S 140 -59.61 14.27 11.99
CA THR S 140 -59.84 15.64 12.42
C THR S 140 -59.34 16.62 11.36
N PHE S 141 -58.58 16.12 10.38
CA PHE S 141 -58.19 16.91 9.24
C PHE S 141 -58.89 16.42 7.97
N SER S 142 -60.02 15.75 8.12
CA SER S 142 -60.82 15.33 6.98
C SER S 142 -61.36 16.50 6.17
N ALA S 143 -61.85 17.54 6.84
CA ALA S 143 -62.25 18.78 6.20
C ALA S 143 -61.13 19.78 6.47
N GLY S 144 -60.33 20.05 5.45
CA GLY S 144 -59.09 20.79 5.58
C GLY S 144 -59.08 21.95 6.53
N LYS S 145 -58.09 22.00 7.42
CA LYS S 145 -57.93 23.12 8.33
C LYS S 145 -57.24 24.28 7.61
N VAL S 146 -57.25 25.44 8.25
CA VAL S 146 -56.89 26.69 7.59
C VAL S 146 -55.70 27.34 8.30
N PHE S 147 -54.72 27.77 7.50
CA PHE S 147 -53.61 28.58 7.97
C PHE S 147 -53.58 29.87 7.18
N GLN S 148 -53.33 30.99 7.86
CA GLN S 148 -53.29 32.30 7.22
C GLN S 148 -51.84 32.71 6.99
N VAL S 149 -51.48 32.96 5.74
CA VAL S 149 -50.10 33.24 5.36
C VAL S 149 -49.90 34.68 4.90
N GLY S 150 -50.95 35.48 4.88
CA GLY S 150 -50.85 36.88 4.53
C GLY S 150 -51.16 37.75 5.72
N HIS S 151 -51.26 39.05 5.47
CA HIS S 151 -51.58 40.00 6.54
C HIS S 151 -53.01 40.51 6.48
N GLN S 152 -53.83 39.99 5.57
CA GLN S 152 -55.22 40.40 5.46
C GLN S 152 -56.11 39.17 5.38
N GLU S 153 -57.41 39.40 5.57
CA GLU S 153 -58.38 38.32 5.52
C GLU S 153 -58.41 37.71 4.13
N GLY S 154 -58.61 36.39 4.08
CA GLY S 154 -58.74 35.68 2.82
C GLY S 154 -57.46 35.13 2.26
N GLU S 155 -56.31 35.41 2.87
CA GLU S 155 -55.03 34.87 2.43
C GLU S 155 -54.75 33.61 3.22
N ASP S 156 -55.44 32.52 2.87
CA ASP S 156 -55.38 31.30 3.65
C ASP S 156 -54.96 30.12 2.77
N ILE S 157 -54.39 29.11 3.42
CA ILE S 157 -54.02 27.85 2.81
C ILE S 157 -54.71 26.72 3.57
N LYS S 158 -55.21 25.74 2.82
CA LYS S 158 -55.98 24.65 3.39
C LYS S 158 -55.23 23.35 3.24
N VAL S 159 -55.08 22.62 4.34
CA VAL S 159 -54.41 21.32 4.36
C VAL S 159 -55.41 20.26 4.75
N THR S 160 -55.61 19.27 3.89
CA THR S 160 -56.57 18.20 4.11
C THR S 160 -55.84 16.86 4.22
N VAL S 161 -56.09 16.14 5.30
CA VAL S 161 -55.52 14.81 5.52
C VAL S 161 -56.66 13.87 5.82
N LYS S 162 -56.92 12.93 4.90
CA LYS S 162 -58.00 11.98 5.11
C LYS S 162 -57.58 10.91 6.10
N ALA S 163 -58.56 10.32 6.76
CA ALA S 163 -58.28 9.29 7.76
C ALA S 163 -57.67 8.06 7.11
N SER S 164 -56.63 7.52 7.73
CA SER S 164 -55.93 6.34 7.21
C SER S 164 -55.62 5.40 8.35
N ASN S 165 -56.41 4.34 8.46
CA ASN S 165 -56.21 3.29 9.47
C ASN S 165 -56.78 2.00 8.87
N LYS S 166 -56.79 0.93 9.68
CA LYS S 166 -57.09 -0.38 9.12
C LYS S 166 -58.55 -0.49 8.69
N THR S 167 -59.49 0.05 9.46
CA THR S 167 -60.89 0.00 9.03
C THR S 167 -61.12 0.91 7.82
N SER S 168 -60.40 2.02 7.76
CA SER S 168 -60.55 2.95 6.63
C SER S 168 -60.09 2.31 5.32
N LEU S 169 -58.94 1.62 5.36
CA LEU S 169 -58.35 1.06 4.15
C LEU S 169 -58.94 -0.29 3.78
N SER S 170 -60.08 -0.65 4.37
CA SER S 170 -60.78 -1.90 4.08
C SER S 170 -59.89 -3.12 4.32
N VAL S 171 -59.20 -3.11 5.46
CA VAL S 171 -58.47 -4.27 5.93
C VAL S 171 -58.85 -4.51 7.38
N GLY S 172 -58.57 -5.71 7.88
CA GLY S 172 -58.96 -6.06 9.22
C GLY S 172 -59.60 -7.42 9.26
N ALA S 173 -60.16 -7.83 8.12
CA ALA S 173 -60.68 -9.19 7.94
C ALA S 173 -60.09 -9.73 6.65
N LEU S 174 -58.94 -10.38 6.74
CA LEU S 174 -58.25 -10.95 5.60
C LEU S 174 -57.95 -12.41 5.88
N ASN S 175 -58.62 -13.31 5.18
CA ASN S 175 -58.39 -14.74 5.30
C ASN S 175 -57.68 -15.27 4.06
N ASN S 176 -57.10 -16.45 4.19
CA ASN S 176 -56.39 -17.08 3.08
C ASN S 176 -56.64 -18.59 3.00
N ALA S 177 -57.82 -19.04 3.40
CA ALA S 177 -58.12 -20.47 3.40
C ALA S 177 -58.58 -20.95 2.03
N THR S 178 -59.70 -20.42 1.55
CA THR S 178 -60.29 -20.89 0.30
C THR S 178 -59.67 -20.19 -0.90
N SER S 179 -60.02 -20.67 -2.11
CA SER S 179 -59.53 -20.02 -3.32
C SER S 179 -60.07 -18.60 -3.45
N ALA S 180 -61.36 -18.42 -3.15
CA ALA S 180 -61.96 -17.09 -3.29
C ALA S 180 -61.44 -16.13 -2.24
N ASN S 181 -61.05 -16.65 -1.07
CA ASN S 181 -60.59 -15.78 0.00
C ASN S 181 -59.30 -15.06 -0.37
N ARG S 182 -58.36 -15.76 -1.00
CA ARG S 182 -57.10 -15.13 -1.37
C ARG S 182 -57.27 -14.13 -2.50
N ALA S 183 -58.15 -14.44 -3.47
CA ALA S 183 -58.37 -13.51 -4.58
C ALA S 183 -58.96 -12.19 -4.10
N SER S 184 -59.91 -12.25 -3.17
CA SER S 184 -60.50 -11.03 -2.64
C SER S 184 -59.50 -10.23 -1.82
N SER S 185 -58.64 -10.92 -1.07
CA SER S 185 -57.67 -10.23 -0.23
C SER S 185 -56.65 -9.46 -1.07
N LEU S 186 -56.22 -10.05 -2.19
CA LEU S 186 -55.21 -9.40 -3.01
C LEU S 186 -55.70 -8.09 -3.61
N ALA S 187 -56.96 -8.04 -4.04
CA ALA S 187 -57.49 -6.81 -4.63
C ALA S 187 -57.55 -5.67 -3.62
N LYS S 188 -57.92 -5.96 -2.37
CA LYS S 188 -58.07 -4.91 -1.38
C LYS S 188 -56.73 -4.30 -1.00
N ILE S 189 -55.68 -5.12 -0.93
CA ILE S 189 -54.36 -4.59 -0.63
C ILE S 189 -53.88 -3.68 -1.75
N ASP S 190 -54.10 -4.08 -3.01
CA ASP S 190 -53.70 -3.24 -4.13
C ASP S 190 -54.44 -1.91 -4.11
N ALA S 191 -55.74 -1.94 -3.81
CA ALA S 191 -56.49 -0.70 -3.69
C ALA S 191 -56.00 0.14 -2.51
N ALA S 192 -55.50 -0.50 -1.46
CA ALA S 192 -54.99 0.23 -0.31
C ALA S 192 -53.75 1.04 -0.68
N ILE S 193 -52.84 0.46 -1.45
CA ILE S 193 -51.62 1.19 -1.84
C ILE S 193 -51.97 2.38 -2.70
N LYS S 194 -52.95 2.23 -3.60
CA LYS S 194 -53.34 3.35 -4.45
C LYS S 194 -53.88 4.51 -3.64
N THR S 195 -54.70 4.23 -2.62
CA THR S 195 -55.28 5.30 -1.81
C THR S 195 -54.21 6.07 -1.06
N ILE S 196 -53.24 5.37 -0.48
CA ILE S 196 -52.16 6.05 0.23
C ILE S 196 -51.31 6.85 -0.75
N ASP S 197 -51.07 6.30 -1.94
CA ASP S 197 -50.25 6.99 -2.93
C ASP S 197 -50.86 8.33 -3.32
N SER S 198 -52.16 8.37 -3.54
CA SER S 198 -52.83 9.63 -3.89
C SER S 198 -52.77 10.61 -2.74
N GLN S 199 -52.86 10.12 -1.50
CA GLN S 199 -52.79 11.01 -0.34
C GLN S 199 -51.43 11.67 -0.23
N ARG S 200 -50.36 10.91 -0.48
CA ARG S 200 -49.02 11.47 -0.39
C ARG S 200 -48.80 12.54 -1.45
N ALA S 201 -49.31 12.31 -2.66
CA ALA S 201 -49.18 13.31 -3.72
C ALA S 201 -49.88 14.60 -3.35
N ASP S 202 -51.06 14.50 -2.73
CA ASP S 202 -51.79 15.70 -2.32
C ASP S 202 -51.02 16.50 -1.28
N LEU S 203 -50.40 15.81 -0.31
CA LEU S 203 -49.63 16.51 0.71
C LEU S 203 -48.34 17.10 0.16
N GLY S 204 -47.71 16.42 -0.80
CA GLY S 204 -46.51 16.96 -1.41
C GLY S 204 -46.76 18.23 -2.19
N ALA S 205 -47.90 18.31 -2.88
CA ALA S 205 -48.21 19.50 -3.67
C ALA S 205 -48.39 20.72 -2.78
N VAL S 206 -49.01 20.55 -1.61
CA VAL S 206 -49.24 21.67 -0.71
C VAL S 206 -47.92 22.23 -0.20
N GLN S 207 -46.98 21.37 0.18
CA GLN S 207 -45.72 21.86 0.72
C GLN S 207 -44.80 22.38 -0.37
N ASN S 208 -44.93 21.89 -1.61
CA ASN S 208 -44.34 22.59 -2.74
C ASN S 208 -44.99 23.96 -2.91
N ARG S 209 -46.31 24.01 -2.73
CA ARG S 209 -47.03 25.28 -2.81
C ARG S 209 -46.59 26.23 -1.70
N LEU S 210 -46.46 25.74 -0.46
CA LEU S 210 -46.11 26.61 0.65
C LEU S 210 -44.70 27.15 0.55
N ALA S 211 -43.77 26.40 -0.05
CA ALA S 211 -42.39 26.87 -0.17
C ALA S 211 -42.31 28.13 -1.02
N HIS S 212 -43.15 28.25 -2.04
CA HIS S 212 -43.11 29.41 -2.91
C HIS S 212 -43.69 30.65 -2.24
N ASN S 213 -44.64 30.48 -1.32
CA ASN S 213 -45.15 31.62 -0.56
C ASN S 213 -44.06 32.25 0.31
N ILE S 214 -43.26 31.42 0.97
CA ILE S 214 -42.22 31.94 1.85
C ILE S 214 -41.20 32.75 1.07
N SER S 215 -40.76 32.25 -0.07
CA SER S 215 -39.79 32.97 -0.88
C SER S 215 -40.37 34.29 -1.35
N ASN S 216 -41.63 34.28 -1.80
CA ASN S 216 -42.28 35.52 -2.22
C ASN S 216 -42.45 36.48 -1.06
N SER S 217 -42.84 35.99 0.11
CA SER S 217 -43.01 36.86 1.27
C SER S 217 -41.69 37.44 1.76
N ALA S 218 -40.61 36.67 1.66
CA ALA S 218 -39.30 37.20 2.03
C ALA S 218 -38.88 38.33 1.11
N ASN S 219 -39.14 38.19 -0.19
CA ASN S 219 -38.79 39.25 -1.13
C ASN S 219 -39.61 40.50 -0.88
N THR S 220 -40.93 40.36 -0.74
CA THR S 220 -41.78 41.53 -0.59
C THR S 220 -41.52 42.24 0.73
N GLN S 221 -41.08 41.51 1.76
CA GLN S 221 -40.75 42.16 3.03
C GLN S 221 -39.60 43.13 2.89
N ALA S 222 -38.57 42.76 2.13
CA ALA S 222 -37.41 43.63 1.95
C ALA S 222 -37.79 44.92 1.22
N ASN S 223 -38.59 44.80 0.16
CA ASN S 223 -38.97 45.98 -0.61
C ASN S 223 -39.86 46.93 0.18
N VAL S 224 -40.76 46.42 1.02
CA VAL S 224 -41.56 47.29 1.86
C VAL S 224 -40.70 48.00 2.89
N ALA S 225 -39.67 47.32 3.40
CA ALA S 225 -38.73 47.97 4.31
C ALA S 225 -38.02 49.13 3.63
N ASP S 226 -37.67 48.98 2.35
CA ASP S 226 -37.14 50.09 1.58
C ASP S 226 -38.11 51.27 1.57
N ALA S 227 -39.37 51.01 1.22
CA ALA S 227 -40.33 52.09 1.09
C ALA S 227 -40.57 52.78 2.42
N LYS S 228 -40.61 52.01 3.50
CA LYS S 228 -40.91 52.58 4.82
C LYS S 228 -39.77 53.42 5.37
N SER S 229 -38.52 53.10 5.04
CA SER S 229 -37.40 53.86 5.57
C SER S 229 -37.26 55.21 4.89
N ARG S 230 -37.60 55.31 3.60
CA ARG S 230 -37.46 56.59 2.92
C ARG S 230 -38.39 57.65 3.49
N ILE S 231 -39.44 57.22 4.20
CA ILE S 231 -40.43 58.16 4.70
C ILE S 231 -40.13 58.60 6.12
N VAL S 232 -39.74 57.68 7.01
CA VAL S 232 -39.64 57.99 8.43
C VAL S 232 -38.21 58.11 8.94
N ASP S 233 -37.22 57.71 8.17
CA ASP S 233 -35.85 57.63 8.66
C ASP S 233 -35.06 58.86 8.23
N VAL S 234 -34.11 59.26 9.07
CA VAL S 234 -33.31 60.44 8.80
C VAL S 234 -32.10 60.05 7.95
N ASP S 235 -31.60 61.02 7.19
CA ASP S 235 -30.33 60.89 6.49
C ASP S 235 -29.30 61.68 7.29
N PHE S 236 -28.30 60.97 7.83
CA PHE S 236 -27.33 61.63 8.70
C PHE S 236 -26.54 62.69 7.98
N ALA S 237 -26.30 62.51 6.68
CA ALA S 237 -25.61 63.53 5.90
C ALA S 237 -26.41 64.82 5.91
N LYS S 238 -27.72 64.71 5.71
CA LYS S 238 -28.59 65.88 5.79
C LYS S 238 -28.64 66.44 7.20
N GLU S 239 -28.77 65.56 8.20
CA GLU S 239 -29.00 66.03 9.56
C GLU S 239 -27.73 66.61 10.20
N THR S 240 -26.57 65.98 9.95
CA THR S 240 -25.35 66.46 10.56
C THR S 240 -25.00 67.87 10.07
N SER S 241 -25.20 68.14 8.78
CA SER S 241 -24.93 69.47 8.26
C SER S 241 -25.83 70.50 8.91
N ALA S 242 -27.12 70.18 9.10
CA ALA S 242 -28.03 71.12 9.74
C ALA S 242 -27.64 71.38 11.19
N MET S 243 -27.24 70.33 11.91
CA MET S 243 -26.85 70.49 13.31
C MET S 243 -25.65 71.41 13.46
N THR S 244 -24.60 71.17 12.67
CA THR S 244 -23.47 72.09 12.65
C THR S 244 -23.88 73.45 12.11
N LYS S 245 -24.91 73.49 11.26
CA LYS S 245 -25.33 74.73 10.64
C LYS S 245 -25.85 75.70 11.70
N TYR S 246 -26.65 75.18 12.65
CA TYR S 246 -27.27 75.98 13.69
C TYR S 246 -26.34 76.29 14.85
N GLN S 247 -25.31 75.47 15.07
CA GLN S 247 -24.36 75.75 16.15
C GLN S 247 -23.66 77.08 15.92
N VAL S 248 -23.25 77.34 14.68
CA VAL S 248 -22.61 78.61 14.36
C VAL S 248 -23.58 79.76 14.57
N LEU S 249 -24.83 79.59 14.13
CA LEU S 249 -25.82 80.65 14.28
C LEU S 249 -26.09 80.98 15.75
N GLN S 250 -25.98 79.99 16.62
CA GLN S 250 -26.20 80.25 18.05
C GLN S 250 -25.12 81.15 18.62
N GLN S 251 -23.85 80.84 18.34
CA GLN S 251 -22.77 81.69 18.84
C GLN S 251 -22.79 83.06 18.19
N THR S 252 -23.18 83.14 16.92
CA THR S 252 -23.37 84.44 16.29
C THR S 252 -24.50 85.21 16.95
N GLY S 253 -25.61 84.55 17.26
CA GLY S 253 -26.72 85.22 17.90
C GLY S 253 -26.40 85.71 19.29
N SER S 254 -25.64 84.93 20.06
CA SER S 254 -25.28 85.33 21.42
C SER S 254 -24.37 86.54 21.45
N ALA S 255 -23.38 86.60 20.56
CA ALA S 255 -22.51 87.78 20.51
C ALA S 255 -23.26 89.02 20.07
N MET S 256 -24.17 88.88 19.10
CA MET S 256 -24.94 90.04 18.64
C MET S 256 -25.87 90.54 19.74
N LEU S 257 -26.52 89.62 20.47
CA LEU S 257 -27.45 90.04 21.51
C LEU S 257 -26.72 90.70 22.68
N ALA S 258 -25.58 90.14 23.11
CA ALA S 258 -24.83 90.74 24.20
C ALA S 258 -24.35 92.14 23.84
N GLN S 259 -23.89 92.32 22.61
CA GLN S 259 -23.38 93.62 22.19
C GLN S 259 -24.50 94.61 21.93
N ALA S 260 -25.67 94.13 21.51
CA ALA S 260 -26.80 95.02 21.29
C ALA S 260 -27.40 95.50 22.61
N ASN S 261 -27.16 94.76 23.69
CA ASN S 261 -27.71 95.16 24.99
C ASN S 261 -27.07 96.41 25.54
N GLN S 262 -25.82 96.68 25.22
CA GLN S 262 -25.12 97.85 25.72
C GLN S 262 -25.15 99.03 24.75
N LEU S 263 -26.07 99.03 23.80
CA LEU S 263 -26.34 100.20 22.97
C LEU S 263 -26.79 101.41 23.78
N PRO S 264 -27.72 101.28 24.75
CA PRO S 264 -28.20 102.48 25.45
C PRO S 264 -27.16 103.18 26.32
N GLN S 265 -25.97 102.61 26.50
CA GLN S 265 -24.94 103.27 27.28
C GLN S 265 -24.39 104.52 26.61
N VAL S 266 -24.73 104.76 25.34
CA VAL S 266 -24.35 106.00 24.70
C VAL S 266 -24.97 107.20 25.41
N ALA S 267 -26.17 107.02 25.96
CA ALA S 267 -26.86 108.10 26.65
C ALA S 267 -26.08 108.61 27.86
N LEU S 268 -25.23 107.79 28.47
CA LEU S 268 -24.41 108.24 29.58
C LEU S 268 -23.26 109.14 29.15
N SER S 269 -22.86 109.09 27.88
CA SER S 269 -21.78 109.95 27.41
C SER S 269 -22.22 111.41 27.35
N LEU S 270 -23.49 111.66 27.04
CA LEU S 270 -23.98 113.03 26.90
C LEU S 270 -24.44 113.57 28.25
N LEU S 271 -23.51 113.53 29.21
CA LEU S 271 -23.69 114.14 30.52
C LEU S 271 -24.95 113.61 31.19
N GLY S 272 -24.94 112.33 31.56
CA GLY S 272 -26.05 111.73 32.29
C GLY S 272 -27.38 111.74 31.57
N ALA T 1 -36.61 160.81 33.72
CA ALA T 1 -36.99 159.41 33.81
C ALA T 1 -36.17 158.69 34.88
N ILE T 2 -35.96 159.36 36.01
CA ILE T 2 -35.24 158.77 37.13
C ILE T 2 -36.18 158.61 38.31
N THR T 3 -36.71 157.40 38.49
CA THR T 3 -37.71 157.16 39.52
C THR T 3 -37.16 156.23 40.59
N VAL T 4 -37.76 156.30 41.78
CA VAL T 4 -37.33 155.48 42.91
C VAL T 4 -38.54 154.76 43.50
N ASN T 5 -39.64 154.69 42.75
CA ASN T 5 -40.83 153.98 43.22
C ASN T 5 -41.15 152.74 42.40
N THR T 6 -40.83 152.71 41.11
CA THR T 6 -41.06 151.54 40.27
C THR T 6 -39.81 151.24 39.46
N ASN T 7 -39.47 149.96 39.36
CA ASN T 7 -38.33 149.49 38.57
C ASN T 7 -38.87 148.50 37.54
N VAL T 8 -39.30 149.03 36.39
CA VAL T 8 -39.85 148.19 35.34
C VAL T 8 -38.77 147.33 34.72
N THR T 9 -37.52 147.80 34.73
CA THR T 9 -36.42 146.96 34.27
C THR T 9 -36.33 145.68 35.08
N SER T 10 -36.52 145.79 36.40
CA SER T 10 -36.54 144.60 37.25
C SER T 10 -37.73 143.71 36.91
N MET T 11 -38.90 144.32 36.65
CA MET T 11 -40.09 143.52 36.36
C MET T 11 -39.89 142.67 35.11
N LYS T 12 -39.34 143.27 34.05
CA LYS T 12 -39.06 142.49 32.84
C LYS T 12 -37.97 141.45 33.09
N ALA T 13 -36.95 141.81 33.86
CA ALA T 13 -35.88 140.87 34.15
C ALA T 13 -36.38 139.68 34.96
N GLN T 14 -37.29 139.91 35.90
CA GLN T 14 -37.82 138.83 36.72
C GLN T 14 -38.56 137.80 35.87
N LYS T 15 -39.35 138.26 34.91
CA LYS T 15 -40.13 137.35 34.09
C LYS T 15 -39.23 136.43 33.27
N ASN T 16 -38.15 136.98 32.72
CA ASN T 16 -37.25 136.17 31.90
C ASN T 16 -36.57 135.09 32.73
N LEU T 17 -36.20 135.41 33.98
CA LEU T 17 -35.58 134.41 34.85
C LEU T 17 -36.56 133.29 35.18
N ASN T 18 -37.83 133.64 35.40
CA ASN T 18 -38.83 132.61 35.70
C ASN T 18 -39.01 131.65 34.53
N THR T 19 -39.02 132.18 33.30
CA THR T 19 -39.17 131.31 32.14
C THR T 19 -37.99 130.37 31.98
N SER T 20 -36.77 130.87 32.18
CA SER T 20 -35.58 130.03 32.06
C SER T 20 -35.50 128.98 33.16
N ASN T 21 -35.97 129.31 34.36
CA ASN T 21 -35.98 128.34 35.45
C ASN T 21 -37.01 127.24 35.22
N SER T 22 -38.18 127.59 34.69
CA SER T 22 -39.20 126.59 34.43
C SER T 22 -38.79 125.62 33.33
N GLY T 23 -38.11 126.12 32.30
CA GLY T 23 -37.62 125.26 31.23
C GLY T 23 -36.55 124.30 31.70
N LEU T 24 -35.69 124.76 32.60
CA LEU T 24 -34.67 123.88 33.17
C LEU T 24 -35.31 122.76 33.98
N SER T 25 -36.33 123.09 34.76
CA SER T 25 -36.98 122.10 35.60
C SER T 25 -37.64 121.01 34.77
N THR T 26 -38.37 121.39 33.73
CA THR T 26 -39.09 120.40 32.94
C THR T 26 -38.15 119.49 32.17
N SER T 27 -36.95 119.97 31.83
CA SER T 27 -35.99 119.13 31.13
C SER T 27 -35.41 118.06 32.04
N MET T 28 -35.22 118.37 33.32
CA MET T 28 -34.63 117.39 34.24
C MET T 28 -35.57 116.21 34.47
N GLU T 29 -36.87 116.46 34.63
CA GLU T 29 -37.79 115.36 34.91
C GLU T 29 -37.99 114.48 33.68
N ARG T 30 -37.95 115.05 32.48
CA ARG T 30 -37.95 114.22 31.29
C ARG T 30 -36.70 113.35 31.20
N LEU T 31 -35.55 113.88 31.59
CA LEU T 31 -34.33 113.10 31.60
C LEU T 31 -34.28 112.09 32.74
N SER T 32 -34.88 112.40 33.88
CA SER T 32 -34.80 111.50 35.03
C SER T 32 -35.69 110.28 34.86
N SER T 33 -36.74 110.35 34.04
CA SER T 33 -37.63 109.23 33.81
C SER T 33 -37.41 108.60 32.44
N GLY T 34 -37.36 109.42 31.39
CA GLY T 34 -37.12 108.90 30.06
C GLY T 34 -38.36 108.95 29.19
N LEU T 35 -39.34 109.76 29.58
CA LEU T 35 -40.59 109.87 28.86
C LEU T 35 -40.84 111.33 28.49
N ARG T 36 -41.17 111.55 27.22
CA ARG T 36 -41.54 112.88 26.78
C ARG T 36 -42.91 113.29 27.32
N ILE T 37 -43.90 112.41 27.22
CA ILE T 37 -45.24 112.70 27.72
C ILE T 37 -45.35 112.24 29.17
N ASN T 38 -44.89 113.07 30.10
CA ASN T 38 -45.02 112.76 31.52
C ASN T 38 -46.44 113.02 31.97
N SER T 39 -46.94 114.22 31.70
CA SER T 39 -48.30 114.61 32.05
C SER T 39 -49.08 114.98 30.79
N ALA T 40 -50.31 115.44 31.00
CA ALA T 40 -51.16 115.89 29.90
C ALA T 40 -50.80 117.30 29.43
N LYS T 41 -49.75 117.90 29.98
CA LYS T 41 -49.27 119.16 29.43
C LYS T 41 -48.94 119.00 27.96
N ASP T 42 -48.26 117.91 27.63
CA ASP T 42 -47.73 117.62 26.30
C ASP T 42 -48.81 117.07 25.39
N ASP T 43 -48.40 116.40 24.32
CA ASP T 43 -49.33 115.94 23.29
C ASP T 43 -50.55 115.26 23.90
N ALA T 44 -51.71 115.89 23.74
CA ALA T 44 -52.95 115.31 24.24
C ALA T 44 -53.32 114.07 23.45
N ALA T 45 -53.11 114.09 22.14
CA ALA T 45 -53.39 112.94 21.30
C ALA T 45 -52.35 111.85 21.45
N GLY T 46 -51.11 112.20 21.81
CA GLY T 46 -50.06 111.20 21.93
C GLY T 46 -50.34 110.20 23.03
N LEU T 47 -50.79 110.67 24.19
CA LEU T 47 -51.03 109.76 25.31
C LEU T 47 -52.21 108.84 25.02
N ALA T 48 -53.22 109.35 24.33
CA ALA T 48 -54.36 108.51 23.96
C ALA T 48 -53.94 107.39 23.01
N ILE T 49 -53.12 107.72 22.01
CA ILE T 49 -52.64 106.72 21.08
C ILE T 49 -51.75 105.71 21.80
N SER T 50 -50.89 106.20 22.68
CA SER T 50 -49.95 105.32 23.37
C SER T 50 -50.67 104.31 24.25
N ASN T 51 -51.83 104.71 24.81
CA ASN T 51 -52.58 103.79 25.67
C ASN T 51 -53.06 102.58 24.89
N ARG T 52 -53.58 102.79 23.68
CA ARG T 52 -53.99 101.67 22.85
C ARG T 52 -52.79 100.84 22.38
N LEU T 53 -51.69 101.48 22.03
CA LEU T 53 -50.48 100.74 21.69
C LEU T 53 -49.96 99.95 22.88
N ASN T 54 -50.05 100.52 24.08
CA ASN T 54 -49.67 99.78 25.27
C ASN T 54 -50.54 98.56 25.47
N SER T 55 -51.84 98.68 25.19
CA SER T 55 -52.74 97.53 25.29
C SER T 55 -52.36 96.43 24.31
N GLN T 56 -51.98 96.80 23.08
CA GLN T 56 -51.58 95.80 22.09
C GLN T 56 -50.32 95.07 22.50
N VAL T 57 -49.32 95.81 23.01
CA VAL T 57 -48.06 95.20 23.40
C VAL T 57 -48.26 94.21 24.55
N ARG T 58 -48.95 94.66 25.60
CA ARG T 58 -49.22 93.78 26.73
C ARG T 58 -50.26 92.72 26.37
N GLY T 59 -51.21 93.07 25.50
CA GLY T 59 -52.20 92.10 25.08
C GLY T 59 -51.58 90.93 24.33
N LEU T 60 -50.63 91.22 23.44
CA LEU T 60 -49.95 90.14 22.72
C LEU T 60 -49.14 89.27 23.65
N GLU T 61 -48.47 89.88 24.65
CA GLU T 61 -47.61 89.11 25.53
C GLU T 61 -48.40 88.05 26.30
N VAL T 62 -49.59 88.42 26.79
CA VAL T 62 -50.45 87.42 27.41
C VAL T 62 -50.96 86.43 26.38
N GLY T 63 -51.23 86.91 25.15
CA GLY T 63 -51.67 86.01 24.10
C GLY T 63 -50.62 84.98 23.71
N MET T 64 -49.34 85.38 23.76
CA MET T 64 -48.27 84.43 23.48
C MET T 64 -48.28 83.27 24.47
N ARG T 65 -48.36 83.57 25.76
CA ARG T 65 -48.42 82.52 26.77
C ARG T 65 -49.70 81.71 26.64
N ASN T 66 -50.77 82.33 26.16
CA ASN T 66 -52.02 81.60 25.95
C ASN T 66 -51.87 80.48 24.93
N ALA T 67 -51.11 80.72 23.86
CA ALA T 67 -50.89 79.72 22.83
C ALA T 67 -49.84 78.69 23.19
N ASN T 68 -48.82 79.07 23.96
CA ASN T 68 -47.87 78.09 24.47
C ASN T 68 -48.53 77.03 25.33
N ASP T 69 -49.59 77.40 26.05
CA ASP T 69 -50.39 76.45 26.81
C ASP T 69 -51.12 75.48 25.90
N ALA T 70 -51.67 75.96 24.78
CA ALA T 70 -52.40 75.06 23.88
C ALA T 70 -51.46 74.07 23.23
N ILE T 71 -50.21 74.47 22.96
CA ILE T 71 -49.23 73.59 22.35
C ILE T 71 -48.95 72.42 23.29
N SER T 72 -48.80 72.71 24.58
CA SER T 72 -48.50 71.67 25.55
C SER T 72 -49.64 70.66 25.67
N ILE T 73 -50.89 71.12 25.66
CA ILE T 73 -52.02 70.20 25.72
C ILE T 73 -52.03 69.26 24.52
N ALA T 74 -51.85 69.81 23.32
CA ALA T 74 -51.79 68.97 22.13
C ALA T 74 -50.59 68.04 22.14
N GLN T 75 -49.51 68.47 22.79
CA GLN T 75 -48.31 67.63 22.85
C GLN T 75 -48.54 66.39 23.71
N ILE T 76 -49.23 66.54 24.84
CA ILE T 76 -49.45 65.41 25.74
C ILE T 76 -50.42 64.41 25.12
N ALA T 77 -51.50 64.88 24.53
CA ALA T 77 -52.49 63.98 23.94
C ALA T 77 -51.88 63.17 22.80
N GLU T 78 -51.05 63.82 21.97
CA GLU T 78 -50.39 63.12 20.88
C GLU T 78 -49.46 62.02 21.40
N GLY T 79 -48.74 62.31 22.48
CA GLY T 79 -47.83 61.32 23.02
C GLY T 79 -48.53 60.07 23.52
N ALA T 80 -49.69 60.24 24.16
CA ALA T 80 -50.41 59.08 24.68
C ALA T 80 -50.98 58.21 23.56
N MET T 81 -51.43 58.82 22.46
CA MET T 81 -52.01 58.03 21.38
C MET T 81 -50.96 57.18 20.68
N GLN T 82 -49.68 57.56 20.76
CA GLN T 82 -48.64 56.74 20.16
C GLN T 82 -48.55 55.39 20.85
N GLU T 83 -48.66 55.36 22.18
CA GLU T 83 -48.57 54.09 22.89
C GLU T 83 -49.79 53.23 22.65
N GLN T 84 -50.96 53.83 22.45
CA GLN T 84 -52.13 53.03 22.09
C GLN T 84 -51.97 52.39 20.72
N THR T 85 -51.27 53.07 19.81
CA THR T 85 -51.04 52.49 18.49
C THR T 85 -50.14 51.26 18.54
N ASN T 86 -49.08 51.30 19.34
CA ASN T 86 -48.18 50.15 19.44
C ASN T 86 -48.86 48.92 20.02
N MET T 87 -49.67 49.08 21.06
CA MET T 87 -50.38 47.94 21.63
C MET T 87 -51.44 47.39 20.69
N LEU T 88 -52.07 48.24 19.89
CA LEU T 88 -53.02 47.75 18.90
C LEU T 88 -52.34 46.91 17.82
N GLN T 89 -51.10 47.27 17.47
CA GLN T 89 -50.36 46.47 16.49
C GLN T 89 -50.07 45.08 17.03
N ARG T 90 -49.74 44.98 18.32
CA ARG T 90 -49.49 43.67 18.92
C ARG T 90 -50.75 42.81 18.94
N MET T 91 -51.92 43.42 19.10
CA MET T 91 -53.17 42.67 19.02
C MET T 91 -53.39 42.10 17.62
N ARG T 92 -52.97 42.81 16.57
CA ARG T 92 -53.07 42.28 15.22
C ARG T 92 -52.25 41.02 15.05
N ASP T 93 -51.03 41.00 15.58
CA ASP T 93 -50.18 39.81 15.46
C ASP T 93 -50.79 38.62 16.19
N LEU T 94 -51.34 38.84 17.38
CA LEU T 94 -51.95 37.74 18.11
C LEU T 94 -53.15 37.16 17.37
N THR T 95 -53.98 38.00 16.76
CA THR T 95 -55.08 37.50 15.94
C THR T 95 -54.59 36.70 14.74
N ILE T 96 -53.54 37.16 14.07
CA ILE T 96 -52.94 36.38 13.00
C ILE T 96 -52.34 35.09 13.56
N GLN T 97 -51.64 35.18 14.69
CA GLN T 97 -51.06 33.99 15.31
C GLN T 97 -52.12 33.01 15.80
N SER T 98 -53.31 33.50 16.14
CA SER T 98 -54.36 32.65 16.69
C SER T 98 -55.11 31.89 15.60
N GLU T 99 -54.60 31.82 14.38
CA GLU T 99 -55.33 31.23 13.27
C GLU T 99 -54.64 29.94 12.82
N ASN T 100 -53.65 29.46 13.56
CA ASN T 100 -53.02 28.18 13.24
C ASN T 100 -54.03 27.05 13.36
N GLY T 101 -53.86 26.04 12.51
CA GLY T 101 -54.65 24.83 12.62
C GLY T 101 -54.00 23.79 13.51
N ALA T 102 -52.80 24.10 14.01
CA ALA T 102 -52.10 23.21 14.92
C ALA T 102 -52.29 23.60 16.37
N ASN T 103 -53.06 24.66 16.64
CA ASN T 103 -53.34 25.07 18.00
C ASN T 103 -54.36 24.12 18.61
N SER T 104 -54.79 24.41 19.83
CA SER T 104 -55.82 23.63 20.48
C SER T 104 -56.72 24.58 21.25
N THR T 105 -57.76 24.02 21.87
CA THR T 105 -58.68 24.84 22.63
C THR T 105 -57.99 25.53 23.79
N ALA T 106 -57.09 24.81 24.47
CA ALA T 106 -56.33 25.41 25.56
C ALA T 106 -55.34 26.46 25.07
N ASP T 107 -54.81 26.31 23.86
CA ASP T 107 -53.87 27.27 23.32
C ASP T 107 -54.55 28.61 23.00
N LEU T 108 -55.76 28.56 22.47
CA LEU T 108 -56.47 29.78 22.13
C LEU T 108 -56.81 30.59 23.38
N VAL T 109 -57.07 29.91 24.50
CA VAL T 109 -57.38 30.62 25.74
C VAL T 109 -56.18 31.43 26.22
N SER T 110 -54.97 30.88 26.14
CA SER T 110 -53.78 31.61 26.56
C SER T 110 -53.55 32.87 25.73
N ILE T 111 -53.80 32.80 24.42
CA ILE T 111 -53.65 33.98 23.59
C ILE T 111 -54.68 35.04 23.96
N LYS T 112 -55.91 34.63 24.26
CA LYS T 112 -56.91 35.59 24.67
C LYS T 112 -56.57 36.27 25.99
N ALA T 113 -55.98 35.52 26.92
CA ALA T 113 -55.56 36.09 28.20
C ALA T 113 -54.53 37.20 28.04
N GLU T 114 -53.81 37.21 26.94
CA GLU T 114 -52.88 38.28 26.60
C GLU T 114 -53.60 39.45 25.95
N MET T 115 -54.44 39.18 24.95
CA MET T 115 -55.22 40.24 24.32
C MET T 115 -56.07 40.98 25.34
N ASP T 116 -56.60 40.24 26.32
CA ASP T 116 -57.51 40.84 27.29
C ASP T 116 -56.82 41.91 28.13
N GLN T 117 -55.58 41.66 28.55
CA GLN T 117 -54.87 42.65 29.35
C GLN T 117 -54.38 43.84 28.55
N LEU T 118 -54.04 43.66 27.27
CA LEU T 118 -53.67 44.79 26.45
C LEU T 118 -54.82 45.77 26.25
N ALA T 119 -56.04 45.27 26.10
CA ALA T 119 -57.20 46.14 26.00
C ALA T 119 -57.48 46.90 27.29
N THR T 120 -57.10 46.33 28.43
CA THR T 120 -57.27 47.02 29.71
C THR T 120 -56.42 48.28 29.80
N GLU T 121 -55.18 48.24 29.28
CA GLU T 121 -54.35 49.44 29.30
C GLU T 121 -54.82 50.51 28.35
N ILE T 122 -55.37 50.15 27.20
CA ILE T 122 -55.94 51.15 26.32
C ILE T 122 -57.03 51.93 27.06
N ASP T 123 -57.80 51.23 27.88
CA ASP T 123 -58.68 51.90 28.83
C ASP T 123 -57.90 52.72 29.85
N SER T 124 -56.79 52.18 30.37
CA SER T 124 -56.08 52.84 31.45
C SER T 124 -55.39 54.12 31.01
N ILE T 125 -54.80 54.13 29.82
CA ILE T 125 -54.20 55.36 29.32
C ILE T 125 -55.27 56.41 29.05
N GLY T 126 -56.40 55.99 28.49
CA GLY T 126 -57.48 56.90 28.18
C GLY T 126 -58.02 57.63 29.39
N ASN T 127 -58.09 56.94 30.52
CA ASN T 127 -58.62 57.52 31.75
C ASN T 127 -57.56 58.19 32.61
N SER T 128 -56.29 58.19 32.19
CA SER T 128 -55.23 58.71 33.04
C SER T 128 -54.61 59.98 32.48
N THR T 129 -54.41 60.03 31.16
CA THR T 129 -53.73 61.15 30.52
C THR T 129 -54.38 62.48 30.92
N ALA T 130 -53.61 63.33 31.61
CA ALA T 130 -54.17 64.55 32.18
C ALA T 130 -53.13 65.65 32.14
N PHE T 131 -53.60 66.89 32.20
CA PHE T 131 -52.76 68.07 32.27
C PHE T 131 -52.88 68.62 33.68
N GLY T 132 -52.04 68.11 34.58
CA GLY T 132 -52.13 68.48 35.98
C GLY T 132 -53.29 67.81 36.66
N ASN T 133 -54.52 68.24 36.36
CA ASN T 133 -55.68 67.58 36.95
C ASN T 133 -56.85 67.46 35.96
N THR T 134 -56.69 67.84 34.71
CA THR T 134 -57.78 67.80 33.73
C THR T 134 -57.53 66.65 32.76
N LYS T 135 -58.46 65.71 32.70
CA LYS T 135 -58.36 64.56 31.82
C LYS T 135 -58.62 65.01 30.39
N LEU T 136 -57.74 64.62 29.46
CA LEU T 136 -57.80 65.13 28.10
C LEU T 136 -58.38 64.15 27.08
N LEU T 137 -58.53 62.87 27.42
CA LEU T 137 -58.96 61.87 26.46
C LEU T 137 -60.29 61.24 26.84
N THR T 138 -61.05 61.88 27.73
CA THR T 138 -62.32 61.29 28.18
C THR T 138 -63.52 62.11 27.73
N GLY T 139 -63.37 62.92 26.69
CA GLY T 139 -64.50 63.57 26.04
C GLY T 139 -64.78 64.98 26.50
N THR T 140 -64.03 65.50 27.47
CA THR T 140 -64.25 66.88 27.89
C THR T 140 -63.72 67.85 26.84
N PHE T 141 -62.95 67.34 25.88
CA PHE T 141 -62.52 68.13 24.74
C PHE T 141 -63.19 67.64 23.46
N SER T 142 -64.34 66.97 23.59
CA SER T 142 -65.10 66.55 22.42
C SER T 142 -65.61 67.72 21.60
N ALA T 143 -66.11 68.78 22.25
CA ALA T 143 -66.49 70.02 21.60
C ALA T 143 -65.36 71.01 21.90
N GLY T 144 -64.54 71.27 20.90
CA GLY T 144 -63.29 71.99 21.05
C GLY T 144 -63.30 73.17 22.01
N LYS T 145 -62.32 73.20 22.91
CA LYS T 145 -62.18 74.33 23.82
C LYS T 145 -61.46 75.48 23.12
N VAL T 146 -61.47 76.64 23.76
CA VAL T 146 -61.09 77.89 23.11
C VAL T 146 -59.90 78.52 23.84
N PHE T 147 -58.90 78.94 23.07
CA PHE T 147 -57.79 79.74 23.56
C PHE T 147 -57.74 81.03 22.76
N GLN T 148 -57.49 82.15 23.44
CA GLN T 148 -57.42 83.47 22.80
C GLN T 148 -55.96 83.85 22.61
N VAL T 149 -55.57 84.10 21.36
CA VAL T 149 -54.18 84.36 21.02
C VAL T 149 -53.95 85.80 20.57
N GLY T 150 -54.99 86.62 20.51
CA GLY T 150 -54.88 88.01 20.16
C GLY T 150 -55.21 88.89 21.35
N HIS T 151 -55.27 90.19 21.09
CA HIS T 151 -55.62 91.14 22.15
C HIS T 151 -57.04 91.67 22.04
N GLN T 152 -57.85 91.15 21.12
CA GLN T 152 -59.23 91.57 20.98
C GLN T 152 -60.13 90.36 20.88
N GLU T 153 -61.43 90.60 21.04
CA GLU T 153 -62.41 89.52 20.96
C GLU T 153 -62.42 88.91 19.57
N GLY T 154 -62.63 87.58 19.52
CA GLY T 154 -62.72 86.88 18.26
C GLY T 154 -61.43 86.31 17.73
N GLU T 155 -60.30 86.59 18.38
CA GLU T 155 -59.01 86.03 17.97
C GLU T 155 -58.77 84.77 18.78
N ASP T 156 -59.45 83.69 18.40
CA ASP T 156 -59.43 82.46 19.18
C ASP T 156 -59.00 81.28 18.32
N ILE T 157 -58.46 80.27 18.99
CA ILE T 157 -58.09 79.00 18.39
C ILE T 157 -58.81 77.88 19.14
N LYS T 158 -59.30 76.91 18.38
CA LYS T 158 -60.10 75.82 18.94
C LYS T 158 -59.34 74.51 18.80
N VAL T 159 -59.23 73.78 19.91
CA VAL T 159 -58.57 72.48 19.95
C VAL T 159 -59.60 71.43 20.32
N THR T 160 -59.78 70.43 19.45
CA THR T 160 -60.76 69.38 19.65
C THR T 160 -60.05 68.03 19.78
N VAL T 161 -60.32 67.32 20.86
CA VAL T 161 -59.77 65.99 21.10
C VAL T 161 -60.94 65.05 21.37
N LYS T 162 -61.18 64.13 20.45
CA LYS T 162 -62.28 63.19 20.63
C LYS T 162 -61.88 62.11 21.64
N ALA T 163 -62.89 61.53 22.28
CA ALA T 163 -62.64 60.51 23.29
C ALA T 163 -62.04 59.26 22.65
N SER T 164 -61.01 58.71 23.31
CA SER T 164 -60.31 57.54 22.80
C SER T 164 -60.04 56.58 23.95
N ASN T 165 -60.84 55.53 24.05
CA ASN T 165 -60.68 54.49 25.05
C ASN T 165 -61.24 53.20 24.46
N LYS T 166 -61.28 52.14 25.26
CA LYS T 166 -61.59 50.82 24.69
C LYS T 166 -63.04 50.72 24.23
N THR T 167 -63.99 51.28 24.98
CA THR T 167 -65.37 51.24 24.51
C THR T 167 -65.57 52.14 23.30
N SER T 168 -64.84 53.26 23.24
CA SER T 168 -64.95 54.18 22.12
C SER T 168 -64.46 53.53 20.82
N LEU T 169 -63.32 52.84 20.88
CA LEU T 169 -62.71 52.25 19.70
C LEU T 169 -63.31 50.91 19.32
N SER T 170 -64.46 50.57 19.89
CA SER T 170 -65.17 49.32 19.57
C SER T 170 -64.30 48.10 19.83
N VAL T 171 -63.63 48.11 20.99
CA VAL T 171 -62.92 46.93 21.48
C VAL T 171 -63.34 46.70 22.92
N GLY T 172 -63.08 45.51 23.43
CA GLY T 172 -63.50 45.16 24.77
C GLY T 172 -64.17 43.81 24.79
N ALA T 173 -64.70 43.39 23.65
CA ALA T 173 -65.23 42.05 23.45
C ALA T 173 -64.61 41.50 22.17
N LEU T 174 -63.47 40.83 22.31
CA LEU T 174 -62.77 40.25 21.17
C LEU T 174 -62.47 38.79 21.47
N ASN T 175 -63.15 37.89 20.75
CA ASN T 175 -62.93 36.46 20.89
C ASN T 175 -62.20 35.93 19.67
N ASN T 176 -61.62 34.73 19.81
CA ASN T 176 -60.90 34.09 18.72
C ASN T 176 -61.16 32.60 18.64
N ALA T 177 -62.36 32.15 19.02
CA ALA T 177 -62.66 30.73 19.01
C ALA T 177 -63.10 30.24 17.63
N THR T 178 -64.21 30.79 17.12
CA THR T 178 -64.77 30.33 15.86
C THR T 178 -64.12 31.01 14.66
N SER T 179 -64.43 30.54 13.46
CA SER T 179 -63.91 31.17 12.25
C SER T 179 -64.43 32.60 12.12
N ALA T 180 -65.72 32.80 12.36
CA ALA T 180 -66.31 34.12 12.21
C ALA T 180 -65.80 35.08 13.28
N ASN T 181 -65.45 34.56 14.45
CA ASN T 181 -65.00 35.43 15.54
C ASN T 181 -63.71 36.14 15.19
N ARG T 182 -62.75 35.42 14.59
CA ARG T 182 -61.47 36.04 14.25
C ARG T 182 -61.62 37.05 13.11
N ALA T 183 -62.47 36.75 12.13
CA ALA T 183 -62.65 37.66 11.00
C ALA T 183 -63.24 38.99 11.47
N SER T 184 -64.22 38.94 12.37
CA SER T 184 -64.81 40.18 12.88
C SER T 184 -63.82 40.97 13.73
N SER T 185 -62.99 40.26 14.51
CA SER T 185 -62.03 40.95 15.36
C SER T 185 -60.98 41.70 14.56
N LEU T 186 -60.54 41.11 13.44
CA LEU T 186 -59.49 41.75 12.64
C LEU T 186 -59.96 43.06 12.04
N ALA T 187 -61.21 43.13 11.58
CA ALA T 187 -61.70 44.35 10.96
C ALA T 187 -61.78 45.49 11.97
N LYS T 188 -62.19 45.21 13.21
CA LYS T 188 -62.36 46.28 14.19
C LYS T 188 -61.01 46.87 14.60
N ILE T 189 -59.97 46.04 14.70
CA ILE T 189 -58.65 46.55 15.03
C ILE T 189 -58.14 47.46 13.92
N ASP T 190 -58.32 47.05 12.66
CA ASP T 190 -57.89 47.89 11.55
C ASP T 190 -58.63 49.23 11.55
N ALA T 191 -59.93 49.21 11.82
CA ALA T 191 -60.68 50.46 11.91
C ALA T 191 -60.20 51.30 13.09
N ALA T 192 -59.73 50.65 14.16
CA ALA T 192 -59.24 51.38 15.32
C ALA T 192 -57.99 52.19 14.98
N ILE T 193 -57.06 51.59 14.23
CA ILE T 193 -55.83 52.31 13.89
C ILE T 193 -56.14 53.50 13.00
N LYS T 194 -57.10 53.37 12.08
CA LYS T 194 -57.47 54.48 11.21
C LYS T 194 -58.01 55.65 12.02
N THR T 195 -58.86 55.37 13.01
CA THR T 195 -59.45 56.45 13.79
C THR T 195 -58.39 57.22 14.58
N ILE T 196 -57.44 56.51 15.18
CA ILE T 196 -56.36 57.17 15.92
C ILE T 196 -55.49 57.97 14.95
N ASP T 197 -55.23 57.42 13.78
CA ASP T 197 -54.37 58.09 12.81
C ASP T 197 -54.95 59.44 12.39
N SER T 198 -56.27 59.49 12.14
CA SER T 198 -56.91 60.75 11.77
C SER T 198 -56.86 61.75 12.92
N GLN T 199 -56.99 61.26 14.15
CA GLN T 199 -56.95 62.13 15.32
C GLN T 199 -55.57 62.79 15.47
N ARG T 200 -54.51 62.01 15.24
CA ARG T 200 -53.16 62.56 15.36
C ARG T 200 -52.91 63.64 14.31
N ALA T 201 -53.41 63.41 13.08
CA ALA T 201 -53.23 64.39 12.02
C ALA T 201 -53.93 65.70 12.37
N ASP T 202 -55.12 65.62 12.95
CA ASP T 202 -55.85 66.82 13.35
C ASP T 202 -55.10 67.61 14.41
N LEU T 203 -54.51 66.93 15.39
CA LEU T 203 -53.76 67.62 16.44
C LEU T 203 -52.45 68.19 15.91
N GLY T 204 -51.80 67.50 14.96
CA GLY T 204 -50.58 68.04 14.39
C GLY T 204 -50.80 69.30 13.59
N ALA T 205 -51.92 69.38 12.87
CA ALA T 205 -52.20 70.58 12.09
C ALA T 205 -52.39 71.80 12.97
N VAL T 206 -53.04 71.64 14.11
CA VAL T 206 -53.28 72.76 15.01
C VAL T 206 -51.97 73.33 15.54
N GLN T 207 -51.06 72.45 15.95
CA GLN T 207 -49.80 72.92 16.52
C GLN T 207 -48.85 73.44 15.45
N ASN T 208 -48.95 72.94 14.22
CA ASN T 208 -48.32 73.64 13.10
C ASN T 208 -48.95 75.00 12.91
N ARG T 209 -50.28 75.08 13.05
CA ARG T 209 -50.98 76.35 12.96
C ARG T 209 -50.56 77.30 14.08
N LEU T 210 -50.47 76.81 15.31
CA LEU T 210 -50.14 77.68 16.44
C LEU T 210 -48.71 78.22 16.36
N ALA T 211 -47.79 77.45 15.79
CA ALA T 211 -46.40 77.91 15.71
C ALA T 211 -46.28 79.16 14.86
N HIS T 212 -47.09 79.28 13.80
CA HIS T 212 -47.02 80.45 12.94
C HIS T 212 -47.60 81.69 13.59
N ASN T 213 -48.58 81.53 14.49
CA ASN T 213 -49.10 82.68 15.23
C ASN T 213 -48.03 83.29 16.12
N ILE T 214 -47.24 82.46 16.80
CA ILE T 214 -46.22 82.97 17.72
C ILE T 214 -45.18 83.78 16.96
N SER T 215 -44.72 83.26 15.83
CA SER T 215 -43.72 83.98 15.04
C SER T 215 -44.28 85.31 14.54
N ASN T 216 -45.52 85.31 14.07
CA ASN T 216 -46.15 86.54 13.63
C ASN T 216 -46.34 87.52 14.78
N SER T 217 -46.76 87.03 15.95
CA SER T 217 -46.96 87.90 17.10
C SER T 217 -45.64 88.46 17.62
N ALA T 218 -44.57 87.69 17.55
CA ALA T 218 -43.26 88.20 17.95
C ALA T 218 -42.80 89.33 17.04
N ASN T 219 -43.03 89.18 15.73
CA ASN T 219 -42.66 90.24 14.80
C ASN T 219 -43.47 91.51 15.03
N THR T 220 -44.79 91.37 15.14
CA THR T 220 -45.63 92.55 15.26
C THR T 220 -45.40 93.26 16.59
N GLN T 221 -44.98 92.54 17.62
CA GLN T 221 -44.70 93.18 18.90
C GLN T 221 -43.52 94.15 18.78
N ALA T 222 -42.48 93.77 18.04
CA ALA T 222 -41.32 94.62 17.90
C ALA T 222 -41.66 95.90 17.15
N ASN T 223 -42.43 95.79 16.07
CA ASN T 223 -42.78 96.98 15.29
C ASN T 223 -43.67 97.94 16.06
N VAL T 224 -44.60 97.44 16.87
CA VAL T 224 -45.42 98.32 17.69
C VAL T 224 -44.57 99.02 18.75
N ALA T 225 -43.57 98.34 19.29
CA ALA T 225 -42.65 98.99 20.21
C ALA T 225 -41.91 100.13 19.55
N ASP T 226 -41.53 99.97 18.28
CA ASP T 226 -40.96 101.08 17.51
C ASP T 226 -41.92 102.26 17.47
N ALA T 227 -43.17 102.01 17.10
CA ALA T 227 -44.13 103.11 16.94
C ALA T 227 -44.39 103.80 18.26
N LYS T 228 -44.47 103.04 19.35
CA LYS T 228 -44.79 103.61 20.65
C LYS T 228 -43.66 104.44 21.22
N SER T 229 -42.40 104.10 20.93
CA SER T 229 -41.29 104.86 21.49
C SER T 229 -41.11 106.21 20.81
N ARG T 230 -41.43 106.31 19.52
CA ARG T 230 -41.25 107.58 18.82
C ARG T 230 -42.19 108.65 19.38
N ILE T 231 -43.26 108.23 20.06
CA ILE T 231 -44.26 109.18 20.54
C ILE T 231 -43.98 109.63 21.97
N VAL T 232 -43.63 108.71 22.87
CA VAL T 232 -43.56 109.02 24.28
C VAL T 232 -42.14 109.13 24.83
N ASP T 233 -41.13 108.71 24.08
CA ASP T 233 -39.78 108.63 24.61
C ASP T 233 -38.96 109.84 24.19
N VAL T 234 -38.04 110.24 25.06
CA VAL T 234 -37.21 111.40 24.80
C VAL T 234 -35.99 111.00 23.99
N ASP T 235 -35.46 111.96 23.23
CA ASP T 235 -34.17 111.82 22.57
C ASP T 235 -33.15 112.60 23.39
N PHE T 236 -32.17 111.89 23.96
CA PHE T 236 -31.23 112.54 24.86
C PHE T 236 -30.40 113.59 24.14
N ALA T 237 -30.14 113.40 22.85
CA ALA T 237 -29.42 114.41 22.08
C ALA T 237 -30.20 115.71 22.07
N LYS T 238 -31.51 115.61 21.83
CA LYS T 238 -32.37 116.79 21.89
C LYS T 238 -32.45 117.36 23.31
N GLU T 239 -32.60 116.49 24.30
CA GLU T 239 -32.87 116.95 25.66
C GLU T 239 -31.61 117.53 26.32
N THR T 240 -30.46 116.89 26.10
CA THR T 240 -29.24 117.36 26.74
C THR T 240 -28.87 118.76 26.26
N SER T 241 -29.03 119.02 24.96
CA SER T 241 -28.74 120.35 24.44
C SER T 241 -29.65 121.40 25.07
N ALA T 242 -30.93 121.09 25.23
CA ALA T 242 -31.86 122.04 25.84
C ALA T 242 -31.49 122.29 27.31
N MET T 243 -31.12 121.25 28.03
CA MET T 243 -30.77 121.40 29.45
C MET T 243 -29.57 122.31 29.63
N THR T 244 -28.50 122.06 28.85
CA THR T 244 -27.36 122.98 28.87
C THR T 244 -27.74 124.34 28.32
N LYS T 245 -28.75 124.38 27.44
CA LYS T 245 -29.15 125.63 26.80
C LYS T 245 -29.68 126.60 27.85
N TYR T 246 -30.50 126.09 28.77
CA TYR T 246 -31.15 126.91 29.80
C TYR T 246 -30.23 127.21 30.99
N GLN T 247 -29.22 126.38 31.23
CA GLN T 247 -28.30 126.65 32.33
C GLN T 247 -27.57 127.98 32.11
N VAL T 248 -27.15 128.23 30.88
CA VAL T 248 -26.48 129.48 30.57
C VAL T 248 -27.43 130.65 30.75
N LEU T 249 -28.68 130.49 30.29
CA LEU T 249 -29.66 131.56 30.41
C LEU T 249 -29.96 131.89 31.86
N GLN T 250 -29.89 130.91 32.76
CA GLN T 250 -30.14 131.17 34.17
C GLN T 250 -29.06 132.07 34.77
N GLN T 251 -27.79 131.75 34.52
CA GLN T 251 -26.72 132.58 35.04
C GLN T 251 -26.71 133.95 34.39
N THR T 252 -27.07 134.03 33.11
CA THR T 252 -27.23 135.33 32.47
C THR T 252 -28.35 136.13 33.11
N GLY T 253 -29.48 135.47 33.38
CA GLY T 253 -30.61 136.16 33.99
C GLY T 253 -30.32 136.65 35.40
N SER T 254 -29.57 135.86 36.18
CA SER T 254 -29.26 136.25 37.54
C SER T 254 -28.34 137.46 37.60
N ALA T 255 -27.33 137.51 36.74
CA ALA T 255 -26.44 138.67 36.70
C ALA T 255 -27.17 139.93 36.24
N MET T 256 -28.06 139.80 35.24
CA MET T 256 -28.80 140.95 34.77
C MET T 256 -29.76 141.47 35.84
N LEU T 257 -30.43 140.56 36.56
CA LEU T 257 -31.38 140.98 37.58
C LEU T 257 -30.67 141.64 38.77
N ALA T 258 -29.54 141.07 39.22
CA ALA T 258 -28.83 141.67 40.33
C ALA T 258 -28.32 143.07 39.98
N GLN T 259 -27.82 143.24 38.75
CA GLN T 259 -27.29 144.53 38.34
C GLN T 259 -28.41 145.53 38.06
N ALA T 260 -29.56 145.06 37.62
CA ALA T 260 -30.68 145.96 37.35
C ALA T 260 -31.30 146.45 38.66
N ASN T 261 -31.10 145.72 39.75
CA ASN T 261 -31.68 146.11 41.03
C ASN T 261 -31.04 147.36 41.61
N GLN T 262 -29.77 147.63 41.30
CA GLN T 262 -29.08 148.79 41.82
C GLN T 262 -29.07 149.96 40.85
N LEU T 263 -29.97 149.97 39.87
CA LEU T 263 -30.21 151.14 39.04
C LEU T 263 -30.67 152.36 39.84
N PRO T 264 -31.61 152.25 40.78
CA PRO T 264 -32.10 153.45 41.46
C PRO T 264 -31.08 154.14 42.36
N GLN T 265 -29.90 153.56 42.56
CA GLN T 265 -28.89 154.22 43.37
C GLN T 265 -28.30 155.45 42.71
N VAL T 266 -28.61 155.69 41.43
CA VAL T 266 -28.20 156.93 40.79
C VAL T 266 -28.82 158.13 41.49
N ALA T 267 -30.05 157.96 42.01
CA ALA T 267 -30.74 159.05 42.69
C ALA T 267 -29.99 159.57 43.91
N LEU T 268 -29.16 158.73 44.53
CA LEU T 268 -28.36 159.18 45.67
C LEU T 268 -27.20 160.07 45.27
N SER T 269 -26.76 160.01 44.00
CA SER T 269 -25.67 160.86 43.56
C SER T 269 -26.08 162.32 43.49
N LEU T 270 -27.34 162.59 43.15
CA LEU T 270 -27.83 163.96 42.98
C LEU T 270 -28.31 164.51 44.32
N LEU T 271 -27.40 164.45 45.31
CA LEU T 271 -27.62 165.07 46.61
C LEU T 271 -28.90 164.56 47.25
N GLY T 272 -28.91 163.28 47.62
CA GLY T 272 -30.03 162.70 48.32
C GLY T 272 -31.35 162.71 47.58
N ALA U 1 -10.54 -15.90 -33.05
CA ALA U 1 -11.10 -17.23 -33.25
C ALA U 1 -10.96 -18.08 -32.00
N ILE U 2 -11.20 -17.45 -30.84
CA ILE U 2 -11.14 -18.17 -29.56
C ILE U 2 -12.52 -18.20 -28.94
N THR U 3 -13.24 -19.30 -29.12
CA THR U 3 -14.61 -19.40 -28.66
C THR U 3 -14.73 -20.42 -27.52
N VAL U 4 -15.78 -20.26 -26.73
CA VAL U 4 -16.02 -21.15 -25.60
C VAL U 4 -17.44 -21.70 -25.66
N ASN U 5 -18.09 -21.57 -26.81
CA ASN U 5 -19.44 -22.11 -26.99
C ASN U 5 -19.52 -23.27 -27.95
N THR U 6 -18.67 -23.34 -28.96
CA THR U 6 -18.65 -24.45 -29.89
C THR U 6 -17.22 -24.93 -30.10
N ASN U 7 -17.04 -26.25 -30.13
CA ASN U 7 -15.74 -26.88 -30.37
C ASN U 7 -15.88 -27.76 -31.61
N VAL U 8 -15.67 -27.15 -32.78
CA VAL U 8 -15.79 -27.89 -34.03
C VAL U 8 -14.67 -28.90 -34.18
N THR U 9 -13.51 -28.63 -33.58
CA THR U 9 -12.45 -29.62 -33.56
C THR U 9 -12.90 -30.91 -32.90
N SER U 10 -13.64 -30.78 -31.80
CA SER U 10 -14.21 -31.96 -31.14
C SER U 10 -15.23 -32.66 -32.04
N MET U 11 -16.06 -31.89 -32.74
CA MET U 11 -17.08 -32.48 -33.59
C MET U 11 -16.46 -33.34 -34.69
N LYS U 12 -15.41 -32.83 -35.34
CA LYS U 12 -14.73 -33.62 -36.36
C LYS U 12 -14.02 -34.82 -35.74
N ALA U 13 -13.41 -34.63 -34.57
CA ALA U 13 -12.72 -35.72 -33.91
C ALA U 13 -13.68 -36.84 -33.50
N GLN U 14 -14.89 -36.46 -33.05
CA GLN U 14 -15.86 -37.47 -32.63
C GLN U 14 -16.26 -38.37 -33.80
N LYS U 15 -16.47 -37.78 -34.97
CA LYS U 15 -16.91 -38.56 -36.12
C LYS U 15 -15.86 -39.58 -36.52
N ASN U 16 -14.58 -39.21 -36.49
CA ASN U 16 -13.54 -40.13 -36.87
C ASN U 16 -13.45 -41.31 -35.92
N LEU U 17 -13.64 -41.07 -34.62
CA LEU U 17 -13.62 -42.15 -33.66
C LEU U 17 -14.78 -43.12 -33.88
N ASN U 18 -15.96 -42.59 -34.23
CA ASN U 18 -17.11 -43.45 -34.47
C ASN U 18 -16.86 -44.37 -35.67
N THR U 19 -16.26 -43.83 -36.73
CA THR U 19 -15.98 -44.65 -37.92
C THR U 19 -14.98 -45.75 -37.61
N SER U 20 -13.93 -45.45 -36.85
CA SER U 20 -12.95 -46.45 -36.49
C SER U 20 -13.51 -47.52 -35.55
N ASN U 21 -14.41 -47.14 -34.66
CA ASN U 21 -15.05 -48.11 -33.77
C ASN U 21 -15.99 -49.04 -34.51
N SER U 22 -16.74 -48.51 -35.47
CA SER U 22 -17.66 -49.34 -36.24
C SER U 22 -16.93 -50.34 -37.12
N GLY U 23 -15.79 -49.94 -37.69
CA GLY U 23 -15.00 -50.85 -38.49
C GLY U 23 -14.39 -51.97 -37.68
N LEU U 24 -13.97 -51.65 -36.46
CA LEU U 24 -13.44 -52.69 -35.57
C LEU U 24 -14.52 -53.70 -35.21
N SER U 25 -15.73 -53.22 -34.94
CA SER U 25 -16.82 -54.12 -34.56
C SER U 25 -17.17 -55.09 -35.68
N THR U 26 -17.30 -54.59 -36.91
CA THR U 26 -17.71 -55.44 -38.01
C THR U 26 -16.64 -56.48 -38.35
N SER U 27 -15.37 -56.19 -38.08
CA SER U 27 -14.33 -57.16 -38.34
C SER U 27 -14.35 -58.32 -37.35
N MET U 28 -14.73 -58.05 -36.11
CA MET U 28 -14.75 -59.12 -35.11
C MET U 28 -15.83 -60.15 -35.40
N GLU U 29 -17.02 -59.70 -35.81
CA GLU U 29 -18.11 -60.65 -36.06
C GLU U 29 -17.85 -61.47 -37.31
N ARG U 30 -17.20 -60.91 -38.32
CA ARG U 30 -16.77 -61.71 -39.46
C ARG U 30 -15.75 -62.76 -39.05
N LEU U 31 -14.83 -62.41 -38.15
CA LEU U 31 -13.85 -63.38 -37.66
C LEU U 31 -14.46 -64.39 -36.70
N SER U 32 -15.47 -64.01 -35.92
CA SER U 32 -16.03 -64.92 -34.93
C SER U 32 -16.90 -66.00 -35.56
N SER U 33 -17.44 -65.75 -36.75
CA SER U 33 -18.27 -66.72 -37.45
C SER U 33 -17.54 -67.36 -38.62
N GLY U 34 -16.93 -66.55 -39.48
CA GLY U 34 -16.18 -67.08 -40.60
C GLY U 34 -16.88 -66.84 -41.92
N LEU U 35 -17.81 -65.89 -41.94
CA LEU U 35 -18.58 -65.58 -43.14
C LEU U 35 -18.44 -64.10 -43.46
N ARG U 36 -18.14 -63.82 -44.73
CA ARG U 36 -18.09 -62.43 -45.18
C ARG U 36 -19.48 -61.83 -45.28
N ILE U 37 -20.43 -62.55 -45.86
CA ILE U 37 -21.80 -62.07 -45.98
C ILE U 37 -22.61 -62.52 -44.78
N ASN U 38 -22.51 -61.78 -43.68
CA ASN U 38 -23.31 -62.08 -42.50
C ASN U 38 -24.74 -61.61 -42.71
N SER U 39 -24.90 -60.35 -43.07
CA SER U 39 -26.20 -59.76 -43.34
C SER U 39 -26.27 -59.27 -44.77
N ALA U 40 -27.39 -58.62 -45.10
CA ALA U 40 -27.58 -58.03 -46.42
C ALA U 40 -26.88 -56.70 -46.57
N LYS U 41 -26.11 -56.27 -45.57
CA LYS U 41 -25.27 -55.08 -45.75
C LYS U 41 -24.34 -55.27 -46.93
N ASP U 42 -23.73 -56.46 -47.00
CA ASP U 42 -22.71 -56.81 -47.97
C ASP U 42 -23.33 -57.18 -49.32
N ASP U 43 -22.58 -57.90 -50.14
CA ASP U 43 -22.99 -58.20 -51.51
C ASP U 43 -24.44 -58.69 -51.56
N ALA U 44 -25.30 -57.89 -52.17
CA ALA U 44 -26.70 -58.27 -52.31
C ALA U 44 -26.84 -59.44 -53.29
N ALA U 45 -26.05 -59.43 -54.36
CA ALA U 45 -26.08 -60.52 -55.32
C ALA U 45 -25.37 -61.76 -54.81
N GLY U 46 -24.39 -61.60 -53.91
CA GLY U 46 -23.65 -62.74 -53.42
C GLY U 46 -24.52 -63.72 -52.64
N LEU U 47 -25.38 -63.19 -51.77
CA LEU U 47 -26.22 -64.06 -50.95
C LEU U 47 -27.25 -64.78 -51.80
N ALA U 48 -27.76 -64.13 -52.83
CA ALA U 48 -28.72 -64.78 -53.72
C ALA U 48 -28.06 -65.94 -54.47
N ILE U 49 -26.85 -65.72 -54.98
CA ILE U 49 -26.13 -66.78 -55.68
C ILE U 49 -25.81 -67.91 -54.72
N SER U 50 -25.38 -67.57 -53.50
CA SER U 50 -24.98 -68.59 -52.54
C SER U 50 -26.14 -69.49 -52.16
N ASN U 51 -27.36 -68.93 -52.14
CA ASN U 51 -28.53 -69.72 -51.78
C ASN U 51 -28.76 -70.85 -52.78
N ARG U 52 -28.65 -70.55 -54.08
CA ARG U 52 -28.79 -71.59 -55.08
C ARG U 52 -27.62 -72.57 -55.05
N LEU U 53 -26.40 -72.11 -54.80
CA LEU U 53 -25.29 -73.02 -54.63
C LEU U 53 -25.46 -73.89 -53.40
N ASN U 54 -26.02 -73.33 -52.32
CA ASN U 54 -26.31 -74.13 -51.15
C ASN U 54 -27.33 -75.22 -51.45
N SER U 55 -28.34 -74.89 -52.27
CA SER U 55 -29.33 -75.89 -52.67
C SER U 55 -28.69 -77.02 -53.46
N GLN U 56 -27.75 -76.69 -54.36
CA GLN U 56 -27.10 -77.73 -55.15
C GLN U 56 -26.26 -78.66 -54.27
N VAL U 57 -25.52 -78.08 -53.32
CA VAL U 57 -24.64 -78.89 -52.46
C VAL U 57 -25.48 -79.84 -51.61
N ARG U 58 -26.49 -79.30 -50.94
CA ARG U 58 -27.36 -80.15 -50.12
C ARG U 58 -28.26 -81.02 -50.98
N GLY U 59 -28.66 -80.53 -52.15
CA GLY U 59 -29.47 -81.33 -53.04
C GLY U 59 -28.74 -82.57 -53.52
N LEU U 60 -27.46 -82.42 -53.88
CA LEU U 60 -26.69 -83.58 -54.31
C LEU U 60 -26.49 -84.58 -53.17
N GLU U 61 -26.28 -84.10 -51.95
CA GLU U 61 -26.01 -84.99 -50.83
C GLU U 61 -27.20 -85.92 -50.58
N VAL U 62 -28.41 -85.39 -50.65
CA VAL U 62 -29.59 -86.25 -50.55
C VAL U 62 -29.70 -87.14 -51.78
N GLY U 63 -29.32 -86.62 -52.95
CA GLY U 63 -29.37 -87.43 -54.16
C GLY U 63 -28.39 -88.59 -54.12
N MET U 64 -27.24 -88.41 -53.47
CA MET U 64 -26.29 -89.50 -53.33
C MET U 64 -26.90 -90.65 -52.53
N ARG U 65 -27.51 -90.35 -51.39
CA ARG U 65 -28.16 -91.40 -50.61
C ARG U 65 -29.34 -91.99 -51.35
N ASN U 66 -29.98 -91.22 -52.22
CA ASN U 66 -31.08 -91.75 -53.00
C ASN U 66 -30.64 -92.86 -53.93
N ALA U 67 -29.46 -92.73 -54.53
CA ALA U 67 -28.93 -93.74 -55.44
C ALA U 67 -28.31 -94.93 -54.73
N ASN U 68 -27.69 -94.71 -53.56
CA ASN U 68 -27.20 -95.84 -52.76
C ASN U 68 -28.33 -96.79 -52.37
N ASP U 69 -29.54 -96.26 -52.16
CA ASP U 69 -30.71 -97.10 -51.91
C ASP U 69 -31.08 -97.93 -53.13
N ALA U 70 -31.01 -97.36 -54.33
CA ALA U 70 -31.34 -98.11 -55.53
C ALA U 70 -30.35 -99.25 -55.78
N ILE U 71 -29.09 -99.04 -55.43
CA ILE U 71 -28.05 -100.06 -55.60
C ILE U 71 -28.39 -101.26 -54.73
N SER U 72 -28.80 -101.00 -53.49
CA SER U 72 -29.11 -102.10 -52.57
C SER U 72 -30.30 -102.92 -53.05
N ILE U 73 -31.33 -102.27 -53.58
CA ILE U 73 -32.48 -103.01 -54.10
C ILE U 73 -32.07 -103.92 -55.24
N ALA U 74 -31.30 -103.39 -56.19
CA ALA U 74 -30.83 -104.22 -57.30
C ALA U 74 -29.89 -105.32 -56.83
N GLN U 75 -29.17 -105.08 -55.74
CA GLN U 75 -28.25 -106.08 -55.21
C GLN U 75 -29.00 -107.28 -54.65
N ILE U 76 -30.11 -107.03 -53.94
CA ILE U 76 -30.85 -108.13 -53.32
C ILE U 76 -31.55 -108.98 -54.37
N ALA U 77 -32.18 -108.33 -55.35
CA ALA U 77 -32.91 -109.06 -56.38
C ALA U 77 -31.97 -109.95 -57.18
N GLU U 78 -30.78 -109.43 -57.50
CA GLU U 78 -29.80 -110.21 -58.25
C GLU U 78 -29.36 -111.43 -57.46
N GLY U 79 -29.17 -111.28 -56.15
CA GLY U 79 -28.73 -112.40 -55.33
C GLY U 79 -29.74 -113.52 -55.30
N ALA U 80 -31.03 -113.19 -55.24
CA ALA U 80 -32.06 -114.22 -55.18
C ALA U 80 -32.17 -114.99 -56.50
N MET U 81 -31.99 -114.31 -57.63
CA MET U 81 -32.12 -115.00 -58.92
C MET U 81 -31.00 -115.99 -59.15
N GLN U 82 -29.86 -115.81 -58.48
CA GLN U 82 -28.77 -116.77 -58.61
C GLN U 82 -29.18 -118.12 -58.06
N GLU U 83 -29.88 -118.14 -56.93
CA GLU U 83 -30.29 -119.43 -56.34
C GLU U 83 -31.37 -120.10 -57.18
N GLN U 84 -32.22 -119.32 -57.83
CA GLN U 84 -33.21 -119.91 -58.73
C GLN U 84 -32.54 -120.57 -59.93
N THR U 85 -31.42 -120.00 -60.38
CA THR U 85 -30.70 -120.58 -61.50
C THR U 85 -30.09 -121.94 -61.15
N ASN U 86 -29.51 -122.07 -59.95
CA ASN U 86 -28.91 -123.34 -59.57
C ASN U 86 -29.94 -124.46 -59.45
N MET U 87 -31.10 -124.19 -58.86
CA MET U 87 -32.12 -125.21 -58.76
C MET U 87 -32.71 -125.59 -60.12
N LEU U 88 -32.80 -124.64 -61.04
CA LEU U 88 -33.26 -124.97 -62.38
C LEU U 88 -32.27 -125.89 -63.10
N GLN U 89 -30.97 -125.72 -62.84
CA GLN U 89 -29.99 -126.61 -63.45
C GLN U 89 -30.15 -128.04 -62.94
N ARG U 90 -30.45 -128.20 -61.65
CA ARG U 90 -30.68 -129.54 -61.11
C ARG U 90 -31.91 -130.19 -61.72
N MET U 91 -32.94 -129.42 -62.05
CA MET U 91 -34.10 -129.98 -62.73
C MET U 91 -33.75 -130.48 -64.13
N ARG U 92 -32.81 -129.83 -64.81
CA ARG U 92 -32.37 -130.33 -66.11
C ARG U 92 -31.72 -131.70 -66.00
N ASP U 93 -30.88 -131.91 -64.98
CA ASP U 93 -30.24 -133.21 -64.81
C ASP U 93 -31.26 -134.30 -64.52
N LEU U 94 -32.26 -134.02 -63.70
CA LEU U 94 -33.28 -135.01 -63.39
C LEU U 94 -34.08 -135.40 -64.62
N THR U 95 -34.43 -134.43 -65.48
CA THR U 95 -35.09 -134.75 -66.73
C THR U 95 -34.22 -135.60 -67.65
N ILE U 96 -32.93 -135.31 -67.74
CA ILE U 96 -32.03 -136.16 -68.49
C ILE U 96 -31.91 -137.53 -67.83
N GLN U 97 -31.80 -137.56 -66.50
CA GLN U 97 -31.72 -138.84 -65.79
C GLN U 97 -33.01 -139.64 -65.89
N SER U 98 -34.14 -138.98 -66.07
CA SER U 98 -35.43 -139.67 -66.13
C SER U 98 -35.71 -140.29 -67.48
N GLU U 99 -34.71 -140.43 -68.35
CA GLU U 99 -34.93 -140.88 -69.72
C GLU U 99 -34.29 -142.26 -69.93
N ASN U 100 -33.81 -142.89 -68.85
CA ASN U 100 -33.29 -144.24 -68.95
C ASN U 100 -34.38 -145.22 -69.39
N GLY U 101 -33.98 -146.23 -70.15
CA GLY U 101 -34.89 -147.30 -70.49
C GLY U 101 -34.84 -148.44 -69.50
N ALA U 102 -33.97 -148.33 -68.50
CA ALA U 102 -33.88 -149.32 -67.44
C ALA U 102 -34.65 -148.91 -66.20
N ASN U 103 -35.31 -147.77 -66.22
CA ASN U 103 -36.11 -147.32 -65.09
C ASN U 103 -37.41 -148.11 -65.08
N SER U 104 -38.31 -147.77 -64.15
CA SER U 104 -39.61 -148.39 -64.09
C SER U 104 -40.63 -147.33 -63.73
N THR U 105 -41.90 -147.73 -63.68
CA THR U 105 -42.95 -146.78 -63.35
C THR U 105 -42.77 -146.23 -61.94
N ALA U 106 -42.37 -147.07 -61.00
CA ALA U 106 -42.11 -146.61 -59.64
C ALA U 106 -40.88 -145.72 -59.56
N ASP U 107 -39.90 -145.94 -60.42
CA ASP U 107 -38.69 -145.12 -60.41
C ASP U 107 -38.96 -143.70 -60.88
N LEU U 108 -39.81 -143.55 -61.91
CA LEU U 108 -40.12 -142.24 -62.42
C LEU U 108 -40.89 -141.40 -61.40
N VAL U 109 -41.70 -142.04 -60.56
CA VAL U 109 -42.43 -141.31 -59.54
C VAL U 109 -41.49 -140.69 -58.51
N SER U 110 -40.46 -141.43 -58.09
CA SER U 110 -39.50 -140.89 -57.14
C SER U 110 -38.76 -139.67 -57.67
N ILE U 111 -38.40 -139.68 -58.96
CA ILE U 111 -37.73 -138.53 -59.55
C ILE U 111 -38.66 -137.32 -59.58
N LYS U 112 -39.94 -137.55 -59.89
CA LYS U 112 -40.89 -136.44 -59.90
C LYS U 112 -41.09 -135.85 -58.51
N ALA U 113 -41.09 -136.69 -57.48
CA ALA U 113 -41.22 -136.21 -56.11
C ALA U 113 -40.09 -135.27 -55.71
N GLU U 114 -38.95 -135.35 -56.38
CA GLU U 114 -37.85 -134.43 -56.18
C GLU U 114 -38.03 -133.16 -56.99
N MET U 115 -38.36 -133.28 -58.27
CA MET U 115 -38.62 -132.12 -59.10
C MET U 115 -39.73 -131.27 -58.52
N ASP U 116 -40.74 -131.93 -57.92
CA ASP U 116 -41.91 -131.20 -57.42
C ASP U 116 -41.53 -130.25 -56.29
N GLN U 117 -40.66 -130.70 -55.37
CA GLN U 117 -40.27 -129.84 -54.26
C GLN U 117 -39.31 -128.73 -54.68
N LEU U 118 -38.46 -128.95 -55.68
CA LEU U 118 -37.62 -127.88 -56.16
C LEU U 118 -38.41 -126.73 -56.77
N ALA U 119 -39.50 -127.03 -57.48
CA ALA U 119 -40.36 -126.00 -58.02
C ALA U 119 -41.08 -125.22 -56.93
N THR U 120 -41.34 -125.85 -55.78
CA THR U 120 -41.97 -125.16 -54.67
C THR U 120 -41.09 -124.04 -54.12
N GLU U 121 -39.78 -124.27 -54.03
CA GLU U 121 -38.89 -123.21 -53.55
C GLU U 121 -38.72 -122.07 -54.52
N ILE U 122 -38.75 -122.34 -55.83
CA ILE U 122 -38.73 -121.24 -56.79
C ILE U 122 -39.91 -120.32 -56.55
N ASP U 123 -41.06 -120.90 -56.20
CA ASP U 123 -42.17 -120.11 -55.70
C ASP U 123 -41.84 -119.43 -54.38
N SER U 124 -41.17 -120.14 -53.47
CA SER U 124 -40.94 -119.60 -52.14
C SER U 124 -39.97 -118.44 -52.12
N ILE U 125 -38.90 -118.51 -52.93
CA ILE U 125 -37.98 -117.38 -53.01
C ILE U 125 -38.68 -116.18 -53.64
N GLY U 126 -39.47 -116.41 -54.68
CA GLY U 126 -40.16 -115.33 -55.36
C GLY U 126 -41.09 -114.56 -54.46
N ASN U 127 -41.75 -115.24 -53.54
CA ASN U 127 -42.70 -114.59 -52.63
C ASN U 127 -42.05 -114.10 -51.34
N SER U 128 -40.75 -114.29 -51.15
CA SER U 128 -40.13 -113.95 -49.88
C SER U 128 -39.16 -112.78 -50.01
N THR U 129 -38.39 -112.74 -51.09
CA THR U 129 -37.35 -111.73 -51.28
C THR U 129 -37.92 -110.33 -51.10
N ALA U 130 -37.45 -109.61 -50.08
CA ALA U 130 -38.03 -108.33 -49.73
C ALA U 130 -36.95 -107.41 -49.20
N PHE U 131 -37.23 -106.11 -49.26
CA PHE U 131 -36.37 -105.06 -48.75
C PHE U 131 -37.04 -104.52 -47.49
N GLY U 132 -36.77 -105.17 -46.36
CA GLY U 132 -37.42 -104.79 -45.13
C GLY U 132 -38.85 -105.30 -45.08
N ASN U 133 -39.74 -104.67 -45.86
CA ASN U 133 -41.12 -105.15 -45.91
C ASN U 133 -41.72 -105.09 -47.31
N THR U 134 -40.97 -104.72 -48.33
CA THR U 134 -41.49 -104.59 -49.68
C THR U 134 -40.99 -105.74 -50.53
N LYS U 135 -41.90 -106.54 -51.07
CA LYS U 135 -41.57 -107.68 -51.91
C LYS U 135 -41.09 -107.19 -53.27
N LEU U 136 -39.95 -107.69 -53.73
CA LEU U 136 -39.32 -107.16 -54.93
C LEU U 136 -39.51 -108.04 -56.17
N LEU U 137 -39.97 -109.27 -56.03
CA LEU U 137 -40.05 -110.18 -57.16
C LEU U 137 -41.48 -110.61 -57.47
N THR U 138 -42.46 -109.88 -56.96
CA THR U 138 -43.86 -110.26 -57.15
C THR U 138 -44.61 -109.27 -58.04
N GLY U 139 -43.91 -108.47 -58.84
CA GLY U 139 -44.52 -107.66 -59.86
C GLY U 139 -44.79 -106.23 -59.46
N THR U 140 -44.50 -105.84 -58.23
CA THR U 140 -44.70 -104.44 -57.85
C THR U 140 -43.63 -103.56 -58.47
N PHE U 141 -42.58 -104.18 -59.01
CA PHE U 141 -41.59 -103.45 -59.79
C PHE U 141 -41.67 -103.81 -61.27
N SER U 142 -42.83 -104.29 -61.71
CA SER U 142 -43.03 -104.57 -63.13
C SER U 142 -42.96 -103.33 -64.00
N ALA U 143 -43.56 -102.23 -63.55
CA ALA U 143 -43.43 -100.93 -64.20
C ALA U 143 -42.45 -100.13 -63.36
N GLY U 144 -41.23 -99.99 -63.87
CA GLY U 144 -40.10 -99.47 -63.12
C GLY U 144 -40.38 -98.32 -62.18
N LYS U 145 -39.92 -98.43 -60.94
CA LYS U 145 -40.05 -97.36 -59.98
C LYS U 145 -38.96 -96.33 -60.19
N VAL U 146 -39.10 -95.18 -59.54
CA VAL U 146 -38.30 -94.00 -59.85
C VAL U 146 -37.51 -93.57 -58.63
N PHE U 147 -36.22 -93.29 -58.84
CA PHE U 147 -35.36 -92.68 -57.84
C PHE U 147 -34.78 -91.40 -58.43
N GLN U 148 -34.72 -90.34 -57.62
CA GLN U 148 -34.19 -89.04 -58.07
C GLN U 148 -32.77 -88.88 -57.56
N VAL U 149 -31.83 -88.69 -58.48
CA VAL U 149 -30.41 -88.64 -58.14
C VAL U 149 -29.81 -87.25 -58.34
N GLY U 150 -30.60 -86.29 -58.79
CA GLY U 150 -30.16 -84.92 -58.94
C GLY U 150 -30.87 -84.01 -57.95
N HIS U 151 -30.64 -82.71 -58.12
CA HIS U 151 -31.29 -81.73 -57.25
C HIS U 151 -32.43 -80.99 -57.93
N GLN U 152 -32.80 -81.37 -59.15
CA GLN U 152 -33.90 -80.74 -59.86
C GLN U 152 -34.81 -81.81 -60.44
N GLU U 153 -36.00 -81.37 -60.86
CA GLU U 153 -36.97 -82.28 -61.44
C GLU U 153 -36.43 -82.88 -62.74
N GLY U 154 -36.77 -84.14 -62.98
CA GLY U 154 -36.39 -84.81 -64.21
C GLY U 154 -35.08 -85.57 -64.15
N GLU U 155 -34.33 -85.47 -63.06
CA GLU U 155 -33.09 -86.21 -62.89
C GLU U 155 -33.40 -87.52 -62.15
N ASP U 156 -33.98 -88.47 -62.88
CA ASP U 156 -34.47 -89.69 -62.26
C ASP U 156 -33.86 -90.92 -62.93
N ILE U 157 -33.82 -92.00 -62.16
CA ILE U 157 -33.38 -93.31 -62.65
C ILE U 157 -34.50 -94.31 -62.38
N LYS U 158 -34.73 -95.19 -63.35
CA LYS U 158 -35.82 -96.15 -63.30
C LYS U 158 -35.27 -97.56 -63.18
N VAL U 159 -35.77 -98.31 -62.21
CA VAL U 159 -35.37 -99.69 -61.98
C VAL U 159 -36.59 -100.59 -62.19
N THR U 160 -36.49 -101.52 -63.12
CA THR U 160 -37.59 -102.42 -63.45
C THR U 160 -37.18 -103.86 -63.13
N VAL U 161 -38.01 -104.54 -62.34
CA VAL U 161 -37.81 -105.94 -61.99
C VAL U 161 -39.08 -106.69 -62.35
N LYS U 162 -39.00 -107.56 -63.34
CA LYS U 162 -40.18 -108.32 -63.74
C LYS U 162 -40.42 -109.45 -62.75
N ALA U 163 -41.68 -109.88 -62.66
CA ALA U 163 -42.05 -110.95 -61.73
C ALA U 163 -41.39 -112.25 -62.13
N SER U 164 -40.85 -112.96 -61.14
CA SER U 164 -40.17 -114.22 -61.37
C SER U 164 -40.56 -115.22 -60.30
N ASN U 165 -41.46 -116.14 -60.65
CA ASN U 165 -41.90 -117.21 -59.76
C ASN U 165 -42.30 -118.39 -60.64
N LYS U 166 -42.83 -119.44 -60.02
CA LYS U 166 -43.03 -120.68 -60.76
C LYS U 166 -44.11 -120.56 -61.83
N THR U 167 -45.21 -119.88 -61.55
CA THR U 167 -46.23 -119.69 -62.58
C THR U 167 -45.74 -118.76 -63.68
N SER U 168 -44.92 -117.76 -63.32
CA SER U 168 -44.39 -116.83 -64.30
C SER U 168 -43.46 -117.53 -65.29
N LEU U 169 -42.57 -118.39 -64.79
CA LEU U 169 -41.57 -119.04 -65.61
C LEU U 169 -42.11 -120.28 -66.32
N SER U 170 -43.43 -120.45 -66.36
CA SER U 170 -44.08 -121.57 -67.04
C SER U 170 -43.58 -122.91 -66.52
N VAL U 171 -43.53 -123.02 -65.19
CA VAL U 171 -43.27 -124.29 -64.53
C VAL U 171 -44.32 -124.47 -63.44
N GLY U 172 -44.47 -125.71 -62.96
CA GLY U 172 -45.50 -125.99 -61.98
C GLY U 172 -46.27 -127.23 -62.37
N ALA U 173 -46.28 -127.54 -63.66
CA ALA U 173 -46.83 -128.79 -64.18
C ALA U 173 -45.80 -129.42 -65.09
N LEU U 174 -44.93 -130.25 -64.52
CA LEU U 174 -43.87 -130.92 -65.25
C LEU U 174 -43.94 -132.41 -64.98
N ASN U 175 -44.32 -133.19 -65.98
CA ASN U 175 -44.38 -134.63 -65.88
C ASN U 175 -43.26 -135.26 -66.68
N ASN U 176 -42.98 -136.53 -66.40
CA ASN U 176 -41.92 -137.26 -67.10
C ASN U 176 -42.32 -138.70 -67.40
N ALA U 177 -43.61 -138.96 -67.63
CA ALA U 177 -44.06 -140.32 -67.88
C ALA U 177 -43.89 -140.72 -69.35
N THR U 178 -44.55 -140.00 -70.25
CA THR U 178 -44.55 -140.37 -71.66
C THR U 178 -43.35 -139.78 -72.38
N SER U 179 -43.14 -140.18 -73.65
CA SER U 179 -42.06 -139.62 -74.44
C SER U 179 -42.27 -138.14 -74.68
N ALA U 180 -43.50 -137.74 -75.01
CA ALA U 180 -43.77 -136.34 -75.30
C ALA U 180 -43.68 -135.48 -74.05
N ASN U 181 -43.96 -136.06 -72.89
CA ASN U 181 -43.94 -135.29 -71.65
C ASN U 181 -42.55 -134.78 -71.34
N ARG U 182 -41.53 -135.63 -71.50
CA ARG U 182 -40.17 -135.20 -71.19
C ARG U 182 -39.65 -134.18 -72.20
N ALA U 183 -39.99 -134.33 -73.48
CA ALA U 183 -39.53 -133.39 -74.49
C ALA U 183 -40.09 -131.99 -74.23
N SER U 184 -41.37 -131.90 -73.86
CA SER U 184 -41.95 -130.60 -73.57
C SER U 184 -41.35 -129.98 -72.31
N SER U 185 -41.06 -130.80 -71.31
CA SER U 185 -40.51 -130.28 -70.06
C SER U 185 -39.12 -129.68 -70.26
N LEU U 186 -38.31 -130.32 -71.10
CA LEU U 186 -36.94 -129.86 -71.31
C LEU U 186 -36.91 -128.47 -71.95
N ALA U 187 -37.80 -128.21 -72.91
CA ALA U 187 -37.80 -126.92 -73.58
C ALA U 187 -38.16 -125.79 -72.63
N LYS U 188 -39.12 -126.02 -71.73
CA LYS U 188 -39.56 -124.95 -70.85
C LYS U 188 -38.49 -124.58 -69.83
N ILE U 189 -37.73 -125.56 -69.35
CA ILE U 189 -36.64 -125.25 -68.42
C ILE U 189 -35.57 -124.42 -69.12
N ASP U 190 -35.22 -124.78 -70.35
CA ASP U 190 -34.23 -124.01 -71.10
C ASP U 190 -34.69 -122.58 -71.32
N ALA U 191 -35.97 -122.40 -71.66
CA ALA U 191 -36.51 -121.05 -71.81
C ALA U 191 -36.52 -120.31 -70.47
N ALA U 192 -36.66 -121.03 -69.37
CA ALA U 192 -36.66 -120.40 -68.06
C ALA U 192 -35.29 -119.78 -67.74
N ILE U 193 -34.21 -120.51 -68.04
CA ILE U 193 -32.88 -119.99 -67.76
C ILE U 193 -32.60 -118.75 -68.59
N LYS U 194 -33.06 -118.73 -69.84
CA LYS U 194 -32.83 -117.57 -70.69
C LYS U 194 -33.52 -116.33 -70.13
N THR U 195 -34.75 -116.49 -69.63
CA THR U 195 -35.49 -115.34 -69.11
C THR U 195 -34.80 -114.75 -67.89
N ILE U 196 -34.34 -115.61 -66.97
CA ILE U 196 -33.63 -115.12 -65.79
C ILE U 196 -32.32 -114.45 -66.20
N ASP U 197 -31.62 -115.03 -67.18
CA ASP U 197 -30.34 -114.48 -67.62
C ASP U 197 -30.50 -113.06 -68.14
N SER U 198 -31.53 -112.80 -68.94
CA SER U 198 -31.76 -111.46 -69.46
C SER U 198 -32.11 -110.50 -68.33
N GLN U 199 -32.84 -110.97 -67.33
CA GLN U 199 -33.21 -110.12 -66.20
C GLN U 199 -31.98 -109.68 -65.41
N ARG U 200 -31.04 -110.60 -65.20
CA ARG U 200 -29.84 -110.27 -64.46
C ARG U 200 -29.00 -109.24 -65.19
N ALA U 201 -28.91 -109.38 -66.52
CA ALA U 201 -28.15 -108.42 -67.32
C ALA U 201 -28.75 -107.03 -67.22
N ASP U 202 -30.09 -106.94 -67.22
CA ASP U 202 -30.73 -105.63 -67.10
C ASP U 202 -30.45 -104.99 -65.76
N LEU U 203 -30.46 -105.76 -64.68
CA LEU U 203 -30.18 -105.20 -63.37
C LEU U 203 -28.71 -104.82 -63.21
N GLY U 204 -27.80 -105.60 -63.81
CA GLY U 204 -26.39 -105.25 -63.74
C GLY U 204 -26.07 -103.95 -64.45
N ALA U 205 -26.72 -103.70 -65.59
CA ALA U 205 -26.46 -102.47 -66.33
C ALA U 205 -26.86 -101.24 -65.52
N VAL U 206 -27.97 -101.32 -64.79
CA VAL U 206 -28.44 -100.16 -64.02
C VAL U 206 -27.45 -99.82 -62.91
N GLN U 207 -26.94 -100.83 -62.21
CA GLN U 207 -26.02 -100.56 -61.11
C GLN U 207 -24.63 -100.18 -61.61
N ASN U 208 -24.23 -100.66 -62.80
CA ASN U 208 -23.08 -100.04 -63.45
C ASN U 208 -23.38 -98.60 -63.81
N ARG U 209 -24.60 -98.32 -64.26
CA ARG U 209 -25.01 -96.96 -64.55
C ARG U 209 -25.01 -96.09 -63.29
N LEU U 210 -25.56 -96.61 -62.19
CA LEU U 210 -25.66 -95.80 -60.97
C LEU U 210 -24.29 -95.50 -60.36
N ALA U 211 -23.32 -96.39 -60.52
CA ALA U 211 -22.00 -96.15 -59.95
C ALA U 211 -21.35 -94.92 -60.55
N HIS U 212 -21.57 -94.67 -61.84
CA HIS U 212 -20.97 -93.52 -62.50
C HIS U 212 -21.61 -92.20 -62.07
N ASN U 213 -22.90 -92.22 -61.72
CA ASN U 213 -23.54 -91.01 -61.19
C ASN U 213 -22.91 -90.58 -59.88
N ILE U 214 -22.63 -91.53 -58.98
CA ILE U 214 -22.09 -91.19 -57.68
C ILE U 214 -20.71 -90.54 -57.82
N SER U 215 -19.86 -91.11 -58.67
CA SER U 215 -18.54 -90.54 -58.88
C SER U 215 -18.63 -89.14 -59.46
N ASN U 216 -19.52 -88.95 -60.44
CA ASN U 216 -19.71 -87.63 -61.01
C ASN U 216 -20.27 -86.65 -59.99
N SER U 217 -21.23 -87.09 -59.18
CA SER U 217 -21.80 -86.20 -58.17
C SER U 217 -20.80 -85.85 -57.09
N ALA U 218 -19.92 -86.79 -56.72
CA ALA U 218 -18.88 -86.47 -55.74
C ALA U 218 -17.92 -85.42 -56.28
N ASN U 219 -17.55 -85.51 -57.55
CA ASN U 219 -16.66 -84.52 -58.13
C ASN U 219 -17.31 -83.15 -58.19
N THR U 220 -18.54 -83.08 -58.70
CA THR U 220 -19.19 -81.79 -58.87
C THR U 220 -19.48 -81.12 -57.53
N GLN U 221 -19.68 -81.92 -56.46
CA GLN U 221 -19.91 -81.35 -55.14
C GLN U 221 -18.71 -80.56 -54.66
N ALA U 222 -17.50 -81.09 -54.89
CA ALA U 222 -16.29 -80.43 -54.43
C ALA U 222 -16.09 -79.10 -55.15
N ASN U 223 -16.30 -79.07 -56.46
CA ASN U 223 -16.11 -77.85 -57.22
C ASN U 223 -17.11 -76.77 -56.86
N VAL U 224 -18.36 -77.13 -56.59
CA VAL U 224 -19.34 -76.15 -56.15
C VAL U 224 -18.97 -75.59 -54.77
N ALA U 225 -18.41 -76.42 -53.90
CA ALA U 225 -17.94 -75.93 -52.61
C ALA U 225 -16.84 -74.91 -52.79
N ASP U 226 -15.94 -75.11 -53.76
CA ASP U 226 -14.96 -74.10 -54.11
C ASP U 226 -15.63 -72.78 -54.48
N ALA U 227 -16.60 -72.83 -55.39
CA ALA U 227 -17.23 -71.61 -55.87
C ALA U 227 -17.97 -70.89 -54.75
N LYS U 228 -18.62 -71.65 -53.87
CA LYS U 228 -19.42 -71.05 -52.81
C LYS U 228 -18.56 -70.39 -51.73
N SER U 229 -17.37 -70.93 -51.47
CA SER U 229 -16.53 -70.35 -50.41
C SER U 229 -15.90 -69.04 -50.84
N ARG U 230 -15.58 -68.88 -52.13
CA ARG U 230 -14.95 -67.63 -52.57
C ARG U 230 -15.89 -66.44 -52.41
N ILE U 231 -17.19 -66.69 -52.30
CA ILE U 231 -18.16 -65.62 -52.25
C ILE U 231 -18.50 -65.23 -50.81
N VAL U 232 -18.72 -66.20 -49.93
CA VAL U 232 -19.26 -65.93 -48.60
C VAL U 232 -18.24 -66.04 -47.48
N ASP U 233 -17.06 -66.60 -47.73
CA ASP U 233 -16.11 -66.89 -46.67
C ASP U 233 -15.05 -65.80 -46.58
N VAL U 234 -14.56 -65.57 -45.37
CA VAL U 234 -13.56 -64.54 -45.14
C VAL U 234 -12.18 -65.11 -45.36
N ASP U 235 -11.24 -64.24 -45.72
CA ASP U 235 -9.82 -64.57 -45.75
C ASP U 235 -9.19 -63.96 -44.51
N PHE U 236 -8.67 -64.82 -43.63
CA PHE U 236 -8.16 -64.33 -42.35
C PHE U 236 -6.96 -63.41 -42.54
N ALA U 237 -6.18 -63.62 -43.59
CA ALA U 237 -5.06 -62.73 -43.87
C ALA U 237 -5.58 -61.33 -44.13
N LYS U 238 -6.64 -61.22 -44.93
CA LYS U 238 -7.27 -59.92 -45.17
C LYS U 238 -7.90 -59.37 -43.90
N GLU U 239 -8.61 -60.21 -43.14
CA GLU U 239 -9.38 -59.73 -42.02
C GLU U 239 -8.49 -59.36 -40.83
N THR U 240 -7.47 -60.16 -40.56
CA THR U 240 -6.61 -59.89 -39.40
C THR U 240 -5.88 -58.56 -39.56
N SER U 241 -5.41 -58.26 -40.78
CA SER U 241 -4.75 -56.99 -41.00
C SER U 241 -5.69 -55.82 -40.76
N ALA U 242 -6.94 -55.94 -41.21
CA ALA U 242 -7.90 -54.86 -41.00
C ALA U 242 -8.22 -54.67 -39.53
N MET U 243 -8.34 -55.78 -38.78
CA MET U 243 -8.66 -55.68 -37.36
C MET U 243 -7.55 -54.98 -36.59
N THR U 244 -6.29 -55.38 -36.83
CA THR U 244 -5.17 -54.65 -36.24
C THR U 244 -5.08 -53.24 -36.80
N LYS U 245 -5.57 -53.04 -38.02
CA LYS U 245 -5.47 -51.74 -38.67
C LYS U 245 -6.28 -50.70 -37.91
N TYR U 246 -7.50 -51.09 -37.47
CA TYR U 246 -8.42 -50.20 -36.78
C TYR U 246 -8.11 -50.06 -35.29
N GLN U 247 -7.43 -51.03 -34.69
CA GLN U 247 -7.08 -50.91 -33.27
C GLN U 247 -6.17 -49.72 -33.04
N VAL U 248 -5.19 -49.51 -33.93
CA VAL U 248 -4.30 -48.37 -33.82
C VAL U 248 -5.08 -47.08 -33.99
N LEU U 249 -6.00 -47.04 -34.96
CA LEU U 249 -6.77 -45.83 -35.22
C LEU U 249 -7.65 -45.47 -34.03
N GLN U 250 -8.11 -46.47 -33.27
CA GLN U 250 -8.94 -46.18 -32.10
C GLN U 250 -8.13 -45.47 -31.02
N GLN U 251 -6.95 -45.97 -30.70
CA GLN U 251 -6.12 -45.32 -29.69
C GLN U 251 -5.64 -43.96 -30.16
N THR U 252 -5.37 -43.81 -31.46
CA THR U 252 -5.05 -42.50 -31.99
C THR U 252 -6.23 -41.55 -31.87
N GLY U 253 -7.44 -42.03 -32.18
CA GLY U 253 -8.61 -41.19 -32.08
C GLY U 253 -8.92 -40.76 -30.66
N SER U 254 -8.72 -41.66 -29.70
CA SER U 254 -9.01 -41.33 -28.30
C SER U 254 -8.07 -40.28 -27.74
N ALA U 255 -6.78 -40.38 -28.07
CA ALA U 255 -5.82 -39.36 -27.61
C ALA U 255 -6.09 -38.01 -28.26
N MET U 256 -6.44 -37.99 -29.54
CA MET U 256 -6.74 -36.73 -30.20
C MET U 256 -8.00 -36.08 -29.63
N LEU U 257 -9.03 -36.89 -29.37
CA LEU U 257 -10.26 -36.33 -28.83
C LEU U 257 -10.09 -35.80 -27.41
N ALA U 258 -9.38 -36.54 -26.56
CA ALA U 258 -9.17 -36.07 -25.20
C ALA U 258 -8.38 -34.76 -25.18
N GLN U 259 -7.37 -34.66 -26.04
CA GLN U 259 -6.54 -33.45 -26.07
C GLN U 259 -7.27 -32.30 -26.73
N ALA U 260 -8.15 -32.58 -27.69
CA ALA U 260 -8.90 -31.51 -28.33
C ALA U 260 -9.97 -30.95 -27.41
N ASN U 261 -10.39 -31.72 -26.40
CA ASN U 261 -11.42 -31.25 -25.49
C ASN U 261 -10.94 -30.13 -24.59
N GLN U 262 -9.66 -30.06 -24.28
CA GLN U 262 -9.13 -29.01 -23.42
C GLN U 262 -8.52 -27.85 -24.20
N LEU U 263 -8.87 -27.69 -25.46
CA LEU U 263 -8.56 -26.49 -26.23
C LEU U 263 -9.16 -25.23 -25.62
N PRO U 264 -10.44 -25.20 -25.22
CA PRO U 264 -11.02 -23.94 -24.73
C PRO U 264 -10.42 -23.44 -23.42
N GLN U 265 -9.55 -24.18 -22.76
CA GLN U 265 -8.95 -23.70 -21.53
C GLN U 265 -7.96 -22.56 -21.77
N VAL U 266 -7.63 -22.27 -23.02
CA VAL U 266 -6.81 -21.09 -23.32
C VAL U 266 -7.53 -19.82 -22.88
N ALA U 267 -8.86 -19.80 -22.97
CA ALA U 267 -9.63 -18.63 -22.59
C ALA U 267 -9.44 -18.25 -21.13
N LEU U 268 -9.10 -19.20 -20.26
CA LEU U 268 -8.85 -18.90 -18.86
C LEU U 268 -7.53 -18.19 -18.64
N SER U 269 -6.58 -18.31 -19.57
CA SER U 269 -5.30 -17.62 -19.41
C SER U 269 -5.45 -16.11 -19.55
N LEU U 270 -6.37 -15.65 -20.40
CA LEU U 270 -6.55 -14.22 -20.65
C LEU U 270 -7.50 -13.62 -19.61
N LEU U 271 -7.15 -13.83 -18.35
CA LEU U 271 -7.84 -13.20 -17.23
C LEU U 271 -9.33 -13.52 -17.27
N GLY U 272 -9.67 -14.78 -17.04
CA GLY U 272 -11.07 -15.19 -16.95
C GLY U 272 -11.88 -14.96 -18.21
N ALA V 1 -14.23 35.18 -16.60
CA ALA V 1 -14.79 33.85 -16.80
C ALA V 1 -14.68 33.01 -15.54
N ILE V 2 -14.94 33.63 -14.39
CA ILE V 2 -14.92 32.92 -13.12
C ILE V 2 -16.30 32.90 -12.52
N THR V 3 -17.02 31.80 -12.71
CA THR V 3 -18.41 31.70 -12.28
C THR V 3 -18.56 30.69 -11.15
N VAL V 4 -19.63 30.86 -10.37
CA VAL V 4 -19.89 29.96 -9.25
C VAL V 4 -21.32 29.43 -9.34
N ASN V 5 -21.94 29.55 -10.51
CA ASN V 5 -23.30 29.04 -10.70
C ASN V 5 -23.36 27.86 -11.66
N THR V 6 -22.49 27.80 -12.67
CA THR V 6 -22.46 26.68 -13.60
C THR V 6 -21.02 26.19 -13.78
N ASN V 7 -20.85 24.88 -13.81
CA ASN V 7 -19.56 24.24 -14.02
C ASN V 7 -19.68 23.36 -15.26
N VAL V 8 -19.45 23.96 -16.42
CA VAL V 8 -19.55 23.23 -17.67
C VAL V 8 -18.43 22.21 -17.80
N THR V 9 -17.29 22.47 -17.18
CA THR V 9 -16.22 21.48 -17.15
C THR V 9 -16.70 20.19 -16.49
N SER V 10 -17.46 20.32 -15.40
CA SER V 10 -18.05 19.14 -14.77
C SER V 10 -19.05 18.45 -15.68
N MET V 11 -19.87 19.23 -16.39
CA MET V 11 -20.88 18.64 -17.27
C MET V 11 -20.24 17.78 -18.35
N LYS V 12 -19.17 18.28 -18.98
CA LYS V 12 -18.47 17.49 -19.98
C LYS V 12 -17.79 16.29 -19.35
N ALA V 13 -17.21 16.48 -18.17
CA ALA V 13 -16.53 15.37 -17.49
C ALA V 13 -17.52 14.28 -17.11
N GLN V 14 -18.72 14.65 -16.67
CA GLN V 14 -19.71 13.64 -16.28
C GLN V 14 -20.09 12.76 -17.45
N LYS V 15 -20.28 13.35 -18.63
CA LYS V 15 -20.69 12.57 -19.80
C LYS V 15 -19.65 11.54 -20.18
N ASN V 16 -18.38 11.90 -20.12
CA ASN V 16 -17.32 10.98 -20.49
C ASN V 16 -17.27 9.79 -19.53
N LEU V 17 -17.48 10.04 -18.24
CA LEU V 17 -17.48 8.95 -17.27
C LEU V 17 -18.64 8.00 -17.52
N ASN V 18 -19.81 8.53 -17.88
CA ASN V 18 -20.96 7.68 -18.16
C ASN V 18 -20.71 6.77 -19.35
N THR V 19 -20.07 7.30 -20.40
CA THR V 19 -19.78 6.48 -21.57
C THR V 19 -18.79 5.36 -21.25
N SER V 20 -17.76 5.67 -20.47
CA SER V 20 -16.78 4.64 -20.09
C SER V 20 -17.37 3.59 -19.16
N ASN V 21 -18.29 3.97 -18.29
CA ASN V 21 -18.95 3.01 -17.41
C ASN V 21 -19.89 2.09 -18.17
N SER V 22 -20.61 2.62 -19.15
CA SER V 22 -21.52 1.79 -19.94
C SER V 22 -20.78 0.79 -20.80
N GLY V 23 -19.64 1.18 -21.36
CA GLY V 23 -18.83 0.27 -22.14
C GLY V 23 -18.24 -0.85 -21.31
N LEU V 24 -17.85 -0.55 -20.08
CA LEU V 24 -17.34 -1.58 -19.18
C LEU V 24 -18.43 -2.59 -18.84
N SER V 25 -19.65 -2.11 -18.61
CA SER V 25 -20.75 -2.99 -18.24
C SER V 25 -21.09 -3.97 -19.37
N THR V 26 -21.18 -3.45 -20.60
CA THR V 26 -21.58 -4.31 -21.71
C THR V 26 -20.52 -5.36 -22.03
N SER V 27 -19.26 -5.06 -21.74
CA SER V 27 -18.20 -6.05 -21.98
C SER V 27 -18.25 -7.20 -21.00
N MET V 28 -18.65 -6.94 -19.75
CA MET V 28 -18.70 -8.00 -18.75
C MET V 28 -19.79 -9.03 -19.07
N GLU V 29 -20.96 -8.57 -19.51
CA GLU V 29 -22.05 -9.50 -19.77
C GLU V 29 -21.77 -10.33 -21.02
N ARG V 30 -21.10 -9.77 -22.01
CA ARG V 30 -20.65 -10.59 -23.14
C ARG V 30 -19.65 -11.64 -22.71
N LEU V 31 -18.75 -11.30 -21.80
CA LEU V 31 -17.79 -12.27 -21.29
C LEU V 31 -18.42 -13.28 -20.34
N SER V 32 -19.45 -12.88 -19.59
CA SER V 32 -20.03 -13.80 -18.61
C SER V 32 -20.90 -14.86 -19.25
N SER V 33 -21.41 -14.61 -20.46
CA SER V 33 -22.24 -15.58 -21.16
C SER V 33 -21.49 -16.23 -22.33
N GLY V 34 -20.85 -15.42 -23.16
CA GLY V 34 -20.08 -15.95 -24.28
C GLY V 34 -20.76 -15.71 -25.61
N LEU V 35 -21.68 -14.75 -25.65
CA LEU V 35 -22.42 -14.44 -26.85
C LEU V 35 -22.27 -12.96 -27.18
N ARG V 36 -21.93 -12.67 -28.44
CA ARG V 36 -21.87 -11.29 -28.89
C ARG V 36 -23.25 -10.67 -29.01
N ILE V 37 -24.19 -11.39 -29.62
CA ILE V 37 -25.55 -10.90 -29.77
C ILE V 37 -26.39 -11.35 -28.58
N ASN V 38 -26.31 -10.61 -27.48
CA ASN V 38 -27.13 -10.90 -26.31
C ASN V 38 -28.56 -10.42 -26.55
N SER V 39 -28.70 -9.16 -26.91
CA SER V 39 -30.00 -8.57 -27.20
C SER V 39 -30.03 -8.06 -28.64
N ALA V 40 -31.14 -7.42 -28.99
CA ALA V 40 -31.30 -6.83 -30.31
C ALA V 40 -30.59 -5.49 -30.45
N LYS V 41 -29.84 -5.06 -29.43
CA LYS V 41 -28.99 -3.88 -29.59
C LYS V 41 -28.04 -4.09 -30.75
N ASP V 42 -27.43 -5.27 -30.82
CA ASP V 42 -26.39 -5.63 -31.78
C ASP V 42 -26.99 -6.00 -33.12
N ASP V 43 -26.23 -6.72 -33.94
CA ASP V 43 -26.62 -7.01 -35.31
C ASP V 43 -28.06 -7.50 -35.39
N ALA V 44 -28.91 -6.69 -36.02
CA ALA V 44 -30.31 -7.07 -36.19
C ALA V 44 -30.43 -8.23 -37.16
N ALA V 45 -29.63 -8.23 -38.22
CA ALA V 45 -29.64 -9.32 -39.19
C ALA V 45 -28.95 -10.56 -38.66
N GLY V 46 -28.00 -10.41 -37.74
CA GLY V 46 -27.27 -11.56 -37.23
C GLY V 46 -28.16 -12.52 -36.48
N LEU V 47 -29.03 -11.99 -35.62
CA LEU V 47 -29.89 -12.86 -34.81
C LEU V 47 -30.91 -13.57 -35.68
N ALA V 48 -31.40 -12.91 -36.73
CA ALA V 48 -32.35 -13.56 -37.63
C ALA V 48 -31.68 -14.72 -38.37
N ILE V 49 -30.46 -14.51 -38.86
CA ILE V 49 -29.74 -15.58 -39.54
C ILE V 49 -29.43 -16.71 -38.58
N SER V 50 -29.03 -16.37 -37.36
CA SER V 50 -28.65 -17.40 -36.39
C SER V 50 -29.84 -18.28 -36.03
N ASN V 51 -31.04 -17.73 -36.03
CA ASN V 51 -32.22 -18.51 -35.69
C ASN V 51 -32.45 -19.63 -36.70
N ARG V 52 -32.31 -19.32 -37.99
CA ARG V 52 -32.43 -20.37 -39.01
C ARG V 52 -31.28 -21.36 -38.94
N LEU V 53 -30.06 -20.90 -38.68
CA LEU V 53 -28.95 -21.82 -38.49
C LEU V 53 -29.17 -22.70 -37.26
N ASN V 54 -29.73 -22.13 -36.20
CA ASN V 54 -30.05 -22.93 -35.02
C ASN V 54 -31.08 -24.00 -35.35
N SER V 55 -32.07 -23.67 -36.19
CA SER V 55 -33.05 -24.66 -36.61
C SER V 55 -32.41 -25.80 -37.38
N GLN V 56 -31.46 -25.48 -38.26
CA GLN V 56 -30.79 -26.52 -39.04
C GLN V 56 -29.96 -27.45 -38.14
N VAL V 57 -29.24 -26.88 -37.18
CA VAL V 57 -28.39 -27.70 -36.31
C VAL V 57 -29.26 -28.64 -35.47
N ARG V 58 -30.28 -28.09 -34.81
CA ARG V 58 -31.17 -28.93 -34.02
C ARG V 58 -32.05 -29.81 -34.89
N GLY V 59 -32.43 -29.30 -36.08
CA GLY V 59 -33.22 -30.12 -36.98
C GLY V 59 -32.49 -31.35 -37.45
N LEU V 60 -31.21 -31.21 -37.79
CA LEU V 60 -30.43 -32.37 -38.19
C LEU V 60 -30.28 -33.37 -37.06
N GLU V 61 -30.07 -32.89 -35.83
CA GLU V 61 -29.84 -33.79 -34.71
C GLU V 61 -31.03 -34.72 -34.48
N VAL V 62 -32.25 -34.17 -34.57
CA VAL V 62 -33.44 -35.03 -34.50
C VAL V 62 -33.52 -35.91 -35.74
N GLY V 63 -33.12 -35.40 -36.89
CA GLY V 63 -33.14 -36.21 -38.10
C GLY V 63 -32.18 -37.37 -38.04
N MET V 64 -31.04 -37.20 -37.38
CA MET V 64 -30.10 -38.29 -37.21
C MET V 64 -30.73 -39.45 -36.43
N ARG V 65 -31.36 -39.14 -35.30
CA ARG V 65 -32.03 -40.18 -34.53
C ARG V 65 -33.20 -40.77 -35.29
N ASN V 66 -33.82 -39.99 -36.17
CA ASN V 66 -34.92 -40.50 -36.98
C ASN V 66 -34.46 -41.63 -37.90
N ALA V 67 -33.26 -41.51 -38.48
CA ALA V 67 -32.73 -42.52 -39.37
C ALA V 67 -32.12 -43.70 -38.65
N ASN V 68 -31.53 -43.50 -37.47
CA ASN V 68 -31.07 -44.63 -36.67
C ASN V 68 -32.21 -45.57 -36.30
N ASP V 69 -33.41 -45.04 -36.11
CA ASP V 69 -34.59 -45.86 -35.89
C ASP V 69 -34.94 -46.70 -37.11
N ALA V 70 -34.84 -46.13 -38.31
CA ALA V 70 -35.17 -46.88 -39.52
C ALA V 70 -34.17 -48.02 -39.74
N ILE V 71 -32.91 -47.82 -39.37
CA ILE V 71 -31.89 -48.84 -39.53
C ILE V 71 -32.25 -50.04 -38.66
N SER V 72 -32.68 -49.78 -37.44
CA SER V 72 -33.02 -50.87 -36.52
C SER V 72 -34.20 -51.69 -37.02
N ILE V 73 -35.22 -51.03 -37.57
CA ILE V 73 -36.37 -51.76 -38.11
C ILE V 73 -35.94 -52.68 -39.25
N ALA V 74 -35.15 -52.16 -40.19
CA ALA V 74 -34.67 -52.98 -41.28
C ALA V 74 -33.74 -54.09 -40.79
N GLN V 75 -33.03 -53.85 -39.69
CA GLN V 75 -32.14 -54.86 -39.14
C GLN V 75 -32.91 -56.05 -38.60
N ILE V 76 -34.02 -55.81 -37.91
CA ILE V 76 -34.78 -56.90 -37.30
C ILE V 76 -35.48 -57.73 -38.37
N ALA V 77 -36.09 -57.08 -39.36
CA ALA V 77 -36.79 -57.82 -40.40
C ALA V 77 -35.85 -58.69 -41.20
N GLU V 78 -34.65 -58.18 -41.49
CA GLU V 78 -33.65 -58.98 -42.21
C GLU V 78 -33.24 -60.20 -41.41
N GLY V 79 -33.07 -60.05 -40.10
CA GLY V 79 -32.66 -61.17 -39.28
C GLY V 79 -33.68 -62.30 -39.27
N ALA V 80 -34.97 -61.95 -39.22
CA ALA V 80 -36.00 -62.98 -39.19
C ALA V 80 -36.09 -63.74 -40.51
N MET V 81 -35.89 -63.06 -41.64
CA MET V 81 -36.00 -63.74 -42.93
C MET V 81 -34.87 -64.75 -43.13
N GLN V 82 -33.75 -64.57 -42.45
CA GLN V 82 -32.67 -65.54 -42.56
C GLN V 82 -33.09 -66.91 -42.02
N GLU V 83 -33.82 -66.92 -40.90
CA GLU V 83 -34.24 -68.19 -40.32
C GLU V 83 -35.32 -68.86 -41.18
N GLN V 84 -36.16 -68.07 -41.85
CA GLN V 84 -37.12 -68.65 -42.76
C GLN V 84 -36.43 -69.32 -43.95
N THR V 85 -35.30 -68.75 -44.38
CA THR V 85 -34.56 -69.34 -45.49
C THR V 85 -33.97 -70.70 -45.12
N ASN V 86 -33.41 -70.84 -43.92
CA ASN V 86 -32.83 -72.11 -43.53
C ASN V 86 -33.87 -73.22 -43.42
N MET V 87 -35.04 -72.95 -42.86
CA MET V 87 -36.07 -73.97 -42.78
C MET V 87 -36.63 -74.34 -44.14
N LEU V 88 -36.70 -73.38 -45.07
CA LEU V 88 -37.14 -73.71 -46.43
C LEU V 88 -36.14 -74.64 -47.12
N GLN V 89 -34.84 -74.48 -46.84
CA GLN V 89 -33.86 -75.38 -47.42
C GLN V 89 -34.05 -76.81 -46.92
N ARG V 90 -34.36 -76.97 -45.64
CA ARG V 90 -34.61 -78.30 -45.10
C ARG V 90 -35.84 -78.95 -45.74
N MET V 91 -36.86 -78.16 -46.09
CA MET V 91 -38.01 -78.71 -46.80
C MET V 91 -37.63 -79.22 -48.18
N ARG V 92 -36.67 -78.58 -48.84
CA ARG V 92 -36.21 -79.07 -50.13
C ARG V 92 -35.58 -80.45 -50.01
N ASP V 93 -34.76 -80.67 -48.99
CA ASP V 93 -34.13 -81.96 -48.80
C ASP V 93 -35.16 -83.06 -48.52
N LEU V 94 -36.17 -82.76 -47.72
CA LEU V 94 -37.20 -83.75 -47.44
C LEU V 94 -37.99 -84.14 -48.69
N THR V 95 -38.31 -83.17 -49.54
CA THR V 95 -38.95 -83.48 -50.82
C THR V 95 -38.08 -84.34 -51.71
N ILE V 96 -36.77 -84.05 -51.77
CA ILE V 96 -35.86 -84.91 -52.51
C ILE V 96 -35.77 -86.28 -51.86
N GLN V 97 -35.68 -86.31 -50.52
CA GLN V 97 -35.64 -87.59 -49.81
C GLN V 97 -36.92 -88.38 -49.93
N SER V 98 -38.05 -87.71 -50.14
CA SER V 98 -39.33 -88.39 -50.22
C SER V 98 -39.59 -89.01 -51.58
N GLU V 99 -38.58 -89.16 -52.43
CA GLU V 99 -38.78 -89.61 -53.80
C GLU V 99 -38.14 -90.99 -53.99
N ASN V 100 -37.69 -91.63 -52.91
CA ASN V 100 -37.18 -92.99 -53.00
C ASN V 100 -38.25 -93.95 -53.46
N GLY V 101 -37.86 -94.96 -54.21
CA GLY V 101 -38.76 -96.04 -54.58
C GLY V 101 -38.75 -97.17 -53.57
N ALA V 102 -37.89 -97.07 -52.57
CA ALA V 102 -37.84 -98.06 -51.50
C ALA V 102 -38.63 -97.65 -50.28
N ASN V 103 -39.27 -96.49 -50.31
CA ASN V 103 -40.09 -96.03 -49.19
C ASN V 103 -41.40 -96.82 -49.20
N SER V 104 -42.31 -96.47 -48.30
CA SER V 104 -43.62 -97.08 -48.27
C SER V 104 -44.64 -96.02 -47.92
N THR V 105 -45.91 -96.41 -47.91
CA THR V 105 -46.97 -95.45 -47.59
C THR V 105 -46.80 -94.90 -46.19
N ALA V 106 -46.43 -95.75 -45.23
CA ALA V 106 -46.20 -95.30 -43.86
C ALA V 106 -44.96 -94.41 -43.76
N ASP V 107 -43.95 -94.63 -44.60
CA ASP V 107 -42.74 -93.82 -44.56
C ASP V 107 -43.00 -92.40 -45.05
N LEU V 108 -43.83 -92.26 -46.08
CA LEU V 108 -44.12 -90.93 -46.61
C LEU V 108 -44.89 -90.09 -45.60
N VAL V 109 -45.73 -90.72 -44.78
CA VAL V 109 -46.48 -89.99 -43.77
C VAL V 109 -45.55 -89.38 -42.72
N SER V 110 -44.53 -90.12 -42.29
CA SER V 110 -43.59 -89.58 -41.31
C SER V 110 -42.83 -88.38 -41.83
N ILE V 111 -42.45 -88.39 -43.11
CA ILE V 111 -41.76 -87.24 -43.68
C ILE V 111 -42.68 -86.03 -43.73
N LYS V 112 -43.95 -86.25 -44.07
CA LYS V 112 -44.90 -85.13 -44.10
C LYS V 112 -45.12 -84.54 -42.71
N ALA V 113 -45.15 -85.38 -41.68
CA ALA V 113 -45.30 -84.89 -40.32
C ALA V 113 -44.18 -83.96 -39.90
N GLU V 114 -43.02 -84.06 -40.53
CA GLU V 114 -41.91 -83.14 -40.31
C GLU V 114 -42.06 -81.87 -41.13
N MET V 115 -42.37 -81.99 -42.42
CA MET V 115 -42.61 -80.82 -43.26
C MET V 115 -43.74 -79.97 -42.69
N ASP V 116 -44.75 -80.62 -42.12
CA ASP V 116 -45.92 -79.89 -41.63
C ASP V 116 -45.56 -78.94 -40.48
N GLN V 117 -44.72 -79.40 -39.56
CA GLN V 117 -44.33 -78.54 -38.44
C GLN V 117 -43.37 -77.43 -38.84
N LEU V 118 -42.50 -77.66 -39.82
CA LEU V 118 -41.63 -76.59 -40.30
C LEU V 118 -42.41 -75.44 -40.91
N ALA V 119 -43.48 -75.74 -41.65
CA ALA V 119 -44.33 -74.69 -42.19
C ALA V 119 -45.07 -73.91 -41.12
N THR V 120 -45.34 -74.54 -39.98
CA THR V 120 -46.00 -73.85 -38.88
C THR V 120 -45.12 -72.73 -38.32
N GLU V 121 -43.81 -72.97 -38.20
CA GLU V 121 -42.92 -71.92 -37.69
C GLU V 121 -42.74 -70.77 -38.67
N ILE V 122 -42.74 -71.04 -39.98
CA ILE V 122 -42.68 -69.94 -40.93
C ILE V 122 -43.87 -69.01 -40.71
N ASP V 123 -45.03 -69.58 -40.39
CA ASP V 123 -46.15 -68.79 -39.91
C ASP V 123 -45.82 -68.11 -38.59
N SER V 124 -45.18 -68.84 -37.66
CA SER V 124 -44.99 -68.30 -36.32
C SER V 124 -44.00 -67.15 -36.29
N ILE V 125 -42.92 -67.22 -37.07
CA ILE V 125 -41.99 -66.09 -37.14
C ILE V 125 -42.66 -64.89 -37.78
N GLY V 126 -43.43 -65.11 -38.84
CA GLY V 126 -44.10 -64.03 -39.53
C GLY V 126 -45.05 -63.24 -38.65
N ASN V 127 -45.73 -63.93 -37.73
CA ASN V 127 -46.69 -63.27 -36.85
C ASN V 127 -46.07 -62.78 -35.54
N SER V 128 -44.78 -62.99 -35.33
CA SER V 128 -44.17 -62.65 -34.05
C SER V 128 -43.20 -61.49 -34.15
N THR V 129 -42.40 -61.45 -35.22
CA THR V 129 -41.35 -60.45 -35.38
C THR V 129 -41.91 -59.05 -35.23
N ALA V 130 -41.46 -58.33 -34.20
CA ALA V 130 -42.04 -57.05 -33.85
C ALA V 130 -40.96 -56.13 -33.31
N PHE V 131 -41.23 -54.83 -33.38
CA PHE V 131 -40.37 -53.78 -32.83
C PHE V 131 -41.06 -53.25 -31.59
N GLY V 132 -40.82 -53.89 -30.46
CA GLY V 132 -41.50 -53.52 -29.24
C GLY V 132 -42.93 -54.00 -29.22
N ASN V 133 -43.79 -53.38 -30.02
CA ASN V 133 -45.18 -53.85 -30.09
C ASN V 133 -45.75 -53.78 -31.50
N THR V 134 -44.97 -53.41 -32.52
CA THR V 134 -45.48 -53.28 -33.87
C THR V 134 -44.96 -54.44 -34.71
N LYS V 135 -45.87 -55.22 -35.27
CA LYS V 135 -45.53 -56.37 -36.10
C LYS V 135 -45.02 -55.88 -37.45
N LEU V 136 -43.88 -56.38 -37.89
CA LEU V 136 -43.23 -55.86 -39.09
C LEU V 136 -43.39 -56.74 -40.33
N LEU V 137 -43.86 -57.97 -40.20
CA LEU V 137 -43.92 -58.88 -41.33
C LEU V 137 -45.35 -59.30 -41.66
N THR V 138 -46.34 -58.56 -41.17
CA THR V 138 -47.74 -58.93 -41.40
C THR V 138 -48.46 -57.93 -42.28
N GLY V 139 -47.73 -57.14 -43.07
CA GLY V 139 -48.32 -56.32 -44.11
C GLY V 139 -48.60 -54.89 -43.72
N THR V 140 -48.33 -54.51 -42.48
CA THR V 140 -48.53 -53.11 -42.09
C THR V 140 -47.44 -52.23 -42.70
N PHE V 141 -46.38 -52.85 -43.23
CA PHE V 141 -45.37 -52.13 -43.98
C PHE V 141 -45.42 -52.49 -45.46
N SER V 142 -46.57 -52.97 -45.93
CA SER V 142 -46.76 -53.25 -47.34
C SER V 142 -46.65 -52.01 -48.21
N ALA V 143 -47.25 -50.90 -47.78
CA ALA V 143 -47.10 -49.60 -48.43
C ALA V 143 -46.13 -48.81 -47.57
N GLY V 144 -44.89 -48.67 -48.05
CA GLY V 144 -43.79 -48.16 -47.27
C GLY V 144 -44.08 -47.01 -46.35
N LYS V 145 -43.64 -47.14 -45.09
CA LYS V 145 -43.79 -46.06 -44.14
C LYS V 145 -42.68 -45.03 -44.32
N VAL V 146 -42.82 -43.88 -43.67
CA VAL V 146 -42.01 -42.71 -43.97
C VAL V 146 -41.24 -42.28 -42.74
N PHE V 147 -39.95 -42.02 -42.92
CA PHE V 147 -39.10 -41.40 -41.91
C PHE V 147 -38.49 -40.13 -42.48
N GLN V 148 -38.45 -39.07 -41.68
CA GLN V 148 -37.91 -37.79 -42.11
C GLN V 148 -36.49 -37.63 -41.56
N VAL V 149 -35.53 -37.44 -42.47
CA VAL V 149 -34.11 -37.40 -42.10
C VAL V 149 -33.51 -36.02 -42.29
N GLY V 150 -34.28 -35.04 -42.76
CA GLY V 150 -33.83 -33.68 -42.90
C GLY V 150 -34.55 -32.77 -41.92
N HIS V 151 -34.32 -31.47 -42.07
CA HIS V 151 -34.97 -30.49 -41.23
C HIS V 151 -36.09 -29.74 -41.93
N GLN V 152 -36.44 -30.11 -43.15
CA GLN V 152 -37.52 -29.48 -43.89
C GLN V 152 -38.43 -30.54 -44.49
N GLU V 153 -39.60 -30.09 -44.93
CA GLU V 153 -40.56 -31.00 -45.53
C GLU V 153 -40.01 -31.60 -46.82
N GLY V 154 -40.35 -32.86 -47.06
CA GLY V 154 -39.95 -33.53 -48.28
C GLY V 154 -38.65 -34.29 -48.20
N GLU V 155 -37.93 -34.21 -47.09
CA GLU V 155 -36.69 -34.96 -46.90
C GLU V 155 -37.02 -36.25 -46.18
N ASP V 156 -37.59 -37.21 -46.91
CA ASP V 156 -38.11 -38.43 -46.31
C ASP V 156 -37.50 -39.65 -46.96
N ILE V 157 -37.47 -40.74 -46.20
CA ILE V 157 -37.03 -42.05 -46.67
C ILE V 157 -38.17 -43.04 -46.43
N LYS V 158 -38.37 -43.93 -47.41
CA LYS V 158 -39.48 -44.88 -47.37
C LYS V 158 -38.94 -46.29 -47.25
N VAL V 159 -39.47 -47.03 -46.28
CA VAL V 159 -39.09 -48.42 -46.04
C VAL V 159 -40.29 -49.31 -46.27
N THR V 160 -40.19 -50.24 -47.21
CA THR V 160 -41.28 -51.13 -47.57
C THR V 160 -40.90 -52.57 -47.23
N VAL V 161 -41.74 -53.25 -46.46
CA VAL V 161 -41.55 -54.65 -46.11
C VAL V 161 -42.83 -55.39 -46.48
N LYS V 162 -42.74 -56.26 -47.48
CA LYS V 162 -43.91 -57.02 -47.90
C LYS V 162 -44.19 -58.15 -46.91
N ALA V 163 -45.45 -58.57 -46.86
CA ALA V 163 -45.84 -59.63 -45.94
C ALA V 163 -45.18 -60.94 -46.32
N SER V 164 -44.67 -61.65 -45.32
CA SER V 164 -43.98 -62.92 -45.53
C SER V 164 -44.41 -63.92 -44.47
N ASN V 165 -45.30 -64.83 -44.84
CA ASN V 165 -45.77 -65.90 -43.97
C ASN V 165 -46.16 -67.07 -44.85
N LYS V 166 -46.72 -68.12 -44.25
CA LYS V 166 -46.90 -69.36 -45.00
C LYS V 166 -47.97 -69.23 -46.08
N THR V 167 -49.07 -68.53 -45.81
CA THR V 167 -50.07 -68.34 -46.86
C THR V 167 -49.54 -67.41 -47.95
N SER V 168 -48.73 -66.42 -47.57
CA SER V 168 -48.18 -65.50 -48.55
C SER V 168 -47.23 -66.20 -49.51
N LEU V 169 -46.36 -67.07 -49.00
CA LEU V 169 -45.35 -67.73 -49.81
C LEU V 169 -45.88 -68.95 -50.53
N SER V 170 -47.20 -69.12 -50.59
CA SER V 170 -47.84 -70.23 -51.29
C SER V 170 -47.36 -71.58 -50.75
N VAL V 171 -47.33 -71.68 -49.43
CA VAL V 171 -47.10 -72.96 -48.76
C VAL V 171 -48.17 -73.14 -47.69
N GLY V 172 -48.34 -74.36 -47.23
CA GLY V 172 -49.39 -74.65 -46.27
C GLY V 172 -50.16 -75.88 -46.67
N ALA V 173 -50.14 -76.19 -47.96
CA ALA V 173 -50.70 -77.43 -48.48
C ALA V 173 -49.65 -78.07 -49.37
N LEU V 174 -48.80 -78.90 -48.78
CA LEU V 174 -47.74 -79.58 -49.51
C LEU V 174 -47.82 -81.07 -49.22
N ASN V 175 -48.19 -81.85 -50.24
CA ASN V 175 -48.26 -83.30 -50.13
C ASN V 175 -47.12 -83.93 -50.92
N ASN V 176 -46.85 -85.21 -50.63
CA ASN V 176 -45.80 -85.94 -51.31
C ASN V 176 -46.20 -87.37 -51.62
N ALA V 177 -47.48 -87.63 -51.88
CA ALA V 177 -47.94 -88.98 -52.15
C ALA V 177 -47.74 -89.39 -53.60
N THR V 178 -48.38 -88.66 -54.52
CA THR V 178 -48.35 -89.03 -55.93
C THR V 178 -47.13 -88.45 -56.63
N SER V 179 -46.91 -88.85 -57.88
CA SER V 179 -45.81 -88.29 -58.66
C SER V 179 -46.00 -86.80 -58.90
N ALA V 180 -47.22 -86.41 -59.25
CA ALA V 180 -47.48 -85.00 -59.55
C ALA V 180 -47.40 -84.14 -58.30
N ASN V 181 -47.72 -84.72 -57.14
CA ASN V 181 -47.72 -83.95 -55.91
C ASN V 181 -46.32 -83.45 -55.55
N ARG V 182 -45.31 -84.30 -55.70
CA ARG V 182 -43.94 -83.90 -55.37
C ARG V 182 -43.41 -82.87 -56.36
N ALA V 183 -43.72 -83.02 -57.65
CA ALA V 183 -43.24 -82.07 -58.65
C ALA V 183 -43.78 -80.68 -58.40
N SER V 184 -45.07 -80.57 -58.05
CA SER V 184 -45.66 -79.27 -57.78
C SER V 184 -45.07 -78.65 -56.51
N SER V 185 -44.81 -79.48 -55.50
CA SER V 185 -44.28 -78.96 -54.24
C SER V 185 -42.88 -78.39 -54.42
N LEU V 186 -42.05 -79.03 -55.24
CA LEU V 186 -40.68 -78.56 -55.42
C LEU V 186 -40.62 -77.18 -56.06
N ALA V 187 -41.49 -76.91 -57.04
CA ALA V 187 -41.47 -75.62 -57.71
C ALA V 187 -41.84 -74.49 -56.76
N LYS V 188 -42.82 -74.72 -55.89
CA LYS V 188 -43.28 -73.65 -55.00
C LYS V 188 -42.22 -73.28 -53.97
N ILE V 189 -41.47 -74.26 -53.47
CA ILE V 189 -40.40 -73.97 -52.53
C ILE V 189 -39.32 -73.15 -53.20
N ASP V 190 -38.94 -73.50 -54.43
CA ASP V 190 -37.93 -72.74 -55.15
C ASP V 190 -38.38 -71.31 -55.38
N ALA V 191 -39.66 -71.11 -55.75
CA ALA V 191 -40.17 -69.77 -55.90
C ALA V 191 -40.20 -69.02 -54.57
N ALA V 192 -40.38 -69.75 -53.47
CA ALA V 192 -40.39 -69.11 -52.16
C ALA V 192 -39.03 -68.51 -51.81
N ILE V 193 -37.95 -69.25 -52.10
CA ILE V 193 -36.62 -68.73 -51.78
C ILE V 193 -36.31 -67.50 -52.61
N LYS V 194 -36.74 -67.47 -53.88
CA LYS V 194 -36.50 -66.30 -54.71
C LYS V 194 -37.20 -65.06 -54.16
N THR V 195 -38.43 -65.21 -53.69
CA THR V 195 -39.16 -64.06 -53.18
C THR V 195 -38.50 -63.48 -51.94
N ILE V 196 -38.05 -64.34 -51.02
CA ILE V 196 -37.36 -63.86 -49.83
C ILE V 196 -36.05 -63.20 -50.21
N ASP V 197 -35.34 -63.78 -51.18
CA ASP V 197 -34.04 -63.24 -51.59
C ASP V 197 -34.19 -61.81 -52.11
N SER V 198 -35.20 -61.56 -52.94
CA SER V 198 -35.41 -60.21 -53.46
C SER V 198 -35.78 -59.24 -52.34
N GLN V 199 -36.53 -59.71 -51.35
CA GLN V 199 -36.91 -58.86 -50.23
C GLN V 199 -35.70 -58.43 -49.41
N ARG V 200 -34.77 -59.37 -49.19
CA ARG V 200 -33.58 -59.04 -48.41
C ARG V 200 -32.72 -58.02 -49.15
N ALA V 201 -32.60 -58.15 -50.46
CA ALA V 201 -31.82 -57.19 -51.24
C ALA V 201 -32.41 -55.79 -51.16
N ASP V 202 -33.75 -55.69 -51.19
CA ASP V 202 -34.38 -54.39 -51.08
C ASP V 202 -34.12 -53.74 -49.73
N LEU V 203 -34.16 -54.52 -48.65
CA LEU V 203 -33.90 -53.96 -47.33
C LEU V 203 -32.43 -53.60 -47.15
N GLY V 204 -31.52 -54.37 -47.73
CA GLY V 204 -30.11 -54.04 -47.63
C GLY V 204 -29.76 -52.75 -48.34
N ALA V 205 -30.39 -52.48 -49.49
CA ALA V 205 -30.10 -51.25 -50.22
C ALA V 205 -30.51 -50.02 -49.43
N VAL V 206 -31.64 -50.09 -48.72
CA VAL V 206 -32.11 -48.94 -47.95
C VAL V 206 -31.15 -48.61 -46.83
N GLN V 207 -30.65 -49.63 -46.11
CA GLN V 207 -29.75 -49.35 -45.00
C GLN V 207 -28.35 -48.99 -45.47
N ASN V 208 -27.93 -49.46 -46.64
CA ASN V 208 -26.77 -48.85 -47.28
C ASN V 208 -27.05 -47.41 -47.64
N ARG V 209 -28.26 -47.12 -48.11
CA ARG V 209 -28.65 -45.76 -48.42
C ARG V 209 -28.68 -44.89 -47.16
N LEU V 210 -29.25 -45.40 -46.06
CA LEU V 210 -29.36 -44.60 -44.85
C LEU V 210 -28.00 -44.31 -44.21
N ALA V 211 -27.03 -45.21 -44.35
CA ALA V 211 -25.73 -44.97 -43.76
C ALA V 211 -25.06 -43.74 -44.34
N HIS V 212 -25.26 -43.49 -45.64
CA HIS V 212 -24.62 -42.34 -46.28
C HIS V 212 -25.27 -41.02 -45.86
N ASN V 213 -26.56 -41.04 -45.53
CA ASN V 213 -27.21 -39.83 -45.02
C ASN V 213 -26.60 -39.40 -43.70
N ILE V 214 -26.35 -40.35 -42.79
CA ILE V 214 -25.82 -40.01 -41.48
C ILE V 214 -24.44 -39.38 -41.60
N SER V 215 -23.58 -39.95 -42.43
CA SER V 215 -22.24 -39.39 -42.61
C SER V 215 -22.31 -37.99 -43.20
N ASN V 216 -23.19 -37.80 -44.19
CA ASN V 216 -23.35 -36.46 -44.77
C ASN V 216 -23.92 -35.48 -43.76
N SER V 217 -24.91 -35.91 -42.96
CA SER V 217 -25.50 -35.03 -41.97
C SER V 217 -24.51 -34.69 -40.86
N ALA V 218 -23.64 -35.62 -40.48
CA ALA V 218 -22.63 -35.32 -39.48
C ALA V 218 -21.64 -34.27 -39.99
N ASN V 219 -21.25 -34.37 -41.27
CA ASN V 219 -20.33 -33.38 -41.83
C ASN V 219 -20.98 -32.01 -41.89
N THR V 220 -22.21 -31.93 -42.43
CA THR V 220 -22.84 -30.62 -42.61
C THR V 220 -23.16 -29.96 -41.26
N GLN V 221 -23.38 -30.76 -40.21
CA GLN V 221 -23.63 -30.19 -38.90
C GLN V 221 -22.42 -29.41 -38.39
N ALA V 222 -21.22 -29.95 -38.59
CA ALA V 222 -20.02 -29.29 -38.11
C ALA V 222 -19.79 -27.96 -38.83
N ASN V 223 -19.98 -27.94 -40.15
CA ASN V 223 -19.76 -26.72 -40.90
C ASN V 223 -20.77 -25.63 -40.55
N VAL V 224 -22.03 -25.98 -40.30
CA VAL V 224 -23.00 -24.99 -39.88
C VAL V 224 -22.66 -24.44 -38.51
N ALA V 225 -22.12 -25.28 -37.62
CA ALA V 225 -21.67 -24.79 -36.32
C ALA V 225 -20.55 -23.77 -36.48
N ASP V 226 -19.65 -23.98 -37.44
CA ASP V 226 -18.65 -22.97 -37.76
C ASP V 226 -19.31 -21.65 -38.14
N ALA V 227 -20.25 -21.69 -39.09
CA ALA V 227 -20.86 -20.47 -39.57
C ALA V 227 -21.62 -19.74 -38.46
N LYS V 228 -22.30 -20.49 -37.60
CA LYS V 228 -23.11 -19.89 -36.56
C LYS V 228 -22.27 -19.25 -35.46
N SER V 229 -21.08 -19.79 -35.17
CA SER V 229 -20.27 -19.22 -34.10
C SER V 229 -19.62 -17.91 -34.51
N ARG V 230 -19.27 -17.75 -35.78
CA ARG V 230 -18.62 -16.51 -36.22
C ARG V 230 -19.55 -15.32 -36.07
N ILE V 231 -20.85 -15.56 -35.99
CA ILE V 231 -21.82 -14.47 -35.96
C ILE V 231 -22.20 -14.08 -34.53
N VAL V 232 -22.42 -15.06 -33.65
CA VAL V 232 -22.99 -14.77 -32.34
C VAL V 232 -22.00 -14.90 -31.19
N ASP V 233 -20.82 -15.46 -31.43
CA ASP V 233 -19.90 -15.76 -30.35
C ASP V 233 -18.83 -14.69 -30.23
N VAL V 234 -18.36 -14.45 -29.01
CA VAL V 234 -17.35 -13.42 -28.75
C VAL V 234 -15.97 -14.01 -28.95
N ASP V 235 -15.02 -13.15 -29.30
CA ASP V 235 -13.61 -13.48 -29.30
C ASP V 235 -12.99 -12.88 -28.04
N PHE V 236 -12.50 -13.74 -27.16
CA PHE V 236 -12.01 -13.26 -25.87
C PHE V 236 -10.81 -12.35 -26.04
N ALA V 237 -10.00 -12.56 -27.07
CA ALA V 237 -8.87 -11.69 -27.33
C ALA V 237 -9.37 -10.27 -27.59
N LYS V 238 -10.42 -10.16 -28.41
CA LYS V 238 -11.03 -8.86 -28.66
C LYS V 238 -11.69 -8.30 -27.41
N GLU V 239 -12.40 -9.15 -26.67
CA GLU V 239 -13.21 -8.65 -25.55
C GLU V 239 -12.34 -8.29 -24.35
N THR V 240 -11.31 -9.10 -24.06
CA THR V 240 -10.48 -8.83 -22.89
C THR V 240 -9.74 -7.51 -23.03
N SER V 241 -9.25 -7.21 -24.24
CA SER V 241 -8.57 -5.94 -24.46
C SER V 241 -9.51 -4.77 -24.23
N ALA V 242 -10.75 -4.87 -24.71
CA ALA V 242 -11.71 -3.79 -24.51
C ALA V 242 -12.06 -3.60 -23.04
N MET V 243 -12.20 -4.72 -22.30
CA MET V 243 -12.54 -4.62 -20.89
C MET V 243 -11.44 -3.92 -20.09
N THR V 244 -10.19 -4.31 -20.30
CA THR V 244 -9.07 -3.60 -19.69
C THR V 244 -8.96 -2.19 -20.25
N LYS V 245 -9.43 -1.99 -21.48
CA LYS V 245 -9.30 -0.69 -22.12
C LYS V 245 -10.12 0.35 -21.38
N TYR V 246 -11.34 -0.02 -20.97
CA TYR V 246 -12.28 0.87 -20.29
C TYR V 246 -12.00 1.02 -18.80
N GLN V 247 -11.34 0.03 -18.18
CA GLN V 247 -11.01 0.15 -16.77
C GLN V 247 -10.09 1.33 -16.52
N VAL V 248 -9.11 1.53 -17.39
CA VAL V 248 -8.21 2.67 -17.26
C VAL V 248 -8.97 3.97 -17.44
N LEU V 249 -9.87 4.01 -18.43
CA LEU V 249 -10.63 5.22 -18.70
C LEU V 249 -11.53 5.60 -17.52
N GLN V 250 -12.01 4.61 -16.78
CA GLN V 250 -12.86 4.88 -15.62
C GLN V 250 -12.07 5.60 -14.53
N GLN V 251 -10.89 5.09 -14.19
CA GLN V 251 -10.08 5.72 -13.16
C GLN V 251 -9.59 7.09 -13.62
N THR V 252 -9.29 7.23 -14.91
CA THR V 252 -8.95 8.54 -15.45
C THR V 252 -10.13 9.50 -15.34
N GLY V 253 -11.33 9.03 -15.67
CA GLY V 253 -12.50 9.89 -15.59
C GLY V 253 -12.84 10.30 -14.17
N SER V 254 -12.67 9.41 -13.20
CA SER V 254 -12.98 9.74 -11.82
C SER V 254 -12.03 10.78 -11.25
N ALA V 255 -10.73 10.68 -11.54
CA ALA V 255 -9.79 11.68 -11.07
C ALA V 255 -10.03 13.04 -11.72
N MET V 256 -10.36 13.06 -13.01
CA MET V 256 -10.63 14.33 -13.68
C MET V 256 -11.90 14.98 -13.13
N LEU V 257 -12.94 14.19 -12.88
CA LEU V 257 -14.18 14.75 -12.37
C LEU V 257 -14.03 15.27 -10.96
N ALA V 258 -13.35 14.54 -10.09
CA ALA V 258 -13.15 15.00 -8.72
C ALA V 258 -12.35 16.30 -8.69
N GLN V 259 -11.33 16.40 -9.53
CA GLN V 259 -10.49 17.59 -9.54
C GLN V 259 -11.19 18.76 -10.22
N ALA V 260 -12.06 18.48 -11.18
CA ALA V 260 -12.79 19.55 -11.85
C ALA V 260 -13.88 20.12 -10.95
N ASN V 261 -14.31 19.35 -9.95
CA ASN V 261 -15.36 19.83 -9.06
C ASN V 261 -14.90 20.96 -8.15
N GLN V 262 -13.61 21.02 -7.82
CA GLN V 262 -13.10 22.05 -6.94
C GLN V 262 -12.47 23.21 -7.70
N LEU V 263 -12.79 23.37 -8.98
CA LEU V 263 -12.46 24.58 -9.73
C LEU V 263 -13.07 25.85 -9.15
N PRO V 264 -14.35 25.87 -8.75
CA PRO V 264 -14.93 27.14 -8.27
C PRO V 264 -14.36 27.65 -6.96
N GLN V 265 -13.51 26.88 -6.29
CA GLN V 265 -12.91 27.37 -5.04
C GLN V 265 -11.92 28.51 -5.26
N VAL V 266 -11.56 28.80 -6.51
CA VAL V 266 -10.73 29.96 -6.79
C VAL V 266 -11.44 31.23 -6.37
N ALA V 267 -12.77 31.26 -6.48
CA ALA V 267 -13.54 32.45 -6.11
C ALA V 267 -13.38 32.83 -4.64
N LEU V 268 -13.07 31.87 -3.77
CA LEU V 268 -12.84 32.17 -2.37
C LEU V 268 -11.51 32.86 -2.12
N SER V 269 -10.55 32.74 -3.04
CA SER V 269 -9.27 33.42 -2.85
C SER V 269 -9.41 34.93 -2.99
N LEU V 270 -10.31 35.39 -3.86
CA LEU V 270 -10.47 36.82 -4.11
C LEU V 270 -11.44 37.43 -3.10
N LEU V 271 -11.12 37.23 -1.82
CA LEU V 271 -11.83 37.86 -0.71
C LEU V 271 -13.31 37.55 -0.79
N GLY V 272 -13.67 36.29 -0.56
CA GLY V 272 -15.06 35.89 -0.50
C GLY V 272 -15.85 36.11 -1.77
N ALA W 1 -17.92 86.14 -0.16
CA ALA W 1 -18.49 84.83 -0.38
C ALA W 1 -18.40 83.98 0.88
N ILE W 2 -18.68 84.60 2.03
CA ILE W 2 -18.68 83.89 3.30
C ILE W 2 -20.09 83.88 3.87
N THR W 3 -20.81 82.78 3.67
CA THR W 3 -22.20 82.70 4.07
C THR W 3 -22.38 81.68 5.19
N VAL W 4 -23.45 81.86 5.96
CA VAL W 4 -23.76 80.97 7.07
C VAL W 4 -25.19 80.45 6.95
N ASN W 5 -25.79 80.57 5.77
CA ASN W 5 -27.13 80.06 5.54
C ASN W 5 -27.19 78.89 4.57
N THR W 6 -26.30 78.83 3.59
CA THR W 6 -26.26 77.70 2.66
C THR W 6 -24.83 77.20 2.51
N ASN W 7 -24.67 75.89 2.49
CA ASN W 7 -23.37 75.24 2.29
C ASN W 7 -23.47 74.37 1.05
N VAL W 8 -23.22 74.97 -0.11
CA VAL W 8 -23.30 74.23 -1.36
C VAL W 8 -22.19 73.21 -1.46
N THR W 9 -21.05 73.46 -0.82
CA THR W 9 -20.00 72.46 -0.77
C THR W 9 -20.50 71.18 -0.13
N SER W 10 -21.27 71.31 0.95
CA SER W 10 -21.88 70.14 1.58
C SER W 10 -22.87 69.45 0.64
N MET W 11 -23.66 70.24 -0.09
CA MET W 11 -24.66 69.66 -0.99
C MET W 11 -24.00 68.80 -2.05
N LYS W 12 -22.93 69.29 -2.67
CA LYS W 12 -22.22 68.49 -3.66
C LYS W 12 -21.55 67.29 -3.01
N ALA W 13 -20.99 67.47 -1.82
CA ALA W 13 -20.34 66.36 -1.13
C ALA W 13 -21.34 65.27 -0.76
N GLN W 14 -22.55 65.65 -0.36
CA GLN W 14 -23.55 64.66 0.02
C GLN W 14 -23.92 63.77 -1.16
N LYS W 15 -24.07 64.37 -2.34
CA LYS W 15 -24.48 63.59 -3.52
C LYS W 15 -23.43 62.55 -3.88
N ASN W 16 -22.16 62.91 -3.79
CA ASN W 16 -21.10 61.96 -4.14
C ASN W 16 -21.07 60.78 -3.18
N LEU W 17 -21.31 61.04 -1.89
CA LEU W 17 -21.35 59.95 -0.93
C LEU W 17 -22.51 59.00 -1.20
N ASN W 18 -23.66 59.54 -1.59
CA ASN W 18 -24.81 58.70 -1.89
C ASN W 18 -24.54 57.78 -3.08
N THR W 19 -23.89 58.31 -4.11
CA THR W 19 -23.56 57.50 -5.28
C THR W 19 -22.60 56.38 -4.93
N SER W 20 -21.57 56.66 -4.13
CA SER W 20 -20.62 55.63 -3.75
C SER W 20 -21.22 54.58 -2.83
N ASN W 21 -22.17 54.96 -1.98
CA ASN W 21 -22.84 54.01 -1.10
C ASN W 21 -23.78 53.09 -1.88
N SER W 22 -24.48 53.64 -2.89
CA SER W 22 -25.39 52.82 -3.68
C SER W 22 -24.63 51.81 -4.53
N GLY W 23 -23.46 52.19 -5.07
CA GLY W 23 -22.65 51.27 -5.84
C GLY W 23 -22.09 50.15 -5.01
N LEU W 24 -21.71 50.45 -3.76
CA LEU W 24 -21.24 49.41 -2.86
C LEU W 24 -22.34 48.41 -2.54
N SER W 25 -23.56 48.90 -2.32
CA SER W 25 -24.67 48.02 -1.98
C SER W 25 -24.99 47.06 -3.11
N THR W 26 -25.06 47.56 -4.34
CA THR W 26 -25.44 46.72 -5.46
C THR W 26 -24.38 45.67 -5.76
N SER W 27 -23.12 45.94 -5.44
CA SER W 27 -22.08 44.96 -5.66
C SER W 27 -22.16 43.80 -4.69
N MET W 28 -22.58 44.06 -3.45
CA MET W 28 -22.65 43.00 -2.46
C MET W 28 -23.74 41.99 -2.79
N GLU W 29 -24.90 42.45 -3.24
CA GLU W 29 -25.99 41.52 -3.55
C GLU W 29 -25.69 40.68 -4.78
N ARG W 30 -25.00 41.26 -5.77
CA ARG W 30 -24.54 40.44 -6.88
C ARG W 30 -23.55 39.37 -6.44
N LEU W 31 -22.66 39.71 -5.51
CA LEU W 31 -21.72 38.72 -4.98
C LEU W 31 -22.37 37.72 -4.05
N SER W 32 -23.41 38.12 -3.30
CA SER W 32 -24.03 37.21 -2.34
C SER W 32 -24.89 36.15 -3.02
N SER W 33 -25.38 36.41 -4.22
CA SER W 33 -26.20 35.45 -4.95
C SER W 33 -25.42 34.80 -6.10
N GLY W 34 -24.77 35.60 -6.92
CA GLY W 34 -23.99 35.06 -8.02
C GLY W 34 -24.62 35.31 -9.36
N LEU W 35 -25.54 36.27 -9.41
CA LEU W 35 -26.26 36.61 -10.64
C LEU W 35 -26.09 38.08 -10.96
N ARG W 36 -25.73 38.36 -12.21
CA ARG W 36 -25.65 39.74 -12.65
C ARG W 36 -27.03 40.37 -12.80
N ILE W 37 -27.95 39.66 -13.43
CA ILE W 37 -29.31 40.17 -13.61
C ILE W 37 -30.17 39.72 -12.44
N ASN W 38 -30.11 40.45 -11.33
CA ASN W 38 -30.96 40.16 -10.18
C ASN W 38 -32.37 40.66 -10.45
N SER W 39 -32.49 41.93 -10.81
CA SER W 39 -33.78 42.53 -11.13
C SER W 39 -33.79 43.03 -12.56
N ALA W 40 -34.88 43.69 -12.94
CA ALA W 40 -35.02 44.28 -14.26
C ALA W 40 -34.28 45.61 -14.39
N LYS W 41 -33.56 46.03 -13.35
CA LYS W 41 -32.69 47.20 -13.49
C LYS W 41 -31.72 46.99 -14.64
N ASP W 42 -31.12 45.80 -14.69
CA ASP W 42 -30.07 45.43 -15.62
C ASP W 42 -30.64 45.07 -16.99
N ASP W 43 -29.86 44.34 -17.79
CA ASP W 43 -30.23 44.06 -19.17
C ASP W 43 -31.67 43.58 -19.27
N ALA W 44 -32.51 44.40 -19.91
CA ALA W 44 -33.90 44.04 -20.12
C ALA W 44 -34.02 42.87 -21.10
N ALA W 45 -33.19 42.88 -22.14
CA ALA W 45 -33.20 41.79 -23.09
C ALA W 45 -32.52 40.53 -22.56
N GLY W 46 -31.58 40.68 -21.63
CA GLY W 46 -30.88 39.52 -21.10
C GLY W 46 -31.79 38.56 -20.36
N LEU W 47 -32.68 39.10 -19.53
CA LEU W 47 -33.55 38.25 -18.73
C LEU W 47 -34.57 37.53 -19.63
N ALA W 48 -35.03 38.20 -20.69
CA ALA W 48 -35.96 37.57 -21.62
C ALA W 48 -35.29 36.40 -22.33
N ILE W 49 -34.05 36.60 -22.79
CA ILE W 49 -33.33 35.52 -23.47
C ILE W 49 -33.05 34.38 -22.50
N SER W 50 -32.67 34.72 -21.27
CA SER W 50 -32.31 33.70 -20.28
C SER W 50 -33.51 32.81 -19.96
N ASN W 51 -34.72 33.38 -19.98
CA ASN W 51 -35.92 32.61 -19.67
C ASN W 51 -36.13 31.49 -20.69
N ARG W 52 -35.96 31.80 -21.98
CA ARG W 52 -36.07 30.75 -22.98
C ARG W 52 -34.92 29.75 -22.91
N LEU W 53 -33.71 30.21 -22.62
CA LEU W 53 -32.61 29.27 -22.40
C LEU W 53 -32.85 28.40 -21.18
N ASN W 54 -33.44 28.97 -20.13
CA ASN W 54 -33.79 28.17 -18.97
C ASN W 54 -34.81 27.11 -19.32
N SER W 55 -35.78 27.44 -20.17
CA SER W 55 -36.77 26.46 -20.60
C SER W 55 -36.12 25.32 -21.38
N GLN W 56 -35.14 25.63 -22.23
CA GLN W 56 -34.47 24.58 -23.00
C GLN W 56 -33.67 23.65 -22.09
N VAL W 57 -32.96 24.21 -21.12
CA VAL W 57 -32.15 23.40 -20.22
C VAL W 57 -33.02 22.46 -19.40
N ARG W 58 -34.06 23.01 -18.77
CA ARG W 58 -34.96 22.17 -17.99
C ARG W 58 -35.83 21.31 -18.88
N GLY W 59 -36.19 21.82 -20.07
CA GLY W 59 -36.97 21.01 -20.99
C GLY W 59 -36.24 19.76 -21.45
N LEU W 60 -34.95 19.90 -21.76
CA LEU W 60 -34.17 18.73 -22.16
C LEU W 60 -34.04 17.73 -21.02
N GLU W 61 -33.86 18.21 -19.79
CA GLU W 61 -33.66 17.30 -18.67
C GLU W 61 -34.86 16.39 -18.45
N VAL W 62 -36.07 16.94 -18.57
CA VAL W 62 -37.26 16.11 -18.52
C VAL W 62 -37.34 15.21 -19.76
N GLY W 63 -36.90 15.73 -20.91
CA GLY W 63 -36.90 14.92 -22.12
C GLY W 63 -35.95 13.75 -22.04
N MET W 64 -34.83 13.92 -21.36
CA MET W 64 -33.90 12.81 -21.17
C MET W 64 -34.55 11.66 -20.41
N ARG W 65 -35.21 11.97 -19.29
CA ARG W 65 -35.90 10.93 -18.53
C ARG W 65 -37.06 10.35 -19.32
N ASN W 66 -37.66 11.14 -20.21
CA ASN W 66 -38.73 10.63 -21.03
C ASN W 66 -38.27 9.52 -21.96
N ALA W 67 -37.06 9.62 -22.51
CA ALA W 67 -36.51 8.61 -23.39
C ALA W 67 -35.93 7.42 -22.65
N ASN W 68 -35.36 7.61 -21.47
CA ASN W 68 -34.93 6.49 -20.66
C ASN W 68 -36.08 5.55 -20.31
N ASP W 69 -37.28 6.08 -20.15
CA ASP W 69 -38.48 5.28 -19.94
C ASP W 69 -38.81 4.44 -21.17
N ALA W 70 -38.68 5.01 -22.37
CA ALA W 70 -38.98 4.26 -23.58
C ALA W 70 -38.00 3.12 -23.79
N ILE W 71 -36.74 3.32 -23.40
CA ILE W 71 -35.72 2.27 -23.53
C ILE W 71 -36.11 1.08 -22.68
N SER W 72 -36.56 1.33 -21.46
CA SER W 72 -36.92 0.26 -20.55
C SER W 72 -38.10 -0.56 -21.08
N ILE W 73 -39.11 0.11 -21.65
CA ILE W 73 -40.25 -0.62 -22.21
C ILE W 73 -39.81 -1.53 -23.34
N ALA W 74 -38.99 -1.02 -24.26
CA ALA W 74 -38.48 -1.84 -25.35
C ALA W 74 -37.59 -2.95 -24.84
N GLN W 75 -36.90 -2.72 -23.72
CA GLN W 75 -36.02 -3.74 -23.16
C GLN W 75 -36.81 -4.93 -22.64
N ILE W 76 -37.94 -4.68 -21.96
CA ILE W 76 -38.71 -5.76 -21.37
C ILE W 76 -39.40 -6.59 -22.46
N ALA W 77 -39.98 -5.93 -23.46
CA ALA W 77 -40.67 -6.66 -24.52
C ALA W 77 -39.71 -7.55 -25.29
N GLU W 78 -38.51 -7.05 -25.55
CA GLU W 78 -37.51 -7.84 -26.26
C GLU W 78 -37.11 -9.08 -25.46
N GLY W 79 -36.97 -8.92 -24.14
CA GLY W 79 -36.58 -10.05 -23.31
C GLY W 79 -37.61 -11.17 -23.33
N ALA W 80 -38.90 -10.81 -23.31
CA ALA W 80 -39.94 -11.83 -23.30
C ALA W 80 -40.01 -12.59 -24.62
N MET W 81 -39.78 -11.92 -25.74
CA MET W 81 -39.86 -12.59 -27.03
C MET W 81 -38.75 -13.60 -27.22
N GLN W 82 -37.63 -13.44 -26.51
CA GLN W 82 -36.56 -14.42 -26.60
C GLN W 82 -37.01 -15.77 -26.07
N GLU W 83 -37.75 -15.78 -24.96
CA GLU W 83 -38.19 -17.05 -24.40
C GLU W 83 -39.26 -17.71 -25.27
N GLN W 84 -40.08 -16.92 -25.96
CA GLN W 84 -41.04 -17.49 -26.89
C GLN W 84 -40.32 -18.16 -28.06
N THR W 85 -39.18 -17.61 -28.47
CA THR W 85 -38.42 -18.20 -29.57
C THR W 85 -37.85 -19.57 -29.19
N ASN W 86 -37.31 -19.70 -27.97
CA ASN W 86 -36.75 -20.99 -27.57
C ASN W 86 -37.79 -22.08 -27.49
N MET W 87 -38.98 -21.80 -26.96
CA MET W 87 -40.02 -22.81 -26.90
C MET W 87 -40.56 -23.18 -28.27
N LEU W 88 -40.60 -22.22 -29.20
CA LEU W 88 -41.01 -22.55 -30.56
C LEU W 88 -40.01 -23.48 -31.24
N GLN W 89 -38.72 -23.33 -30.94
CA GLN W 89 -37.73 -24.24 -31.49
C GLN W 89 -37.93 -25.66 -31.00
N ARG W 90 -38.28 -25.82 -29.73
CA ARG W 90 -38.55 -27.15 -29.20
C ARG W 90 -39.76 -27.80 -29.86
N MET W 91 -40.77 -27.00 -30.23
CA MET W 91 -41.91 -27.54 -30.95
C MET W 91 -41.51 -28.05 -32.33
N ARG W 92 -40.53 -27.42 -32.97
CA ARG W 92 -40.05 -27.91 -34.26
C ARG W 92 -39.43 -29.29 -34.12
N ASP W 93 -38.63 -29.52 -33.07
CA ASP W 93 -38.02 -30.83 -32.89
C ASP W 93 -39.06 -31.90 -32.64
N LEU W 94 -40.08 -31.60 -31.84
CA LEU W 94 -41.13 -32.59 -31.59
C LEU W 94 -41.89 -32.96 -32.85
N THR W 95 -42.18 -31.99 -33.71
CA THR W 95 -42.81 -32.30 -35.00
C THR W 95 -41.92 -33.15 -35.88
N ILE W 96 -40.62 -32.88 -35.92
CA ILE W 96 -39.70 -33.75 -36.64
C ILE W 96 -39.63 -35.12 -35.98
N GLN W 97 -39.57 -35.16 -34.64
CA GLN W 97 -39.54 -36.43 -33.93
C GLN W 97 -40.83 -37.22 -34.08
N SER W 98 -41.95 -36.54 -34.31
CA SER W 98 -43.24 -37.21 -34.42
C SER W 98 -43.48 -37.82 -35.79
N GLU W 99 -42.44 -37.98 -36.60
CA GLU W 99 -42.62 -38.43 -37.98
C GLU W 99 -42.00 -39.81 -38.16
N ASN W 100 -41.56 -40.45 -37.08
CA ASN W 100 -41.06 -41.82 -37.16
C ASN W 100 -42.13 -42.78 -37.63
N GLY W 101 -41.72 -43.79 -38.38
CA GLY W 101 -42.63 -44.85 -38.78
C GLY W 101 -42.65 -45.98 -37.77
N ALA W 102 -41.81 -45.89 -36.75
CA ALA W 102 -41.78 -46.88 -35.68
C ALA W 102 -42.59 -46.47 -34.47
N ASN W 103 -43.23 -45.31 -34.51
CA ASN W 103 -44.07 -44.85 -33.42
C ASN W 103 -45.38 -45.62 -33.46
N SER W 104 -46.31 -45.27 -32.56
CA SER W 104 -47.63 -45.88 -32.56
C SER W 104 -48.63 -44.80 -32.22
N THR W 105 -49.92 -45.18 -32.25
CA THR W 105 -50.97 -44.22 -31.95
C THR W 105 -50.83 -43.67 -30.53
N ALA W 106 -50.48 -44.52 -29.57
CA ALA W 106 -50.27 -44.07 -28.20
C ALA W 106 -49.03 -43.20 -28.07
N ASP W 107 -48.01 -43.42 -28.90
CA ASP W 107 -46.80 -42.62 -28.83
C ASP W 107 -47.04 -41.20 -29.32
N LEU W 108 -47.84 -41.04 -30.37
CA LEU W 108 -48.11 -39.71 -30.89
C LEU W 108 -48.90 -38.86 -29.91
N VAL W 109 -49.75 -39.50 -29.10
CA VAL W 109 -50.52 -38.76 -28.11
C VAL W 109 -49.61 -38.15 -27.04
N SER W 110 -48.60 -38.91 -26.59
CA SER W 110 -47.67 -38.39 -25.59
C SER W 110 -46.90 -37.17 -26.10
N ILE W 111 -46.49 -37.19 -27.36
CA ILE W 111 -45.78 -36.05 -27.93
C ILE W 111 -46.70 -34.83 -28.00
N LYS W 112 -47.96 -35.03 -28.35
CA LYS W 112 -48.90 -33.91 -28.40
C LYS W 112 -49.14 -33.33 -27.03
N ALA W 113 -49.20 -34.16 -25.99
CA ALA W 113 -49.38 -33.67 -24.63
C ALA W 113 -48.25 -32.75 -24.18
N GLU W 114 -47.08 -32.85 -24.79
CA GLU W 114 -45.97 -31.95 -24.55
C GLU W 114 -46.10 -30.67 -25.37
N MET W 115 -46.38 -30.80 -26.67
CA MET W 115 -46.60 -29.62 -27.51
C MET W 115 -47.72 -28.76 -26.96
N ASP W 116 -48.76 -29.40 -26.41
CA ASP W 116 -49.93 -28.67 -25.95
C ASP W 116 -49.58 -27.73 -24.80
N GLN W 117 -48.76 -28.18 -23.86
CA GLN W 117 -48.40 -27.33 -22.72
C GLN W 117 -47.41 -26.23 -23.10
N LEU W 118 -46.53 -26.46 -24.07
CA LEU W 118 -45.65 -25.40 -24.52
C LEU W 118 -46.41 -24.25 -25.15
N ALA W 119 -47.46 -24.53 -25.91
CA ALA W 119 -48.29 -23.47 -26.48
C ALA W 119 -49.05 -22.70 -25.42
N THR W 120 -49.35 -23.33 -24.28
CA THR W 120 -50.02 -22.62 -23.20
C THR W 120 -49.15 -21.52 -22.61
N GLU W 121 -47.84 -21.76 -22.47
CA GLU W 121 -46.96 -20.72 -21.94
C GLU W 121 -46.74 -19.57 -22.91
N ILE W 122 -46.72 -19.84 -24.22
CA ILE W 122 -46.64 -18.75 -25.17
C ILE W 122 -47.82 -17.81 -24.98
N ASP W 123 -49.00 -18.37 -24.69
CA ASP W 123 -50.12 -17.56 -24.23
C ASP W 123 -49.81 -16.89 -22.89
N SER W 124 -49.20 -17.62 -21.96
CA SER W 124 -49.02 -17.09 -20.60
C SER W 124 -48.02 -15.94 -20.56
N ILE W 125 -46.93 -16.02 -21.32
CA ILE W 125 -45.99 -14.91 -21.37
C ILE W 125 -46.64 -13.69 -22.02
N GLY W 126 -47.40 -13.91 -23.09
CA GLY W 126 -48.05 -12.82 -23.79
C GLY W 126 -49.00 -12.02 -22.93
N ASN W 127 -49.71 -12.71 -22.03
CA ASN W 127 -50.68 -12.06 -21.16
C ASN W 127 -50.08 -11.57 -19.85
N SER W 128 -48.79 -11.78 -19.61
CA SER W 128 -48.21 -11.45 -18.32
C SER W 128 -47.22 -10.29 -18.40
N THR W 129 -46.40 -10.27 -19.45
CA THR W 129 -45.35 -9.27 -19.59
C THR W 129 -45.90 -7.86 -19.44
N ALA W 130 -45.46 -7.14 -18.41
CA ALA W 130 -46.04 -5.86 -18.07
C ALA W 130 -44.96 -4.95 -17.51
N PHE W 131 -45.22 -3.65 -17.57
CA PHE W 131 -44.37 -2.61 -17.01
C PHE W 131 -45.08 -2.07 -15.79
N GLY W 132 -44.87 -2.71 -14.64
CA GLY W 132 -45.56 -2.33 -13.44
C GLY W 132 -47.00 -2.82 -13.45
N ASN W 133 -47.84 -2.18 -14.27
CA ASN W 133 -49.23 -2.65 -14.37
C ASN W 133 -49.77 -2.57 -15.78
N THR W 134 -48.98 -2.21 -16.78
CA THR W 134 -49.44 -2.07 -18.15
C THR W 134 -48.92 -3.23 -18.98
N LYS W 135 -49.83 -4.00 -19.57
CA LYS W 135 -49.48 -5.16 -20.39
C LYS W 135 -48.95 -4.67 -21.73
N LEU W 136 -47.79 -5.18 -22.15
CA LEU W 136 -47.12 -4.66 -23.33
C LEU W 136 -47.26 -5.53 -24.57
N LEU W 137 -47.74 -6.76 -24.45
CA LEU W 137 -47.78 -7.67 -25.59
C LEU W 137 -49.21 -8.09 -25.94
N THR W 138 -50.21 -7.33 -25.47
CA THR W 138 -51.60 -7.69 -25.73
C THR W 138 -52.30 -6.69 -26.63
N GLY W 139 -51.55 -5.91 -27.40
CA GLY W 139 -52.11 -5.09 -28.45
C GLY W 139 -52.38 -3.65 -28.06
N THR W 140 -52.13 -3.26 -26.81
CA THR W 140 -52.34 -1.87 -26.44
C THR W 140 -51.22 -0.99 -27.02
N PHE W 141 -50.17 -1.63 -27.52
CA PHE W 141 -49.13 -0.91 -28.25
C PHE W 141 -49.16 -1.27 -29.73
N SER W 142 -50.30 -1.74 -30.23
CA SER W 142 -50.46 -2.02 -31.65
C SER W 142 -50.33 -0.77 -32.51
N ALA W 143 -50.92 0.34 -32.09
CA ALA W 143 -50.75 1.64 -32.73
C ALA W 143 -49.79 2.42 -31.85
N GLY W 144 -48.55 2.55 -32.31
CA GLY W 144 -47.45 3.05 -31.52
C GLY W 144 -47.76 4.20 -30.59
N LYS W 145 -47.34 4.07 -29.33
CA LYS W 145 -47.50 5.15 -28.37
C LYS W 145 -46.38 6.17 -28.54
N VAL W 146 -46.53 7.32 -27.89
CA VAL W 146 -45.71 8.48 -28.17
C VAL W 146 -44.96 8.91 -26.91
N PHE W 147 -43.66 9.17 -27.07
CA PHE W 147 -42.82 9.77 -26.04
C PHE W 147 -42.20 11.04 -26.61
N GLN W 148 -42.15 12.09 -25.80
CA GLN W 148 -41.60 13.38 -26.22
C GLN W 148 -40.20 13.53 -25.64
N VAL W 149 -39.21 13.71 -26.54
CA VAL W 149 -37.81 13.73 -26.14
C VAL W 149 -37.19 15.11 -26.31
N GLY W 150 -37.95 16.09 -26.79
CA GLY W 150 -37.48 17.45 -26.93
C GLY W 150 -38.21 18.37 -25.96
N HIS W 151 -37.97 19.67 -26.11
CA HIS W 151 -38.64 20.65 -25.28
C HIS W 151 -39.74 21.41 -25.99
N GLN W 152 -40.06 21.04 -27.23
CA GLN W 152 -41.12 21.68 -27.99
C GLN W 152 -42.02 20.63 -28.60
N GLU W 153 -43.19 21.08 -29.07
CA GLU W 153 -44.15 20.19 -29.69
C GLU W 153 -43.57 19.58 -30.96
N GLY W 154 -43.91 18.33 -31.22
CA GLY W 154 -43.49 17.65 -32.43
C GLY W 154 -42.20 16.88 -32.32
N GLU W 155 -41.50 16.96 -31.19
CA GLU W 155 -40.26 16.20 -30.98
C GLU W 155 -40.63 14.90 -30.27
N ASP W 156 -41.19 13.96 -31.02
CA ASP W 156 -41.72 12.74 -30.43
C ASP W 156 -41.11 11.51 -31.06
N ILE W 157 -41.10 10.42 -30.31
CA ILE W 157 -40.67 9.11 -30.77
C ILE W 157 -41.81 8.13 -30.55
N LYS W 158 -42.01 7.25 -31.54
CA LYS W 158 -43.13 6.31 -31.52
C LYS W 158 -42.60 4.89 -31.39
N VAL W 159 -43.15 4.15 -30.43
CA VAL W 159 -42.78 2.76 -30.19
C VAL W 159 -43.99 1.88 -30.44
N THR W 160 -43.87 0.94 -31.38
CA THR W 160 -44.98 0.06 -31.76
C THR W 160 -44.61 -1.38 -31.42
N VAL W 161 -45.47 -2.05 -30.66
CA VAL W 161 -45.30 -3.45 -30.31
C VAL W 161 -46.57 -4.19 -30.71
N LYS W 162 -46.47 -5.06 -31.71
CA LYS W 162 -47.64 -5.80 -32.15
C LYS W 162 -47.93 -6.94 -31.17
N ALA W 163 -49.19 -7.35 -31.14
CA ALA W 163 -49.62 -8.40 -30.23
C ALA W 163 -48.96 -9.72 -30.60
N SER W 164 -48.48 -10.44 -29.59
CA SER W 164 -47.80 -11.72 -29.80
C SER W 164 -48.25 -12.70 -28.74
N ASN W 165 -49.14 -13.60 -29.13
CA ASN W 165 -49.64 -14.67 -28.26
C ASN W 165 -50.01 -15.84 -29.16
N LYS W 166 -50.59 -16.88 -28.57
CA LYS W 166 -50.77 -18.13 -29.32
C LYS W 166 -51.81 -17.99 -30.42
N THR W 167 -52.92 -17.29 -30.18
CA THR W 167 -53.89 -17.09 -31.25
C THR W 167 -53.33 -16.16 -32.33
N SER W 168 -52.52 -15.18 -31.93
CA SER W 168 -51.94 -14.25 -32.90
C SER W 168 -50.99 -14.96 -33.85
N LEU W 169 -50.13 -15.83 -33.31
CA LEU W 169 -49.10 -16.51 -34.10
C LEU W 169 -49.64 -17.72 -34.84
N SER W 170 -50.95 -17.88 -34.92
CA SER W 170 -51.59 -18.99 -35.63
C SER W 170 -51.14 -20.34 -35.09
N VAL W 171 -51.13 -20.45 -33.77
CA VAL W 171 -50.91 -21.72 -33.10
C VAL W 171 -52.00 -21.90 -32.05
N GLY W 172 -52.21 -23.12 -31.58
CA GLY W 172 -53.27 -23.39 -30.64
C GLY W 172 -54.04 -24.62 -31.06
N ALA W 173 -54.01 -24.93 -32.35
CA ALA W 173 -54.55 -26.17 -32.90
C ALA W 173 -53.49 -26.81 -33.76
N LEU W 174 -52.66 -27.66 -33.15
CA LEU W 174 -51.58 -28.34 -33.85
C LEU W 174 -51.69 -29.83 -33.58
N ASN W 175 -52.04 -30.60 -34.61
CA ASN W 175 -52.13 -32.05 -34.50
C ASN W 175 -50.97 -32.69 -35.26
N ASN W 176 -50.72 -33.96 -34.97
CA ASN W 176 -49.65 -34.71 -35.63
C ASN W 176 -50.06 -36.14 -35.96
N ALA W 177 -51.34 -36.39 -36.24
CA ALA W 177 -51.80 -37.74 -36.51
C ALA W 177 -51.58 -38.13 -37.97
N THR W 178 -52.21 -37.42 -38.89
CA THR W 178 -52.15 -37.77 -40.30
C THR W 178 -50.90 -37.20 -40.98
N SER W 179 -50.66 -37.60 -42.23
CA SER W 179 -49.53 -37.05 -42.98
C SER W 179 -49.72 -35.56 -43.22
N ALA W 180 -50.93 -35.16 -43.61
CA ALA W 180 -51.18 -33.75 -43.91
C ALA W 180 -51.11 -32.89 -42.65
N ASN W 181 -51.45 -33.47 -41.50
CA ASN W 181 -51.47 -32.70 -40.26
C ASN W 181 -50.07 -32.21 -39.89
N ARG W 182 -49.07 -33.07 -40.01
CA ARG W 182 -47.72 -32.66 -39.65
C ARG W 182 -47.14 -31.66 -40.63
N ALA W 183 -47.44 -31.80 -41.93
CA ALA W 183 -46.92 -30.86 -42.91
C ALA W 183 -47.47 -29.45 -42.68
N SER W 184 -48.75 -29.35 -42.35
CA SER W 184 -49.33 -28.04 -42.09
C SER W 184 -48.78 -27.42 -40.81
N SER W 185 -48.54 -28.25 -39.79
CA SER W 185 -48.03 -27.75 -38.53
C SER W 185 -46.63 -27.17 -38.67
N LEU W 186 -45.78 -27.82 -39.48
CA LEU W 186 -44.41 -27.37 -39.63
C LEU W 186 -44.33 -25.99 -40.27
N ALA W 187 -45.17 -25.71 -41.26
CA ALA W 187 -45.13 -24.41 -41.93
C ALA W 187 -45.51 -23.29 -40.99
N LYS W 188 -46.52 -23.50 -40.13
CA LYS W 188 -46.98 -22.43 -39.26
C LYS W 188 -45.94 -22.07 -38.20
N ILE W 189 -45.21 -23.07 -37.70
CA ILE W 189 -44.16 -22.77 -36.72
C ILE W 189 -43.05 -21.96 -37.37
N ASP W 190 -42.65 -22.32 -38.60
CA ASP W 190 -41.63 -21.56 -39.31
C ASP W 190 -42.07 -20.13 -39.53
N ALA W 191 -43.32 -19.93 -39.93
CA ALA W 191 -43.83 -18.57 -40.09
C ALA W 191 -43.89 -17.83 -38.77
N ALA W 192 -44.09 -18.56 -37.66
CA ALA W 192 -44.11 -17.92 -36.35
C ALA W 192 -42.75 -17.33 -35.98
N ILE W 193 -41.68 -18.07 -36.24
CA ILE W 193 -40.35 -17.57 -35.91
C ILE W 193 -40.02 -16.33 -36.72
N LYS W 194 -40.42 -16.31 -37.99
CA LYS W 194 -40.16 -15.14 -38.83
C LYS W 194 -40.85 -13.89 -38.28
N THR W 195 -42.10 -14.04 -37.84
CA THR W 195 -42.84 -12.88 -37.35
C THR W 195 -42.19 -12.31 -36.10
N ILE W 196 -41.78 -13.17 -35.17
CA ILE W 196 -41.10 -12.68 -33.96
C ILE W 196 -39.77 -12.04 -34.31
N ASP W 197 -39.05 -12.62 -35.27
CA ASP W 197 -37.75 -12.09 -35.65
C ASP W 197 -37.86 -10.66 -36.18
N SER W 198 -38.85 -10.41 -37.02
CA SER W 198 -39.05 -9.06 -37.55
C SER W 198 -39.43 -8.08 -36.43
N GLN W 199 -40.20 -8.55 -35.46
CA GLN W 199 -40.60 -7.69 -34.34
C GLN W 199 -39.40 -7.28 -33.51
N ARG W 200 -38.48 -8.22 -33.26
CA ARG W 200 -37.30 -7.90 -32.46
C ARG W 200 -36.42 -6.89 -33.17
N ALA W 201 -36.28 -7.01 -34.49
CA ALA W 201 -35.48 -6.06 -35.25
C ALA W 201 -36.06 -4.67 -35.18
N ASP W 202 -37.39 -4.56 -35.24
CA ASP W 202 -38.02 -3.25 -35.14
C ASP W 202 -37.79 -2.60 -33.78
N LEU W 203 -37.85 -3.38 -32.70
CA LEU W 203 -37.61 -2.82 -31.38
C LEU W 203 -36.14 -2.47 -31.17
N GLY W 204 -35.23 -3.25 -31.73
CA GLY W 204 -33.82 -2.93 -31.61
C GLY W 204 -33.44 -1.63 -32.30
N ALA W 205 -34.05 -1.37 -33.46
CA ALA W 205 -33.74 -0.14 -34.19
C ALA W 205 -34.15 1.10 -33.40
N VAL W 206 -35.29 1.03 -32.72
CA VAL W 206 -35.77 2.19 -31.96
C VAL W 206 -34.82 2.51 -30.81
N GLN W 207 -34.36 1.49 -30.10
CA GLN W 207 -33.48 1.75 -28.96
C GLN W 207 -32.06 2.11 -29.40
N ASN W 208 -31.63 1.63 -30.57
CA ASN W 208 -30.45 2.23 -31.19
C ASN W 208 -30.71 3.69 -31.55
N ARG W 209 -31.91 3.97 -32.04
CA ARG W 209 -32.28 5.35 -32.35
C ARG W 209 -32.33 6.20 -31.10
N LEU W 210 -32.92 5.70 -30.01
CA LEU W 210 -33.05 6.51 -28.80
C LEU W 210 -31.71 6.79 -28.13
N ALA W 211 -30.74 5.88 -28.26
CA ALA W 211 -29.45 6.11 -27.63
C ALA W 211 -28.75 7.33 -28.20
N HIS W 212 -28.92 7.59 -29.50
CA HIS W 212 -28.28 8.73 -30.13
C HIS W 212 -28.92 10.05 -29.73
N ASN W 213 -30.21 10.05 -29.42
CA ASN W 213 -30.86 11.26 -28.92
C ASN W 213 -30.28 11.69 -27.58
N ILE W 214 -30.05 10.73 -26.69
CA ILE W 214 -29.55 11.06 -25.35
C ILE W 214 -28.17 11.69 -25.44
N SER W 215 -27.29 11.11 -26.26
CA SER W 215 -25.95 11.66 -26.41
C SER W 215 -26.00 13.06 -27.01
N ASN W 216 -26.85 13.26 -28.02
CA ASN W 216 -27.00 14.60 -28.59
C ASN W 216 -27.58 15.58 -27.58
N SER W 217 -28.58 15.16 -26.81
CA SER W 217 -29.18 16.04 -25.83
C SER W 217 -28.21 16.39 -24.71
N ALA W 218 -27.36 15.44 -24.30
CA ALA W 218 -26.36 15.73 -23.29
C ALA W 218 -25.36 16.77 -23.77
N ASN W 219 -24.94 16.67 -25.05
CA ASN W 219 -24.02 17.65 -25.59
C ASN W 219 -24.65 19.04 -25.66
N THR W 220 -25.86 19.12 -26.22
CA THR W 220 -26.48 20.43 -26.40
C THR W 220 -26.81 21.08 -25.08
N GLN W 221 -27.07 20.30 -24.03
CA GLN W 221 -27.34 20.87 -22.72
C GLN W 221 -26.14 21.64 -22.19
N ALA W 222 -24.94 21.09 -22.37
CA ALA W 222 -23.74 21.74 -21.86
C ALA W 222 -23.49 23.07 -22.56
N ASN W 223 -23.65 23.09 -23.89
CA ASN W 223 -23.40 24.32 -24.64
C ASN W 223 -24.41 25.41 -24.31
N VAL W 224 -25.68 25.07 -24.09
CA VAL W 224 -26.66 26.07 -23.69
C VAL W 224 -26.33 26.61 -22.31
N ALA W 225 -25.82 25.77 -21.41
CA ALA W 225 -25.39 26.25 -20.10
C ALA W 225 -24.26 27.26 -20.23
N ASP W 226 -23.35 27.05 -21.17
CA ASP W 226 -22.33 28.05 -21.47
C ASP W 226 -22.96 29.38 -21.87
N ALA W 227 -23.90 29.34 -22.82
CA ALA W 227 -24.50 30.57 -23.32
C ALA W 227 -25.26 31.30 -22.23
N LYS W 228 -25.97 30.55 -21.38
CA LYS W 228 -26.79 31.16 -20.35
C LYS W 228 -25.97 31.80 -19.24
N SER W 229 -24.79 31.25 -18.93
CA SER W 229 -24.00 31.81 -17.84
C SER W 229 -23.32 33.12 -18.24
N ARG W 230 -22.95 33.28 -19.51
CA ARG W 230 -22.29 34.51 -19.93
C ARG W 230 -23.21 35.71 -19.79
N ILE W 231 -24.52 35.48 -19.74
CA ILE W 231 -25.48 36.57 -19.72
C ILE W 231 -25.87 36.96 -18.30
N VAL W 232 -26.13 35.99 -17.43
CA VAL W 232 -26.73 36.27 -16.13
C VAL W 232 -25.75 36.15 -14.96
N ASP W 233 -24.57 35.56 -15.17
CA ASP W 233 -23.67 35.26 -14.08
C ASP W 233 -22.59 36.33 -13.95
N VAL W 234 -22.16 36.56 -12.71
CA VAL W 234 -21.15 37.58 -12.43
C VAL W 234 -19.76 36.98 -12.61
N ASP W 235 -18.80 37.84 -12.93
CA ASP W 235 -17.39 37.49 -12.91
C ASP W 235 -16.79 38.08 -11.64
N PHE W 236 -16.33 37.22 -10.74
CA PHE W 236 -15.86 37.70 -9.44
C PHE W 236 -14.65 38.61 -9.58
N ALA W 237 -13.81 38.38 -10.60
CA ALA W 237 -12.68 39.26 -10.84
C ALA W 237 -13.17 40.67 -11.12
N LYS W 238 -14.20 40.79 -11.95
CA LYS W 238 -14.79 42.09 -12.22
C LYS W 238 -15.47 42.66 -10.97
N GLU W 239 -16.21 41.82 -10.25
CA GLU W 239 -17.03 42.32 -9.15
C GLU W 239 -16.19 42.67 -7.92
N THR W 240 -15.17 41.86 -7.61
CA THR W 240 -14.36 42.12 -6.43
C THR W 240 -13.61 43.44 -6.56
N SER W 241 -13.08 43.72 -7.75
CA SER W 241 -12.40 44.99 -7.95
C SER W 241 -13.33 46.17 -7.74
N ALA W 242 -14.57 46.07 -8.24
CA ALA W 242 -15.52 47.16 -8.07
C ALA W 242 -15.89 47.35 -6.61
N MET W 243 -16.06 46.25 -5.87
CA MET W 243 -16.42 46.34 -4.46
C MET W 243 -15.34 47.03 -3.65
N THR W 244 -14.08 46.62 -3.83
CA THR W 244 -12.98 47.33 -3.20
C THR W 244 -12.84 48.74 -3.75
N LYS W 245 -13.29 48.94 -4.99
CA LYS W 245 -13.14 50.24 -5.63
C LYS W 245 -13.97 51.30 -4.90
N TYR W 246 -15.19 50.93 -4.52
CA TYR W 246 -16.13 51.83 -3.86
C TYR W 246 -15.88 51.96 -2.36
N GLN W 247 -15.25 50.98 -1.73
CA GLN W 247 -14.94 51.09 -0.31
C GLN W 247 -14.03 52.27 -0.04
N VAL W 248 -13.02 52.46 -0.88
CA VAL W 248 -12.11 53.59 -0.74
C VAL W 248 -12.86 54.90 -0.94
N LEU W 249 -13.74 54.95 -1.94
CA LEU W 249 -14.48 56.17 -2.22
C LEU W 249 -15.41 56.54 -1.07
N GLN W 250 -15.91 55.55 -0.33
CA GLN W 250 -16.77 55.84 0.81
C GLN W 250 -16.02 56.55 1.92
N GLN W 251 -14.84 56.02 2.28
CA GLN W 251 -14.05 56.66 3.32
C GLN W 251 -13.53 58.02 2.87
N THR W 252 -13.21 58.16 1.59
CA THR W 252 -12.84 59.47 1.07
C THR W 252 -14.02 60.43 1.15
N GLY W 253 -15.22 59.98 0.79
CA GLY W 253 -16.38 60.83 0.85
C GLY W 253 -16.75 61.26 2.25
N SER W 254 -16.60 60.36 3.23
CA SER W 254 -16.93 60.69 4.60
C SER W 254 -15.99 61.73 5.19
N ALA W 255 -14.70 61.62 4.93
CA ALA W 255 -13.75 62.61 5.42
C ALA W 255 -13.97 63.97 4.77
N MET W 256 -14.27 64.00 3.48
CA MET W 256 -14.52 65.27 2.80
C MET W 256 -15.80 65.93 3.33
N LEU W 257 -16.84 65.14 3.55
CA LEU W 257 -18.10 65.71 4.03
C LEU W 257 -17.97 66.24 5.45
N ALA W 258 -17.30 65.49 6.33
CA ALA W 258 -17.14 65.95 7.70
C ALA W 258 -16.33 67.24 7.76
N GLN W 259 -15.28 67.34 6.93
CA GLN W 259 -14.44 68.52 6.95
C GLN W 259 -15.12 69.70 6.26
N ALA W 260 -15.97 69.42 5.27
CA ALA W 260 -16.68 70.51 4.59
C ALA W 260 -17.79 71.08 5.46
N ASN W 261 -18.25 70.32 6.47
CA ASN W 261 -19.31 70.80 7.34
C ASN W 261 -18.85 71.92 8.25
N GLN W 262 -17.58 71.97 8.61
CA GLN W 262 -17.06 73.00 9.50
C GLN W 262 -16.41 74.16 8.75
N LEU W 263 -16.72 74.32 7.47
CA LEU W 263 -16.36 75.52 6.72
C LEU W 263 -16.96 76.79 7.31
N PRO W 264 -18.25 76.83 7.66
CA PRO W 264 -18.84 78.11 8.14
C PRO W 264 -18.29 78.60 9.46
N GLN W 265 -17.45 77.83 10.15
CA GLN W 265 -16.88 78.31 11.41
C GLN W 265 -15.88 79.44 11.21
N VAL W 266 -15.49 79.73 9.97
CA VAL W 266 -14.64 80.90 9.70
C VAL W 266 -15.35 82.17 10.12
N ALA W 267 -16.68 82.21 9.98
CA ALA W 267 -17.45 83.40 10.33
C ALA W 267 -17.32 83.78 11.80
N LEU W 268 -17.04 82.81 12.68
CA LEU W 268 -16.82 83.11 14.08
C LEU W 268 -15.50 83.79 14.36
N SER W 269 -14.52 83.67 13.46
CA SER W 269 -13.24 84.33 13.68
C SER W 269 -13.36 85.85 13.53
N LEU W 270 -14.25 86.32 12.65
CA LEU W 270 -14.38 87.75 12.40
C LEU W 270 -15.37 88.37 13.39
N LEU W 271 -15.08 88.16 14.67
CA LEU W 271 -15.80 88.80 15.76
C LEU W 271 -17.30 88.49 15.66
N GLY W 272 -17.66 87.23 15.88
CA GLY W 272 -19.06 86.84 15.91
C GLY W 272 -19.83 87.08 14.63
N ALA X 1 -21.41 137.01 16.28
CA ALA X 1 -21.99 135.70 16.05
C ALA X 1 -21.94 134.85 17.31
N ILE X 2 -22.24 135.47 18.46
CA ILE X 2 -22.27 134.76 19.73
C ILE X 2 -23.69 134.76 20.26
N THR X 3 -24.41 133.67 20.05
CA THR X 3 -25.82 133.60 20.42
C THR X 3 -26.02 132.58 21.54
N VAL X 4 -27.11 132.76 22.28
CA VAL X 4 -27.46 131.88 23.38
C VAL X 4 -28.87 131.36 23.24
N ASN X 5 -29.45 131.50 22.04
CA ASN X 5 -30.80 131.01 21.80
C ASN X 5 -30.85 129.84 20.82
N THR X 6 -29.94 129.77 19.86
CA THR X 6 -29.88 128.64 18.92
C THR X 6 -28.46 128.13 18.80
N ASN X 7 -28.30 126.81 18.78
CA ASN X 7 -27.02 126.15 18.62
C ASN X 7 -27.10 125.29 17.37
N VAL X 8 -26.81 125.88 16.21
CA VAL X 8 -26.88 125.15 14.95
C VAL X 8 -25.77 124.12 14.88
N THR X 9 -24.65 124.36 15.55
CA THR X 9 -23.60 123.35 15.62
C THR X 9 -24.12 122.07 16.25
N SER X 10 -24.94 122.21 17.30
CA SER X 10 -25.56 121.03 17.91
C SER X 10 -26.53 120.36 16.96
N MET X 11 -27.31 121.16 16.21
CA MET X 11 -28.29 120.59 15.31
C MET X 11 -27.62 119.72 14.24
N LYS X 12 -26.53 120.21 13.66
CA LYS X 12 -25.81 119.40 12.67
C LYS X 12 -25.17 118.19 13.33
N ALA X 13 -24.62 118.37 14.54
CA ALA X 13 -24.00 117.25 15.24
C ALA X 13 -25.01 116.16 15.58
N GLN X 14 -26.23 116.55 15.97
CA GLN X 14 -27.25 115.57 16.32
C GLN X 14 -27.60 114.69 15.13
N LYS X 15 -27.73 115.28 13.94
CA LYS X 15 -28.11 114.52 12.76
C LYS X 15 -27.07 113.47 12.42
N ASN X 16 -25.79 113.82 12.54
CA ASN X 16 -24.73 112.86 12.21
C ASN X 16 -24.74 111.68 13.16
N LEU X 17 -25.00 111.94 14.44
CA LEU X 17 -25.06 110.84 15.41
C LEU X 17 -26.23 109.90 15.12
N ASN X 18 -27.37 110.46 14.70
CA ASN X 18 -28.53 109.63 14.38
C ASN X 18 -28.23 108.71 13.20
N THR X 19 -27.56 109.24 12.18
CA THR X 19 -27.22 108.41 11.01
C THR X 19 -26.27 107.28 11.38
N SER X 20 -25.26 107.56 12.20
CA SER X 20 -24.32 106.53 12.60
C SER X 20 -24.95 105.48 13.50
N ASN X 21 -25.91 105.87 14.35
CA ASN X 21 -26.61 104.93 15.19
C ASN X 21 -27.54 104.01 14.39
N SER X 22 -28.21 104.56 13.39
CA SER X 22 -29.11 103.75 12.57
C SER X 22 -28.34 102.74 11.73
N GLY X 23 -27.17 103.11 11.23
CA GLY X 23 -26.35 102.19 10.47
C GLY X 23 -25.82 101.06 11.31
N LEU X 24 -25.47 101.35 12.57
CA LEU X 24 -25.01 100.31 13.47
C LEU X 24 -26.13 99.32 13.77
N SER X 25 -27.36 99.82 13.96
CA SER X 25 -28.48 98.96 14.28
C SER X 25 -28.78 97.99 13.14
N THR X 26 -28.82 98.50 11.91
CA THR X 26 -29.20 97.66 10.78
C THR X 26 -28.13 96.60 10.49
N SER X 27 -26.87 96.86 10.84
CA SER X 27 -25.83 95.86 10.64
C SER X 27 -25.95 94.71 11.61
N MET X 28 -26.39 94.98 12.84
CA MET X 28 -26.49 93.91 13.85
C MET X 28 -27.58 92.91 13.48
N GLU X 29 -28.74 93.39 13.00
CA GLU X 29 -29.82 92.47 12.68
C GLU X 29 -29.51 91.63 11.45
N ARG X 30 -28.79 92.19 10.48
CA ARG X 30 -28.31 91.37 9.36
C ARG X 30 -27.34 90.30 9.83
N LEU X 31 -26.47 90.62 10.79
CA LEU X 31 -25.55 89.64 11.33
C LEU X 31 -26.24 88.63 12.25
N SER X 32 -27.28 89.05 12.97
CA SER X 32 -27.93 88.14 13.91
C SER X 32 -28.78 87.08 13.23
N SER X 33 -29.25 87.35 12.01
CA SER X 33 -30.06 86.40 11.26
C SER X 33 -29.26 85.74 10.14
N GLY X 34 -28.58 86.53 9.32
CA GLY X 34 -27.79 86.00 8.24
C GLY X 34 -28.40 86.25 6.88
N LEU X 35 -29.31 87.22 6.82
CA LEU X 35 -29.99 87.55 5.57
C LEU X 35 -29.81 89.03 5.26
N ARG X 36 -29.41 89.32 4.02
CA ARG X 36 -29.31 90.69 3.58
C ARG X 36 -30.68 91.34 3.40
N ILE X 37 -31.61 90.64 2.75
CA ILE X 37 -32.95 91.15 2.55
C ILE X 37 -33.85 90.71 3.70
N ASN X 38 -33.79 91.45 4.81
CA ASN X 38 -34.66 91.16 5.95
C ASN X 38 -36.06 91.67 5.65
N SER X 39 -36.18 92.94 5.28
CA SER X 39 -37.45 93.55 4.94
C SER X 39 -37.42 94.06 3.50
N ALA X 40 -38.51 94.72 3.11
CA ALA X 40 -38.61 95.32 1.79
C ALA X 40 -37.86 96.64 1.68
N LYS X 41 -37.15 97.06 2.73
CA LYS X 41 -36.28 98.22 2.60
C LYS X 41 -35.28 98.00 1.48
N ASP X 42 -34.70 96.80 1.43
CA ASP X 42 -33.62 96.43 0.52
C ASP X 42 -34.17 96.08 -0.84
N ASP X 43 -33.38 95.34 -1.64
CA ASP X 43 -33.73 95.06 -3.03
C ASP X 43 -35.17 94.60 -3.15
N ALA X 44 -35.98 95.43 -3.82
CA ALA X 44 -37.38 95.07 -4.04
C ALA X 44 -37.48 93.91 -5.02
N ALA X 45 -36.64 93.90 -6.05
CA ALA X 45 -36.63 92.82 -7.02
C ALA X 45 -35.98 91.56 -6.46
N GLY X 46 -35.06 91.70 -5.51
CA GLY X 46 -34.38 90.53 -4.98
C GLY X 46 -35.31 89.58 -4.26
N LEU X 47 -36.21 90.12 -3.44
CA LEU X 47 -37.11 89.28 -2.66
C LEU X 47 -38.11 88.57 -3.58
N ALA X 48 -38.55 89.25 -4.64
CA ALA X 48 -39.46 88.62 -5.59
C ALA X 48 -38.78 87.45 -6.30
N ILE X 49 -37.55 87.63 -6.74
CA ILE X 49 -36.81 86.56 -7.40
C ILE X 49 -36.57 85.41 -6.42
N SER X 50 -36.20 85.74 -5.18
CA SER X 50 -35.89 84.71 -4.20
C SER X 50 -37.10 83.84 -3.90
N ASN X 51 -38.30 84.42 -3.94
CA ASN X 51 -39.50 83.66 -3.65
C ASN X 51 -39.71 82.55 -4.68
N ARG X 52 -39.50 82.85 -5.96
CA ARG X 52 -39.60 81.82 -6.97
C ARG X 52 -38.47 80.80 -6.88
N LEU X 53 -37.26 81.24 -6.56
CA LEU X 53 -36.18 80.30 -6.33
C LEU X 53 -36.45 79.43 -5.11
N ASN X 54 -37.05 80.00 -4.06
CA ASN X 54 -37.42 79.20 -2.91
C ASN X 54 -38.46 78.14 -3.28
N SER X 55 -39.41 78.49 -4.16
CA SER X 55 -40.39 77.52 -4.61
C SER X 55 -39.74 76.38 -5.37
N GLN X 56 -38.74 76.67 -6.21
CA GLN X 56 -38.06 75.63 -6.97
C GLN X 56 -37.30 74.69 -6.04
N VAL X 57 -36.60 75.25 -5.05
CA VAL X 57 -35.81 74.41 -4.15
C VAL X 57 -36.71 73.48 -3.34
N ARG X 58 -37.75 74.04 -2.73
CA ARG X 58 -38.68 73.22 -1.96
C ARG X 58 -39.53 72.36 -2.88
N GLY X 59 -39.86 72.87 -4.07
CA GLY X 59 -40.64 72.08 -5.01
C GLY X 59 -39.91 70.83 -5.46
N LEU X 60 -38.61 70.94 -5.74
CA LEU X 60 -37.83 69.77 -6.12
C LEU X 60 -37.74 68.77 -4.98
N GLU X 61 -37.58 69.24 -3.74
CA GLU X 61 -37.40 68.33 -2.62
C GLU X 61 -38.62 67.43 -2.44
N VAL X 62 -39.82 67.99 -2.58
CA VAL X 62 -41.02 67.16 -2.55
C VAL X 62 -41.08 66.28 -3.79
N GLY X 63 -40.62 66.80 -4.93
CA GLY X 63 -40.61 65.99 -6.14
C GLY X 63 -39.66 64.80 -6.05
N MET X 64 -38.55 64.96 -5.34
CA MET X 64 -37.64 63.85 -5.13
C MET X 64 -38.32 62.70 -4.39
N ARG X 65 -38.99 63.02 -3.28
CA ARG X 65 -39.71 61.99 -2.54
C ARG X 65 -40.86 61.41 -3.35
N ASN X 66 -41.42 62.21 -4.25
CA ASN X 66 -42.49 61.71 -5.11
C ASN X 66 -42.02 60.59 -6.01
N ALA X 67 -40.80 60.69 -6.54
CA ALA X 67 -40.24 59.67 -7.41
C ALA X 67 -39.68 58.47 -6.67
N ASN X 68 -39.14 58.67 -5.46
CA ASN X 68 -38.73 57.53 -4.66
C ASN X 68 -39.90 56.61 -4.33
N ASP X 69 -41.10 57.15 -4.19
CA ASP X 69 -42.30 56.36 -4.01
C ASP X 69 -42.62 55.52 -5.25
N ALA X 70 -42.47 56.10 -6.45
CA ALA X 70 -42.75 55.35 -7.67
C ALA X 70 -41.77 54.20 -7.85
N ILE X 71 -40.52 54.38 -7.44
CA ILE X 71 -39.51 53.34 -7.55
C ILE X 71 -39.92 52.14 -6.70
N SER X 72 -40.39 52.40 -5.49
CA SER X 72 -40.78 51.32 -4.60
C SER X 72 -41.96 50.52 -5.15
N ILE X 73 -42.95 51.20 -5.73
CA ILE X 73 -44.08 50.48 -6.32
C ILE X 73 -43.62 49.57 -7.44
N ALA X 74 -42.79 50.07 -8.34
CA ALA X 74 -42.27 49.24 -9.42
C ALA X 74 -41.39 48.12 -8.90
N GLN X 75 -40.73 48.34 -7.77
CA GLN X 75 -39.87 47.32 -7.19
C GLN X 75 -40.68 46.13 -6.68
N ILE X 76 -41.82 46.40 -6.03
CA ILE X 76 -42.62 45.32 -5.47
C ILE X 76 -43.28 44.50 -6.55
N ALA X 77 -43.84 45.16 -7.57
CA ALA X 77 -44.51 44.44 -8.64
C ALA X 77 -43.55 43.55 -9.40
N GLU X 78 -42.33 44.04 -9.64
CA GLU X 78 -41.32 43.23 -10.32
C GLU X 78 -40.97 41.99 -9.51
N GLY X 79 -40.84 42.15 -8.20
CA GLY X 79 -40.49 41.02 -7.36
C GLY X 79 -41.52 39.91 -7.40
N ALA X 80 -42.80 40.27 -7.40
CA ALA X 80 -43.85 39.27 -7.41
C ALA X 80 -43.91 38.51 -8.74
N MET X 81 -43.65 39.18 -9.86
CA MET X 81 -43.71 38.51 -11.15
C MET X 81 -42.60 37.48 -11.31
N GLN X 82 -41.49 37.64 -10.58
CA GLN X 82 -40.43 36.65 -10.64
C GLN X 82 -40.90 35.30 -10.13
N GLU X 83 -41.67 35.30 -9.04
CA GLU X 83 -42.14 34.03 -8.49
C GLU X 83 -43.18 33.38 -9.38
N GLN X 84 -43.99 34.18 -10.08
CA GLN X 84 -44.92 33.61 -11.04
C GLN X 84 -44.20 32.94 -12.20
N THR X 85 -43.04 33.49 -12.59
CA THR X 85 -42.27 32.89 -13.67
C THR X 85 -41.72 31.52 -13.28
N ASN X 86 -41.21 31.37 -12.05
CA ASN X 86 -40.66 30.09 -11.64
C ASN X 86 -41.72 29.00 -11.58
N MET X 87 -42.90 29.29 -11.06
CA MET X 87 -43.97 28.28 -11.03
C MET X 87 -44.47 27.92 -12.42
N LEU X 88 -44.48 28.88 -13.35
CA LEU X 88 -44.87 28.56 -14.72
C LEU X 88 -43.87 27.63 -15.37
N GLN X 89 -42.59 27.76 -15.04
CA GLN X 89 -41.59 26.84 -15.59
C GLN X 89 -41.81 25.43 -15.10
N ARG X 90 -42.19 25.26 -13.83
CA ARG X 90 -42.49 23.94 -13.31
C ARG X 90 -43.69 23.31 -13.99
N MET X 91 -44.69 24.12 -14.38
CA MET X 91 -45.81 23.58 -15.13
C MET X 91 -45.39 23.07 -16.50
N ARG X 92 -44.40 23.70 -17.12
CA ARG X 92 -43.89 23.19 -18.40
C ARG X 92 -43.28 21.81 -18.25
N ASP X 93 -42.51 21.58 -17.19
CA ASP X 93 -41.91 20.27 -16.99
C ASP X 93 -42.97 19.19 -16.76
N LEU X 94 -44.01 19.50 -16.00
CA LEU X 94 -45.07 18.53 -15.75
C LEU X 94 -45.81 18.16 -17.04
N THR X 95 -46.08 19.14 -17.90
CA THR X 95 -46.67 18.84 -19.20
C THR X 95 -45.77 17.98 -20.07
N ILE X 96 -44.47 18.24 -20.08
CA ILE X 96 -43.55 17.36 -20.78
C ILE X 96 -43.50 15.99 -20.11
N GLN X 97 -43.47 15.95 -18.78
CA GLN X 97 -43.46 14.68 -18.06
C GLN X 97 -44.76 13.90 -18.25
N SER X 98 -45.87 14.58 -18.49
CA SER X 98 -47.15 13.93 -18.63
C SER X 98 -47.38 13.31 -20.00
N GLU X 99 -46.33 13.16 -20.80
CA GLU X 99 -46.48 12.71 -22.18
C GLU X 99 -45.86 11.32 -22.35
N ASN X 100 -45.46 10.68 -21.26
CA ASN X 100 -44.96 9.31 -21.34
C ASN X 100 -46.05 8.36 -21.84
N GLY X 101 -45.62 7.34 -22.58
CA GLY X 101 -46.53 6.28 -22.98
C GLY X 101 -46.58 5.15 -21.98
N ALA X 102 -45.76 5.25 -20.94
CA ALA X 102 -45.76 4.24 -19.88
C ALA X 102 -46.60 4.67 -18.68
N ASN X 103 -47.22 5.84 -18.73
CA ASN X 103 -48.07 6.30 -17.66
C ASN X 103 -49.40 5.53 -17.73
N SER X 104 -50.33 5.89 -16.85
CA SER X 104 -51.66 5.30 -16.87
C SER X 104 -52.67 6.39 -16.56
N THR X 105 -53.95 6.02 -16.60
CA THR X 105 -55.00 6.98 -16.33
C THR X 105 -54.89 7.54 -14.91
N ALA X 106 -54.57 6.67 -13.94
CA ALA X 106 -54.37 7.13 -12.58
C ALA X 106 -53.13 8.00 -12.42
N ASP X 107 -52.10 7.76 -13.22
CA ASP X 107 -50.88 8.55 -13.13
C ASP X 107 -51.10 9.97 -13.62
N LEU X 108 -51.87 10.14 -14.68
CA LEU X 108 -52.12 11.46 -15.21
C LEU X 108 -52.92 12.31 -14.24
N VAL X 109 -53.80 11.70 -13.46
CA VAL X 109 -54.58 12.44 -12.47
C VAL X 109 -53.68 13.03 -11.39
N SER X 110 -52.69 12.27 -10.91
CA SER X 110 -51.78 12.79 -9.90
C SER X 110 -50.99 13.99 -10.39
N ILE X 111 -50.55 13.97 -11.65
CA ILE X 111 -49.82 15.11 -12.19
C ILE X 111 -50.72 16.34 -12.27
N LYS X 112 -51.99 16.13 -12.66
CA LYS X 112 -52.90 17.26 -12.73
C LYS X 112 -53.18 17.86 -11.36
N ALA X 113 -53.26 17.02 -10.32
CA ALA X 113 -53.47 17.51 -8.96
C ALA X 113 -52.34 18.41 -8.49
N GLU X 114 -51.15 18.31 -9.09
CA GLU X 114 -50.04 19.21 -8.82
C GLU X 114 -50.14 20.48 -9.64
N MET X 115 -50.39 20.36 -10.94
CA MET X 115 -50.59 21.54 -11.78
C MET X 115 -51.72 22.41 -11.26
N ASP X 116 -52.76 21.78 -10.73
CA ASP X 116 -53.94 22.52 -10.30
C ASP X 116 -53.62 23.45 -9.13
N GLN X 117 -52.81 22.99 -8.17
CA GLN X 117 -52.46 23.85 -7.04
C GLN X 117 -51.46 24.93 -7.39
N LEU X 118 -50.56 24.70 -8.34
CA LEU X 118 -49.66 25.75 -8.77
C LEU X 118 -50.39 26.91 -9.41
N ALA X 119 -51.44 26.64 -10.20
CA ALA X 119 -52.24 27.70 -10.78
C ALA X 119 -53.02 28.49 -9.73
N THR X 120 -53.35 27.86 -8.61
CA THR X 120 -54.04 28.57 -7.54
C THR X 120 -53.16 29.66 -6.92
N GLU X 121 -51.86 29.40 -6.76
CA GLU X 121 -50.98 30.44 -6.22
C GLU X 121 -50.73 31.59 -7.18
N ILE X 122 -50.69 31.31 -8.49
CA ILE X 122 -50.58 32.41 -9.44
C ILE X 122 -51.75 33.36 -9.26
N ASP X 123 -52.94 32.81 -9.00
CA ASP X 123 -54.06 33.63 -8.55
C ASP X 123 -53.78 34.29 -7.21
N SER X 124 -53.18 33.56 -6.27
CA SER X 124 -53.04 34.08 -4.92
C SER X 124 -52.03 35.22 -4.86
N ILE X 125 -50.91 35.13 -5.58
CA ILE X 125 -49.97 36.25 -5.61
C ILE X 125 -50.59 37.47 -6.27
N GLY X 126 -51.33 37.25 -7.36
CA GLY X 126 -51.96 38.35 -8.08
C GLY X 126 -52.92 39.15 -7.23
N ASN X 127 -53.64 38.47 -6.34
CA ASN X 127 -54.63 39.14 -5.50
C ASN X 127 -54.06 39.61 -4.17
N SER X 128 -52.78 39.39 -3.91
CA SER X 128 -52.22 39.71 -2.60
C SER X 128 -51.21 40.86 -2.66
N THR X 129 -50.38 40.89 -3.71
CA THR X 129 -49.31 41.88 -3.81
C THR X 129 -49.85 43.28 -3.67
N ALA X 130 -49.43 43.99 -2.63
CA ALA X 130 -50.01 45.28 -2.31
C ALA X 130 -48.94 46.18 -1.72
N PHE X 131 -49.18 47.48 -1.80
CA PHE X 131 -48.32 48.51 -1.21
C PHE X 131 -49.06 49.07 0.01
N GLY X 132 -48.87 48.41 1.14
CA GLY X 132 -49.59 48.80 2.33
C GLY X 132 -51.03 48.33 2.30
N ASN X 133 -51.85 48.98 1.46
CA ASN X 133 -53.25 48.52 1.34
C ASN X 133 -53.75 48.61 -0.09
N THR X 134 -52.93 48.96 -1.07
CA THR X 134 -53.38 49.11 -2.46
C THR X 134 -52.85 47.94 -3.27
N LYS X 135 -53.75 47.17 -3.87
CA LYS X 135 -53.39 46.01 -4.69
C LYS X 135 -52.83 46.51 -6.01
N LEU X 136 -51.67 45.98 -6.41
CA LEU X 136 -50.96 46.50 -7.58
C LEU X 136 -51.09 45.63 -8.82
N LEU X 137 -51.58 44.41 -8.72
CA LEU X 137 -51.62 43.50 -9.86
C LEU X 137 -53.04 43.10 -10.24
N THR X 138 -54.04 43.86 -9.79
CA THR X 138 -55.43 43.51 -10.07
C THR X 138 -56.10 44.52 -11.00
N GLY X 139 -55.33 45.29 -11.75
CA GLY X 139 -55.85 46.13 -12.80
C GLY X 139 -56.12 47.57 -12.41
N THR X 140 -55.90 47.95 -11.17
CA THR X 140 -56.09 49.34 -10.79
C THR X 140 -54.96 50.20 -11.35
N PHE X 141 -53.90 49.57 -11.83
CA PHE X 141 -52.84 50.28 -12.55
C PHE X 141 -52.85 49.91 -14.02
N SER X 142 -53.98 49.45 -14.54
CA SER X 142 -54.11 49.18 -15.96
C SER X 142 -53.96 50.42 -16.83
N ALA X 143 -54.55 51.54 -16.42
CA ALA X 143 -54.36 52.84 -17.06
C ALA X 143 -53.40 53.61 -16.15
N GLY X 144 -52.15 53.73 -16.59
CA GLY X 144 -51.07 54.22 -15.76
C GLY X 144 -51.37 55.38 -14.84
N LYS X 145 -51.00 55.24 -13.58
CA LYS X 145 -51.16 56.32 -12.62
C LYS X 145 -50.03 57.33 -12.77
N VAL X 146 -50.18 58.48 -12.12
CA VAL X 146 -49.34 59.64 -12.38
C VAL X 146 -48.61 60.05 -11.11
N PHE X 147 -47.31 60.30 -11.24
CA PHE X 147 -46.49 60.89 -10.20
C PHE X 147 -45.84 62.15 -10.74
N GLN X 148 -45.81 63.21 -9.93
CA GLN X 148 -45.23 64.49 -10.34
C GLN X 148 -43.84 64.62 -9.74
N VAL X 149 -42.84 64.80 -10.60
CA VAL X 149 -41.44 64.81 -10.19
C VAL X 149 -40.80 66.18 -10.34
N GLY X 150 -41.55 67.17 -10.84
CA GLY X 150 -41.06 68.53 -10.96
C GLY X 150 -41.80 69.44 -10.01
N HIS X 151 -41.54 70.74 -10.15
CA HIS X 151 -42.22 71.73 -9.33
C HIS X 151 -43.30 72.50 -10.06
N GLN X 152 -43.60 72.14 -11.31
CA GLN X 152 -44.64 72.79 -12.08
C GLN X 152 -45.54 71.75 -12.72
N GLU X 153 -46.69 72.21 -13.21
CA GLU X 153 -47.64 71.33 -13.85
C GLU X 153 -47.05 70.72 -15.11
N GLY X 154 -47.40 69.46 -15.38
CA GLY X 154 -46.95 68.79 -16.58
C GLY X 154 -45.68 68.00 -16.45
N GLU X 155 -44.99 68.08 -15.30
CA GLU X 155 -43.77 67.31 -15.08
C GLU X 155 -44.15 66.01 -14.37
N ASP X 156 -44.71 65.07 -15.13
CA ASP X 156 -45.28 63.86 -14.54
C ASP X 156 -44.65 62.63 -15.18
N ILE X 157 -44.68 61.53 -14.43
CA ILE X 157 -44.24 60.23 -14.87
C ILE X 157 -45.40 59.24 -14.68
N LYS X 158 -45.59 58.37 -15.67
CA LYS X 158 -46.71 57.44 -15.69
C LYS X 158 -46.20 56.02 -15.54
N VAL X 159 -46.78 55.28 -14.59
CA VAL X 159 -46.42 53.88 -14.34
C VAL X 159 -47.64 53.02 -14.63
N THR X 160 -47.51 52.08 -15.56
CA THR X 160 -48.61 51.21 -15.96
C THR X 160 -48.26 49.77 -15.62
N VAL X 161 -49.14 49.10 -14.88
CA VAL X 161 -48.99 47.69 -14.53
C VAL X 161 -50.27 46.98 -14.95
N LYS X 162 -50.15 46.11 -15.95
CA LYS X 162 -51.31 45.37 -16.42
C LYS X 162 -51.65 44.24 -15.45
N ALA X 163 -52.92 43.84 -15.45
CA ALA X 163 -53.36 42.79 -14.54
C ALA X 163 -52.71 41.46 -14.90
N SER X 164 -52.25 40.74 -13.88
CA SER X 164 -51.58 39.46 -14.07
C SER X 164 -52.06 38.48 -13.03
N ASN X 165 -52.95 37.58 -13.43
CA ASN X 165 -53.48 36.52 -12.58
C ASN X 165 -53.84 35.35 -13.49
N LYS X 166 -54.44 34.31 -12.90
CA LYS X 166 -54.62 33.08 -13.66
C LYS X 166 -55.63 33.22 -14.79
N THR X 167 -56.74 33.94 -14.57
CA THR X 167 -57.69 34.15 -15.66
C THR X 167 -57.11 35.06 -16.72
N SER X 168 -56.29 36.04 -16.31
CA SER X 168 -55.69 36.97 -17.26
C SER X 168 -54.72 36.24 -18.19
N LEU X 169 -53.88 35.37 -17.64
CA LEU X 169 -52.84 34.69 -18.41
C LEU X 169 -53.36 33.47 -19.16
N SER X 170 -54.68 33.33 -19.27
CA SER X 170 -55.32 32.23 -19.99
C SER X 170 -54.88 30.87 -19.45
N VAL X 171 -54.91 30.77 -18.12
CA VAL X 171 -54.72 29.48 -17.44
C VAL X 171 -55.84 29.32 -16.43
N GLY X 172 -56.05 28.10 -15.97
CA GLY X 172 -57.14 27.83 -15.05
C GLY X 172 -57.92 26.61 -15.48
N ALA X 173 -57.85 26.30 -16.77
CA ALA X 173 -58.41 25.07 -17.32
C ALA X 173 -57.33 24.42 -18.17
N LEU X 174 -56.52 23.56 -17.54
CA LEU X 174 -55.44 22.87 -18.23
C LEU X 174 -55.57 21.38 -17.96
N ASN X 175 -55.90 20.61 -18.99
CA ASN X 175 -55.99 19.17 -18.89
C ASN X 175 -54.83 18.52 -19.63
N ASN X 176 -54.60 17.24 -19.33
CA ASN X 176 -53.53 16.49 -19.97
C ASN X 176 -53.94 15.06 -20.31
N ALA X 177 -55.21 14.82 -20.61
CA ALA X 177 -55.69 13.48 -20.89
C ALA X 177 -55.44 13.08 -22.35
N THR X 178 -56.04 13.82 -23.28
CA THR X 178 -55.95 13.46 -24.70
C THR X 178 -54.69 14.02 -25.35
N SER X 179 -54.43 13.61 -26.59
CA SER X 179 -53.28 14.15 -27.31
C SER X 179 -53.44 15.64 -27.56
N ALA X 180 -54.64 16.06 -27.97
CA ALA X 180 -54.86 17.47 -28.27
C ALA X 180 -54.82 18.33 -27.02
N ASN X 181 -55.20 17.75 -25.87
CA ASN X 181 -55.23 18.52 -24.63
C ASN X 181 -53.85 19.00 -24.23
N ARG X 182 -52.84 18.13 -24.34
CA ARG X 182 -51.49 18.51 -23.95
C ARG X 182 -50.89 19.53 -24.92
N ALA X 183 -51.16 19.38 -26.21
CA ALA X 183 -50.61 20.33 -27.19
C ALA X 183 -51.15 21.73 -26.97
N SER X 184 -52.45 21.85 -26.67
CA SER X 184 -53.02 23.17 -26.42
C SER X 184 -52.48 23.77 -25.12
N SER X 185 -52.27 22.94 -24.10
CA SER X 185 -51.78 23.44 -22.82
C SER X 185 -50.37 24.00 -22.95
N LEU X 186 -49.52 23.35 -23.74
CA LEU X 186 -48.13 23.79 -23.86
C LEU X 186 -48.03 25.17 -24.49
N ALA X 187 -48.85 25.45 -25.51
CA ALA X 187 -48.79 26.74 -26.17
C ALA X 187 -49.18 27.88 -25.24
N LYS X 188 -50.20 27.67 -24.40
CA LYS X 188 -50.67 28.75 -23.53
C LYS X 188 -49.65 29.09 -22.45
N ILE X 189 -48.94 28.09 -21.93
CA ILE X 189 -47.90 28.37 -20.94
C ILE X 189 -46.77 29.18 -21.57
N ASP X 190 -46.36 28.82 -22.79
CA ASP X 190 -45.30 29.56 -23.47
C ASP X 190 -45.73 31.00 -23.71
N ALA X 191 -46.97 31.21 -24.12
CA ALA X 191 -47.47 32.58 -24.29
C ALA X 191 -47.54 33.32 -22.97
N ALA X 192 -47.77 32.59 -21.87
CA ALA X 192 -47.82 33.23 -20.55
C ALA X 192 -46.47 33.81 -20.16
N ILE X 193 -45.39 33.06 -20.40
CA ILE X 193 -44.06 33.54 -20.03
C ILE X 193 -43.71 34.78 -20.85
N LYS X 194 -44.08 34.81 -22.13
CA LYS X 194 -43.78 35.97 -22.95
C LYS X 194 -44.48 37.22 -22.43
N THR X 195 -45.74 37.09 -22.01
CA THR X 195 -46.48 38.26 -21.53
C THR X 195 -45.85 38.83 -20.26
N ILE X 196 -45.46 37.96 -19.32
CA ILE X 196 -44.81 38.43 -18.10
C ILE X 196 -43.47 39.06 -18.43
N ASP X 197 -42.73 38.47 -19.37
CA ASP X 197 -41.42 39.00 -19.73
C ASP X 197 -41.51 40.43 -20.25
N SER X 198 -42.48 40.69 -21.12
CA SER X 198 -42.65 42.04 -21.64
C SER X 198 -43.05 43.02 -20.54
N GLN X 199 -43.84 42.55 -19.57
CA GLN X 199 -44.26 43.42 -18.47
C GLN X 199 -43.06 43.82 -17.61
N ARG X 200 -42.16 42.88 -17.34
CA ARG X 200 -40.99 43.18 -16.53
C ARG X 200 -40.09 44.19 -17.22
N ALA X 201 -39.93 44.06 -18.53
CA ALA X 201 -39.10 45.00 -19.27
C ALA X 201 -39.68 46.41 -19.21
N ASP X 202 -41.00 46.53 -19.30
CA ASP X 202 -41.63 47.85 -19.21
C ASP X 202 -41.41 48.48 -17.84
N LEU X 203 -41.50 47.71 -16.77
CA LEU X 203 -41.28 48.26 -15.44
C LEU X 203 -39.82 48.60 -15.20
N GLY X 204 -38.90 47.81 -15.75
CA GLY X 204 -37.49 48.12 -15.59
C GLY X 204 -37.08 49.41 -16.28
N ALA X 205 -37.66 49.69 -17.45
CA ALA X 205 -37.33 50.91 -18.17
C ALA X 205 -37.75 52.15 -17.38
N VAL X 206 -38.90 52.09 -16.72
CA VAL X 206 -39.39 53.25 -15.97
C VAL X 206 -38.46 53.57 -14.81
N GLN X 207 -38.02 52.54 -14.08
CA GLN X 207 -37.16 52.80 -12.93
C GLN X 207 -35.73 53.14 -13.34
N ASN X 208 -35.28 52.67 -14.50
CA ASN X 208 -34.08 53.25 -15.09
C ASN X 208 -34.31 54.71 -15.46
N ARG X 209 -35.51 55.00 -15.98
CA ARG X 209 -35.86 56.38 -16.29
C ARG X 209 -35.92 57.24 -15.04
N LEU X 210 -36.54 56.74 -13.96
CA LEU X 210 -36.69 57.54 -12.75
C LEU X 210 -35.36 57.81 -12.06
N ALA X 211 -34.40 56.90 -12.17
CA ALA X 211 -33.11 57.11 -11.51
C ALA X 211 -32.40 58.33 -12.08
N HIS X 212 -32.54 58.58 -13.37
CA HIS X 212 -31.87 59.72 -13.99
C HIS X 212 -32.51 61.05 -13.60
N ASN X 213 -33.82 61.06 -13.31
CA ASN X 213 -34.46 62.28 -12.83
C ASN X 213 -33.90 62.71 -11.48
N ILE X 214 -33.70 61.74 -10.57
CA ILE X 214 -33.22 62.07 -9.24
C ILE X 214 -31.82 62.68 -9.30
N SER X 215 -30.94 62.09 -10.10
CA SER X 215 -29.59 62.63 -10.22
C SER X 215 -29.62 64.03 -10.81
N ASN X 216 -30.44 64.24 -11.84
CA ASN X 216 -30.56 65.58 -12.41
C ASN X 216 -31.16 66.57 -11.42
N SER X 217 -32.19 66.15 -10.67
CA SER X 217 -32.79 67.05 -9.70
C SER X 217 -31.84 67.37 -8.55
N ALA X 218 -31.01 66.42 -8.14
CA ALA X 218 -30.03 66.70 -7.10
C ALA X 218 -29.01 67.73 -7.57
N ASN X 219 -28.56 67.63 -8.82
CA ASN X 219 -27.62 68.61 -9.35
C ASN X 219 -28.24 69.99 -9.44
N THR X 220 -29.44 70.09 -10.01
CA THR X 220 -30.04 71.41 -10.22
C THR X 220 -30.40 72.06 -8.90
N GLN X 221 -30.67 71.28 -7.86
CA GLN X 221 -30.98 71.85 -6.55
C GLN X 221 -29.78 72.61 -5.99
N ALA X 222 -28.58 72.04 -6.14
CA ALA X 222 -27.38 72.68 -5.62
C ALA X 222 -27.11 74.01 -6.31
N ASN X 223 -27.24 74.03 -7.64
CA ASN X 223 -26.97 75.26 -8.38
C ASN X 223 -27.97 76.37 -8.08
N VAL X 224 -29.25 76.03 -7.87
CA VAL X 224 -30.23 77.04 -7.49
C VAL X 224 -29.92 77.58 -6.11
N ALA X 225 -29.44 76.72 -5.20
CA ALA X 225 -29.03 77.20 -3.89
C ALA X 225 -27.89 78.21 -3.99
N ASP X 226 -26.95 77.99 -4.91
CA ASP X 226 -25.92 78.98 -5.19
C ASP X 226 -26.54 80.31 -5.60
N ALA X 227 -27.46 80.29 -6.57
CA ALA X 227 -28.02 81.53 -7.08
C ALA X 227 -28.81 82.26 -6.00
N LYS X 228 -29.54 81.51 -5.17
CA LYS X 228 -30.38 82.13 -4.15
C LYS X 228 -29.57 82.76 -3.02
N SER X 229 -28.41 82.21 -2.69
CA SER X 229 -27.62 82.75 -1.59
C SER X 229 -26.94 84.06 -1.97
N ARG X 230 -26.54 84.21 -3.23
CA ARG X 230 -25.85 85.43 -3.64
C ARG X 230 -26.78 86.65 -3.52
N ILE X 231 -28.08 86.42 -3.49
CA ILE X 231 -29.04 87.53 -3.49
C ILE X 231 -29.45 87.92 -2.08
N VAL X 232 -29.74 86.94 -1.21
CA VAL X 232 -30.35 87.24 0.08
C VAL X 232 -29.40 87.10 1.25
N ASP X 233 -28.22 86.52 1.08
CA ASP X 233 -27.35 86.19 2.19
C ASP X 233 -26.26 87.26 2.34
N VAL X 234 -25.86 87.48 3.58
CA VAL X 234 -24.84 88.49 3.88
C VAL X 234 -23.45 87.88 3.73
N ASP X 235 -22.48 88.73 3.43
CA ASP X 235 -21.07 88.37 3.49
C ASP X 235 -20.50 88.95 4.77
N PHE X 236 -20.06 88.08 5.68
CA PHE X 236 -19.60 88.56 6.98
C PHE X 236 -18.39 89.45 6.87
N ALA X 237 -17.54 89.22 5.87
CA ALA X 237 -16.39 90.08 5.65
C ALA X 237 -16.86 91.51 5.36
N LYS X 238 -17.88 91.64 4.51
CA LYS X 238 -18.45 92.94 4.24
C LYS X 238 -19.14 93.52 5.47
N GLU X 239 -19.91 92.68 6.18
CA GLU X 239 -20.74 93.20 7.26
C GLU X 239 -19.92 93.53 8.50
N THR X 240 -18.92 92.71 8.82
CA THR X 240 -18.13 92.96 10.03
C THR X 240 -17.37 94.27 9.92
N SER X 241 -16.82 94.56 8.74
CA SER X 241 -16.11 95.82 8.55
C SER X 241 -17.04 97.01 8.74
N ALA X 242 -18.27 96.92 8.21
CA ALA X 242 -19.22 98.03 8.37
C ALA X 242 -19.60 98.21 9.83
N MET X 243 -19.81 97.11 10.57
CA MET X 243 -20.20 97.21 11.96
C MET X 243 -19.12 97.88 12.79
N THR X 244 -17.87 97.46 12.64
CA THR X 244 -16.76 98.16 13.29
C THR X 244 -16.61 99.56 12.74
N LYS X 245 -17.02 99.78 11.49
CA LYS X 245 -16.85 101.08 10.86
C LYS X 245 -17.69 102.13 11.58
N TYR X 246 -18.92 101.78 11.93
CA TYR X 246 -19.87 102.68 12.57
C TYR X 246 -19.65 102.82 14.08
N GLN X 247 -19.03 101.83 14.72
CA GLN X 247 -18.75 101.93 16.15
C GLN X 247 -17.83 103.11 16.43
N VAL X 248 -16.81 103.28 15.61
CA VAL X 248 -15.89 104.41 15.78
C VAL X 248 -16.63 105.73 15.56
N LEU X 249 -17.48 105.78 14.54
CA LEU X 249 -18.22 107.01 14.25
C LEU X 249 -19.16 107.38 15.39
N GLN X 250 -19.69 106.40 16.12
CA GLN X 250 -20.57 106.70 17.23
C GLN X 250 -19.82 107.40 18.36
N GLN X 251 -18.67 106.86 18.75
CA GLN X 251 -17.88 107.49 19.80
C GLN X 251 -17.34 108.85 19.36
N THR X 252 -16.99 108.99 18.09
CA THR X 252 -16.61 110.29 17.57
C THR X 252 -17.78 111.27 17.63
N GLY X 253 -18.97 110.82 17.26
CA GLY X 253 -20.14 111.69 17.29
C GLY X 253 -20.52 112.12 18.69
N SER X 254 -20.41 111.21 19.66
CA SER X 254 -20.76 111.55 21.04
C SER X 254 -19.82 112.58 21.65
N ALA X 255 -18.51 112.45 21.41
CA ALA X 255 -17.58 113.44 21.92
C ALA X 255 -17.78 114.80 21.26
N MET X 256 -18.05 114.82 19.96
CA MET X 256 -18.27 116.10 19.28
C MET X 256 -19.55 116.77 19.79
N LEU X 257 -20.61 115.99 19.99
CA LEU X 257 -21.86 116.57 20.44
C LEU X 257 -21.76 117.10 21.87
N ALA X 258 -21.12 116.35 22.76
CA ALA X 258 -20.98 116.81 24.14
C ALA X 258 -20.15 118.09 24.21
N GLN X 259 -19.10 118.17 23.41
CA GLN X 259 -18.25 119.35 23.43
C GLN X 259 -18.90 120.53 22.74
N ALA X 260 -19.74 120.27 21.73
CA ALA X 260 -20.41 121.35 21.04
C ALA X 260 -21.54 121.94 21.89
N ASN X 261 -22.02 121.18 22.88
CA ASN X 261 -23.09 121.67 23.73
C ASN X 261 -22.65 122.79 24.65
N GLN X 262 -21.38 122.82 25.04
CA GLN X 262 -20.88 123.85 25.94
C GLN X 262 -20.20 125.01 25.21
N LEU X 263 -20.48 125.18 23.92
CA LEU X 263 -20.09 126.37 23.18
C LEU X 263 -20.70 127.65 23.75
N PRO X 264 -22.00 127.70 24.09
CA PRO X 264 -22.58 128.96 24.55
C PRO X 264 -22.05 129.46 25.88
N GLN X 265 -21.24 128.69 26.59
CA GLN X 265 -20.68 129.16 27.85
C GLN X 265 -19.67 130.28 27.68
N VAL X 266 -19.25 130.56 26.45
CA VAL X 266 -18.39 131.72 26.20
C VAL X 266 -19.10 133.00 26.61
N ALA X 267 -20.42 133.05 26.44
CA ALA X 267 -21.18 134.25 26.78
C ALA X 267 -21.08 134.62 28.25
N LEU X 268 -20.82 133.66 29.13
CA LEU X 268 -20.64 133.95 30.54
C LEU X 268 -19.31 134.62 30.84
N SER X 269 -18.32 134.50 29.97
CA SER X 269 -17.04 135.15 30.21
C SER X 269 -17.14 136.66 30.06
N LEU X 270 -18.00 137.13 29.16
CA LEU X 270 -18.12 138.57 28.91
C LEU X 270 -19.12 139.20 29.88
N LEU X 271 -18.86 138.98 31.17
CA LEU X 271 -19.60 139.63 32.25
C LEU X 271 -21.09 139.33 32.12
N GLY X 272 -21.48 138.08 32.33
CA GLY X 272 -22.87 137.70 32.33
C GLY X 272 -23.61 137.94 31.03
N ALA Y 1 4.03 9.15 -26.99
CA ALA Y 1 3.46 7.94 -27.57
C ALA Y 1 2.78 7.10 -26.50
N ILE Y 2 2.07 7.75 -25.58
CA ILE Y 2 1.34 7.05 -24.53
C ILE Y 2 -0.15 7.28 -24.72
N THR Y 3 -0.83 6.32 -25.34
CA THR Y 3 -2.23 6.48 -25.66
C THR Y 3 -3.09 5.51 -24.86
N VAL Y 4 -4.36 5.86 -24.70
CA VAL Y 4 -5.31 5.04 -23.95
C VAL Y 4 -6.55 4.76 -24.78
N ASN Y 5 -6.46 4.99 -26.09
CA ASN Y 5 -7.58 4.72 -26.98
C ASN Y 5 -7.34 3.57 -27.95
N THR Y 6 -6.09 3.36 -28.38
CA THR Y 6 -5.77 2.25 -29.27
C THR Y 6 -4.54 1.51 -28.74
N ASN Y 7 -4.59 0.18 -28.79
CA ASN Y 7 -3.47 -0.68 -28.39
C ASN Y 7 -3.08 -1.52 -29.59
N VAL Y 8 -2.21 -0.97 -30.43
CA VAL Y 8 -1.77 -1.68 -31.63
C VAL Y 8 -0.91 -2.89 -31.27
N THR Y 9 -0.21 -2.82 -30.13
CA THR Y 9 0.52 -3.99 -29.66
C THR Y 9 -0.42 -5.17 -29.44
N SER Y 10 -1.60 -4.91 -28.88
CA SER Y 10 -2.60 -5.96 -28.72
C SER Y 10 -3.09 -6.47 -30.08
N MET Y 11 -3.30 -5.55 -31.02
CA MET Y 11 -3.80 -5.95 -32.34
C MET Y 11 -2.84 -6.92 -33.02
N LYS Y 12 -1.55 -6.62 -33.00
CA LYS Y 12 -0.57 -7.53 -33.58
C LYS Y 12 -0.49 -8.82 -32.79
N ALA Y 13 -0.57 -8.74 -31.47
CA ALA Y 13 -0.50 -9.94 -30.64
C ALA Y 13 -1.70 -10.86 -30.90
N GLN Y 14 -2.89 -10.28 -31.10
CA GLN Y 14 -4.08 -11.08 -31.34
C GLN Y 14 -3.95 -11.89 -32.62
N LYS Y 15 -3.42 -11.28 -33.68
CA LYS Y 15 -3.29 -11.97 -34.96
C LYS Y 15 -2.38 -13.18 -34.85
N ASN Y 16 -1.27 -13.04 -34.13
CA ASN Y 16 -0.33 -14.14 -34.01
C ASN Y 16 -0.96 -15.32 -33.26
N LEU Y 17 -1.75 -15.03 -32.23
CA LEU Y 17 -2.41 -16.10 -31.49
C LEU Y 17 -3.42 -16.83 -32.37
N ASN Y 18 -4.14 -16.10 -33.22
CA ASN Y 18 -5.11 -16.74 -34.11
C ASN Y 18 -4.43 -17.69 -35.08
N THR Y 19 -3.27 -17.28 -35.63
CA THR Y 19 -2.55 -18.14 -36.55
C THR Y 19 -2.06 -19.41 -35.88
N SER Y 20 -1.53 -19.30 -34.66
CA SER Y 20 -1.05 -20.47 -33.95
C SER Y 20 -2.18 -21.40 -33.53
N ASN Y 21 -3.35 -20.86 -33.21
CA ASN Y 21 -4.49 -21.69 -32.86
C ASN Y 21 -5.04 -22.44 -34.07
N SER Y 22 -5.08 -21.78 -35.23
CA SER Y 22 -5.59 -22.43 -36.43
C SER Y 22 -4.67 -23.56 -36.89
N GLY Y 23 -3.36 -23.37 -36.76
CA GLY Y 23 -2.41 -24.42 -37.12
C GLY Y 23 -2.52 -25.63 -36.21
N LEU Y 24 -2.76 -25.39 -34.92
CA LEU Y 24 -2.94 -26.50 -33.99
C LEU Y 24 -4.19 -27.30 -34.33
N SER Y 25 -5.27 -26.60 -34.69
CA SER Y 25 -6.52 -27.28 -35.00
C SER Y 25 -6.39 -28.17 -36.23
N THR Y 26 -5.76 -27.67 -37.29
CA THR Y 26 -5.67 -28.44 -38.52
C THR Y 26 -4.77 -29.65 -38.36
N SER Y 27 -3.80 -29.60 -37.44
CA SER Y 27 -2.93 -30.74 -37.21
C SER Y 27 -3.67 -31.87 -36.50
N MET Y 28 -4.59 -31.54 -35.60
CA MET Y 28 -5.30 -32.58 -34.86
C MET Y 28 -6.22 -33.39 -35.76
N GLU Y 29 -6.92 -32.73 -36.68
CA GLU Y 29 -7.85 -33.46 -37.55
C GLU Y 29 -7.11 -34.34 -38.54
N ARG Y 30 -5.95 -33.90 -39.02
CA ARG Y 30 -5.13 -34.78 -39.84
C ARG Y 30 -4.65 -36.00 -39.06
N LEU Y 31 -4.29 -35.82 -37.79
CA LEU Y 31 -3.90 -36.94 -36.96
C LEU Y 31 -5.06 -37.82 -36.55
N SER Y 32 -6.25 -37.25 -36.37
CA SER Y 32 -7.39 -38.04 -35.90
C SER Y 32 -7.96 -38.94 -36.98
N SER Y 33 -7.75 -38.61 -38.26
CA SER Y 33 -8.24 -39.42 -39.37
C SER Y 33 -7.10 -40.18 -40.04
N GLY Y 34 -6.02 -39.51 -40.38
CA GLY Y 34 -4.89 -40.17 -41.01
C GLY Y 34 -4.74 -39.82 -42.46
N LEU Y 35 -5.36 -38.71 -42.87
CA LEU Y 35 -5.33 -38.27 -44.26
C LEU Y 35 -4.81 -36.85 -44.33
N ARG Y 36 -3.84 -36.63 -45.22
CA ARG Y 36 -3.35 -35.28 -45.46
C ARG Y 36 -4.36 -34.43 -46.20
N ILE Y 37 -4.96 -34.97 -47.26
CA ILE Y 37 -5.96 -34.24 -48.03
C ILE Y 37 -7.35 -34.53 -47.47
N ASN Y 38 -7.72 -33.82 -46.40
CA ASN Y 38 -9.05 -33.96 -45.84
C ASN Y 38 -10.07 -33.23 -46.71
N SER Y 39 -9.81 -31.97 -46.99
CA SER Y 39 -10.67 -31.16 -47.84
C SER Y 39 -9.90 -30.66 -49.05
N ALA Y 40 -10.55 -29.82 -49.85
CA ALA Y 40 -9.94 -29.22 -51.01
C ALA Y 40 -9.05 -28.04 -50.66
N LYS Y 41 -8.86 -27.75 -49.37
CA LYS Y 41 -7.89 -26.74 -48.98
C LYS Y 41 -6.52 -27.11 -49.52
N ASP Y 42 -6.16 -28.38 -49.39
CA ASP Y 42 -4.85 -28.93 -49.71
C ASP Y 42 -4.72 -29.18 -51.21
N ASP Y 43 -3.77 -30.03 -51.59
CA ASP Y 43 -3.45 -30.25 -52.99
C ASP Y 43 -4.71 -30.47 -53.83
N ALA Y 44 -4.99 -29.52 -54.71
CA ALA Y 44 -6.14 -29.66 -55.60
C ALA Y 44 -5.93 -30.78 -56.60
N ALA Y 45 -4.71 -30.92 -57.12
CA ALA Y 45 -4.40 -31.99 -58.04
C ALA Y 45 -4.28 -33.34 -57.35
N GLY Y 46 -3.91 -33.35 -56.07
CA GLY Y 46 -3.73 -34.62 -55.38
C GLY Y 46 -5.02 -35.40 -55.25
N LEU Y 47 -6.11 -34.72 -54.90
CA LEU Y 47 -7.38 -35.41 -54.71
C LEU Y 47 -7.92 -35.94 -56.03
N ALA Y 48 -7.69 -35.21 -57.12
CA ALA Y 48 -8.13 -35.68 -58.43
C ALA Y 48 -7.38 -36.94 -58.83
N ILE Y 49 -6.06 -36.95 -58.63
CA ILE Y 49 -5.27 -38.13 -58.95
C ILE Y 49 -5.67 -39.30 -58.06
N SER Y 50 -5.89 -39.05 -56.78
CA SER Y 50 -6.23 -40.11 -55.84
C SER Y 50 -7.55 -40.78 -56.21
N ASN Y 51 -8.48 -40.01 -56.76
CA ASN Y 51 -9.78 -40.57 -57.13
C ASN Y 51 -9.63 -41.63 -58.21
N ARG Y 52 -8.81 -41.37 -59.23
CA ARG Y 52 -8.55 -42.37 -60.25
C ARG Y 52 -7.76 -43.56 -59.71
N LEU Y 53 -6.80 -43.31 -58.84
CA LEU Y 53 -6.09 -44.42 -58.19
C LEU Y 53 -7.03 -45.24 -57.33
N ASN Y 54 -7.96 -44.58 -56.63
CA ASN Y 54 -8.96 -45.31 -55.85
C ASN Y 54 -9.83 -46.18 -56.75
N SER Y 55 -10.18 -45.69 -57.93
CA SER Y 55 -10.96 -46.49 -58.86
C SER Y 55 -10.20 -47.72 -59.32
N GLN Y 56 -8.89 -47.59 -59.57
CA GLN Y 56 -8.09 -48.73 -60.00
C GLN Y 56 -7.99 -49.78 -58.90
N VAL Y 57 -7.78 -49.35 -57.65
CA VAL Y 57 -7.63 -50.30 -56.55
C VAL Y 57 -8.93 -51.07 -56.34
N ARG Y 58 -10.05 -50.35 -56.25
CA ARG Y 58 -11.33 -51.02 -56.07
C ARG Y 58 -11.76 -51.72 -57.34
N GLY Y 59 -11.41 -51.17 -58.50
CA GLY Y 59 -11.75 -51.82 -59.75
C GLY Y 59 -11.09 -53.17 -59.90
N LEU Y 60 -9.81 -53.26 -59.53
CA LEU Y 60 -9.12 -54.54 -59.60
C LEU Y 60 -9.71 -55.56 -58.63
N GLU Y 61 -10.09 -55.10 -57.43
CA GLU Y 61 -10.60 -56.04 -56.43
C GLU Y 61 -11.87 -56.73 -56.91
N VAL Y 62 -12.77 -55.99 -57.55
CA VAL Y 62 -13.95 -56.60 -58.15
C VAL Y 62 -13.54 -57.48 -59.34
N GLY Y 63 -12.52 -57.04 -60.08
CA GLY Y 63 -12.05 -57.83 -61.21
C GLY Y 63 -11.45 -59.15 -60.78
N MET Y 64 -10.79 -59.18 -59.61
CA MET Y 64 -10.24 -60.43 -59.10
C MET Y 64 -11.36 -61.45 -58.85
N ARG Y 65 -12.42 -61.03 -58.16
CA ARG Y 65 -13.54 -61.93 -57.92
C ARG Y 65 -14.23 -62.31 -59.22
N ASN Y 66 -14.19 -61.43 -60.22
CA ASN Y 66 -14.79 -61.75 -61.50
C ASN Y 66 -14.10 -62.94 -62.18
N ALA Y 67 -12.78 -63.03 -62.06
CA ALA Y 67 -12.02 -64.12 -62.65
C ALA Y 67 -12.06 -65.40 -61.82
N ASN Y 68 -12.13 -65.30 -60.50
CA ASN Y 68 -12.31 -66.48 -59.67
C ASN Y 68 -13.62 -67.21 -60.01
N ASP Y 69 -14.64 -66.48 -60.41
CA ASP Y 69 -15.89 -67.08 -60.87
C ASP Y 69 -15.69 -67.84 -62.17
N ALA Y 70 -14.91 -67.30 -63.11
CA ALA Y 70 -14.69 -67.99 -64.38
C ALA Y 70 -13.91 -69.29 -64.17
N ILE Y 71 -13.00 -69.31 -63.21
CA ILE Y 71 -12.21 -70.50 -62.92
C ILE Y 71 -13.13 -71.61 -62.46
N SER Y 72 -14.09 -71.28 -61.59
CA SER Y 72 -15.00 -72.29 -61.07
C SER Y 72 -15.88 -72.88 -62.16
N ILE Y 73 -16.37 -72.06 -63.09
CA ILE Y 73 -17.18 -72.58 -64.18
C ILE Y 73 -16.38 -73.55 -65.03
N ALA Y 74 -15.15 -73.19 -65.40
CA ALA Y 74 -14.30 -74.09 -66.17
C ALA Y 74 -13.94 -75.34 -65.39
N GLN Y 75 -13.87 -75.22 -64.06
CA GLN Y 75 -13.54 -76.38 -63.23
C GLN Y 75 -14.66 -77.41 -63.26
N ILE Y 76 -15.92 -76.98 -63.19
CA ILE Y 76 -17.03 -77.91 -63.14
C ILE Y 76 -17.21 -78.61 -64.49
N ALA Y 77 -17.12 -77.87 -65.58
CA ALA Y 77 -17.30 -78.47 -66.91
C ALA Y 77 -16.23 -79.50 -67.19
N GLU Y 78 -14.99 -79.21 -66.80
CA GLU Y 78 -13.90 -80.17 -66.99
C GLU Y 78 -14.14 -81.45 -66.21
N GLY Y 79 -14.64 -81.32 -64.98
CA GLY Y 79 -14.89 -82.50 -64.16
C GLY Y 79 -15.93 -83.43 -64.77
N ALA Y 80 -16.99 -82.86 -65.34
CA ALA Y 80 -18.04 -83.68 -65.91
C ALA Y 80 -17.57 -84.42 -67.17
N MET Y 81 -16.72 -83.79 -67.98
CA MET Y 81 -16.26 -84.45 -69.20
C MET Y 81 -15.35 -85.63 -68.90
N GLN Y 82 -14.71 -85.66 -67.74
CA GLN Y 82 -13.90 -86.81 -67.37
C GLN Y 82 -14.74 -88.07 -67.24
N GLU Y 83 -15.92 -87.95 -66.64
CA GLU Y 83 -16.77 -89.13 -66.47
C GLU Y 83 -17.35 -89.60 -67.79
N GLN Y 84 -17.60 -88.68 -68.73
CA GLN Y 84 -18.05 -89.08 -70.05
C GLN Y 84 -16.96 -89.86 -70.78
N THR Y 85 -15.70 -89.51 -70.54
CA THR Y 85 -14.60 -90.22 -71.18
C THR Y 85 -14.49 -91.66 -70.68
N ASN Y 86 -14.65 -91.89 -69.38
CA ASN Y 86 -14.56 -93.25 -68.86
C ASN Y 86 -15.66 -94.16 -69.39
N MET Y 87 -16.89 -93.68 -69.46
CA MET Y 87 -17.97 -94.50 -70.01
C MET Y 87 -17.81 -94.77 -71.49
N LEU Y 88 -17.24 -93.82 -72.24
CA LEU Y 88 -16.98 -94.07 -73.66
C LEU Y 88 -15.93 -95.16 -73.83
N GLN Y 89 -14.94 -95.24 -72.93
CA GLN Y 89 -13.95 -96.30 -73.02
C GLN Y 89 -14.57 -97.67 -72.80
N ARG Y 90 -15.53 -97.76 -71.88
CA ARG Y 90 -16.21 -99.02 -71.66
C ARG Y 90 -17.03 -99.45 -72.87
N MET Y 91 -17.59 -98.50 -73.61
CA MET Y 91 -18.30 -98.84 -74.84
C MET Y 91 -17.36 -99.41 -75.90
N ARG Y 92 -16.11 -98.94 -75.93
CA ARG Y 92 -15.13 -99.52 -76.85
C ARG Y 92 -14.87 -100.99 -76.55
N ASP Y 93 -14.73 -101.34 -75.28
CA ASP Y 93 -14.50 -102.73 -74.91
C ASP Y 93 -15.67 -103.62 -75.29
N LEU Y 94 -16.90 -103.15 -75.07
CA LEU Y 94 -18.07 -103.94 -75.44
C LEU Y 94 -18.15 -104.19 -76.94
N THR Y 95 -17.84 -103.18 -77.75
CA THR Y 95 -17.79 -103.37 -79.19
C THR Y 95 -16.73 -104.38 -79.60
N ILE Y 96 -15.54 -104.32 -78.98
CA ILE Y 96 -14.53 -105.34 -79.24
C ILE Y 96 -15.00 -106.69 -78.74
N GLN Y 97 -15.61 -106.74 -77.56
CA GLN Y 97 -16.12 -108.00 -77.03
C GLN Y 97 -17.27 -108.55 -77.85
N SER Y 98 -18.02 -107.70 -78.53
CA SER Y 98 -19.17 -108.14 -79.31
C SER Y 98 -18.79 -108.71 -80.66
N GLU Y 99 -17.52 -109.04 -80.89
CA GLU Y 99 -17.07 -109.45 -82.21
C GLU Y 99 -16.65 -110.92 -82.18
N ASN Y 100 -16.90 -111.62 -81.08
CA ASN Y 100 -16.64 -113.06 -81.02
C ASN Y 100 -17.47 -113.82 -82.04
N GLY Y 101 -16.90 -114.88 -82.58
CA GLY Y 101 -17.64 -115.78 -83.44
C GLY Y 101 -18.32 -116.89 -82.67
N ALA Y 102 -18.08 -116.94 -81.36
CA ALA Y 102 -18.73 -117.92 -80.50
C ALA Y 102 -19.96 -117.37 -79.81
N ASN Y 103 -20.31 -116.12 -80.05
CA ASN Y 103 -21.50 -115.53 -79.47
C ASN Y 103 -22.73 -116.07 -80.20
N SER Y 104 -23.91 -115.57 -79.84
CA SER Y 104 -25.14 -115.94 -80.53
C SER Y 104 -26.01 -114.70 -80.63
N THR Y 105 -27.15 -114.86 -81.30
CA THR Y 105 -28.05 -113.73 -81.47
C THR Y 105 -28.55 -113.21 -80.12
N ALA Y 106 -28.86 -114.12 -79.19
CA ALA Y 106 -29.27 -113.70 -77.86
C ALA Y 106 -28.14 -113.05 -77.07
N ASP Y 107 -26.90 -113.46 -77.32
CA ASP Y 107 -25.77 -112.87 -76.61
C ASP Y 107 -25.53 -111.42 -77.03
N LEU Y 108 -25.67 -111.14 -78.32
CA LEU Y 108 -25.45 -109.78 -78.81
C LEU Y 108 -26.49 -108.82 -78.25
N VAL Y 109 -27.71 -109.29 -78.02
CA VAL Y 109 -28.75 -108.44 -77.45
C VAL Y 109 -28.39 -107.99 -76.04
N SER Y 110 -27.87 -108.90 -75.22
CA SER Y 110 -27.49 -108.54 -73.85
C SER Y 110 -26.39 -107.48 -73.82
N ILE Y 111 -25.42 -107.56 -74.73
CA ILE Y 111 -24.37 -106.56 -74.78
C ILE Y 111 -24.94 -105.21 -75.18
N LYS Y 112 -25.88 -105.20 -76.12
CA LYS Y 112 -26.49 -103.94 -76.53
C LYS Y 112 -27.29 -103.31 -75.39
N ALA Y 113 -27.97 -104.13 -74.59
CA ALA Y 113 -28.72 -103.61 -73.45
C ALA Y 113 -27.84 -102.90 -72.44
N GLU Y 114 -26.54 -103.19 -72.42
CA GLU Y 114 -25.57 -102.48 -71.59
C GLU Y 114 -25.10 -101.21 -72.27
N MET Y 115 -24.72 -101.29 -73.55
CA MET Y 115 -24.33 -100.09 -74.28
C MET Y 115 -25.43 -99.05 -74.28
N ASP Y 116 -26.68 -99.51 -74.35
CA ASP Y 116 -27.81 -98.58 -74.46
C ASP Y 116 -27.94 -97.72 -73.20
N GLN Y 117 -27.76 -98.30 -72.02
CA GLN Y 117 -27.87 -97.52 -70.79
C GLN Y 117 -26.68 -96.61 -70.55
N LEU Y 118 -25.49 -96.98 -70.99
CA LEU Y 118 -24.34 -96.10 -70.87
C LEU Y 118 -24.52 -94.83 -71.69
N ALA Y 119 -25.09 -94.92 -72.88
CA ALA Y 119 -25.37 -93.74 -73.69
C ALA Y 119 -26.42 -92.85 -73.07
N THR Y 120 -27.34 -93.42 -72.28
CA THR Y 120 -28.34 -92.61 -71.60
C THR Y 120 -27.71 -91.67 -70.57
N GLU Y 121 -26.69 -92.13 -69.84
CA GLU Y 121 -26.04 -91.26 -68.87
C GLU Y 121 -25.21 -90.16 -69.52
N ILE Y 122 -24.59 -90.43 -70.66
CA ILE Y 122 -23.89 -89.37 -71.37
C ILE Y 122 -24.86 -88.24 -71.69
N ASP Y 123 -26.10 -88.60 -72.05
CA ASP Y 123 -27.16 -87.61 -72.12
C ASP Y 123 -27.46 -87.01 -70.75
N SER Y 124 -27.50 -87.82 -69.70
CA SER Y 124 -27.93 -87.33 -68.40
C SER Y 124 -26.93 -86.36 -67.78
N ILE Y 125 -25.63 -86.63 -67.92
CA ILE Y 125 -24.64 -85.69 -67.42
C ILE Y 125 -24.69 -84.38 -68.20
N GLY Y 126 -24.85 -84.47 -69.52
CA GLY Y 126 -24.89 -83.29 -70.35
C GLY Y 126 -26.02 -82.34 -70.00
N ASN Y 127 -27.17 -82.89 -69.61
CA ASN Y 127 -28.33 -82.08 -69.27
C ASN Y 127 -28.40 -81.71 -67.80
N SER Y 128 -27.43 -82.13 -66.98
CA SER Y 128 -27.52 -81.90 -65.54
C SER Y 128 -26.46 -80.93 -65.04
N THR Y 129 -25.24 -81.04 -65.56
CA THR Y 129 -24.12 -80.24 -65.10
C THR Y 129 -24.46 -78.76 -65.11
N ALA Y 130 -24.49 -78.13 -63.93
CA ALA Y 130 -24.95 -76.76 -63.82
C ALA Y 130 -24.18 -76.05 -62.74
N PHE Y 131 -24.17 -74.73 -62.81
CA PHE Y 131 -23.56 -73.85 -61.82
C PHE Y 131 -24.69 -73.19 -61.05
N GLY Y 132 -25.17 -73.86 -60.00
CA GLY Y 132 -26.30 -73.37 -59.26
C GLY Y 132 -27.59 -73.60 -60.01
N ASN Y 133 -27.83 -72.83 -61.08
CA ASN Y 133 -29.04 -73.06 -61.87
C ASN Y 133 -28.80 -72.88 -63.36
N THR Y 134 -27.57 -72.67 -63.82
CA THR Y 134 -27.28 -72.45 -65.23
C THR Y 134 -26.59 -73.69 -65.79
N LYS Y 135 -27.21 -74.29 -66.80
CA LYS Y 135 -26.67 -75.49 -67.44
C LYS Y 135 -25.48 -75.10 -68.31
N LEU Y 136 -24.36 -75.80 -68.16
CA LEU Y 136 -23.12 -75.40 -68.81
C LEU Y 136 -22.76 -76.24 -70.04
N LEU Y 137 -23.43 -77.37 -70.27
CA LEU Y 137 -23.03 -78.25 -71.36
C LEU Y 137 -24.14 -78.42 -72.40
N THR Y 138 -25.13 -77.51 -72.41
CA THR Y 138 -26.24 -77.63 -73.33
C THR Y 138 -26.25 -76.52 -74.38
N GLY Y 139 -25.11 -75.88 -74.62
CA GLY Y 139 -24.96 -74.97 -75.73
C GLY Y 139 -25.17 -73.51 -75.41
N THR Y 140 -25.52 -73.18 -74.17
CA THR Y 140 -25.67 -71.77 -73.82
C THR Y 140 -24.30 -71.10 -73.73
N PHE Y 141 -23.24 -71.90 -73.70
CA PHE Y 141 -21.88 -71.37 -73.78
C PHE Y 141 -21.23 -71.72 -75.11
N SER Y 142 -22.04 -71.99 -76.14
CA SER Y 142 -21.52 -72.24 -77.48
C SER Y 142 -20.80 -71.03 -78.06
N ALA Y 143 -21.35 -69.84 -77.89
CA ALA Y 143 -20.70 -68.58 -78.26
C ALA Y 143 -20.19 -67.98 -76.96
N GLY Y 144 -18.89 -68.06 -76.75
CA GLY Y 144 -18.25 -67.75 -75.49
C GLY Y 144 -18.80 -66.57 -74.73
N LYS Y 145 -19.09 -66.76 -73.44
CA LYS Y 145 -19.53 -65.67 -72.59
C LYS Y 145 -18.33 -64.85 -72.11
N VAL Y 146 -18.61 -63.70 -71.52
CA VAL Y 146 -17.59 -62.69 -71.27
C VAL Y 146 -17.50 -62.39 -69.78
N PHE Y 147 -16.27 -62.37 -69.27
CA PHE Y 147 -15.97 -61.92 -67.92
C PHE Y 147 -14.97 -60.77 -68.00
N GLN Y 148 -15.17 -59.73 -67.19
CA GLN Y 148 -14.30 -58.56 -67.18
C GLN Y 148 -13.34 -58.66 -65.99
N VAL Y 149 -12.04 -58.64 -66.28
CA VAL Y 149 -11.03 -58.85 -65.25
C VAL Y 149 -10.20 -57.59 -64.99
N GLY Y 150 -10.48 -56.51 -65.69
CA GLY Y 150 -9.80 -55.25 -65.46
C GLY Y 150 -10.77 -54.23 -64.91
N HIS Y 151 -10.30 -52.98 -64.81
CA HIS Y 151 -11.14 -51.90 -64.32
C HIS Y 151 -11.62 -50.96 -65.42
N GLN Y 152 -11.34 -51.27 -66.68
CA GLN Y 152 -11.79 -50.46 -67.79
C GLN Y 152 -12.41 -51.34 -68.86
N GLU Y 153 -13.12 -50.70 -69.78
CA GLU Y 153 -13.77 -51.42 -70.87
C GLU Y 153 -12.75 -52.11 -71.75
N GLY Y 154 -13.10 -53.30 -72.24
CA GLY Y 154 -12.24 -54.03 -73.15
C GLY Y 154 -11.30 -55.02 -72.50
N GLU Y 155 -11.24 -55.05 -71.17
CA GLU Y 155 -10.39 -56.01 -70.45
C GLU Y 155 -11.25 -57.22 -70.11
N ASP Y 156 -11.50 -58.06 -71.11
CA ASP Y 156 -12.44 -59.17 -70.96
C ASP Y 156 -11.77 -60.49 -71.32
N ILE Y 157 -12.30 -61.56 -70.74
CA ILE Y 157 -11.89 -62.93 -71.04
C ILE Y 157 -13.13 -63.70 -71.50
N LYS Y 158 -12.95 -64.54 -72.51
CA LYS Y 158 -14.05 -65.27 -73.13
C LYS Y 158 -13.88 -66.76 -72.88
N VAL Y 159 -14.92 -67.40 -72.37
CA VAL Y 159 -14.94 -68.83 -72.09
C VAL Y 159 -15.99 -69.49 -72.97
N THR Y 160 -15.56 -70.43 -73.81
CA THR Y 160 -16.44 -71.12 -74.74
C THR Y 160 -16.51 -72.60 -74.39
N VAL Y 161 -17.72 -73.11 -74.20
CA VAL Y 161 -17.95 -74.53 -73.93
C VAL Y 161 -18.96 -75.03 -74.95
N LYS Y 162 -18.52 -75.91 -75.84
CA LYS Y 162 -19.40 -76.44 -76.86
C LYS Y 162 -20.31 -77.51 -76.25
N ALA Y 163 -21.47 -77.70 -76.87
CA ALA Y 163 -22.44 -78.67 -76.35
C ALA Y 163 -21.89 -80.08 -76.47
N SER Y 164 -22.07 -80.86 -75.42
CA SER Y 164 -21.57 -82.24 -75.38
C SER Y 164 -22.63 -83.14 -74.75
N ASN Y 165 -23.34 -83.88 -75.60
CA ASN Y 165 -24.35 -84.84 -75.16
C ASN Y 165 -24.40 -85.93 -76.23
N LYS Y 166 -25.35 -86.86 -76.08
CA LYS Y 166 -25.31 -88.05 -76.93
C LYS Y 166 -25.64 -87.74 -78.38
N THR Y 167 -26.61 -86.86 -78.64
CA THR Y 167 -26.89 -86.50 -80.03
C THR Y 167 -25.75 -85.68 -80.62
N SER Y 168 -25.10 -84.85 -79.81
CA SER Y 168 -23.99 -84.04 -80.29
C SER Y 168 -22.81 -84.90 -80.71
N LEU Y 169 -22.46 -85.91 -79.90
CA LEU Y 169 -21.30 -86.74 -80.15
C LEU Y 169 -21.57 -87.85 -81.15
N SER Y 170 -22.68 -87.78 -81.87
CA SER Y 170 -23.05 -88.76 -82.89
C SER Y 170 -23.12 -90.18 -82.31
N VAL Y 171 -23.78 -90.28 -81.16
CA VAL Y 171 -24.12 -91.58 -80.58
C VAL Y 171 -25.59 -91.55 -80.22
N GLY Y 172 -26.18 -92.73 -80.00
CA GLY Y 172 -27.59 -92.82 -79.73
C GLY Y 172 -28.24 -93.90 -80.56
N ALA Y 173 -27.61 -94.22 -81.69
CA ALA Y 173 -28.00 -95.33 -82.54
C ALA Y 173 -26.75 -96.16 -82.83
N LEU Y 174 -26.47 -97.14 -81.96
CA LEU Y 174 -25.30 -97.99 -82.12
C LEU Y 174 -25.75 -99.43 -82.06
N ASN Y 175 -25.65 -100.13 -83.17
CA ASN Y 175 -26.00 -101.55 -83.26
C ASN Y 175 -24.73 -102.38 -83.41
N ASN Y 176 -24.84 -103.68 -83.14
CA ASN Y 176 -23.72 -104.59 -83.25
C ASN Y 176 -24.12 -105.94 -83.86
N ALA Y 177 -25.12 -105.95 -84.73
CA ALA Y 177 -25.58 -107.21 -85.32
C ALA Y 177 -24.73 -107.64 -86.51
N THR Y 178 -24.70 -106.82 -87.56
CA THR Y 178 -24.01 -107.19 -88.79
C THR Y 178 -22.53 -106.83 -88.73
N SER Y 179 -21.77 -107.28 -89.73
CA SER Y 179 -20.35 -106.92 -89.80
C SER Y 179 -20.17 -105.42 -89.98
N ALA Y 180 -20.96 -104.82 -90.86
CA ALA Y 180 -20.82 -103.39 -91.13
C ALA Y 180 -21.25 -102.55 -89.93
N ASN Y 181 -22.20 -103.07 -89.13
CA ASN Y 181 -22.71 -102.31 -88.00
C ASN Y 181 -21.62 -102.06 -86.96
N ARG Y 182 -20.82 -103.07 -86.66
CA ARG Y 182 -19.78 -102.91 -85.66
C ARG Y 182 -18.65 -102.01 -86.14
N ALA Y 183 -18.29 -102.10 -87.43
CA ALA Y 183 -17.23 -101.26 -87.96
C ALA Y 183 -17.60 -99.79 -87.91
N SER Y 184 -18.85 -99.46 -88.23
CA SER Y 184 -19.28 -98.06 -88.19
C SER Y 184 -19.34 -97.56 -86.74
N SER Y 185 -19.76 -98.42 -85.81
CA SER Y 185 -19.87 -98.00 -84.41
C SER Y 185 -18.51 -97.68 -83.82
N LEU Y 186 -17.48 -98.46 -84.17
CA LEU Y 186 -16.16 -98.24 -83.60
C LEU Y 186 -15.57 -96.90 -84.00
N ALA Y 187 -15.78 -96.49 -85.25
CA ALA Y 187 -15.22 -95.21 -85.71
C ALA Y 187 -15.84 -94.04 -84.98
N LYS Y 188 -17.15 -94.08 -84.73
CA LYS Y 188 -17.82 -92.94 -84.11
C LYS Y 188 -17.39 -92.76 -82.66
N ILE Y 189 -17.16 -93.87 -81.94
CA ILE Y 189 -16.69 -93.76 -80.57
C ILE Y 189 -15.29 -93.15 -80.53
N ASP Y 190 -14.41 -93.57 -81.43
CA ASP Y 190 -13.08 -93.00 -81.48
C ASP Y 190 -13.12 -91.51 -81.78
N ALA Y 191 -13.98 -91.10 -82.71
CA ALA Y 191 -14.13 -89.68 -82.99
C ALA Y 191 -14.72 -88.94 -81.80
N ALA Y 192 -15.54 -89.62 -80.99
CA ALA Y 192 -16.12 -88.98 -79.82
C ALA Y 192 -15.05 -88.63 -78.79
N ILE Y 193 -14.11 -89.54 -78.55
CA ILE Y 193 -13.05 -89.28 -77.57
C ILE Y 193 -12.18 -88.12 -78.03
N LYS Y 194 -11.90 -88.02 -79.33
CA LYS Y 194 -11.09 -86.92 -79.82
C LYS Y 194 -11.77 -85.57 -79.59
N THR Y 195 -13.08 -85.50 -79.82
CA THR Y 195 -13.78 -84.23 -79.65
C THR Y 195 -13.76 -83.78 -78.21
N ILE Y 196 -13.98 -84.70 -77.26
CA ILE Y 196 -13.93 -84.33 -75.84
C ILE Y 196 -12.52 -83.92 -75.46
N ASP Y 197 -11.51 -84.62 -75.99
CA ASP Y 197 -10.13 -84.33 -75.65
C ASP Y 197 -9.75 -82.90 -76.04
N SER Y 198 -10.16 -82.47 -77.23
CA SER Y 198 -9.86 -81.11 -77.67
C SER Y 198 -10.59 -80.09 -76.81
N GLN Y 199 -11.81 -80.42 -76.37
CA GLN Y 199 -12.57 -79.50 -75.52
C GLN Y 199 -11.89 -79.30 -74.18
N ARG Y 200 -11.36 -80.37 -73.59
CA ARG Y 200 -10.69 -80.26 -72.31
C ARG Y 200 -9.43 -79.41 -72.41
N ALA Y 201 -8.68 -79.57 -73.50
CA ALA Y 201 -7.48 -78.77 -73.70
C ALA Y 201 -7.81 -77.28 -73.81
N ASP Y 202 -8.91 -76.95 -74.49
CA ASP Y 202 -9.31 -75.55 -74.60
C ASP Y 202 -9.67 -74.96 -73.25
N LEU Y 203 -10.38 -75.72 -72.40
CA LEU Y 203 -10.74 -75.21 -71.09
C LEU Y 203 -9.54 -75.11 -70.16
N GLY Y 204 -8.58 -76.03 -70.28
CA GLY Y 204 -7.39 -75.96 -69.47
C GLY Y 204 -6.53 -74.74 -69.78
N ALA Y 205 -6.45 -74.38 -71.06
CA ALA Y 205 -5.63 -73.22 -71.44
C ALA Y 205 -6.19 -71.93 -70.85
N VAL Y 206 -7.52 -71.80 -70.82
CA VAL Y 206 -8.13 -70.59 -70.29
C VAL Y 206 -7.83 -70.42 -68.81
N GLN Y 207 -7.93 -71.50 -68.04
CA GLN Y 207 -7.70 -71.39 -66.60
C GLN Y 207 -6.22 -71.28 -66.27
N ASN Y 208 -5.34 -71.83 -67.12
CA ASN Y 208 -3.93 -71.44 -67.04
C ASN Y 208 -3.77 -69.96 -67.35
N ARG Y 209 -4.51 -69.48 -68.34
CA ARG Y 209 -4.47 -68.06 -68.68
C ARG Y 209 -5.01 -67.20 -67.54
N LEU Y 210 -6.12 -67.60 -66.92
CA LEU Y 210 -6.71 -66.78 -65.86
C LEU Y 210 -5.84 -66.73 -64.61
N ALA Y 211 -5.09 -67.80 -64.33
CA ALA Y 211 -4.25 -67.79 -63.14
C ALA Y 211 -3.18 -66.70 -63.20
N HIS Y 212 -2.66 -66.42 -64.39
CA HIS Y 212 -1.63 -65.40 -64.53
C HIS Y 212 -2.18 -64.00 -64.39
N ASN Y 213 -3.45 -63.78 -64.74
CA ASN Y 213 -4.07 -62.47 -64.52
C ASN Y 213 -4.15 -62.14 -63.04
N ILE Y 214 -4.55 -63.13 -62.21
CA ILE Y 214 -4.72 -62.89 -60.78
C ILE Y 214 -3.39 -62.50 -60.15
N SER Y 215 -2.32 -63.23 -60.49
CA SER Y 215 -1.02 -62.92 -59.92
C SER Y 215 -0.56 -61.53 -60.34
N ASN Y 216 -0.77 -61.18 -61.61
CA ASN Y 216 -0.41 -59.84 -62.09
C ASN Y 216 -1.26 -58.77 -61.41
N SER Y 217 -2.56 -59.02 -61.26
CA SER Y 217 -3.43 -58.04 -60.61
C SER Y 217 -3.10 -57.87 -59.13
N ALA Y 218 -2.70 -58.95 -58.45
CA ALA Y 218 -2.30 -58.82 -57.06
C ALA Y 218 -1.04 -57.97 -56.92
N ASN Y 219 -0.09 -58.14 -57.83
CA ASN Y 219 1.13 -57.33 -57.78
C ASN Y 219 0.83 -55.87 -58.03
N THR Y 220 0.07 -55.57 -59.09
CA THR Y 220 -0.18 -54.18 -59.45
C THR Y 220 -1.02 -53.47 -58.40
N GLN Y 221 -1.86 -54.21 -57.68
CA GLN Y 221 -2.66 -53.59 -56.61
C GLN Y 221 -1.78 -53.05 -55.51
N ALA Y 222 -0.74 -53.80 -55.13
CA ALA Y 222 0.14 -53.35 -54.05
C ALA Y 222 0.89 -52.09 -54.44
N ASN Y 223 1.41 -52.03 -55.67
CA ASN Y 223 2.18 -50.87 -56.10
C ASN Y 223 1.31 -49.62 -56.21
N VAL Y 224 0.06 -49.75 -56.66
CA VAL Y 224 -0.82 -48.59 -56.70
C VAL Y 224 -1.15 -48.11 -55.28
N ALA Y 225 -1.27 -49.03 -54.33
CA ALA Y 225 -1.47 -48.63 -52.94
C ALA Y 225 -0.30 -47.81 -52.43
N ASP Y 226 0.93 -48.19 -52.82
CA ASP Y 226 2.10 -47.36 -52.51
C ASP Y 226 1.93 -45.95 -53.05
N ALA Y 227 1.60 -45.83 -54.34
CA ALA Y 227 1.52 -44.52 -54.96
C ALA Y 227 0.43 -43.67 -54.32
N LYS Y 228 -0.70 -44.28 -53.99
CA LYS Y 228 -1.82 -43.55 -53.43
C LYS Y 228 -1.57 -43.06 -52.01
N SER Y 229 -0.79 -43.80 -51.21
CA SER Y 229 -0.56 -43.38 -49.84
C SER Y 229 0.41 -42.20 -49.75
N ARG Y 230 1.37 -42.12 -50.67
CA ARG Y 230 2.33 -41.01 -50.61
C ARG Y 230 1.65 -39.67 -50.84
N ILE Y 231 0.47 -39.68 -51.44
CA ILE Y 231 -0.21 -38.43 -51.81
C ILE Y 231 -1.18 -37.98 -50.73
N VAL Y 232 -1.98 -38.91 -50.17
CA VAL Y 232 -3.09 -38.51 -49.30
C VAL Y 232 -2.84 -38.81 -47.82
N ASP Y 233 -1.81 -39.57 -47.48
CA ASP Y 233 -1.62 -40.04 -46.12
C ASP Y 233 -0.61 -39.16 -45.40
N VAL Y 234 -0.80 -39.01 -44.09
CA VAL Y 234 0.08 -38.18 -43.28
C VAL Y 234 1.28 -39.00 -42.80
N ASP Y 235 2.39 -38.31 -42.54
CA ASP Y 235 3.54 -38.90 -41.87
C ASP Y 235 3.51 -38.42 -40.43
N PHE Y 236 3.34 -39.34 -39.49
CA PHE Y 236 3.18 -38.96 -38.10
C PHE Y 236 4.42 -38.26 -37.56
N ALA Y 237 5.60 -38.63 -38.07
CA ALA Y 237 6.82 -37.96 -37.65
C ALA Y 237 6.74 -36.48 -38.01
N LYS Y 238 6.29 -36.19 -39.22
CA LYS Y 238 6.10 -34.80 -39.64
C LYS Y 238 5.00 -34.13 -38.83
N GLU Y 239 3.88 -34.83 -38.63
CA GLU Y 239 2.71 -34.20 -38.02
C GLU Y 239 2.89 -34.00 -36.52
N THR Y 240 3.48 -34.97 -35.83
CA THR Y 240 3.64 -34.85 -34.39
C THR Y 240 4.54 -33.68 -34.02
N SER Y 241 5.62 -33.48 -34.78
CA SER Y 241 6.50 -32.35 -34.52
C SER Y 241 5.77 -31.04 -34.69
N ALA Y 242 4.95 -30.92 -35.73
CA ALA Y 242 4.20 -29.69 -35.95
C ALA Y 242 3.19 -29.44 -34.84
N MET Y 243 2.51 -30.49 -34.38
CA MET Y 243 1.52 -30.33 -33.31
C MET Y 243 2.16 -29.83 -32.03
N THR Y 244 3.27 -30.46 -31.61
CA THR Y 244 4.02 -29.95 -30.47
C THR Y 244 4.61 -28.59 -30.77
N LYS Y 245 4.87 -28.29 -32.04
CA LYS Y 245 5.51 -27.04 -32.42
C LYS Y 245 4.59 -25.87 -32.10
N TYR Y 246 3.29 -26.03 -32.39
CA TYR Y 246 2.30 -24.98 -32.19
C TYR Y 246 1.79 -24.88 -30.77
N GLN Y 247 1.88 -25.97 -29.99
CA GLN Y 247 1.47 -25.90 -28.59
C GLN Y 247 2.30 -24.89 -27.81
N VAL Y 248 3.61 -24.88 -28.05
CA VAL Y 248 4.47 -23.92 -27.39
C VAL Y 248 4.12 -22.50 -27.81
N LEU Y 249 3.88 -22.31 -29.11
CA LEU Y 249 3.55 -20.98 -29.61
C LEU Y 249 2.25 -20.46 -29.02
N GLN Y 250 1.30 -21.35 -28.70
CA GLN Y 250 0.04 -20.92 -28.11
C GLN Y 250 0.27 -20.34 -26.71
N GLN Y 251 1.01 -21.06 -25.87
CA GLN Y 251 1.28 -20.57 -24.53
C GLN Y 251 2.14 -19.31 -24.56
N THR Y 252 3.08 -19.23 -25.50
CA THR Y 252 3.84 -18.00 -25.68
C THR Y 252 2.93 -16.85 -26.10
N GLY Y 253 2.01 -17.11 -27.02
CA GLY Y 253 1.10 -16.06 -27.47
C GLY Y 253 0.16 -15.58 -26.38
N SER Y 254 -0.33 -16.49 -25.54
CA SER Y 254 -1.23 -16.11 -24.47
C SER Y 254 -0.56 -15.24 -23.41
N ALA Y 255 0.67 -15.58 -23.03
CA ALA Y 255 1.38 -14.75 -22.06
C ALA Y 255 1.71 -13.38 -22.62
N MET Y 256 2.10 -13.30 -23.90
CA MET Y 256 2.39 -12.00 -24.50
C MET Y 256 1.15 -11.14 -24.61
N LEU Y 257 0.02 -11.74 -24.99
CA LEU Y 257 -1.21 -10.96 -25.12
C LEU Y 257 -1.72 -10.46 -23.77
N ALA Y 258 -1.69 -11.32 -22.75
CA ALA Y 258 -2.16 -10.88 -21.43
C ALA Y 258 -1.29 -9.75 -20.89
N GLN Y 259 0.02 -9.84 -21.09
CA GLN Y 259 0.91 -8.81 -20.58
C GLN Y 259 0.85 -7.53 -21.41
N ALA Y 260 0.56 -7.66 -22.71
CA ALA Y 260 0.44 -6.48 -23.55
C ALA Y 260 -0.86 -5.72 -23.27
N ASN Y 261 -1.85 -6.40 -22.69
CA ASN Y 261 -3.12 -5.74 -22.40
C ASN Y 261 -3.00 -4.71 -21.30
N GLN Y 262 -2.08 -4.88 -20.36
CA GLN Y 262 -1.93 -3.94 -19.25
C GLN Y 262 -0.83 -2.92 -19.49
N LEU Y 263 -0.44 -2.70 -20.75
CA LEU Y 263 0.42 -1.59 -21.12
C LEU Y 263 -0.20 -0.23 -20.81
N PRO Y 264 -1.48 0.03 -21.11
CA PRO Y 264 -2.02 1.38 -20.87
C PRO Y 264 -2.13 1.78 -19.42
N GLN Y 265 -1.86 0.89 -18.47
CA GLN Y 265 -1.92 1.25 -17.06
C GLN Y 265 -0.80 2.19 -16.66
N VAL Y 266 0.19 2.42 -17.53
CA VAL Y 266 1.22 3.41 -17.25
C VAL Y 266 0.59 4.80 -17.13
N ALA Y 267 -0.47 5.06 -17.89
CA ALA Y 267 -1.13 6.36 -17.85
C ALA Y 267 -1.68 6.71 -16.47
N LEU Y 268 -2.00 5.72 -15.66
CA LEU Y 268 -2.47 5.97 -14.31
C LEU Y 268 -1.37 6.43 -13.36
N SER Y 269 -0.10 6.13 -13.69
CA SER Y 269 0.98 6.58 -12.83
C SER Y 269 1.18 8.08 -12.89
N LEU Y 270 0.92 8.70 -14.04
CA LEU Y 270 1.14 10.13 -14.20
C LEU Y 270 -0.10 10.91 -13.77
N LEU Y 271 -0.51 10.65 -12.53
CA LEU Y 271 -1.57 11.40 -11.87
C LEU Y 271 -2.86 11.36 -12.70
N GLY Y 272 -3.46 10.19 -12.80
CA GLY Y 272 -4.73 10.03 -13.48
C GLY Y 272 -4.73 10.40 -14.95
N ALA Z 1 0.36 60.08 -10.22
CA ALA Z 1 -0.21 58.87 -10.82
C ALA Z 1 -0.92 58.03 -9.76
N ILE Z 2 -1.64 58.69 -8.86
CA ILE Z 2 -2.40 57.99 -7.83
C ILE Z 2 -3.89 58.23 -8.04
N THR Z 3 -4.55 57.28 -8.67
CA THR Z 3 -5.96 57.45 -9.02
C THR Z 3 -6.84 56.48 -8.25
N VAL Z 4 -8.11 56.85 -8.11
CA VAL Z 4 -9.07 56.03 -7.38
C VAL Z 4 -10.29 55.76 -8.24
N ASN Z 5 -10.18 55.99 -9.55
CA ASN Z 5 -11.29 55.73 -10.46
C ASN Z 5 -11.03 54.58 -11.42
N THR Z 6 -9.78 54.35 -11.83
CA THR Z 6 -9.44 53.25 -12.71
C THR Z 6 -8.23 52.50 -12.16
N ASN Z 7 -8.29 51.17 -12.22
CA ASN Z 7 -7.19 50.31 -11.79
C ASN Z 7 -6.77 49.46 -12.98
N VAL Z 8 -5.87 50.01 -13.81
CA VAL Z 8 -5.42 49.29 -14.99
C VAL Z 8 -4.58 48.08 -14.61
N THR Z 9 -3.91 48.14 -13.46
CA THR Z 9 -3.20 46.97 -12.98
C THR Z 9 -4.14 45.79 -12.79
N SER Z 10 -5.34 46.06 -12.25
CA SER Z 10 -6.34 45.02 -12.11
C SER Z 10 -6.81 44.52 -13.47
N MET Z 11 -6.99 45.43 -14.43
CA MET Z 11 -7.47 45.03 -15.74
C MET Z 11 -6.50 44.07 -16.42
N LYS Z 12 -5.21 44.36 -16.36
CA LYS Z 12 -4.22 43.44 -16.92
C LYS Z 12 -4.17 42.14 -16.14
N ALA Z 13 -4.28 42.22 -14.81
CA ALA Z 13 -4.24 41.02 -14.00
C ALA Z 13 -5.44 40.11 -14.27
N GLN Z 14 -6.61 40.71 -14.50
CA GLN Z 14 -7.81 39.91 -14.77
C GLN Z 14 -7.65 39.09 -16.04
N LYS Z 15 -7.09 39.71 -17.09
CA LYS Z 15 -6.96 39.02 -18.36
C LYS Z 15 -6.05 37.80 -18.25
N ASN Z 16 -4.95 37.93 -17.50
CA ASN Z 16 -4.03 36.82 -17.35
C ASN Z 16 -4.67 35.66 -16.62
N LEU Z 17 -5.49 35.94 -15.61
CA LEU Z 17 -6.18 34.88 -14.88
C LEU Z 17 -7.17 34.16 -15.78
N ASN Z 18 -7.86 34.90 -16.65
CA ASN Z 18 -8.82 34.26 -17.55
C ASN Z 18 -8.12 33.31 -18.52
N THR Z 19 -6.96 33.71 -19.04
CA THR Z 19 -6.22 32.85 -19.96
C THR Z 19 -5.75 31.57 -19.27
N SER Z 20 -5.25 31.68 -18.04
CA SER Z 20 -4.79 30.50 -17.32
C SER Z 20 -5.93 29.57 -16.92
N ASN Z 21 -7.11 30.13 -16.63
CA ASN Z 21 -8.27 29.31 -16.30
C ASN Z 21 -8.80 28.57 -17.52
N SER Z 22 -8.81 29.21 -18.69
CA SER Z 22 -9.29 28.57 -19.89
C SER Z 22 -8.37 27.44 -20.34
N GLY Z 23 -7.06 27.61 -20.18
CA GLY Z 23 -6.12 26.57 -20.52
C GLY Z 23 -6.24 25.35 -19.62
N LEU Z 24 -6.51 25.59 -18.34
CA LEU Z 24 -6.73 24.49 -17.40
C LEU Z 24 -7.98 23.69 -17.77
N SER Z 25 -9.04 24.40 -18.16
CA SER Z 25 -10.30 23.73 -18.49
C SER Z 25 -10.14 22.83 -19.71
N THR Z 26 -9.49 23.35 -20.76
CA THR Z 26 -9.37 22.57 -21.99
C THR Z 26 -8.49 21.34 -21.81
N SER Z 27 -7.53 21.40 -20.87
CA SER Z 27 -6.69 20.24 -20.63
C SER Z 27 -7.44 19.12 -19.93
N MET Z 28 -8.37 19.45 -19.05
CA MET Z 28 -9.11 18.43 -18.32
C MET Z 28 -10.02 17.62 -19.25
N GLU Z 29 -10.70 18.28 -20.18
CA GLU Z 29 -11.61 17.57 -21.07
C GLU Z 29 -10.86 16.68 -22.06
N ARG Z 30 -9.68 17.11 -22.50
CA ARG Z 30 -8.85 16.22 -23.31
C ARG Z 30 -8.40 15.01 -22.52
N LEU Z 31 -8.07 15.18 -21.24
CA LEU Z 31 -7.69 14.05 -20.40
C LEU Z 31 -8.87 13.18 -20.01
N SER Z 32 -10.07 13.76 -19.86
CA SER Z 32 -11.22 12.98 -19.42
C SER Z 32 -11.77 12.08 -20.51
N SER Z 33 -11.53 12.41 -21.78
CA SER Z 33 -12.01 11.61 -22.90
C SER Z 33 -10.86 10.83 -23.56
N GLY Z 34 -9.77 11.51 -23.87
CA GLY Z 34 -8.63 10.83 -24.47
C GLY Z 34 -8.45 11.19 -25.93
N LEU Z 35 -9.05 12.29 -26.35
CA LEU Z 35 -8.99 12.74 -27.73
C LEU Z 35 -8.45 14.16 -27.79
N ARG Z 36 -7.46 14.37 -28.67
CA ARG Z 36 -6.95 15.72 -28.89
C ARG Z 36 -7.95 16.57 -29.65
N ILE Z 37 -8.53 16.04 -30.72
CA ILE Z 37 -9.51 16.78 -31.51
C ILE Z 37 -10.91 16.49 -30.97
N ASN Z 38 -11.30 17.21 -29.92
CA ASN Z 38 -12.65 17.08 -29.38
C ASN Z 38 -13.63 17.82 -30.28
N SER Z 39 -13.37 19.08 -30.55
CA SER Z 39 -14.20 19.91 -31.41
C SER Z 39 -13.39 20.39 -32.61
N ALA Z 40 -14.03 21.22 -33.42
CA ALA Z 40 -13.38 21.84 -34.57
C ALA Z 40 -12.50 23.01 -34.20
N LYS Z 41 -12.34 23.29 -32.90
CA LYS Z 41 -11.37 24.30 -32.50
C LYS Z 41 -9.99 23.92 -33.01
N ASP Z 42 -9.64 22.64 -32.86
CA ASP Z 42 -8.32 22.09 -33.17
C ASP Z 42 -8.17 21.83 -34.65
N ASP Z 43 -7.22 20.98 -35.03
CA ASP Z 43 -6.87 20.75 -36.42
C ASP Z 43 -8.10 20.54 -37.27
N ALA Z 44 -8.36 21.49 -38.18
CA ALA Z 44 -9.50 21.38 -39.08
C ALA Z 44 -9.28 20.25 -40.08
N ALA Z 45 -8.05 20.10 -40.56
CA ALA Z 45 -7.73 19.02 -41.48
C ALA Z 45 -7.62 17.68 -40.80
N GLY Z 46 -7.29 17.66 -39.51
CA GLY Z 46 -7.12 16.40 -38.81
C GLY Z 46 -8.43 15.61 -38.71
N LEU Z 47 -9.52 16.30 -38.39
CA LEU Z 47 -10.80 15.62 -38.23
C LEU Z 47 -11.31 15.09 -39.56
N ALA Z 48 -11.07 15.83 -40.64
CA ALA Z 48 -11.48 15.36 -41.96
C ALA Z 48 -10.72 14.09 -42.35
N ILE Z 49 -9.41 14.07 -42.11
CA ILE Z 49 -8.62 12.89 -42.41
C ILE Z 49 -9.04 11.72 -41.54
N SER Z 50 -9.30 11.98 -40.26
CA SER Z 50 -9.66 10.91 -39.33
C SER Z 50 -10.98 10.26 -39.73
N ASN Z 51 -11.89 11.03 -40.30
CA ASN Z 51 -13.19 10.48 -40.69
C ASN Z 51 -13.02 9.42 -41.78
N ARG Z 52 -12.18 9.69 -42.77
CA ARG Z 52 -11.91 8.67 -43.79
C ARG Z 52 -11.14 7.49 -43.24
N LEU Z 53 -10.19 7.72 -42.34
CA LEU Z 53 -9.51 6.61 -41.68
C LEU Z 53 -10.47 5.79 -40.83
N ASN Z 54 -11.41 6.46 -40.16
CA ASN Z 54 -12.42 5.74 -39.41
C ASN Z 54 -13.28 4.87 -40.32
N SER Z 55 -13.61 5.37 -41.50
CA SER Z 55 -14.37 4.58 -42.46
C SER Z 55 -13.61 3.34 -42.91
N GLN Z 56 -12.30 3.47 -43.12
CA GLN Z 56 -11.50 2.32 -43.54
C GLN Z 56 -11.43 1.27 -42.43
N VAL Z 57 -11.24 1.70 -41.18
CA VAL Z 57 -11.12 0.74 -40.08
C VAL Z 57 -12.43 -0.02 -39.90
N ARG Z 58 -13.55 0.71 -39.83
CA ARG Z 58 -14.84 0.05 -39.68
C ARG Z 58 -15.25 -0.65 -40.97
N GLY Z 59 -14.87 -0.10 -42.11
CA GLY Z 59 -15.19 -0.74 -43.37
C GLY Z 59 -14.53 -2.10 -43.51
N LEU Z 60 -13.25 -2.20 -43.12
CA LEU Z 60 -12.58 -3.49 -43.16
C LEU Z 60 -13.19 -4.50 -42.21
N GLU Z 61 -13.60 -4.05 -41.02
CA GLU Z 61 -14.14 -4.97 -40.03
C GLU Z 61 -15.40 -5.66 -40.54
N VAL Z 62 -16.29 -4.91 -41.19
CA VAL Z 62 -17.45 -5.52 -41.82
C VAL Z 62 -17.02 -6.39 -43.00
N GLY Z 63 -15.99 -5.96 -43.73
CA GLY Z 63 -15.50 -6.76 -44.84
C GLY Z 63 -14.91 -8.08 -44.40
N MET Z 64 -14.28 -8.11 -43.23
CA MET Z 64 -13.76 -9.37 -42.70
C MET Z 64 -14.88 -10.37 -42.47
N ARG Z 65 -15.95 -9.95 -41.80
CA ARG Z 65 -17.08 -10.85 -41.59
C ARG Z 65 -17.76 -11.23 -42.90
N ASN Z 66 -17.68 -10.34 -43.90
CA ASN Z 66 -18.25 -10.65 -45.20
C ASN Z 66 -17.57 -11.85 -45.85
N ALA Z 67 -16.24 -11.95 -45.71
CA ALA Z 67 -15.48 -13.05 -46.29
C ALA Z 67 -15.55 -14.32 -45.46
N ASN Z 68 -15.64 -14.22 -44.14
CA ASN Z 68 -15.86 -15.41 -43.32
C ASN Z 68 -17.15 -16.13 -43.68
N ASP Z 69 -18.17 -15.39 -44.10
CA ASP Z 69 -19.41 -15.97 -44.59
C ASP Z 69 -19.19 -16.74 -45.89
N ALA Z 70 -18.39 -16.21 -46.80
CA ALA Z 70 -18.14 -16.89 -48.06
C ALA Z 70 -17.38 -18.19 -47.86
N ILE Z 71 -16.49 -18.22 -46.87
CA ILE Z 71 -15.71 -19.41 -46.56
C ILE Z 71 -16.65 -20.53 -46.12
N SER Z 72 -17.63 -20.19 -45.27
CA SER Z 72 -18.55 -21.19 -44.78
C SER Z 72 -19.42 -21.78 -45.89
N ILE Z 73 -19.87 -20.95 -46.82
CA ILE Z 73 -20.67 -21.46 -47.94
C ILE Z 73 -19.86 -22.44 -48.77
N ALA Z 74 -18.62 -22.09 -49.12
CA ALA Z 74 -17.77 -22.99 -49.87
C ALA Z 74 -17.43 -24.24 -49.08
N GLN Z 75 -17.39 -24.13 -47.75
CA GLN Z 75 -17.08 -25.29 -46.91
C GLN Z 75 -18.20 -26.32 -46.95
N ILE Z 76 -19.46 -25.86 -46.93
CA ILE Z 76 -20.58 -26.80 -46.90
C ILE Z 76 -20.73 -27.50 -48.25
N ALA Z 77 -20.62 -26.75 -49.34
CA ALA Z 77 -20.78 -27.34 -50.66
C ALA Z 77 -19.70 -28.39 -50.92
N GLU Z 78 -18.47 -28.11 -50.51
CA GLU Z 78 -17.39 -29.07 -50.68
C GLU Z 78 -17.66 -30.35 -49.90
N GLY Z 79 -18.18 -30.23 -48.69
CA GLY Z 79 -18.45 -31.40 -47.87
C GLY Z 79 -19.49 -32.32 -48.50
N ALA Z 80 -20.53 -31.74 -49.10
CA ALA Z 80 -21.57 -32.56 -49.70
C ALA Z 80 -21.08 -33.30 -50.93
N MET Z 81 -20.20 -32.68 -51.73
CA MET Z 81 -19.72 -33.34 -52.94
C MET Z 81 -18.84 -34.53 -52.63
N GLN Z 82 -18.23 -34.56 -51.44
CA GLN Z 82 -17.42 -35.72 -51.07
C GLN Z 82 -18.28 -36.97 -50.95
N GLU Z 83 -19.48 -36.84 -50.38
CA GLU Z 83 -20.33 -38.01 -50.22
C GLU Z 83 -20.90 -38.48 -51.56
N GLN Z 84 -21.12 -37.55 -52.50
CA GLN Z 84 -21.54 -37.96 -53.84
C GLN Z 84 -20.44 -38.74 -54.55
N THR Z 85 -19.18 -38.40 -54.28
CA THR Z 85 -18.07 -39.12 -54.89
C THR Z 85 -17.98 -40.56 -54.40
N ASN Z 86 -18.18 -40.79 -53.09
CA ASN Z 86 -18.10 -42.15 -52.58
C ASN Z 86 -19.19 -43.05 -53.13
N MET Z 87 -20.43 -42.56 -53.23
CA MET Z 87 -21.49 -43.38 -53.79
C MET Z 87 -21.30 -43.64 -55.27
N LEU Z 88 -20.72 -42.70 -56.01
CA LEU Z 88 -20.43 -42.95 -57.42
C LEU Z 88 -19.37 -44.04 -57.58
N GLN Z 89 -18.42 -44.13 -56.66
CA GLN Z 89 -17.43 -45.19 -56.73
C GLN Z 89 -18.07 -46.55 -56.52
N ARG Z 90 -19.04 -46.64 -55.62
CA ARG Z 90 -19.75 -47.91 -55.42
C ARG Z 90 -20.53 -48.32 -56.64
N MET Z 91 -21.07 -47.37 -57.40
CA MET Z 91 -21.76 -47.69 -58.64
C MET Z 91 -20.80 -48.28 -59.67
N ARG Z 92 -19.55 -47.82 -59.68
CA ARG Z 92 -18.56 -48.40 -60.59
C ARG Z 92 -18.31 -49.88 -60.28
N ASP Z 93 -18.20 -50.24 -59.00
CA ASP Z 93 -17.98 -51.63 -58.63
C ASP Z 93 -19.15 -52.51 -59.04
N LEU Z 94 -20.38 -52.03 -58.85
CA LEU Z 94 -21.55 -52.81 -59.24
C LEU Z 94 -21.61 -53.05 -60.74
N THR Z 95 -21.27 -52.04 -61.54
CA THR Z 95 -21.19 -52.24 -62.98
C THR Z 95 -20.13 -53.25 -63.37
N ILE Z 96 -18.96 -53.20 -62.73
CA ILE Z 96 -17.94 -54.22 -62.97
C ILE Z 96 -18.43 -55.58 -62.48
N GLN Z 97 -19.07 -55.62 -61.31
CA GLN Z 97 -19.60 -56.87 -60.78
C GLN Z 97 -20.73 -57.43 -61.63
N SER Z 98 -21.47 -56.56 -62.33
CA SER Z 98 -22.61 -57.00 -63.13
C SER Z 98 -22.21 -57.57 -64.48
N GLU Z 99 -20.93 -57.90 -64.68
CA GLU Z 99 -20.45 -58.32 -66.00
C GLU Z 99 -20.04 -59.79 -65.96
N ASN Z 100 -20.33 -60.49 -64.87
CA ASN Z 100 -20.07 -61.93 -64.80
C ASN Z 100 -20.89 -62.68 -65.84
N GLY Z 101 -20.31 -63.75 -66.36
CA GLY Z 101 -21.05 -64.64 -67.24
C GLY Z 101 -21.74 -65.75 -66.49
N ALA Z 102 -21.54 -65.81 -65.17
CA ALA Z 102 -22.21 -66.78 -64.32
C ALA Z 102 -23.45 -66.22 -63.66
N ASN Z 103 -23.79 -64.97 -63.91
CA ASN Z 103 -24.99 -64.37 -63.35
C ASN Z 103 -26.20 -64.90 -64.10
N SER Z 104 -27.39 -64.38 -63.78
CA SER Z 104 -28.59 -64.75 -64.48
C SER Z 104 -29.46 -63.50 -64.61
N THR Z 105 -30.59 -63.66 -65.29
CA THR Z 105 -31.49 -62.53 -65.49
C THR Z 105 -32.00 -62.00 -64.15
N ALA Z 106 -32.33 -62.90 -63.23
CA ALA Z 106 -32.78 -62.49 -61.90
C ALA Z 106 -31.66 -61.84 -61.09
N ASP Z 107 -30.40 -62.26 -61.31
CA ASP Z 107 -29.28 -61.68 -60.57
C ASP Z 107 -29.03 -60.24 -60.99
N LEU Z 108 -29.14 -59.94 -62.28
CA LEU Z 108 -28.90 -58.59 -62.76
C LEU Z 108 -29.95 -57.62 -62.23
N VAL Z 109 -31.18 -58.09 -62.02
CA VAL Z 109 -32.22 -57.22 -61.48
C VAL Z 109 -31.89 -56.78 -60.05
N SER Z 110 -31.39 -57.69 -59.23
CA SER Z 110 -31.03 -57.34 -57.86
C SER Z 110 -29.93 -56.29 -57.81
N ILE Z 111 -28.94 -56.39 -58.69
CA ILE Z 111 -27.88 -55.38 -58.71
C ILE Z 111 -28.43 -54.02 -59.13
N LYS Z 112 -29.36 -54.01 -60.09
CA LYS Z 112 -29.95 -52.74 -60.50
C LYS Z 112 -30.77 -52.11 -59.38
N ALA Z 113 -31.47 -52.92 -58.60
CA ALA Z 113 -32.24 -52.40 -57.47
C ALA Z 113 -31.38 -51.70 -56.44
N GLU Z 114 -30.08 -52.01 -56.40
CA GLU Z 114 -29.13 -51.31 -55.55
C GLU Z 114 -28.63 -50.03 -56.21
N MET Z 115 -28.22 -50.10 -57.47
CA MET Z 115 -27.80 -48.91 -58.20
C MET Z 115 -28.90 -47.87 -58.22
N ASP Z 116 -30.16 -48.31 -58.32
CA ASP Z 116 -31.27 -47.38 -58.45
C ASP Z 116 -31.41 -46.51 -57.20
N GLN Z 117 -31.27 -47.10 -56.02
CA GLN Z 117 -31.40 -46.32 -54.79
C GLN Z 117 -30.21 -45.42 -54.52
N LEU Z 118 -29.01 -45.81 -54.94
CA LEU Z 118 -27.87 -44.92 -54.79
C LEU Z 118 -28.01 -43.64 -55.62
N ALA Z 119 -28.56 -43.74 -56.82
CA ALA Z 119 -28.81 -42.56 -57.64
C ALA Z 119 -29.88 -41.66 -57.02
N THR Z 120 -30.81 -42.22 -56.26
CA THR Z 120 -31.82 -41.40 -55.59
C THR Z 120 -31.21 -40.48 -54.56
N GLU Z 121 -30.21 -40.94 -53.81
CA GLU Z 121 -29.57 -40.08 -52.82
C GLU Z 121 -28.72 -38.99 -53.45
N ILE Z 122 -28.07 -39.26 -54.59
CA ILE Z 122 -27.36 -38.19 -55.27
C ILE Z 122 -28.31 -37.06 -55.62
N ASP Z 123 -29.54 -37.41 -56.00
CA ASP Z 123 -30.60 -36.42 -56.09
C ASP Z 123 -30.92 -35.80 -54.74
N SER Z 124 -30.98 -36.62 -53.68
CA SER Z 124 -31.44 -36.13 -52.39
C SER Z 124 -30.43 -35.17 -51.75
N ILE Z 125 -29.14 -35.45 -51.86
CA ILE Z 125 -28.15 -34.52 -51.33
C ILE Z 125 -28.18 -33.20 -52.12
N GLY Z 126 -28.31 -33.29 -53.43
CA GLY Z 126 -28.34 -32.12 -54.27
C GLY Z 126 -29.46 -31.16 -53.94
N ASN Z 127 -30.62 -31.70 -53.58
CA ASN Z 127 -31.78 -30.88 -53.26
C ASN Z 127 -31.88 -30.50 -51.79
N SER Z 128 -30.93 -30.94 -50.96
CA SER Z 128 -31.04 -30.71 -49.51
C SER Z 128 -29.99 -29.76 -48.99
N THR Z 129 -28.76 -29.87 -49.49
CA THR Z 129 -27.64 -29.08 -48.99
C THR Z 129 -27.97 -27.59 -49.01
N ALA Z 130 -28.01 -26.96 -47.85
CA ALA Z 130 -28.49 -25.59 -47.74
C ALA Z 130 -27.72 -24.89 -46.63
N PHE Z 131 -27.71 -23.56 -46.71
CA PHE Z 131 -27.10 -22.69 -45.70
C PHE Z 131 -28.25 -22.03 -44.96
N GLY Z 132 -28.74 -22.69 -43.93
CA GLY Z 132 -29.90 -22.19 -43.20
C GLY Z 132 -31.17 -22.41 -43.98
N ASN Z 133 -31.38 -21.63 -45.04
CA ASN Z 133 -32.58 -21.85 -45.87
C ASN Z 133 -32.30 -21.68 -47.35
N THR Z 134 -31.06 -21.48 -47.78
CA THR Z 134 -30.74 -21.26 -49.18
C THR Z 134 -30.06 -22.50 -49.74
N LYS Z 135 -30.65 -23.11 -50.76
CA LYS Z 135 -30.11 -24.30 -51.39
C LYS Z 135 -28.90 -23.92 -52.23
N LEU Z 136 -27.80 -24.63 -52.06
CA LEU Z 136 -26.54 -24.24 -52.69
C LEU Z 136 -26.16 -25.08 -53.91
N LEU Z 137 -26.82 -26.20 -54.15
CA LEU Z 137 -26.42 -27.09 -55.24
C LEU Z 137 -27.50 -27.25 -56.29
N THR Z 138 -28.48 -26.33 -56.33
CA THR Z 138 -29.58 -26.44 -57.27
C THR Z 138 -29.56 -25.34 -58.31
N GLY Z 139 -28.41 -24.70 -58.53
CA GLY Z 139 -28.23 -23.79 -59.64
C GLY Z 139 -28.43 -22.33 -59.33
N THR Z 140 -28.80 -21.99 -58.09
CA THR Z 140 -28.94 -20.58 -57.75
C THR Z 140 -27.58 -19.92 -57.62
N PHE Z 141 -26.52 -20.73 -57.57
CA PHE Z 141 -25.15 -20.21 -57.62
C PHE Z 141 -24.49 -20.57 -58.94
N SER Z 142 -25.28 -20.82 -59.98
CA SER Z 142 -24.73 -21.08 -61.31
C SER Z 142 -23.99 -19.88 -61.88
N ALA Z 143 -24.53 -18.67 -61.72
CA ALA Z 143 -23.86 -17.43 -62.07
C ALA Z 143 -23.38 -16.82 -60.76
N GLY Z 144 -22.08 -16.92 -60.53
CA GLY Z 144 -21.48 -16.62 -59.24
C GLY Z 144 -22.02 -15.42 -58.49
N LYS Z 145 -22.34 -15.63 -57.22
CA LYS Z 145 -22.80 -14.53 -56.38
C LYS Z 145 -21.60 -13.72 -55.88
N VAL Z 146 -21.88 -12.57 -55.30
CA VAL Z 146 -20.86 -11.56 -55.02
C VAL Z 146 -20.80 -11.28 -53.52
N PHE Z 147 -19.58 -11.25 -52.99
CA PHE Z 147 -19.31 -10.80 -51.63
C PHE Z 147 -18.30 -9.66 -51.69
N GLN Z 148 -18.51 -8.63 -50.88
CA GLN Z 148 -17.63 -7.47 -50.85
C GLN Z 148 -16.70 -7.57 -49.65
N VAL Z 149 -15.39 -7.56 -49.91
CA VAL Z 149 -14.40 -7.79 -48.86
C VAL Z 149 -13.57 -6.53 -48.57
N GLY Z 150 -13.83 -5.44 -49.28
CA GLY Z 150 -13.15 -4.18 -49.04
C GLY Z 150 -14.12 -3.15 -48.51
N HIS Z 151 -13.63 -1.91 -48.39
CA HIS Z 151 -14.47 -0.83 -47.92
C HIS Z 151 -14.93 0.11 -49.03
N GLN Z 152 -14.63 -0.20 -50.28
CA GLN Z 152 -15.05 0.62 -51.41
C GLN Z 152 -15.66 -0.26 -52.49
N GLU Z 153 -16.34 0.39 -53.43
CA GLU Z 153 -16.97 -0.32 -54.53
C GLU Z 153 -15.92 -1.02 -55.38
N GLY Z 154 -16.29 -2.20 -55.89
CA GLY Z 154 -15.42 -2.94 -56.78
C GLY Z 154 -14.50 -3.94 -56.11
N GLU Z 155 -14.46 -3.97 -54.78
CA GLU Z 155 -13.63 -4.93 -54.04
C GLU Z 155 -14.50 -6.15 -53.72
N ASP Z 156 -14.75 -6.98 -54.73
CA ASP Z 156 -15.68 -8.08 -54.59
C ASP Z 156 -15.03 -9.41 -54.95
N ILE Z 157 -15.57 -10.47 -54.39
CA ILE Z 157 -15.17 -11.84 -54.68
C ILE Z 157 -16.41 -12.61 -55.15
N LYS Z 158 -16.21 -13.44 -56.17
CA LYS Z 158 -17.31 -14.17 -56.80
C LYS Z 158 -17.14 -15.66 -56.55
N VAL Z 159 -18.20 -16.30 -56.06
CA VAL Z 159 -18.23 -17.73 -55.79
C VAL Z 159 -19.26 -18.38 -56.69
N THR Z 160 -18.84 -19.32 -57.52
CA THR Z 160 -19.70 -20.00 -58.47
C THR Z 160 -19.79 -21.48 -58.12
N VAL Z 161 -21.00 -21.99 -57.96
CA VAL Z 161 -21.26 -23.39 -57.70
C VAL Z 161 -22.25 -23.89 -58.74
N LYS Z 162 -21.79 -24.77 -59.62
CA LYS Z 162 -22.66 -25.30 -60.65
C LYS Z 162 -23.59 -26.36 -60.06
N ALA Z 163 -24.74 -26.54 -60.70
CA ALA Z 163 -25.72 -27.50 -60.21
C ALA Z 163 -25.18 -28.92 -60.32
N SER Z 164 -25.39 -29.70 -59.28
CA SER Z 164 -24.90 -31.08 -59.23
C SER Z 164 -25.98 -31.97 -58.63
N ASN Z 165 -26.67 -32.71 -59.48
CA ASN Z 165 -27.69 -33.67 -59.07
C ASN Z 165 -27.74 -34.76 -60.14
N LYS Z 166 -28.70 -35.68 -60.02
CA LYS Z 166 -28.65 -36.87 -60.86
C LYS Z 166 -28.95 -36.55 -62.32
N THR Z 167 -29.91 -35.66 -62.60
CA THR Z 167 -30.15 -35.29 -64.00
C THR Z 167 -28.99 -34.49 -64.56
N SER Z 168 -28.35 -33.67 -63.73
CA SER Z 168 -27.23 -32.86 -64.19
C SER Z 168 -26.05 -33.73 -64.58
N LEU Z 169 -25.73 -34.73 -63.78
CA LEU Z 169 -24.56 -35.58 -63.99
C LEU Z 169 -24.81 -36.70 -65.00
N SER Z 170 -25.92 -36.61 -65.75
CA SER Z 170 -26.26 -37.59 -66.78
C SER Z 170 -26.36 -39.01 -66.20
N VAL Z 171 -27.05 -39.10 -65.07
CA VAL Z 171 -27.41 -40.39 -64.49
C VAL Z 171 -28.89 -40.36 -64.16
N GLY Z 172 -29.48 -41.53 -63.96
CA GLY Z 172 -30.90 -41.61 -63.72
C GLY Z 172 -31.54 -42.69 -64.56
N ALA Z 173 -30.89 -43.01 -65.68
CA ALA Z 173 -31.28 -44.13 -66.53
C ALA Z 173 -30.03 -44.95 -66.80
N LEU Z 174 -29.76 -45.92 -65.93
CA LEU Z 174 -28.59 -46.80 -66.06
C LEU Z 174 -29.05 -48.25 -66.00
N ASN Z 175 -28.95 -48.95 -67.13
CA ASN Z 175 -29.30 -50.35 -67.21
C ASN Z 175 -28.04 -51.19 -67.35
N ASN Z 176 -28.16 -52.49 -67.08
CA ASN Z 176 -27.04 -53.41 -67.18
C ASN Z 176 -27.44 -54.75 -67.78
N ALA Z 177 -28.41 -54.76 -68.68
CA ALA Z 177 -28.88 -56.01 -69.27
C ALA Z 177 -28.01 -56.45 -70.45
N THR Z 178 -27.96 -55.63 -71.49
CA THR Z 178 -27.24 -56.00 -72.71
C THR Z 178 -25.76 -55.65 -72.63
N SER Z 179 -24.98 -56.11 -73.61
CA SER Z 179 -23.57 -55.77 -73.64
C SER Z 179 -23.36 -54.27 -73.82
N ALA Z 180 -24.13 -53.65 -74.71
CA ALA Z 180 -23.97 -52.23 -74.98
C ALA Z 180 -24.42 -51.39 -73.79
N ASN Z 181 -25.39 -51.89 -73.01
CA ASN Z 181 -25.91 -51.13 -71.90
C ASN Z 181 -24.85 -50.89 -70.83
N ARG Z 182 -24.06 -51.92 -70.51
CA ARG Z 182 -23.04 -51.76 -69.49
C ARG Z 182 -21.90 -50.86 -69.96
N ALA Z 183 -21.52 -50.96 -71.23
CA ALA Z 183 -20.44 -50.12 -71.74
C ALA Z 183 -20.80 -48.65 -71.69
N SER Z 184 -22.03 -48.31 -72.05
CA SER Z 184 -22.46 -46.92 -71.99
C SER Z 184 -22.55 -46.41 -70.56
N SER Z 185 -22.99 -47.27 -69.64
CA SER Z 185 -23.12 -46.85 -68.25
C SER Z 185 -21.77 -46.53 -67.62
N LEU Z 186 -20.75 -47.32 -67.95
CA LEU Z 186 -19.43 -47.12 -67.35
C LEU Z 186 -18.83 -45.78 -67.75
N ALA Z 187 -19.00 -45.36 -68.99
CA ALA Z 187 -18.43 -44.09 -69.44
C ALA Z 187 -19.05 -42.91 -68.73
N LYS Z 188 -20.37 -42.95 -68.50
CA LYS Z 188 -21.04 -41.81 -67.89
C LYS Z 188 -20.64 -41.63 -66.43
N ILE Z 189 -20.44 -42.74 -65.71
CA ILE Z 189 -19.99 -42.63 -64.33
C ILE Z 189 -18.59 -42.03 -64.26
N ASP Z 190 -17.70 -42.46 -65.14
CA ASP Z 190 -16.35 -41.90 -65.17
C ASP Z 190 -16.38 -40.40 -65.47
N ALA Z 191 -17.21 -39.99 -66.41
CA ALA Z 191 -17.36 -38.56 -66.69
C ALA Z 191 -17.96 -37.83 -65.51
N ALA Z 192 -18.81 -38.49 -64.72
CA ALA Z 192 -19.40 -37.86 -63.56
C ALA Z 192 -18.36 -37.52 -62.51
N ILE Z 193 -17.42 -38.44 -62.26
CA ILE Z 193 -16.38 -38.18 -61.25
C ILE Z 193 -15.50 -37.02 -61.68
N LYS Z 194 -15.19 -36.93 -62.98
CA LYS Z 194 -14.36 -35.83 -63.47
C LYS Z 194 -15.03 -34.49 -63.24
N THR Z 195 -16.34 -34.39 -63.50
CA THR Z 195 -17.04 -33.13 -63.34
C THR Z 195 -17.04 -32.67 -61.88
N ILE Z 196 -17.29 -33.59 -60.95
CA ILE Z 196 -17.26 -33.24 -59.54
C ILE Z 196 -15.86 -32.84 -59.12
N ASP Z 197 -14.84 -33.54 -59.63
CA ASP Z 197 -13.46 -33.24 -59.26
C ASP Z 197 -13.08 -31.82 -59.64
N SER Z 198 -13.45 -31.39 -60.85
CA SER Z 198 -13.14 -30.03 -61.27
C SER Z 198 -13.88 -29.01 -60.42
N GLN Z 199 -15.11 -29.32 -60.01
CA GLN Z 199 -15.87 -28.40 -59.18
C GLN Z 199 -15.22 -28.22 -57.82
N ARG Z 200 -14.71 -29.30 -57.23
CA ARG Z 200 -14.07 -29.19 -55.93
C ARG Z 200 -12.80 -28.35 -56.01
N ALA Z 201 -12.03 -28.51 -57.09
CA ALA Z 201 -10.82 -27.71 -57.25
C ALA Z 201 -11.14 -26.23 -57.36
N ASP Z 202 -12.22 -25.89 -58.06
CA ASP Z 202 -12.61 -24.49 -58.19
C ASP Z 202 -12.99 -23.89 -56.84
N LEU Z 203 -13.72 -24.64 -56.02
CA LEU Z 203 -14.10 -24.13 -54.71
C LEU Z 203 -12.92 -24.05 -53.76
N GLY Z 204 -11.97 -24.98 -53.86
CA GLY Z 204 -10.79 -24.91 -53.02
C GLY Z 204 -9.92 -23.70 -53.31
N ALA Z 205 -9.80 -23.34 -54.58
CA ALA Z 205 -8.98 -22.19 -54.95
C ALA Z 205 -9.55 -20.89 -54.37
N VAL Z 206 -10.87 -20.75 -54.37
CA VAL Z 206 -11.48 -19.53 -53.85
C VAL Z 206 -11.22 -19.37 -52.36
N GLN Z 207 -11.33 -20.45 -51.60
CA GLN Z 207 -11.13 -20.34 -50.16
C GLN Z 207 -9.65 -20.25 -49.80
N ASN Z 208 -8.76 -20.79 -50.63
CA ASN Z 208 -7.36 -20.42 -50.51
C ASN Z 208 -7.17 -18.95 -50.82
N ARG Z 209 -7.90 -18.45 -51.83
CA ARG Z 209 -7.85 -17.03 -52.16
C ARG Z 209 -8.39 -16.17 -51.02
N LEU Z 210 -9.52 -16.57 -50.43
CA LEU Z 210 -10.13 -15.75 -49.39
C LEU Z 210 -9.28 -15.69 -48.12
N ALA Z 211 -8.54 -16.76 -47.82
CA ALA Z 211 -7.73 -16.77 -46.61
C ALA Z 211 -6.65 -15.69 -46.65
N HIS Z 212 -6.11 -15.42 -47.83
CA HIS Z 212 -5.06 -14.40 -47.95
C HIS Z 212 -5.61 -12.98 -47.81
N ASN Z 213 -6.86 -12.76 -48.20
CA ASN Z 213 -7.48 -11.45 -47.99
C ASN Z 213 -7.60 -11.13 -46.50
N ILE Z 214 -8.02 -12.11 -45.69
CA ILE Z 214 -8.21 -11.86 -44.27
C ILE Z 214 -6.90 -11.50 -43.60
N SER Z 215 -5.82 -12.22 -43.92
CA SER Z 215 -4.53 -11.92 -43.33
C SER Z 215 -4.05 -10.53 -43.74
N ASN Z 216 -4.23 -10.19 -45.02
CA ASN Z 216 -3.86 -8.85 -45.47
C ASN Z 216 -4.71 -7.77 -44.82
N SER Z 217 -6.02 -8.01 -44.69
CA SER Z 217 -6.89 -7.03 -44.06
C SER Z 217 -6.59 -6.86 -42.58
N ALA Z 218 -6.21 -7.94 -41.90
CA ALA Z 218 -5.84 -7.83 -40.49
C ALA Z 218 -4.58 -6.98 -40.32
N ASN Z 219 -3.60 -7.15 -41.20
CA ASN Z 219 -2.39 -6.35 -41.13
C ASN Z 219 -2.68 -4.88 -41.39
N THR Z 220 -3.41 -4.59 -42.47
CA THR Z 220 -3.64 -3.19 -42.83
C THR Z 220 -4.50 -2.48 -41.79
N GLN Z 221 -5.35 -3.21 -41.09
CA GLN Z 221 -6.18 -2.60 -40.05
C GLN Z 221 -5.31 -2.05 -38.92
N ALA Z 222 -4.29 -2.81 -38.51
CA ALA Z 222 -3.43 -2.37 -37.43
C ALA Z 222 -2.64 -1.11 -37.79
N ASN Z 223 -2.10 -1.07 -39.01
CA ASN Z 223 -1.33 0.10 -39.43
C ASN Z 223 -2.19 1.35 -39.55
N VAL Z 224 -3.43 1.24 -40.03
CA VAL Z 224 -4.30 2.40 -40.09
C VAL Z 224 -4.65 2.88 -38.68
N ALA Z 225 -4.80 1.96 -37.73
CA ALA Z 225 -5.02 2.37 -36.35
C ALA Z 225 -3.85 3.16 -35.81
N ASP Z 226 -2.62 2.79 -36.18
CA ASP Z 226 -1.45 3.59 -35.84
C ASP Z 226 -1.59 5.01 -36.39
N ALA Z 227 -1.90 5.13 -37.67
CA ALA Z 227 -1.97 6.45 -38.30
C ALA Z 227 -3.05 7.30 -37.67
N LYS Z 228 -4.20 6.70 -37.37
CA LYS Z 228 -5.34 7.45 -36.83
C LYS Z 228 -5.11 7.93 -35.41
N SER Z 229 -4.35 7.19 -34.60
CA SER Z 229 -4.14 7.60 -33.22
C SER Z 229 -3.16 8.76 -33.11
N ARG Z 230 -2.18 8.85 -34.01
CA ARG Z 230 -1.22 9.94 -33.93
C ARG Z 230 -1.88 11.30 -34.17
N ILE Z 231 -3.06 11.30 -34.79
CA ILE Z 231 -3.71 12.54 -35.17
C ILE Z 231 -4.70 13.00 -34.11
N VAL Z 232 -5.52 12.09 -33.57
CA VAL Z 232 -6.63 12.48 -32.73
C VAL Z 232 -6.43 12.19 -31.25
N ASP Z 233 -5.41 11.41 -30.88
CA ASP Z 233 -5.25 10.95 -29.52
C ASP Z 233 -4.24 11.82 -28.77
N VAL Z 234 -4.46 11.97 -27.47
CA VAL Z 234 -3.59 12.79 -26.63
C VAL Z 234 -2.42 11.97 -26.15
N ASP Z 235 -1.31 12.64 -25.87
CA ASP Z 235 -0.18 12.04 -25.17
C ASP Z 235 -0.24 12.53 -23.72
N PHE Z 236 -0.43 11.60 -22.79
CA PHE Z 236 -0.61 11.99 -21.39
C PHE Z 236 0.63 12.67 -20.83
N ALA Z 237 1.81 12.30 -21.31
CA ALA Z 237 3.03 12.96 -20.88
C ALA Z 237 2.97 14.44 -21.23
N LYS Z 238 2.54 14.73 -22.45
CA LYS Z 238 2.37 16.12 -22.86
C LYS Z 238 1.26 16.80 -22.08
N GLU Z 239 0.12 16.11 -21.91
CA GLU Z 239 -1.05 16.75 -21.32
C GLU Z 239 -0.90 16.95 -19.82
N THR Z 240 -0.33 15.97 -19.12
CA THR Z 240 -0.20 16.09 -17.67
C THR Z 240 0.71 17.25 -17.29
N SER Z 241 1.80 17.44 -18.03
CA SER Z 241 2.68 18.56 -17.75
C SER Z 241 1.96 19.89 -17.93
N ALA Z 242 1.16 20.02 -18.99
CA ALA Z 242 0.43 21.26 -19.22
C ALA Z 242 -0.61 21.51 -18.13
N MET Z 243 -1.29 20.46 -17.68
CA MET Z 243 -2.30 20.61 -16.64
C MET Z 243 -1.69 21.11 -15.34
N THR Z 244 -0.60 20.48 -14.90
CA THR Z 244 0.13 20.98 -13.74
C THR Z 244 0.74 22.34 -14.03
N LYS Z 245 1.03 22.63 -15.30
CA LYS Z 245 1.68 23.88 -15.66
C LYS Z 245 0.76 25.05 -15.36
N TYR Z 246 -0.53 24.91 -15.68
CA TYR Z 246 -1.52 25.97 -15.50
C TYR Z 246 -2.04 26.07 -14.08
N GLN Z 247 -1.98 24.98 -13.29
CA GLN Z 247 -2.43 25.04 -11.91
C GLN Z 247 -1.61 26.05 -11.12
N VAL Z 248 -0.29 26.05 -11.33
CA VAL Z 248 0.57 27.00 -10.64
C VAL Z 248 0.24 28.43 -11.08
N LEU Z 249 0.01 28.62 -12.38
CA LEU Z 249 -0.29 29.95 -12.89
C LEU Z 249 -1.60 30.49 -12.33
N GLN Z 250 -2.56 29.61 -12.03
CA GLN Z 250 -3.82 30.04 -11.46
C GLN Z 250 -3.63 30.61 -10.06
N GLN Z 251 -2.91 29.88 -9.20
CA GLN Z 251 -2.66 30.38 -7.85
C GLN Z 251 -1.79 31.63 -7.86
N THR Z 252 -0.83 31.70 -8.79
CA THR Z 252 -0.06 32.92 -8.95
C THR Z 252 -0.95 34.08 -9.38
N GLY Z 253 -1.86 33.84 -10.33
CA GLY Z 253 -2.75 34.89 -10.79
C GLY Z 253 -3.70 35.38 -9.72
N SER Z 254 -4.21 34.47 -8.89
CA SER Z 254 -5.15 34.86 -7.84
C SER Z 254 -4.49 35.72 -6.77
N ALA Z 255 -3.27 35.37 -6.36
CA ALA Z 255 -2.57 36.19 -5.37
C ALA Z 255 -2.22 37.57 -5.93
N MET Z 256 -1.80 37.64 -7.20
CA MET Z 256 -1.48 38.93 -7.79
C MET Z 256 -2.72 39.80 -7.91
N LEU Z 257 -3.85 39.22 -8.32
CA LEU Z 257 -5.06 40.01 -8.48
C LEU Z 257 -5.60 40.50 -7.15
N ALA Z 258 -5.60 39.65 -6.12
CA ALA Z 258 -6.08 40.09 -4.81
C ALA Z 258 -5.23 41.21 -4.26
N GLN Z 259 -3.91 41.12 -4.43
CA GLN Z 259 -3.02 42.13 -3.90
C GLN Z 259 -3.06 43.42 -4.73
N ALA Z 260 -3.32 43.29 -6.03
CA ALA Z 260 -3.42 44.47 -6.88
C ALA Z 260 -4.71 45.24 -6.62
N ASN Z 261 -5.72 44.57 -6.06
CA ASN Z 261 -7.00 45.24 -5.80
C ASN Z 261 -6.90 46.26 -4.69
N GLN Z 262 -5.99 46.09 -3.73
CA GLN Z 262 -5.85 47.02 -2.63
C GLN Z 262 -4.75 48.04 -2.84
N LEU Z 263 -4.32 48.25 -4.08
CA LEU Z 263 -3.45 49.36 -4.44
C LEU Z 263 -4.07 50.73 -4.13
N PRO Z 264 -5.34 51.00 -4.47
CA PRO Z 264 -5.88 52.34 -4.24
C PRO Z 264 -6.01 52.74 -2.79
N GLN Z 265 -5.77 51.84 -1.84
CA GLN Z 265 -5.85 52.21 -0.43
C GLN Z 265 -4.73 53.15 0.00
N VAL Z 266 -3.73 53.36 -0.84
CA VAL Z 266 -2.70 54.35 -0.54
C VAL Z 266 -3.32 55.74 -0.44
N ALA Z 267 -4.36 56.01 -1.22
CA ALA Z 267 -5.01 57.32 -1.20
C ALA Z 267 -5.58 57.67 0.17
N LEU Z 268 -5.93 56.68 0.98
CA LEU Z 268 -6.43 56.93 2.32
C LEU Z 268 -5.35 57.38 3.29
N SER Z 269 -4.08 57.09 2.99
CA SER Z 269 -3.00 57.51 3.88
C SER Z 269 -2.80 59.01 3.81
N LEU Z 270 -3.02 59.64 2.66
CA LEU Z 270 -2.79 61.07 2.50
C LEU Z 270 -4.04 61.86 2.91
N LEU Z 271 -4.47 61.60 4.14
CA LEU Z 271 -5.54 62.36 4.77
C LEU Z 271 -6.81 62.33 3.92
N GLY Z 272 -7.42 61.16 3.81
CA GLY Z 272 -8.68 61.01 3.10
C GLY Z 272 -8.64 61.38 1.63
N ALA AA 1 -3.12 110.88 6.61
CA ALA AA 1 -3.70 109.68 6.00
C ALA AA 1 -4.43 108.85 7.04
N ILE AA 2 -5.16 109.51 7.93
CA ILE AA 2 -5.95 108.82 8.95
C ILE AA 2 -7.42 109.08 8.70
N THR AA 3 -8.09 108.13 8.05
CA THR AA 3 -9.48 108.31 7.67
C THR AA 3 -10.38 107.34 8.44
N VAL AA 4 -11.66 107.72 8.55
CA VAL AA 4 -12.64 106.91 9.26
C VAL AA 4 -13.85 106.65 8.38
N ASN AA 5 -13.72 106.89 7.07
CA ASN AA 5 -14.81 106.64 6.14
C ASN AA 5 -14.54 105.49 5.18
N THR AA 6 -13.28 105.26 4.80
CA THR AA 6 -12.93 104.14 3.91
C THR AA 6 -11.75 103.39 4.48
N ASN AA 7 -11.80 102.06 4.43
CA ASN AA 7 -10.72 101.18 4.88
C ASN AA 7 -10.30 100.34 3.68
N VAL AA 8 -9.38 100.87 2.88
CA VAL AA 8 -8.91 100.16 1.70
C VAL AA 8 -8.09 98.94 2.09
N THR AA 9 -7.43 98.99 3.25
CA THR AA 9 -6.73 97.82 3.75
C THR AA 9 -7.70 96.64 3.93
N SER AA 10 -8.90 96.92 4.44
CA SER AA 10 -9.92 95.89 4.56
C SER AA 10 -10.37 95.40 3.19
N MET AA 11 -10.52 96.31 2.23
CA MET AA 11 -10.98 95.92 0.91
C MET AA 11 -10.01 94.95 0.25
N LYS AA 12 -8.71 95.23 0.33
CA LYS AA 12 -7.72 94.31 -0.22
C LYS AA 12 -7.69 93.00 0.57
N ALA AA 13 -7.82 93.08 1.89
CA ALA AA 13 -7.82 91.87 2.71
C ALA AA 13 -9.01 90.98 2.40
N GLN AA 14 -10.18 91.59 2.16
CA GLN AA 14 -11.38 90.80 1.86
C GLN AA 14 -11.21 89.99 0.59
N LYS AA 15 -10.62 90.60 -0.45
CA LYS AA 15 -10.46 89.90 -1.72
C LYS AA 15 -9.57 88.68 -1.59
N ASN AA 16 -8.49 88.80 -0.82
CA ASN AA 16 -7.57 87.68 -0.66
C ASN AA 16 -8.24 86.52 0.06
N LEU AA 17 -9.08 86.82 1.06
CA LEU AA 17 -9.79 85.76 1.76
C LEU AA 17 -10.77 85.04 0.85
N ASN AA 18 -11.44 85.79 -0.03
CA ASN AA 18 -12.38 85.17 -0.96
C ASN AA 18 -11.68 84.21 -1.91
N THR AA 19 -10.50 84.61 -2.41
CA THR AA 19 -9.76 83.73 -3.31
C THR AA 19 -9.31 82.45 -2.62
N SER AA 20 -8.82 82.55 -1.39
CA SER AA 20 -8.39 81.37 -0.65
C SER AA 20 -9.55 80.45 -0.29
N ASN AA 21 -10.72 81.01 -0.01
CA ASN AA 21 -11.90 80.20 0.29
C ASN AA 21 -12.41 79.46 -0.93
N SER AA 22 -12.39 80.12 -2.09
CA SER AA 22 -12.86 79.48 -3.32
C SER AA 22 -11.94 78.35 -3.75
N GLY AA 23 -10.63 78.50 -3.57
CA GLY AA 23 -9.69 77.45 -3.88
C GLY AA 23 -9.84 76.25 -2.99
N LEU AA 24 -10.14 76.48 -1.72
CA LEU AA 24 -10.38 75.37 -0.79
C LEU AA 24 -11.62 74.60 -1.18
N SER AA 25 -12.68 75.31 -1.58
CA SER AA 25 -13.93 74.64 -1.94
C SER AA 25 -13.76 73.75 -3.16
N THR AA 26 -13.08 74.26 -4.20
CA THR AA 26 -12.95 73.48 -5.43
C THR AA 26 -12.07 72.26 -5.23
N SER AA 27 -11.15 72.30 -4.28
CA SER AA 27 -10.31 71.13 -4.03
C SER AA 27 -11.08 70.02 -3.34
N MET AA 28 -12.04 70.36 -2.48
CA MET AA 28 -12.79 69.34 -1.77
C MET AA 28 -13.68 68.54 -2.71
N GLU AA 29 -14.35 69.21 -3.66
CA GLU AA 29 -15.24 68.50 -4.56
C GLU AA 29 -14.48 67.62 -5.53
N ARG AA 30 -13.29 68.03 -5.96
CA ARG AA 30 -12.46 67.14 -6.75
C ARG AA 30 -12.03 65.92 -5.95
N LEU AA 31 -11.73 66.09 -4.67
CA LEU AA 31 -11.37 64.95 -3.83
C LEU AA 31 -12.57 64.09 -3.47
N SER AA 32 -13.76 64.67 -3.34
CA SER AA 32 -14.92 63.91 -2.91
C SER AA 32 -15.46 63.02 -4.02
N SER AA 33 -15.19 63.35 -5.29
CA SER AA 33 -15.65 62.55 -6.42
C SER AA 33 -14.51 61.77 -7.06
N GLY AA 34 -13.40 62.43 -7.35
CA GLY AA 34 -12.26 61.75 -7.92
C GLY AA 34 -12.05 62.11 -9.38
N LEU AA 35 -12.63 63.23 -9.81
CA LEU AA 35 -12.54 63.67 -11.18
C LEU AA 35 -11.99 65.08 -11.23
N ARG AA 36 -10.98 65.29 -12.08
CA ARG AA 36 -10.46 66.62 -12.30
C ARG AA 36 -11.44 67.50 -13.08
N ILE AA 37 -12.00 66.97 -14.16
CA ILE AA 37 -12.96 67.72 -14.96
C ILE AA 37 -14.37 67.44 -14.45
N ASN AA 38 -14.77 68.16 -13.41
CA ASN AA 38 -16.13 68.04 -12.90
C ASN AA 38 -17.10 68.79 -13.81
N SER AA 39 -16.81 70.06 -14.07
CA SER AA 39 -17.63 70.88 -14.95
C SER AA 39 -16.79 71.37 -16.13
N ALA AA 40 -17.41 72.21 -16.95
CA ALA AA 40 -16.73 72.81 -18.08
C ALA AA 40 -15.84 73.98 -17.70
N LYS AA 41 -15.70 74.26 -16.40
CA LYS AA 41 -14.73 75.26 -15.97
C LYS AA 41 -13.35 74.87 -16.45
N ASP AA 42 -13.00 73.59 -16.30
CA ASP AA 42 -11.69 73.02 -16.58
C ASP AA 42 -11.51 72.77 -18.07
N ASP AA 43 -10.56 71.91 -18.42
CA ASP AA 43 -10.20 71.68 -19.81
C ASP AA 43 -11.42 71.49 -20.70
N ALA AA 44 -11.64 72.44 -21.59
CA ALA AA 44 -12.77 72.33 -22.52
C ALA AA 44 -12.54 71.20 -23.52
N ALA AA 45 -11.30 71.05 -23.99
CA ALA AA 45 -10.97 69.97 -24.90
C ALA AA 45 -10.89 68.62 -24.21
N GLY AA 46 -10.57 68.60 -22.91
CA GLY AA 46 -10.44 67.33 -22.22
C GLY AA 46 -11.75 66.56 -22.15
N LEU AA 47 -12.84 67.26 -21.84
CA LEU AA 47 -14.13 66.59 -21.70
C LEU AA 47 -14.62 66.06 -23.05
N ALA AA 48 -14.34 66.81 -24.12
CA ALA AA 48 -14.73 66.35 -25.45
C ALA AA 48 -13.99 65.08 -25.83
N ILE AA 49 -12.68 65.03 -25.57
CA ILE AA 49 -11.90 63.84 -25.86
C ILE AA 49 -12.35 62.68 -24.99
N SER AA 50 -12.62 62.94 -23.71
CA SER AA 50 -13.01 61.87 -22.80
C SER AA 50 -14.32 61.23 -23.22
N ASN AA 51 -15.23 62.02 -23.81
CA ASN AA 51 -16.51 61.48 -24.23
C ASN AA 51 -16.34 60.41 -25.31
N ARG AA 52 -15.47 60.68 -26.29
CA ARG AA 52 -15.20 59.66 -27.31
C ARG AA 52 -14.45 58.46 -26.75
N LEU AA 53 -13.51 58.69 -25.83
CA LEU AA 53 -12.85 57.57 -25.17
C LEU AA 53 -13.83 56.76 -24.33
N ASN AA 54 -14.79 57.44 -23.68
CA ASN AA 54 -15.81 56.73 -22.94
C ASN AA 54 -16.66 55.87 -23.87
N SER AA 55 -16.97 56.37 -25.06
CA SER AA 55 -17.72 55.58 -26.03
C SER AA 55 -16.95 54.34 -26.46
N GLN AA 56 -15.64 54.46 -26.66
CA GLN AA 56 -14.85 53.30 -27.06
C GLN AA 56 -14.81 52.24 -25.96
N VAL AA 57 -14.63 52.67 -24.71
CA VAL AA 57 -14.54 51.72 -23.60
C VAL AA 57 -15.86 50.97 -23.45
N ARG AA 58 -16.97 51.70 -23.39
CA ARG AA 58 -18.26 51.05 -23.27
C ARG AA 58 -18.66 50.35 -24.56
N GLY AA 59 -18.26 50.91 -25.71
CA GLY AA 59 -18.56 50.27 -26.98
C GLY AA 59 -17.91 48.90 -27.10
N LEU AA 60 -16.65 48.80 -26.67
CA LEU AA 60 -15.97 47.51 -26.72
C LEU AA 60 -16.62 46.50 -25.78
N GLU AA 61 -17.05 46.94 -24.60
CA GLU AA 61 -17.61 46.02 -23.61
C GLU AA 61 -18.86 45.35 -24.15
N VAL AA 62 -19.73 46.12 -24.82
CA VAL AA 62 -20.89 45.50 -25.47
C VAL AA 62 -20.44 44.64 -26.64
N GLY AA 63 -19.39 45.06 -27.35
CA GLY AA 63 -18.89 44.27 -28.46
C GLY AA 63 -18.32 42.93 -28.01
N MET AA 64 -17.71 42.90 -26.83
CA MET AA 64 -17.21 41.63 -26.29
C MET AA 64 -18.34 40.64 -26.08
N ARG AA 65 -19.43 41.07 -25.44
CA ARG AA 65 -20.57 40.18 -25.25
C ARG AA 65 -21.22 39.81 -26.58
N ASN AA 66 -21.12 40.69 -27.57
CA ASN AA 66 -21.67 40.39 -28.88
C ASN AA 66 -20.98 39.20 -29.52
N ALA AA 67 -19.66 39.08 -29.36
CA ALA AA 67 -18.89 37.98 -29.92
C ALA AA 67 -19.00 36.70 -29.10
N ASN AA 68 -19.11 36.80 -27.78
CA ASN AA 68 -19.35 35.61 -26.97
C ASN AA 68 -20.64 34.91 -27.36
N ASP AA 69 -21.65 35.65 -27.79
CA ASP AA 69 -22.88 35.09 -28.31
C ASP AA 69 -22.65 34.32 -29.59
N ALA AA 70 -21.82 34.84 -30.51
CA ALA AA 70 -21.56 34.16 -31.76
C ALA AA 70 -20.81 32.86 -31.53
N ILE AA 71 -19.94 32.81 -30.53
CA ILE AA 71 -19.18 31.61 -30.22
C ILE AA 71 -20.14 30.51 -29.80
N SER AA 72 -21.12 30.85 -28.97
CA SER AA 72 -22.07 29.86 -28.48
C SER AA 72 -22.92 29.28 -29.62
N ILE AA 73 -23.35 30.12 -30.55
CA ILE AA 73 -24.12 29.61 -31.68
C ILE AA 73 -23.30 28.62 -32.51
N ALA AA 74 -22.06 28.98 -32.83
CA ALA AA 74 -21.20 28.06 -33.57
C ALA AA 74 -20.89 26.81 -32.77
N GLN AA 75 -20.87 26.91 -31.44
CA GLN AA 75 -20.59 25.75 -30.60
C GLN AA 75 -21.72 24.73 -30.67
N ILE AA 76 -22.96 25.19 -30.67
CA ILE AA 76 -24.10 24.27 -30.66
C ILE AA 76 -24.24 23.57 -32.01
N ALA AA 77 -24.09 24.33 -33.10
CA ALA AA 77 -24.23 23.74 -34.43
C ALA AA 77 -23.17 22.68 -34.67
N GLU AA 78 -21.94 22.95 -34.24
CA GLU AA 78 -20.86 21.98 -34.39
C GLU AA 78 -21.15 20.69 -33.61
N GLY AA 79 -21.69 20.83 -32.41
CA GLY AA 79 -21.99 19.65 -31.61
C GLY AA 79 -23.02 18.74 -32.26
N ALA AA 80 -24.05 19.33 -32.87
CA ALA AA 80 -25.09 18.52 -33.50
C ALA AA 80 -24.58 17.78 -34.72
N MET AA 81 -23.68 18.40 -35.50
CA MET AA 81 -23.19 17.74 -36.71
C MET AA 81 -22.31 16.54 -36.37
N GLN AA 82 -21.73 16.50 -35.18
CA GLN AA 82 -20.94 15.33 -34.79
C GLN AA 82 -21.81 14.09 -34.70
N GLU AA 83 -23.01 14.22 -34.14
CA GLU AA 83 -23.88 13.06 -34.01
C GLU AA 83 -24.42 12.61 -35.36
N GLN AA 84 -24.62 13.54 -36.29
CA GLN AA 84 -25.02 13.13 -37.64
C GLN AA 84 -23.92 12.35 -38.33
N THR AA 85 -22.66 12.68 -38.04
CA THR AA 85 -21.54 11.94 -38.64
C THR AA 85 -21.48 10.51 -38.14
N ASN AA 86 -21.70 10.28 -36.85
CA ASN AA 86 -21.65 8.92 -36.33
C ASN AA 86 -22.73 8.02 -36.90
N MET AA 87 -23.96 8.52 -37.02
CA MET AA 87 -25.02 7.73 -37.61
C MET AA 87 -24.81 7.46 -39.09
N LEU AA 88 -24.20 8.39 -39.81
CA LEU AA 88 -23.89 8.14 -41.21
C LEU AA 88 -22.84 7.04 -41.36
N GLN AA 89 -21.90 6.95 -40.42
CA GLN AA 89 -20.92 5.87 -40.47
C GLN AA 89 -21.57 4.51 -40.29
N ARG AA 90 -22.57 4.43 -39.39
CA ARG AA 90 -23.28 3.17 -39.21
C ARG AA 90 -24.05 2.77 -40.45
N MET AA 91 -24.57 3.73 -41.21
CA MET AA 91 -25.23 3.41 -42.47
C MET AA 91 -24.26 2.81 -43.49
N ARG AA 92 -23.00 3.26 -43.47
CA ARG AA 92 -22.00 2.68 -44.36
C ARG AA 92 -21.77 1.20 -44.05
N ASP AA 93 -21.69 0.84 -42.77
CA ASP AA 93 -21.49 -0.55 -42.41
C ASP AA 93 -22.66 -1.43 -42.83
N LEU AA 94 -23.89 -0.93 -42.66
CA LEU AA 94 -25.06 -1.70 -43.08
C LEU AA 94 -25.08 -1.94 -44.58
N THR AA 95 -24.72 -0.93 -45.38
CA THR AA 95 -24.63 -1.13 -46.82
C THR AA 95 -23.56 -2.14 -47.19
N ILE AA 96 -22.40 -2.11 -46.52
CA ILE AA 96 -21.39 -3.14 -46.75
C ILE AA 96 -21.90 -4.49 -46.27
N GLN AA 97 -22.56 -4.54 -45.11
CA GLN AA 97 -23.11 -5.78 -44.60
C GLN AA 97 -24.24 -6.32 -45.46
N SER AA 98 -24.94 -5.45 -46.18
CA SER AA 98 -26.07 -5.87 -47.00
C SER AA 98 -25.65 -6.44 -48.34
N GLU AA 99 -24.38 -6.79 -48.52
CA GLU AA 99 -23.88 -7.20 -49.82
C GLU AA 99 -23.48 -8.68 -49.78
N ASN AA 100 -23.80 -9.38 -48.69
CA ASN AA 100 -23.54 -10.82 -48.63
C ASN AA 100 -24.35 -11.57 -49.68
N GLY AA 101 -23.78 -12.65 -50.20
CA GLY AA 101 -24.50 -13.52 -51.09
C GLY AA 101 -25.22 -14.63 -50.35
N ALA AA 102 -25.04 -14.69 -49.04
CA ALA AA 102 -25.74 -15.66 -48.21
C ALA AA 102 -26.99 -15.09 -47.56
N ASN AA 103 -27.31 -13.84 -47.83
CA ASN AA 103 -28.52 -13.23 -47.28
C ASN AA 103 -29.71 -13.74 -48.07
N SER AA 104 -30.90 -13.22 -47.75
CA SER AA 104 -32.10 -13.57 -48.49
C SER AA 104 -32.95 -12.32 -48.62
N THR AA 105 -34.07 -12.46 -49.33
CA THR AA 105 -34.95 -11.32 -49.54
C THR AA 105 -35.49 -10.79 -48.20
N ALA AA 106 -35.85 -11.70 -47.29
CA ALA AA 106 -36.30 -11.29 -45.97
C ALA AA 106 -35.20 -10.65 -45.14
N ASP AA 107 -33.95 -11.07 -45.33
CA ASP AA 107 -32.84 -10.50 -44.59
C ASP AA 107 -32.56 -9.06 -44.98
N LEU AA 108 -32.65 -8.77 -46.28
CA LEU AA 108 -32.39 -7.41 -46.75
C LEU AA 108 -33.43 -6.43 -46.23
N VAL AA 109 -34.68 -6.89 -46.05
CA VAL AA 109 -35.71 -6.02 -45.53
C VAL AA 109 -35.41 -5.59 -44.10
N SER AA 110 -34.93 -6.51 -43.26
CA SER AA 110 -34.60 -6.15 -41.88
C SER AA 110 -33.49 -5.12 -41.80
N ILE AA 111 -32.49 -5.22 -42.67
CA ILE AA 111 -31.42 -4.23 -42.67
C ILE AA 111 -31.95 -2.86 -43.09
N LYS AA 112 -32.86 -2.84 -44.08
CA LYS AA 112 -33.43 -1.56 -44.50
C LYS AA 112 -34.27 -0.92 -43.39
N ALA AA 113 -34.99 -1.73 -42.62
CA ALA AA 113 -35.77 -1.21 -41.51
C ALA AA 113 -34.92 -0.51 -40.46
N GLU AA 114 -33.64 -0.83 -40.39
CA GLU AA 114 -32.68 -0.15 -39.53
C GLU AA 114 -32.16 1.13 -40.17
N MET AA 115 -31.73 1.06 -41.44
CA MET AA 115 -31.29 2.25 -42.15
C MET AA 115 -32.38 3.31 -42.19
N ASP AA 116 -33.64 2.86 -42.31
CA ASP AA 116 -34.74 3.80 -42.46
C ASP AA 116 -34.91 4.68 -41.22
N GLN AA 117 -34.79 4.08 -40.03
CA GLN AA 117 -34.94 4.85 -38.80
C GLN AA 117 -33.74 5.76 -38.51
N LEU AA 118 -32.53 5.35 -38.91
CA LEU AA 118 -31.39 6.24 -38.73
C LEU AA 118 -31.50 7.51 -39.55
N ALA AA 119 -32.04 7.42 -40.77
CA ALA AA 119 -32.26 8.60 -41.58
C ALA AA 119 -33.33 9.51 -41.00
N THR AA 120 -34.28 8.95 -40.25
CA THR AA 120 -35.29 9.78 -39.60
C THR AA 120 -34.70 10.70 -38.54
N GLU AA 121 -33.71 10.23 -37.78
CA GLU AA 121 -33.08 11.08 -36.79
C GLU AA 121 -32.22 12.17 -37.39
N ILE AA 122 -31.55 11.89 -38.52
CA ILE AA 122 -30.80 12.95 -39.18
C ILE AA 122 -31.75 14.10 -39.55
N ASP AA 123 -32.98 13.76 -39.95
CA ASP AA 123 -34.02 14.76 -40.06
C ASP AA 123 -34.37 15.37 -38.71
N SER AA 124 -34.45 14.55 -37.66
CA SER AA 124 -34.93 15.05 -36.37
C SER AA 124 -33.94 15.99 -35.71
N ILE AA 125 -32.64 15.70 -35.80
CA ILE AA 125 -31.66 16.63 -35.26
C ILE AA 125 -31.65 17.93 -36.03
N GLY AA 126 -31.76 17.85 -37.36
CA GLY AA 126 -31.76 19.04 -38.20
C GLY AA 126 -32.89 20.00 -37.88
N ASN AA 127 -34.05 19.47 -37.53
CA ASN AA 127 -35.22 20.29 -37.24
C ASN AA 127 -35.33 20.67 -35.77
N SER AA 128 -34.42 20.23 -34.91
CA SER AA 128 -34.55 20.46 -33.49
C SER AA 128 -33.50 21.40 -32.94
N THR AA 129 -32.25 21.28 -33.42
CA THR AA 129 -31.14 22.05 -32.89
C THR AA 129 -31.46 23.55 -32.92
N ALA AA 130 -31.52 24.17 -31.74
CA ALA AA 130 -31.98 25.55 -31.64
C ALA AA 130 -31.23 26.24 -30.53
N PHE AA 131 -31.20 27.57 -30.59
CA PHE AA 131 -30.61 28.43 -29.58
C PHE AA 131 -31.76 29.11 -28.85
N GLY AA 132 -32.28 28.44 -27.83
CA GLY AA 132 -33.44 28.95 -27.13
C GLY AA 132 -34.71 28.74 -27.93
N ASN AA 133 -34.89 29.52 -29.00
CA ASN AA 133 -36.07 29.31 -29.83
C ASN AA 133 -35.77 29.48 -31.32
N THR AA 134 -34.52 29.68 -31.73
CA THR AA 134 -34.17 29.90 -33.12
C THR AA 134 -33.48 28.65 -33.66
N LYS AA 135 -34.07 28.05 -34.70
CA LYS AA 135 -33.53 26.86 -35.32
C LYS AA 135 -32.30 27.23 -36.15
N LEU AA 136 -31.20 26.51 -35.95
CA LEU AA 136 -29.93 26.89 -36.56
C LEU AA 136 -29.54 26.06 -37.77
N LEU AA 137 -30.20 24.93 -38.03
CA LEU AA 137 -29.78 24.04 -39.11
C LEU AA 137 -30.85 23.90 -40.18
N THR AA 138 -31.82 24.82 -40.24
CA THR AA 138 -32.90 24.72 -41.20
C THR AA 138 -32.85 25.84 -42.24
N GLY AA 139 -31.69 26.46 -42.43
CA GLY AA 139 -31.49 27.37 -43.54
C GLY AA 139 -31.68 28.83 -43.22
N THR AA 140 -32.07 29.17 -41.99
CA THR AA 140 -32.21 30.59 -41.65
C THR AA 140 -30.83 31.23 -41.49
N PHE AA 141 -29.78 30.42 -41.42
CA PHE AA 141 -28.42 30.92 -41.46
C PHE AA 141 -27.73 30.56 -42.76
N SER AA 142 -28.51 30.32 -43.81
CA SER AA 142 -27.93 30.06 -45.13
C SER AA 142 -27.17 31.25 -45.68
N ALA AA 143 -27.72 32.46 -45.53
CA ALA AA 143 -27.02 33.70 -45.87
C ALA AA 143 -26.56 34.30 -44.55
N GLY AA 144 -25.26 34.19 -44.29
CA GLY AA 144 -24.67 34.48 -43.00
C GLY AA 144 -25.23 35.68 -42.25
N LYS AA 145 -25.57 35.48 -40.99
CA LYS AA 145 -26.03 36.59 -40.15
C LYS AA 145 -24.84 37.38 -39.62
N VAL AA 146 -25.13 38.53 -39.04
CA VAL AA 146 -24.10 39.52 -38.75
C VAL AA 146 -24.07 39.82 -37.25
N PHE AA 147 -22.86 39.82 -36.69
CA PHE AA 147 -22.60 40.27 -35.33
C PHE AA 147 -21.58 41.40 -35.37
N GLN AA 148 -21.80 42.44 -34.56
CA GLN AA 148 -20.91 43.59 -34.51
C GLN AA 148 -20.01 43.48 -33.29
N VAL AA 149 -18.70 43.47 -33.52
CA VAL AA 149 -17.73 43.24 -32.46
C VAL AA 149 -16.89 44.48 -32.15
N GLY AA 150 -17.13 45.57 -32.87
CA GLY AA 150 -16.44 46.83 -32.61
C GLY AA 150 -17.42 47.86 -32.09
N HIS AA 151 -16.92 49.10 -31.97
CA HIS AA 151 -17.77 50.20 -31.50
C HIS AA 151 -18.18 51.14 -32.62
N GLN AA 152 -17.86 50.83 -33.87
CA GLN AA 152 -18.26 51.65 -35.00
C GLN AA 152 -18.86 50.78 -36.10
N GLU AA 153 -19.51 51.44 -37.05
CA GLU AA 153 -20.13 50.73 -38.16
C GLU AA 153 -19.08 50.02 -38.99
N GLY AA 154 -19.43 48.85 -39.51
CA GLY AA 154 -18.55 48.10 -40.38
C GLY AA 154 -17.65 47.10 -39.70
N GLU AA 155 -17.64 47.07 -38.37
CA GLU AA 155 -16.84 46.09 -37.62
C GLU AA 155 -17.72 44.89 -37.31
N ASP AA 156 -17.96 44.06 -38.33
CA ASP AA 156 -18.90 42.96 -38.22
C ASP AA 156 -18.25 41.64 -38.55
N ILE AA 157 -18.82 40.57 -38.01
CA ILE AA 157 -18.43 39.19 -38.30
C ILE AA 157 -19.66 38.44 -38.80
N LYS AA 158 -19.44 37.61 -39.81
CA LYS AA 158 -20.54 36.89 -40.46
C LYS AA 158 -20.39 35.40 -40.22
N VAL AA 159 -21.47 34.77 -39.75
CA VAL AA 159 -21.50 33.34 -39.48
C VAL AA 159 -22.54 32.70 -40.41
N THR AA 160 -22.10 31.75 -41.22
CA THR AA 160 -22.96 31.09 -42.19
C THR AA 160 -23.05 29.61 -41.85
N VAL AA 161 -24.28 29.11 -41.72
CA VAL AA 161 -24.55 27.70 -41.45
C VAL AA 161 -25.51 27.22 -42.52
N LYS AA 162 -25.05 26.34 -43.40
CA LYS AA 162 -25.91 25.82 -44.45
C LYS AA 162 -26.85 24.76 -43.88
N ALA AA 163 -28.00 24.60 -44.54
CA ALA AA 163 -29.00 23.65 -44.07
C ALA AA 163 -28.46 22.22 -44.17
N SER AA 164 -28.71 21.43 -43.13
CA SER AA 164 -28.22 20.05 -43.07
C SER AA 164 -29.32 19.17 -42.49
N ASN AA 165 -30.01 18.44 -43.37
CA ASN AA 165 -31.04 17.49 -42.99
C ASN AA 165 -31.08 16.40 -44.06
N LYS AA 166 -32.04 15.48 -43.94
CA LYS AA 166 -31.99 14.30 -44.79
C LYS AA 166 -32.25 14.62 -46.26
N THR AA 167 -33.20 15.52 -46.55
CA THR AA 167 -33.42 15.89 -47.95
C THR AA 167 -32.24 16.69 -48.49
N SER AA 168 -31.61 17.51 -47.64
CA SER AA 168 -30.47 18.30 -48.08
C SER AA 168 -29.30 17.43 -48.46
N LEU AA 169 -28.99 16.42 -47.65
CA LEU AA 169 -27.83 15.57 -47.85
C LEU AA 169 -28.08 14.45 -48.86
N SER AA 170 -29.17 14.54 -49.63
CA SER AA 170 -29.50 13.57 -50.66
C SER AA 170 -29.62 12.16 -50.09
N VAL AA 171 -30.33 12.06 -48.98
CA VAL AA 171 -30.71 10.77 -48.41
C VAL AA 171 -32.20 10.81 -48.10
N GLY AA 172 -32.80 9.64 -47.92
CA GLY AA 172 -34.23 9.58 -47.70
C GLY AA 172 -34.86 8.51 -48.56
N ALA AA 173 -34.19 8.19 -49.67
CA ALA AA 173 -34.57 7.08 -50.53
C ALA AA 173 -33.32 6.24 -50.77
N LEU AA 174 -33.09 5.26 -49.91
CA LEU AA 174 -31.92 4.38 -50.01
C LEU AA 174 -32.40 2.94 -49.98
N ASN AA 175 -32.28 2.24 -51.10
CA ASN AA 175 -32.64 0.84 -51.19
C ASN AA 175 -31.38 -0.01 -51.30
N ASN AA 176 -31.52 -1.31 -51.04
CA ASN AA 176 -30.40 -2.24 -51.12
C ASN AA 176 -30.80 -3.57 -51.73
N ALA AA 177 -31.76 -3.57 -52.65
CA ALA AA 177 -32.22 -4.83 -53.26
C ALA AA 177 -31.33 -5.26 -54.42
N THR AA 178 -31.25 -4.45 -55.46
CA THR AA 178 -30.52 -4.82 -56.66
C THR AA 178 -29.04 -4.49 -56.54
N SER AA 179 -28.25 -4.93 -57.52
CA SER AA 179 -26.83 -4.61 -57.52
C SER AA 179 -26.60 -3.11 -57.70
N ALA AA 180 -27.36 -2.49 -58.60
CA ALA AA 180 -27.17 -1.06 -58.85
C ALA AA 180 -27.64 -0.23 -57.67
N ASN AA 181 -28.63 -0.72 -56.93
CA ASN AA 181 -29.17 0.04 -55.81
C ASN AA 181 -28.13 0.27 -54.72
N ARG AA 182 -27.35 -0.77 -54.39
CA ARG AA 182 -26.35 -0.61 -53.35
C ARG AA 182 -25.19 0.27 -53.80
N ALA AA 183 -24.79 0.18 -55.06
CA ALA AA 183 -23.68 1.00 -55.55
C ALA AA 183 -24.04 2.48 -55.50
N SER AA 184 -25.26 2.83 -55.88
CA SER AA 184 -25.68 4.23 -55.83
C SER AA 184 -25.79 4.73 -54.40
N SER AA 185 -26.25 3.88 -53.49
CA SER AA 185 -26.41 4.29 -52.10
C SER AA 185 -25.07 4.59 -51.45
N LEU AA 186 -24.05 3.80 -51.75
CA LEU AA 186 -22.74 3.98 -51.13
C LEU AA 186 -22.12 5.32 -51.51
N ALA AA 187 -22.26 5.75 -52.77
CA ALA AA 187 -21.67 7.00 -53.20
C ALA AA 187 -22.30 8.19 -52.49
N LYS AA 188 -23.62 8.17 -52.29
CA LYS AA 188 -24.29 9.32 -51.69
C LYS AA 188 -23.92 9.48 -50.22
N ILE AA 189 -23.74 8.37 -49.51
CA ILE AA 189 -23.32 8.47 -48.11
C ILE AA 189 -21.91 9.06 -48.01
N ASP AA 190 -21.01 8.63 -48.89
CA ASP AA 190 -19.66 9.17 -48.88
C ASP AA 190 -19.67 10.67 -49.17
N ALA AA 191 -20.49 11.10 -50.14
CA ALA AA 191 -20.61 12.52 -50.42
C ALA AA 191 -21.23 13.27 -49.25
N ALA AA 192 -22.09 12.60 -48.48
CA ALA AA 192 -22.70 13.24 -47.32
C ALA AA 192 -21.67 13.57 -46.25
N ILE AA 193 -20.74 12.64 -45.98
CA ILE AA 193 -19.73 12.89 -44.96
C ILE AA 193 -18.82 14.04 -45.38
N LYS AA 194 -18.50 14.14 -46.66
CA LYS AA 194 -17.65 15.23 -47.13
C LYS AA 194 -18.31 16.58 -46.91
N THR AA 195 -19.61 16.67 -47.19
CA THR AA 195 -20.30 17.95 -47.05
C THR AA 195 -20.33 18.40 -45.59
N ILE AA 196 -20.60 17.49 -44.67
CA ILE AA 196 -20.60 17.84 -43.25
C ILE AA 196 -19.20 18.22 -42.80
N ASP AA 197 -18.18 17.51 -43.30
CA ASP AA 197 -16.81 17.79 -42.90
C ASP AA 197 -16.41 19.21 -43.27
N SER AA 198 -16.75 19.65 -44.48
CA SER AA 198 -16.42 21.00 -44.90
C SER AA 198 -17.17 22.04 -44.06
N GLN AA 199 -18.40 21.72 -43.67
CA GLN AA 199 -19.18 22.65 -42.85
C GLN AA 199 -18.55 22.84 -41.48
N ARG AA 200 -18.06 21.74 -40.88
CA ARG AA 200 -17.44 21.85 -39.57
C ARG AA 200 -16.17 22.68 -39.62
N ALA AA 201 -15.38 22.52 -40.69
CA ALA AA 201 -14.16 23.30 -40.83
C ALA AA 201 -14.46 24.79 -40.94
N ASP AA 202 -15.53 25.14 -41.67
CA ASP AA 202 -15.91 26.54 -41.80
C ASP AA 202 -16.31 27.13 -40.45
N LEU AA 203 -17.05 26.39 -39.64
CA LEU AA 203 -17.45 26.90 -38.34
C LEU AA 203 -16.29 26.98 -37.37
N GLY AA 204 -15.35 26.04 -37.45
CA GLY AA 204 -14.19 26.09 -36.58
C GLY AA 204 -13.30 27.29 -36.86
N ALA AA 205 -13.16 27.66 -38.14
CA ALA AA 205 -12.31 28.80 -38.48
C ALA AA 205 -12.88 30.10 -37.91
N VAL AA 206 -14.21 30.26 -37.92
CA VAL AA 206 -14.82 31.48 -37.43
C VAL AA 206 -14.57 31.63 -35.93
N GLN AA 207 -14.72 30.55 -35.17
CA GLN AA 207 -14.54 30.66 -33.72
C GLN AA 207 -13.07 30.73 -33.33
N ASN AA 208 -12.17 30.18 -34.15
CA ASN AA 208 -10.76 30.55 -34.01
C ASN AA 208 -10.56 32.03 -34.31
N ARG AA 209 -11.26 32.52 -35.33
CA ARG AA 209 -11.19 33.94 -35.67
C ARG AA 209 -11.75 34.81 -34.53
N LEU AA 210 -12.89 34.42 -33.97
CA LEU AA 210 -13.51 35.24 -32.93
C LEU AA 210 -12.69 35.28 -31.65
N ALA AA 211 -11.96 34.20 -31.33
CA ALA AA 211 -11.17 34.19 -30.11
C ALA AA 211 -10.09 35.26 -30.13
N HIS AA 212 -9.51 35.54 -31.30
CA HIS AA 212 -8.46 36.54 -31.38
C HIS AA 212 -9.00 37.95 -31.26
N ASN AA 213 -10.24 38.19 -31.67
CA ASN AA 213 -10.85 39.51 -31.47
C ASN AA 213 -10.99 39.84 -29.98
N ILE AA 214 -11.44 38.85 -29.18
CA ILE AA 214 -11.66 39.10 -27.76
C ILE AA 214 -10.35 39.45 -27.07
N SER AA 215 -9.28 38.71 -27.37
CA SER AA 215 -7.99 39.01 -26.75
C SER AA 215 -7.50 40.39 -27.15
N ASN AA 216 -7.65 40.75 -28.43
CA ASN AA 216 -7.25 42.08 -28.88
C ASN AA 216 -8.11 43.16 -28.23
N SER AA 217 -9.43 42.93 -28.14
CA SER AA 217 -10.30 43.92 -27.52
C SER AA 217 -10.03 44.08 -26.03
N ALA AA 218 -9.67 43.00 -25.34
CA ALA AA 218 -9.33 43.11 -23.93
C ALA AA 218 -8.07 43.94 -23.74
N ASN AA 219 -7.07 43.76 -24.60
CA ASN AA 219 -5.85 44.55 -24.50
C ASN AA 219 -6.12 46.03 -24.76
N THR AA 220 -6.83 46.32 -25.85
CA THR AA 220 -7.03 47.73 -26.22
C THR AA 220 -7.91 48.45 -25.20
N GLN AA 221 -8.80 47.71 -24.51
CA GLN AA 221 -9.62 48.33 -23.49
C GLN AA 221 -8.77 48.87 -22.33
N ALA AA 222 -7.77 48.11 -21.92
CA ALA AA 222 -6.92 48.53 -20.81
C ALA AA 222 -6.13 49.79 -21.17
N ASN AA 223 -5.56 49.84 -22.37
CA ASN AA 223 -4.77 50.99 -22.77
C ASN AA 223 -5.61 52.26 -22.91
N VAL AA 224 -6.84 52.15 -23.40
CA VAL AA 224 -7.72 53.31 -23.48
C VAL AA 224 -8.07 53.80 -22.08
N ALA AA 225 -8.26 52.88 -21.13
CA ALA AA 225 -8.50 53.28 -19.75
C ALA AA 225 -7.33 54.07 -19.18
N ASP AA 226 -6.10 53.68 -19.54
CA ASP AA 226 -4.94 54.48 -19.18
C ASP AA 226 -5.05 55.89 -19.72
N ALA AA 227 -5.34 56.03 -21.01
CA ALA AA 227 -5.37 57.35 -21.63
C ALA AA 227 -6.47 58.21 -21.03
N LYS AA 228 -7.63 57.61 -20.74
CA LYS AA 228 -8.75 58.36 -20.23
C LYS AA 228 -8.55 58.85 -18.80
N SER AA 229 -7.82 58.09 -17.98
CA SER AA 229 -7.63 58.50 -16.59
C SER AA 229 -6.65 59.66 -16.46
N ARG AA 230 -5.65 59.74 -17.34
CA ARG AA 230 -4.68 60.82 -17.24
C ARG AA 230 -5.33 62.18 -17.50
N ILE AA 231 -6.49 62.19 -18.14
CA ILE AA 231 -7.12 63.45 -18.52
C ILE AA 231 -8.13 63.91 -17.49
N VAL AA 232 -8.96 63.00 -16.96
CA VAL AA 232 -10.10 63.40 -16.13
C VAL AA 232 -9.91 63.10 -14.65
N ASP AA 233 -8.91 62.31 -14.27
CA ASP AA 233 -8.78 61.85 -12.90
C ASP AA 233 -7.78 62.71 -12.13
N VAL AA 234 -8.03 62.85 -10.84
CA VAL AA 234 -7.16 63.67 -9.99
C VAL AA 234 -6.00 62.83 -9.48
N ASP AA 235 -4.91 63.50 -9.18
CA ASP AA 235 -3.79 62.89 -8.46
C ASP AA 235 -3.86 63.38 -7.02
N PHE AA 236 -4.08 62.44 -6.09
CA PHE AA 236 -4.29 62.84 -4.70
C PHE AA 236 -3.06 63.51 -4.11
N ALA AA 237 -1.87 63.12 -4.57
CA ALA AA 237 -0.65 63.77 -4.11
C ALA AA 237 -0.69 65.25 -4.45
N LYS AA 238 -1.09 65.55 -5.69
CA LYS AA 238 -1.25 66.94 -6.11
C LYS AA 238 -2.37 67.63 -5.34
N GLU AA 239 -3.51 66.95 -5.19
CA GLU AA 239 -4.69 67.59 -4.63
C GLU AA 239 -4.56 67.78 -3.12
N THR AA 240 -4.01 66.81 -2.41
CA THR AA 240 -3.92 66.92 -0.95
C THR AA 240 -3.01 68.07 -0.55
N SER AA 241 -1.90 68.26 -1.27
CA SER AA 241 -1.02 69.37 -0.97
C SER AA 241 -1.71 70.71 -1.16
N ALA AA 242 -2.50 70.84 -2.24
CA ALA AA 242 -3.22 72.08 -2.49
C ALA AA 242 -4.26 72.34 -1.41
N MET AA 243 -4.96 71.29 -0.98
CA MET AA 243 -5.99 71.46 0.05
C MET AA 243 -5.40 71.95 1.36
N THR AA 244 -4.33 71.30 1.82
CA THR AA 244 -3.61 71.80 2.99
C THR AA 244 -2.98 73.16 2.72
N LYS AA 245 -2.68 73.44 1.45
CA LYS AA 245 -2.00 74.69 1.11
C LYS AA 245 -2.92 75.88 1.40
N TYR AA 246 -4.21 75.75 1.06
CA TYR AA 246 -5.19 76.80 1.22
C TYR AA 246 -5.75 76.91 2.63
N GLN AA 247 -5.70 75.82 3.41
CA GLN AA 247 -6.18 75.88 4.79
C GLN AA 247 -5.36 76.87 5.60
N VAL AA 248 -4.04 76.86 5.41
CA VAL AA 248 -3.18 77.81 6.11
C VAL AA 248 -3.50 79.24 5.67
N LEU AA 249 -3.69 79.44 4.37
CA LEU AA 249 -3.98 80.78 3.86
C LEU AA 249 -5.29 81.32 4.40
N GLN AA 250 -6.26 80.45 4.68
CA GLN AA 250 -7.53 80.89 5.22
C GLN AA 250 -7.37 81.45 6.63
N GLN AA 251 -6.66 80.73 7.49
CA GLN AA 251 -6.44 81.20 8.85
C GLN AA 251 -5.55 82.45 8.86
N THR AA 252 -4.59 82.52 7.95
CA THR AA 252 -3.80 83.74 7.81
C THR AA 252 -4.68 84.90 7.36
N GLY AA 253 -5.56 84.66 6.39
CA GLY AA 253 -6.43 85.72 5.92
C GLY AA 253 -7.40 86.22 6.97
N SER AA 254 -7.93 85.31 7.79
CA SER AA 254 -8.89 85.71 8.83
C SER AA 254 -8.24 86.57 9.91
N ALA AA 255 -7.03 86.21 10.34
CA ALA AA 255 -6.34 87.02 11.34
C ALA AA 255 -5.97 88.39 10.80
N MET AA 256 -5.53 88.46 9.54
CA MET AA 256 -5.18 89.75 8.96
C MET AA 256 -6.42 90.64 8.80
N LEU AA 257 -7.55 90.06 8.38
CA LEU AA 257 -8.75 90.86 8.20
C LEU AA 257 -9.31 91.35 9.53
N ALA AA 258 -9.33 90.50 10.55
CA ALA AA 258 -9.84 90.94 11.85
C ALA AA 258 -8.98 92.06 12.42
N GLN AA 259 -7.67 91.95 12.27
CA GLN AA 259 -6.78 92.96 12.83
C GLN AA 259 -6.79 94.24 11.99
N ALA AA 260 -7.03 94.12 10.69
CA ALA AA 260 -7.10 95.31 9.84
C ALA AA 260 -8.39 96.09 10.08
N ASN AA 261 -9.41 95.42 10.61
CA ASN AA 261 -10.68 96.09 10.85
C ASN AA 261 -10.61 97.13 11.97
N GLN AA 262 -9.72 96.94 12.94
CA GLN AA 262 -9.59 97.87 14.06
C GLN AA 262 -8.47 98.87 13.86
N LEU AA 263 -8.03 99.08 12.62
CA LEU AA 263 -7.14 100.19 12.29
C LEU AA 263 -7.75 101.55 12.59
N PRO AA 264 -9.00 101.84 12.23
CA PRO AA 264 -9.54 103.19 12.45
C PRO AA 264 -9.69 103.59 13.90
N GLN AA 265 -9.48 102.68 14.86
CA GLN AA 265 -9.59 103.06 16.26
C GLN AA 265 -8.47 103.98 16.72
N VAL AA 266 -7.44 104.18 15.89
CA VAL AA 266 -6.41 105.16 16.21
C VAL AA 266 -7.02 106.56 16.31
N ALA AA 267 -8.05 106.84 15.50
CA ALA AA 267 -8.68 108.16 15.52
C ALA AA 267 -9.29 108.51 16.88
N LEU AA 268 -9.66 107.51 17.68
CA LEU AA 268 -10.17 107.77 19.01
C LEU AA 268 -9.10 108.20 20.00
N SER AA 269 -7.84 107.90 19.73
CA SER AA 269 -6.78 108.32 20.63
C SER AA 269 -6.55 109.82 20.59
N LEU AA 270 -6.75 110.45 19.42
CA LEU AA 270 -6.51 111.88 19.27
C LEU AA 270 -7.76 112.67 19.65
N LEU AA 271 -8.22 112.41 20.88
CA LEU AA 271 -9.29 113.19 21.50
C LEU AA 271 -10.54 113.16 20.61
N GLY AA 272 -11.15 112.00 20.49
CA GLY AA 272 -12.41 111.86 19.75
C GLY AA 272 -12.34 112.23 18.29
N ALA BA 1 -6.55 161.58 23.49
CA ALA BA 1 -7.12 160.40 22.87
C ALA BA 1 -7.88 159.56 23.89
N ILE BA 2 -8.62 160.23 24.77
CA ILE BA 2 -9.43 159.54 25.77
C ILE BA 2 -10.90 159.81 25.50
N THR BA 3 -11.57 158.87 24.83
CA THR BA 3 -12.95 159.06 24.43
C THR BA 3 -13.88 158.11 25.18
N VAL BA 4 -15.15 158.49 25.26
CA VAL BA 4 -16.14 157.69 25.94
C VAL BA 4 -17.34 157.45 25.05
N ASN BA 5 -17.18 157.68 23.74
CA ASN BA 5 -18.26 157.44 22.79
C ASN BA 5 -17.98 156.29 21.82
N THR BA 6 -16.72 156.05 21.46
CA THR BA 6 -16.37 154.94 20.59
C THR BA 6 -15.19 154.17 21.18
N ASN BA 7 -15.26 152.84 21.12
CA ASN BA 7 -14.20 151.96 21.58
C ASN BA 7 -13.76 151.11 20.39
N VAL BA 8 -12.81 151.64 19.62
CA VAL BA 8 -12.33 150.92 18.44
C VAL BA 8 -11.53 149.70 18.84
N THR BA 9 -10.90 149.73 20.02
CA THR BA 9 -10.22 148.56 20.53
C THR BA 9 -11.19 147.39 20.68
N SER BA 10 -12.40 147.68 21.17
CA SER BA 10 -13.43 146.65 21.26
C SER BA 10 -13.86 146.16 19.89
N MET BA 11 -13.99 147.09 18.93
CA MET BA 11 -14.43 146.70 17.58
C MET BA 11 -13.45 145.72 16.95
N LYS BA 12 -12.15 146.00 17.06
CA LYS BA 12 -11.16 145.06 16.52
C LYS BA 12 -11.15 143.76 17.30
N ALA BA 13 -11.31 143.84 18.63
CA ALA BA 13 -11.33 142.63 19.44
C ALA BA 13 -12.53 141.75 19.11
N GLN BA 14 -13.69 142.36 18.84
CA GLN BA 14 -14.88 141.59 18.53
C GLN BA 14 -14.70 140.78 17.25
N LYS BA 15 -14.09 141.39 16.23
CA LYS BA 15 -13.91 140.70 14.96
C LYS BA 15 -13.03 139.47 15.10
N ASN BA 16 -11.96 139.58 15.89
CA ASN BA 16 -11.06 138.44 16.07
C ASN BA 16 -11.75 137.29 16.77
N LEU BA 17 -12.60 137.59 17.75
CA LEU BA 17 -13.33 136.53 18.44
C LEU BA 17 -14.30 135.83 17.51
N ASN BA 18 -14.95 136.58 16.61
CA ASN BA 18 -15.89 135.97 15.67
C ASN BA 18 -15.17 135.01 14.73
N THR BA 19 -13.98 135.39 14.26
CA THR BA 19 -13.23 134.52 13.37
C THR BA 19 -12.80 133.23 14.06
N SER BA 20 -12.34 133.33 15.31
CA SER BA 20 -11.93 132.14 16.03
C SER BA 20 -13.10 131.23 16.38
N ASN BA 21 -14.29 131.80 16.64
CA ASN BA 21 -15.47 131.00 16.91
C ASN BA 21 -15.97 130.27 15.68
N SER BA 22 -15.91 130.94 14.51
CA SER BA 22 -16.36 130.30 13.28
C SER BA 22 -15.44 129.16 12.87
N GLY BA 23 -14.15 129.31 13.07
CA GLY BA 23 -13.21 128.24 12.77
C GLY BA 23 -13.39 127.04 13.66
N LEU BA 24 -13.70 127.27 14.93
CA LEU BA 24 -13.96 126.16 15.85
C LEU BA 24 -15.21 125.39 15.43
N SER BA 25 -16.25 126.12 15.01
CA SER BA 25 -17.50 125.47 14.62
C SER BA 25 -17.31 124.58 13.40
N THR BA 26 -16.62 125.08 12.38
CA THR BA 26 -16.47 124.31 11.15
C THR BA 26 -15.61 123.08 11.36
N SER BA 27 -14.70 123.11 12.33
CA SER BA 27 -13.88 121.94 12.59
C SER BA 27 -14.67 120.82 13.26
N MET BA 28 -15.64 121.17 14.11
CA MET BA 28 -16.41 120.14 14.81
C MET BA 28 -17.30 119.36 13.84
N GLU BA 29 -17.94 120.04 12.89
CA GLU BA 29 -18.83 119.34 11.96
C GLU BA 29 -18.05 118.45 11.00
N ARG BA 30 -16.85 118.86 10.60
CA ARG BA 30 -16.00 117.96 9.82
C ARG BA 30 -15.61 116.73 10.62
N LEU BA 31 -15.32 116.90 11.91
CA LEU BA 31 -15.00 115.76 12.76
C LEU BA 31 -16.20 114.91 13.09
N SER BA 32 -17.40 115.50 13.20
CA SER BA 32 -18.57 114.75 13.60
C SER BA 32 -19.10 113.86 12.48
N SER BA 33 -18.81 114.20 11.22
CA SER BA 33 -19.24 113.41 10.08
C SER BA 33 -18.10 112.61 9.47
N GLY BA 34 -16.97 113.26 9.19
CA GLY BA 34 -15.84 112.58 8.64
C GLY BA 34 -15.60 112.94 7.19
N LEU BA 35 -16.15 114.06 6.75
CA LEU BA 35 -16.04 114.51 5.37
C LEU BA 35 -15.47 115.92 5.34
N ARG BA 36 -14.45 116.12 4.51
CA ARG BA 36 -13.91 117.46 4.31
C ARG BA 36 -14.86 118.33 3.52
N ILE BA 37 -15.41 117.81 2.42
CA ILE BA 37 -16.35 118.57 1.61
C ILE BA 37 -17.77 118.31 2.08
N ASN BA 38 -18.19 119.02 3.12
CA ASN BA 38 -19.55 118.92 3.61
C ASN BA 38 -20.49 119.67 2.68
N SER BA 39 -20.19 120.94 2.43
CA SER BA 39 -20.98 121.77 1.54
C SER BA 39 -20.13 122.25 0.38
N ALA BA 40 -20.72 123.11 -0.45
CA ALA BA 40 -20.01 123.71 -1.58
C ALA BA 40 -19.12 124.87 -1.17
N LYS BA 41 -19.00 125.15 0.14
CA LYS BA 41 -18.03 126.13 0.58
C LYS BA 41 -16.65 125.72 0.13
N ASP BA 42 -16.31 124.44 0.28
CA ASP BA 42 -15.01 123.87 0.02
C ASP BA 42 -14.81 123.62 -1.46
N ASP BA 43 -13.85 122.75 -1.80
CA ASP BA 43 -13.45 122.53 -3.18
C ASP BA 43 -14.67 122.34 -4.09
N ALA BA 44 -14.87 123.30 -4.99
CA ALA BA 44 -15.97 123.20 -5.94
C ALA BA 44 -15.73 122.08 -6.93
N ALA BA 45 -14.49 121.91 -7.37
CA ALA BA 45 -14.15 120.83 -8.29
C ALA BA 45 -14.10 119.48 -7.60
N GLY BA 46 -13.80 119.45 -6.30
CA GLY BA 46 -13.69 118.18 -5.60
C GLY BA 46 -15.01 117.43 -5.56
N LEU BA 47 -16.10 118.13 -5.27
CA LEU BA 47 -17.40 117.47 -5.16
C LEU BA 47 -17.87 116.96 -6.52
N ALA BA 48 -17.58 117.70 -7.59
CA ALA BA 48 -17.94 117.24 -8.92
C ALA BA 48 -17.19 115.97 -9.28
N ILE BA 49 -15.89 115.92 -9.00
CA ILE BA 49 -15.11 114.71 -9.28
C ILE BA 49 -15.59 113.55 -8.43
N SER BA 50 -15.89 113.81 -7.16
CA SER BA 50 -16.30 112.76 -6.26
C SER BA 50 -17.61 112.12 -6.69
N ASN BA 51 -18.49 112.92 -7.30
CA ASN BA 51 -19.78 112.39 -7.75
C ASN BA 51 -19.59 111.33 -8.83
N ARG BA 52 -18.70 111.58 -9.80
CA ARG BA 52 -18.42 110.57 -10.81
C ARG BA 52 -17.70 109.36 -10.23
N LEU BA 53 -16.77 109.57 -9.29
CA LEU BA 53 -16.14 108.45 -8.63
C LEU BA 53 -17.14 107.65 -7.81
N ASN BA 54 -18.09 108.33 -7.17
CA ASN BA 54 -19.15 107.63 -6.47
C ASN BA 54 -19.98 106.78 -7.41
N SER BA 55 -20.26 107.28 -8.60
CA SER BA 55 -21.00 106.51 -9.60
C SER BA 55 -20.23 105.26 -10.01
N GLN BA 56 -18.92 105.37 -10.17
CA GLN BA 56 -18.13 104.21 -10.57
C GLN BA 56 -18.12 103.15 -9.48
N VAL BA 57 -17.96 103.57 -8.22
CA VAL BA 57 -17.90 102.61 -7.11
C VAL BA 57 -19.23 101.87 -6.99
N ARG BA 58 -20.34 102.62 -6.95
CA ARG BA 58 -21.64 101.97 -6.85
C ARG BA 58 -22.02 101.29 -8.16
N GLY BA 59 -21.59 101.85 -9.29
CA GLY BA 59 -21.87 101.21 -10.56
C GLY BA 59 -21.23 99.84 -10.68
N LEU BA 60 -19.97 99.72 -10.24
CA LEU BA 60 -19.31 98.42 -10.28
C LEU BA 60 -19.99 97.41 -9.34
N GLU BA 61 -20.42 97.87 -8.17
CA GLU BA 61 -21.02 96.94 -7.20
C GLU BA 61 -22.27 96.28 -7.77
N VAL BA 62 -23.12 97.05 -8.45
CA VAL BA 62 -24.26 96.46 -9.13
C VAL BA 62 -23.81 95.59 -10.29
N GLY BA 63 -22.74 96.01 -10.98
CA GLY BA 63 -22.23 95.21 -12.07
C GLY BA 63 -21.68 93.87 -11.62
N MET BA 64 -21.09 93.82 -10.42
CA MET BA 64 -20.61 92.56 -9.88
C MET BA 64 -21.75 91.57 -9.70
N ARG BA 65 -22.85 92.01 -9.08
CA ARG BA 65 -24.00 91.13 -8.91
C ARG BA 65 -24.63 90.77 -10.25
N ASN BA 66 -24.50 91.65 -11.24
CA ASN BA 66 -25.03 91.36 -12.56
C ASN BA 66 -24.34 90.16 -13.19
N ALA BA 67 -23.02 90.03 -13.00
CA ALA BA 67 -22.27 88.93 -13.56
C ALA BA 67 -22.38 87.65 -12.74
N ASN BA 68 -22.52 87.75 -11.42
CA ASN BA 68 -22.79 86.56 -10.62
C ASN BA 68 -24.08 85.87 -11.03
N ASP BA 69 -25.07 86.63 -11.48
CA ASP BA 69 -26.30 86.06 -12.03
C ASP BA 69 -26.05 85.30 -13.32
N ALA BA 70 -25.21 85.82 -14.20
CA ALA BA 70 -24.92 85.14 -15.46
C ALA BA 70 -24.19 83.82 -15.22
N ILE BA 71 -23.33 83.78 -14.20
CA ILE BA 71 -22.59 82.56 -13.87
C ILE BA 71 -23.57 81.46 -13.48
N SER BA 72 -24.56 81.82 -12.66
CA SER BA 72 -25.53 80.83 -12.20
C SER BA 72 -26.35 80.26 -13.35
N ILE BA 73 -26.77 81.10 -14.30
CA ILE BA 73 -27.52 80.61 -15.44
C ILE BA 73 -26.70 79.62 -16.25
N ALA BA 74 -25.44 79.96 -16.55
CA ALA BA 74 -24.58 79.04 -17.28
C ALA BA 74 -24.30 77.78 -16.48
N GLN BA 75 -24.30 77.88 -15.15
CA GLN BA 75 -24.04 76.72 -14.32
C GLN BA 75 -25.18 75.71 -14.40
N ILE BA 76 -26.42 76.18 -14.42
CA ILE BA 76 -27.57 75.27 -14.44
C ILE BA 76 -27.69 74.58 -15.80
N ALA BA 77 -27.51 75.33 -16.88
CA ALA BA 77 -27.63 74.74 -18.21
C ALA BA 77 -26.57 73.68 -18.44
N GLU BA 78 -25.34 73.94 -17.98
CA GLU BA 78 -24.27 72.96 -18.12
C GLU BA 78 -24.59 71.68 -17.35
N GLY BA 79 -25.16 71.81 -16.15
CA GLY BA 79 -25.48 70.64 -15.36
C GLY BA 79 -26.51 69.74 -16.03
N ALA BA 80 -27.51 70.33 -16.66
CA ALA BA 80 -28.54 69.54 -17.30
C ALA BA 80 -28.02 68.79 -18.53
N MET BA 81 -27.11 69.40 -19.29
CA MET BA 81 -26.60 68.75 -20.48
C MET BA 81 -25.74 67.54 -20.14
N GLN BA 82 -25.18 67.49 -18.93
CA GLN BA 82 -24.41 66.32 -18.54
C GLN BA 82 -25.29 65.08 -18.46
N GLU BA 83 -26.50 65.22 -17.93
CA GLU BA 83 -27.38 64.06 -17.82
C GLU BA 83 -27.90 63.62 -19.17
N GLN BA 84 -28.07 64.55 -20.11
CA GLN BA 84 -28.45 64.16 -21.46
C GLN BA 84 -27.34 63.37 -22.14
N THR BA 85 -26.08 63.68 -21.82
CA THR BA 85 -24.96 62.94 -22.40
C THR BA 85 -24.93 61.51 -21.91
N ASN BA 86 -25.16 61.27 -20.62
CA ASN BA 86 -25.13 59.90 -20.10
C ASN BA 86 -26.22 59.02 -20.70
N MET BA 87 -27.44 59.54 -20.84
CA MET BA 87 -28.51 58.75 -21.46
C MET BA 87 -28.26 58.48 -22.93
N LEU BA 88 -27.63 59.42 -23.64
CA LEU BA 88 -27.29 59.17 -25.04
C LEU BA 88 -26.26 58.06 -25.16
N GLN BA 89 -25.33 57.96 -24.21
CA GLN BA 89 -24.36 56.87 -24.25
C GLN BA 89 -25.03 55.52 -24.07
N ARG BA 90 -26.04 55.44 -23.20
CA ARG BA 90 -26.77 54.19 -23.03
C ARG BA 90 -27.52 53.79 -24.29
N MET BA 91 -28.02 54.76 -25.06
CA MET BA 91 -28.65 54.45 -26.33
C MET BA 91 -27.67 53.86 -27.33
N ARG BA 92 -26.40 54.29 -27.29
CA ARG BA 92 -25.40 53.69 -28.17
C ARG BA 92 -25.19 52.22 -27.85
N ASP BA 93 -25.14 51.86 -26.58
CA ASP BA 93 -24.95 50.46 -26.21
C ASP BA 93 -26.12 49.60 -26.66
N LEU BA 94 -27.35 50.09 -26.52
CA LEU BA 94 -28.51 49.34 -26.95
C LEU BA 94 -28.52 49.10 -28.46
N THR BA 95 -28.13 50.11 -29.24
CA THR BA 95 -28.00 49.93 -30.67
C THR BA 95 -26.94 48.90 -31.04
N ILE BA 96 -25.80 48.92 -30.35
CA ILE BA 96 -24.80 47.88 -30.55
C ILE BA 96 -25.32 46.54 -30.09
N GLN BA 97 -26.00 46.49 -28.94
CA GLN BA 97 -26.57 45.25 -28.44
C GLN BA 97 -27.69 44.72 -29.34
N SER BA 98 -28.37 45.60 -30.06
CA SER BA 98 -29.49 45.19 -30.91
C SER BA 98 -29.05 44.62 -32.24
N GLU BA 99 -27.77 44.26 -32.40
CA GLU BA 99 -27.26 43.85 -33.69
C GLU BA 99 -26.88 42.36 -33.65
N ASN BA 100 -27.21 41.66 -32.57
CA ASN BA 100 -26.98 40.22 -32.51
C ASN BA 100 -27.77 39.49 -33.57
N GLY BA 101 -27.19 38.41 -34.09
CA GLY BA 101 -27.91 37.54 -34.99
C GLY BA 101 -28.65 36.44 -34.28
N ALA BA 102 -28.50 36.38 -32.95
CA ALA BA 102 -29.21 35.41 -32.14
C ALA BA 102 -30.48 35.98 -31.51
N ASN BA 103 -30.78 37.25 -31.77
CA ASN BA 103 -31.99 37.86 -31.25
C ASN BA 103 -33.18 37.36 -32.06
N SER BA 104 -34.37 37.89 -31.77
CA SER BA 104 -35.55 37.55 -32.53
C SER BA 104 -36.40 38.81 -32.68
N THR BA 105 -37.50 38.68 -33.40
CA THR BA 105 -38.36 39.83 -33.62
C THR BA 105 -38.93 40.36 -32.30
N ALA BA 106 -39.30 39.46 -31.40
CA ALA BA 106 -39.79 39.87 -30.09
C ALA BA 106 -38.69 40.49 -29.24
N ASP BA 107 -37.45 40.06 -29.41
CA ASP BA 107 -36.35 40.61 -28.63
C ASP BA 107 -36.04 42.05 -29.02
N LEU BA 108 -36.10 42.35 -30.32
CA LEU BA 108 -35.83 43.70 -30.78
C LEU BA 108 -36.87 44.69 -30.28
N VAL BA 109 -38.11 44.25 -30.12
CA VAL BA 109 -39.16 45.12 -29.62
C VAL BA 109 -38.88 45.55 -28.18
N SER BA 110 -38.42 44.63 -27.33
CA SER BA 110 -38.12 44.97 -25.95
C SER BA 110 -37.00 46.00 -25.85
N ILE BA 111 -35.97 45.89 -26.70
CA ILE BA 111 -34.90 46.87 -26.68
C ILE BA 111 -35.42 48.24 -27.11
N LYS BA 112 -36.30 48.29 -28.10
CA LYS BA 112 -36.86 49.56 -28.52
C LYS BA 112 -37.71 50.20 -27.44
N ALA BA 113 -38.45 49.40 -26.68
CA ALA BA 113 -39.25 49.92 -25.58
C ALA BA 113 -38.42 50.61 -24.52
N GLU BA 114 -37.13 50.28 -24.43
CA GLU BA 114 -36.20 50.96 -23.54
C GLU BA 114 -35.65 52.22 -24.17
N MET BA 115 -35.20 52.15 -25.43
CA MET BA 115 -34.73 53.34 -26.13
C MET BA 115 -35.81 54.41 -26.19
N ASP BA 116 -37.06 53.98 -26.34
CA ASP BA 116 -38.16 54.93 -26.50
C ASP BA 116 -38.34 55.80 -25.25
N GLN BA 117 -38.25 55.20 -24.07
CA GLN BA 117 -38.42 55.97 -22.85
C GLN BA 117 -37.22 56.85 -22.52
N LEU BA 118 -36.01 56.45 -22.90
CA LEU BA 118 -34.86 57.32 -22.70
C LEU BA 118 -34.94 58.59 -23.52
N ALA BA 119 -35.45 58.51 -24.75
CA ALA BA 119 -35.65 59.70 -25.56
C ALA BA 119 -36.72 60.62 -24.99
N THR BA 120 -37.69 60.07 -24.26
CA THR BA 120 -38.71 60.90 -23.64
C THR BA 120 -38.12 61.82 -22.57
N GLU BA 121 -37.16 61.33 -21.78
CA GLU BA 121 -36.55 62.18 -20.77
C GLU BA 121 -35.66 63.26 -21.35
N ILE BA 122 -34.98 62.98 -22.47
CA ILE BA 122 -34.21 64.03 -23.12
C ILE BA 122 -35.13 65.18 -23.50
N ASP BA 123 -36.35 64.86 -23.93
CA ASP BA 123 -37.39 65.87 -24.06
C ASP BA 123 -37.76 66.48 -22.71
N SER BA 124 -37.87 65.66 -21.66
CA SER BA 124 -38.37 66.16 -20.38
C SER BA 124 -37.37 67.09 -19.70
N ILE BA 125 -36.08 66.79 -19.77
CA ILE BA 125 -35.09 67.71 -19.20
C ILE BA 125 -35.07 69.01 -19.98
N GLY BA 126 -35.16 68.94 -21.30
CA GLY BA 126 -35.13 70.12 -22.13
C GLY BA 126 -36.25 71.10 -21.83
N ASN BA 127 -37.43 70.58 -21.51
CA ASN BA 127 -38.59 71.41 -21.24
C ASN BA 127 -38.73 71.78 -19.76
N SER BA 128 -37.83 71.33 -18.90
CA SER BA 128 -38.00 71.55 -17.48
C SER BA 128 -36.94 72.49 -16.90
N THR BA 129 -35.70 72.35 -17.36
CA THR BA 129 -34.58 73.12 -16.81
C THR BA 129 -34.89 74.62 -16.84
N ALA BA 130 -34.96 75.24 -15.67
CA ALA BA 130 -35.41 76.61 -15.57
C ALA BA 130 -34.67 77.30 -14.43
N PHE BA 131 -34.64 78.63 -14.50
CA PHE BA 131 -34.06 79.48 -13.46
C PHE BA 131 -35.22 80.17 -12.77
N GLY BA 132 -35.77 79.50 -11.76
CA GLY BA 132 -36.94 80.02 -11.08
C GLY BA 132 -38.19 79.82 -11.89
N ASN BA 133 -38.34 80.61 -12.97
CA ASN BA 133 -39.50 80.41 -13.83
C ASN BA 133 -39.18 80.59 -15.31
N THR BA 134 -37.92 80.77 -15.68
CA THR BA 134 -37.54 81.00 -17.07
C THR BA 134 -36.85 79.74 -17.61
N LYS BA 135 -37.42 79.15 -18.66
CA LYS BA 135 -36.87 77.95 -19.27
C LYS BA 135 -35.63 78.32 -20.07
N LEU BA 136 -34.54 77.59 -19.85
CA LEU BA 136 -33.26 77.95 -20.44
C LEU BA 136 -32.84 77.12 -21.64
N LEU BA 137 -33.52 76.01 -21.92
CA LEU BA 137 -33.09 75.12 -22.99
C LEU BA 137 -34.14 74.98 -24.09
N THR BA 138 -35.10 75.91 -24.15
CA THR BA 138 -36.17 75.83 -25.14
C THR BA 138 -36.08 76.95 -26.17
N GLY BA 139 -34.92 77.56 -26.35
CA GLY BA 139 -34.67 78.47 -27.44
C GLY BA 139 -34.86 79.94 -27.13
N THR BA 140 -35.28 80.27 -25.90
CA THR BA 140 -35.41 81.68 -25.55
C THR BA 140 -34.04 82.32 -25.38
N PHE BA 141 -32.99 81.49 -25.29
CA PHE BA 141 -31.62 81.99 -25.29
C PHE BA 141 -30.91 81.62 -26.58
N SER BA 142 -31.67 81.39 -27.65
CA SER BA 142 -31.08 81.13 -28.96
C SER BA 142 -30.30 82.32 -29.49
N ALA BA 143 -30.82 83.53 -29.35
CA ALA BA 143 -30.12 84.77 -29.67
C ALA BA 143 -29.67 85.35 -28.34
N GLY BA 144 -28.38 85.24 -28.06
CA GLY BA 144 -27.82 85.52 -26.75
C GLY BA 144 -28.38 86.72 -26.01
N LYS BA 145 -28.75 86.52 -24.76
CA LYS BA 145 -29.21 87.63 -23.93
C LYS BA 145 -28.03 88.40 -23.38
N VAL BA 146 -28.31 89.57 -22.79
CA VAL BA 146 -27.28 90.54 -22.48
C VAL BA 146 -27.27 90.83 -20.98
N PHE BA 147 -26.08 90.82 -20.40
CA PHE BA 147 -25.84 91.26 -19.03
C PHE BA 147 -24.81 92.39 -19.05
N GLN BA 148 -25.04 93.42 -18.24
CA GLN BA 148 -24.13 94.57 -18.17
C GLN BA 148 -23.25 94.44 -16.93
N VAL BA 149 -21.95 94.42 -17.13
CA VAL BA 149 -20.99 94.18 -16.06
C VAL BA 149 -20.16 95.42 -15.74
N GLY BA 150 -20.36 96.52 -16.44
CA GLY BA 150 -19.67 97.76 -16.17
C GLY BA 150 -20.64 98.81 -15.66
N HIS BA 151 -20.15 100.03 -15.53
CA HIS BA 151 -20.99 101.14 -15.09
C HIS BA 151 -21.38 102.08 -16.20
N GLN BA 152 -21.04 101.78 -17.45
CA GLN BA 152 -21.40 102.61 -18.59
C GLN BA 152 -21.99 101.75 -19.70
N GLU BA 153 -22.62 102.41 -20.65
CA GLU BA 153 -23.22 101.72 -21.78
C GLU BA 153 -22.16 101.01 -22.60
N GLY BA 154 -22.52 99.83 -23.12
CA GLY BA 154 -21.62 99.09 -23.98
C GLY BA 154 -20.75 98.07 -23.28
N GLU BA 155 -20.77 98.03 -21.95
CA GLU BA 155 -19.99 97.05 -21.19
C GLU BA 155 -20.88 95.85 -20.91
N ASP BA 156 -21.10 95.03 -21.93
CA ASP BA 156 -22.07 93.93 -21.84
C ASP BA 156 -21.42 92.61 -22.17
N ILE BA 157 -22.01 91.54 -21.63
CA ILE BA 157 -21.62 90.16 -21.92
C ILE BA 157 -22.84 89.42 -22.45
N LYS BA 158 -22.62 88.59 -23.47
CA LYS BA 158 -23.71 87.89 -24.14
C LYS BA 158 -23.58 86.39 -23.89
N VAL BA 159 -24.68 85.78 -23.45
CA VAL BA 159 -24.73 84.34 -23.18
C VAL BA 159 -25.75 83.71 -24.12
N THR BA 160 -25.30 82.76 -24.94
CA THR BA 160 -26.14 82.11 -25.93
C THR BA 160 -26.26 80.63 -25.60
N VAL BA 161 -27.49 80.14 -25.48
CA VAL BA 161 -27.78 78.73 -25.23
C VAL BA 161 -28.73 78.26 -26.32
N LYS BA 162 -28.25 77.38 -27.19
CA LYS BA 162 -29.10 76.87 -28.25
C LYS BA 162 -30.06 75.83 -27.70
N ALA BA 163 -31.20 75.66 -28.39
CA ALA BA 163 -32.21 74.73 -27.95
C ALA BA 163 -31.69 73.29 -28.04
N SER BA 164 -31.95 72.51 -27.00
CA SER BA 164 -31.49 71.12 -26.94
C SER BA 164 -32.61 70.24 -26.39
N ASN BA 165 -33.28 69.53 -27.27
CA ASN BA 165 -34.34 68.59 -26.92
C ASN BA 165 -34.35 67.51 -27.98
N LYS BA 166 -35.33 66.60 -27.90
CA LYS BA 166 -35.28 65.41 -28.74
C LYS BA 166 -35.51 65.74 -30.22
N THR BA 167 -36.44 66.64 -30.53
CA THR BA 167 -36.63 67.02 -31.93
C THR BA 167 -35.43 67.81 -32.45
N SER BA 168 -34.82 68.62 -31.58
CA SER BA 168 -33.66 69.41 -32.00
C SER BA 168 -32.48 68.52 -32.36
N LEU BA 169 -32.21 67.50 -31.54
CA LEU BA 169 -31.05 66.64 -31.72
C LEU BA 169 -31.28 65.54 -32.75
N SER BA 170 -32.35 65.64 -33.53
CA SER BA 170 -32.68 64.68 -34.58
C SER BA 170 -32.82 63.26 -34.02
N VAL BA 171 -33.55 63.16 -32.91
CA VAL BA 171 -33.95 61.88 -32.36
C VAL BA 171 -35.45 61.93 -32.07
N GLY BA 172 -36.06 60.77 -31.90
CA GLY BA 172 -37.50 60.71 -31.72
C GLY BA 172 -38.11 59.65 -32.59
N ALA BA 173 -37.43 59.33 -33.68
CA ALA BA 173 -37.80 58.22 -34.56
C ALA BA 173 -36.56 57.37 -34.78
N LEU BA 174 -36.35 56.40 -33.91
CA LEU BA 174 -35.20 55.51 -34.00
C LEU BA 174 -35.69 54.06 -33.97
N ASN BA 175 -35.54 53.37 -35.09
CA ASN BA 175 -35.92 51.97 -35.20
C ASN BA 175 -34.66 51.11 -35.29
N ASN BA 176 -34.82 49.82 -35.03
CA ASN BA 176 -33.71 48.87 -35.09
C ASN BA 176 -34.11 47.54 -35.72
N ALA BA 177 -35.05 47.56 -36.65
CA ALA BA 177 -35.52 46.32 -37.27
C ALA BA 177 -34.60 45.87 -38.41
N THR BA 178 -34.50 46.69 -39.45
CA THR BA 178 -33.75 46.32 -40.65
C THR BA 178 -32.27 46.63 -40.50
N SER BA 179 -31.45 46.18 -41.46
CA SER BA 179 -30.03 46.49 -41.43
C SER BA 179 -29.80 47.99 -41.60
N ALA BA 180 -30.52 48.62 -42.51
CA ALA BA 180 -30.32 50.04 -42.76
C ALA BA 180 -30.81 50.88 -41.59
N ASN BA 181 -31.81 50.39 -40.86
CA ASN BA 181 -32.37 51.16 -39.75
C ASN BA 181 -31.35 51.37 -38.65
N ARG BA 182 -30.58 50.33 -38.31
CA ARG BA 182 -29.60 50.47 -37.24
C ARG BA 182 -28.42 51.34 -37.67
N ALA BA 183 -27.99 51.25 -38.92
CA ALA BA 183 -26.88 52.07 -39.39
C ALA BA 183 -27.22 53.56 -39.34
N SER BA 184 -28.44 53.91 -39.74
CA SER BA 184 -28.85 55.31 -39.71
C SER BA 184 -28.98 55.81 -38.27
N SER BA 185 -29.46 54.96 -37.36
CA SER BA 185 -29.65 55.37 -35.97
C SER BA 185 -28.31 55.66 -35.30
N LEU BA 186 -27.29 54.85 -35.59
CA LEU BA 186 -25.99 55.03 -34.94
C LEU BA 186 -25.36 56.37 -35.30
N ALA BA 187 -25.47 56.79 -36.56
CA ALA BA 187 -24.85 58.04 -36.98
C ALA BA 187 -25.49 59.24 -36.28
N LYS BA 188 -26.81 59.22 -36.11
CA LYS BA 188 -27.50 60.38 -35.52
C LYS BA 188 -27.14 60.53 -34.04
N ILE BA 189 -26.99 59.42 -33.33
CA ILE BA 189 -26.59 59.51 -31.92
C ILE BA 189 -25.19 60.09 -31.79
N ASP BA 190 -24.27 59.65 -32.66
CA ASP BA 190 -22.91 60.19 -32.63
C ASP BA 190 -22.90 61.68 -32.90
N ALA BA 191 -23.69 62.12 -33.89
CA ALA BA 191 -23.81 63.55 -34.17
C ALA BA 191 -24.44 64.29 -33.00
N ALA BA 192 -25.33 63.63 -32.25
CA ALA BA 192 -25.95 64.27 -31.11
C ALA BA 192 -24.94 64.59 -30.01
N ILE BA 193 -24.02 63.65 -29.73
CA ILE BA 193 -23.03 63.89 -28.69
C ILE BA 193 -22.10 65.03 -29.08
N LYS BA 194 -21.75 65.13 -30.36
CA LYS BA 194 -20.88 66.21 -30.81
C LYS BA 194 -21.54 67.57 -30.61
N THR BA 195 -22.83 67.67 -30.90
CA THR BA 195 -23.51 68.97 -30.77
C THR BA 195 -23.56 69.41 -29.31
N ILE BA 196 -23.87 68.49 -28.39
CA ILE BA 196 -23.88 68.84 -26.98
C ILE BA 196 -22.49 69.22 -26.51
N ASP BA 197 -21.48 68.49 -26.98
CA ASP BA 197 -20.10 68.76 -26.56
C ASP BA 197 -19.67 70.18 -26.92
N SER BA 198 -20.00 70.62 -28.13
CA SER BA 198 -19.65 71.98 -28.54
C SER BA 198 -20.40 73.01 -27.71
N GLN BA 199 -21.65 72.71 -27.35
CA GLN BA 199 -22.43 73.64 -26.54
C GLN BA 199 -21.82 73.82 -25.16
N ARG BA 200 -21.36 72.72 -24.55
CA ARG BA 200 -20.76 72.81 -23.23
C ARG BA 200 -19.48 73.63 -23.26
N ALA BA 201 -18.67 73.47 -24.31
CA ALA BA 201 -17.44 74.24 -24.42
C ALA BA 201 -17.73 75.73 -24.53
N ASP BA 202 -18.77 76.09 -25.28
CA ASP BA 202 -19.14 77.49 -25.41
C ASP BA 202 -19.57 78.10 -24.07
N LEU BA 203 -20.33 77.35 -23.28
CA LEU BA 203 -20.76 77.86 -21.98
C LEU BA 203 -19.60 77.93 -20.99
N GLY BA 204 -18.67 76.98 -21.06
CA GLY BA 204 -17.53 77.03 -20.16
C GLY BA 204 -16.63 78.21 -20.43
N ALA BA 205 -16.45 78.59 -21.69
CA ALA BA 205 -15.60 79.73 -22.02
C ALA BA 205 -16.16 81.02 -21.45
N VAL BA 206 -17.48 81.18 -21.50
CA VAL BA 206 -18.09 82.42 -21.00
C VAL BA 206 -17.87 82.57 -19.51
N GLN BA 207 -18.05 81.48 -18.74
CA GLN BA 207 -17.90 81.58 -17.30
C GLN BA 207 -16.43 81.64 -16.88
N ASN BA 208 -15.51 81.09 -17.69
CA ASN BA 208 -14.11 81.43 -17.51
C ASN BA 208 -13.89 82.91 -17.81
N ARG BA 209 -14.57 83.42 -18.84
CA ARG BA 209 -14.48 84.84 -19.16
C ARG BA 209 -15.05 85.70 -18.05
N LEU BA 210 -16.21 85.33 -17.49
CA LEU BA 210 -16.84 86.15 -16.47
C LEU BA 210 -16.04 86.18 -15.17
N ALA BA 211 -15.34 85.10 -14.85
CA ALA BA 211 -14.56 85.07 -13.61
C ALA BA 211 -13.47 86.14 -13.61
N HIS BA 212 -12.87 86.41 -14.76
CA HIS BA 212 -11.80 87.40 -14.84
C HIS BA 212 -12.33 88.82 -14.71
N ASN BA 213 -13.58 89.07 -15.14
CA ASN BA 213 -14.17 90.39 -14.95
C ASN BA 213 -14.35 90.71 -13.46
N ILE BA 214 -14.81 89.74 -12.69
CA ILE BA 214 -15.05 89.98 -11.26
C ILE BA 214 -13.75 90.32 -10.55
N SER BA 215 -12.69 89.57 -10.82
CA SER BA 215 -11.40 89.85 -10.18
C SER BA 215 -10.90 91.23 -10.56
N ASN BA 216 -11.02 91.59 -11.84
CA ASN BA 216 -10.61 92.92 -12.28
C ASN BA 216 -11.46 94.00 -11.66
N SER BA 217 -12.78 93.79 -11.57
CA SER BA 217 -13.66 94.79 -10.97
C SER BA 217 -13.41 94.94 -9.48
N ALA BA 218 -13.08 93.85 -8.79
CA ALA BA 218 -12.76 93.96 -7.37
C ALA BA 218 -11.50 94.78 -7.15
N ASN BA 219 -10.48 94.59 -8.00
CA ASN BA 219 -9.26 95.36 -7.88
C ASN BA 219 -9.52 96.84 -8.13
N THR BA 220 -10.19 97.16 -9.24
CA THR BA 220 -10.39 98.56 -9.60
C THR BA 220 -11.27 99.29 -8.60
N GLN BA 221 -12.18 98.56 -7.92
CA GLN BA 221 -13.02 99.19 -6.92
C GLN BA 221 -12.19 99.71 -5.75
N ALA BA 222 -11.19 98.93 -5.32
CA ALA BA 222 -10.37 99.35 -4.19
C ALA BA 222 -9.56 100.60 -4.52
N ASN BA 223 -8.97 100.64 -5.72
CA ASN BA 223 -8.16 101.80 -6.10
C ASN BA 223 -8.99 103.07 -6.25
N VAL BA 224 -10.20 102.97 -6.77
CA VAL BA 224 -11.06 104.15 -6.85
C VAL BA 224 -11.46 104.63 -5.46
N ALA BA 225 -11.66 103.71 -4.52
CA ALA BA 225 -11.93 104.10 -3.14
C ALA BA 225 -10.76 104.88 -2.56
N ASP BA 226 -9.52 104.48 -2.88
CA ASP BA 226 -8.37 105.28 -2.50
C ASP BA 226 -8.45 106.69 -3.04
N ALA BA 227 -8.72 106.83 -4.34
CA ALA BA 227 -8.73 108.15 -4.95
C ALA BA 227 -9.82 109.02 -4.37
N LYS BA 228 -10.99 108.43 -4.11
CA LYS BA 228 -12.12 109.20 -3.62
C LYS BA 228 -11.95 109.67 -2.18
N SER BA 229 -11.24 108.90 -1.34
CA SER BA 229 -11.08 109.31 0.04
C SER BA 229 -10.08 110.47 0.20
N ARG BA 230 -9.07 110.54 -0.66
CA ARG BA 230 -8.09 111.61 -0.54
C ARG BA 230 -8.71 112.97 -0.80
N ILE BA 231 -9.87 113.00 -1.48
CA ILE BA 231 -10.49 114.26 -1.87
C ILE BA 231 -11.51 114.72 -0.84
N VAL BA 232 -12.35 113.82 -0.34
CA VAL BA 232 -13.51 114.23 0.48
C VAL BA 232 -13.35 113.92 1.96
N ASP BA 233 -12.36 113.13 2.35
CA ASP BA 233 -12.26 112.66 3.73
C ASP BA 233 -11.27 113.50 4.51
N VAL BA 234 -11.54 113.66 5.80
CA VAL BA 234 -10.68 114.46 6.67
C VAL BA 234 -9.54 113.60 7.21
N ASP BA 235 -8.44 114.27 7.53
CA ASP BA 235 -7.34 113.65 8.27
C ASP BA 235 -7.44 114.13 9.71
N PHE BA 236 -7.69 113.19 10.63
CA PHE BA 236 -7.92 113.59 12.02
C PHE BA 236 -6.69 114.24 12.63
N ALA BA 237 -5.50 113.84 12.19
CA ALA BA 237 -4.28 114.48 12.69
C ALA BA 237 -4.30 115.97 12.34
N LYS BA 238 -4.68 116.27 11.09
CA LYS BA 238 -4.81 117.67 10.68
C LYS BA 238 -5.95 118.36 11.42
N GLU BA 239 -7.09 117.69 11.56
CA GLU BA 239 -8.27 118.34 12.09
C GLU BA 239 -8.18 118.53 13.61
N THR BA 240 -7.65 117.54 14.33
CA THR BA 240 -7.58 117.65 15.78
C THR BA 240 -6.67 118.80 16.20
N SER BA 241 -5.54 118.97 15.51
CA SER BA 241 -4.66 120.08 15.82
C SER BA 241 -5.35 121.42 15.62
N ALA BA 242 -6.11 121.56 14.53
CA ALA BA 242 -6.80 122.82 14.28
C ALA BA 242 -7.87 123.08 15.34
N MET BA 243 -8.59 122.04 15.75
CA MET BA 243 -9.64 122.21 16.76
C MET BA 243 -9.07 122.69 18.08
N THR BA 244 -8.00 122.03 18.55
CA THR BA 244 -7.31 122.52 19.74
C THR BA 244 -6.67 123.87 19.48
N LYS BA 245 -6.33 124.16 18.23
CA LYS BA 245 -5.64 125.40 17.90
C LYS BA 245 -6.55 126.59 18.18
N TYR BA 246 -7.82 126.47 17.81
CA TYR BA 246 -8.81 127.54 17.95
C TYR BA 246 -9.38 127.64 19.36
N GLN BA 247 -9.37 126.55 20.13
CA GLN BA 247 -9.86 126.61 21.50
C GLN BA 247 -9.05 127.60 22.33
N VAL BA 248 -7.74 127.58 22.17
CA VAL BA 248 -6.89 128.52 22.89
C VAL BA 248 -7.18 129.94 22.45
N LEU BA 249 -7.35 130.15 21.14
CA LEU BA 249 -7.61 131.49 20.63
C LEU BA 249 -8.93 132.04 21.15
N GLN BA 250 -9.91 131.18 21.40
CA GLN BA 250 -11.19 131.64 21.92
C GLN BA 250 -11.05 132.19 23.34
N GLN BA 251 -10.36 131.45 24.22
CA GLN BA 251 -10.16 131.93 25.57
C GLN BA 251 -9.27 133.17 25.61
N THR BA 252 -8.28 133.23 24.71
CA THR BA 252 -7.49 134.44 24.59
C THR BA 252 -8.33 135.61 24.13
N GLY BA 253 -9.21 135.38 23.15
CA GLY BA 253 -10.06 136.46 22.67
C GLY BA 253 -11.05 136.96 23.70
N SER BA 254 -11.60 136.06 24.51
CA SER BA 254 -12.56 136.46 25.52
C SER BA 254 -11.94 137.30 26.62
N ALA BA 255 -10.74 136.93 27.08
CA ALA BA 255 -10.06 137.73 28.09
C ALA BA 255 -9.67 139.10 27.55
N MET BA 256 -9.21 139.17 26.30
CA MET BA 256 -8.84 140.46 25.73
C MET BA 256 -10.06 141.36 25.56
N LEU BA 257 -11.18 140.79 25.11
CA LEU BA 257 -12.38 141.60 24.91
C LEU BA 257 -12.95 142.11 26.23
N ALA BA 258 -13.01 141.25 27.25
CA ALA BA 258 -13.53 141.68 28.54
C ALA BA 258 -12.68 142.79 29.14
N GLN BA 259 -11.36 142.68 29.01
CA GLN BA 259 -10.48 143.67 29.58
C GLN BA 259 -10.46 144.96 28.75
N ALA BA 260 -10.67 144.84 27.44
CA ALA BA 260 -10.72 146.03 26.61
C ALA BA 260 -12.00 146.82 26.82
N ASN BA 261 -13.05 146.16 27.33
CA ASN BA 261 -14.32 146.85 27.54
C ASN BA 261 -14.25 147.87 28.67
N GLN BA 262 -13.38 147.68 29.65
CA GLN BA 262 -13.27 148.60 30.77
C GLN BA 262 -12.13 149.60 30.60
N LEU BA 263 -11.67 149.81 29.38
CA LEU BA 263 -10.76 150.91 29.06
C LEU BA 263 -11.37 152.29 29.35
N PRO BA 264 -12.62 152.57 28.97
CA PRO BA 264 -13.14 153.93 29.18
C PRO BA 264 -13.32 154.33 30.64
N GLN BA 265 -13.14 153.42 31.59
CA GLN BA 265 -13.26 153.78 33.00
C GLN BA 265 -12.15 154.70 33.48
N VAL BA 266 -11.10 154.89 32.67
CA VAL BA 266 -10.07 155.87 33.01
C VAL BA 266 -10.66 157.27 33.10
N ALA BA 267 -11.68 157.56 32.28
CA ALA BA 267 -12.30 158.88 32.29
C ALA BA 267 -12.93 159.23 33.63
N LEU BA 268 -13.32 158.24 34.42
CA LEU BA 268 -13.87 158.50 35.75
C LEU BA 268 -12.80 158.92 36.75
N SER BA 269 -11.54 158.60 36.51
CA SER BA 269 -10.48 159.01 37.44
C SER BA 269 -10.25 160.51 37.39
N LEU BA 270 -10.43 161.14 36.23
CA LEU BA 270 -10.17 162.57 36.09
C LEU BA 270 -11.41 163.37 36.46
N LEU BA 271 -11.90 163.12 37.67
CA LEU BA 271 -12.98 163.89 38.27
C LEU BA 271 -14.21 163.88 37.36
N GLY BA 272 -14.83 162.73 37.22
CA GLY BA 272 -16.07 162.61 36.47
C GLY BA 272 -15.97 162.98 35.00
N ALA CA 1 20.80 -19.76 -29.15
CA ALA CA 1 20.42 -20.85 -30.05
C ALA CA 1 19.18 -21.55 -29.54
N ILE CA 2 18.21 -20.78 -29.05
CA ILE CA 2 16.95 -21.33 -28.57
C ILE CA 2 15.82 -20.84 -29.45
N THR CA 3 15.41 -21.67 -30.41
CA THR CA 3 14.40 -21.27 -31.38
C THR CA 3 13.13 -22.07 -31.19
N VAL CA 4 12.01 -21.50 -31.67
CA VAL CA 4 10.72 -22.14 -31.56
C VAL CA 4 10.04 -22.19 -32.92
N ASN CA 5 10.81 -21.99 -33.99
CA ASN CA 5 10.27 -22.06 -35.35
C ASN CA 5 10.79 -23.23 -36.16
N THR CA 6 12.03 -23.67 -35.93
CA THR CA 6 12.59 -24.82 -36.61
C THR CA 6 13.25 -25.76 -35.62
N ASN CA 7 13.03 -27.06 -35.80
CA ASN CA 7 13.64 -28.10 -34.98
C ASN CA 7 14.45 -29.00 -35.89
N VAL CA 8 15.70 -28.62 -36.12
CA VAL CA 8 16.58 -29.40 -36.99
C VAL CA 8 16.93 -30.74 -36.36
N THR CA 9 16.95 -30.80 -35.03
CA THR CA 9 17.16 -32.08 -34.36
C THR CA 9 16.07 -33.07 -34.74
N SER CA 10 14.83 -32.60 -34.83
CA SER CA 10 13.73 -33.45 -35.27
C SER CA 10 13.93 -33.87 -36.73
N MET CA 11 14.37 -32.94 -37.58
CA MET CA 11 14.55 -33.25 -38.99
C MET CA 11 15.57 -34.37 -39.19
N LYS CA 12 16.70 -34.30 -38.50
CA LYS CA 12 17.69 -35.37 -38.59
C LYS CA 12 17.15 -36.66 -37.98
N ALA CA 13 16.42 -36.56 -36.86
CA ALA CA 13 15.87 -37.76 -36.23
C ALA CA 13 14.85 -38.44 -37.13
N GLN CA 14 14.03 -37.65 -37.84
CA GLN CA 14 13.02 -38.24 -38.72
C GLN CA 14 13.66 -39.07 -39.83
N LYS CA 15 14.74 -38.57 -40.41
CA LYS CA 15 15.38 -39.27 -41.53
C LYS CA 15 15.92 -40.62 -41.08
N ASN CA 16 16.51 -40.68 -39.89
CA ASN CA 16 17.08 -41.93 -39.40
C ASN CA 16 15.99 -42.98 -39.18
N LEU CA 17 14.84 -42.54 -38.66
CA LEU CA 17 13.74 -43.48 -38.45
C LEU CA 17 13.21 -44.02 -39.78
N ASN CA 18 13.14 -43.18 -40.81
CA ASN CA 18 12.68 -43.64 -42.11
C ASN CA 18 13.61 -44.70 -42.69
N THR CA 19 14.92 -44.50 -42.55
CA THR CA 19 15.88 -45.48 -43.07
C THR CA 19 15.75 -46.81 -42.35
N SER CA 20 15.60 -46.79 -41.03
CA SER CA 20 15.46 -48.04 -40.27
C SER CA 20 14.15 -48.75 -40.55
N ASN CA 21 13.08 -48.00 -40.82
CA ASN CA 21 11.80 -48.62 -41.16
C ASN CA 21 11.83 -49.26 -42.54
N SER CA 22 12.50 -48.61 -43.50
CA SER CA 22 12.58 -49.17 -44.85
C SER CA 22 13.41 -50.44 -44.88
N GLY CA 23 14.49 -50.49 -44.10
CA GLY CA 23 15.30 -51.68 -44.03
C GLY CA 23 14.58 -52.86 -43.40
N LEU CA 24 13.76 -52.57 -42.39
CA LEU CA 24 12.95 -53.63 -41.78
C LEU CA 24 11.94 -54.19 -42.76
N SER CA 25 11.31 -53.32 -43.55
CA SER CA 25 10.31 -53.77 -44.51
C SER CA 25 10.91 -54.68 -45.57
N THR CA 26 12.05 -54.29 -46.14
CA THR CA 26 12.64 -55.07 -47.22
C THR CA 26 13.13 -56.42 -46.73
N SER CA 27 13.50 -56.54 -45.45
CA SER CA 27 13.94 -57.81 -44.92
C SER CA 27 12.79 -58.80 -44.76
N MET CA 28 11.60 -58.30 -44.43
CA MET CA 28 10.46 -59.20 -44.23
C MET CA 28 10.02 -59.84 -45.54
N GLU CA 29 9.99 -59.06 -46.62
CA GLU CA 29 9.53 -59.62 -47.89
C GLU CA 29 10.52 -60.62 -48.47
N ARG CA 30 11.82 -60.40 -48.25
CA ARG CA 30 12.80 -61.41 -48.63
C ARG CA 30 12.62 -62.69 -47.83
N LEU CA 31 12.30 -62.57 -46.54
CA LEU CA 31 12.04 -63.75 -45.72
C LEU CA 31 10.70 -64.41 -46.02
N SER CA 32 9.70 -63.63 -46.42
CA SER CA 32 8.37 -64.20 -46.65
C SER CA 32 8.31 -65.00 -47.94
N SER CA 33 9.18 -64.71 -48.91
CA SER CA 33 9.20 -65.42 -50.18
C SER CA 33 10.38 -66.38 -50.26
N GLY CA 34 11.59 -65.91 -49.95
CA GLY CA 34 12.75 -66.77 -49.99
C GLY CA 34 13.67 -66.45 -51.14
N LEU CA 35 13.53 -65.25 -51.70
CA LEU CA 35 14.33 -64.83 -52.84
C LEU CA 35 15.03 -63.52 -52.52
N ARG CA 36 16.34 -63.48 -52.78
CA ARG CA 36 17.08 -62.24 -52.62
C ARG CA 36 16.73 -61.22 -53.71
N ILE CA 37 16.68 -61.65 -54.96
CA ILE CA 37 16.33 -60.76 -56.05
C ILE CA 37 14.83 -60.81 -56.29
N ASN CA 38 14.08 -60.03 -55.50
CA ASN CA 38 12.63 -59.93 -55.69
C ASN CA 38 12.33 -59.03 -56.89
N SER CA 39 12.89 -57.84 -56.89
CA SER CA 39 12.71 -56.89 -57.97
C SER CA 39 14.06 -56.55 -58.59
N ALA CA 40 14.03 -55.61 -59.53
CA ALA CA 40 15.25 -55.12 -60.18
C ALA CA 40 16.00 -54.12 -59.33
N LYS CA 41 15.55 -53.86 -58.10
CA LYS CA 41 16.34 -53.04 -57.19
C LYS CA 41 17.71 -53.65 -57.00
N ASP CA 42 17.76 -54.96 -56.82
CA ASP CA 42 18.95 -55.73 -56.49
C ASP CA 42 19.77 -56.00 -57.73
N ASP CA 43 20.64 -57.01 -57.66
CA ASP CA 43 21.59 -57.29 -58.73
C ASP CA 43 20.91 -57.29 -60.09
N ALA CA 44 21.28 -56.31 -60.93
CA ALA CA 44 20.73 -56.24 -62.27
C ALA CA 44 21.24 -57.38 -63.13
N ALA CA 45 22.51 -57.74 -62.97
CA ALA CA 45 23.08 -58.86 -63.71
C ALA CA 45 22.63 -60.20 -63.17
N GLY CA 46 22.29 -60.27 -61.88
CA GLY CA 46 21.90 -61.55 -61.30
C GLY CA 46 20.61 -62.09 -61.91
N LEU CA 47 19.61 -61.23 -62.09
CA LEU CA 47 18.34 -61.69 -62.63
C LEU CA 47 18.47 -62.13 -64.08
N ALA CA 48 19.32 -61.44 -64.84
CA ALA CA 48 19.55 -61.83 -66.23
C ALA CA 48 20.20 -63.20 -66.31
N ILE CA 49 21.21 -63.45 -65.47
CA ILE CA 49 21.86 -64.75 -65.45
C ILE CA 49 20.88 -65.84 -65.00
N SER CA 50 20.08 -65.53 -63.98
CA SER CA 50 19.16 -66.52 -63.43
C SER CA 50 18.12 -66.94 -64.46
N ASN CA 51 17.73 -66.02 -65.34
CA ASN CA 51 16.73 -66.35 -66.35
C ASN CA 51 17.24 -67.42 -67.31
N ARG CA 52 18.50 -67.31 -67.75
CA ARG CA 52 19.07 -68.35 -68.58
C ARG CA 52 19.29 -69.65 -67.84
N LEU CA 53 19.71 -69.58 -66.57
CA LEU CA 53 19.81 -70.79 -65.77
C LEU CA 53 18.44 -71.43 -65.55
N ASN CA 54 17.41 -70.62 -65.37
CA ASN CA 54 16.05 -71.15 -65.26
C ASN CA 54 15.64 -71.86 -66.53
N SER CA 55 16.01 -71.31 -67.70
CA SER CA 55 15.71 -71.97 -68.96
C SER CA 55 16.40 -73.32 -69.07
N GLN CA 56 17.65 -73.42 -68.62
CA GLN CA 56 18.36 -74.68 -68.69
C GLN CA 56 17.73 -75.73 -67.79
N VAL CA 57 17.35 -75.34 -66.57
CA VAL CA 57 16.76 -76.30 -65.63
C VAL CA 57 15.44 -76.83 -66.16
N ARG CA 58 14.56 -75.92 -66.58
CA ARG CA 58 13.27 -76.35 -67.13
C ARG CA 58 13.44 -76.97 -68.51
N GLY CA 59 14.41 -76.49 -69.28
CA GLY CA 59 14.66 -77.07 -70.59
C GLY CA 59 15.09 -78.52 -70.49
N LEU CA 60 15.97 -78.84 -69.55
CA LEU CA 60 16.40 -80.22 -69.38
C LEU CA 60 15.24 -81.11 -68.92
N GLU CA 61 14.39 -80.61 -68.04
CA GLU CA 61 13.29 -81.42 -67.51
C GLU CA 61 12.36 -81.88 -68.62
N VAL CA 62 12.03 -80.99 -69.55
CA VAL CA 62 11.25 -81.40 -70.71
C VAL CA 62 12.07 -82.33 -71.60
N GLY CA 63 13.38 -82.08 -71.71
CA GLY CA 63 14.22 -82.94 -72.50
C GLY CA 63 14.31 -84.35 -71.95
N MET CA 64 14.27 -84.48 -70.63
CA MET CA 64 14.29 -85.81 -70.02
C MET CA 64 13.06 -86.62 -70.44
N ARG CA 65 11.88 -86.02 -70.35
CA ARG CA 65 10.66 -86.71 -70.78
C ARG CA 65 10.67 -86.97 -72.27
N ASN CA 66 11.35 -86.11 -73.04
CA ASN CA 66 11.45 -86.32 -74.48
C ASN CA 66 12.19 -87.61 -74.81
N ALA CA 67 13.23 -87.94 -74.05
CA ALA CA 67 14.01 -89.14 -74.28
C ALA CA 67 13.36 -90.39 -73.70
N ASN CA 68 12.64 -90.28 -72.59
CA ASN CA 68 11.88 -91.42 -72.07
C ASN CA 68 10.85 -91.90 -73.07
N ASP CA 69 10.28 -91.00 -73.86
CA ASP CA 69 9.37 -91.36 -74.94
C ASP CA 69 10.08 -92.16 -76.03
N ALA CA 70 11.30 -91.77 -76.40
CA ALA CA 70 12.03 -92.48 -77.44
C ALA CA 70 12.38 -93.90 -76.99
N ILE CA 71 12.66 -94.08 -75.70
CA ILE CA 71 13.00 -95.39 -75.16
C ILE CA 71 11.82 -96.32 -75.32
N SER CA 72 10.61 -95.82 -75.03
CA SER CA 72 9.42 -96.65 -75.12
C SER CA 72 9.14 -97.09 -76.55
N ILE CA 73 9.33 -96.19 -77.53
CA ILE CA 73 9.12 -96.57 -78.92
C ILE CA 73 10.07 -97.67 -79.33
N ALA CA 74 11.35 -97.53 -79.01
CA ALA CA 74 12.33 -98.56 -79.33
C ALA CA 74 12.04 -99.86 -78.58
N GLN CA 75 11.45 -99.75 -77.39
CA GLN CA 75 11.13 -100.94 -76.61
C GLN CA 75 10.04 -101.77 -77.28
N ILE CA 76 9.00 -101.11 -77.81
CA ILE CA 76 7.89 -101.83 -78.41
C ILE CA 76 8.31 -102.50 -79.72
N ALA CA 77 9.06 -101.78 -80.56
CA ALA CA 77 9.49 -102.35 -81.84
C ALA CA 77 10.38 -103.56 -81.63
N GLU CA 78 11.28 -103.48 -80.65
CA GLU CA 78 12.15 -104.62 -80.36
C GLU CA 78 11.35 -105.83 -79.91
N GLY CA 79 10.32 -105.62 -79.10
CA GLY CA 79 9.52 -106.73 -78.62
C GLY CA 79 8.80 -107.47 -79.73
N ALA CA 80 8.28 -106.71 -80.71
CA ALA CA 80 7.56 -107.34 -81.80
C ALA CA 80 8.48 -108.16 -82.71
N MET CA 81 9.70 -107.70 -82.93
CA MET CA 81 10.61 -108.43 -83.81
C MET CA 81 11.05 -109.76 -83.21
N GLN CA 82 10.99 -109.88 -81.88
CA GLN CA 82 11.32 -111.16 -81.26
C GLN CA 82 10.34 -112.25 -81.68
N GLU CA 83 9.06 -111.93 -81.74
CA GLU CA 83 8.07 -112.93 -82.12
C GLU CA 83 8.18 -113.29 -83.59
N GLN CA 84 8.58 -112.35 -84.44
CA GLN CA 84 8.81 -112.68 -85.85
C GLN CA 84 9.98 -113.63 -86.00
N THR CA 85 10.99 -113.51 -85.13
CA THR CA 85 12.13 -114.41 -85.19
C THR CA 85 11.75 -115.84 -84.83
N ASN CA 86 10.92 -116.04 -83.81
CA ASN CA 86 10.52 -117.39 -83.43
C ASN CA 86 9.72 -118.09 -84.52
N MET CA 87 8.79 -117.39 -85.16
CA MET CA 87 8.02 -118.01 -86.23
C MET CA 87 8.87 -118.31 -87.46
N LEU CA 88 9.88 -117.48 -87.74
CA LEU CA 88 10.78 -117.78 -88.85
C LEU CA 88 11.59 -119.04 -88.57
N GLN CA 89 11.96 -119.29 -87.31
CA GLN CA 89 12.69 -120.51 -86.98
C GLN CA 89 11.83 -121.74 -87.23
N ARG CA 90 10.54 -121.67 -86.91
CA ARG CA 90 9.65 -122.79 -87.18
C ARG CA 90 9.50 -123.07 -88.67
N MET CA 91 9.55 -122.03 -89.50
CA MET CA 91 9.54 -122.24 -90.95
C MET CA 91 10.78 -122.98 -91.43
N ARG CA 92 11.93 -122.75 -90.79
CA ARG CA 92 13.13 -123.49 -91.15
C ARG CA 92 12.97 -124.97 -90.89
N ASP CA 93 12.38 -125.34 -89.75
CA ASP CA 93 12.19 -126.75 -89.45
C ASP CA 93 11.25 -127.42 -90.44
N LEU CA 94 10.17 -126.74 -90.82
CA LEU CA 94 9.25 -127.31 -91.78
C LEU CA 94 9.90 -127.54 -93.15
N THR CA 95 10.73 -126.61 -93.60
CA THR CA 95 11.48 -126.81 -94.84
C THR CA 95 12.43 -127.99 -94.75
N ILE CA 96 13.12 -128.14 -93.61
CA ILE CA 96 13.96 -129.32 -93.41
C ILE CA 96 13.10 -130.58 -93.34
N GLN CA 97 11.97 -130.51 -92.63
CA GLN CA 97 11.08 -131.65 -92.53
C GLN CA 97 10.43 -132.00 -93.87
N SER CA 98 10.28 -131.03 -94.75
CA SER CA 98 9.63 -131.26 -96.04
C SER CA 98 10.55 -131.90 -97.06
N GLU CA 99 11.68 -132.45 -96.65
CA GLU CA 99 12.67 -132.93 -97.60
C GLU CA 99 12.79 -134.45 -97.49
N ASN CA 100 11.90 -135.10 -96.73
CA ASN CA 100 11.89 -136.55 -96.67
C ASN CA 100 11.58 -137.15 -98.04
N GLY CA 101 12.17 -138.32 -98.30
CA GLY CA 101 11.84 -139.06 -99.50
C GLY CA 101 10.70 -140.03 -99.27
N ALA CA 102 10.23 -140.12 -98.03
CA ALA CA 102 9.10 -140.98 -97.70
C ALA CA 102 7.79 -140.21 -97.67
N ASN CA 103 7.81 -138.92 -97.95
CA ASN CA 103 6.59 -138.12 -97.99
C ASN CA 103 5.83 -138.44 -99.28
N SER CA 104 4.74 -137.74 -99.51
CA SER CA 104 3.99 -137.89 -100.75
C SER CA 104 3.49 -136.51 -101.18
N THR CA 105 2.84 -136.47 -102.33
CA THR CA 105 2.33 -135.21 -102.83
C THR CA 105 1.31 -134.61 -101.87
N ALA CA 106 0.44 -135.44 -101.30
CA ALA CA 106 -0.53 -134.95 -100.33
C ALA CA 106 0.13 -134.50 -99.02
N ASP CA 107 1.25 -135.12 -98.65
CA ASP CA 107 1.93 -134.74 -97.43
C ASP CA 107 2.57 -133.37 -97.54
N LEU CA 108 3.15 -133.06 -98.70
CA LEU CA 108 3.79 -131.77 -98.89
C LEU CA 108 2.78 -130.63 -98.85
N VAL CA 109 1.55 -130.88 -99.30
CA VAL CA 109 0.52 -129.85 -99.26
C VAL CA 109 0.17 -129.47 -97.82
N SER CA 110 0.06 -130.45 -96.93
CA SER CA 110 -0.25 -130.17 -95.53
C SER CA 110 0.83 -129.32 -94.87
N ILE CA 111 2.09 -129.58 -95.17
CA ILE CA 111 3.17 -128.77 -94.60
C ILE CA 111 3.10 -127.34 -95.11
N LYS CA 112 2.77 -127.17 -96.40
CA LYS CA 112 2.65 -125.82 -96.94
C LYS CA 112 1.50 -125.06 -96.31
N ALA CA 113 0.38 -125.74 -96.03
CA ALA CA 113 -0.75 -125.09 -95.38
C ALA CA 113 -0.40 -124.55 -94.00
N GLU CA 114 0.64 -125.07 -93.36
CA GLU CA 114 1.15 -124.54 -92.11
C GLU CA 114 2.09 -123.37 -92.33
N MET CA 115 3.05 -123.51 -93.25
CA MET CA 115 3.94 -122.41 -93.58
C MET CA 115 3.16 -121.20 -94.05
N ASP CA 116 2.07 -121.42 -94.78
CA ASP CA 116 1.31 -120.31 -95.35
C ASP CA 116 0.71 -119.43 -94.26
N GLN CA 117 0.16 -120.03 -93.20
CA GLN CA 117 -0.44 -119.25 -92.14
C GLN CA 117 0.59 -118.56 -91.26
N LEU CA 118 1.77 -119.14 -91.06
CA LEU CA 118 2.81 -118.46 -90.30
C LEU CA 118 3.28 -117.19 -90.99
N ALA CA 119 3.38 -117.18 -92.32
CA ALA CA 119 3.74 -115.97 -93.05
C ALA CA 119 2.66 -114.91 -92.96
N THR CA 120 1.40 -115.30 -92.79
CA THR CA 120 0.33 -114.33 -92.63
C THR CA 120 0.48 -113.52 -91.35
N GLU CA 121 0.90 -114.14 -90.25
CA GLU CA 121 1.10 -113.40 -89.01
C GLU CA 121 2.31 -112.46 -89.06
N ILE CA 122 3.37 -112.85 -89.76
CA ILE CA 122 4.48 -111.92 -89.93
C ILE CA 122 4.00 -110.65 -90.59
N ASP CA 123 3.07 -110.78 -91.55
CA ASP CA 123 2.36 -109.61 -92.06
C ASP CA 123 1.51 -108.96 -90.98
N SER CA 124 0.82 -109.75 -90.16
CA SER CA 124 -0.13 -109.19 -89.21
C SER CA 124 0.56 -108.42 -88.09
N ILE CA 125 1.69 -108.91 -87.58
CA ILE CA 125 2.42 -108.16 -86.57
C ILE CA 125 2.97 -106.86 -87.16
N GLY CA 126 3.49 -106.93 -88.38
CA GLY CA 126 4.06 -105.76 -89.03
C GLY CA 126 3.06 -104.63 -89.20
N ASN CA 127 1.81 -104.96 -89.48
CA ASN CA 127 0.78 -103.96 -89.71
C ASN CA 127 0.03 -103.57 -88.44
N SER CA 128 0.36 -104.16 -87.29
CA SER CA 128 -0.40 -103.91 -86.07
C SER CA 128 0.39 -103.15 -85.03
N THR CA 129 1.68 -103.48 -84.88
CA THR CA 129 2.51 -102.88 -83.84
C THR CA 129 2.46 -101.36 -83.90
N ALA CA 130 1.94 -100.73 -82.84
CA ALA CA 130 1.69 -99.30 -82.86
C ALA CA 130 1.91 -98.74 -81.46
N PHE CA 131 2.16 -97.44 -81.42
CA PHE CA 131 2.32 -96.68 -80.18
C PHE CA 131 1.07 -95.83 -80.03
N GLY CA 132 0.02 -96.40 -79.43
CA GLY CA 132 -1.24 -95.71 -79.30
C GLY CA 132 -1.99 -95.71 -80.62
N ASN CA 133 -1.53 -94.91 -81.58
CA ASN CA 133 -2.19 -94.93 -82.89
C ASN CA 133 -1.20 -94.80 -84.04
N THR CA 134 0.10 -94.82 -83.80
CA THR CA 134 1.10 -94.65 -84.86
C THR CA 134 1.78 -95.99 -85.10
N LYS CA 135 1.68 -96.49 -86.34
CA LYS CA 135 2.27 -97.76 -86.73
C LYS CA 135 3.78 -97.59 -86.84
N LEU CA 136 4.54 -98.48 -86.22
CA LEU CA 136 5.99 -98.31 -86.13
C LEU CA 136 6.78 -99.19 -87.08
N LEU CA 137 6.17 -100.19 -87.70
CA LEU CA 137 6.91 -101.14 -88.53
C LEU CA 137 6.48 -101.11 -89.99
N THR CA 138 5.79 -100.04 -90.40
CA THR CA 138 5.29 -99.96 -91.77
C THR CA 138 5.98 -98.88 -92.58
N GLY CA 139 7.17 -98.44 -92.16
CA GLY CA 139 8.00 -97.58 -92.97
C GLY CA 139 7.89 -96.11 -92.66
N THR CA 140 7.02 -95.71 -91.74
CA THR CA 140 6.94 -94.30 -91.39
C THR CA 140 8.15 -93.88 -90.56
N PHE CA 141 8.92 -94.85 -90.08
CA PHE CA 141 10.19 -94.57 -89.43
C PHE CA 141 11.36 -95.04 -90.28
N SER CA 142 11.15 -95.16 -91.59
CA SER CA 142 12.23 -95.50 -92.51
C SER CA 142 13.32 -94.45 -92.55
N ALA CA 143 12.96 -93.17 -92.57
CA ALA CA 143 13.89 -92.05 -92.46
C ALA CA 143 13.75 -91.54 -91.04
N GLY CA 144 14.75 -91.86 -90.20
CA GLY CA 144 14.68 -91.66 -88.77
C GLY CA 144 14.01 -90.39 -88.29
N LYS CA 145 13.10 -90.53 -87.34
CA LYS CA 145 12.46 -89.37 -86.73
C LYS CA 145 13.36 -88.79 -85.65
N VAL CA 146 12.98 -87.59 -85.19
CA VAL CA 146 13.89 -86.78 -84.37
C VAL CA 146 13.25 -86.50 -83.01
N PHE CA 147 14.04 -86.69 -81.95
CA PHE CA 147 13.68 -86.29 -80.60
C PHE CA 147 14.74 -85.34 -80.08
N GLN CA 148 14.32 -84.28 -79.39
CA GLN CA 148 15.23 -83.28 -78.84
C GLN CA 148 15.43 -83.54 -77.35
N VAL CA 149 16.67 -83.76 -76.94
CA VAL CA 149 16.99 -84.15 -75.56
C VAL CA 149 17.74 -83.06 -74.82
N GLY CA 150 18.03 -81.94 -75.47
CA GLY CA 150 18.69 -80.81 -74.83
C GLY CA 150 17.73 -79.63 -74.74
N HIS CA 151 18.28 -78.49 -74.31
CA HIS CA 151 17.48 -77.28 -74.21
C HIS CA 151 17.78 -76.27 -75.32
N GLN CA 152 18.60 -76.63 -76.30
CA GLN CA 152 18.92 -75.76 -77.41
C GLN CA 152 18.80 -76.52 -78.72
N GLU CA 153 18.77 -75.77 -79.82
CA GLU CA 153 18.65 -76.37 -81.14
C GLU CA 153 19.87 -77.22 -81.44
N GLY CA 154 19.63 -78.33 -82.15
CA GLY CA 154 20.71 -79.21 -82.56
C GLY CA 154 21.02 -80.34 -81.61
N GLU CA 155 20.39 -80.38 -80.43
CA GLU CA 155 20.60 -81.47 -79.48
C GLU CA 155 19.52 -82.52 -79.72
N ASP CA 156 19.67 -83.29 -80.79
CA ASP CA 156 18.64 -84.23 -81.21
C ASP CA 156 19.19 -85.64 -81.31
N ILE CA 157 18.28 -86.61 -81.18
CA ILE CA 157 18.56 -88.02 -81.35
C ILE CA 157 17.63 -88.57 -82.42
N LYS CA 158 18.17 -89.42 -83.28
CA LYS CA 158 17.43 -89.95 -84.42
C LYS CA 158 17.21 -91.45 -84.25
N VAL CA 159 15.97 -91.89 -84.38
CA VAL CA 159 15.61 -93.30 -84.28
C VAL CA 159 15.06 -93.77 -85.63
N THR CA 160 15.70 -94.78 -86.21
CA THR CA 160 15.31 -95.29 -87.52
C THR CA 160 14.86 -96.73 -87.38
N VAL CA 161 13.66 -97.03 -87.87
CA VAL CA 161 13.10 -98.38 -87.87
C VAL CA 161 12.70 -98.70 -89.30
N LYS CA 162 13.39 -99.64 -89.92
CA LYS CA 162 13.06 -100.01 -91.29
C LYS CA 162 11.82 -100.90 -91.30
N ALA CA 163 11.12 -100.88 -92.44
CA ALA CA 163 9.90 -101.66 -92.56
C ALA CA 163 10.20 -103.15 -92.52
N SER CA 164 9.39 -103.90 -91.77
CA SER CA 164 9.58 -105.33 -91.60
C SER CA 164 8.23 -106.02 -91.67
N ASN CA 165 7.94 -106.63 -92.82
CA ASN CA 165 6.72 -107.40 -93.04
C ASN CA 165 7.05 -108.47 -94.07
N LYS CA 166 6.03 -109.22 -94.49
CA LYS CA 166 6.30 -110.40 -95.31
C LYS CA 166 6.81 -110.04 -96.70
N THR CA 167 6.26 -109.00 -97.34
CA THR CA 167 6.78 -108.60 -98.64
C THR CA 167 8.17 -108.00 -98.51
N SER CA 168 8.43 -107.30 -97.41
CA SER CA 168 9.75 -106.69 -97.20
C SER CA 168 10.83 -107.75 -97.05
N LEU CA 169 10.55 -108.79 -96.27
CA LEU CA 169 11.55 -109.83 -95.97
C LEU CA 169 11.65 -110.88 -97.06
N SER CA 170 11.08 -110.62 -98.24
CA SER CA 170 11.14 -111.52 -99.38
C SER CA 170 10.57 -112.90 -99.04
N VAL CA 171 9.41 -112.88 -98.39
CA VAL CA 171 8.63 -114.09 -98.17
C VAL CA 171 7.20 -113.81 -98.59
N GLY CA 172 6.42 -114.86 -98.80
CA GLY CA 172 5.06 -114.69 -99.28
C GLY CA 172 4.77 -115.65 -100.41
N ALA CA 173 5.82 -116.08 -101.10
CA ALA CA 173 5.75 -117.11 -102.12
C ALA CA 173 6.83 -118.13 -101.83
N LEU CA 174 6.48 -119.14 -101.02
CA LEU CA 174 7.42 -120.20 -100.64
C LEU CA 174 6.79 -121.54 -100.93
N ASN CA 175 7.33 -122.25 -101.92
CA ASN CA 175 6.86 -123.58 -102.28
C ASN CA 175 7.88 -124.62 -101.85
N ASN CA 176 7.45 -125.88 -101.79
CA ASN CA 176 8.32 -126.97 -101.41
C ASN CA 176 8.08 -128.23 -102.24
N ALA CA 177 7.68 -128.08 -103.50
CA ALA CA 177 7.38 -129.24 -104.34
C ALA CA 177 8.64 -129.81 -104.98
N THR CA 178 9.32 -129.01 -105.80
CA THR CA 178 10.48 -129.50 -106.54
C THR CA 178 11.75 -129.41 -105.72
N SER CA 179 12.84 -129.98 -106.25
CA SER CA 179 14.13 -129.89 -105.56
C SER CA 179 14.62 -128.46 -105.49
N ALA CA 180 14.48 -127.71 -106.59
CA ALA CA 180 14.96 -126.33 -106.62
C ALA CA 180 14.11 -125.44 -105.75
N ASN CA 181 12.83 -125.77 -105.57
CA ASN CA 181 11.94 -124.92 -104.79
C ASN CA 181 12.37 -124.87 -103.33
N ARG CA 182 12.74 -126.01 -102.76
CA ARG CA 182 13.14 -126.03 -101.36
C ARG CA 182 14.49 -125.35 -101.14
N ALA CA 183 15.42 -125.50 -102.07
CA ALA CA 183 16.72 -124.87 -101.92
C ALA CA 183 16.60 -123.34 -101.94
N SER CA 184 15.77 -122.81 -102.82
CA SER CA 184 15.59 -121.36 -102.87
C SER CA 184 14.88 -120.85 -101.61
N SER CA 185 13.92 -121.61 -101.09
CA SER CA 185 13.18 -121.18 -99.91
C SER CA 185 14.09 -121.10 -98.68
N LEU CA 186 15.01 -122.05 -98.54
CA LEU CA 186 15.88 -122.07 -97.36
C LEU CA 186 16.79 -120.85 -97.31
N ALA CA 187 17.32 -120.42 -98.45
CA ALA CA 187 18.22 -119.26 -98.46
C ALA CA 187 17.50 -117.98 -98.04
N LYS CA 188 16.26 -117.80 -98.48
CA LYS CA 188 15.54 -116.56 -98.18
C LYS CA 188 15.20 -116.46 -96.70
N ILE CA 189 14.86 -117.58 -96.07
CA ILE CA 189 14.58 -117.55 -94.63
C ILE CA 189 15.83 -117.20 -93.85
N ASP CA 190 16.98 -117.77 -94.22
CA ASP CA 190 18.23 -117.44 -93.55
C ASP CA 190 18.57 -115.97 -93.69
N ALA CA 191 18.38 -115.42 -94.89
CA ALA CA 191 18.61 -113.99 -95.09
C ALA CA 191 17.62 -113.16 -94.29
N ALA CA 192 16.41 -113.68 -94.07
CA ALA CA 192 15.42 -112.95 -93.29
C ALA CA 192 15.86 -112.79 -91.83
N ILE CA 193 16.41 -113.86 -91.24
CA ILE CA 193 16.83 -113.77 -89.85
C ILE CA 193 17.99 -112.79 -89.69
N LYS CA 194 18.90 -112.75 -90.67
CA LYS CA 194 20.01 -111.80 -90.59
C LYS CA 194 19.52 -110.36 -90.62
N THR CA 195 18.54 -110.06 -91.47
CA THR CA 195 18.05 -108.68 -91.56
C THR CA 195 17.40 -108.23 -90.26
N ILE CA 196 16.59 -109.10 -89.64
CA ILE CA 196 15.97 -108.74 -88.36
C ILE CA 196 17.04 -108.60 -87.28
N ASP CA 197 18.05 -109.46 -87.30
CA ASP CA 197 19.10 -109.41 -86.29
C ASP CA 197 19.83 -108.07 -86.31
N SER CA 198 20.17 -107.59 -87.51
CA SER CA 198 20.84 -106.29 -87.62
C SER CA 198 19.95 -105.16 -87.15
N GLN CA 199 18.63 -105.27 -87.41
CA GLN CA 199 17.71 -104.23 -86.98
C GLN CA 199 17.63 -104.14 -85.47
N ARG CA 200 17.61 -105.29 -84.79
CA ARG CA 200 17.55 -105.30 -83.34
C ARG CA 200 18.80 -104.69 -82.73
N ALA CA 201 19.97 -104.97 -83.31
CA ALA CA 201 21.21 -104.40 -82.81
C ALA CA 201 21.21 -102.88 -82.93
N ASP CA 202 20.68 -102.36 -84.04
CA ASP CA 202 20.61 -100.91 -84.22
C ASP CA 202 19.71 -100.26 -83.18
N LEU CA 203 18.57 -100.88 -82.87
CA LEU CA 203 17.68 -100.31 -81.87
C LEU CA 203 18.24 -100.42 -80.47
N GLY CA 204 18.97 -101.50 -80.18
CA GLY CA 204 19.57 -101.64 -78.87
C GLY CA 204 20.65 -100.60 -78.61
N ALA CA 205 21.43 -100.25 -79.63
CA ALA CA 205 22.48 -99.26 -79.46
C ALA CA 205 21.91 -97.89 -79.11
N VAL CA 206 20.79 -97.53 -79.73
CA VAL CA 206 20.18 -96.22 -79.49
C VAL CA 206 19.72 -96.11 -78.04
N GLN CA 207 19.07 -97.16 -77.53
CA GLN CA 207 18.56 -97.08 -76.16
C GLN CA 207 19.66 -97.24 -75.13
N ASN CA 208 20.76 -97.93 -75.46
CA ASN CA 208 21.96 -97.80 -74.65
C ASN CA 208 22.50 -96.37 -74.71
N ARG CA 209 22.44 -95.77 -75.90
CA ARG CA 209 22.85 -94.37 -76.05
C ARG CA 209 21.96 -93.43 -75.25
N LEU CA 210 20.64 -93.63 -75.31
CA LEU CA 210 19.74 -92.73 -74.62
C LEU CA 210 19.84 -92.81 -73.11
N ALA CA 211 20.17 -93.99 -72.58
CA ALA CA 211 20.28 -94.13 -71.13
C ALA CA 211 21.38 -93.25 -70.56
N HIS CA 212 22.48 -93.07 -71.30
CA HIS CA 212 23.58 -92.25 -70.81
C HIS CA 212 23.25 -90.77 -70.85
N ASN CA 213 22.39 -90.33 -71.77
CA ASN CA 213 21.96 -88.94 -71.77
C ASN CA 213 21.17 -88.59 -70.51
N ILE CA 214 20.28 -89.49 -70.09
CA ILE CA 214 19.45 -89.22 -68.92
C ILE CA 214 20.31 -89.07 -67.67
N SER CA 215 21.27 -89.98 -67.49
CA SER CA 215 22.14 -89.90 -66.32
C SER CA 215 22.96 -88.61 -66.34
N ASN CA 216 23.48 -88.24 -67.50
CA ASN CA 216 24.22 -86.99 -67.61
C ASN CA 216 23.33 -85.78 -67.37
N SER CA 217 22.11 -85.79 -67.90
CA SER CA 217 21.20 -84.67 -67.69
C SER CA 217 20.75 -84.56 -66.25
N ALA CA 218 20.58 -85.69 -65.55
CA ALA CA 218 20.23 -85.63 -64.14
C ALA CA 218 21.35 -85.02 -63.31
N ASN CA 219 22.60 -85.36 -63.64
CA ASN CA 219 23.73 -84.77 -62.91
C ASN CA 219 23.83 -83.28 -63.16
N THR CA 220 23.77 -82.86 -64.42
CA THR CA 220 23.96 -81.44 -64.73
C THR CA 220 22.82 -80.60 -64.19
N GLN CA 221 21.62 -81.18 -64.05
CA GLN CA 221 20.51 -80.43 -63.49
C GLN CA 221 20.77 -80.04 -62.04
N ALA CA 222 21.35 -80.95 -61.26
CA ALA CA 222 21.61 -80.67 -59.85
C ALA CA 222 22.64 -79.56 -59.70
N ASN CA 223 23.71 -79.60 -60.50
CA ASN CA 223 24.76 -78.59 -60.39
C ASN CA 223 24.27 -77.21 -60.80
N VAL CA 224 23.42 -77.12 -61.83
CA VAL CA 224 22.87 -75.82 -62.20
C VAL CA 224 21.96 -75.28 -61.11
N ALA CA 225 21.23 -76.17 -60.43
CA ALA CA 225 20.41 -75.73 -59.30
C ALA CA 225 21.28 -75.13 -58.19
N ASP CA 226 22.45 -75.73 -57.95
CA ASP CA 226 23.42 -75.12 -57.03
C ASP CA 226 23.77 -73.70 -57.45
N ALA CA 227 24.16 -73.53 -58.72
CA ALA CA 227 24.60 -72.22 -59.17
C ALA CA 227 23.49 -71.19 -59.10
N LYS CA 228 22.26 -71.60 -59.43
CA LYS CA 228 21.14 -70.67 -59.45
C LYS CA 228 20.72 -70.23 -58.06
N SER CA 229 20.86 -71.09 -57.05
CA SER CA 229 20.42 -70.72 -55.71
C SER CA 229 21.37 -69.73 -55.05
N ARG CA 230 22.67 -69.82 -55.35
CA ARG CA 230 23.62 -68.90 -54.72
C ARG CA 230 23.37 -67.46 -55.15
N ILE CA 231 22.67 -67.26 -56.26
CA ILE CA 231 22.47 -65.92 -56.80
C ILE CA 231 21.17 -65.30 -56.31
N VAL CA 232 20.08 -66.06 -56.31
CA VAL CA 232 18.75 -65.48 -56.08
C VAL CA 232 18.17 -65.81 -54.71
N ASP CA 233 18.75 -66.74 -53.97
CA ASP CA 233 18.15 -67.23 -52.74
C ASP CA 233 18.78 -66.55 -51.53
N VAL CA 234 17.97 -66.36 -50.49
CA VAL CA 234 18.43 -65.69 -49.28
C VAL CA 234 19.08 -66.70 -48.35
N ASP CA 235 19.99 -66.23 -47.52
CA ASP CA 235 20.54 -67.01 -46.41
C ASP CA 235 19.86 -66.52 -45.14
N PHE CA 236 19.09 -67.40 -44.50
CA PHE CA 236 18.31 -66.98 -43.34
C PHE CA 236 19.20 -66.52 -42.20
N ALA CA 237 20.39 -67.09 -42.06
CA ALA CA 237 21.32 -66.65 -41.04
C ALA CA 237 21.67 -65.19 -41.26
N LYS CA 238 21.95 -64.81 -42.51
CA LYS CA 238 22.21 -63.42 -42.84
C LYS CA 238 20.97 -62.56 -42.64
N GLU CA 239 19.81 -63.05 -43.09
CA GLU CA 239 18.61 -62.22 -43.09
C GLU CA 239 18.03 -62.05 -41.69
N THR CA 240 18.03 -63.11 -40.89
CA THR CA 240 17.44 -63.01 -39.56
C THR CA 240 18.21 -62.02 -38.68
N SER CA 241 19.53 -62.02 -38.79
CA SER CA 241 20.33 -61.06 -38.02
C SER CA 241 20.00 -59.64 -38.42
N ALA CA 242 19.84 -59.37 -39.72
CA ALA CA 242 19.51 -58.03 -40.17
C ALA CA 242 18.12 -57.61 -39.70
N MET CA 243 17.16 -58.53 -39.72
CA MET CA 243 15.81 -58.19 -39.29
C MET CA 243 15.77 -57.81 -37.82
N THR CA 244 16.40 -58.62 -36.97
CA THR CA 244 16.53 -58.25 -35.56
C THR CA 244 17.40 -57.00 -35.40
N LYS CA 245 18.31 -56.77 -36.35
CA LYS CA 245 19.23 -55.65 -36.25
C LYS CA 245 18.47 -54.34 -36.33
N TYR CA 246 17.49 -54.26 -37.24
CA TYR CA 246 16.72 -53.05 -37.48
C TYR CA 246 15.58 -52.87 -36.49
N GLN CA 247 15.09 -53.95 -35.87
CA GLN CA 247 14.04 -53.80 -34.87
C GLN CA 247 14.50 -52.96 -33.69
N VAL CA 248 15.73 -53.17 -33.24
CA VAL CA 248 16.28 -52.38 -32.15
C VAL CA 248 16.43 -50.93 -32.58
N LEU CA 249 16.90 -50.70 -33.80
CA LEU CA 249 17.08 -49.33 -34.27
C LEU CA 249 15.76 -48.58 -34.38
N GLN CA 250 14.67 -49.29 -34.65
CA GLN CA 250 13.36 -48.64 -34.73
C GLN CA 250 12.93 -48.12 -33.37
N GLN CA 251 13.03 -48.94 -32.33
CA GLN CA 251 12.64 -48.51 -31.00
C GLN CA 251 13.58 -47.43 -30.48
N THR CA 252 14.86 -47.51 -30.82
CA THR CA 252 15.78 -46.44 -30.49
C THR CA 252 15.41 -45.15 -31.20
N GLY CA 253 15.06 -45.24 -32.49
CA GLY CA 253 14.68 -44.05 -33.23
C GLY CA 253 13.41 -43.40 -32.72
N SER CA 254 12.43 -44.21 -32.31
CA SER CA 254 11.17 -43.66 -31.82
C SER CA 254 11.34 -42.93 -30.50
N ALA CA 255 12.13 -43.48 -29.58
CA ALA CA 255 12.37 -42.79 -28.32
C ALA CA 255 13.15 -41.50 -28.51
N MET CA 256 14.14 -41.50 -29.41
CA MET CA 256 14.89 -40.28 -29.67
C MET CA 256 14.02 -39.21 -30.31
N LEU CA 257 13.16 -39.59 -31.25
CA LEU CA 257 12.31 -38.61 -31.91
C LEU CA 257 11.28 -38.03 -30.97
N ALA CA 258 10.64 -38.86 -30.14
CA ALA CA 258 9.65 -38.35 -29.20
C ALA CA 258 10.28 -37.39 -28.21
N GLN CA 259 11.49 -37.71 -27.73
CA GLN CA 259 12.14 -36.85 -26.75
C GLN CA 259 12.70 -35.59 -27.39
N ALA CA 260 13.09 -35.67 -28.66
CA ALA CA 260 13.61 -34.48 -29.35
C ALA CA 260 12.49 -33.51 -29.69
N ASN CA 261 11.24 -34.00 -29.74
CA ASN CA 261 10.12 -33.13 -30.08
C ASN CA 261 9.81 -32.13 -28.98
N GLN CA 262 10.10 -32.46 -27.72
CA GLN CA 262 9.81 -31.56 -26.61
C GLN CA 262 11.02 -30.74 -26.18
N LEU CA 263 12.02 -30.61 -27.04
CA LEU CA 263 13.11 -29.66 -26.84
C LEU CA 263 12.63 -28.21 -26.76
N PRO CA 264 11.75 -27.73 -27.64
CA PRO CA 264 11.38 -26.31 -27.59
C PRO CA 264 10.61 -25.89 -26.35
N GLN CA 265 10.21 -26.82 -25.49
CA GLN CA 265 9.50 -26.44 -24.27
C GLN CA 265 10.39 -25.71 -23.27
N VAL CA 266 11.71 -25.67 -23.51
CA VAL CA 266 12.59 -24.87 -22.67
C VAL CA 266 12.22 -23.40 -22.76
N ALA CA 267 11.73 -22.95 -23.92
CA ALA CA 267 11.36 -21.56 -24.10
C ALA CA 267 10.25 -21.11 -23.17
N LEU CA 268 9.40 -22.03 -22.71
CA LEU CA 268 8.36 -21.69 -21.76
C LEU CA 268 8.89 -21.43 -20.35
N SER CA 269 10.07 -21.94 -20.02
CA SER CA 269 10.64 -21.70 -18.70
C SER CA 269 11.06 -20.26 -18.53
N LEU CA 270 11.52 -19.60 -19.60
CA LEU CA 270 12.02 -18.23 -19.51
C LEU CA 270 10.86 -17.24 -19.68
N LEU CA 271 9.84 -17.43 -18.84
CA LEU CA 271 8.73 -16.49 -18.74
C LEU CA 271 8.05 -16.31 -20.10
N GLY CA 272 7.41 -17.36 -20.59
CA GLY CA 272 6.65 -17.29 -21.83
C GLY CA 272 7.46 -16.93 -23.06
N ALA DA 1 17.03 31.13 -12.06
CA ALA DA 1 16.66 30.05 -12.97
C ALA DA 1 15.40 29.35 -12.47
N ILE DA 2 14.44 30.13 -12.00
CA ILE DA 2 13.16 29.57 -11.55
C ILE DA 2 12.05 30.07 -12.45
N THR DA 3 11.65 29.25 -13.41
CA THR DA 3 10.66 29.66 -14.40
C THR DA 3 9.38 28.86 -14.25
N VAL DA 4 8.28 29.44 -14.74
CA VAL DA 4 6.97 28.81 -14.65
C VAL DA 4 6.33 28.77 -16.03
N ASN DA 5 7.12 28.97 -17.08
CA ASN DA 5 6.59 28.90 -18.45
C ASN DA 5 7.13 27.72 -19.24
N THR DA 6 8.36 27.28 -18.99
CA THR DA 6 8.92 26.13 -19.68
C THR DA 6 9.56 25.18 -18.67
N ASN DA 7 9.34 23.89 -18.86
CA ASN DA 7 9.93 22.84 -18.02
C ASN DA 7 10.74 21.92 -18.93
N VAL DA 8 12.01 22.31 -19.13
CA VAL DA 8 12.89 21.52 -19.99
C VAL DA 8 13.22 20.18 -19.36
N THR DA 9 13.22 20.12 -18.02
CA THR DA 9 13.41 18.84 -17.35
C THR DA 9 12.32 17.86 -17.76
N SER DA 10 11.08 18.33 -17.87
CA SER DA 10 10.00 17.49 -18.33
C SER DA 10 10.20 17.06 -19.79
N MET DA 11 10.68 18.00 -20.62
CA MET DA 11 10.88 17.69 -22.04
C MET DA 11 11.89 16.56 -22.22
N LYS DA 12 13.00 16.62 -21.50
CA LYS DA 12 13.98 15.55 -21.58
C LYS DA 12 13.44 14.26 -20.98
N ALA DA 13 12.69 14.36 -19.89
CA ALA DA 13 12.12 13.17 -19.26
C ALA DA 13 11.11 12.50 -20.18
N GLN DA 14 10.31 13.28 -20.91
CA GLN DA 14 9.31 12.71 -21.80
C GLN DA 14 9.96 11.88 -22.90
N LYS DA 15 11.06 12.38 -23.46
CA LYS DA 15 11.72 11.67 -24.56
C LYS DA 15 12.24 10.31 -24.11
N ASN DA 16 12.81 10.25 -22.91
CA ASN DA 16 13.36 8.99 -22.42
C ASN DA 16 12.26 7.96 -22.21
N LEU DA 17 11.10 8.40 -21.72
CA LEU DA 17 9.98 7.47 -21.53
C LEU DA 17 9.48 6.92 -22.86
N ASN DA 18 9.45 7.77 -23.90
CA ASN DA 18 8.99 7.31 -25.20
C ASN DA 18 9.93 6.25 -25.77
N THR DA 19 11.24 6.44 -25.61
CA THR DA 19 12.19 5.46 -26.10
C THR DA 19 12.05 4.13 -25.39
N SER DA 20 11.89 4.14 -24.07
CA SER DA 20 11.73 2.90 -23.32
C SER DA 20 10.42 2.20 -23.63
N ASN DA 21 9.35 2.95 -23.91
CA ASN DA 21 8.07 2.34 -24.27
C ASN DA 21 8.13 1.70 -25.66
N SER DA 22 8.81 2.35 -26.61
CA SER DA 22 8.91 1.79 -27.95
C SER DA 22 9.75 0.52 -27.98
N GLY DA 23 10.80 0.46 -27.17
CA GLY DA 23 11.61 -0.74 -27.08
C GLY DA 23 10.87 -1.91 -26.48
N LEU DA 24 10.02 -1.62 -25.48
CA LEU DA 24 9.20 -2.68 -24.88
C LEU DA 24 8.21 -3.23 -25.89
N SER DA 25 7.60 -2.35 -26.69
CA SER DA 25 6.60 -2.79 -27.66
C SER DA 25 7.22 -3.70 -28.72
N THR DA 26 8.38 -3.32 -29.26
CA THR DA 26 8.98 -4.11 -30.32
C THR DA 26 9.45 -5.47 -29.83
N SER DA 27 9.80 -5.58 -28.55
CA SER DA 27 10.22 -6.86 -28.01
C SER DA 27 9.06 -7.84 -27.87
N MET DA 28 7.87 -7.34 -27.56
CA MET DA 28 6.72 -8.23 -27.39
C MET DA 28 6.29 -8.86 -28.70
N GLU DA 29 6.28 -8.08 -29.80
CA GLU DA 29 5.84 -8.64 -31.07
C GLU DA 29 6.85 -9.64 -31.63
N ARG DA 30 8.15 -9.43 -31.39
CA ARG DA 30 9.12 -10.45 -31.75
C ARG DA 30 8.92 -11.73 -30.95
N LEU DA 31 8.58 -11.61 -29.67
CA LEU DA 31 8.30 -12.78 -28.86
C LEU DA 31 6.97 -13.43 -29.19
N SER DA 32 5.97 -12.65 -29.60
CA SER DA 32 4.66 -13.22 -29.85
C SER DA 32 4.60 -14.01 -31.16
N SER DA 33 5.49 -13.72 -32.10
CA SER DA 33 5.54 -14.44 -33.37
C SER DA 33 6.71 -15.40 -33.43
N GLY DA 34 7.91 -14.94 -33.10
CA GLY DA 34 9.07 -15.80 -33.11
C GLY DA 34 10.02 -15.48 -34.26
N LEU DA 35 9.89 -14.28 -34.82
CA LEU DA 35 10.71 -13.86 -35.93
C LEU DA 35 11.41 -12.56 -35.60
N ARG DA 36 12.72 -12.53 -35.85
CA ARG DA 36 13.48 -11.29 -35.67
C ARG DA 36 13.15 -10.27 -36.75
N ILE DA 37 13.11 -10.70 -38.01
CA ILE DA 37 12.79 -9.81 -39.11
C ILE DA 37 11.29 -9.83 -39.37
N ASN DA 38 10.54 -9.06 -38.60
CA ASN DA 38 9.10 -8.96 -38.81
C ASN DA 38 8.82 -8.06 -40.01
N SER DA 39 9.38 -6.85 -40.00
CA SER DA 39 9.23 -5.90 -41.08
C SER DA 39 10.60 -5.57 -41.67
N ALA DA 40 10.59 -4.63 -42.62
CA ALA DA 40 11.82 -4.16 -43.24
C ALA DA 40 12.56 -3.16 -42.37
N LYS DA 41 12.08 -2.89 -41.16
CA LYS DA 41 12.87 -2.08 -40.23
C LYS DA 41 14.23 -2.70 -40.02
N ASP DA 42 14.26 -4.02 -39.83
CA ASP DA 42 15.45 -4.79 -39.48
C ASP DA 42 16.29 -5.07 -40.72
N ASP DA 43 17.15 -6.08 -40.63
CA ASP DA 43 18.12 -6.36 -41.68
C ASP DA 43 17.47 -6.35 -43.07
N ALA DA 44 17.85 -5.38 -43.89
CA ALA DA 44 17.32 -5.29 -45.24
C ALA DA 44 17.84 -6.45 -46.09
N ALA DA 45 19.10 -6.81 -45.91
CA ALA DA 45 19.68 -7.93 -46.64
C ALA DA 45 19.21 -9.27 -46.11
N GLY DA 46 18.85 -9.34 -44.83
CA GLY DA 46 18.44 -10.62 -44.26
C GLY DA 46 17.17 -11.16 -44.88
N LEU DA 47 16.18 -10.28 -45.09
CA LEU DA 47 14.91 -10.73 -45.65
C LEU DA 47 15.06 -11.16 -47.10
N ALA DA 48 15.93 -10.49 -47.84
CA ALA DA 48 16.18 -10.87 -49.23
C ALA DA 48 16.82 -12.26 -49.30
N ILE DA 49 17.81 -12.51 -48.44
CA ILE DA 49 18.46 -13.82 -48.42
C ILE DA 49 17.48 -14.88 -47.98
N SER DA 50 16.65 -14.58 -46.97
CA SER DA 50 15.72 -15.57 -46.45
C SER DA 50 14.69 -15.98 -47.49
N ASN DA 51 14.33 -15.06 -48.38
CA ASN DA 51 13.35 -15.37 -49.41
C ASN DA 51 13.86 -16.45 -50.35
N ARG DA 52 15.13 -16.35 -50.77
CA ARG DA 52 15.71 -17.39 -51.60
C ARG DA 52 15.91 -18.70 -50.85
N LEU DA 53 16.29 -18.63 -49.58
CA LEU DA 53 16.38 -19.84 -48.77
C LEU DA 53 15.00 -20.47 -48.58
N ASN DA 54 13.97 -19.65 -48.42
CA ASN DA 54 12.62 -20.18 -48.33
C ASN DA 54 12.22 -20.89 -49.62
N SER DA 55 12.61 -20.33 -50.77
CA SER DA 55 12.33 -20.99 -52.04
C SER DA 55 13.01 -22.34 -52.14
N GLN DA 56 14.25 -22.44 -51.67
CA GLN DA 56 14.96 -23.71 -51.73
C GLN DA 56 14.30 -24.77 -50.84
N VAL DA 57 13.90 -24.37 -49.63
CA VAL DA 57 13.30 -25.32 -48.70
C VAL DA 57 11.98 -25.85 -49.26
N ARG DA 58 11.11 -24.94 -49.69
CA ARG DA 58 9.83 -25.36 -50.26
C ARG DA 58 10.02 -25.98 -51.64
N GLY DA 59 11.01 -25.50 -52.39
CA GLY DA 59 11.28 -26.09 -53.70
C GLY DA 59 11.70 -27.54 -53.61
N LEU DA 60 12.56 -27.86 -52.64
CA LEU DA 60 12.98 -29.25 -52.45
C LEU DA 60 11.81 -30.12 -52.02
N GLU DA 61 10.93 -29.61 -51.16
CA GLU DA 61 9.84 -30.43 -50.66
C GLU DA 61 8.91 -30.88 -51.78
N VAL DA 62 8.61 -29.99 -52.72
CA VAL DA 62 7.84 -30.39 -53.89
C VAL DA 62 8.67 -31.32 -54.77
N GLY DA 63 9.98 -31.07 -54.85
CA GLY DA 63 10.84 -31.95 -55.64
C GLY DA 63 10.91 -33.36 -55.08
N MET DA 64 10.86 -33.49 -53.75
CA MET DA 64 10.84 -34.82 -53.15
C MET DA 64 9.62 -35.61 -53.59
N ARG DA 65 8.43 -35.01 -53.53
CA ARG DA 65 7.23 -35.70 -53.97
C ARG DA 65 7.26 -35.95 -55.47
N ASN DA 66 7.96 -35.10 -56.22
CA ASN DA 66 8.08 -35.30 -57.66
C ASN DA 66 8.82 -36.59 -57.98
N ALA DA 67 9.85 -36.93 -57.21
CA ALA DA 67 10.62 -38.15 -57.42
C ALA DA 67 9.96 -39.39 -56.85
N ASN DA 68 9.21 -39.27 -55.75
CA ASN DA 68 8.45 -40.40 -55.26
C ASN DA 68 7.42 -40.88 -56.27
N ASP DA 69 6.88 -39.98 -57.08
CA ASP DA 69 5.98 -40.33 -58.17
C ASP DA 69 6.70 -41.13 -59.25
N ALA DA 70 7.93 -40.75 -59.59
CA ALA DA 70 8.68 -41.47 -60.63
C ALA DA 70 9.01 -42.88 -60.16
N ILE DA 71 9.27 -43.06 -58.88
CA ILE DA 71 9.59 -44.38 -58.33
C ILE DA 71 8.40 -45.31 -58.52
N SER DA 72 7.20 -44.79 -58.24
CA SER DA 72 6.01 -45.63 -58.36
C SER DA 72 5.75 -46.05 -59.79
N ILE DA 73 5.96 -45.16 -60.76
CA ILE DA 73 5.77 -45.53 -62.16
C ILE DA 73 6.72 -46.64 -62.56
N ALA DA 74 8.01 -46.50 -62.22
CA ALA DA 74 8.97 -47.55 -62.52
C ALA DA 74 8.67 -48.83 -61.78
N GLN DA 75 8.06 -48.73 -60.59
CA GLN DA 75 7.71 -49.92 -59.82
C GLN DA 75 6.62 -50.74 -60.52
N ILE DA 76 5.62 -50.07 -61.07
CA ILE DA 76 4.50 -50.79 -61.69
C ILE DA 76 4.94 -51.46 -62.99
N ALA DA 77 5.71 -50.74 -63.81
CA ALA DA 77 6.15 -51.30 -65.08
C ALA DA 77 7.03 -52.52 -64.87
N GLU DA 78 7.91 -52.46 -63.87
CA GLU DA 78 8.78 -53.60 -63.57
C GLU DA 78 7.96 -54.81 -63.13
N GLY DA 79 6.93 -54.58 -62.32
CA GLY DA 79 6.10 -55.70 -61.87
C GLY DA 79 5.40 -56.42 -63.00
N ALA DA 80 4.90 -55.67 -63.98
CA ALA DA 80 4.19 -56.30 -65.10
C ALA DA 80 5.12 -57.11 -65.99
N MET DA 81 6.36 -56.66 -66.18
CA MET DA 81 7.28 -57.39 -67.04
C MET DA 81 7.69 -58.72 -66.44
N GLN DA 82 7.61 -58.86 -65.12
CA GLN DA 82 7.92 -60.13 -64.49
C GLN DA 82 6.95 -61.21 -64.93
N GLU DA 83 5.66 -60.88 -65.02
CA GLU DA 83 4.68 -61.88 -65.41
C GLU DA 83 4.81 -62.24 -66.88
N GLN DA 84 5.23 -61.29 -67.72
CA GLN DA 84 5.49 -61.62 -69.13
C GLN DA 84 6.66 -62.58 -69.25
N THR DA 85 7.64 -62.47 -68.37
CA THR DA 85 8.78 -63.38 -68.41
C THR DA 85 8.39 -64.81 -68.07
N ASN DA 86 7.53 -65.00 -67.06
CA ASN DA 86 7.13 -66.35 -66.69
C ASN DA 86 6.34 -67.05 -67.79
N MET DA 87 5.42 -66.35 -68.44
CA MET DA 87 4.68 -66.96 -69.54
C MET DA 87 5.55 -67.27 -70.74
N LEU DA 88 6.56 -66.44 -71.01
CA LEU DA 88 7.48 -66.74 -72.09
C LEU DA 88 8.28 -68.01 -71.81
N GLN DA 89 8.62 -68.25 -70.54
CA GLN DA 89 9.34 -69.47 -70.20
C GLN DA 89 8.48 -70.70 -70.46
N ARG DA 90 7.18 -70.62 -70.17
CA ARG DA 90 6.29 -71.74 -70.46
C ARG DA 90 6.17 -72.01 -71.95
N MET DA 91 6.24 -70.97 -72.78
CA MET DA 91 6.24 -71.18 -74.23
C MET DA 91 7.49 -71.93 -74.69
N ARG DA 92 8.63 -71.70 -74.03
CA ARG DA 92 9.84 -72.45 -74.37
C ARG DA 92 9.67 -73.94 -74.12
N ASP DA 93 9.05 -74.30 -72.99
CA ASP DA 93 8.84 -75.72 -72.68
C ASP DA 93 7.92 -76.38 -73.69
N LEU DA 94 6.85 -75.69 -74.10
CA LEU DA 94 5.93 -76.26 -75.08
C LEU DA 94 6.60 -76.48 -76.42
N THR DA 95 7.46 -75.56 -76.86
CA THR DA 95 8.22 -75.76 -78.08
C THR DA 95 9.17 -76.94 -77.98
N ILE DA 96 9.84 -77.10 -76.84
CA ILE DA 96 10.66 -78.28 -76.63
C ILE DA 96 9.79 -79.54 -76.57
N GLN DA 97 8.66 -79.47 -75.87
CA GLN DA 97 7.76 -80.60 -75.79
C GLN DA 97 7.13 -80.95 -77.14
N SER DA 98 7.00 -79.97 -78.03
CA SER DA 98 6.37 -80.19 -79.33
C SER DA 98 7.30 -80.84 -80.35
N GLU DA 99 8.44 -81.39 -79.92
CA GLU DA 99 9.44 -81.88 -80.84
C GLU DA 99 9.54 -83.40 -80.74
N ASN DA 100 8.64 -84.04 -79.99
CA ASN DA 100 8.61 -85.50 -79.93
C ASN DA 100 8.32 -86.10 -81.30
N GLY DA 101 8.91 -87.26 -81.56
CA GLY DA 101 8.60 -88.00 -82.76
C GLY DA 101 7.46 -88.98 -82.56
N ALA DA 102 6.96 -89.05 -81.33
CA ALA DA 102 5.81 -89.91 -81.01
C ALA DA 102 4.50 -89.13 -81.00
N ASN DA 103 4.54 -87.84 -81.28
CA ASN DA 103 3.33 -87.04 -81.34
C ASN DA 103 2.60 -87.34 -82.65
N SER DA 104 1.50 -86.63 -82.90
CA SER DA 104 0.78 -86.78 -84.16
C SER DA 104 0.30 -85.40 -84.58
N THR DA 105 -0.33 -85.36 -85.74
CA THR DA 105 -0.83 -84.09 -86.26
C THR DA 105 -1.86 -83.48 -85.32
N ALA DA 106 -2.75 -84.31 -84.76
CA ALA DA 106 -3.73 -83.82 -83.81
C ALA DA 106 -3.10 -83.37 -82.49
N ASP DA 107 -1.98 -84.00 -82.09
CA ASP DA 107 -1.32 -83.62 -80.85
C ASP DA 107 -0.67 -82.26 -80.96
N LEU DA 108 -0.07 -81.95 -82.10
CA LEU DA 108 0.59 -80.66 -82.28
C LEU DA 108 -0.42 -79.52 -82.26
N VAL DA 109 -1.64 -79.76 -82.72
CA VAL DA 109 -2.67 -78.73 -82.70
C VAL DA 109 -3.04 -78.35 -81.27
N SER DA 110 -3.17 -79.34 -80.39
CA SER DA 110 -3.50 -79.04 -79.00
C SER DA 110 -2.44 -78.21 -78.31
N ILE DA 111 -1.16 -78.47 -78.60
CA ILE DA 111 -0.10 -77.67 -78.00
C ILE DA 111 -0.15 -76.24 -78.51
N LYS DA 112 -0.45 -76.06 -79.80
CA LYS DA 112 -0.56 -74.71 -80.34
C LYS DA 112 -1.72 -73.94 -79.74
N ALA DA 113 -2.83 -74.62 -79.47
CA ALA DA 113 -3.97 -73.97 -78.84
C ALA DA 113 -3.65 -73.42 -77.46
N GLU DA 114 -2.62 -73.96 -76.81
CA GLU DA 114 -2.13 -73.43 -75.53
C GLU DA 114 -1.18 -72.26 -75.74
N MET DA 115 -0.21 -72.41 -76.65
CA MET DA 115 0.70 -71.32 -76.96
C MET DA 115 -0.06 -70.10 -77.43
N ASP DA 116 -1.14 -70.31 -78.18
CA ASP DA 116 -1.89 -69.20 -78.76
C ASP DA 116 -2.51 -68.31 -77.69
N GLN DA 117 -3.07 -68.92 -76.64
CA GLN DA 117 -3.69 -68.13 -75.58
C GLN DA 117 -2.67 -67.45 -74.68
N LEU DA 118 -1.50 -68.04 -74.47
CA LEU DA 118 -0.46 -67.36 -73.70
C LEU DA 118 0.01 -66.09 -74.36
N ALA DA 119 0.14 -66.09 -75.70
CA ALA DA 119 0.52 -64.89 -76.42
C ALA DA 119 -0.55 -63.81 -76.35
N THR DA 120 -1.82 -64.20 -76.19
CA THR DA 120 -2.88 -63.21 -76.05
C THR DA 120 -2.75 -62.41 -74.77
N GLU DA 121 -2.35 -63.04 -73.67
CA GLU DA 121 -2.17 -62.29 -72.43
C GLU DA 121 -0.96 -61.37 -72.45
N ILE DA 122 0.11 -61.76 -73.13
CA ILE DA 122 1.24 -60.84 -73.27
C ILE DA 122 0.77 -59.56 -73.94
N ASP DA 123 -0.14 -59.68 -74.91
CA ASP DA 123 -0.84 -58.52 -75.43
C ASP DA 123 -1.70 -57.86 -74.37
N SER DA 124 -2.41 -58.65 -73.57
CA SER DA 124 -3.37 -58.08 -72.63
C SER DA 124 -2.70 -57.31 -71.50
N ILE DA 125 -1.58 -57.81 -70.98
CA ILE DA 125 -0.87 -57.06 -69.96
C ILE DA 125 -0.30 -55.77 -70.53
N GLY DA 126 0.25 -55.84 -71.74
CA GLY DA 126 0.83 -54.67 -72.37
C GLY DA 126 -0.16 -53.54 -72.56
N ASN DA 127 -1.41 -53.86 -72.87
CA ASN DA 127 -2.43 -52.85 -73.11
C ASN DA 127 -3.20 -52.47 -71.85
N SER DA 128 -2.88 -53.06 -70.69
CA SER DA 128 -3.67 -52.81 -69.50
C SER DA 128 -2.88 -52.05 -68.43
N THR DA 129 -1.61 -52.38 -68.26
CA THR DA 129 -0.79 -51.80 -67.21
C THR DA 129 -0.83 -50.27 -67.26
N ALA DA 130 -1.37 -49.65 -66.22
CA ALA DA 130 -1.60 -48.22 -66.24
C ALA DA 130 -1.41 -47.65 -64.84
N PHE DA 131 -1.15 -46.35 -64.78
CA PHE DA 131 -1.01 -45.59 -63.54
C PHE DA 131 -2.26 -44.74 -63.41
N GLY DA 132 -3.31 -45.30 -62.83
CA GLY DA 132 -4.58 -44.61 -62.74
C GLY DA 132 -5.31 -44.60 -64.06
N ASN DA 133 -4.82 -43.81 -65.01
CA ASN DA 133 -5.46 -43.81 -66.33
C ASN DA 133 -4.45 -43.70 -67.46
N THR DA 134 -3.14 -43.71 -67.20
CA THR DA 134 -2.13 -43.55 -68.24
C THR DA 134 -1.46 -44.90 -68.47
N LYS DA 135 -1.54 -45.40 -69.71
CA LYS DA 135 -0.95 -46.67 -70.09
C LYS DA 135 0.56 -46.50 -70.18
N LEU DA 136 1.31 -47.40 -69.54
CA LEU DA 136 2.75 -47.24 -69.43
C LEU DA 136 3.56 -48.12 -70.37
N LEU DA 137 2.95 -49.13 -71.00
CA LEU DA 137 3.71 -50.08 -71.81
C LEU DA 137 3.30 -50.04 -73.28
N THR DA 138 2.63 -48.96 -73.71
CA THR DA 138 2.15 -48.88 -75.08
C THR DA 138 2.87 -47.80 -75.88
N GLY DA 139 4.05 -47.38 -75.44
CA GLY DA 139 4.90 -46.52 -76.23
C GLY DA 139 4.78 -45.03 -75.93
N THR DA 140 3.90 -44.64 -75.02
CA THR DA 140 3.82 -43.23 -74.67
C THR DA 140 5.02 -42.82 -73.82
N PHE DA 141 5.77 -43.79 -73.33
CA PHE DA 141 7.04 -43.52 -72.65
C PHE DA 141 8.22 -44.00 -73.48
N SER DA 142 8.03 -44.11 -74.80
CA SER DA 142 9.13 -44.46 -75.69
C SER DA 142 10.22 -43.41 -75.71
N ALA DA 143 9.86 -42.13 -75.74
CA ALA DA 143 10.81 -41.02 -75.60
C ALA DA 143 10.64 -40.51 -74.18
N GLY DA 144 11.62 -40.83 -73.34
CA GLY DA 144 11.53 -40.64 -71.90
C GLY DA 144 10.86 -39.37 -71.43
N LYS DA 145 9.92 -39.51 -70.50
CA LYS DA 145 9.28 -38.34 -69.90
C LYS DA 145 10.17 -37.76 -68.81
N VAL DA 146 9.80 -36.57 -68.35
CA VAL DA 146 10.69 -35.77 -67.51
C VAL DA 146 10.03 -35.48 -66.17
N PHE DA 147 10.80 -35.68 -65.09
CA PHE DA 147 10.42 -35.27 -63.75
C PHE DA 147 11.48 -34.33 -63.20
N GLN DA 148 11.04 -33.27 -62.52
CA GLN DA 148 11.96 -32.28 -61.95
C GLN DA 148 12.12 -32.55 -60.46
N VAL DA 149 13.36 -32.78 -60.03
CA VAL DA 149 13.65 -33.16 -58.65
C VAL DA 149 14.40 -32.07 -57.89
N GLY DA 150 14.71 -30.95 -58.52
CA GLY DA 150 15.36 -29.83 -57.87
C GLY DA 150 14.41 -28.65 -57.80
N HIS DA 151 14.95 -27.52 -57.37
CA HIS DA 151 14.17 -26.30 -57.28
C HIS DA 151 14.48 -25.30 -58.37
N GLN DA 152 15.33 -25.66 -59.34
CA GLN DA 152 15.67 -24.78 -60.45
C GLN DA 152 15.56 -25.54 -61.76
N GLU DA 153 15.55 -24.78 -62.85
CA GLU DA 153 15.46 -25.38 -64.17
C GLU DA 153 16.68 -26.25 -64.46
N GLY DA 154 16.45 -27.35 -65.17
CA GLY DA 154 17.52 -28.24 -65.57
C GLY DA 154 17.81 -29.37 -64.61
N GLU DA 155 17.17 -29.41 -63.45
CA GLU DA 155 17.34 -30.50 -62.50
C GLU DA 155 16.26 -31.54 -62.75
N ASP DA 156 16.44 -32.32 -63.82
CA ASP DA 156 15.40 -33.24 -64.27
C ASP DA 156 15.94 -34.66 -64.36
N ILE DA 157 15.03 -35.62 -64.24
CA ILE DA 157 15.30 -37.03 -64.42
C ILE DA 157 14.38 -37.58 -65.50
N LYS DA 158 14.93 -38.44 -66.35
CA LYS DA 158 14.21 -38.96 -67.51
C LYS DA 158 13.99 -40.45 -67.33
N VAL DA 159 12.75 -40.89 -67.50
CA VAL DA 159 12.37 -42.30 -67.40
C VAL DA 159 11.85 -42.75 -68.75
N THR DA 160 12.49 -43.76 -69.34
CA THR DA 160 12.13 -44.27 -70.64
C THR DA 160 11.66 -45.72 -70.52
N VAL DA 161 10.46 -46.00 -71.03
CA VAL DA 161 9.90 -47.34 -71.04
C VAL DA 161 9.52 -47.66 -72.48
N LYS DA 162 10.22 -48.61 -73.09
CA LYS DA 162 9.91 -48.98 -74.46
C LYS DA 162 8.66 -49.86 -74.51
N ALA DA 163 7.98 -49.84 -75.64
CA ALA DA 163 6.75 -50.61 -75.80
C ALA DA 163 7.05 -52.10 -75.75
N SER DA 164 6.21 -52.84 -75.02
CA SER DA 164 6.40 -54.27 -74.85
C SER DA 164 5.05 -54.97 -74.94
N ASN DA 165 4.78 -55.56 -76.09
CA ASN DA 165 3.56 -56.32 -76.33
C ASN DA 165 3.89 -57.39 -77.37
N LYS DA 166 2.87 -58.13 -77.81
CA LYS DA 166 3.15 -59.32 -78.63
C LYS DA 166 3.69 -58.96 -80.01
N THR DA 167 3.16 -57.92 -80.65
CA THR DA 167 3.71 -57.52 -81.94
C THR DA 167 5.10 -56.93 -81.78
N SER DA 168 5.34 -56.23 -80.68
CA SER DA 168 6.66 -55.62 -80.44
C SER DA 168 7.73 -56.70 -80.28
N LEU DA 169 7.44 -57.74 -79.50
CA LEU DA 169 8.41 -58.77 -79.18
C LEU DA 169 8.54 -59.83 -80.29
N SER DA 170 7.99 -59.56 -81.46
CA SER DA 170 8.06 -60.45 -82.61
C SER DA 170 7.48 -61.83 -82.29
N VAL DA 171 6.30 -61.81 -81.65
CA VAL DA 171 5.51 -63.01 -81.45
C VAL DA 171 4.09 -62.73 -81.90
N GLY DA 172 3.31 -63.78 -82.12
CA GLY DA 172 1.96 -63.60 -82.62
C GLY DA 172 1.68 -64.55 -83.76
N ALA DA 173 2.75 -64.98 -84.44
CA ALA DA 173 2.68 -66.02 -85.46
C ALA DA 173 3.75 -67.05 -85.14
N LEU DA 174 3.39 -68.05 -84.34
CA LEU DA 174 4.31 -69.11 -83.95
C LEU DA 174 3.67 -70.46 -84.26
N ASN DA 175 4.23 -71.17 -85.24
CA ASN DA 175 3.76 -72.49 -85.60
C ASN DA 175 4.77 -73.53 -85.16
N ASN DA 176 4.33 -74.79 -85.11
CA ASN DA 176 5.18 -75.89 -84.71
C ASN DA 176 4.95 -77.15 -85.55
N ALA DA 177 4.57 -76.99 -86.82
CA ALA DA 177 4.29 -78.14 -87.67
C ALA DA 177 5.56 -78.72 -88.28
N THR DA 178 6.25 -77.92 -89.09
CA THR DA 178 7.41 -78.42 -89.82
C THR DA 178 8.68 -78.34 -88.98
N SER DA 179 9.77 -78.92 -89.48
CA SER DA 179 11.05 -78.84 -88.78
C SER DA 179 11.54 -77.40 -88.70
N ALA DA 180 11.43 -76.66 -89.79
CA ALA DA 180 11.92 -75.28 -89.82
C ALA DA 180 11.07 -74.38 -88.95
N ASN DA 181 9.77 -74.71 -88.80
CA ASN DA 181 8.88 -73.86 -88.03
C ASN DA 181 9.28 -73.80 -86.56
N ARG DA 182 9.63 -74.96 -85.98
CA ARG DA 182 10.01 -74.98 -84.57
C ARG DA 182 11.35 -74.30 -84.33
N ALA DA 183 12.30 -74.46 -85.25
CA ALA DA 183 13.61 -73.84 -85.08
C ALA DA 183 13.50 -72.31 -85.09
N SER DA 184 12.68 -71.77 -85.99
CA SER DA 184 12.50 -70.32 -86.04
C SER DA 184 11.78 -69.81 -84.79
N SER DA 185 10.81 -70.57 -84.29
CA SER DA 185 10.06 -70.13 -83.12
C SER DA 185 10.94 -70.05 -81.87
N LEU DA 186 11.85 -71.01 -81.72
CA LEU DA 186 12.70 -71.04 -80.53
C LEU DA 186 13.62 -69.82 -80.46
N ALA DA 187 14.17 -69.39 -81.58
CA ALA DA 187 15.08 -68.25 -81.57
C ALA DA 187 14.35 -66.97 -81.16
N LYS DA 188 13.12 -66.77 -81.63
CA LYS DA 188 12.42 -65.52 -81.34
C LYS DA 188 12.05 -65.43 -79.87
N ILE DA 189 11.68 -66.55 -79.24
CA ILE DA 189 11.39 -66.52 -77.81
C ILE DA 189 12.63 -66.17 -77.00
N ASP DA 190 13.77 -66.75 -77.36
CA ASP DA 190 15.01 -66.43 -76.66
C ASP DA 190 15.37 -64.96 -76.81
N ALA DA 191 15.21 -64.41 -78.00
CA ALA DA 191 15.44 -62.98 -78.19
C ALA DA 191 14.44 -62.14 -77.41
N ALA DA 192 13.22 -62.65 -77.21
CA ALA DA 192 12.22 -61.92 -76.44
C ALA DA 192 12.64 -61.77 -74.98
N ILE DA 193 13.16 -62.84 -74.38
CA ILE DA 193 13.57 -62.76 -72.98
C ILE DA 193 14.72 -61.78 -72.81
N LYS DA 194 15.65 -61.74 -73.77
CA LYS DA 194 16.77 -60.82 -73.68
C LYS DA 194 16.29 -59.37 -73.70
N THR DA 195 15.33 -59.05 -74.56
CA THR DA 195 14.85 -57.68 -74.66
C THR DA 195 14.18 -57.22 -73.37
N ILE DA 196 13.36 -58.08 -72.77
CA ILE DA 196 12.72 -57.74 -71.50
C ILE DA 196 13.76 -57.59 -70.40
N ASP DA 197 14.77 -58.47 -70.41
CA ASP DA 197 15.80 -58.41 -69.37
C ASP DA 197 16.54 -57.09 -69.39
N SER DA 198 16.89 -56.60 -70.58
CA SER DA 198 17.59 -55.32 -70.67
C SER DA 198 16.68 -54.18 -70.22
N GLN DA 199 15.38 -54.27 -70.50
CA GLN DA 199 14.45 -53.22 -70.09
C GLN DA 199 14.35 -53.15 -68.57
N ARG DA 200 14.32 -54.30 -67.90
CA ARG DA 200 14.22 -54.30 -66.45
C ARG DA 200 15.47 -53.70 -65.82
N ALA DA 201 16.65 -54.00 -66.38
CA ALA DA 201 17.88 -53.42 -65.84
C ALA DA 201 17.89 -51.91 -65.98
N ASP DA 202 17.39 -51.39 -67.09
CA ASP DA 202 17.33 -49.94 -67.27
C ASP DA 202 16.41 -49.28 -66.24
N LEU DA 203 15.26 -49.89 -65.96
CA LEU DA 203 14.35 -49.31 -64.98
C LEU DA 203 14.89 -49.44 -63.56
N GLY DA 204 15.61 -50.52 -63.26
CA GLY DA 204 16.20 -50.66 -61.93
C GLY DA 204 17.27 -49.63 -61.65
N ALA DA 205 18.07 -49.29 -62.66
CA ALA DA 205 19.13 -48.30 -62.47
C ALA DA 205 18.55 -46.93 -62.13
N VAL DA 206 17.44 -46.56 -62.77
CA VAL DA 206 16.85 -45.24 -62.53
C VAL DA 206 16.35 -45.13 -61.09
N GLN DA 207 15.70 -46.18 -60.59
CA GLN DA 207 15.16 -46.11 -59.24
C GLN DA 207 16.25 -46.27 -58.18
N ASN DA 208 17.34 -46.97 -58.51
CA ASN DA 208 18.54 -46.84 -57.68
C ASN DA 208 19.07 -45.42 -57.72
N ARG DA 209 19.04 -44.81 -58.91
CA ARG DA 209 19.47 -43.42 -59.05
C ARG DA 209 18.57 -42.48 -58.26
N LEU DA 210 17.24 -42.67 -58.34
CA LEU DA 210 16.32 -41.75 -57.67
C LEU DA 210 16.41 -41.85 -56.16
N ALA DA 211 16.72 -43.03 -55.62
CA ALA DA 211 16.81 -43.18 -54.17
C ALA DA 211 17.90 -42.30 -53.58
N HIS DA 212 19.01 -42.13 -54.30
CA HIS DA 212 20.11 -41.32 -53.79
C HIS DA 212 19.79 -39.83 -53.83
N ASN DA 213 18.95 -39.38 -54.77
CA ASN DA 213 18.53 -37.99 -54.77
C ASN DA 213 17.72 -37.65 -53.52
N ILE DA 214 16.81 -38.53 -53.12
CA ILE DA 214 15.96 -38.26 -51.97
C ILE DA 214 16.80 -38.12 -50.70
N SER DA 215 17.75 -39.03 -50.51
CA SER DA 215 18.61 -38.96 -49.32
C SER DA 215 19.43 -37.68 -49.32
N ASN DA 216 19.97 -37.30 -50.49
CA ASN DA 216 20.73 -36.06 -50.57
C ASN DA 216 19.84 -34.85 -50.34
N SER DA 217 18.63 -34.85 -50.90
CA SER DA 217 17.72 -33.72 -50.71
C SER DA 217 17.25 -33.61 -49.26
N ALA DA 218 17.06 -34.74 -48.59
CA ALA DA 218 16.68 -34.69 -47.17
C ALA DA 218 17.79 -34.08 -46.33
N ASN DA 219 19.05 -34.43 -46.62
CA ASN DA 219 20.16 -33.85 -45.88
C ASN DA 219 20.28 -32.36 -46.12
N THR DA 220 20.24 -31.93 -47.38
CA THR DA 220 20.45 -30.52 -47.69
C THR DA 220 19.30 -29.67 -47.17
N GLN DA 221 18.10 -30.24 -47.05
CA GLN DA 221 16.97 -29.48 -46.50
C GLN DA 221 17.22 -29.10 -45.05
N ALA DA 222 17.77 -30.02 -44.26
CA ALA DA 222 18.02 -29.73 -42.85
C ALA DA 222 19.05 -28.64 -42.68
N ASN DA 223 20.14 -28.68 -43.45
CA ASN DA 223 21.19 -27.68 -43.32
C ASN DA 223 20.72 -26.29 -43.75
N VAL DA 224 19.88 -26.20 -44.79
CA VAL DA 224 19.34 -24.89 -45.17
C VAL DA 224 18.42 -24.35 -44.09
N ALA DA 225 17.67 -25.23 -43.42
CA ALA DA 225 16.84 -24.79 -42.31
C ALA DA 225 17.69 -24.21 -41.18
N ASP DA 226 18.85 -24.80 -40.93
CA ASP DA 226 19.80 -24.21 -39.99
C ASP DA 226 20.18 -22.80 -40.41
N ALA DA 227 20.58 -22.61 -41.66
CA ALA DA 227 21.05 -21.31 -42.11
C ALA DA 227 19.94 -20.27 -42.04
N LYS DA 228 18.72 -20.67 -42.40
CA LYS DA 228 17.60 -19.73 -42.44
C LYS DA 228 17.15 -19.30 -41.05
N SER DA 229 17.27 -20.16 -40.04
CA SER DA 229 16.81 -19.79 -38.71
C SER DA 229 17.76 -18.81 -38.03
N ARG DA 230 19.06 -18.90 -38.31
CA ARG DA 230 20.00 -17.99 -37.66
C ARG DA 230 19.77 -16.55 -38.09
N ILE DA 231 19.10 -16.34 -39.21
CA ILE DA 231 18.91 -15.00 -39.75
C ILE DA 231 17.61 -14.37 -39.30
N VAL DA 232 16.50 -15.13 -39.31
CA VAL DA 232 15.19 -14.54 -39.10
C VAL DA 232 14.57 -14.87 -37.75
N ASP DA 233 15.13 -15.80 -37.00
CA ASP DA 233 14.51 -16.29 -35.78
C ASP DA 233 15.13 -15.61 -34.56
N VAL DA 234 14.30 -15.42 -33.53
CA VAL DA 234 14.75 -14.76 -32.30
C VAL DA 234 15.37 -15.78 -31.37
N ASP DA 235 16.27 -15.32 -30.52
CA ASP DA 235 16.78 -16.09 -29.41
C ASP DA 235 16.09 -15.60 -28.14
N PHE DA 236 15.30 -16.49 -27.51
CA PHE DA 236 14.51 -16.06 -26.37
C PHE DA 236 15.38 -15.61 -25.21
N ALA DA 237 16.57 -16.19 -25.06
CA ALA DA 237 17.48 -15.74 -24.02
C ALA DA 237 17.84 -14.28 -24.23
N LYS DA 238 18.14 -13.92 -25.48
CA LYS DA 238 18.42 -12.52 -25.80
C LYS DA 238 17.18 -11.66 -25.61
N GLU DA 239 16.03 -12.13 -26.08
CA GLU DA 239 14.83 -11.30 -26.11
C GLU DA 239 14.22 -11.13 -24.72
N THR DA 240 14.21 -12.19 -23.91
CA THR DA 240 13.60 -12.09 -22.60
C THR DA 240 14.36 -11.10 -21.71
N SER DA 241 15.69 -11.11 -21.79
CA SER DA 241 16.47 -10.15 -21.01
C SER DA 241 16.15 -8.73 -21.41
N ALA DA 242 16.02 -8.47 -22.72
CA ALA DA 242 15.71 -7.12 -23.17
C ALA DA 242 14.32 -6.69 -22.72
N MET DA 243 13.35 -7.60 -22.77
CA MET DA 243 11.99 -7.26 -22.36
C MET DA 243 11.92 -6.88 -20.88
N THR DA 244 12.53 -7.69 -20.02
CA THR DA 244 12.65 -7.32 -18.62
C THR DA 244 13.52 -6.09 -18.44
N LYS DA 245 14.45 -5.86 -19.37
CA LYS DA 245 15.37 -4.75 -19.25
C LYS DA 245 14.62 -3.43 -19.33
N TYR DA 246 13.66 -3.35 -20.27
CA TYR DA 246 12.89 -2.14 -20.51
C TYR DA 246 11.74 -1.94 -19.54
N GLN DA 247 11.24 -3.01 -18.93
CA GLN DA 247 10.17 -2.88 -17.95
C GLN DA 247 10.62 -2.02 -16.77
N VAL DA 248 11.84 -2.26 -16.30
CA VAL DA 248 12.37 -1.46 -15.20
C VAL DA 248 12.53 -0.01 -15.62
N LEU DA 249 13.03 0.22 -16.83
CA LEU DA 249 13.23 1.59 -17.30
C LEU DA 249 11.91 2.34 -17.42
N GLN DA 250 10.82 1.64 -17.72
CA GLN DA 250 9.53 2.30 -17.82
C GLN DA 250 9.06 2.82 -16.46
N GLN DA 251 9.14 1.99 -15.44
CA GLN DA 251 8.73 2.43 -14.10
C GLN DA 251 9.67 3.50 -13.57
N THR DA 252 10.96 3.41 -13.88
CA THR DA 252 11.89 4.48 -13.54
C THR DA 252 11.52 5.78 -14.25
N GLY DA 253 11.20 5.69 -15.54
CA GLY DA 253 10.83 6.88 -16.28
C GLY DA 253 9.55 7.54 -15.80
N SER DA 254 8.57 6.73 -15.41
CA SER DA 254 7.31 7.28 -14.94
C SER DA 254 7.46 8.01 -13.61
N ALA DA 255 8.23 7.46 -12.68
CA ALA DA 255 8.46 8.15 -11.41
C ALA DA 255 9.24 9.44 -11.60
N MET DA 256 10.25 9.43 -12.48
CA MET DA 256 11.01 10.65 -12.71
C MET DA 256 10.16 11.72 -13.37
N LEU DA 257 9.31 11.34 -14.33
CA LEU DA 257 8.48 12.33 -15.01
C LEU DA 257 7.43 12.92 -14.07
N ALA DA 258 6.78 12.08 -13.27
CA ALA DA 258 5.78 12.60 -12.33
C ALA DA 258 6.40 13.56 -11.33
N GLN DA 259 7.59 13.23 -10.83
CA GLN DA 259 8.23 14.08 -9.85
C GLN DA 259 8.81 15.34 -10.47
N ALA DA 260 9.23 15.27 -11.74
CA ALA DA 260 9.75 16.44 -12.41
C ALA DA 260 8.64 17.42 -12.77
N ASN DA 261 7.40 16.94 -12.84
CA ASN DA 261 6.29 17.82 -13.20
C ASN DA 261 5.97 18.82 -12.10
N GLN DA 262 6.22 18.49 -10.84
CA GLN DA 262 5.93 19.38 -9.73
C GLN DA 262 7.13 20.20 -9.28
N LEU DA 263 8.15 20.33 -10.12
CA LEU DA 263 9.24 21.26 -9.90
C LEU DA 263 8.77 22.72 -9.82
N PRO DA 264 7.90 23.20 -10.72
CA PRO DA 264 7.54 24.63 -10.68
C PRO DA 264 6.75 25.04 -9.45
N GLN DA 265 6.33 24.12 -8.59
CA GLN DA 265 5.61 24.51 -7.39
C GLN DA 265 6.49 25.23 -6.38
N VAL DA 266 7.80 25.26 -6.59
CA VAL DA 266 8.67 26.05 -5.73
C VAL DA 266 8.31 27.53 -5.83
N ALA DA 267 7.86 27.99 -7.00
CA ALA DA 267 7.50 29.38 -7.18
C ALA DA 267 6.37 29.83 -6.26
N LEU DA 268 5.51 28.92 -5.83
CA LEU DA 268 4.45 29.26 -4.88
C LEU DA 268 4.96 29.51 -3.47
N SER DA 269 6.13 28.99 -3.13
CA SER DA 269 6.67 29.23 -1.79
C SER DA 269 7.10 30.67 -1.60
N LEU DA 270 7.58 31.31 -2.67
CA LEU DA 270 8.08 32.70 -2.57
C LEU DA 270 6.94 33.69 -2.77
N LEU DA 271 5.91 33.51 -1.93
CA LEU DA 271 4.79 34.45 -1.85
C LEU DA 271 4.15 34.63 -3.23
N GLY DA 272 3.51 33.58 -3.73
CA GLY DA 272 2.77 33.67 -4.98
C GLY DA 272 3.61 34.02 -6.19
N ALA EA 1 13.27 81.88 5.05
CA ALA EA 1 12.90 80.79 4.13
C ALA EA 1 11.64 80.10 4.60
N ILE EA 2 10.66 80.89 5.05
CA ILE EA 2 9.37 80.34 5.48
C ILE EA 2 8.28 80.85 4.56
N THR EA 3 7.90 80.04 3.58
CA THR EA 3 6.94 80.46 2.58
C THR EA 3 5.64 79.67 2.70
N VAL EA 4 4.56 80.26 2.19
CA VAL EA 4 3.24 79.64 2.24
C VAL EA 4 2.63 79.60 0.86
N ASN EA 5 3.44 79.80 -0.18
CA ASN EA 5 2.95 79.74 -1.56
C ASN EA 5 3.49 78.56 -2.34
N THR EA 6 4.71 78.11 -2.07
CA THR EA 6 5.28 76.95 -2.75
C THR EA 6 5.89 76.00 -1.73
N ASN EA 7 5.67 74.70 -1.92
CA ASN EA 7 6.22 73.65 -1.07
C ASN EA 7 7.06 72.73 -1.96
N VAL EA 8 8.33 73.10 -2.15
CA VAL EA 8 9.21 72.32 -2.98
C VAL EA 8 9.53 70.97 -2.35
N THR EA 9 9.49 70.90 -1.01
CA THR EA 9 9.66 69.63 -0.34
C THR EA 9 8.57 68.65 -0.78
N SER EA 10 7.34 69.14 -0.90
CA SER EA 10 6.25 68.30 -1.40
C SER EA 10 6.49 67.88 -2.85
N MET EA 11 6.99 68.81 -3.67
CA MET EA 11 7.21 68.50 -5.08
C MET EA 11 8.22 67.37 -5.25
N LYS EA 12 9.33 67.42 -4.50
CA LYS EA 12 10.30 66.34 -4.56
C LYS EA 12 9.73 65.05 -3.98
N ALA EA 13 8.96 65.15 -2.90
CA ALA EA 13 8.36 63.97 -2.30
C ALA EA 13 7.36 63.30 -3.23
N GLN EA 14 6.59 64.09 -3.97
CA GLN EA 14 5.61 63.53 -4.88
C GLN EA 14 6.27 62.70 -5.98
N LYS EA 15 7.39 63.19 -6.51
CA LYS EA 15 8.05 62.48 -7.60
C LYS EA 15 8.57 61.12 -7.14
N ASN EA 16 9.11 61.05 -5.94
CA ASN EA 16 9.64 59.79 -5.43
C ASN EA 16 8.53 58.76 -5.25
N LEU EA 17 7.36 59.21 -4.78
CA LEU EA 17 6.24 58.29 -4.61
C LEU EA 17 5.76 57.75 -5.96
N ASN EA 18 5.74 58.60 -6.99
CA ASN EA 18 5.32 58.15 -8.31
C ASN EA 18 6.26 57.09 -8.86
N THR EA 19 7.57 57.26 -8.67
CA THR EA 19 8.53 56.27 -9.15
C THR EA 19 8.36 54.94 -8.44
N SER EA 20 8.16 54.95 -7.12
CA SER EA 20 7.98 53.71 -6.38
C SER EA 20 6.67 53.02 -6.72
N ASN EA 21 5.61 53.78 -7.02
CA ASN EA 21 4.35 53.18 -7.41
C ASN EA 21 4.42 52.54 -8.80
N SER EA 22 5.13 53.18 -9.73
CA SER EA 22 5.25 52.63 -11.07
C SER EA 22 6.07 51.35 -11.08
N GLY EA 23 7.12 51.28 -10.26
CA GLY EA 23 7.91 50.08 -10.16
C GLY EA 23 7.14 48.91 -9.56
N LEU EA 24 6.28 49.21 -8.58
CA LEU EA 24 5.45 48.17 -8.00
C LEU EA 24 4.47 47.61 -9.03
N SER EA 25 3.89 48.49 -9.84
CA SER EA 25 2.91 48.06 -10.83
C SER EA 25 3.54 47.15 -11.88
N THR EA 26 4.70 47.53 -12.39
CA THR EA 26 5.32 46.74 -13.46
C THR EA 26 5.78 45.38 -12.95
N SER EA 27 6.09 45.26 -11.67
CA SER EA 27 6.50 43.97 -11.12
C SER EA 27 5.32 43.00 -11.02
N MET EA 28 4.13 43.51 -10.72
CA MET EA 28 2.97 42.64 -10.57
C MET EA 28 2.57 42.01 -11.90
N GLU EA 29 2.59 42.78 -12.99
CA GLU EA 29 2.17 42.23 -14.27
C GLU EA 29 3.18 41.23 -14.81
N ARG EA 30 4.47 41.43 -14.55
CA ARG EA 30 5.44 40.40 -14.89
C ARG EA 30 5.21 39.13 -14.10
N LEU EA 31 4.85 39.24 -12.83
CA LEU EA 31 4.55 38.07 -12.02
C LEU EA 31 3.22 37.42 -12.38
N SER EA 32 2.23 38.21 -12.81
CA SER EA 32 0.91 37.66 -13.09
C SER EA 32 0.88 36.88 -14.40
N SER EA 33 1.80 37.15 -15.32
CA SER EA 33 1.86 36.45 -16.59
C SER EA 33 3.03 35.47 -16.63
N GLY EA 34 4.23 35.92 -16.27
CA GLY EA 34 5.38 35.06 -16.26
C GLY EA 34 6.35 35.37 -17.38
N LEU EA 35 6.25 36.56 -17.95
CA LEU EA 35 7.09 36.98 -19.05
C LEU EA 35 7.79 38.28 -18.70
N ARG EA 36 9.11 38.30 -18.92
CA ARG EA 36 9.87 39.53 -18.73
C ARG EA 36 9.57 40.56 -19.81
N ILE EA 37 9.56 40.13 -21.06
CA ILE EA 37 9.27 41.03 -22.18
C ILE EA 37 7.77 41.01 -22.46
N ASN EA 38 7.00 41.79 -21.71
CA ASN EA 38 5.58 41.91 -21.95
C ASN EA 38 5.33 42.80 -23.15
N SER EA 39 5.90 44.00 -23.12
CA SER EA 39 5.78 44.95 -24.21
C SER EA 39 7.16 45.29 -24.77
N ALA EA 40 7.18 46.22 -25.72
CA ALA EA 40 8.42 46.70 -26.31
C ALA EA 40 9.15 47.69 -25.43
N LYS EA 41 8.66 47.95 -24.21
CA LYS EA 41 9.42 48.76 -23.27
C LYS EA 41 10.79 48.13 -23.04
N ASP EA 42 10.80 46.81 -22.85
CA ASP EA 42 11.96 46.03 -22.49
C ASP EA 42 12.83 45.74 -23.70
N ASP EA 43 13.69 44.73 -23.60
CA ASP EA 43 14.68 44.44 -24.63
C ASP EA 43 14.05 44.45 -26.03
N ALA EA 44 14.46 45.43 -26.83
CA ALA EA 44 13.96 45.52 -28.19
C ALA EA 44 14.48 44.36 -29.04
N ALA EA 45 15.75 43.99 -28.83
CA ALA EA 45 16.33 42.87 -29.56
C ALA EA 45 15.84 41.53 -29.04
N GLY EA 46 15.45 41.46 -27.76
CA GLY EA 46 15.01 40.18 -27.21
C GLY EA 46 13.76 39.66 -27.86
N LEU EA 47 12.78 40.54 -28.09
CA LEU EA 47 11.52 40.10 -28.67
C LEU EA 47 11.70 39.67 -30.12
N ALA EA 48 12.59 40.35 -30.84
CA ALA EA 48 12.86 39.95 -32.22
C ALA EA 48 13.49 38.57 -32.29
N ILE EA 49 14.47 38.31 -31.41
CA ILE EA 49 15.09 36.99 -31.37
C ILE EA 49 14.10 35.93 -30.96
N SER EA 50 13.26 36.24 -29.96
CA SER EA 50 12.30 35.26 -29.45
C SER EA 50 11.30 34.86 -30.53
N ASN EA 51 10.96 35.79 -31.42
CA ASN EA 51 9.99 35.48 -32.47
C ASN EA 51 10.53 34.40 -33.41
N ARG EA 52 11.80 34.50 -33.80
CA ARG EA 52 12.39 33.46 -34.63
C ARG EA 52 12.55 32.15 -33.87
N LEU EA 53 12.92 32.20 -32.59
CA LEU EA 53 12.98 30.99 -31.79
C LEU EA 53 11.60 30.37 -31.62
N ASN EA 54 10.57 31.19 -31.48
CA ASN EA 54 9.20 30.68 -31.42
C ASN EA 54 8.83 29.98 -32.72
N SER EA 55 9.25 30.53 -33.86
CA SER EA 55 8.98 29.88 -35.14
C SER EA 55 9.66 28.52 -35.23
N GLN EA 56 10.90 28.40 -34.73
CA GLN EA 56 11.59 27.13 -34.78
C GLN EA 56 10.91 26.09 -33.91
N VAL EA 57 10.48 26.48 -32.70
CA VAL EA 57 9.86 25.53 -31.79
C VAL EA 57 8.55 25.02 -32.37
N ARG EA 58 7.69 25.93 -32.81
CA ARG EA 58 6.43 25.52 -33.42
C ARG EA 58 6.64 24.90 -34.79
N GLY EA 59 7.65 25.38 -35.52
CA GLY EA 59 7.94 24.79 -36.82
C GLY EA 59 8.35 23.33 -36.72
N LEU EA 60 9.18 23.01 -35.75
CA LEU EA 60 9.58 21.62 -35.56
C LEU EA 60 8.41 20.74 -35.15
N GLU EA 61 7.51 21.27 -34.30
CA GLU EA 61 6.40 20.46 -33.82
C GLU EA 61 5.49 20.02 -34.96
N VAL EA 62 5.22 20.91 -35.91
CA VAL EA 62 4.47 20.52 -37.10
C VAL EA 62 5.31 19.58 -37.96
N GLY EA 63 6.62 19.81 -38.01
CA GLY EA 63 7.49 18.94 -38.78
C GLY EA 63 7.55 17.53 -38.23
N MET EA 64 7.46 17.39 -36.91
CA MET EA 64 7.42 16.06 -36.30
C MET EA 64 6.20 15.28 -36.77
N ARG EA 65 5.02 15.89 -36.72
CA ARG EA 65 3.82 15.21 -37.21
C ARG EA 65 3.88 14.97 -38.70
N ASN EA 66 4.60 15.81 -39.44
CA ASN EA 66 4.75 15.60 -40.87
C ASN EA 66 5.48 14.31 -41.18
N ALA EA 67 6.50 13.96 -40.38
CA ALA EA 67 7.26 12.74 -40.59
C ALA EA 67 6.57 11.50 -40.04
N ASN EA 68 5.82 11.63 -38.95
CA ASN EA 68 5.02 10.50 -38.48
C ASN EA 68 4.01 10.04 -39.51
N ASP EA 69 3.49 10.95 -40.32
CA ASP EA 69 2.63 10.60 -41.43
C ASP EA 69 3.36 9.79 -42.50
N ALA EA 70 4.59 10.17 -42.82
CA ALA EA 70 5.36 9.45 -43.83
C ALA EA 70 5.67 8.03 -43.38
N ILE EA 71 5.90 7.84 -42.08
CA ILE EA 71 6.20 6.52 -41.53
C ILE EA 71 5.01 5.61 -41.75
N SER EA 72 3.81 6.12 -41.49
CA SER EA 72 2.61 5.31 -41.63
C SER EA 72 2.38 4.88 -43.08
N ILE EA 73 2.61 5.78 -44.04
CA ILE EA 73 2.45 5.41 -45.44
C ILE EA 73 3.41 4.29 -45.82
N ALA EA 74 4.68 4.42 -45.45
CA ALA EA 74 5.64 3.37 -45.73
C ALA EA 74 5.31 2.08 -45.01
N GLN EA 75 4.68 2.18 -43.84
CA GLN EA 75 4.32 1.00 -43.07
C GLN EA 75 3.24 0.20 -43.79
N ILE EA 76 2.24 0.86 -44.36
CA ILE EA 76 1.13 0.16 -45.01
C ILE EA 76 1.60 -0.51 -46.30
N ALA EA 77 2.39 0.20 -47.11
CA ALA EA 77 2.84 -0.36 -48.37
C ALA EA 77 3.72 -1.59 -48.13
N GLU EA 78 4.58 -1.53 -47.12
CA GLU EA 78 5.42 -2.69 -46.80
C GLU EA 78 4.59 -3.89 -46.38
N GLY EA 79 3.54 -3.66 -45.60
CA GLY EA 79 2.70 -4.76 -45.17
C GLY EA 79 2.02 -5.48 -46.31
N ALA EA 80 1.55 -4.72 -47.31
CA ALA EA 80 0.85 -5.34 -48.43
C ALA EA 80 1.80 -6.16 -49.31
N MET EA 81 3.04 -5.71 -49.47
CA MET EA 81 3.98 -6.46 -50.32
C MET EA 81 4.36 -7.79 -49.70
N GLN EA 82 4.25 -7.92 -48.38
CA GLN EA 82 4.55 -9.20 -47.75
C GLN EA 82 3.57 -10.28 -48.22
N GLU EA 83 2.29 -9.94 -48.33
CA GLU EA 83 1.31 -10.93 -48.75
C GLU EA 83 1.46 -11.29 -50.22
N GLN EA 84 1.91 -10.34 -51.04
CA GLN EA 84 2.19 -10.67 -52.44
C GLN EA 84 3.36 -11.64 -52.56
N THR EA 85 4.33 -11.54 -51.64
CA THR EA 85 5.46 -12.45 -51.66
C THR EA 85 5.05 -13.88 -51.34
N ASN EA 86 4.18 -14.06 -50.34
CA ASN EA 86 3.75 -15.41 -49.98
C ASN EA 86 2.97 -16.10 -51.10
N MET EA 87 2.07 -15.39 -51.78
CA MET EA 87 1.34 -16.00 -52.88
C MET EA 87 2.24 -16.31 -54.07
N LEU EA 88 3.26 -15.49 -54.31
CA LEU EA 88 4.20 -15.80 -55.38
C LEU EA 88 5.00 -17.06 -55.09
N GLN EA 89 5.31 -17.32 -53.81
CA GLN EA 89 6.00 -18.55 -53.46
C GLN EA 89 5.13 -19.77 -53.74
N ARG EA 90 3.83 -19.67 -53.48
CA ARG EA 90 2.94 -20.79 -53.77
C ARG EA 90 2.85 -21.05 -55.27
N MET EA 91 2.94 -20.01 -56.10
CA MET EA 91 2.97 -20.22 -57.55
C MET EA 91 4.23 -20.98 -57.99
N ARG EA 92 5.36 -20.76 -57.31
CA ARG EA 92 6.56 -21.52 -57.62
C ARG EA 92 6.37 -23.01 -57.38
N ASP EA 93 5.73 -23.37 -56.26
CA ASP EA 93 5.52 -24.78 -55.96
C ASP EA 93 4.60 -25.43 -56.99
N LEU EA 94 3.55 -24.74 -57.41
CA LEU EA 94 2.65 -25.29 -58.42
C LEU EA 94 3.35 -25.53 -59.76
N THR EA 95 4.21 -24.60 -60.18
CA THR EA 95 5.00 -24.81 -61.39
C THR EA 95 5.93 -26.00 -61.26
N ILE EA 96 6.59 -26.17 -60.11
CA ILE EA 96 7.39 -27.36 -59.87
C ILE EA 96 6.52 -28.59 -59.84
N GLN EA 97 5.37 -28.52 -59.17
CA GLN EA 97 4.45 -29.65 -59.11
C GLN EA 97 3.85 -29.99 -60.47
N SER EA 98 3.74 -29.01 -61.36
CA SER EA 98 3.13 -29.23 -62.66
C SER EA 98 4.09 -29.87 -63.67
N GLU EA 99 5.21 -30.43 -63.21
CA GLU EA 99 6.22 -30.93 -64.12
C GLU EA 99 6.32 -32.46 -64.02
N ASN EA 100 5.40 -33.09 -63.30
CA ASN EA 100 5.35 -34.54 -63.23
C ASN EA 100 5.09 -35.14 -64.61
N GLY EA 101 5.67 -36.30 -64.87
CA GLY EA 101 5.38 -37.04 -66.07
C GLY EA 101 4.22 -38.00 -65.88
N ALA EA 102 3.69 -38.08 -64.68
CA ALA EA 102 2.54 -38.93 -64.39
C ALA EA 102 1.24 -38.15 -64.40
N ASN EA 103 1.29 -36.86 -64.69
CA ASN EA 103 0.08 -36.04 -64.76
C ASN EA 103 -0.62 -36.34 -66.08
N SER EA 104 -1.70 -35.63 -66.35
CA SER EA 104 -2.40 -35.76 -67.61
C SER EA 104 -2.86 -34.38 -68.06
N THR EA 105 -3.48 -34.32 -69.23
CA THR EA 105 -3.95 -33.05 -69.76
C THR EA 105 -5.00 -32.43 -68.84
N ALA EA 106 -5.89 -33.26 -68.30
CA ALA EA 106 -6.89 -32.76 -67.36
C ALA EA 106 -6.28 -32.32 -66.03
N ASP EA 107 -5.18 -32.96 -65.62
CA ASP EA 107 -4.54 -32.60 -64.37
C ASP EA 107 -3.88 -31.23 -64.44
N LEU EA 108 -3.25 -30.93 -65.59
CA LEU EA 108 -2.59 -29.64 -65.74
C LEU EA 108 -3.58 -28.49 -65.73
N VAL EA 109 -4.80 -28.73 -66.23
CA VAL EA 109 -5.82 -27.68 -66.23
C VAL EA 109 -6.22 -27.31 -64.80
N SER EA 110 -6.37 -28.29 -63.93
CA SER EA 110 -6.74 -28.00 -62.54
C SER EA 110 -5.67 -27.17 -61.83
N ILE EA 111 -4.40 -27.44 -62.09
CA ILE EA 111 -3.34 -26.66 -61.47
C ILE EA 111 -3.37 -25.23 -61.98
N LYS EA 112 -3.64 -25.04 -63.28
CA LYS EA 112 -3.72 -23.68 -63.82
C LYS EA 112 -4.89 -22.91 -63.23
N ALA EA 113 -6.01 -23.58 -62.99
CA ALA EA 113 -7.17 -22.92 -62.37
C ALA EA 113 -6.87 -22.38 -60.99
N GLU EA 114 -5.86 -22.92 -60.31
CA GLU EA 114 -5.38 -22.40 -59.04
C GLU EA 114 -4.42 -21.25 -59.22
N MET EA 115 -3.43 -21.40 -60.11
CA MET EA 115 -2.51 -20.31 -60.40
C MET EA 115 -3.26 -19.08 -60.88
N ASP EA 116 -4.32 -19.28 -61.65
CA ASP EA 116 -5.04 -18.16 -62.25
C ASP EA 116 -5.68 -17.28 -61.18
N GLN EA 117 -6.27 -17.89 -60.15
CA GLN EA 117 -6.90 -17.09 -59.11
C GLN EA 117 -5.90 -16.41 -58.18
N LEU EA 118 -4.73 -17.02 -57.95
CA LEU EA 118 -3.72 -16.35 -57.15
C LEU EA 118 -3.21 -15.09 -57.81
N ALA EA 119 -3.05 -15.08 -59.14
CA ALA EA 119 -2.65 -13.88 -59.84
C ALA EA 119 -3.71 -12.79 -59.79
N THR EA 120 -4.99 -13.17 -59.66
CA THR EA 120 -6.05 -12.19 -59.55
C THR EA 120 -5.93 -11.38 -58.26
N GLU EA 121 -5.56 -12.01 -57.15
CA GLU EA 121 -5.40 -11.27 -55.90
C GLU EA 121 -4.18 -10.36 -55.90
N ILE EA 122 -3.10 -10.75 -56.56
CA ILE EA 122 -1.97 -9.84 -56.68
C ILE EA 122 -2.41 -8.56 -57.36
N ASP EA 123 -3.30 -8.67 -58.35
CA ASP EA 123 -3.98 -7.50 -58.88
C ASP EA 123 -4.86 -6.83 -57.83
N SER EA 124 -5.59 -7.63 -57.04
CA SER EA 124 -6.57 -7.05 -56.12
C SER EA 124 -5.91 -6.30 -54.98
N ILE EA 125 -4.81 -6.81 -54.43
CA ILE EA 125 -4.11 -6.06 -53.40
C ILE EA 125 -3.52 -4.78 -53.96
N GLY EA 126 -2.96 -4.84 -55.15
CA GLY EA 126 -2.35 -3.68 -55.77
C GLY EA 126 -3.31 -2.53 -55.98
N ASN EA 127 -4.56 -2.85 -56.32
CA ASN EA 127 -5.57 -1.83 -56.56
C ASN EA 127 -6.37 -1.44 -55.32
N SER EA 128 -6.07 -2.04 -54.17
CA SER EA 128 -6.89 -1.78 -52.99
C SER EA 128 -6.12 -1.03 -51.90
N THR EA 129 -4.85 -1.37 -51.70
CA THR EA 129 -4.05 -0.80 -50.63
C THR EA 129 -4.08 0.72 -50.68
N ALA EA 130 -4.63 1.35 -49.65
CA ALA EA 130 -4.86 2.79 -49.67
C ALA EA 130 -4.69 3.35 -48.28
N PHE EA 131 -4.42 4.65 -48.21
CA PHE EA 131 -4.30 5.40 -46.97
C PHE EA 131 -5.54 6.27 -46.86
N GLY EA 132 -6.61 5.70 -46.30
CA GLY EA 132 -7.87 6.41 -46.22
C GLY EA 132 -8.58 6.42 -47.56
N ASN EA 133 -8.06 7.21 -48.50
CA ASN EA 133 -8.67 7.22 -49.84
C ASN EA 133 -7.64 7.33 -50.95
N THR EA 134 -6.34 7.31 -50.66
CA THR EA 134 -5.30 7.45 -51.67
C THR EA 134 -4.64 6.10 -51.90
N LYS EA 135 -4.70 5.62 -53.14
CA LYS EA 135 -4.11 4.33 -53.51
C LYS EA 135 -2.60 4.49 -53.57
N LEU EA 136 -1.87 3.58 -52.92
CA LEU EA 136 -0.43 3.73 -52.78
C LEU EA 136 0.40 2.85 -53.70
N LEU EA 137 -0.21 1.86 -54.34
CA LEU EA 137 0.56 0.89 -55.14
C LEU EA 137 0.17 0.94 -56.61
N THR EA 138 -0.48 2.02 -57.07
CA THR EA 138 -0.93 2.11 -58.45
C THR EA 138 -0.19 3.20 -59.22
N GLY EA 139 0.98 3.61 -58.76
CA GLY EA 139 1.86 4.46 -59.52
C GLY EA 139 1.76 5.94 -59.23
N THR EA 140 0.85 6.34 -58.33
CA THR EA 140 0.78 7.75 -57.98
C THR EA 140 1.97 8.15 -57.11
N PHE EA 141 2.70 7.17 -56.59
CA PHE EA 141 3.95 7.43 -55.89
C PHE EA 141 5.15 6.94 -56.71
N SER EA 142 4.99 6.83 -58.03
CA SER EA 142 6.09 6.48 -58.90
C SER EA 142 7.20 7.53 -58.89
N ALA EA 143 6.85 8.81 -58.93
CA ALA EA 143 7.80 9.90 -58.77
C ALA EA 143 7.61 10.42 -57.35
N GLY EA 144 8.57 10.08 -56.49
CA GLY EA 144 8.45 10.28 -55.05
C GLY EA 144 7.79 11.55 -54.58
N LYS EA 145 6.82 11.42 -53.68
CA LYS EA 145 6.18 12.58 -53.10
C LYS EA 145 7.05 13.16 -51.98
N VAL EA 146 6.68 14.35 -51.52
CA VAL EA 146 7.55 15.15 -50.66
C VAL EA 146 6.87 15.43 -49.33
N PHE EA 147 7.62 15.22 -48.25
CA PHE EA 147 7.21 15.63 -46.91
C PHE EA 147 8.27 16.56 -46.34
N GLN EA 148 7.83 17.62 -45.66
CA GLN EA 148 8.74 18.60 -45.07
C GLN EA 148 8.86 18.34 -43.58
N VAL EA 149 10.10 18.10 -43.13
CA VAL EA 149 10.35 17.71 -41.74
C VAL EA 149 11.09 18.79 -40.96
N GLY EA 150 11.42 19.91 -41.59
CA GLY EA 150 12.06 21.01 -40.92
C GLY EA 150 11.13 22.21 -40.87
N HIS EA 151 11.68 23.34 -40.42
CA HIS EA 151 10.89 24.57 -40.34
C HIS EA 151 11.25 25.57 -41.43
N GLN EA 152 12.11 25.20 -42.38
CA GLN EA 152 12.47 26.08 -43.47
C GLN EA 152 12.39 25.32 -44.79
N GLU EA 153 12.41 26.08 -45.89
CA GLU EA 153 12.34 25.49 -47.21
C GLU EA 153 13.56 24.61 -47.47
N GLY EA 154 13.34 23.51 -48.19
CA GLY EA 154 14.40 22.62 -48.57
C GLY EA 154 14.66 21.48 -47.61
N GLU EA 155 14.00 21.44 -46.46
CA GLU EA 155 14.15 20.35 -45.51
C GLU EA 155 13.07 19.31 -45.79
N ASP EA 156 13.25 18.54 -46.85
CA ASP EA 156 12.22 17.62 -47.32
C ASP EA 156 12.75 16.20 -47.41
N ILE EA 157 11.82 15.26 -47.31
CA ILE EA 157 12.09 13.83 -47.48
C ILE EA 157 11.19 13.30 -48.59
N LYS EA 158 11.76 12.44 -49.43
CA LYS EA 158 11.05 11.92 -50.60
C LYS EA 158 10.81 10.43 -50.43
N VAL EA 159 9.58 10.01 -50.62
CA VAL EA 159 9.19 8.61 -50.54
C VAL EA 159 8.69 8.16 -51.90
N THR EA 160 9.33 7.14 -52.46
CA THR EA 160 8.99 6.63 -53.80
C THR EA 160 8.51 5.19 -53.67
N VAL EA 161 7.32 4.92 -54.21
CA VAL EA 161 6.75 3.57 -54.24
C VAL EA 161 6.39 3.27 -55.69
N LYS EA 162 7.09 2.32 -56.28
CA LYS EA 162 6.82 1.95 -57.66
C LYS EA 162 5.56 1.08 -57.73
N ALA EA 163 4.91 1.12 -58.89
CA ALA EA 163 3.68 0.35 -59.06
C ALA EA 163 3.96 -1.14 -59.01
N SER EA 164 3.11 -1.88 -58.30
CA SER EA 164 3.27 -3.31 -58.13
C SER EA 164 1.92 -3.99 -58.26
N ASN EA 165 1.67 -4.59 -59.41
CA ASN EA 165 0.45 -5.34 -59.68
C ASN EA 165 0.80 -6.41 -60.71
N LYS EA 166 -0.21 -7.14 -61.17
CA LYS EA 166 0.07 -8.32 -61.98
C LYS EA 166 0.64 -7.96 -63.35
N THR EA 167 0.13 -6.91 -64.01
CA THR EA 167 0.70 -6.52 -65.29
C THR EA 167 2.10 -5.94 -65.10
N SER EA 168 2.32 -5.24 -63.98
CA SER EA 168 3.64 -4.66 -63.72
C SER EA 168 4.70 -5.73 -63.53
N LEU EA 169 4.39 -6.78 -62.77
CA LEU EA 169 5.34 -7.82 -62.44
C LEU EA 169 5.48 -8.88 -63.53
N SER EA 170 4.96 -8.60 -64.73
CA SER EA 170 5.05 -9.49 -65.87
C SER EA 170 4.44 -10.86 -65.56
N VAL EA 171 3.27 -10.83 -64.95
CA VAL EA 171 2.45 -12.04 -64.77
C VAL EA 171 1.04 -11.73 -65.24
N GLY EA 172 0.26 -12.77 -65.49
CA GLY EA 172 -1.07 -12.59 -66.02
C GLY EA 172 -1.33 -13.54 -67.16
N ALA EA 173 -0.25 -13.97 -67.81
CA ALA EA 173 -0.31 -15.00 -68.84
C ALA EA 173 0.74 -16.05 -68.50
N LEU EA 174 0.36 -17.05 -67.72
CA LEU EA 174 1.26 -18.12 -67.31
C LEU EA 174 0.62 -19.45 -67.64
N ASN EA 175 1.19 -20.16 -68.59
CA ASN EA 175 0.71 -21.48 -68.97
C ASN EA 175 1.71 -22.54 -68.52
N ASN EA 176 1.25 -23.80 -68.48
CA ASN EA 176 2.10 -24.91 -68.06
C ASN EA 176 1.87 -26.16 -68.91
N ALA EA 177 1.52 -25.99 -70.19
CA ALA EA 177 1.25 -27.14 -71.05
C ALA EA 177 2.52 -27.73 -71.64
N THR EA 178 3.24 -26.94 -72.43
CA THR EA 178 4.41 -27.44 -73.13
C THR EA 178 5.67 -27.37 -72.26
N SER EA 179 6.76 -27.96 -72.75
CA SER EA 179 8.02 -27.89 -72.01
C SER EA 179 8.52 -26.46 -71.92
N ALA EA 180 8.44 -25.71 -73.02
CA ALA EA 180 8.94 -24.34 -73.03
C ALA EA 180 8.08 -23.43 -72.18
N ASN EA 181 6.79 -23.75 -72.06
CA ASN EA 181 5.88 -22.89 -71.30
C ASN EA 181 6.24 -22.85 -69.82
N ARG EA 182 6.57 -24.00 -69.24
CA ARG EA 182 6.93 -24.03 -67.83
C ARG EA 182 8.26 -23.36 -67.56
N ALA EA 183 9.24 -23.53 -68.45
CA ALA EA 183 10.55 -22.91 -68.25
C ALA EA 183 10.45 -21.39 -68.27
N SER EA 184 9.65 -20.83 -69.18
CA SER EA 184 9.49 -19.38 -69.23
C SER EA 184 8.74 -18.87 -68.00
N SER EA 185 7.76 -19.62 -67.52
CA SER EA 185 6.98 -19.18 -66.36
C SER EA 185 7.84 -19.11 -65.10
N LEU EA 186 8.75 -20.08 -64.93
CA LEU EA 186 9.56 -20.12 -63.72
C LEU EA 186 10.49 -18.91 -63.62
N ALA EA 187 11.06 -18.48 -64.74
CA ALA EA 187 11.98 -17.34 -64.71
C ALA EA 187 11.27 -16.05 -64.31
N LYS EA 188 10.04 -15.85 -64.81
CA LYS EA 188 9.34 -14.60 -64.52
C LYS EA 188 8.93 -14.50 -63.06
N ILE EA 189 8.56 -15.62 -62.43
CA ILE EA 189 8.23 -15.59 -61.02
C ILE EA 189 9.46 -15.26 -60.19
N ASP EA 190 10.60 -15.85 -60.52
CA ASP EA 190 11.83 -15.54 -59.79
C ASP EA 190 12.20 -14.07 -59.93
N ALA EA 191 12.07 -13.51 -61.13
CA ALA EA 191 12.31 -12.09 -61.31
C ALA EA 191 11.31 -11.24 -60.54
N ALA EA 192 10.09 -11.75 -60.37
CA ALA EA 192 9.07 -11.00 -59.62
C ALA EA 192 9.46 -10.86 -58.15
N ILE EA 193 9.97 -11.94 -57.54
CA ILE EA 193 10.34 -11.86 -56.14
C ILE EA 193 11.50 -10.89 -55.94
N LYS EA 194 12.45 -10.86 -56.88
CA LYS EA 194 13.57 -9.94 -56.76
C LYS EA 194 13.10 -8.49 -56.79
N THR EA 195 12.16 -8.16 -57.67
CA THR EA 195 11.69 -6.78 -57.78
C THR EA 195 11.01 -6.33 -56.50
N ILE EA 196 10.16 -7.18 -55.92
CA ILE EA 196 9.50 -6.84 -54.67
C ILE EA 196 10.52 -6.70 -53.55
N ASP EA 197 11.52 -7.58 -53.53
CA ASP EA 197 12.53 -7.54 -52.47
C ASP EA 197 13.28 -6.22 -52.47
N SER EA 198 13.66 -5.73 -53.66
CA SER EA 198 14.36 -4.45 -53.73
C SER EA 198 13.47 -3.30 -53.30
N GLN EA 199 12.17 -3.39 -53.60
CA GLN EA 199 11.24 -2.34 -53.21
C GLN EA 199 11.11 -2.27 -51.69
N ARG EA 200 11.05 -3.42 -51.02
CA ARG EA 200 10.92 -3.42 -49.57
C ARG EA 200 12.16 -2.83 -48.91
N ALA EA 201 13.35 -3.13 -49.45
CA ALA EA 201 14.58 -2.58 -48.90
C ALA EA 201 14.60 -1.06 -49.01
N ASP EA 202 14.12 -0.53 -50.15
CA ASP EA 202 14.08 0.92 -50.32
C ASP EA 202 13.14 1.58 -49.32
N LEU EA 203 11.99 0.98 -49.05
CA LEU EA 203 11.06 1.56 -48.08
C LEU EA 203 11.57 1.43 -46.65
N GLY EA 204 12.27 0.34 -46.34
CA GLY EA 204 12.83 0.19 -45.01
C GLY EA 204 13.90 1.22 -44.71
N ALA EA 205 14.72 1.56 -45.70
CA ALA EA 205 15.78 2.54 -45.48
C ALA EA 205 15.22 3.91 -45.15
N VAL EA 206 14.13 4.29 -45.82
CA VAL EA 206 13.54 5.60 -45.59
C VAL EA 206 13.01 5.72 -44.16
N GLN EA 207 12.34 4.67 -43.67
CA GLN EA 207 11.77 4.76 -42.33
C GLN EA 207 12.83 4.57 -41.25
N ASN EA 208 13.93 3.88 -41.54
CA ASN EA 208 15.11 3.99 -40.69
C ASN EA 208 15.66 5.40 -40.73
N ARG EA 209 15.65 6.02 -41.91
CA ARG EA 209 16.10 7.40 -42.04
C ARG EA 209 15.19 8.35 -41.28
N LEU EA 210 13.87 8.18 -41.39
CA LEU EA 210 12.95 9.09 -40.73
C LEU EA 210 12.99 9.00 -39.21
N ALA EA 211 13.29 7.81 -38.67
CA ALA EA 211 13.35 7.66 -37.22
C ALA EA 211 14.43 8.53 -36.61
N HIS EA 212 15.55 8.69 -37.30
CA HIS EA 212 16.66 9.49 -36.77
C HIS EA 212 16.34 10.99 -36.80
N ASN EA 213 15.53 11.44 -37.76
CA ASN EA 213 15.11 12.84 -37.77
C ASN EA 213 14.28 13.18 -36.54
N ILE EA 214 13.36 12.30 -36.16
CA ILE EA 214 12.49 12.58 -35.02
C ILE EA 214 13.31 12.71 -33.74
N SER EA 215 14.24 11.80 -33.53
CA SER EA 215 15.07 11.85 -32.33
C SER EA 215 15.91 13.13 -32.31
N ASN EA 216 16.48 13.50 -33.45
CA ASN EA 216 17.24 14.74 -33.53
C ASN EA 216 16.36 15.96 -33.32
N SER EA 217 15.15 15.96 -33.90
CA SER EA 217 14.25 17.10 -33.72
C SER EA 217 13.75 17.21 -32.29
N ALA EA 218 13.54 16.08 -31.61
CA ALA EA 218 13.14 16.14 -30.21
C ALA EA 218 14.24 16.73 -29.34
N ASN EA 219 15.49 16.38 -29.61
CA ASN EA 219 16.59 16.95 -28.84
C ASN EA 219 16.72 18.44 -29.07
N THR EA 220 16.73 18.87 -30.35
CA THR EA 220 16.94 20.28 -30.64
C THR EA 220 15.79 21.14 -30.14
N GLN EA 221 14.59 20.58 -30.05
CA GLN EA 221 13.46 21.34 -29.52
C GLN EA 221 13.67 21.72 -28.07
N ALA EA 222 14.21 20.79 -27.26
CA ALA EA 222 14.43 21.06 -25.85
C ALA EA 222 15.47 22.16 -25.65
N ASN EA 223 16.57 22.11 -26.40
CA ASN EA 223 17.61 23.11 -26.25
C ASN EA 223 17.17 24.49 -26.68
N VAL EA 224 16.35 24.60 -27.74
CA VAL EA 224 15.84 25.91 -28.12
C VAL EA 224 14.89 26.45 -27.07
N ALA EA 225 14.12 25.57 -26.42
CA ALA EA 225 13.27 26.02 -25.32
C ALA EA 225 14.09 26.60 -24.18
N ASP EA 226 15.26 25.99 -23.90
CA ASP EA 226 16.19 26.58 -22.94
C ASP EA 226 16.58 27.99 -23.34
N ALA EA 227 17.02 28.17 -24.58
CA ALA EA 227 17.50 29.47 -25.03
C ALA EA 227 16.39 30.52 -24.98
N LYS EA 228 15.18 30.13 -25.36
CA LYS EA 228 14.07 31.07 -25.42
C LYS EA 228 13.60 31.51 -24.04
N SER EA 229 13.69 30.65 -23.04
CA SER EA 229 13.20 31.01 -21.71
C SER EA 229 14.14 31.99 -21.01
N ARG EA 230 15.46 31.89 -21.26
CA ARG EA 230 16.39 32.78 -20.60
C ARG EA 230 16.18 34.24 -21.03
N ILE EA 231 15.52 34.45 -22.16
CA ILE EA 231 15.37 35.79 -22.70
C ILE EA 231 14.05 36.43 -22.27
N VAL EA 232 12.95 35.68 -22.31
CA VAL EA 232 11.63 36.28 -22.12
C VAL EA 232 10.98 35.95 -20.78
N ASP EA 233 11.52 35.01 -20.02
CA ASP EA 233 10.87 34.52 -18.81
C ASP EA 233 11.46 35.19 -17.58
N VAL EA 234 10.62 35.40 -16.58
CA VAL EA 234 11.04 36.05 -15.34
C VAL EA 234 11.64 35.01 -14.39
N ASP EA 235 12.53 35.48 -13.52
CA ASP EA 235 13.02 34.70 -12.40
C ASP EA 235 12.30 35.19 -11.15
N PHE EA 236 11.50 34.31 -10.55
CA PHE EA 236 10.68 34.74 -9.42
C PHE EA 236 11.53 35.18 -8.23
N ALA EA 237 12.71 34.60 -8.07
CA ALA EA 237 13.61 35.02 -7.00
C ALA EA 237 13.98 36.48 -7.20
N LYS EA 238 14.31 36.85 -8.45
CA LYS EA 238 14.60 38.25 -8.75
C LYS EA 238 13.36 39.11 -8.59
N GLU EA 239 12.22 38.65 -9.09
CA GLU EA 239 11.02 39.50 -9.13
C GLU EA 239 10.40 39.67 -7.76
N THR EA 240 10.36 38.60 -6.96
CA THR EA 240 9.73 38.70 -5.65
C THR EA 240 10.47 39.68 -4.76
N SER EA 241 11.80 39.67 -4.80
CA SER EA 241 12.57 40.61 -4.00
C SER EA 241 12.28 42.05 -4.41
N ALA EA 242 12.18 42.31 -5.71
CA ALA EA 242 11.88 43.67 -6.17
C ALA EA 242 10.48 44.10 -5.74
N MET EA 243 9.51 43.20 -5.81
CA MET EA 243 8.14 43.54 -5.43
C MET EA 243 8.06 43.92 -3.96
N THR EA 244 8.64 43.11 -3.08
CA THR EA 244 8.73 43.47 -1.68
C THR EA 244 9.60 44.70 -1.49
N LYS EA 245 10.55 44.92 -2.39
CA LYS EA 245 11.48 46.03 -2.25
C LYS EA 245 10.74 47.35 -2.36
N TYR EA 246 9.81 47.45 -3.30
CA TYR EA 246 9.05 48.66 -3.56
C TYR EA 246 7.88 48.87 -2.61
N GLN EA 247 7.35 47.79 -2.01
CA GLN EA 247 6.26 47.94 -1.06
C GLN EA 247 6.70 48.78 0.13
N VAL EA 248 7.91 48.54 0.63
CA VAL EA 248 8.42 49.33 1.75
C VAL EA 248 8.60 50.78 1.33
N LEU EA 249 9.13 51.01 0.12
CA LEU EA 249 9.34 52.37 -0.34
C LEU EA 249 8.04 53.14 -0.48
N GLN EA 250 6.94 52.45 -0.80
CA GLN EA 250 5.65 53.11 -0.92
C GLN EA 250 5.17 53.64 0.42
N GLN EA 251 5.22 52.80 1.45
CA GLN EA 251 4.80 53.24 2.78
C GLN EA 251 5.73 54.31 3.33
N THR EA 252 7.02 54.21 3.04
CA THR EA 252 7.95 55.27 3.41
C THR EA 252 7.61 56.56 2.69
N GLY EA 253 7.31 56.49 1.40
CA GLY EA 253 6.98 57.69 0.64
C GLY EA 253 5.69 58.35 1.11
N SER EA 254 4.68 57.55 1.47
CA SER EA 254 3.41 58.11 1.92
C SER EA 254 3.55 58.84 3.25
N ALA EA 255 4.30 58.27 4.20
CA ALA EA 255 4.50 58.95 5.47
C ALA EA 255 5.30 60.23 5.30
N MET EA 256 6.32 60.23 4.45
CA MET EA 256 7.10 61.44 4.22
C MET EA 256 6.27 62.53 3.55
N LEU EA 257 5.44 62.15 2.58
CA LEU EA 257 4.64 63.15 1.89
C LEU EA 257 3.57 63.74 2.79
N ALA EA 258 2.90 62.91 3.60
CA ALA EA 258 1.88 63.43 4.50
C ALA EA 258 2.48 64.38 5.52
N GLN EA 259 3.66 64.05 6.04
CA GLN EA 259 4.29 64.89 7.05
C GLN EA 259 4.89 66.14 6.43
N ALA EA 260 5.33 66.06 5.17
CA ALA EA 260 5.88 67.25 4.51
C ALA EA 260 4.79 68.24 4.14
N ASN EA 261 3.55 67.77 4.04
CA ASN EA 261 2.45 68.65 3.67
C ASN EA 261 2.11 69.65 4.75
N GLN EA 262 2.34 69.32 6.02
CA GLN EA 262 2.02 70.22 7.12
C GLN EA 262 3.23 71.00 7.60
N LEU EA 263 4.26 71.14 6.78
CA LEU EA 263 5.35 72.07 7.03
C LEU EA 263 4.89 73.53 7.10
N PRO EA 264 4.05 74.02 6.18
CA PRO EA 264 3.70 75.45 6.22
C PRO EA 264 2.88 75.87 7.43
N GLN EA 265 2.44 74.94 8.28
CA GLN EA 265 1.70 75.33 9.47
C GLN EA 265 2.56 76.05 10.50
N VAL EA 266 3.88 76.07 10.32
CA VAL EA 266 4.75 76.86 11.19
C VAL EA 266 4.39 78.33 11.10
N ALA EA 267 3.96 78.79 9.91
CA ALA EA 267 3.61 80.19 9.72
C ALA EA 267 2.48 80.65 10.62
N LEU EA 268 1.60 79.74 11.04
CA LEU EA 268 0.53 80.09 11.96
C LEU EA 268 1.01 80.32 13.38
N SER EA 269 2.17 79.80 13.75
CA SER EA 269 2.68 80.03 15.09
C SER EA 269 3.12 81.48 15.30
N LEU EA 270 3.64 82.12 14.24
CA LEU EA 270 4.14 83.48 14.36
C LEU EA 270 3.00 84.48 14.14
N LEU EA 271 1.95 84.32 14.95
CA LEU EA 271 0.84 85.27 15.00
C LEU EA 271 0.23 85.46 13.62
N GLY EA 272 -0.41 84.43 13.11
CA GLY EA 272 -1.12 84.51 11.85
C GLY EA 272 -0.26 84.86 10.64
N ALA FA 1 9.59 132.51 22.21
CA ALA FA 1 9.22 131.45 21.29
C ALA FA 1 7.94 130.76 21.72
N ILE FA 2 6.97 131.55 22.16
CA ILE FA 2 5.67 131.02 22.56
C ILE FA 2 4.60 131.54 21.62
N THR FA 3 4.23 130.73 20.63
CA THR FA 3 3.30 131.16 19.62
C THR FA 3 1.99 130.39 19.71
N VAL FA 4 0.92 130.99 19.19
CA VAL FA 4 -0.40 130.38 19.21
C VAL FA 4 -0.99 130.35 17.80
N ASN FA 5 -0.16 130.54 16.78
CA ASN FA 5 -0.62 130.49 15.41
C ASN FA 5 -0.07 129.31 14.62
N THR FA 6 1.13 128.84 14.92
CA THR FA 6 1.71 127.69 14.25
C THR FA 6 2.29 126.72 15.27
N ASN FA 7 2.06 125.43 15.07
CA ASN FA 7 2.59 124.38 15.93
C ASN FA 7 3.44 123.46 15.05
N VAL FA 8 4.71 123.81 14.90
CA VAL FA 8 5.61 123.02 14.07
C VAL FA 8 5.90 121.67 14.72
N THR FA 9 5.84 121.60 16.05
CA THR FA 9 5.98 120.32 16.72
C THR FA 9 4.90 119.35 16.26
N SER FA 10 3.67 119.85 16.11
CA SER FA 10 2.59 119.02 15.59
C SER FA 10 2.85 118.61 14.15
N MET FA 11 3.37 119.53 13.33
CA MET FA 11 3.62 119.22 11.92
C MET FA 11 4.63 118.08 11.78
N LYS FA 12 5.71 118.12 12.55
CA LYS FA 12 6.67 117.03 12.51
C LYS FA 12 6.09 115.75 13.07
N ALA FA 13 5.29 115.86 14.14
CA ALA FA 13 4.68 114.68 14.72
C ALA FA 13 3.70 114.02 13.76
N GLN FA 14 2.94 114.83 13.01
CA GLN FA 14 1.97 114.27 12.08
C GLN FA 14 2.65 113.44 10.99
N LYS FA 15 3.77 113.92 10.48
CA LYS FA 15 4.46 113.20 9.41
C LYS FA 15 4.95 111.84 9.88
N ASN FA 16 5.47 111.76 11.09
CA ASN FA 16 5.97 110.49 11.60
C ASN FA 16 4.85 109.48 11.75
N LEU FA 17 3.68 109.93 12.20
CA LEU FA 17 2.54 109.02 12.35
C LEU FA 17 2.10 108.49 10.99
N ASN FA 18 2.11 109.34 9.96
CA ASN FA 18 1.70 108.90 8.63
C ASN FA 18 2.64 107.83 8.09
N THR FA 19 3.95 108.00 8.32
CA THR FA 19 4.91 107.00 7.85
C THR FA 19 4.72 105.66 8.55
N SER FA 20 4.49 105.67 9.87
CA SER FA 20 4.29 104.43 10.60
C SER FA 20 2.97 103.76 10.24
N ASN FA 21 1.93 104.52 9.91
CA ASN FA 21 0.67 103.94 9.49
C ASN FA 21 0.76 103.31 8.11
N SER FA 22 1.49 103.95 7.19
CA SER FA 22 1.65 103.39 5.85
C SER FA 22 2.46 102.10 5.86
N GLY FA 23 3.48 102.03 6.69
CA GLY FA 23 4.26 100.81 6.81
C GLY FA 23 3.47 99.66 7.39
N LEU FA 24 2.60 99.94 8.35
CA LEU FA 24 1.74 98.91 8.90
C LEU FA 24 0.78 98.37 7.86
N SER FA 25 0.21 99.26 7.03
CA SER FA 25 -0.74 98.84 6.03
C SER FA 25 -0.10 97.93 4.99
N THR FA 26 1.08 98.29 4.50
CA THR FA 26 1.71 97.51 3.45
C THR FA 26 2.15 96.14 3.95
N SER FA 27 2.44 96.02 5.25
CA SER FA 27 2.82 94.72 5.79
C SER FA 27 1.64 93.76 5.88
N MET FA 28 0.43 94.28 6.15
CA MET FA 28 -0.73 93.41 6.27
C MET FA 28 -1.11 92.79 4.93
N GLU FA 29 -1.06 93.57 3.84
CA GLU FA 29 -1.45 93.03 2.56
C GLU FA 29 -0.45 92.01 2.03
N ARG FA 30 0.84 92.20 2.32
CA ARG FA 30 1.81 91.17 2.01
C ARG FA 30 1.56 89.89 2.78
N LEU FA 31 1.17 90.00 4.05
CA LEU FA 31 0.84 88.84 4.84
C LEU FA 31 -0.49 88.21 4.46
N SER FA 32 -1.46 89.01 4.01
CA SER FA 32 -2.77 88.46 3.69
C SER FA 32 -2.78 87.68 2.39
N SER FA 33 -1.85 87.96 1.48
CA SER FA 33 -1.77 87.25 0.22
C SER FA 33 -0.61 86.27 0.19
N GLY FA 34 0.59 86.71 0.58
CA GLY FA 34 1.73 85.83 0.60
C GLY FA 34 2.72 86.13 -0.49
N LEU FA 35 2.64 87.34 -1.06
CA LEU FA 35 3.52 87.74 -2.14
C LEU FA 35 4.22 89.04 -1.77
N ARG FA 36 5.54 89.05 -1.95
CA ARG FA 36 6.31 90.28 -1.75
C ARG FA 36 6.04 91.31 -2.83
N ILE FA 37 6.05 90.89 -4.09
CA ILE FA 37 5.78 91.79 -5.21
C ILE FA 37 4.30 91.78 -5.52
N ASN FA 38 3.52 92.57 -4.78
CA ASN FA 38 2.10 92.70 -5.05
C ASN FA 38 1.89 93.60 -6.25
N SER FA 39 2.46 94.80 -6.21
CA SER FA 39 2.38 95.75 -7.30
C SER FA 39 3.76 96.08 -7.84
N ALA FA 40 3.82 97.01 -8.77
CA ALA FA 40 5.08 97.47 -9.34
C ALA FA 40 5.80 98.46 -8.44
N LYS FA 41 5.28 98.72 -7.24
CA LYS FA 41 6.03 99.52 -6.27
C LYS FA 41 7.39 98.87 -6.02
N ASP FA 42 7.38 97.55 -5.83
CA ASP FA 42 8.54 96.76 -5.45
C ASP FA 42 9.42 96.47 -6.64
N ASP FA 43 10.27 95.45 -6.53
CA ASP FA 43 11.27 95.16 -7.54
C ASP FA 43 10.68 95.18 -8.95
N ALA FA 44 11.11 96.16 -9.74
CA ALA FA 44 10.63 96.25 -11.12
C ALA FA 44 11.17 95.10 -11.95
N ALA FA 45 12.43 94.71 -11.72
CA ALA FA 45 13.01 93.59 -12.44
C ALA FA 45 12.51 92.25 -11.94
N GLY FA 46 12.09 92.18 -10.67
CA GLY FA 46 11.63 90.91 -10.13
C GLY FA 46 10.38 90.39 -10.81
N LEU FA 47 9.42 91.29 -11.04
CA LEU FA 47 8.16 90.85 -11.66
C LEU FA 47 8.37 90.43 -13.10
N ALA FA 48 9.27 91.10 -13.81
CA ALA FA 48 9.57 90.71 -15.18
C ALA FA 48 10.19 89.32 -15.23
N ILE FA 49 11.14 89.05 -14.34
CA ILE FA 49 11.77 87.73 -14.29
C ILE FA 49 10.75 86.67 -13.90
N SER FA 50 9.90 86.99 -12.92
CA SER FA 50 8.92 86.01 -12.45
C SER FA 50 7.94 85.62 -13.54
N ASN FA 51 7.62 86.56 -14.44
CA ASN FA 51 6.67 86.26 -15.50
C ASN FA 51 7.22 85.18 -16.44
N ARG FA 52 8.49 85.27 -16.80
CA ARG FA 52 9.10 84.22 -17.62
C ARG FA 52 9.24 82.91 -16.86
N LEU FA 53 9.58 82.96 -15.57
CA LEU FA 53 9.60 81.74 -14.77
C LEU FA 53 8.22 81.13 -14.64
N ASN FA 54 7.19 81.98 -14.51
CA ASN FA 54 5.82 81.47 -14.48
C ASN FA 54 5.47 80.77 -15.79
N SER FA 55 5.92 81.32 -16.92
CA SER FA 55 5.67 80.68 -18.21
C SER FA 55 6.34 79.31 -18.29
N GLN FA 56 7.55 79.19 -17.77
CA GLN FA 56 8.24 77.90 -17.81
C GLN FA 56 7.54 76.86 -16.94
N VAL FA 57 7.10 77.26 -15.76
CA VAL FA 57 6.44 76.31 -14.85
C VAL FA 57 5.14 75.81 -15.46
N ARG FA 58 4.30 76.74 -15.93
CA ARG FA 58 3.04 76.34 -16.55
C ARG FA 58 3.28 75.72 -17.92
N GLY FA 59 4.30 76.20 -18.64
CA GLY FA 59 4.62 75.60 -19.93
C GLY FA 59 5.01 74.14 -19.83
N LEU FA 60 5.82 73.81 -18.83
CA LEU FA 60 6.21 72.42 -18.64
C LEU FA 60 5.01 71.55 -18.26
N GLU FA 61 4.11 72.08 -17.43
CA GLU FA 61 2.98 71.27 -16.97
C GLU FA 61 2.10 70.84 -18.14
N VAL FA 62 1.84 71.74 -19.07
CA VAL FA 62 1.12 71.36 -20.28
C VAL FA 62 1.97 70.42 -21.13
N GLY FA 63 3.28 70.64 -21.17
CA GLY FA 63 4.16 69.75 -21.92
C GLY FA 63 4.19 68.34 -21.36
N MET FA 64 4.07 68.20 -20.04
CA MET FA 64 4.01 66.87 -19.44
C MET FA 64 2.80 66.10 -19.95
N ARG FA 65 1.63 66.72 -19.92
CA ARG FA 65 0.43 66.06 -20.42
C ARG FA 65 0.51 65.82 -21.92
N ASN FA 66 1.26 66.66 -22.64
CA ASN FA 66 1.44 66.46 -24.07
C ASN FA 66 2.16 65.16 -24.37
N ALA FA 67 3.15 64.80 -23.55
CA ALA FA 67 3.92 63.58 -23.74
C ALA FA 67 3.20 62.34 -23.21
N ASN FA 68 2.43 62.46 -22.14
CA ASN FA 68 1.61 61.35 -21.69
C ASN FA 68 0.62 60.88 -22.74
N ASP FA 69 0.13 61.81 -23.56
CA ASP FA 69 -0.72 61.46 -24.69
C ASP FA 69 0.03 60.66 -25.75
N ALA FA 70 1.28 61.03 -26.04
CA ALA FA 70 2.05 60.30 -27.04
C ALA FA 70 2.35 58.88 -26.58
N ILE FA 71 2.54 58.69 -25.28
CA ILE FA 71 2.82 57.37 -24.72
C ILE FA 71 1.62 56.46 -24.97
N SER FA 72 0.42 56.98 -24.73
CA SER FA 72 -0.78 56.18 -24.90
C SER FA 72 -0.99 55.76 -26.35
N ILE FA 73 -0.73 56.65 -27.30
CA ILE FA 73 -0.86 56.29 -28.71
C ILE FA 73 0.10 55.17 -29.08
N ALA FA 74 1.36 55.28 -28.68
CA ALA FA 74 2.33 54.23 -28.96
C ALA FA 74 1.96 52.94 -28.24
N GLN FA 75 1.31 53.05 -27.08
CA GLN FA 75 0.91 51.87 -26.33
C GLN FA 75 -0.15 51.07 -27.06
N ILE FA 76 -1.14 51.75 -27.66
CA ILE FA 76 -2.23 51.06 -28.32
C ILE FA 76 -1.75 50.39 -29.60
N ALA FA 77 -0.93 51.09 -30.39
CA ALA FA 77 -0.45 50.52 -31.65
C ALA FA 77 0.40 49.29 -31.40
N GLU FA 78 1.25 49.33 -30.37
CA GLU FA 78 2.07 48.18 -30.03
C GLU FA 78 1.22 46.98 -29.64
N GLY FA 79 0.15 47.21 -28.88
CA GLY FA 79 -0.70 46.12 -28.47
C GLY FA 79 -1.37 45.41 -29.63
N ALA FA 80 -1.81 46.18 -30.62
CA ALA FA 80 -2.49 45.57 -31.77
C ALA FA 80 -1.53 44.74 -32.62
N MET FA 81 -0.28 45.18 -32.77
CA MET FA 81 0.66 44.43 -33.60
C MET FA 81 1.03 43.09 -32.98
N GLN FA 82 0.89 42.95 -31.66
CA GLN FA 82 1.16 41.67 -31.03
C GLN FA 82 0.18 40.61 -31.51
N GLU FA 83 -1.09 40.96 -31.65
CA GLU FA 83 -2.08 39.98 -32.10
C GLU FA 83 -1.89 39.62 -33.57
N GLN FA 84 -1.43 40.57 -34.38
CA GLN FA 84 -1.12 40.24 -35.77
C GLN FA 84 0.04 39.27 -35.86
N THR FA 85 1.00 39.35 -34.92
CA THR FA 85 2.13 38.43 -34.93
C THR FA 85 1.69 37.00 -34.61
N ASN FA 86 0.79 36.82 -33.64
CA ASN FA 86 0.35 35.47 -33.29
C ASN FA 86 -0.41 34.80 -34.42
N MET FA 87 -1.28 35.51 -35.12
CA MET FA 87 -1.99 34.92 -36.24
C MET FA 87 -1.08 34.60 -37.41
N LEU FA 88 -0.05 35.42 -37.63
CA LEU FA 88 0.91 35.10 -38.68
C LEU FA 88 1.69 33.83 -38.37
N GLN FA 89 1.96 33.57 -37.09
CA GLN FA 89 2.65 32.33 -36.73
C GLN FA 89 1.78 31.12 -37.03
N ARG FA 90 0.48 31.22 -36.80
CA ARG FA 90 -0.42 30.12 -37.12
C ARG FA 90 -0.48 29.86 -38.62
N MET FA 91 -0.36 30.90 -39.44
CA MET FA 91 -0.30 30.69 -40.89
C MET FA 91 0.94 29.92 -41.30
N ARG FA 92 2.06 30.13 -40.60
CA ARG FA 92 3.27 29.37 -40.89
C ARG FA 92 3.06 27.88 -40.65
N ASP FA 93 2.40 27.52 -39.56
CA ASP FA 93 2.16 26.11 -39.27
C ASP FA 93 1.26 25.47 -40.31
N LEU FA 94 0.22 26.17 -40.76
CA LEU FA 94 -0.66 25.63 -41.78
C LEU FA 94 0.06 25.39 -43.09
N THR FA 95 0.95 26.32 -43.50
CA THR FA 95 1.76 26.10 -44.69
C THR FA 95 2.68 24.91 -44.55
N ILE FA 96 3.31 24.73 -43.39
CA ILE FA 96 4.10 23.53 -43.15
C ILE FA 96 3.21 22.30 -43.12
N GLN FA 97 2.04 22.38 -42.48
CA GLN FA 97 1.12 21.26 -42.45
C GLN FA 97 0.55 20.93 -43.82
N SER FA 98 0.46 21.91 -44.71
CA SER FA 98 -0.12 21.71 -46.03
C SER FA 98 0.85 21.06 -47.01
N GLU FA 99 1.95 20.48 -46.54
CA GLU FA 99 2.98 19.98 -47.43
C GLU FA 99 3.06 18.45 -47.32
N ASN FA 100 2.12 17.82 -46.62
CA ASN FA 100 2.07 16.37 -46.58
C ASN FA 100 1.83 15.78 -47.96
N GLY FA 101 2.40 14.61 -48.20
CA GLY FA 101 2.12 13.88 -49.42
C GLY FA 101 0.96 12.92 -49.26
N ALA FA 102 0.41 12.85 -48.05
CA ALA FA 102 -0.76 12.01 -47.79
C ALA FA 102 -2.06 12.81 -47.83
N ASN FA 103 -1.99 14.10 -48.10
CA ASN FA 103 -3.19 14.92 -48.21
C ASN FA 103 -3.86 14.63 -49.54
N SER FA 104 -4.93 15.37 -49.83
CA SER FA 104 -5.61 15.23 -51.11
C SER FA 104 -6.05 16.62 -51.56
N THR FA 105 -6.64 16.68 -52.75
CA THR FA 105 -7.09 17.96 -53.27
C THR FA 105 -8.15 18.59 -52.37
N ALA FA 106 -9.07 17.77 -51.86
CA ALA FA 106 -10.08 18.28 -50.94
C ALA FA 106 -9.49 18.70 -49.59
N ASP FA 107 -8.41 18.05 -49.16
CA ASP FA 107 -7.79 18.41 -47.89
C ASP FA 107 -7.11 19.76 -47.96
N LEU FA 108 -6.46 20.07 -49.08
CA LEU FA 108 -5.78 21.34 -49.22
C LEU FA 108 -6.77 22.50 -49.23
N VAL FA 109 -7.97 22.29 -49.75
CA VAL FA 109 -8.98 23.34 -49.77
C VAL FA 109 -9.41 23.71 -48.36
N SER FA 110 -9.59 22.72 -47.48
CA SER FA 110 -9.98 23.01 -46.10
C SER FA 110 -8.92 23.83 -45.37
N ILE FA 111 -7.65 23.55 -45.59
CA ILE FA 111 -6.59 24.32 -44.96
C ILE FA 111 -6.60 25.76 -45.47
N LYS FA 112 -6.85 25.95 -46.76
CA LYS FA 112 -6.90 27.30 -47.30
C LYS FA 112 -8.08 28.09 -46.73
N ALA FA 113 -9.21 27.44 -46.52
CA ALA FA 113 -10.37 28.10 -45.93
C ALA FA 113 -10.09 28.62 -44.53
N GLU FA 114 -9.11 28.08 -43.84
CA GLU FA 114 -8.66 28.59 -42.55
C GLU FA 114 -7.68 29.74 -42.72
N MET FA 115 -6.68 29.58 -43.58
CA MET FA 115 -5.73 30.66 -43.84
C MET FA 115 -6.46 31.90 -44.34
N ASP FA 116 -7.51 31.71 -45.14
CA ASP FA 116 -8.21 32.83 -45.75
C ASP FA 116 -8.86 33.72 -44.70
N GLN FA 117 -9.48 33.12 -43.67
CA GLN FA 117 -10.12 33.92 -42.64
C GLN FA 117 -9.13 34.58 -41.69
N LEU FA 118 -7.98 33.97 -41.43
CA LEU FA 118 -6.97 34.62 -40.61
C LEU FA 118 -6.44 35.89 -41.26
N ALA FA 119 -6.26 35.89 -42.58
CA ALA FA 119 -5.83 37.09 -43.27
C ALA FA 119 -6.89 38.19 -43.24
N THR FA 120 -8.16 37.82 -43.14
CA THR FA 120 -9.22 38.82 -43.05
C THR FA 120 -9.12 39.62 -41.75
N GLU FA 121 -8.78 38.97 -40.64
CA GLU FA 121 -8.64 39.71 -39.39
C GLU FA 121 -7.41 40.62 -39.35
N ILE FA 122 -6.32 40.22 -39.99
CA ILE FA 122 -5.18 41.12 -40.09
C ILE FA 122 -5.60 42.40 -40.77
N ASP FA 123 -6.46 42.30 -41.77
CA ASP FA 123 -7.13 43.48 -42.32
C ASP FA 123 -8.02 44.15 -41.29
N SER FA 124 -8.78 43.37 -40.52
CA SER FA 124 -9.76 43.94 -39.62
C SER FA 124 -9.13 44.70 -38.46
N ILE FA 125 -8.05 44.17 -37.89
CA ILE FA 125 -7.35 44.90 -36.84
C ILE FA 125 -6.74 46.19 -37.38
N GLY FA 126 -6.16 46.12 -38.56
CA GLY FA 126 -5.53 47.28 -39.17
C GLY FA 126 -6.48 48.43 -39.39
N ASN FA 127 -7.73 48.12 -39.75
CA ASN FA 127 -8.71 49.15 -40.02
C ASN FA 127 -9.53 49.55 -38.80
N SER FA 128 -9.28 48.95 -37.64
CA SER FA 128 -10.11 49.20 -36.47
C SER FA 128 -9.36 49.95 -35.37
N THR FA 129 -8.09 49.59 -35.15
CA THR FA 129 -7.30 50.16 -34.06
C THR FA 129 -7.32 51.68 -34.11
N ALA FA 130 -7.89 52.31 -33.09
CA ALA FA 130 -8.10 53.74 -33.11
C ALA FA 130 -7.95 54.30 -31.69
N PHE FA 131 -7.68 55.60 -31.62
CA PHE FA 131 -7.58 56.34 -30.37
C PHE FA 131 -8.82 57.23 -30.29
N GLY FA 132 -9.90 56.67 -29.75
CA GLY FA 132 -11.15 57.39 -29.70
C GLY FA 132 -11.83 57.41 -31.06
N ASN FA 133 -11.30 58.20 -31.98
CA ASN FA 133 -11.87 58.21 -33.33
C ASN FA 133 -10.82 58.32 -34.42
N THR FA 134 -9.53 58.28 -34.10
CA THR FA 134 -8.47 58.42 -35.10
C THR FA 134 -7.81 57.07 -35.31
N LYS FA 135 -7.85 56.59 -36.56
CA LYS FA 135 -7.26 55.30 -36.92
C LYS FA 135 -5.75 55.44 -36.94
N LEU FA 136 -5.04 54.53 -36.28
CA LEU FA 136 -3.60 54.67 -36.11
C LEU FA 136 -2.77 53.77 -37.02
N LEU FA 137 -3.37 52.79 -37.68
CA LEU FA 137 -2.59 51.83 -38.46
C LEU FA 137 -2.95 51.88 -39.95
N THR FA 138 -3.58 52.97 -40.40
CA THR FA 138 -4.00 53.06 -41.79
C THR FA 138 -3.24 54.13 -42.55
N GLY FA 139 -2.07 54.54 -42.07
CA GLY FA 139 -1.17 55.39 -42.81
C GLY FA 139 -1.27 56.87 -42.50
N THR FA 140 -2.18 57.28 -41.63
CA THR FA 140 -2.25 58.69 -41.28
C THR FA 140 -1.09 59.08 -40.38
N PHE FA 141 -0.37 58.08 -39.86
CA PHE FA 141 0.87 58.32 -39.13
C PHE FA 141 2.07 57.84 -39.92
N SER FA 142 1.94 57.74 -41.24
CA SER FA 142 3.06 57.37 -42.09
C SER FA 142 4.18 58.40 -42.07
N ALA FA 143 3.84 59.68 -42.10
CA ALA FA 143 4.79 60.78 -41.92
C ALA FA 143 4.59 61.29 -40.50
N GLY FA 144 5.52 60.94 -39.62
CA GLY FA 144 5.38 61.14 -38.19
C GLY FA 144 4.71 62.42 -37.73
N LYS FA 145 3.73 62.29 -36.85
CA LYS FA 145 3.08 63.46 -36.27
C LYS FA 145 3.94 64.02 -35.13
N VAL FA 146 3.57 65.22 -34.68
CA VAL FA 146 4.43 66.01 -33.80
C VAL FA 146 3.72 66.28 -32.49
N PHE FA 147 4.45 66.08 -31.39
CA PHE FA 147 4.01 66.47 -30.05
C PHE FA 147 5.07 67.40 -29.46
N GLN FA 148 4.63 68.46 -28.79
CA GLN FA 148 5.53 69.43 -28.18
C GLN FA 148 5.63 69.16 -26.68
N VAL FA 149 6.85 68.92 -26.21
CA VAL FA 149 7.06 68.51 -24.82
C VAL FA 149 7.80 69.59 -24.02
N GLY FA 150 8.16 70.71 -24.64
CA GLY FA 150 8.79 71.80 -23.96
C GLY FA 150 7.87 73.01 -23.92
N HIS FA 151 8.41 74.13 -23.45
CA HIS FA 151 7.64 75.36 -23.38
C HIS FA 151 8.03 76.36 -24.47
N GLN FA 152 8.90 75.99 -25.40
CA GLN FA 152 9.30 76.87 -26.48
C GLN FA 152 9.22 76.12 -27.81
N GLU FA 153 9.28 76.88 -28.89
CA GLU FA 153 9.23 76.29 -30.22
C GLU FA 153 10.45 75.41 -30.46
N GLY FA 154 10.23 74.31 -31.19
CA GLY FA 154 11.30 73.41 -31.55
C GLY FA 154 11.54 72.27 -30.59
N GLU FA 155 10.84 72.23 -29.45
CA GLU FA 155 10.96 71.13 -28.49
C GLU FA 155 9.88 70.12 -28.80
N ASP FA 156 10.07 69.33 -29.87
CA ASP FA 156 9.05 68.43 -30.36
C ASP FA 156 9.57 67.00 -30.43
N ILE FA 157 8.63 66.07 -30.36
CA ILE FA 157 8.89 64.65 -30.53
C ILE FA 157 8.01 64.12 -31.66
N LYS FA 158 8.59 63.26 -32.49
CA LYS FA 158 7.90 62.75 -33.68
C LYS FA 158 7.65 61.26 -33.52
N VAL FA 159 6.41 60.85 -33.75
CA VAL FA 159 6.01 59.45 -33.66
C VAL FA 159 5.53 59.01 -35.04
N THR FA 160 6.17 57.99 -35.60
CA THR FA 160 5.86 57.49 -36.93
C THR FA 160 5.36 56.05 -36.83
N VAL FA 161 4.18 55.79 -37.38
CA VAL FA 161 3.60 54.45 -37.43
C VAL FA 161 3.27 54.15 -38.88
N LYS FA 162 3.98 53.20 -39.48
CA LYS FA 162 3.73 52.84 -40.86
C LYS FA 162 2.47 51.97 -40.95
N ALA FA 163 1.83 52.02 -42.12
CA ALA FA 163 0.61 51.27 -42.33
C ALA FA 163 0.87 49.77 -42.27
N SER FA 164 0.00 49.04 -41.58
CA SER FA 164 0.15 47.60 -41.41
C SER FA 164 -1.20 46.94 -41.57
N ASN FA 165 -1.44 46.34 -42.73
CA ASN FA 165 -2.66 45.61 -43.02
C ASN FA 165 -2.31 44.54 -44.05
N LYS FA 166 -3.31 43.81 -44.54
CA LYS FA 166 -3.02 42.63 -45.34
C LYS FA 166 -2.42 42.99 -46.70
N THR FA 167 -2.91 44.04 -47.36
CA THR FA 167 -2.30 44.44 -48.63
C THR FA 167 -0.91 45.01 -48.41
N SER FA 168 -0.70 45.69 -47.29
CA SER FA 168 0.62 46.27 -47.00
C SER FA 168 1.66 45.19 -46.79
N LEU FA 169 1.32 44.14 -46.04
CA LEU FA 169 2.27 43.09 -45.69
C LEU FA 169 2.41 42.04 -46.78
N SER FA 170 1.92 42.33 -47.98
CA SER FA 170 2.03 41.43 -49.14
C SER FA 170 1.41 40.06 -48.83
N VAL FA 171 0.21 40.10 -48.25
CA VAL FA 171 -0.61 38.91 -48.09
C VAL FA 171 -2.01 39.22 -48.59
N GLY FA 172 -2.79 38.19 -48.85
CA GLY FA 172 -4.11 38.39 -49.42
C GLY FA 172 -4.36 37.45 -50.57
N ALA FA 173 -3.28 37.01 -51.20
CA ALA FA 173 -3.32 35.98 -52.23
C ALA FA 173 -2.28 34.92 -51.87
N LEU FA 174 -2.69 33.92 -51.10
CA LEU FA 174 -1.81 32.84 -50.68
C LEU FA 174 -2.45 31.52 -51.02
N ASN FA 175 -1.87 30.80 -51.97
CA ASN FA 175 -2.35 29.48 -52.37
C ASN FA 175 -1.37 28.42 -51.89
N ASN FA 176 -1.84 27.17 -51.86
CA ASN FA 176 -1.01 26.05 -51.43
C ASN FA 176 -1.23 24.80 -52.29
N ALA FA 177 -1.55 24.97 -53.57
CA ALA FA 177 -1.82 23.83 -54.44
C ALA FA 177 -0.54 23.24 -55.00
N THR FA 178 0.20 24.02 -55.77
CA THR FA 178 1.39 23.51 -56.46
C THR FA 178 2.62 23.57 -55.57
N SER FA 179 3.72 22.97 -56.02
CA SER FA 179 4.97 23.03 -55.27
C SER FA 179 5.47 24.45 -55.16
N ALA FA 180 5.42 25.20 -56.27
CA ALA FA 180 5.94 26.57 -56.26
C ALA FA 180 5.06 27.49 -55.41
N ASN FA 181 3.76 27.18 -55.32
CA ASN FA 181 2.85 28.04 -54.59
C ASN FA 181 3.19 28.08 -53.11
N ARG FA 182 3.50 26.93 -52.52
CA ARG FA 182 3.82 26.89 -51.09
C ARG FA 182 5.16 27.54 -50.79
N ALA FA 183 6.15 27.37 -51.68
CA ALA FA 183 7.45 27.97 -51.45
C ALA FA 183 7.37 29.50 -51.46
N SER FA 184 6.59 30.06 -52.38
CA SER FA 184 6.45 31.51 -52.43
C SER FA 184 5.69 32.03 -51.22
N SER FA 185 4.68 31.28 -50.75
CA SER FA 185 3.89 31.73 -49.61
C SER FA 185 4.72 31.78 -48.33
N LEU FA 186 5.61 30.81 -48.15
CA LEU FA 186 6.40 30.76 -46.93
C LEU FA 186 7.34 31.96 -46.80
N ALA FA 187 7.94 32.39 -47.91
CA ALA FA 187 8.87 33.52 -47.85
C ALA FA 187 8.15 34.81 -47.46
N LYS FA 188 6.95 35.03 -47.99
CA LYS FA 188 6.24 36.28 -47.71
C LYS FA 188 5.82 36.38 -46.26
N ILE FA 189 5.42 35.26 -45.66
CA ILE FA 189 5.05 35.29 -44.24
C ILE FA 189 6.27 35.61 -43.38
N ASP FA 190 7.42 35.02 -43.70
CA ASP FA 190 8.63 35.31 -42.94
C ASP FA 190 9.02 36.77 -43.07
N ALA FA 191 8.91 37.34 -44.27
CA ALA FA 191 9.17 38.76 -44.43
C ALA FA 191 8.16 39.62 -43.68
N ALA FA 192 6.93 39.12 -43.54
CA ALA FA 192 5.91 39.87 -42.81
C ALA FA 192 6.27 40.01 -41.34
N ILE FA 193 6.75 38.93 -40.71
CA ILE FA 193 7.10 38.99 -39.30
C ILE FA 193 8.27 39.95 -39.08
N LYS FA 194 9.23 39.97 -40.00
CA LYS FA 194 10.35 40.89 -39.85
C LYS FA 194 9.90 42.34 -39.89
N THR FA 195 8.98 42.67 -40.79
CA THR FA 195 8.53 44.06 -40.90
C THR FA 195 7.81 44.51 -39.64
N ILE FA 196 6.96 43.66 -39.08
CA ILE FA 196 6.27 44.02 -37.83
C ILE FA 196 7.27 44.14 -36.69
N ASP FA 197 8.27 43.25 -36.66
CA ASP FA 197 9.26 43.28 -35.59
C ASP FA 197 10.02 44.60 -35.57
N SER FA 198 10.42 45.09 -36.73
CA SER FA 198 11.13 46.35 -36.79
C SER FA 198 10.23 47.51 -36.37
N GLN FA 199 8.94 47.43 -36.71
CA GLN FA 199 8.02 48.49 -36.32
C GLN FA 199 7.85 48.57 -34.81
N ARG FA 200 7.78 47.41 -34.15
CA ARG FA 200 7.62 47.40 -32.70
C ARG FA 200 8.85 47.99 -32.02
N ALA FA 201 10.04 47.67 -32.53
CA ALA FA 201 11.26 48.22 -31.95
C ALA FA 201 11.30 49.73 -32.06
N ASP FA 202 10.85 50.27 -33.19
CA ASP FA 202 10.82 51.72 -33.37
C ASP FA 202 9.88 52.39 -32.38
N LEU FA 203 8.71 51.79 -32.14
CA LEU FA 203 7.77 52.38 -31.19
C LEU FA 203 8.25 52.24 -29.76
N GLY FA 204 8.93 51.14 -29.43
CA GLY FA 204 9.46 50.99 -28.09
C GLY FA 204 10.54 52.01 -27.76
N ALA FA 205 11.39 52.33 -28.74
CA ALA FA 205 12.45 53.30 -28.49
C ALA FA 205 11.89 54.68 -28.17
N VAL FA 206 10.81 55.08 -28.86
CA VAL FA 206 10.23 56.39 -28.63
C VAL FA 206 9.67 56.51 -27.22
N GLN FA 207 8.98 55.47 -26.75
CA GLN FA 207 8.39 55.56 -25.41
C GLN FA 207 9.43 55.36 -24.31
N ASN FA 208 10.53 54.65 -24.60
CA ASN FA 208 11.69 54.75 -23.72
C ASN FA 208 12.25 56.16 -23.74
N ARG FA 209 12.28 56.78 -24.91
CA ARG FA 209 12.73 58.15 -25.03
C ARG FA 209 11.82 59.11 -24.28
N LEU FA 210 10.50 58.95 -24.42
CA LEU FA 210 9.57 59.88 -23.78
C LEU FA 210 9.58 59.77 -22.26
N ALA FA 211 9.86 58.58 -21.72
CA ALA FA 211 9.88 58.42 -20.27
C ALA FA 211 10.96 59.29 -19.63
N HIS FA 212 12.10 59.44 -20.30
CA HIS FA 212 13.20 60.23 -19.75
C HIS FA 212 12.90 61.73 -19.79
N ASN FA 213 12.11 62.19 -20.75
CA ASN FA 213 11.71 63.59 -20.77
C ASN FA 213 10.85 63.94 -19.56
N ILE FA 214 9.92 63.07 -19.19
CA ILE FA 214 9.03 63.35 -18.07
C ILE FA 214 9.81 63.47 -16.77
N SER FA 215 10.75 62.54 -16.54
CA SER FA 215 11.56 62.59 -15.33
C SER FA 215 12.39 63.86 -15.29
N ASN FA 216 12.99 64.23 -16.42
CA ASN FA 216 13.76 65.46 -16.48
C ASN FA 216 12.88 66.69 -16.27
N SER FA 217 11.70 66.71 -16.88
CA SER FA 217 10.80 67.85 -16.72
C SER FA 217 10.27 67.96 -15.30
N ALA FA 218 10.04 66.84 -14.62
CA ALA FA 218 9.61 66.88 -13.24
C ALA FA 218 10.69 67.47 -12.35
N ASN FA 219 11.95 67.11 -12.58
CA ASN FA 219 13.04 67.66 -11.79
C ASN FA 219 13.19 69.16 -12.02
N THR FA 220 13.21 69.59 -13.29
CA THR FA 220 13.45 70.99 -13.58
C THR FA 220 12.30 71.86 -13.09
N GLN FA 221 11.08 71.32 -13.03
CA GLN FA 221 9.96 72.08 -12.53
C GLN FA 221 10.15 72.45 -11.07
N ALA FA 222 10.65 71.52 -10.26
CA ALA FA 222 10.84 71.79 -8.84
C ALA FA 222 11.89 72.88 -8.61
N ASN FA 223 13.01 72.81 -9.35
CA ASN FA 223 14.06 73.80 -9.16
C ASN FA 223 13.63 75.20 -9.61
N VAL FA 224 12.85 75.32 -10.67
CA VAL FA 224 12.35 76.62 -11.07
C VAL FA 224 11.38 77.18 -10.03
N ALA FA 225 10.59 76.30 -9.40
CA ALA FA 225 9.73 76.75 -8.31
C ALA FA 225 10.53 77.31 -7.15
N ASP FA 226 11.68 76.70 -6.85
CA ASP FA 226 12.60 77.28 -5.87
C ASP FA 226 13.01 78.69 -6.27
N ALA FA 227 13.47 78.87 -7.51
CA ALA FA 227 13.98 80.17 -7.92
C ALA FA 227 12.88 81.22 -7.90
N LYS FA 228 11.67 80.84 -8.31
CA LYS FA 228 10.57 81.80 -8.39
C LYS FA 228 10.07 82.24 -7.02
N SER FA 229 10.13 81.37 -6.01
CA SER FA 229 9.63 81.74 -4.69
C SER FA 229 10.57 82.70 -3.97
N ARG FA 230 11.88 82.59 -4.19
CA ARG FA 230 12.81 83.48 -3.51
C ARG FA 230 12.62 84.93 -3.94
N ILE FA 231 11.99 85.15 -5.09
CA ILE FA 231 11.85 86.50 -5.62
C ILE FA 231 10.54 87.14 -5.21
N VAL FA 232 9.42 86.41 -5.29
CA VAL FA 232 8.10 87.01 -5.12
C VAL FA 232 7.43 86.69 -3.80
N ASP FA 233 7.94 85.74 -3.03
CA ASP FA 233 7.26 85.26 -1.83
C ASP FA 233 7.84 85.93 -0.59
N VAL FA 234 6.98 86.13 0.40
CA VAL FA 234 7.38 86.77 1.65
C VAL FA 234 7.95 85.74 2.60
N ASP FA 235 8.83 86.19 3.50
CA ASP FA 235 9.29 85.39 4.62
C ASP FA 235 8.55 85.88 5.85
N PHE FA 236 7.72 85.02 6.45
CA PHE FA 236 6.89 85.45 7.56
C PHE FA 236 7.71 85.87 8.76
N ALA FA 237 8.89 85.29 8.95
CA ALA FA 237 9.77 85.70 10.03
C ALA FA 237 10.15 87.16 9.84
N LYS FA 238 10.52 87.53 8.62
CA LYS FA 238 10.83 88.92 8.31
C LYS FA 238 9.59 89.81 8.45
N GLU FA 239 8.45 89.34 7.93
CA GLU FA 239 7.27 90.20 7.86
C GLU FA 239 6.62 90.37 9.22
N THR FA 240 6.54 89.31 10.02
CA THR FA 240 5.88 89.41 11.32
C THR FA 240 6.62 90.39 12.23
N SER FA 241 7.95 90.36 12.21
CA SER FA 241 8.72 91.29 13.03
C SER FA 241 8.44 92.73 12.63
N ALA FA 242 8.37 93.00 11.32
CA ALA FA 242 8.09 94.35 10.86
C ALA FA 242 6.69 94.80 11.26
N MET FA 243 5.72 93.91 11.16
CA MET FA 243 4.34 94.27 11.52
C MET FA 243 4.23 94.64 12.99
N THR FA 244 4.79 93.82 13.87
CA THR FA 244 4.85 94.18 15.28
C THR FA 244 5.74 95.39 15.50
N LYS FA 245 6.70 95.61 14.61
CA LYS FA 245 7.64 96.71 14.78
C LYS FA 245 6.91 98.04 14.67
N TYR FA 246 6.00 98.14 13.69
CA TYR FA 246 5.25 99.38 13.42
C TYR FA 246 4.07 99.58 14.35
N GLN FA 247 3.53 98.51 14.93
CA GLN FA 247 2.42 98.66 15.86
C GLN FA 247 2.83 99.50 17.07
N VAL FA 248 4.03 99.24 17.59
CA VAL FA 248 4.53 100.02 18.72
C VAL FA 248 4.73 101.48 18.31
N LEU FA 249 5.28 101.70 17.12
CA LEU FA 249 5.52 103.06 16.66
C LEU FA 249 4.22 103.84 16.49
N GLN FA 250 3.13 103.16 16.15
CA GLN FA 250 1.85 103.84 16.00
C GLN FA 250 1.34 104.37 17.34
N GLN FA 251 1.36 103.53 18.37
CA GLN FA 251 0.92 103.97 19.68
C GLN FA 251 1.85 105.03 20.26
N THR FA 252 3.15 104.92 19.99
CA THR FA 252 4.07 105.96 20.39
C THR FA 252 3.76 107.27 19.67
N GLY FA 253 3.48 107.19 18.37
CA GLY FA 253 3.17 108.39 17.61
C GLY FA 253 1.88 109.07 18.05
N SER FA 254 0.87 108.27 18.39
CA SER FA 254 -0.41 108.84 18.81
C SER FA 254 -0.30 109.57 20.15
N ALA FA 255 0.43 109.00 21.12
CA ALA FA 255 0.61 109.67 22.39
C ALA FA 255 1.42 110.95 22.25
N MET FA 256 2.46 110.93 21.41
CA MET FA 256 3.26 112.13 21.20
C MET FA 256 2.46 113.23 20.52
N LEU FA 257 1.64 112.87 19.53
CA LEU FA 257 0.86 113.87 18.82
C LEU FA 257 -0.23 114.47 19.71
N ALA FA 258 -0.92 113.65 20.50
CA ALA FA 258 -1.95 114.17 21.38
C ALA FA 258 -1.36 115.12 22.42
N GLN FA 259 -0.19 114.77 22.96
CA GLN FA 259 0.42 115.61 23.98
C GLN FA 259 1.04 116.86 23.38
N ALA FA 260 1.51 116.78 22.14
CA ALA FA 260 2.08 117.96 21.49
C ALA FA 260 1.01 118.96 21.09
N ASN FA 261 -0.24 118.50 20.96
CA ASN FA 261 -1.32 119.39 20.57
C ASN FA 261 -1.67 120.40 21.66
N GLN FA 262 -1.47 120.05 22.93
CA GLN FA 262 -1.81 120.95 24.03
C GLN FA 262 -0.60 121.73 24.53
N LEU FA 263 0.45 121.85 23.73
CA LEU FA 263 1.55 122.78 24.01
C LEU FA 263 1.10 124.23 24.07
N PRO FA 264 0.27 124.74 23.15
CA PRO FA 264 -0.07 126.17 23.17
C PRO FA 264 -0.90 126.59 24.37
N GLN FA 265 -1.36 125.67 25.20
CA GLN FA 265 -2.13 126.06 26.39
C GLN FA 265 -1.28 126.77 27.44
N VAL FA 266 0.04 126.77 27.28
CA VAL FA 266 0.90 127.55 28.17
C VAL FA 266 0.55 129.03 28.08
N ALA FA 267 0.16 129.50 26.88
CA ALA FA 267 -0.18 130.91 26.69
C ALA FA 267 -1.33 131.37 27.57
N LEU FA 268 -2.22 130.46 27.97
CA LEU FA 268 -3.31 130.82 28.87
C LEU FA 268 -2.86 131.05 30.29
N SER FA 269 -1.71 130.52 30.68
CA SER FA 269 -1.23 130.74 32.05
C SER FA 269 -0.78 132.17 32.26
N LEU FA 270 -0.24 132.82 31.21
CA LEU FA 270 0.28 134.18 31.35
C LEU FA 270 -0.84 135.20 31.11
N LEU FA 271 -1.91 135.03 31.89
CA LEU FA 271 -3.01 135.99 31.93
C LEU FA 271 -3.59 136.19 30.54
N GLY FA 272 -4.23 135.16 30.00
CA GLY FA 272 -4.91 135.25 28.73
C GLY FA 272 -4.03 135.60 27.54
N ALA GA 1 27.63 -0.35 -7.83
CA ALA GA 1 27.60 -1.35 -8.89
C ALA GA 1 26.18 -1.81 -9.16
N ILE GA 2 25.23 -0.87 -9.17
CA ILE GA 2 23.84 -1.19 -9.46
C ILE GA 2 23.44 -0.50 -10.75
N THR GA 3 23.47 -1.25 -11.86
CA THR GA 3 23.20 -0.67 -13.17
C THR GA 3 21.90 -1.22 -13.75
N VAL GA 4 21.32 -0.45 -14.66
CA VAL GA 4 20.07 -0.84 -15.30
C VAL GA 4 20.21 -0.79 -16.82
N ASN GA 5 21.45 -0.73 -17.32
CA ASN GA 5 21.69 -0.70 -18.75
C ASN GA 5 22.37 -1.97 -19.28
N THR GA 6 23.21 -2.62 -18.48
CA THR GA 6 23.86 -3.86 -18.89
C THR GA 6 23.74 -4.89 -17.79
N ASN GA 7 23.45 -6.13 -18.18
CA ASN GA 7 23.35 -7.26 -17.25
C ASN GA 7 24.37 -8.30 -17.69
N VAL GA 8 25.60 -8.16 -17.21
CA VAL GA 8 26.66 -9.09 -17.58
C VAL GA 8 26.41 -10.46 -16.97
N THR GA 9 25.72 -10.52 -15.84
CA THR GA 9 25.34 -11.81 -15.27
C THR GA 9 24.47 -12.59 -16.25
N SER GA 10 23.55 -11.90 -16.93
CA SER GA 10 22.74 -12.55 -17.96
C SER GA 10 23.59 -13.00 -19.13
N MET GA 11 24.56 -12.17 -19.53
CA MET GA 11 25.41 -12.52 -20.68
C MET GA 11 26.18 -13.80 -20.43
N LYS GA 12 26.76 -13.94 -19.24
CA LYS GA 12 27.47 -15.17 -18.91
C LYS GA 12 26.50 -16.34 -18.79
N ALA GA 13 25.33 -16.10 -18.21
CA ALA GA 13 24.34 -17.17 -18.07
C ALA GA 13 23.84 -17.65 -19.42
N GLN GA 14 23.66 -16.74 -20.37
CA GLN GA 14 23.18 -17.13 -21.69
C GLN GA 14 24.17 -18.07 -22.39
N LYS GA 15 25.46 -17.77 -22.29
CA LYS GA 15 26.47 -18.60 -22.96
C LYS GA 15 26.47 -20.02 -22.43
N ASN GA 16 26.33 -20.18 -21.12
CA ASN GA 16 26.35 -21.52 -20.53
C ASN GA 16 25.15 -22.33 -20.99
N LEU GA 17 23.98 -21.70 -21.10
CA LEU GA 17 22.81 -22.40 -21.58
C LEU GA 17 22.98 -22.85 -23.03
N ASN GA 18 23.60 -22.02 -23.87
CA ASN GA 18 23.81 -22.39 -25.26
C ASN GA 18 24.73 -23.61 -25.37
N THR GA 19 25.78 -23.65 -24.55
CA THR GA 19 26.70 -24.79 -24.59
C THR GA 19 26.00 -26.09 -24.16
N SER GA 20 25.19 -26.02 -23.11
CA SER GA 20 24.48 -27.21 -22.65
C SER GA 20 23.42 -27.67 -23.64
N ASN GA 21 22.77 -26.75 -24.36
CA ASN GA 21 21.79 -27.12 -25.36
C ASN GA 21 22.44 -27.76 -26.58
N SER GA 22 23.59 -27.25 -27.00
CA SER GA 22 24.29 -27.82 -28.15
C SER GA 22 24.81 -29.22 -27.87
N GLY GA 23 25.28 -29.48 -26.65
CA GLY GA 23 25.74 -30.80 -26.28
C GLY GA 23 24.61 -31.80 -26.23
N LEU GA 24 23.44 -31.38 -25.77
CA LEU GA 24 22.28 -32.26 -25.76
C LEU GA 24 21.86 -32.63 -27.17
N SER GA 25 21.89 -31.66 -28.09
CA SER GA 25 21.48 -31.92 -29.46
C SER GA 25 22.39 -32.93 -30.13
N THR GA 26 23.71 -32.77 -29.98
CA THR GA 26 24.63 -33.65 -30.68
C THR GA 26 24.58 -35.07 -30.13
N SER GA 27 24.20 -35.24 -28.87
CA SER GA 27 24.08 -36.58 -28.30
C SER GA 27 22.88 -37.33 -28.85
N MET GA 28 21.78 -36.62 -29.14
CA MET GA 28 20.59 -37.29 -29.64
C MET GA 28 20.80 -37.84 -31.05
N GLU GA 29 21.47 -37.08 -31.92
CA GLU GA 29 21.67 -37.55 -33.29
C GLU GA 29 22.64 -38.72 -33.35
N ARG GA 30 23.64 -38.74 -32.48
CA ARG GA 30 24.50 -39.92 -32.39
C ARG GA 30 23.72 -41.14 -31.92
N LEU GA 31 22.80 -40.96 -30.97
CA LEU GA 31 21.97 -42.06 -30.51
C LEU GA 31 20.91 -42.46 -31.52
N SER GA 32 20.39 -41.52 -32.31
CA SER GA 32 19.32 -41.84 -33.24
C SER GA 32 19.82 -42.61 -34.46
N SER GA 33 21.09 -42.49 -34.79
CA SER GA 33 21.67 -43.21 -35.93
C SER GA 33 22.55 -44.37 -35.48
N GLY GA 34 23.46 -44.13 -34.55
CA GLY GA 34 24.32 -45.18 -34.05
C GLY GA 34 25.75 -45.04 -34.53
N LEU GA 35 26.12 -43.84 -34.98
CA LEU GA 35 27.44 -43.58 -35.49
C LEU GA 35 28.07 -42.42 -34.74
N ARG GA 36 29.31 -42.62 -34.29
CA ARG GA 36 30.05 -41.54 -33.66
C ARG GA 36 30.48 -40.48 -34.66
N ILE GA 37 31.02 -40.90 -35.80
CA ILE GA 37 31.45 -39.97 -36.83
C ILE GA 37 30.30 -39.73 -37.80
N ASN GA 38 29.40 -38.83 -37.45
CA ASN GA 38 28.30 -38.47 -38.34
C ASN GA 38 28.81 -37.55 -39.44
N SER GA 39 29.47 -36.46 -39.04
CA SER GA 39 30.05 -35.51 -39.97
C SER GA 39 31.56 -35.42 -39.77
N ALA GA 40 32.18 -34.50 -40.50
CA ALA GA 40 33.60 -34.25 -40.37
C ALA GA 40 33.95 -33.39 -39.17
N LYS GA 41 32.97 -33.04 -38.33
CA LYS GA 41 33.28 -32.38 -37.07
C LYS GA 41 34.24 -33.23 -36.26
N ASP GA 42 33.97 -34.53 -36.20
CA ASP GA 42 34.67 -35.50 -35.38
C ASP GA 42 35.97 -35.93 -36.04
N ASP GA 43 36.50 -37.08 -35.63
CA ASP GA 43 37.81 -37.54 -36.07
C ASP GA 43 37.96 -37.42 -37.58
N ALA GA 44 38.85 -36.53 -38.01
CA ALA GA 44 39.11 -36.37 -39.43
C ALA GA 44 39.80 -37.59 -40.01
N ALA GA 45 40.73 -38.17 -39.25
CA ALA GA 45 41.42 -39.37 -39.68
C ALA GA 45 40.54 -40.61 -39.58
N GLY GA 46 39.57 -40.61 -38.66
CA GLY GA 46 38.73 -41.79 -38.50
C GLY GA 46 37.89 -42.10 -39.72
N LEU GA 47 37.29 -41.06 -40.31
CA LEU GA 47 36.43 -41.28 -41.47
C LEU GA 47 37.24 -41.74 -42.67
N ALA GA 48 38.45 -41.23 -42.82
CA ALA GA 48 39.31 -41.66 -43.93
C ALA GA 48 39.67 -43.14 -43.78
N ILE GA 49 40.04 -43.55 -42.57
CA ILE GA 49 40.37 -44.96 -42.34
C ILE GA 49 39.14 -45.83 -42.55
N SER GA 50 37.98 -45.38 -42.07
CA SER GA 50 36.77 -46.18 -42.18
C SER GA 50 36.38 -46.42 -43.63
N ASN GA 51 36.66 -45.44 -44.49
CA ASN GA 51 36.30 -45.58 -45.90
C ASN GA 51 37.06 -46.74 -46.55
N ARG GA 52 38.36 -46.85 -46.27
CA ARG GA 52 39.11 -47.99 -46.78
C ARG GA 52 38.69 -49.30 -46.15
N LEU GA 53 38.39 -49.31 -44.85
CA LEU GA 53 37.85 -50.51 -44.22
C LEU GA 53 36.50 -50.89 -44.81
N ASN GA 54 35.66 -49.89 -45.11
CA ASN GA 54 34.40 -50.17 -45.76
C ASN GA 54 34.61 -50.80 -47.13
N SER GA 55 35.61 -50.33 -47.87
CA SER GA 55 35.91 -50.93 -49.17
C SER GA 55 36.34 -52.38 -49.03
N GLN GA 56 37.12 -52.71 -48.01
CA GLN GA 56 37.56 -54.08 -47.82
C GLN GA 56 36.38 -54.99 -47.48
N VAL GA 57 35.49 -54.53 -46.60
CA VAL GA 57 34.36 -55.36 -46.19
C VAL GA 57 33.45 -55.64 -47.38
N ARG GA 58 33.06 -54.59 -48.10
CA ARG GA 58 32.21 -54.78 -49.27
C ARG GA 58 32.98 -55.43 -50.41
N GLY GA 59 34.28 -55.14 -50.53
CA GLY GA 59 35.08 -55.76 -51.56
C GLY GA 59 35.16 -57.27 -51.40
N LEU GA 60 35.35 -57.74 -50.16
CA LEU GA 60 35.39 -59.17 -49.93
C LEU GA 60 34.05 -59.83 -50.22
N GLU GA 61 32.95 -59.17 -49.87
CA GLU GA 61 31.63 -59.77 -50.05
C GLU GA 61 31.36 -60.06 -51.52
N VAL GA 62 31.71 -59.13 -52.40
CA VAL GA 62 31.60 -59.39 -53.83
C VAL GA 62 32.60 -60.46 -54.26
N GLY GA 63 33.79 -60.46 -53.65
CA GLY GA 63 34.78 -61.47 -53.97
C GLY GA 63 34.34 -62.86 -53.58
N MET GA 64 33.59 -62.98 -52.48
CA MET GA 64 33.07 -64.28 -52.08
C MET GA 64 32.14 -64.85 -53.15
N ARG GA 65 31.19 -64.04 -53.63
CA ARG GA 65 30.30 -64.50 -54.68
C ARG GA 65 31.05 -64.77 -55.97
N ASN GA 66 32.16 -64.05 -56.20
CA ASN GA 66 32.96 -64.28 -57.39
C ASN GA 66 33.55 -65.69 -57.41
N ALA GA 67 33.97 -66.20 -56.26
CA ALA GA 67 34.55 -67.54 -56.16
C ALA GA 67 33.50 -68.63 -56.12
N ASN GA 68 32.33 -68.39 -55.53
CA ASN GA 68 31.25 -69.35 -55.59
C ASN GA 68 30.83 -69.65 -57.02
N ASP GA 69 30.91 -68.66 -57.91
CA ASP GA 69 30.67 -68.86 -59.33
C ASP GA 69 31.70 -69.78 -59.96
N ALA GA 70 32.97 -69.62 -59.61
CA ALA GA 70 34.01 -70.47 -60.18
C ALA GA 70 33.85 -71.91 -59.75
N ILE GA 71 33.37 -72.14 -58.52
CA ILE GA 71 33.18 -73.49 -58.01
C ILE GA 71 32.12 -74.19 -58.85
N SER GA 72 31.03 -73.47 -59.17
CA SER GA 72 29.95 -74.07 -59.94
C SER GA 72 30.40 -74.45 -61.34
N ILE GA 73 31.21 -73.61 -61.99
CA ILE GA 73 31.70 -73.94 -63.32
C ILE GA 73 32.55 -75.21 -63.28
N ALA GA 74 33.47 -75.31 -62.33
CA ALA GA 74 34.28 -76.51 -62.20
C ALA GA 74 33.45 -77.71 -61.83
N GLN GA 75 32.35 -77.50 -61.11
CA GLN GA 75 31.48 -78.61 -60.72
C GLN GA 75 30.78 -79.22 -61.93
N ILE GA 76 30.31 -78.38 -62.86
CA ILE GA 76 29.58 -78.90 -64.01
C ILE GA 76 30.51 -79.64 -64.96
N ALA GA 77 31.69 -79.07 -65.23
CA ALA GA 77 32.62 -79.71 -66.15
C ALA GA 77 33.07 -81.07 -65.63
N GLU GA 78 33.32 -81.16 -64.32
CA GLU GA 78 33.71 -82.43 -63.72
C GLU GA 78 32.61 -83.47 -63.87
N GLY GA 79 31.36 -83.07 -63.68
CA GLY GA 79 30.26 -84.01 -63.80
C GLY GA 79 30.13 -84.60 -65.18
N ALA GA 80 30.33 -83.78 -66.22
CA ALA GA 80 30.20 -84.27 -67.58
C ALA GA 80 31.31 -85.24 -67.95
N MET GA 81 32.52 -85.02 -67.46
CA MET GA 81 33.64 -85.91 -67.80
C MET GA 81 33.46 -87.29 -67.20
N GLN GA 82 32.70 -87.40 -66.11
CA GLN GA 82 32.45 -88.71 -65.52
C GLN GA 82 31.67 -89.60 -66.48
N GLU GA 83 30.69 -89.04 -67.18
CA GLU GA 83 29.90 -89.85 -68.10
C GLU GA 83 30.70 -90.24 -69.33
N GLN GA 84 31.63 -89.38 -69.76
CA GLN GA 84 32.51 -89.76 -70.86
C GLN GA 84 33.42 -90.91 -70.47
N THR GA 85 33.82 -90.98 -69.20
CA THR GA 85 34.67 -92.07 -68.75
C THR GA 85 33.94 -93.41 -68.78
N ASN GA 86 32.67 -93.44 -68.36
CA ASN GA 86 31.93 -94.70 -68.36
C ASN GA 86 31.71 -95.25 -69.76
N MET GA 87 31.38 -94.40 -70.73
CA MET GA 87 31.20 -94.87 -72.10
C MET GA 87 32.51 -95.33 -72.73
N LEU GA 88 33.63 -94.70 -72.37
CA LEU GA 88 34.92 -95.16 -72.88
C LEU GA 88 35.26 -96.55 -72.33
N GLN GA 89 34.86 -96.85 -71.09
CA GLN GA 89 35.10 -98.17 -70.55
C GLN GA 89 34.32 -99.23 -71.31
N ARG GA 90 33.08 -98.92 -71.71
CA ARG GA 90 32.30 -99.86 -72.50
C ARG GA 90 32.92 -100.11 -73.86
N MET GA 91 33.56 -99.11 -74.46
CA MET GA 91 34.27 -99.32 -75.72
C MET GA 91 35.44 -100.28 -75.55
N ARG GA 92 36.11 -100.25 -74.40
CA ARG GA 92 37.18 -101.20 -74.15
C ARG GA 92 36.68 -102.64 -74.14
N ASP GA 93 35.53 -102.88 -73.51
CA ASP GA 93 34.99 -104.24 -73.48
C ASP GA 93 34.61 -104.73 -74.87
N LEU GA 94 34.02 -103.86 -75.70
CA LEU GA 94 33.66 -104.26 -77.05
C LEU GA 94 34.88 -104.61 -77.89
N THR GA 95 35.96 -103.85 -77.76
CA THR GA 95 37.20 -104.20 -78.45
C THR GA 95 37.76 -105.53 -77.98
N ILE GA 96 37.73 -105.80 -76.68
CA ILE GA 96 38.14 -107.11 -76.19
C ILE GA 96 37.18 -108.18 -76.68
N GLN GA 97 35.87 -107.91 -76.65
CA GLN GA 97 34.88 -108.86 -77.13
C GLN GA 97 34.99 -109.10 -78.63
N SER GA 98 35.49 -108.11 -79.39
CA SER GA 98 35.57 -108.23 -80.84
C SER GA 98 36.78 -109.03 -81.29
N GLU GA 99 37.44 -109.77 -80.41
CA GLU GA 99 38.68 -110.43 -80.74
C GLU GA 99 38.48 -111.96 -80.73
N ASN GA 100 37.24 -112.43 -80.61
CA ASN GA 100 36.96 -113.85 -80.70
C ASN GA 100 37.32 -114.39 -82.07
N GLY GA 101 37.77 -115.64 -82.10
CA GLY GA 101 38.00 -116.32 -83.36
C GLY GA 101 36.78 -117.07 -83.84
N ALA GA 102 35.71 -117.06 -83.04
CA ALA GA 102 34.46 -117.69 -83.42
C ALA GA 102 33.47 -116.70 -83.99
N ASN GA 103 33.84 -115.43 -84.11
CA ASN GA 103 32.96 -114.43 -84.70
C ASN GA 103 32.97 -114.60 -86.21
N SER GA 104 32.27 -113.71 -86.91
CA SER GA 104 32.28 -113.73 -88.37
C SER GA 104 32.31 -112.29 -88.86
N THR GA 105 32.36 -112.14 -90.18
CA THR GA 105 32.41 -110.80 -90.75
C THR GA 105 31.15 -110.01 -90.41
N ALA GA 106 29.99 -110.66 -90.44
CA ALA GA 106 28.74 -110.00 -90.08
C ALA GA 106 28.69 -109.68 -88.58
N ASP GA 107 29.32 -110.49 -87.74
CA ASP GA 107 29.31 -110.24 -86.31
C ASP GA 107 30.13 -109.01 -85.95
N LEU GA 108 31.27 -108.82 -86.61
CA LEU GA 108 32.11 -107.66 -86.32
C LEU GA 108 31.43 -106.36 -86.70
N VAL GA 109 30.59 -106.38 -87.74
CA VAL GA 109 29.88 -105.18 -88.15
C VAL GA 109 28.88 -104.74 -87.07
N SER GA 110 28.17 -105.68 -86.46
CA SER GA 110 27.23 -105.33 -85.41
C SER GA 110 27.92 -104.69 -84.21
N ILE GA 111 29.09 -105.18 -83.83
CA ILE GA 111 29.81 -104.59 -82.72
C ILE GA 111 30.26 -103.18 -83.06
N LYS GA 112 30.69 -102.95 -84.30
CA LYS GA 112 31.08 -101.60 -84.70
C LYS GA 112 29.91 -100.64 -84.70
N ALA GA 113 28.72 -101.10 -85.09
CA ALA GA 113 27.53 -100.25 -85.06
C ALA GA 113 27.19 -99.77 -83.66
N GLU GA 114 27.64 -100.47 -82.63
CA GLU GA 114 27.50 -100.04 -81.24
C GLU GA 114 28.59 -99.07 -80.84
N MET GA 115 29.85 -99.39 -81.14
CA MET GA 115 30.95 -98.48 -80.86
C MET GA 115 30.73 -97.13 -81.55
N ASP GA 116 30.16 -97.16 -82.76
CA ASP GA 116 30.00 -95.94 -83.53
C ASP GA 116 29.06 -94.95 -82.83
N GLN GA 117 27.96 -95.44 -82.27
CA GLN GA 117 27.02 -94.55 -81.59
C GLN GA 117 27.53 -94.05 -80.26
N LEU GA 118 28.33 -94.84 -79.54
CA LEU GA 118 28.91 -94.37 -78.29
C LEU GA 118 29.86 -93.20 -78.52
N ALA GA 119 30.65 -93.23 -79.59
CA ALA GA 119 31.52 -92.11 -79.92
C ALA GA 119 30.74 -90.86 -80.30
N THR GA 120 29.53 -91.02 -80.84
CA THR GA 120 28.71 -89.86 -81.17
C THR GA 120 28.30 -89.08 -79.93
N GLU GA 121 27.98 -89.77 -78.83
CA GLU GA 121 27.61 -89.06 -77.61
C GLU GA 121 28.78 -88.37 -76.94
N ILE GA 122 29.99 -88.94 -77.02
CA ILE GA 122 31.15 -88.24 -76.50
C ILE GA 122 31.30 -86.90 -77.20
N ASP GA 123 31.00 -86.87 -78.51
CA ASP GA 123 30.86 -85.60 -79.20
C ASP GA 123 29.69 -84.79 -78.66
N SER GA 124 28.55 -85.44 -78.39
CA SER GA 124 27.36 -84.70 -78.02
C SER GA 124 27.46 -84.07 -76.65
N ILE GA 125 28.06 -84.76 -75.68
CA ILE GA 125 28.27 -84.15 -74.37
C ILE GA 125 29.24 -82.98 -74.46
N GLY GA 126 30.30 -83.14 -75.24
CA GLY GA 126 31.30 -82.10 -75.39
C GLY GA 126 30.75 -80.81 -75.95
N ASN GA 127 29.79 -80.91 -76.87
CA ASN GA 127 29.20 -79.74 -77.50
C ASN GA 127 27.98 -79.22 -76.76
N SER GA 128 27.56 -79.84 -75.66
CA SER GA 128 26.32 -79.46 -75.00
C SER GA 128 26.56 -78.84 -73.64
N THR GA 129 27.51 -79.40 -72.88
CA THR GA 129 27.76 -78.97 -71.50
C THR GA 129 27.97 -77.46 -71.44
N ALA GA 130 27.09 -76.74 -70.75
CA ALA GA 130 27.12 -75.29 -70.76
C ALA GA 130 26.67 -74.77 -69.41
N PHE GA 131 27.05 -73.53 -69.13
CA PHE GA 131 26.66 -72.81 -67.92
C PHE GA 131 25.66 -71.74 -68.35
N GLY GA 132 24.39 -72.11 -68.43
CA GLY GA 132 23.38 -71.20 -68.92
C GLY GA 132 23.44 -71.08 -70.42
N ASN GA 133 24.46 -70.38 -70.93
CA ASN GA 133 24.59 -70.27 -72.39
C ASN GA 133 26.05 -70.35 -72.85
N THR GA 134 27.01 -70.59 -71.97
CA THR GA 134 28.42 -70.62 -72.33
C THR GA 134 28.90 -72.07 -72.32
N LYS GA 135 29.38 -72.54 -73.47
CA LYS GA 135 29.88 -73.90 -73.61
C LYS GA 135 31.23 -74.01 -72.91
N LEU GA 136 31.40 -75.02 -72.08
CA LEU GA 136 32.59 -75.12 -71.24
C LEU GA 136 33.62 -76.14 -71.71
N LEU GA 137 33.27 -77.02 -72.66
CA LEU GA 137 34.17 -78.09 -73.06
C LEU GA 137 34.57 -77.99 -74.52
N THR GA 138 34.40 -76.81 -75.14
CA THR GA 138 34.70 -76.65 -76.55
C THR GA 138 35.88 -75.71 -76.78
N GLY GA 139 36.72 -75.51 -75.78
CA GLY GA 139 37.98 -74.82 -75.95
C GLY GA 139 37.96 -73.34 -75.61
N THR GA 140 36.81 -72.78 -75.24
CA THR GA 140 36.79 -71.38 -74.86
C THR GA 140 37.43 -71.18 -73.49
N PHE GA 141 37.67 -72.29 -72.77
CA PHE GA 141 38.43 -72.24 -71.54
C PHE GA 141 39.78 -72.92 -71.70
N SER GA 142 40.28 -73.00 -72.94
CA SER GA 142 41.60 -73.54 -73.19
C SER GA 142 42.70 -72.71 -72.56
N ALA GA 143 42.61 -71.39 -72.65
CA ALA GA 143 43.52 -70.46 -71.97
C ALA GA 143 42.73 -69.92 -70.78
N GLY GA 144 43.08 -70.41 -69.59
CA GLY GA 144 42.30 -70.20 -68.38
C GLY GA 144 41.70 -68.83 -68.20
N LYS GA 145 40.40 -68.79 -67.88
CA LYS GA 145 39.75 -67.53 -67.59
C LYS GA 145 40.02 -67.11 -66.15
N VAL GA 146 39.66 -65.87 -65.83
CA VAL GA 146 40.11 -65.24 -64.59
C VAL GA 146 38.91 -64.83 -63.75
N PHE GA 147 38.98 -65.17 -62.46
CA PHE GA 147 38.04 -64.70 -61.45
C PHE GA 147 38.81 -63.96 -60.36
N GLN GA 148 38.26 -62.83 -59.90
CA GLN GA 148 38.90 -62.02 -58.87
C GLN GA 148 38.23 -62.30 -57.53
N VAL GA 149 39.03 -62.74 -56.55
CA VAL GA 149 38.50 -63.17 -55.26
C VAL GA 149 38.92 -62.23 -54.13
N GLY GA 150 39.68 -61.19 -54.43
CA GLY GA 150 40.07 -60.20 -53.45
C GLY GA 150 39.42 -58.87 -53.75
N HIS GA 151 39.83 -57.84 -53.00
CA HIS GA 151 39.32 -56.51 -53.22
C HIS GA 151 40.30 -55.58 -53.92
N GLN GA 152 41.44 -56.09 -54.35
CA GLN GA 152 42.43 -55.29 -55.06
C GLN GA 152 42.89 -56.03 -56.31
N GLU GA 153 43.57 -55.28 -57.18
CA GLU GA 153 44.06 -55.86 -58.42
C GLU GA 153 45.10 -56.93 -58.13
N GLY GA 154 45.11 -57.98 -58.95
CA GLY GA 154 46.07 -59.04 -58.83
C GLY GA 154 45.65 -60.20 -57.97
N GLU GA 155 44.51 -60.13 -57.30
CA GLU GA 155 44.01 -61.23 -56.48
C GLU GA 155 43.06 -62.06 -57.34
N ASP GA 156 43.62 -62.86 -58.24
CA ASP GA 156 42.84 -63.59 -59.22
C ASP GA 156 43.12 -65.08 -59.15
N ILE GA 157 42.13 -65.85 -59.60
CA ILE GA 157 42.24 -67.30 -59.73
C ILE GA 157 41.93 -67.66 -61.17
N LYS GA 158 42.70 -68.62 -61.71
CA LYS GA 158 42.59 -69.01 -63.11
C LYS GA 158 42.09 -70.44 -63.20
N VAL GA 159 41.05 -70.64 -64.01
CA VAL GA 159 40.46 -71.96 -64.23
C VAL GA 159 40.64 -72.33 -65.70
N THR GA 160 41.32 -73.43 -65.97
CA THR GA 160 41.60 -73.88 -67.33
C THR GA 160 40.91 -75.21 -67.58
N VAL GA 161 40.12 -75.28 -68.64
CA VAL GA 161 39.44 -76.51 -69.06
C VAL GA 161 39.80 -76.75 -70.51
N LYS GA 162 40.56 -77.82 -70.76
CA LYS GA 162 40.94 -78.13 -72.13
C LYS GA 162 39.77 -78.77 -72.87
N ALA GA 163 39.77 -78.63 -74.19
CA ALA GA 163 38.70 -79.17 -75.00
C ALA GA 163 38.69 -80.70 -74.94
N SER GA 164 37.51 -81.26 -74.80
CA SER GA 164 37.34 -82.71 -74.68
C SER GA 164 36.14 -83.15 -75.51
N ASN GA 165 36.40 -83.69 -76.68
CA ASN GA 165 35.37 -84.22 -77.58
C ASN GA 165 36.02 -85.34 -78.39
N LYS GA 166 35.28 -85.89 -79.35
CA LYS GA 166 35.73 -87.11 -80.01
C LYS GA 166 36.95 -86.86 -80.90
N THR GA 167 36.99 -85.74 -81.62
CA THR GA 167 38.18 -85.45 -82.43
C THR GA 167 39.37 -85.11 -81.55
N SER GA 168 39.12 -84.46 -80.40
CA SER GA 168 40.20 -84.11 -79.50
C SER GA 168 40.86 -85.35 -78.91
N LEU GA 169 40.05 -86.32 -78.48
CA LEU GA 169 40.56 -87.52 -77.81
C LEU GA 169 41.05 -88.57 -78.78
N SER GA 170 41.24 -88.21 -80.05
CA SER GA 170 41.75 -89.12 -81.08
C SER GA 170 40.86 -90.37 -81.21
N VAL GA 171 39.56 -90.13 -81.25
CA VAL GA 171 38.59 -91.18 -81.58
C VAL GA 171 37.67 -90.64 -82.65
N GLY GA 172 36.95 -91.54 -83.34
CA GLY GA 172 36.10 -91.12 -84.42
C GLY GA 172 36.30 -92.01 -85.63
N ALA GA 173 37.48 -92.63 -85.71
CA ALA GA 173 37.78 -93.64 -86.71
C ALA GA 173 38.36 -94.84 -85.99
N LEU GA 174 37.50 -95.77 -85.58
CA LEU GA 174 37.91 -96.97 -84.87
C LEU GA 174 37.32 -98.18 -85.58
N ASN GA 175 38.17 -98.98 -86.21
CA ASN GA 175 37.75 -100.20 -86.87
C ASN GA 175 38.22 -101.41 -86.07
N ASN GA 176 37.63 -102.56 -86.36
CA ASN GA 176 37.99 -103.80 -85.69
C ASN GA 176 38.02 -105.00 -86.63
N ALA GA 177 38.37 -104.79 -87.90
CA ALA GA 177 38.38 -105.87 -88.88
C ALA GA 177 39.68 -106.66 -88.83
N THR GA 178 40.80 -106.02 -89.09
CA THR GA 178 42.08 -106.71 -89.18
C THR GA 178 42.74 -106.85 -87.82
N SER GA 179 43.83 -107.62 -87.75
CA SER GA 179 44.55 -107.76 -86.50
C SER GA 179 45.15 -106.43 -86.05
N ALA GA 180 45.74 -105.69 -86.99
CA ALA GA 180 46.38 -104.42 -86.65
C ALA GA 180 45.35 -103.37 -86.25
N ASN GA 181 44.13 -103.46 -86.80
CA ASN GA 181 43.11 -102.47 -86.50
C ASN GA 181 42.71 -102.49 -85.04
N ARG GA 182 42.54 -103.67 -84.47
CA ARG GA 182 42.14 -103.76 -83.06
C ARG GA 182 43.26 -103.33 -82.12
N ALA GA 183 44.51 -103.67 -82.46
CA ALA GA 183 45.62 -103.28 -81.59
C ALA GA 183 45.77 -101.77 -81.52
N SER GA 184 45.61 -101.08 -82.65
CA SER GA 184 45.72 -99.62 -82.66
C SER GA 184 44.55 -98.99 -81.91
N SER GA 185 43.36 -99.56 -82.03
CA SER GA 185 42.19 -98.99 -81.36
C SER GA 185 42.32 -99.08 -79.85
N LEU GA 186 42.86 -100.18 -79.34
CA LEU GA 186 42.97 -100.35 -77.89
C LEU GA 186 43.89 -99.32 -77.26
N ALA GA 187 45.00 -98.99 -77.92
CA ALA GA 187 45.94 -98.03 -77.35
C ALA GA 187 45.32 -96.64 -77.24
N LYS GA 188 44.55 -96.24 -78.25
CA LYS GA 188 43.99 -94.88 -78.25
C LYS GA 188 42.95 -94.71 -77.16
N ILE GA 189 42.15 -95.74 -76.89
CA ILE GA 189 41.17 -95.66 -75.82
C ILE GA 189 41.87 -95.54 -74.47
N ASP GA 190 42.93 -96.31 -74.25
CA ASP GA 190 43.67 -96.22 -73.00
C ASP GA 190 44.27 -94.84 -72.81
N ALA GA 191 44.83 -94.26 -73.88
CA ALA GA 191 45.34 -92.90 -73.80
C ALA GA 191 44.23 -91.90 -73.54
N ALA GA 192 43.02 -92.19 -74.03
CA ALA GA 192 41.89 -91.28 -73.81
C ALA GA 192 41.52 -91.20 -72.33
N ILE GA 193 41.50 -92.34 -71.64
CA ILE GA 193 41.14 -92.33 -70.23
C ILE GA 193 42.19 -91.57 -69.42
N LYS GA 194 43.47 -91.71 -69.77
CA LYS GA 194 44.51 -90.98 -69.05
C LYS GA 194 44.34 -89.49 -69.18
N THR GA 195 44.02 -89.00 -70.38
CA THR GA 195 43.88 -87.56 -70.59
C THR GA 195 42.72 -87.00 -69.77
N ILE GA 196 41.59 -87.70 -69.74
CA ILE GA 196 40.45 -87.23 -68.94
C ILE GA 196 40.80 -87.27 -67.46
N ASP GA 197 41.52 -88.31 -67.03
CA ASP GA 197 41.87 -88.44 -65.63
C ASP GA 197 42.71 -87.26 -65.15
N SER GA 198 43.69 -86.86 -65.95
CA SER GA 198 44.52 -85.71 -65.58
C SER GA 198 43.71 -84.43 -65.53
N GLN GA 199 42.73 -84.29 -66.44
CA GLN GA 199 41.90 -83.10 -66.46
C GLN GA 199 41.05 -82.99 -65.20
N ARG GA 200 40.50 -84.13 -64.74
CA ARG GA 200 39.68 -84.11 -63.53
C ARG GA 200 40.51 -83.73 -62.32
N ALA GA 201 41.74 -84.23 -62.23
CA ALA GA 201 42.61 -83.89 -61.10
C ALA GA 201 42.91 -82.41 -61.08
N ASP GA 202 43.14 -81.80 -62.25
CA ASP GA 202 43.41 -80.37 -62.30
C ASP GA 202 42.21 -79.55 -61.82
N LEU GA 203 40.99 -79.95 -62.21
CA LEU GA 203 39.82 -79.22 -61.77
C LEU GA 203 39.53 -79.43 -60.28
N GLY GA 204 39.81 -80.62 -59.76
CA GLY GA 204 39.61 -80.86 -58.34
C GLY GA 204 40.54 -80.03 -57.47
N ALA GA 205 41.79 -79.85 -57.91
CA ALA GA 205 42.73 -79.06 -57.13
C ALA GA 205 42.29 -77.61 -57.01
N VAL GA 206 41.74 -77.05 -58.08
CA VAL GA 206 41.31 -75.65 -58.06
C VAL GA 206 40.18 -75.44 -57.06
N GLN GA 207 39.21 -76.35 -57.05
CA GLN GA 207 38.07 -76.17 -56.14
C GLN GA 207 38.43 -76.53 -54.70
N ASN GA 208 39.41 -77.42 -54.49
CA ASN GA 208 40.01 -77.51 -53.17
C ASN GA 208 40.72 -76.20 -52.82
N ARG GA 209 41.39 -75.60 -53.80
CA ARG GA 209 42.04 -74.31 -53.58
C ARG GA 209 41.02 -73.22 -53.28
N LEU GA 210 39.93 -73.17 -54.03
CA LEU GA 210 38.94 -72.10 -53.83
C LEU GA 210 38.23 -72.21 -52.49
N ALA GA 211 38.03 -73.42 -51.98
CA ALA GA 211 37.34 -73.58 -50.71
C ALA GA 211 38.11 -72.90 -49.57
N HIS GA 212 39.44 -72.93 -49.62
CA HIS GA 212 40.23 -72.33 -48.55
C HIS GA 212 40.21 -70.81 -48.61
N ASN GA 213 40.05 -70.23 -49.80
CA ASN GA 213 39.91 -68.78 -49.91
C ASN GA 213 38.65 -68.29 -49.20
N ILE GA 214 37.53 -69.00 -49.38
CA ILE GA 214 36.27 -68.57 -48.79
C ILE GA 214 36.36 -68.59 -47.28
N SER GA 215 36.92 -69.65 -46.71
CA SER GA 215 37.05 -69.73 -45.25
C SER GA 215 37.94 -68.60 -44.73
N ASN GA 216 39.06 -68.35 -45.43
CA ASN GA 216 39.93 -67.26 -45.02
C ASN GA 216 39.25 -65.91 -45.15
N SER GA 217 38.51 -65.69 -46.25
CA SER GA 217 37.82 -64.42 -46.44
C SER GA 217 36.70 -64.23 -45.42
N ALA GA 218 36.02 -65.30 -45.03
CA ALA GA 218 34.99 -65.17 -44.00
C ALA GA 218 35.59 -64.77 -42.66
N ASN GA 219 36.75 -65.34 -42.31
CA ASN GA 219 37.41 -64.97 -41.06
C ASN GA 219 37.87 -63.51 -41.08
N THR GA 220 38.55 -63.10 -42.15
CA THR GA 220 39.09 -61.74 -42.19
C THR GA 220 37.98 -60.70 -42.24
N GLN GA 221 36.82 -61.05 -42.79
CA GLN GA 221 35.71 -60.10 -42.81
C GLN GA 221 35.24 -59.76 -41.41
N ALA GA 222 35.16 -60.77 -40.53
CA ALA GA 222 34.70 -60.52 -39.17
C ALA GA 222 35.65 -59.63 -38.40
N ASN GA 223 36.95 -59.87 -38.53
CA ASN GA 223 37.93 -59.06 -37.81
C ASN GA 223 37.97 -57.61 -38.29
N VAL GA 224 37.81 -57.38 -39.58
CA VAL GA 224 37.75 -56.00 -40.07
C VAL GA 224 36.50 -55.30 -39.56
N ALA GA 225 35.39 -56.02 -39.44
CA ALA GA 225 34.18 -55.44 -38.86
C ALA GA 225 34.42 -55.02 -37.41
N ASP GA 226 35.19 -55.81 -36.67
CA ASP GA 226 35.60 -55.39 -35.33
C ASP GA 226 36.35 -54.06 -35.37
N ALA GA 227 37.36 -53.97 -36.23
CA ALA GA 227 38.19 -52.77 -36.27
C ALA GA 227 37.38 -51.55 -36.68
N LYS GA 228 36.46 -51.73 -37.64
CA LYS GA 228 35.68 -50.61 -38.15
C LYS GA 228 34.66 -50.09 -37.14
N SER GA 229 34.11 -50.96 -36.29
CA SER GA 229 33.10 -50.50 -35.34
C SER GA 229 33.71 -49.70 -34.20
N ARG GA 230 34.94 -50.03 -33.79
CA ARG GA 230 35.55 -49.30 -32.68
C ARG GA 230 35.79 -47.84 -33.04
N ILE GA 231 35.82 -47.52 -34.33
CA ILE GA 231 36.15 -46.17 -34.76
C ILE GA 231 34.91 -45.32 -34.97
N VAL GA 232 33.88 -45.87 -35.60
CA VAL GA 232 32.74 -45.06 -36.03
C VAL GA 232 31.48 -45.26 -35.20
N ASP GA 233 31.43 -46.28 -34.36
CA ASP GA 233 30.20 -46.64 -33.65
C ASP GA 233 30.21 -46.08 -32.24
N VAL GA 234 29.02 -45.73 -31.76
CA VAL GA 234 28.87 -45.16 -30.42
C VAL GA 234 28.76 -46.28 -29.39
N ASP GA 235 29.16 -45.97 -28.17
CA ASP GA 235 28.92 -46.83 -27.02
C ASP GA 235 27.76 -46.21 -26.24
N PHE GA 236 26.65 -46.94 -26.17
CA PHE GA 236 25.45 -46.38 -25.55
C PHE GA 236 25.66 -46.09 -24.08
N ALA GA 237 26.51 -46.86 -23.40
CA ALA GA 237 26.82 -46.59 -22.01
C ALA GA 237 27.45 -45.21 -21.88
N LYS GA 238 28.40 -44.92 -22.77
CA LYS GA 238 29.02 -43.59 -22.79
C LYS GA 238 28.00 -42.52 -23.18
N GLU GA 239 27.19 -42.79 -24.20
CA GLU GA 239 26.33 -41.76 -24.75
C GLU GA 239 25.14 -41.47 -23.83
N THR GA 240 24.54 -42.51 -23.25
CA THR GA 240 23.37 -42.30 -22.41
C THR GA 240 23.72 -41.46 -21.19
N SER GA 241 24.88 -41.70 -20.58
CA SER GA 241 25.29 -40.91 -19.43
C SER GA 241 25.45 -39.44 -19.82
N ALA GA 242 26.05 -39.17 -20.97
CA ALA GA 242 26.22 -37.78 -21.41
C ALA GA 242 24.88 -37.11 -21.68
N MET GA 243 23.93 -37.83 -22.29
CA MET GA 243 22.63 -37.26 -22.59
C MET GA 243 21.89 -36.87 -21.32
N THR GA 244 21.84 -37.77 -20.34
CA THR GA 244 21.28 -37.42 -19.04
C THR GA 244 22.12 -36.37 -18.34
N LYS GA 245 23.41 -36.31 -18.66
CA LYS GA 245 24.31 -35.38 -17.99
C LYS GA 245 23.92 -33.95 -18.33
N TYR GA 246 23.59 -33.70 -19.60
CA TYR GA 246 23.26 -32.37 -20.10
C TYR GA 246 21.82 -31.97 -19.82
N GLN GA 247 20.91 -32.93 -19.64
CA GLN GA 247 19.54 -32.60 -19.32
C GLN GA 247 19.44 -31.84 -18.01
N VAL GA 248 20.20 -32.29 -17.01
CA VAL GA 248 20.21 -31.60 -15.72
C VAL GA 248 20.79 -30.20 -15.87
N LEU GA 249 21.87 -30.07 -16.65
CA LEU GA 249 22.49 -28.76 -16.84
C LEU GA 249 21.54 -27.78 -17.53
N GLN GA 250 20.67 -28.27 -18.40
CA GLN GA 250 19.72 -27.40 -19.08
C GLN GA 250 18.73 -26.79 -18.10
N GLN GA 251 18.13 -27.63 -17.24
CA GLN GA 251 17.18 -27.12 -16.27
C GLN GA 251 17.87 -26.23 -15.24
N THR GA 252 19.11 -26.55 -14.88
CA THR GA 252 19.88 -25.66 -14.02
C THR GA 252 20.14 -24.33 -14.70
N GLY GA 253 20.51 -24.35 -15.98
CA GLY GA 253 20.76 -23.11 -16.69
C GLY GA 253 19.53 -22.24 -16.86
N SER GA 254 18.38 -22.86 -17.10
CA SER GA 254 17.15 -22.09 -17.28
C SER GA 254 16.71 -21.39 -16.00
N ALA GA 255 16.81 -22.07 -14.86
CA ALA GA 255 16.46 -21.43 -13.59
C ALA GA 255 17.42 -20.30 -13.24
N MET GA 256 18.71 -20.49 -13.49
CA MET GA 256 19.68 -19.44 -13.21
C MET GA 256 19.46 -18.22 -14.10
N LEU GA 257 19.16 -18.45 -15.39
CA LEU GA 257 18.96 -17.33 -16.31
C LEU GA 257 17.69 -16.56 -15.98
N ALA GA 258 16.59 -17.27 -15.68
CA ALA GA 258 15.36 -16.58 -15.34
C ALA GA 258 15.52 -15.74 -14.08
N GLN GA 259 16.22 -16.27 -13.08
CA GLN GA 259 16.39 -15.55 -11.83
C GLN GA 259 17.40 -14.42 -11.98
N ALA GA 260 18.38 -14.57 -12.86
CA ALA GA 260 19.35 -13.50 -13.07
C ALA GA 260 18.75 -12.34 -13.84
N ASN GA 261 17.67 -12.59 -14.58
CA ASN GA 261 17.04 -11.53 -15.36
C ASN GA 261 16.37 -10.49 -14.49
N GLN GA 262 15.89 -10.85 -13.31
CA GLN GA 262 15.21 -9.91 -12.42
C GLN GA 262 16.12 -9.33 -11.36
N LEU GA 263 17.44 -9.39 -11.56
CA LEU GA 263 18.39 -8.66 -10.74
C LEU GA 263 18.18 -7.14 -10.79
N PRO GA 264 17.98 -6.51 -11.95
CA PRO GA 264 17.87 -5.05 -11.97
C PRO GA 264 16.65 -4.49 -11.27
N GLN GA 265 15.71 -5.33 -10.83
CA GLN GA 265 14.54 -4.81 -10.12
C GLN GA 265 14.88 -4.25 -8.75
N VAL GA 266 16.11 -4.46 -8.26
CA VAL GA 266 16.53 -3.83 -7.01
C VAL GA 266 16.50 -2.32 -7.15
N ALA GA 267 16.78 -1.80 -8.35
CA ALA GA 267 16.79 -0.35 -8.57
C ALA GA 267 15.44 0.29 -8.30
N LEU GA 268 14.35 -0.45 -8.43
CA LEU GA 268 13.02 0.08 -8.13
C LEU GA 268 12.78 0.25 -6.64
N SER GA 269 13.52 -0.48 -5.79
CA SER GA 269 13.32 -0.33 -4.35
C SER GA 269 13.82 1.01 -3.86
N LEU GA 270 14.87 1.55 -4.47
CA LEU GA 270 15.45 2.82 -4.00
C LEU GA 270 14.73 3.99 -4.67
N LEU GA 271 13.42 4.02 -4.49
CA LEU GA 271 12.58 5.14 -4.90
C LEU GA 271 12.76 5.43 -6.38
N GLY GA 272 12.31 4.52 -7.23
CA GLY GA 272 12.34 4.72 -8.67
C GLY GA 272 13.72 4.91 -9.26
N ALA HA 1 23.57 50.41 9.40
CA ALA HA 1 23.56 49.41 8.34
C ALA HA 1 22.13 48.96 8.04
N ILE HA 2 21.20 49.91 8.02
CA ILE HA 2 19.81 49.60 7.69
C ILE HA 2 19.43 50.29 6.40
N THR HA 3 19.48 49.55 5.29
CA THR HA 3 19.24 50.13 3.98
C THR HA 3 17.95 49.59 3.37
N VAL HA 4 17.39 50.36 2.44
CA VAL HA 4 16.15 49.97 1.78
C VAL HA 4 16.32 50.04 0.27
N ASN HA 5 17.57 50.08 -0.20
CA ASN HA 5 17.84 50.11 -1.63
C ASN HA 5 18.52 48.85 -2.14
N THR HA 6 19.35 48.19 -1.34
CA THR HA 6 19.99 46.95 -1.74
C THR HA 6 19.84 45.91 -0.63
N ASN HA 7 19.55 44.67 -1.03
CA ASN HA 7 19.43 43.55 -0.11
C ASN HA 7 20.45 42.49 -0.53
N VAL HA 8 21.67 42.63 -0.03
CA VAL HA 8 22.73 41.69 -0.37
C VAL HA 8 22.46 40.32 0.21
N THR HA 9 21.75 40.27 1.34
CA THR HA 9 21.35 38.97 1.89
C THR HA 9 20.50 38.21 0.89
N SER HA 10 19.60 38.90 0.21
CA SER HA 10 18.80 38.27 -0.84
C SER HA 10 19.67 37.81 -2.00
N MET HA 11 20.65 38.63 -2.38
CA MET HA 11 21.51 38.28 -3.51
C MET HA 11 22.27 36.99 -3.25
N LYS HA 12 22.84 36.85 -2.05
CA LYS HA 12 23.53 35.61 -1.71
C LYS HA 12 22.55 34.45 -1.60
N ALA HA 13 21.36 34.69 -1.04
CA ALA HA 13 20.37 33.63 -0.92
C ALA HA 13 19.90 33.15 -2.29
N GLN HA 14 19.74 34.07 -3.25
CA GLN HA 14 19.28 33.67 -4.57
C GLN HA 14 20.27 32.73 -5.25
N LYS HA 15 21.56 33.02 -5.12
CA LYS HA 15 22.58 32.20 -5.77
C LYS HA 15 22.57 30.77 -5.25
N ASN HA 16 22.40 30.61 -3.94
CA ASN HA 16 22.40 29.28 -3.35
C ASN HA 16 21.20 28.47 -3.84
N LEU HA 17 20.05 29.11 -3.98
CA LEU HA 17 18.87 28.41 -4.48
C LEU HA 17 19.06 27.96 -5.92
N ASN HA 18 19.71 28.79 -6.74
CA ASN HA 18 19.95 28.42 -8.13
C ASN HA 18 20.86 27.20 -8.23
N THR HA 19 21.90 27.15 -7.40
CA THR HA 19 22.80 26.00 -7.41
C THR HA 19 22.09 24.72 -7.01
N SER HA 20 21.25 24.77 -5.97
CA SER HA 20 20.54 23.60 -5.53
C SER HA 20 19.48 23.14 -6.53
N ASN HA 21 18.86 24.07 -7.25
CA ASN HA 21 17.90 23.71 -8.28
C ASN HA 21 18.56 23.06 -9.49
N SER HA 22 19.73 23.57 -9.88
CA SER HA 22 20.44 22.99 -11.03
C SER HA 22 20.94 21.58 -10.74
N GLY HA 23 21.40 21.33 -9.51
CA GLY HA 23 21.83 20.01 -9.13
C GLY HA 23 20.70 19.01 -9.09
N LEU HA 24 19.52 19.44 -8.66
CA LEU HA 24 18.35 18.57 -8.67
C LEU HA 24 17.96 18.20 -10.10
N SER HA 25 18.02 19.16 -11.01
CA SER HA 25 17.62 18.91 -12.39
C SER HA 25 18.55 17.89 -13.06
N THR HA 26 19.86 18.06 -12.88
CA THR HA 26 20.80 17.17 -13.55
C THR HA 26 20.72 15.74 -13.01
N SER HA 27 20.32 15.58 -11.75
CA SER HA 27 20.19 14.24 -11.20
C SER HA 27 18.99 13.50 -11.77
N MET HA 28 17.90 14.22 -12.08
CA MET HA 28 16.70 13.55 -12.60
C MET HA 28 16.95 13.00 -14.01
N GLU HA 29 17.63 13.76 -14.86
CA GLU HA 29 17.85 13.29 -16.23
C GLU HA 29 18.82 12.12 -16.28
N ARG HA 30 19.81 12.09 -15.38
CA ARG HA 30 20.65 10.91 -15.28
C ARG HA 30 19.86 9.69 -14.82
N LEU HA 31 18.92 9.88 -13.90
CA LEU HA 31 18.07 8.77 -13.45
C LEU HA 31 17.03 8.38 -14.48
N SER HA 32 16.54 9.33 -15.28
CA SER HA 32 15.47 9.02 -16.24
C SER HA 32 15.99 8.24 -17.44
N SER HA 33 17.28 8.36 -17.76
CA SER HA 33 17.87 7.63 -18.88
C SER HA 33 18.74 6.48 -18.41
N GLY HA 34 19.63 6.71 -17.47
CA GLY HA 34 20.47 5.65 -16.96
C GLY HA 34 21.91 5.78 -17.42
N LEU HA 35 22.29 6.98 -17.85
CA LEU HA 35 23.63 7.23 -18.34
C LEU HA 35 24.25 8.38 -17.57
N ARG HA 36 25.48 8.17 -17.09
CA ARG HA 36 26.21 9.25 -16.44
C ARG HA 36 26.67 10.30 -17.44
N ILE HA 37 27.23 9.88 -18.56
CA ILE HA 37 27.68 10.82 -19.59
C ILE HA 37 26.56 11.06 -20.59
N ASN HA 38 25.65 11.96 -20.25
CA ASN HA 38 24.58 12.33 -21.16
C ASN HA 38 25.12 13.26 -22.24
N SER HA 39 25.77 14.34 -21.82
CA SER HA 39 26.37 15.29 -22.74
C SER HA 39 27.88 15.37 -22.51
N ALA HA 40 28.52 16.29 -23.23
CA ALA HA 40 29.95 16.52 -23.08
C ALA HA 40 30.28 17.38 -21.87
N LYS HA 41 29.28 17.73 -21.05
CA LYS HA 41 29.57 18.39 -19.79
C LYS HA 41 30.50 17.53 -18.96
N ASP HA 42 30.23 16.23 -18.90
CA ASP HA 42 30.91 15.25 -18.07
C ASP HA 42 32.22 14.82 -18.70
N ASP HA 43 32.73 13.67 -18.28
CA ASP HA 43 34.04 13.20 -18.71
C ASP HA 43 34.22 13.32 -20.21
N ALA HA 44 35.13 14.21 -20.62
CA ALA HA 44 35.41 14.38 -22.04
C ALA HA 44 36.11 13.15 -22.59
N ALA HA 45 37.02 12.56 -21.82
CA ALA HA 45 37.71 11.35 -22.25
C ALA HA 45 36.82 10.11 -22.16
N GLY HA 46 35.83 10.12 -21.27
CA GLY HA 46 34.99 8.95 -21.11
C GLY HA 46 34.17 8.65 -22.36
N LEU HA 47 33.59 9.69 -22.96
CA LEU HA 47 32.75 9.48 -24.13
C LEU HA 47 33.57 9.01 -25.33
N ALA HA 48 34.80 9.52 -25.46
CA ALA HA 48 35.67 9.09 -26.54
C ALA HA 48 36.02 7.61 -26.39
N ILE HA 49 36.36 7.19 -25.17
CA ILE HA 49 36.68 5.77 -24.94
C ILE HA 49 35.45 4.91 -25.18
N SER HA 50 34.29 5.36 -24.71
CA SER HA 50 33.07 4.58 -24.84
C SER HA 50 32.70 4.35 -26.30
N ASN HA 51 33.01 5.32 -27.17
CA ASN HA 51 32.67 5.18 -28.58
C ASN HA 51 33.44 4.02 -29.21
N ARG HA 52 34.72 3.89 -28.90
CA ARG HA 52 35.48 2.76 -29.41
C ARG HA 52 35.04 1.44 -28.78
N LEU HA 53 34.71 1.44 -27.49
CA LEU HA 53 34.16 0.24 -26.88
C LEU HA 53 32.81 -0.13 -27.48
N ASN HA 54 32.00 0.88 -27.80
CA ASN HA 54 30.73 0.60 -28.48
C ASN HA 54 30.97 -0.03 -29.84
N SER HA 55 31.99 0.44 -30.57
CA SER HA 55 32.30 -0.15 -31.85
C SER HA 55 32.72 -1.61 -31.71
N GLN HA 56 33.49 -1.95 -30.68
CA GLN HA 56 33.92 -3.33 -30.49
C GLN HA 56 32.73 -4.23 -30.16
N VAL HA 57 31.82 -3.76 -29.31
CA VAL HA 57 30.67 -4.58 -28.92
C VAL HA 57 29.78 -4.86 -30.12
N ARG HA 58 29.42 -3.80 -30.86
CA ARG HA 58 28.59 -3.98 -32.04
C ARG HA 58 29.38 -4.64 -33.17
N GLY HA 59 30.68 -4.35 -33.26
CA GLY HA 59 31.49 -4.99 -34.28
C GLY HA 59 31.56 -6.49 -34.12
N LEU HA 60 31.72 -6.96 -32.88
CA LEU HA 60 31.75 -8.40 -32.64
C LEU HA 60 30.40 -9.04 -32.96
N GLU HA 61 29.30 -8.38 -32.62
CA GLU HA 61 27.98 -8.96 -32.84
C GLU HA 61 27.74 -9.25 -34.32
N VAL HA 62 28.12 -8.32 -35.19
CA VAL HA 62 28.03 -8.58 -36.62
C VAL HA 62 29.04 -9.65 -37.03
N GLY HA 63 30.21 -9.66 -36.39
CA GLY HA 63 31.20 -10.68 -36.70
C GLY HA 63 30.75 -12.08 -36.32
N MET HA 64 29.98 -12.19 -35.23
CA MET HA 64 29.44 -13.49 -34.84
C MET HA 64 28.53 -14.05 -35.93
N ARG HA 65 27.59 -13.23 -36.43
CA ARG HA 65 26.72 -13.69 -37.49
C ARG HA 65 27.49 -13.95 -38.78
N ASN HA 66 28.60 -13.24 -38.98
CA ASN HA 66 29.43 -13.47 -40.15
C ASN HA 66 30.00 -14.89 -40.17
N ALA HA 67 30.41 -15.40 -39.01
CA ALA HA 67 30.97 -16.74 -38.91
C ALA HA 67 29.92 -17.84 -38.88
N ASN HA 68 28.73 -17.58 -38.31
CA ASN HA 68 27.66 -18.55 -38.40
C ASN HA 68 27.25 -18.83 -39.83
N ASP HA 69 27.36 -17.84 -40.72
CA ASP HA 69 27.14 -18.04 -42.14
C ASP HA 69 28.18 -18.96 -42.76
N ALA HA 70 29.45 -18.81 -42.38
CA ALA HA 70 30.49 -19.66 -42.94
C ALA HA 70 30.32 -21.11 -42.51
N ILE HA 71 29.82 -21.33 -41.29
CA ILE HA 71 29.59 -22.68 -40.79
C ILE HA 71 28.55 -23.37 -41.65
N SER HA 72 27.48 -22.65 -41.99
CA SER HA 72 26.41 -23.24 -42.77
C SER HA 72 26.87 -23.62 -44.17
N ILE HA 73 27.71 -22.78 -44.81
CA ILE HA 73 28.22 -23.12 -46.12
C ILE HA 73 29.05 -24.40 -46.07
N ALA HA 74 29.97 -24.49 -45.11
CA ALA HA 74 30.76 -25.70 -44.95
C ALA HA 74 29.91 -26.91 -44.60
N GLN HA 75 28.79 -26.68 -43.91
CA GLN HA 75 27.92 -27.79 -43.54
C GLN HA 75 27.24 -28.39 -44.76
N ILE HA 76 26.79 -27.55 -45.69
CA ILE HA 76 26.07 -28.06 -46.87
C ILE HA 76 27.02 -28.80 -47.80
N ALA HA 77 28.21 -28.25 -48.04
CA ALA HA 77 29.15 -28.88 -48.95
C ALA HA 77 29.58 -30.25 -48.42
N GLU HA 78 29.80 -30.34 -47.11
CA GLU HA 78 30.18 -31.62 -46.50
C GLU HA 78 29.08 -32.66 -46.68
N GLY HA 79 27.82 -32.24 -46.51
CA GLY HA 79 26.72 -33.18 -46.64
C GLY HA 79 26.61 -33.77 -48.04
N ALA HA 80 26.83 -32.94 -49.06
CA ALA HA 80 26.73 -33.43 -50.43
C ALA HA 80 27.84 -34.41 -50.78
N MET HA 81 29.05 -34.19 -50.26
CA MET HA 81 30.16 -35.09 -50.60
C MET HA 81 29.97 -36.47 -49.98
N GLN HA 82 29.18 -36.58 -48.91
CA GLN HA 82 28.91 -37.89 -48.33
C GLN HA 82 28.16 -38.78 -49.32
N GLU HA 83 27.18 -38.21 -50.02
CA GLU HA 83 26.40 -39.01 -50.96
C GLU HA 83 27.23 -39.40 -52.18
N GLN HA 84 28.18 -38.56 -52.59
CA GLN HA 84 29.07 -38.93 -53.68
C GLN HA 84 29.97 -40.10 -53.27
N THR HA 85 30.34 -40.16 -51.99
CA THR HA 85 31.18 -41.27 -51.53
C THR HA 85 30.44 -42.59 -51.57
N ASN HA 86 29.16 -42.62 -51.17
CA ASN HA 86 28.41 -43.87 -51.20
C ASN HA 86 28.21 -44.41 -52.60
N MET HA 87 27.90 -43.56 -53.57
CA MET HA 87 27.75 -44.03 -54.94
C MET HA 87 29.06 -44.49 -55.54
N LEU HA 88 30.18 -43.87 -55.17
CA LEU HA 88 31.48 -44.35 -55.64
C LEU HA 88 31.80 -45.73 -55.11
N GLN HA 89 31.38 -46.03 -53.87
CA GLN HA 89 31.60 -47.37 -53.33
C GLN HA 89 30.83 -48.41 -54.11
N ARG HA 90 29.60 -48.09 -54.53
CA ARG HA 90 28.83 -49.03 -55.33
C ARG HA 90 29.47 -49.28 -56.69
N MET HA 91 30.13 -48.27 -57.26
CA MET HA 91 30.85 -48.49 -58.51
C MET HA 91 32.02 -49.46 -58.32
N ARG HA 92 32.66 -49.44 -57.16
CA ARG HA 92 33.74 -50.40 -56.89
C ARG HA 92 33.21 -51.83 -56.91
N ASP HA 93 32.05 -52.08 -56.29
CA ASP HA 93 31.50 -53.42 -56.27
C ASP HA 93 31.14 -53.91 -57.67
N LEU HA 94 30.58 -53.04 -58.51
CA LEU HA 94 30.24 -53.43 -59.86
C LEU HA 94 31.47 -53.79 -60.69
N THR HA 95 32.56 -53.03 -60.54
CA THR HA 95 33.80 -53.38 -61.19
C THR HA 95 34.36 -54.72 -60.73
N ILE HA 96 34.29 -54.99 -59.42
CA ILE HA 96 34.68 -56.30 -58.92
C ILE HA 96 33.73 -57.37 -59.43
N GLN HA 97 32.42 -57.09 -59.43
CA GLN HA 97 31.44 -58.05 -59.94
C GLN HA 97 31.57 -58.27 -61.44
N SER HA 98 32.08 -57.29 -62.18
CA SER HA 98 32.20 -57.41 -63.62
C SER HA 98 33.41 -58.21 -64.06
N GLU HA 99 34.05 -58.96 -63.16
CA GLU HA 99 35.29 -59.64 -63.48
C GLU HA 99 35.09 -61.15 -63.47
N ASN HA 100 33.84 -61.61 -63.36
CA ASN HA 100 33.55 -63.04 -63.46
C ASN HA 100 33.93 -63.58 -64.83
N GLY HA 101 34.37 -64.82 -64.86
CA GLY HA 101 34.62 -65.51 -66.11
C GLY HA 101 33.41 -66.25 -66.61
N ALA HA 102 32.32 -66.24 -65.84
CA ALA HA 102 31.08 -66.85 -66.24
C ALA HA 102 30.10 -65.85 -66.83
N ASN HA 103 30.48 -64.59 -66.94
CA ASN HA 103 29.62 -63.58 -67.54
C ASN HA 103 29.65 -63.75 -69.06
N SER HA 104 28.99 -62.86 -69.77
CA SER HA 104 29.01 -62.87 -71.22
C SER HA 104 29.06 -61.43 -71.71
N THR HA 105 29.14 -61.28 -73.03
CA THR HA 105 29.21 -59.93 -73.60
C THR HA 105 27.94 -59.14 -73.28
N ALA HA 106 26.78 -59.79 -73.34
CA ALA HA 106 25.54 -59.12 -72.99
C ALA HA 106 25.45 -58.80 -71.51
N ASP HA 107 26.07 -59.62 -70.65
CA ASP HA 107 26.03 -59.37 -69.21
C ASP HA 107 26.85 -58.14 -68.83
N LEU HA 108 28.00 -57.96 -69.47
CA LEU HA 108 28.85 -56.80 -69.17
C LEU HA 108 28.18 -55.49 -69.57
N VAL HA 109 27.36 -55.51 -70.62
CA VAL HA 109 26.66 -54.31 -71.03
C VAL HA 109 25.65 -53.86 -69.98
N SER HA 110 24.92 -54.80 -69.38
CA SER HA 110 23.96 -54.45 -68.35
C SER HA 110 24.62 -53.81 -67.13
N ILE HA 111 25.80 -54.31 -66.74
CA ILE HA 111 26.51 -53.73 -65.60
C ILE HA 111 26.96 -52.31 -65.94
N LYS HA 112 27.42 -52.09 -67.17
CA LYS HA 112 27.83 -50.75 -67.56
C LYS HA 112 26.66 -49.77 -67.57
N ALA HA 113 25.47 -50.22 -67.99
CA ALA HA 113 24.30 -49.37 -67.98
C ALA HA 113 23.93 -48.89 -66.58
N GLU HA 114 24.36 -49.59 -65.55
CA GLU HA 114 24.19 -49.16 -64.17
C GLU HA 114 25.28 -48.20 -63.74
N MET HA 115 26.55 -48.53 -64.02
CA MET HA 115 27.64 -47.62 -63.72
C MET HA 115 27.45 -46.27 -64.40
N ASP HA 116 26.90 -46.29 -65.62
CA ASP HA 116 26.76 -45.07 -66.39
C ASP HA 116 25.82 -44.08 -65.72
N GLN HA 117 24.70 -44.56 -65.18
CA GLN HA 117 23.76 -43.67 -64.52
C GLN HA 117 24.24 -43.18 -63.16
N LEU HA 118 25.02 -43.97 -62.44
CA LEU HA 118 25.58 -43.50 -61.19
C LEU HA 118 26.55 -42.34 -61.39
N ALA HA 119 27.35 -42.37 -62.44
CA ALA HA 119 28.23 -41.26 -62.75
C ALA HA 119 27.48 -40.01 -63.14
N THR HA 120 26.27 -40.16 -63.71
CA THR HA 120 25.47 -38.99 -64.06
C THR HA 120 25.03 -38.21 -62.82
N GLU HA 121 24.68 -38.90 -61.73
CA GLU HA 121 24.30 -38.19 -60.51
C GLU HA 121 25.47 -37.51 -59.82
N ILE HA 122 26.67 -38.09 -59.88
CA ILE HA 122 27.83 -37.40 -59.33
C ILE HA 122 28.00 -36.05 -60.04
N ASP HA 123 27.73 -36.02 -61.33
CA ASP HA 123 27.61 -34.74 -62.04
C ASP HA 123 26.42 -33.93 -61.52
N SER HA 124 25.29 -34.58 -61.27
CA SER HA 124 24.07 -33.83 -60.92
C SER HA 124 24.17 -33.20 -59.54
N ILE HA 125 24.75 -33.89 -58.57
CA ILE HA 125 24.93 -33.29 -57.25
C ILE HA 125 25.91 -32.12 -57.33
N GLY HA 126 26.99 -32.29 -58.08
CA GLY HA 126 28.00 -31.26 -58.22
C GLY HA 126 27.46 -29.97 -58.78
N ASN HA 127 26.52 -30.05 -59.72
CA ASN HA 127 25.96 -28.88 -60.35
C ASN HA 127 24.71 -28.35 -59.65
N SER HA 128 24.27 -28.97 -58.56
CA SER HA 128 23.03 -28.58 -57.92
C SER HA 128 23.24 -27.97 -56.54
N THR HA 129 24.17 -28.54 -55.76
CA THR HA 129 24.39 -28.10 -54.39
C THR HA 129 24.63 -26.60 -54.31
N ALA HA 130 23.74 -25.88 -53.64
CA ALA HA 130 23.77 -24.43 -53.65
C ALA HA 130 23.30 -23.91 -52.31
N PHE HA 131 23.69 -22.67 -52.02
CA PHE HA 131 23.27 -21.95 -50.81
C PHE HA 131 22.29 -20.87 -51.27
N GLY HA 132 21.02 -21.24 -51.37
CA GLY HA 132 20.03 -20.32 -51.88
C GLY HA 132 20.11 -20.19 -53.38
N ASN HA 133 21.14 -19.50 -53.87
CA ASN HA 133 21.31 -19.40 -55.33
C ASN HA 133 22.77 -19.47 -55.75
N THR HA 134 23.71 -19.72 -54.86
CA THR HA 134 25.13 -19.76 -55.20
C THR HA 134 25.60 -21.21 -55.18
N LYS HA 135 26.10 -21.68 -56.31
CA LYS HA 135 26.59 -23.05 -56.45
C LYS HA 135 27.93 -23.17 -55.73
N LEU HA 136 28.08 -24.18 -54.89
CA LEU HA 136 29.25 -24.30 -54.02
C LEU HA 136 30.28 -25.32 -54.48
N LEU HA 137 29.94 -26.19 -55.44
CA LEU HA 137 30.85 -27.27 -55.82
C LEU HA 137 31.28 -27.16 -57.28
N THR HA 138 31.12 -25.99 -57.90
CA THR HA 138 31.46 -25.83 -59.31
C THR HA 138 32.64 -24.89 -59.51
N GLY HA 139 33.47 -24.70 -58.49
CA GLY HA 139 34.74 -24.01 -58.64
C GLY HA 139 34.71 -22.54 -58.30
N THR HA 140 33.56 -21.97 -57.94
CA THR HA 140 33.54 -20.57 -57.56
C THR HA 140 34.16 -20.38 -56.18
N PHE HA 141 34.37 -21.49 -55.46
CA PHE HA 141 35.11 -21.45 -54.20
C PHE HA 141 36.46 -22.13 -54.35
N SER HA 142 36.97 -22.22 -55.58
CA SER HA 142 38.30 -22.77 -55.80
C SER HA 142 39.40 -21.94 -55.15
N ALA HA 143 39.32 -20.62 -55.24
CA ALA HA 143 40.21 -19.70 -54.54
C ALA HA 143 39.42 -19.16 -53.37
N GLY HA 144 39.74 -19.65 -52.17
CA GLY HA 144 38.94 -19.44 -50.98
C GLY HA 144 38.34 -18.06 -50.81
N LYS HA 145 37.04 -18.01 -50.51
CA LYS HA 145 36.38 -16.75 -50.24
C LYS HA 145 36.64 -16.34 -48.79
N VAL HA 146 36.27 -15.10 -48.47
CA VAL HA 146 36.70 -14.47 -47.23
C VAL HA 146 35.49 -14.06 -46.40
N PHE HA 147 35.55 -14.39 -45.11
CA PHE HA 147 34.58 -13.92 -44.12
C PHE HA 147 35.33 -13.18 -43.02
N GLN HA 148 34.78 -12.06 -42.56
CA GLN HA 148 35.40 -11.25 -41.52
C GLN HA 148 34.71 -11.53 -40.19
N VAL HA 149 35.48 -11.98 -39.20
CA VAL HA 149 34.93 -12.41 -37.92
C VAL HA 149 35.33 -11.47 -36.78
N GLY HA 150 36.11 -10.44 -37.06
CA GLY HA 150 36.49 -9.45 -36.07
C GLY HA 150 35.85 -8.10 -36.39
N HIS HA 151 36.25 -7.10 -35.62
CA HIS HA 151 35.75 -5.74 -35.85
C HIS HA 151 36.75 -4.83 -36.53
N GLN HA 152 37.91 -5.34 -36.94
CA GLN HA 152 38.91 -4.55 -37.63
C GLN HA 152 39.39 -5.28 -38.87
N GLU HA 153 40.08 -4.55 -39.73
CA GLU HA 153 40.60 -5.12 -40.97
C GLU HA 153 41.63 -6.20 -40.66
N GLY HA 154 41.64 -7.25 -41.48
CA GLY HA 154 42.61 -8.32 -41.35
C GLY HA 154 42.16 -9.48 -40.49
N GLU HA 155 41.00 -9.39 -39.84
CA GLU HA 155 40.48 -10.49 -39.04
C GLU HA 155 39.54 -11.32 -39.91
N ASP HA 156 40.12 -12.12 -40.80
CA ASP HA 156 39.34 -12.84 -41.80
C ASP HA 156 39.62 -14.34 -41.73
N ILE HA 157 38.63 -15.10 -42.19
CA ILE HA 157 38.73 -16.55 -42.32
C ILE HA 157 38.45 -16.92 -43.77
N LYS HA 158 39.22 -17.87 -44.29
CA LYS HA 158 39.14 -18.26 -45.69
C LYS HA 158 38.63 -19.69 -45.81
N VAL HA 159 37.60 -19.88 -46.63
CA VAL HA 159 37.01 -21.19 -46.87
C VAL HA 159 37.21 -21.55 -48.33
N THR HA 160 37.89 -22.67 -48.59
CA THR HA 160 38.19 -23.12 -49.94
C THR HA 160 37.50 -24.45 -50.21
N VAL HA 161 36.73 -24.51 -51.28
CA VAL HA 161 36.05 -25.72 -51.71
C VAL HA 161 36.44 -25.97 -53.17
N LYS HA 162 37.19 -27.03 -53.41
CA LYS HA 162 37.60 -27.35 -54.77
C LYS HA 162 36.43 -27.99 -55.53
N ALA HA 163 36.47 -27.84 -56.85
CA ALA HA 163 35.40 -28.38 -57.68
C ALA HA 163 35.38 -29.90 -57.63
N SER HA 164 34.19 -30.46 -57.50
CA SER HA 164 34.01 -31.91 -57.40
C SER HA 164 32.83 -32.33 -58.25
N ASN HA 165 33.11 -32.88 -59.41
CA ASN HA 165 32.10 -33.41 -60.33
C ASN HA 165 32.75 -34.52 -61.13
N LYS HA 166 32.01 -35.07 -62.10
CA LYS HA 166 32.49 -36.29 -62.76
C LYS HA 166 33.71 -36.04 -63.62
N THR HA 167 33.77 -34.92 -64.35
CA THR HA 167 34.97 -34.64 -65.13
C THR HA 167 36.15 -34.31 -64.22
N SER HA 168 35.89 -33.66 -63.08
CA SER HA 168 36.96 -33.31 -62.16
C SER HA 168 37.60 -34.56 -61.55
N LEU HA 169 36.78 -35.53 -61.14
CA LEU HA 169 37.27 -36.73 -60.47
C LEU HA 169 37.77 -37.79 -61.43
N SER HA 170 37.98 -37.42 -62.70
CA SER HA 170 38.50 -38.33 -63.72
C SER HA 170 37.61 -39.57 -63.87
N VAL HA 171 36.31 -39.33 -63.94
CA VAL HA 171 35.35 -40.37 -64.28
C VAL HA 171 34.44 -39.83 -65.37
N GLY HA 172 33.73 -40.72 -66.06
CA GLY HA 172 32.91 -40.30 -67.17
C GLY HA 172 33.13 -41.19 -68.37
N ALA HA 173 34.29 -41.81 -68.43
CA ALA HA 173 34.61 -42.82 -69.43
C ALA HA 173 35.17 -44.03 -68.71
N LEU HA 174 34.29 -44.95 -68.31
CA LEU HA 174 34.68 -46.15 -67.59
C LEU HA 174 34.10 -47.36 -68.31
N ASN HA 175 34.97 -48.16 -68.92
CA ASN HA 175 34.54 -49.38 -69.60
C ASN HA 175 34.99 -50.60 -68.80
N ASN HA 176 34.40 -51.74 -69.10
CA ASN HA 176 34.73 -52.99 -68.41
C ASN HA 176 34.78 -54.18 -69.37
N ALA HA 177 35.15 -53.96 -70.63
CA ALA HA 177 35.17 -55.05 -71.60
C ALA HA 177 36.46 -55.85 -71.52
N THR HA 178 37.60 -55.21 -71.77
CA THR HA 178 38.88 -55.92 -71.84
C THR HA 178 39.50 -56.06 -70.46
N SER HA 179 40.59 -56.83 -70.38
CA SER HA 179 41.29 -56.99 -69.11
C SER HA 179 41.89 -55.66 -68.66
N ALA HA 180 42.50 -54.92 -69.58
CA ALA HA 180 43.14 -53.67 -69.22
C ALA HA 180 42.11 -52.61 -68.83
N ASN HA 181 40.91 -52.69 -69.41
CA ASN HA 181 39.88 -51.68 -69.14
C ASN HA 181 39.46 -51.70 -67.68
N ARG HA 182 39.26 -52.90 -67.11
CA ARG HA 182 38.84 -52.98 -65.72
C ARG HA 182 39.94 -52.56 -64.76
N ALA HA 183 41.19 -52.89 -65.06
CA ALA HA 183 42.29 -52.52 -64.18
C ALA HA 183 42.45 -51.01 -64.11
N SER HA 184 42.32 -50.32 -65.24
CA SER HA 184 42.43 -48.87 -65.24
C SER HA 184 41.26 -48.22 -64.51
N SER HA 185 40.07 -48.78 -64.65
CA SER HA 185 38.89 -48.21 -64.01
C SER HA 185 38.98 -48.29 -62.49
N LEU HA 186 39.51 -49.40 -61.96
CA LEU HA 186 39.59 -49.58 -60.53
C LEU HA 186 40.51 -48.56 -59.87
N ALA HA 187 41.63 -48.24 -60.51
CA ALA HA 187 42.56 -47.28 -59.92
C ALA HA 187 41.96 -45.89 -59.83
N LYS HA 188 41.20 -45.47 -60.85
CA LYS HA 188 40.66 -44.11 -60.85
C LYS HA 188 39.59 -43.94 -59.78
N ILE HA 189 38.79 -44.97 -59.53
CA ILE HA 189 37.78 -44.88 -58.47
C ILE HA 189 38.46 -44.76 -57.11
N ASP HA 190 39.51 -45.54 -56.88
CA ASP HA 190 40.22 -45.46 -55.62
C ASP HA 190 40.83 -44.08 -55.41
N ALA HA 191 41.41 -43.51 -56.47
CA ALA HA 191 41.93 -42.15 -56.38
C ALA HA 191 40.82 -41.14 -56.15
N ALA HA 192 39.62 -41.42 -56.65
CA ALA HA 192 38.50 -40.51 -56.45
C ALA HA 192 38.10 -40.42 -54.98
N ILE HA 193 38.06 -41.57 -54.30
CA ILE HA 193 37.68 -41.56 -52.88
C ILE HA 193 38.70 -40.81 -52.05
N LYS HA 194 39.99 -40.95 -52.38
CA LYS HA 194 41.03 -40.24 -51.64
C LYS HA 194 40.87 -38.73 -51.77
N THR HA 195 40.56 -38.26 -52.98
CA THR HA 195 40.43 -36.82 -53.19
C THR HA 195 39.27 -36.23 -52.39
N ILE HA 196 38.13 -36.92 -52.38
CA ILE HA 196 36.98 -36.46 -51.60
C ILE HA 196 37.31 -36.50 -50.12
N ASP HA 197 38.01 -37.55 -49.68
CA ASP HA 197 38.34 -37.68 -48.26
C ASP HA 197 39.18 -36.51 -47.77
N SER HA 198 40.18 -36.10 -48.55
CA SER HA 198 41.01 -34.97 -48.16
C SER HA 198 40.19 -33.68 -48.14
N GLN HA 199 39.25 -33.54 -49.06
CA GLN HA 199 38.41 -32.33 -49.08
C GLN HA 199 37.55 -32.23 -47.84
N ARG HA 200 36.98 -33.36 -47.40
CA ARG HA 200 36.14 -33.33 -46.21
C ARG HA 200 36.95 -32.96 -44.97
N ALA HA 201 38.18 -33.47 -44.87
CA ALA HA 201 39.02 -33.15 -43.72
C ALA HA 201 39.33 -31.66 -43.69
N ASP HA 202 39.58 -31.05 -44.85
CA ASP HA 202 39.86 -29.62 -44.90
C ASP HA 202 38.67 -28.80 -44.44
N LEU HA 203 37.46 -29.18 -44.84
CA LEU HA 203 36.27 -28.45 -44.42
C LEU HA 203 35.96 -28.66 -42.95
N GLY HA 204 36.22 -29.86 -42.43
CA GLY HA 204 35.99 -30.09 -41.01
C GLY HA 204 36.91 -29.27 -40.12
N ALA HA 205 38.16 -29.09 -40.54
CA ALA HA 205 39.10 -28.32 -39.73
C ALA HA 205 38.67 -26.86 -39.62
N VAL HA 206 38.13 -26.29 -40.70
CA VAL HA 206 37.72 -24.90 -40.68
C VAL HA 206 36.57 -24.68 -39.70
N GLN HA 207 35.58 -25.58 -39.72
CA GLN HA 207 34.44 -25.41 -38.84
C GLN HA 207 34.77 -25.76 -37.38
N ASN HA 208 35.74 -26.65 -37.16
CA ASN HA 208 36.32 -26.75 -35.82
C ASN HA 208 37.02 -25.45 -35.46
N ARG HA 209 37.72 -24.85 -36.42
CA ARG HA 209 38.37 -23.58 -36.19
C ARG HA 209 37.35 -22.47 -35.91
N LEU HA 210 36.27 -22.41 -36.68
CA LEU HA 210 35.28 -21.34 -36.49
C LEU HA 210 34.54 -21.44 -35.17
N ALA HA 211 34.34 -22.65 -34.66
CA ALA HA 211 33.62 -22.81 -33.39
C ALA HA 211 34.37 -22.14 -32.25
N HIS HA 212 35.70 -22.18 -32.28
CA HIS HA 212 36.49 -21.59 -31.20
C HIS HA 212 36.47 -20.07 -31.25
N ASN HA 213 36.34 -19.48 -32.44
CA ASN HA 213 36.21 -18.03 -32.54
C ASN HA 213 34.93 -17.53 -31.86
N ILE HA 214 33.82 -18.23 -32.07
CA ILE HA 214 32.54 -17.81 -31.51
C ILE HA 214 32.61 -17.82 -29.98
N SER HA 215 33.15 -18.89 -29.41
CA SER HA 215 33.26 -18.97 -27.96
C SER HA 215 34.14 -17.86 -27.42
N ASN HA 216 35.27 -17.60 -28.08
CA ASN HA 216 36.15 -16.51 -27.65
C ASN HA 216 35.47 -15.16 -27.80
N SER HA 217 34.76 -14.94 -28.91
CA SER HA 217 34.08 -13.67 -29.11
C SER HA 217 32.95 -13.46 -28.12
N ALA HA 218 32.25 -14.53 -27.74
CA ALA HA 218 31.20 -14.40 -26.72
C ALA HA 218 31.78 -14.00 -25.38
N ASN HA 219 32.93 -14.58 -25.01
CA ASN HA 219 33.56 -14.21 -23.75
C ASN HA 219 34.02 -12.76 -23.76
N THR HA 220 34.73 -12.35 -24.81
CA THR HA 220 35.29 -11.01 -24.83
C THR HA 220 34.19 -9.95 -24.90
N GLN HA 221 33.04 -10.29 -25.48
CA GLN HA 221 31.93 -9.33 -25.52
C GLN HA 221 31.43 -8.99 -24.13
N ALA HA 222 31.33 -10.00 -23.26
CA ALA HA 222 30.84 -9.76 -21.91
C ALA HA 222 31.79 -8.87 -21.11
N ASN HA 223 33.10 -9.12 -21.22
CA ASN HA 223 34.06 -8.33 -20.47
C ASN HA 223 34.12 -6.88 -20.95
N VAL HA 224 33.98 -6.63 -22.25
CA VAL HA 224 33.94 -5.26 -22.74
C VAL HA 224 32.69 -4.54 -22.25
N ALA HA 225 31.57 -5.27 -22.16
CA ALA HA 225 30.35 -4.68 -21.59
C ALA HA 225 30.57 -4.25 -20.14
N ASP HA 226 31.32 -5.05 -19.38
CA ASP HA 226 31.71 -4.64 -18.03
C ASP HA 226 32.46 -3.32 -18.06
N ALA HA 227 33.49 -3.22 -18.90
CA ALA HA 227 34.33 -2.03 -18.92
C ALA HA 227 33.53 -0.81 -19.35
N LYS HA 228 32.63 -0.98 -20.32
CA LYS HA 228 31.87 0.15 -20.84
C LYS HA 228 30.84 0.67 -19.86
N SER HA 229 30.26 -0.19 -19.01
CA SER HA 229 29.25 0.26 -18.09
C SER HA 229 29.83 1.06 -16.92
N ARG HA 230 31.05 0.73 -16.50
CA ARG HA 230 31.65 1.44 -15.37
C ARG HA 230 31.91 2.91 -15.73
N ILE HA 231 31.96 3.23 -17.01
CA ILE HA 231 32.32 4.58 -17.44
C ILE HA 231 31.08 5.44 -17.67
N VAL HA 232 30.05 4.90 -18.32
CA VAL HA 232 28.93 5.72 -18.77
C VAL HA 232 27.66 5.52 -17.97
N ASP HA 233 27.58 4.50 -17.12
CA ASP HA 233 26.34 4.14 -16.46
C ASP HA 233 26.32 4.71 -15.03
N VAL HA 234 25.12 5.05 -14.57
CA VAL HA 234 24.95 5.62 -13.24
C VAL HA 234 24.82 4.52 -12.22
N ASP HA 235 25.20 4.82 -10.98
CA ASP HA 235 24.93 3.95 -9.84
C ASP HA 235 23.76 4.57 -9.08
N PHE HA 236 22.64 3.86 -9.03
CA PHE HA 236 21.43 4.43 -8.43
C PHE HA 236 21.62 4.71 -6.95
N ALA HA 237 22.45 3.93 -6.27
CA ALA HA 237 22.73 4.20 -4.87
C ALA HA 237 23.38 5.57 -4.73
N LYS HA 238 24.35 5.87 -5.59
CA LYS HA 238 24.96 7.19 -5.60
C LYS HA 238 23.97 8.26 -6.01
N GLU HA 239 23.17 8.00 -7.04
CA GLU HA 239 22.33 9.04 -7.61
C GLU HA 239 21.12 9.34 -6.72
N THR HA 240 20.51 8.30 -6.15
CA THR HA 240 19.32 8.51 -5.32
C THR HA 240 19.65 9.35 -4.10
N SER HA 241 20.80 9.10 -3.47
CA SER HA 241 21.19 9.89 -2.32
C SER HA 241 21.37 11.35 -2.69
N ALA HA 242 21.98 11.63 -3.84
CA ALA HA 242 22.18 13.01 -4.26
C ALA HA 242 20.85 13.69 -4.55
N MET HA 243 19.92 12.97 -5.19
CA MET HA 243 18.63 13.56 -5.51
C MET HA 243 17.85 13.95 -4.26
N THR HA 244 17.78 13.05 -3.28
CA THR HA 244 17.20 13.39 -1.99
C THR HA 244 18.03 14.45 -1.27
N LYS HA 245 19.33 14.50 -1.56
CA LYS HA 245 20.22 15.42 -0.88
C LYS HA 245 19.84 16.86 -1.23
N TYR HA 246 19.55 17.11 -2.50
CA TYR HA 246 19.23 18.45 -3.01
C TYR HA 246 17.78 18.85 -2.75
N GLN HA 247 16.87 17.89 -2.59
CA GLN HA 247 15.49 18.23 -2.30
C GLN HA 247 15.38 18.98 -0.99
N VAL HA 248 16.11 18.54 0.03
CA VAL HA 248 16.11 19.22 1.32
C VAL HA 248 16.69 20.62 1.17
N LEU HA 249 17.78 20.75 0.42
CA LEU HA 249 18.41 22.05 0.24
C LEU HA 249 17.50 23.04 -0.46
N GLN HA 250 16.63 22.55 -1.35
CA GLN HA 250 15.71 23.43 -2.05
C GLN HA 250 14.70 24.05 -1.08
N GLN HA 251 14.08 23.21 -0.24
CA GLN HA 251 13.11 23.73 0.73
C GLN HA 251 13.79 24.61 1.76
N THR HA 252 15.02 24.28 2.15
CA THR HA 252 15.77 25.16 3.02
C THR HA 252 16.06 26.50 2.35
N GLY HA 253 16.44 26.47 1.07
CA GLY HA 253 16.73 27.70 0.37
C GLY HA 253 15.51 28.58 0.18
N SER HA 254 14.35 27.97 -0.08
CA SER HA 254 13.13 28.75 -0.28
C SER HA 254 12.68 29.46 0.99
N ALA HA 255 12.75 28.77 2.14
CA ALA HA 255 12.38 29.42 3.39
C ALA HA 255 13.34 30.53 3.77
N MET HA 256 14.64 30.34 3.53
CA MET HA 256 15.61 31.39 3.83
C MET HA 256 15.41 32.60 2.94
N LEU HA 257 15.14 32.38 1.65
CA LEU HA 257 14.96 33.50 0.74
C LEU HA 257 13.68 34.28 1.04
N ALA HA 258 12.58 33.58 1.32
CA ALA HA 258 11.34 34.28 1.63
C ALA HA 258 11.48 35.11 2.90
N GLN HA 259 12.17 34.57 3.90
CA GLN HA 259 12.31 35.29 5.16
C GLN HA 259 13.33 36.42 5.04
N ALA HA 260 14.33 36.26 4.17
CA ALA HA 260 15.32 37.32 3.98
C ALA HA 260 14.74 38.49 3.20
N ASN HA 261 13.66 38.25 2.45
CA ASN HA 261 13.06 39.31 1.66
C ASN HA 261 12.37 40.36 2.51
N GLN HA 262 11.87 39.99 3.69
CA GLN HA 262 11.18 40.94 4.55
C GLN HA 262 12.08 41.51 5.64
N LEU HA 263 13.40 41.45 5.46
CA LEU HA 263 14.34 42.17 6.30
C LEU HA 263 14.14 43.69 6.26
N PRO HA 264 13.96 44.32 5.08
CA PRO HA 264 13.86 45.79 5.07
C PRO HA 264 12.63 46.35 5.74
N GLN HA 265 11.67 45.52 6.17
CA GLN HA 265 10.50 46.04 6.86
C GLN HA 265 10.82 46.59 8.24
N VAL HA 266 12.04 46.38 8.74
CA VAL HA 266 12.44 47.01 9.99
C VAL HA 266 12.42 48.52 9.87
N ALA HA 267 12.73 49.04 8.67
CA ALA HA 267 12.76 50.48 8.46
C ALA HA 267 11.40 51.14 8.70
N LEU HA 268 10.30 50.40 8.55
CA LEU HA 268 8.98 50.94 8.82
C LEU HA 268 8.70 51.10 10.31
N SER HA 269 9.42 50.37 11.17
CA SER HA 269 9.20 50.52 12.60
C SER HA 269 9.70 51.86 13.12
N LEU HA 270 10.77 52.39 12.52
CA LEU HA 270 11.35 53.65 12.99
C LEU HA 270 10.65 54.83 12.33
N LEU HA 271 9.33 54.87 12.48
CA LEU HA 271 8.51 55.99 12.06
C LEU HA 271 8.72 56.28 10.58
N GLY HA 272 8.27 55.38 9.72
CA GLY HA 272 8.33 55.58 8.28
C GLY HA 272 9.72 55.77 7.71
N ALA IA 1 19.54 101.01 26.73
CA ALA IA 1 19.54 100.01 25.67
C ALA IA 1 18.13 99.57 25.34
N ILE IA 2 17.19 100.52 25.29
CA ILE IA 2 15.81 100.23 24.95
C ILE IA 2 15.46 100.92 23.64
N THR IA 3 15.52 100.19 22.54
CA THR IA 3 15.31 100.77 21.22
C THR IA 3 14.03 100.24 20.59
N VAL IA 4 13.49 101.02 19.65
CA VAL IA 4 12.26 100.65 18.96
C VAL IA 4 12.47 100.72 17.46
N ASN IA 5 13.72 100.76 17.02
CA ASN IA 5 14.02 100.79 15.59
C ASN IA 5 14.71 99.52 15.08
N THR IA 6 15.51 98.85 15.91
CA THR IA 6 16.16 97.61 15.51
C THR IA 6 15.98 96.56 16.60
N ASN IA 7 15.68 95.33 16.20
CA ASN IA 7 15.54 94.20 17.11
C ASN IA 7 16.56 93.14 16.71
N VAL IA 8 17.78 93.27 17.24
CA VAL IA 8 18.83 92.33 16.90
C VAL IA 8 18.54 90.95 17.49
N THR IA 9 17.80 90.90 18.60
CA THR IA 9 17.39 89.61 19.14
C THR IA 9 16.55 88.86 18.12
N SER IA 10 15.66 89.56 17.43
CA SER IA 10 14.88 88.93 16.36
C SER IA 10 15.77 88.47 15.21
N MET IA 11 16.77 89.28 14.85
CA MET IA 11 17.65 88.93 13.74
C MET IA 11 18.40 87.63 14.02
N LYS IA 12 18.93 87.48 15.22
CA LYS IA 12 19.60 86.24 15.57
C LYS IA 12 18.62 85.09 15.65
N ALA IA 13 17.42 85.34 16.19
CA ALA IA 13 16.42 84.29 16.28
C ALA IA 13 15.97 83.81 14.91
N GLN IA 14 15.84 84.73 13.95
CA GLN IA 14 15.41 84.35 12.61
C GLN IA 14 16.40 83.40 11.96
N LYS IA 15 17.70 83.68 12.11
CA LYS IA 15 18.71 82.85 11.47
C LYS IA 15 18.68 81.43 12.00
N ASN IA 16 18.49 81.26 13.30
CA ASN IA 16 18.47 79.92 13.88
C ASN IA 16 17.28 79.13 13.37
N LEU IA 17 16.13 79.78 13.21
CA LEU IA 17 14.95 79.09 12.68
C LEU IA 17 15.17 78.64 11.24
N ASN IA 18 15.84 79.46 10.44
CA ASN IA 18 16.11 79.10 9.05
C ASN IA 18 17.01 77.88 8.97
N THR IA 19 18.03 77.81 9.83
CA THR IA 19 18.93 76.66 9.82
C THR IA 19 18.20 75.38 10.21
N SER IA 20 17.34 75.44 11.24
CA SER IA 20 16.60 74.26 11.65
C SER IA 20 15.58 73.81 10.63
N ASN IA 21 14.97 74.75 9.90
CA ASN IA 21 14.02 74.40 8.85
C ASN IA 21 14.71 73.76 7.66
N SER IA 22 15.89 74.25 7.28
CA SER IA 22 16.61 73.67 6.15
C SER IA 22 17.11 72.26 6.45
N GLY IA 23 17.53 72.01 7.68
CA GLY IA 23 17.95 70.67 8.07
C GLY IA 23 16.81 69.68 8.07
N LEU IA 24 15.62 70.13 8.48
CA LEU IA 24 14.46 69.26 8.45
C LEU IA 24 14.09 68.89 7.02
N SER IA 25 14.16 69.86 6.11
CA SER IA 25 13.80 69.62 4.72
C SER IA 25 14.72 68.60 4.07
N THR IA 26 16.04 68.75 4.28
CA THR IA 26 16.98 67.86 3.62
C THR IA 26 16.88 66.43 4.15
N SER IA 27 16.46 66.27 5.40
CA SER IA 27 16.31 64.93 5.95
C SER IA 27 15.11 64.19 5.35
N MET IA 28 14.04 64.92 5.02
CA MET IA 28 12.85 64.27 4.48
C MET IA 28 13.12 63.72 3.08
N GLU IA 29 13.82 64.47 2.23
CA GLU IA 29 14.06 64.00 0.87
C GLU IA 29 15.02 62.82 0.84
N ARG IA 30 15.99 62.79 1.75
CA ARG IA 30 16.83 61.60 1.87
C ARG IA 30 16.02 60.39 2.30
N LEU IA 31 15.06 60.58 3.21
CA LEU IA 31 14.20 59.48 3.63
C LEU IA 31 13.17 59.10 2.58
N SER IA 32 12.71 60.05 1.78
CA SER IA 32 11.66 59.75 0.81
C SER IA 32 12.19 58.97 -0.40
N SER IA 33 13.49 59.08 -0.68
CA SER IA 33 14.09 58.37 -1.80
C SER IA 33 14.93 57.19 -1.32
N GLY IA 34 15.82 57.42 -0.36
CA GLY IA 34 16.65 56.35 0.17
C GLY IA 34 18.09 56.47 -0.26
N LEU IA 35 18.49 57.67 -0.68
CA LEU IA 35 19.84 57.91 -1.15
C LEU IA 35 20.45 59.06 -0.36
N ARG IA 36 21.66 58.84 0.13
CA ARG IA 36 22.40 59.90 0.80
C ARG IA 36 22.87 60.96 -0.18
N ILE IA 37 23.46 60.54 -1.30
CA ILE IA 37 23.94 61.47 -2.30
C ILE IA 37 22.84 61.73 -3.33
N ASN IA 38 21.93 62.64 -3.00
CA ASN IA 38 20.87 63.02 -3.93
C ASN IA 38 21.44 63.95 -5.00
N SER IA 39 22.09 65.02 -4.57
CA SER IA 39 22.73 65.97 -5.48
C SER IA 39 24.22 66.04 -5.21
N ALA IA 40 24.88 66.95 -5.92
CA ALA IA 40 26.31 67.18 -5.74
C ALA IA 40 26.62 68.03 -4.51
N LYS IA 41 25.61 68.38 -3.71
CA LYS IA 41 25.88 69.04 -2.43
C LYS IA 41 26.80 68.17 -1.59
N ASP IA 42 26.50 66.87 -1.55
CA ASP IA 42 27.16 65.89 -0.71
C ASP IA 42 28.48 65.45 -1.33
N ASP IA 43 28.98 64.29 -0.89
CA ASP IA 43 30.30 63.81 -1.29
C ASP IA 43 30.50 63.93 -2.80
N ALA IA 44 31.43 64.82 -3.18
CA ALA IA 44 31.74 64.99 -4.59
C ALA IA 44 32.44 63.76 -5.15
N ALA IA 45 33.33 63.16 -4.36
CA ALA IA 45 34.01 61.95 -4.77
C ALA IA 45 33.12 60.72 -4.71
N GLY IA 46 32.12 60.72 -3.83
CA GLY IA 46 31.26 59.56 -3.70
C GLY IA 46 30.46 59.28 -4.96
N LEU IA 47 29.90 60.32 -5.57
CA LEU IA 47 29.08 60.11 -6.75
C LEU IA 47 29.93 59.65 -7.93
N ALA IA 48 31.15 60.15 -8.03
CA ALA IA 48 32.05 59.70 -9.10
C ALA IA 48 32.39 58.23 -8.96
N ILE IA 49 32.70 57.80 -7.74
CA ILE IA 49 33.00 56.39 -7.49
C ILE IA 49 31.77 55.53 -7.76
N SER IA 50 30.60 55.99 -7.32
CA SER IA 50 29.38 55.21 -7.47
C SER IA 50 29.04 55.00 -8.94
N ASN IA 51 29.37 55.97 -9.79
CA ASN IA 51 29.07 55.83 -11.21
C ASN IA 51 29.83 54.67 -11.83
N ARG IA 52 31.11 54.53 -11.50
CA ARG IA 52 31.87 53.40 -11.99
C ARG IA 52 31.41 52.08 -11.38
N LEU IA 53 31.06 52.07 -10.11
CA LEU IA 53 30.49 50.88 -9.50
C LEU IA 53 29.15 50.52 -10.14
N ASN IA 54 28.34 51.53 -10.46
CA ASN IA 54 27.09 51.27 -11.17
C ASN IA 54 27.34 50.65 -12.53
N SER IA 55 28.38 51.10 -13.23
CA SER IA 55 28.73 50.51 -14.52
C SER IA 55 29.12 49.05 -14.38
N GLN IA 56 29.87 48.71 -13.33
CA GLN IA 56 30.28 47.32 -13.13
C GLN IA 56 29.08 46.43 -12.83
N VAL IA 57 28.16 46.90 -11.99
CA VAL IA 57 27.00 46.08 -11.63
C VAL IA 57 26.14 45.82 -12.85
N ARG IA 58 25.79 46.89 -13.58
CA ARG IA 58 24.98 46.71 -14.78
C ARG IA 58 25.79 46.05 -15.90
N GLY IA 59 27.09 46.33 -15.96
CA GLY IA 59 27.92 45.70 -16.97
C GLY IA 59 27.97 44.19 -16.81
N LEU IA 60 28.11 43.71 -15.58
CA LEU IA 60 28.12 42.27 -15.34
C LEU IA 60 26.78 41.64 -15.68
N GLU IA 61 25.68 42.31 -15.38
CA GLU IA 61 24.36 41.73 -15.61
C GLU IA 61 24.14 41.46 -17.09
N VAL IA 62 24.54 42.39 -17.96
CA VAL IA 62 24.48 42.13 -19.39
C VAL IA 62 25.49 41.05 -19.78
N GLY IA 63 26.65 41.04 -19.13
CA GLY IA 63 27.64 40.01 -19.41
C GLY IA 63 27.17 38.62 -19.05
N MET IA 64 26.37 38.51 -17.98
CA MET IA 64 25.82 37.21 -17.61
C MET IA 64 24.92 36.66 -18.71
N ARG IA 65 24.01 37.48 -19.23
CA ARG IA 65 23.15 37.04 -20.30
C ARG IA 65 23.95 36.78 -21.58
N ASN IA 66 25.07 37.48 -21.76
CA ASN IA 66 25.91 37.24 -22.91
C ASN IA 66 26.48 35.82 -22.92
N ALA IA 67 26.86 35.30 -21.75
CA ALA IA 67 27.41 33.96 -21.64
C ALA IA 67 26.35 32.87 -21.64
N ASN IA 68 25.16 33.14 -21.10
CA ASN IA 68 24.07 32.17 -21.21
C ASN IA 68 23.70 31.90 -22.65
N ASP IA 69 23.83 32.89 -23.53
CA ASP IA 69 23.63 32.71 -24.96
C ASP IA 69 24.68 31.78 -25.56
N ALA IA 70 25.94 31.91 -25.16
CA ALA IA 70 27.00 31.05 -25.69
C ALA IA 70 26.80 29.60 -25.27
N ILE IA 71 26.26 29.38 -24.07
CA ILE IA 71 26.02 28.04 -23.57
C ILE IA 71 24.99 27.35 -24.45
N SER IA 72 23.94 28.08 -24.81
CA SER IA 72 22.88 27.50 -25.63
C SER IA 72 23.37 27.12 -27.01
N ILE IA 73 24.22 27.95 -27.62
CA ILE IA 73 24.75 27.61 -28.94
C ILE IA 73 25.58 26.34 -28.88
N ALA IA 74 26.46 26.23 -27.89
CA ALA IA 74 27.26 25.02 -27.73
C ALA IA 74 26.38 23.82 -27.40
N GLN IA 75 25.26 24.05 -26.72
CA GLN IA 75 24.37 22.95 -26.38
C GLN IA 75 23.71 22.35 -27.62
N ILE IA 76 23.29 23.19 -28.55
CA ILE IA 76 22.59 22.70 -29.74
C ILE IA 76 23.55 21.95 -30.66
N ALA IA 77 24.74 22.50 -30.87
CA ALA IA 77 25.70 21.85 -31.76
C ALA IA 77 26.12 20.49 -31.23
N GLU IA 78 26.31 20.39 -29.91
CA GLU IA 78 26.67 19.11 -29.32
C GLU IA 78 25.56 18.08 -29.51
N GLY IA 79 24.30 18.51 -29.36
CA GLY IA 79 23.20 17.57 -29.53
C GLY IA 79 23.11 16.99 -30.92
N ALA IA 80 23.36 17.82 -31.94
CA ALA IA 80 23.27 17.33 -33.31
C ALA IA 80 24.39 16.34 -33.65
N MET IA 81 25.59 16.56 -33.10
CA MET IA 81 26.70 15.65 -33.40
C MET IA 81 26.49 14.27 -32.81
N GLN IA 82 25.68 14.17 -31.75
CA GLN IA 82 25.38 12.85 -31.19
C GLN IA 82 24.64 11.98 -32.18
N GLU IA 83 23.68 12.55 -32.91
CA GLU IA 83 22.92 11.75 -33.87
C GLU IA 83 23.77 11.36 -35.07
N GLN IA 84 24.73 12.21 -35.45
CA GLN IA 84 25.64 11.83 -36.52
C GLN IA 84 26.52 10.66 -36.11
N THR IA 85 26.87 10.59 -34.82
CA THR IA 85 27.69 9.48 -34.34
C THR IA 85 26.94 8.16 -34.41
N ASN IA 86 25.66 8.14 -34.03
CA ASN IA 86 24.89 6.89 -34.07
C ASN IA 86 24.73 6.35 -35.48
N MET IA 87 24.45 7.21 -36.45
CA MET IA 87 24.31 6.74 -37.83
C MET IA 87 25.64 6.27 -38.42
N LEU IA 88 26.75 6.89 -38.02
CA LEU IA 88 28.05 6.40 -38.47
C LEU IA 88 28.35 5.02 -37.93
N GLN IA 89 27.90 4.71 -36.70
CA GLN IA 89 28.11 3.38 -36.15
C GLN IA 89 27.34 2.33 -36.96
N ARG IA 90 26.13 2.66 -37.40
CA ARG IA 90 25.36 1.74 -38.22
C ARG IA 90 26.03 1.48 -39.56
N MET IA 91 26.70 2.49 -40.13
CA MET IA 91 27.45 2.27 -41.36
C MET IA 91 28.61 1.29 -41.15
N ARG IA 92 29.23 1.30 -39.97
CA ARG IA 92 30.28 0.33 -39.70
C ARG IA 92 29.76 -1.09 -39.72
N ASP IA 93 28.59 -1.32 -39.13
CA ASP IA 93 28.02 -2.67 -39.12
C ASP IA 93 27.69 -3.15 -40.52
N LEU IA 94 27.15 -2.27 -41.37
CA LEU IA 94 26.83 -2.65 -42.73
C LEU IA 94 28.07 -3.02 -43.53
N THR IA 95 29.17 -2.27 -43.37
CA THR IA 95 30.43 -2.63 -44.00
C THR IA 95 30.95 -3.97 -43.51
N ILE IA 96 30.87 -4.25 -42.22
CA ILE IA 96 31.23 -5.57 -41.71
C ILE IA 96 30.28 -6.63 -42.26
N GLN IA 97 28.98 -6.33 -42.27
CA GLN IA 97 28.00 -7.27 -42.80
C GLN IA 97 28.16 -7.51 -44.30
N SER IA 98 28.69 -6.53 -45.03
CA SER IA 98 28.84 -6.63 -46.46
C SER IA 98 30.05 -7.45 -46.88
N GLU IA 99 30.66 -8.21 -45.98
CA GLU IA 99 31.90 -8.88 -46.27
C GLU IA 99 31.69 -10.41 -46.27
N ASN IA 100 30.43 -10.86 -46.19
CA ASN IA 100 30.13 -12.27 -46.30
C ASN IA 100 30.54 -12.82 -47.66
N GLY IA 101 30.98 -14.07 -47.69
CA GLY IA 101 31.25 -14.74 -48.94
C GLY IA 101 30.04 -15.47 -49.46
N ALA IA 102 28.94 -15.46 -48.71
CA ALA IA 102 27.69 -16.06 -49.14
C ALA IA 102 26.74 -15.06 -49.75
N ASN IA 103 27.13 -13.80 -49.84
CA ASN IA 103 26.29 -12.78 -50.46
C ASN IA 103 26.35 -12.95 -51.97
N SER IA 104 25.70 -12.04 -52.70
CA SER IA 104 25.76 -12.05 -54.15
C SER IA 104 25.82 -10.61 -54.63
N THR IA 105 25.94 -10.45 -55.95
CA THR IA 105 26.02 -9.11 -56.51
C THR IA 105 24.76 -8.31 -56.22
N ALA IA 106 23.59 -8.95 -56.30
CA ALA IA 106 22.34 -8.28 -55.97
C ALA IA 106 22.23 -7.96 -54.48
N ASP IA 107 22.83 -8.77 -53.62
CA ASP IA 107 22.77 -8.53 -52.18
C ASP IA 107 23.58 -7.32 -51.79
N LEU IA 108 24.75 -7.14 -52.40
CA LEU IA 108 25.60 -6.00 -52.08
C LEU IA 108 24.94 -4.69 -52.48
N VAL IA 109 24.15 -4.70 -53.56
CA VAL IA 109 23.46 -3.47 -53.98
C VAL IA 109 22.44 -3.03 -52.93
N SER IA 110 21.69 -3.96 -52.36
CA SER IA 110 20.71 -3.61 -51.34
C SER IA 110 21.35 -2.99 -50.12
N ILE IA 111 22.52 -3.49 -49.70
CA ILE IA 111 23.21 -2.91 -48.55
C ILE IA 111 23.68 -1.49 -48.87
N LYS IA 112 24.15 -1.27 -50.09
CA LYS IA 112 24.59 0.07 -50.47
C LYS IA 112 23.43 1.05 -50.50
N ALA IA 113 22.25 0.61 -50.94
CA ALA IA 113 21.07 1.47 -50.95
C ALA IA 113 20.68 1.95 -49.56
N GLU IA 114 21.08 1.23 -48.52
CA GLU IA 114 20.89 1.66 -47.14
C GLU IA 114 21.99 2.62 -46.69
N MET IA 115 23.25 2.28 -46.95
CA MET IA 115 24.35 3.18 -46.62
C MET IA 115 24.18 4.53 -47.31
N ASP IA 116 23.65 4.52 -48.53
CA ASP IA 116 23.54 5.75 -49.31
C ASP IA 116 22.59 6.74 -48.65
N GLN IA 117 21.45 6.26 -48.13
CA GLN IA 117 20.50 7.17 -47.49
C GLN IA 117 20.97 7.64 -46.12
N LEU IA 118 21.72 6.84 -45.38
CA LEU IA 118 22.27 7.30 -44.11
C LEU IA 118 23.24 8.46 -44.29
N ALA IA 119 24.07 8.43 -45.34
CA ALA IA 119 24.97 9.54 -45.63
C ALA IA 119 24.22 10.80 -46.03
N THR IA 120 23.03 10.66 -46.61
CA THR IA 120 22.24 11.83 -46.97
C THR IA 120 21.79 12.60 -45.74
N GLU IA 121 21.42 11.92 -44.66
CA GLU IA 121 21.01 12.62 -43.45
C GLU IA 121 22.17 13.29 -42.73
N ILE IA 122 23.37 12.71 -42.77
CA ILE IA 122 24.52 13.39 -42.20
C ILE IA 122 24.71 14.73 -42.89
N ASP IA 123 24.47 14.77 -44.20
CA ASP IA 123 24.37 16.05 -44.90
C ASP IA 123 23.19 16.87 -44.40
N SER IA 124 22.04 16.24 -44.18
CA SER IA 124 20.83 16.98 -43.86
C SER IA 124 20.90 17.62 -42.46
N ILE IA 125 21.45 16.91 -41.48
CA ILE IA 125 21.61 17.51 -40.16
C ILE IA 125 22.60 18.67 -40.21
N GLY IA 126 23.70 18.49 -40.95
CA GLY IA 126 24.71 19.52 -41.06
C GLY IA 126 24.19 20.83 -41.62
N ASN IA 127 23.27 20.74 -42.58
CA ASN IA 127 22.72 21.93 -43.22
C ASN IA 127 21.48 22.46 -42.54
N SER IA 128 21.01 21.83 -41.46
CA SER IA 128 19.75 22.23 -40.85
C SER IA 128 19.95 22.84 -39.47
N THR IA 129 20.85 22.26 -38.67
CA THR IA 129 21.06 22.69 -37.29
C THR IA 129 21.30 24.19 -37.21
N ALA IA 130 20.39 24.92 -36.56
CA ALA IA 130 20.45 26.37 -36.56
C ALA IA 130 19.94 26.89 -35.22
N PHE IA 131 20.34 28.12 -34.91
CA PHE IA 131 19.90 28.84 -33.72
C PHE IA 131 18.95 29.92 -34.20
N GLY IA 132 17.67 29.57 -34.32
CA GLY IA 132 16.70 30.50 -34.84
C GLY IA 132 16.80 30.64 -36.34
N ASN IA 133 17.86 31.32 -36.81
CA ASN IA 133 18.05 31.42 -38.25
C ASN IA 133 19.52 31.34 -38.66
N THR IA 134 20.44 31.08 -37.74
CA THR IA 134 21.87 31.02 -38.06
C THR IA 134 22.32 29.57 -38.03
N LYS IA 135 22.84 29.10 -39.16
CA LYS IA 135 23.33 27.74 -39.29
C LYS IA 135 24.66 27.60 -38.55
N LEU IA 136 24.78 26.59 -37.70
CA LEU IA 136 25.93 26.47 -36.82
C LEU IA 136 26.95 25.43 -37.27
N LEU IA 137 26.64 24.57 -38.22
CA LEU IA 137 27.54 23.49 -38.60
C LEU IA 137 28.00 23.59 -40.05
N THR IA 138 27.86 24.77 -40.66
CA THR IA 138 28.22 24.94 -42.06
C THR IA 138 29.42 25.86 -42.24
N GLY IA 139 30.23 26.05 -41.21
CA GLY IA 139 31.50 26.72 -41.33
C GLY IA 139 31.49 28.19 -40.99
N THR IA 140 30.33 28.77 -40.64
CA THR IA 140 30.31 30.17 -40.26
C THR IA 140 30.91 30.34 -38.87
N PHE IA 141 31.10 29.24 -38.14
CA PHE IA 141 31.81 29.28 -36.88
C PHE IA 141 33.16 28.57 -36.99
N SER IA 142 33.70 28.49 -38.21
CA SER IA 142 35.03 27.93 -38.42
C SER IA 142 36.12 28.75 -37.75
N ALA IA 143 36.05 30.07 -37.83
CA ALA IA 143 36.94 30.98 -37.11
C ALA IA 143 36.11 31.52 -35.94
N GLY IA 144 36.41 31.03 -34.75
CA GLY IA 144 35.59 31.24 -33.57
C GLY IA 144 35.00 32.62 -33.40
N LYS IA 145 33.70 32.68 -33.13
CA LYS IA 145 33.03 33.94 -32.86
C LYS IA 145 33.27 34.35 -31.42
N VAL IA 146 32.91 35.59 -31.10
CA VAL IA 146 33.31 36.22 -29.85
C VAL IA 146 32.10 36.63 -29.04
N PHE IA 147 32.11 36.29 -27.75
CA PHE IA 147 31.14 36.77 -26.78
C PHE IA 147 31.87 37.50 -25.66
N GLN IA 148 31.33 38.63 -25.22
CA GLN IA 148 31.93 39.43 -24.16
C GLN IA 148 31.21 39.14 -22.84
N VAL IA 149 31.96 38.69 -21.84
CA VAL IA 149 31.39 38.27 -20.57
C VAL IA 149 31.77 39.19 -19.42
N GLY IA 150 32.55 40.22 -19.68
CA GLY IA 150 32.92 41.19 -18.68
C GLY IA 150 32.30 42.55 -19.00
N HIS IA 151 32.70 43.56 -18.23
CA HIS IA 151 32.21 44.91 -18.46
C HIS IA 151 33.23 45.82 -19.12
N GLN IA 152 34.39 45.29 -19.51
CA GLN IA 152 35.40 46.08 -20.18
C GLN IA 152 35.90 45.35 -21.41
N GLU IA 153 36.62 46.09 -22.26
CA GLU IA 153 37.16 45.52 -23.48
C GLU IA 153 38.17 44.42 -23.16
N GLY IA 154 38.19 43.39 -23.99
CA GLY IA 154 39.14 42.31 -23.84
C GLY IA 154 38.68 41.15 -22.99
N GLU IA 155 37.51 41.23 -22.36
CA GLU IA 155 36.96 40.14 -21.57
C GLU IA 155 36.04 39.33 -22.47
N ASP IA 156 36.63 38.52 -23.35
CA ASP IA 156 35.87 37.81 -24.37
C ASP IA 156 36.13 36.31 -24.29
N ILE IA 157 35.15 35.55 -24.78
CA ILE IA 157 35.24 34.10 -24.91
C ILE IA 157 34.98 33.74 -26.37
N LYS IA 158 35.76 32.79 -26.88
CA LYS IA 158 35.69 32.40 -28.28
C LYS IA 158 35.18 30.99 -28.40
N VAL IA 159 34.17 30.80 -29.25
CA VAL IA 159 33.57 29.49 -29.50
C VAL IA 159 33.80 29.14 -30.97
N THR IA 160 34.48 28.02 -31.21
CA THR IA 160 34.80 27.57 -32.56
C THR IA 160 34.10 26.24 -32.84
N VAL IA 161 33.35 26.19 -33.94
CA VAL IA 161 32.67 24.98 -34.39
C VAL IA 161 33.08 24.73 -35.83
N LYS IA 162 33.84 23.67 -36.06
CA LYS IA 162 34.26 23.35 -37.41
C LYS IA 162 33.11 22.73 -38.19
N ALA IA 163 33.18 22.88 -39.52
CA ALA IA 163 32.12 22.35 -40.38
C ALA IA 163 32.10 20.83 -40.32
N SER IA 164 30.89 20.27 -40.22
CA SER IA 164 30.71 18.83 -40.13
C SER IA 164 29.54 18.41 -40.99
N ASN IA 165 29.84 17.86 -42.16
CA ASN IA 165 28.84 17.36 -43.09
C ASN IA 165 29.50 16.24 -43.89
N LYS IA 166 28.78 15.70 -44.88
CA LYS IA 166 29.25 14.47 -45.52
C LYS IA 166 30.50 14.72 -46.37
N THR IA 167 30.58 15.84 -47.09
CA THR IA 167 31.80 16.12 -47.85
C THR IA 167 32.96 16.43 -46.91
N SER IA 168 32.68 17.08 -45.78
CA SER IA 168 33.74 17.42 -44.83
C SER IA 168 34.35 16.17 -44.22
N LEU IA 169 33.52 15.20 -43.83
CA LEU IA 169 33.97 14.00 -43.15
C LEU IA 169 34.50 12.93 -44.11
N SER IA 170 34.73 13.29 -45.36
CA SER IA 170 35.26 12.39 -46.38
C SER IA 170 34.38 11.16 -46.55
N VAL IA 171 33.08 11.41 -46.64
CA VAL IA 171 32.11 10.37 -47.01
C VAL IA 171 31.23 10.93 -48.12
N GLY IA 172 30.53 10.05 -48.82
CA GLY IA 172 29.73 10.47 -49.94
C GLY IA 172 29.96 9.59 -51.15
N ALA IA 173 31.13 8.96 -51.19
CA ALA IA 173 31.46 7.95 -52.18
C ALA IA 173 32.00 6.73 -51.45
N LEU IA 174 31.10 5.83 -51.07
CA LEU IA 174 31.48 4.61 -50.35
C LEU IA 174 30.90 3.41 -51.09
N ASN IA 175 31.76 2.61 -51.68
CA ASN IA 175 31.35 1.39 -52.37
C ASN IA 175 31.78 0.17 -51.56
N ASN IA 176 31.18 -0.98 -51.88
CA ASN IA 176 31.50 -2.22 -51.20
C ASN IA 176 31.54 -3.41 -52.16
N ALA IA 177 31.94 -3.19 -53.40
CA ALA IA 177 31.98 -4.27 -54.38
C ALA IA 177 33.26 -5.09 -54.28
N THR IA 178 34.41 -4.45 -54.51
CA THR IA 178 35.67 -5.16 -54.55
C THR IA 178 36.27 -5.33 -53.16
N SER IA 179 37.36 -6.10 -53.06
CA SER IA 179 38.03 -6.27 -51.77
C SER IA 179 38.63 -4.95 -51.31
N ALA IA 180 39.26 -4.21 -52.21
CA ALA IA 180 39.90 -2.96 -51.84
C ALA IA 180 38.87 -1.89 -51.48
N ASN IA 181 37.68 -1.96 -52.08
CA ASN IA 181 36.66 -0.95 -51.82
C ASN IA 181 36.21 -0.97 -50.36
N ARG IA 182 36.00 -2.16 -49.81
CA ARG IA 182 35.54 -2.24 -48.42
C ARG IA 182 36.63 -1.83 -47.44
N ALA IA 183 37.89 -2.19 -47.71
CA ALA IA 183 38.96 -1.82 -46.82
C ALA IA 183 39.13 -0.31 -46.73
N SER IA 184 39.03 0.39 -47.87
CA SER IA 184 39.16 1.84 -47.86
C SER IA 184 37.97 2.49 -47.14
N SER IA 185 36.78 1.93 -47.32
CA SER IA 185 35.59 2.51 -46.69
C SER IA 185 35.66 2.42 -45.17
N LEU IA 186 36.17 1.31 -44.65
CA LEU IA 186 36.22 1.12 -43.21
C LEU IA 186 37.13 2.14 -42.53
N ALA IA 187 38.27 2.46 -43.14
CA ALA IA 187 39.20 3.40 -42.54
C ALA IA 187 38.60 4.80 -42.44
N LYS IA 188 37.87 5.22 -43.48
CA LYS IA 188 37.33 6.59 -43.49
C LYS IA 188 36.24 6.77 -42.44
N ILE IA 189 35.43 5.74 -42.21
CA ILE IA 189 34.40 5.84 -41.17
C ILE IA 189 35.05 5.95 -39.79
N ASP IA 190 36.10 5.15 -39.55
CA ASP IA 190 36.79 5.23 -38.26
C ASP IA 190 37.40 6.60 -38.05
N ALA IA 191 38.00 7.17 -39.09
CA ALA IA 191 38.54 8.52 -38.99
C ALA IA 191 37.42 9.54 -38.77
N ALA IA 192 36.23 9.27 -39.30
CA ALA IA 192 35.11 10.20 -39.12
C ALA IA 192 34.69 10.27 -37.65
N ILE IA 193 34.62 9.13 -36.97
CA ILE IA 193 34.21 9.14 -35.57
C ILE IA 193 35.23 9.88 -34.72
N LYS IA 194 36.52 9.73 -35.02
CA LYS IA 194 37.54 10.43 -34.26
C LYS IA 194 37.40 11.94 -34.40
N THR IA 195 37.12 12.43 -35.61
CA THR IA 195 37.02 13.87 -35.81
C THR IA 195 35.83 14.45 -35.03
N ILE IA 196 34.69 13.77 -35.05
CA ILE IA 196 33.53 14.24 -34.29
C ILE IA 196 33.83 14.19 -32.80
N ASP IA 197 34.51 13.14 -32.35
CA ASP IA 197 34.81 12.99 -30.93
C ASP IA 197 35.64 14.16 -30.41
N SER IA 198 36.67 14.57 -31.18
CA SER IA 198 37.50 15.68 -30.76
C SER IA 198 36.70 16.98 -30.75
N GLN IA 199 35.76 17.13 -31.69
CA GLN IA 199 34.94 18.34 -31.73
C GLN IA 199 34.05 18.45 -30.50
N ARG IA 200 33.47 17.33 -30.07
CA ARG IA 200 32.60 17.35 -28.90
C ARG IA 200 33.39 17.71 -27.65
N ALA IA 201 34.61 17.20 -27.52
CA ALA IA 201 35.43 17.51 -26.37
C ALA IA 201 35.76 19.00 -26.31
N ASP IA 202 36.03 19.60 -27.47
CA ASP IA 202 36.33 21.03 -27.50
C ASP IA 202 35.12 21.86 -27.07
N LEU IA 203 33.91 21.48 -27.50
CA LEU IA 203 32.73 22.23 -27.11
C LEU IA 203 32.39 22.02 -25.64
N GLY IA 204 32.63 20.82 -25.11
CA GLY IA 204 32.38 20.58 -23.70
C GLY IA 204 33.28 21.38 -22.79
N ALA IA 205 34.54 21.56 -23.18
CA ALA IA 205 35.48 22.33 -22.35
C ALA IA 205 35.05 23.78 -22.24
N VAL IA 206 34.53 24.36 -23.34
CA VAL IA 206 34.13 25.77 -23.32
C VAL IA 206 32.97 25.98 -22.37
N GLN IA 207 31.97 25.08 -22.40
CA GLN IA 207 30.82 25.26 -21.54
C GLN IA 207 31.12 24.90 -20.09
N ASN IA 208 32.08 24.01 -19.84
CA ASN IA 208 32.62 23.91 -18.50
C ASN IA 208 33.33 25.19 -18.11
N ARG IA 209 34.05 25.80 -19.06
CA ARG IA 209 34.70 27.07 -18.81
C ARG IA 209 33.69 28.17 -18.54
N LEU IA 210 32.62 28.25 -19.34
CA LEU IA 210 31.65 29.33 -19.17
C LEU IA 210 30.88 29.22 -17.86
N ALA IA 211 30.65 28.01 -17.36
CA ALA IA 211 29.92 27.85 -16.11
C ALA IA 211 30.64 28.51 -14.94
N HIS IA 212 31.97 28.46 -14.94
CA HIS IA 212 32.74 29.04 -13.85
C HIS IA 212 32.74 30.57 -13.90
N ASN IA 213 32.62 31.16 -15.09
CA ASN IA 213 32.51 32.61 -15.19
C ASN IA 213 31.23 33.11 -14.53
N ILE IA 214 30.11 32.42 -14.76
CA ILE IA 214 28.84 32.86 -14.22
C ILE IA 214 28.86 32.84 -12.70
N SER IA 215 29.39 31.76 -12.11
CA SER IA 215 29.46 31.68 -10.66
C SER IA 215 30.35 32.79 -10.10
N ASN IA 216 31.49 33.03 -10.75
CA ASN IA 216 32.36 34.12 -10.30
C ASN IA 216 31.71 35.48 -10.46
N SER IA 217 31.01 35.70 -11.57
CA SER IA 217 30.34 36.98 -11.78
C SER IA 217 29.20 37.19 -10.81
N ALA IA 218 28.48 36.12 -10.45
CA ALA IA 218 27.42 36.26 -9.45
C ALA IA 218 27.98 36.65 -8.10
N ASN IA 219 29.11 36.06 -7.71
CA ASN IA 219 29.73 36.42 -6.43
C ASN IA 219 30.19 37.86 -6.43
N THR IA 220 30.93 38.27 -7.47
CA THR IA 220 31.48 39.62 -7.47
C THR IA 220 30.40 40.69 -7.56
N GLN IA 221 29.25 40.36 -8.16
CA GLN IA 221 28.16 41.31 -8.22
C GLN IA 221 27.64 41.66 -6.83
N ALA IA 222 27.51 40.66 -5.97
CA ALA IA 222 27.00 40.89 -4.62
C ALA IA 222 27.94 41.77 -3.82
N ASN IA 223 29.24 41.51 -3.90
CA ASN IA 223 30.19 42.30 -3.13
C ASN IA 223 30.27 43.74 -3.60
N VAL IA 224 30.17 44.00 -4.90
CA VAL IA 224 30.15 45.37 -5.39
C VAL IA 224 28.89 46.09 -4.93
N ALA IA 225 27.76 45.37 -4.84
CA ALA IA 225 26.54 45.97 -4.31
C ALA IA 225 26.73 46.39 -2.85
N ASP IA 226 27.45 45.58 -2.08
CA ASP IA 226 27.83 45.99 -0.73
C ASP IA 226 28.59 47.30 -0.74
N ALA IA 227 29.64 47.40 -1.56
CA ALA IA 227 30.48 48.59 -1.56
C ALA IA 227 29.70 49.81 -1.99
N LYS IA 228 28.81 49.65 -2.98
CA LYS IA 228 28.07 50.78 -3.52
C LYS IA 228 27.02 51.32 -2.55
N SER IA 229 26.43 50.45 -1.72
CA SER IA 229 25.39 50.91 -0.81
C SER IA 229 25.97 51.70 0.37
N ARG IA 230 27.17 51.35 0.81
CA ARG IA 230 27.76 52.06 1.95
C ARG IA 230 28.04 53.53 1.62
N ILE IA 231 28.12 53.85 0.33
CA ILE IA 231 28.48 55.20 -0.09
C ILE IA 231 27.26 56.07 -0.34
N VAL IA 232 26.24 55.54 -1.02
CA VAL IA 232 25.13 56.37 -1.49
C VAL IA 232 23.84 56.18 -0.70
N ASP IA 233 23.74 55.15 0.13
CA ASP IA 233 22.49 54.81 0.78
C ASP IA 233 22.44 55.36 2.20
N VAL IA 234 21.24 55.72 2.65
CA VAL IA 234 21.05 56.29 3.97
C VAL IA 234 20.89 55.17 4.99
N ASP IA 235 21.25 55.46 6.23
CA ASP IA 235 20.94 54.61 7.37
C ASP IA 235 19.76 55.23 8.11
N PHE IA 236 18.64 54.51 8.13
CA PHE IA 236 17.43 55.09 8.70
C PHE IA 236 17.58 55.38 10.19
N ALA IA 237 18.40 54.59 10.89
CA ALA IA 237 18.66 54.85 12.30
C ALA IA 237 19.31 56.21 12.45
N LYS IA 238 20.29 56.51 11.61
CA LYS IA 238 20.92 57.82 11.62
C LYS IA 238 19.94 58.90 11.20
N GLU IA 239 19.17 58.66 10.14
CA GLU IA 239 18.33 59.71 9.56
C GLU IA 239 17.11 60.00 10.43
N THR IA 240 16.49 58.96 10.99
CA THR IA 240 15.29 59.19 11.79
C THR IA 240 15.60 60.02 13.02
N SER IA 241 16.73 59.76 13.67
CA SER IA 241 17.10 60.54 14.84
C SER IA 241 17.30 62.01 14.47
N ALA IA 242 17.95 62.28 13.33
CA ALA IA 242 18.16 63.66 12.91
C ALA IA 242 16.83 64.35 12.60
N MET IA 243 15.91 63.64 11.95
CA MET IA 243 14.63 64.24 11.60
C MET IA 243 13.84 64.63 12.85
N THR IA 244 13.74 63.72 13.82
CA THR IA 244 13.13 64.08 15.09
C THR IA 244 13.95 65.12 15.83
N LYS IA 245 15.26 65.16 15.57
CA LYS IA 245 16.14 66.08 16.27
C LYS IA 245 15.79 67.51 15.92
N TYR IA 246 15.52 67.77 14.64
CA TYR IA 246 15.22 69.11 14.13
C TYR IA 246 13.78 69.52 14.36
N GLN IA 247 12.85 68.57 14.50
CA GLN IA 247 11.46 68.93 14.76
C GLN IA 247 11.34 69.67 16.09
N VAL IA 248 12.05 69.22 17.11
CA VAL IA 248 12.02 69.90 18.40
C VAL IA 248 12.61 71.30 18.27
N LEU IA 249 13.72 71.42 17.54
CA LEU IA 249 14.37 72.71 17.38
C LEU IA 249 13.47 73.71 16.66
N GLN IA 250 12.62 73.23 15.75
CA GLN IA 250 11.71 74.12 15.04
C GLN IA 250 10.69 74.74 15.99
N GLN IA 251 10.05 73.91 16.82
CA GLN IA 251 9.07 74.42 17.77
C GLN IA 251 9.73 75.30 18.82
N THR IA 252 10.95 74.97 19.23
CA THR IA 252 11.69 75.83 20.12
C THR IA 252 12.00 77.17 19.46
N GLY IA 253 12.42 77.14 18.19
CA GLY IA 253 12.72 78.38 17.48
C GLY IA 253 11.51 79.26 17.28
N SER IA 254 10.35 78.67 16.99
CA SER IA 254 9.14 79.46 16.77
C SER IA 254 8.67 80.15 18.05
N ALA IA 255 8.72 79.47 19.19
CA ALA IA 255 8.33 80.11 20.43
C ALA IA 255 9.29 81.22 20.83
N MET IA 256 10.58 81.01 20.62
CA MET IA 256 11.55 82.06 20.96
C MET IA 256 11.38 83.27 20.05
N LEU IA 257 11.14 83.06 18.75
CA LEU IA 257 10.98 84.19 17.84
C LEU IA 257 9.71 84.97 18.12
N ALA IA 258 8.59 84.28 18.38
CA ALA IA 258 7.35 84.99 18.67
C ALA IA 258 7.47 85.81 19.94
N GLN IA 259 8.13 85.27 20.96
CA GLN IA 259 8.26 85.99 22.22
C GLN IA 259 9.29 87.11 22.13
N ALA IA 260 10.31 86.94 21.28
CA ALA IA 260 11.31 88.00 21.11
C ALA IA 260 10.74 89.16 20.32
N ASN IA 261 9.69 88.94 19.54
CA ASN IA 261 9.10 90.01 18.74
C ASN IA 261 8.41 91.05 19.59
N GLN IA 262 7.88 90.69 20.75
CA GLN IA 262 7.18 91.64 21.61
C GLN IA 262 8.06 92.19 22.72
N LEU IA 263 9.38 92.12 22.56
CA LEU IA 263 10.32 92.84 23.42
C LEU IA 263 10.12 94.35 23.38
N PRO IA 264 9.97 94.99 22.21
CA PRO IA 264 9.89 96.47 22.19
C PRO IA 264 8.65 97.04 22.84
N GLN IA 265 7.68 96.21 23.25
CA GLN IA 265 6.49 96.74 23.92
C GLN IA 265 6.79 97.29 25.31
N VAL IA 266 7.99 97.06 25.83
CA VAL IA 266 8.38 97.68 27.09
C VAL IA 266 8.37 99.20 26.97
N ALA IA 267 8.71 99.72 25.79
CA ALA IA 267 8.75 101.16 25.58
C ALA IA 267 7.39 101.82 25.80
N LEU IA 268 6.29 101.09 25.61
CA LEU IA 268 4.97 101.64 25.87
C LEU IA 268 4.66 101.79 27.34
N SER IA 269 5.36 101.07 28.22
CA SER IA 269 5.12 101.20 29.65
C SER IA 269 5.61 102.54 30.18
N LEU IA 270 6.69 103.08 29.61
CA LEU IA 270 7.28 104.33 30.10
C LEU IA 270 6.59 105.52 29.41
N LEU IA 271 5.27 105.55 29.54
CA LEU IA 271 4.46 106.69 29.11
C LEU IA 271 4.71 106.98 27.63
N GLY IA 272 4.28 106.08 26.77
CA GLY IA 272 4.36 106.28 25.33
C GLY IA 272 5.76 106.47 24.78
N ALA JA 1 15.45 151.46 44.14
CA ALA JA 1 15.47 150.47 43.08
C ALA JA 1 14.05 150.03 42.72
N ILE JA 2 13.13 151.00 42.66
CA ILE JA 2 11.75 150.71 42.28
C ILE JA 2 11.45 151.42 40.97
N THR JA 3 11.53 150.68 39.87
CA THR JA 3 11.35 151.28 38.55
C THR JA 3 10.08 150.76 37.89
N VAL JA 4 9.56 151.54 36.95
CA VAL JA 4 8.34 151.18 36.22
C VAL JA 4 8.58 151.26 34.73
N ASN JA 5 9.85 151.29 34.31
CA ASN JA 5 10.17 151.32 32.89
C ASN JA 5 10.86 150.05 32.39
N THR JA 6 11.64 149.38 33.23
CA THR JA 6 12.28 148.12 32.85
C THR JA 6 12.07 147.09 33.93
N ASN JA 7 11.78 145.86 33.51
CA ASN JA 7 11.61 144.72 34.42
C ASN JA 7 12.63 143.66 34.03
N VAL JA 8 13.83 143.77 34.59
CA VAL JA 8 14.90 142.83 34.27
C VAL JA 8 14.58 141.45 34.84
N THR JA 9 13.82 141.40 35.94
CA THR JA 9 13.38 140.11 36.47
C THR JA 9 12.56 139.36 35.42
N SER JA 10 11.69 140.07 34.70
CA SER JA 10 10.93 139.46 33.62
C SER JA 10 11.85 139.00 32.49
N MET JA 11 12.85 139.81 32.16
CA MET JA 11 13.75 139.46 31.06
C MET JA 11 14.49 138.16 31.35
N LYS JA 12 15.00 137.99 32.56
CA LYS JA 12 15.66 136.74 32.93
C LYS JA 12 14.66 135.60 32.98
N ALA JA 13 13.46 135.85 33.49
CA ALA JA 13 12.44 134.81 33.57
C ALA JA 13 12.02 134.33 32.18
N GLN JA 14 11.92 135.26 31.22
CA GLN JA 14 11.51 134.90 29.87
C GLN JA 14 12.51 133.95 29.23
N LYS JA 15 13.80 134.21 29.41
CA LYS JA 15 14.83 133.38 28.79
C LYS JA 15 14.77 131.94 29.31
N ASN JA 16 14.56 131.78 30.61
CA ASN JA 16 14.50 130.44 31.18
C ASN JA 16 13.33 129.64 30.64
N LEU JA 17 12.17 130.32 30.46
CA LEU JA 17 11.01 129.63 29.91
C LEU JA 17 11.26 129.20 28.46
N ASN JA 18 11.95 130.02 27.69
CA ASN JA 18 12.24 129.65 26.30
C ASN JA 18 13.14 128.43 26.23
N THR JA 19 14.15 128.35 27.10
CA THR JA 19 15.03 127.19 27.11
C THR JA 19 14.29 125.91 27.49
N SER JA 20 13.41 125.98 28.48
CA SER JA 20 12.66 124.80 28.89
C SER JA 20 11.64 124.37 27.84
N ASN JA 21 11.06 125.31 27.10
CA ASN JA 21 10.13 124.97 26.03
C ASN JA 21 10.84 124.33 24.85
N SER JA 22 12.03 124.82 24.50
CA SER JA 22 12.78 124.24 23.39
C SER JA 22 13.25 122.82 23.69
N GLY JA 23 13.65 122.55 24.93
CA GLY JA 23 14.05 121.22 25.31
C GLY JA 23 12.90 120.23 25.29
N LEU JA 24 11.72 120.69 25.68
CA LEU JA 24 10.54 119.83 25.62
C LEU JA 24 10.20 119.47 24.17
N SER JA 25 10.30 120.44 23.27
CA SER JA 25 9.97 120.21 21.87
C SER JA 25 10.90 119.19 21.24
N THR JA 26 12.21 119.33 21.47
CA THR JA 26 13.16 118.43 20.83
C THR JA 26 13.04 117.01 21.36
N SER JA 27 12.58 116.84 22.60
CA SER JA 27 12.41 115.49 23.13
C SER JA 27 11.23 114.78 22.50
N MET JA 28 10.16 115.51 22.16
CA MET JA 28 8.98 114.87 21.59
C MET JA 28 9.27 114.33 20.19
N GLU JA 29 10.00 115.07 19.36
CA GLU JA 29 10.27 114.61 18.00
C GLU JA 29 11.23 113.43 17.99
N ARG JA 30 12.17 113.38 18.92
CA ARG JA 30 12.99 112.18 19.05
C ARG JA 30 12.17 110.97 19.47
N LEU JA 31 11.20 111.16 20.35
CA LEU JA 31 10.32 110.08 20.75
C LEU JA 31 9.31 109.70 19.68
N SER JA 32 8.87 110.66 18.86
CA SER JA 32 7.83 110.38 17.87
C SER JA 32 8.40 109.60 16.68
N SER JA 33 9.69 109.70 16.42
CA SER JA 33 10.32 108.99 15.31
C SER JA 33 11.14 107.80 15.81
N GLY JA 34 12.01 108.02 16.78
CA GLY JA 34 12.81 106.94 17.32
C GLY JA 34 14.26 107.06 16.93
N LEU JA 35 14.69 108.25 16.52
CA LEU JA 35 16.05 108.49 16.08
C LEU JA 35 16.65 109.63 16.89
N ARG JA 36 17.86 109.40 17.41
CA ARG JA 36 18.58 110.45 18.10
C ARG JA 36 19.08 111.51 17.14
N ILE JA 37 19.69 111.09 16.02
CA ILE JA 37 20.20 112.03 15.03
C ILE JA 37 19.12 112.29 13.99
N ASN JA 38 18.20 113.21 14.30
CA ASN JA 38 17.18 113.60 13.34
C ASN JA 38 17.78 114.53 12.29
N SER JA 39 18.43 115.59 12.74
CA SER JA 39 19.08 116.55 11.85
C SER JA 39 20.58 116.60 12.15
N ALA JA 40 21.26 117.51 11.47
CA ALA JA 40 22.68 117.73 11.68
C ALA JA 40 22.97 118.57 12.91
N LYS JA 41 21.95 118.93 13.69
CA LYS JA 41 22.19 119.58 14.97
C LYS JA 41 23.09 118.69 15.82
N ASP JA 42 22.78 117.40 15.86
CA ASP JA 42 23.42 116.41 16.71
C ASP JA 42 24.74 115.96 16.12
N ASP JA 43 25.22 114.80 16.57
CA ASP JA 43 26.55 114.31 16.19
C ASP JA 43 26.79 114.44 14.69
N ALA JA 44 27.72 115.33 14.33
CA ALA JA 44 28.07 115.50 12.92
C ALA JA 44 28.77 114.26 12.38
N ALA JA 45 29.64 113.66 13.18
CA ALA JA 45 30.32 112.44 12.78
C ALA JA 45 29.42 111.22 12.82
N GLY JA 46 28.40 111.23 13.67
CA GLY JA 46 27.53 110.06 13.78
C GLY JA 46 26.75 109.79 12.51
N LEU JA 47 26.21 110.84 11.88
CA LEU JA 47 25.42 110.65 10.68
C LEU JA 47 26.29 110.19 9.51
N ALA JA 48 27.52 110.67 9.45
CA ALA JA 48 28.43 110.23 8.40
C ALA JA 48 28.76 108.75 8.54
N ILE JA 49 29.04 108.31 9.77
CA ILE JA 49 29.33 106.90 10.01
C ILE JA 49 28.11 106.05 9.72
N SER JA 50 26.92 106.52 10.13
CA SER JA 50 25.71 105.74 9.95
C SER JA 50 25.40 105.54 8.47
N ASN JA 51 25.74 106.52 7.63
CA ASN JA 51 25.47 106.39 6.21
C ASN JA 51 26.23 105.22 5.59
N ARG JA 52 27.51 105.07 5.95
CA ARG JA 52 28.27 103.93 5.47
C ARG JA 52 27.79 102.62 6.07
N LEU JA 53 27.41 102.61 7.34
CA LEU JA 53 26.82 101.41 7.92
C LEU JA 53 25.50 101.08 7.26
N ASN JA 54 24.69 102.08 6.91
CA ASN JA 54 23.46 101.84 6.18
C ASN JA 54 23.74 101.22 4.83
N SER JA 55 24.80 101.67 4.15
CA SER JA 55 25.16 101.09 2.87
C SER JA 55 25.55 99.62 3.01
N GLN JA 56 26.28 99.27 4.08
CA GLN JA 56 26.66 97.88 4.28
C GLN JA 56 25.45 96.99 4.54
N VAL JA 57 24.52 97.47 5.37
CA VAL JA 57 23.35 96.66 5.71
C VAL JA 57 22.50 96.41 4.46
N ARG JA 58 22.19 97.47 3.73
CA ARG JA 58 21.41 97.31 2.51
C ARG JA 58 22.22 96.66 1.41
N GLY JA 59 23.53 96.92 1.37
CA GLY JA 59 24.38 96.29 0.38
C GLY JA 59 24.42 94.78 0.54
N LEU JA 60 24.53 94.30 1.78
CA LEU JA 60 24.52 92.86 2.00
C LEU JA 60 23.19 92.23 1.62
N GLU JA 61 22.08 92.92 1.91
CA GLU JA 61 20.77 92.34 1.64
C GLU JA 61 20.57 92.07 0.16
N VAL JA 62 21.00 93.00 -0.69
CA VAL JA 62 20.97 92.76 -2.13
C VAL JA 62 21.97 91.67 -2.50
N GLY JA 63 23.12 91.65 -1.82
CA GLY JA 63 24.11 90.62 -2.10
C GLY JA 63 23.62 89.22 -1.74
N MET JA 64 22.81 89.11 -0.70
CA MET JA 64 22.23 87.81 -0.35
C MET JA 64 21.36 87.27 -1.46
N ARG JA 65 20.46 88.11 -2.00
CA ARG JA 65 19.62 87.68 -3.10
C ARG JA 65 20.44 87.42 -4.35
N ASN JA 66 21.58 88.10 -4.50
CA ASN JA 66 22.44 87.87 -5.64
C ASN JA 66 22.99 86.45 -5.65
N ALA JA 67 23.35 85.92 -4.47
CA ALA JA 67 23.88 84.57 -4.36
C ALA JA 67 22.82 83.49 -4.39
N ASN JA 68 21.62 83.77 -3.86
CA ASN JA 68 20.52 82.81 -4.01
C ASN JA 68 20.18 82.54 -5.46
N ASP JA 69 20.33 83.54 -6.33
CA ASP JA 69 20.16 83.36 -7.76
C ASP JA 69 21.22 82.43 -8.34
N ALA JA 70 22.48 82.55 -7.91
CA ALA JA 70 23.53 81.69 -8.43
C ALA JA 70 23.31 80.24 -8.02
N ILE JA 71 22.76 80.02 -6.83
CA ILE JA 71 22.49 78.67 -6.34
C ILE JA 71 21.48 77.99 -7.25
N SER JA 72 20.44 78.74 -7.63
CA SER JA 72 19.39 78.17 -8.47
C SER JA 72 19.91 77.79 -9.85
N ILE JA 73 20.78 78.62 -10.44
CA ILE JA 73 21.35 78.28 -11.74
C ILE JA 73 22.16 77.01 -11.67
N ALA JA 74 23.03 76.89 -10.66
CA ALA JA 74 23.80 75.66 -10.49
C ALA JA 74 22.92 74.46 -10.18
N GLN JA 75 21.78 74.70 -9.53
CA GLN JA 75 20.87 73.61 -9.20
C GLN JA 75 20.23 73.02 -10.46
N ILE JA 76 19.83 73.87 -11.41
CA ILE JA 76 19.16 73.38 -12.61
C ILE JA 76 20.13 72.64 -13.50
N ALA JA 77 21.34 73.17 -13.70
CA ALA JA 77 22.31 72.53 -14.57
C ALA JA 77 22.70 71.16 -14.03
N GLU JA 78 22.87 71.05 -12.72
CA GLU JA 78 23.20 69.77 -12.11
C GLU JA 78 22.09 68.74 -12.34
N GLY JA 79 20.84 69.18 -12.21
CA GLY JA 79 19.73 68.25 -12.41
C GLY JA 79 19.66 67.68 -13.80
N ALA JA 80 19.94 68.50 -14.81
CA ALA JA 80 19.88 68.03 -16.18
C ALA JA 80 20.99 67.04 -16.49
N MET JA 81 22.19 67.23 -15.93
CA MET JA 81 23.30 66.33 -16.22
C MET JA 81 23.06 64.94 -15.63
N GLN JA 82 22.23 64.84 -14.59
CA GLN JA 82 21.92 63.52 -14.04
C GLN JA 82 21.19 62.66 -15.06
N GLU JA 83 20.25 63.25 -15.80
CA GLU JA 83 19.51 62.46 -16.77
C GLU JA 83 20.38 62.07 -17.97
N GLN JA 84 21.35 62.91 -18.32
CA GLN JA 84 22.28 62.52 -19.38
C GLN JA 84 23.15 61.34 -18.95
N THR JA 85 23.46 61.26 -17.65
CA THR JA 85 24.26 60.15 -17.17
C THR JA 85 23.51 58.83 -17.25
N ASN JA 86 22.22 58.82 -16.89
CA ASN JA 86 21.45 57.58 -16.96
C ASN JA 86 21.31 57.05 -18.38
N MET JA 87 21.05 57.91 -19.35
CA MET JA 87 20.94 57.46 -20.73
C MET JA 87 22.28 56.98 -21.29
N LEU JA 88 23.39 57.58 -20.86
CA LEU JA 88 24.69 57.09 -21.30
C LEU JA 88 24.97 55.70 -20.75
N GLN JA 89 24.49 55.40 -19.54
CA GLN JA 89 24.68 54.05 -19.00
C GLN JA 89 23.92 53.02 -19.81
N ARG JA 90 22.72 53.36 -20.28
CA ARG JA 90 21.96 52.45 -21.12
C ARG JA 90 22.66 52.19 -22.45
N MET JA 91 23.36 53.19 -23.00
CA MET JA 91 24.13 52.97 -24.21
C MET JA 91 25.27 51.99 -23.99
N ARG JA 92 25.87 51.99 -22.80
CA ARG JA 92 26.91 51.01 -22.50
C ARG JA 92 26.37 49.59 -22.53
N ASP JA 93 25.19 49.36 -21.98
CA ASP JA 93 24.61 48.02 -21.99
C ASP JA 93 24.31 47.55 -23.40
N LEU JA 94 23.79 48.44 -24.25
CA LEU JA 94 23.49 48.05 -25.62
C LEU JA 94 24.76 47.69 -26.40
N THR JA 95 25.85 48.43 -26.20
CA THR JA 95 27.12 48.06 -26.81
C THR JA 95 27.63 46.72 -26.33
N ILE JA 96 27.51 46.43 -25.03
CA ILE JA 96 27.86 45.11 -24.53
C ILE JA 96 26.91 44.07 -25.09
N GLN JA 97 25.61 44.36 -25.13
CA GLN JA 97 24.64 43.43 -25.69
C GLN JA 97 24.83 43.21 -27.18
N SER JA 98 25.38 44.18 -27.89
CA SER JA 98 25.56 44.08 -29.33
C SER JA 98 26.78 43.27 -29.73
N GLU JA 99 27.36 42.50 -28.82
CA GLU JA 99 28.60 41.81 -29.08
C GLU JA 99 28.38 40.29 -29.10
N ASN JA 100 27.12 39.85 -29.05
CA ASN JA 100 26.82 38.43 -29.17
C ASN JA 100 27.25 37.90 -30.53
N GLY JA 101 27.68 36.64 -30.54
CA GLY JA 101 27.96 35.96 -31.79
C GLY JA 101 26.75 35.25 -32.35
N ALA JA 102 25.65 35.27 -31.61
CA ALA JA 102 24.41 34.67 -32.07
C ALA JA 102 23.46 35.69 -32.70
N ASN JA 103 23.88 36.95 -32.78
CA ASN JA 103 23.06 37.98 -33.40
C ASN JA 103 23.15 37.82 -34.92
N SER JA 104 22.53 38.72 -35.65
CA SER JA 104 22.60 38.72 -37.11
C SER JA 104 22.69 40.16 -37.58
N THR JA 105 22.83 40.33 -38.89
CA THR JA 105 22.94 41.67 -39.45
C THR JA 105 21.67 42.48 -39.17
N ALA JA 106 20.51 41.85 -39.28
CA ALA JA 106 19.26 42.53 -38.97
C ALA JA 106 19.11 42.85 -37.49
N ASP JA 107 19.69 42.00 -36.62
CA ASP JA 107 19.59 42.25 -35.18
C ASP JA 107 20.41 43.46 -34.77
N LEU JA 108 21.59 43.64 -35.36
CA LEU JA 108 22.44 44.77 -35.01
C LEU JA 108 21.81 46.08 -35.42
N VAL JA 109 21.03 46.09 -36.50
CA VAL JA 109 20.37 47.31 -36.94
C VAL JA 109 19.33 47.76 -35.92
N SER JA 110 18.56 46.83 -35.36
CA SER JA 110 17.56 47.19 -34.36
C SER JA 110 18.18 47.80 -33.11
N ILE JA 111 19.33 47.29 -32.68
CA ILE JA 111 19.99 47.86 -31.51
C ILE JA 111 20.49 49.27 -31.82
N LYS JA 112 20.99 49.50 -33.03
CA LYS JA 112 21.44 50.84 -33.39
C LYS JA 112 20.29 51.82 -33.45
N ALA JA 113 19.12 51.39 -33.92
CA ALA JA 113 17.95 52.26 -33.94
C ALA JA 113 17.54 52.73 -32.57
N GLU JA 114 17.91 52.02 -31.51
CA GLU JA 114 17.69 52.43 -30.15
C GLU JA 114 18.77 53.39 -29.66
N MET JA 115 20.04 53.04 -29.90
CA MET JA 115 21.14 53.94 -29.54
C MET JA 115 20.99 55.29 -30.22
N ASP JA 116 20.49 55.28 -31.46
CA ASP JA 116 20.41 56.51 -32.23
C ASP JA 116 19.46 57.51 -31.58
N GLN JA 117 18.31 57.04 -31.10
CA GLN JA 117 17.35 57.95 -30.47
C GLN JA 117 17.79 58.42 -29.09
N LEU JA 118 18.52 57.60 -28.34
CA LEU JA 118 19.04 58.07 -27.05
C LEU JA 118 20.03 59.20 -27.21
N ALA JA 119 20.87 59.17 -28.24
CA ALA JA 119 21.78 60.28 -28.50
C ALA JA 119 21.06 61.55 -28.92
N THR JA 120 19.88 61.42 -29.53
CA THR JA 120 19.11 62.60 -29.90
C THR JA 120 18.64 63.37 -28.66
N GLU JA 121 18.23 62.68 -27.60
CA GLU JA 121 17.80 63.38 -26.40
C GLU JA 121 18.95 64.04 -25.65
N ILE JA 122 20.14 63.45 -25.67
CA ILE JA 122 21.29 64.12 -25.07
C ILE JA 122 21.51 65.46 -25.75
N ASP JA 123 21.30 65.51 -27.07
CA ASP JA 123 21.22 66.79 -27.76
C ASP JA 123 20.03 67.62 -27.28
N SER JA 124 18.87 66.98 -27.08
CA SER JA 124 17.66 67.75 -26.78
C SER JA 124 17.70 68.37 -25.39
N ILE JA 125 18.23 67.65 -24.40
CA ILE JA 125 18.36 68.25 -23.07
C ILE JA 125 19.37 69.40 -23.09
N GLY JA 126 20.47 69.22 -23.82
CA GLY JA 126 21.50 70.24 -23.89
C GLY JA 126 21.00 71.55 -24.47
N ASN JA 127 20.10 71.48 -25.44
CA ASN JA 127 19.58 72.67 -26.09
C ASN JA 127 18.32 73.22 -25.43
N SER JA 128 17.83 72.58 -24.37
CA SER JA 128 16.56 72.99 -23.78
C SER JA 128 16.72 73.58 -22.39
N THR JA 129 17.61 73.00 -21.57
CA THR JA 129 17.79 73.42 -20.19
C THR JA 129 18.04 74.92 -20.10
N ALA JA 130 17.13 75.64 -19.46
CA ALA JA 130 17.20 77.09 -19.45
C ALA JA 130 16.66 77.62 -18.13
N PHE JA 131 17.06 78.84 -17.81
CA PHE JA 131 16.61 79.57 -16.62
C PHE JA 131 15.66 80.66 -17.10
N GLY JA 132 14.39 80.31 -17.26
CA GLY JA 132 13.43 81.25 -17.80
C GLY JA 132 13.57 81.40 -19.29
N ASN JA 133 14.64 82.07 -19.73
CA ASN JA 133 14.86 82.19 -21.18
C ASN JA 133 16.34 82.08 -21.56
N THR JA 134 17.25 81.81 -20.62
CA THR JA 134 18.67 81.76 -20.90
C THR JA 134 19.12 80.30 -20.87
N LYS JA 135 19.66 79.82 -22.00
CA LYS JA 135 20.14 78.46 -22.11
C LYS JA 135 21.45 78.31 -21.35
N LEU JA 136 21.54 77.29 -20.50
CA LEU JA 136 22.68 77.16 -19.59
C LEU JA 136 23.70 76.12 -20.03
N LEU JA 137 23.41 75.27 -21.00
CA LEU JA 137 24.31 74.18 -21.36
C LEU JA 137 24.80 74.28 -22.80
N THR JA 138 24.67 75.47 -23.41
CA THR JA 138 25.08 75.64 -24.79
C THR JA 138 26.28 76.55 -24.94
N GLY JA 139 27.07 76.73 -23.89
CA GLY JA 139 28.35 77.40 -23.98
C GLY JA 139 28.33 78.87 -23.64
N THR JA 140 27.18 79.44 -23.32
CA THR JA 140 27.15 80.85 -22.93
C THR JA 140 27.72 81.01 -21.52
N PHE JA 141 27.89 79.90 -20.80
CA PHE JA 141 28.58 79.92 -19.52
C PHE JA 141 29.93 79.22 -19.62
N SER JA 142 30.49 79.13 -20.82
CA SER JA 142 31.82 78.56 -21.00
C SER JA 142 32.90 79.37 -20.29
N ALA JA 143 32.84 80.70 -20.38
CA ALA JA 143 33.72 81.60 -19.64
C ALA JA 143 32.87 82.15 -18.48
N GLY JA 144 33.14 81.63 -17.28
CA GLY JA 144 32.30 81.85 -16.12
C GLY JA 144 31.71 83.23 -15.96
N LYS JA 145 30.41 83.30 -15.72
CA LYS JA 145 29.75 84.57 -15.46
C LYS JA 145 29.95 84.97 -14.00
N VAL JA 146 29.59 86.21 -13.68
CA VAL JA 146 29.99 86.83 -12.43
C VAL JA 146 28.75 87.24 -11.64
N PHE JA 147 28.74 86.90 -10.35
CA PHE JA 147 27.75 87.38 -9.40
C PHE JA 147 28.46 88.10 -8.27
N GLN JA 148 27.90 89.23 -7.82
CA GLN JA 148 28.50 90.02 -6.75
C GLN JA 148 27.75 89.74 -5.45
N VAL JA 149 28.47 89.28 -4.44
CA VAL JA 149 27.87 88.84 -3.18
C VAL JA 149 28.23 89.76 -2.02
N GLY JA 150 29.04 90.79 -2.26
CA GLY JA 150 29.38 91.77 -1.25
C GLY JA 150 28.78 93.11 -1.57
N HIS JA 151 29.17 94.12 -0.79
CA HIS JA 151 28.69 95.47 -1.03
C HIS JA 151 29.73 96.38 -1.65
N GLN JA 152 30.89 95.85 -2.02
CA GLN JA 152 31.94 96.64 -2.67
C GLN JA 152 32.46 95.91 -3.89
N GLU JA 153 33.19 96.64 -4.72
CA GLU JA 153 33.76 96.07 -5.93
C GLU JA 153 34.75 94.97 -5.60
N GLY JA 154 34.78 93.93 -6.43
CA GLY JA 154 35.72 92.85 -6.26
C GLY JA 154 35.23 91.68 -5.43
N GLU JA 155 34.04 91.78 -4.83
CA GLU JA 155 33.48 90.69 -4.06
C GLU JA 155 32.57 89.89 -4.97
N ASP JA 156 33.17 89.07 -5.85
CA ASP JA 156 32.42 88.38 -6.88
C ASP JA 156 32.67 86.88 -6.81
N ILE JA 157 31.70 86.13 -7.32
CA ILE JA 157 31.78 84.68 -7.46
C ILE JA 157 31.54 84.32 -8.92
N LYS JA 158 32.33 83.37 -9.42
CA LYS JA 158 32.30 82.99 -10.83
C LYS JA 158 31.77 81.57 -10.97
N VAL JA 159 30.78 81.40 -11.83
CA VAL JA 159 30.19 80.09 -12.11
C VAL JA 159 30.43 79.74 -13.56
N THR JA 160 31.11 78.62 -13.80
CA THR JA 160 31.46 78.18 -15.14
C THR JA 160 30.76 76.86 -15.45
N VAL JA 161 30.03 76.82 -16.56
CA VAL JA 161 29.36 75.62 -17.03
C VAL JA 161 29.79 75.38 -18.46
N LYS JA 162 30.55 74.30 -18.69
CA LYS JA 162 31.00 73.99 -20.02
C LYS JA 162 29.86 73.38 -20.84
N ALA JA 163 29.96 73.53 -22.16
CA ALA JA 163 28.92 73.02 -23.04
C ALA JA 163 28.88 71.50 -22.99
N SER JA 164 27.67 70.94 -22.92
CA SER JA 164 27.48 69.50 -22.83
C SER JA 164 26.31 69.10 -23.73
N ASN JA 165 26.63 68.56 -24.90
CA ASN JA 165 25.65 68.05 -25.85
C ASN JA 165 26.32 66.93 -26.65
N LYS JA 166 25.62 66.41 -27.65
CA LYS JA 166 26.10 65.18 -28.28
C LYS JA 166 27.37 65.43 -29.09
N THR JA 167 27.48 66.55 -29.81
CA THR JA 167 28.71 66.82 -30.54
C THR JA 167 29.85 67.13 -29.59
N SER JA 168 29.55 67.76 -28.45
CA SER JA 168 30.58 68.09 -27.48
C SER JA 168 31.18 66.83 -26.86
N LEU JA 169 30.33 65.88 -26.49
CA LEU JA 169 30.77 64.66 -25.80
C LEU JA 169 31.30 63.61 -26.76
N SER JA 170 31.57 63.96 -28.01
CA SER JA 170 32.12 63.06 -29.02
C SER JA 170 31.22 61.84 -29.21
N VAL JA 171 29.92 62.10 -29.33
CA VAL JA 171 28.96 61.07 -29.73
C VAL JA 171 28.11 61.64 -30.85
N GLY JA 172 27.42 60.77 -31.58
CA GLY JA 172 26.64 61.20 -32.71
C GLY JA 172 26.89 60.32 -33.91
N ALA JA 173 28.06 59.68 -33.93
CA ALA JA 173 28.40 58.67 -34.92
C ALA JA 173 28.92 57.45 -34.18
N LEU JA 174 28.01 56.54 -33.83
CA LEU JA 174 28.36 55.32 -33.11
C LEU JA 174 27.79 54.14 -33.86
N ASN JA 175 28.66 53.32 -34.44
CA ASN JA 175 28.26 52.12 -35.15
C ASN JA 175 28.66 50.89 -34.34
N ASN JA 176 28.05 49.76 -34.67
CA ASN JA 176 28.34 48.50 -33.99
C ASN JA 176 28.41 47.31 -34.95
N ALA JA 177 28.84 47.53 -36.19
CA ALA JA 177 28.89 46.46 -37.17
C ALA JA 177 30.15 45.64 -37.05
N THR JA 178 31.31 46.26 -37.25
CA THR JA 178 32.58 45.54 -37.26
C THR JA 178 33.15 45.38 -35.86
N SER JA 179 34.22 44.58 -35.73
CA SER JA 179 34.87 44.41 -34.44
C SER JA 179 35.46 45.73 -33.96
N ALA JA 180 36.12 46.46 -34.85
CA ALA JA 180 36.76 47.71 -34.45
C ALA JA 180 35.73 48.78 -34.11
N ASN JA 181 34.56 48.71 -34.73
CA ASN JA 181 33.54 49.73 -34.49
C ASN JA 181 33.05 49.71 -33.04
N ARG JA 182 32.82 48.52 -32.49
CA ARG JA 182 32.33 48.43 -31.13
C ARG JA 182 33.41 48.83 -30.12
N ALA JA 183 34.66 48.47 -30.38
CA ALA JA 183 35.73 48.83 -29.45
C ALA JA 183 35.91 50.34 -29.35
N SER JA 184 35.83 51.04 -30.49
CA SER JA 184 35.96 52.49 -30.47
C SER JA 184 34.77 53.14 -29.78
N SER JA 185 33.57 52.59 -29.98
CA SER JA 185 32.38 53.18 -29.38
C SER JA 185 32.42 53.09 -27.85
N LEU JA 186 32.91 51.97 -27.32
CA LEU JA 186 32.92 51.77 -25.88
C LEU JA 186 33.83 52.78 -25.18
N ALA JA 187 34.98 53.09 -25.76
CA ALA JA 187 35.91 54.04 -25.13
C ALA JA 187 35.31 55.43 -25.06
N LYS JA 188 34.61 55.87 -26.10
CA LYS JA 188 34.08 57.23 -26.11
C LYS JA 188 32.97 57.41 -25.09
N ILE JA 189 32.14 56.39 -24.88
CA ILE JA 189 31.10 56.49 -23.86
C ILE JA 189 31.71 56.58 -22.48
N ASP JA 190 32.75 55.79 -22.21
CA ASP JA 190 33.42 55.85 -20.90
C ASP JA 190 34.03 57.22 -20.67
N ALA JA 191 34.66 57.79 -21.70
CA ALA JA 191 35.20 59.14 -21.57
C ALA JA 191 34.09 60.17 -21.38
N ALA JA 192 32.91 59.91 -21.94
CA ALA JA 192 31.79 60.84 -21.78
C ALA JA 192 31.34 60.91 -20.33
N ILE JA 193 31.25 59.76 -19.64
CA ILE JA 193 30.81 59.77 -18.26
C ILE JA 193 31.81 60.49 -17.37
N LYS JA 194 33.11 60.33 -17.66
CA LYS JA 194 34.12 61.03 -16.87
C LYS JA 194 33.99 62.54 -16.99
N THR JA 195 33.74 63.04 -18.21
CA THR JA 195 33.64 64.48 -18.41
C THR JA 195 32.47 65.06 -17.66
N ILE JA 196 31.31 64.39 -17.70
CA ILE JA 196 30.14 64.86 -16.97
C ILE JA 196 30.40 64.82 -15.47
N ASP JA 197 31.07 63.75 -15.01
CA ASP JA 197 31.34 63.60 -13.58
C ASP JA 197 32.17 64.76 -13.05
N SER JA 198 33.21 65.15 -13.78
CA SER JA 198 34.04 66.27 -13.35
C SER JA 198 33.25 67.58 -13.35
N GLN JA 199 32.33 67.74 -14.30
CA GLN JA 199 31.52 68.95 -14.36
C GLN JA 199 30.60 69.05 -13.15
N ARG JA 200 30.00 67.94 -12.74
CA ARG JA 200 29.12 67.96 -11.58
C ARG JA 200 29.87 68.31 -10.30
N ALA JA 201 31.09 67.79 -10.16
CA ALA JA 201 31.90 68.10 -8.98
C ALA JA 201 32.23 69.58 -8.92
N ASP JA 202 32.53 70.19 -10.07
CA ASP JA 202 32.83 71.61 -10.09
C ASP JA 202 31.63 72.44 -9.68
N LEU JA 203 30.44 72.08 -10.13
CA LEU JA 203 29.24 72.83 -9.76
C LEU JA 203 28.86 72.61 -8.29
N GLY JA 204 29.09 71.41 -7.78
CA GLY JA 204 28.80 71.17 -6.37
C GLY JA 204 29.69 71.97 -5.44
N ALA JA 205 30.97 72.14 -5.80
CA ALA JA 205 31.88 72.89 -4.95
C ALA JA 205 31.46 74.35 -4.84
N VAL JA 206 30.98 74.93 -5.94
CA VAL JA 206 30.59 76.33 -5.93
C VAL JA 206 29.40 76.55 -5.00
N GLN JA 207 28.41 75.66 -5.06
CA GLN JA 207 27.23 75.86 -4.22
C GLN JA 207 27.49 75.48 -2.77
N ASN JA 208 28.44 74.58 -2.50
CA ASN JA 208 28.96 74.47 -1.15
C ASN JA 208 29.67 75.75 -0.74
N ARG JA 209 30.41 76.35 -1.67
CA ARG JA 209 31.07 77.62 -1.40
C ARG JA 209 30.06 78.73 -1.15
N LEU JA 210 29.00 78.81 -1.96
CA LEU JA 210 28.03 79.90 -1.81
C LEU JA 210 27.24 79.80 -0.52
N ALA JA 211 27.00 78.58 -0.03
CA ALA JA 211 26.23 78.43 1.20
C ALA JA 211 26.93 79.07 2.39
N HIS JA 212 28.27 79.02 2.41
CA HIS JA 212 29.01 79.59 3.52
C HIS JA 212 29.02 81.11 3.48
N ASN JA 213 28.94 81.71 2.29
CA ASN JA 213 28.84 83.17 2.20
C ASN JA 213 27.55 83.68 2.83
N ILE JA 214 26.44 82.98 2.56
CA ILE JA 214 25.14 83.43 3.09
C ILE JA 214 25.14 83.41 4.62
N SER JA 215 25.64 82.33 5.20
CA SER JA 215 25.69 82.23 6.65
C SER JA 215 26.58 83.33 7.24
N ASN JA 216 27.73 83.58 6.62
CA ASN JA 216 28.60 84.64 7.09
C ASN JA 216 27.96 86.01 6.93
N SER JA 217 27.28 86.25 5.79
CA SER JA 217 26.63 87.52 5.57
C SER JA 217 25.46 87.75 6.53
N ALA JA 218 24.73 86.68 6.87
CA ALA JA 218 23.65 86.82 7.84
C ALA JA 218 24.19 87.20 9.21
N ASN JA 219 25.31 86.60 9.61
CA ASN JA 219 25.89 86.96 10.91
C ASN JA 219 26.37 88.39 10.93
N THR JA 220 27.13 88.80 9.91
CA THR JA 220 27.70 90.15 9.92
C THR JA 220 26.62 91.22 9.82
N GLN JA 221 25.48 90.90 9.19
CA GLN JA 221 24.39 91.87 9.11
C GLN JA 221 23.85 92.20 10.49
N ALA JA 222 23.70 91.19 11.35
CA ALA JA 222 23.15 91.43 12.68
C ALA JA 222 24.08 92.31 13.51
N ASN JA 223 25.40 92.03 13.46
CA ASN JA 223 26.34 92.81 14.25
C ASN JA 223 26.43 94.26 13.79
N VAL JA 224 26.35 94.51 12.48
CA VAL JA 224 26.35 95.90 12.00
C VAL JA 224 25.09 96.62 12.44
N ALA JA 225 23.96 95.91 12.49
CA ALA JA 225 22.73 96.51 13.01
C ALA JA 225 22.89 96.92 14.47
N ASP JA 226 23.60 96.11 15.26
CA ASP JA 226 23.94 96.51 16.62
C ASP JA 226 24.71 97.82 16.64
N ALA JA 227 25.78 97.90 15.84
CA ALA JA 227 26.63 99.08 15.86
C ALA JA 227 25.87 100.32 15.41
N LYS JA 228 25.01 100.18 14.40
CA LYS JA 228 24.29 101.31 13.85
C LYS JA 228 23.21 101.84 14.81
N SER JA 229 22.60 100.98 15.62
CA SER JA 229 21.54 101.45 16.51
C SER JA 229 22.10 102.22 17.70
N ARG JA 230 23.29 101.87 18.17
CA ARG JA 230 23.85 102.57 19.32
C ARG JA 230 24.15 104.03 19.00
N ILE JA 231 24.26 104.36 17.72
CA ILE JA 231 24.65 105.71 17.31
C ILE JA 231 23.43 106.58 17.04
N VAL JA 232 22.43 106.07 16.33
CA VAL JA 232 21.34 106.90 15.85
C VAL JA 232 20.02 106.72 16.61
N ASP JA 233 19.90 105.69 17.43
CA ASP JA 233 18.63 105.35 18.05
C ASP JA 233 18.56 105.91 19.47
N VAL JA 234 17.35 106.26 19.88
CA VAL JA 234 17.13 106.83 21.21
C VAL JA 234 16.94 105.71 22.23
N ASP JA 235 17.28 105.99 23.48
CA ASP JA 235 16.94 105.13 24.60
C ASP JA 235 15.76 105.76 25.31
N PHE JA 236 14.62 105.06 25.31
CA PHE JA 236 13.41 105.64 25.87
C PHE JA 236 13.53 105.92 27.36
N ALA JA 237 14.33 105.12 28.07
CA ALA JA 237 14.56 105.37 29.49
C ALA JA 237 15.21 106.73 29.66
N LYS JA 238 16.22 107.02 28.83
CA LYS JA 238 16.86 108.33 28.87
C LYS JA 238 15.90 109.43 28.43
N GLU JA 239 15.14 109.19 27.36
CA GLU JA 239 14.33 110.24 26.77
C GLU JA 239 13.09 110.54 27.61
N THR JA 240 12.45 109.51 28.15
CA THR JA 240 11.23 109.73 28.92
C THR JA 240 11.51 110.56 30.17
N SER JA 241 12.64 110.29 30.83
CA SER JA 241 12.99 111.07 32.01
C SER JA 241 13.20 112.53 31.66
N ALA JA 242 13.88 112.80 30.54
CA ALA JA 242 14.10 114.18 30.14
C ALA JA 242 12.80 114.89 29.79
N MET JA 243 11.88 114.19 29.12
CA MET JA 243 10.61 114.79 28.75
C MET JA 243 9.79 115.19 29.97
N THR JA 244 9.66 114.28 30.94
CA THR JA 244 9.03 114.62 32.21
C THR JA 244 9.85 115.66 32.96
N LYS JA 245 11.16 115.69 32.73
CA LYS JA 245 12.04 116.60 33.46
C LYS JA 245 11.71 118.04 33.10
N TYR JA 246 11.46 118.31 31.82
CA TYR JA 246 11.18 119.65 31.32
C TYR JA 246 9.73 120.07 31.51
N GLN JA 247 8.80 119.12 31.63
CA GLN JA 247 7.40 119.49 31.86
C GLN JA 247 7.26 120.23 33.18
N VAL JA 248 7.95 119.76 34.23
CA VAL JA 248 7.90 120.44 35.52
C VAL JA 248 8.50 121.83 35.40
N LEU JA 249 9.63 121.96 34.70
CA LEU JA 249 10.28 123.25 34.56
C LEU JA 249 9.41 124.25 33.82
N GLN JA 250 8.57 123.78 32.90
CA GLN JA 250 7.68 124.68 32.17
C GLN JA 250 6.64 125.30 33.10
N GLN JA 251 5.99 124.47 33.91
CA GLN JA 251 4.99 125.00 34.84
C GLN JA 251 5.64 125.86 35.91
N THR JA 252 6.84 125.51 36.34
CA THR JA 252 7.57 126.37 37.26
C THR JA 252 7.90 127.71 36.60
N GLY JA 253 8.34 127.68 35.35
CA GLY JA 253 8.67 128.92 34.66
C GLY JA 253 7.47 129.82 34.43
N SER JA 254 6.32 129.23 34.12
CA SER JA 254 5.13 130.02 33.87
C SER JA 254 4.63 130.72 35.13
N ALA JA 255 4.64 130.03 36.28
CA ALA JA 255 4.23 130.66 37.52
C ALA JA 255 5.18 131.77 37.93
N MET JA 256 6.49 131.56 37.76
CA MET JA 256 7.46 132.60 38.11
C MET JA 256 7.31 133.82 37.21
N LEU JA 257 7.10 133.60 35.92
CA LEU JA 257 6.97 134.74 35.00
C LEU JA 257 5.69 135.53 35.26
N ALA JA 258 4.58 134.84 35.49
CA ALA JA 258 3.32 135.56 35.76
C ALA JA 258 3.43 136.37 37.03
N GLN JA 259 4.06 135.82 38.06
CA GLN JA 259 4.17 136.54 39.33
C GLN JA 259 5.21 137.65 39.26
N ALA JA 260 6.24 137.48 38.43
CA ALA JA 260 7.25 138.53 38.29
C ALA JA 260 6.71 139.71 37.49
N ASN JA 261 5.67 139.49 36.69
CA ASN JA 261 5.12 140.56 35.89
C ASN JA 261 4.41 141.63 36.72
N GLN JA 262 3.86 141.25 37.87
CA GLN JA 262 3.14 142.19 38.72
C GLN JA 262 4.00 142.75 39.85
N LEU JA 263 5.33 142.67 39.72
CA LEU JA 263 6.25 143.37 40.60
C LEU JA 263 6.06 144.89 40.56
N PRO JA 264 5.95 145.53 39.39
CA PRO JA 264 5.87 147.01 39.38
C PRO JA 264 4.62 147.58 40.01
N GLN JA 265 3.63 146.76 40.40
CA GLN JA 265 2.44 147.30 41.04
C GLN JA 265 2.71 147.83 42.44
N VAL JA 266 3.90 147.59 42.98
CA VAL JA 266 4.27 148.21 44.26
C VAL JA 266 4.27 149.72 44.14
N ALA JA 267 4.64 150.25 42.97
CA ALA JA 267 4.68 151.69 42.76
C ALA JA 267 3.34 152.36 42.95
N LEU JA 268 2.23 151.64 42.75
CA LEU JA 268 0.91 152.20 42.98
C LEU JA 268 0.57 152.35 44.46
N SER JA 269 1.25 151.61 45.33
CA SER JA 269 0.97 151.75 46.76
C SER JA 269 1.47 153.07 47.31
N LEU JA 270 2.56 153.60 46.76
CA LEU JA 270 3.14 154.84 47.27
C LEU JA 270 2.49 156.05 46.58
N LEU JA 271 1.16 156.09 46.67
CA LEU JA 271 0.37 157.23 46.23
C LEU JA 271 0.65 157.54 44.76
N GLY JA 272 0.23 156.63 43.88
CA GLY JA 272 0.35 156.85 42.45
C GLY JA 272 1.76 157.02 41.93
N ALA KA 1 29.62 -33.21 -1.67
CA ALA KA 1 29.98 -34.20 -2.69
C ALA KA 1 28.84 -34.41 -3.67
N ILE KA 2 28.19 -33.31 -4.07
CA ILE KA 2 27.11 -33.38 -5.05
C ILE KA 2 27.52 -32.64 -6.30
N THR KA 3 27.99 -33.38 -7.30
CA THR KA 3 28.51 -32.77 -8.51
C THR KA 3 27.63 -33.08 -9.71
N VAL KA 4 27.71 -32.23 -10.73
CA VAL KA 4 26.91 -32.40 -11.94
C VAL KA 4 27.81 -32.37 -13.16
N ASN KA 5 29.11 -32.53 -12.97
CA ASN KA 5 30.05 -32.55 -14.08
C ASN KA 5 30.70 -33.91 -14.31
N THR KA 6 30.92 -34.71 -13.26
CA THR KA 6 31.49 -36.04 -13.40
C THR KA 6 30.67 -37.04 -12.59
N ASN KA 7 30.42 -38.20 -13.18
CA ASN KA 7 29.70 -39.30 -12.53
C ASN KA 7 30.63 -40.50 -12.49
N VAL KA 8 31.45 -40.58 -11.45
CA VAL KA 8 32.39 -41.68 -11.31
C VAL KA 8 31.67 -42.99 -11.04
N THR KA 9 30.50 -42.92 -10.40
CA THR KA 9 29.69 -44.12 -10.23
C THR KA 9 29.33 -44.74 -11.57
N SER KA 10 29.00 -43.90 -12.55
CA SER KA 10 28.73 -44.39 -13.90
C SER KA 10 29.98 -45.00 -14.53
N MET KA 11 31.13 -44.35 -14.32
CA MET KA 11 32.38 -44.84 -14.91
C MET KA 11 32.71 -46.24 -14.42
N LYS KA 12 32.59 -46.48 -13.12
CA LYS KA 12 32.82 -47.82 -12.59
C LYS KA 12 31.77 -48.79 -13.07
N ALA KA 13 30.51 -48.35 -13.14
CA ALA KA 13 29.43 -49.23 -13.59
C ALA KA 13 29.63 -49.63 -15.05
N GLN KA 14 30.09 -48.69 -15.88
CA GLN KA 14 30.29 -49.00 -17.30
C GLN KA 14 31.34 -50.10 -17.49
N LYS KA 15 32.43 -50.04 -16.73
CA LYS KA 15 33.50 -51.02 -16.88
C LYS KA 15 33.01 -52.43 -16.54
N ASN KA 16 32.21 -52.55 -15.49
CA ASN KA 16 31.72 -53.87 -15.09
C ASN KA 16 30.81 -54.47 -16.16
N LEU KA 17 29.98 -53.63 -16.78
CA LEU KA 17 29.11 -54.13 -17.84
C LEU KA 17 29.91 -54.60 -19.05
N ASN KA 18 31.00 -53.89 -19.38
CA ASN KA 18 31.83 -54.30 -20.51
C ASN KA 18 32.47 -55.65 -20.25
N THR KA 19 32.95 -55.89 -19.03
CA THR KA 19 33.57 -57.17 -18.71
C THR KA 19 32.57 -58.31 -18.79
N SER KA 20 31.35 -58.11 -18.29
CA SER KA 20 30.34 -59.16 -18.35
C SER KA 20 29.86 -59.43 -19.77
N ASN KA 21 29.82 -58.41 -20.62
CA ASN KA 21 29.44 -58.60 -22.01
C ASN KA 21 30.50 -59.35 -22.80
N SER KA 22 31.78 -59.06 -22.53
CA SER KA 22 32.86 -59.74 -23.24
C SER KA 22 32.94 -61.21 -22.85
N GLY KA 23 32.69 -61.53 -21.59
CA GLY KA 23 32.69 -62.91 -21.15
C GLY KA 23 31.55 -63.71 -21.76
N LEU KA 24 30.39 -63.08 -21.91
CA LEU KA 24 29.26 -63.74 -22.55
C LEU KA 24 29.56 -64.05 -24.01
N SER KA 25 30.20 -63.10 -24.70
CA SER KA 25 30.51 -63.29 -26.12
C SER KA 25 31.47 -64.45 -26.34
N THR KA 26 32.53 -64.51 -25.53
CA THR KA 26 33.54 -65.55 -25.74
C THR KA 26 33.00 -66.93 -25.43
N SER KA 27 32.01 -67.02 -24.54
CA SER KA 27 31.42 -68.32 -24.23
C SER KA 27 30.56 -68.85 -25.37
N MET KA 28 29.88 -67.96 -26.10
CA MET KA 28 29.02 -68.41 -27.18
C MET KA 28 29.83 -69.00 -28.33
N GLU KA 29 30.96 -68.37 -28.69
CA GLU KA 29 31.74 -68.88 -29.82
C GLU KA 29 32.42 -70.19 -29.49
N ARG KA 30 32.83 -70.39 -28.23
CA ARG KA 30 33.33 -71.70 -27.82
C ARG KA 30 32.24 -72.76 -27.91
N LEU KA 31 31.01 -72.42 -27.54
CA LEU KA 31 29.91 -73.35 -27.65
C LEU KA 31 29.45 -73.57 -29.09
N SER KA 32 29.56 -72.55 -29.95
CA SER KA 32 29.07 -72.68 -31.31
C SER KA 32 29.99 -73.54 -32.18
N SER KA 33 31.27 -73.64 -31.83
CA SER KA 33 32.21 -74.45 -32.58
C SER KA 33 32.56 -75.74 -31.85
N GLY KA 34 32.90 -75.66 -30.57
CA GLY KA 34 33.22 -76.85 -29.80
C GLY KA 34 34.69 -76.96 -29.49
N LEU KA 35 35.41 -75.85 -29.60
CA LEU KA 35 36.84 -75.83 -29.36
C LEU KA 35 37.17 -74.80 -28.29
N ARG KA 36 37.96 -75.21 -27.30
CA ARG KA 36 38.43 -74.27 -26.29
C ARG KA 36 39.47 -73.31 -26.86
N ILE KA 37 40.44 -73.82 -27.60
CA ILE KA 37 41.47 -72.98 -28.20
C ILE KA 37 41.03 -72.55 -29.59
N ASN KA 38 40.21 -71.51 -29.66
CA ASN KA 38 39.80 -70.96 -30.95
C ASN KA 38 40.93 -70.14 -31.55
N SER KA 39 41.44 -69.19 -30.79
CA SER KA 39 42.56 -68.35 -31.22
C SER KA 39 43.75 -68.53 -30.28
N ALA KA 40 44.78 -67.74 -30.53
CA ALA KA 40 45.97 -67.74 -29.69
C ALA KA 40 45.78 -66.96 -28.40
N LYS KA 41 44.58 -66.44 -28.14
CA LYS KA 41 44.31 -65.84 -26.84
C LYS KA 41 44.59 -66.84 -25.74
N ASP KA 42 44.11 -68.08 -25.93
CA ASP KA 42 44.15 -69.15 -24.95
C ASP KA 42 45.53 -69.80 -24.92
N ASP KA 43 45.58 -71.03 -24.39
CA ASP KA 43 46.85 -71.71 -24.16
C ASP KA 43 47.77 -71.62 -25.38
N ALA KA 44 48.87 -70.90 -25.22
CA ALA KA 44 49.84 -70.79 -26.32
C ALA KA 44 50.53 -72.12 -26.57
N ALA KA 45 50.84 -72.85 -25.50
CA ALA KA 45 51.46 -74.16 -25.64
C ALA KA 45 50.48 -75.22 -26.10
N GLY KA 46 49.19 -75.05 -25.79
CA GLY KA 46 48.22 -76.07 -26.16
C GLY KA 46 48.07 -76.22 -27.66
N LEU KA 47 48.03 -75.10 -28.39
CA LEU KA 47 47.84 -75.16 -29.83
C LEU KA 47 49.07 -75.76 -30.51
N ALA KA 48 50.25 -75.47 -29.99
CA ALA KA 48 51.47 -76.05 -30.55
C ALA KA 48 51.49 -77.57 -30.37
N ILE KA 49 51.11 -78.04 -29.18
CA ILE KA 49 51.06 -79.48 -28.94
C ILE KA 49 50.00 -80.13 -29.80
N SER KA 50 48.84 -79.48 -29.93
CA SER KA 50 47.74 -80.05 -30.69
C SER KA 50 48.10 -80.22 -32.16
N ASN KA 51 48.92 -79.31 -32.69
CA ASN KA 51 49.32 -79.39 -34.09
C ASN KA 51 50.11 -80.67 -34.37
N ARG KA 52 51.04 -81.01 -33.49
CA ARG KA 52 51.78 -82.26 -33.65
C ARG KA 52 50.89 -83.48 -33.43
N LEU KA 53 49.98 -83.42 -32.47
CA LEU KA 53 49.03 -84.51 -32.29
C LEU KA 53 48.11 -84.64 -33.50
N ASN KA 54 47.72 -83.52 -34.10
CA ASN KA 54 46.92 -83.58 -35.32
C ASN KA 54 47.70 -84.24 -36.44
N SER KA 55 48.99 -83.95 -36.54
CA SER KA 55 49.81 -84.59 -37.57
C SER KA 55 49.89 -86.10 -37.36
N GLN KA 56 49.99 -86.55 -36.12
CA GLN KA 56 50.05 -88.00 -35.86
C GLN KA 56 48.74 -88.68 -36.21
N VAL KA 57 47.61 -88.07 -35.87
CA VAL KA 57 46.32 -88.68 -36.15
C VAL KA 57 46.10 -88.80 -37.65
N ARG KA 58 46.30 -87.70 -38.38
CA ARG KA 58 46.15 -87.75 -39.83
C ARG KA 58 47.28 -88.52 -40.48
N GLY KA 59 48.47 -88.45 -39.92
CA GLY KA 59 49.58 -89.22 -40.47
C GLY KA 59 49.34 -90.72 -40.41
N LEU KA 60 48.80 -91.21 -39.29
CA LEU KA 60 48.50 -92.63 -39.19
C LEU KA 60 47.40 -93.03 -40.16
N GLU KA 61 46.39 -92.19 -40.35
CA GLU KA 61 45.28 -92.56 -41.22
C GLU KA 61 45.74 -92.79 -42.65
N VAL KA 62 46.64 -91.93 -43.15
CA VAL KA 62 47.22 -92.18 -44.46
C VAL KA 62 48.13 -93.41 -44.41
N GLY KA 63 48.83 -93.61 -43.31
CA GLY KA 63 49.68 -94.79 -43.18
C GLY KA 63 48.90 -96.09 -43.18
N MET KA 64 47.68 -96.07 -42.61
CA MET KA 64 46.83 -97.26 -42.65
C MET KA 64 46.49 -97.65 -44.07
N ARG KA 65 46.06 -96.69 -44.89
CA ARG KA 65 45.76 -96.99 -46.29
C ARG KA 65 47.01 -97.38 -47.05
N ASN KA 66 48.17 -96.88 -46.62
CA ASN KA 66 49.42 -97.25 -47.28
C ASN KA 66 49.72 -98.73 -47.13
N ALA KA 67 49.42 -99.31 -45.96
CA ALA KA 67 49.65 -100.73 -45.71
C ALA KA 67 48.58 -101.63 -46.29
N ASN KA 68 47.32 -101.17 -46.34
CA ASN KA 68 46.29 -101.94 -47.02
C ASN KA 68 46.60 -102.16 -48.48
N ASP KA 69 47.28 -101.20 -49.12
CA ASP KA 69 47.75 -101.35 -50.48
C ASP KA 69 48.81 -102.44 -50.60
N ALA KA 70 49.74 -102.51 -49.64
CA ALA KA 70 50.78 -103.54 -49.69
C ALA KA 70 50.20 -104.93 -49.52
N ILE KA 71 49.15 -105.06 -48.72
CA ILE KA 71 48.50 -106.35 -48.50
C ILE KA 71 47.93 -106.85 -49.81
N SER KA 72 47.28 -105.96 -50.55
CA SER KA 72 46.66 -106.36 -51.81
C SER KA 72 47.69 -106.82 -52.84
N ILE KA 73 48.83 -106.14 -52.92
CA ILE KA 73 49.87 -106.56 -53.85
C ILE KA 73 50.38 -107.95 -53.51
N ALA KA 74 50.67 -108.20 -52.22
CA ALA KA 74 51.11 -109.53 -51.81
C ALA KA 74 50.02 -110.57 -52.02
N GLN KA 75 48.76 -110.17 -51.93
CA GLN KA 75 47.66 -111.11 -52.13
C GLN KA 75 47.58 -111.59 -53.56
N ILE KA 76 47.78 -110.69 -54.53
CA ILE KA 76 47.67 -111.07 -55.94
C ILE KA 76 48.82 -111.95 -56.35
N ALA KA 77 50.04 -111.62 -55.95
CA ALA KA 77 51.20 -112.41 -56.33
C ALA KA 77 51.11 -113.82 -55.78
N GLU KA 78 50.65 -113.95 -54.54
CA GLU KA 78 50.49 -115.27 -53.93
C GLU KA 78 49.47 -116.11 -54.69
N GLY KA 79 48.37 -115.48 -55.12
CA GLY KA 79 47.35 -116.22 -55.85
C GLY KA 79 47.85 -116.79 -57.16
N ALA KA 80 48.66 -116.01 -57.89
CA ALA KA 80 49.18 -116.48 -59.17
C ALA KA 80 50.16 -117.63 -59.01
N MET KA 81 50.97 -117.62 -57.96
CA MET KA 81 51.95 -118.69 -57.78
C MET KA 81 51.28 -120.02 -57.47
N GLN KA 82 50.07 -119.98 -56.92
CA GLN KA 82 49.37 -121.24 -56.65
C GLN KA 82 49.06 -121.98 -57.94
N GLU KA 83 48.65 -121.26 -58.98
CA GLU KA 83 48.32 -121.92 -60.24
C GLU KA 83 49.57 -122.44 -60.94
N GLN KA 84 50.71 -121.77 -60.76
CA GLN KA 84 51.96 -122.30 -61.31
C GLN KA 84 52.36 -123.59 -60.63
N THR KA 85 52.05 -123.72 -59.33
CA THR KA 85 52.36 -124.95 -58.62
C THR KA 85 51.56 -126.13 -59.12
N ASN KA 86 50.26 -125.94 -59.38
CA ASN KA 86 49.44 -127.05 -59.87
C ASN KA 86 49.88 -127.55 -61.24
N MET KA 87 50.22 -126.65 -62.16
CA MET KA 87 50.68 -127.11 -63.47
C MET KA 87 52.05 -127.79 -63.40
N LEU KA 88 52.92 -127.36 -62.49
CA LEU KA 88 54.19 -128.05 -62.32
C LEU KA 88 53.99 -129.46 -61.79
N GLN KA 89 52.98 -129.68 -60.96
CA GLN KA 89 52.71 -131.03 -60.48
C GLN KA 89 52.26 -131.94 -61.62
N ARG KA 90 51.47 -131.42 -62.55
CA ARG KA 90 51.05 -132.21 -63.70
C ARG KA 90 52.24 -132.57 -64.59
N MET KA 91 53.24 -131.69 -64.69
CA MET KA 91 54.43 -132.03 -65.45
C MET KA 91 55.21 -133.18 -64.81
N ARG KA 92 55.18 -133.27 -63.48
CA ARG KA 92 55.84 -134.40 -62.81
C ARG KA 92 55.18 -135.71 -63.18
N ASP KA 93 53.85 -135.76 -63.23
CA ASP KA 93 53.16 -137.00 -63.59
C ASP KA 93 53.47 -137.41 -65.02
N LEU KA 94 53.52 -136.46 -65.94
CA LEU KA 94 53.84 -136.79 -67.33
C LEU KA 94 55.24 -137.35 -67.47
N THR KA 95 56.22 -136.80 -66.76
CA THR KA 95 57.56 -137.35 -66.77
C THR KA 95 57.60 -138.76 -66.19
N ILE KA 96 56.87 -139.02 -65.11
CA ILE KA 96 56.76 -140.38 -64.60
C ILE KA 96 56.03 -141.27 -65.60
N GLN KA 97 54.95 -140.77 -66.20
CA GLN KA 97 54.21 -141.54 -67.19
C GLN KA 97 55.04 -141.79 -68.45
N SER KA 98 55.98 -140.92 -68.77
CA SER KA 98 56.77 -141.05 -69.98
C SER KA 98 57.91 -142.05 -69.85
N GLU KA 99 57.90 -142.89 -68.83
CA GLU KA 99 59.03 -143.77 -68.55
C GLU KA 99 58.62 -145.23 -68.77
N ASN KA 100 57.43 -145.47 -69.31
CA ASN KA 100 57.02 -146.83 -69.65
C ASN KA 100 57.94 -147.43 -70.71
N GLY KA 101 58.14 -148.74 -70.62
CA GLY KA 101 58.86 -149.45 -71.65
C GLY KA 101 57.95 -149.97 -72.73
N ALA KA 102 56.65 -149.77 -72.57
CA ALA KA 102 55.68 -150.18 -73.58
C ALA KA 102 55.28 -149.02 -74.49
N ASN KA 103 55.85 -147.85 -74.30
CA ASN KA 103 55.56 -146.70 -75.15
C ASN KA 103 56.30 -146.88 -76.47
N SER KA 104 56.21 -145.89 -77.34
CA SER KA 104 56.94 -145.91 -78.60
C SER KA 104 57.43 -144.50 -78.89
N THR KA 105 58.17 -144.36 -79.98
CA THR KA 105 58.71 -143.05 -80.34
C THR KA 105 57.59 -142.05 -80.60
N ALA KA 106 56.52 -142.49 -81.27
CA ALA KA 106 55.38 -141.62 -81.51
C ALA KA 106 54.62 -141.29 -80.23
N ASP KA 107 54.62 -142.20 -79.26
CA ASP KA 107 53.92 -141.94 -78.00
C ASP KA 107 54.62 -140.87 -77.17
N LEU KA 108 55.95 -140.89 -77.16
CA LEU KA 108 56.70 -139.90 -76.39
C LEU KA 108 56.51 -138.50 -76.95
N VAL KA 109 56.32 -138.39 -78.26
CA VAL KA 109 56.10 -137.07 -78.87
C VAL KA 109 54.79 -136.46 -78.40
N SER KA 110 53.72 -137.26 -78.31
CA SER KA 110 52.44 -136.75 -77.84
C SER KA 110 52.52 -136.23 -76.41
N ILE KA 111 53.26 -136.93 -75.54
CA ILE KA 111 53.40 -136.46 -74.16
C ILE KA 111 54.16 -135.14 -74.12
N LYS KA 112 55.19 -135.00 -74.96
CA LYS KA 112 55.93 -133.75 -74.99
C LYS KA 112 55.07 -132.59 -75.48
N ALA KA 113 54.20 -132.84 -76.46
CA ALA KA 113 53.30 -131.80 -76.95
C ALA KA 113 52.38 -131.26 -75.87
N GLU KA 114 52.13 -132.03 -74.81
CA GLU KA 114 51.37 -131.58 -73.66
C GLU KA 114 52.25 -130.80 -72.69
N MET KA 115 53.43 -131.34 -72.34
CA MET KA 115 54.36 -130.63 -71.47
C MET KA 115 54.72 -129.27 -72.05
N ASP KA 116 54.84 -129.21 -73.38
CA ASP KA 116 55.29 -127.97 -74.03
C ASP KA 116 54.30 -126.84 -73.81
N GLN KA 117 52.99 -127.13 -73.91
CA GLN KA 117 51.99 -126.08 -73.72
C GLN KA 117 51.82 -125.67 -72.27
N LEU KA 118 52.01 -126.59 -71.32
CA LEU KA 118 51.96 -126.22 -69.92
C LEU KA 118 53.05 -125.24 -69.54
N ALA KA 119 54.25 -125.41 -70.08
CA ALA KA 119 55.33 -124.46 -69.82
C ALA KA 119 55.06 -123.10 -70.43
N THR KA 120 54.28 -123.04 -71.51
CA THR KA 120 53.93 -121.76 -72.11
C THR KA 120 53.08 -120.91 -71.17
N GLU KA 121 52.13 -121.53 -70.45
CA GLU KA 121 51.31 -120.77 -69.52
C GLU KA 121 52.08 -120.29 -68.29
N ILE KA 122 53.06 -121.07 -67.82
CA ILE KA 122 53.89 -120.59 -66.72
C ILE KA 122 54.58 -119.29 -67.14
N ASP KA 123 54.98 -119.21 -68.41
CA ASP KA 123 55.41 -117.94 -68.97
C ASP KA 123 54.27 -116.93 -69.02
N SER KA 124 53.07 -117.37 -69.41
CA SER KA 124 51.98 -116.44 -69.63
C SER KA 124 51.47 -115.82 -68.33
N ILE KA 125 51.38 -116.61 -67.25
CA ILE KA 125 50.99 -116.04 -65.98
C ILE KA 125 52.04 -115.06 -65.47
N GLY KA 126 53.31 -115.41 -65.62
CA GLY KA 126 54.40 -114.56 -65.16
C GLY KA 126 54.40 -113.19 -65.81
N ASN KA 127 54.04 -113.12 -67.09
CA ASN KA 127 54.04 -111.87 -67.82
C ASN KA 127 52.71 -111.14 -67.76
N SER KA 128 51.71 -111.68 -67.07
CA SER KA 128 50.38 -111.08 -67.09
C SER KA 128 49.98 -110.51 -65.73
N THR KA 129 50.32 -111.22 -64.66
CA THR KA 129 49.90 -110.83 -63.32
C THR KA 129 50.28 -109.39 -63.01
N ALA KA 130 49.29 -108.53 -62.80
CA ALA KA 130 49.54 -107.10 -62.67
C ALA KA 130 48.56 -106.51 -61.69
N PHE KA 131 48.94 -105.36 -61.14
CA PHE KA 131 48.10 -104.57 -60.23
C PHE KA 131 47.64 -103.35 -61.01
N GLY KA 132 46.54 -103.49 -61.74
CA GLY KA 132 46.07 -102.42 -62.59
C GLY KA 132 46.89 -102.30 -63.85
N ASN KA 133 48.13 -101.80 -63.72
CA ASN KA 133 48.99 -101.73 -64.91
C ASN KA 133 50.45 -102.05 -64.59
N THR KA 134 50.78 -102.47 -63.37
CA THR KA 134 52.16 -102.74 -62.98
C THR KA 134 52.35 -104.25 -62.86
N LYS KA 135 53.26 -104.80 -63.64
CA LYS KA 135 53.55 -106.23 -63.63
C LYS KA 135 54.33 -106.57 -62.37
N LEU KA 136 53.89 -107.60 -61.64
CA LEU KA 136 54.45 -107.91 -60.34
C LEU KA 136 55.41 -109.08 -60.33
N LEU KA 137 55.46 -109.89 -61.38
CA LEU KA 137 56.27 -111.11 -61.38
C LEU KA 137 57.37 -111.08 -62.43
N THR KA 138 57.70 -109.89 -62.95
CA THR KA 138 58.71 -109.79 -64.00
C THR KA 138 59.96 -109.08 -63.53
N GLY KA 139 60.20 -109.01 -62.23
CA GLY KA 139 61.47 -108.56 -61.68
C GLY KA 139 61.50 -107.10 -61.29
N THR KA 140 60.43 -106.36 -61.49
CA THR KA 140 60.42 -104.97 -61.05
C THR KA 140 60.30 -104.89 -59.54
N PHE KA 141 59.98 -106.00 -58.89
CA PHE KA 141 60.01 -106.09 -57.43
C PHE KA 141 61.13 -107.00 -56.96
N SER KA 142 62.17 -107.17 -57.79
CA SER KA 142 63.33 -107.93 -57.39
C SER KA 142 64.08 -107.30 -56.23
N ALA KA 143 64.25 -105.99 -56.25
CA ALA KA 143 64.81 -105.23 -55.12
C ALA KA 143 63.63 -104.56 -54.44
N GLY KA 144 63.24 -105.10 -53.28
CA GLY KA 144 62.01 -104.76 -52.61
C GLY KA 144 61.61 -103.29 -52.63
N LYS KA 145 60.37 -103.03 -53.00
CA LYS KA 145 59.84 -101.67 -52.98
C LYS KA 145 59.41 -101.31 -51.56
N VAL KA 146 59.14 -100.02 -51.35
CA VAL KA 146 59.00 -99.46 -50.01
C VAL KA 146 57.61 -98.87 -49.84
N PHE KA 147 56.97 -99.19 -48.71
CA PHE KA 147 55.73 -98.56 -48.28
C PHE KA 147 55.94 -97.96 -46.90
N GLN KA 148 55.42 -96.76 -46.68
CA GLN KA 148 55.56 -96.07 -45.40
C GLN KA 148 54.27 -96.23 -44.60
N VAL KA 149 54.39 -96.80 -43.40
CA VAL KA 149 53.23 -97.13 -42.58
C VAL KA 149 53.15 -96.27 -41.32
N GLY KA 150 54.11 -95.38 -41.10
CA GLY KA 150 54.09 -94.47 -39.98
C GLY KA 150 53.90 -93.04 -40.45
N HIS KA 151 54.02 -92.12 -39.51
CA HIS KA 151 53.89 -90.70 -39.84
C HIS KA 151 55.23 -89.96 -39.87
N GLN KA 152 56.34 -90.67 -39.72
CA GLN KA 152 57.66 -90.06 -39.76
C GLN KA 152 58.58 -90.87 -40.68
N GLU KA 153 59.70 -90.25 -41.04
CA GLU KA 153 60.66 -90.91 -41.90
C GLU KA 153 61.24 -92.15 -41.23
N GLY KA 154 61.50 -93.18 -42.03
CA GLY KA 154 62.10 -94.40 -41.54
C GLY KA 154 61.12 -95.47 -41.09
N GLU KA 155 59.82 -95.19 -41.08
CA GLU KA 155 58.82 -96.19 -40.72
C GLU KA 155 58.32 -96.84 -42.00
N ASP KA 156 59.13 -97.73 -42.57
CA ASP KA 156 58.85 -98.31 -43.87
C ASP KA 156 58.82 -99.83 -43.80
N ILE KA 157 58.09 -100.42 -44.74
CA ILE KA 157 58.02 -101.86 -44.92
C ILE KA 157 58.44 -102.18 -46.36
N LYS KA 158 59.21 -103.24 -46.52
CA LYS KA 158 59.77 -103.62 -47.81
C LYS KA 158 59.17 -104.93 -48.27
N VAL KA 159 58.66 -104.96 -49.50
CA VAL KA 159 58.08 -106.15 -50.10
C VAL KA 159 58.92 -106.54 -51.31
N THR KA 160 59.46 -107.76 -51.29
CA THR KA 160 60.32 -108.25 -52.37
C THR KA 160 59.66 -109.45 -53.04
N VAL KA 161 59.51 -109.38 -54.36
CA VAL KA 161 58.96 -110.46 -55.15
C VAL KA 161 59.96 -110.77 -56.26
N LYS KA 162 60.57 -111.95 -56.19
CA LYS KA 162 61.53 -112.33 -57.20
C LYS KA 162 60.82 -112.76 -58.48
N ALA KA 163 61.52 -112.63 -59.60
CA ALA KA 163 60.92 -112.97 -60.89
C ALA KA 163 60.65 -114.47 -60.97
N SER KA 164 59.48 -114.83 -61.50
CA SER KA 164 59.07 -116.22 -61.60
C SER KA 164 58.40 -116.44 -62.94
N ASN KA 165 59.14 -117.03 -63.88
CA ASN KA 165 58.63 -117.38 -65.20
C ASN KA 165 59.42 -118.59 -65.68
N LYS KA 166 59.19 -119.00 -66.92
CA LYS KA 166 59.73 -120.28 -67.36
C LYS KA 166 61.25 -120.24 -67.50
N THR KA 167 61.82 -119.16 -68.02
CA THR KA 167 63.27 -119.08 -68.10
C THR KA 167 63.89 -118.96 -66.72
N SER KA 168 63.20 -118.28 -65.80
CA SER KA 168 63.71 -118.11 -64.44
C SER KA 168 63.79 -119.44 -63.71
N LEU KA 169 62.74 -120.26 -63.83
CA LEU KA 169 62.65 -121.52 -63.11
C LEU KA 169 63.39 -122.66 -63.79
N SER KA 170 64.25 -122.34 -64.76
CA SER KA 170 65.06 -123.32 -65.47
C SER KA 170 64.19 -124.39 -66.13
N VAL KA 171 63.14 -123.93 -66.80
CA VAL KA 171 62.32 -124.79 -67.65
C VAL KA 171 62.15 -124.11 -69.00
N GLY KA 172 61.76 -124.87 -70.01
CA GLY KA 172 61.66 -124.31 -71.35
C GLY KA 172 62.30 -125.23 -72.36
N ALA KA 173 63.24 -126.04 -71.90
CA ALA KA 173 63.85 -127.10 -72.70
C ALA KA 173 63.80 -128.38 -71.89
N LEU KA 174 62.71 -129.14 -72.04
CA LEU KA 174 62.53 -130.39 -71.33
C LEU KA 174 62.19 -131.48 -72.34
N ASN KA 175 63.11 -132.42 -72.52
CA ASN KA 175 62.91 -133.55 -73.41
C ASN KA 175 62.72 -134.82 -72.59
N ASN KA 176 62.18 -135.85 -73.23
CA ASN KA 176 61.95 -137.13 -72.58
C ASN KA 176 62.27 -138.32 -73.49
N ALA KA 177 63.24 -138.16 -74.39
CA ALA KA 177 63.58 -139.25 -75.32
C ALA KA 177 64.53 -140.26 -74.70
N THR KA 178 65.72 -139.81 -74.31
CA THR KA 178 66.75 -140.72 -73.81
C THR KA 178 66.59 -140.97 -72.31
N SER KA 179 67.36 -141.92 -71.78
CA SER KA 179 67.33 -142.19 -70.35
C SER KA 179 67.82 -140.98 -69.56
N ALA KA 180 68.91 -140.36 -70.01
CA ALA KA 180 69.46 -139.22 -69.28
C ALA KA 180 68.55 -138.01 -69.36
N ASN KA 181 67.79 -137.89 -70.45
CA ASN KA 181 66.92 -136.72 -70.62
C ASN KA 181 65.84 -136.66 -69.55
N ARG KA 182 65.21 -137.81 -69.25
CA ARG KA 182 64.15 -137.81 -68.25
C ARG KA 182 64.69 -137.59 -66.84
N ALA KA 183 65.87 -138.13 -66.53
CA ALA KA 183 66.44 -137.95 -65.20
C ALA KA 183 66.77 -136.48 -64.94
N SER KA 184 67.31 -135.79 -65.94
CA SER KA 184 67.62 -134.37 -65.76
C SER KA 184 66.36 -133.54 -65.64
N SER KA 185 65.31 -133.88 -66.39
CA SER KA 185 64.06 -133.12 -66.34
C SER KA 185 63.40 -133.22 -64.98
N LEU KA 186 63.44 -134.40 -64.36
CA LEU KA 186 62.76 -134.59 -63.08
C LEU KA 186 63.39 -133.73 -61.98
N ALA KA 187 64.71 -133.61 -61.97
CA ALA KA 187 65.37 -132.82 -60.93
C ALA KA 187 65.01 -131.35 -61.03
N LYS KA 188 64.92 -130.81 -62.24
CA LYS KA 188 64.66 -129.38 -62.39
C LYS KA 188 63.24 -129.03 -61.96
N ILE KA 189 62.27 -129.91 -62.22
CA ILE KA 189 60.90 -129.64 -61.78
C ILE KA 189 60.83 -129.64 -60.25
N ASP KA 190 61.51 -130.59 -59.61
CA ASP KA 190 61.52 -130.63 -58.16
C ASP KA 190 62.15 -129.36 -57.57
N ALA KA 191 63.25 -128.90 -58.17
CA ALA KA 191 63.85 -127.66 -57.72
C ALA KA 191 62.94 -126.46 -57.98
N ALA KA 192 62.11 -126.54 -59.02
CA ALA KA 192 61.19 -125.45 -59.31
C ALA KA 192 60.13 -125.30 -58.22
N ILE KA 193 59.59 -126.42 -57.73
CA ILE KA 193 58.57 -126.34 -56.69
C ILE KA 193 59.16 -125.78 -55.40
N LYS KA 194 60.41 -126.14 -55.08
CA LYS KA 194 61.03 -125.61 -53.88
C LYS KA 194 61.19 -124.10 -53.95
N THR KA 195 61.60 -123.57 -55.11
CA THR KA 195 61.80 -122.14 -55.24
C THR KA 195 60.49 -121.37 -55.05
N ILE KA 196 59.41 -121.85 -55.65
CA ILE KA 196 58.11 -121.20 -55.49
C ILE KA 196 57.66 -121.29 -54.04
N ASP KA 197 57.89 -122.44 -53.40
CA ASP KA 197 57.45 -122.63 -52.02
C ASP KA 197 58.10 -121.62 -51.09
N SER KA 198 59.40 -121.38 -51.26
CA SER KA 198 60.10 -120.41 -50.42
C SER KA 198 59.58 -119.00 -50.68
N GLN KA 199 59.24 -118.69 -51.93
CA GLN KA 199 58.72 -117.37 -52.26
C GLN KA 199 57.37 -117.12 -51.59
N ARG KA 200 56.50 -118.13 -51.57
CA ARG KA 200 55.20 -117.97 -50.93
C ARG KA 200 55.35 -117.74 -49.43
N ALA KA 201 56.27 -118.45 -48.79
CA ALA KA 201 56.49 -118.26 -47.37
C ALA KA 201 56.96 -116.85 -47.06
N ASP KA 202 57.84 -116.30 -47.90
CA ASP KA 202 58.31 -114.94 -47.69
C ASP KA 202 57.18 -113.92 -47.80
N LEU KA 203 56.28 -114.10 -48.77
CA LEU KA 203 55.17 -113.17 -48.92
C LEU KA 203 54.15 -113.33 -47.81
N GLY KA 204 53.94 -114.55 -47.31
CA GLY KA 204 53.02 -114.74 -46.21
C GLY KA 204 53.49 -114.08 -44.93
N ALA KA 205 54.79 -114.12 -44.66
CA ALA KA 205 55.33 -113.52 -43.45
C ALA KA 205 55.11 -112.01 -43.44
N VAL KA 206 55.27 -111.36 -44.59
CA VAL KA 206 55.11 -109.91 -44.66
C VAL KA 206 53.68 -109.50 -44.35
N GLN KA 207 52.70 -110.23 -44.90
CA GLN KA 207 51.32 -109.86 -44.68
C GLN KA 207 50.83 -110.26 -43.29
N ASN KA 208 51.42 -111.31 -42.69
CA ASN KA 208 51.26 -111.49 -41.25
C ASN KA 208 51.88 -110.33 -40.49
N ARG KA 209 53.03 -109.86 -40.95
CA ARG KA 209 53.67 -108.71 -40.32
C ARG KA 209 52.82 -107.45 -40.48
N LEU KA 210 52.27 -107.21 -41.68
CA LEU KA 210 51.50 -105.98 -41.90
C LEU KA 210 50.21 -105.96 -41.11
N ALA KA 211 49.60 -107.12 -40.86
CA ALA KA 211 48.34 -107.15 -40.12
C ALA KA 211 48.52 -106.61 -38.71
N HIS KA 212 49.66 -106.88 -38.09
CA HIS KA 212 49.90 -106.42 -36.72
C HIS KA 212 50.14 -104.93 -36.65
N ASN KA 213 50.69 -104.32 -37.71
CA ASN KA 213 50.85 -102.87 -37.74
C ASN KA 213 49.50 -102.17 -37.72
N ILE KA 214 48.54 -102.67 -38.50
CA ILE KA 214 47.23 -102.02 -38.58
C ILE KA 214 46.54 -102.05 -37.22
N SER KA 215 46.56 -103.20 -36.55
CA SER KA 215 45.93 -103.29 -35.24
C SER KA 215 46.59 -102.35 -34.24
N ASN KA 216 47.93 -102.29 -34.26
CA ASN KA 216 48.63 -101.36 -33.38
C ASN KA 216 48.32 -99.91 -33.73
N SER KA 217 48.28 -99.58 -35.02
CA SER KA 217 47.99 -98.21 -35.42
C SER KA 217 46.55 -97.81 -35.08
N ALA KA 218 45.61 -98.75 -35.18
CA ALA KA 218 44.23 -98.44 -34.78
C ALA KA 218 44.13 -98.14 -33.30
N ASN KA 219 44.85 -98.91 -32.47
CA ASN KA 219 44.83 -98.65 -31.03
C ASN KA 219 45.46 -97.30 -30.70
N THR KA 220 46.63 -97.02 -31.24
CA THR KA 220 47.32 -95.78 -30.89
C THR KA 220 46.57 -94.56 -31.39
N GLN KA 221 45.81 -94.70 -32.48
CA GLN KA 221 45.03 -93.56 -32.97
C GLN KA 221 43.97 -93.15 -31.97
N ALA KA 222 43.31 -94.12 -31.34
CA ALA KA 222 42.26 -93.79 -30.37
C ALA KA 222 42.82 -93.08 -29.15
N ASN KA 223 43.95 -93.54 -28.64
CA ASN KA 223 44.54 -92.92 -27.46
C ASN KA 223 45.04 -91.51 -27.73
N VAL KA 224 45.59 -91.25 -28.91
CA VAL KA 224 46.00 -89.88 -29.24
C VAL KA 224 44.79 -88.97 -29.36
N ALA KA 225 43.67 -89.50 -29.87
CA ALA KA 225 42.44 -88.71 -29.92
C ALA KA 225 41.99 -88.32 -28.52
N ASP KA 226 42.13 -89.24 -27.56
CA ASP KA 226 41.87 -88.89 -26.16
C ASP KA 226 42.73 -87.71 -25.71
N ALA KA 227 44.04 -87.80 -25.94
CA ALA KA 227 44.94 -86.77 -25.46
C ALA KA 227 44.64 -85.42 -26.12
N LYS KA 228 44.33 -85.44 -27.42
CA LYS KA 228 44.09 -84.21 -28.14
C LYS KA 228 42.80 -83.52 -27.74
N SER KA 229 41.77 -84.27 -27.35
CA SER KA 229 40.50 -83.64 -27.00
C SER KA 229 40.56 -82.96 -25.64
N ARG KA 230 41.35 -83.49 -24.70
CA ARG KA 230 41.42 -82.88 -23.38
C ARG KA 230 42.03 -81.49 -23.44
N ILE KA 231 42.76 -81.18 -24.51
CA ILE KA 231 43.48 -79.91 -24.60
C ILE KA 231 42.65 -78.85 -25.33
N VAL KA 232 42.00 -79.22 -26.44
CA VAL KA 232 41.38 -78.21 -27.31
C VAL KA 232 39.86 -78.19 -27.24
N ASP KA 233 39.23 -79.19 -26.62
CA ASP KA 233 37.79 -79.32 -26.66
C ASP KA 233 37.15 -78.76 -25.39
N VAL KA 234 35.95 -78.22 -25.53
CA VAL KA 234 35.24 -77.63 -24.41
C VAL KA 234 34.46 -78.69 -23.67
N ASP KA 235 34.23 -78.46 -22.38
CA ASP KA 235 33.31 -79.26 -21.59
C ASP KA 235 32.02 -78.46 -21.44
N PHE KA 236 30.92 -78.97 -22.00
CA PHE KA 236 29.68 -78.20 -22.01
C PHE KA 236 29.16 -77.94 -20.61
N ALA KA 237 29.42 -78.86 -19.68
CA ALA KA 237 29.02 -78.64 -18.29
C ALA KA 237 29.71 -77.40 -17.75
N LYS KA 238 31.01 -77.27 -18.02
CA LYS KA 238 31.74 -76.07 -17.61
C LYS KA 238 31.25 -74.84 -18.36
N GLU KA 239 31.03 -74.97 -19.67
CA GLU KA 239 30.74 -73.80 -20.48
C GLU KA 239 29.31 -73.31 -20.28
N THR KA 240 28.35 -74.23 -20.14
CA THR KA 240 26.96 -73.81 -19.99
C THR KA 240 26.76 -73.04 -18.69
N SER KA 241 27.40 -73.48 -17.61
CA SER KA 241 27.30 -72.76 -16.34
C SER KA 241 27.85 -71.36 -16.47
N ALA KA 242 28.99 -71.20 -17.15
CA ALA KA 242 29.56 -69.87 -17.32
C ALA KA 242 28.66 -68.97 -18.16
N MET KA 243 28.07 -69.52 -19.22
CA MET KA 243 27.19 -68.72 -20.07
C MET KA 243 25.98 -68.20 -19.32
N THR KA 244 25.31 -69.08 -18.57
CA THR KA 244 24.22 -68.63 -17.70
C THR KA 244 24.75 -67.73 -16.59
N LYS KA 245 26.01 -67.91 -16.21
CA LYS KA 245 26.57 -67.15 -15.11
C LYS KA 245 26.65 -65.67 -15.48
N TYR KA 246 27.05 -65.38 -16.71
CA TYR KA 246 27.22 -64.00 -17.19
C TYR KA 246 25.91 -63.36 -17.64
N GLN KA 247 24.91 -64.16 -18.01
CA GLN KA 247 23.63 -63.58 -18.40
C GLN KA 247 23.00 -62.81 -17.25
N VAL KA 248 23.07 -63.38 -16.04
CA VAL KA 248 22.54 -62.71 -14.87
C VAL KA 248 23.31 -61.42 -14.60
N LEU KA 249 24.65 -61.48 -14.72
CA LEU KA 249 25.47 -60.30 -14.46
C LEU KA 249 25.17 -59.18 -15.44
N GLN KA 250 24.78 -59.52 -16.68
CA GLN KA 250 24.46 -58.48 -17.65
C GLN KA 250 23.21 -57.72 -17.25
N GLN KA 251 22.15 -58.42 -16.88
CA GLN KA 251 20.93 -57.76 -16.46
C GLN KA 251 21.13 -57.00 -15.16
N THR KA 252 21.95 -57.53 -14.26
CA THR KA 252 22.30 -56.79 -13.05
C THR KA 252 23.07 -55.52 -13.40
N GLY KA 253 24.02 -55.62 -14.33
CA GLY KA 253 24.80 -54.45 -14.70
C GLY KA 253 23.97 -53.38 -15.39
N SER KA 254 23.01 -53.78 -16.22
CA SER KA 254 22.18 -52.81 -16.93
C SER KA 254 21.27 -52.04 -15.97
N ALA KA 255 20.67 -52.73 -15.00
CA ALA KA 255 19.83 -52.03 -14.02
C ALA KA 255 20.63 -51.08 -13.15
N MET KA 256 21.84 -51.50 -12.74
CA MET KA 256 22.68 -50.62 -11.93
C MET KA 256 23.12 -49.40 -12.71
N LEU KA 257 23.49 -49.58 -13.97
CA LEU KA 257 23.96 -48.44 -14.76
C LEU KA 257 22.83 -47.46 -15.06
N ALA KA 258 21.64 -47.95 -15.40
CA ALA KA 258 20.52 -47.06 -15.67
C ALA KA 258 20.15 -46.26 -14.43
N GLN KA 259 20.16 -46.90 -13.27
CA GLN KA 259 19.78 -46.21 -12.04
C GLN KA 259 20.88 -45.27 -11.56
N ALA KA 260 22.14 -45.60 -11.85
CA ALA KA 260 23.24 -44.73 -11.45
C ALA KA 260 23.29 -43.48 -12.33
N ASN KA 261 22.70 -43.54 -13.52
CA ASN KA 261 22.74 -42.39 -14.41
C ASN KA 261 21.88 -41.23 -13.91
N GLN KA 262 20.82 -41.51 -13.15
CA GLN KA 262 19.95 -40.46 -12.66
C GLN KA 262 20.27 -40.05 -11.23
N LEU KA 263 21.48 -40.34 -10.75
CA LEU KA 263 21.99 -39.77 -9.50
C LEU KA 263 22.06 -38.25 -9.52
N PRO KA 264 22.58 -37.60 -10.57
CA PRO KA 264 22.72 -36.14 -10.51
C PRO KA 264 21.41 -35.36 -10.48
N GLN KA 265 20.26 -36.02 -10.63
CA GLN KA 265 18.99 -35.32 -10.55
C GLN KA 265 18.67 -34.82 -9.15
N VAL KA 266 19.43 -35.24 -8.15
CA VAL KA 266 19.27 -34.69 -6.80
C VAL KA 266 19.54 -33.19 -6.81
N ALA KA 267 20.46 -32.73 -7.65
CA ALA KA 267 20.80 -31.32 -7.71
C ALA KA 267 19.62 -30.44 -8.10
N LEU KA 268 18.64 -30.99 -8.82
CA LEU KA 268 17.44 -30.22 -9.17
C LEU KA 268 16.50 -30.02 -8.00
N SER KA 269 16.59 -30.85 -6.97
CA SER KA 269 15.73 -30.68 -5.81
C SER KA 269 16.10 -29.44 -5.01
N LEU KA 270 17.39 -29.08 -4.97
CA LEU KA 270 17.84 -27.94 -4.18
C LEU KA 270 17.74 -26.66 -5.00
N LEU KA 271 16.54 -26.41 -5.50
CA LEU KA 271 16.21 -25.16 -6.17
C LEU KA 271 17.15 -24.90 -7.34
N GLY KA 272 17.06 -25.73 -8.37
CA GLY KA 272 17.84 -25.54 -9.58
C GLY KA 272 19.35 -25.59 -9.40
N ALA LA 1 25.20 17.60 15.56
CA ALA LA 1 25.58 16.60 14.56
C ALA LA 1 24.45 16.41 13.55
N ILE LA 2 23.82 17.50 13.15
CA ILE LA 2 22.75 17.45 12.15
C ILE LA 2 23.20 18.19 10.90
N THR LA 3 23.68 17.45 9.90
CA THR LA 3 24.23 18.06 8.70
C THR LA 3 23.36 17.74 7.50
N VAL LA 4 23.47 18.60 6.48
CA VAL LA 4 22.70 18.44 5.26
C VAL LA 4 23.62 18.47 4.05
N ASN LA 5 24.92 18.29 4.26
CA ASN LA 5 25.88 18.27 3.16
C ASN LA 5 26.52 16.91 2.95
N THR LA 6 26.72 16.11 4.01
CA THR LA 6 27.27 14.77 3.88
C THR LA 6 26.44 13.78 4.66
N ASN LA 7 26.20 12.62 4.07
CA ASN LA 7 25.45 11.52 4.70
C ASN LA 7 26.37 10.31 4.75
N VAL LA 8 27.18 10.23 5.82
CA VAL LA 8 28.11 9.12 5.96
C VAL LA 8 27.38 7.82 6.22
N THR LA 9 26.19 7.89 6.84
CA THR LA 9 25.38 6.70 7.00
C THR LA 9 25.04 6.09 5.65
N SER LA 10 24.73 6.92 4.66
CA SER LA 10 24.48 6.44 3.32
C SER LA 10 25.74 5.83 2.70
N MET LA 11 26.89 6.47 2.93
CA MET LA 11 28.14 5.97 2.36
C MET LA 11 28.45 4.56 2.86
N LYS LA 12 28.30 4.33 4.16
CA LYS LA 12 28.53 2.99 4.69
C LYS LA 12 27.47 2.02 4.20
N ALA LA 13 26.22 2.47 4.10
CA ALA LA 13 25.16 1.60 3.62
C ALA LA 13 25.37 1.20 2.17
N GLN LA 14 25.86 2.12 1.34
CA GLN LA 14 26.09 1.82 -0.07
C GLN LA 14 27.12 0.72 -0.24
N LYS LA 15 28.19 0.77 0.54
CA LYS LA 15 29.27 -0.21 0.41
C LYS LA 15 28.77 -1.62 0.73
N ASN LA 16 27.93 -1.74 1.77
CA ASN LA 16 27.43 -3.05 2.16
C ASN LA 16 26.55 -3.65 1.08
N LEU LA 17 25.73 -2.80 0.43
CA LEU LA 17 24.88 -3.29 -0.64
C LEU LA 17 25.70 -3.77 -1.84
N ASN LA 18 26.80 -3.07 -2.14
CA ASN LA 18 27.64 -3.48 -3.25
C ASN LA 18 28.28 -4.85 -3.00
N THR LA 19 28.73 -5.08 -1.75
CA THR LA 19 29.33 -6.36 -1.42
C THR LA 19 28.32 -7.50 -1.53
N SER LA 20 27.10 -7.30 -1.05
CA SER LA 20 26.08 -8.33 -1.14
C SER LA 20 25.63 -8.60 -2.56
N ASN LA 21 25.61 -7.58 -3.41
CA ASN LA 21 25.26 -7.76 -4.81
C ASN LA 21 26.34 -8.52 -5.58
N SER LA 22 27.61 -8.23 -5.30
CA SER LA 22 28.69 -8.92 -5.98
C SER LA 22 28.76 -10.39 -5.59
N GLY LA 23 28.49 -10.71 -4.33
CA GLY LA 23 28.46 -12.10 -3.89
C GLY LA 23 27.34 -12.89 -4.52
N LEU LA 24 26.18 -12.24 -4.69
CA LEU LA 24 25.06 -12.91 -5.37
C LEU LA 24 25.39 -13.21 -6.82
N SER LA 25 26.04 -12.26 -7.50
CA SER LA 25 26.38 -12.45 -8.91
C SER LA 25 27.34 -13.61 -9.11
N THR LA 26 28.39 -13.69 -8.29
CA THR LA 26 29.39 -14.73 -8.48
C THR LA 26 28.83 -16.11 -8.17
N SER LA 27 27.83 -16.20 -7.30
CA SER LA 27 27.23 -17.49 -7.01
C SER LA 27 26.40 -18.02 -8.16
N MET LA 28 25.73 -17.12 -8.90
CA MET LA 28 24.89 -17.57 -10.00
C MET LA 28 25.71 -18.16 -11.14
N GLU LA 29 26.85 -17.53 -11.47
CA GLU LA 29 27.65 -18.04 -12.58
C GLU LA 29 28.32 -19.36 -12.24
N ARG LA 30 28.70 -19.57 -10.98
CA ARG LA 30 29.18 -20.88 -10.57
C ARG LA 30 28.09 -21.94 -10.68
N LEU LA 31 26.86 -21.58 -10.33
CA LEU LA 31 25.75 -22.52 -10.47
C LEU LA 31 25.32 -22.72 -11.91
N SER LA 32 25.45 -21.70 -12.76
CA SER LA 32 24.98 -21.83 -14.14
C SER LA 32 25.92 -22.68 -14.99
N SER LA 33 27.18 -22.81 -14.62
CA SER LA 33 28.14 -23.62 -15.35
C SER LA 33 28.47 -24.91 -14.62
N GLY LA 34 28.78 -24.84 -13.34
CA GLY LA 34 29.08 -26.03 -12.56
C GLY LA 34 30.54 -26.14 -12.22
N LEU LA 35 31.27 -25.04 -12.31
CA LEU LA 35 32.70 -25.02 -12.04
C LEU LA 35 33.01 -24.00 -10.97
N ARG LA 36 33.78 -24.42 -9.96
CA ARG LA 36 34.24 -23.48 -8.94
C ARG LA 36 35.29 -22.53 -9.48
N ILE LA 37 36.28 -23.05 -10.21
CA ILE LA 37 37.32 -22.21 -10.79
C ILE LA 37 36.91 -21.77 -12.18
N ASN LA 38 36.10 -20.72 -12.28
CA ASN LA 38 35.71 -20.18 -13.56
C ASN LA 38 36.86 -19.36 -14.15
N SER LA 39 37.37 -18.41 -13.38
CA SER LA 39 38.49 -17.58 -13.78
C SER LA 39 39.66 -17.77 -12.82
N ALA LA 40 40.71 -16.98 -13.04
CA ALA LA 40 41.88 -17.00 -12.19
C ALA LA 40 41.67 -16.21 -10.90
N LYS LA 41 40.47 -15.68 -10.66
CA LYS LA 41 40.18 -15.08 -9.37
C LYS LA 41 40.42 -16.09 -8.26
N ASP LA 42 39.95 -17.32 -8.47
CA ASP LA 42 39.96 -18.39 -7.49
C ASP LA 42 41.33 -19.06 -7.42
N ASP LA 43 41.38 -20.29 -6.90
CA ASP LA 43 42.64 -20.97 -6.65
C ASP LA 43 43.57 -20.89 -7.85
N ALA LA 44 44.68 -20.18 -7.68
CA ALA LA 44 45.67 -20.06 -8.74
C ALA LA 44 46.36 -21.40 -8.98
N ALA LA 45 46.64 -22.13 -7.91
CA ALA LA 45 47.26 -23.46 -8.04
C ALA LA 45 46.27 -24.51 -8.52
N GLY LA 46 44.98 -24.33 -8.24
CA GLY LA 46 44.01 -25.33 -8.63
C GLY LA 46 43.89 -25.49 -10.13
N LEU LA 47 43.87 -24.37 -10.85
CA LEU LA 47 43.71 -24.43 -12.30
C LEU LA 47 44.95 -25.03 -12.96
N ALA LA 48 46.13 -24.75 -12.41
CA ALA LA 48 47.34 -25.34 -12.95
C ALA LA 48 47.34 -26.86 -12.78
N ILE LA 49 46.96 -27.33 -11.60
CA ILE LA 49 46.89 -28.77 -11.35
C ILE LA 49 45.84 -29.41 -12.24
N SER LA 50 44.68 -28.75 -12.39
CA SER LA 50 43.59 -29.32 -13.18
C SER LA 50 43.99 -29.48 -14.63
N ASN LA 51 44.83 -28.58 -15.14
CA ASN LA 51 45.24 -28.66 -16.53
C ASN LA 51 46.03 -29.94 -16.81
N ARG LA 52 46.95 -30.29 -15.90
CA ARG LA 52 47.68 -31.55 -16.06
C ARG LA 52 46.79 -32.75 -15.86
N LEU LA 53 45.85 -32.70 -14.91
CA LEU LA 53 44.89 -33.78 -14.75
C LEU LA 53 43.99 -33.90 -15.98
N ASN LA 54 43.62 -32.78 -16.58
CA ASN LA 54 42.85 -32.82 -17.82
C ASN LA 54 43.64 -33.48 -18.93
N SER LA 55 44.94 -33.21 -19.00
CA SER LA 55 45.77 -33.86 -20.01
C SER LA 55 45.83 -35.37 -19.81
N GLN LA 56 45.91 -35.82 -18.56
CA GLN LA 56 45.96 -37.26 -18.30
C GLN LA 56 44.65 -37.93 -18.69
N VAL LA 57 43.52 -37.31 -18.36
CA VAL LA 57 42.22 -37.92 -18.67
C VAL LA 57 42.04 -38.03 -20.17
N ARG LA 58 42.27 -36.94 -20.89
CA ARG LA 58 42.13 -36.97 -22.35
C ARG LA 58 43.26 -37.76 -22.99
N GLY LA 59 44.46 -37.70 -22.40
CA GLY LA 59 45.56 -38.48 -22.93
C GLY LA 59 45.32 -39.97 -22.87
N LEU LA 60 44.76 -40.46 -21.76
CA LEU LA 60 44.44 -41.88 -21.67
C LEU LA 60 43.36 -42.28 -22.67
N GLU LA 61 42.36 -41.43 -22.87
CA GLU LA 61 41.26 -41.79 -23.76
C GLU LA 61 41.75 -42.02 -25.19
N VAL LA 62 42.66 -41.17 -25.67
CA VAL LA 62 43.27 -41.42 -26.97
C VAL LA 62 44.17 -42.65 -26.91
N GLY LA 63 44.84 -42.86 -25.78
CA GLY LA 63 45.68 -44.04 -25.64
C GLY LA 63 44.89 -45.34 -25.66
N MET LA 64 43.67 -45.31 -25.12
CA MET LA 64 42.81 -46.49 -25.16
C MET LA 64 42.51 -46.88 -26.61
N ARG LA 65 42.09 -45.92 -27.43
CA ARG LA 65 41.81 -46.22 -28.83
C ARG LA 65 43.08 -46.61 -29.57
N ASN LA 66 44.24 -46.12 -29.13
CA ASN LA 66 45.49 -46.50 -29.75
C ASN LA 66 45.78 -47.99 -29.59
N ALA LA 67 45.45 -48.56 -28.43
CA ALA LA 67 45.67 -49.98 -28.18
C ALA LA 67 44.60 -50.87 -28.79
N ASN LA 68 43.35 -50.40 -28.85
CA ASN LA 68 42.33 -51.17 -29.55
C ASN LA 68 42.67 -51.38 -31.01
N ASP LA 69 43.36 -50.43 -31.64
CA ASP LA 69 43.86 -50.59 -33.00
C ASP LA 69 44.91 -51.68 -33.09
N ALA LA 70 45.83 -51.75 -32.12
CA ALA LA 70 46.86 -52.78 -32.14
C ALA LA 70 46.27 -54.18 -31.99
N ILE LA 71 45.20 -54.30 -31.21
CA ILE LA 71 44.54 -55.59 -31.00
C ILE LA 71 43.99 -56.09 -32.32
N SER LA 72 43.36 -55.19 -33.09
CA SER LA 72 42.76 -55.58 -34.36
C SER LA 72 43.81 -56.05 -35.36
N ILE LA 73 44.97 -55.38 -35.41
CA ILE LA 73 46.02 -55.80 -36.33
C ILE LA 73 46.51 -57.20 -35.97
N ALA LA 74 46.78 -57.45 -34.70
CA ALA LA 74 47.20 -58.78 -34.27
C ALA LA 74 46.10 -59.82 -34.50
N GLN LA 75 44.84 -59.41 -34.44
CA GLN LA 75 43.74 -60.34 -34.65
C GLN LA 75 43.69 -60.82 -36.09
N ILE LA 76 43.91 -59.91 -37.05
CA ILE LA 76 43.82 -60.28 -38.46
C ILE LA 76 44.98 -61.18 -38.86
N ALA LA 77 46.20 -60.85 -38.43
CA ALA LA 77 47.36 -61.65 -38.80
C ALA LA 77 47.24 -63.07 -38.24
N GLU LA 78 46.76 -63.20 -37.01
CA GLU LA 78 46.58 -64.51 -36.41
C GLU LA 78 45.57 -65.33 -37.20
N GLY LA 79 44.48 -64.71 -37.64
CA GLY LA 79 43.47 -65.44 -38.39
C GLY LA 79 43.99 -66.01 -39.70
N ALA LA 80 44.83 -65.24 -40.40
CA ALA LA 80 45.36 -65.71 -41.68
C ALA LA 80 46.32 -66.87 -41.50
N MET LA 81 47.13 -66.86 -40.44
CA MET LA 81 48.10 -67.93 -40.24
C MET LA 81 47.42 -69.26 -39.94
N GLN LA 82 46.20 -69.22 -39.41
CA GLN LA 82 45.47 -70.47 -39.16
C GLN LA 82 45.18 -71.21 -40.45
N GLU LA 83 44.81 -70.48 -41.51
CA GLU LA 83 44.50 -71.14 -42.77
C GLU LA 83 45.75 -71.67 -43.44
N GLN LA 84 46.90 -71.01 -43.25
CA GLN LA 84 48.15 -71.53 -43.78
C GLN LA 84 48.52 -72.84 -43.08
N THR LA 85 48.19 -72.97 -41.80
CA THR LA 85 48.49 -74.20 -41.07
C THR LA 85 47.68 -75.37 -41.60
N ASN LA 86 46.39 -75.17 -41.89
CA ASN LA 86 45.58 -76.27 -42.39
C ASN LA 86 46.04 -76.78 -43.74
N MET LA 87 46.40 -75.88 -44.67
CA MET LA 87 46.89 -76.32 -45.96
C MET LA 87 48.24 -77.01 -45.86
N LEU LA 88 49.09 -76.60 -44.93
CA LEU LA 88 50.36 -77.29 -44.74
C LEU LA 88 50.15 -78.71 -44.23
N GLN LA 89 49.13 -78.93 -43.41
CA GLN LA 89 48.83 -80.28 -42.94
C GLN LA 89 48.41 -81.18 -44.10
N ARG LA 90 47.63 -80.65 -45.03
CA ARG LA 90 47.24 -81.45 -46.19
C ARG LA 90 48.42 -81.81 -47.07
N MET LA 91 49.43 -80.94 -47.14
CA MET LA 91 50.65 -81.28 -47.88
C MET LA 91 51.40 -82.43 -47.22
N ARG LA 92 51.35 -82.53 -45.90
CA ARG LA 92 51.98 -83.66 -45.22
C ARG LA 92 51.33 -84.98 -45.60
N ASP LA 93 49.99 -85.01 -45.67
CA ASP LA 93 49.31 -86.24 -46.05
C ASP LA 93 49.64 -86.65 -47.47
N LEU LA 94 49.71 -85.70 -48.40
CA LEU LA 94 50.05 -86.03 -49.78
C LEU LA 94 51.46 -86.60 -49.90
N THR LA 95 52.42 -86.05 -49.16
CA THR LA 95 53.76 -86.62 -49.14
C THR LA 95 53.79 -88.03 -48.57
N ILE LA 96 53.03 -88.28 -47.51
CA ILE LA 96 52.91 -89.64 -47.00
C ILE LA 96 52.19 -90.53 -48.01
N GLN LA 97 51.13 -90.03 -48.63
CA GLN LA 97 50.41 -90.79 -49.64
C GLN LA 97 51.24 -91.04 -50.88
N SER LA 98 52.20 -90.17 -51.18
CA SER LA 98 53.01 -90.30 -52.38
C SER LA 98 54.14 -91.31 -52.22
N GLU LA 99 54.11 -92.15 -51.20
CA GLU LA 99 55.22 -93.04 -50.91
C GLU LA 99 54.81 -94.50 -51.14
N ASN LA 100 53.63 -94.73 -51.71
CA ASN LA 100 53.22 -96.09 -52.05
C ASN LA 100 54.15 -96.69 -53.10
N GLY LA 101 54.36 -98.00 -53.00
CA GLY LA 101 55.09 -98.72 -54.02
C GLY LA 101 54.19 -99.23 -55.12
N ALA LA 102 52.89 -99.02 -54.99
CA ALA LA 102 51.94 -99.41 -56.01
C ALA LA 102 51.56 -98.27 -56.93
N ASN LA 103 52.14 -97.08 -56.71
CA ASN LA 103 51.87 -95.95 -57.58
C ASN LA 103 52.64 -96.13 -58.89
N SER LA 104 52.56 -95.13 -59.76
CA SER LA 104 53.32 -95.16 -61.00
C SER LA 104 53.83 -93.75 -61.27
N THR LA 105 54.59 -93.61 -62.35
CA THR LA 105 55.13 -92.30 -62.70
C THR LA 105 54.03 -91.30 -62.98
N ALA LA 106 52.97 -91.73 -63.67
CA ALA LA 106 51.83 -90.86 -63.93
C ALA LA 106 51.06 -90.52 -62.66
N ASP LA 107 51.03 -91.43 -61.70
CA ASP LA 107 50.31 -91.17 -60.45
C ASP LA 107 51.00 -90.10 -59.61
N LEU LA 108 52.33 -90.13 -59.57
CA LEU LA 108 53.06 -89.15 -58.79
C LEU LA 108 52.89 -87.74 -59.35
N VAL LA 109 52.74 -87.62 -60.66
CA VAL LA 109 52.54 -86.30 -61.27
C VAL LA 109 51.22 -85.70 -60.82
N SER LA 110 50.15 -86.48 -60.75
CA SER LA 110 48.87 -85.97 -60.31
C SER LA 110 48.91 -85.45 -58.87
N ILE LA 111 49.63 -86.15 -57.99
CA ILE LA 111 49.74 -85.69 -56.62
C ILE LA 111 50.52 -84.38 -56.56
N LYS LA 112 51.56 -84.24 -57.37
CA LYS LA 112 52.32 -82.99 -57.38
C LYS LA 112 51.47 -81.83 -57.89
N ALA LA 113 50.61 -82.07 -58.89
CA ALA LA 113 49.73 -81.03 -59.39
C ALA LA 113 48.79 -80.49 -58.33
N GLU LA 114 48.53 -81.25 -57.28
CA GLU LA 114 47.75 -80.80 -56.14
C GLU LA 114 48.60 -80.03 -55.14
N MET LA 115 49.77 -80.58 -54.79
CA MET LA 115 50.69 -79.87 -53.90
C MET LA 115 51.08 -78.51 -54.47
N ASP LA 116 51.23 -78.45 -55.79
CA ASP LA 116 51.69 -77.22 -56.42
C ASP LA 116 50.70 -76.08 -56.23
N GLN LA 117 49.40 -76.35 -56.36
CA GLN LA 117 48.40 -75.30 -56.18
C GLN LA 117 48.20 -74.90 -54.73
N LEU LA 118 48.37 -75.82 -53.79
CA LEU LA 118 48.29 -75.45 -52.38
C LEU LA 118 49.38 -74.48 -51.97
N ALA LA 119 50.60 -74.65 -52.49
CA ALA LA 119 51.67 -73.71 -52.22
C ALA LA 119 51.43 -72.35 -52.83
N THR LA 120 50.67 -72.29 -53.93
CA THR LA 120 50.33 -71.00 -54.52
C THR LA 120 49.46 -70.15 -53.61
N GLU LA 121 48.51 -70.76 -52.91
CA GLU LA 121 47.67 -69.99 -51.99
C GLU LA 121 48.42 -69.53 -50.75
N ILE LA 122 49.38 -70.31 -50.25
CA ILE LA 122 50.20 -69.83 -49.14
C ILE LA 122 50.89 -68.54 -49.54
N ASP LA 123 51.33 -68.46 -50.81
CA ASP LA 123 51.78 -67.19 -51.36
C ASP LA 123 50.64 -66.17 -51.43
N SER LA 124 49.44 -66.61 -51.84
CA SER LA 124 48.36 -65.66 -52.08
C SER LA 124 47.83 -65.05 -50.79
N ILE LA 125 47.73 -65.84 -49.72
CA ILE LA 125 47.30 -65.26 -48.45
C ILE LA 125 48.36 -64.30 -47.91
N GLY LA 126 49.63 -64.65 -48.04
CA GLY LA 126 50.71 -63.81 -47.57
C GLY LA 126 50.73 -62.44 -48.20
N ASN LA 127 50.39 -62.37 -49.49
CA ASN LA 127 50.42 -61.12 -50.22
C ASN LA 127 49.09 -60.37 -50.18
N SER LA 128 48.07 -60.91 -49.52
CA SER LA 128 46.75 -60.30 -49.56
C SER LA 128 46.33 -59.73 -48.21
N THR LA 129 46.64 -60.45 -47.13
CA THR LA 129 46.20 -60.06 -45.79
C THR LA 129 46.58 -58.62 -45.48
N ALA LA 130 45.60 -57.75 -45.29
CA ALA LA 130 45.85 -56.33 -45.15
C ALA LA 130 44.85 -55.73 -44.19
N PHE LA 131 45.22 -54.58 -43.63
CA PHE LA 131 44.37 -53.79 -42.74
C PHE LA 131 43.94 -52.57 -43.53
N GLY LA 132 42.85 -52.70 -44.28
CA GLY LA 132 42.40 -51.62 -45.13
C GLY LA 132 43.26 -51.51 -46.38
N ASN LA 133 44.49 -51.01 -46.23
CA ASN LA 133 45.38 -50.95 -47.39
C ASN LA 133 46.82 -51.28 -47.04
N THR LA 134 47.13 -51.69 -45.81
CA THR LA 134 48.50 -51.98 -45.41
C THR LA 134 48.67 -53.49 -45.28
N LYS LA 135 49.60 -54.05 -46.05
CA LYS LA 135 49.87 -55.48 -46.04
C LYS LA 135 50.63 -55.83 -44.76
N LEU LA 136 50.17 -56.85 -44.05
CA LEU LA 136 50.71 -57.15 -42.73
C LEU LA 136 51.66 -58.35 -42.71
N LEU LA 137 51.73 -59.15 -43.76
CA LEU LA 137 52.52 -60.37 -43.74
C LEU LA 137 53.65 -60.35 -44.78
N THR LA 138 53.99 -59.17 -45.28
CA THR LA 138 55.02 -59.07 -46.32
C THR LA 138 56.27 -58.36 -45.81
N GLY LA 139 56.49 -58.31 -44.51
CA GLY LA 139 57.74 -57.86 -43.94
C GLY LA 139 57.78 -56.40 -43.54
N THR LA 140 56.71 -55.65 -43.76
CA THR LA 140 56.71 -54.25 -43.32
C THR LA 140 56.57 -54.18 -41.81
N PHE LA 141 56.22 -55.30 -41.17
CA PHE LA 141 56.21 -55.38 -39.72
C PHE LA 141 57.33 -56.30 -39.22
N SER LA 142 58.38 -56.48 -40.03
CA SER LA 142 59.53 -57.26 -39.61
C SER LA 142 60.27 -56.63 -38.43
N ALA LA 143 60.44 -55.32 -38.44
CA ALA LA 143 60.98 -54.56 -37.31
C ALA LA 143 59.79 -53.89 -36.64
N GLY LA 144 59.38 -54.42 -35.51
CA GLY LA 144 58.14 -54.07 -34.85
C GLY LA 144 57.75 -52.61 -34.88
N LYS LA 145 56.51 -52.33 -35.27
CA LYS LA 145 55.99 -50.98 -35.25
C LYS LA 145 55.54 -50.60 -33.84
N VAL LA 146 55.27 -49.32 -33.64
CA VAL LA 146 55.10 -48.77 -32.31
C VAL LA 146 53.72 -48.15 -32.16
N PHE LA 147 53.06 -48.49 -31.04
CA PHE LA 147 51.81 -47.85 -30.64
C PHE LA 147 52.00 -47.25 -29.25
N GLN LA 148 51.48 -46.05 -29.03
CA GLN LA 148 51.60 -45.36 -27.76
C GLN LA 148 50.30 -45.50 -26.97
N VAL LA 149 50.38 -46.08 -25.78
CA VAL LA 149 49.21 -46.40 -24.98
C VAL LA 149 49.11 -45.55 -23.72
N GLY LA 150 50.07 -44.66 -23.49
CA GLY LA 150 50.04 -43.76 -22.36
C GLY LA 150 49.87 -42.33 -22.83
N HIS LA 151 49.98 -41.39 -21.89
CA HIS LA 151 49.87 -39.98 -22.22
C HIS LA 151 51.20 -39.26 -22.22
N GLN LA 152 52.31 -39.96 -22.05
CA GLN LA 152 53.63 -39.37 -22.08
C GLN LA 152 54.55 -40.17 -22.97
N GLU LA 153 55.69 -39.57 -23.31
CA GLU LA 153 56.67 -40.23 -24.15
C GLU LA 153 57.21 -41.47 -23.47
N GLY LA 154 57.48 -42.51 -24.27
CA GLY LA 154 58.07 -43.73 -23.76
C GLY LA 154 57.08 -44.80 -23.35
N GLU LA 155 55.79 -44.50 -23.35
CA GLU LA 155 54.76 -45.49 -23.01
C GLU LA 155 54.29 -46.14 -24.31
N ASP LA 156 55.11 -47.03 -24.86
CA ASP LA 156 54.84 -47.62 -26.17
C ASP LA 156 54.81 -49.13 -26.10
N ILE LA 157 54.09 -49.72 -27.05
CA ILE LA 157 54.02 -51.17 -27.24
C ILE LA 157 54.46 -51.47 -28.67
N LYS LA 158 55.23 -52.55 -28.81
CA LYS LA 158 55.81 -52.92 -30.09
C LYS LA 158 55.21 -54.24 -30.57
N VAL LA 159 54.74 -54.25 -31.81
CA VAL LA 159 54.16 -55.44 -32.42
C VAL LA 159 55.00 -55.83 -33.61
N THR LA 160 55.54 -57.05 -33.59
CA THR LA 160 56.42 -57.55 -34.64
C THR LA 160 55.76 -58.74 -35.33
N VAL LA 161 55.65 -58.67 -36.65
CA VAL LA 161 55.10 -59.75 -37.47
C VAL LA 161 56.12 -60.06 -38.55
N LYS LA 162 56.72 -61.24 -38.48
CA LYS LA 162 57.70 -61.63 -39.47
C LYS LA 162 57.01 -62.06 -40.76
N ALA LA 163 57.73 -61.93 -41.87
CA ALA LA 163 57.17 -62.27 -43.17
C ALA LA 163 56.88 -63.76 -43.26
N SER LA 164 55.72 -64.11 -43.79
CA SER LA 164 55.31 -65.50 -43.92
C SER LA 164 54.66 -65.71 -45.28
N ASN LA 165 55.40 -66.31 -46.19
CA ASN LA 165 54.92 -66.65 -47.53
C ASN LA 165 55.72 -67.87 -47.99
N LYS LA 166 55.50 -68.28 -49.24
CA LYS LA 166 56.04 -69.56 -49.68
C LYS LA 166 57.57 -69.53 -49.79
N THR LA 167 58.15 -68.44 -50.29
CA THR LA 167 59.62 -68.38 -50.33
C THR LA 167 60.20 -68.26 -48.94
N SER LA 168 59.51 -67.57 -48.03
CA SER LA 168 59.99 -67.42 -46.67
C SER LA 168 60.04 -68.75 -45.94
N LEU LA 169 58.98 -69.57 -46.08
CA LEU LA 169 58.87 -70.83 -45.36
C LEU LA 169 59.63 -71.96 -46.03
N SER LA 170 60.50 -71.65 -46.98
CA SER LA 170 61.32 -72.64 -47.68
C SER LA 170 60.45 -73.70 -48.36
N VAL LA 171 59.42 -73.23 -49.05
CA VAL LA 171 58.63 -74.09 -49.92
C VAL LA 171 58.48 -73.40 -51.26
N GLY LA 172 58.10 -74.15 -52.28
CA GLY LA 172 58.02 -73.60 -53.62
C GLY LA 172 58.68 -74.52 -54.62
N ALA LA 173 59.61 -75.33 -54.15
CA ALA LA 173 60.23 -76.39 -54.93
C ALA LA 173 60.15 -77.68 -54.14
N LEU LA 174 59.07 -78.42 -54.30
CA LEU LA 174 58.85 -79.68 -53.60
C LEU LA 174 58.53 -80.76 -54.61
N ASN LA 175 59.45 -81.71 -54.78
CA ASN LA 175 59.25 -82.84 -55.67
C ASN LA 175 59.05 -84.11 -54.86
N ASN LA 176 58.51 -85.13 -55.52
CA ASN LA 176 58.27 -86.42 -54.88
C ASN LA 176 58.60 -87.60 -55.78
N ALA LA 177 59.59 -87.46 -56.65
CA ALA LA 177 59.94 -88.53 -57.58
C ALA LA 177 60.87 -89.55 -56.94
N THR LA 178 62.06 -89.12 -56.53
CA THR LA 178 63.06 -90.03 -56.01
C THR LA 178 62.88 -90.29 -54.52
N SER LA 179 63.63 -91.24 -53.97
CA SER LA 179 63.57 -91.51 -52.54
C SER LA 179 64.05 -90.30 -51.74
N ALA LA 180 65.15 -89.69 -52.17
CA ALA LA 180 65.70 -88.56 -51.43
C ALA LA 180 64.79 -87.34 -51.52
N ASN LA 181 64.05 -87.21 -52.62
CA ASN LA 181 63.20 -86.04 -52.82
C ASN LA 181 62.10 -85.98 -51.77
N ARG LA 182 61.46 -87.11 -51.48
CA ARG LA 182 60.38 -87.11 -50.50
C ARG LA 182 60.90 -86.89 -49.08
N ALA LA 183 62.07 -87.45 -48.75
CA ALA LA 183 62.61 -87.26 -47.41
C ALA LA 183 62.94 -85.80 -47.14
N SER LA 184 63.51 -85.11 -48.12
CA SER LA 184 63.82 -83.69 -47.94
C SER LA 184 62.56 -82.85 -47.83
N SER LA 185 61.53 -83.20 -48.61
CA SER LA 185 60.29 -82.42 -48.59
C SER LA 185 59.60 -82.52 -47.24
N LEU LA 186 59.61 -83.71 -46.62
CA LEU LA 186 58.91 -83.89 -45.35
C LEU LA 186 59.52 -83.04 -44.24
N ALA LA 187 60.85 -82.92 -44.20
CA ALA LA 187 61.48 -82.15 -43.15
C ALA LA 187 61.13 -80.67 -43.25
N LYS LA 188 61.08 -80.12 -44.47
CA LYS LA 188 60.83 -78.70 -44.62
C LYS LA 188 59.40 -78.34 -44.22
N ILE LA 189 58.43 -79.20 -44.50
CA ILE LA 189 57.06 -78.94 -44.08
C ILE LA 189 56.96 -78.94 -42.56
N ASP LA 190 57.61 -79.89 -41.90
CA ASP LA 190 57.59 -79.93 -40.44
C ASP LA 190 58.22 -78.68 -39.85
N ALA LA 191 59.33 -78.22 -40.42
CA ALA LA 191 59.94 -76.98 -39.96
C ALA LA 191 59.03 -75.78 -40.23
N ALA LA 192 58.23 -75.85 -41.29
CA ALA LA 192 57.31 -74.75 -41.60
C ALA LA 192 56.24 -74.60 -40.52
N ILE LA 193 55.68 -75.72 -40.06
CA ILE LA 193 54.65 -75.63 -39.03
C ILE LA 193 55.22 -75.07 -37.73
N LYS LA 194 56.45 -75.44 -37.39
CA LYS LA 194 57.06 -74.92 -36.17
C LYS LA 194 57.23 -73.40 -36.23
N THR LA 195 57.66 -72.88 -37.39
CA THR LA 195 57.87 -71.44 -37.50
C THR LA 195 56.57 -70.67 -37.35
N ILE LA 196 55.50 -71.15 -37.97
CA ILE LA 196 54.20 -70.48 -37.82
C ILE LA 196 53.71 -70.57 -36.38
N ASP LA 197 53.93 -71.72 -35.75
CA ASP LA 197 53.46 -71.92 -34.38
C ASP LA 197 54.11 -70.91 -33.44
N SER LA 198 55.41 -70.69 -33.58
CA SER LA 198 56.09 -69.72 -32.72
C SER LA 198 55.59 -68.30 -33.00
N GLN LA 199 55.27 -68.00 -34.25
CA GLN LA 199 54.76 -66.67 -34.59
C GLN LA 199 53.40 -66.41 -33.94
N ARG LA 200 52.53 -67.41 -33.94
CA ARG LA 200 51.22 -67.24 -33.32
C ARG LA 200 51.33 -67.02 -31.82
N ALA LA 201 52.25 -67.73 -31.17
CA ALA LA 201 52.44 -67.55 -29.73
C ALA LA 201 52.91 -66.14 -29.41
N ASP LA 202 53.80 -65.59 -30.25
CA ASP LA 202 54.29 -64.23 -30.02
C ASP LA 202 53.16 -63.21 -30.16
N LEU LA 203 52.28 -63.39 -31.14
CA LEU LA 203 51.17 -62.45 -31.30
C LEU LA 203 50.13 -62.60 -30.20
N GLY LA 204 49.91 -63.81 -29.73
CA GLY LA 204 48.96 -64.01 -28.64
C GLY LA 204 49.41 -63.36 -27.34
N ALA LA 205 50.71 -63.40 -27.06
CA ALA LA 205 51.23 -62.80 -25.83
C ALA LA 205 51.02 -61.30 -25.83
N VAL LA 206 51.20 -60.64 -26.98
CA VAL LA 206 51.06 -59.19 -27.05
C VAL LA 206 49.62 -58.78 -26.77
N GLN LA 207 48.65 -59.50 -27.34
CA GLN LA 207 47.26 -59.12 -27.13
C GLN LA 207 46.75 -59.52 -25.76
N ASN LA 208 47.33 -60.56 -25.15
CA ASN LA 208 47.12 -60.75 -23.72
C ASN LA 208 47.74 -59.61 -22.93
N ARG LA 209 48.90 -59.13 -23.37
CA ARG LA 209 49.54 -57.99 -22.74
C ARG LA 209 48.70 -56.73 -22.90
N LEU LA 210 48.17 -56.47 -24.11
CA LEU LA 210 47.41 -55.25 -24.34
C LEU LA 210 46.10 -55.22 -23.59
N ALA LA 211 45.48 -56.37 -23.35
CA ALA LA 211 44.21 -56.40 -22.63
C ALA LA 211 44.36 -55.87 -21.21
N HIS LA 212 45.51 -56.15 -20.57
CA HIS LA 212 45.71 -55.69 -19.20
C HIS LA 212 45.96 -54.19 -19.12
N ASN LA 213 46.54 -53.59 -20.17
CA ASN LA 213 46.70 -52.14 -20.20
C ASN LA 213 45.35 -51.43 -20.20
N ILE LA 214 44.41 -51.93 -20.99
CA ILE LA 214 43.10 -51.27 -21.10
C ILE LA 214 42.38 -51.30 -19.76
N SER LA 215 42.39 -52.44 -19.08
CA SER LA 215 41.74 -52.53 -17.78
C SER LA 215 42.38 -51.59 -16.78
N ASN LA 216 43.72 -51.54 -16.77
CA ASN LA 216 44.41 -50.62 -15.88
C ASN LA 216 44.12 -49.17 -16.22
N SER LA 217 44.10 -48.84 -17.52
CA SER LA 217 43.82 -47.46 -17.92
C SER LA 217 42.39 -47.06 -17.61
N ALA LA 218 41.44 -47.99 -17.73
CA ALA LA 218 40.06 -47.67 -17.36
C ALA LA 218 39.93 -47.38 -15.87
N ASN LA 219 40.64 -48.15 -15.03
CA ASN LA 219 40.59 -47.90 -13.60
C ASN LA 219 41.20 -46.54 -13.25
N THR LA 220 42.40 -46.27 -13.77
CA THR LA 220 43.09 -45.04 -13.40
C THR LA 220 42.35 -43.81 -13.92
N GLN LA 221 41.62 -43.94 -15.02
CA GLN LA 221 40.84 -42.81 -15.53
C GLN LA 221 39.77 -42.38 -14.54
N ALA LA 222 39.08 -43.35 -13.93
CA ALA LA 222 38.02 -43.02 -12.98
C ALA LA 222 38.57 -42.30 -11.75
N ASN LA 223 39.69 -42.79 -11.21
CA ASN LA 223 40.26 -42.17 -10.02
C ASN LA 223 40.77 -40.76 -10.28
N VAL LA 224 41.34 -40.49 -11.45
CA VAL LA 224 41.77 -39.14 -11.77
C VAL LA 224 40.56 -38.22 -11.91
N ALA LA 225 39.45 -38.73 -12.45
CA ALA LA 225 38.24 -37.94 -12.52
C ALA LA 225 37.75 -37.55 -11.12
N ASP LA 226 37.87 -38.46 -10.16
CA ASP LA 226 37.59 -38.12 -8.77
C ASP LA 226 38.44 -36.95 -8.30
N ALA LA 227 39.76 -37.05 -8.51
CA ALA LA 227 40.66 -36.02 -8.01
C ALA LA 227 40.38 -34.67 -8.67
N LYS LA 228 40.08 -34.69 -9.97
CA LYS LA 228 39.88 -33.45 -10.70
C LYS LA 228 38.58 -32.75 -10.33
N SER LA 229 37.53 -33.50 -9.96
CA SER LA 229 36.26 -32.86 -9.62
C SER LA 229 36.31 -32.18 -8.26
N ARG LA 230 37.07 -32.72 -7.31
CA ARG LA 230 37.12 -32.11 -5.99
C ARG LA 230 37.74 -30.73 -6.03
N ILE LA 231 38.49 -30.42 -7.09
CA ILE LA 231 39.21 -29.15 -7.17
C ILE LA 231 38.41 -28.09 -7.90
N VAL LA 232 37.78 -28.45 -9.03
CA VAL LA 232 37.18 -27.44 -9.91
C VAL LA 232 35.66 -27.41 -9.86
N ASP LA 233 35.02 -28.40 -9.26
CA ASP LA 233 33.57 -28.53 -9.34
C ASP LA 233 32.92 -27.97 -8.08
N VAL LA 234 31.73 -27.42 -8.23
CA VAL LA 234 31.00 -26.82 -7.13
C VAL LA 234 30.19 -27.88 -6.41
N ASP LA 235 29.93 -27.65 -5.12
CA ASP LA 235 28.99 -28.45 -4.35
C ASP LA 235 27.71 -27.63 -4.23
N PHE LA 236 26.62 -28.15 -4.80
CA PHE LA 236 25.39 -27.37 -4.84
C PHE LA 236 24.84 -27.12 -3.44
N ALA LA 237 25.08 -28.03 -2.50
CA ALA LA 237 24.65 -27.81 -1.13
C ALA LA 237 25.34 -26.57 -0.57
N LYS LA 238 26.64 -26.46 -0.82
CA LYS LA 238 27.37 -25.26 -0.39
C LYS LA 238 26.90 -24.02 -1.15
N GLU LA 239 26.71 -24.15 -2.46
CA GLU LA 239 26.43 -22.97 -3.29
C GLU LA 239 25.00 -22.47 -3.10
N THR LA 240 24.04 -23.38 -2.98
CA THR LA 240 22.65 -22.96 -2.86
C THR LA 240 22.43 -22.19 -1.57
N SER LA 241 23.06 -22.64 -0.48
CA SER LA 241 22.93 -21.92 0.79
C SER LA 241 23.49 -20.52 0.68
N ALA LA 242 24.64 -20.36 0.02
CA ALA LA 242 25.22 -19.04 -0.14
C ALA LA 242 24.34 -18.13 -0.99
N MET LA 243 23.77 -18.68 -2.05
CA MET LA 243 22.92 -17.88 -2.93
C MET LA 243 21.70 -17.35 -2.19
N THR LA 244 21.00 -18.22 -1.47
CA THR LA 244 19.90 -17.77 -0.62
C THR LA 244 20.41 -16.88 0.50
N LYS LA 245 21.67 -17.06 0.90
CA LYS LA 245 22.22 -16.31 2.02
C LYS LA 245 22.30 -14.82 1.66
N TYR LA 246 22.73 -14.53 0.43
CA TYR LA 246 22.91 -13.17 -0.05
C TYR LA 246 21.63 -12.51 -0.52
N GLN LA 247 20.62 -13.30 -0.91
CA GLN LA 247 19.35 -12.72 -1.32
C GLN LA 247 18.70 -11.94 -0.18
N VAL LA 248 18.75 -12.52 1.03
CA VAL LA 248 18.19 -11.83 2.19
C VAL LA 248 18.98 -10.56 2.48
N LEU LA 249 20.30 -10.63 2.39
CA LEU LA 249 21.13 -9.45 2.66
C LEU LA 249 20.86 -8.33 1.68
N GLN LA 250 20.50 -8.66 0.44
CA GLN LA 250 20.21 -7.63 -0.55
C GLN LA 250 18.95 -6.84 -0.17
N GLN LA 251 17.87 -7.56 0.18
CA GLN LA 251 16.65 -6.87 0.57
C GLN LA 251 16.83 -6.12 1.88
N THR LA 252 17.63 -6.66 2.79
CA THR LA 252 17.96 -5.93 4.01
C THR LA 252 18.74 -4.66 3.68
N GLY LA 253 19.72 -4.76 2.77
CA GLY LA 253 20.50 -3.59 2.41
C GLY LA 253 19.70 -2.51 1.72
N SER LA 254 18.75 -2.92 0.86
CA SER LA 254 17.94 -1.94 0.15
C SER LA 254 17.01 -1.16 1.08
N ALA LA 255 16.39 -1.84 2.04
CA ALA LA 255 15.54 -1.15 3.00
C ALA LA 255 16.34 -0.21 3.90
N MET LA 256 17.52 -0.63 4.32
CA MET LA 256 18.35 0.24 5.15
C MET LA 256 18.82 1.46 4.39
N LEU LA 257 19.22 1.29 3.13
CA LEU LA 257 19.70 2.42 2.35
C LEU LA 257 18.59 3.41 2.04
N ALA LA 258 17.40 2.92 1.67
CA ALA LA 258 16.29 3.82 1.37
C ALA LA 258 15.90 4.63 2.61
N GLN LA 259 15.88 3.98 3.77
CA GLN LA 259 15.49 4.66 4.99
C GLN LA 259 16.59 5.60 5.49
N ALA LA 260 17.84 5.27 5.23
CA ALA LA 260 18.94 6.13 5.65
C ALA LA 260 19.02 7.38 4.78
N ASN LA 261 18.46 7.33 3.58
CA ASN LA 261 18.50 8.48 2.68
C ASN LA 261 17.65 9.63 3.17
N GLN LA 262 16.58 9.37 3.90
CA GLN LA 262 15.69 10.41 4.38
C GLN LA 262 16.00 10.82 5.82
N LEU LA 263 17.20 10.54 6.32
CA LEU LA 263 17.68 11.08 7.58
C LEU LA 263 17.76 12.61 7.57
N PRO LA 264 18.30 13.26 6.53
CA PRO LA 264 18.45 14.72 6.59
C PRO LA 264 17.15 15.50 6.61
N GLN LA 265 15.99 14.85 6.43
CA GLN LA 265 14.73 15.57 6.48
C GLN LA 265 14.39 16.06 7.87
N VAL LA 266 15.13 15.64 8.90
CA VAL LA 266 14.94 16.19 10.24
C VAL LA 266 15.22 17.69 10.25
N ALA LA 267 16.17 18.14 9.41
CA ALA LA 267 16.51 19.55 9.36
C ALA LA 267 15.35 20.44 8.95
N LEU LA 268 14.37 19.90 8.21
CA LEU LA 268 13.19 20.67 7.83
C LEU LA 268 12.23 20.87 8.99
N SER LA 269 12.29 20.04 10.03
CA SER LA 269 11.41 20.21 11.17
C SER LA 269 11.78 21.46 11.97
N LEU LA 270 13.06 21.80 12.04
CA LEU LA 270 13.51 22.93 12.84
C LEU LA 270 13.43 24.22 12.03
N LEU LA 271 12.24 24.48 11.50
CA LEU LA 271 11.92 25.73 10.82
C LEU LA 271 12.90 25.98 9.67
N GLY LA 272 12.82 25.15 8.63
CA GLY LA 272 13.62 25.35 7.44
C GLY LA 272 15.13 25.29 7.66
N ALA MA 1 20.82 68.22 32.86
CA ALA MA 1 21.20 67.23 31.85
C ALA MA 1 20.10 67.04 30.83
N ILE MA 2 19.49 68.14 30.40
CA ILE MA 2 18.44 68.09 29.39
C ILE MA 2 18.92 68.83 28.16
N THR MA 3 19.41 68.10 27.16
CA THR MA 3 19.99 68.70 25.99
C THR MA 3 19.14 68.41 24.75
N VAL MA 4 19.28 69.27 23.74
CA VAL MA 4 18.53 69.11 22.50
C VAL MA 4 19.48 69.13 21.31
N ASN MA 5 20.77 68.96 21.55
CA ASN MA 5 21.75 68.92 20.48
C ASN MA 5 22.39 67.56 20.28
N THR MA 6 22.56 66.76 21.33
CA THR MA 6 23.11 65.41 21.20
C THR MA 6 22.25 64.43 21.97
N ASN MA 7 22.01 63.26 21.37
CA ASN MA 7 21.25 62.18 21.98
C ASN MA 7 22.16 60.96 22.05
N VAL MA 8 22.94 60.87 23.13
CA VAL MA 8 23.87 59.75 23.30
C VAL MA 8 23.11 58.45 23.53
N THR MA 9 21.92 58.54 24.12
CA THR MA 9 21.09 57.35 24.26
C THR MA 9 20.78 56.74 22.90
N SER MA 10 20.49 57.58 21.91
CA SER MA 10 20.27 57.10 20.56
C SER MA 10 21.54 56.49 19.97
N MET MA 11 22.69 57.12 20.23
CA MET MA 11 23.94 56.61 19.68
C MET MA 11 24.24 55.20 20.18
N LYS MA 12 24.06 54.96 21.48
CA LYS MA 12 24.27 53.62 22.01
C LYS MA 12 23.21 52.66 21.48
N ALA MA 13 21.96 53.12 21.37
CA ALA MA 13 20.91 52.26 20.86
C ALA MA 13 21.15 51.86 19.41
N GLN MA 14 21.66 52.79 18.61
CA GLN MA 14 21.91 52.49 17.19
C GLN MA 14 22.95 51.38 17.05
N LYS MA 15 24.01 51.43 17.85
CA LYS MA 15 25.06 50.43 17.73
C LYS MA 15 24.55 49.03 18.05
N ASN MA 16 23.71 48.90 19.06
CA ASN MA 16 23.18 47.60 19.44
C ASN MA 16 22.31 47.01 18.33
N LEU MA 17 21.52 47.86 17.67
CA LEU MA 17 20.68 47.38 16.57
C LEU MA 17 21.53 46.90 15.41
N ASN MA 18 22.63 47.60 15.12
CA ASN MA 18 23.50 47.18 14.03
C ASN MA 18 24.13 45.82 14.30
N THR MA 19 24.55 45.58 15.54
CA THR MA 19 25.13 44.29 15.88
C THR MA 19 24.12 43.15 15.75
N SER MA 20 22.89 43.37 16.20
CA SER MA 20 21.87 42.35 16.10
C SER MA 20 21.45 42.07 14.66
N ASN MA 21 21.45 43.10 13.81
CA ASN MA 21 21.12 42.92 12.41
C ASN MA 21 22.21 42.16 11.66
N SER MA 22 23.48 42.44 11.97
CA SER MA 22 24.57 41.75 11.31
C SER MA 22 24.62 40.27 11.69
N GLY MA 23 24.32 39.94 12.94
CA GLY MA 23 24.28 38.56 13.38
C GLY MA 23 23.15 37.78 12.72
N LEU MA 24 22.00 38.43 12.52
CA LEU MA 24 20.89 37.78 11.83
C LEU MA 24 21.26 37.49 10.38
N SER MA 25 21.93 38.43 9.72
CA SER MA 25 22.29 38.24 8.32
C SER MA 25 23.25 37.07 8.13
N THR MA 26 24.28 36.99 8.98
CA THR MA 26 25.28 35.94 8.80
C THR MA 26 24.71 34.57 9.10
N SER MA 27 23.68 34.48 9.94
CA SER MA 27 23.07 33.18 10.23
C SER MA 27 22.25 32.68 9.04
N MET MA 28 21.61 33.58 8.30
CA MET MA 28 20.78 33.14 7.17
C MET MA 28 21.63 32.55 6.05
N GLU MA 29 22.78 33.16 5.74
CA GLU MA 29 23.60 32.66 4.65
C GLU MA 29 24.25 31.32 5.00
N ARG MA 30 24.60 31.12 6.26
CA ARG MA 30 25.07 29.80 6.68
C ARG MA 30 23.98 28.75 6.55
N LEU MA 31 22.73 29.11 6.88
CA LEU MA 31 21.62 28.19 6.71
C LEU MA 31 21.22 27.99 5.25
N SER MA 32 21.38 29.01 4.41
CA SER MA 32 20.94 28.89 3.02
C SER MA 32 21.88 28.03 2.19
N SER MA 33 23.15 27.90 2.60
CA SER MA 33 24.12 27.09 1.88
C SER MA 33 24.41 25.78 2.61
N GLY MA 34 24.70 25.86 3.91
CA GLY MA 34 24.97 24.66 4.67
C GLY MA 34 26.43 24.52 5.04
N LEU MA 35 27.17 25.63 4.98
CA LEU MA 35 28.58 25.64 5.28
C LEU MA 35 28.89 26.66 6.36
N ARG MA 36 29.63 26.23 7.38
CA ARG MA 36 30.07 27.15 8.41
C ARG MA 36 31.14 28.10 7.89
N ILE MA 37 32.14 27.59 7.19
CA ILE MA 37 33.20 28.42 6.63
C ILE MA 37 32.83 28.86 5.23
N ASN MA 38 32.02 29.91 5.13
CA ASN MA 38 31.66 30.47 3.83
C ASN MA 38 32.83 31.27 3.28
N SER MA 39 33.33 32.22 4.06
CA SER MA 39 34.46 33.04 3.68
C SER MA 39 35.61 32.84 4.66
N ALA MA 40 36.68 33.62 4.46
CA ALA MA 40 37.82 33.60 5.35
C ALA MA 40 37.60 34.38 6.64
N LYS MA 41 36.39 34.91 6.85
CA LYS MA 41 36.08 35.51 8.13
C LYS MA 41 36.29 34.50 9.25
N ASP MA 42 35.82 33.27 9.03
CA ASP MA 42 35.80 32.19 10.00
C ASP MA 42 37.16 31.53 10.09
N ASP MA 43 37.18 30.30 10.61
CA ASP MA 43 38.43 29.60 10.89
C ASP MA 43 39.40 29.68 9.70
N ALA MA 44 40.50 30.39 9.91
CA ALA MA 44 41.52 30.49 8.86
C ALA MA 44 42.20 29.15 8.63
N ALA MA 45 42.45 28.41 9.70
CA ALA MA 45 43.07 27.10 9.58
C ALA MA 45 42.08 26.04 9.08
N GLY MA 46 40.79 26.23 9.34
CA GLY MA 46 39.82 25.24 8.93
C GLY MA 46 39.73 25.09 7.42
N LEU MA 47 39.73 26.21 6.70
CA LEU MA 47 39.61 26.15 5.24
C LEU MA 47 40.85 25.54 4.61
N ALA MA 48 42.03 25.81 5.18
CA ALA MA 48 43.25 25.22 4.67
C ALA MA 48 43.23 23.71 4.84
N ILE MA 49 42.81 23.23 6.02
CA ILE MA 49 42.73 21.78 6.25
C ILE MA 49 41.69 21.15 5.34
N SER MA 50 40.55 21.82 5.17
CA SER MA 50 39.48 21.27 4.36
C SER MA 50 39.89 21.11 2.90
N ASN MA 51 40.75 22.00 2.41
CA ASN MA 51 41.19 21.93 1.03
C ASN MA 51 41.98 20.64 0.77
N ARG MA 52 42.88 20.28 1.69
CA ARG MA 52 43.60 19.02 1.55
C ARG MA 52 42.70 17.82 1.73
N LEU MA 53 41.75 17.88 2.66
CA LEU MA 53 40.77 16.81 2.78
C LEU MA 53 39.91 16.69 1.54
N ASN MA 54 39.55 17.82 0.94
CA ASN MA 54 38.80 17.79 -0.31
C ASN MA 54 39.61 17.12 -1.41
N SER MA 55 40.91 17.38 -1.46
CA SER MA 55 41.77 16.73 -2.45
C SER MA 55 41.81 15.22 -2.25
N GLN MA 56 41.86 14.76 -1.00
CA GLN MA 56 41.89 13.33 -0.74
C GLN MA 56 40.59 12.66 -1.16
N VAL MA 57 39.46 13.29 -0.86
CA VAL MA 57 38.16 12.69 -1.19
C VAL MA 57 38.00 12.58 -2.71
N ARG MA 58 38.25 13.68 -3.42
CA ARG MA 58 38.14 13.64 -4.88
C ARG MA 58 39.29 12.85 -5.49
N GLY MA 59 40.47 12.90 -4.87
CA GLY MA 59 41.58 12.12 -5.38
C GLY MA 59 41.32 10.63 -5.34
N LEU MA 60 40.74 10.15 -4.24
CA LEU MA 60 40.40 8.73 -4.16
C LEU MA 60 39.35 8.33 -5.19
N GLU MA 61 38.35 9.19 -5.41
CA GLU MA 61 37.27 8.85 -6.32
C GLU MA 61 37.79 8.62 -7.73
N VAL MA 62 38.71 9.46 -8.20
CA VAL MA 62 39.36 9.21 -9.49
C VAL MA 62 40.24 7.97 -9.41
N GLY MA 63 40.88 7.75 -8.27
CA GLY MA 63 41.72 6.57 -8.12
C GLY MA 63 40.92 5.28 -8.16
N MET MA 64 39.68 5.31 -7.63
CA MET MA 64 38.82 4.13 -7.71
C MET MA 64 38.53 3.75 -9.15
N ARG MA 65 38.15 4.72 -9.98
CA ARG MA 65 37.90 4.43 -11.39
C ARG MA 65 39.18 4.03 -12.10
N ASN MA 66 40.33 4.51 -11.63
CA ASN MA 66 41.60 4.13 -12.23
C ASN MA 66 41.86 2.63 -12.08
N ALA MA 67 41.51 2.06 -10.93
CA ALA MA 67 41.72 0.64 -10.67
C ALA MA 67 40.66 -0.25 -11.30
N ASN MA 68 39.41 0.23 -11.39
CA ASN MA 68 38.39 -0.52 -12.11
C ASN MA 68 38.76 -0.73 -13.57
N ASP MA 69 39.47 0.21 -14.18
CA ASP MA 69 40.00 0.05 -15.52
C ASP MA 69 41.05 -1.05 -15.61
N ALA MA 70 41.94 -1.13 -14.61
CA ALA MA 70 42.98 -2.16 -14.62
C ALA MA 70 42.37 -3.55 -14.48
N ILE MA 71 41.28 -3.67 -13.73
CA ILE MA 71 40.61 -4.95 -13.54
C ILE MA 71 40.07 -5.44 -14.87
N SER MA 72 39.48 -4.54 -15.64
CA SER MA 72 38.90 -4.93 -16.92
C SER MA 72 39.97 -5.40 -17.91
N ILE MA 73 41.12 -4.73 -17.94
CA ILE MA 73 42.20 -5.16 -18.83
C ILE MA 73 42.67 -6.56 -18.47
N ALA MA 74 42.90 -6.82 -17.19
CA ALA MA 74 43.31 -8.15 -16.76
C ALA MA 74 42.21 -9.19 -17.01
N GLN MA 75 40.95 -8.76 -16.98
CA GLN MA 75 39.85 -9.68 -17.22
C GLN MA 75 39.82 -10.15 -18.66
N ILE MA 76 40.08 -9.25 -19.61
CA ILE MA 76 40.01 -9.63 -21.03
C ILE MA 76 41.18 -10.53 -21.40
N ALA MA 77 42.38 -10.21 -20.94
CA ALA MA 77 43.54 -11.01 -21.29
C ALA MA 77 43.41 -12.42 -20.74
N GLU MA 78 42.89 -12.55 -19.52
CA GLU MA 78 42.70 -13.87 -18.93
C GLU MA 78 41.69 -14.69 -19.74
N GLY MA 79 40.62 -14.06 -20.20
CA GLY MA 79 39.62 -14.78 -20.97
C GLY MA 79 40.17 -15.34 -22.28
N ALA MA 80 41.02 -14.58 -22.95
CA ALA MA 80 41.58 -15.04 -24.23
C ALA MA 80 42.54 -16.21 -24.03
N MET MA 81 43.31 -16.21 -22.95
CA MET MA 81 44.27 -17.29 -22.74
C MET MA 81 43.58 -18.62 -22.45
N GLN MA 82 42.34 -18.58 -21.96
CA GLN MA 82 41.60 -19.81 -21.72
C GLN MA 82 41.34 -20.55 -23.03
N GLU MA 83 40.98 -19.82 -24.08
CA GLU MA 83 40.70 -20.47 -25.35
C GLU MA 83 41.97 -21.00 -26.01
N GLN MA 84 43.11 -20.35 -25.78
CA GLN MA 84 44.36 -20.88 -26.29
C GLN MA 84 44.72 -22.19 -25.58
N THR MA 85 44.35 -22.32 -24.31
CA THR MA 85 44.63 -23.55 -23.59
C THR MA 85 43.83 -24.73 -24.12
N ASN MA 86 42.55 -24.52 -24.45
CA ASN MA 86 41.73 -25.61 -24.96
C ASN MA 86 42.22 -26.11 -26.32
N MET MA 87 42.61 -25.22 -27.22
CA MET MA 87 43.12 -25.66 -28.51
C MET MA 87 44.47 -26.36 -28.39
N LEU MA 88 45.30 -25.96 -27.44
CA LEU MA 88 46.56 -26.66 -27.22
C LEU MA 88 46.33 -28.08 -26.72
N GLN MA 89 45.28 -28.29 -25.92
CA GLN MA 89 44.97 -29.63 -25.46
C GLN MA 89 44.56 -30.53 -26.62
N ARG MA 90 43.81 -29.99 -27.58
CA ARG MA 90 43.43 -30.78 -28.76
C ARG MA 90 44.64 -31.15 -29.60
N MET MA 91 45.66 -30.29 -29.66
CA MET MA 91 46.89 -30.64 -30.37
C MET MA 91 47.61 -31.79 -29.70
N ARG MA 92 47.54 -31.90 -28.37
CA ARG MA 92 48.14 -33.03 -27.69
C ARG MA 92 47.49 -34.35 -28.09
N ASP MA 93 46.16 -34.36 -28.19
CA ASP MA 93 45.47 -35.59 -28.58
C ASP MA 93 45.83 -36.00 -30.00
N LEU MA 94 45.93 -35.05 -30.92
CA LEU MA 94 46.30 -35.38 -32.29
C LEU MA 94 47.70 -35.96 -32.38
N THR MA 95 48.65 -35.41 -31.62
CA THR MA 95 49.99 -35.99 -31.58
C THR MA 95 49.99 -37.40 -31.02
N ILE MA 96 49.21 -37.65 -29.97
CA ILE MA 96 49.06 -39.01 -29.47
C ILE MA 96 48.37 -39.89 -30.50
N GLN MA 97 47.32 -39.38 -31.14
CA GLN MA 97 46.61 -40.14 -32.16
C GLN MA 97 47.47 -40.39 -33.39
N SER MA 98 48.44 -39.52 -33.66
CA SER MA 98 49.28 -39.66 -34.85
C SER MA 98 50.40 -40.68 -34.67
N GLU MA 99 50.34 -41.52 -33.65
CA GLU MA 99 51.44 -42.42 -33.34
C GLU MA 99 51.02 -43.87 -33.58
N ASN MA 100 49.85 -44.09 -34.18
CA ASN MA 100 49.43 -45.44 -34.54
C ASN MA 100 50.38 -46.05 -35.56
N GLY MA 101 50.58 -47.37 -35.46
CA GLY MA 101 51.33 -48.08 -36.47
C GLY MA 101 50.46 -48.59 -37.59
N ALA MA 102 49.15 -48.37 -37.49
CA ALA MA 102 48.22 -48.75 -38.53
C ALA MA 102 47.87 -47.59 -39.45
N ASN MA 103 48.44 -46.43 -39.23
CA ASN MA 103 48.20 -45.28 -40.08
C ASN MA 103 49.00 -45.46 -41.38
N SER MA 104 48.95 -44.46 -42.25
CA SER MA 104 49.73 -44.48 -43.47
C SER MA 104 50.25 -43.09 -43.73
N THR MA 105 51.04 -42.94 -44.80
CA THR MA 105 51.60 -41.64 -45.13
C THR MA 105 50.50 -40.63 -45.42
N ALA MA 106 49.47 -41.06 -46.14
CA ALA MA 106 48.33 -40.17 -46.42
C ALA MA 106 47.54 -39.83 -45.17
N ASP MA 107 47.48 -40.74 -44.20
CA ASP MA 107 46.74 -40.48 -42.97
C ASP MA 107 47.42 -39.43 -42.12
N LEU MA 108 48.75 -39.47 -42.05
CA LEU MA 108 49.47 -38.48 -41.25
C LEU MA 108 49.32 -37.08 -41.81
N VAL MA 109 49.19 -36.95 -43.12
CA VAL MA 109 49.02 -35.64 -43.74
C VAL MA 109 47.69 -35.01 -43.31
N SER MA 110 46.62 -35.80 -43.27
CA SER MA 110 45.33 -35.27 -42.84
C SER MA 110 45.35 -34.76 -41.41
N ILE MA 111 46.04 -35.46 -40.52
CA ILE MA 111 46.13 -35.01 -39.13
C ILE MA 111 46.91 -33.71 -39.06
N LYS MA 112 47.98 -33.57 -39.85
CA LYS MA 112 48.74 -32.33 -39.84
C LYS MA 112 47.91 -31.16 -40.37
N ALA MA 113 47.07 -31.39 -41.37
CA ALA MA 113 46.21 -30.34 -41.89
C ALA MA 113 45.26 -29.79 -40.85
N GLU MA 114 44.96 -30.56 -39.81
CA GLU MA 114 44.16 -30.10 -38.68
C GLU MA 114 45.01 -29.35 -37.67
N MET MA 115 46.15 -29.90 -37.29
CA MET MA 115 47.06 -29.21 -36.38
C MET MA 115 47.46 -27.85 -36.94
N ASP MA 116 47.65 -27.78 -38.26
CA ASP MA 116 48.13 -26.55 -38.87
C ASP MA 116 47.14 -25.40 -38.70
N GLN MA 117 45.85 -25.67 -38.85
CA GLN MA 117 44.86 -24.62 -38.70
C GLN MA 117 44.63 -24.22 -37.25
N LEU MA 118 44.77 -25.14 -36.31
CA LEU MA 118 44.65 -24.77 -34.90
C LEU MA 118 45.75 -23.81 -34.47
N ALA MA 119 46.97 -23.99 -34.96
CA ALA MA 119 48.06 -23.06 -34.66
C ALA MA 119 47.82 -21.69 -35.27
N THR MA 120 47.09 -21.62 -36.38
CA THR MA 120 46.78 -20.32 -36.99
C THR MA 120 45.89 -19.48 -36.09
N GLU MA 121 44.92 -20.09 -35.40
CA GLU MA 121 44.07 -19.32 -34.50
C GLU MA 121 44.80 -18.86 -33.24
N ILE MA 122 45.74 -19.64 -32.73
CA ILE MA 122 46.54 -19.18 -31.60
C ILE MA 122 47.26 -17.89 -31.99
N ASP MA 123 47.72 -17.81 -33.23
CA ASP MA 123 48.18 -16.54 -33.78
C ASP MA 123 47.05 -15.52 -33.86
N SER MA 124 45.87 -15.95 -34.31
CA SER MA 124 44.80 -14.99 -34.56
C SER MA 124 44.24 -14.38 -33.28
N ILE MA 125 44.11 -15.17 -32.21
CA ILE MA 125 43.66 -14.59 -30.95
C ILE MA 125 44.71 -13.63 -30.39
N GLY MA 126 45.99 -14.00 -30.50
CA GLY MA 126 47.06 -13.17 -30.00
C GLY MA 126 47.10 -11.79 -30.63
N ASN MA 127 46.80 -11.72 -31.92
CA ASN MA 127 46.85 -10.46 -32.64
C ASN MA 127 45.52 -9.70 -32.64
N SER MA 128 44.48 -10.24 -31.99
CA SER MA 128 43.17 -9.62 -32.06
C SER MA 128 42.72 -9.06 -30.71
N THR MA 129 43.00 -9.78 -29.63
CA THR MA 129 42.53 -9.39 -28.30
C THR MA 129 42.93 -7.95 -27.98
N ALA MA 130 41.95 -7.08 -27.81
CA ALA MA 130 42.21 -5.66 -27.65
C ALA MA 130 41.19 -5.05 -26.71
N PHE MA 131 41.56 -3.91 -26.15
CA PHE MA 131 40.69 -3.12 -25.27
C PHE MA 131 40.29 -1.89 -26.06
N GLY MA 132 39.21 -2.01 -26.83
CA GLY MA 132 38.79 -0.93 -27.70
C GLY MA 132 39.67 -0.82 -28.92
N ASN MA 133 40.91 -0.33 -28.74
CA ASN MA 133 41.82 -0.26 -29.89
C ASN MA 133 43.25 -0.61 -29.50
N THR MA 134 43.53 -1.03 -28.28
CA THR MA 134 44.89 -1.33 -27.85
C THR MA 134 45.05 -2.84 -27.72
N LYS MA 135 45.99 -3.40 -28.47
CA LYS MA 135 46.25 -4.84 -28.46
C LYS MA 135 46.98 -5.19 -27.17
N LEU MA 136 46.50 -6.21 -26.46
CA LEU MA 136 47.01 -6.53 -25.14
C LEU MA 136 47.95 -7.73 -25.10
N LEU MA 137 48.03 -8.53 -26.16
CA LEU MA 137 48.82 -9.76 -26.11
C LEU MA 137 49.96 -9.74 -27.13
N THR MA 138 50.33 -8.55 -27.62
CA THR MA 138 51.38 -8.46 -28.64
C THR MA 138 52.63 -7.77 -28.11
N GLY MA 139 52.82 -7.72 -26.80
CA GLY MA 139 54.06 -7.28 -26.21
C GLY MA 139 54.11 -5.82 -25.80
N THR MA 140 53.04 -5.06 -26.04
CA THR MA 140 53.04 -3.68 -25.59
C THR MA 140 52.87 -3.59 -24.08
N PHE MA 141 52.49 -4.72 -23.45
CA PHE MA 141 52.46 -4.80 -22.01
C PHE MA 141 53.56 -5.73 -21.49
N SER MA 142 54.62 -5.92 -22.28
CA SER MA 142 55.76 -6.70 -21.84
C SER MA 142 56.47 -6.08 -20.64
N ALA MA 143 56.66 -4.77 -20.64
CA ALA MA 143 57.19 -4.02 -19.50
C ALA MA 143 55.98 -3.34 -18.86
N GLY MA 144 55.55 -3.88 -17.71
CA GLY MA 144 54.30 -3.52 -17.10
C GLY MA 144 53.92 -2.05 -17.12
N LYS MA 145 52.68 -1.78 -17.54
CA LYS MA 145 52.18 -0.41 -17.53
C LYS MA 145 51.70 -0.04 -16.13
N VAL MA 146 51.43 1.24 -15.93
CA VAL MA 146 51.24 1.79 -14.59
C VAL MA 146 49.86 2.42 -14.47
N PHE MA 147 49.17 2.09 -13.38
CA PHE MA 147 47.92 2.73 -12.99
C PHE MA 147 48.09 3.32 -11.60
N GLN MA 148 47.57 4.53 -11.40
CA GLN MA 148 47.67 5.21 -10.10
C GLN MA 148 46.35 5.07 -9.36
N VAL MA 149 46.41 4.49 -8.16
CA VAL MA 149 45.21 4.18 -7.38
C VAL MA 149 45.10 5.04 -6.13
N GLY MA 150 46.06 5.91 -5.87
CA GLY MA 150 46.01 6.81 -4.74
C GLY MA 150 45.85 8.24 -5.21
N HIS MA 151 45.95 9.17 -4.26
CA HIS MA 151 45.86 10.58 -4.60
C HIS MA 151 47.19 11.31 -4.57
N GLN MA 152 48.30 10.59 -4.37
CA GLN MA 152 49.62 11.18 -4.36
C GLN MA 152 50.56 10.36 -5.24
N GLU MA 153 51.70 10.96 -5.55
CA GLU MA 153 52.69 10.29 -6.39
C GLU MA 153 53.22 9.04 -5.69
N GLY MA 154 53.49 8.01 -6.49
CA GLY MA 154 54.07 6.79 -5.97
C GLY MA 154 53.06 5.72 -5.58
N GLU MA 155 51.77 6.02 -5.62
CA GLU MA 155 50.73 5.04 -5.30
C GLU MA 155 50.27 4.40 -6.61
N ASP MA 156 51.10 3.50 -7.13
CA ASP MA 156 50.86 2.93 -8.45
C ASP MA 156 50.82 1.41 -8.39
N ILE MA 157 50.11 0.84 -9.36
CA ILE MA 157 50.03 -0.60 -9.57
C ILE MA 157 50.50 -0.92 -10.98
N LYS MA 158 51.27 -2.00 -11.11
CA LYS MA 158 51.88 -2.38 -12.38
C LYS MA 158 51.28 -3.68 -12.88
N VAL MA 159 50.83 -3.69 -14.12
CA VAL MA 159 50.24 -4.87 -14.75
C VAL MA 159 51.12 -5.27 -15.93
N THR MA 160 51.64 -6.49 -15.90
CA THR MA 160 52.54 -6.99 -16.93
C THR MA 160 51.90 -8.17 -17.64
N VAL MA 161 51.80 -8.10 -18.97
CA VAL MA 161 51.27 -9.17 -19.79
C VAL MA 161 52.30 -9.49 -20.85
N LYS MA 162 52.90 -10.68 -20.76
CA LYS MA 162 53.91 -11.06 -21.74
C LYS MA 162 53.23 -11.48 -23.06
N ALA MA 163 53.97 -11.35 -24.15
CA ALA MA 163 53.43 -11.69 -25.46
C ALA MA 163 53.15 -13.18 -25.56
N SER MA 164 51.98 -13.51 -26.12
CA SER MA 164 51.56 -14.90 -26.25
C SER MA 164 50.94 -15.11 -27.63
N ASN MA 165 51.71 -15.70 -28.53
CA ASN MA 165 51.25 -16.04 -29.87
C ASN MA 165 52.04 -17.26 -30.33
N LYS MA 166 51.85 -17.66 -31.58
CA LYS MA 166 52.40 -18.94 -32.02
C LYS MA 166 53.92 -18.93 -32.09
N THR MA 167 54.53 -17.84 -32.57
CA THR MA 167 55.99 -17.79 -32.59
C THR MA 167 56.55 -17.69 -31.18
N SER MA 168 55.84 -17.00 -30.29
CA SER MA 168 56.29 -16.84 -28.91
C SER MA 168 56.32 -18.19 -28.19
N LEU MA 169 55.27 -18.98 -28.35
CA LEU MA 169 55.13 -20.24 -27.64
C LEU MA 169 55.88 -21.38 -28.30
N SER MA 170 56.78 -21.08 -29.23
CA SER MA 170 57.61 -22.07 -29.92
C SER MA 170 56.76 -23.13 -30.61
N VAL MA 171 55.74 -22.65 -31.33
CA VAL MA 171 54.95 -23.49 -32.21
C VAL MA 171 54.85 -22.80 -33.56
N GLY MA 172 54.48 -23.54 -34.59
CA GLY MA 172 54.43 -22.99 -35.93
C GLY MA 172 55.10 -23.91 -36.92
N ALA MA 173 56.02 -24.73 -36.42
CA ALA MA 173 56.64 -25.79 -37.20
C ALA MA 173 56.54 -27.08 -36.41
N LEU MA 174 55.45 -27.81 -36.61
CA LEU MA 174 55.21 -29.07 -35.91
C LEU MA 174 54.91 -30.15 -36.93
N ASN MA 175 55.82 -31.10 -37.09
CA ASN MA 175 55.65 -32.23 -37.99
C ASN MA 175 55.41 -33.50 -37.18
N ASN MA 176 54.88 -34.52 -37.86
CA ASN MA 176 54.61 -35.80 -37.22
C ASN MA 176 54.96 -36.99 -38.12
N ALA MA 177 55.96 -36.85 -38.97
CA ALA MA 177 56.32 -37.92 -39.89
C ALA MA 177 57.23 -38.95 -39.24
N THR MA 178 58.42 -38.52 -38.80
CA THR MA 178 59.41 -39.45 -38.26
C THR MA 178 59.19 -39.70 -36.78
N SER MA 179 59.93 -40.67 -36.22
CA SER MA 179 59.83 -40.94 -34.79
C SER MA 179 60.30 -39.74 -33.97
N ALA MA 180 61.41 -39.14 -34.38
CA ALA MA 180 61.96 -38.01 -33.63
C ALA MA 180 61.07 -36.78 -33.74
N ASN MA 181 60.34 -36.64 -34.85
CA ASN MA 181 59.50 -35.47 -35.05
C ASN MA 181 58.38 -35.40 -34.04
N ARG MA 182 57.73 -36.53 -33.76
CA ARG MA 182 56.63 -36.53 -32.80
C ARG MA 182 57.12 -36.32 -31.37
N ALA MA 183 58.27 -36.88 -31.02
CA ALA MA 183 58.79 -36.71 -29.67
C ALA MA 183 59.12 -35.25 -29.38
N SER MA 184 59.72 -34.55 -30.35
CA SER MA 184 60.04 -33.14 -30.16
C SER MA 184 58.78 -32.29 -30.08
N SER MA 185 57.76 -32.63 -30.88
CA SER MA 185 56.53 -31.84 -30.88
C SER MA 185 55.80 -31.94 -29.54
N LEU MA 186 55.80 -33.13 -28.93
CA LEU MA 186 55.08 -33.31 -27.68
C LEU MA 186 55.67 -32.47 -26.55
N ALA MA 187 56.99 -32.36 -26.49
CA ALA MA 187 57.62 -31.59 -25.41
C ALA MA 187 57.27 -30.11 -25.52
N LYS MA 188 57.24 -29.57 -26.74
CA LYS MA 188 57.01 -28.13 -26.89
C LYS MA 188 55.58 -27.76 -26.52
N ILE MA 189 54.61 -28.63 -26.82
CA ILE MA 189 53.24 -28.35 -26.42
C ILE MA 189 53.10 -28.35 -24.91
N ASP MA 190 53.74 -29.32 -24.24
CA ASP MA 190 53.69 -29.36 -22.78
C ASP MA 190 54.31 -28.11 -22.18
N ALA MA 191 55.44 -27.66 -22.72
CA ALA MA 191 56.04 -26.42 -22.25
C ALA MA 191 55.15 -25.22 -22.53
N ALA MA 192 54.36 -25.28 -23.61
CA ALA MA 192 53.46 -24.17 -23.93
C ALA MA 192 52.38 -24.02 -22.87
N ILE MA 193 51.79 -25.12 -22.42
CA ILE MA 193 50.74 -25.05 -21.41
C ILE MA 193 51.28 -24.49 -20.11
N LYS MA 194 52.51 -24.87 -19.74
CA LYS MA 194 53.09 -24.36 -18.50
C LYS MA 194 53.28 -22.85 -18.56
N THR MA 195 53.73 -22.32 -19.70
CA THR MA 195 53.95 -20.88 -19.81
C THR MA 195 52.65 -20.10 -19.68
N ILE MA 196 51.59 -20.57 -20.32
CA ILE MA 196 50.30 -19.89 -20.21
C ILE MA 196 49.78 -19.99 -18.78
N ASP MA 197 49.97 -21.15 -18.14
CA ASP MA 197 49.49 -21.33 -16.77
C ASP MA 197 50.11 -20.34 -15.82
N SER MA 198 51.43 -20.12 -15.93
CA SER MA 198 52.09 -19.15 -15.06
C SER MA 198 51.60 -17.74 -15.34
N GLN MA 199 51.31 -17.43 -16.60
CA GLN MA 199 50.82 -16.10 -16.94
C GLN MA 199 49.46 -15.83 -16.33
N ARG MA 200 48.57 -16.83 -16.34
CA ARG MA 200 47.25 -16.65 -15.75
C ARG MA 200 47.33 -16.42 -14.26
N ALA MA 201 48.23 -17.15 -13.58
CA ALA MA 201 48.39 -16.98 -12.14
C ALA MA 201 48.87 -15.57 -11.81
N ASP MA 202 49.78 -15.03 -12.62
CA ASP MA 202 50.27 -13.67 -12.38
C ASP MA 202 49.16 -12.65 -12.53
N LEU MA 203 48.29 -12.80 -13.53
CA LEU MA 203 47.20 -11.86 -13.72
C LEU MA 203 46.13 -12.01 -12.65
N GLY MA 204 45.89 -13.23 -12.18
CA GLY MA 204 44.92 -13.41 -11.11
C GLY MA 204 45.34 -12.77 -9.81
N ALA MA 205 46.64 -12.82 -9.49
CA ALA MA 205 47.13 -12.23 -8.25
C ALA MA 205 46.94 -10.72 -8.25
N VAL MA 206 47.14 -10.07 -9.39
CA VAL MA 206 47.02 -8.62 -9.46
C VAL MA 206 45.58 -8.20 -9.20
N GLN MA 207 44.61 -8.91 -9.81
CA GLN MA 207 43.22 -8.51 -9.62
C GLN MA 207 42.68 -8.92 -8.26
N ASN MA 208 43.23 -9.97 -7.65
CA ASN MA 208 43.00 -10.17 -6.21
C ASN MA 208 43.61 -9.01 -5.42
N ARG MA 209 44.78 -8.55 -5.82
CA ARG MA 209 45.41 -7.41 -5.18
C ARG MA 209 44.58 -6.15 -5.36
N LEU MA 210 44.09 -5.89 -6.57
CA LEU MA 210 43.35 -4.66 -6.82
C LEU MA 210 42.02 -4.62 -6.08
N ALA MA 211 41.38 -5.77 -5.87
CA ALA MA 211 40.10 -5.79 -5.18
C ALA MA 211 40.22 -5.26 -3.75
N HIS MA 212 41.35 -5.54 -3.09
CA HIS MA 212 41.53 -5.10 -1.71
C HIS MA 212 41.79 -3.60 -1.63
N ASN MA 213 42.39 -3.00 -2.66
CA ASN MA 213 42.57 -1.56 -2.68
C ASN MA 213 41.23 -0.83 -2.71
N ILE MA 214 40.29 -1.32 -3.53
CA ILE MA 214 38.99 -0.67 -3.65
C ILE MA 214 38.25 -0.68 -2.33
N SER MA 215 38.23 -1.83 -1.66
CA SER MA 215 37.55 -1.92 -0.37
C SER MA 215 38.18 -0.99 0.65
N ASN MA 216 39.52 -0.94 0.68
CA ASN MA 216 40.19 -0.03 1.61
C ASN MA 216 39.92 1.42 1.25
N SER MA 217 39.93 1.76 -0.04
CA SER MA 217 39.67 3.14 -0.44
C SER MA 217 38.24 3.55 -0.16
N ALA MA 218 37.28 2.63 -0.30
CA ALA MA 218 35.90 2.94 0.04
C ALA MA 218 35.75 3.24 1.52
N ASN MA 219 36.42 2.47 2.37
CA ASN MA 219 36.35 2.71 3.80
C ASN MA 219 36.96 4.06 4.17
N THR MA 220 38.18 4.32 3.68
CA THR MA 220 38.86 5.55 4.06
C THR MA 220 38.15 6.79 3.54
N GLN MA 221 37.43 6.67 2.42
CA GLN MA 221 36.67 7.80 1.90
C GLN MA 221 35.59 8.24 2.87
N ALA MA 222 34.89 7.27 3.47
CA ALA MA 222 33.81 7.60 4.39
C ALA MA 222 34.32 8.30 5.63
N ASN MA 223 35.44 7.82 6.19
CA ASN MA 223 35.98 8.43 7.39
C ASN MA 223 36.50 9.84 7.15
N VAL MA 224 37.11 10.10 6.00
CA VAL MA 224 37.55 11.46 5.69
C VAL MA 224 36.36 12.38 5.52
N ALA MA 225 35.25 11.88 4.96
CA ALA MA 225 34.04 12.69 4.87
C ALA MA 225 33.53 13.07 6.25
N ASP MA 226 33.62 12.14 7.22
CA ASP MA 226 33.31 12.49 8.60
C ASP MA 226 34.17 13.65 9.10
N ALA MA 227 35.48 13.55 8.92
CA ALA MA 227 36.39 14.57 9.44
C ALA MA 227 36.13 15.92 8.78
N LYS MA 228 35.86 15.91 7.47
CA LYS MA 228 35.68 17.15 6.73
C LYS MA 228 34.37 17.87 7.09
N SER MA 229 33.32 17.12 7.43
CA SER MA 229 32.05 17.77 7.74
C SER MA 229 32.06 18.44 9.11
N ARG MA 230 32.80 17.89 10.07
CA ARG MA 230 32.83 18.50 11.40
C ARG MA 230 33.46 19.88 11.37
N ILE MA 231 34.24 20.18 10.33
CA ILE MA 231 34.97 21.44 10.27
C ILE MA 231 34.19 22.51 9.52
N VAL MA 232 33.58 22.17 8.39
CA VAL MA 232 33.01 23.18 7.49
C VAL MA 232 31.49 23.22 7.50
N ASP MA 233 30.82 22.23 8.08
CA ASP MA 233 29.37 22.12 7.99
C ASP MA 233 28.71 22.68 9.24
N VAL MA 234 27.51 23.24 9.05
CA VAL MA 234 26.77 23.83 10.15
C VAL MA 234 25.95 22.77 10.85
N ASP MA 235 25.66 23.00 12.12
CA ASP MA 235 24.70 22.22 12.88
C ASP MA 235 23.42 23.04 12.98
N PHE MA 236 22.34 22.53 12.37
CA PHE MA 236 21.12 23.32 12.31
C PHE MA 236 20.54 23.57 13.70
N ALA MA 237 20.75 22.66 14.64
CA ALA MA 237 20.30 22.87 16.01
C ALA MA 237 20.98 24.11 16.58
N LYS MA 238 22.29 24.22 16.36
CA LYS MA 238 23.02 25.40 16.81
C LYS MA 238 22.57 26.65 16.04
N GLU MA 239 22.41 26.53 14.73
CA GLU MA 239 22.15 27.70 13.91
C GLU MA 239 20.72 28.21 14.06
N THR MA 240 19.75 27.31 14.15
CA THR MA 240 18.36 27.74 14.26
C THR MA 240 18.12 28.51 15.55
N SER MA 241 18.72 28.05 16.65
CA SER MA 241 18.57 28.76 17.91
C SER MA 241 19.15 30.17 17.82
N ALA MA 242 20.31 30.32 17.18
CA ALA MA 242 20.91 31.64 17.04
C ALA MA 242 20.06 32.55 16.17
N MET MA 243 19.50 32.01 15.09
CA MET MA 243 18.67 32.83 14.20
C MET MA 243 17.43 33.36 14.91
N THR MA 244 16.71 32.48 15.63
CA THR MA 244 15.61 32.95 16.45
C THR MA 244 16.10 33.83 17.58
N LYS MA 245 17.34 33.63 18.01
CA LYS MA 245 17.88 34.38 19.13
C LYS MA 245 17.97 35.86 18.79
N TYR MA 246 18.43 36.16 17.57
CA TYR MA 246 18.64 37.52 17.11
C TYR MA 246 17.36 38.19 16.61
N GLN MA 247 16.37 37.41 16.18
CA GLN MA 247 15.11 38.01 15.75
C GLN MA 247 14.44 38.78 16.89
N VAL MA 248 14.46 38.20 18.09
CA VAL MA 248 13.88 38.88 19.24
C VAL MA 248 14.67 40.16 19.56
N LEU MA 249 16.00 40.07 19.49
CA LEU MA 249 16.82 41.23 19.78
C LEU MA 249 16.58 42.37 18.79
N GLN MA 250 16.24 42.04 17.55
CA GLN MA 250 15.98 43.09 16.56
C GLN MA 250 14.72 43.87 16.91
N GLN MA 251 13.64 43.16 17.24
CA GLN MA 251 12.40 43.86 17.61
C GLN MA 251 12.55 44.61 18.93
N THR MA 252 13.33 44.05 19.85
CA THR MA 252 13.65 44.79 21.07
C THR MA 252 14.45 46.05 20.77
N GLY MA 253 15.44 45.94 19.88
CA GLY MA 253 16.24 47.10 19.53
C GLY MA 253 15.46 48.19 18.82
N SER MA 254 14.53 47.81 17.95
CA SER MA 254 13.73 48.79 17.23
C SER MA 254 12.80 49.57 18.15
N ALA MA 255 12.15 48.88 19.09
CA ALA MA 255 11.28 49.59 20.03
C ALA MA 255 12.08 50.52 20.94
N MET MA 256 13.25 50.09 21.40
CA MET MA 256 14.06 50.94 22.25
C MET MA 256 14.56 52.17 21.49
N LEU MA 257 14.98 51.99 20.24
CA LEU MA 257 15.48 53.12 19.47
C LEU MA 257 14.39 54.12 19.14
N ALA MA 258 13.20 53.64 18.75
CA ALA MA 258 12.11 54.55 18.45
C ALA MA 258 11.69 55.35 19.66
N GLN MA 259 11.65 54.70 20.83
CA GLN MA 259 11.23 55.40 22.04
C GLN MA 259 12.32 56.32 22.57
N ALA MA 260 13.59 55.97 22.33
CA ALA MA 260 14.68 56.83 22.78
C ALA MA 260 14.79 58.08 21.91
N ASN MA 261 14.25 58.03 20.70
CA ASN MA 261 14.33 59.19 19.81
C ASN MA 261 13.47 60.35 20.28
N GLN MA 262 12.38 60.08 20.99
CA GLN MA 262 11.50 61.14 21.46
C GLN MA 262 11.77 61.55 22.90
N LEU MA 263 12.95 61.24 23.42
CA LEU MA 263 13.42 61.78 24.69
C LEU MA 263 13.52 63.31 24.70
N PRO MA 264 14.08 63.96 23.67
CA PRO MA 264 14.24 65.42 23.73
C PRO MA 264 12.94 66.21 23.72
N GLN MA 265 11.78 65.57 23.53
CA GLN MA 265 10.52 66.29 23.55
C GLN MA 265 10.15 66.78 24.94
N VAL MA 266 10.87 66.35 25.98
CA VAL MA 266 10.66 66.90 27.31
C VAL MA 266 10.95 68.40 27.33
N ALA MA 267 11.91 68.85 26.53
CA ALA MA 267 12.28 70.25 26.48
C ALA MA 267 11.11 71.15 26.05
N LEU MA 268 10.16 70.62 25.28
CA LEU MA 268 8.99 71.40 24.89
C LEU MA 268 8.01 71.61 26.02
N SER MA 269 8.05 70.78 27.06
CA SER MA 269 7.14 70.96 28.18
C SER MA 269 7.49 72.18 29.01
N LEU MA 270 8.78 72.52 29.09
CA LEU MA 270 9.22 73.66 29.92
C LEU MA 270 9.18 74.94 29.09
N LEU MA 271 7.99 75.21 28.54
CA LEU MA 271 7.70 76.46 27.86
C LEU MA 271 8.70 76.71 26.74
N GLY MA 272 8.64 75.89 25.70
CA GLY MA 272 9.47 76.08 24.53
C GLY MA 272 10.96 76.00 24.77
N ALA NA 1 16.31 118.72 50.16
CA ALA NA 1 16.72 117.73 49.15
C ALA NA 1 15.63 117.55 48.11
N ILE NA 2 15.03 118.66 47.68
CA ILE NA 2 14.00 118.63 46.64
C ILE NA 2 14.50 119.37 45.41
N THR NA 3 15.02 118.63 44.44
CA THR NA 3 15.62 119.24 43.27
C THR NA 3 14.80 118.95 42.01
N VAL NA 4 14.96 119.81 41.01
CA VAL NA 4 14.24 119.66 39.76
C VAL NA 4 15.21 119.69 38.58
N ASN NA 5 16.50 119.49 38.85
CA ASN NA 5 17.50 119.46 37.79
C ASN NA 5 18.14 118.09 37.60
N THR NA 6 18.28 117.29 38.66
CA THR NA 6 18.83 115.95 38.54
C THR NA 6 17.94 114.96 39.29
N ASN NA 7 17.71 113.80 38.68
CA ASN NA 7 16.93 112.72 39.27
C ASN NA 7 17.83 111.49 39.35
N VAL NA 8 18.59 111.39 40.45
CA VAL NA 8 19.50 110.27 40.62
C VAL NA 8 18.74 108.97 40.84
N THR NA 9 17.54 109.06 41.41
CA THR NA 9 16.70 107.88 41.53
C THR NA 9 16.41 107.27 40.17
N SER NA 10 16.15 108.13 39.17
CA SER NA 10 15.96 107.65 37.80
C SER NA 10 17.23 107.03 37.25
N MET NA 11 18.38 107.66 37.53
CA MET NA 11 19.64 107.14 37.00
C MET NA 11 19.92 105.73 37.51
N LYS NA 12 19.72 105.49 38.79
CA LYS NA 12 19.91 104.14 39.33
C LYS NA 12 18.85 103.19 38.78
N ALA NA 13 17.61 103.66 38.64
CA ALA NA 13 16.55 102.80 38.12
C ALA NA 13 16.83 102.41 36.67
N GLN NA 14 17.36 103.34 35.86
CA GLN NA 14 17.64 103.04 34.46
C GLN NA 14 18.67 101.92 34.33
N LYS NA 15 19.72 101.96 35.15
CA LYS NA 15 20.77 100.96 35.06
C LYS NA 15 20.24 99.56 35.35
N ASN NA 16 19.37 99.45 36.36
CA ASN NA 16 18.84 98.13 36.71
C ASN NA 16 17.99 97.57 35.59
N LEU NA 17 17.20 98.41 34.92
CA LEU NA 17 16.39 97.95 33.80
C LEU NA 17 17.26 97.46 32.65
N ASN NA 18 18.37 98.15 32.39
CA ASN NA 18 19.26 97.74 31.31
C ASN NA 18 19.87 96.37 31.59
N THR NA 19 20.27 96.12 32.85
CA THR NA 19 20.84 94.82 33.19
C THR NA 19 19.83 93.70 33.04
N SER NA 20 18.59 93.92 33.46
CA SER NA 20 17.56 92.90 33.33
C SER NA 20 17.17 92.64 31.89
N ASN NA 21 17.19 93.67 31.04
CA ASN NA 21 16.89 93.50 29.62
C ASN NA 21 17.99 92.73 28.90
N SER NA 22 19.26 93.00 29.24
CA SER NA 22 20.36 92.30 28.60
C SER NA 22 20.39 90.83 28.97
N GLY NA 23 20.06 90.50 30.22
CA GLY NA 23 20.01 89.12 30.65
C GLY NA 23 18.90 88.34 29.97
N LEU NA 24 17.75 89.00 29.75
CA LEU NA 24 16.65 88.35 29.04
C LEU NA 24 17.04 88.06 27.59
N SER NA 25 17.74 89.00 26.95
CA SER NA 25 18.12 88.82 25.55
C SER NA 25 19.08 87.64 25.38
N THR NA 26 20.09 87.56 26.25
CA THR NA 26 21.08 86.50 26.09
C THR NA 26 20.50 85.12 26.37
N SER NA 27 19.46 85.04 27.20
CA SER NA 27 18.84 83.75 27.45
C SER NA 27 18.03 83.26 26.26
N MET NA 28 17.42 84.16 25.50
CA MET NA 28 16.62 83.73 24.36
C MET NA 28 17.48 83.14 23.25
N GLU NA 29 18.63 83.74 22.96
CA GLU NA 29 19.47 83.24 21.89
C GLU NA 29 20.11 81.90 22.25
N ARG NA 30 20.44 81.69 23.53
CA ARG NA 30 20.89 80.37 23.95
C ARG NA 30 19.79 79.32 23.79
N LEU NA 31 18.55 79.69 24.08
CA LEU NA 31 17.44 78.77 23.90
C LEU NA 31 17.07 78.58 22.44
N SER NA 32 17.24 79.60 21.60
CA SER NA 32 16.83 79.49 20.20
C SER NA 32 17.78 78.63 19.39
N SER NA 33 19.04 78.50 19.81
CA SER NA 33 20.01 77.67 19.11
C SER NA 33 20.29 76.36 19.85
N GLY NA 34 20.56 76.43 21.15
CA GLY NA 34 20.80 75.24 21.92
C GLY NA 34 22.25 75.09 22.32
N LEU NA 35 23.00 76.20 22.27
CA LEU NA 35 24.42 76.18 22.60
C LEU NA 35 24.69 77.21 23.69
N ARG NA 36 25.41 76.77 24.72
CA ARG NA 36 25.84 77.69 25.76
C ARG NA 36 26.93 78.64 25.27
N ILE NA 37 27.94 78.12 24.58
CA ILE NA 37 29.02 78.94 24.05
C ILE NA 37 28.67 79.38 22.64
N ASN NA 38 27.88 80.45 22.53
CA ASN NA 38 27.54 81.01 21.23
C ASN NA 38 28.73 81.81 20.69
N SER NA 39 29.21 82.75 21.50
CA SER NA 39 30.36 83.57 21.14
C SER NA 39 31.49 83.36 22.15
N ALA NA 40 32.56 84.14 21.97
CA ALA NA 40 33.69 84.11 22.88
C ALA NA 40 33.44 84.89 24.16
N LYS NA 41 32.23 85.42 24.35
CA LYS NA 41 31.90 86.02 25.64
C LYS NA 41 32.08 85.00 26.75
N ASP NA 42 31.60 83.78 26.51
CA ASP NA 42 31.56 82.69 27.48
C ASP NA 42 32.92 82.02 27.60
N ASP NA 43 32.93 80.79 28.11
CA ASP NA 43 34.17 80.09 28.41
C ASP NA 43 35.15 80.16 27.25
N ALA NA 44 36.26 80.85 27.48
CA ALA NA 44 37.29 80.96 26.46
C ALA NA 44 37.97 79.62 26.23
N ALA NA 45 38.20 78.88 27.31
CA ALA NA 45 38.81 77.56 27.19
C ALA NA 45 37.84 76.51 26.67
N GLY NA 46 36.54 76.71 26.89
CA GLY NA 46 35.57 75.72 26.46
C GLY NA 46 35.51 75.57 24.95
N LEU NA 47 35.53 76.71 24.24
CA LEU NA 47 35.44 76.65 22.79
C LEU NA 47 36.69 76.03 22.18
N ALA NA 48 37.84 76.30 22.78
CA ALA NA 48 39.08 75.70 22.28
C ALA NA 48 39.06 74.19 22.44
N ILE NA 49 38.61 73.71 23.60
CA ILE NA 49 38.52 72.27 23.83
C ILE NA 49 37.49 71.65 22.90
N SER NA 50 36.36 72.32 22.70
CA SER NA 50 35.29 71.77 21.88
C SER NA 50 35.74 71.62 20.43
N ASN NA 51 36.61 72.51 19.96
CA ASN NA 51 37.08 72.43 18.59
C ASN NA 51 37.87 71.14 18.35
N ARG NA 52 38.75 70.78 19.28
CA ARG NA 52 39.46 69.51 19.14
C ARG NA 52 38.55 68.31 19.30
N LEU NA 53 37.58 68.37 20.21
CA LEU NA 53 36.60 67.30 20.32
C LEU NA 53 35.76 67.19 19.06
N ASN NA 54 35.42 68.33 18.45
CA ASN NA 54 34.69 68.30 17.19
C ASN NA 54 35.52 67.64 16.10
N SER NA 55 36.83 67.89 16.08
CA SER NA 55 37.70 67.24 15.10
C SER NA 55 37.73 65.73 15.30
N GLN NA 56 37.76 65.27 16.54
CA GLN NA 56 37.77 63.83 16.80
C GLN NA 56 36.47 63.17 16.35
N VAL NA 57 35.33 63.80 16.64
CA VAL NA 57 34.05 63.21 16.27
C VAL NA 57 33.91 63.11 14.76
N ARG NA 58 34.18 64.21 14.05
CA ARG NA 58 34.11 64.18 12.60
C ARG NA 58 35.26 63.39 12.00
N GLY NA 59 36.43 63.42 12.64
CA GLY NA 59 37.55 62.64 12.16
C GLY NA 59 37.28 61.15 12.19
N LEU NA 60 36.67 60.67 13.27
CA LEU NA 60 36.33 59.25 13.34
C LEU NA 60 35.29 58.87 12.29
N GLU NA 61 34.30 59.73 12.05
CA GLU NA 61 33.24 59.39 11.12
C GLU NA 61 33.79 59.16 9.71
N VAL NA 62 34.73 60.00 9.28
CA VAL NA 62 35.39 59.75 8.00
C VAL NA 62 36.26 58.51 8.08
N GLY NA 63 36.88 58.29 9.23
CA GLY NA 63 37.71 57.09 9.41
C GLY NA 63 36.90 55.81 9.35
N MET NA 64 35.67 55.85 9.84
CA MET NA 64 34.79 54.68 9.75
C MET NA 64 34.54 54.30 8.29
N ARG NA 65 34.17 55.27 7.47
CA ARG NA 65 33.96 54.99 6.06
C ARG NA 65 35.24 54.58 5.36
N ASN NA 66 36.38 55.06 5.85
CA ASN NA 66 37.66 54.67 5.28
C ASN NA 66 37.91 53.18 5.44
N ALA NA 67 37.54 52.59 6.57
CA ALA NA 67 37.73 51.17 6.83
C ALA NA 67 36.68 50.30 6.17
N ASN NA 68 35.44 50.78 6.06
CA ASN NA 68 34.43 50.04 5.32
C ASN NA 68 34.83 49.83 3.86
N ASP NA 69 35.55 50.77 3.28
CA ASP NA 69 36.11 50.62 1.94
C ASP NA 69 37.15 49.51 1.88
N ALA NA 70 38.03 49.42 2.89
CA ALA NA 70 39.05 48.38 2.90
C ALA NA 70 38.44 46.99 3.02
N ILE NA 71 37.33 46.88 3.75
CA ILE NA 71 36.66 45.60 3.93
C ILE NA 71 36.14 45.11 2.58
N SER NA 72 35.57 46.02 1.80
CA SER NA 72 35.01 45.65 0.50
C SER NA 72 36.10 45.18 -0.46
N ILE NA 73 37.25 45.83 -0.47
CA ILE NA 73 38.35 45.40 -1.34
C ILE NA 73 38.80 44.00 -0.98
N ALA NA 74 39.01 43.73 0.32
CA ALA NA 74 39.40 42.39 0.75
C ALA NA 74 38.30 41.37 0.46
N GLN NA 75 37.05 41.80 0.48
CA GLN NA 75 35.94 40.89 0.21
C GLN NA 75 35.95 40.41 -1.23
N ILE NA 76 36.21 41.33 -2.17
CA ILE NA 76 36.17 40.95 -3.59
C ILE NA 76 37.35 40.05 -3.95
N ALA NA 77 38.54 40.36 -3.46
CA ALA NA 77 39.72 39.55 -3.78
C ALA NA 77 39.56 38.13 -3.24
N GLU NA 78 39.02 38.01 -2.04
CA GLU NA 78 38.80 36.68 -1.46
C GLU NA 78 37.81 35.88 -2.28
N GLY NA 79 36.75 36.52 -2.77
CA GLY NA 79 35.76 35.80 -3.57
C GLY NA 79 36.34 35.25 -4.85
N ALA NA 80 37.21 36.00 -5.52
CA ALA NA 80 37.78 35.54 -6.77
C ALA NA 80 38.73 34.36 -6.57
N MET NA 81 39.48 34.35 -5.47
CA MET NA 81 40.43 33.27 -5.25
C MET NA 81 39.72 31.95 -4.97
N GLN NA 82 38.48 31.99 -4.50
CA GLN NA 82 37.73 30.76 -4.29
C GLN NA 82 37.49 30.02 -5.60
N GLU NA 83 37.16 30.77 -6.66
CA GLU NA 83 36.90 30.12 -7.94
C GLU NA 83 38.18 29.58 -8.57
N GLN NA 84 39.32 30.23 -8.33
CA GLN NA 84 40.58 29.68 -8.80
C GLN NA 84 40.92 28.38 -8.10
N THR NA 85 40.53 28.25 -6.83
CA THR NA 85 40.78 27.01 -6.10
C THR NA 85 39.98 25.84 -6.66
N ASN NA 86 38.71 26.06 -7.00
CA ASN NA 86 37.90 24.97 -7.54
C ASN NA 86 38.41 24.47 -8.88
N MET NA 87 38.82 25.36 -9.78
CA MET NA 87 39.35 24.92 -11.07
C MET NA 87 40.69 24.22 -10.92
N LEU NA 88 41.52 24.62 -9.95
CA LEU NA 88 42.76 23.90 -9.71
C LEU NA 88 42.52 22.49 -9.23
N GLN NA 89 41.45 22.28 -8.44
CA GLN NA 89 41.13 20.93 -7.99
C GLN NA 89 40.73 20.04 -9.16
N ARG NA 90 40.01 20.58 -10.14
CA ARG NA 90 39.65 19.81 -11.31
C ARG NA 90 40.87 19.44 -12.14
N MET NA 91 41.90 20.29 -12.18
CA MET NA 91 43.13 19.93 -12.86
C MET NA 91 43.84 18.77 -12.19
N ARG NA 92 43.74 18.67 -10.86
CA ARG NA 92 44.32 17.53 -10.16
C ARG NA 92 43.67 16.22 -10.58
N ASP NA 93 42.34 16.21 -10.71
CA ASP NA 93 41.66 14.98 -11.12
C ASP NA 93 42.04 14.57 -12.53
N LEU NA 94 42.17 15.53 -13.46
CA LEU NA 94 42.56 15.20 -14.81
C LEU NA 94 43.96 14.62 -14.88
N THR NA 95 44.90 15.16 -14.10
CA THR NA 95 46.24 14.57 -14.04
C THR NA 95 46.21 13.16 -13.47
N ILE NA 96 45.42 12.90 -12.44
CA ILE NA 96 45.25 11.54 -11.95
C ILE NA 96 44.57 10.68 -12.99
N GLN NA 97 43.53 11.20 -13.65
CA GLN NA 97 42.85 10.45 -14.69
C GLN NA 97 43.73 10.19 -15.90
N SER NA 98 44.71 11.05 -16.15
CA SER NA 98 45.57 10.92 -17.32
C SER NA 98 46.68 9.89 -17.13
N GLU NA 99 46.60 9.04 -16.11
CA GLU NA 99 47.69 8.15 -15.77
C GLU NA 99 47.26 6.69 -16.04
N ASN NA 100 46.11 6.48 -16.65
CA ASN NA 100 45.69 5.13 -17.03
C ASN NA 100 46.66 4.51 -18.03
N GLY NA 101 46.84 3.21 -17.94
CA GLY NA 101 47.61 2.49 -18.93
C GLY NA 101 46.75 1.99 -20.07
N ALA NA 102 45.45 2.22 -19.99
CA ALA NA 102 44.53 1.84 -21.06
C ALA NA 102 44.21 3.00 -21.98
N ASN NA 103 44.78 4.17 -21.74
CA ASN NA 103 44.57 5.32 -22.60
C ASN NA 103 45.39 5.14 -23.88
N SER NA 104 45.37 6.15 -24.74
CA SER NA 104 46.17 6.12 -25.96
C SER NA 104 46.70 7.52 -26.20
N THR NA 105 47.51 7.65 -27.24
CA THR NA 105 48.09 8.95 -27.55
C THR NA 105 47.00 9.97 -27.87
N ALA NA 106 45.97 9.56 -28.61
CA ALA NA 106 44.86 10.45 -28.91
C ALA NA 106 44.04 10.79 -27.68
N ASP NA 107 43.95 9.88 -26.71
CA ASP NA 107 43.18 10.13 -25.50
C ASP NA 107 43.86 11.18 -24.63
N LEU NA 108 45.18 11.14 -24.53
CA LEU NA 108 45.90 12.11 -23.72
C LEU NA 108 45.76 13.52 -24.27
N VAL NA 109 45.66 13.65 -25.59
CA VAL NA 109 45.50 14.97 -26.20
C VAL NA 109 44.18 15.60 -25.79
N SER NA 110 43.10 14.82 -25.78
CA SER NA 110 41.80 15.35 -25.39
C SER NA 110 41.80 15.85 -23.95
N ILE NA 111 42.46 15.14 -23.04
CA ILE NA 111 42.53 15.59 -21.66
C ILE NA 111 43.31 16.90 -21.55
N LYS NA 112 44.39 17.02 -22.33
CA LYS NA 112 45.17 18.26 -22.30
C LYS NA 112 44.36 19.44 -22.84
N ALA NA 113 43.54 19.22 -23.86
CA ALA NA 113 42.69 20.28 -24.40
C ALA NA 113 41.71 20.82 -23.37
N GLU NA 114 41.39 20.05 -22.34
CA GLU NA 114 40.57 20.52 -21.23
C GLU NA 114 41.40 21.26 -20.20
N MET NA 115 42.54 20.69 -19.79
CA MET NA 115 43.43 21.38 -18.87
C MET NA 115 43.86 22.74 -19.41
N ASP NA 116 44.06 22.82 -20.73
CA ASP NA 116 44.57 24.04 -21.33
C ASP NA 116 43.58 25.19 -21.17
N GLN NA 117 42.29 24.93 -21.35
CA GLN NA 117 41.29 26.00 -21.22
C GLN NA 117 41.05 26.39 -19.77
N LEU NA 118 41.17 25.46 -18.82
CA LEU NA 118 41.02 25.83 -17.42
C LEU NA 118 42.12 26.78 -16.96
N ALA NA 119 43.35 26.60 -17.44
CA ALA NA 119 44.43 27.52 -17.10
C ALA NA 119 44.21 28.89 -17.72
N THR NA 120 43.50 28.97 -18.84
CA THR NA 120 43.21 30.27 -19.45
C THR NA 120 42.31 31.12 -18.56
N GLU NA 121 41.32 30.51 -17.90
CA GLU NA 121 40.46 31.28 -17.00
C GLU NA 121 41.16 31.74 -15.74
N ILE NA 122 42.09 30.94 -15.21
CA ILE NA 122 42.86 31.41 -14.07
C ILE NA 122 43.60 32.68 -14.43
N ASP NA 123 44.09 32.77 -15.67
CA ASP NA 123 44.56 34.04 -16.20
C ASP NA 123 43.45 35.06 -16.30
N SER NA 124 42.27 34.65 -16.77
CA SER NA 124 41.20 35.60 -17.04
C SER NA 124 40.64 36.21 -15.77
N ILE NA 125 40.47 35.43 -14.71
CA ILE NA 125 40.00 36.00 -13.45
C ILE NA 125 41.05 36.95 -12.87
N GLY NA 126 42.32 36.58 -12.95
CA GLY NA 126 43.38 37.40 -12.43
C GLY NA 126 43.45 38.78 -13.05
N ASN NA 127 43.17 38.86 -14.36
CA ASN NA 127 43.24 40.12 -15.08
C ASN NA 127 41.92 40.88 -15.09
N SER NA 128 40.87 40.35 -14.47
CA SER NA 128 39.55 40.97 -14.56
C SER NA 128 39.09 41.54 -13.23
N THR NA 129 39.34 40.81 -12.13
CA THR NA 129 38.85 41.21 -10.82
C THR NA 129 39.24 42.63 -10.48
N ALA NA 130 38.26 43.51 -10.32
CA ALA NA 130 38.53 44.92 -10.16
C ALA NA 130 37.49 45.53 -9.23
N PHE NA 131 37.86 46.67 -8.65
CA PHE NA 131 36.98 47.47 -7.80
C PHE NA 131 36.59 48.71 -8.59
N GLY NA 132 35.54 48.59 -9.39
CA GLY NA 132 35.14 49.68 -10.26
C GLY NA 132 36.04 49.79 -11.47
N ASN NA 133 37.27 50.27 -11.25
CA ASN NA 133 38.21 50.33 -12.37
C ASN NA 133 39.64 49.98 -11.97
N THR NA 134 39.89 49.56 -10.74
CA THR NA 134 41.24 49.24 -10.28
C THR NA 134 41.39 47.74 -10.16
N LYS NA 135 42.34 47.17 -10.89
CA LYS NA 135 42.60 45.74 -10.88
C LYS NA 135 43.30 45.37 -9.57
N LEU NA 136 42.79 44.35 -8.88
CA LEU NA 136 43.28 44.03 -7.55
C LEU NA 136 44.21 42.82 -7.50
N LEU NA 137 44.31 42.03 -8.56
CA LEU NA 137 45.09 40.80 -8.50
C LEU NA 137 46.25 40.82 -9.50
N THR NA 138 46.64 41.99 -9.98
CA THR NA 138 47.70 42.09 -10.97
C THR NA 138 48.94 42.77 -10.42
N GLY NA 139 49.10 42.82 -9.10
CA GLY NA 139 50.34 43.24 -8.49
C GLY NA 139 50.38 44.69 -8.07
N THR NA 140 49.33 45.47 -8.32
CA THR NA 140 49.33 46.85 -7.87
C THR NA 140 49.12 46.92 -6.37
N PHE NA 141 48.74 45.81 -5.76
CA PHE NA 141 48.67 45.71 -4.31
C PHE NA 141 49.76 44.78 -3.77
N SER NA 142 50.83 44.60 -4.54
CA SER NA 142 51.96 43.80 -4.08
C SER NA 142 52.65 44.41 -2.87
N ALA NA 143 52.85 45.73 -2.85
CA ALA NA 143 53.35 46.46 -1.70
C ALA NA 143 52.14 47.15 -1.08
N GLY NA 144 51.67 46.61 0.05
CA GLY NA 144 50.41 46.98 0.64
C GLY NA 144 50.04 48.44 0.61
N LYS NA 145 48.82 48.73 0.17
CA LYS NA 145 48.33 50.09 0.18
C LYS NA 145 47.82 50.46 1.56
N VAL NA 146 47.55 51.75 1.77
CA VAL NA 146 47.34 52.29 3.10
C VAL NA 146 45.96 52.93 3.20
N PHE NA 147 45.24 52.60 4.27
CA PHE NA 147 43.99 53.25 4.64
C PHE NA 147 44.13 53.84 6.04
N GLN NA 148 43.61 55.04 6.24
CA GLN NA 148 43.69 55.72 7.53
C GLN NA 148 42.36 55.58 8.26
N VAL NA 149 42.39 55.00 9.45
CA VAL NA 149 41.17 54.69 10.19
C VAL NA 149 41.03 55.54 11.45
N GLY NA 150 42.00 56.41 11.73
CA GLY NA 150 41.93 57.30 12.87
C GLY NA 150 41.79 58.74 12.39
N HIS NA 151 41.88 59.66 13.34
CA HIS NA 151 41.80 61.08 13.03
C HIS NA 151 43.14 61.79 13.09
N GLN NA 152 44.23 61.07 13.29
CA GLN NA 152 45.56 61.65 13.33
C GLN NA 152 46.51 60.84 12.46
N GLU NA 153 47.67 61.43 12.18
CA GLU NA 153 48.67 60.76 11.36
C GLU NA 153 49.18 59.50 12.07
N GLY NA 154 49.47 58.48 11.27
CA GLY NA 154 50.02 57.24 11.79
C GLY NA 154 49.00 56.19 12.16
N GLU NA 155 47.71 56.49 12.10
CA GLU NA 155 46.66 55.52 12.40
C GLU NA 155 46.22 54.88 11.08
N ASP NA 156 47.06 53.98 10.56
CA ASP NA 156 46.84 53.41 9.23
C ASP NA 156 46.79 51.89 9.29
N ILE NA 157 46.10 51.33 8.30
CA ILE NA 157 46.03 49.89 8.10
C ILE NA 157 46.51 49.58 6.69
N LYS NA 158 47.28 48.50 6.57
CA LYS NA 158 47.91 48.12 5.31
C LYS NA 158 47.31 46.82 4.80
N VAL NA 159 46.88 46.82 3.55
CA VAL NA 159 46.32 45.63 2.90
C VAL NA 159 47.21 45.24 1.74
N THR NA 160 47.73 44.01 1.78
CA THR NA 160 48.64 43.51 0.76
C THR NA 160 48.00 42.33 0.03
N VAL NA 161 47.94 42.41 -1.29
CA VAL NA 161 47.41 41.35 -2.13
C VAL NA 161 48.47 41.03 -3.18
N LYS NA 162 49.06 39.84 -3.08
CA LYS NA 162 50.07 39.45 -4.04
C LYS NA 162 49.43 39.04 -5.36
N ALA NA 163 50.19 39.17 -6.44
CA ALA NA 163 49.68 38.84 -7.75
C ALA NA 163 49.39 37.36 -7.87
N SER NA 164 48.24 37.02 -8.46
CA SER NA 164 47.80 35.64 -8.60
C SER NA 164 47.21 35.43 -9.99
N ASN NA 165 48.00 34.84 -10.88
CA ASN NA 165 47.56 34.51 -12.24
C ASN NA 165 48.36 33.29 -12.68
N LYS NA 166 48.20 32.89 -13.93
CA LYS NA 166 48.74 31.60 -14.36
C LYS NA 166 50.27 31.61 -14.40
N THR NA 167 50.89 32.70 -14.88
CA THR NA 167 52.34 32.74 -14.86
C THR NA 167 52.88 32.84 -13.44
N SER NA 168 52.15 33.53 -12.56
CA SER NA 168 52.59 33.67 -11.18
C SER NA 168 52.58 32.34 -10.46
N LEU NA 169 51.53 31.54 -10.65
CA LEU NA 169 51.37 30.28 -9.93
C LEU NA 169 52.14 29.13 -10.58
N SER NA 170 53.05 29.44 -11.49
CA SER NA 170 53.89 28.45 -12.17
C SER NA 170 53.04 27.40 -12.88
N VAL NA 171 52.04 27.88 -13.62
CA VAL NA 171 51.27 27.04 -14.52
C VAL NA 171 51.20 27.74 -15.87
N GLY NA 172 50.85 27.01 -16.91
CA GLY NA 172 50.82 27.57 -18.24
C GLY NA 172 51.51 26.65 -19.22
N ALA NA 173 52.41 25.82 -18.71
CA ALA NA 173 53.05 24.76 -19.48
C ALA NA 173 52.93 23.47 -18.70
N LEU NA 174 51.84 22.73 -18.92
CA LEU NA 174 51.58 21.47 -18.23
C LEU NA 174 51.29 20.40 -19.27
N ASN NA 175 52.20 19.45 -19.41
CA ASN NA 175 52.03 18.33 -20.31
C ASN NA 175 51.77 17.05 -19.52
N ASN NA 176 51.25 16.03 -20.20
CA ASN NA 176 50.96 14.75 -19.57
C ASN NA 176 51.32 13.57 -20.47
N ALA NA 177 52.35 13.71 -21.30
CA ALA NA 177 52.72 12.63 -22.22
C ALA NA 177 53.61 11.60 -21.55
N THR NA 178 54.79 12.01 -21.09
CA THR NA 178 55.77 11.08 -20.54
C THR NA 178 55.52 10.83 -19.06
N SER NA 179 56.24 9.85 -18.49
CA SER NA 179 56.11 9.58 -17.05
C SER NA 179 56.57 10.78 -16.23
N ALA NA 180 57.70 11.38 -16.61
CA ALA NA 180 58.23 12.50 -15.85
C ALA NA 180 57.34 13.73 -15.97
N ASN NA 181 56.65 13.88 -17.10
CA ASN NA 181 55.82 15.05 -17.31
C ASN NA 181 54.67 15.12 -16.31
N ARG NA 182 54.02 14.00 -16.05
CA ARG NA 182 52.89 14.00 -15.12
C ARG NA 182 53.35 14.21 -13.68
N ALA NA 183 54.50 13.63 -13.31
CA ALA NA 183 54.99 13.81 -11.94
C ALA NA 183 55.32 15.26 -11.65
N SER NA 184 55.94 15.95 -12.60
CA SER NA 184 56.27 17.36 -12.40
C SER NA 184 55.01 18.22 -12.34
N SER NA 185 54.01 17.88 -13.15
CA SER NA 185 52.78 18.68 -13.18
C SER NA 185 52.03 18.58 -11.86
N LEU NA 186 52.00 17.40 -11.26
CA LEU NA 186 51.26 17.21 -10.01
C LEU NA 186 51.83 18.05 -8.87
N ALA NA 187 53.15 18.15 -8.78
CA ALA NA 187 53.76 18.91 -7.70
C ALA NA 187 53.43 20.40 -7.80
N LYS NA 188 53.43 20.94 -9.02
CA LYS NA 188 53.19 22.38 -9.18
C LYS NA 188 51.76 22.76 -8.83
N ILE NA 189 50.79 21.90 -9.15
CA ILE NA 189 49.41 22.18 -8.79
C ILE NA 189 49.25 22.18 -7.27
N ASP NA 190 49.87 21.20 -6.60
CA ASP NA 190 49.79 21.16 -5.14
C ASP NA 190 50.40 22.40 -4.51
N ALA NA 191 51.55 22.85 -5.03
CA ALA NA 191 52.14 24.08 -4.54
C ALA NA 191 51.27 25.28 -4.85
N ALA NA 192 50.50 25.24 -5.93
CA ALA NA 192 49.62 26.34 -6.27
C ALA NA 192 48.51 26.50 -5.24
N ILE NA 193 47.90 25.39 -4.80
CA ILE NA 193 46.84 25.48 -3.81
C ILE NA 193 47.36 26.02 -2.50
N LYS NA 194 48.57 25.65 -2.10
CA LYS NA 194 49.14 26.15 -0.85
C LYS NA 194 49.32 27.66 -0.90
N THR NA 195 49.80 28.19 -2.03
CA THR NA 195 50.04 29.62 -2.13
C THR NA 195 48.75 30.41 -2.03
N ILE NA 196 47.69 29.95 -2.69
CA ILE NA 196 46.40 30.62 -2.60
C ILE NA 196 45.85 30.54 -1.19
N ASP NA 197 46.02 29.38 -0.55
CA ASP NA 197 45.50 29.19 0.81
C ASP NA 197 46.12 30.17 1.79
N SER NA 198 47.43 30.39 1.70
CA SER NA 198 48.08 31.34 2.59
C SER NA 198 47.61 32.77 2.31
N GLN NA 199 47.35 33.08 1.03
CA GLN NA 199 46.88 34.41 0.68
C GLN NA 199 45.50 34.69 1.28
N ARG NA 200 44.61 33.69 1.24
CA ARG NA 200 43.28 33.87 1.80
C ARG NA 200 43.34 34.09 3.31
N ALA NA 201 44.21 33.36 4.00
CA ALA NA 201 44.35 33.53 5.43
C ALA NA 201 44.82 34.93 5.78
N ASP NA 202 45.75 35.48 4.99
CA ASP NA 202 46.24 36.83 5.25
C ASP NA 202 45.14 37.86 5.07
N LEU NA 203 44.30 37.71 4.05
CA LEU NA 203 43.20 38.65 3.84
C LEU NA 203 42.12 38.51 4.90
N GLY NA 204 41.86 37.29 5.36
CA GLY NA 204 40.87 37.11 6.41
C GLY NA 204 41.27 37.75 7.72
N ALA NA 205 42.56 37.68 8.06
CA ALA NA 205 43.03 38.27 9.31
C ALA NA 205 42.85 39.78 9.32
N VAL NA 206 43.08 40.44 8.19
CA VAL NA 206 42.95 41.88 8.12
C VAL NA 206 41.51 42.31 8.34
N GLN NA 207 40.56 41.61 7.73
CA GLN NA 207 39.17 42.01 7.88
C GLN NA 207 38.60 41.60 9.23
N ASN NA 208 39.13 40.55 9.85
CA ASN NA 208 38.87 40.35 11.27
C ASN NA 208 39.46 41.49 12.08
N ARG NA 209 40.66 41.95 11.71
CA ARG NA 209 41.27 43.08 12.37
C ARG NA 209 40.46 44.36 12.18
N LEU NA 210 39.99 44.62 10.95
CA LEU NA 210 39.26 45.86 10.70
C LEU NA 210 37.92 45.91 11.41
N ALA NA 211 37.26 44.75 11.61
CA ALA NA 211 35.97 44.74 12.27
C ALA NA 211 36.07 45.25 13.70
N HIS NA 212 37.18 44.97 14.38
CA HIS NA 212 37.34 45.41 15.77
C HIS NA 212 37.60 46.91 15.86
N ASN NA 213 38.23 47.51 14.84
CA ASN NA 213 38.41 48.95 14.83
C ASN NA 213 37.07 49.68 14.78
N ILE NA 214 36.15 49.20 13.94
CA ILE NA 214 34.87 49.87 13.78
C ILE NA 214 34.08 49.85 15.09
N SER NA 215 34.06 48.69 15.77
CA SER NA 215 33.34 48.61 17.04
C SER NA 215 33.96 49.53 18.07
N ASN NA 216 35.30 49.57 18.14
CA ASN NA 216 35.96 50.47 19.07
C ASN NA 216 35.70 51.93 18.72
N SER NA 217 35.75 52.27 17.43
CA SER NA 217 35.50 53.65 17.02
C SER NA 217 34.06 54.07 17.28
N ALA NA 218 33.10 53.15 17.12
CA ALA NA 218 31.72 53.48 17.42
C ALA NA 218 31.53 53.78 18.91
N ASN NA 219 32.18 52.99 19.77
CA ASN NA 219 32.09 53.24 21.20
C ASN NA 219 32.70 54.57 21.59
N THR NA 220 33.92 54.83 21.11
CA THR NA 220 34.61 56.06 21.52
C THR NA 220 33.91 57.30 20.99
N GLN NA 221 33.21 57.18 19.86
CA GLN NA 221 32.48 58.32 19.32
C GLN NA 221 31.36 58.76 20.27
N ALA NA 222 30.65 57.80 20.85
CA ALA NA 222 29.56 58.13 21.75
C ALA NA 222 30.05 58.83 23.01
N ASN NA 223 31.15 58.33 23.58
CA ASN NA 223 31.68 58.94 24.81
C ASN NA 223 32.21 60.34 24.58
N VAL NA 224 32.84 60.60 23.43
CA VAL NA 224 33.29 61.96 23.13
C VAL NA 224 32.11 62.90 22.95
N ALA NA 225 31.01 62.40 22.37
CA ALA NA 225 29.81 63.21 22.26
C ALA NA 225 29.27 63.59 23.62
N ASP NA 226 29.34 62.68 24.60
CA ASP NA 226 29.01 63.01 25.97
C ASP NA 226 29.85 64.17 26.49
N ALA NA 227 31.17 64.05 26.32
CA ALA NA 227 32.07 65.07 26.87
C ALA NA 227 31.84 66.42 26.21
N LYS NA 228 31.59 66.43 24.90
CA LYS NA 228 31.43 67.67 24.17
C LYS NA 228 30.12 68.38 24.50
N SER NA 229 29.06 67.65 24.82
CA SER NA 229 27.78 68.29 25.10
C SER NA 229 27.78 68.96 26.47
N ARG NA 230 28.50 68.40 27.45
CA ARG NA 230 28.50 69.01 28.78
C ARG NA 230 29.14 70.39 28.77
N ILE NA 231 29.93 70.69 27.74
CA ILE NA 231 30.68 71.94 27.70
C ILE NA 231 29.91 73.03 26.94
N VAL NA 232 29.33 72.68 25.78
CA VAL NA 232 28.78 73.70 24.89
C VAL NA 232 27.26 73.75 24.88
N ASP NA 233 26.57 72.77 25.44
CA ASP NA 233 25.13 72.66 25.31
C ASP NA 233 24.43 73.22 26.55
N VAL NA 234 23.26 73.78 26.33
CA VAL NA 234 22.49 74.39 27.42
C VAL NA 234 21.64 73.32 28.11
N ASP NA 235 21.34 73.55 29.37
CA ASP NA 235 20.35 72.77 30.11
C ASP NA 235 19.08 73.60 30.18
N PHE NA 236 18.01 73.10 29.55
CA PHE NA 236 16.78 73.89 29.47
C PHE NA 236 16.18 74.14 30.84
N ALA NA 237 16.37 73.22 31.79
CA ALA NA 237 15.89 73.44 33.14
C ALA NA 237 16.57 74.66 33.74
N LYS NA 238 17.89 74.77 33.55
CA LYS NA 238 18.61 75.94 34.01
C LYS NA 238 18.18 77.19 33.24
N GLU NA 239 18.05 77.08 31.92
CA GLU NA 239 17.82 78.26 31.10
C GLU NA 239 16.39 78.77 31.23
N THR NA 240 15.41 77.88 31.30
CA THR NA 240 14.02 78.32 31.37
C THR NA 240 13.76 79.08 32.66
N SER NA 241 14.33 78.62 33.77
CA SER NA 241 14.16 79.33 35.04
C SER NA 241 14.75 80.73 34.95
N ALA NA 242 15.92 80.88 34.35
CA ALA NA 242 16.53 82.19 34.22
C ALA NA 242 15.71 83.11 33.34
N MET NA 243 15.16 82.58 32.24
CA MET NA 243 14.36 83.40 31.34
C MET NA 243 13.10 83.94 32.03
N THR NA 244 12.38 83.07 32.72
CA THR NA 244 11.26 83.52 33.53
C THR NA 244 11.72 84.41 34.68
N LYS NA 245 12.96 84.21 35.13
CA LYS NA 245 13.47 84.94 36.27
C LYS NA 245 13.59 86.42 35.93
N TYR NA 246 14.07 86.73 34.71
CA TYR NA 246 14.29 88.10 34.26
C TYR NA 246 13.03 88.77 33.74
N GLN NA 247 12.03 87.99 33.30
CA GLN NA 247 10.79 88.60 32.84
C GLN NA 247 10.10 89.37 33.96
N VAL NA 248 10.09 88.79 35.16
CA VAL NA 248 9.50 89.46 36.31
C VAL NA 248 10.29 90.73 36.64
N LEU NA 249 11.62 90.64 36.60
CA LEU NA 249 12.44 91.80 36.91
C LEU NA 249 12.23 92.94 35.93
N GLN NA 250 11.91 92.62 34.67
CA GLN NA 250 11.66 93.67 33.68
C GLN NA 250 10.41 94.45 34.01
N GLN NA 251 9.31 93.76 34.31
CA GLN NA 251 8.08 94.45 34.66
C GLN NA 251 8.21 95.20 35.98
N THR NA 252 8.97 94.65 36.92
CA THR NA 252 9.26 95.37 38.16
C THR NA 252 10.07 96.62 37.87
N GLY NA 253 11.08 96.52 37.00
CA GLY NA 253 11.89 97.67 36.68
C GLY NA 253 11.13 98.77 35.96
N SER NA 254 10.21 98.39 35.06
CA SER NA 254 9.45 99.38 34.32
C SER NA 254 8.49 100.16 35.23
N ALA NA 255 7.82 99.48 36.15
CA ALA NA 255 6.94 100.18 37.08
C ALA NA 255 7.71 101.10 38.01
N MET NA 256 8.88 100.67 38.49
CA MET NA 256 9.68 101.52 39.36
C MET NA 256 10.20 102.74 38.62
N LEU NA 257 10.64 102.57 37.37
CA LEU NA 257 11.17 103.70 36.62
C LEU NA 257 10.08 104.71 36.27
N ALA NA 258 8.90 104.23 35.85
CA ALA NA 258 7.81 105.15 35.52
C ALA NA 258 7.39 105.95 36.74
N GLN NA 259 7.32 105.29 37.91
CA GLN NA 259 6.88 105.98 39.11
C GLN NA 259 7.97 106.89 39.66
N ALA NA 260 9.24 106.55 39.45
CA ALA NA 260 10.32 107.40 39.92
C ALA NA 260 10.45 108.65 39.05
N ASN NA 261 9.93 108.62 37.83
CA ASN NA 261 10.04 109.77 36.95
C ASN NA 261 9.18 110.93 37.40
N GLN NA 262 8.07 110.68 38.10
CA GLN NA 262 7.18 111.73 38.55
C GLN NA 262 7.42 112.13 40.00
N LEU NA 263 8.60 111.82 40.55
CA LEU NA 263 9.05 112.35 41.82
C LEU NA 263 9.15 113.88 41.82
N PRO NA 264 9.73 114.53 40.81
CA PRO NA 264 9.90 115.99 40.90
C PRO NA 264 8.61 116.79 40.85
N GLN NA 265 7.46 116.15 40.64
CA GLN NA 265 6.19 116.88 40.63
C GLN NA 265 5.80 117.37 42.02
N VAL NA 266 6.49 116.94 43.07
CA VAL NA 266 6.26 117.48 44.40
C VAL NA 266 6.55 118.97 44.43
N ALA NA 267 7.54 119.41 43.64
CA ALA NA 267 7.90 120.83 43.61
C ALA NA 267 6.76 121.72 43.16
N LEU NA 268 5.82 121.21 42.38
CA LEU NA 268 4.67 121.99 41.96
C LEU NA 268 3.65 122.20 43.08
N SER NA 269 3.67 121.37 44.11
CA SER NA 269 2.74 121.55 45.21
C SER NA 269 3.08 122.77 46.05
N LEU NA 270 4.37 123.10 46.17
CA LEU NA 270 4.80 124.23 47.00
C LEU NA 270 4.78 125.52 46.19
N LEU NA 271 3.61 125.79 45.60
CA LEU NA 271 3.34 127.05 44.93
C LEU NA 271 4.36 127.30 43.83
N GLY NA 272 4.31 126.48 42.78
CA GLY NA 272 5.17 126.67 41.63
C GLY NA 272 6.66 126.59 41.90
N ALA OA 1 11.82 169.02 67.70
CA ALA OA 1 12.23 168.04 66.72
C ALA OA 1 11.17 167.87 65.64
N ILE OA 2 10.58 168.99 65.21
CA ILE OA 2 9.58 168.96 64.14
C ILE OA 2 10.11 169.71 62.94
N THR OA 3 10.65 168.98 61.97
CA THR OA 3 11.28 169.59 60.81
C THR OA 3 10.48 169.31 59.54
N VAL OA 4 10.67 170.18 58.54
CA VAL OA 4 9.98 170.04 57.28
C VAL OA 4 10.97 170.07 56.13
N ASN OA 5 12.25 169.87 56.42
CA ASN OA 5 13.28 169.84 55.39
C ASN OA 5 13.91 168.47 55.19
N THR OA 6 14.02 167.65 56.25
CA THR OA 6 14.56 166.31 56.14
C THR OA 6 13.65 165.32 56.85
N ASN OA 7 13.43 164.17 56.23
CA ASN OA 7 12.63 163.09 56.81
C ASN OA 7 13.53 161.86 56.90
N VAL OA 8 14.26 161.74 58.00
CA VAL OA 8 15.16 160.62 58.19
C VAL OA 8 14.39 159.33 58.39
N THR OA 9 13.16 159.42 58.92
CA THR OA 9 12.32 158.24 59.02
C THR OA 9 12.06 157.64 57.65
N SER OA 10 11.83 158.50 56.65
CA SER OA 10 11.66 158.03 55.28
C SER OA 10 12.94 157.42 54.74
N MET OA 11 14.08 158.02 55.06
CA MET OA 11 15.35 157.51 54.55
C MET OA 11 15.62 156.09 55.05
N LYS OA 12 15.38 155.84 56.34
CA LYS OA 12 15.55 154.50 56.86
C LYS OA 12 14.50 153.54 56.29
N ALA OA 13 13.26 154.02 56.12
CA ALA OA 13 12.22 153.18 55.56
C ALA OA 13 12.51 152.80 54.13
N GLN OA 14 13.07 153.73 53.35
CA GLN OA 14 13.38 153.43 51.94
C GLN OA 14 14.40 152.32 51.83
N LYS OA 15 15.43 152.34 52.67
CA LYS OA 15 16.49 151.33 52.59
C LYS OA 15 15.95 149.94 52.87
N ASN OA 16 15.05 149.82 53.85
CA ASN OA 16 14.50 148.51 54.19
C ASN OA 16 13.67 147.95 53.05
N LEU OA 17 12.91 148.81 52.36
CA LEU OA 17 12.12 148.34 51.23
C LEU OA 17 13.01 147.86 50.09
N ASN OA 18 14.13 148.55 49.85
CA ASN OA 18 15.04 148.14 48.79
C ASN OA 18 15.63 146.77 49.08
N THR OA 19 16.00 146.51 50.33
CA THR OA 19 16.55 145.21 50.68
C THR OA 19 15.54 144.10 50.50
N SER OA 20 14.29 144.31 50.90
CA SER OA 20 13.26 143.30 50.75
C SER OA 20 12.90 143.06 49.29
N ASN OA 21 12.94 144.09 48.45
CA ASN OA 21 12.68 143.93 47.03
C ASN OA 21 13.79 143.16 46.32
N SER OA 22 15.04 143.42 46.69
CA SER OA 22 16.16 142.71 46.07
C SER OA 22 16.17 141.24 46.44
N GLY OA 23 15.81 140.90 47.67
CA GLY OA 23 15.74 139.52 48.09
C GLY OA 23 14.64 138.75 47.38
N LEU OA 24 13.51 139.42 47.15
CA LEU OA 24 12.42 138.79 46.40
C LEU OA 24 12.83 138.50 44.97
N SER OA 25 13.55 139.44 44.34
CA SER OA 25 13.96 139.26 42.95
C SER OA 25 14.91 138.08 42.80
N THR OA 26 15.90 137.99 43.68
CA THR OA 26 16.90 136.93 43.54
C THR OA 26 16.30 135.55 43.79
N SER OA 27 15.24 135.47 44.59
CA SER OA 27 14.60 134.19 44.84
C SER OA 27 13.83 133.70 43.62
N MET OA 28 13.23 134.61 42.85
CA MET OA 28 12.45 134.20 41.69
C MET OA 28 13.33 133.61 40.60
N GLU OA 29 14.50 134.21 40.35
CA GLU OA 29 15.36 133.70 39.28
C GLU OA 29 15.98 132.37 39.65
N ARG OA 30 16.28 132.14 40.93
CA ARG OA 30 16.71 130.81 41.35
C ARG OA 30 15.61 129.78 41.16
N LEU OA 31 14.37 130.15 41.43
CA LEU OA 31 13.25 129.24 41.21
C LEU OA 31 12.91 129.06 39.75
N SER OA 32 13.11 130.09 38.92
CA SER OA 32 12.73 129.98 37.51
C SER OA 32 13.69 129.12 36.71
N SER OA 33 14.93 128.98 37.16
CA SER OA 33 15.92 128.15 36.48
C SER OA 33 16.17 126.85 37.21
N GLY OA 34 16.42 126.89 38.52
CA GLY OA 34 16.64 125.70 39.29
C GLY OA 34 18.08 125.54 39.72
N LEU OA 35 18.84 126.63 39.69
CA LEU OA 35 20.24 126.61 40.05
C LEU OA 35 20.51 127.63 41.15
N ARG OA 36 21.20 127.18 42.19
CA ARG OA 36 21.61 128.09 43.25
C ARG OA 36 22.71 129.03 42.79
N ILE OA 37 23.73 128.50 42.12
CA ILE OA 37 24.82 129.33 41.62
C ILE OA 37 24.50 129.79 40.21
N ASN OA 38 23.72 130.86 40.08
CA ASN OA 38 23.43 131.43 38.79
C ASN OA 38 24.63 132.23 38.28
N SER OA 39 25.10 133.16 39.09
CA SER OA 39 26.26 133.96 38.77
C SER OA 39 27.36 133.75 39.80
N ALA OA 40 28.44 134.52 39.65
CA ALA OA 40 29.56 134.47 40.58
C ALA OA 40 29.29 135.25 41.86
N LYS OA 41 28.07 135.79 42.03
CA LYS OA 41 27.72 136.38 43.31
C LYS OA 41 27.87 135.36 44.42
N ASP OA 42 27.39 134.13 44.17
CA ASP OA 42 27.33 133.05 45.13
C ASP OA 42 28.67 132.36 45.27
N ASP OA 43 28.67 131.12 45.78
CA ASP OA 43 29.89 130.41 46.09
C ASP OA 43 30.90 130.49 44.96
N ALA OA 44 32.01 131.19 45.21
CA ALA OA 44 33.06 131.28 44.22
C ALA OA 44 33.75 129.94 44.00
N ALA OA 45 33.95 129.19 45.07
CA ALA OA 45 34.55 127.87 44.96
C ALA OA 45 33.58 126.83 44.41
N GLY OA 46 32.27 127.03 44.62
CA GLY OA 46 31.30 126.05 44.15
C GLY OA 46 31.28 125.92 42.64
N LEU OA 47 31.32 127.04 41.93
CA LEU OA 47 31.25 127.01 40.48
C LEU OA 47 32.51 126.39 39.89
N ALA OA 48 33.67 126.64 40.52
CA ALA OA 48 34.91 126.04 40.04
C ALA OA 48 34.87 124.52 40.19
N ILE OA 49 34.40 124.04 41.35
CA ILE OA 49 34.29 122.60 41.56
C ILE OA 49 33.28 121.99 40.60
N SER OA 50 32.15 122.67 40.39
CA SER OA 50 31.11 122.13 39.53
C SER OA 50 31.59 121.98 38.10
N ASN OA 51 32.47 122.87 37.65
CA ASN OA 51 32.97 122.80 36.29
C ASN OA 51 33.75 121.51 36.05
N ARG OA 52 34.61 121.13 37.01
CA ARG OA 52 35.32 119.86 36.88
C ARG OA 52 34.39 118.66 37.01
N LEU OA 53 33.40 118.73 37.90
CA LEU OA 53 32.41 117.67 37.97
C LEU OA 53 31.60 117.57 36.69
N ASN OA 54 31.28 118.72 36.09
CA ASN OA 54 30.59 118.70 34.80
C ASN OA 54 31.43 118.04 33.73
N SER OA 55 32.74 118.28 33.74
CA SER OA 55 33.63 117.63 32.78
C SER OA 55 33.64 116.13 32.97
N GLN OA 56 33.63 115.64 34.21
CA GLN OA 56 33.64 114.21 34.46
C GLN OA 56 32.35 113.56 33.98
N VAL OA 57 31.21 114.20 34.24
CA VAL OA 57 29.92 113.62 33.85
C VAL OA 57 29.83 113.53 32.33
N ARG OA 58 30.11 114.63 31.65
CA ARG OA 58 30.08 114.61 30.18
C ARG OA 58 31.24 113.81 29.61
N GLY OA 59 32.39 113.84 30.28
CA GLY OA 59 33.51 113.06 29.81
C GLY OA 59 33.23 111.56 29.81
N LEU OA 60 32.60 111.07 30.89
CA LEU OA 60 32.24 109.67 30.94
C LEU OA 60 31.23 109.29 29.87
N GLU OA 61 30.26 110.17 29.61
CA GLU OA 61 29.20 109.85 28.65
C GLU OA 61 29.78 109.61 27.26
N VAL OA 62 30.73 110.45 26.84
CA VAL OA 62 31.42 110.21 25.58
C VAL OA 62 32.28 108.96 25.68
N GLY OA 63 32.89 108.72 26.85
CA GLY OA 63 33.70 107.53 27.02
C GLY OA 63 32.89 106.25 26.94
N MET OA 64 31.63 106.29 27.40
CA MET OA 64 30.76 105.13 27.28
C MET OA 64 30.53 104.75 25.83
N ARG OA 65 30.19 105.74 24.99
CA ARG OA 65 30.00 105.46 23.57
C ARG OA 65 31.30 105.05 22.91
N ASN OA 66 32.43 105.52 23.42
CA ASN OA 66 33.72 105.13 22.88
C ASN OA 66 33.96 103.63 23.03
N ALA OA 67 33.56 103.05 24.16
CA ALA OA 67 33.74 101.62 24.40
C ALA OA 67 32.69 100.76 23.73
N ASN OA 68 31.45 101.25 23.58
CA ASN OA 68 30.47 100.52 22.82
C ASN OA 68 30.89 100.31 21.37
N ASP OA 69 31.64 101.26 20.80
CA ASP OA 69 32.22 101.11 19.48
C ASP OA 69 33.25 99.99 19.44
N ALA OA 70 34.10 99.88 20.46
CA ALA OA 70 35.12 98.84 20.48
C ALA OA 70 34.50 97.46 20.59
N ILE OA 71 33.37 97.34 21.30
CA ILE OA 71 32.69 96.08 21.44
C ILE OA 71 32.20 95.59 20.09
N SER OA 72 31.64 96.51 19.30
CA SER OA 72 31.12 96.15 17.99
C SER OA 72 32.22 95.68 17.05
N ILE OA 73 33.38 96.32 17.07
CA ILE OA 73 34.49 95.89 16.22
C ILE OA 73 34.93 94.48 16.58
N ALA OA 74 35.11 94.21 17.87
CA ALA OA 74 35.48 92.86 18.30
C ALA OA 74 34.38 91.86 18.00
N GLN OA 75 33.12 92.30 17.98
CA GLN OA 75 32.02 91.38 17.69
C GLN OA 75 32.06 90.93 16.23
N ILE OA 76 32.36 91.84 15.30
CA ILE OA 76 32.34 91.49 13.89
C ILE OA 76 33.51 90.56 13.55
N ALA OA 77 34.70 90.87 14.07
CA ALA OA 77 35.87 90.06 13.77
C ALA OA 77 35.70 88.64 14.29
N GLU OA 78 35.13 88.50 15.49
CA GLU OA 78 34.89 87.18 16.05
C GLU OA 78 33.92 86.37 15.20
N GLY OA 79 32.87 87.03 14.69
CA GLY OA 79 31.90 86.33 13.87
C GLY OA 79 32.49 85.78 12.59
N ALA OA 80 33.38 86.54 11.95
CA ALA OA 80 33.98 86.08 10.71
C ALA OA 80 34.91 84.89 10.92
N MET OA 81 35.64 84.87 12.04
CA MET OA 81 36.58 83.78 12.27
C MET OA 81 35.86 82.46 12.53
N GLN OA 82 34.61 82.51 12.97
CA GLN OA 82 33.84 81.28 13.16
C GLN OA 82 33.63 80.56 11.83
N GLU OA 83 33.32 81.30 10.77
CA GLU OA 83 33.09 80.66 9.48
C GLU OA 83 34.38 80.12 8.88
N GLN OA 84 35.51 80.76 9.16
CA GLN OA 84 36.79 80.21 8.70
C GLN OA 84 37.09 78.90 9.40
N THR OA 85 36.68 78.76 10.66
CA THR OA 85 36.91 77.52 11.38
C THR OA 85 36.12 76.37 10.80
N ASN OA 86 34.85 76.59 10.44
CA ASN OA 86 34.05 75.52 9.87
C ASN OA 86 34.59 75.02 8.53
N MET OA 87 35.02 75.91 7.65
CA MET OA 87 35.58 75.47 6.38
C MET OA 87 36.91 74.77 6.55
N LEU OA 88 37.71 75.15 7.54
CA LEU OA 88 38.95 74.43 7.80
C LEU OA 88 38.68 73.01 8.27
N GLN OA 89 37.60 72.80 9.03
CA GLN OA 89 37.25 71.45 9.46
C GLN OA 89 36.89 70.57 8.27
N ARG OA 90 36.18 71.13 7.29
CA ARG OA 90 35.85 70.36 6.10
C ARG OA 90 37.08 69.99 5.30
N MET OA 91 38.11 70.83 5.30
CA MET OA 91 39.36 70.48 4.63
C MET OA 91 40.04 69.31 5.32
N ARG OA 92 39.92 69.19 6.64
CA ARG OA 92 40.48 68.04 7.35
C ARG OA 92 39.83 66.74 6.90
N ASP OA 93 38.50 66.74 6.74
CA ASP OA 93 37.82 65.52 6.31
C ASP OA 93 38.23 65.12 4.90
N LEU OA 94 38.39 66.08 4.00
CA LEU OA 94 38.80 65.76 2.63
C LEU OA 94 40.20 65.17 2.60
N THR OA 95 41.12 65.69 3.40
CA THR OA 95 42.45 65.10 3.50
C THR OA 95 42.41 63.68 4.04
N ILE OA 96 41.58 63.43 5.06
CA ILE OA 96 41.41 62.06 5.54
C ILE OA 96 40.74 61.21 4.47
N GLN OA 97 39.73 61.74 3.80
CA GLN OA 97 39.06 61.00 2.73
C GLN OA 97 39.96 60.74 1.54
N SER OA 98 40.95 61.61 1.32
CA SER OA 98 41.84 61.47 0.16
C SER OA 98 42.94 60.43 0.38
N GLU OA 99 42.82 59.57 1.39
CA GLU OA 99 43.90 58.67 1.73
C GLU OA 99 43.48 57.22 1.45
N ASN OA 100 42.33 57.02 0.81
CA ASN OA 100 41.91 55.69 0.42
C ASN OA 100 42.90 55.07 -0.56
N GLY OA 101 43.07 53.76 -0.48
CA GLY OA 101 43.86 53.04 -1.46
C GLY OA 101 43.03 52.55 -2.62
N ALA OA 102 41.72 52.79 -2.56
CA ALA OA 102 40.83 52.43 -3.65
C ALA OA 102 40.52 53.59 -4.57
N ASN OA 103 41.10 54.76 -4.31
CA ASN OA 103 40.91 55.92 -5.17
C ASN OA 103 41.76 55.74 -6.43
N SER OA 104 41.76 56.75 -7.29
CA SER OA 104 42.59 56.72 -8.48
C SER OA 104 43.14 58.12 -8.71
N THR OA 105 43.97 58.26 -9.74
CA THR OA 105 44.57 59.55 -10.03
C THR OA 105 43.49 60.59 -10.37
N ALA OA 106 42.47 60.18 -11.12
CA ALA OA 106 41.37 61.08 -11.44
C ALA OA 106 40.53 61.41 -10.23
N ASP OA 107 40.41 60.50 -9.26
CA ASP OA 107 39.63 60.74 -8.07
C ASP OA 107 40.28 61.79 -7.17
N LEU OA 108 41.61 61.75 -7.06
CA LEU OA 108 42.31 62.70 -6.21
C LEU OA 108 42.20 64.11 -6.77
N VAL OA 109 42.12 64.25 -8.09
CA VAL OA 109 41.99 65.58 -8.69
C VAL OA 109 40.65 66.22 -8.30
N SER OA 110 39.57 65.44 -8.31
CA SER OA 110 38.27 65.99 -7.95
C SER OA 110 38.23 66.47 -6.51
N ILE OA 111 38.88 65.75 -5.59
CA ILE OA 111 38.93 66.20 -4.21
C ILE OA 111 39.71 67.50 -4.08
N LYS OA 112 40.81 67.62 -4.82
CA LYS OA 112 41.58 68.85 -4.77
C LYS OA 112 40.80 70.04 -5.32
N ALA OA 113 40.00 69.82 -6.37
CA ALA OA 113 39.17 70.89 -6.91
C ALA OA 113 38.18 71.44 -5.90
N GLU OA 114 37.83 70.67 -4.89
CA GLU OA 114 36.99 71.12 -3.79
C GLU OA 114 37.80 71.86 -2.73
N MET OA 115 38.92 71.29 -2.31
CA MET OA 115 39.80 71.96 -1.35
C MET OA 115 40.25 73.31 -1.88
N ASP OA 116 40.48 73.40 -3.19
CA ASP OA 116 41.00 74.62 -3.78
C ASP OA 116 40.02 75.79 -3.62
N GLN OA 117 38.74 75.53 -3.84
CA GLN OA 117 37.75 76.60 -3.72
C GLN OA 117 37.47 76.99 -2.28
N LEU OA 118 37.56 76.05 -1.33
CA LEU OA 118 37.39 76.41 0.08
C LEU OA 118 38.48 77.35 0.55
N ALA OA 119 39.72 77.17 0.11
CA ALA OA 119 40.80 78.08 0.47
C ALA OA 119 40.60 79.46 -0.14
N THR OA 120 39.92 79.55 -1.28
CA THR OA 120 39.65 80.85 -1.89
C THR OA 120 38.74 81.70 -1.01
N GLU OA 121 37.73 81.10 -0.37
CA GLU OA 121 36.85 81.87 0.50
C GLU OA 121 37.53 82.30 1.79
N ILE OA 122 38.44 81.50 2.34
CA ILE OA 122 39.19 81.96 3.50
C ILE OA 122 39.94 83.23 3.15
N ASP OA 123 40.46 83.32 1.93
CA ASP OA 123 40.95 84.59 1.42
C ASP OA 123 39.85 85.63 1.29
N SER OA 124 38.67 85.21 0.80
CA SER OA 124 37.62 86.18 0.51
C SER OA 124 37.03 86.80 1.78
N ILE OA 125 36.84 86.00 2.83
CA ILE OA 125 36.35 86.56 4.08
C ILE OA 125 37.38 87.51 4.68
N GLY OA 126 38.66 87.12 4.63
CA GLY OA 126 39.72 87.94 5.19
C GLY OA 126 39.81 89.31 4.56
N ASN OA 127 39.55 89.41 3.26
CA ASN OA 127 39.64 90.68 2.55
C ASN OA 127 38.33 91.44 2.52
N SER OA 128 37.26 90.92 3.11
CA SER OA 128 35.96 91.54 3.00
C SER OA 128 35.46 92.10 4.32
N THR OA 129 35.69 91.37 5.41
CA THR OA 129 35.18 91.75 6.73
C THR OA 129 35.57 93.18 7.08
N ALA OA 130 34.59 94.06 7.22
CA ALA OA 130 34.87 95.48 7.39
C ALA OA 130 33.82 96.09 8.30
N PHE OA 131 34.16 97.23 8.90
CA PHE OA 131 33.28 98.02 9.74
C PHE OA 131 32.91 99.26 8.94
N GLY OA 132 31.88 99.16 8.13
CA GLY OA 132 31.50 100.25 7.26
C GLY OA 132 32.43 100.36 6.07
N ASN OA 133 33.66 100.83 6.31
CA ASN OA 133 34.62 100.90 5.21
C ASN OA 133 36.04 100.53 5.64
N THR OA 134 36.26 100.10 6.87
CA THR OA 134 37.59 99.78 7.36
C THR OA 134 37.73 98.26 7.48
N LYS OA 135 38.69 97.70 6.76
CA LYS OA 135 38.94 96.26 6.77
C LYS OA 135 39.61 95.89 8.09
N LEU OA 136 39.09 94.86 8.76
CA LEU OA 136 39.55 94.53 10.11
C LEU OA 136 40.46 93.32 10.18
N LEU OA 137 40.58 92.53 9.11
CA LEU OA 137 41.36 91.30 9.17
C LEU OA 137 42.54 91.31 8.21
N THR OA 138 42.94 92.49 7.73
CA THR OA 138 44.03 92.58 6.77
C THR OA 138 45.27 93.25 7.35
N GLY OA 139 45.40 93.29 8.67
CA GLY OA 139 46.62 93.71 9.32
C GLY OA 139 46.66 95.16 9.75
N THR OA 140 45.63 95.93 9.47
CA THR OA 140 45.61 97.32 9.92
C THR OA 140 45.38 97.38 11.43
N PHE OA 141 44.97 96.27 12.02
CA PHE OA 141 44.88 96.16 13.48
C PHE OA 141 45.95 95.21 14.03
N SER OA 142 47.03 95.03 13.29
CA SER OA 142 48.14 94.23 13.76
C SER OA 142 48.82 94.83 14.99
N ALA OA 143 49.02 96.14 15.01
CA ALA OA 143 49.50 96.86 16.19
C ALA OA 143 48.29 97.55 16.78
N GLY OA 144 47.80 97.01 17.89
CA GLY OA 144 46.51 97.38 18.47
C GLY OA 144 46.16 98.85 18.43
N LYS OA 145 44.95 99.15 17.98
CA LYS OA 145 44.46 100.52 17.97
C LYS OA 145 43.93 100.87 19.36
N VAL OA 146 43.66 102.16 19.56
CA VAL OA 146 43.42 102.70 20.90
C VAL OA 146 42.04 103.34 20.96
N PHE OA 147 41.31 103.01 22.03
CA PHE OA 147 40.05 103.67 22.37
C PHE OA 147 40.16 104.24 23.77
N GLN OA 148 39.66 105.46 23.97
CA GLN OA 148 39.71 106.12 25.27
C GLN OA 148 38.36 105.99 25.96
N VAL OA 149 38.36 105.40 27.15
CA VAL OA 149 37.13 105.09 27.87
C VAL OA 149 36.97 105.93 29.13
N GLY OA 150 37.93 106.80 29.43
CA GLY OA 150 37.85 107.69 30.57
C GLY OA 150 37.72 109.13 30.11
N HIS OA 151 37.80 110.04 31.08
CA HIS OA 151 37.73 111.46 30.76
C HIS OA 151 39.07 112.17 30.85
N GLN OA 152 40.16 111.43 31.07
CA GLN OA 152 41.49 112.01 31.14
C GLN OA 152 42.45 111.19 30.30
N GLU OA 153 43.62 111.78 30.03
CA GLU OA 153 44.64 111.11 29.24
C GLU OA 153 45.12 109.84 29.94
N GLY OA 154 45.41 108.81 29.15
CA GLY OA 154 45.95 107.58 29.67
C GLY OA 154 44.92 106.53 30.01
N GLU OA 155 43.63 106.84 29.93
CA GLU OA 155 42.57 105.86 30.18
C GLU OA 155 42.16 105.24 28.86
N ASP OA 156 42.99 104.34 28.35
CA ASP OA 156 42.81 103.79 27.02
C ASP OA 156 42.74 102.27 27.06
N ILE OA 157 42.07 101.71 26.06
CA ILE OA 157 41.99 100.27 25.84
C ILE OA 157 42.51 99.96 24.44
N LYS OA 158 43.27 98.88 24.34
CA LYS OA 158 43.92 98.51 23.08
C LYS OA 158 43.33 97.21 22.56
N VAL OA 159 42.92 97.22 21.29
CA VAL OA 159 42.36 96.05 20.63
C VAL OA 159 43.28 95.66 19.49
N THR OA 160 43.79 94.42 19.52
CA THR OA 160 44.73 93.93 18.52
C THR OA 160 44.09 92.75 17.77
N VAL OA 161 44.06 92.85 16.45
CA VAL OA 161 43.54 91.78 15.59
C VAL OA 161 44.62 91.47 14.58
N LYS OA 162 45.20 90.27 14.67
CA LYS OA 162 46.23 89.88 13.73
C LYS OA 162 45.62 89.49 12.39
N ALA OA 163 46.40 89.62 11.33
CA ALA OA 163 45.92 89.30 10.00
C ALA OA 163 45.61 87.82 9.87
N SER OA 164 44.48 87.49 9.26
CA SER OA 164 44.04 86.11 9.10
C SER OA 164 43.48 85.93 7.69
N ASN OA 165 44.28 85.33 6.81
CA ASN OA 165 43.87 85.02 5.45
C ASN OA 165 44.67 83.79 5.01
N LYS OA 166 44.52 83.40 3.75
CA LYS OA 166 45.07 82.12 3.33
C LYS OA 166 46.60 82.11 3.32
N THR OA 167 47.23 83.19 2.87
CA THR OA 167 48.69 83.23 2.92
C THR OA 167 49.20 83.32 4.34
N SER OA 168 48.45 84.01 5.21
CA SER OA 168 48.86 84.14 6.61
C SER OA 168 48.83 82.80 7.32
N LEU OA 169 47.78 82.01 7.11
CA LEU OA 169 47.61 80.74 7.81
C LEU OA 169 48.38 79.60 7.16
N SER OA 170 49.31 79.91 6.27
CA SER OA 170 50.16 78.91 5.61
C SER OA 170 49.32 77.87 4.86
N VAL OA 171 48.33 78.37 4.12
CA VAL OA 171 47.58 77.54 3.19
C VAL OA 171 47.54 78.25 1.85
N GLY OA 172 47.21 77.52 0.80
CA GLY OA 172 47.21 78.09 -0.54
C GLY OA 172 47.92 77.17 -1.51
N ALA OA 173 48.80 76.33 -0.98
CA ALA OA 173 49.46 75.27 -1.75
C ALA OA 173 49.30 73.98 -0.96
N LEU OA 174 48.21 73.25 -1.22
CA LEU OA 174 47.94 71.99 -0.54
C LEU OA 174 47.66 70.93 -1.59
N ASN OA 175 48.57 69.97 -1.72
CA ASN OA 175 48.40 68.86 -2.64
C ASN OA 175 48.12 67.58 -1.85
N ASN OA 176 47.62 66.57 -2.56
CA ASN OA 176 47.31 65.28 -1.94
C ASN OA 176 47.67 64.11 -2.84
N ALA OA 177 48.71 64.24 -3.65
CA ALA OA 177 49.10 63.17 -4.57
C ALA OA 177 49.97 62.12 -3.89
N THR OA 178 51.14 62.53 -3.40
CA THR OA 178 52.10 61.59 -2.83
C THR OA 178 51.82 61.32 -1.36
N SER OA 179 52.52 60.35 -0.78
CA SER OA 179 52.36 60.06 0.64
C SER OA 179 52.81 61.25 1.49
N ALA OA 180 53.95 61.85 1.14
CA ALA OA 180 54.46 62.96 1.93
C ALA OA 180 53.60 64.20 1.79
N ASN OA 181 52.93 64.35 0.65
CA ASN OA 181 52.11 65.54 0.42
C ASN OA 181 50.94 65.61 1.40
N ARG OA 182 50.27 64.49 1.63
CA ARG OA 182 49.13 64.49 2.54
C ARG OA 182 49.56 64.68 3.99
N ALA OA 183 50.69 64.11 4.39
CA ALA OA 183 51.16 64.26 5.76
C ALA OA 183 51.49 65.71 6.08
N SER OA 184 52.13 66.41 5.14
CA SER OA 184 52.46 67.81 5.36
C SER OA 184 51.21 68.68 5.39
N SER OA 185 50.23 68.36 4.55
CA SER OA 185 49.00 69.16 4.51
C SER OA 185 48.22 69.06 5.81
N LEU OA 186 48.18 67.87 6.41
CA LEU OA 186 47.40 67.68 7.63
C LEU OA 186 47.96 68.51 8.79
N ALA OA 187 49.28 68.60 8.92
CA ALA OA 187 49.87 69.35 10.02
C ALA OA 187 49.54 70.84 9.92
N LYS OA 188 49.57 71.40 8.70
CA LYS OA 188 49.36 72.82 8.54
C LYS OA 188 47.92 73.21 8.87
N ILE OA 189 46.96 72.36 8.52
CA ILE OA 189 45.56 72.65 8.86
C ILE OA 189 45.37 72.64 10.37
N ASP OA 190 45.97 71.66 11.05
CA ASP OA 190 45.86 71.60 12.50
C ASP OA 190 46.47 72.84 13.15
N ALA OA 191 47.62 73.28 12.66
CA ALA OA 191 48.21 74.50 13.17
C ALA OA 191 47.35 75.73 12.86
N ALA OA 192 46.61 75.68 11.75
CA ALA OA 192 45.74 76.80 11.40
C ALA OA 192 44.61 76.96 12.41
N ILE OA 193 44.00 75.85 12.82
CA ILE OA 193 42.90 75.93 13.80
C ILE OA 193 43.39 76.47 15.12
N LYS OA 194 44.60 76.08 15.55
CA LYS OA 194 45.15 76.57 16.80
C LYS OA 194 45.34 78.08 16.77
N THR OA 195 45.85 78.61 15.65
CA THR OA 195 46.10 80.04 15.57
C THR OA 195 44.80 80.85 15.66
N ILE OA 196 43.76 80.40 14.96
CA ILE OA 196 42.47 81.08 15.03
C ILE OA 196 41.90 80.98 16.43
N ASP OA 197 42.05 79.81 17.07
CA ASP OA 197 41.50 79.61 18.41
C ASP OA 197 42.10 80.60 19.40
N SER OA 198 43.41 80.81 19.34
CA SER OA 198 44.05 81.75 20.25
C SER OA 198 43.60 83.17 19.97
N GLN OA 199 43.36 83.51 18.70
CA GLN OA 199 42.91 84.84 18.35
C GLN OA 199 41.52 85.12 18.91
N ARG OA 200 40.63 84.12 18.86
CA ARG OA 200 39.28 84.32 19.38
C ARG OA 200 39.30 84.53 20.89
N ALA OA 201 40.16 83.79 21.60
CA ALA OA 201 40.27 83.95 23.04
C ALA OA 201 40.74 85.34 23.41
N ASP OA 202 41.70 85.88 22.64
CA ASP OA 202 42.19 87.23 22.91
C ASP OA 202 41.09 88.27 22.72
N LEU OA 203 40.27 88.13 21.69
CA LEU OA 203 39.20 89.09 21.45
C LEU OA 203 38.08 88.95 22.49
N GLY OA 204 37.80 87.72 22.94
CA GLY OA 204 36.79 87.54 23.96
C GLY OA 204 37.17 88.17 25.29
N ALA OA 205 38.45 88.09 25.65
CA ALA OA 205 38.89 88.67 26.92
C ALA OA 205 38.72 90.18 26.93
N VAL OA 206 38.99 90.84 25.80
CA VAL OA 206 38.87 92.30 25.74
C VAL OA 206 37.43 92.73 25.95
N GLN OA 207 36.49 92.04 25.30
CA GLN OA 207 35.09 92.45 25.42
C GLN OA 207 34.48 92.03 26.76
N ASN OA 208 35.00 90.97 27.38
CA ASN OA 208 34.71 90.77 28.80
C ASN OA 208 35.29 91.90 29.64
N ARG OA 209 36.50 92.35 29.28
CA ARG OA 209 37.11 93.48 29.97
C ARG OA 209 36.30 94.75 29.77
N LEU OA 210 35.87 95.02 28.54
CA LEU OA 210 35.14 96.26 28.28
C LEU OA 210 33.79 96.32 28.95
N ALA OA 211 33.13 95.17 29.13
CA ALA OA 211 31.82 95.17 29.77
C ALA OA 211 31.90 95.67 31.20
N HIS OA 212 32.98 95.37 31.91
CA HIS OA 212 33.11 95.80 33.29
C HIS OA 212 33.39 97.29 33.41
N ASN OA 213 34.03 97.90 32.41
CA ASN OA 213 34.23 99.34 32.41
C ASN OA 213 32.90 100.08 32.33
N ILE OA 214 31.99 99.61 31.47
CA ILE OA 214 30.71 100.29 31.29
C ILE OA 214 29.90 100.26 32.58
N SER OA 215 29.86 99.11 33.25
CA SER OA 215 29.11 99.02 34.50
C SER OA 215 29.72 99.93 35.56
N ASN OA 216 31.04 99.95 35.65
CA ASN OA 216 31.69 100.85 36.60
C ASN OA 216 31.45 102.31 36.26
N SER OA 217 31.53 102.67 34.97
CA SER OA 217 31.30 104.05 34.57
C SER OA 217 29.85 104.47 34.79
N ALA OA 218 28.89 103.57 34.61
CA ALA OA 218 27.51 103.90 34.89
C ALA OA 218 27.29 104.18 36.36
N ASN OA 219 27.92 103.38 37.24
CA ASN OA 219 27.79 103.62 38.67
C ASN OA 219 28.42 104.95 39.08
N THR OA 220 29.64 105.21 38.63
CA THR OA 220 30.33 106.43 39.06
C THR OA 220 29.65 107.68 38.52
N GLN OA 221 28.98 107.58 37.38
CA GLN OA 221 28.26 108.73 36.83
C GLN OA 221 27.13 109.17 37.76
N ALA OA 222 26.40 108.20 38.32
CA ALA OA 222 25.28 108.53 39.20
C ALA OA 222 25.76 109.22 40.46
N ASN OA 223 26.84 108.72 41.07
CA ASN OA 223 27.34 109.31 42.30
C ASN OA 223 27.89 110.71 42.09
N VAL OA 224 28.55 110.97 40.97
CA VAL OA 224 29.02 112.33 40.69
C VAL OA 224 27.84 113.28 40.48
N ALA OA 225 26.75 112.79 39.88
CA ALA OA 225 25.56 113.61 39.74
C ALA OA 225 24.99 113.98 41.10
N ASP OA 226 25.04 113.06 42.06
CA ASP OA 226 24.68 113.39 43.43
C ASP OA 226 25.52 114.53 43.97
N ALA OA 227 26.84 114.42 43.85
CA ALA OA 227 27.72 115.42 44.41
C ALA OA 227 27.51 116.78 43.76
N LYS OA 228 27.31 116.78 42.44
CA LYS OA 228 27.17 118.05 41.72
C LYS OA 228 25.86 118.77 42.02
N SER OA 229 24.79 118.03 42.32
CA SER OA 229 23.51 118.69 42.57
C SER OA 229 23.47 119.34 43.94
N ARG OA 230 24.17 118.78 44.94
CA ARG OA 230 24.14 119.37 46.27
C ARG OA 230 24.79 120.74 46.27
N ILE OA 231 25.61 121.05 45.27
CA ILE OA 231 26.36 122.31 45.26
C ILE OA 231 25.61 123.39 44.49
N VAL OA 232 25.06 123.07 43.32
CA VAL OA 232 24.54 124.09 42.42
C VAL OA 232 23.02 124.15 42.37
N ASP OA 233 22.32 123.16 42.92
CA ASP OA 233 20.87 123.06 42.75
C ASP OA 233 20.16 123.62 43.97
N VAL OA 234 18.98 124.20 43.75
CA VAL OA 234 18.20 124.79 44.82
C VAL OA 234 17.33 123.73 45.47
N ASP OA 235 17.00 123.96 46.74
CA ASP OA 235 15.99 123.18 47.44
C ASP OA 235 14.73 124.01 47.50
N PHE OA 236 13.67 123.53 46.85
CA PHE OA 236 12.45 124.32 46.75
C PHE OA 236 11.83 124.57 48.11
N ALA OA 237 11.99 123.65 49.05
CA ALA OA 237 11.48 123.85 50.39
C ALA OA 237 12.15 125.07 51.02
N LYS OA 238 13.47 125.16 50.84
CA LYS OA 238 14.19 126.34 51.34
C LYS OA 238 13.79 127.59 50.57
N GLU OA 239 13.68 127.49 49.25
CA GLU OA 239 13.47 128.67 48.42
C GLU OA 239 12.05 129.21 48.53
N THR OA 240 11.06 128.31 48.56
CA THR OA 240 9.67 128.75 48.61
C THR OA 240 9.39 129.52 49.90
N SER OA 241 9.93 129.04 51.02
CA SER OA 241 9.74 129.74 52.29
C SER OA 241 10.33 131.14 52.23
N ALA OA 242 11.53 131.29 51.65
CA ALA OA 242 12.15 132.59 51.55
C ALA OA 242 11.34 133.53 50.65
N MET OA 243 10.82 133.01 49.53
CA MET OA 243 10.04 133.85 48.62
C MET OA 243 8.78 134.38 49.28
N THR OA 244 8.03 133.51 49.97
CA THR OA 244 6.89 133.97 50.75
C THR OA 244 7.35 134.84 51.91
N LYS OA 245 8.57 134.63 52.38
CA LYS OA 245 9.06 135.36 53.54
C LYS OA 245 9.18 136.84 53.21
N TYR OA 246 9.70 137.15 52.01
CA TYR OA 246 9.94 138.52 51.57
C TYR OA 246 8.70 139.20 51.03
N GLN OA 247 7.71 138.43 50.56
CA GLN OA 247 6.48 139.04 50.08
C GLN OA 247 5.78 139.81 51.19
N VAL OA 248 5.73 139.23 52.38
CA VAL OA 248 5.12 139.90 53.52
C VAL OA 248 5.91 141.16 53.88
N LEU OA 249 7.23 141.06 53.87
CA LEU OA 249 8.06 142.21 54.21
C LEU OA 249 7.88 143.37 53.22
N GLN OA 250 7.58 143.05 51.96
CA GLN OA 250 7.36 144.10 50.98
C GLN OA 250 6.10 144.90 51.28
N GLN OA 251 5.00 144.21 51.55
CA GLN OA 251 3.76 144.91 51.89
C GLN OA 251 3.87 145.65 53.20
N THR OA 252 4.61 145.08 54.17
CA THR OA 252 4.88 145.80 55.40
C THR OA 252 5.71 147.04 55.14
N GLY OA 253 6.73 146.94 54.30
CA GLY OA 253 7.56 148.09 54.00
C GLY OA 253 6.82 149.20 53.27
N SER OA 254 5.92 148.83 52.36
CA SER OA 254 5.17 149.83 51.60
C SER OA 254 4.21 150.61 52.49
N ALA OA 255 3.50 149.93 53.40
CA ALA OA 255 2.61 150.63 54.31
C ALA OA 255 3.37 151.54 55.26
N MET OA 256 4.52 151.09 55.76
CA MET OA 256 5.31 151.93 56.66
C MET OA 256 5.85 153.16 55.94
N LEU OA 257 6.32 152.99 54.70
CA LEU OA 257 6.87 154.12 53.97
C LEU OA 257 5.79 155.14 53.60
N ALA OA 258 4.63 154.67 53.15
CA ALA OA 258 3.55 155.60 52.80
C ALA OA 258 3.09 156.39 54.02
N GLN OA 259 3.01 155.74 55.18
CA GLN OA 259 2.54 156.41 56.38
C GLN OA 259 3.63 157.32 56.96
N ALA OA 260 4.89 156.97 56.77
CA ALA OA 260 5.97 157.80 57.27
C ALA OA 260 6.13 159.06 56.42
N ASN OA 261 5.65 159.04 55.19
CA ASN OA 261 5.78 160.20 54.32
C ASN OA 261 4.91 161.37 54.76
N GLN OA 262 3.78 161.11 55.42
CA GLN OA 262 2.89 162.17 55.86
C GLN OA 262 3.11 162.55 57.33
N LEU OA 263 4.27 162.23 57.89
CA LEU OA 263 4.69 162.76 59.18
C LEU OA 263 4.80 164.28 59.19
N PRO OA 264 5.41 164.93 58.20
CA PRO OA 264 5.59 166.39 58.29
C PRO OA 264 4.30 167.20 58.23
N GLN OA 265 3.15 166.57 57.98
CA GLN OA 265 1.89 167.31 57.96
C GLN OA 265 1.48 167.79 59.34
N VAL OA 266 2.14 167.34 60.40
CA VAL OA 266 1.88 167.88 61.73
C VAL OA 266 2.18 169.37 61.78
N ALA OA 267 3.18 169.82 61.02
CA ALA OA 267 3.57 171.22 61.00
C ALA OA 267 2.44 172.14 60.53
N LEU OA 268 1.51 171.63 59.73
CA LEU OA 268 0.36 172.42 59.29
C LEU OA 268 -0.67 172.63 60.39
N SER OA 269 -0.68 171.79 61.41
CA SER OA 269 -1.63 171.96 62.50
C SER OA 269 -1.30 173.18 63.35
N LEU OA 270 -0.01 173.50 63.50
CA LEU OA 270 0.41 174.62 64.34
C LEU OA 270 0.42 175.92 63.53
N LEU OA 271 -0.75 176.20 62.94
CA LEU OA 271 -0.99 177.47 62.26
C LEU OA 271 0.05 177.72 61.18
N GLY OA 272 0.03 176.90 60.13
CA GLY OA 272 0.91 177.10 58.99
C GLY OA 272 2.39 177.00 59.30
N ALA PA 1 18.50 -15.02 18.84
CA ALA PA 1 19.18 -16.05 18.07
C ALA PA 1 18.70 -16.06 16.63
N ILE PA 2 18.53 -14.87 16.06
CA ILE PA 2 18.11 -14.74 14.66
C ILE PA 2 19.24 -14.09 13.87
N THR PA 3 20.04 -14.91 13.19
CA THR PA 3 21.20 -14.41 12.48
C THR PA 3 21.04 -14.58 10.97
N VAL PA 4 21.77 -13.75 10.22
CA VAL PA 4 21.70 -13.78 8.76
C VAL PA 4 23.10 -13.92 8.18
N ASN PA 5 24.07 -14.32 9.00
CA ASN PA 5 25.44 -14.52 8.53
C ASN PA 5 25.88 -15.97 8.55
N THR PA 6 25.39 -16.78 9.49
CA THR PA 6 25.73 -18.20 9.54
C THR PA 6 24.46 -19.02 9.72
N ASN PA 7 24.38 -20.13 8.99
CA ASN PA 7 23.26 -21.08 9.08
C ASN PA 7 23.83 -22.42 9.47
N VAL PA 8 23.97 -22.64 10.78
CA VAL PA 8 24.52 -23.90 11.28
C VAL PA 8 23.57 -25.06 11.02
N THR PA 9 22.26 -24.77 10.97
CA THR PA 9 21.30 -25.80 10.60
C THR PA 9 21.60 -26.35 9.22
N SER PA 10 21.96 -25.47 8.28
CA SER PA 10 22.36 -25.92 6.95
C SER PA 10 23.64 -26.74 7.00
N MET PA 11 24.60 -26.31 7.83
CA MET PA 11 25.88 -27.02 7.91
C MET PA 11 25.68 -28.46 8.38
N LYS PA 12 24.86 -28.66 9.41
CA LYS PA 12 24.58 -30.02 9.86
C LYS PA 12 23.78 -30.79 8.82
N ALA PA 13 22.83 -30.12 8.16
CA ALA PA 13 22.03 -30.80 7.15
C ALA PA 13 22.89 -31.23 5.96
N GLN PA 14 23.87 -30.41 5.57
CA GLN PA 14 24.73 -30.75 4.44
C GLN PA 14 25.52 -32.02 4.72
N LYS PA 15 26.05 -32.16 5.94
CA LYS PA 15 26.87 -33.31 6.26
C LYS PA 15 26.07 -34.61 6.18
N ASN PA 16 24.82 -34.58 6.65
CA ASN PA 16 24.00 -35.78 6.62
C ASN PA 16 23.70 -36.21 5.19
N LEU PA 17 23.45 -35.24 4.30
CA LEU PA 17 23.21 -35.58 2.90
C LEU PA 17 24.43 -36.20 2.25
N ASN PA 18 25.62 -35.71 2.59
CA ASN PA 18 26.85 -36.26 2.01
C ASN PA 18 27.04 -37.71 2.44
N THR PA 19 26.77 -38.02 3.71
CA THR PA 19 26.91 -39.39 4.19
C THR PA 19 25.93 -40.33 3.51
N SER PA 20 24.68 -39.91 3.33
CA SER PA 20 23.71 -40.75 2.66
C SER PA 20 24.01 -40.94 1.18
N ASN PA 21 24.57 -39.94 0.52
CA ASN PA 21 24.95 -40.07 -0.88
C ASN PA 21 26.13 -41.01 -1.07
N SER PA 22 27.11 -40.94 -0.17
CA SER PA 22 28.27 -41.81 -0.27
C SER PA 22 27.91 -43.27 -0.03
N GLY PA 23 27.00 -43.54 0.89
CA GLY PA 23 26.54 -44.89 1.13
C GLY PA 23 25.78 -45.47 -0.03
N LEU PA 24 24.99 -44.64 -0.71
CA LEU PA 24 24.27 -45.09 -1.89
C LEU PA 24 25.24 -45.46 -3.01
N SER PA 25 26.28 -44.65 -3.19
CA SER PA 25 27.24 -44.89 -4.26
C SER PA 25 27.99 -46.21 -4.06
N THR PA 26 28.45 -46.46 -2.82
CA THR PA 26 29.23 -47.66 -2.58
C THR PA 26 28.41 -48.93 -2.71
N SER PA 27 27.09 -48.83 -2.47
CA SER PA 27 26.24 -50.00 -2.62
C SER PA 27 26.03 -50.37 -4.08
N MET PA 28 25.98 -49.38 -4.97
CA MET PA 28 25.75 -49.67 -6.39
C MET PA 28 26.94 -50.40 -7.00
N GLU PA 29 28.16 -49.99 -6.67
CA GLU PA 29 29.33 -50.63 -7.28
C GLU PA 29 29.52 -52.05 -6.77
N ARG PA 30 29.18 -52.31 -5.50
CA ARG PA 30 29.18 -53.69 -5.02
C ARG PA 30 28.14 -54.53 -5.74
N LEU PA 31 26.97 -53.97 -6.03
CA LEU PA 31 25.96 -54.69 -6.78
C LEU PA 31 26.29 -54.83 -8.25
N SER PA 32 26.99 -53.85 -8.84
CA SER PA 32 27.27 -53.90 -10.27
C SER PA 32 28.36 -54.91 -10.62
N SER PA 33 29.23 -55.24 -9.66
CA SER PA 33 30.29 -56.22 -9.89
C SER PA 33 30.00 -57.55 -9.21
N GLY PA 34 29.63 -57.52 -7.94
CA GLY PA 34 29.31 -58.74 -7.23
C GLY PA 34 30.36 -59.12 -6.21
N LEU PA 35 31.19 -58.15 -5.83
CA LEU PA 35 32.28 -58.39 -4.89
C LEU PA 35 32.16 -57.43 -3.72
N ARG PA 36 32.24 -57.98 -2.51
CA ARG PA 36 32.26 -57.13 -1.32
C ARG PA 36 33.56 -56.38 -1.18
N ILE PA 37 34.70 -57.06 -1.36
CA ILE PA 37 36.00 -56.42 -1.27
C ILE PA 37 36.42 -55.92 -2.65
N ASN PA 38 35.94 -54.75 -3.03
CA ASN PA 38 36.34 -54.14 -4.30
C ASN PA 38 37.74 -53.55 -4.16
N SER PA 39 37.93 -52.71 -3.16
CA SER PA 39 39.21 -52.08 -2.88
C SER PA 39 39.69 -52.47 -1.48
N ALA PA 40 40.82 -51.88 -1.09
CA ALA PA 40 41.38 -52.10 0.24
C ALA PA 40 40.67 -51.28 1.32
N LYS PA 41 39.61 -50.55 0.96
CA LYS PA 41 38.79 -49.90 1.98
C LYS PA 41 38.29 -50.93 2.97
N ASP PA 42 37.81 -52.06 2.46
CA ASP PA 42 37.16 -53.12 3.22
C ASP PA 42 38.19 -54.01 3.90
N ASP PA 43 37.77 -55.22 4.27
CA ASP PA 43 38.62 -56.12 5.05
C ASP PA 43 40.02 -56.20 4.49
N ALA PA 44 40.99 -55.70 5.26
CA ALA PA 44 42.39 -55.77 4.84
C ALA PA 44 42.88 -57.21 4.86
N ALA PA 45 42.47 -57.97 5.86
CA ALA PA 45 42.86 -59.37 5.94
C ALA PA 45 42.10 -60.25 4.95
N GLY PA 46 40.90 -59.84 4.56
CA GLY PA 46 40.11 -60.66 3.65
C GLY PA 46 40.74 -60.80 2.29
N LEU PA 47 41.26 -59.69 1.75
CA LEU PA 47 41.85 -59.73 0.42
C LEU PA 47 43.14 -60.55 0.41
N ALA PA 48 43.91 -60.47 1.50
CA ALA PA 48 45.13 -61.27 1.59
C ALA PA 48 44.81 -62.76 1.61
N ILE PA 49 43.81 -63.15 2.39
CA ILE PA 49 43.41 -64.55 2.44
C ILE PA 49 42.86 -65.00 1.10
N SER PA 50 42.06 -64.16 0.46
CA SER PA 50 41.44 -64.53 -0.81
C SER PA 50 42.49 -64.76 -1.89
N ASN PA 51 43.60 -64.02 -1.83
CA ASN PA 51 44.64 -64.18 -2.84
C ASN PA 51 45.25 -65.58 -2.79
N ARG PA 52 45.53 -66.09 -1.58
CA ARG PA 52 46.02 -67.45 -1.46
C ARG PA 52 44.98 -68.49 -1.84
N LEU PA 53 43.71 -68.26 -1.47
CA LEU PA 53 42.66 -69.16 -1.92
C LEU PA 53 42.50 -69.13 -3.43
N ASN PA 54 42.65 -67.96 -4.04
CA ASN PA 54 42.61 -67.86 -5.49
C ASN PA 54 43.75 -68.66 -6.11
N SER PA 55 44.93 -68.62 -5.51
CA SER PA 55 46.05 -69.41 -6.02
C SER PA 55 45.76 -70.91 -5.94
N GLN PA 56 45.13 -71.37 -4.86
CA GLN PA 56 44.82 -72.78 -4.74
C GLN PA 56 43.80 -73.22 -5.78
N VAL PA 57 42.78 -72.41 -6.01
CA VAL PA 57 41.73 -72.78 -6.97
C VAL PA 57 42.31 -72.87 -8.38
N ARG PA 58 43.04 -71.83 -8.79
CA ARG PA 58 43.66 -71.86 -10.11
C ARG PA 58 44.82 -72.83 -10.16
N GLY PA 59 45.55 -72.98 -9.06
CA GLY PA 59 46.63 -73.94 -9.03
C GLY PA 59 46.17 -75.36 -9.24
N LEU PA 60 45.06 -75.74 -8.60
CA LEU PA 60 44.53 -77.08 -8.80
C LEU PA 60 44.05 -77.29 -10.22
N GLU PA 61 43.44 -76.27 -10.83
CA GLU PA 61 42.90 -76.43 -12.18
C GLU PA 61 44.00 -76.76 -13.18
N VAL PA 62 45.14 -76.09 -13.07
CA VAL PA 62 46.28 -76.45 -13.91
C VAL PA 62 46.81 -77.82 -13.53
N GLY PA 63 46.79 -78.13 -12.23
CA GLY PA 63 47.25 -79.44 -11.79
C GLY PA 63 46.39 -80.58 -12.30
N MET PA 64 45.09 -80.33 -12.45
CA MET PA 64 44.21 -81.35 -13.02
C MET PA 64 44.60 -81.69 -14.44
N ARG PA 65 44.82 -80.67 -15.28
CA ARG PA 65 45.24 -80.92 -16.65
C ARG PA 65 46.63 -81.54 -16.69
N ASN PA 66 47.46 -81.24 -15.70
CA ASN PA 66 48.79 -81.84 -15.63
C ASN PA 66 48.73 -83.35 -15.49
N ALA PA 67 47.78 -83.86 -14.70
CA ALA PA 67 47.62 -85.29 -14.49
C ALA PA 67 46.87 -85.99 -15.62
N ASN PA 68 45.92 -85.31 -16.27
CA ASN PA 68 45.29 -85.89 -17.45
C ASN PA 68 46.28 -86.16 -18.55
N ASP PA 69 47.33 -85.35 -18.66
CA ASP PA 69 48.41 -85.59 -19.60
C ASP PA 69 49.19 -86.86 -19.25
N ALA PA 70 49.46 -87.09 -17.97
CA ALA PA 70 50.20 -88.28 -17.56
C ALA PA 70 49.41 -89.54 -17.84
N ILE PA 71 48.08 -89.47 -17.71
CA ILE PA 71 47.22 -90.63 -17.96
C ILE PA 71 47.34 -91.03 -19.43
N SER PA 72 47.33 -90.04 -20.32
CA SER PA 72 47.41 -90.33 -21.74
C SER PA 72 48.73 -90.98 -22.13
N ILE PA 73 49.84 -90.51 -21.55
CA ILE PA 73 51.13 -91.12 -21.85
C ILE PA 73 51.15 -92.58 -21.42
N ALA PA 74 50.70 -92.87 -20.21
CA ALA PA 74 50.64 -94.25 -19.75
C ALA PA 74 49.67 -95.08 -20.56
N GLN PA 75 48.62 -94.45 -21.11
CA GLN PA 75 47.66 -95.17 -21.92
C GLN PA 75 48.27 -95.65 -23.23
N ILE PA 76 49.08 -94.80 -23.88
CA ILE PA 76 49.65 -95.15 -25.17
C ILE PA 76 50.71 -96.24 -25.01
N ALA PA 77 51.57 -96.12 -24.00
CA ALA PA 77 52.62 -97.12 -23.81
C ALA PA 77 52.03 -98.49 -23.50
N GLU PA 78 50.97 -98.52 -22.70
CA GLU PA 78 50.32 -99.79 -22.38
C GLU PA 78 49.73 -100.43 -23.63
N GLY PA 79 49.13 -99.62 -24.51
CA GLY PA 79 48.54 -100.18 -25.71
C GLY PA 79 49.55 -100.82 -26.63
N ALA PA 80 50.73 -100.22 -26.75
CA ALA PA 80 51.75 -100.77 -27.64
C ALA PA 80 52.31 -102.09 -27.10
N MET PA 81 52.46 -102.22 -25.78
CA MET PA 81 53.02 -103.45 -25.23
C MET PA 81 52.08 -104.62 -25.41
N GLN PA 82 50.78 -104.38 -25.57
CA GLN PA 82 49.85 -105.47 -25.81
C GLN PA 82 50.15 -106.16 -27.14
N GLU PA 83 50.47 -105.38 -28.18
CA GLU PA 83 50.75 -105.98 -29.47
C GLU PA 83 52.07 -106.72 -29.48
N GLN PA 84 53.04 -106.27 -28.69
CA GLN PA 84 54.29 -107.01 -28.56
C GLN PA 84 54.06 -108.36 -27.88
N THR PA 85 53.11 -108.42 -26.95
CA THR PA 85 52.81 -109.67 -26.28
C THR PA 85 52.20 -110.70 -27.24
N ASN PA 86 51.29 -110.28 -28.11
CA ASN PA 86 50.68 -111.21 -29.04
C ASN PA 86 51.68 -111.80 -30.03
N MET PA 87 52.59 -110.99 -30.56
CA MET PA 87 53.60 -111.52 -31.48
C MET PA 87 54.59 -112.43 -30.78
N LEU PA 88 54.90 -112.16 -29.52
CA LEU PA 88 55.77 -113.07 -28.78
C LEU PA 88 55.12 -114.43 -28.57
N GLN PA 89 53.81 -114.46 -28.39
CA GLN PA 89 53.11 -115.74 -28.24
C GLN PA 89 53.19 -116.56 -29.52
N ARG PA 90 53.08 -115.91 -30.67
CA ARG PA 90 53.22 -116.62 -31.94
C ARG PA 90 54.61 -117.19 -32.13
N MET PA 91 55.64 -116.51 -31.63
CA MET PA 91 57.00 -117.06 -31.69
C MET PA 91 57.12 -118.32 -30.84
N ARG PA 92 56.40 -118.40 -29.72
CA ARG PA 92 56.41 -119.62 -28.93
C ARG PA 92 55.86 -120.81 -29.70
N ASP PA 93 54.75 -120.61 -30.43
CA ASP PA 93 54.18 -121.69 -31.19
C ASP PA 93 55.11 -122.17 -32.29
N LEU PA 94 55.79 -121.25 -32.98
CA LEU PA 94 56.72 -121.65 -34.02
C LEU PA 94 57.88 -122.45 -33.47
N THR PA 95 58.42 -122.07 -32.32
CA THR PA 95 59.46 -122.87 -31.68
C THR PA 95 58.98 -124.26 -31.30
N ILE PA 96 57.76 -124.37 -30.78
CA ILE PA 96 57.19 -125.69 -30.52
C ILE PA 96 56.95 -126.43 -31.82
N GLN PA 97 56.44 -125.75 -32.84
CA GLN PA 97 56.22 -126.39 -34.13
C GLN PA 97 57.52 -126.79 -34.81
N SER PA 98 58.61 -126.10 -34.52
CA SER PA 98 59.89 -126.38 -35.16
C SER PA 98 60.62 -127.56 -34.55
N GLU PA 99 59.94 -128.39 -33.75
CA GLU PA 99 60.61 -129.46 -33.02
C GLU PA 99 60.15 -130.82 -33.56
N ASN PA 100 59.40 -130.84 -34.66
CA ASN PA 100 59.02 -132.10 -35.27
C ASN PA 100 60.24 -132.87 -35.75
N GLY PA 101 60.16 -134.19 -35.68
CA GLY PA 101 61.19 -135.03 -36.26
C GLY PA 101 60.91 -135.38 -37.70
N ALA PA 102 59.77 -134.95 -38.22
CA ALA PA 102 59.42 -135.18 -39.61
C ALA PA 102 59.73 -133.97 -40.49
N ASN PA 103 60.29 -132.92 -39.92
CA ASN PA 103 60.68 -131.75 -40.70
C ASN PA 103 61.96 -132.06 -41.46
N SER PA 104 62.50 -131.07 -42.16
CA SER PA 104 63.76 -131.23 -42.86
C SER PA 104 64.54 -129.95 -42.72
N THR PA 105 65.76 -129.94 -43.26
CA THR PA 105 66.60 -128.76 -43.18
C THR PA 105 65.95 -127.58 -43.89
N ALA PA 106 65.34 -127.82 -45.05
CA ALA PA 106 64.64 -126.76 -45.76
C ALA PA 106 63.39 -126.29 -45.02
N ASP PA 107 62.74 -127.18 -44.29
CA ASP PA 107 61.53 -126.79 -43.55
C ASP PA 107 61.86 -125.85 -42.39
N LEU PA 108 62.97 -126.12 -41.70
CA LEU PA 108 63.35 -125.27 -40.57
C LEU PA 108 63.71 -123.86 -41.01
N VAL PA 109 64.25 -123.72 -42.23
CA VAL PA 109 64.59 -122.39 -42.73
C VAL PA 109 63.34 -121.56 -42.95
N SER PA 110 62.27 -122.14 -43.49
CA SER PA 110 61.03 -121.41 -43.70
C SER PA 110 60.43 -120.90 -42.40
N ILE PA 111 60.49 -121.71 -41.34
CA ILE PA 111 59.96 -121.28 -40.06
C ILE PA 111 60.79 -120.12 -39.51
N LYS PA 112 62.11 -120.17 -39.67
CA LYS PA 112 62.94 -119.07 -39.21
C LYS PA 112 62.67 -117.79 -39.97
N ALA PA 113 62.40 -117.88 -41.27
CA ALA PA 113 62.08 -116.70 -42.06
C ALA PA 113 60.82 -115.99 -41.57
N GLU PA 114 59.94 -116.70 -40.86
CA GLU PA 114 58.77 -116.11 -40.22
C GLU PA 114 59.13 -115.50 -38.87
N MET PA 115 59.84 -116.23 -38.03
CA MET PA 115 60.28 -115.70 -36.74
C MET PA 115 61.10 -114.44 -36.93
N ASP PA 116 61.91 -114.40 -37.99
CA ASP PA 116 62.81 -113.28 -38.20
C ASP PA 116 62.05 -111.98 -38.43
N GLN PA 117 60.97 -112.02 -39.21
CA GLN PA 117 60.20 -110.81 -39.47
C GLN PA 117 59.35 -110.37 -38.28
N LEU PA 118 58.88 -111.31 -37.45
CA LEU PA 118 58.16 -110.92 -36.25
C LEU PA 118 59.03 -110.15 -35.28
N ALA PA 119 60.30 -110.55 -35.14
CA ALA PA 119 61.22 -109.81 -34.28
C ALA PA 119 61.52 -108.42 -34.82
N THR PA 120 61.44 -108.23 -36.13
CA THR PA 120 61.66 -106.91 -36.71
C THR PA 120 60.58 -105.91 -36.27
N GLU PA 121 59.32 -106.35 -36.19
CA GLU PA 121 58.27 -105.45 -35.75
C GLU PA 121 58.34 -105.11 -34.27
N ILE PA 122 58.79 -106.04 -33.44
CA ILE PA 122 59.00 -105.71 -32.03
C ILE PA 122 59.99 -104.56 -31.92
N ASP PA 123 61.02 -104.57 -32.77
CA ASP PA 123 61.87 -103.40 -32.93
C ASP PA 123 61.09 -102.20 -33.47
N SER PA 124 60.21 -102.42 -34.46
CA SER PA 124 59.57 -101.30 -35.12
C SER PA 124 58.56 -100.60 -34.22
N ILE PA 125 57.80 -101.35 -33.41
CA ILE PA 125 56.89 -100.70 -32.47
C ILE PA 125 57.67 -99.94 -31.41
N GLY PA 126 58.75 -100.51 -30.92
CA GLY PA 126 59.57 -99.87 -29.90
C GLY PA 126 60.12 -98.53 -30.33
N ASN PA 127 60.49 -98.41 -31.59
CA ASN PA 127 61.07 -97.17 -32.10
C ASN PA 127 60.04 -96.20 -32.67
N SER PA 128 58.75 -96.56 -32.65
CA SER PA 128 57.74 -95.73 -33.29
C SER PA 128 56.79 -95.09 -32.29
N THR PA 129 56.40 -95.84 -31.26
CA THR PA 129 55.41 -95.38 -30.29
C THR PA 129 55.80 -94.04 -29.71
N ALA PA 130 55.00 -93.01 -29.96
CA ALA PA 130 55.37 -91.65 -29.59
C ALA PA 130 54.12 -90.87 -29.20
N PHE PA 131 54.33 -89.80 -28.44
CA PHE PA 131 53.28 -88.88 -28.04
C PHE PA 131 53.50 -87.59 -28.82
N GLY PA 132 52.93 -87.54 -30.03
CA GLY PA 132 53.15 -86.40 -30.89
C GLY PA 132 54.51 -86.45 -31.53
N ASN PA 133 55.56 -86.18 -30.74
CA ASN PA 133 56.91 -86.27 -31.30
C ASN PA 133 57.91 -86.85 -30.31
N THR PA 134 57.50 -87.30 -29.14
CA THR PA 134 58.41 -87.83 -28.13
C THR PA 134 58.26 -89.35 -28.06
N LYS PA 135 59.35 -90.06 -28.31
CA LYS PA 135 59.36 -91.52 -28.28
C LYS PA 135 59.31 -91.99 -26.83
N LEU PA 136 58.39 -92.91 -26.54
CA LEU PA 136 58.15 -93.31 -25.15
C LEU PA 136 58.76 -94.64 -24.76
N LEU PA 137 59.22 -95.44 -25.71
CA LEU PA 137 59.70 -96.78 -25.40
C LEU PA 137 61.18 -96.96 -25.73
N THR PA 138 61.92 -95.87 -25.89
CA THR PA 138 63.32 -95.95 -26.27
C THR PA 138 64.24 -95.47 -25.16
N GLY PA 139 63.78 -95.45 -23.91
CA GLY PA 139 64.62 -95.23 -22.77
C GLY PA 139 64.68 -93.80 -22.27
N THR PA 140 63.99 -92.87 -22.92
CA THR PA 140 63.98 -91.50 -22.43
C THR PA 140 63.11 -91.39 -21.19
N PHE PA 141 62.32 -92.42 -20.91
CA PHE PA 141 61.57 -92.51 -19.67
C PHE PA 141 62.13 -93.60 -18.76
N SER PA 142 63.40 -93.97 -18.95
CA SER PA 142 64.05 -94.93 -18.08
C SER PA 142 64.17 -94.44 -16.65
N ALA PA 143 64.52 -93.17 -16.46
CA ALA PA 143 64.54 -92.53 -15.15
C ALA PA 143 63.29 -91.65 -15.11
N GLY PA 144 62.28 -92.11 -14.37
CA GLY PA 144 60.95 -91.53 -14.39
C GLY PA 144 60.86 -90.03 -14.50
N LYS PA 145 60.05 -89.54 -15.42
CA LYS PA 145 59.80 -88.11 -15.55
C LYS PA 145 58.76 -87.66 -14.52
N VAL PA 146 58.63 -86.35 -14.38
CA VAL PA 146 57.89 -85.77 -13.25
C VAL PA 146 56.74 -84.93 -13.77
N PHE PA 147 55.57 -85.13 -13.17
CA PHE PA 147 54.40 -84.28 -13.37
C PHE PA 147 53.95 -83.72 -12.04
N GLN PA 148 53.58 -82.44 -12.01
CA GLN PA 148 53.14 -81.78 -10.78
C GLN PA 148 51.62 -81.69 -10.77
N VAL PA 149 51.01 -82.27 -9.74
CA VAL PA 149 49.55 -82.38 -9.66
C VAL PA 149 48.96 -81.52 -8.55
N GLY PA 150 49.80 -80.81 -7.80
CA GLY PA 150 49.34 -79.91 -6.77
C GLY PA 150 49.65 -78.48 -7.14
N HIS PA 151 49.41 -77.58 -6.19
CA HIS PA 151 49.71 -76.17 -6.41
C HIS PA 151 50.95 -75.68 -5.68
N GLN PA 152 51.69 -76.58 -5.04
CA GLN PA 152 52.92 -76.22 -4.35
C GLN PA 152 54.03 -77.18 -4.74
N GLU PA 153 55.26 -76.78 -4.41
CA GLU PA 153 56.42 -77.61 -4.71
C GLU PA 153 56.35 -78.93 -3.96
N GLY PA 154 56.82 -79.99 -4.60
CA GLY PA 154 56.88 -81.30 -3.98
C GLY PA 154 55.66 -82.18 -4.19
N GLU PA 155 54.61 -81.67 -4.82
CA GLU PA 155 53.42 -82.46 -5.13
C GLU PA 155 53.56 -83.02 -6.54
N ASP PA 156 54.40 -84.04 -6.68
CA ASP PA 156 54.75 -84.56 -7.99
C ASP PA 156 54.46 -86.06 -8.08
N ILE PA 157 54.24 -86.51 -9.30
CA ILE PA 157 54.05 -87.92 -9.63
C ILE PA 157 55.10 -88.31 -10.66
N LYS PA 158 55.67 -89.50 -10.50
CA LYS PA 158 56.74 -89.98 -11.35
C LYS PA 158 56.28 -91.17 -12.17
N VAL PA 159 56.49 -91.10 -13.48
CA VAL PA 159 56.12 -92.18 -14.39
C VAL PA 159 57.39 -92.72 -15.03
N THR PA 160 57.65 -94.01 -14.86
CA THR PA 160 58.85 -94.66 -15.37
C THR PA 160 58.45 -95.72 -16.39
N VAL PA 161 59.04 -95.63 -17.59
CA VAL PA 161 58.82 -96.60 -18.65
C VAL PA 161 60.18 -97.10 -19.10
N LYS PA 162 60.47 -98.37 -18.84
CA LYS PA 162 61.75 -98.92 -19.24
C LYS PA 162 61.75 -99.22 -20.74
N ALA PA 163 62.94 -99.23 -21.32
CA ALA PA 163 63.06 -99.46 -22.75
C ALA PA 163 62.65 -100.88 -23.10
N SER PA 164 61.87 -101.03 -24.17
CA SER PA 164 61.37 -102.32 -24.61
C SER PA 164 61.47 -102.43 -26.12
N ASN PA 165 62.47 -103.15 -26.59
CA ASN PA 165 62.69 -103.41 -28.00
C ASN PA 165 63.42 -104.74 -28.12
N LYS PA 166 63.79 -105.12 -29.34
CA LYS PA 166 64.28 -106.48 -29.55
C LYS PA 166 65.63 -106.72 -28.89
N THR PA 167 66.55 -105.75 -28.94
CA THR PA 167 67.82 -105.94 -28.24
C THR PA 167 67.63 -105.93 -26.74
N SER PA 168 66.69 -105.12 -26.25
CA SER PA 168 66.44 -105.04 -24.81
C SER PA 168 65.91 -106.36 -24.27
N LEU PA 169 64.96 -106.98 -24.98
CA LEU PA 169 64.31 -108.20 -24.52
C LEU PA 169 65.12 -109.46 -24.82
N SER PA 170 66.38 -109.30 -25.19
CA SER PA 170 67.28 -110.42 -25.47
C SER PA 170 66.73 -111.32 -26.57
N VAL PA 171 66.27 -110.68 -27.65
CA VAL PA 171 65.89 -111.39 -28.86
C VAL PA 171 66.56 -110.68 -30.04
N GLY PA 172 66.64 -111.36 -31.18
CA GLY PA 172 67.33 -110.81 -32.32
C GLY PA 172 68.26 -111.83 -32.94
N ALA PA 173 68.69 -112.80 -32.12
CA ALA PA 173 69.44 -113.95 -32.59
C ALA PA 173 68.78 -115.21 -32.04
N LEU PA 174 67.82 -115.74 -32.80
CA LEU PA 174 67.10 -116.95 -32.41
C LEU PA 174 67.17 -117.95 -33.53
N ASN PA 175 67.89 -119.05 -33.30
CA ASN PA 175 68.01 -120.14 -34.27
C ASN PA 175 67.22 -121.34 -33.78
N ASN PA 176 66.94 -122.27 -34.70
CA ASN PA 176 66.21 -123.48 -34.37
C ASN PA 176 66.77 -124.71 -35.08
N ALA PA 177 68.07 -124.74 -35.34
CA ALA PA 177 68.67 -125.86 -36.05
C ALA PA 177 68.98 -127.03 -35.12
N THR PA 178 69.86 -126.81 -34.15
CA THR PA 178 70.30 -127.88 -33.27
C THR PA 178 69.35 -128.10 -32.10
N SER PA 179 69.58 -129.16 -31.33
CA SER PA 179 68.75 -129.41 -30.15
C SER PA 179 68.95 -128.31 -29.12
N ALA PA 180 70.19 -127.90 -28.89
CA ALA PA 180 70.46 -126.88 -27.88
C ALA PA 180 69.93 -125.51 -28.31
N ASN PA 181 69.87 -125.27 -29.61
CA ASN PA 181 69.42 -123.96 -30.10
C ASN PA 181 67.96 -123.70 -29.75
N ARG PA 182 67.10 -124.71 -29.91
CA ARG PA 182 65.69 -124.52 -29.60
C ARG PA 182 65.45 -124.39 -28.10
N ALA PA 183 66.19 -125.13 -27.29
CA ALA PA 183 66.00 -125.05 -25.84
C ALA PA 183 66.37 -123.66 -25.32
N SER PA 184 67.45 -123.08 -25.82
CA SER PA 184 67.85 -121.75 -25.38
C SER PA 184 66.85 -120.69 -25.86
N SER PA 185 66.31 -120.86 -27.06
CA SER PA 185 65.36 -119.89 -27.60
C SER PA 185 64.08 -119.85 -26.79
N LEU PA 186 63.60 -121.01 -26.35
CA LEU PA 186 62.34 -121.06 -25.61
C LEU PA 186 62.43 -120.33 -24.28
N ALA PA 187 63.56 -120.45 -23.57
CA ALA PA 187 63.68 -119.79 -22.28
C ALA PA 187 63.66 -118.28 -22.42
N LYS PA 188 64.31 -117.73 -23.46
CA LYS PA 188 64.39 -116.29 -23.60
C LYS PA 188 63.04 -115.68 -23.93
N ILE PA 189 62.22 -116.37 -24.72
CA ILE PA 189 60.88 -115.86 -25.02
C ILE PA 189 60.03 -115.84 -23.76
N ASP PA 190 60.11 -116.89 -22.94
CA ASP PA 190 59.35 -116.92 -21.69
C ASP PA 190 59.78 -115.79 -20.77
N ALA PA 191 61.08 -115.54 -20.67
CA ALA PA 191 61.55 -114.41 -19.86
C ALA PA 191 61.10 -113.09 -20.44
N ALA PA 192 60.94 -113.01 -21.77
CA ALA PA 192 60.49 -111.78 -22.39
C ALA PA 192 59.06 -111.43 -21.98
N ILE PA 193 58.17 -112.43 -21.95
CA ILE PA 193 56.79 -112.17 -21.57
C ILE PA 193 56.70 -111.71 -20.13
N LYS PA 194 57.52 -112.28 -19.24
CA LYS PA 194 57.51 -111.88 -17.84
C LYS PA 194 57.92 -110.42 -17.68
N THR PA 195 58.93 -109.98 -18.42
CA THR PA 195 59.39 -108.60 -18.29
C THR PA 195 58.33 -107.62 -18.74
N ILE PA 196 57.66 -107.90 -19.85
CA ILE PA 196 56.59 -107.02 -20.33
C ILE PA 196 55.43 -107.01 -19.33
N ASP PA 197 55.11 -108.18 -18.77
CA ASP PA 197 54.00 -108.28 -17.83
C ASP PA 197 54.23 -107.40 -16.62
N SER PA 198 55.44 -107.40 -16.07
CA SER PA 198 55.73 -106.57 -14.91
C SER PA 198 55.66 -105.09 -15.27
N GLN PA 199 56.07 -104.74 -16.50
CA GLN PA 199 56.02 -103.35 -16.92
C GLN PA 199 54.58 -102.85 -17.01
N ARG PA 200 53.68 -103.68 -17.53
CA ARG PA 200 52.28 -103.29 -17.64
C ARG PA 200 51.66 -103.08 -16.27
N ALA PA 201 51.99 -103.94 -15.31
CA ALA PA 201 51.46 -103.79 -13.96
C ALA PA 201 51.92 -102.48 -13.33
N ASP PA 202 53.18 -102.10 -13.56
CA ASP PA 202 53.68 -100.85 -13.01
C ASP PA 202 52.95 -99.65 -13.60
N LEU PA 203 52.67 -99.67 -14.90
CA LEU PA 203 51.96 -98.55 -15.52
C LEU PA 203 50.50 -98.50 -15.10
N GLY PA 204 49.88 -99.67 -14.90
CA GLY PA 204 48.50 -99.69 -14.45
C GLY PA 204 48.33 -99.12 -13.06
N ALA PA 205 49.28 -99.39 -12.16
CA ALA PA 205 49.19 -98.89 -10.80
C ALA PA 205 49.24 -97.36 -10.77
N VAL PA 206 50.08 -96.76 -11.61
CA VAL PA 206 50.21 -95.31 -11.62
C VAL PA 206 48.91 -94.65 -12.06
N GLN PA 207 48.26 -95.19 -13.10
CA GLN PA 207 47.04 -94.56 -13.58
C GLN PA 207 45.85 -94.87 -12.68
N ASN PA 208 45.87 -95.99 -11.96
CA ASN PA 208 44.95 -96.14 -10.84
C ASN PA 208 45.25 -95.11 -9.76
N ARG PA 209 46.53 -94.86 -9.51
CA ARG PA 209 46.93 -93.83 -8.55
C ARG PA 209 46.49 -92.45 -9.00
N LEU PA 210 46.69 -92.12 -10.28
CA LEU PA 210 46.35 -90.78 -10.76
C LEU PA 210 44.86 -90.51 -10.75
N ALA PA 211 44.04 -91.54 -10.96
CA ALA PA 211 42.60 -91.33 -10.97
C ALA PA 211 42.08 -90.84 -9.63
N HIS PA 212 42.69 -91.30 -8.53
CA HIS PA 212 42.24 -90.89 -7.21
C HIS PA 212 42.65 -89.46 -6.89
N ASN PA 213 43.76 -88.97 -7.45
CA ASN PA 213 44.13 -87.57 -7.27
C ASN PA 213 43.10 -86.63 -7.88
N ILE PA 214 42.62 -86.96 -9.09
CA ILE PA 214 41.67 -86.09 -9.77
C ILE PA 214 40.38 -85.98 -8.98
N SER PA 215 39.86 -87.11 -8.48
CA SER PA 215 38.63 -87.08 -7.70
C SER PA 215 38.82 -86.26 -6.43
N ASN PA 216 39.96 -86.44 -5.75
CA ASN PA 216 40.23 -85.66 -4.56
C ASN PA 216 40.39 -84.18 -4.87
N SER PA 217 41.08 -83.85 -5.97
CA SER PA 217 41.25 -82.46 -6.34
C SER PA 217 39.94 -81.80 -6.75
N ALA PA 218 39.05 -82.55 -7.39
CA ALA PA 218 37.74 -82.00 -7.75
C ALA PA 218 36.93 -81.68 -6.50
N ASN PA 219 36.98 -82.55 -5.50
CA ASN PA 219 36.25 -82.29 -4.26
C ASN PA 219 36.81 -81.08 -3.53
N THR PA 220 38.14 -81.01 -3.36
CA THR PA 220 38.72 -79.92 -2.60
C THR PA 220 38.54 -78.58 -3.30
N GLN PA 221 38.45 -78.59 -4.63
CA GLN PA 221 38.23 -77.34 -5.36
C GLN PA 221 36.88 -76.72 -5.01
N ALA PA 222 35.84 -77.56 -4.89
CA ALA PA 222 34.51 -77.05 -4.58
C ALA PA 222 34.46 -76.43 -3.19
N ASN PA 223 35.07 -77.10 -2.21
CA ASN PA 223 35.05 -76.59 -0.85
C ASN PA 223 35.83 -75.28 -0.69
N VAL PA 224 36.95 -75.14 -1.39
CA VAL PA 224 37.68 -73.87 -1.35
C VAL PA 224 36.87 -72.75 -1.99
N ALA PA 225 36.12 -73.07 -3.05
CA ALA PA 225 35.24 -72.07 -3.65
C ALA PA 225 34.18 -71.61 -2.65
N ASP PA 226 33.65 -72.52 -1.83
CA ASP PA 226 32.77 -72.13 -0.75
C ASP PA 226 33.44 -71.13 0.18
N ALA PA 227 34.64 -71.45 0.64
CA ALA PA 227 35.32 -70.59 1.61
C ALA PA 227 35.62 -69.22 1.03
N LYS PA 228 36.02 -69.18 -0.25
CA LYS PA 228 36.40 -67.93 -0.88
C LYS PA 228 35.22 -67.01 -1.14
N SER PA 229 34.03 -67.57 -1.40
CA SER PA 229 32.88 -66.72 -1.69
C SER PA 229 32.33 -66.06 -0.44
N ARG PA 230 32.42 -66.72 0.72
CA ARG PA 230 31.88 -66.12 1.93
C ARG PA 230 32.65 -64.86 2.32
N ILE PA 231 33.86 -64.70 1.81
CA ILE PA 231 34.71 -63.58 2.21
C ILE PA 231 34.57 -62.40 1.26
N VAL PA 232 34.55 -62.63 -0.05
CA VAL PA 232 34.64 -61.55 -1.02
C VAL PA 232 33.33 -61.25 -1.74
N ASP PA 233 32.32 -62.11 -1.63
CA ASP PA 233 31.11 -61.98 -2.42
C ASP PA 233 30.01 -61.31 -1.61
N VAL PA 234 29.16 -60.56 -2.30
CA VAL PA 234 28.07 -59.84 -1.65
C VAL PA 234 26.86 -60.75 -1.52
N ASP PA 235 26.03 -60.47 -0.51
CA ASP PA 235 24.71 -61.08 -0.39
C ASP PA 235 23.69 -60.06 -0.85
N PHE PA 236 22.99 -60.37 -1.93
CA PHE PA 236 22.07 -59.39 -2.51
C PHE PA 236 20.94 -59.04 -1.56
N ALA PA 237 20.52 -59.98 -0.71
CA ALA PA 237 19.50 -59.68 0.29
C ALA PA 237 20.00 -58.58 1.21
N LYS PA 238 21.24 -58.69 1.66
CA LYS PA 238 21.83 -57.65 2.49
C LYS PA 238 22.00 -56.35 1.71
N GLU PA 239 22.49 -56.44 0.47
CA GLU PA 239 22.84 -55.24 -0.28
C GLU PA 239 21.62 -54.50 -0.78
N THR PA 240 20.60 -55.23 -1.25
CA THR PA 240 19.41 -54.56 -1.79
C THR PA 240 18.69 -53.76 -0.71
N SER PA 241 18.60 -54.31 0.50
CA SER PA 241 17.96 -53.57 1.59
C SER PA 241 18.72 -52.29 1.89
N ALA PA 242 20.05 -52.34 1.90
CA ALA PA 242 20.83 -51.14 2.18
C ALA PA 242 20.66 -50.10 1.08
N MET PA 243 20.62 -50.54 -0.17
CA MET PA 243 20.46 -49.60 -1.29
C MET PA 243 19.13 -48.87 -1.22
N THR PA 244 18.04 -49.60 -1.00
CA THR PA 244 16.75 -48.97 -0.78
C THR PA 244 16.75 -48.17 0.51
N LYS PA 245 17.59 -48.57 1.47
CA LYS PA 245 17.61 -47.92 2.77
C LYS PA 245 18.08 -46.47 2.62
N TYR PA 246 19.12 -46.26 1.81
CA TYR PA 246 19.72 -44.95 1.61
C TYR PA 246 18.97 -44.08 0.62
N GLN PA 247 18.19 -44.68 -0.29
CA GLN PA 247 17.40 -43.89 -1.23
C GLN PA 247 16.41 -43.02 -0.50
N VAL PA 248 15.75 -43.57 0.51
CA VAL PA 248 14.79 -42.81 1.31
C VAL PA 248 15.50 -41.69 2.05
N LEU PA 249 16.67 -41.99 2.61
CA LEU PA 249 17.41 -40.98 3.37
C LEU PA 249 17.85 -39.82 2.49
N GLN PA 250 18.12 -40.10 1.20
CA GLN PA 250 18.52 -39.03 0.29
C GLN PA 250 17.38 -38.04 0.06
N GLN PA 251 16.19 -38.54 -0.23
CA GLN PA 251 15.05 -37.66 -0.44
C GLN PA 251 14.65 -36.94 0.84
N THR PA 252 14.79 -37.61 1.98
CA THR PA 252 14.58 -36.94 3.26
C THR PA 252 15.60 -35.84 3.47
N GLY PA 253 16.86 -36.10 3.16
CA GLY PA 253 17.90 -35.10 3.34
C GLY PA 253 17.73 -33.90 2.43
N SER PA 254 17.30 -34.12 1.19
CA SER PA 254 17.12 -33.03 0.25
C SER PA 254 15.98 -32.09 0.66
N ALA PA 255 14.86 -32.66 1.13
CA ALA PA 255 13.76 -31.81 1.58
C ALA PA 255 14.13 -31.03 2.83
N MET PA 256 14.86 -31.64 3.76
CA MET PA 256 15.27 -30.94 4.97
C MET PA 256 16.24 -29.81 4.64
N LEU PA 257 17.19 -30.07 3.74
CA LEU PA 257 18.17 -29.04 3.40
C LEU PA 257 17.54 -27.87 2.65
N ALA PA 258 16.64 -28.15 1.71
CA ALA PA 258 15.98 -27.07 0.98
C ALA PA 258 15.14 -26.20 1.92
N GLN PA 259 14.45 -26.83 2.86
CA GLN PA 259 13.61 -26.08 3.78
C GLN PA 259 14.42 -25.35 4.84
N ALA PA 260 15.57 -25.90 5.21
CA ALA PA 260 16.43 -25.24 6.19
C ALA PA 260 17.13 -24.03 5.58
N ASN PA 261 17.25 -23.98 4.26
CA ASN PA 261 17.92 -22.86 3.61
C ASN PA 261 17.12 -21.57 3.70
N GLN PA 262 15.80 -21.65 3.78
CA GLN PA 262 14.96 -20.45 3.86
C GLN PA 262 14.56 -20.10 5.28
N LEU PA 263 15.28 -20.60 6.27
CA LEU PA 263 15.14 -20.13 7.65
C LEU PA 263 15.45 -18.65 7.81
N PRO PA 264 16.53 -18.11 7.24
CA PRO PA 264 16.86 -16.69 7.48
C PRO PA 264 15.86 -15.70 6.91
N GLN PA 265 14.87 -16.13 6.14
CA GLN PA 265 13.88 -15.21 5.62
C GLN PA 265 12.96 -14.66 6.69
N VAL PA 266 13.01 -15.20 7.90
CA VAL PA 266 12.25 -14.62 9.01
C VAL PA 266 12.71 -13.20 9.29
N ALA PA 267 14.01 -12.91 9.08
CA ALA PA 267 14.54 -11.59 9.33
C ALA PA 267 13.90 -10.51 8.46
N LEU PA 268 13.37 -10.87 7.30
CA LEU PA 268 12.67 -9.92 6.46
C LEU PA 268 11.29 -9.54 6.99
N SER PA 269 10.70 -10.36 7.84
CA SER PA 269 9.40 -10.02 8.40
C SER PA 269 9.49 -8.87 9.38
N LEU PA 270 10.60 -8.75 10.11
CA LEU PA 270 10.76 -7.71 11.13
C LEU PA 270 11.30 -6.43 10.49
N LEU PA 271 10.60 -5.97 9.46
CA LEU PA 271 10.86 -4.69 8.83
C LEU PA 271 12.31 -4.62 8.35
N GLY PA 272 12.64 -5.43 7.34
CA GLY PA 272 13.95 -5.38 6.73
C GLY PA 272 15.10 -5.70 7.65
N ALA QA 1 13.79 35.68 35.97
CA ALA QA 1 14.48 34.65 35.22
C ALA QA 1 14.04 34.64 33.76
N ILE QA 2 13.89 35.83 33.19
CA ILE QA 2 13.51 35.97 31.79
C ILE QA 2 14.64 36.61 31.01
N THR QA 3 15.45 35.80 30.36
CA THR QA 3 16.63 36.29 29.67
C THR QA 3 16.49 36.14 28.16
N VAL QA 4 17.25 36.95 27.43
CA VAL QA 4 17.21 36.93 25.97
C VAL QA 4 18.62 36.79 25.42
N ASN QA 5 19.57 36.38 26.26
CA ASN QA 5 20.95 36.17 25.82
C ASN QA 5 21.38 34.71 25.83
N THR QA 6 20.87 33.90 26.76
CA THR QA 6 21.19 32.49 26.82
C THR QA 6 19.92 31.67 26.97
N ASN QA 7 19.85 30.56 26.23
CA ASN QA 7 18.72 29.62 26.29
C ASN QA 7 19.28 28.27 26.69
N VAL QA 8 19.38 28.05 28.00
CA VAL QA 8 19.91 26.79 28.51
C VAL QA 8 18.96 25.64 28.23
N THR QA 9 17.66 25.94 28.15
CA THR QA 9 16.70 24.91 27.76
C THR QA 9 17.03 24.36 26.38
N SER QA 10 17.41 25.24 25.45
CA SER QA 10 17.83 24.80 24.13
C SER QA 10 19.11 23.96 24.21
N MET QA 11 20.06 24.39 25.05
CA MET QA 11 21.32 23.67 25.16
C MET QA 11 21.10 22.23 25.62
N LYS QA 12 20.26 22.03 26.63
CA LYS QA 12 19.96 20.67 27.08
C LYS QA 12 19.19 19.91 26.02
N ALA QA 13 18.25 20.59 25.33
CA ALA QA 13 17.47 19.92 24.30
C ALA QA 13 18.35 19.48 23.14
N GLN QA 14 19.34 20.30 22.76
CA GLN QA 14 20.22 19.95 21.65
C GLN QA 14 21.00 18.68 21.94
N LYS QA 15 21.51 18.54 23.16
CA LYS QA 15 22.31 17.37 23.51
C LYS QA 15 21.50 16.08 23.40
N ASN QA 16 20.25 16.12 23.84
CA ASN QA 16 19.42 14.93 23.80
C ASN QA 16 19.15 14.50 22.37
N LEU QA 17 18.93 15.47 21.48
CA LEU QA 17 18.70 15.14 20.07
C LEU QA 17 19.94 14.51 19.44
N ASN QA 18 21.12 15.01 19.80
CA ASN QA 18 22.36 14.44 19.25
C ASN QA 18 22.53 12.99 19.67
N THR QA 19 22.23 12.68 20.94
CA THR QA 19 22.35 11.31 21.42
C THR QA 19 21.39 10.37 20.70
N SER QA 20 20.15 10.80 20.51
CA SER QA 20 19.18 9.96 19.81
C SER QA 20 19.50 9.78 18.34
N ASN QA 21 20.09 10.79 17.70
CA ASN QA 21 20.49 10.66 16.30
C ASN QA 21 21.67 9.72 16.13
N SER QA 22 22.64 9.76 17.05
CA SER QA 22 23.80 8.89 16.97
C SER QA 22 23.42 7.43 17.19
N GLY QA 23 22.48 7.17 18.11
CA GLY QA 23 22.02 5.82 18.34
C GLY QA 23 21.28 5.24 17.15
N LEU QA 24 20.50 6.09 16.46
CA LEU QA 24 19.80 5.64 15.26
C LEU QA 24 20.79 5.27 14.16
N SER QA 25 21.85 6.07 14.01
CA SER QA 25 22.82 5.83 12.95
C SER QA 25 23.56 4.51 13.17
N THR QA 26 24.00 4.25 14.41
CA THR QA 26 24.77 3.05 14.67
C THR QA 26 23.93 1.78 14.52
N SER QA 27 22.62 1.89 14.74
CA SER QA 27 21.76 0.72 14.56
C SER QA 27 21.58 0.36 13.09
N MET QA 28 21.55 1.35 12.20
CA MET QA 28 21.36 1.07 10.79
C MET QA 28 22.54 0.33 10.19
N GLU QA 29 23.76 0.73 10.54
CA GLU QA 29 24.94 0.09 9.96
C GLU QA 29 25.11 -1.33 10.48
N ARG QA 30 24.74 -1.60 11.73
CA ARG QA 30 24.73 -2.98 12.21
C ARG QA 30 23.70 -3.81 11.46
N LEU QA 31 22.54 -3.24 11.15
CA LEU QA 31 21.54 -3.95 10.38
C LEU QA 31 21.90 -4.09 8.91
N SER QA 32 22.61 -3.12 8.34
CA SER QA 32 22.92 -3.16 6.91
C SER QA 32 24.01 -4.17 6.59
N SER QA 33 24.85 -4.52 7.56
CA SER QA 33 25.92 -5.49 7.35
C SER QA 33 25.60 -6.83 8.01
N GLY QA 34 25.20 -6.80 9.29
CA GLY QA 34 24.87 -8.02 9.98
C GLY QA 34 25.90 -8.41 11.02
N LEU QA 35 26.73 -7.45 11.42
CA LEU QA 35 27.78 -7.70 12.38
C LEU QA 35 27.65 -6.73 13.56
N ARG QA 36 27.70 -7.29 14.77
CA ARG QA 36 27.71 -6.45 15.96
C ARG QA 36 29.02 -5.70 16.13
N ILE QA 37 30.14 -6.39 15.97
CA ILE QA 37 31.45 -5.76 16.09
C ILE QA 37 31.90 -5.28 14.72
N ASN QA 38 31.44 -4.09 14.33
CA ASN QA 38 31.87 -3.48 13.08
C ASN QA 38 33.27 -2.89 13.25
N SER QA 39 33.44 -2.05 14.26
CA SER QA 39 34.72 -1.44 14.56
C SER QA 39 35.17 -1.83 15.96
N ALA QA 40 36.29 -1.25 16.38
CA ALA QA 40 36.82 -1.48 17.72
C ALA QA 40 36.09 -0.66 18.78
N LYS QA 41 35.05 0.08 18.41
CA LYS QA 41 34.22 0.72 19.42
C LYS QA 41 33.69 -0.31 20.40
N ASP QA 42 33.21 -1.43 19.87
CA ASP QA 42 32.54 -2.49 20.61
C ASP QA 42 33.54 -3.38 21.31
N ASP QA 43 33.11 -4.59 21.66
CA ASP QA 43 33.93 -5.50 22.46
C ASP QA 43 35.36 -5.59 21.93
N ALA QA 44 36.31 -5.09 22.71
CA ALA QA 44 37.71 -5.18 22.32
C ALA QA 44 38.20 -6.61 22.34
N ALA QA 45 37.77 -7.39 23.34
CA ALA QA 45 38.15 -8.79 23.43
C ALA QA 45 37.40 -9.65 22.42
N GLY QA 46 36.20 -9.23 22.01
CA GLY QA 46 35.43 -10.05 21.08
C GLY QA 46 36.10 -10.18 19.73
N LEU QA 47 36.62 -9.08 19.20
CA LEU QA 47 37.24 -9.12 17.88
C LEU QA 47 38.53 -9.94 17.90
N ALA QA 48 39.28 -9.88 19.00
CA ALA QA 48 40.49 -10.68 19.11
C ALA QA 48 40.16 -12.17 19.12
N ILE QA 49 39.13 -12.56 19.89
CA ILE QA 49 38.73 -13.96 19.93
C ILE QA 49 38.21 -14.40 18.57
N SER QA 50 37.43 -13.55 17.91
CA SER QA 50 36.83 -13.91 16.63
C SER QA 50 37.90 -14.15 15.57
N ASN QA 51 39.01 -13.42 15.65
CA ASN QA 51 40.07 -13.57 14.67
C ASN QA 51 40.67 -14.98 14.73
N ARG QA 52 40.92 -15.48 15.94
CA ARG QA 52 41.41 -16.85 16.06
C ARG QA 52 40.36 -17.88 15.67
N LEU QA 53 39.09 -17.65 16.00
CA LEU QA 53 38.04 -18.54 15.54
C LEU QA 53 37.91 -18.50 14.02
N ASN QA 54 38.09 -17.33 13.42
CA ASN QA 54 38.08 -17.24 11.97
C ASN QA 54 39.22 -18.04 11.36
N SER QA 55 40.39 -18.01 11.99
CA SER QA 55 41.51 -18.80 11.50
C SER QA 55 41.22 -20.29 11.57
N GLN QA 56 40.57 -20.75 12.63
CA GLN QA 56 40.24 -22.17 12.75
C GLN QA 56 39.24 -22.61 11.68
N VAL QA 57 38.22 -21.79 11.43
CA VAL QA 57 37.20 -22.14 10.45
C VAL QA 57 37.81 -22.23 9.06
N ARG QA 58 38.55 -21.20 8.66
CA ARG QA 58 39.18 -21.21 7.35
C ARG QA 58 40.35 -22.19 7.32
N GLY QA 59 41.05 -22.35 8.44
CA GLY QA 59 42.13 -23.32 8.50
C GLY QA 59 41.66 -24.74 8.26
N LEU QA 60 40.54 -25.12 8.88
CA LEU QA 60 39.99 -26.45 8.66
C LEU QA 60 39.56 -26.65 7.22
N GLU QA 61 38.95 -25.63 6.61
CA GLU QA 61 38.44 -25.79 5.26
C GLU QA 61 39.56 -26.11 4.27
N VAL QA 62 40.71 -25.45 4.41
CA VAL QA 62 41.86 -25.81 3.59
C VAL QA 62 42.38 -27.19 3.98
N GLY QA 63 42.32 -27.51 5.27
CA GLY QA 63 42.77 -28.82 5.72
C GLY QA 63 41.91 -29.95 5.18
N MET QA 64 40.62 -29.70 5.01
CA MET QA 64 39.74 -30.71 4.42
C MET QA 64 40.17 -31.04 3.00
N ARG QA 65 40.40 -30.02 2.18
CA ARG QA 65 40.85 -30.27 0.82
C ARG QA 65 42.24 -30.89 0.80
N ASN QA 66 43.05 -30.61 1.81
CA ASN QA 66 44.37 -31.21 1.90
C ASN QA 66 44.30 -32.72 2.04
N ALA QA 67 43.33 -33.24 2.80
CA ALA QA 67 43.16 -34.66 3.01
C ALA QA 67 42.43 -35.36 1.86
N ASN QA 68 41.50 -34.67 1.20
CA ASN QA 68 40.88 -35.23 0.00
C ASN QA 68 41.90 -35.51 -1.08
N ASP QA 69 42.95 -34.71 -1.17
CA ASP QA 69 44.05 -34.96 -2.08
C ASP QA 69 44.82 -36.23 -1.73
N ALA QA 70 45.06 -36.46 -0.43
CA ALA QA 70 45.79 -37.66 -0.02
C ALA QA 70 44.99 -38.92 -0.32
N ILE QA 71 43.66 -38.85 -0.22
CA ILE QA 71 42.80 -39.99 -0.49
C ILE QA 71 42.94 -40.39 -1.95
N SER QA 72 42.96 -39.39 -2.84
CA SER QA 72 43.06 -39.68 -4.27
C SER QA 72 44.39 -40.33 -4.62
N ILE QA 73 45.49 -39.87 -4.02
CA ILE QA 73 46.79 -40.49 -4.29
C ILE QA 73 46.79 -41.95 -3.87
N ALA QA 74 46.30 -42.25 -2.67
CA ALA QA 74 46.23 -43.63 -2.22
C ALA QA 74 45.27 -44.44 -3.06
N GLN QA 75 44.25 -43.81 -3.61
CA GLN QA 75 43.29 -44.52 -4.45
C GLN QA 75 43.93 -44.99 -5.76
N ILE QA 76 44.75 -44.15 -6.37
CA ILE QA 76 45.35 -44.51 -7.66
C ILE QA 76 46.39 -45.61 -7.48
N ALA QA 77 47.24 -45.50 -6.46
CA ALA QA 77 48.27 -46.49 -6.24
C ALA QA 77 47.67 -47.86 -5.96
N GLU QA 78 46.59 -47.89 -5.17
CA GLU QA 78 45.92 -49.15 -4.88
C GLU QA 78 45.36 -49.79 -6.14
N GLY QA 79 44.78 -48.98 -7.03
CA GLY QA 79 44.21 -49.51 -8.24
C GLY QA 79 45.24 -50.17 -9.14
N ALA QA 80 46.43 -49.57 -9.24
CA ALA QA 80 47.46 -50.13 -10.11
C ALA QA 80 48.01 -51.44 -9.57
N MET QA 81 48.12 -51.58 -8.24
CA MET QA 81 48.67 -52.81 -7.68
C MET QA 81 47.72 -53.99 -7.88
N GLN QA 82 46.43 -53.73 -8.07
CA GLN QA 82 45.50 -54.82 -8.34
C GLN QA 82 45.82 -55.50 -9.66
N GLU QA 83 46.16 -54.72 -10.68
CA GLU QA 83 46.46 -55.33 -11.98
C GLU QA 83 47.78 -56.07 -11.96
N GLN QA 84 48.74 -55.63 -11.14
CA GLN QA 84 49.98 -56.38 -11.00
C GLN QA 84 49.73 -57.72 -10.33
N THR QA 85 48.75 -57.79 -9.42
CA THR QA 85 48.44 -59.04 -8.76
C THR QA 85 47.85 -60.06 -9.73
N ASN QA 86 46.95 -59.63 -10.62
CA ASN QA 86 46.35 -60.56 -11.57
C ASN QA 86 47.38 -61.15 -12.54
N MET QA 87 48.30 -60.34 -13.05
CA MET QA 87 49.32 -60.88 -13.94
C MET QA 87 50.29 -61.79 -13.23
N LEU QA 88 50.58 -61.54 -11.96
CA LEU QA 88 51.43 -62.45 -11.21
C LEU QA 88 50.77 -63.80 -11.01
N GLN QA 89 49.45 -63.82 -10.86
CA GLN QA 89 48.74 -65.09 -10.74
C GLN QA 89 48.84 -65.91 -12.02
N ARG QA 90 48.77 -65.25 -13.17
CA ARG QA 90 48.92 -65.97 -14.43
C ARG QA 90 50.32 -66.54 -14.60
N MET QA 91 51.34 -65.87 -14.07
CA MET QA 91 52.69 -66.44 -14.10
C MET QA 91 52.79 -67.71 -13.26
N ARG QA 92 52.04 -67.78 -12.16
CA ARG QA 92 52.03 -69.01 -11.36
C ARG QA 92 51.49 -70.19 -12.15
N ASP QA 93 50.41 -69.97 -12.90
CA ASP QA 93 49.82 -71.06 -13.68
C ASP QA 93 50.78 -71.54 -14.77
N LEU QA 94 51.48 -70.61 -15.43
CA LEU QA 94 52.43 -71.00 -16.46
C LEU QA 94 53.59 -71.82 -15.89
N THR QA 95 54.10 -71.45 -14.71
CA THR QA 95 55.12 -72.26 -14.06
C THR QA 95 54.61 -73.64 -13.70
N ILE QA 96 53.38 -73.75 -13.20
CA ILE QA 96 52.81 -75.06 -12.95
C ILE QA 96 52.59 -75.81 -14.27
N GLN QA 97 52.10 -75.12 -15.29
CA GLN QA 97 51.90 -75.74 -16.60
C GLN QA 97 53.22 -76.15 -17.25
N SER QA 98 54.31 -75.47 -16.94
CA SER QA 98 55.59 -75.76 -17.54
C SER QA 98 56.31 -76.95 -16.93
N GLU QA 99 55.61 -77.78 -16.15
CA GLU QA 99 56.25 -78.84 -15.41
C GLU QA 99 55.80 -80.20 -15.95
N ASN QA 100 55.07 -80.22 -17.06
CA ASN QA 100 54.69 -81.48 -17.70
C ASN QA 100 55.92 -82.25 -18.16
N GLY QA 101 55.83 -83.57 -18.10
CA GLY QA 101 56.87 -84.41 -18.65
C GLY QA 101 56.62 -84.76 -20.10
N ALA QA 102 55.49 -84.32 -20.63
CA ALA QA 102 55.16 -84.53 -22.04
C ALA QA 102 55.51 -83.34 -22.90
N ASN QA 103 56.06 -82.28 -22.32
CA ASN QA 103 56.46 -81.11 -23.08
C ASN QA 103 57.76 -81.43 -23.83
N SER QA 104 58.32 -80.44 -24.51
CA SER QA 104 59.59 -80.61 -25.18
C SER QA 104 60.38 -79.32 -25.03
N THR QA 105 61.61 -79.34 -25.54
CA THR QA 105 62.46 -78.15 -25.44
C THR QA 105 61.83 -76.96 -26.15
N ALA QA 106 61.23 -77.21 -27.33
CA ALA QA 106 60.56 -76.13 -28.05
C ALA QA 106 59.31 -75.65 -27.34
N ASP QA 107 58.62 -76.54 -26.61
CA ASP QA 107 57.41 -76.15 -25.90
C ASP QA 107 57.72 -75.23 -24.73
N LEU QA 108 58.81 -75.49 -24.01
CA LEU QA 108 59.17 -74.66 -22.88
C LEU QA 108 59.55 -73.25 -23.32
N VAL QA 109 60.12 -73.11 -24.51
CA VAL QA 109 60.48 -71.78 -25.01
C VAL QA 109 59.24 -70.93 -25.25
N SER QA 110 58.17 -71.52 -25.82
CA SER QA 110 56.94 -70.76 -26.04
C SER QA 110 56.32 -70.27 -24.75
N ILE QA 111 56.35 -71.08 -23.69
CA ILE QA 111 55.80 -70.64 -22.42
C ILE QA 111 56.62 -69.49 -21.85
N LYS QA 112 57.94 -69.55 -22.00
CA LYS QA 112 58.78 -68.46 -21.50
C LYS QA 112 58.52 -67.17 -22.27
N ALA QA 113 58.29 -67.25 -23.57
CA ALA QA 113 57.97 -66.07 -24.36
C ALA QA 113 56.72 -65.36 -23.89
N GLU QA 114 55.82 -66.06 -23.21
CA GLU QA 114 54.65 -65.46 -22.59
C GLU QA 114 54.97 -64.86 -21.23
N MET QA 115 55.68 -65.61 -20.37
CA MET QA 115 56.09 -65.08 -19.08
C MET QA 115 56.92 -63.82 -19.25
N ASP QA 116 57.75 -63.78 -20.29
CA ASP QA 116 58.66 -62.66 -20.47
C ASP QA 116 57.91 -61.36 -20.71
N GLN QA 117 56.85 -61.39 -21.52
CA GLN QA 117 56.09 -60.18 -21.79
C GLN QA 117 55.23 -59.75 -20.62
N LEU QA 118 54.72 -60.68 -19.81
CA LEU QA 118 53.98 -60.28 -18.62
C LEU QA 118 54.83 -59.53 -17.62
N ALA QA 119 56.10 -59.93 -17.46
CA ALA QA 119 57.01 -59.20 -16.58
C ALA QA 119 57.33 -57.81 -17.11
N THR QA 120 57.28 -57.61 -18.43
CA THR QA 120 57.52 -56.29 -18.99
C THR QA 120 56.44 -55.30 -18.58
N GLU QA 121 55.17 -55.73 -18.53
CA GLU QA 121 54.12 -54.82 -18.09
C GLU QA 121 54.16 -54.48 -16.62
N ILE QA 122 54.59 -55.42 -15.77
CA ILE QA 122 54.77 -55.09 -14.36
C ILE QA 122 55.77 -53.95 -14.22
N ASP QA 123 56.81 -53.96 -15.06
CA ASP QA 123 57.67 -52.80 -15.19
C ASP QA 123 56.92 -51.60 -15.74
N SER QA 124 56.06 -51.80 -16.75
CA SER QA 124 55.42 -50.68 -17.43
C SER QA 124 54.41 -49.97 -16.54
N ILE QA 125 53.63 -50.73 -15.75
CA ILE QA 125 52.70 -50.07 -14.83
C ILE QA 125 53.46 -49.32 -13.76
N GLY QA 126 54.54 -49.90 -13.24
CA GLY QA 126 55.33 -49.27 -12.20
C GLY QA 126 55.89 -47.93 -12.61
N ASN QA 127 56.30 -47.81 -13.87
CA ASN QA 127 56.90 -46.57 -14.37
C ASN QA 127 55.88 -45.60 -14.95
N SER QA 128 54.59 -45.95 -14.96
CA SER QA 128 53.60 -45.10 -15.62
C SER QA 128 52.63 -44.46 -14.63
N THR QA 129 52.21 -45.21 -13.62
CA THR QA 129 51.21 -44.74 -12.67
C THR QA 129 51.60 -43.40 -12.07
N ALA QA 130 50.81 -42.37 -12.33
CA ALA QA 130 51.18 -41.02 -11.95
C ALA QA 130 49.93 -40.24 -11.59
N PHE QA 131 50.12 -39.17 -10.81
CA PHE QA 131 49.08 -38.24 -10.43
C PHE QA 131 49.32 -36.95 -11.21
N GLY QA 132 48.78 -36.89 -12.42
CA GLY QA 132 49.02 -35.76 -13.28
C GLY QA 132 50.40 -35.81 -13.89
N ASN QA 133 51.42 -35.55 -13.08
CA ASN QA 133 52.79 -35.64 -13.61
C ASN QA 133 53.76 -36.23 -12.60
N THR QA 134 53.32 -36.69 -11.43
CA THR QA 134 54.21 -37.22 -10.41
C THR QA 134 54.05 -38.74 -10.35
N LYS QA 135 55.14 -39.46 -10.58
CA LYS QA 135 55.14 -40.92 -10.56
C LYS QA 135 55.05 -41.39 -9.11
N LEU QA 136 54.13 -42.31 -8.84
CA LEU QA 136 53.85 -42.71 -7.46
C LEU QA 136 54.44 -44.05 -7.07
N LEU QA 137 54.92 -44.86 -8.00
CA LEU QA 137 55.39 -46.20 -7.69
C LEU QA 137 56.87 -46.39 -7.99
N THR QA 138 57.62 -45.29 -8.14
CA THR QA 138 59.03 -45.39 -8.48
C THR QA 138 59.93 -44.92 -7.35
N GLY QA 139 59.44 -44.90 -6.11
CA GLY QA 139 60.27 -44.69 -4.95
C GLY QA 139 60.32 -43.25 -4.45
N THR QA 140 59.65 -42.32 -5.12
CA THR QA 140 59.64 -40.95 -4.61
C THR QA 140 58.75 -40.84 -3.39
N PHE QA 141 57.95 -41.87 -3.13
CA PHE QA 141 57.16 -41.95 -1.90
C PHE QA 141 57.70 -43.05 -0.99
N SER QA 142 58.97 -43.42 -1.15
CA SER QA 142 59.59 -44.40 -0.28
C SER QA 142 59.69 -43.91 1.16
N ALA QA 143 60.05 -42.65 1.37
CA ALA QA 143 60.03 -42.00 2.67
C ALA QA 143 58.80 -41.12 2.69
N GLY QA 144 57.77 -41.57 3.41
CA GLY QA 144 56.45 -40.98 3.36
C GLY QA 144 56.36 -39.48 3.26
N LYS QA 145 55.58 -38.99 2.32
CA LYS QA 145 55.35 -37.56 2.19
C LYS QA 145 54.29 -37.11 3.19
N VAL QA 146 54.16 -35.80 3.35
CA VAL QA 146 53.40 -35.21 4.45
C VAL QA 146 52.26 -34.36 3.92
N PHE QA 147 51.08 -34.55 4.49
CA PHE QA 147 49.92 -33.70 4.27
C PHE QA 147 49.45 -33.14 5.61
N GLN QA 148 49.08 -31.86 5.63
CA GLN QA 148 48.63 -31.20 6.84
C GLN QA 148 47.11 -31.11 6.83
N VAL QA 149 46.46 -31.68 7.84
CA VAL QA 149 45.02 -31.78 7.89
C VAL QA 149 44.40 -30.92 8.98
N GLY QA 150 45.22 -30.22 9.76
CA GLY QA 150 44.76 -29.32 10.78
C GLY QA 150 45.08 -27.89 10.42
N HIS QA 151 44.83 -26.98 11.37
CA HIS QA 151 45.12 -25.58 11.16
C HIS QA 151 46.36 -25.11 11.92
N GLN QA 152 47.09 -26.00 12.57
CA GLN QA 152 48.30 -25.65 13.28
C GLN QA 152 49.42 -26.62 12.92
N GLU QA 153 50.64 -26.24 13.27
CA GLU QA 153 51.80 -27.07 12.99
C GLU QA 153 51.71 -28.39 13.74
N GLY QA 154 52.19 -29.46 13.10
CA GLY QA 154 52.22 -30.76 13.73
C GLY QA 154 51.01 -31.64 13.48
N GLU QA 155 49.97 -31.11 12.83
CA GLU QA 155 48.78 -31.89 12.50
C GLU QA 155 48.96 -32.45 11.09
N ASP QA 156 49.79 -33.48 10.96
CA ASP QA 156 50.16 -34.00 9.66
C ASP QA 156 49.86 -35.49 9.56
N ILE QA 157 49.66 -35.94 8.32
CA ILE QA 157 49.47 -37.34 7.99
C ILE QA 157 50.53 -37.74 6.97
N LYS QA 158 51.10 -38.94 7.15
CA LYS QA 158 52.19 -39.42 6.32
C LYS QA 158 51.73 -40.60 5.49
N VAL QA 159 51.97 -40.54 4.18
CA VAL QA 159 51.61 -41.61 3.26
C VAL QA 159 52.89 -42.15 2.64
N THR QA 160 53.13 -43.45 2.82
CA THR QA 160 54.35 -44.10 2.33
C THR QA 160 53.97 -45.16 1.30
N VAL QA 161 54.56 -45.07 0.11
CA VAL QA 161 54.37 -46.03 -0.96
C VAL QA 161 55.74 -46.53 -1.38
N LYS QA 162 56.02 -47.81 -1.12
CA LYS QA 162 57.30 -48.37 -1.50
C LYS QA 162 57.33 -48.66 -3.00
N ALA QA 163 58.53 -48.67 -3.56
CA ALA QA 163 58.69 -48.91 -4.99
C ALA QA 163 58.26 -50.33 -5.34
N SER QA 164 57.51 -50.46 -6.43
CA SER QA 164 57.00 -51.75 -6.88
C SER QA 164 57.13 -51.85 -8.39
N ASN QA 165 58.15 -52.58 -8.84
CA ASN QA 165 58.39 -52.82 -10.26
C ASN QA 165 59.11 -54.16 -10.36
N LYS QA 166 59.52 -54.53 -11.57
CA LYS QA 166 59.99 -55.90 -11.78
C LYS QA 166 61.33 -56.16 -11.09
N THR QA 167 62.26 -55.19 -11.12
CA THR QA 167 63.52 -55.39 -10.40
C THR QA 167 63.29 -55.38 -8.90
N SER QA 168 62.35 -54.57 -8.42
CA SER QA 168 62.07 -54.51 -6.99
C SER QA 168 61.52 -55.82 -6.47
N LEU QA 169 60.58 -56.42 -7.19
CA LEU QA 169 59.91 -57.64 -6.76
C LEU QA 169 60.71 -58.90 -7.05
N SER QA 170 61.99 -58.76 -7.38
CA SER QA 170 62.89 -59.88 -7.65
C SER QA 170 62.35 -60.77 -8.77
N VAL QA 171 61.92 -60.13 -9.84
CA VAL QA 171 61.56 -60.83 -11.07
C VAL QA 171 62.27 -60.13 -12.23
N GLY QA 172 62.35 -60.80 -13.37
CA GLY QA 172 63.08 -60.25 -14.50
C GLY QA 172 64.01 -61.27 -15.10
N ALA QA 173 64.41 -62.24 -14.28
CA ALA QA 173 65.17 -63.39 -14.74
C ALA QA 173 64.48 -64.65 -14.21
N LEU QA 174 63.55 -65.19 -14.99
CA LEU QA 174 62.80 -66.38 -14.61
C LEU QA 174 62.90 -67.39 -15.74
N ASN QA 175 63.60 -68.49 -15.50
CA ASN QA 175 63.73 -69.57 -16.46
C ASN QA 175 62.93 -70.77 -15.99
N ASN QA 176 62.66 -71.69 -16.92
CA ASN QA 176 61.91 -72.91 -16.62
C ASN QA 176 62.48 -74.13 -17.33
N ALA QA 177 63.79 -74.18 -17.55
CA ALA QA 177 64.40 -75.30 -18.26
C ALA QA 177 64.68 -76.47 -17.33
N THR QA 178 65.53 -76.25 -16.32
CA THR QA 178 65.96 -77.34 -15.45
C THR QA 178 64.98 -77.54 -14.30
N SER QA 179 65.18 -78.62 -13.53
CA SER QA 179 64.34 -78.86 -12.37
C SER QA 179 64.51 -77.77 -11.33
N ALA QA 180 65.76 -77.36 -11.07
CA ALA QA 180 66.01 -76.35 -10.05
C ALA QA 180 65.49 -74.98 -10.48
N ASN QA 181 65.47 -74.72 -11.80
CA ASN QA 181 65.04 -73.43 -12.29
C ASN QA 181 63.57 -73.15 -11.96
N ARG QA 182 62.72 -74.15 -12.14
CA ARG QA 182 61.29 -73.95 -11.86
C ARG QA 182 61.02 -73.82 -10.37
N ALA QA 183 61.74 -74.58 -9.54
CA ALA QA 183 61.52 -74.49 -8.10
C ALA QA 183 61.88 -73.12 -7.56
N SER QA 184 62.98 -72.54 -8.04
CA SER QA 184 63.38 -71.21 -7.60
C SER QA 184 62.40 -70.15 -8.09
N SER QA 185 61.88 -70.31 -9.30
CA SER QA 185 60.95 -69.32 -9.85
C SER QA 185 59.65 -69.28 -9.06
N LEU QA 186 59.16 -70.45 -8.64
CA LEU QA 186 57.88 -70.49 -7.93
C LEU QA 186 57.94 -69.76 -6.60
N ALA QA 187 59.06 -69.89 -5.87
CA ALA QA 187 59.17 -69.24 -4.57
C ALA QA 187 59.15 -67.72 -4.71
N LYS QA 188 59.83 -67.18 -5.72
CA LYS QA 188 59.92 -65.73 -5.86
C LYS QA 188 58.57 -65.12 -6.21
N ILE QA 189 57.77 -65.80 -7.03
CA ILE QA 189 56.45 -65.28 -7.35
C ILE QA 189 55.57 -65.25 -6.10
N ASP QA 190 55.62 -66.31 -5.29
CA ASP QA 190 54.83 -66.34 -4.06
C ASP QA 190 55.24 -65.22 -3.12
N ALA QA 191 56.56 -64.97 -2.99
CA ALA QA 191 57.02 -63.86 -2.17
C ALA QA 191 56.59 -62.52 -2.76
N ALA QA 192 56.46 -62.44 -4.09
CA ALA QA 192 56.02 -61.21 -4.72
C ALA QA 192 54.59 -60.85 -4.33
N ILE QA 193 53.69 -61.85 -4.32
CA ILE QA 193 52.30 -61.57 -3.98
C ILE QA 193 52.19 -61.12 -2.53
N LYS QA 194 52.99 -61.70 -1.64
CA LYS QA 194 52.95 -61.30 -0.24
C LYS QA 194 53.36 -59.84 -0.06
N THR QA 195 54.40 -59.41 -0.77
CA THR QA 195 54.86 -58.03 -0.63
C THR QA 195 53.82 -57.04 -1.10
N ILE QA 196 53.16 -57.31 -2.23
CA ILE QA 196 52.11 -56.42 -2.72
C ILE QA 196 50.93 -56.42 -1.74
N ASP QA 197 50.59 -57.59 -1.19
CA ASP QA 197 49.47 -57.68 -0.29
C ASP QA 197 49.67 -56.81 0.95
N SER QA 198 50.87 -56.82 1.52
CA SER QA 198 51.15 -55.98 2.68
C SER QA 198 51.09 -54.51 2.32
N GLN QA 199 51.53 -54.16 1.11
CA GLN QA 199 51.50 -52.77 0.68
C GLN QA 199 50.06 -52.26 0.57
N ARG QA 200 49.17 -53.08 0.03
CA ARG QA 200 47.77 -52.68 -0.11
C ARG QA 200 47.12 -52.47 1.25
N ALA QA 201 47.43 -53.33 2.22
CA ALA QA 201 46.87 -53.18 3.55
C ALA QA 201 47.33 -51.88 4.20
N ASP QA 202 48.58 -51.51 4.00
CA ASP QA 202 49.09 -50.26 4.56
C ASP QA 202 48.38 -49.05 3.96
N LEU QA 203 48.13 -49.07 2.65
CA LEU QA 203 47.44 -47.95 2.03
C LEU QA 203 45.96 -47.89 2.41
N GLY QA 204 45.33 -49.05 2.59
CA GLY QA 204 43.94 -49.06 3.02
C GLY QA 204 43.75 -48.50 4.42
N ALA QA 205 44.68 -48.79 5.33
CA ALA QA 205 44.57 -48.28 6.69
C ALA QA 205 44.62 -46.76 6.73
N VAL QA 206 45.48 -46.15 5.90
CA VAL QA 206 45.63 -44.70 5.90
C VAL QA 206 44.34 -44.04 5.44
N GLN QA 207 43.71 -44.57 4.39
CA GLN QA 207 42.51 -43.94 3.88
C GLN QA 207 41.29 -44.24 4.76
N ASN QA 208 41.29 -45.37 5.47
CA ASN QA 208 40.34 -45.51 6.57
C ASN QA 208 40.63 -44.48 7.66
N ARG QA 209 41.91 -44.23 7.93
CA ARG QA 209 42.29 -43.22 8.91
C ARG QA 209 41.87 -41.83 8.45
N LEU QA 210 42.11 -41.50 7.17
CA LEU QA 210 41.79 -40.15 6.69
C LEU QA 210 40.29 -39.88 6.67
N ALA QA 211 39.47 -40.90 6.44
CA ALA QA 211 38.02 -40.69 6.40
C ALA QA 211 37.49 -40.19 7.74
N HIS QA 212 38.07 -40.66 8.84
CA HIS QA 212 37.60 -40.25 10.17
C HIS QA 212 38.01 -38.82 10.49
N ASN QA 213 39.12 -38.34 9.95
CA ASN QA 213 39.50 -36.95 10.15
C ASN QA 213 38.49 -36.00 9.51
N ILE QA 214 38.03 -36.32 8.31
CA ILE QA 214 37.10 -35.45 7.60
C ILE QA 214 35.80 -35.32 8.37
N SER QA 215 35.27 -36.45 8.85
CA SER QA 215 34.02 -36.41 9.61
C SER QA 215 34.19 -35.61 10.88
N ASN QA 216 35.31 -35.80 11.59
CA ASN QA 216 35.57 -35.02 12.79
C ASN QA 216 35.73 -33.54 12.48
N SER QA 217 36.45 -33.21 11.41
CA SER QA 217 36.64 -31.82 11.03
C SER QA 217 35.34 -31.15 10.60
N ALA QA 218 34.46 -31.89 9.93
CA ALA QA 218 33.17 -31.34 9.56
C ALA QA 218 32.33 -31.01 10.79
N ASN QA 219 32.36 -31.89 11.80
CA ASN QA 219 31.61 -31.62 13.02
C ASN QA 219 32.15 -30.41 13.75
N THR QA 220 33.47 -30.36 13.95
CA THR QA 220 34.05 -29.28 14.73
C THR QA 220 33.90 -27.93 14.03
N GLN QA 221 33.83 -27.93 12.70
CA GLN QA 221 33.63 -26.69 11.97
C GLN QA 221 32.28 -26.06 12.30
N ALA QA 222 31.24 -26.88 12.39
CA ALA QA 222 29.90 -26.37 12.67
C ALA QA 222 29.83 -25.76 14.07
N ASN QA 223 30.41 -26.44 15.06
CA ASN QA 223 30.36 -25.93 16.42
C ASN QA 223 31.14 -24.63 16.60
N VAL QA 224 32.28 -24.48 15.91
CA VAL QA 224 33.02 -23.23 15.99
C VAL QA 224 32.24 -22.10 15.33
N ALA QA 225 31.50 -22.41 14.26
CA ALA QA 225 30.64 -21.40 13.64
C ALA QA 225 29.56 -20.93 14.61
N ASP QA 226 29.02 -21.85 15.42
CA ASP QA 226 28.11 -21.45 16.49
C ASP QA 226 28.76 -20.46 17.43
N ALA QA 227 29.95 -20.80 17.92
CA ALA QA 227 30.62 -19.94 18.91
C ALA QA 227 30.94 -18.58 18.32
N LYS QA 228 31.36 -18.54 17.06
CA LYS QA 228 31.77 -17.29 16.45
C LYS QA 228 30.60 -16.35 16.17
N SER QA 229 29.42 -16.91 15.88
CA SER QA 229 28.28 -16.04 15.57
C SER QA 229 27.71 -15.38 16.81
N ARG QA 230 27.76 -16.04 17.96
CA ARG QA 230 27.21 -15.45 19.17
C ARG QA 230 27.97 -14.20 19.58
N ILE QA 231 29.20 -14.04 19.09
CA ILE QA 231 30.04 -12.93 19.52
C ILE QA 231 29.93 -11.74 18.57
N VAL QA 232 29.93 -11.97 17.26
CA VAL QA 232 30.04 -10.89 16.29
C VAL QA 232 28.75 -10.57 15.55
N ASP QA 233 27.74 -11.43 15.64
CA ASP QA 233 26.55 -11.28 14.82
C ASP QA 233 25.44 -10.62 15.62
N VAL QA 234 24.60 -9.86 14.90
CA VAL QA 234 23.51 -9.13 15.53
C VAL QA 234 22.29 -10.03 15.64
N ASP QA 235 21.44 -9.76 16.62
CA ASP QA 235 20.12 -10.35 16.72
C ASP QA 235 19.12 -9.32 16.24
N PHE QA 236 18.43 -9.63 15.14
CA PHE QA 236 17.53 -8.64 14.55
C PHE QA 236 16.38 -8.29 15.49
N ALA QA 237 15.94 -9.22 16.32
CA ALA QA 237 14.91 -8.93 17.29
C ALA QA 237 15.39 -7.83 18.24
N LYS QA 238 16.62 -7.95 18.71
CA LYS QA 238 17.20 -6.91 19.55
C LYS QA 238 17.39 -5.61 18.78
N GLU QA 239 17.90 -5.70 17.55
CA GLU QA 239 18.29 -4.50 16.82
C GLU QA 239 17.07 -3.75 16.29
N THR QA 240 16.06 -4.48 15.80
CA THR QA 240 14.89 -3.81 15.24
C THR QA 240 14.15 -3.00 16.30
N SER QA 241 14.04 -3.55 17.50
CA SER QA 241 13.38 -2.82 18.58
C SER QA 241 14.13 -1.53 18.91
N ALA QA 242 15.47 -1.59 18.95
CA ALA QA 242 16.24 -0.40 19.24
C ALA QA 242 16.10 0.65 18.14
N MET QA 243 16.09 0.21 16.89
CA MET QA 243 15.96 1.15 15.77
C MET QA 243 14.63 1.89 15.82
N THR QA 244 13.53 1.17 16.00
CA THR QA 244 12.24 1.81 16.20
C THR QA 244 12.21 2.60 17.51
N LYS QA 245 13.03 2.19 18.48
CA LYS QA 245 13.03 2.85 19.77
C LYS QA 245 13.51 4.28 19.65
N TYR QA 246 14.57 4.49 18.85
CA TYR QA 246 15.19 5.80 18.67
C TYR QA 246 14.45 6.68 17.66
N GLN QA 247 13.70 6.08 16.74
CA GLN QA 247 12.94 6.88 15.79
C GLN QA 247 11.92 7.76 16.50
N VAL QA 248 11.24 7.20 17.50
CA VAL QA 248 10.27 7.98 18.27
C VAL QA 248 10.98 9.09 19.03
N LEU QA 249 12.13 8.77 19.63
CA LEU QA 249 12.86 9.78 20.39
C LEU QA 249 13.33 10.93 19.52
N GLN QA 250 13.62 10.67 18.25
CA GLN QA 250 14.05 11.73 17.35
C GLN QA 250 12.92 12.73 17.10
N GLN QA 251 11.72 12.23 16.77
CA GLN QA 251 10.60 13.12 16.54
C GLN QA 251 10.19 13.84 17.82
N THR QA 252 10.30 13.17 18.97
CA THR QA 252 10.06 13.84 20.24
C THR QA 252 11.09 14.93 20.48
N GLY QA 253 12.36 14.65 20.20
CA GLY QA 253 13.39 15.66 20.40
C GLY QA 253 13.25 16.85 19.49
N SER QA 254 12.84 16.64 18.24
CA SER QA 254 12.69 17.75 17.30
C SER QA 254 11.55 18.67 17.70
N ALA QA 255 10.41 18.13 18.13
CA ALA QA 255 9.31 18.97 18.57
C ALA QA 255 9.66 19.75 19.82
N MET QA 256 10.37 19.13 20.77
CA MET QA 256 10.75 19.83 21.98
C MET QA 256 11.75 20.95 21.69
N LEU QA 257 12.71 20.70 20.79
CA LEU QA 257 13.70 21.72 20.48
C LEU QA 257 13.08 22.89 19.73
N ALA QA 258 12.20 22.62 18.76
CA ALA QA 258 11.57 23.71 18.03
C ALA QA 258 10.73 24.58 18.95
N GLN QA 259 10.00 23.95 19.88
CA GLN QA 259 9.14 24.70 20.78
C GLN QA 259 9.94 25.42 21.85
N ALA QA 260 11.09 24.86 22.25
CA ALA QA 260 11.93 25.52 23.25
C ALA QA 260 12.64 26.73 22.66
N ASN QA 261 12.79 26.77 21.34
CA ASN QA 261 13.48 27.89 20.72
C ASN QA 261 12.69 29.19 20.79
N GLN QA 262 11.37 29.12 20.84
CA GLN QA 262 10.54 30.31 20.90
C GLN QA 262 10.11 30.67 22.31
N LEU QA 263 10.80 30.16 23.33
CA LEU QA 263 10.64 30.62 24.70
C LEU QA 263 10.96 32.11 24.87
N PRO QA 264 12.06 32.65 24.32
CA PRO QA 264 12.38 34.06 24.59
C PRO QA 264 11.40 35.06 23.99
N GLN QA 265 10.42 34.62 23.20
CA GLN QA 265 9.45 35.57 22.65
C GLN QA 265 8.51 36.12 23.72
N VAL QA 266 8.53 35.57 24.93
CA VAL QA 266 7.76 36.16 26.02
C VAL QA 266 8.22 37.57 26.31
N ALA QA 267 9.52 37.84 26.13
CA ALA QA 267 10.06 39.17 26.39
C ALA QA 267 9.43 40.25 25.52
N LEU QA 268 8.93 39.90 24.35
CA LEU QA 268 8.25 40.86 23.49
C LEU QA 268 6.87 41.25 24.00
N SER QA 269 6.26 40.42 24.84
CA SER QA 269 4.94 40.76 25.37
C SER QA 269 5.03 41.92 26.37
N LEU QA 270 6.12 42.02 27.11
CA LEU QA 270 6.25 43.06 28.13
C LEU QA 270 6.83 44.33 27.51
N LEU QA 271 6.14 44.80 26.47
CA LEU QA 271 6.43 46.09 25.85
C LEU QA 271 7.88 46.15 25.39
N GLY QA 272 8.24 45.35 24.39
CA GLY QA 272 9.56 45.39 23.81
C GLY QA 272 10.69 45.05 24.75
N ALA RA 1 9.07 86.32 53.04
CA ALA RA 1 9.76 85.27 52.29
C ALA RA 1 9.35 85.28 50.84
N ILE RA 2 9.22 86.47 50.26
CA ILE RA 2 8.87 86.61 48.85
C ILE RA 2 10.03 87.26 48.10
N THR RA 3 10.84 86.43 47.46
CA THR RA 3 12.05 86.92 46.79
C THR RA 3 11.93 86.77 45.29
N VAL RA 4 12.71 87.59 44.57
CA VAL RA 4 12.70 87.57 43.12
C VAL RA 4 14.13 87.42 42.59
N ASN RA 5 15.05 87.00 43.45
CA ASN RA 5 16.43 86.79 43.04
C ASN RA 5 16.86 85.32 43.06
N THR RA 6 16.32 84.52 43.97
CA THR RA 6 16.64 83.10 44.03
C THR RA 6 15.36 82.29 44.15
N ASN RA 7 15.29 81.18 43.41
CA ASN RA 7 14.16 80.26 43.44
C ASN RA 7 14.69 78.89 43.86
N VAL RA 8 14.78 78.66 45.17
CA VAL RA 8 15.28 77.40 45.68
C VAL RA 8 14.33 76.27 45.38
N THR RA 9 13.03 76.56 45.27
CA THR RA 9 12.08 75.54 44.86
C THR RA 9 12.43 75.00 43.49
N SER RA 10 12.84 75.88 42.58
CA SER RA 10 13.29 75.43 41.25
C SER RA 10 14.55 74.60 41.35
N MET RA 11 15.48 75.01 42.23
CA MET RA 11 16.75 74.28 42.36
C MET RA 11 16.51 72.85 42.80
N LYS RA 12 15.64 72.65 43.80
CA LYS RA 12 15.33 71.30 44.24
C LYS RA 12 14.57 70.53 43.15
N ALA RA 13 13.66 71.21 42.46
CA ALA RA 13 12.89 70.56 41.40
C ALA RA 13 13.79 70.12 40.26
N GLN RA 14 14.79 70.93 39.91
CA GLN RA 14 15.69 70.58 38.82
C GLN RA 14 16.46 69.30 39.11
N LYS RA 15 16.94 69.16 40.35
CA LYS RA 15 17.73 67.99 40.71
C LYS RA 15 16.91 66.71 40.58
N ASN RA 16 15.65 66.75 41.00
CA ASN RA 16 14.81 65.56 40.94
C ASN RA 16 14.57 65.14 39.49
N LEU RA 17 14.38 66.11 38.59
CA LEU RA 17 14.18 65.79 37.19
C LEU RA 17 15.43 65.15 36.58
N ASN RA 18 16.61 65.64 36.97
CA ASN RA 18 17.84 65.07 36.44
C ASN RA 18 18.01 63.61 36.87
N THR RA 19 17.67 63.30 38.13
CA THR RA 19 17.78 61.93 38.60
C THR RA 19 16.83 61.00 37.86
N SER RA 20 15.59 61.44 37.63
CA SER RA 20 14.63 60.61 36.93
C SER RA 20 14.99 60.42 35.46
N ASN RA 21 15.59 61.43 34.84
CA ASN RA 21 16.02 61.31 33.45
C ASN RA 21 17.21 60.36 33.30
N SER RA 22 18.14 60.40 34.24
CA SER RA 22 19.31 59.52 34.18
C SER RA 22 18.92 58.06 34.39
N GLY RA 23 17.95 57.80 35.28
CA GLY RA 23 17.48 56.45 35.49
C GLY RA 23 16.76 55.88 34.29
N LEU RA 24 16.00 56.73 33.60
CA LEU RA 24 15.32 56.29 32.37
C LEU RA 24 16.34 55.92 31.29
N SER RA 25 17.40 56.71 31.17
CA SER RA 25 18.40 56.47 30.14
C SER RA 25 19.11 55.15 30.36
N THR RA 26 19.53 54.88 31.61
CA THR RA 26 20.29 53.67 31.88
C THR RA 26 19.44 52.41 31.71
N SER RA 27 18.13 52.53 31.89
CA SER RA 27 17.27 51.37 31.69
C SER RA 27 17.11 51.01 30.23
N MET RA 28 17.11 52.00 29.35
CA MET RA 28 16.94 51.73 27.92
C MET RA 28 18.15 50.98 27.34
N GLU RA 29 19.36 51.38 27.73
CA GLU RA 29 20.53 50.72 27.17
C GLU RA 29 20.69 49.30 27.68
N ARG RA 30 20.30 49.03 28.93
CA ARG RA 30 20.26 47.66 29.40
C ARG RA 30 19.25 46.83 28.63
N LEU RA 31 18.09 47.41 28.30
CA LEU RA 31 17.10 46.70 27.50
C LEU RA 31 17.49 46.57 26.05
N SER RA 32 18.23 47.54 25.50
CA SER RA 32 18.57 47.49 24.08
C SER RA 32 19.65 46.47 23.77
N SER RA 33 20.48 46.12 24.75
CA SER RA 33 21.54 45.14 24.56
C SER RA 33 21.20 43.81 25.22
N GLY RA 34 20.79 43.83 26.48
CA GLY RA 34 20.42 42.61 27.17
C GLY RA 34 21.42 42.21 28.22
N LEU RA 35 22.25 43.17 28.64
CA LEU RA 35 23.28 42.91 29.64
C LEU RA 35 23.13 43.87 30.80
N ARG RA 36 23.15 43.32 32.01
CA ARG RA 36 23.14 44.15 33.20
C ARG RA 36 24.45 44.89 33.40
N ILE RA 37 25.57 44.19 33.27
CA ILE RA 37 26.89 44.82 33.41
C ILE RA 37 27.37 45.31 32.06
N ASN RA 38 26.92 46.50 31.67
CA ASN RA 38 27.38 47.11 30.42
C ASN RA 38 28.77 47.68 30.62
N SER RA 39 28.93 48.52 31.64
CA SER RA 39 30.21 49.12 31.97
C SER RA 39 30.63 48.72 33.38
N ALA RA 40 31.74 49.30 33.82
CA ALA RA 40 32.24 49.07 35.17
C ALA RA 40 31.51 49.88 36.22
N LYS RA 41 30.47 50.62 35.83
CA LYS RA 41 29.62 51.28 36.83
C LYS RA 41 29.06 50.25 37.79
N ASP RA 42 28.59 49.13 37.24
CA ASP RA 42 27.90 48.07 37.97
C ASP RA 42 28.89 47.17 38.68
N ASP RA 43 28.44 45.96 39.03
CA ASP RA 43 29.23 45.04 39.85
C ASP RA 43 30.67 44.95 39.33
N ALA RA 44 31.61 45.44 40.14
CA ALA RA 44 33.01 45.36 39.78
C ALA RA 44 33.50 43.91 39.81
N ALA RA 45 33.04 43.15 40.79
CA ALA RA 45 33.40 41.73 40.88
C ALA RA 45 32.68 40.88 39.86
N GLY RA 46 31.48 41.30 39.42
CA GLY RA 46 30.73 40.49 38.48
C GLY RA 46 31.43 40.36 37.14
N LEU RA 47 31.97 41.46 36.63
CA LEU RA 47 32.62 41.42 35.32
C LEU RA 47 33.90 40.59 35.36
N ALA RA 48 34.63 40.65 36.48
CA ALA RA 48 35.82 39.84 36.62
C ALA RA 48 35.49 38.35 36.61
N ILE RA 49 34.45 37.96 37.36
CA ILE RA 49 34.03 36.57 37.38
C ILE RA 49 33.54 36.13 36.01
N SER RA 50 32.77 37.00 35.34
CA SER RA 50 32.20 36.63 34.05
C SER RA 50 33.29 36.40 33.01
N ASN RA 51 34.41 37.12 33.11
CA ASN RA 51 35.49 36.96 32.15
C ASN RA 51 36.08 35.55 32.23
N ARG RA 52 36.30 35.04 33.43
CA ARG RA 52 36.78 33.66 33.57
C ARG RA 52 35.73 32.64 33.15
N LEU RA 53 34.46 32.89 33.46
CA LEU RA 53 33.41 32.00 32.96
C LEU RA 53 33.31 32.03 31.45
N ASN RA 54 33.51 33.22 30.85
CA ASN RA 54 33.53 33.31 29.40
C ASN RA 54 34.68 32.51 28.82
N SER RA 55 35.84 32.53 29.47
CA SER RA 55 36.97 31.73 29.01
C SER RA 55 36.66 30.24 29.06
N GLN RA 56 35.98 29.78 30.11
CA GLN RA 56 35.64 28.37 30.22
C GLN RA 56 34.67 27.94 29.13
N VAL RA 57 33.66 28.76 28.86
CA VAL RA 57 32.65 28.42 27.86
C VAL RA 57 33.29 28.33 26.48
N ARG RA 58 34.05 29.37 26.09
CA ARG RA 58 34.71 29.34 24.80
C ARG RA 58 35.87 28.35 24.79
N GLY RA 59 36.55 28.19 25.92
CA GLY RA 59 37.62 27.21 26.00
C GLY RA 59 37.14 25.80 25.76
N LEU RA 60 36.01 25.44 26.35
CA LEU RA 60 35.46 24.09 26.12
C LEU RA 60 35.05 23.90 24.67
N GLU RA 61 34.47 24.93 24.04
CA GLU RA 61 33.99 24.79 22.67
C GLU RA 61 35.12 24.44 21.71
N VAL RA 62 36.27 25.10 21.87
CA VAL RA 62 37.43 24.74 21.08
C VAL RA 62 37.94 23.36 21.48
N GLY RA 63 37.86 23.04 22.78
CA GLY RA 63 38.28 21.72 23.23
C GLY RA 63 37.44 20.60 22.67
N MET RA 64 36.13 20.86 22.47
CA MET RA 64 35.26 19.86 21.87
C MET RA 64 35.72 19.53 20.45
N ARG RA 65 35.98 20.54 19.64
CA ARG RA 65 36.46 20.29 18.28
C ARG RA 65 37.85 19.66 18.29
N ASN RA 66 38.64 19.94 19.32
CA ASN RA 66 39.95 19.32 19.43
C ASN RA 66 39.86 17.81 19.56
N ALA RA 67 38.88 17.31 20.31
CA ALA RA 67 38.69 15.88 20.50
C ALA RA 67 37.99 15.20 19.34
N ASN RA 68 37.07 15.90 18.66
CA ASN RA 68 36.47 15.34 17.45
C ASN RA 68 37.51 15.05 16.39
N ASP RA 69 38.58 15.85 16.32
CA ASP RA 69 39.69 15.60 15.43
C ASP RA 69 40.45 14.32 15.80
N ALA RA 70 40.65 14.08 17.10
CA ALA RA 70 41.36 12.88 17.53
C ALA RA 70 40.56 11.62 17.20
N ILE RA 71 39.24 11.71 17.28
CA ILE RA 71 38.38 10.57 16.98
C ILE RA 71 38.56 10.18 15.52
N SER RA 72 38.59 11.17 14.63
CA SER RA 72 38.72 10.89 13.21
C SER RA 72 40.05 10.23 12.88
N ILE RA 73 41.15 10.67 13.51
CA ILE RA 73 42.44 10.05 13.26
C ILE RA 73 42.43 8.59 13.68
N ALA RA 74 41.92 8.31 14.87
CA ALA RA 74 41.82 6.91 15.32
C ALA RA 74 40.87 6.11 14.46
N GLN RA 75 39.86 6.75 13.88
CA GLN RA 75 38.92 6.04 13.03
C GLN RA 75 39.58 5.57 11.74
N ILE RA 76 40.42 6.41 11.13
CA ILE RA 76 41.05 6.06 9.86
C ILE RA 76 42.08 4.95 10.05
N ALA RA 77 42.90 5.06 11.10
CA ALA RA 77 43.94 4.04 11.33
C ALA RA 77 43.32 2.68 11.59
N GLU RA 78 42.22 2.65 12.37
CA GLU RA 78 41.54 1.40 12.63
C GLU RA 78 40.99 0.77 11.36
N GLY RA 79 40.45 1.58 10.47
CA GLY RA 79 39.90 1.06 9.24
C GLY RA 79 40.94 0.40 8.36
N ALA RA 80 42.13 0.98 8.28
CA ALA RA 80 43.18 0.43 7.45
C ALA RA 80 43.71 -0.90 7.99
N MET RA 81 43.79 -1.04 9.31
CA MET RA 81 44.31 -2.27 9.88
C MET RA 81 43.37 -3.45 9.65
N GLN RA 82 42.08 -3.18 9.45
CA GLN RA 82 41.14 -4.26 9.15
C GLN RA 82 41.50 -4.94 7.83
N GLU RA 83 41.86 -4.16 6.82
CA GLU RA 83 42.19 -4.76 5.53
C GLU RA 83 43.51 -5.52 5.58
N GLN RA 84 44.45 -5.08 6.42
CA GLN RA 84 45.68 -5.84 6.58
C GLN RA 84 45.40 -7.19 7.24
N THR RA 85 44.41 -7.23 8.14
CA THR RA 85 44.07 -8.50 8.79
C THR RA 85 43.50 -9.51 7.80
N ASN RA 86 42.62 -9.07 6.89
CA ASN RA 86 42.03 -10.00 5.92
C ASN RA 86 43.08 -10.59 4.98
N MET RA 87 44.01 -9.78 4.48
CA MET RA 87 45.05 -10.32 3.61
C MET RA 87 46.00 -11.25 4.34
N LEU RA 88 46.27 -11.00 5.62
CA LEU RA 88 47.10 -11.92 6.39
C LEU RA 88 46.42 -13.27 6.57
N GLN RA 89 45.09 -13.28 6.69
CA GLN RA 89 44.38 -14.55 6.80
C GLN RA 89 44.50 -15.36 5.51
N ARG RA 90 44.45 -14.70 4.36
CA ARG RA 90 44.63 -15.40 3.10
C ARG RA 90 46.03 -15.99 2.96
N MET RA 91 47.05 -15.33 3.52
CA MET RA 91 48.39 -15.90 3.51
C MET RA 91 48.47 -17.17 4.35
N ARG RA 92 47.69 -17.25 5.44
CA ARG RA 92 47.66 -18.48 6.23
C ARG RA 92 47.12 -19.65 5.43
N ASP RA 93 46.05 -19.43 4.66
CA ASP RA 93 45.49 -20.51 3.86
C ASP RA 93 46.47 -20.99 2.79
N LEU RA 94 47.19 -20.07 2.14
CA LEU RA 94 48.15 -20.47 1.13
C LEU RA 94 49.29 -21.29 1.72
N THR RA 95 49.78 -20.93 2.90
CA THR RA 95 50.78 -21.73 3.58
C THR RA 95 50.27 -23.13 3.93
N ILE RA 96 49.02 -23.23 4.40
CA ILE RA 96 48.43 -24.53 4.64
C ILE RA 96 48.24 -25.27 3.32
N GLN RA 97 47.77 -24.57 2.28
CA GLN RA 97 47.61 -25.20 0.97
C GLN RA 97 48.93 -25.62 0.35
N SER RA 98 50.02 -24.94 0.68
CA SER RA 98 51.31 -25.23 0.10
C SER RA 98 52.00 -26.44 0.73
N GLU RA 99 51.28 -27.26 1.49
CA GLU RA 99 51.91 -28.33 2.25
C GLU RA 99 51.45 -29.68 1.69
N ASN RA 100 50.75 -29.69 0.56
CA ASN RA 100 50.38 -30.94 -0.09
C ASN RA 100 51.61 -31.72 -0.52
N GLY RA 101 51.52 -33.05 -0.46
CA GLY RA 101 52.55 -33.89 -1.00
C GLY RA 101 52.33 -34.24 -2.45
N ALA RA 102 51.21 -33.79 -3.01
CA ALA RA 102 50.92 -33.99 -4.42
C ALA RA 102 51.29 -32.80 -5.28
N ASN RA 103 51.84 -31.75 -4.68
CA ASN RA 103 52.26 -30.58 -5.43
C ASN RA 103 53.58 -30.91 -6.14
N SER RA 104 54.16 -29.92 -6.82
CA SER RA 104 55.44 -30.09 -7.46
C SER RA 104 56.23 -28.81 -7.29
N THR RA 105 57.47 -28.83 -7.78
CA THR RA 105 58.32 -27.65 -7.65
C THR RA 105 57.72 -26.45 -8.38
N ALA RA 106 57.15 -26.68 -9.57
CA ALA RA 106 56.49 -25.61 -10.30
C ALA RA 106 55.22 -25.13 -9.62
N ASP RA 107 54.53 -26.01 -8.90
CA ASP RA 107 53.30 -25.61 -8.21
C ASP RA 107 53.59 -24.70 -7.04
N LEU RA 108 54.66 -24.97 -6.29
CA LEU RA 108 55.01 -24.14 -5.15
C LEU RA 108 55.40 -22.73 -5.57
N VAL RA 109 56.00 -22.59 -6.76
CA VAL RA 109 56.37 -21.26 -7.24
C VAL RA 109 55.14 -20.41 -7.50
N SER RA 110 54.09 -20.98 -8.10
CA SER RA 110 52.88 -20.23 -8.35
C SER RA 110 52.21 -19.73 -7.07
N ILE RA 111 52.22 -20.54 -6.02
CA ILE RA 111 51.65 -20.11 -4.75
C ILE RA 111 52.47 -18.96 -4.16
N LYS RA 112 53.79 -19.03 -4.28
CA LYS RA 112 54.62 -17.94 -3.77
C LYS RA 112 54.39 -16.65 -4.53
N ALA RA 113 54.18 -16.73 -5.84
CA ALA RA 113 53.89 -15.54 -6.64
C ALA RA 113 52.63 -14.82 -6.19
N GLU RA 114 51.72 -15.52 -5.53
CA GLU RA 114 50.53 -14.91 -4.93
C GLU RA 114 50.84 -14.32 -3.57
N MET RA 115 51.50 -15.08 -2.70
CA MET RA 115 51.90 -14.56 -1.40
C MET RA 115 52.74 -13.30 -1.54
N ASP RA 116 53.60 -13.27 -2.57
CA ASP RA 116 54.52 -12.15 -2.73
C ASP RA 116 53.78 -10.84 -2.98
N GLN RA 117 52.73 -10.87 -3.80
CA GLN RA 117 51.98 -9.65 -4.09
C GLN RA 117 51.10 -9.21 -2.93
N LEU RA 118 50.58 -10.14 -2.14
CA LEU RA 118 49.82 -9.75 -0.96
C LEU RA 118 50.65 -9.00 0.06
N ALA RA 119 51.91 -9.40 0.25
CA ALA RA 119 52.80 -8.68 1.14
C ALA RA 119 53.15 -7.29 0.63
N THR RA 120 53.13 -7.09 -0.69
CA THR RA 120 53.38 -5.77 -1.25
C THR RA 120 52.30 -4.78 -0.85
N GLU RA 121 51.04 -5.20 -0.83
CA GLU RA 121 49.97 -4.28 -0.42
C GLU RA 121 49.99 -3.95 1.07
N ILE RA 122 50.39 -4.89 1.91
CA ILE RA 122 50.54 -4.57 3.32
C ILE RA 122 51.55 -3.44 3.48
N ASP RA 123 52.60 -3.46 2.67
CA ASP RA 123 53.47 -2.29 2.56
C ASP RA 123 52.74 -1.08 2.00
N SER RA 124 51.90 -1.29 0.97
CA SER RA 124 51.29 -0.16 0.29
C SER RA 124 50.26 0.55 1.16
N ILE RA 125 49.46 -0.19 1.92
CA ILE RA 125 48.52 0.46 2.83
C ILE RA 125 49.26 1.21 3.92
N GLY RA 126 50.32 0.62 4.45
CA GLY RA 126 51.09 1.25 5.51
C GLY RA 126 51.68 2.59 5.12
N ASN RA 127 52.10 2.70 3.87
CA ASN RA 127 52.72 3.94 3.39
C ASN RA 127 51.73 4.92 2.79
N SER RA 128 50.43 4.58 2.75
CA SER RA 128 49.46 5.43 2.08
C SER RA 128 48.48 6.07 3.04
N THR RA 129 48.03 5.32 4.05
CA THR RA 129 47.01 5.79 4.97
C THR RA 129 47.40 7.13 5.59
N ALA RA 130 46.62 8.17 5.30
CA ALA RA 130 46.99 9.51 5.70
C ALA RA 130 45.74 10.31 6.03
N PHE RA 131 45.92 11.37 6.81
CA PHE RA 131 44.87 12.30 7.19
C PHE RA 131 45.13 13.59 6.41
N GLY RA 132 44.62 13.65 5.19
CA GLY RA 132 44.88 14.80 4.34
C GLY RA 132 46.28 14.74 3.76
N ASN RA 133 47.29 14.99 4.60
CA ASN RA 133 48.67 14.89 4.09
C ASN RA 133 49.62 14.28 5.12
N THR RA 134 49.15 13.83 6.27
CA THR RA 134 50.01 13.29 7.31
C THR RA 134 49.84 11.78 7.36
N LYS RA 135 50.93 11.05 7.16
CA LYS RA 135 50.92 9.59 7.17
C LYS RA 135 50.80 9.11 8.61
N LEU RA 136 49.87 8.20 8.87
CA LEU RA 136 49.56 7.80 10.24
C LEU RA 136 50.13 6.45 10.65
N LEU RA 137 50.63 5.65 9.71
CA LEU RA 137 51.07 4.30 10.04
C LEU RA 137 52.56 4.10 9.76
N THR RA 138 53.32 5.20 9.64
CA THR RA 138 54.74 5.09 9.32
C THR RA 138 55.62 5.56 10.47
N GLY RA 139 55.10 5.58 11.70
CA GLY RA 139 55.90 5.78 12.88
C GLY RA 139 55.96 7.21 13.38
N THR RA 140 55.31 8.15 12.71
CA THR RA 140 55.30 9.51 13.21
C THR RA 140 54.37 9.63 14.42
N PHE RA 141 53.55 8.60 14.65
CA PHE RA 141 52.76 8.52 15.87
C PHE RA 141 53.27 7.42 16.78
N SER RA 142 54.54 7.04 16.65
CA SER RA 142 55.14 6.06 17.54
C SER RA 142 55.21 6.54 18.98
N ALA RA 143 55.57 7.80 19.19
CA ALA RA 143 55.53 8.44 20.50
C ALA RA 143 54.29 9.33 20.50
N GLY RA 144 53.25 8.89 21.20
CA GLY RA 144 51.93 9.47 21.12
C GLY RA 144 51.86 10.99 21.02
N LYS RA 145 51.10 11.48 20.06
CA LYS RA 145 50.88 12.92 19.94
C LYS RA 145 49.80 13.37 20.92
N VAL RA 146 49.67 14.69 21.07
CA VAL RA 146 48.90 15.27 22.16
C VAL RA 146 47.78 16.13 21.61
N PHE RA 147 46.58 15.94 22.16
CA PHE RA 147 45.43 16.80 21.91
C PHE RA 147 44.93 17.36 23.23
N GLN RA 148 44.59 18.64 23.26
CA GLN RA 148 44.11 19.30 24.47
C GLN RA 148 42.58 19.40 24.41
N VAL RA 149 41.91 18.83 25.42
CA VAL RA 149 40.46 18.74 25.42
C VAL RA 149 39.84 19.61 26.52
N GLY RA 150 40.64 20.30 27.31
CA GLY RA 150 40.15 21.19 28.33
C GLY RA 150 40.50 22.62 27.98
N HIS RA 151 40.24 23.53 28.93
CA HIS RA 151 40.54 24.94 28.73
C HIS RA 151 41.77 25.40 29.50
N GLN RA 152 42.48 24.49 30.17
CA GLN RA 152 43.67 24.83 30.91
C GLN RA 152 44.80 23.85 30.56
N GLU RA 153 46.01 24.23 30.95
CA GLU RA 153 47.17 23.40 30.69
C GLU RA 153 47.06 22.07 31.43
N GLY RA 154 47.54 21.00 30.81
CA GLY RA 154 47.56 19.70 31.41
C GLY RA 154 46.34 18.84 31.15
N GLU RA 155 45.32 19.36 30.48
CA GLU RA 155 44.13 18.59 30.12
C GLU RA 155 44.33 18.04 28.72
N ASP RA 156 45.16 17.00 28.60
CA ASP RA 156 45.56 16.48 27.30
C ASP RA 156 45.24 15.00 27.19
N ILE RA 157 45.08 14.55 25.96
CA ILE RA 157 44.88 13.15 25.61
C ILE RA 157 45.97 12.75 24.62
N LYS RA 158 46.51 11.55 24.80
CA LYS RA 158 47.63 11.06 23.99
C LYS RA 158 47.17 9.88 23.15
N VAL RA 159 47.44 9.95 21.85
CA VAL RA 159 47.10 8.89 20.91
C VAL RA 159 48.39 8.33 20.32
N THR RA 160 48.62 7.03 20.51
CA THR RA 160 49.84 6.38 20.03
C THR RA 160 49.47 5.33 19.00
N VAL RA 161 50.10 5.42 17.82
CA VAL RA 161 49.92 4.45 16.74
C VAL RA 161 51.29 3.94 16.35
N LYS RA 162 51.56 2.68 16.61
CA LYS RA 162 52.84 2.11 16.26
C LYS RA 162 52.90 1.81 14.76
N ALA RA 163 54.12 1.80 14.22
CA ALA RA 163 54.29 1.56 12.79
C ALA RA 163 53.87 0.15 12.43
N SER RA 164 53.14 0.03 11.32
CA SER RA 164 52.63 -1.26 10.87
C SER RA 164 52.80 -1.36 9.35
N ASN RA 165 53.82 -2.08 8.92
CA ASN RA 165 54.09 -2.34 7.51
C ASN RA 165 54.80 -3.69 7.42
N LYS RA 166 55.23 -4.06 6.21
CA LYS RA 166 55.71 -5.42 6.02
C LYS RA 166 57.03 -5.68 6.73
N THR RA 167 57.96 -4.73 6.73
CA THR RA 167 59.20 -4.94 7.47
C THR RA 167 58.95 -4.93 8.97
N SER RA 168 58.00 -4.11 9.43
CA SER RA 168 57.69 -4.04 10.85
C SER RA 168 57.12 -5.37 11.36
N LEU RA 169 56.19 -5.96 10.60
CA LEU RA 169 55.51 -7.17 11.03
C LEU RA 169 56.30 -8.43 10.75
N SER RA 170 57.60 -8.30 10.45
CA SER RA 170 58.49 -9.42 10.20
C SER RA 170 57.97 -10.31 9.07
N VAL RA 171 57.57 -9.66 7.98
CA VAL RA 171 57.24 -10.35 6.74
C VAL RA 171 57.96 -9.66 5.60
N GLY RA 172 58.07 -10.33 4.47
CA GLY RA 172 58.82 -9.78 3.36
C GLY RA 172 59.75 -10.80 2.76
N ALA RA 173 60.13 -11.78 3.58
CA ALA RA 173 60.91 -12.94 3.15
C ALA RA 173 60.20 -14.18 3.65
N LEU RA 174 59.28 -14.71 2.85
CA LEU RA 174 58.51 -15.90 3.22
C LEU RA 174 58.62 -16.92 2.09
N ASN RA 175 59.32 -18.02 2.34
CA ASN RA 175 59.46 -19.09 1.37
C ASN RA 175 58.65 -20.30 1.82
N ASN RA 176 58.39 -21.21 0.89
CA ASN RA 176 57.63 -22.42 1.17
C ASN RA 176 58.20 -23.65 0.47
N ALA RA 177 59.52 -23.70 0.27
CA ALA RA 177 60.13 -24.82 -0.42
C ALA RA 177 60.38 -25.99 0.51
N THR RA 178 61.22 -25.80 1.53
CA THR RA 178 61.62 -26.88 2.40
C THR RA 178 60.63 -27.09 3.54
N SER RA 179 60.80 -28.16 4.32
CA SER RA 179 59.93 -28.41 5.45
C SER RA 179 60.09 -27.31 6.50
N ALA RA 180 61.32 -26.91 6.79
CA ALA RA 180 61.56 -25.90 7.81
C ALA RA 180 61.07 -24.54 7.37
N ASN RA 181 61.07 -24.28 6.06
CA ASN RA 181 60.66 -22.96 5.56
C ASN RA 181 59.19 -22.69 5.86
N ARG RA 182 58.32 -23.69 5.66
CA ARG RA 182 56.90 -23.48 5.92
C ARG RA 182 56.59 -23.36 7.39
N ALA RA 183 57.29 -24.12 8.24
CA ALA RA 183 57.04 -24.04 9.67
C ALA RA 183 57.41 -22.65 10.22
N SER RA 184 58.52 -22.09 9.77
CA SER RA 184 58.91 -20.76 10.22
C SER RA 184 57.95 -19.69 9.72
N SER RA 185 57.45 -19.84 8.49
CA SER RA 185 56.55 -18.85 7.92
C SER RA 185 55.22 -18.80 8.68
N LEU RA 186 54.71 -19.96 9.09
CA LEU RA 186 53.43 -20.01 9.77
C LEU RA 186 53.46 -19.29 11.11
N ALA RA 187 54.56 -19.42 11.86
CA ALA RA 187 54.65 -18.76 13.17
C ALA RA 187 54.65 -17.25 13.04
N LYS RA 188 55.35 -16.72 12.03
CA LYS RA 188 55.45 -15.26 11.90
C LYS RA 188 54.12 -14.64 11.53
N ILE RA 189 53.32 -15.32 10.69
CA ILE RA 189 52.01 -14.79 10.34
C ILE RA 189 51.11 -14.76 11.57
N ASP RA 190 51.14 -15.82 12.38
CA ASP RA 190 50.32 -15.85 13.59
C ASP RA 190 50.73 -14.73 14.55
N ALA RA 191 52.03 -14.49 14.70
CA ALA RA 191 52.48 -13.38 15.53
C ALA RA 191 52.08 -12.04 14.94
N ALA RA 192 51.97 -11.96 13.61
CA ALA RA 192 51.55 -10.71 12.98
C ALA RA 192 50.12 -10.35 13.33
N ILE RA 193 49.22 -11.34 13.31
CA ILE RA 193 47.82 -11.06 13.64
C ILE RA 193 47.68 -10.62 15.08
N LYS RA 194 48.45 -11.20 16.00
CA LYS RA 194 48.38 -10.80 17.39
C LYS RA 194 48.80 -9.35 17.58
N THR RA 195 49.86 -8.92 16.89
CA THR RA 195 50.34 -7.55 17.04
C THR RA 195 49.30 -6.54 16.56
N ILE RA 196 48.67 -6.81 15.42
CA ILE RA 196 47.64 -5.92 14.91
C ILE RA 196 46.44 -5.91 15.86
N ASP RA 197 46.08 -7.07 16.39
CA ASP RA 197 44.93 -7.17 17.28
C ASP RA 197 45.11 -6.29 18.52
N SER RA 198 46.30 -6.32 19.12
CA SER RA 198 46.56 -5.49 20.28
C SER RA 198 46.52 -4.01 19.94
N GLN RA 199 46.98 -3.66 18.73
CA GLN RA 199 46.97 -2.26 18.31
C GLN RA 199 45.54 -1.74 18.16
N ARG RA 200 44.65 -2.56 17.60
CA ARG RA 200 43.27 -2.15 17.43
C ARG RA 200 42.59 -1.94 18.78
N ALA RA 201 42.87 -2.81 19.75
CA ALA RA 201 42.28 -2.66 21.07
C ALA RA 201 42.73 -1.36 21.73
N ASP RA 202 44.00 -1.00 21.56
CA ASP RA 202 44.50 0.24 22.14
C ASP RA 202 43.81 1.46 21.53
N LEU RA 203 43.58 1.45 20.21
CA LEU RA 203 42.91 2.58 19.58
C LEU RA 203 41.43 2.63 19.93
N GLY RA 204 40.79 1.48 20.10
CA GLY RA 204 39.39 1.48 20.49
C GLY RA 204 39.16 2.04 21.88
N ALA RA 205 40.08 1.75 22.81
CA ALA RA 205 39.94 2.25 24.17
C ALA RA 205 40.01 3.77 24.22
N VAL RA 206 40.88 4.37 23.42
CA VAL RA 206 41.04 5.82 23.41
C VAL RA 206 39.77 6.49 22.93
N GLN RA 207 39.16 5.97 21.86
CA GLN RA 207 37.96 6.61 21.33
C GLN RA 207 36.73 6.32 22.18
N ASN RA 208 36.71 5.18 22.90
CA ASN RA 208 35.74 5.04 23.98
C ASN RA 208 36.01 6.07 25.07
N ARG RA 209 37.28 6.30 25.37
CA ARG RA 209 37.65 7.32 26.35
C ARG RA 209 37.25 8.71 25.89
N LEU RA 210 37.51 9.04 24.63
CA LEU RA 210 37.21 10.39 24.14
C LEU RA 210 35.72 10.67 24.09
N ALA RA 211 34.89 9.65 23.84
CA ALA RA 211 33.45 9.88 23.77
C ALA RA 211 32.89 10.37 25.10
N HIS RA 212 33.45 9.89 26.21
CA HIS RA 212 32.95 10.31 27.52
C HIS RA 212 33.36 11.73 27.87
N ASN RA 213 34.50 12.20 27.36
CA ASN RA 213 34.88 13.60 27.56
C ASN RA 213 33.89 14.55 26.90
N ILE RA 214 33.45 14.24 25.68
CA ILE RA 214 32.54 15.13 24.97
C ILE RA 214 31.22 15.25 25.71
N SER RA 215 30.67 14.12 26.17
CA SER RA 215 29.41 14.17 26.90
C SER RA 215 29.55 14.97 28.19
N ASN RA 216 30.66 14.77 28.91
CA ASN RA 216 30.90 15.55 30.12
C ASN RA 216 31.09 17.02 29.82
N SER RA 217 31.82 17.35 28.76
CA SER RA 217 32.03 18.75 28.40
C SER RA 217 30.74 19.42 27.94
N ALA RA 218 29.87 18.69 27.25
CA ALA RA 218 28.59 19.26 26.86
C ALA RA 218 27.72 19.58 28.06
N ASN RA 219 27.72 18.70 29.07
CA ASN RA 219 26.95 18.96 30.28
C ASN RA 219 27.49 20.17 31.03
N THR RA 220 28.81 20.21 31.25
CA THR RA 220 29.37 21.29 32.05
C THR RA 220 29.25 22.64 31.34
N GLN RA 221 29.20 22.64 30.02
CA GLN RA 221 29.02 23.90 29.29
C GLN RA 221 27.67 24.52 29.58
N ALA RA 222 26.62 23.71 29.65
CA ALA RA 222 25.28 24.23 29.91
C ALA RA 222 25.19 24.83 31.30
N ASN RA 223 25.74 24.16 32.30
CA ASN RA 223 25.66 24.66 33.68
C ASN RA 223 26.46 25.95 33.86
N VAL RA 224 27.61 26.09 33.21
CA VAL RA 224 28.35 27.34 33.30
C VAL RA 224 27.59 28.48 32.63
N ALA RA 225 26.87 28.18 31.54
CA ALA RA 225 26.04 29.19 30.90
C ALA RA 225 24.94 29.66 31.85
N ASP RA 226 24.37 28.74 32.65
CA ASP RA 226 23.44 29.14 33.70
C ASP RA 226 24.09 30.13 34.66
N ALA RA 227 25.27 29.79 35.18
CA ALA RA 227 25.91 30.64 36.18
C ALA RA 227 26.25 32.00 35.60
N LYS RA 228 26.71 32.04 34.36
CA LYS RA 228 27.13 33.30 33.75
C LYS RA 228 25.97 34.23 33.44
N SER RA 229 24.79 33.69 33.12
CA SER RA 229 23.66 34.56 32.79
C SER RA 229 23.07 35.22 34.03
N ARG RA 230 23.10 34.55 35.19
CA ARG RA 230 22.52 35.16 36.38
C ARG RA 230 23.28 36.40 36.81
N ILE RA 231 24.52 36.55 36.35
CA ILE RA 231 25.37 37.66 36.79
C ILE RA 231 25.28 38.85 35.84
N VAL RA 232 25.31 38.61 34.53
CA VAL RA 232 25.45 39.70 33.57
C VAL RA 232 24.17 40.03 32.81
N ASP RA 233 23.15 39.17 32.87
CA ASP RA 233 21.98 39.32 32.03
C ASP RA 233 20.85 40.01 32.80
N VAL RA 234 20.04 40.77 32.08
CA VAL RA 234 18.94 41.50 32.68
C VAL RA 234 17.71 40.60 32.76
N ASP RA 235 16.84 40.89 33.73
CA ASP RA 235 15.51 40.29 33.80
C ASP RA 235 14.53 41.33 33.30
N PHE RA 236 13.86 41.04 32.19
CA PHE RA 236 12.99 42.03 31.58
C PHE RA 236 11.82 42.39 32.49
N ALA RA 237 11.36 41.46 33.31
CA ALA RA 237 10.30 41.75 34.26
C ALA RA 237 10.76 42.85 35.22
N LYS RA 238 11.99 42.71 35.72
CA LYS RA 238 12.56 43.75 36.57
C LYS RA 238 12.78 45.05 35.81
N GLU RA 239 13.31 44.95 34.59
CA GLU RA 239 13.72 46.16 33.87
C GLU RA 239 12.51 46.91 33.31
N THR RA 240 11.51 46.21 32.81
CA THR RA 240 10.36 46.88 32.22
C THR RA 240 9.60 47.69 33.27
N SER RA 241 9.46 47.13 34.48
CA SER RA 241 8.78 47.87 35.53
C SER RA 241 9.54 49.15 35.89
N ALA RA 242 10.86 49.08 35.95
CA ALA RA 242 11.65 50.26 36.27
C ALA RA 242 11.53 51.31 35.17
N MET RA 243 11.54 50.88 33.91
CA MET RA 243 11.45 51.83 32.80
C MET RA 243 10.12 52.58 32.81
N THR RA 244 9.02 51.85 32.98
CA THR RA 244 7.72 52.51 33.15
C THR RA 244 7.68 53.30 34.45
N LYS RA 245 8.47 52.88 35.44
CA LYS RA 245 8.44 53.53 36.74
C LYS RA 245 8.94 54.96 36.62
N TYR RA 246 10.01 55.16 35.85
CA TYR RA 246 10.64 56.46 35.69
C TYR RA 246 9.93 57.35 34.67
N GLN RA 247 9.20 56.77 33.72
CA GLN RA 247 8.47 57.58 32.75
C GLN RA 247 7.44 58.46 33.45
N VAL RA 248 6.73 57.90 34.43
CA VAL RA 248 5.75 58.68 35.19
C VAL RA 248 6.45 59.78 35.97
N LEU RA 249 7.59 59.46 36.59
CA LEU RA 249 8.31 60.46 37.37
C LEU RA 249 8.80 61.61 36.51
N GLN RA 250 9.12 61.35 35.24
CA GLN RA 250 9.56 62.42 34.36
C GLN RA 250 8.45 63.41 34.09
N GLN RA 251 7.26 62.93 33.74
CA GLN RA 251 6.15 63.83 33.49
C GLN RA 251 5.71 64.54 34.76
N THR RA 252 5.79 63.86 35.90
CA THR RA 252 5.53 64.54 37.16
C THR RA 252 6.56 65.62 37.43
N GLY RA 253 7.83 65.34 37.17
CA GLY RA 253 8.87 66.33 37.41
C GLY RA 253 8.76 67.54 36.49
N SER RA 254 8.37 67.33 35.24
CA SER RA 254 8.24 68.44 34.30
C SER RA 254 7.10 69.37 34.67
N ALA RA 255 5.96 68.83 35.08
CA ALA RA 255 4.85 69.68 35.51
C ALA RA 255 5.18 70.46 36.76
N MET RA 256 5.85 69.82 37.72
CA MET RA 256 6.23 70.52 38.94
C MET RA 256 7.23 71.63 38.67
N LEU RA 257 8.21 71.37 37.80
CA LEU RA 257 9.21 72.40 37.51
C LEU RA 257 8.62 73.57 36.75
N ALA RA 258 7.76 73.31 35.76
CA ALA RA 258 7.14 74.40 35.02
C ALA RA 258 6.29 75.27 35.93
N GLN RA 259 5.54 74.65 36.83
CA GLN RA 259 4.67 75.40 37.72
C GLN RA 259 5.45 76.11 38.81
N ALA RA 260 6.58 75.55 39.24
CA ALA RA 260 7.40 76.19 40.25
C ALA RA 260 8.13 77.40 39.68
N ASN RA 261 8.31 77.45 38.36
CA ASN RA 261 9.03 78.57 37.76
C ASN RA 261 8.25 79.87 37.82
N GLN RA 262 6.91 79.81 37.85
CA GLN RA 262 6.09 81.01 37.89
C GLN RA 262 5.63 81.36 39.29
N LEU RA 263 6.31 80.85 40.32
CA LEU RA 263 6.12 81.30 41.69
C LEU RA 263 6.44 82.79 41.87
N PRO RA 264 7.55 83.32 41.35
CA PRO RA 264 7.88 84.72 41.62
C PRO RA 264 6.92 85.74 41.02
N GLN RA 265 5.96 85.32 40.20
CA GLN RA 265 4.99 86.26 39.63
C GLN RA 265 4.04 86.82 40.68
N VAL RA 266 4.04 86.27 41.89
CA VAL RA 266 3.24 86.85 42.96
C VAL RA 266 3.71 88.27 43.27
N ALA RA 267 5.01 88.52 43.11
CA ALA RA 267 5.56 89.85 43.39
C ALA RA 267 4.95 90.93 42.52
N LEU RA 268 4.48 90.59 41.33
CA LEU RA 268 3.82 91.57 40.46
C LEU RA 268 2.44 91.96 40.94
N SER RA 269 1.79 91.13 41.77
CA SER RA 269 0.47 91.48 42.27
C SER RA 269 0.53 92.63 43.27
N LEU RA 270 1.62 92.72 44.03
CA LEU RA 270 1.74 93.76 45.07
C LEU RA 270 2.33 95.03 44.46
N LEU RA 271 1.67 95.51 43.41
CA LEU RA 271 1.98 96.79 42.79
C LEU RA 271 3.44 96.85 42.37
N GLY RA 272 3.80 96.05 41.37
CA GLY RA 272 5.14 96.08 40.82
C GLY RA 272 6.26 95.74 41.79
N ALA SA 1 4.16 136.80 70.18
CA ALA SA 1 4.86 135.76 69.44
C ALA SA 1 4.48 135.78 67.97
N ILE SA 2 4.38 136.97 67.40
CA ILE SA 2 4.06 137.12 65.99
C ILE SA 2 5.23 137.76 65.28
N THR SA 3 6.07 136.93 64.64
CA THR SA 3 7.28 137.42 64.01
C THR SA 3 7.20 137.28 62.50
N VAL SA 4 8.01 138.10 61.80
CA VAL SA 4 8.03 138.08 60.35
C VAL SA 4 9.46 137.92 59.85
N ASN SA 5 10.37 137.50 60.73
CA ASN SA 5 11.76 137.28 60.35
C ASN SA 5 12.18 135.82 60.38
N THR SA 6 11.61 135.01 61.27
CA THR SA 6 11.92 133.59 61.33
C THR SA 6 10.63 132.79 61.42
N ASN SA 7 10.58 131.69 60.67
CA ASN SA 7 9.44 130.76 60.67
C ASN SA 7 9.96 129.39 61.09
N VAL SA 8 10.01 129.16 62.40
CA VAL SA 8 10.51 127.89 62.92
C VAL SA 8 9.54 126.76 62.59
N THR SA 9 8.25 127.06 62.46
CA THR SA 9 7.30 126.05 62.02
C THR SA 9 7.68 125.51 60.65
N SER SA 10 8.12 126.39 59.74
CA SER SA 10 8.60 125.96 58.44
C SER SA 10 9.86 125.11 58.57
N MET SA 11 10.77 125.51 59.46
CA MET SA 11 12.03 124.77 59.62
C MET SA 11 11.78 123.34 60.05
N LYS SA 12 10.88 123.15 61.03
CA LYS SA 12 10.54 121.79 61.44
C LYS SA 12 9.81 121.04 60.35
N ALA SA 13 8.91 121.73 59.63
CA ALA SA 13 8.17 121.08 58.56
C ALA SA 13 9.10 120.64 57.43
N GLN SA 14 10.12 121.45 57.11
CA GLN SA 14 11.04 121.10 56.04
C GLN SA 14 11.79 119.82 56.35
N LYS SA 15 12.24 119.66 57.60
CA LYS SA 15 13.01 118.49 57.96
C LYS SA 15 12.20 117.21 57.81
N ASN SA 16 10.92 117.26 58.20
CA ASN SA 16 10.09 116.07 58.11
C ASN SA 16 9.87 115.66 56.66
N LEU SA 17 9.71 116.64 55.77
CA LEU SA 17 9.54 116.32 54.34
C LEU SA 17 10.80 115.68 53.77
N ASN SA 18 11.97 116.16 54.19
CA ASN SA 18 13.22 115.58 53.69
C ASN SA 18 13.36 114.13 54.11
N THR SA 19 13.00 113.81 55.36
CA THR SA 19 13.09 112.44 55.83
C THR SA 19 12.15 111.52 55.06
N SER SA 20 10.92 111.96 54.81
CA SER SA 20 9.97 111.14 54.07
C SER SA 20 10.36 110.97 52.62
N ASN SA 21 10.99 111.97 52.01
CA ASN SA 21 11.45 111.85 50.63
C ASN SA 21 12.63 110.89 50.51
N SER SA 22 13.55 110.92 51.48
CA SER SA 22 14.70 110.03 51.44
C SER SA 22 14.30 108.58 51.64
N GLY SA 23 13.32 108.32 52.49
CA GLY SA 23 12.83 106.97 52.69
C GLY SA 23 12.13 106.41 51.47
N LEU SA 24 11.40 107.27 50.76
CA LEU SA 24 10.75 106.84 49.52
C LEU SA 24 11.79 106.47 48.47
N SER SA 25 12.86 107.26 48.36
CA SER SA 25 13.88 107.01 47.36
C SER SA 25 14.58 105.68 47.60
N THR SA 26 14.96 105.41 48.84
CA THR SA 26 15.71 104.19 49.13
C THR SA 26 14.87 102.95 48.93
N SER SA 27 13.55 103.06 49.09
CA SER SA 27 12.68 101.91 48.86
C SER SA 27 12.56 101.56 47.39
N MET SA 28 12.59 102.56 46.52
CA MET SA 28 12.45 102.29 45.08
C MET SA 28 13.66 101.54 44.54
N GLU SA 29 14.87 101.92 44.95
CA GLU SA 29 16.05 101.26 44.41
C GLU SA 29 16.19 99.84 44.93
N ARG SA 30 15.76 99.58 46.16
CA ARG SA 30 15.70 98.20 46.63
C ARG SA 30 14.71 97.37 45.82
N LEU SA 31 13.57 97.95 45.47
CA LEU SA 31 12.59 97.27 44.65
C LEU SA 31 13.03 97.14 43.20
N SER SA 32 13.77 98.10 42.66
CA SER SA 32 14.14 98.07 41.26
C SER SA 32 15.23 97.05 40.98
N SER SA 33 16.03 96.68 41.98
CA SER SA 33 17.10 95.69 41.81
C SER SA 33 16.74 94.36 42.45
N GLY SA 34 16.28 94.38 43.70
CA GLY SA 34 15.89 93.16 44.37
C GLY SA 34 16.87 92.75 45.45
N LEU SA 35 17.69 93.69 45.90
CA LEU SA 35 18.70 93.43 46.91
C LEU SA 35 18.53 94.39 48.08
N ARG SA 36 18.52 93.83 49.29
CA ARG SA 36 18.48 94.66 50.48
C ARG SA 36 19.79 95.39 50.71
N ILE SA 37 20.91 94.69 50.60
CA ILE SA 37 22.21 95.30 50.78
C ILE SA 37 22.74 95.80 49.44
N ASN SA 38 22.30 96.99 49.04
CA ASN SA 38 22.81 97.59 47.82
C ASN SA 38 24.19 98.17 48.05
N SER SA 39 24.33 99.00 49.07
CA SER SA 39 25.61 99.59 49.44
C SER SA 39 25.98 99.18 50.86
N ALA SA 40 27.10 99.75 51.33
CA ALA SA 40 27.56 99.51 52.69
C ALA SA 40 26.80 100.32 53.73
N LYS SA 41 25.77 101.07 53.31
CA LYS SA 41 24.91 101.73 54.29
C LYS SA 41 24.32 100.70 55.24
N ASP SA 42 23.86 99.59 54.68
CA ASP SA 42 23.14 98.53 55.38
C ASP SA 42 24.11 97.62 56.11
N ASP SA 43 23.64 96.41 56.44
CA ASP SA 43 24.42 95.49 57.26
C ASP SA 43 25.86 95.37 56.80
N ALA SA 44 26.78 95.86 57.63
CA ALA SA 44 28.20 95.77 57.30
C ALA SA 44 28.67 94.32 57.34
N ALA SA 45 28.19 93.55 58.30
CA ALA SA 45 28.54 92.15 58.39
C ALA SA 45 27.83 91.30 57.35
N GLY SA 46 26.66 91.73 56.89
CA GLY SA 46 25.92 90.94 55.92
C GLY SA 46 26.65 90.80 54.59
N LEU SA 47 27.21 91.90 54.10
CA LEU SA 47 27.89 91.86 52.81
C LEU SA 47 29.16 91.02 52.87
N ALA SA 48 29.86 91.08 54.02
CA ALA SA 48 31.05 90.26 54.18
C ALA SA 48 30.71 88.78 54.16
N ILE SA 49 29.65 88.39 54.87
CA ILE SA 49 29.22 86.99 54.88
C ILE SA 49 28.77 86.56 53.50
N SER SA 50 28.01 87.43 52.81
CA SER SA 50 27.48 87.09 51.50
C SER SA 50 28.59 86.85 50.49
N ASN SA 51 29.70 87.56 50.63
CA ASN SA 51 30.81 87.40 49.70
C ASN SA 51 31.39 85.99 49.77
N ARG SA 52 31.58 85.47 50.98
CA ARG SA 52 32.04 84.10 51.13
C ARG SA 52 31.01 83.08 50.67
N LEU SA 53 29.73 83.32 50.95
CA LEU SA 53 28.68 82.45 50.43
C LEU SA 53 28.63 82.49 48.91
N ASN SA 54 28.84 83.67 48.33
CA ASN SA 54 28.90 83.78 46.88
C ASN SA 54 30.06 82.97 46.31
N SER SA 55 31.20 82.98 47.00
CA SER SA 55 32.33 82.18 46.56
C SER SA 55 32.02 80.68 46.60
N GLN SA 56 31.31 80.24 47.62
CA GLN SA 56 30.97 78.82 47.71
C GLN SA 56 30.01 78.41 46.60
N VAL SA 57 29.01 79.24 46.31
CA VAL SA 57 28.03 78.90 45.28
C VAL SA 57 28.70 78.81 43.91
N ARG SA 58 29.48 79.84 43.57
CA ARG SA 58 30.17 79.83 42.28
C ARG SA 58 31.32 78.83 42.30
N GLY SA 59 31.96 78.65 43.45
CA GLY SA 59 33.04 77.68 43.54
C GLY SA 59 32.56 76.26 43.29
N LEU SA 60 31.40 75.90 43.84
CA LEU SA 60 30.86 74.57 43.60
C LEU SA 60 30.48 74.38 42.13
N GLU SA 61 29.92 75.42 41.50
CA GLU SA 61 29.47 75.27 40.12
C GLU SA 61 30.62 74.95 39.19
N VAL SA 62 31.78 75.59 39.38
CA VAL SA 62 32.96 75.22 38.61
C VAL SA 62 33.45 73.84 39.02
N GLY SA 63 33.33 73.50 40.31
CA GLY SA 63 33.74 72.19 40.76
C GLY SA 63 32.89 71.07 40.17
N MET SA 64 31.60 71.34 39.95
CA MET SA 64 30.75 70.35 39.31
C MET SA 64 31.23 70.02 37.91
N ARG SA 65 31.51 71.04 37.11
CA ARG SA 65 32.03 70.79 35.77
C ARG SA 65 33.40 70.15 35.81
N ASN SA 66 34.18 70.42 36.86
CA ASN SA 66 35.49 69.80 36.99
C ASN SA 66 35.38 68.29 37.12
N ALA SA 67 34.38 67.79 37.84
CA ALA SA 67 34.18 66.36 38.02
C ALA SA 67 33.50 65.69 36.84
N ASN SA 68 32.61 66.39 36.14
CA ASN SA 68 32.04 65.84 34.92
C ASN SA 68 33.10 65.56 33.87
N ASP SA 69 34.16 66.35 33.84
CA ASP SA 69 35.31 66.10 32.98
C ASP SA 69 36.03 64.81 33.36
N ALA SA 70 36.22 64.57 34.65
CA ALA SA 70 36.91 63.36 35.10
C ALA SA 70 36.11 62.11 34.75
N ILE SA 71 34.79 62.20 34.79
CA ILE SA 71 33.92 61.07 34.47
C ILE SA 71 34.13 60.68 33.02
N SER SA 72 34.19 61.68 32.14
CA SER SA 72 34.36 61.40 30.71
C SER SA 72 35.70 60.74 30.40
N ILE SA 73 36.77 61.18 31.06
CA ILE SA 73 38.07 60.55 30.85
C ILE SA 73 38.04 59.08 31.26
N ALA SA 74 37.49 58.78 32.43
CA ALA SA 74 37.38 57.40 32.88
C ALA SA 74 36.46 56.60 31.98
N GLN SA 75 35.46 57.25 31.38
CA GLN SA 75 34.54 56.56 30.49
C GLN SA 75 35.22 56.09 29.22
N ILE SA 76 36.09 56.92 28.64
CA ILE SA 76 36.74 56.57 27.39
C ILE SA 76 37.76 55.46 27.60
N ALA SA 77 38.56 55.55 28.67
CA ALA SA 77 39.58 54.54 28.92
C ALA SA 77 38.94 53.18 29.16
N GLU SA 78 37.84 53.15 29.90
CA GLU SA 78 37.14 51.89 30.15
C GLU SA 78 36.62 51.28 28.86
N GLY SA 79 36.10 52.10 27.96
CA GLY SA 79 35.58 51.58 26.71
C GLY SA 79 36.63 50.93 25.86
N ALA SA 80 37.84 51.50 25.82
CA ALA SA 80 38.90 50.94 25.00
C ALA SA 80 39.40 49.62 25.55
N MET SA 81 39.46 49.46 26.88
CA MET SA 81 39.96 48.23 27.45
C MET SA 81 39.02 47.06 27.20
N GLN SA 82 37.74 47.34 26.96
CA GLN SA 82 36.80 46.26 26.63
C GLN SA 82 37.18 45.58 25.32
N GLU SA 83 37.57 46.37 24.32
CA GLU SA 83 37.93 45.77 23.04
C GLU SA 83 39.24 45.00 23.11
N GLN SA 84 40.16 45.44 23.97
CA GLN SA 84 41.39 44.68 24.17
C GLN SA 84 41.09 43.32 24.82
N THR SA 85 40.07 43.27 25.68
CA THR SA 85 39.71 42.00 26.32
C THR SA 85 39.15 41.01 25.31
N ASN SA 86 38.30 41.45 24.39
CA ASN SA 86 37.74 40.54 23.41
C ASN SA 86 38.79 39.94 22.48
N MET SA 87 39.75 40.74 22.01
CA MET SA 87 40.80 40.21 21.16
C MET SA 87 41.73 39.27 21.91
N LEU SA 88 41.97 39.51 23.20
CA LEU SA 88 42.78 38.58 23.98
C LEU SA 88 42.09 37.24 24.14
N GLN SA 89 40.76 37.23 24.23
CA GLN SA 89 40.04 35.96 24.31
C GLN SA 89 40.19 35.15 23.03
N ARG SA 90 40.17 35.83 21.87
CA ARG SA 90 40.37 35.13 20.61
C ARG SA 90 41.77 34.53 20.51
N MET SA 91 42.78 35.18 21.09
CA MET SA 91 44.12 34.61 21.11
C MET SA 91 44.16 33.34 21.95
N ARG SA 92 43.37 33.26 23.01
CA ARG SA 92 43.31 32.02 23.80
C ARG SA 92 42.78 30.86 22.98
N ASP SA 93 41.73 31.09 22.18
CA ASP SA 93 41.18 30.02 21.37
C ASP SA 93 42.18 29.53 20.33
N LEU SA 94 42.92 30.46 19.70
CA LEU SA 94 43.91 30.05 18.71
C LEU SA 94 45.03 29.22 19.32
N THR SA 95 45.50 29.58 20.52
CA THR SA 95 46.48 28.75 21.22
C THR SA 95 45.95 27.37 21.55
N ILE SA 96 44.70 27.27 21.99
CA ILE SA 96 44.09 25.97 22.20
C ILE SA 96 43.92 25.24 20.88
N GLN SA 97 43.49 25.94 19.83
CA GLN SA 97 43.34 25.32 18.52
C GLN SA 97 44.68 24.90 17.91
N SER SA 98 45.77 25.57 18.28
CA SER SA 98 47.07 25.27 17.72
C SER SA 98 47.74 24.07 18.37
N GLU SA 99 47.00 23.25 19.11
CA GLU SA 99 47.60 22.17 19.88
C GLU SA 99 47.15 20.81 19.30
N ASN SA 100 46.47 20.82 18.15
CA ASN SA 100 46.11 19.57 17.49
C ASN SA 100 47.35 18.79 17.09
N GLY SA 101 47.25 17.47 17.13
CA GLY SA 101 48.30 16.61 16.62
C GLY SA 101 48.11 16.28 15.15
N ALA SA 102 47.00 16.74 14.57
CA ALA SA 102 46.74 16.54 13.15
C ALA SA 102 47.14 17.73 12.31
N ASN SA 103 47.68 18.78 12.93
CA ASN SA 103 48.13 19.94 12.19
C ASN SA 103 49.45 19.61 11.51
N SER SA 104 50.06 20.60 10.86
CA SER SA 104 51.36 20.43 10.25
C SER SA 104 52.15 21.71 10.44
N THR SA 105 53.40 21.69 9.99
CA THR SA 105 54.25 22.86 10.13
C THR SA 105 53.67 24.06 9.40
N ALA SA 106 53.13 23.83 8.20
CA ALA SA 106 52.50 24.92 7.45
C ALA SA 106 51.21 25.40 8.12
N ASP SA 107 50.49 24.53 8.81
CA ASP SA 107 49.26 24.92 9.47
C ASP SA 107 49.53 25.84 10.65
N LEU SA 108 50.58 25.55 11.42
CA LEU SA 108 50.90 26.37 12.58
C LEU SA 108 51.30 27.78 12.16
N VAL SA 109 51.93 27.93 11.00
CA VAL SA 109 52.32 29.26 10.53
C VAL SA 109 51.10 30.11 10.24
N SER SA 110 50.07 29.54 9.62
CA SER SA 110 48.86 30.32 9.34
C SER SA 110 48.17 30.81 10.60
N ILE SA 111 48.15 29.99 11.66
CA ILE SA 111 47.55 30.43 12.92
C ILE SA 111 48.36 31.56 13.52
N LYS SA 112 49.69 31.49 13.44
CA LYS SA 112 50.51 32.57 13.97
C LYS SA 112 50.30 33.86 13.21
N ALA SA 113 50.13 33.79 11.90
CA ALA SA 113 49.86 34.99 11.10
C ALA SA 113 48.60 35.71 11.52
N GLU SA 114 47.66 35.01 12.16
CA GLU SA 114 46.47 35.61 12.73
C GLU SA 114 46.74 36.21 14.11
N MET SA 115 47.38 35.45 14.99
CA MET SA 115 47.75 35.95 16.30
C MET SA 115 48.61 37.20 16.18
N ASP SA 116 49.48 37.24 15.18
CA ASP SA 116 50.42 38.35 15.04
C ASP SA 116 49.69 39.66 14.78
N GLN SA 117 48.66 39.65 13.93
CA GLN SA 117 47.93 40.88 13.64
C GLN SA 117 47.02 41.32 14.77
N LEU SA 118 46.47 40.38 15.55
CA LEU SA 118 45.68 40.77 16.70
C LEU SA 118 46.51 41.51 17.75
N ALA SA 119 47.75 41.10 17.96
CA ALA SA 119 48.63 41.81 18.89
C ALA SA 119 48.99 43.19 18.39
N THR SA 120 49.00 43.41 17.07
CA THR SA 120 49.27 44.73 16.53
C THR SA 120 48.19 45.73 16.89
N GLU SA 121 46.92 45.32 16.89
CA GLU SA 121 45.86 46.24 17.27
C GLU SA 121 45.84 46.56 18.76
N ILE SA 122 46.22 45.60 19.61
CA ILE SA 122 46.34 45.93 21.03
C ILE SA 122 47.34 47.04 21.23
N ASP SA 123 48.42 47.04 20.43
CA ASP SA 123 49.30 48.19 20.35
C ASP SA 123 48.58 49.41 19.77
N SER SA 124 47.77 49.21 18.73
CA SER SA 124 47.17 50.35 18.04
C SER SA 124 46.13 51.06 18.88
N ILE SA 125 45.31 50.32 19.62
CA ILE SA 125 44.34 50.97 20.51
C ILE SA 125 45.06 51.71 21.62
N GLY SA 126 46.11 51.12 22.19
CA GLY SA 126 46.85 51.73 23.26
C GLY SA 126 47.46 53.06 22.89
N ASN SA 127 47.93 53.19 21.65
CA ASN SA 127 48.56 54.42 21.19
C ASN SA 127 47.58 55.41 20.57
N SER SA 128 46.29 55.08 20.50
CA SER SA 128 45.33 55.94 19.81
C SER SA 128 44.33 56.58 20.76
N THR SA 129 43.86 55.82 21.74
CA THR SA 129 42.82 56.30 22.65
C THR SA 129 43.19 57.63 23.28
N ALA SA 130 42.43 58.68 22.98
CA ALA SA 130 42.79 60.02 23.39
C ALA SA 130 41.54 60.82 23.70
N PHE SA 131 41.71 61.87 24.48
CA PHE SA 131 40.66 62.82 24.84
C PHE SA 131 40.95 64.10 24.07
N GLY SA 132 40.46 64.17 22.85
CA GLY SA 132 40.76 65.32 22.01
C GLY SA 132 42.17 65.26 21.46
N ASN SA 133 43.16 65.50 22.32
CA ASN SA 133 44.54 65.39 21.84
C ASN SA 133 45.47 64.78 22.89
N THR SA 134 44.96 64.32 24.04
CA THR SA 134 45.80 63.77 25.10
C THR SA 134 45.62 62.26 25.14
N LYS SA 135 46.71 61.52 24.94
CA LYS SA 135 46.69 60.07 24.96
C LYS SA 135 46.54 59.59 26.39
N LEU SA 136 45.59 58.67 26.62
CA LEU SA 136 45.25 58.27 27.98
C LEU SA 136 45.80 56.91 28.40
N LEU SA 137 46.31 56.11 27.47
CA LEU SA 137 46.75 54.76 27.80
C LEU SA 137 48.25 54.56 27.56
N THR SA 138 49.01 55.65 27.46
CA THR SA 138 50.44 55.54 27.17
C THR SA 138 51.30 55.99 28.35
N GLY SA 139 50.74 56.00 29.56
CA GLY SA 139 51.52 56.20 30.77
C GLY SA 139 51.56 57.63 31.28
N THR SA 140 50.94 58.58 30.58
CA THR SA 140 50.92 59.94 31.10
C THR SA 140 49.97 60.05 32.29
N PHE SA 141 49.14 59.02 32.50
CA PHE SA 141 48.31 58.94 33.69
C PHE SA 141 48.79 57.83 34.62
N SER SA 142 50.07 57.45 34.50
CA SER SA 142 50.65 56.46 35.40
C SER SA 142 50.68 56.94 36.85
N ALA SA 143 51.04 58.19 37.08
CA ALA SA 143 50.97 58.83 38.40
C ALA SA 143 49.74 59.72 38.36
N GLY SA 144 48.68 59.29 39.03
CA GLY SA 144 47.37 59.88 38.91
C GLY SA 144 47.31 61.39 38.84
N LYS SA 145 46.57 61.90 37.85
CA LYS SA 145 46.36 63.33 37.74
C LYS SA 145 45.26 63.79 38.69
N VAL SA 146 45.14 65.11 38.85
CA VAL SA 146 44.34 65.68 39.92
C VAL SA 146 43.24 66.56 39.35
N PHE SA 147 42.03 66.37 39.87
CA PHE SA 147 40.89 67.24 39.59
C PHE SA 147 40.36 67.79 40.91
N GLN SA 148 40.02 69.08 40.92
CA GLN SA 148 39.51 69.74 42.13
C GLN SA 148 38.00 69.84 42.04
N VAL SA 149 37.30 69.27 43.02
CA VAL SA 149 35.85 69.19 43.00
C VAL SA 149 35.20 70.05 44.07
N GLY SA 150 35.99 70.73 44.89
CA GLY SA 150 35.48 71.62 45.90
C GLY SA 150 35.84 73.06 45.57
N HIS SA 151 35.56 73.95 46.51
CA HIS SA 151 35.88 75.36 46.33
C HIS SA 151 37.09 75.82 47.14
N GLN SA 152 37.77 74.90 47.81
CA GLN SA 152 38.96 75.24 48.58
C GLN SA 152 40.08 74.26 48.26
N GLU SA 153 41.29 74.63 48.67
CA GLU SA 153 42.45 73.78 48.44
C GLU SA 153 42.31 72.46 49.17
N GLY SA 154 42.80 71.39 48.55
CA GLY SA 154 42.79 70.07 49.16
C GLY SA 154 41.59 69.22 48.86
N GLU SA 155 40.58 69.76 48.17
CA GLU SA 155 39.40 69.00 47.78
C GLU SA 155 39.63 68.45 46.37
N ASP SA 156 40.45 67.41 46.28
CA ASP SA 156 40.88 66.89 44.99
C ASP SA 156 40.57 65.41 44.87
N ILE SA 157 40.42 64.97 43.62
CA ILE SA 157 40.24 63.57 43.27
C ILE SA 157 41.34 63.17 42.30
N LYS SA 158 41.88 61.96 42.49
CA LYS SA 158 43.00 61.48 41.70
C LYS SA 158 42.57 60.31 40.84
N VAL SA 159 42.86 60.38 39.55
CA VAL SA 159 42.55 59.32 38.60
C VAL SA 159 43.84 58.76 38.03
N THR SA 160 44.06 57.46 38.21
CA THR SA 160 45.28 56.80 37.78
C THR SA 160 44.94 55.76 36.72
N VAL SA 161 45.59 55.85 35.56
CA VAL SA 161 45.43 54.89 34.47
C VAL SA 161 46.81 54.37 34.11
N LYS SA 162 47.07 53.10 34.38
CA LYS SA 162 48.36 52.53 34.05
C LYS SA 162 48.45 52.24 32.56
N ALA SA 163 49.68 52.23 32.04
CA ALA SA 163 49.89 51.99 30.62
C ALA SA 163 49.46 50.59 30.24
N SER SA 164 48.76 50.48 29.11
CA SER SA 164 48.26 49.19 28.63
C SER SA 164 48.47 49.09 27.13
N ASN SA 165 49.49 48.37 26.72
CA ASN SA 165 49.79 48.12 25.31
C ASN SA 165 50.50 46.77 25.24
N LYS SA 166 50.96 46.40 24.04
CA LYS SA 166 51.42 45.04 23.84
C LYS SA 166 52.73 44.76 24.59
N THR SA 167 53.67 45.71 24.61
CA THR SA 167 54.89 45.49 25.38
C THR SA 167 54.60 45.50 26.88
N SER SA 168 53.64 46.32 27.31
CA SER SA 168 53.30 46.38 28.73
C SER SA 168 52.71 45.06 29.22
N LEU SA 169 51.80 44.48 28.44
CA LEU SA 169 51.10 43.26 28.85
C LEU SA 169 51.90 42.00 28.59
N SER SA 170 53.19 42.13 28.30
CA SER SA 170 54.09 41.00 28.07
C SER SA 170 53.59 40.12 26.93
N VAL SA 171 53.21 40.77 25.83
CA VAL SA 171 52.91 40.09 24.58
C VAL SA 171 53.67 40.79 23.46
N GLY SA 172 53.80 40.13 22.33
CA GLY SA 172 54.58 40.68 21.23
C GLY SA 172 55.52 39.64 20.67
N ALA SA 173 55.88 38.66 21.48
CA ALA SA 173 56.65 37.51 21.06
C ALA SA 173 55.93 36.26 21.55
N LEU SA 174 55.02 35.74 20.73
CA LEU SA 174 54.24 34.55 21.06
C LEU SA 174 54.38 33.55 19.93
N ASN SA 175 55.06 32.43 20.19
CA ASN SA 175 55.22 31.37 19.22
C ASN SA 175 54.39 30.17 19.65
N ASN SA 176 54.15 29.26 18.70
CA ASN SA 176 53.38 28.05 18.96
C ASN SA 176 53.96 26.82 18.28
N ALA SA 177 55.27 26.77 18.11
CA ALA SA 177 55.90 25.64 17.42
C ALA SA 177 56.13 24.46 18.35
N THR SA 178 56.93 24.66 19.39
CA THR SA 178 57.31 23.56 20.27
C THR SA 178 56.29 23.36 21.38
N SER SA 179 56.44 22.27 22.15
CA SER SA 179 55.54 22.03 23.27
C SER SA 179 55.68 23.12 24.33
N ALA SA 180 56.91 23.51 24.64
CA ALA SA 180 57.13 24.51 25.68
C ALA SA 180 56.65 25.88 25.23
N ASN SA 181 56.69 26.16 23.93
CA ASN SA 181 56.29 27.46 23.42
C ASN SA 181 54.82 27.75 23.69
N ARG SA 182 53.95 26.76 23.47
CA ARG SA 182 52.53 26.97 23.68
C ARG SA 182 52.19 27.10 25.16
N ALA SA 183 52.86 26.32 26.02
CA ALA SA 183 52.58 26.40 27.44
C ALA SA 183 52.93 27.77 28.00
N SER SA 184 54.06 28.34 27.58
CA SER SA 184 54.44 29.66 28.06
C SER SA 184 53.50 30.73 27.54
N SER SA 185 53.04 30.59 26.29
CA SER SA 185 52.15 31.59 25.71
C SER SA 185 50.81 31.64 26.44
N LEU SA 186 50.29 30.48 26.83
CA LEU SA 186 48.98 30.44 27.48
C LEU SA 186 48.99 31.16 28.82
N ALA SA 187 50.07 31.02 29.60
CA ALA SA 187 50.13 31.66 30.90
C ALA SA 187 50.13 33.18 30.78
N LYS SA 188 50.86 33.71 29.80
CA LYS SA 188 50.98 35.16 29.68
C LYS SA 188 49.65 35.80 29.27
N ILE SA 189 48.88 35.13 28.41
CA ILE SA 189 47.58 35.66 28.03
C ILE SA 189 46.64 35.70 29.24
N ASP SA 190 46.65 34.63 30.04
CA ASP SA 190 45.81 34.60 31.24
C ASP SA 190 46.19 35.72 32.21
N ALA SA 191 47.50 35.95 32.39
CA ALA SA 191 47.93 37.04 33.25
C ALA SA 191 47.54 38.39 32.65
N ALA SA 192 47.47 38.48 31.32
CA ALA SA 192 47.08 39.73 30.67
C ALA SA 192 45.64 40.10 30.99
N ILE SA 193 44.73 39.11 30.95
CA ILE SA 193 43.33 39.40 31.25
C ILE SA 193 43.16 39.85 32.69
N LYS SA 194 43.90 39.25 33.62
CA LYS SA 194 43.80 39.64 35.02
C LYS SA 194 44.23 41.09 35.22
N THR SA 195 45.30 41.51 34.56
CA THR SA 195 45.78 42.88 34.73
C THR SA 195 44.77 43.90 34.23
N ILE SA 196 44.16 43.64 33.06
CA ILE SA 196 43.14 44.54 32.54
C ILE SA 196 41.92 44.55 33.46
N ASP SA 197 41.55 43.39 33.98
CA ASP SA 197 40.38 43.29 34.84
C ASP SA 197 40.53 44.17 36.08
N SER SA 198 41.70 44.13 36.71
CA SER SA 198 41.94 44.95 37.89
C SER SA 198 41.92 46.43 37.54
N GLN SA 199 42.41 46.79 36.36
CA GLN SA 199 42.41 48.18 35.93
C GLN SA 199 40.99 48.71 35.77
N ARG SA 200 40.11 47.89 35.17
CA ARG SA 200 38.73 48.32 34.98
C ARG SA 200 38.02 48.53 36.30
N ALA SA 201 38.28 47.65 37.28
CA ALA SA 201 37.66 47.79 38.59
C ALA SA 201 38.09 49.08 39.26
N ASP SA 202 39.37 49.44 39.13
CA ASP SA 202 39.87 50.69 39.72
C ASP SA 202 39.19 51.90 39.10
N LEU SA 203 39.00 51.91 37.78
CA LEU SA 203 38.35 53.04 37.13
C LEU SA 203 36.86 53.10 37.46
N GLY SA 204 36.21 51.94 37.60
CA GLY SA 204 34.81 51.95 37.96
C GLY SA 204 34.55 52.51 39.35
N ALA SA 205 35.44 52.21 40.29
CA ALA SA 205 35.27 52.71 41.65
C ALA SA 205 35.35 54.23 41.71
N VAL SA 206 36.24 54.82 40.92
CA VAL SA 206 36.41 56.27 40.94
C VAL SA 206 35.15 56.96 40.43
N GLN SA 207 34.56 56.44 39.34
CA GLN SA 207 33.39 57.09 38.79
C GLN SA 207 32.13 56.80 39.60
N ASN SA 208 32.08 55.66 40.31
CA ASN SA 208 31.09 55.53 41.37
C ASN SA 208 31.34 56.54 42.47
N ARG SA 209 32.60 56.76 42.81
CA ARG SA 209 32.95 57.77 43.80
C ARG SA 209 32.57 59.17 43.34
N LEU SA 210 32.87 59.52 42.08
CA LEU SA 210 32.59 60.87 41.60
C LEU SA 210 31.09 61.15 41.51
N ALA SA 211 30.26 60.14 41.24
CA ALA SA 211 28.84 60.37 41.13
C ALA SA 211 28.25 60.86 42.45
N HIS SA 212 28.77 60.37 43.58
CA HIS SA 212 28.24 60.78 44.87
C HIS SA 212 28.65 62.21 45.23
N ASN SA 213 29.80 62.68 44.75
CA ASN SA 213 30.18 64.07 44.97
C ASN SA 213 29.22 65.03 44.30
N ILE SA 214 28.81 64.73 43.06
CA ILE SA 214 27.92 65.62 42.33
C ILE SA 214 26.58 65.74 43.04
N SER SA 215 26.02 64.62 43.49
CA SER SA 215 24.73 64.66 44.19
C SER SA 215 24.85 65.46 45.48
N ASN SA 216 25.94 65.25 46.23
CA ASN SA 216 26.16 66.02 47.45
C ASN SA 216 26.35 67.51 47.15
N SER SA 217 27.12 67.83 46.12
CA SER SA 217 27.35 69.23 45.77
C SER SA 217 26.07 69.90 45.28
N ALA SA 218 25.22 69.18 44.57
CA ALA SA 218 23.94 69.75 44.14
C ALA SA 218 23.05 70.08 45.33
N ASN SA 219 23.03 69.20 46.33
CA ASN SA 219 22.22 69.46 47.52
C ASN SA 219 22.75 70.66 48.29
N THR SA 220 24.06 70.69 48.55
CA THR SA 220 24.62 71.77 49.37
C THR SA 220 24.51 73.12 48.66
N GLN SA 221 24.51 73.12 47.33
CA GLN SA 221 24.35 74.38 46.61
C GLN SA 221 22.99 75.02 46.87
N ALA SA 222 21.94 74.21 46.92
CA ALA SA 222 20.60 74.73 47.14
C ALA SA 222 20.47 75.34 48.54
N ASN SA 223 21.00 74.65 49.55
CA ASN SA 223 20.89 75.15 50.91
C ASN SA 223 21.68 76.43 51.13
N VAL SA 224 22.86 76.57 50.50
CA VAL SA 224 23.60 77.82 50.62
C VAL SA 224 22.85 78.96 49.94
N ALA SA 225 22.17 78.67 48.82
CA ALA SA 225 21.34 79.69 48.18
C ALA SA 225 20.23 80.17 49.10
N ASP SA 226 19.64 79.25 49.88
CA ASP SA 226 18.69 79.65 50.91
C ASP SA 226 19.32 80.62 51.89
N ALA SA 227 20.48 80.28 52.43
CA ALA SA 227 21.10 81.11 53.45
C ALA SA 227 21.47 82.48 52.89
N LYS SA 228 21.96 82.52 51.66
CA LYS SA 228 22.40 83.77 51.07
C LYS SA 228 21.24 84.72 50.74
N SER SA 229 20.08 84.19 50.39
CA SER SA 229 18.96 85.06 50.04
C SER SA 229 18.34 85.72 51.26
N ARG SA 230 18.34 85.05 52.41
CA ARG SA 230 17.74 85.64 53.60
C ARG SA 230 18.50 86.88 54.05
N ILE SA 231 19.74 87.03 53.62
CA ILE SA 231 20.58 88.13 54.08
C ILE SA 231 20.52 89.33 53.15
N VAL SA 232 20.58 89.10 51.83
CA VAL SA 232 20.75 90.20 50.88
C VAL SA 232 19.50 90.52 50.09
N ASP SA 233 18.47 89.68 50.12
CA ASP SA 233 17.32 89.83 49.25
C ASP SA 233 16.18 90.52 50.00
N VAL SA 234 15.39 91.30 49.26
CA VAL SA 234 14.27 92.03 49.85
C VAL SA 234 13.04 91.14 49.89
N ASP SA 235 12.16 91.42 50.83
CA ASP SA 235 10.82 90.83 50.87
C ASP SA 235 9.85 91.88 50.36
N PHE SA 236 9.20 91.60 49.23
CA PHE SA 236 8.35 92.60 48.59
C PHE SA 236 7.17 92.96 49.49
N ALA SA 237 6.69 92.02 50.29
CA ALA SA 237 5.60 92.32 51.22
C ALA SA 237 6.05 93.40 52.19
N LYS SA 238 7.27 93.27 52.72
CA LYS SA 238 7.81 94.29 53.60
C LYS SA 238 8.06 95.59 52.84
N GLU SA 239 8.62 95.51 51.64
CA GLU SA 239 9.05 96.70 50.93
C GLU SA 239 7.87 97.47 50.35
N THR SA 240 6.88 96.76 49.81
CA THR SA 240 5.74 97.46 49.20
C THR SA 240 4.96 98.26 50.23
N SER SA 241 4.79 97.70 51.44
CA SER SA 241 4.10 98.44 52.49
C SER SA 241 4.84 99.71 52.85
N ALA SA 242 6.17 99.63 52.96
CA ALA SA 242 6.95 100.82 53.30
C ALA SA 242 6.87 101.87 52.20
N MET SA 243 6.91 101.45 50.93
CA MET SA 243 6.84 102.39 49.83
C MET SA 243 5.51 103.15 49.81
N THR SA 244 4.40 102.44 49.95
CA THR SA 244 3.11 103.09 50.09
C THR SA 244 3.04 103.87 51.40
N LYS SA 245 3.81 103.45 52.40
CA LYS SA 245 3.76 104.09 53.70
C LYS SA 245 4.25 105.53 53.62
N TYR SA 246 5.35 105.73 52.86
CA TYR SA 246 5.99 107.02 52.71
C TYR SA 246 5.32 107.92 51.69
N GLN SA 247 4.59 107.35 50.72
CA GLN SA 247 3.88 108.16 49.74
C GLN SA 247 2.84 109.05 50.42
N VAL SA 248 2.11 108.49 51.38
CA VAL SA 248 1.13 109.27 52.12
C VAL SA 248 1.80 110.37 52.92
N LEU SA 249 2.92 110.04 53.57
CA LEU SA 249 3.64 111.03 54.37
C LEU SA 249 4.15 112.18 53.53
N GLN SA 250 4.50 111.92 52.26
CA GLN SA 250 4.97 112.99 51.40
C GLN SA 250 3.87 114.00 51.10
N GLN SA 251 2.69 113.52 50.72
CA GLN SA 251 1.58 114.42 50.45
C GLN SA 251 1.12 115.13 51.71
N THR SA 252 1.17 114.45 52.86
CA THR SA 252 0.88 115.11 54.11
C THR SA 252 1.91 116.20 54.41
N GLY SA 253 3.19 115.91 54.18
CA GLY SA 253 4.23 116.89 54.44
C GLY SA 253 4.14 118.11 53.54
N SER SA 254 3.78 117.90 52.27
CA SER SA 254 3.68 119.01 51.34
C SER SA 254 2.54 119.96 51.68
N ALA SA 255 1.38 119.42 52.06
CA ALA SA 255 0.27 120.27 52.45
C ALA SA 255 0.57 121.04 53.74
N MET SA 256 1.23 120.40 54.71
CA MET SA 256 1.57 121.08 55.94
C MET SA 256 2.59 122.19 55.69
N LEU SA 257 3.58 121.94 54.85
CA LEU SA 257 4.60 122.95 54.58
C LEU SA 257 4.04 124.14 53.82
N ALA SA 258 3.19 123.89 52.81
CA ALA SA 258 2.60 124.98 52.06
C ALA SA 258 1.72 125.85 52.94
N GLN SA 259 0.96 125.23 53.83
CA GLN SA 259 0.07 125.98 54.71
C GLN SA 259 0.83 126.68 55.81
N ALA SA 260 1.95 126.11 56.26
CA ALA SA 260 2.74 126.76 57.30
C ALA SA 260 3.50 127.96 56.76
N ASN SA 261 3.71 128.00 55.44
CA ASN SA 261 4.44 129.12 54.86
C ASN SA 261 3.66 130.43 54.91
N GLN SA 262 2.33 130.38 54.89
CA GLN SA 262 1.52 131.58 54.92
C GLN SA 262 1.03 131.93 56.32
N LEU SA 263 1.67 131.41 57.36
CA LEU SA 263 1.45 131.86 58.73
C LEU SA 263 1.78 133.34 58.93
N PRO SA 264 2.91 133.87 58.43
CA PRO SA 264 3.23 135.27 58.72
C PRO SA 264 2.30 136.30 58.09
N GLN SA 265 1.35 135.88 57.25
CA GLN SA 265 0.41 136.83 56.67
C GLN SA 265 -0.57 137.39 57.70
N VAL SA 266 -0.61 136.83 58.91
CA VAL SA 266 -1.42 137.41 59.96
C VAL SA 266 -0.95 138.82 60.28
N ALA SA 267 0.35 139.09 60.17
CA ALA SA 267 0.90 140.41 60.46
C ALA SA 267 0.32 141.50 59.57
N LEU SA 268 -0.13 141.16 58.37
CA LEU SA 268 -0.76 142.14 57.50
C LEU SA 268 -2.16 142.53 57.95
N SER SA 269 -2.82 141.71 58.75
CA SER SA 269 -4.15 142.06 59.22
C SER SA 269 -4.10 143.21 60.22
N LEU SA 270 -3.04 143.30 61.02
CA LEU SA 270 -2.94 144.32 62.06
C LEU SA 270 -2.33 145.59 61.47
N LEU SA 271 -2.96 146.08 60.40
CA LEU SA 271 -2.63 147.37 59.81
C LEU SA 271 -1.15 147.42 59.43
N GLY SA 272 -0.78 146.62 58.43
CA GLY SA 272 0.58 146.64 57.90
C GLY SA 272 1.66 146.28 58.90
#